data_5VFU
#
_entry.id   5VFU
#
loop_
_entity.id
_entity.type
_entity.pdbx_description
1 polymer '26S proteasome non-ATPase regulatory subunit 1'
2 polymer '26S proteasome non-ATPase regulatory subunit 3'
3 polymer '26S proteasome non-ATPase regulatory subunit 12'
4 polymer '26S proteasome non-ATPase regulatory subunit 11'
5 polymer '26S proteasome non-ATPase regulatory subunit 6'
6 polymer '26S proteasome non-ATPase regulatory subunit 7'
7 polymer '26S proteasome non-ATPase regulatory subunit 13'
8 polymer '26S proteasome non-ATPase regulatory subunit 4'
9 polymer '26S proteasome non-ATPase regulatory subunit 14'
10 polymer '26S proteasome non-ATPase regulatory subunit 8'
11 polymer Sem1
12 polymer '26S protease regulatory subunit 7'
13 polymer '26S protease regulatory subunit 4'
14 polymer '26S protease regulatory subunit 8'
15 polymer '26S protease regulatory subunit 6B'
16 polymer '26S protease regulatory subunit 10B'
17 polymer '26S protease regulatory subunit 6A'
18 polymer 'Proteasome subunit alpha type-6'
19 polymer 'Proteasome subunit alpha type-2'
20 polymer 'Proteasome subunit alpha type-4'
21 polymer 'Proteasome subunit alpha type-7'
22 polymer 'Proteasome subunit alpha type-5'
23 polymer 'Proteasome subunit alpha type-1'
24 polymer 'Proteasome subunit alpha type-3'
25 polymer 'Proteasome subunit beta type-6'
26 polymer 'Proteasome subunit beta type-7'
27 polymer 'Proteasome subunit beta type-3'
28 polymer 'Proteasome subunit beta type-2'
29 polymer 'Proteasome subunit beta type-5'
30 polymer 'Proteasome subunit beta type-1'
31 polymer 'Proteasome subunit beta type-4'
32 polymer '26S proteasome non-ATPase regulatory subunit 2'
33 non-polymer 'ZINC ION'
#
loop_
_entity_poly.entity_id
_entity_poly.type
_entity_poly.pdbx_seq_one_letter_code
_entity_poly.pdbx_strand_id
1 'polypeptide(L)'
;GIISLLDEDEPQLKEFALHKLNAVVNDFWAEISESVDKIEVLYEDEGFRSRQFAALVASKVFYHLGAFEESLNYALGAGD
LFNVNDNSEYVETIIAKCIDHYTKQCVENADLPEGEKKPIDQRLEGIVNKMFQRCLDDHKYKQAIGIALETRRLDVFEKT
ILESNDVPGMLAYSLKLCMSLMQNKQFRNKVLRVLVKIYMNLEKPDFINVCQCLIFLDDPQAVSDILEKLVKEDNLLMAY
QICFDLYESASQQFLSSVIQNLRTVGTPIASVPGSTNTGTVPGSEKDSDSMETEEKTSSAFVGKTPEASPEPKDQTLKMI
KILSGEMAIELHLQFLIRNNNTDLMILKNTKDAVRNSVCHTATVIANSFMHCGTTSDQFLRDNLEWLARATNWAKFTATA
SLGVIHKGHEKEALQLMATYLPKDTSPGSAYQEGGGLYALGLIHANHGGDIIDYLLNQLKNASNDIVRHGGSLGLGLAAM
GTARQDVYDLLKTNLYQDDAVTGEAAGLALGLVMLGSKNAQAIEDMVGYAQETQHEKILRGLAVGIALVMYGRMEEADAL
IESLCRDKDPILRRSGMYTVAMAYCGSGNNKAIRRLLHVAVSDVNDDVRRAAVESLGFILFRTPEQCPSVVSLLSESYNP
HVRYGAAMALGICCAGTGNKEAINLLEPMTNDPVNYVRQGALIASALIMIQQTEITCPKVNQFRQLYSKVINDKHDDVMA
KFGAILAQGILDAGGHNVTISLQSRTGHTHMPSVVGVLVFTQFWFWFPLSHFLSLAYTPTCVIGLNKDLKMPKVQYKSNC
KPSTFAYPAPLEVPKEKEKEKVSTAVLSITAKAKKKEKEKEKKEEEKMEVDEAEKKEEKEKKKEPEPNFQLLDNPARVMP
AQLKVLTMPETCRYQPFKPLSIGGIIILKDT
;
U
2 'polypeptide(L)'
;PPGGGEQEPPPPPAPQDVEMKEEAATGGGSTGEADGKTAAAAAEHSQRELDTVTLEDIKEHVKQLEKAVSGKEPRFVLRA
LRMLPSTSRRLNHYVLYKAVQGFFTSNNATRDFLLPFLEEPMDTEADLQFRPRTGKAASTPLLPEVEAYLQLLVVIFMMN
SKRYKEAQKISDDLMQKISTQNRRALDLVAAKCYYYHARVYEFLDKLDVVRSFLHARLRTATLRHDADGQATLLNLLLRN
YLHYSLYDQAEKLVSKSVFPEQANNNEWARYLYYTGRIKAIQLEYSEARRTMTNALRKAPQHTAVGFKQTVHKLLIVVEL
LLGEIPDRLQFRQPSLKRSLMPYFLLTQAVRTGNLAKFNQVLDQFGEKFQADGTYTLIIRLRHNVIKTGVRMISLSYSRI
SLADIAQKLQLDSPEDAEFIVAKAIRDGVIEASINHEKGYVQSKEMIDIYSTREPQLAFHQRISFCLDIHNMSVKAMRFP
;
V
3 'polypeptide(L)'
;MADGGSERADGRIVKMEVDYSATVDQRLPECAKLAKEGRLQEVIETLLSLEKQTRTASDMVSTSRILVAVVKMCYEAKEW
DLLNENIMLLSKRRSQLKQAVAKMVQQCCTYVEEITDLPIKLRLIDTLRMVTEGKIYVEIERARLTKTLATIKEQNGDVK
EAASILQELQVETYGSMEKKERVEFILEQMRLCLAVKDYIRTQIISKKINTKFFQEENTEKLKLKYYNLMIQLDQHEGSY
LSICKHYRAIYDTPCIQAESEKWQQALKSVVLYVILAPFDNEQSDLVHRISGDKKLEEIPKYKDLLKLFTTMELMRWSTL
VEDYGMELRKGSLESPATDVFGSTEEGEKRWKDLKNRVVEHNIRIMAKYYTRITMKRMAQLLDLSVDESEAFLSNLVVNK
TIFAKVDRLAGIINFQRPKDPNNLLNDWSQKLNSLMSLVNKTTHLIAKEEMIHNLQ
;
W
4 'polypeptide(L)'
;VQVKEQSILELGSLLAKTGQAAELGGLLKYVRPFLNSISKAKAARLVRSLLDLFLDMEAATGQEVELCLECIEWAKSEKR
TFLRQALEARLVSLYFDTKRYQEALHLGSQLLRELKKMDDKALLVEVQLLESKTYHALSNLPKARAALTSARTTANAIYC
PPKLQATLDMQSGIIHAAEEKDWKTAYSYFYEAFEGYDSIDSPKAITSLKYMLLCKIMLNTPEDVQALVSGKLALRYAGR
QTEALKCVAQASKNRSLADFEKALTDYRAELRDDPIISTHLAKLYDNLLEQNLIRVIEPFSRVQIEHISSLIKLSKADVE
RKLSQMILDKKFHGILDQGEGVLIIFDEPPVDKTYEAALETIQNMSKVVDSLYNKAKKLT
;
X
5 'polypeptide(L)'
;PKNPDLRIAQLRFLLSLPEHRGDAAVRDELMAAVRDNNMAPYYEALCKSLDWQIDVDLLNKMKKANEDELKRLDEELEDA
EKNLGESEIRDAMMAKAEYLCRIGDKEGALTAFRKTYDKTVALGHRLDIVFYLLRIGLFYMDNDLITRNTEKAKSLIEEG
GDWDRRNRLKVYQGLYCVAIRDFKQAAELFLDTVSTFTSYELMDYKTFVTYTVYVSMIALERPDLREKVIKGAEILEVLH
SLPAVRQYLFSLYECRYSVFFQSLAVVEQEMKKDWLFAPHYRYYVREMRIHAYSQLLESYRSLTLGYMAEAFGVGVEFID
QELSRFIAAGRLHCKIDKVNEIVETNRPDSKNWQYQETIKKGDLLLNRVQKLSRVINM
;
Y
6 'polypeptide(L)'
;AVQKVVVHPLVLLSVVDHFNRIGKVGNQKRVVGVLLGSWQKKVLDVSNSFAVPFDEDDKDDSVWFLDHDYLENMYGMFKK
VNARERIVGWYHTGPKLHKNDIAINELMKRYCPNSVLVIIDVKPKDLGLPTEAYISVEEVHDDGTPTSKTFEHVTSEIGA
EEAEEVGVEHLLRDIKDTTVGTLSQRITNQVHGLKGLNSKLLDIRSYLEKVATGKLPINHQIIYQLQDVFNLLPDVSLQE
FVKAFYLKTNDQMVVVYLASLIRSVVALHNLINNKIANRDAEKKEG
;
Z
7 'polypeptide(L)'
;VPGFLQQSQSSGPGQPAVWHRLEELYTKKLWHQLTLQVLDFVQDPCFAQGDGLIKLYENFISEFEHRVNPLSLVEIILHV
VRQMTDPNVALTFLEKTREKVKSSDEAVILCKTAIGALKLNIGDLQVTKETIEDVEEMLNNLPGVTSVHSRFYDLSSKYY
QTIGNHASYYKDALRFLGCVDIKDLPVSEQQERAFTLGLAGLLGEGVFNFGELLMHPVLESLRNTDRQWLIDTLYAFNSG
NVERFQTLKTAWGQQPDLAANEAQLLRKIQLLCLMEMTFTRPANHRQLTFEEIAKSAKITVNEVELLVMKALSVGLVKGS
IDEVDKRVHMTWVQPRVLDLQQIKGMKDRLEFWCTDVKSMEMLVEHQAHDILT
;
a
8 'polypeptide(L)'
;MVLESTMVCVDNSEYMRNGDFLPTRLQAQQDAVNIVCHSKTRSNPENNVGLITLANDCEVLTTLTPDTGRILSKLHTVQP
KGKITFCTGIRVAHLALKHRQGKNHKMRIIAFVGSPVEDNEKDLVKLAKRLKKEKVNVDIINFGEEEVNTEKLTAFVNTL
NGKDGTGSHLVTVPPGPSLADALISSPILAG
;
b
9 'polypeptide(L)'
;AVDTAEQVYISSLALLKMLKHGRAGVPMEVMGLMLGEFVDDYTVRVIDVFAMPQSGTGVSVEAVDPVFQAKMLDMLKQTG
RPEMVVGWYHSHPGFGCWLSGVDINTQQSFEALSERAVAVVVDPIQSVKGKVVIDAFRLINANMMVLGHEPRQTTSNLGH
LNKPSIQALIHGLNRHYYSITINYRKNELEQKMLLNLHKKSWMEGLTLQDYSEHCKHNESVVKEMLELAKNYNKAVEEED
KMTPEQLAIKNVGKQDPKRHLEEHVDVLMTSNIVQCLAAMLDTVVFK
;
c
10 'polypeptide(L)'
;MYEQLKGEWNRKSPNLSKCGEELGRLKLVLLELNFLPTTGTKLTKQQLILARDILEIGAQWSILRKDIPSFERYMAQLKC
YYFDYKEQLPESAYMHQLLGLNLLFLLSQNRVAEFHTELERLPAKDIQTNVYIKHPVSLEQYLMEGSYNKVFLAKGNIPA
ESYTFFIDILLDTIRDEIAGCIEKAYEKILFTEATRILFFNTPKKMTDYAKKRGWVLGPNNYYSFASQQQKPEDTTIPST
ELAKQVIEYARQLEMIV
;
d
11 'polypeptide(L)' MSEKKQPVDLGLLEEDDEFEEFPAEDWAGLDEDEDAHVWEDNWDDDNVEDDFSNQLRAELEKHGYKMETS e
12 'polypeptide(L)'
;APPALWDLAADKQTLQSEQPLQVARCTKIINADSEDPKYIINVKQFAKFVVDLSDQVAPTDIEEGMRVGVDRNKYQIHIP
LPPKIDPTVTMMQVEEKPDVTYSDVGGCKEQIEKLREVVETPLLHPERFVNLGIEPPKGVLLFGPPGTGKTLCARAVANR
TDACFIRVIGSELVQKYVGEGARMVRELFEMARTKKACLIFFDEIDAIGGARFDDGAGGDNEVQRTMLELINQLDGFDPR
GNIKVLMATNRPDTLDPALMRPGRLDRKIEFSLPDLEGRTHIFKIHARSMSVERDIRFELLARLCPNSTGAEIRSVCTEA
GMFAIRARRKIATEKDFLEAVNKVIKSYAKFSATPRYMTYN
;
A
13 'polypeptide(L)'
;EEERSKVDDLRGTPMSVGTLEEIIDDNHAIVSTSVGSEHYVSILSFVDKDLLEPGCSVLLNHKVHAVIGVLMDDTDPLVT
VMKVEKAPQETYADIGGLDNQIQEIKESVELPLTHPEYYEEMGIKPPKGVILYGPPGTGKTLLAKAVANQTSATFLRVVG
SELIQKYLGDGPKLVRELFRVAEEHAPSIVFIDEIDAIGTKRYDSNSGGEREIQRTMLELLNQLDGFDSRGDVKVIMATN
RIETLDPALIRPGRIDRKIEFPLPDEKTKKRIFQIHTSRMTLADDVTLDDLIMAKDDLSGADIKAICTEAGLMALRERRM
KVTNEDFKKSKENVLYKKQEGTPEGLYL
;
B
14 'polypeptide(L)'
;LEEGKAGSGLRQYYLSKIEELQLIVNDKSQNLRRLQAQRNELNAKVRLLREELQLLQEQGSYVGEVVRAMDKKKVLVKVH
PEGKFVVDVDKNIDINDVTPNCRVALRNDSYTLHKILPNKVDPLVSLMMVEKVPDSTYEMIGGLDKQIKEIKEVIELPVK
HPELFEALGIAQPKGVLLYGPPGTGKTLLARAVAHHTDCTFIRVSGSELVQKFIGEGARMVRELFVMAREHAPSIIFMDE
IDSIGSSRLEGGSGGDSEVQRTMLELLNQLDGFEATKNIKVIMATNRIDILDSALLRPGRIDRKIEFPPPNEEARLDILK
IHSRKMNLTRGINLRKIAELMPGASGAEVKGVCTEAGMYALRERRVHVTQEDFEMAVAKVMQKD
;
C
15 'polypeptide(L)'
;DLYSRYKKLQQELEFLEVQEEYIKDEQKNLKKEFLHAQEEVKRIQSIPLVIGQFLEAVDQNTAIVGSTTGSNYYVRILST
IDRELLKPNASVALHKHSNALVDVLPPEADSSIMMLTSDQKPDVMYADIGGMDIQKQEVREAVELPLTHFELYKQIGIDP
PRGVLMYGPPGCGKTMLAKAVAHHTTAAFIRVVGSEFVQKYLGEGPRMVRDVFRLAKENAPAIIFIDEIDAIATKRFDAQ
TGADREVQRILLELLNQMDGFDQNVNVKVIMATNRADTLDPALLRPGRLDRKIEFPLPDRRQKRLIFSTITSKMNLSEEV
DLEDYVARPDKISGADINSICQESGMLAVRENRYIVLAKDFEKAYKTVIKKDEQEHEFYK
;
D
16 'polypeptide(L)'
;TKQYEKSENDLKALQSVGQIVGEVLKQLTEEKFIVKATNGPRYVVGCRRQLDKSKLKPGTRVALDMTTLTIMRYLPREVD
PLVYNMSHEDPGNVSYSEIGGLSEQIRELREVIELPLTNPELFQRVGIIPPKGCLLYGPPGTGKTLLARAVASQLDCNFL
KVVSSSIVDKYIGESARLIREMFNYARDHQPCIIFMDEIDAIGGRRFSEGTSADREIQRTLMELLNQMDGFDTLHRVKMI
MATNRPDTLDPALLRPGRLDRKIHIDLPNEQARLDILKIHAGPITKHGEIDYEAIVKLSDGFNGADLRNVCTEAGMFAIR
ADHDFVVQEDFMKAVRKVADSKKLESKLDYKPV
;
E
17 'polypeptide(L)'
;THELQAMKDKIKENSEKIKVNKTLPYLVSNVIELLDVDPNDQEEDGANIDLDSQRKGKCAVIKTSTRQTYFLPVIGLVDA
EKLKPGDLVGVNKDSYLILETLPTEYDSRVKAMEVDERPTEQYSDIGGLDKQIQELVEAIVLPMNHKEKFENLGIQPPKG
VLMYGPPGTGKTLLARACAAQTKATFLKLAGPQLVQMFIGDGAKLVRDAFALAKEKAPSIIFIDELDAIGTKRFDSEKAG
DREVQRTMLELLNQLDGFQPNTQVKVIAATNRVDILDPALLRSGRLDRKIEFPMPNEEARARIMQIHSRKMNVSPDVNYE
ELARCTDDFNGAQCKAVCVEAGMIALRRGATELTHEDYMEGILEVQAKKKANLQYYA
;
F
18 'polypeptide(L)'
;SSAGFDRHITIFSPEGRLYQVEYAFKAINQGGLTSVAVRGKDCAVIVTQKKVPDKLLDSSTVTHLFKITENIGCVMTGMT
ADSRSQVQRARYEAANWKYKYGYEIPVDMLCKRIADISQVYTQNAEMRPLGCCMILIGIDEEQGPQVYKCDPAGYYCGFK
ATAAGVKQTESTSFLEKKVKKKFDWTFEQTVETAITCLSTVLSIDFKPSEIEVGVVTVENPKFRILTEAEIDAHLVALAE
;
G,g
19 'polypeptide(L)'
;ERGYSFSLTTFSPSGKLVQIEYALAAVAGGAPSVGIKAANGVVLATEKKQKSILYDERSVHKVEPITKHIGLVYSGMGPD
YRVLVHRARKLAQQYYLVYQEPIPTAQLVQRVASVMQEYTQSGGVRPFGVSLLICGWNEGRPYLFQSDPSGAYFAWKATA
MGKNYVNGKTFLEKRYNEDLELEDAIHTAILTLKESFEGQMTEDNIEVGICNEAGFRRLTPTEVKDYLAAIA
;
H,h
20 'polypeptide(L)'
;SRRYDSRTTIFSPEGRLYQVEYAMEAIGHAGTCLGILANDGVLLAAERRNIHKLLDEVFFSEKIYKLNEDMACSVAGITS
DANVLTNELRLIAQRYLLQYQEPIPCEQLVTALCDIKQAYTQFGGKRPFGVSLLYIGWDKHYGFQLYQSDPSGNYGGWKA
TCIGNNSAAAVSMLKQDYKEGEMTLKSALALAIKVLNKTMDVSKLSAEKVEIATLTRENGKTVIRVLKQKEVEQLIKKHE
EEEAKAEREK
;
I,i
21 'polypeptide(L)'
;SYDRAITVFSPDGHLFQVEYAQEAVKKGSTAVGVRGRDIVVLGVEKKSVAKLQDERTVRKICALDDNVCMAFAGLTADAR
IVINRARVECQSHRLTVEDPVTVEYITRYIASLKQRYTQSNGRRPFGISALIVGFDFDGTPRLYQTDPSGTYHAWKANAI
GRGAKSVREFLEKNYTDEAIETDDLTIKLVIKALLEVVQSGGKNIELAVMRRDQSLKILNPEEIEKYVAEIEKEKEENEK
KKQ
;
J,j
22 'polypeptide(L)'
;YDRGVNTFSPEGRLFQVEYAIEAIKLGSTAIGIQTSEGVCLAVEKRITSPLMEPSSIEKIVEIDAHIGCAMSGLIADAKT
LIDKARVETQNHWFTYNETMTVESVTQAVSNLALQFGEEDADPGAMSRPFGVALLFGGVDEKGPQLFHMDPSGTFVQCDA
RAIGSASEGAQSSLQEVYHKSMTLKEAIKSSLIILKQVMEEKLNATNIELATVQPGQNFHMFTKEELEEVIKDI
;
K,k
23 'polypeptide(L)'
;NQYDNDVTVWSPQGRIHQIEYAMEAVKQGSATVGLKSKTHAVLVALKRAQSELAAHQKKILHVDNHIGISIAGLTADARL
LCNFMRQECLDSRFVFDRPLPVSRLVSLIGSKTQIPTQRYGRRPYGVGLLIAGYDDMGPHIFQTCPSANYFDCRAMSIGA
RSQSARTYLERHMSEFMECNLNELVKHGLRALRETLPAEQDLTTKNVSIGIVGKDLEFTIYDDDDVSPFLEGLEERPQ
;
L,l
24 'polypeptide(L)'
;SSIGTGYDLSASTFSPDGRVFQVEYAMKAVENSSTAIGIRCKDGVVFGVEKLVLSKLYEEGSNKRLFNVDRHVGMAVAGL
LADARSLADIAREEASNFRSNFGYNIPLKHLADRVAMYVHAYTLYSAVRPFGCSFMLGSYSVNDGAQLYMIDPSGVSYGY
WGCAIGKARQAAKTEIEKLQMKEMTCRDIVKEVAKIIYIVHDEVKDKAFELELSWVGELTNGRHEIVPKDIREEAEKYAK
ESLKE
;
M,m
25 'polypeptide(L)'
;TTIMAVQFDGGVVLGADSRTTTGSYIANRVTDKLTPIHDRIFCCRSGSAADTQAVADAVTYQLGFHSIELNEPPLVHTAA
SLFKEMCYRYREDLMAGIIIAGWDPQEGGQVYSVPMGGMMVRQSFAIGGSGSSYIYGYVDATYREGMTKEECLQFTANAL
ALAMERDGSSGGVIRLAAIAESGVERQVLLG
;
N,n
26 'polypeptide(L)'
;TTIAGVVYKDGIVLGADTRATEGMVVADKNCSKIHFISPNIYCCGAGTAADTDMTTQLISSNLELHSLSTGRLPRVVTAN
RMLKQMLFRYQGYIGAALVLGGVDVTGPHLYSIYPHGSTDKLPYVTMGSGSLAAMAVFEDKFRPDMEEEEAKNLVSEAIA
AGIFNDLGSGSNIDLCVISKNKLDFLRPYTVPNKKGTRLGRYRCEKGTTAVLTEKITPLE
;
O,o
27 'polypeptide(L)'
;SIMSYNGGAVMAMKGKNCVAIAADRRFGIQAQMVTTDFQKIFPMGDRLYIGLAGLATDVQTVAQRLKFRLNLYELKEGRQ
IKPYTLMSMVANLLYEKRFGPYYTEPVIAGLDPKTFKPFICSLDLIGCPMVTDDFVVSGTCAEQMYGMCESLWEPNMDPD
HLFETISQAMLNAVDRDAVSGMGVIVHIIEKDKITTRTLKARMD
;
P,p
28 'polypeptide(L)'
;MEYLIGIQGPDYVLVASDRVAASNIVQMKDDHDKMFKMSEKILLLCVGEAGDTVQFAEYIQKNVQLYKMRNGYELSPTAA
ANFTRRNLADCLRSRTPYHVNLLLAGYDEHEGPALYYMDYLAALAKAPFAAHGYGAFLTLSILDRYYTPTISRERAVELL
RKCLEELQKRFILNLPTFSVRIIDKNGIHDLDNISFPKQ
;
Q,q
29 'polypeptide(L)'
;TTTLAFKFRHGVIVAADSRATAGAYIASQTVKKVIEINPYLLGTMAGGAADCSFWERLLARQCRIYELRNKERISVAAAS
KLLANMVYQYKGMGLSMGTMICGWDKRGPGLYYVDSEGNRISGATFSVGSGSVYAYGVMDRGYSYDLEVEQAYDLARRAI
YQATYRDAYSGGAVNLYHVREDGWIRVSSDNVADLHEKYSG
;
R,r
30 'polypeptide(L)'
;RFSPYVFNGGTILAIAGEDFAIVASDTRLSEGFSIHTRDSPKCYKLTDKTVIGCSGFHGDCLTLTKIIEARLKMYKHSNN
KAMTTGAIAAMLSTILYSRRFFPYYVYNIIGGLDEEGKGAVYSFDPVGSYQRDSFKAGGSASAMLQPLLDNQVGFKNMQN
VEHVPLSLDRAMRLVKDVFISAAERDVYTGDALRICIVTKEGIREETVSLRKD
;
S,s
31 'polypeptide(L)'
;TQNPMVTGTSVLGVKFEGGVVIAADMLGSYGSLARFRNISRIMRVNNSTMLGASGDYADFQYLKQVLGQMVIDEELLGDG
HSYSPRAIHSWLTRAMYSRRSKMNPLWNTMVIGGYADGESFLGYVDMLGVAYEAPSLATGYGAYLAQPLLREVLEKQPVL
SQTEARDLVERCMRVLYYRDARSYNRFQIATVTEKGVEIEGPLSTETNWDIAHMI
;
T,t
32 'polypeptide(L)'
;MEEGGRDKAPVQPQQSPAAAPGGTDEKPSGKERRDAGDKDKEQELSEEDKQLQDELEMLVERLGEKDTSLYRPALEELRR
QIRSSTTSMTSVPKPLKFLRPHYGKLKEIYENMAPGENKRFAADIISVLAMTMSGERECLKYRLVGSQEELASWGHEYVR
HLAGEVAKEWQELDDAEKVQREPLLTLVKEIVPYNMAHNAEHEACDLLMEIEQVDMLEKDIDENAYAKVCLYLTSCVNYV
PEPENSALLRCALGVFRKFSRFPEALRLALMLNDMELVEDIFTSCKDVVVQKQMAFMLGRHGVFLELSEDVEEYEDLTEI
MSNVQLNSNFLALARELDIMEPKVPDDIYKTHLENNRFGGSGSQVDSARMNLASSFVNGFVNAAFGQDKLLTDDGNKWLY
KNKDHGMLSAAASLGMILLWDVDGGLTQIDKYLYSSEDYIKSGALLACGIVNSGVRNECDPALALLSDYVLHNSNTMRLG
SIFGLGLAYAGSNREDVLTLLLPVMGDSKSSMEVAGVTALACGMIAVGSCNGDVTSTILQTIMEKSETELKDTYARWLPL
GLGLNHLGKGEAIEAILAALEVVSEPFRSFANTLVDVCAYAGSGNVLKVQQLLHICSEHFDSKEKEEDKDKKEKKDKDKK
EAPADMGAHQGVAVLGIALIAMGEEIGAEMALRTFGHLLRYGEPTLRRAVPLALALISVSNPRLNILDTLSKFSHDADPE
VSYNSIFAMGMVGSGTNNARLAAMLRQLAQYHAKDPNNLFMVRLAQGLTHLGKGTLTLCPYHSDRQLMSQVAVAGLLTVL
VSFLDVRNIILGKSHYVLYGLVAAMQPRMLVTFDEELRPLPVSVRVGQAVDVVGQAGKPKTITGFQTHTTPVLLAHGERA
ELATEEFLPVTPILEGFVILRKNPNYDL
;
f
#
loop_
_chem_comp.id
_chem_comp.type
_chem_comp.name
_chem_comp.formula
ZN non-polymer 'ZINC ION' 'Zn 2'
#
# COMPACT_ATOMS: atom_id res chain seq x y z
N GLY A 1 50.80 55.92 123.57
CA GLY A 1 49.74 56.19 124.52
C GLY A 1 50.11 57.23 125.56
N ILE A 2 50.83 58.26 125.13
CA ILE A 2 51.27 59.33 126.01
C ILE A 2 50.16 60.37 126.11
N ILE A 3 49.03 60.11 125.45
CA ILE A 3 47.90 61.03 125.47
C ILE A 3 47.39 61.24 126.88
N SER A 4 47.53 60.22 127.74
CA SER A 4 47.04 60.32 129.10
C SER A 4 47.86 61.29 129.95
N LEU A 5 49.02 61.74 129.46
CA LEU A 5 49.84 62.68 130.22
C LEU A 5 49.23 64.07 130.24
N LEU A 6 48.29 64.34 129.32
CA LEU A 6 47.69 65.66 129.24
C LEU A 6 46.60 65.89 130.28
N ASP A 7 46.24 64.86 131.06
CA ASP A 7 45.19 65.03 132.06
C ASP A 7 45.62 65.94 133.20
N GLU A 8 46.92 66.03 133.46
CA GLU A 8 47.40 66.87 134.55
C GLU A 8 47.32 68.34 134.16
N ASP A 9 46.91 69.18 135.10
CA ASP A 9 46.80 70.61 134.84
C ASP A 9 48.11 71.35 135.12
N GLU A 10 49.16 70.64 135.52
CA GLU A 10 50.44 71.28 135.81
C GLU A 10 51.16 71.61 134.51
N PRO A 11 51.66 72.83 134.33
CA PRO A 11 52.16 73.21 133.00
C PRO A 11 53.45 72.51 132.59
N GLN A 12 54.39 72.28 133.51
CA GLN A 12 55.74 71.90 133.11
C GLN A 12 55.78 70.54 132.44
N LEU A 13 54.71 69.75 132.57
CA LEU A 13 54.66 68.48 131.85
C LEU A 13 54.28 68.69 130.39
N LYS A 14 53.58 69.79 130.08
CA LYS A 14 53.11 70.00 128.72
C LYS A 14 54.26 70.39 127.78
N GLU A 15 55.17 71.24 128.25
CA GLU A 15 56.31 71.62 127.42
C GLU A 15 57.23 70.44 127.12
N PHE A 16 57.35 69.49 128.06
CA PHE A 16 58.13 68.28 127.78
C PHE A 16 57.36 67.30 126.91
N ALA A 17 56.02 67.39 126.91
CA ALA A 17 55.23 66.55 126.02
C ALA A 17 55.34 67.03 124.57
N LEU A 18 55.23 68.34 124.37
CA LEU A 18 55.36 68.89 123.02
C LEU A 18 56.80 68.84 122.53
N HIS A 19 57.77 68.84 123.45
CA HIS A 19 59.16 68.68 123.05
C HIS A 19 59.39 67.31 122.44
N LYS A 20 58.68 66.29 122.94
CA LYS A 20 58.72 64.98 122.30
C LYS A 20 58.04 65.02 120.94
N LEU A 21 56.84 65.59 120.89
CA LEU A 21 56.01 65.61 119.68
C LEU A 21 56.74 66.26 118.50
N ASN A 22 57.01 67.56 118.60
CA ASN A 22 57.46 68.34 117.46
C ASN A 22 58.71 67.74 116.80
N ALA A 23 59.50 66.97 117.55
CA ALA A 23 60.65 66.31 116.94
C ALA A 23 60.23 65.08 116.14
N VAL A 24 59.39 64.22 116.73
CA VAL A 24 58.98 62.98 116.09
C VAL A 24 57.63 63.15 115.39
N VAL A 25 57.12 64.38 115.38
CA VAL A 25 55.80 64.65 114.80
C VAL A 25 55.73 64.15 113.35
N ASN A 26 56.87 64.14 112.65
CA ASN A 26 56.89 63.59 111.30
C ASN A 26 56.46 62.12 111.29
N ASP A 27 57.03 61.31 112.18
CA ASP A 27 56.65 59.90 112.22
C ASP A 27 55.32 59.70 112.95
N PHE A 28 55.02 60.57 113.92
CA PHE A 28 53.83 60.43 114.75
C PHE A 28 52.63 61.24 114.24
N TRP A 29 52.72 61.80 113.03
CA TRP A 29 51.62 62.56 112.45
C TRP A 29 50.29 61.81 112.53
N ALA A 30 50.34 60.48 112.43
CA ALA A 30 49.13 59.67 112.58
C ALA A 30 48.68 59.61 114.04
N GLU A 31 49.62 59.72 114.97
CA GLU A 31 49.30 59.63 116.39
C GLU A 31 48.64 60.90 116.89
N ILE A 32 48.99 62.06 116.32
CA ILE A 32 48.44 63.33 116.76
C ILE A 32 46.96 63.46 116.40
N SER A 33 46.46 62.57 115.54
CA SER A 33 45.08 62.70 115.05
C SER A 33 44.07 62.53 116.17
N GLU A 34 44.41 61.76 117.19
CA GLU A 34 43.50 61.52 118.31
C GLU A 34 43.72 62.46 119.48
N SER A 35 44.63 63.42 119.36
CA SER A 35 44.93 64.39 120.41
C SER A 35 44.10 65.66 120.27
N VAL A 36 43.15 65.70 119.33
CA VAL A 36 42.39 66.91 119.05
C VAL A 36 41.76 67.47 120.32
N ASP A 37 40.86 66.70 120.94
CA ASP A 37 40.08 67.21 122.05
C ASP A 37 40.96 67.63 123.22
N LYS A 38 42.08 66.96 123.43
CA LYS A 38 42.93 67.26 124.57
C LYS A 38 43.96 68.34 124.27
N ILE A 39 44.13 68.72 123.01
CA ILE A 39 44.93 69.91 122.69
C ILE A 39 44.11 71.17 122.94
N GLU A 40 42.81 71.13 122.63
CA GLU A 40 41.94 72.27 122.88
C GLU A 40 41.88 72.64 124.35
N VAL A 41 42.10 71.69 125.25
CA VAL A 41 42.13 72.00 126.69
C VAL A 41 43.29 72.96 126.98
N LEU A 42 44.42 72.75 126.31
CA LEU A 42 45.57 73.65 126.48
C LEU A 42 45.37 74.94 125.70
N TYR A 43 44.75 74.85 124.53
CA TYR A 43 44.54 76.04 123.71
C TYR A 43 43.53 76.99 124.35
N GLU A 44 42.53 76.46 125.04
CA GLU A 44 41.54 77.27 125.72
C GLU A 44 41.90 77.60 127.15
N ASP A 45 43.04 77.11 127.65
CA ASP A 45 43.46 77.40 129.01
C ASP A 45 44.07 78.79 129.08
N GLU A 46 43.56 79.61 130.01
CA GLU A 46 44.05 80.98 130.15
C GLU A 46 45.47 81.03 130.70
N GLY A 47 45.81 80.15 131.65
CA GLY A 47 47.15 80.10 132.20
C GLY A 47 48.18 79.44 131.33
N PHE A 48 47.81 79.05 130.11
CA PHE A 48 48.72 78.40 129.17
C PHE A 48 49.13 79.44 128.14
N ARG A 49 50.40 79.88 128.20
CA ARG A 49 50.89 80.93 127.33
C ARG A 49 51.50 80.41 126.04
N SER A 50 51.56 79.09 125.87
CA SER A 50 52.08 78.48 124.66
C SER A 50 51.01 78.25 123.60
N ARG A 51 49.79 78.74 123.84
CA ARG A 51 48.70 78.57 122.89
C ARG A 51 49.06 79.02 121.48
N GLN A 52 49.99 79.98 121.35
CA GLN A 52 50.51 80.35 120.04
C GLN A 52 51.16 79.15 119.36
N PHE A 53 52.02 78.44 120.11
CA PHE A 53 52.61 77.21 119.58
C PHE A 53 51.61 76.07 119.57
N ALA A 54 50.67 76.06 120.52
CA ALA A 54 49.64 75.02 120.54
C ALA A 54 48.70 75.15 119.35
N ALA A 55 48.63 76.34 118.75
CA ALA A 55 47.84 76.50 117.54
C ALA A 55 48.54 75.88 116.33
N LEU A 56 49.86 75.77 116.37
CA LEU A 56 50.60 75.15 115.27
C LEU A 56 50.40 73.64 115.28
N VAL A 57 50.56 73.02 116.45
CA VAL A 57 50.33 71.58 116.54
C VAL A 57 48.87 71.25 116.34
N ALA A 58 47.98 72.22 116.57
CA ALA A 58 46.57 72.02 116.25
C ALA A 58 46.33 72.15 114.75
N SER A 59 47.21 72.87 114.06
CA SER A 59 47.10 72.96 112.60
C SER A 59 47.70 71.73 111.91
N LYS A 60 48.64 71.06 112.57
CA LYS A 60 49.25 69.88 111.98
C LYS A 60 48.31 68.68 112.00
N VAL A 61 47.55 68.53 113.09
CA VAL A 61 46.64 67.39 113.20
C VAL A 61 45.49 67.54 112.22
N PHE A 62 44.94 68.75 112.09
CA PHE A 62 43.84 68.97 111.17
C PHE A 62 44.30 68.85 109.73
N TYR A 63 45.54 69.28 109.44
CA TYR A 63 46.12 69.06 108.13
C TYR A 63 46.34 67.58 107.84
N HIS A 64 46.47 66.75 108.88
CA HIS A 64 46.66 65.32 108.68
C HIS A 64 45.34 64.62 108.37
N LEU A 65 44.24 65.06 108.99
CA LEU A 65 42.95 64.42 108.80
C LEU A 65 42.14 65.04 107.67
N GLY A 66 42.67 66.04 106.97
CA GLY A 66 42.00 66.62 105.82
C GLY A 66 41.35 67.97 106.06
N ALA A 67 41.56 68.58 107.21
CA ALA A 67 40.99 69.90 107.49
C ALA A 67 42.02 70.98 107.15
N PHE A 68 41.58 72.00 106.40
CA PHE A 68 42.47 73.07 105.95
C PHE A 68 42.06 74.43 106.48
N GLU A 69 40.87 74.92 106.15
CA GLU A 69 40.42 76.23 106.60
C GLU A 69 40.47 76.37 108.12
N GLU A 70 40.22 75.29 108.86
CA GLU A 70 40.32 75.36 110.32
C GLU A 70 41.75 75.61 110.77
N SER A 71 42.74 75.05 110.04
CA SER A 71 44.13 75.35 110.35
C SER A 71 44.47 76.80 110.03
N LEU A 72 43.81 77.37 109.03
CA LEU A 72 43.99 78.79 108.73
C LEU A 72 43.38 79.68 109.81
N ASN A 73 42.31 79.21 110.45
CA ASN A 73 41.72 79.96 111.56
C ASN A 73 42.67 80.02 112.76
N TYR A 74 43.27 78.88 113.12
CA TYR A 74 44.30 78.86 114.16
C TYR A 74 45.56 79.60 113.76
N ALA A 75 45.81 79.78 112.47
CA ALA A 75 46.97 80.53 112.03
C ALA A 75 46.85 82.00 112.42
N LEU A 76 45.63 82.53 112.41
CA LEU A 76 45.37 83.91 112.84
C LEU A 76 45.84 84.13 114.27
N GLY A 77 45.23 83.44 115.22
CA GLY A 77 45.54 83.59 116.63
C GLY A 77 46.83 82.95 117.08
N ALA A 78 47.68 82.51 116.16
CA ALA A 78 48.94 81.86 116.49
C ALA A 78 50.06 82.85 116.80
N GLY A 79 49.80 84.15 116.71
CA GLY A 79 50.79 85.14 117.11
C GLY A 79 51.90 85.31 116.08
N ASP A 80 53.00 85.92 116.55
CA ASP A 80 54.13 86.20 115.68
C ASP A 80 54.96 84.95 115.40
N LEU A 81 54.82 83.91 116.22
CA LEU A 81 55.61 82.69 116.04
C LEU A 81 55.22 81.95 114.77
N PHE A 82 54.00 82.17 114.27
CA PHE A 82 53.57 81.49 113.06
C PHE A 82 54.12 82.15 111.80
N ASN A 83 54.17 83.48 111.80
CA ASN A 83 54.61 84.20 110.60
C ASN A 83 56.11 84.44 110.58
N VAL A 84 56.83 83.97 111.61
CA VAL A 84 58.27 84.22 111.67
C VAL A 84 59.05 83.13 110.96
N ASN A 85 58.38 82.04 110.57
CA ASN A 85 59.06 80.91 109.93
C ASN A 85 58.84 80.97 108.42
N ASP A 86 59.89 81.31 107.69
CA ASP A 86 59.88 81.33 106.23
C ASP A 86 60.50 80.06 105.63
N ASN A 87 60.86 79.08 106.44
CA ASN A 87 61.69 77.98 105.98
C ASN A 87 60.87 76.91 105.26
N SER A 88 61.49 76.30 104.27
CA SER A 88 61.04 75.10 103.55
C SER A 88 59.65 75.32 102.94
N GLU A 89 58.81 74.29 102.96
CA GLU A 89 57.54 74.28 102.23
C GLU A 89 56.40 74.97 102.99
N TYR A 90 56.42 74.91 104.32
CA TYR A 90 55.24 75.34 105.08
C TYR A 90 54.96 76.83 104.94
N VAL A 91 55.90 77.61 104.42
CA VAL A 91 55.68 79.03 104.27
C VAL A 91 54.83 79.33 103.03
N GLU A 92 55.04 78.60 101.94
CA GLU A 92 54.32 78.88 100.70
C GLU A 92 52.91 78.32 100.69
N THR A 93 52.62 77.32 101.51
CA THR A 93 51.28 76.74 101.56
C THR A 93 50.34 77.62 102.38
N ILE A 94 50.87 78.25 103.43
CA ILE A 94 50.03 79.08 104.29
C ILE A 94 49.74 80.42 103.64
N ILE A 95 50.71 80.98 102.90
CA ILE A 95 50.45 82.25 102.22
C ILE A 95 49.52 82.04 101.05
N ALA A 96 49.49 80.85 100.46
CA ALA A 96 48.53 80.56 99.40
C ALA A 96 47.11 80.57 99.95
N LYS A 97 46.94 80.16 101.21
CA LYS A 97 45.64 80.22 101.86
C LYS A 97 45.36 81.63 102.39
N CYS A 98 46.39 82.27 102.97
CA CYS A 98 46.22 83.56 103.59
C CYS A 98 46.07 84.70 102.58
N ILE A 99 46.95 84.77 101.57
CA ILE A 99 46.85 85.87 100.60
C ILE A 99 45.61 85.72 99.75
N ASP A 100 45.22 84.49 99.39
CA ASP A 100 43.97 84.29 98.67
C ASP A 100 42.78 84.73 99.50
N HIS A 101 42.82 84.45 100.81
CA HIS A 101 41.80 84.95 101.71
C HIS A 101 41.89 86.47 101.84
N TYR A 102 43.11 87.02 101.71
CA TYR A 102 43.29 88.45 101.79
C TYR A 102 42.80 89.14 100.52
N THR A 103 43.14 88.58 99.35
CA THR A 103 42.79 89.23 98.10
C THR A 103 41.31 89.09 97.78
N LYS A 104 40.65 88.04 98.30
CA LYS A 104 39.21 87.92 98.09
C LYS A 104 38.44 88.81 99.06
N GLN A 105 39.09 89.20 100.16
CA GLN A 105 38.46 90.13 101.09
C GLN A 105 38.56 91.56 100.57
N CYS A 106 39.69 91.91 99.96
CA CYS A 106 39.88 93.25 99.42
C CYS A 106 38.91 93.52 98.27
N VAL A 107 38.69 92.52 97.42
CA VAL A 107 37.69 92.65 96.35
C VAL A 107 36.31 92.84 96.96
N GLU A 108 36.04 92.15 98.07
CA GLU A 108 34.77 92.33 98.77
C GLU A 108 34.68 93.73 99.37
N ASN A 109 35.79 94.25 99.90
CA ASN A 109 35.80 95.59 100.47
C ASN A 109 35.52 96.67 99.43
N ALA A 110 36.00 96.50 98.20
CA ALA A 110 35.75 97.47 97.14
C ALA A 110 34.30 97.44 96.66
N ASP A 111 33.54 96.42 97.03
CA ASP A 111 32.14 96.31 96.66
C ASP A 111 31.19 96.90 97.69
N LEU A 112 31.73 97.50 98.75
CA LEU A 112 30.89 98.07 99.82
C LEU A 112 29.97 99.20 99.32
N PRO A 113 30.50 100.17 98.56
CA PRO A 113 31.86 100.58 98.21
C PRO A 113 32.59 101.26 99.36
N GLU A 114 31.82 101.91 100.23
CA GLU A 114 32.34 102.62 101.40
C GLU A 114 31.37 102.43 102.56
N GLY A 115 31.93 102.24 103.76
CA GLY A 115 31.11 102.02 104.93
C GLY A 115 30.71 100.57 105.09
N GLU A 116 30.32 100.18 106.30
CA GLU A 116 29.94 98.80 106.61
C GLU A 116 31.10 97.85 106.28
N LYS A 117 32.26 98.15 106.85
CA LYS A 117 33.48 97.39 106.56
C LYS A 117 33.50 96.08 107.34
N LYS A 118 34.01 95.03 106.67
CA LYS A 118 34.21 93.73 107.28
C LYS A 118 35.48 93.73 108.14
N PRO A 119 35.52 92.93 109.20
CA PRO A 119 36.73 92.89 110.04
C PRO A 119 37.92 92.33 109.27
N ILE A 120 39.05 93.02 109.36
CA ILE A 120 40.27 92.64 108.67
C ILE A 120 41.35 92.48 109.73
N ASP A 121 41.85 91.26 109.91
CA ASP A 121 42.89 91.00 110.89
C ASP A 121 44.18 91.69 110.47
N GLN A 122 44.85 92.31 111.44
CA GLN A 122 46.10 92.99 111.17
C GLN A 122 47.24 92.04 110.83
N ARG A 123 47.09 90.75 111.15
CA ARG A 123 48.15 89.79 110.87
C ARG A 123 48.12 89.35 109.40
N LEU A 124 46.92 89.19 108.84
CA LEU A 124 46.83 88.77 107.45
C LEU A 124 47.17 89.91 106.50
N GLU A 125 46.77 91.14 106.83
CA GLU A 125 47.16 92.29 106.02
C GLU A 125 48.56 92.76 106.37
N GLY A 126 49.05 92.40 107.56
CA GLY A 126 50.37 92.81 107.98
C GLY A 126 51.50 92.08 107.27
N ILE A 127 51.31 90.80 106.96
CA ILE A 127 52.34 90.06 106.23
C ILE A 127 52.35 90.40 104.76
N VAL A 128 51.31 91.07 104.25
CA VAL A 128 51.27 91.52 102.85
C VAL A 128 52.45 92.43 102.58
N ASN A 129 52.47 93.60 103.23
CA ASN A 129 53.55 94.55 103.00
C ASN A 129 54.85 94.10 103.65
N LYS A 130 54.77 93.26 104.68
CA LYS A 130 55.98 92.75 105.32
C LYS A 130 56.76 91.85 104.38
N MET A 131 56.09 90.83 103.83
CA MET A 131 56.71 90.00 102.81
C MET A 131 56.96 90.76 101.52
N PHE A 132 56.23 91.84 101.27
CA PHE A 132 56.50 92.67 100.11
C PHE A 132 57.81 93.45 100.25
N GLN A 133 58.28 93.65 101.49
CA GLN A 133 59.60 94.23 101.70
C GLN A 133 60.70 93.31 101.19
N ARG A 134 60.45 92.00 101.14
CA ARG A 134 61.42 91.08 100.56
C ARG A 134 61.58 91.28 99.06
N CYS A 135 60.62 91.94 98.42
CA CYS A 135 60.66 92.22 96.98
C CYS A 135 61.64 93.34 96.66
N LEU A 136 61.37 94.55 97.18
CA LEU A 136 62.24 95.69 96.93
C LEU A 136 63.66 95.43 97.38
N ASP A 137 63.83 94.66 98.46
CA ASP A 137 65.16 94.29 98.91
C ASP A 137 65.85 93.32 97.95
N ASP A 138 65.07 92.50 97.25
CA ASP A 138 65.63 91.58 96.25
C ASP A 138 65.84 92.25 94.90
N HIS A 139 65.39 93.50 94.74
CA HIS A 139 65.64 94.37 93.59
C HIS A 139 64.84 93.96 92.35
N LYS A 140 64.10 92.87 92.38
CA LYS A 140 63.40 92.39 91.20
C LYS A 140 62.14 93.22 91.00
N TYR A 141 62.07 93.96 89.90
CA TYR A 141 60.96 94.89 89.66
C TYR A 141 59.75 94.22 89.02
N LYS A 142 59.96 93.08 88.36
CA LYS A 142 58.89 92.50 87.53
C LYS A 142 57.67 92.15 88.37
N GLN A 143 57.88 91.57 89.54
CA GLN A 143 56.77 91.21 90.41
C GLN A 143 56.45 92.27 91.45
N ALA A 144 57.22 93.37 91.49
CA ALA A 144 56.92 94.44 92.43
C ALA A 144 55.58 95.09 92.12
N ILE A 145 55.24 95.21 90.83
CA ILE A 145 53.95 95.77 90.46
C ILE A 145 52.85 94.71 90.53
N GLY A 146 53.22 93.43 90.61
CA GLY A 146 52.25 92.36 90.63
C GLY A 146 51.40 92.30 91.88
N ILE A 147 51.98 92.57 93.05
CA ILE A 147 51.21 92.54 94.29
C ILE A 147 50.14 93.61 94.28
N ALA A 148 50.42 94.78 93.71
CA ALA A 148 49.43 95.84 93.64
C ALA A 148 48.24 95.43 92.79
N LEU A 149 48.46 94.60 91.77
CA LEU A 149 47.36 94.10 90.97
C LEU A 149 46.61 93.01 91.71
N GLU A 150 47.32 92.21 92.51
CA GLU A 150 46.71 91.18 93.34
C GLU A 150 45.69 91.77 94.30
N THR A 151 46.15 92.61 95.24
CA THR A 151 45.28 93.16 96.27
C THR A 151 44.28 94.17 95.72
N ARG A 152 44.48 94.68 94.51
CA ARG A 152 43.61 95.64 93.82
C ARG A 152 43.58 97.01 94.48
N ARG A 153 44.14 97.18 95.67
CA ARG A 153 44.03 98.45 96.38
C ARG A 153 44.99 99.47 95.80
N LEU A 154 44.63 100.75 95.88
CA LEU A 154 45.39 101.82 95.26
C LEU A 154 46.42 102.46 96.18
N ASP A 155 46.50 102.04 97.44
CA ASP A 155 47.47 102.62 98.37
C ASP A 155 48.87 102.08 98.09
N VAL A 156 49.05 100.77 98.24
CA VAL A 156 50.36 100.16 97.98
C VAL A 156 50.75 100.30 96.51
N PHE A 157 49.76 100.44 95.63
CA PHE A 157 50.06 100.64 94.22
C PHE A 157 50.83 101.94 94.01
N GLU A 158 50.51 102.98 94.80
CA GLU A 158 51.24 104.23 94.70
C GLU A 158 52.70 104.05 95.12
N LYS A 159 52.97 103.11 96.03
CA LYS A 159 54.35 102.84 96.43
C LYS A 159 55.08 102.00 95.39
N THR A 160 54.37 101.11 94.71
CA THR A 160 54.99 100.28 93.68
C THR A 160 55.37 101.08 92.44
N ILE A 161 54.59 102.11 92.08
CA ILE A 161 54.94 102.93 90.93
C ILE A 161 56.01 103.94 91.30
N LEU A 162 56.15 104.26 92.58
CA LEU A 162 57.11 105.24 93.06
C LEU A 162 58.45 104.61 93.43
N GLU A 163 58.61 103.30 93.20
CA GLU A 163 59.86 102.64 93.55
C GLU A 163 61.02 103.22 92.76
N SER A 164 62.22 103.14 93.35
CA SER A 164 63.37 103.85 92.83
C SER A 164 63.88 103.19 91.54
N ASN A 165 64.93 103.79 90.98
CA ASN A 165 65.60 103.35 89.75
C ASN A 165 64.56 103.28 88.64
N ASP A 166 64.61 102.29 87.76
CA ASP A 166 63.68 102.14 86.65
C ASP A 166 63.58 100.66 86.28
N VAL A 167 62.44 100.12 85.83
CA VAL A 167 61.13 100.76 85.61
C VAL A 167 61.12 101.99 84.67
N PRO A 168 61.76 101.91 83.49
CA PRO A 168 61.60 103.02 82.54
C PRO A 168 60.22 103.06 81.91
N GLY A 169 59.77 101.90 81.42
CA GLY A 169 58.49 101.79 80.77
C GLY A 169 57.45 100.93 81.49
N MET A 170 57.76 100.49 82.71
CA MET A 170 56.90 99.52 83.36
C MET A 170 55.52 100.09 83.68
N LEU A 171 55.43 101.41 83.83
CA LEU A 171 54.12 102.04 83.98
C LEU A 171 53.45 102.22 82.62
N ALA A 172 54.24 102.23 81.54
CA ALA A 172 53.67 102.49 80.22
C ALA A 172 52.94 101.27 79.67
N TYR A 173 53.59 100.10 79.68
CA TYR A 173 52.95 98.93 79.08
C TYR A 173 51.96 98.26 80.03
N SER A 174 52.12 98.47 81.35
CA SER A 174 51.16 97.92 82.30
C SER A 174 49.75 98.43 82.04
N LEU A 175 49.61 99.70 81.66
CA LEU A 175 48.29 100.23 81.31
C LEU A 175 47.73 99.52 80.08
N LYS A 176 48.60 99.07 79.18
CA LYS A 176 48.15 98.28 78.03
C LYS A 176 47.78 96.87 78.46
N LEU A 177 48.50 96.32 79.44
CA LEU A 177 48.20 94.98 79.92
C LEU A 177 46.97 94.98 80.82
N CYS A 178 46.89 95.95 81.73
CA CYS A 178 45.77 96.02 82.66
C CYS A 178 44.45 96.26 81.92
N MET A 179 44.49 97.09 80.87
CA MET A 179 43.28 97.35 80.09
C MET A 179 42.72 96.08 79.47
N SER A 180 43.60 95.14 79.12
CA SER A 180 43.14 93.89 78.52
C SER A 180 42.61 92.92 79.56
N LEU A 181 43.28 92.83 80.71
CA LEU A 181 42.94 91.82 81.71
C LEU A 181 41.91 92.30 82.73
N MET A 182 41.52 93.57 82.72
CA MET A 182 40.61 94.09 83.75
C MET A 182 39.18 93.78 83.36
N GLN A 183 38.48 93.02 84.21
CA GLN A 183 37.08 92.69 83.95
C GLN A 183 36.15 93.83 84.33
N ASN A 184 36.40 94.48 85.47
CA ASN A 184 35.55 95.56 85.98
C ASN A 184 36.28 96.88 85.80
N LYS A 185 35.70 97.75 84.97
CA LYS A 185 36.28 99.07 84.71
C LYS A 185 36.15 100.03 85.88
N GLN A 186 35.45 99.64 86.96
CA GLN A 186 35.19 100.52 88.08
C GLN A 186 36.46 101.17 88.62
N PHE A 187 37.37 100.36 89.16
CA PHE A 187 38.61 100.86 89.73
C PHE A 187 39.75 100.91 88.72
N ARG A 188 39.51 100.49 87.48
CA ARG A 188 40.53 100.58 86.44
C ARG A 188 40.98 102.02 86.24
N ASN A 189 40.07 102.89 85.79
CA ASN A 189 40.40 104.29 85.57
C ASN A 189 40.83 105.00 86.85
N LYS A 190 40.39 104.51 88.02
CA LYS A 190 40.88 105.07 89.27
C LYS A 190 42.37 104.80 89.44
N VAL A 191 42.85 103.68 88.91
CA VAL A 191 44.28 103.40 88.90
C VAL A 191 44.97 104.28 87.86
N LEU A 192 44.29 104.56 86.76
CA LEU A 192 44.89 105.36 85.69
C LEU A 192 44.97 106.83 86.07
N ARG A 193 43.96 107.34 86.79
CA ARG A 193 43.94 108.77 87.11
C ARG A 193 45.06 109.14 88.07
N VAL A 194 45.44 108.22 88.96
CA VAL A 194 46.56 108.49 89.86
C VAL A 194 47.89 108.22 89.18
N LEU A 195 47.89 107.44 88.09
CA LEU A 195 49.13 107.17 87.38
C LEU A 195 49.57 108.39 86.56
N VAL A 196 48.63 109.01 85.86
CA VAL A 196 48.96 110.18 85.03
C VAL A 196 49.38 111.37 85.88
N LYS A 197 49.11 111.33 87.18
CA LYS A 197 49.58 112.40 88.06
C LYS A 197 51.06 112.22 88.38
N ILE A 198 51.50 110.98 88.58
CA ILE A 198 52.90 110.73 88.89
C ILE A 198 53.77 110.84 87.63
N TYR A 199 53.17 110.76 86.44
CA TYR A 199 53.90 111.06 85.23
C TYR A 199 54.32 112.52 85.20
N MET A 200 53.39 113.42 85.53
CA MET A 200 53.71 114.85 85.55
C MET A 200 54.62 115.20 86.72
N ASN A 201 54.51 114.48 87.83
CA ASN A 201 55.42 114.70 88.95
C ASN A 201 56.82 114.20 88.64
N LEU A 202 56.94 113.25 87.71
CA LEU A 202 58.25 112.76 87.31
C LEU A 202 58.96 113.81 86.46
N GLU A 203 60.28 113.79 86.47
CA GLU A 203 61.06 114.84 85.81
C GLU A 203 60.89 114.79 84.31
N LYS A 204 61.06 113.62 83.71
CA LYS A 204 60.92 113.46 82.27
C LYS A 204 59.45 113.48 81.86
N PRO A 205 59.01 114.46 81.06
CA PRO A 205 57.61 114.46 80.62
C PRO A 205 57.36 113.38 79.59
N ASP A 206 56.19 112.76 79.66
CA ASP A 206 55.79 111.70 78.74
C ASP A 206 54.38 112.00 78.26
N PHE A 207 54.22 112.13 76.94
CA PHE A 207 52.93 112.48 76.35
C PHE A 207 52.13 111.27 75.90
N ILE A 208 52.66 110.05 76.04
CA ILE A 208 51.87 108.88 75.69
C ILE A 208 50.96 108.47 76.85
N ASN A 209 51.24 108.98 78.05
CA ASN A 209 50.37 108.67 79.18
C ASN A 209 49.10 109.51 79.16
N VAL A 210 49.22 110.78 78.78
CA VAL A 210 48.06 111.66 78.72
C VAL A 210 47.15 111.27 77.57
N CYS A 211 47.68 110.57 76.56
CA CYS A 211 46.85 110.07 75.47
C CYS A 211 45.88 109.02 75.97
N GLN A 212 46.29 108.20 76.93
CA GLN A 212 45.45 107.12 77.42
C GLN A 212 44.37 107.62 78.38
N CYS A 213 44.72 108.54 79.27
CA CYS A 213 43.75 109.07 80.22
C CYS A 213 42.78 110.06 79.57
N LEU A 214 43.15 110.64 78.42
CA LEU A 214 42.25 111.55 77.73
C LEU A 214 40.96 110.85 77.33
N ILE A 215 41.09 109.66 76.73
CA ILE A 215 39.92 108.95 76.24
C ILE A 215 39.20 108.21 77.36
N PHE A 216 39.96 107.69 78.34
CA PHE A 216 39.35 106.88 79.39
C PHE A 216 38.69 107.74 80.46
N LEU A 217 39.35 108.82 80.89
CA LEU A 217 38.75 109.69 81.89
C LEU A 217 37.69 110.60 81.28
N ASP A 218 37.85 110.93 79.99
CA ASP A 218 36.91 111.74 79.21
C ASP A 218 36.43 112.97 79.98
N ASP A 219 37.37 113.59 80.69
CA ASP A 219 37.09 114.79 81.46
C ASP A 219 37.36 116.02 80.60
N PRO A 220 36.34 116.79 80.21
CA PRO A 220 36.61 117.97 79.37
C PRO A 220 37.34 119.07 80.12
N GLN A 221 37.23 119.13 81.44
CA GLN A 221 37.93 120.17 82.19
C GLN A 221 39.40 119.81 82.39
N ALA A 222 39.73 118.52 82.40
CA ALA A 222 41.12 118.12 82.57
C ALA A 222 41.88 118.27 81.26
N VAL A 223 41.23 117.95 80.13
CA VAL A 223 41.88 118.08 78.83
C VAL A 223 42.06 119.54 78.44
N SER A 224 41.29 120.45 79.05
CA SER A 224 41.43 121.87 78.72
C SER A 224 42.64 122.47 79.44
N ASP A 225 42.93 122.00 80.65
CA ASP A 225 44.02 122.59 81.44
C ASP A 225 45.38 122.11 80.98
N ILE A 226 45.47 120.92 80.38
CA ILE A 226 46.77 120.39 79.97
C ILE A 226 47.30 121.17 78.77
N LEU A 227 46.43 121.50 77.82
CA LEU A 227 46.83 122.28 76.67
C LEU A 227 46.91 123.77 76.97
N GLU A 228 46.16 124.25 77.96
CA GLU A 228 46.26 125.66 78.35
C GLU A 228 47.66 125.97 78.85
N LYS A 229 48.30 125.01 79.52
CA LYS A 229 49.70 125.16 79.90
C LYS A 229 50.62 125.10 78.69
N LEU A 230 50.29 124.27 77.69
CA LEU A 230 51.10 124.20 76.48
C LEU A 230 51.03 125.49 75.68
N VAL A 231 49.91 126.22 75.77
CA VAL A 231 49.82 127.53 75.15
C VAL A 231 50.78 128.50 75.82
N LYS A 232 50.83 128.47 77.16
CA LYS A 232 51.77 129.31 77.89
C LYS A 232 53.20 128.82 77.71
N GLU A 233 53.38 127.52 77.45
CA GLU A 233 54.72 126.98 77.25
C GLU A 233 55.24 127.32 75.85
N ASP A 234 54.34 127.64 74.92
CA ASP A 234 54.66 128.33 73.67
C ASP A 234 55.37 127.44 72.65
N ASN A 235 55.75 126.23 73.03
CA ASN A 235 56.42 125.33 72.10
C ASN A 235 55.38 124.48 71.39
N LEU A 236 55.28 124.65 70.07
CA LEU A 236 54.29 123.92 69.28
C LEU A 236 54.77 122.54 68.89
N LEU A 237 56.06 122.24 69.02
CA LEU A 237 56.58 120.94 68.60
C LEU A 237 56.13 119.83 69.54
N MET A 238 56.34 120.01 70.84
CA MET A 238 55.97 118.97 71.79
C MET A 238 54.46 118.79 71.90
N ALA A 239 53.68 119.85 71.67
CA ALA A 239 52.22 119.73 71.72
C ALA A 239 51.65 119.19 70.41
N TYR A 240 52.47 119.12 69.36
CA TYR A 240 51.97 118.70 68.06
C TYR A 240 51.55 117.23 68.08
N GLN A 241 52.13 116.45 69.00
CA GLN A 241 51.73 115.05 69.12
C GLN A 241 50.31 114.93 69.69
N ILE A 242 50.05 115.57 70.83
CA ILE A 242 48.71 115.54 71.43
C ILE A 242 47.70 116.31 70.60
N CYS A 243 48.15 117.15 69.68
CA CYS A 243 47.23 117.87 68.80
C CYS A 243 46.47 116.90 67.89
N PHE A 244 47.21 116.10 67.12
CA PHE A 244 46.58 115.14 66.22
C PHE A 244 46.18 113.86 66.94
N ASP A 245 46.75 113.58 68.11
CA ASP A 245 46.32 112.43 68.89
C ASP A 245 44.92 112.64 69.42
N LEU A 246 44.59 113.86 69.84
CA LEU A 246 43.23 114.18 70.24
C LEU A 246 42.27 114.10 69.06
N TYR A 247 42.80 114.28 67.84
CA TYR A 247 41.96 114.24 66.65
C TYR A 247 41.57 112.82 66.28
N GLU A 248 42.56 111.98 65.96
CA GLU A 248 42.26 110.65 65.43
C GLU A 248 41.61 109.76 66.48
N SER A 249 41.86 110.02 67.76
CA SER A 249 41.37 109.13 68.82
C SER A 249 39.99 109.57 69.31
N ALA A 250 39.92 110.72 69.99
CA ALA A 250 38.69 111.14 70.65
C ALA A 250 37.53 111.21 69.66
N SER A 251 36.35 110.80 70.12
CA SER A 251 35.17 110.77 69.28
C SER A 251 34.65 112.20 69.04
N GLN A 252 33.57 112.28 68.28
CA GLN A 252 33.03 113.58 67.89
C GLN A 252 32.43 114.32 69.07
N GLN A 253 31.91 113.59 70.06
CA GLN A 253 31.34 114.25 71.24
C GLN A 253 32.42 114.89 72.09
N PHE A 254 33.56 114.21 72.23
CA PHE A 254 34.65 114.76 73.03
C PHE A 254 35.40 115.86 72.28
N LEU A 255 35.41 115.78 70.94
CA LEU A 255 36.08 116.80 70.15
C LEU A 255 35.32 118.12 70.21
N SER A 256 33.99 118.06 70.25
CA SER A 256 33.21 119.28 70.32
C SER A 256 33.33 119.98 71.66
N SER A 257 33.60 119.21 72.73
CA SER A 257 33.74 119.82 74.05
C SER A 257 35.14 120.43 74.22
N VAL A 258 36.16 119.78 73.68
CA VAL A 258 37.52 120.25 73.89
C VAL A 258 37.83 121.44 72.98
N ILE A 259 37.14 121.54 71.84
CA ILE A 259 37.43 122.62 70.90
C ILE A 259 36.89 123.94 71.44
N GLN A 260 35.87 123.89 72.29
CA GLN A 260 35.26 125.12 72.79
C GLN A 260 36.11 125.76 73.89
N ASN A 261 36.60 124.96 74.83
CA ASN A 261 37.35 125.52 75.96
C ASN A 261 38.76 125.93 75.55
N LEU A 262 39.28 125.30 74.50
CA LEU A 262 40.65 125.58 74.07
C LEU A 262 40.74 126.86 73.25
N ARG A 263 39.79 127.09 72.34
CA ARG A 263 39.86 128.27 71.49
C ARG A 263 39.48 129.55 72.23
N THR A 264 38.97 129.44 73.45
CA THR A 264 38.58 130.60 74.23
C THR A 264 39.80 131.33 74.79
N ASP A 314 48.11 132.23 66.24
CA ASP A 314 49.20 131.27 66.20
C ASP A 314 48.76 129.91 66.74
N GLN A 315 48.96 129.71 68.06
CA GLN A 315 48.53 128.46 68.67
C GLN A 315 47.01 128.35 68.70
N THR A 316 46.31 129.48 68.66
CA THR A 316 44.85 129.44 68.56
C THR A 316 44.40 129.10 67.15
N LEU A 317 45.14 129.57 66.13
CA LEU A 317 44.82 129.22 64.76
C LEU A 317 45.31 127.82 64.41
N LYS A 318 46.30 127.31 65.16
CA LYS A 318 46.85 126.00 64.87
C LYS A 318 45.92 124.89 65.34
N MET A 319 45.17 125.15 66.42
CA MET A 319 44.26 124.15 66.95
C MET A 319 42.95 124.04 66.16
N ILE A 320 42.71 124.94 65.21
CA ILE A 320 41.47 124.90 64.46
C ILE A 320 41.46 123.74 63.47
N LYS A 321 42.54 123.57 62.71
CA LYS A 321 42.59 122.55 61.66
C LYS A 321 42.89 121.15 62.18
N ILE A 322 43.39 121.02 63.42
CA ILE A 322 43.69 119.70 63.95
C ILE A 322 42.42 118.99 64.38
N LEU A 323 41.52 119.68 65.08
CA LEU A 323 40.30 119.06 65.57
C LEU A 323 39.24 118.96 64.48
N SER A 324 39.22 119.93 63.56
CA SER A 324 38.30 119.88 62.42
C SER A 324 38.83 118.99 61.30
N GLY A 325 40.08 118.57 61.36
CA GLY A 325 40.63 117.69 60.35
C GLY A 325 40.85 118.34 59.00
N GLU A 326 40.93 119.67 58.95
CA GLU A 326 41.15 120.36 57.68
C GLU A 326 42.46 119.91 57.03
N MET A 327 43.59 120.22 57.65
CA MET A 327 44.88 119.84 57.08
C MET A 327 45.08 118.33 57.08
N ALA A 328 44.35 117.60 57.92
CA ALA A 328 44.55 116.16 58.03
C ALA A 328 44.03 115.43 56.80
N ILE A 329 43.07 116.02 56.09
CA ILE A 329 42.52 115.39 54.90
C ILE A 329 43.46 115.57 53.72
N GLU A 330 43.96 116.79 53.54
CA GLU A 330 44.77 117.08 52.35
C GLU A 330 46.11 116.36 52.39
N LEU A 331 46.71 116.19 53.57
CA LEU A 331 47.99 115.49 53.65
C LEU A 331 47.84 114.03 53.24
N HIS A 332 46.69 113.42 53.54
CA HIS A 332 46.44 112.06 53.10
C HIS A 332 45.70 112.04 51.76
N LEU A 333 45.22 113.20 51.30
CA LEU A 333 44.72 113.31 49.94
C LEU A 333 45.87 113.24 48.95
N GLN A 334 47.02 113.81 49.32
CA GLN A 334 48.18 113.75 48.45
C GLN A 334 48.89 112.40 48.57
N PHE A 335 48.65 111.67 49.66
CA PHE A 335 49.23 110.35 49.82
C PHE A 335 48.60 109.36 48.85
N LEU A 336 47.27 109.43 48.70
CA LEU A 336 46.55 108.51 47.83
C LEU A 336 47.07 108.57 46.40
N ILE A 337 46.96 109.73 45.75
CA ILE A 337 47.33 109.87 44.34
C ILE A 337 48.73 109.38 44.04
N ARG A 338 49.65 109.40 45.01
CA ARG A 338 51.00 108.90 44.79
C ARG A 338 51.03 107.37 44.85
N ASN A 339 50.70 106.81 46.02
CA ASN A 339 50.85 105.37 46.22
C ASN A 339 49.82 104.58 45.43
N ASN A 340 48.74 105.21 44.99
CA ASN A 340 47.70 104.48 44.27
C ASN A 340 48.23 103.96 42.93
N ASN A 341 48.07 102.66 42.73
CA ASN A 341 48.42 102.02 41.47
C ASN A 341 47.16 101.39 40.89
N THR A 342 46.69 101.93 39.77
CA THR A 342 45.44 101.52 39.16
C THR A 342 45.66 100.36 38.20
N ASP A 343 44.77 99.38 38.27
CA ASP A 343 44.78 98.25 37.35
C ASP A 343 43.38 98.11 36.75
N LEU A 344 43.28 98.36 35.45
CA LEU A 344 42.00 98.33 34.75
C LEU A 344 41.70 96.96 34.15
N MET A 345 42.67 96.04 34.16
CA MET A 345 42.49 94.70 33.61
C MET A 345 41.32 93.97 34.25
N ILE A 346 41.42 93.71 35.55
CA ILE A 346 40.36 92.97 36.26
C ILE A 346 39.03 93.69 36.17
N LEU A 347 39.04 95.02 36.15
CA LEU A 347 37.79 95.78 36.02
C LEU A 347 37.11 95.50 34.69
N LYS A 348 37.90 95.38 33.61
CA LYS A 348 37.32 95.06 32.31
C LYS A 348 36.99 93.58 32.19
N ASN A 349 37.68 92.72 32.94
CA ASN A 349 37.36 91.30 32.90
C ASN A 349 36.00 91.00 33.50
N THR A 350 35.54 91.84 34.42
CA THR A 350 34.20 91.72 34.96
C THR A 350 33.16 92.56 34.21
N LYS A 351 33.60 93.44 33.31
CA LYS A 351 32.68 94.30 32.59
C LYS A 351 32.05 93.57 31.40
N ASP A 352 32.77 92.63 30.79
CA ASP A 352 32.33 91.99 29.56
C ASP A 352 31.37 90.83 29.78
N ALA A 353 30.97 90.56 31.02
CA ALA A 353 29.99 89.51 31.27
C ALA A 353 28.65 89.83 30.61
N VAL A 354 28.33 91.12 30.48
CA VAL A 354 27.10 91.60 29.85
C VAL A 354 25.89 90.97 30.52
N ARG A 355 25.79 91.11 31.83
CA ARG A 355 24.59 90.72 32.58
C ARG A 355 23.74 91.96 32.83
N ASN A 356 22.46 91.88 32.47
CA ASN A 356 21.57 93.02 32.55
C ASN A 356 21.33 93.53 33.97
N SER A 357 21.35 92.64 34.97
CA SER A 357 21.14 93.06 36.34
C SER A 357 22.33 92.67 37.18
N VAL A 358 22.46 93.34 38.33
CA VAL A 358 23.47 93.08 39.36
C VAL A 358 24.84 93.56 38.89
N CYS A 359 24.98 93.83 37.58
CA CYS A 359 26.22 94.37 37.06
C CYS A 359 26.36 95.86 37.32
N HIS A 360 25.26 96.61 37.19
CA HIS A 360 25.32 98.05 37.41
C HIS A 360 25.72 98.38 38.84
N THR A 361 25.29 97.56 39.81
CA THR A 361 25.66 97.79 41.20
C THR A 361 27.07 97.28 41.50
N ALA A 362 27.53 96.26 40.77
CA ALA A 362 28.79 95.62 41.11
C ALA A 362 29.99 96.46 40.71
N THR A 363 30.03 96.95 39.47
CA THR A 363 31.24 97.62 38.98
C THR A 363 31.41 99.02 39.59
N VAL A 364 30.32 99.74 39.82
CA VAL A 364 30.45 101.11 40.33
C VAL A 364 30.86 101.10 41.80
N ILE A 365 30.50 100.04 42.53
CA ILE A 365 30.97 99.91 43.91
C ILE A 365 32.36 99.31 43.97
N ALA A 366 32.80 98.63 42.91
CA ALA A 366 34.11 98.00 42.90
C ALA A 366 35.22 99.00 42.57
N ASN A 367 34.97 99.89 41.61
CA ASN A 367 35.98 100.89 41.28
C ASN A 367 36.11 101.93 42.39
N SER A 368 35.02 102.22 43.09
CA SER A 368 35.08 103.16 44.21
C SER A 368 36.03 102.69 45.29
N PHE A 369 36.22 101.37 45.42
CA PHE A 369 37.21 100.80 46.32
C PHE A 369 38.61 101.34 46.02
N MET A 370 39.12 101.07 44.83
CA MET A 370 40.50 101.43 44.51
C MET A 370 40.65 102.93 44.26
N HIS A 371 39.55 103.64 44.00
CA HIS A 371 39.58 105.05 43.66
C HIS A 371 39.37 105.97 44.86
N CYS A 372 39.37 105.43 46.08
CA CYS A 372 39.09 106.24 47.27
C CYS A 372 39.95 107.48 47.33
N GLY A 373 39.31 108.63 47.52
CA GLY A 373 39.98 109.88 47.79
C GLY A 373 40.73 110.52 46.64
N THR A 374 40.79 109.88 45.47
CA THR A 374 41.50 110.50 44.35
C THR A 374 40.66 111.55 43.63
N THR A 375 39.34 111.55 43.83
CA THR A 375 38.42 112.57 43.33
C THR A 375 38.33 112.60 41.81
N SER A 376 39.13 111.78 41.13
CA SER A 376 39.15 111.79 39.67
C SER A 376 37.85 111.19 39.12
N ASP A 377 37.54 111.53 37.87
CA ASP A 377 36.36 111.04 37.17
C ASP A 377 36.82 110.17 36.01
N GLN A 378 36.50 108.88 36.07
CA GLN A 378 36.93 107.93 35.05
C GLN A 378 35.76 107.13 34.49
N PHE A 379 35.09 106.30 35.31
CA PHE A 379 33.99 105.48 34.83
C PHE A 379 32.75 106.30 34.48
N LEU A 380 32.71 107.58 34.86
CA LEU A 380 31.61 108.43 34.43
C LEU A 380 31.82 108.93 33.02
N ARG A 381 33.05 109.30 32.67
CA ARG A 381 33.33 109.88 31.37
C ARG A 381 33.46 108.83 30.26
N ASP A 382 33.96 107.63 30.59
CA ASP A 382 34.29 106.67 29.54
C ASP A 382 33.04 106.13 28.85
N ASN A 383 32.04 105.71 29.62
CA ASN A 383 30.80 105.19 29.04
C ASN A 383 29.62 105.98 29.59
N LEU A 384 28.97 106.76 28.72
CA LEU A 384 27.75 107.45 29.10
C LEU A 384 26.53 106.54 28.99
N GLU A 385 26.48 105.72 27.93
CA GLU A 385 25.30 104.91 27.66
C GLU A 385 25.13 103.79 28.69
N TRP A 386 26.22 103.15 29.11
CA TRP A 386 26.10 102.07 30.08
C TRP A 386 25.56 102.53 31.42
N LEU A 387 25.94 103.73 31.86
CA LEU A 387 25.36 104.28 33.09
C LEU A 387 23.90 104.66 32.89
N ALA A 388 23.54 104.99 31.64
CA ALA A 388 22.14 105.29 31.35
C ALA A 388 21.29 104.02 31.31
N ARG A 389 21.93 102.86 31.08
CA ARG A 389 21.20 101.60 31.13
C ARG A 389 20.71 101.31 32.54
N ALA A 390 21.41 101.83 33.55
CA ALA A 390 20.98 101.67 34.93
C ALA A 390 19.69 102.43 35.17
N THR A 391 18.86 101.92 36.07
CA THR A 391 17.59 102.51 36.43
C THR A 391 17.19 102.09 37.83
N ASN A 392 16.04 102.60 38.29
CA ASN A 392 15.50 102.34 39.63
C ASN A 392 16.53 102.82 40.64
N TRP A 393 16.99 101.98 41.56
CA TRP A 393 17.97 102.42 42.55
C TRP A 393 19.42 102.27 42.07
N ALA A 394 19.63 101.83 40.83
CA ALA A 394 20.99 101.72 40.32
C ALA A 394 21.60 103.08 40.00
N LYS A 395 20.81 104.02 39.46
CA LYS A 395 21.33 105.36 39.23
C LYS A 395 21.48 106.14 40.54
N PHE A 396 20.88 105.65 41.62
CA PHE A 396 21.14 106.21 42.95
C PHE A 396 22.61 106.09 43.31
N THR A 397 23.28 105.07 42.79
CA THR A 397 24.69 104.84 43.12
C THR A 397 25.63 105.74 42.32
N ALA A 398 25.21 106.17 41.14
CA ALA A 398 26.09 106.99 40.30
C ALA A 398 26.47 108.29 41.00
N THR A 399 25.49 109.00 41.53
CA THR A 399 25.74 110.17 42.37
C THR A 399 26.27 109.79 43.75
N ALA A 400 26.04 108.57 44.21
CA ALA A 400 26.56 108.08 45.47
C ALA A 400 28.04 107.73 45.37
N SER A 401 28.39 106.77 44.52
CA SER A 401 29.79 106.41 44.31
C SER A 401 30.63 107.61 43.85
N LEU A 402 30.01 108.65 43.32
CA LEU A 402 30.73 109.88 43.02
C LEU A 402 31.25 110.52 44.30
N GLY A 403 30.46 110.44 45.38
CA GLY A 403 30.91 110.95 46.66
C GLY A 403 31.88 110.05 47.38
N VAL A 404 32.04 108.81 46.89
CA VAL A 404 33.03 107.90 47.46
C VAL A 404 34.43 108.29 46.99
N ILE A 405 34.65 108.25 45.68
CA ILE A 405 35.91 108.67 45.10
C ILE A 405 36.28 110.08 45.55
N HIS A 406 35.28 110.92 45.80
CA HIS A 406 35.48 112.30 46.22
C HIS A 406 35.52 112.45 47.74
N LYS A 407 35.50 111.35 48.50
CA LYS A 407 35.55 111.45 49.96
C LYS A 407 36.78 112.23 50.39
N GLY A 408 36.60 113.09 51.39
CA GLY A 408 37.61 114.07 51.68
C GLY A 408 37.43 115.25 50.72
N HIS A 409 38.50 116.02 50.56
CA HIS A 409 38.51 117.15 49.63
C HIS A 409 37.36 118.11 49.94
N GLU A 410 37.34 118.57 51.19
CA GLU A 410 36.17 119.26 51.75
C GLU A 410 35.78 120.51 50.96
N LYS A 411 36.68 121.06 50.14
CA LYS A 411 36.40 122.33 49.47
C LYS A 411 35.48 122.13 48.26
N GLU A 412 35.98 121.44 47.23
CA GLU A 412 35.28 121.34 45.95
C GLU A 412 34.05 120.43 46.00
N ALA A 413 33.79 119.76 47.12
CA ALA A 413 32.67 118.81 47.19
C ALA A 413 31.33 119.47 46.94
N LEU A 414 31.25 120.80 47.04
CA LEU A 414 30.01 121.51 46.85
C LEU A 414 29.70 121.73 45.38
N GLN A 415 30.55 122.50 44.68
CA GLN A 415 30.26 122.93 43.33
C GLN A 415 30.47 121.83 42.29
N LEU A 416 31.21 120.78 42.61
CA LEU A 416 31.49 119.75 41.62
C LEU A 416 30.26 118.89 41.33
N MET A 417 29.42 118.66 42.33
CA MET A 417 28.25 117.80 42.20
C MET A 417 26.99 118.56 41.80
N ALA A 418 27.11 119.84 41.48
CA ALA A 418 25.94 120.66 41.19
C ALA A 418 25.10 120.12 40.04
N THR A 419 25.68 119.25 39.21
CA THR A 419 24.91 118.67 38.11
C THR A 419 23.83 117.72 38.62
N TYR A 420 24.04 117.11 39.78
CA TYR A 420 23.11 116.15 40.36
C TYR A 420 22.12 116.77 41.33
N LEU A 421 22.10 118.10 41.46
CA LEU A 421 21.20 118.79 42.36
C LEU A 421 19.75 118.37 42.13
N PRO A 422 19.05 117.86 43.15
CA PRO A 422 17.66 117.44 42.95
C PRO A 422 16.70 118.59 42.69
N LYS A 423 16.95 119.76 43.28
CA LYS A 423 15.95 120.83 43.21
C LYS A 423 15.88 121.42 41.80
N ASP A 424 17.02 121.81 41.24
CA ASP A 424 17.04 122.46 39.93
C ASP A 424 16.87 121.49 38.77
N THR A 425 17.60 120.37 38.76
CA THR A 425 17.58 119.46 37.62
C THR A 425 16.26 118.70 37.50
N SER A 426 15.86 118.03 38.58
CA SER A 426 14.65 117.20 38.60
C SER A 426 14.68 116.19 37.45
N PRO A 427 15.55 115.18 37.51
CA PRO A 427 15.63 114.22 36.41
C PRO A 427 14.36 113.39 36.28
N GLY A 428 14.22 112.73 35.12
CA GLY A 428 13.05 111.91 34.90
C GLY A 428 12.87 110.83 35.94
N SER A 429 13.94 110.09 36.24
CA SER A 429 13.93 109.09 37.30
C SER A 429 14.14 109.79 38.64
N ALA A 430 13.20 109.60 39.56
CA ALA A 430 13.24 110.28 40.85
C ALA A 430 14.31 109.73 41.78
N TYR A 431 14.83 108.53 41.53
CA TYR A 431 15.83 107.96 42.43
C TYR A 431 17.24 108.43 42.11
N GLN A 432 17.43 109.09 40.95
CA GLN A 432 18.73 109.67 40.63
C GLN A 432 19.01 110.90 41.48
N GLU A 433 17.97 111.69 41.75
CA GLU A 433 18.15 112.92 42.52
C GLU A 433 18.17 112.68 44.01
N GLY A 434 17.91 111.44 44.46
CA GLY A 434 17.87 111.17 45.89
C GLY A 434 19.21 110.79 46.50
N GLY A 435 20.24 110.62 45.68
CA GLY A 435 21.54 110.22 46.17
C GLY A 435 22.51 111.37 46.34
N GLY A 436 22.10 112.56 45.91
CA GLY A 436 22.96 113.73 46.08
C GLY A 436 23.11 114.14 47.52
N LEU A 437 22.06 113.91 48.33
CA LEU A 437 22.13 114.22 49.75
C LEU A 437 22.99 113.21 50.49
N TYR A 438 22.87 111.92 50.13
CA TYR A 438 23.67 110.90 50.78
C TYR A 438 25.11 110.90 50.30
N ALA A 439 25.39 111.49 49.14
CA ALA A 439 26.75 111.50 48.62
C ALA A 439 27.71 112.27 49.53
N LEU A 440 27.39 113.52 49.85
CA LEU A 440 28.25 114.36 50.67
C LEU A 440 28.27 113.94 52.14
N GLY A 441 27.29 113.17 52.60
CA GLY A 441 27.32 112.69 53.97
C GLY A 441 28.53 111.83 54.25
N LEU A 442 28.97 111.07 53.25
CA LEU A 442 30.22 110.31 53.32
C LEU A 442 31.39 111.22 53.66
N ILE A 443 31.65 112.20 52.78
CA ILE A 443 32.69 113.18 53.02
C ILE A 443 32.53 113.83 54.39
N HIS A 444 31.27 114.12 54.75
CA HIS A 444 30.95 114.85 55.98
C HIS A 444 30.74 113.94 57.17
N ALA A 445 31.02 112.65 57.03
CA ALA A 445 31.07 111.78 58.20
C ALA A 445 31.99 112.38 59.26
N ASN A 446 31.61 112.20 60.53
CA ASN A 446 32.25 112.93 61.62
C ASN A 446 32.13 114.43 61.39
N HIS A 447 33.26 115.10 61.17
CA HIS A 447 33.29 116.54 61.02
C HIS A 447 32.36 117.01 59.91
N GLY A 448 31.71 118.15 60.14
CA GLY A 448 30.80 118.73 59.18
C GLY A 448 31.44 119.87 58.40
N GLY A 449 30.58 120.83 58.02
CA GLY A 449 31.06 121.97 57.27
C GLY A 449 29.93 122.86 56.82
N ASP A 450 30.21 123.67 55.79
CA ASP A 450 29.21 124.57 55.22
C ASP A 450 28.07 123.83 54.54
N ILE A 451 28.27 122.57 54.15
CA ILE A 451 27.25 121.79 53.46
C ILE A 451 26.00 121.55 54.31
N ILE A 452 26.07 121.81 55.62
CA ILE A 452 24.88 121.73 56.46
C ILE A 452 23.75 122.57 55.87
N ASP A 453 24.08 123.71 55.27
CA ASP A 453 23.07 124.51 54.58
C ASP A 453 22.71 123.91 53.22
N TYR A 454 23.67 123.22 52.60
CA TYR A 454 23.41 122.58 51.31
C TYR A 454 22.36 121.49 51.44
N LEU A 455 22.39 120.75 52.55
CA LEU A 455 21.36 119.74 52.80
C LEU A 455 20.03 120.39 53.17
N LEU A 456 20.09 121.56 53.81
CA LEU A 456 18.87 122.24 54.23
C LEU A 456 18.10 122.77 53.03
N ASN A 457 18.80 123.10 51.94
CA ASN A 457 18.13 123.67 50.78
C ASN A 457 17.43 122.59 49.95
N GLN A 458 17.98 121.37 49.95
CA GLN A 458 17.44 120.29 49.15
C GLN A 458 16.41 119.43 49.88
N LEU A 459 16.26 119.60 51.19
CA LEU A 459 15.25 118.84 51.91
C LEU A 459 13.86 119.42 51.73
N LYS A 460 13.77 120.74 51.50
CA LYS A 460 12.49 121.43 51.44
C LYS A 460 11.96 121.60 50.02
N ASN A 461 12.65 121.06 49.02
CA ASN A 461 12.25 121.26 47.64
C ASN A 461 12.26 119.95 46.88
N ALA A 462 11.52 119.93 45.77
CA ALA A 462 11.52 118.84 44.81
C ALA A 462 11.15 117.49 45.44
N SER A 463 12.09 116.56 45.38
CA SER A 463 11.84 115.17 45.74
C SER A 463 11.34 115.01 47.17
N ASN A 464 10.27 114.23 47.32
CA ASN A 464 9.75 113.81 48.62
C ASN A 464 9.08 112.46 48.44
N ASP A 465 9.21 111.55 49.40
CA ASP A 465 10.03 111.73 50.59
C ASP A 465 11.41 111.12 50.44
N ILE A 466 11.70 110.61 49.23
CA ILE A 466 12.97 109.93 48.98
C ILE A 466 14.15 110.86 49.17
N VAL A 467 13.91 112.16 49.29
CA VAL A 467 14.95 113.08 49.75
C VAL A 467 15.34 112.77 51.19
N ARG A 468 14.35 112.47 52.03
CA ARG A 468 14.64 112.19 53.44
C ARG A 468 15.48 110.93 53.60
N HIS A 469 15.42 110.03 52.60
CA HIS A 469 16.27 108.84 52.62
C HIS A 469 17.75 109.22 52.67
N GLY A 470 18.24 109.84 51.61
CA GLY A 470 19.63 110.27 51.56
C GLY A 470 19.90 111.51 52.39
N GLY A 471 18.87 112.29 52.67
CA GLY A 471 19.02 113.51 53.44
C GLY A 471 19.31 113.26 54.91
N SER A 472 18.53 112.37 55.53
CA SER A 472 18.77 112.06 56.94
C SER A 472 20.08 111.30 57.14
N LEU A 473 20.39 110.37 56.23
CA LEU A 473 21.68 109.69 56.31
C LEU A 473 22.84 110.65 56.05
N GLY A 474 22.63 111.66 55.20
CA GLY A 474 23.66 112.66 55.01
C GLY A 474 23.79 113.60 56.18
N LEU A 475 22.65 114.01 56.76
CA LEU A 475 22.68 114.90 57.92
C LEU A 475 22.98 114.11 59.20
N GLY A 476 22.49 112.88 59.28
CA GLY A 476 22.73 112.08 60.47
C GLY A 476 24.18 111.64 60.61
N LEU A 477 24.81 111.24 59.50
CA LEU A 477 26.21 110.87 59.55
C LEU A 477 27.11 112.09 59.74
N ALA A 478 26.68 113.25 59.23
CA ALA A 478 27.41 114.48 59.49
C ALA A 478 27.28 114.93 60.93
N ALA A 479 26.14 114.72 61.56
CA ALA A 479 25.93 115.02 62.98
C ALA A 479 26.23 113.83 63.87
N MET A 480 26.71 112.72 63.31
CA MET A 480 27.05 111.55 64.10
C MET A 480 28.06 111.90 65.19
N GLY A 481 27.72 111.55 66.43
CA GLY A 481 28.56 111.85 67.56
C GLY A 481 28.45 113.25 68.12
N THR A 482 27.79 114.16 67.40
CA THR A 482 27.66 115.55 67.83
C THR A 482 26.54 115.76 68.85
N ALA A 483 25.65 114.80 69.01
CA ALA A 483 24.48 114.92 69.88
C ALA A 483 23.63 116.14 69.54
N ARG A 484 23.40 116.36 68.25
CA ARG A 484 22.62 117.51 67.80
C ARG A 484 21.14 117.31 68.12
N GLN A 485 20.42 118.44 68.14
CA GLN A 485 19.00 118.48 68.49
C GLN A 485 18.10 118.54 67.26
N ASP A 486 18.25 119.59 66.45
CA ASP A 486 17.32 119.81 65.32
C ASP A 486 17.24 118.61 64.39
N VAL A 487 18.33 117.83 64.28
CA VAL A 487 18.28 116.64 63.45
C VAL A 487 17.37 115.59 64.07
N TYR A 488 17.33 115.52 65.40
CA TYR A 488 16.44 114.60 66.08
C TYR A 488 14.98 115.04 65.96
N ASP A 489 14.72 116.33 65.77
CA ASP A 489 13.36 116.82 65.64
C ASP A 489 12.72 116.35 64.34
N LEU A 490 13.40 116.55 63.22
CA LEU A 490 12.87 116.12 61.93
C LEU A 490 13.01 114.63 61.70
N LEU A 491 13.78 113.93 62.54
CA LEU A 491 13.86 112.47 62.45
C LEU A 491 12.66 111.79 63.09
N LYS A 492 12.00 112.44 64.05
CA LYS A 492 10.81 111.85 64.64
C LYS A 492 9.63 111.84 63.68
N THR A 493 9.42 112.95 62.95
CA THR A 493 8.37 112.98 61.94
C THR A 493 8.68 112.08 60.75
N ASN A 494 9.96 111.83 60.48
CA ASN A 494 10.30 110.82 59.47
C ASN A 494 10.05 109.41 59.98
N LEU A 495 10.12 109.22 61.31
CA LEU A 495 9.76 107.93 61.89
C LEU A 495 8.27 107.67 61.76
N TYR A 496 7.46 108.72 61.79
CA TYR A 496 6.01 108.61 61.72
C TYR A 496 5.47 108.71 60.30
N GLN A 497 6.34 108.79 59.29
CA GLN A 497 5.87 108.85 57.90
C GLN A 497 5.20 107.55 57.48
N ASP A 498 5.40 106.47 58.24
CA ASP A 498 4.78 105.16 58.05
C ASP A 498 5.29 104.44 56.81
N ASP A 499 6.00 105.12 55.92
CA ASP A 499 6.54 104.47 54.72
C ASP A 499 7.68 103.56 55.11
N ALA A 500 7.74 102.38 54.48
CA ALA A 500 8.70 101.37 54.88
C ALA A 500 10.12 101.73 54.47
N VAL A 501 10.30 102.31 53.29
CA VAL A 501 11.64 102.60 52.80
C VAL A 501 12.26 103.76 53.60
N THR A 502 11.46 104.77 53.90
CA THR A 502 11.96 105.91 54.68
C THR A 502 12.18 105.56 56.14
N GLY A 503 11.66 104.43 56.61
CA GLY A 503 11.84 104.02 57.99
C GLY A 503 13.28 103.65 58.30
N GLU A 504 13.98 103.12 57.31
CA GLU A 504 15.40 102.82 57.48
C GLU A 504 16.20 104.09 57.69
N ALA A 505 15.89 105.13 56.91
CA ALA A 505 16.64 106.38 57.01
C ALA A 505 16.36 107.08 58.33
N ALA A 506 15.17 106.88 58.89
CA ALA A 506 14.83 107.52 60.17
C ALA A 506 15.56 106.84 61.32
N GLY A 507 15.64 105.51 61.29
CA GLY A 507 16.29 104.80 62.38
C GLY A 507 17.81 104.89 62.31
N LEU A 508 18.38 104.67 61.11
CA LEU A 508 19.82 104.64 60.97
C LEU A 508 20.44 106.00 61.30
N ALA A 509 19.79 107.08 60.88
CA ALA A 509 20.33 108.41 61.14
C ALA A 509 20.16 108.82 62.59
N LEU A 510 19.21 108.20 63.30
CA LEU A 510 18.97 108.58 64.69
C LEU A 510 19.99 107.96 65.63
N GLY A 511 20.41 106.72 65.38
CA GLY A 511 21.48 106.14 66.18
C GLY A 511 22.81 106.84 65.97
N LEU A 512 23.06 107.31 64.74
CA LEU A 512 24.27 108.07 64.46
C LEU A 512 24.36 109.32 65.34
N VAL A 513 23.39 110.22 65.20
CA VAL A 513 23.47 111.52 65.88
C VAL A 513 23.50 111.35 67.40
N MET A 514 22.80 110.35 67.91
CA MET A 514 22.69 110.13 69.35
C MET A 514 23.72 109.14 69.88
N LEU A 515 24.64 108.67 69.04
CA LEU A 515 25.66 107.74 69.46
C LEU A 515 26.47 108.30 70.62
N GLY A 516 26.54 107.54 71.71
CA GLY A 516 27.25 107.95 72.90
C GLY A 516 26.48 108.87 73.83
N SER A 517 25.43 109.53 73.34
CA SER A 517 24.60 110.36 74.20
C SER A 517 23.57 109.57 74.99
N LYS A 518 23.06 108.47 74.43
CA LYS A 518 22.05 107.62 75.05
C LYS A 518 20.78 108.44 75.37
N ASN A 519 20.12 108.86 74.29
CA ASN A 519 18.90 109.65 74.42
C ASN A 519 17.76 108.77 74.93
N ALA A 520 17.04 109.27 75.93
CA ALA A 520 15.94 108.49 76.49
C ALA A 520 14.70 108.53 75.59
N GLN A 521 14.36 109.70 75.08
CA GLN A 521 13.18 109.86 74.24
C GLN A 521 13.34 109.26 72.85
N ALA A 522 14.58 109.14 72.36
CA ALA A 522 14.85 108.53 71.06
C ALA A 522 14.30 107.11 70.98
N ILE A 523 14.83 106.21 71.82
CA ILE A 523 14.39 104.82 71.81
C ILE A 523 12.92 104.72 72.19
N GLU A 524 12.49 105.56 73.14
CA GLU A 524 11.09 105.53 73.59
C GLU A 524 10.14 105.77 72.42
N ASP A 525 10.49 106.67 71.51
CA ASP A 525 9.71 106.87 70.31
C ASP A 525 9.96 105.81 69.25
N MET A 526 11.15 105.20 69.24
CA MET A 526 11.49 104.15 68.29
C MET A 526 10.86 102.81 68.69
N VAL A 527 11.26 102.27 69.84
CA VAL A 527 10.74 100.97 70.27
C VAL A 527 9.25 101.07 70.59
N GLY A 528 8.76 102.29 70.86
CA GLY A 528 7.34 102.47 71.09
C GLY A 528 6.53 102.42 69.80
N TYR A 529 7.19 102.69 68.67
CA TYR A 529 6.56 102.57 67.36
C TYR A 529 6.76 101.20 66.74
N ALA A 530 7.55 100.33 67.37
CA ALA A 530 7.91 99.06 66.74
C ALA A 530 6.77 98.05 66.83
N GLN A 531 5.87 98.21 67.79
CA GLN A 531 4.82 97.21 68.00
C GLN A 531 3.72 97.33 66.95
N GLU A 532 3.25 98.56 66.69
CA GLU A 532 2.10 98.76 65.82
C GLU A 532 2.46 99.01 64.37
N THR A 533 3.75 98.97 64.01
CA THR A 533 4.15 99.19 62.63
C THR A 533 3.98 97.91 61.82
N GLN A 534 3.59 98.09 60.55
CA GLN A 534 3.25 96.96 59.69
C GLN A 534 4.37 96.52 58.77
N HIS A 535 5.54 97.17 58.82
CA HIS A 535 6.62 96.88 57.88
C HIS A 535 7.85 96.39 58.62
N GLU A 536 8.64 95.55 57.94
CA GLU A 536 9.90 95.06 58.48
C GLU A 536 11.06 96.05 58.30
N LYS A 537 11.04 96.86 57.24
CA LYS A 537 12.17 97.73 56.97
C LYS A 537 12.25 98.89 57.96
N ILE A 538 11.12 99.43 58.38
CA ILE A 538 11.12 100.39 59.49
C ILE A 538 11.65 99.74 60.75
N LEU A 539 11.35 98.45 60.95
CA LEU A 539 11.89 97.72 62.09
C LEU A 539 13.38 97.50 61.97
N ARG A 540 13.94 97.47 60.76
CA ARG A 540 15.36 97.25 60.55
C ARG A 540 16.18 98.48 60.86
N GLY A 541 15.92 99.60 60.16
CA GLY A 541 16.58 100.85 60.52
C GLY A 541 16.43 101.20 61.98
N LEU A 542 15.30 100.82 62.60
CA LEU A 542 15.12 101.04 64.03
C LEU A 542 15.89 99.98 64.83
N ALA A 543 16.09 98.80 64.24
CA ALA A 543 16.88 97.77 64.91
C ALA A 543 18.31 98.25 65.13
N VAL A 544 18.95 98.77 64.08
CA VAL A 544 20.27 99.34 64.23
C VAL A 544 20.22 100.71 64.90
N GLY A 545 19.12 101.44 64.73
CA GLY A 545 18.96 102.75 65.36
C GLY A 545 19.12 102.73 66.87
N ILE A 546 18.38 101.84 67.54
CA ILE A 546 18.54 101.70 68.98
C ILE A 546 19.81 100.95 69.30
N ALA A 547 20.38 100.25 68.32
CA ALA A 547 21.66 99.57 68.52
C ALA A 547 22.83 100.54 68.40
N LEU A 548 22.71 101.51 67.50
CA LEU A 548 23.82 102.41 67.23
C LEU A 548 23.99 103.42 68.36
N VAL A 549 22.91 103.76 69.06
CA VAL A 549 22.99 104.77 70.11
C VAL A 549 23.68 104.22 71.36
N MET A 550 23.48 102.94 71.65
CA MET A 550 24.05 102.32 72.85
C MET A 550 25.37 101.66 72.47
N TYR A 551 26.47 102.17 73.01
CA TYR A 551 27.80 101.69 72.69
C TYR A 551 28.70 101.71 73.91
N GLY A 552 29.44 100.62 74.11
CA GLY A 552 30.52 100.56 75.08
C GLY A 552 30.17 100.81 76.52
N ARG A 553 28.89 100.68 76.88
CA ARG A 553 28.48 100.88 78.25
C ARG A 553 28.78 99.69 79.15
N MET A 554 28.51 98.46 78.70
CA MET A 554 28.72 97.22 79.42
C MET A 554 27.69 97.02 80.53
N GLU A 555 26.99 98.09 80.92
CA GLU A 555 25.92 97.99 81.91
C GLU A 555 24.61 98.67 81.51
N GLU A 556 24.59 99.98 81.28
CA GLU A 556 23.33 100.69 81.01
C GLU A 556 22.54 100.05 79.87
N ALA A 557 23.21 99.64 78.80
CA ALA A 557 22.53 99.05 77.66
C ALA A 557 21.86 97.73 77.98
N ASP A 558 22.30 97.03 79.02
CA ASP A 558 21.72 95.72 79.35
C ASP A 558 20.27 95.86 79.77
N ALA A 559 19.86 97.07 80.16
CA ALA A 559 18.46 97.30 80.51
C ALA A 559 17.56 97.14 79.28
N LEU A 560 18.03 97.60 78.13
CA LEU A 560 17.27 97.43 76.89
C LEU A 560 17.44 96.03 76.31
N ILE A 561 18.62 95.42 76.51
CA ILE A 561 18.89 94.09 75.96
C ILE A 561 17.87 93.08 76.45
N GLU A 562 17.42 93.24 77.69
CA GLU A 562 16.44 92.32 78.26
C GLU A 562 15.11 92.40 77.52
N SER A 563 14.77 93.59 77.02
CA SER A 563 13.51 93.76 76.32
C SER A 563 13.60 93.27 74.87
N LEU A 564 14.69 93.59 74.18
CA LEU A 564 14.86 93.27 72.77
C LEU A 564 14.76 91.78 72.49
N CYS A 565 15.71 91.00 73.03
CA CYS A 565 15.78 89.58 72.71
C CYS A 565 14.57 88.82 73.22
N ARG A 566 14.01 89.24 74.35
CA ARG A 566 12.89 88.52 74.94
C ARG A 566 11.64 88.66 74.09
N ASP A 567 11.51 89.76 73.37
CA ASP A 567 10.32 89.99 72.56
C ASP A 567 10.26 89.01 71.40
N LYS A 568 9.05 88.82 70.87
CA LYS A 568 8.83 87.83 69.81
C LYS A 568 8.97 88.40 68.41
N ASP A 569 9.30 89.68 68.27
CA ASP A 569 9.45 90.27 66.95
C ASP A 569 10.73 89.76 66.30
N PRO A 570 10.68 89.22 65.08
CA PRO A 570 11.91 88.67 64.48
C PRO A 570 12.99 89.72 64.26
N ILE A 571 12.62 90.92 63.79
CA ILE A 571 13.60 91.97 63.57
C ILE A 571 14.12 92.55 64.88
N LEU A 572 13.27 92.66 65.91
CA LEU A 572 13.72 93.21 67.18
C LEU A 572 14.68 92.25 67.89
N ARG A 573 14.60 90.95 67.57
CA ARG A 573 15.58 90.01 68.09
C ARG A 573 16.92 90.17 67.36
N ARG A 574 16.87 90.57 66.09
CA ARG A 574 18.09 90.98 65.39
C ARG A 574 18.61 92.29 65.98
N SER A 575 17.70 93.14 66.46
CA SER A 575 18.11 94.40 67.08
C SER A 575 18.92 94.15 68.35
N GLY A 576 18.54 93.15 69.13
CA GLY A 576 19.25 92.87 70.37
C GLY A 576 20.69 92.45 70.12
N MET A 577 20.96 91.83 68.96
CA MET A 577 22.30 91.35 68.69
C MET A 577 23.22 92.49 68.26
N TYR A 578 22.71 93.40 67.42
CA TYR A 578 23.51 94.57 67.05
C TYR A 578 23.61 95.55 68.22
N THR A 579 22.64 95.50 69.13
CA THR A 579 22.71 96.35 70.32
C THR A 579 23.69 95.78 71.35
N VAL A 580 23.68 94.45 71.54
CA VAL A 580 24.59 93.84 72.50
C VAL A 580 26.01 93.83 71.95
N ALA A 581 26.17 93.91 70.63
CA ALA A 581 27.50 93.93 70.04
C ALA A 581 28.21 95.25 70.33
N MET A 582 27.56 96.37 69.99
CA MET A 582 28.19 97.67 70.20
C MET A 582 28.33 97.98 71.68
N ALA A 583 27.38 97.51 72.50
CA ALA A 583 27.48 97.71 73.94
C ALA A 583 28.67 96.96 74.51
N TYR A 584 28.91 95.73 74.04
CA TYR A 584 30.01 94.91 74.50
C TYR A 584 31.25 95.02 73.61
N CYS A 585 31.24 95.90 72.61
CA CYS A 585 32.40 96.09 71.76
C CYS A 585 33.64 96.43 72.58
N GLY A 586 34.70 95.67 72.34
CA GLY A 586 35.96 95.86 73.04
C GLY A 586 36.09 95.12 74.35
N SER A 587 35.37 94.03 74.54
CA SER A 587 35.45 93.26 75.77
C SER A 587 35.12 91.79 75.51
N GLY A 588 35.67 90.92 76.36
CA GLY A 588 35.48 89.49 76.25
C GLY A 588 34.48 88.95 77.27
N ASN A 589 33.59 89.80 77.75
CA ASN A 589 32.67 89.44 78.84
C ASN A 589 31.92 88.15 78.54
N ASN A 590 31.82 87.30 79.56
CA ASN A 590 31.15 86.01 79.41
C ASN A 590 29.64 86.09 79.62
N LYS A 591 29.11 87.24 80.02
CA LYS A 591 27.66 87.36 80.19
C LYS A 591 26.97 87.56 78.85
N ALA A 592 27.67 88.14 77.88
CA ALA A 592 27.06 88.38 76.57
C ALA A 592 26.98 87.10 75.75
N ILE A 593 28.00 86.24 75.84
CA ILE A 593 28.01 85.01 75.05
C ILE A 593 26.94 84.03 75.52
N ARG A 594 26.45 84.17 76.76
CA ARG A 594 25.37 83.33 77.26
C ARG A 594 24.14 83.41 76.36
N ARG A 595 23.53 84.60 76.28
CA ARG A 595 22.32 84.75 75.48
C ARG A 595 22.64 84.83 73.99
N LEU A 596 23.92 85.01 73.63
CA LEU A 596 24.28 85.13 72.22
C LEU A 596 24.09 83.80 71.51
N LEU A 597 24.44 82.69 72.16
CA LEU A 597 24.26 81.38 71.57
C LEU A 597 22.80 80.93 71.67
N HIS A 598 22.13 81.31 72.76
CA HIS A 598 20.76 80.86 72.98
C HIS A 598 19.83 81.36 71.88
N VAL A 599 20.04 82.59 71.42
CA VAL A 599 19.24 83.11 70.31
C VAL A 599 19.77 82.58 68.98
N ALA A 600 21.06 82.22 68.94
CA ALA A 600 21.64 81.69 67.70
C ALA A 600 21.31 80.23 67.47
N VAL A 601 20.66 79.57 68.43
CA VAL A 601 20.35 78.14 68.30
C VAL A 601 18.87 77.90 68.52
N SER A 602 18.39 78.19 69.73
CA SER A 602 17.02 77.83 70.11
C SER A 602 15.98 78.60 69.30
N ASP A 603 16.36 79.76 68.77
CA ASP A 603 15.42 80.57 68.01
C ASP A 603 15.16 79.94 66.64
N VAL A 604 13.90 80.02 66.20
CA VAL A 604 13.51 79.30 64.98
C VAL A 604 13.93 80.09 63.73
N ASN A 605 14.01 81.41 63.84
CA ASN A 605 14.31 82.24 62.68
C ASN A 605 15.80 82.12 62.33
N ASP A 606 16.08 81.90 61.04
CA ASP A 606 17.46 81.76 60.58
C ASP A 606 18.18 83.09 60.44
N ASP A 607 17.48 84.17 60.09
CA ASP A 607 18.09 85.48 59.92
C ASP A 607 18.62 86.04 61.22
N VAL A 608 17.96 85.75 62.35
CA VAL A 608 18.43 86.24 63.63
C VAL A 608 19.61 85.42 64.14
N ARG A 609 19.68 84.13 63.79
CA ARG A 609 20.86 83.33 64.11
C ARG A 609 22.09 83.89 63.41
N ARG A 610 21.92 84.32 62.16
CA ARG A 610 22.96 84.99 61.40
C ARG A 610 23.48 86.22 62.13
N ALA A 611 22.60 87.21 62.37
CA ALA A 611 23.02 88.43 63.04
C ALA A 611 23.54 88.15 64.45
N ALA A 612 23.19 87.00 65.02
CA ALA A 612 23.66 86.66 66.36
C ALA A 612 25.15 86.33 66.36
N VAL A 613 25.59 85.50 65.41
CA VAL A 613 26.98 85.08 65.35
C VAL A 613 27.84 86.20 64.76
N GLU A 614 27.18 87.15 64.10
CA GLU A 614 27.87 88.34 63.59
C GLU A 614 28.29 89.29 64.70
N SER A 615 27.61 89.25 65.85
CA SER A 615 27.97 90.09 66.98
C SER A 615 29.29 89.68 67.62
N LEU A 616 29.75 88.46 67.38
CA LEU A 616 31.03 88.02 67.92
C LEU A 616 32.21 88.76 67.30
N GLY A 617 32.09 89.17 66.04
CA GLY A 617 33.18 89.90 65.41
C GLY A 617 33.28 91.34 65.89
N PHE A 618 32.16 91.90 66.37
CA PHE A 618 32.18 93.27 66.87
C PHE A 618 32.76 93.35 68.27
N ILE A 619 32.45 92.38 69.13
CA ILE A 619 32.89 92.46 70.52
C ILE A 619 34.33 91.99 70.70
N LEU A 620 34.73 90.97 69.94
CA LEU A 620 35.98 90.25 70.20
C LEU A 620 37.17 90.77 69.40
N PHE A 621 37.01 91.87 68.66
CA PHE A 621 38.08 92.34 67.78
C PHE A 621 39.36 92.69 68.54
N ARG A 622 39.29 92.87 69.86
CA ARG A 622 40.49 93.10 70.64
C ARG A 622 41.40 91.87 70.61
N THR A 623 40.83 90.68 70.78
CA THR A 623 41.55 89.42 70.71
C THR A 623 40.94 88.57 69.59
N PRO A 624 41.34 88.81 68.35
CA PRO A 624 40.72 88.07 67.23
C PRO A 624 41.00 86.59 67.25
N GLU A 625 41.97 86.13 68.04
CA GLU A 625 42.33 84.71 68.04
C GLU A 625 41.20 83.84 68.57
N GLN A 626 40.32 84.43 69.38
CA GLN A 626 39.24 83.65 70.00
C GLN A 626 38.11 83.33 69.03
N CYS A 627 37.91 84.15 68.00
CA CYS A 627 36.79 83.93 67.08
C CYS A 627 36.89 82.64 66.30
N PRO A 628 38.04 82.28 65.69
CA PRO A 628 38.09 81.00 64.96
C PRO A 628 37.78 79.79 65.81
N SER A 629 37.99 79.86 67.13
CA SER A 629 37.68 78.72 67.99
C SER A 629 36.19 78.62 68.27
N VAL A 630 35.56 79.75 68.62
CA VAL A 630 34.17 79.72 69.06
C VAL A 630 33.22 79.63 67.86
N VAL A 631 33.63 80.17 66.71
CA VAL A 631 32.76 80.15 65.53
C VAL A 631 33.03 78.91 64.68
N SER A 632 34.05 78.13 65.06
CA SER A 632 34.39 76.89 64.35
C SER A 632 33.20 75.95 64.25
N LEU A 633 32.70 75.50 65.40
CA LEU A 633 31.58 74.56 65.44
C LEU A 633 30.33 75.09 64.74
N LEU A 634 30.19 76.41 64.60
CA LEU A 634 29.02 76.97 63.93
C LEU A 634 29.11 76.84 62.41
N SER A 635 30.32 76.56 61.90
CA SER A 635 30.52 76.43 60.46
C SER A 635 29.93 75.15 59.89
N GLU A 636 29.62 74.16 60.73
CA GLU A 636 29.03 72.92 60.24
C GLU A 636 27.50 72.96 60.26
N SER A 637 26.90 74.09 60.62
CA SER A 637 25.44 74.20 60.65
C SER A 637 24.85 73.92 59.27
N TYR A 638 23.78 73.12 59.24
CA TYR A 638 23.18 72.74 57.97
C TYR A 638 22.57 73.94 57.26
N ASN A 639 22.01 74.88 58.02
CA ASN A 639 21.43 76.06 57.38
C ASN A 639 22.52 77.05 57.02
N PRO A 640 22.60 77.47 55.75
CA PRO A 640 23.64 78.41 55.33
C PRO A 640 23.50 79.81 55.90
N HIS A 641 22.34 80.16 56.46
CA HIS A 641 22.16 81.48 57.05
C HIS A 641 23.12 81.70 58.21
N VAL A 642 23.37 80.66 59.00
CA VAL A 642 24.35 80.75 60.07
C VAL A 642 25.76 80.80 59.50
N ARG A 643 26.01 80.02 58.45
CA ARG A 643 27.35 80.03 57.83
C ARG A 643 27.66 81.37 57.19
N TYR A 644 26.65 82.08 56.70
CA TYR A 644 26.88 83.41 56.14
C TYR A 644 27.41 84.35 57.21
N GLY A 645 26.82 84.32 58.41
CA GLY A 645 27.33 85.11 59.51
C GLY A 645 28.57 84.53 60.15
N ALA A 646 28.72 83.19 60.11
CA ALA A 646 29.92 82.57 60.64
C ALA A 646 31.15 82.98 59.84
N ALA A 647 31.02 83.02 58.51
CA ALA A 647 32.10 83.51 57.67
C ALA A 647 32.37 84.99 57.88
N MET A 648 31.32 85.79 58.12
CA MET A 648 31.52 87.22 58.35
C MET A 648 32.20 87.46 59.69
N ALA A 649 31.91 86.63 60.70
CA ALA A 649 32.52 86.81 62.01
C ALA A 649 34.04 86.74 61.93
N LEU A 650 34.56 85.87 61.06
CA LEU A 650 36.00 85.84 60.84
C LEU A 650 36.43 86.94 59.88
N GLY A 651 35.50 87.46 59.08
CA GLY A 651 35.84 88.49 58.13
C GLY A 651 36.02 89.85 58.76
N ILE A 652 35.07 90.24 59.62
CA ILE A 652 35.09 91.58 60.19
C ILE A 652 36.09 91.66 61.35
N CYS A 653 36.23 90.57 62.11
CA CYS A 653 37.10 90.60 63.29
C CYS A 653 38.57 90.46 62.89
N CYS A 654 38.88 89.51 62.02
CA CYS A 654 40.26 89.21 61.65
C CYS A 654 40.76 90.02 60.46
N ALA A 655 39.96 90.97 59.97
CA ALA A 655 40.33 91.75 58.80
C ALA A 655 41.71 92.39 58.94
N GLY A 656 41.98 92.96 60.12
CA GLY A 656 43.27 93.58 60.33
C GLY A 656 44.40 92.58 60.53
N THR A 657 44.10 91.43 61.13
CA THR A 657 45.12 90.43 61.38
C THR A 657 45.52 89.71 60.10
N GLY A 658 46.71 89.10 60.15
CA GLY A 658 47.20 88.29 59.05
C GLY A 658 47.08 86.81 59.29
N ASN A 659 46.17 86.43 60.18
CA ASN A 659 46.03 85.02 60.58
C ASN A 659 45.67 84.16 59.38
N LYS A 660 46.45 83.10 59.17
CA LYS A 660 46.20 82.17 58.08
C LYS A 660 45.13 81.13 58.41
N GLU A 661 44.86 80.90 59.70
CA GLU A 661 43.86 79.91 60.08
C GLU A 661 42.46 80.34 59.64
N ALA A 662 42.17 81.64 59.71
CA ALA A 662 40.90 82.14 59.21
C ALA A 662 40.76 81.90 57.71
N ILE A 663 41.87 82.01 56.98
CA ILE A 663 41.84 81.71 55.55
C ILE A 663 41.56 80.22 55.33
N ASN A 664 42.10 79.38 56.20
CA ASN A 664 41.88 77.94 56.08
C ASN A 664 40.41 77.59 56.36
N LEU A 665 39.81 78.24 57.35
CA LEU A 665 38.41 77.95 57.67
C LEU A 665 37.48 78.49 56.60
N LEU A 666 37.89 79.55 55.88
CA LEU A 666 37.08 80.09 54.81
C LEU A 666 37.25 79.35 53.49
N GLU A 667 38.20 78.40 53.42
CA GLU A 667 38.37 77.62 52.20
C GLU A 667 37.18 76.72 51.91
N PRO A 668 36.69 75.91 52.85
CA PRO A 668 35.47 75.12 52.55
C PRO A 668 34.22 75.97 52.44
N MET A 669 34.24 77.21 52.95
CA MET A 669 33.05 78.05 52.89
C MET A 669 32.69 78.41 51.46
N THR A 670 33.68 78.68 50.62
CA THR A 670 33.43 78.94 49.20
C THR A 670 33.24 77.66 48.40
N ASN A 671 33.46 76.50 48.99
CA ASN A 671 33.19 75.21 48.35
C ASN A 671 31.79 74.69 48.63
N ASP A 672 31.05 75.35 49.51
CA ASP A 672 29.71 74.86 49.88
C ASP A 672 28.74 75.05 48.72
N PRO A 673 27.82 74.10 48.51
CA PRO A 673 26.89 74.22 47.37
C PRO A 673 26.00 75.46 47.40
N VAL A 674 25.69 75.99 48.58
CA VAL A 674 24.85 77.19 48.65
C VAL A 674 25.59 78.37 48.03
N ASN A 675 24.86 79.21 47.30
CA ASN A 675 25.50 80.25 46.50
C ASN A 675 25.95 81.43 47.34
N TYR A 676 25.11 81.90 48.27
CA TYR A 676 25.45 83.11 48.99
C TYR A 676 26.44 82.87 50.12
N VAL A 677 26.58 81.62 50.59
CA VAL A 677 27.64 81.34 51.54
C VAL A 677 29.01 81.37 50.84
N ARG A 678 29.03 81.08 49.54
CA ARG A 678 30.25 81.28 48.76
C ARG A 678 30.55 82.76 48.62
N GLN A 679 29.52 83.57 48.35
CA GLN A 679 29.70 85.02 48.29
C GLN A 679 30.17 85.57 49.62
N GLY A 680 29.54 85.14 50.71
CA GLY A 680 29.97 85.58 52.03
C GLY A 680 31.39 85.15 52.34
N ALA A 681 31.86 84.08 51.70
CA ALA A 681 33.24 83.66 51.87
C ALA A 681 34.20 84.52 51.05
N LEU A 682 33.70 85.13 49.96
CA LEU A 682 34.56 85.95 49.12
C LEU A 682 34.90 87.27 49.80
N ILE A 683 33.88 87.94 50.36
CA ILE A 683 34.11 89.21 51.06
C ILE A 683 34.94 88.97 52.31
N ALA A 684 34.62 87.91 53.06
CA ALA A 684 35.34 87.64 54.30
C ALA A 684 36.79 87.31 54.03
N SER A 685 37.07 86.52 52.98
CA SER A 685 38.45 86.19 52.64
C SER A 685 39.15 87.36 51.96
N ALA A 686 38.38 88.34 51.49
CA ALA A 686 38.97 89.55 50.96
C ALA A 686 39.35 90.54 52.06
N LEU A 687 38.75 90.42 53.23
CA LEU A 687 39.07 91.30 54.35
C LEU A 687 40.36 90.86 55.05
N ILE A 688 40.67 89.57 55.03
CA ILE A 688 41.87 89.07 55.68
C ILE A 688 43.12 89.45 54.91
N MET A 689 43.02 89.65 53.60
CA MET A 689 44.16 89.90 52.74
C MET A 689 44.43 91.37 52.48
N ILE A 690 43.66 92.28 53.10
CA ILE A 690 43.78 93.70 52.79
C ILE A 690 45.22 94.17 53.04
N GLN A 691 45.77 94.88 52.05
CA GLN A 691 47.14 95.40 52.08
C GLN A 691 48.18 94.29 52.08
N GLN A 692 47.75 93.03 52.12
CA GLN A 692 48.65 91.89 52.14
C GLN A 692 48.77 91.31 50.74
N THR A 693 50.00 91.22 50.23
CA THR A 693 50.24 90.70 48.90
C THR A 693 50.58 89.21 48.97
N GLU A 694 51.00 88.66 47.82
CA GLU A 694 51.30 87.23 47.75
C GLU A 694 52.44 86.83 48.69
N ILE A 695 53.38 87.74 48.95
CA ILE A 695 54.51 87.42 49.82
C ILE A 695 54.04 87.19 51.25
N THR A 696 52.87 87.72 51.61
CA THR A 696 52.33 87.51 52.94
C THR A 696 51.80 86.09 53.09
N CYS A 697 50.75 85.77 52.35
CA CYS A 697 50.20 84.42 52.35
C CYS A 697 50.04 83.92 50.91
N PRO A 698 50.29 82.63 50.66
CA PRO A 698 50.21 82.12 49.29
C PRO A 698 48.80 82.12 48.72
N LYS A 699 47.76 82.23 49.55
CA LYS A 699 46.38 82.16 49.08
C LYS A 699 45.93 83.41 48.35
N VAL A 700 46.74 84.47 48.33
CA VAL A 700 46.40 85.72 47.65
C VAL A 700 46.10 85.46 46.18
N ASN A 701 47.13 85.03 45.43
CA ASN A 701 46.95 84.81 44.00
C ASN A 701 45.95 83.70 43.71
N GLN A 702 45.76 82.78 44.67
CA GLN A 702 44.78 81.71 44.47
C GLN A 702 43.35 82.26 44.50
N PHE A 703 43.10 83.22 45.39
CA PHE A 703 41.77 83.83 45.48
C PHE A 703 41.55 84.91 44.43
N ARG A 704 42.62 85.61 44.02
CA ARG A 704 42.47 86.67 43.02
C ARG A 704 42.05 86.10 41.67
N GLN A 705 42.58 84.93 41.30
CA GLN A 705 42.18 84.31 40.05
C GLN A 705 40.79 83.70 40.15
N LEU A 706 40.35 83.37 41.37
CA LEU A 706 39.03 82.79 41.54
C LEU A 706 37.92 83.84 41.46
N TYR A 707 38.22 85.08 41.82
CA TYR A 707 37.21 86.13 41.78
C TYR A 707 36.80 86.45 40.34
N SER A 708 37.79 86.57 39.45
CA SER A 708 37.50 86.85 38.05
C SER A 708 36.98 85.61 37.34
N LYS A 709 37.39 84.42 37.79
CA LYS A 709 36.91 83.17 37.20
C LYS A 709 35.40 83.06 37.27
N VAL A 710 34.85 83.02 38.49
CA VAL A 710 33.44 82.72 38.68
C VAL A 710 32.55 83.79 38.06
N ILE A 711 33.02 85.03 37.98
CA ILE A 711 32.17 86.07 37.41
C ILE A 711 32.17 86.01 35.88
N ASN A 712 33.27 85.54 35.28
CA ASN A 712 33.29 85.33 33.83
C ASN A 712 32.61 84.04 33.40
N ASP A 713 32.24 83.18 34.36
CA ASP A 713 31.52 81.95 34.07
C ASP A 713 30.03 82.24 34.18
N LYS A 714 29.30 82.04 33.08
CA LYS A 714 27.87 82.33 33.08
C LYS A 714 27.09 81.28 33.84
N HIS A 715 27.61 80.05 33.89
CA HIS A 715 26.93 78.97 34.59
C HIS A 715 26.82 79.22 36.10
N ASP A 716 27.76 79.97 36.67
CA ASP A 716 27.69 80.30 38.08
C ASP A 716 26.57 81.31 38.33
N ASP A 717 26.05 81.29 39.56
CA ASP A 717 24.93 82.15 39.93
C ASP A 717 25.34 83.61 39.90
N VAL A 718 24.41 84.48 39.48
CA VAL A 718 24.69 85.91 39.43
C VAL A 718 24.87 86.46 40.84
N MET A 719 24.20 85.85 41.80
CA MET A 719 24.29 86.23 43.21
C MET A 719 25.73 86.19 43.72
N ALA A 720 26.33 84.99 43.71
CA ALA A 720 27.65 84.81 44.30
C ALA A 720 28.72 85.62 43.57
N LYS A 721 28.58 85.76 42.25
CA LYS A 721 29.61 86.47 41.48
C LYS A 721 29.56 87.98 41.70
N PHE A 722 28.51 88.49 42.35
CA PHE A 722 28.49 89.91 42.73
C PHE A 722 29.58 90.21 43.74
N GLY A 723 29.71 89.35 44.75
CA GLY A 723 30.77 89.49 45.73
C GLY A 723 32.14 89.06 45.24
N ALA A 724 32.26 88.63 43.99
CA ALA A 724 33.54 88.23 43.42
C ALA A 724 34.36 89.46 43.08
N ILE A 725 33.87 90.28 42.15
CA ILE A 725 34.55 91.53 41.82
C ILE A 725 34.58 92.45 43.03
N LEU A 726 33.58 92.33 43.91
CA LEU A 726 33.58 93.12 45.13
C LEU A 726 34.67 92.66 46.09
N ALA A 727 34.97 91.36 46.07
CA ALA A 727 36.10 90.87 46.87
C ALA A 727 37.42 91.41 46.36
N GLN A 728 37.56 91.51 45.03
CA GLN A 728 38.68 92.20 44.41
C GLN A 728 38.82 93.60 45.00
N GLY A 729 37.77 94.41 44.81
CA GLY A 729 37.81 95.77 45.32
C GLY A 729 38.10 95.87 46.80
N ILE A 730 37.51 94.97 47.60
CA ILE A 730 37.81 94.95 49.03
C ILE A 730 39.31 94.79 49.25
N LEU A 731 39.93 93.85 48.52
CA LEU A 731 41.38 93.74 48.55
C LEU A 731 42.06 94.95 47.96
N ASP A 732 41.45 95.60 46.98
CA ASP A 732 42.02 96.77 46.31
C ASP A 732 41.55 98.09 46.92
N ALA A 733 40.80 98.04 48.03
CA ALA A 733 40.19 99.24 48.60
C ALA A 733 41.22 100.34 48.84
N GLY A 734 40.90 101.55 48.37
CA GLY A 734 41.83 102.66 48.46
C GLY A 734 43.10 102.49 47.67
N GLY A 735 43.09 101.68 46.62
CA GLY A 735 44.30 101.34 45.92
C GLY A 735 45.29 100.59 46.77
N HIS A 736 44.80 99.72 47.67
CA HIS A 736 45.60 98.95 48.61
C HIS A 736 46.27 99.86 49.64
N ASN A 737 46.06 101.17 49.53
CA ASN A 737 46.73 102.11 50.41
C ASN A 737 46.12 102.10 51.81
N VAL A 738 44.79 102.17 51.92
CA VAL A 738 44.10 102.33 53.18
C VAL A 738 43.56 100.98 53.63
N THR A 739 43.67 100.70 54.93
CA THR A 739 43.08 99.52 55.53
C THR A 739 41.87 99.92 56.38
N ILE A 740 41.25 98.92 57.02
CA ILE A 740 40.20 99.13 58.00
C ILE A 740 40.56 98.39 59.26
N SER A 741 40.76 99.14 60.36
CA SER A 741 41.20 98.58 61.62
C SER A 741 40.34 99.12 62.75
N LEU A 742 39.64 98.23 63.44
CA LEU A 742 38.90 98.62 64.63
C LEU A 742 39.81 98.74 65.85
N GLN A 743 40.94 98.04 65.85
CA GLN A 743 41.91 98.09 66.93
C GLN A 743 43.12 98.90 66.51
N SER A 744 43.32 100.06 67.15
CA SER A 744 44.42 100.95 66.88
C SER A 744 44.93 101.53 68.20
N ARG A 745 46.07 102.23 68.12
CA ARG A 745 46.59 102.93 69.29
C ARG A 745 45.54 103.85 69.90
N THR A 746 44.60 104.35 69.08
CA THR A 746 43.49 105.14 69.60
C THR A 746 42.57 104.32 70.50
N GLY A 747 42.35 103.06 70.15
CA GLY A 747 41.52 102.18 70.95
C GLY A 747 40.03 102.26 70.68
N HIS A 748 39.56 103.29 69.98
CA HIS A 748 38.14 103.43 69.70
C HIS A 748 37.74 102.53 68.53
N THR A 749 36.47 102.13 68.54
CA THR A 749 35.92 101.40 67.40
C THR A 749 35.80 102.32 66.19
N HIS A 750 35.70 101.72 65.01
CA HIS A 750 35.57 102.48 63.77
C HIS A 750 34.09 102.44 63.39
N MET A 751 33.42 103.59 63.56
CA MET A 751 31.97 103.63 63.35
C MET A 751 31.56 103.49 61.88
N PRO A 752 32.15 104.22 60.92
CA PRO A 752 31.60 104.15 59.56
C PRO A 752 31.79 102.81 58.89
N SER A 753 32.89 102.10 59.18
CA SER A 753 33.10 100.79 58.55
C SER A 753 32.13 99.75 59.11
N VAL A 754 31.88 99.79 60.42
CA VAL A 754 30.95 98.84 61.01
C VAL A 754 29.52 99.11 60.55
N VAL A 755 29.10 100.39 60.59
CA VAL A 755 27.75 100.73 60.16
C VAL A 755 27.56 100.41 58.68
N GLY A 756 28.60 100.62 57.89
CA GLY A 756 28.50 100.33 56.46
C GLY A 756 28.45 98.85 56.16
N VAL A 757 29.25 98.05 56.89
CA VAL A 757 29.31 96.62 56.60
C VAL A 757 28.11 95.89 57.19
N LEU A 758 27.52 96.44 58.26
CA LEU A 758 26.34 95.80 58.84
C LEU A 758 25.11 96.07 58.01
N VAL A 759 25.05 97.25 57.37
CA VAL A 759 24.00 97.52 56.40
C VAL A 759 24.25 96.71 55.13
N PHE A 760 25.51 96.43 54.83
CA PHE A 760 25.84 95.64 53.64
C PHE A 760 25.70 94.14 53.91
N THR A 761 25.42 93.76 55.16
CA THR A 761 25.15 92.36 55.49
C THR A 761 24.06 91.82 54.57
N GLN A 762 22.85 92.34 54.71
CA GLN A 762 21.78 92.04 53.76
C GLN A 762 21.41 93.32 53.03
N PHE A 763 21.82 93.41 51.77
CA PHE A 763 21.34 94.45 50.86
C PHE A 763 20.22 93.94 49.96
N TRP A 764 19.80 92.69 50.16
CA TRP A 764 18.80 92.08 49.30
C TRP A 764 17.39 92.49 49.70
N PHE A 765 17.27 93.16 50.85
CA PHE A 765 15.99 93.78 51.21
C PHE A 765 15.81 95.11 50.51
N TRP A 766 16.86 95.92 50.45
CA TRP A 766 16.83 97.18 49.73
C TRP A 766 18.18 97.39 49.09
N PHE A 767 18.19 97.68 47.77
CA PHE A 767 19.46 97.83 47.06
C PHE A 767 20.29 99.01 47.53
N PRO A 768 19.72 100.17 47.90
CA PRO A 768 20.55 101.22 48.52
C PRO A 768 21.40 100.75 49.68
N LEU A 769 20.98 99.68 50.37
CA LEU A 769 21.81 99.12 51.43
C LEU A 769 23.13 98.59 50.87
N SER A 770 23.15 98.22 49.59
CA SER A 770 24.39 97.84 48.93
C SER A 770 25.19 99.10 48.60
N HIS A 771 24.49 100.16 48.22
CA HIS A 771 25.14 101.45 48.02
C HIS A 771 25.38 102.18 49.33
N PHE A 772 24.81 101.69 50.44
CA PHE A 772 25.18 102.21 51.75
C PHE A 772 26.44 101.55 52.28
N LEU A 773 27.01 100.59 51.54
CA LEU A 773 28.35 100.11 51.84
C LEU A 773 29.39 101.22 51.68
N SER A 774 28.99 102.34 51.07
CA SER A 774 29.88 103.49 50.90
C SER A 774 30.40 104.01 52.24
N LEU A 775 29.76 103.63 53.35
CA LEU A 775 30.23 104.01 54.67
C LEU A 775 31.52 103.28 55.06
N ALA A 776 31.79 102.11 54.49
CA ALA A 776 32.97 101.34 54.85
C ALA A 776 34.25 101.96 54.28
N TYR A 777 34.12 102.98 53.44
CA TYR A 777 35.29 103.59 52.81
C TYR A 777 35.80 104.71 53.70
N THR A 778 37.00 104.53 54.26
CA THR A 778 37.60 105.54 55.11
C THR A 778 39.10 105.66 54.81
N PRO A 779 39.64 106.88 54.79
CA PRO A 779 41.07 107.06 54.57
C PRO A 779 41.91 106.81 55.82
N THR A 780 43.08 106.21 55.61
CA THR A 780 44.06 105.98 56.66
C THR A 780 45.46 106.00 56.03
N CYS A 781 46.43 106.51 56.78
CA CYS A 781 47.81 106.56 56.31
C CYS A 781 48.72 106.92 57.49
N VAL A 782 50.02 107.07 57.19
CA VAL A 782 51.01 107.59 58.14
C VAL A 782 51.63 108.83 57.53
N ILE A 783 52.15 109.72 58.38
CA ILE A 783 52.68 111.01 57.94
C ILE A 783 54.00 111.28 58.66
N GLY A 784 54.98 111.77 57.91
CA GLY A 784 56.27 112.15 58.47
C GLY A 784 56.46 113.65 58.56
N LEU A 785 55.37 114.41 58.51
CA LEU A 785 55.45 115.87 58.54
C LEU A 785 56.07 116.35 59.86
N ASN A 786 56.99 117.30 59.76
CA ASN A 786 57.68 117.80 60.95
C ASN A 786 56.75 118.67 61.80
N LYS A 787 56.16 119.69 61.19
CA LYS A 787 55.32 120.67 61.90
C LYS A 787 54.80 121.66 60.86
N ASP A 788 53.72 122.35 61.22
CA ASP A 788 53.12 123.46 60.48
C ASP A 788 52.96 123.17 58.98
N LEU A 789 53.24 124.16 58.15
CA LEU A 789 53.10 124.03 56.70
C LEU A 789 54.41 123.64 56.01
N LYS A 790 55.54 123.68 56.71
CA LYS A 790 56.81 123.41 56.06
C LYS A 790 56.98 121.91 55.82
N MET A 791 57.35 121.54 54.59
CA MET A 791 57.47 120.14 54.22
C MET A 791 58.95 119.72 54.24
N PRO A 792 59.37 118.87 55.16
CA PRO A 792 60.76 118.44 55.20
C PRO A 792 61.08 117.39 54.15
N LYS A 793 62.36 117.28 53.84
CA LYS A 793 62.88 116.24 52.95
C LYS A 793 63.64 115.22 53.79
N VAL A 794 63.07 114.03 53.93
CA VAL A 794 63.65 112.97 54.76
C VAL A 794 63.46 111.64 54.06
N GLN A 795 64.53 110.86 53.95
CA GLN A 795 64.48 109.51 53.40
C GLN A 795 65.15 108.54 54.35
N TYR A 796 64.43 107.48 54.71
CA TYR A 796 64.97 106.51 55.65
C TYR A 796 64.77 105.10 55.09
N LYS A 797 65.60 104.19 55.58
CA LYS A 797 65.66 102.84 55.04
C LYS A 797 64.49 101.97 55.51
N SER A 798 64.17 100.96 54.72
CA SER A 798 63.19 99.93 55.10
C SER A 798 63.70 98.57 54.63
N ASN A 799 63.47 97.55 55.46
CA ASN A 799 64.00 96.22 55.20
C ASN A 799 63.06 95.34 54.40
N CYS A 800 61.92 95.87 53.95
CA CYS A 800 60.96 95.09 53.19
C CYS A 800 61.06 95.40 51.70
N LYS A 801 60.87 94.35 50.89
CA LYS A 801 61.02 94.39 49.45
C LYS A 801 59.86 95.11 48.79
N PRO A 802 60.05 95.60 47.55
CA PRO A 802 58.94 96.23 46.82
C PRO A 802 57.79 95.27 46.52
N SER A 803 57.98 93.96 46.68
CA SER A 803 56.89 93.01 46.46
C SER A 803 55.67 93.36 47.31
N THR A 804 55.90 93.91 48.51
CA THR A 804 54.78 94.39 49.32
C THR A 804 54.25 95.71 48.77
N PHE A 805 55.10 96.48 48.08
CA PHE A 805 54.70 97.77 47.54
C PHE A 805 53.97 97.64 46.22
N ALA A 806 54.08 96.49 45.55
CA ALA A 806 53.42 96.30 44.27
C ALA A 806 51.92 96.14 44.46
N TYR A 807 51.15 96.93 43.71
CA TYR A 807 49.69 96.94 43.80
C TYR A 807 49.09 96.60 42.44
N PRO A 808 48.86 95.30 42.17
CA PRO A 808 48.28 94.86 40.91
C PRO A 808 46.82 95.31 40.74
N THR A 830 65.32 93.92 51.00
CA THR A 830 66.22 94.75 50.21
C THR A 830 67.21 95.50 51.10
N ALA A 831 68.24 96.07 50.48
CA ALA A 831 69.24 96.85 51.20
C ALA A 831 68.61 98.00 51.96
N LYS A 832 68.07 98.98 51.25
CA LYS A 832 67.38 100.11 51.85
C LYS A 832 66.31 100.62 50.89
N ALA A 833 65.22 101.13 51.47
CA ALA A 833 64.15 101.72 50.67
C ALA A 833 64.18 103.24 50.80
N LYS A 834 63.23 103.90 50.15
CA LYS A 834 63.11 105.36 50.18
C LYS A 834 61.67 105.71 50.50
N LYS A 835 61.45 106.37 51.62
CA LYS A 835 60.12 106.83 52.03
C LYS A 835 60.13 108.34 52.17
N LYS A 836 58.98 108.95 51.92
CA LYS A 836 58.83 110.40 52.01
C LYS A 836 59.14 110.87 53.45
N GLU A 837 59.70 112.06 53.68
CA GLU A 837 59.80 113.27 52.82
C GLU A 837 58.42 113.81 52.45
N LYS A 838 57.72 114.31 53.46
CA LYS A 838 56.40 114.92 53.28
C LYS A 838 56.49 116.20 52.46
N ASN A 874 53.56 115.05 50.26
CA ASN A 874 52.96 113.72 50.32
C ASN A 874 53.83 112.75 51.09
N PRO A 875 53.20 111.90 51.90
CA PRO A 875 53.95 110.87 52.63
C PRO A 875 54.08 109.58 51.84
N ALA A 876 54.70 108.56 52.44
CA ALA A 876 54.91 107.28 51.78
C ALA A 876 54.18 106.17 52.54
N ARG A 877 53.88 105.09 51.82
CA ARG A 877 53.14 103.99 52.39
C ARG A 877 54.00 103.16 53.34
N VAL A 878 53.33 102.45 54.25
CA VAL A 878 53.98 101.48 55.12
C VAL A 878 52.93 100.43 55.50
N MET A 879 53.38 99.19 55.66
CA MET A 879 52.50 98.14 56.18
C MET A 879 52.60 98.12 57.70
N PRO A 880 51.52 97.82 58.43
CA PRO A 880 51.63 97.69 59.89
C PRO A 880 52.74 96.74 60.33
N ALA A 881 53.10 95.77 59.50
CA ALA A 881 54.23 94.90 59.83
C ALA A 881 55.57 95.54 59.47
N GLN A 882 55.58 96.53 58.60
CA GLN A 882 56.82 97.21 58.21
C GLN A 882 57.18 98.37 59.13
N LEU A 883 56.34 98.68 60.13
CA LEU A 883 56.63 99.80 61.01
C LEU A 883 57.78 99.49 61.97
N LYS A 884 57.95 98.21 62.33
CA LYS A 884 59.00 97.83 63.25
C LYS A 884 60.36 97.73 62.58
N VAL A 885 60.41 97.46 61.27
CA VAL A 885 61.68 97.22 60.61
C VAL A 885 62.32 98.52 60.15
N LEU A 886 61.58 99.63 60.13
CA LEU A 886 62.14 100.88 59.67
C LEU A 886 62.80 101.63 60.82
N THR A 887 63.91 102.32 60.51
CA THR A 887 64.68 103.05 61.49
C THR A 887 64.82 104.50 61.05
N MET A 888 64.69 105.42 62.01
CA MET A 888 64.83 106.83 61.72
C MET A 888 66.25 107.13 61.20
N PRO A 889 66.36 108.01 60.19
CA PRO A 889 67.67 108.26 59.60
C PRO A 889 68.60 108.99 60.57
N GLU A 890 69.82 108.48 60.69
CA GLU A 890 70.83 109.10 61.54
C GLU A 890 71.67 110.15 60.81
N THR A 891 71.63 110.18 59.48
CA THR A 891 72.40 111.13 58.70
C THR A 891 71.58 112.35 58.26
N CYS A 892 70.28 112.36 58.55
CA CYS A 892 69.43 113.46 58.10
C CYS A 892 69.50 114.64 59.04
N ARG A 893 69.37 115.85 58.48
CA ARG A 893 69.30 117.05 59.30
C ARG A 893 68.04 117.06 60.16
N TYR A 894 66.95 116.50 59.65
CA TYR A 894 65.68 116.40 60.38
C TYR A 894 65.60 115.01 60.98
N GLN A 895 65.62 114.93 62.31
CA GLN A 895 65.49 113.66 63.01
C GLN A 895 64.36 113.73 64.02
N PRO A 896 63.56 112.67 64.15
CA PRO A 896 62.44 112.71 65.09
C PRO A 896 62.90 112.69 66.53
N PHE A 897 62.28 113.54 67.35
CA PHE A 897 62.56 113.56 68.78
C PHE A 897 61.89 112.42 69.53
N LYS A 898 60.71 111.98 69.08
CA LYS A 898 59.91 110.88 69.62
C LYS A 898 60.32 109.56 68.98
N PRO A 899 60.44 108.49 69.77
CA PRO A 899 60.75 107.19 69.20
C PRO A 899 59.67 106.74 68.22
N LEU A 900 60.11 106.31 67.04
CA LEU A 900 59.20 105.89 65.97
C LEU A 900 58.99 104.39 66.05
N SER A 901 57.75 103.98 66.37
CA SER A 901 57.42 102.57 66.49
C SER A 901 56.23 102.23 65.59
N ILE A 902 55.04 102.76 65.88
CA ILE A 902 53.87 102.50 65.04
C ILE A 902 53.66 103.72 64.14
N GLY A 903 52.67 103.64 63.26
CA GLY A 903 52.41 104.68 62.29
C GLY A 903 51.70 105.90 62.87
N GLY A 904 51.11 106.69 61.98
CA GLY A 904 50.49 107.94 62.37
C GLY A 904 51.43 109.11 62.21
N ILE A 905 50.90 110.32 62.27
CA ILE A 905 51.74 111.51 62.10
C ILE A 905 52.51 111.75 63.39
N ILE A 906 53.83 111.88 63.28
CA ILE A 906 54.70 112.10 64.43
C ILE A 906 55.54 113.34 64.18
N ILE A 907 56.10 113.88 65.26
CA ILE A 907 56.89 115.09 65.15
C ILE A 907 58.28 114.76 64.61
N LEU A 908 58.89 115.75 63.95
CA LEU A 908 60.22 115.63 63.38
C LEU A 908 61.01 116.89 63.70
N LYS A 909 62.12 116.70 64.43
CA LYS A 909 62.91 117.82 64.94
C LYS A 909 64.05 118.10 63.97
N ASP A 910 64.32 119.39 63.74
CA ASP A 910 65.43 119.79 62.89
C ASP A 910 66.69 120.01 63.73
N THR A 911 67.79 119.41 63.28
CA THR A 911 69.07 119.55 63.97
C THR A 911 69.86 120.73 63.39
N PRO B 1 90.36 25.76 74.76
CA PRO B 1 90.56 27.22 74.76
C PRO B 1 90.20 27.93 73.44
N PRO B 2 90.61 27.42 72.26
CA PRO B 2 90.22 28.11 71.03
C PRO B 2 88.73 28.05 70.75
N GLY B 3 88.06 26.97 71.15
CA GLY B 3 86.62 26.86 70.96
C GLY B 3 85.84 27.84 71.81
N GLY B 4 86.16 27.87 73.11
CA GLY B 4 85.48 28.81 74.00
C GLY B 4 86.02 30.22 73.88
N GLY B 5 87.23 30.37 73.33
CA GLY B 5 87.80 31.69 73.15
C GLY B 5 87.16 32.46 72.01
N GLU B 6 86.78 31.77 70.94
CA GLU B 6 86.11 32.43 69.81
C GLU B 6 84.63 32.68 70.07
N GLN B 7 84.05 32.00 71.05
CA GLN B 7 82.64 32.20 71.39
C GLN B 7 82.42 33.31 72.40
N GLU B 8 83.50 33.84 73.01
CA GLU B 8 83.41 34.98 73.90
C GLU B 8 83.06 36.29 73.18
N PRO B 9 83.65 36.60 72.02
CA PRO B 9 83.37 37.88 71.36
C PRO B 9 81.91 38.07 70.95
N PRO B 10 81.22 37.06 70.42
CA PRO B 10 79.87 37.30 69.83
C PRO B 10 78.86 37.85 70.84
N PRO B 11 78.74 37.30 72.05
CA PRO B 11 77.63 37.71 72.93
C PRO B 11 77.63 39.19 73.30
N PRO B 12 78.75 39.80 73.71
CA PRO B 12 78.69 41.18 74.23
C PRO B 12 78.07 42.18 73.27
N PRO B 13 78.22 42.00 71.95
CA PRO B 13 77.43 42.82 71.02
C PRO B 13 75.92 42.77 71.25
N ALA B 14 75.38 41.70 71.84
CA ALA B 14 73.95 41.65 72.09
C ALA B 14 73.50 42.69 73.11
N PRO B 15 74.15 42.83 74.28
CA PRO B 15 73.88 44.02 75.09
C PRO B 15 74.28 45.32 74.40
N GLN B 16 75.25 45.27 73.49
CA GLN B 16 75.59 46.46 72.70
C GLN B 16 74.55 46.76 71.64
N ASP B 17 73.56 45.89 71.45
CA ASP B 17 72.48 46.12 70.49
C ASP B 17 71.18 46.46 71.20
N VAL B 18 70.57 45.51 71.91
CA VAL B 18 69.25 45.74 72.50
C VAL B 18 69.38 46.62 73.75
N GLU B 19 70.34 46.30 74.63
CA GLU B 19 70.49 47.07 75.86
C GLU B 19 70.93 48.48 75.55
N MET B 20 71.73 48.67 74.50
CA MET B 20 72.02 49.99 73.98
C MET B 20 70.71 50.70 73.62
N LYS B 21 69.98 50.14 72.65
CA LYS B 21 68.73 50.73 72.20
C LYS B 21 67.62 50.71 73.24
N GLU B 22 67.83 50.04 74.38
CA GLU B 22 66.87 50.16 75.48
C GLU B 22 66.70 51.61 75.89
N GLU B 23 67.75 52.21 76.45
CA GLU B 23 67.71 53.61 76.86
C GLU B 23 68.12 54.58 75.75
N ALA B 24 68.56 54.07 74.60
CA ALA B 24 68.82 54.96 73.47
C ALA B 24 67.52 55.35 72.77
N ALA B 25 66.66 54.37 72.49
CA ALA B 25 65.38 54.66 71.87
C ALA B 25 64.37 55.21 72.87
N THR B 26 64.26 54.56 74.03
CA THR B 26 63.32 55.04 75.06
C THR B 26 63.81 56.34 75.68
N GLY B 27 65.05 56.35 76.18
CA GLY B 27 65.59 57.55 76.79
C GLY B 27 65.71 58.71 75.82
N GLY B 28 66.20 58.44 74.60
CA GLY B 28 66.21 59.48 73.58
C GLY B 28 64.82 59.84 73.11
N GLY B 29 63.89 58.88 73.15
CA GLY B 29 62.51 59.14 72.81
C GLY B 29 61.79 59.89 73.91
N SER B 30 62.00 59.47 75.16
CA SER B 30 61.37 60.16 76.28
C SER B 30 61.94 61.57 76.47
N THR B 31 63.08 61.87 75.86
CA THR B 31 63.64 63.21 75.88
C THR B 31 62.62 64.22 75.37
N GLY B 32 62.23 64.08 74.09
CA GLY B 32 61.19 64.92 73.54
C GLY B 32 59.84 64.71 74.17
N GLU B 33 59.59 63.52 74.73
CA GLU B 33 58.31 63.28 75.40
C GLU B 33 58.23 64.02 76.73
N ALA B 34 59.36 64.17 77.42
CA ALA B 34 59.41 64.89 78.69
C ALA B 34 59.74 66.37 78.52
N ASP B 35 60.11 66.81 77.32
CA ASP B 35 60.27 68.23 77.06
C ASP B 35 58.93 68.92 76.86
N GLY B 36 58.03 68.27 76.13
CA GLY B 36 56.66 68.75 76.01
C GLY B 36 55.75 67.58 75.72
N LYS B 37 54.48 67.72 76.10
CA LYS B 37 53.47 66.65 76.04
C LYS B 37 54.09 65.30 76.45
N THR B 38 54.40 65.05 77.73
CA THR B 38 54.01 65.75 78.99
C THR B 38 52.52 66.03 79.11
N ALA B 39 51.71 65.19 78.49
CA ALA B 39 50.32 65.00 78.86
C ALA B 39 50.09 63.49 78.90
N ALA B 40 49.87 62.91 80.07
CA ALA B 40 49.64 63.63 81.33
C ALA B 40 50.82 64.40 81.98
N ALA B 41 52.04 63.90 82.19
CA ALA B 41 52.69 62.60 81.89
C ALA B 41 52.62 62.09 80.45
N ALA B 42 52.49 60.77 80.32
CA ALA B 42 52.27 60.07 79.04
C ALA B 42 53.03 60.67 77.84
N ALA B 43 54.37 60.60 77.75
CA ALA B 43 55.31 59.84 78.57
C ALA B 43 54.92 58.38 78.82
N GLU B 44 54.53 57.69 77.74
CA GLU B 44 54.28 56.26 77.82
C GLU B 44 55.56 55.47 78.01
N HIS B 45 56.71 56.06 77.72
CA HIS B 45 58.00 55.41 77.97
C HIS B 45 58.24 55.11 79.44
N SER B 46 57.68 55.92 80.35
CA SER B 46 57.75 55.57 81.77
C SER B 46 56.98 54.29 82.06
N GLN B 47 55.86 54.09 81.37
CA GLN B 47 55.16 52.81 81.45
C GLN B 47 55.82 51.76 80.57
N ARG B 48 56.46 52.18 79.47
CA ARG B 48 57.32 51.27 78.73
C ARG B 48 58.51 50.84 79.57
N GLU B 49 59.01 51.73 80.44
CA GLU B 49 60.03 51.37 81.40
C GLU B 49 59.60 50.24 82.32
N LEU B 50 58.30 50.14 82.62
CA LEU B 50 57.80 48.99 83.37
C LEU B 50 57.93 47.72 82.54
N ASP B 51 57.90 47.84 81.22
CA ASP B 51 58.07 46.67 80.36
C ASP B 51 59.54 46.40 80.07
N THR B 52 60.44 47.23 80.60
CA THR B 52 61.87 47.01 80.43
C THR B 52 62.50 46.55 81.74
N VAL B 53 62.45 47.41 82.77
CA VAL B 53 63.05 47.08 84.06
C VAL B 53 62.57 45.73 84.57
N THR B 54 61.25 45.53 84.61
CA THR B 54 60.71 44.24 85.04
C THR B 54 61.12 43.13 84.10
N LEU B 55 61.26 43.44 82.81
CA LEU B 55 61.79 42.47 81.86
C LEU B 55 63.29 42.27 82.08
N GLU B 56 64.01 43.37 82.35
CA GLU B 56 65.43 43.24 82.64
C GLU B 56 65.66 42.54 83.97
N ASP B 57 64.72 42.66 84.90
CA ASP B 57 64.86 42.03 86.21
C ASP B 57 64.99 40.52 86.12
N ILE B 58 64.65 39.92 84.99
CA ILE B 58 64.96 38.52 84.72
C ILE B 58 66.25 38.48 83.92
N LYS B 59 66.21 39.02 82.71
CA LYS B 59 67.37 39.11 81.85
C LYS B 59 67.23 40.37 80.99
N GLU B 60 68.31 41.09 80.72
CA GLU B 60 69.65 40.83 81.24
C GLU B 60 70.02 41.70 82.45
N HIS B 61 69.07 42.49 82.92
CA HIS B 61 69.31 43.66 83.80
C HIS B 61 70.23 44.59 83.01
N VAL B 62 71.21 45.22 83.66
CA VAL B 62 72.39 45.67 82.94
C VAL B 62 73.38 44.53 82.82
N LYS B 63 73.49 43.72 83.87
CA LYS B 63 74.31 42.51 83.93
C LYS B 63 73.53 41.51 84.80
N GLN B 64 73.66 40.21 84.55
CA GLN B 64 74.67 39.71 83.62
C GLN B 64 75.95 39.34 84.36
N LEU B 65 77.01 39.07 83.60
CA LEU B 65 77.31 37.75 83.07
C LEU B 65 77.39 37.77 81.54
N GLU B 66 76.57 36.95 80.90
CA GLU B 66 76.54 36.86 79.43
C GLU B 66 77.93 36.71 78.83
N LYS B 67 78.94 37.13 79.58
CA LYS B 67 80.32 37.04 79.13
C LYS B 67 80.85 38.40 78.67
N ALA B 68 80.46 39.44 79.38
CA ALA B 68 81.04 40.77 79.27
C ALA B 68 81.71 41.13 80.59
N VAL B 69 82.31 42.32 80.63
CA VAL B 69 83.04 42.78 81.80
C VAL B 69 82.19 43.63 82.73
N SER B 70 80.89 43.78 82.43
CA SER B 70 80.01 44.68 83.17
C SER B 70 80.46 46.13 83.03
N GLY B 71 80.69 46.55 81.79
CA GLY B 71 81.08 47.91 81.50
C GLY B 71 79.98 48.81 80.98
N LYS B 72 78.72 48.33 80.98
CA LYS B 72 77.62 49.17 80.52
C LYS B 72 77.23 50.19 81.58
N GLU B 73 77.51 49.91 82.85
CA GLU B 73 77.19 50.86 83.91
C GLU B 73 78.02 52.14 83.79
N PRO B 74 79.36 52.08 83.66
CA PRO B 74 80.10 53.34 83.49
C PRO B 74 79.84 54.02 82.15
N ARG B 75 79.63 53.23 81.09
CA ARG B 75 79.48 53.76 79.74
C ARG B 75 78.41 54.85 79.67
N PHE B 76 77.15 54.48 79.94
CA PHE B 76 76.06 55.45 79.82
C PHE B 76 76.09 56.51 80.91
N VAL B 77 76.72 56.25 82.05
CA VAL B 77 76.69 57.23 83.13
C VAL B 77 77.71 58.34 82.89
N LEU B 78 78.77 58.09 82.12
CA LEU B 78 79.70 59.16 81.78
C LEU B 78 79.15 59.97 80.61
N ARG B 79 79.87 61.06 80.30
CA ARG B 79 79.67 61.88 79.09
C ARG B 79 78.20 62.03 78.72
N ALA B 80 77.47 62.74 79.57
CA ALA B 80 76.03 62.88 79.37
C ALA B 80 75.67 63.61 78.06
N LEU B 81 76.27 64.76 77.72
CA LEU B 81 77.03 65.65 78.60
C LEU B 81 76.15 66.58 79.46
N ARG B 82 75.14 67.28 78.92
CA ARG B 82 74.76 67.32 77.51
C ARG B 82 74.40 68.73 77.05
N MET B 83 73.95 68.81 75.79
CA MET B 83 73.71 70.09 75.10
C MET B 83 72.64 69.87 74.03
N LEU B 84 72.55 70.81 73.11
CA LEU B 84 71.70 70.70 71.93
C LEU B 84 72.30 69.59 71.02
N PRO B 85 71.85 69.40 69.76
CA PRO B 85 71.65 68.04 69.25
C PRO B 85 72.84 67.08 69.36
N SER B 86 74.01 67.59 69.75
CA SER B 86 75.23 66.79 69.91
C SER B 86 75.05 65.63 70.88
N THR B 87 73.93 65.57 71.60
CA THR B 87 73.63 64.41 72.44
C THR B 87 73.72 63.11 71.65
N SER B 88 73.51 63.19 70.33
CA SER B 88 73.72 62.03 69.47
C SER B 88 75.17 61.56 69.51
N ARG B 89 76.12 62.50 69.61
CA ARG B 89 77.52 62.12 69.76
C ARG B 89 77.76 61.35 71.06
N ARG B 90 77.01 61.67 72.11
CA ARG B 90 77.10 60.88 73.33
C ARG B 90 76.67 59.43 73.07
N LEU B 91 75.54 59.25 72.38
CA LEU B 91 75.15 57.92 71.94
C LEU B 91 76.16 57.35 70.95
N ASN B 92 76.79 58.21 70.14
CA ASN B 92 77.84 57.74 69.25
C ASN B 92 79.08 57.31 70.04
N HIS B 93 79.43 58.06 71.08
CA HIS B 93 80.54 57.65 71.95
C HIS B 93 80.20 56.38 72.72
N TYR B 94 78.92 56.16 73.03
CA TYR B 94 78.52 54.89 73.62
C TYR B 94 78.76 53.74 72.66
N VAL B 95 78.69 53.99 71.36
CA VAL B 95 79.03 52.97 70.38
C VAL B 95 80.54 52.84 70.23
N LEU B 96 81.27 53.93 70.43
CA LEU B 96 82.73 53.88 70.32
C LEU B 96 83.34 53.02 71.43
N TYR B 97 82.78 53.10 72.64
CA TYR B 97 83.28 52.29 73.74
C TYR B 97 82.85 50.84 73.67
N LYS B 98 81.95 50.49 72.73
CA LYS B 98 81.58 49.09 72.55
C LYS B 98 82.77 48.27 72.06
N ALA B 99 83.64 48.88 71.25
CA ALA B 99 84.81 48.17 70.73
C ALA B 99 85.87 48.00 71.81
N VAL B 100 85.84 48.85 72.84
CA VAL B 100 86.81 48.75 73.93
C VAL B 100 86.67 47.42 74.65
N GLN B 101 85.45 46.92 74.78
CA GLN B 101 85.23 45.64 75.44
C GLN B 101 85.69 44.49 74.56
N GLY B 102 85.54 44.63 73.24
CA GLY B 102 85.87 43.55 72.33
C GLY B 102 87.31 43.54 71.87
N PHE B 103 87.99 44.69 71.86
CA PHE B 103 89.37 44.76 71.37
C PHE B 103 90.36 44.60 72.51
N PHE B 104 90.48 45.62 73.36
CA PHE B 104 91.46 45.60 74.43
C PHE B 104 91.04 44.64 75.53
N THR B 105 91.87 44.53 76.55
CA THR B 105 91.52 43.75 77.72
C THR B 105 90.47 44.50 78.53
N SER B 106 89.32 43.88 78.75
CA SER B 106 88.19 44.54 79.37
C SER B 106 88.40 44.70 80.87
N ASN B 107 87.96 45.83 81.40
CA ASN B 107 88.10 46.16 82.81
C ASN B 107 86.73 46.49 83.40
N ASN B 108 86.52 46.09 84.65
CA ASN B 108 85.23 46.29 85.33
C ASN B 108 85.31 47.56 86.16
N ALA B 109 84.52 48.57 85.79
CA ALA B 109 84.50 49.85 86.47
C ALA B 109 83.37 49.95 87.50
N THR B 110 82.63 48.88 87.74
CA THR B 110 81.49 48.92 88.64
C THR B 110 81.99 48.96 90.09
N ARG B 111 81.04 48.88 91.03
CA ARG B 111 81.32 48.84 92.46
C ARG B 111 82.12 50.07 92.92
N ASP B 112 83.35 49.84 93.39
CA ASP B 112 84.14 50.89 94.03
C ASP B 112 84.17 52.18 93.21
N PHE B 113 84.29 52.05 91.88
CA PHE B 113 84.39 53.24 91.03
C PHE B 113 83.02 53.84 90.71
N LEU B 114 81.93 53.19 91.12
CA LEU B 114 80.60 53.73 90.79
C LEU B 114 80.24 54.92 91.66
N LEU B 115 81.02 55.19 92.71
CA LEU B 115 80.71 56.33 93.58
C LEU B 115 80.87 57.67 92.87
N PRO B 116 82.00 57.99 92.25
CA PRO B 116 82.06 59.24 91.48
C PRO B 116 81.24 59.18 90.19
N PHE B 117 80.92 57.98 89.71
CA PHE B 117 80.18 57.87 88.45
C PHE B 117 78.77 58.42 88.59
N LEU B 118 78.14 58.21 89.73
CA LEU B 118 76.82 58.77 89.96
C LEU B 118 76.86 60.29 90.11
N GLU B 119 78.02 60.82 90.50
CA GLU B 119 78.20 62.27 90.57
C GLU B 119 78.54 62.87 89.22
N GLU B 120 78.93 62.04 88.24
CA GLU B 120 79.34 62.55 86.93
C GLU B 120 78.27 63.37 86.22
N PRO B 121 76.98 62.94 86.17
CA PRO B 121 75.96 63.79 85.53
C PRO B 121 75.92 65.19 86.13
N MET B 122 76.26 65.29 87.41
CA MET B 122 76.46 66.60 88.03
C MET B 122 77.84 67.16 87.70
N ASP B 123 78.84 66.29 87.57
CA ASP B 123 80.19 66.75 87.28
C ASP B 123 80.39 67.05 85.80
N THR B 124 79.52 66.51 84.94
CA THR B 124 79.63 66.81 83.52
C THR B 124 79.31 68.27 83.21
N GLU B 125 78.56 68.94 84.07
CA GLU B 125 78.34 70.39 83.96
C GLU B 125 77.72 70.81 82.63
N ALA B 126 76.43 70.52 82.44
CA ALA B 126 75.56 69.96 83.47
C ALA B 126 74.65 68.89 82.88
N ASP B 127 73.69 68.41 83.67
CA ASP B 127 72.82 67.30 83.28
C ASP B 127 72.19 67.40 81.87
N LEU B 128 71.62 68.54 81.46
CA LEU B 128 71.31 69.71 82.28
C LEU B 128 69.84 69.74 82.68
N GLN B 129 69.06 68.76 82.22
CA GLN B 129 67.60 68.84 82.28
C GLN B 129 66.99 67.69 83.08
N PHE B 130 67.04 66.45 82.60
CA PHE B 130 66.19 65.38 83.11
C PHE B 130 66.89 64.66 84.24
N ARG B 131 66.38 64.81 85.45
CA ARG B 131 66.74 63.96 86.58
C ARG B 131 66.24 62.51 86.43
N PRO B 132 65.05 62.24 85.86
CA PRO B 132 64.63 60.82 85.76
C PRO B 132 65.58 59.98 84.95
N ARG B 133 66.24 60.55 83.94
CA ARG B 133 67.23 59.80 83.18
C ARG B 133 68.46 59.49 84.03
N THR B 134 68.93 60.46 84.81
CA THR B 134 70.00 60.22 85.77
C THR B 134 69.54 59.40 86.97
N GLY B 135 68.29 59.55 87.39
CA GLY B 135 67.72 58.65 88.37
C GLY B 135 67.69 57.24 87.84
N LYS B 136 67.38 57.10 86.54
CA LYS B 136 67.51 55.81 85.88
C LYS B 136 68.96 55.35 85.85
N ALA B 137 69.90 56.26 85.57
CA ALA B 137 71.32 55.96 85.62
C ALA B 137 71.82 55.69 87.04
N ALA B 138 71.11 56.17 88.06
CA ALA B 138 71.43 55.84 89.44
C ALA B 138 70.63 54.67 89.96
N SER B 139 69.77 54.08 89.13
CA SER B 139 68.92 52.96 89.56
C SER B 139 69.18 51.72 88.71
N THR B 140 68.87 51.80 87.41
CA THR B 140 68.94 50.66 86.51
C THR B 140 70.30 49.95 86.51
N PRO B 141 71.44 50.64 86.61
CA PRO B 141 72.68 49.90 86.87
C PRO B 141 72.68 49.24 88.24
N LEU B 142 72.34 50.00 89.27
CA LEU B 142 72.50 49.55 90.65
C LEU B 142 71.32 48.75 91.19
N LEU B 143 70.08 49.16 90.93
CA LEU B 143 68.95 48.48 91.56
C LEU B 143 68.76 47.07 91.02
N PRO B 144 68.78 46.82 89.70
CA PRO B 144 68.84 45.42 89.24
C PRO B 144 70.08 44.68 89.69
N GLU B 145 71.16 45.38 90.04
CA GLU B 145 72.34 44.73 90.59
C GLU B 145 72.09 44.22 92.01
N VAL B 146 71.11 44.80 92.72
CA VAL B 146 70.78 44.35 94.06
C VAL B 146 70.37 42.89 94.07
N GLU B 147 69.84 42.39 92.96
CA GLU B 147 69.39 41.01 92.89
C GLU B 147 70.51 40.00 93.08
N ALA B 148 71.77 40.44 93.06
CA ALA B 148 72.88 39.54 93.33
C ALA B 148 72.88 39.10 94.79
N TYR B 149 72.67 40.05 95.71
CA TYR B 149 72.56 39.79 97.14
C TYR B 149 73.79 39.12 97.72
N LEU B 150 74.99 39.65 97.43
CA LEU B 150 76.20 39.09 98.02
C LEU B 150 76.41 39.55 99.46
N GLN B 151 75.79 40.67 99.84
CA GLN B 151 75.71 41.19 101.20
C GLN B 151 77.02 41.75 101.73
N LEU B 152 78.13 41.66 101.00
CA LEU B 152 79.43 42.08 101.51
C LEU B 152 79.86 43.37 100.82
N LEU B 153 79.83 44.47 101.56
CA LEU B 153 80.46 45.74 101.22
C LEU B 153 79.81 46.44 100.03
N VAL B 154 79.00 45.72 99.25
CA VAL B 154 78.26 46.33 98.14
C VAL B 154 76.86 46.75 98.57
N VAL B 155 76.41 46.35 99.77
CA VAL B 155 75.13 46.83 100.26
C VAL B 155 75.21 48.33 100.57
N ILE B 156 76.36 48.80 101.06
CA ILE B 156 76.55 50.24 101.23
C ILE B 156 76.60 50.95 99.89
N PHE B 157 77.00 50.26 98.81
CA PHE B 157 76.86 50.83 97.48
C PHE B 157 75.40 50.87 97.05
N MET B 158 74.61 49.86 97.44
CA MET B 158 73.17 49.97 97.29
C MET B 158 72.62 51.09 98.17
N MET B 159 73.26 51.33 99.31
CA MET B 159 72.94 52.51 100.12
C MET B 159 73.51 53.78 99.51
N ASN B 160 74.69 53.71 98.90
CA ASN B 160 75.21 54.85 98.14
C ASN B 160 74.32 55.18 96.95
N SER B 161 73.69 54.17 96.36
CA SER B 161 72.65 54.45 95.37
C SER B 161 71.51 55.22 96.01
N LYS B 162 70.99 54.70 97.12
CA LYS B 162 69.95 55.41 97.88
C LYS B 162 70.43 56.74 98.45
N ARG B 163 71.73 57.01 98.39
CA ARG B 163 72.28 58.31 98.76
C ARG B 163 72.26 59.28 97.58
N TYR B 164 73.00 58.95 96.51
CA TYR B 164 73.07 59.83 95.35
C TYR B 164 71.73 59.95 94.65
N LYS B 165 70.87 58.96 94.78
CA LYS B 165 69.51 59.07 94.26
C LYS B 165 68.59 59.85 95.19
N GLU B 166 68.96 59.94 96.48
CA GLU B 166 68.35 60.95 97.34
C GLU B 166 68.84 62.34 97.00
N ALA B 167 70.05 62.46 96.44
CA ALA B 167 70.47 63.72 95.83
C ALA B 167 69.66 64.02 94.57
N GLN B 168 69.21 62.97 93.88
CA GLN B 168 68.22 63.16 92.82
C GLN B 168 66.88 63.58 93.42
N LYS B 169 66.57 63.10 94.62
CA LYS B 169 65.38 63.57 95.34
C LYS B 169 65.53 65.03 95.74
N ILE B 170 66.76 65.46 96.04
CA ILE B 170 67.02 66.88 96.29
C ILE B 170 66.71 67.68 95.04
N SER B 171 67.09 67.17 93.88
CA SER B 171 66.72 67.81 92.61
C SER B 171 65.27 67.54 92.26
N ASP B 172 64.63 66.57 92.90
CA ASP B 172 63.22 66.30 92.63
C ASP B 172 62.34 67.37 93.28
N ASP B 173 62.61 67.70 94.54
CA ASP B 173 61.80 68.68 95.25
C ASP B 173 62.19 70.11 94.90
N LEU B 174 63.48 70.41 94.78
CA LEU B 174 63.92 71.78 94.55
C LEU B 174 63.63 72.24 93.12
N MET B 175 64.05 71.44 92.14
CA MET B 175 63.87 71.81 90.74
C MET B 175 62.41 71.70 90.31
N GLN B 176 62.09 72.34 89.19
CA GLN B 176 60.72 72.38 88.67
C GLN B 176 59.74 72.93 89.69
N LYS B 177 58.81 72.09 90.13
CA LYS B 177 57.69 72.35 91.04
C LYS B 177 56.49 72.95 90.32
N ILE B 178 56.65 73.41 89.08
CA ILE B 178 55.58 74.04 88.33
C ILE B 178 55.38 73.26 87.04
N SER B 179 54.22 72.59 86.92
CA SER B 179 53.93 71.73 85.77
C SER B 179 55.09 70.78 85.48
N THR B 180 55.58 70.13 86.53
CA THR B 180 56.75 69.26 86.40
C THR B 180 56.50 68.15 85.38
N GLN B 181 55.56 67.26 85.68
CA GLN B 181 55.19 66.12 84.84
C GLN B 181 56.33 65.10 84.77
N ASN B 182 57.51 65.47 85.26
CA ASN B 182 58.57 64.50 85.48
C ASN B 182 58.38 63.76 86.79
N ARG B 183 57.79 64.42 87.79
CA ARG B 183 57.50 63.75 89.06
C ARG B 183 56.52 62.61 88.86
N ARG B 184 55.46 62.84 88.09
CA ARG B 184 54.54 61.76 87.75
C ARG B 184 55.23 60.64 86.96
N ALA B 185 56.22 60.99 86.13
CA ALA B 185 57.06 59.96 85.54
C ALA B 185 58.02 59.37 86.58
N LEU B 186 58.51 60.22 87.49
CA LEU B 186 59.33 59.75 88.60
C LEU B 186 58.53 58.98 89.65
N ASP B 187 57.21 59.23 89.76
CA ASP B 187 56.40 58.49 90.72
C ASP B 187 56.44 57.00 90.44
N LEU B 188 56.74 56.60 89.19
CA LEU B 188 57.02 55.21 88.91
C LEU B 188 58.44 54.85 89.30
N VAL B 189 59.38 55.78 89.09
CA VAL B 189 60.78 55.54 89.42
C VAL B 189 61.01 55.70 90.92
N ALA B 190 60.45 56.77 91.50
CA ALA B 190 60.59 56.99 92.94
C ALA B 190 59.93 55.87 93.73
N ALA B 191 58.84 55.32 93.21
CA ALA B 191 58.21 54.15 93.81
C ALA B 191 59.21 53.01 93.92
N LYS B 192 59.69 52.53 92.77
CA LYS B 192 60.63 51.43 92.68
C LYS B 192 61.78 51.57 93.68
N CYS B 193 62.58 52.64 93.53
CA CYS B 193 63.70 52.86 94.44
C CYS B 193 63.26 52.88 95.90
N TYR B 194 62.08 53.43 96.21
CA TYR B 194 61.57 53.37 97.58
C TYR B 194 61.17 51.95 97.97
N TYR B 195 60.93 51.10 96.97
CA TYR B 195 60.62 49.70 97.19
C TYR B 195 61.97 49.05 97.52
N TYR B 196 62.98 49.36 96.71
CA TYR B 196 64.33 48.85 96.92
C TYR B 196 64.92 49.39 98.22
N HIS B 197 64.48 50.58 98.65
CA HIS B 197 64.76 51.07 99.99
C HIS B 197 64.34 50.01 101.02
N ALA B 198 63.04 49.71 101.04
CA ALA B 198 62.52 48.71 101.98
C ALA B 198 63.20 47.36 101.82
N ARG B 199 63.46 46.92 100.58
CA ARG B 199 64.04 45.60 100.37
C ARG B 199 65.45 45.50 100.92
N VAL B 200 66.30 46.50 100.66
CA VAL B 200 67.69 46.43 101.09
C VAL B 200 67.79 46.45 102.62
N TYR B 201 66.92 47.22 103.28
CA TYR B 201 66.94 47.26 104.74
C TYR B 201 66.53 45.92 105.34
N GLU B 202 65.58 45.22 104.71
CA GLU B 202 65.10 43.96 105.27
C GLU B 202 66.21 42.92 105.42
N PHE B 203 67.26 43.02 104.62
CA PHE B 203 68.38 42.09 104.76
C PHE B 203 69.29 42.45 105.91
N LEU B 204 69.34 43.73 106.29
CA LEU B 204 70.16 44.15 107.43
C LEU B 204 69.30 44.38 108.66
N ASP B 205 68.53 45.47 108.68
CA ASP B 205 67.62 45.78 109.77
C ASP B 205 66.44 46.56 109.22
N LYS B 206 65.25 46.30 109.78
CA LYS B 206 64.07 47.05 109.38
C LYS B 206 64.26 48.53 109.71
N LEU B 207 63.70 49.39 108.85
CA LEU B 207 64.03 50.81 108.92
C LEU B 207 63.14 51.52 109.94
N ASP B 208 63.77 52.02 111.00
CA ASP B 208 63.08 52.85 111.99
C ASP B 208 63.01 54.31 111.56
N VAL B 209 64.12 54.86 111.03
CA VAL B 209 64.18 56.28 110.70
C VAL B 209 63.48 56.55 109.37
N VAL B 210 63.58 55.60 108.42
CA VAL B 210 62.98 55.78 107.11
C VAL B 210 61.47 55.82 107.25
N ARG B 211 60.95 55.20 108.31
CA ARG B 211 59.54 55.35 108.65
C ARG B 211 59.19 56.82 108.84
N SER B 212 60.08 57.57 109.51
CA SER B 212 59.91 59.02 109.61
C SER B 212 60.22 59.68 108.27
N PHE B 213 61.16 59.12 107.51
CA PHE B 213 61.49 59.67 106.19
C PHE B 213 60.41 59.34 105.18
N LEU B 214 59.61 58.31 105.44
CA LEU B 214 58.50 57.98 104.55
C LEU B 214 57.38 59.01 104.66
N HIS B 215 57.06 59.41 105.89
CA HIS B 215 56.01 60.41 106.09
C HIS B 215 56.44 61.77 105.53
N ALA B 216 57.74 62.01 105.42
CA ALA B 216 58.26 63.21 104.79
C ALA B 216 57.76 63.32 103.36
N ARG B 217 58.17 62.39 102.50
CA ARG B 217 57.72 62.40 101.11
C ARG B 217 56.21 62.18 101.02
N LEU B 218 55.65 61.42 101.95
CA LEU B 218 54.21 61.20 102.03
C LEU B 218 53.45 62.53 102.11
N ARG B 219 53.70 63.28 103.19
CA ARG B 219 52.89 64.46 103.47
C ARG B 219 53.22 65.59 102.50
N THR B 220 54.47 65.67 102.05
CA THR B 220 54.89 66.79 101.21
C THR B 220 54.31 66.70 99.80
N ALA B 221 53.84 65.52 99.38
CA ALA B 221 53.19 65.42 98.07
C ALA B 221 51.79 65.99 98.11
N THR B 222 51.30 66.33 99.30
CA THR B 222 49.97 66.89 99.46
C THR B 222 50.09 68.36 99.90
N LEU B 223 49.34 69.25 99.27
CA LEU B 223 48.47 68.91 98.15
C LEU B 223 49.11 69.25 96.81
N ARG B 224 50.32 69.81 96.86
CA ARG B 224 50.94 70.45 95.69
C ARG B 224 50.93 69.57 94.44
N HIS B 225 51.78 68.54 94.39
CA HIS B 225 51.77 67.58 93.30
C HIS B 225 51.55 66.18 93.88
N ASP B 226 50.37 65.61 93.64
CA ASP B 226 50.12 64.21 93.95
C ASP B 226 49.36 63.57 92.78
N ALA B 227 50.02 62.67 92.07
CA ALA B 227 49.33 61.72 91.20
C ALA B 227 50.02 60.38 91.35
N ASP B 228 49.30 59.39 91.89
CA ASP B 228 49.81 58.03 92.08
C ASP B 228 50.99 57.99 93.06
N GLY B 229 51.51 59.15 93.44
CA GLY B 229 52.69 59.21 94.27
C GLY B 229 52.45 58.82 95.71
N GLN B 230 51.43 59.41 96.33
CA GLN B 230 51.10 59.08 97.71
C GLN B 230 50.55 57.67 97.86
N ALA B 231 49.91 57.13 96.82
CA ALA B 231 49.42 55.75 96.86
C ALA B 231 50.57 54.76 97.03
N THR B 232 51.63 54.91 96.22
CA THR B 232 52.79 54.03 96.36
C THR B 232 53.48 54.22 97.71
N LEU B 233 53.50 55.46 98.20
CA LEU B 233 54.05 55.71 99.54
C LEU B 233 53.15 55.12 100.61
N LEU B 234 51.84 55.16 100.40
CA LEU B 234 50.91 54.52 101.33
C LEU B 234 51.03 53.01 101.26
N ASN B 235 51.43 52.47 100.11
CA ASN B 235 51.72 51.05 100.01
C ASN B 235 52.94 50.66 100.84
N LEU B 236 53.99 51.48 100.83
CA LEU B 236 55.14 51.24 101.68
C LEU B 236 54.73 51.18 103.15
N LEU B 237 53.88 52.11 103.57
CA LEU B 237 53.37 52.12 104.94
C LEU B 237 52.67 50.81 105.25
N LEU B 238 51.52 50.57 104.61
CA LEU B 238 50.68 49.44 104.99
C LEU B 238 51.38 48.11 104.82
N ARG B 239 52.36 48.02 103.90
CA ARG B 239 53.16 46.81 103.77
C ARG B 239 53.89 46.47 105.06
N ASN B 240 54.86 47.31 105.44
CA ASN B 240 55.71 47.02 106.59
C ASN B 240 55.03 47.35 107.93
N TYR B 241 54.19 48.38 107.97
CA TYR B 241 53.48 48.71 109.20
C TYR B 241 52.50 47.61 109.58
N LEU B 242 52.21 46.69 108.66
CA LEU B 242 51.45 45.49 108.95
C LEU B 242 52.35 44.47 109.65
N HIS B 243 53.42 44.07 108.96
CA HIS B 243 54.31 43.02 109.48
C HIS B 243 54.93 43.39 110.82
N TYR B 244 54.94 44.69 111.15
CA TYR B 244 55.54 45.17 112.39
C TYR B 244 54.51 45.97 113.19
N SER B 245 54.45 45.69 114.49
CA SER B 245 53.56 46.38 115.42
C SER B 245 53.96 47.86 115.56
N LEU B 246 53.04 48.76 115.94
CA LEU B 246 51.66 48.45 116.32
C LEU B 246 50.75 49.62 115.91
N TYR B 247 49.45 49.49 116.19
CA TYR B 247 48.48 50.57 116.06
C TYR B 247 48.26 50.96 114.60
N ASP B 248 49.06 50.41 113.70
CA ASP B 248 49.01 50.81 112.30
C ASP B 248 47.72 50.35 111.61
N GLN B 249 46.98 49.43 112.23
CA GLN B 249 45.71 48.98 111.69
C GLN B 249 44.72 50.12 111.54
N ALA B 250 44.34 50.76 112.65
CA ALA B 250 43.36 51.85 112.62
C ALA B 250 43.90 53.09 111.94
N GLU B 251 45.20 53.13 111.62
CA GLU B 251 45.79 54.30 110.98
C GLU B 251 45.18 54.60 109.62
N LYS B 252 44.56 53.61 108.97
CA LYS B 252 44.05 53.80 107.61
C LYS B 252 42.89 54.78 107.57
N LEU B 253 42.25 55.03 108.71
CA LEU B 253 41.05 55.87 108.73
C LEU B 253 41.42 57.33 108.45
N VAL B 254 42.44 57.84 109.13
CA VAL B 254 42.80 59.25 108.98
C VAL B 254 43.56 59.51 107.68
N SER B 255 44.24 58.50 107.14
CA SER B 255 44.97 58.68 105.89
C SER B 255 44.01 58.81 104.71
N LYS B 256 43.09 57.87 104.58
CA LYS B 256 42.06 57.92 103.54
C LYS B 256 41.08 59.06 103.83
N SER B 257 40.58 59.81 102.83
CA SER B 257 40.81 59.71 101.38
C SER B 257 40.51 58.34 100.76
N VAL B 258 41.34 57.92 99.81
CA VAL B 258 41.27 56.57 99.25
C VAL B 258 42.65 55.91 99.19
N PHE B 259 43.64 56.44 98.45
CA PHE B 259 43.67 57.75 97.79
C PHE B 259 43.38 57.68 96.29
N PRO B 260 42.42 58.48 95.80
CA PRO B 260 42.04 58.47 94.39
C PRO B 260 43.01 59.26 93.51
N GLU B 261 43.14 58.88 92.24
CA GLU B 261 42.46 57.72 91.68
C GLU B 261 43.40 56.52 91.72
N GLN B 262 42.84 55.33 91.95
CA GLN B 262 43.64 54.13 92.11
C GLN B 262 44.50 53.88 90.89
N ALA B 263 45.81 53.77 91.12
CA ALA B 263 46.78 53.61 90.05
C ALA B 263 48.01 52.86 90.56
N ASN B 264 48.60 52.01 89.72
CA ASN B 264 48.08 51.73 88.39
C ASN B 264 47.46 50.34 88.33
N ASN B 265 46.13 50.30 88.23
CA ASN B 265 45.40 49.05 88.08
C ASN B 265 45.75 48.06 89.17
N ASN B 266 46.38 46.93 88.79
CA ASN B 266 46.71 45.88 89.74
C ASN B 266 47.56 46.40 90.90
N GLU B 267 48.27 47.51 90.69
CA GLU B 267 49.09 48.08 91.76
C GLU B 267 48.22 48.44 92.96
N TRP B 268 47.00 48.91 92.71
CA TRP B 268 46.08 49.19 93.81
C TRP B 268 45.27 47.96 94.20
N ALA B 269 45.27 46.92 93.37
CA ALA B 269 44.51 45.71 93.67
C ALA B 269 45.14 44.97 94.85
N ARG B 270 46.46 44.87 94.86
CA ARG B 270 47.16 44.28 96.00
C ARG B 270 47.01 45.12 97.25
N TYR B 271 46.81 46.43 97.12
CA TYR B 271 46.64 47.29 98.28
C TYR B 271 45.42 46.87 99.09
N LEU B 272 44.37 46.42 98.41
CA LEU B 272 43.20 45.92 99.11
C LEU B 272 43.49 44.62 99.85
N TYR B 273 44.49 43.85 99.39
CA TYR B 273 44.92 42.68 100.15
C TYR B 273 45.67 43.09 101.41
N TYR B 274 46.51 44.13 101.31
CA TYR B 274 47.24 44.64 102.47
C TYR B 274 46.27 45.00 103.60
N THR B 275 45.40 45.98 103.35
CA THR B 275 44.36 46.31 104.32
C THR B 275 43.42 45.15 104.58
N GLY B 276 43.38 44.16 103.69
CA GLY B 276 42.58 42.97 103.90
C GLY B 276 43.05 42.15 105.09
N ARG B 277 44.36 41.91 105.16
CA ARG B 277 44.92 41.20 106.31
C ARG B 277 44.75 42.03 107.58
N ILE B 278 44.86 43.35 107.46
CA ILE B 278 44.61 44.28 108.57
C ILE B 278 43.20 44.07 109.10
N LYS B 279 42.19 44.33 108.25
CA LYS B 279 40.81 44.18 108.68
C LYS B 279 40.51 42.76 109.15
N ALA B 280 41.33 41.78 108.78
CA ALA B 280 41.18 40.44 109.33
C ALA B 280 41.56 40.40 110.81
N ILE B 281 42.51 41.23 111.23
CA ILE B 281 42.86 41.27 112.65
C ILE B 281 41.87 42.13 113.42
N GLN B 282 41.10 42.97 112.71
CA GLN B 282 39.97 43.67 113.32
C GLN B 282 38.80 42.75 113.61
N LEU B 283 38.86 41.49 113.18
CA LEU B 283 37.87 40.43 113.38
C LEU B 283 36.63 40.63 112.51
N GLU B 284 36.53 41.74 111.75
CA GLU B 284 35.39 41.92 110.87
C GLU B 284 35.60 41.10 109.60
N TYR B 285 34.73 40.11 109.39
CA TYR B 285 34.85 39.19 108.26
C TYR B 285 34.23 39.73 106.99
N SER B 286 33.07 40.38 107.09
CA SER B 286 32.31 40.77 105.89
C SER B 286 33.07 41.79 105.04
N GLU B 287 33.68 42.79 105.67
CA GLU B 287 34.47 43.75 104.90
C GLU B 287 35.78 43.12 104.45
N ALA B 288 36.22 42.07 105.12
CA ALA B 288 37.47 41.41 104.75
C ALA B 288 37.28 40.47 103.57
N ARG B 289 36.09 39.85 103.48
CA ARG B 289 35.87 38.88 102.39
C ARG B 289 35.69 39.57 101.06
N ARG B 290 35.12 40.79 101.06
CA ARG B 290 34.91 41.51 99.81
C ARG B 290 36.20 42.16 99.31
N THR B 291 37.08 42.58 100.23
CA THR B 291 38.34 43.19 99.80
C THR B 291 39.35 42.13 99.39
N MET B 292 39.21 40.90 99.90
CA MET B 292 40.08 39.82 99.46
C MET B 292 39.64 39.27 98.12
N THR B 293 38.33 39.09 97.94
CA THR B 293 37.81 38.60 96.67
C THR B 293 38.10 39.60 95.55
N ASN B 294 37.99 40.89 95.85
CA ASN B 294 38.28 41.92 94.86
C ASN B 294 39.78 41.99 94.56
N ALA B 295 40.60 41.48 95.49
CA ALA B 295 42.05 41.51 95.30
C ALA B 295 42.51 40.49 94.27
N LEU B 296 41.83 39.34 94.20
CA LEU B 296 42.18 38.33 93.21
C LEU B 296 41.65 38.70 91.83
N ARG B 297 40.37 39.10 91.75
CA ARG B 297 39.75 39.33 90.45
C ARG B 297 40.27 40.61 89.79
N LYS B 298 40.84 41.53 90.55
CA LYS B 298 41.42 42.75 90.01
C LYS B 298 42.92 42.64 89.74
N ALA B 299 43.50 41.44 89.92
CA ALA B 299 44.95 41.31 89.78
C ALA B 299 45.31 40.49 88.53
N PRO B 300 45.77 41.13 87.45
CA PRO B 300 46.48 40.53 86.32
C PRO B 300 48.00 40.64 86.47
N GLN B 301 48.78 40.14 85.49
CA GLN B 301 48.39 39.03 84.65
C GLN B 301 49.15 37.75 85.03
N HIS B 302 50.12 37.90 85.94
CA HIS B 302 51.21 36.95 86.20
C HIS B 302 51.77 36.58 84.79
N THR B 303 52.27 35.37 84.49
CA THR B 303 53.13 34.52 85.31
C THR B 303 54.51 35.22 85.25
N ALA B 304 55.46 34.95 86.15
CA ALA B 304 55.56 33.80 87.03
C ALA B 304 56.15 34.19 88.39
N VAL B 305 55.99 33.37 89.42
CA VAL B 305 55.15 32.17 89.41
C VAL B 305 54.25 32.11 90.64
N GLY B 306 54.85 31.94 91.81
CA GLY B 306 54.12 31.86 93.05
C GLY B 306 53.95 33.18 93.79
N PHE B 307 54.43 34.27 93.21
CA PHE B 307 54.27 35.59 93.83
C PHE B 307 52.79 35.95 93.93
N LYS B 308 52.04 35.71 92.85
CA LYS B 308 50.60 35.87 92.89
C LYS B 308 49.91 34.68 93.56
N GLN B 309 50.56 33.52 93.58
CA GLN B 309 49.97 32.33 94.19
C GLN B 309 50.06 32.39 95.71
N THR B 310 51.20 32.80 96.25
CA THR B 310 51.35 32.87 97.69
C THR B 310 50.46 33.96 98.30
N VAL B 311 50.36 35.10 97.62
CA VAL B 311 49.49 36.17 98.11
C VAL B 311 48.03 35.73 98.04
N HIS B 312 47.71 34.82 97.12
CA HIS B 312 46.35 34.31 97.02
C HIS B 312 46.09 33.25 98.09
N LYS B 313 47.13 32.54 98.51
CA LYS B 313 47.02 31.56 99.59
C LYS B 313 46.49 32.22 100.86
N LEU B 314 47.26 33.17 101.40
CA LEU B 314 46.84 33.90 102.59
C LEU B 314 45.64 34.80 102.33
N LEU B 315 45.21 34.94 101.08
CA LEU B 315 44.06 35.78 100.75
C LEU B 315 42.76 35.11 101.17
N ILE B 316 42.67 33.79 101.02
CA ILE B 316 41.44 33.06 101.30
C ILE B 316 41.39 32.72 102.79
N VAL B 317 42.38 33.20 103.54
CA VAL B 317 42.39 33.01 104.99
C VAL B 317 41.14 33.59 105.62
N VAL B 318 40.68 34.75 105.10
CA VAL B 318 39.46 35.35 105.63
C VAL B 318 38.26 34.46 105.38
N GLU B 319 38.32 33.61 104.35
CA GLU B 319 37.22 32.68 104.09
C GLU B 319 37.16 31.56 105.12
N LEU B 320 38.29 31.24 105.76
CA LEU B 320 38.28 30.27 106.84
C LEU B 320 37.54 30.81 108.06
N LEU B 321 37.61 32.13 108.26
CA LEU B 321 36.90 32.76 109.37
C LEU B 321 35.47 33.14 109.01
N LEU B 322 35.10 33.11 107.73
CA LEU B 322 33.73 33.39 107.34
C LEU B 322 32.78 32.32 107.85
N GLY B 323 33.24 31.08 107.95
CA GLY B 323 32.40 29.95 108.26
C GLY B 323 31.81 29.24 107.06
N GLU B 324 31.74 29.91 105.90
CA GLU B 324 31.28 29.29 104.66
C GLU B 324 32.45 29.29 103.68
N ILE B 325 32.98 28.09 103.42
CA ILE B 325 34.07 27.95 102.46
C ILE B 325 33.93 26.61 101.73
N PRO B 326 34.24 26.55 100.43
CA PRO B 326 34.33 25.25 99.76
C PRO B 326 35.75 24.70 99.83
N ASP B 327 35.99 23.55 99.22
CA ASP B 327 37.34 23.00 99.14
C ASP B 327 38.19 23.90 98.26
N ARG B 328 39.35 24.30 98.76
CA ARG B 328 40.16 25.34 98.13
C ARG B 328 41.08 24.82 97.03
N LEU B 329 41.04 23.53 96.71
CA LEU B 329 41.88 23.03 95.63
C LEU B 329 41.43 23.55 94.27
N GLN B 330 40.22 24.09 94.17
CA GLN B 330 39.81 24.77 92.95
C GLN B 330 40.65 26.01 92.67
N PHE B 331 41.31 26.55 93.69
CA PHE B 331 42.27 27.63 93.53
C PHE B 331 43.70 27.14 93.43
N ARG B 332 43.93 25.83 93.50
CA ARG B 332 45.28 25.28 93.54
C ARG B 332 45.96 25.40 92.18
N GLN B 333 47.28 25.60 92.21
CA GLN B 333 48.17 25.62 91.07
C GLN B 333 49.26 24.57 91.24
N PRO B 334 49.68 23.89 90.17
CA PRO B 334 50.73 22.86 90.32
C PRO B 334 51.99 23.37 90.98
N SER B 335 52.32 24.66 90.78
CA SER B 335 53.47 25.23 91.47
C SER B 335 53.14 25.56 92.91
N LEU B 336 51.94 26.08 93.16
CA LEU B 336 51.53 26.41 94.53
C LEU B 336 51.12 25.16 95.30
N LYS B 337 50.88 24.05 94.59
CA LYS B 337 50.41 22.82 95.23
C LYS B 337 51.31 22.39 96.38
N ARG B 338 52.59 22.11 96.06
CA ARG B 338 53.53 21.61 97.05
C ARG B 338 53.60 22.51 98.28
N SER B 339 53.44 23.83 98.09
CA SER B 339 53.50 24.76 99.22
C SER B 339 52.22 24.81 100.02
N LEU B 340 51.07 24.51 99.42
CA LEU B 340 49.80 24.61 100.11
C LEU B 340 49.35 23.30 100.74
N MET B 341 50.12 22.23 100.63
CA MET B 341 49.70 20.94 101.16
C MET B 341 49.45 20.97 102.66
N PRO B 342 50.30 21.56 103.51
CA PRO B 342 49.91 21.68 104.93
C PRO B 342 48.71 22.60 105.13
N TYR B 343 48.54 23.60 104.27
CA TYR B 343 47.41 24.51 104.39
C TYR B 343 46.18 24.00 103.67
N PHE B 344 46.31 22.92 102.89
CA PHE B 344 45.18 22.37 102.14
C PHE B 344 44.21 21.63 103.06
N LEU B 345 44.68 20.55 103.70
CA LEU B 345 43.83 19.73 104.53
C LEU B 345 43.22 20.51 105.70
N LEU B 346 43.78 21.69 106.02
CA LEU B 346 43.21 22.54 107.05
C LEU B 346 41.74 22.84 106.76
N THR B 347 41.47 23.51 105.63
CA THR B 347 40.09 23.82 105.27
C THR B 347 39.25 22.56 105.08
N GLN B 348 39.89 21.42 104.82
CA GLN B 348 39.15 20.17 104.72
C GLN B 348 38.66 19.72 106.08
N ALA B 349 39.38 20.10 107.14
CA ALA B 349 38.91 19.85 108.49
C ALA B 349 37.98 20.95 109.00
N VAL B 350 37.90 22.07 108.29
CA VAL B 350 36.94 23.12 108.65
C VAL B 350 35.52 22.73 108.24
N ARG B 351 35.38 22.07 107.08
CA ARG B 351 34.08 21.61 106.62
C ARG B 351 33.48 20.54 107.52
N THR B 352 34.28 19.94 108.41
CA THR B 352 33.79 18.93 109.34
C THR B 352 33.91 19.46 110.76
N GLY B 353 33.05 18.94 111.64
CA GLY B 353 33.03 19.34 113.02
C GLY B 353 33.77 18.45 113.99
N ASN B 354 34.69 17.62 113.52
CA ASN B 354 35.40 16.70 114.40
C ASN B 354 36.55 17.42 115.09
N LEU B 355 36.65 17.24 116.42
CA LEU B 355 37.72 17.86 117.18
C LEU B 355 39.04 17.09 117.00
N ALA B 356 38.97 15.76 116.99
CA ALA B 356 40.17 14.95 116.86
C ALA B 356 40.83 15.16 115.51
N LYS B 357 40.02 15.39 114.47
CA LYS B 357 40.57 15.65 113.14
C LYS B 357 41.10 17.08 113.04
N PHE B 358 40.41 18.03 113.70
CA PHE B 358 40.83 19.43 113.62
C PHE B 358 42.10 19.67 114.44
N ASN B 359 42.21 19.00 115.60
CA ASN B 359 43.38 19.18 116.43
C ASN B 359 44.60 18.49 115.84
N GLN B 360 44.39 17.41 115.10
CA GLN B 360 45.50 16.72 114.45
C GLN B 360 46.08 17.55 113.32
N VAL B 361 45.23 18.34 112.65
CA VAL B 361 45.72 19.24 111.61
C VAL B 361 46.58 20.34 112.21
N LEU B 362 46.19 20.85 113.39
CA LEU B 362 46.95 21.92 114.03
C LEU B 362 48.32 21.42 114.47
N ASP B 363 48.41 20.15 114.90
CA ASP B 363 49.66 19.63 115.42
C ASP B 363 50.67 19.40 114.29
N GLN B 364 50.25 18.71 113.22
CA GLN B 364 51.18 18.37 112.15
C GLN B 364 51.43 19.55 111.22
N PHE B 365 50.38 20.27 110.85
CA PHE B 365 50.51 21.36 109.88
C PHE B 365 50.76 22.71 110.54
N GLY B 366 50.91 22.76 111.87
CA GLY B 366 51.16 24.03 112.53
C GLY B 366 52.52 24.61 112.22
N GLU B 367 53.45 23.78 111.72
CA GLU B 367 54.78 24.27 111.38
C GLU B 367 54.72 25.23 110.19
N LYS B 368 53.94 24.90 109.16
CA LYS B 368 53.76 25.79 108.03
C LYS B 368 53.09 27.11 108.42
N PHE B 369 52.17 27.08 109.37
CA PHE B 369 51.47 28.28 109.82
C PHE B 369 52.38 29.25 110.56
N GLN B 370 53.55 28.81 111.02
CA GLN B 370 54.45 29.69 111.75
C GLN B 370 55.02 30.78 110.85
N ALA B 371 55.28 30.44 109.58
CA ALA B 371 55.81 31.43 108.65
C ALA B 371 54.74 32.43 108.23
N ASP B 372 53.47 32.01 108.23
CA ASP B 372 52.40 32.91 107.82
C ASP B 372 52.02 33.88 108.93
N GLY B 373 52.17 33.45 110.19
CA GLY B 373 51.72 34.28 111.29
C GLY B 373 50.22 34.32 111.45
N THR B 374 49.53 33.24 111.07
CA THR B 374 48.08 33.17 111.07
C THR B 374 47.50 32.58 112.36
N TYR B 375 48.35 32.34 113.37
CA TYR B 375 47.91 31.69 114.60
C TYR B 375 46.84 32.46 115.35
N THR B 376 46.56 33.71 114.98
CA THR B 376 45.54 34.49 115.69
C THR B 376 44.17 33.85 115.55
N LEU B 377 43.87 33.28 114.38
CA LEU B 377 42.55 32.74 114.12
C LEU B 377 42.32 31.36 114.70
N ILE B 378 43.38 30.58 114.92
CA ILE B 378 43.22 29.17 115.27
C ILE B 378 42.47 29.01 116.59
N ILE B 379 42.53 30.02 117.45
CA ILE B 379 41.77 29.97 118.69
C ILE B 379 40.31 30.37 118.44
N ARG B 380 40.06 31.32 117.53
CA ARG B 380 38.69 31.74 117.27
C ARG B 380 38.05 30.96 116.12
N LEU B 381 38.85 30.17 115.39
CA LEU B 381 38.30 29.38 114.30
C LEU B 381 37.58 28.14 114.80
N ARG B 382 37.91 27.68 116.01
CA ARG B 382 37.14 26.61 116.64
C ARG B 382 35.69 27.03 116.84
N HIS B 383 35.49 28.30 117.22
CA HIS B 383 34.13 28.82 117.36
C HIS B 383 33.51 29.08 116.00
N ASN B 384 34.33 29.19 114.96
CA ASN B 384 33.80 29.41 113.61
C ASN B 384 33.28 28.10 113.03
N VAL B 385 34.01 27.00 113.23
CA VAL B 385 33.61 25.72 112.68
C VAL B 385 32.33 25.21 113.34
N ILE B 386 32.19 25.41 114.66
CA ILE B 386 30.99 24.96 115.34
C ILE B 386 29.76 25.72 114.85
N LYS B 387 29.96 26.93 114.29
CA LYS B 387 28.85 27.64 113.66
C LYS B 387 28.55 27.06 112.28
N THR B 388 29.58 26.60 111.56
CA THR B 388 29.37 25.95 110.27
C THR B 388 28.70 24.60 110.46
N GLY B 389 29.09 23.87 111.50
CA GLY B 389 28.49 22.56 111.75
C GLY B 389 27.02 22.67 112.12
N VAL B 390 26.68 23.68 112.93
CA VAL B 390 25.28 23.84 113.33
C VAL B 390 24.47 24.45 112.19
N ARG B 391 25.10 25.25 111.34
CA ARG B 391 24.39 25.80 110.18
C ARG B 391 24.10 24.72 109.15
N MET B 392 25.02 23.76 109.01
CA MET B 392 24.79 22.62 108.13
C MET B 392 23.58 21.81 108.59
N ILE B 393 23.44 21.63 109.91
CA ILE B 393 22.34 20.84 110.44
C ILE B 393 21.05 21.64 110.46
N SER B 394 21.15 22.92 110.85
CA SER B 394 19.94 23.74 110.96
C SER B 394 19.34 24.04 109.59
N LEU B 395 20.17 24.12 108.56
CA LEU B 395 19.64 24.32 107.22
C LEU B 395 19.11 23.01 106.63
N SER B 396 19.61 21.87 107.11
CA SER B 396 19.15 20.58 106.62
C SER B 396 17.91 20.07 107.35
N TYR B 397 17.56 20.65 108.49
CA TYR B 397 16.43 20.16 109.27
C TYR B 397 15.53 21.32 109.67
N SER B 398 14.25 21.03 109.88
CA SER B 398 13.32 22.00 110.43
C SER B 398 13.55 22.13 111.92
N ARG B 399 13.28 21.05 112.66
CA ARG B 399 13.57 20.99 114.08
C ARG B 399 14.88 20.23 114.33
N ILE B 400 15.67 20.75 115.27
CA ILE B 400 16.89 20.08 115.71
C ILE B 400 16.94 20.09 117.22
N SER B 401 16.98 18.90 117.80
CA SER B 401 16.99 18.73 119.26
C SER B 401 18.40 18.97 119.80
N LEU B 402 18.48 19.55 120.99
CA LEU B 402 19.79 19.80 121.59
C LEU B 402 20.47 18.51 122.01
N ALA B 403 19.72 17.48 122.37
CA ALA B 403 20.34 16.21 122.78
C ALA B 403 20.84 15.42 121.58
N ASP B 404 20.14 15.52 120.45
CA ASP B 404 20.58 14.81 119.26
C ASP B 404 21.75 15.52 118.60
N ILE B 405 21.74 16.86 118.62
CA ILE B 405 22.86 17.62 118.07
C ILE B 405 24.00 17.71 119.08
N ALA B 406 23.78 17.31 120.32
CA ALA B 406 24.81 17.32 121.35
C ALA B 406 26.01 16.49 120.90
N GLN B 407 25.84 15.17 120.82
CA GLN B 407 26.93 14.28 120.45
C GLN B 407 27.21 14.27 118.96
N LYS B 408 26.25 14.65 118.13
CA LYS B 408 26.50 14.71 116.69
C LYS B 408 27.53 15.79 116.37
N LEU B 409 27.43 16.95 117.01
CA LEU B 409 28.47 17.95 117.01
C LEU B 409 29.42 17.79 118.20
N GLN B 410 29.24 16.73 118.99
CA GLN B 410 30.03 16.37 120.16
C GLN B 410 30.31 17.57 121.07
N LEU B 411 29.25 18.31 121.43
CA LEU B 411 29.37 19.31 122.49
C LEU B 411 29.48 18.64 123.85
N ASP B 412 29.00 17.40 123.96
CA ASP B 412 29.14 16.46 125.06
C ASP B 412 28.27 16.80 126.28
N SER B 413 27.68 17.99 126.36
CA SER B 413 26.92 18.34 127.54
C SER B 413 25.73 19.20 127.15
N PRO B 414 24.62 19.11 127.89
CA PRO B 414 23.48 20.00 127.62
C PRO B 414 23.73 21.45 128.02
N GLU B 415 24.58 21.70 129.02
CA GLU B 415 24.69 23.05 129.57
C GLU B 415 25.44 23.99 128.63
N ASP B 416 26.56 23.55 128.05
CA ASP B 416 27.26 24.42 127.12
C ASP B 416 26.52 24.57 125.80
N ALA B 417 25.67 23.61 125.43
CA ALA B 417 24.81 23.76 124.27
C ALA B 417 23.80 24.90 124.46
N GLU B 418 23.25 25.06 125.67
CA GLU B 418 22.44 26.21 125.98
C GLU B 418 23.20 27.52 125.90
N PHE B 419 24.53 27.48 126.11
CA PHE B 419 25.35 28.68 126.00
C PHE B 419 25.67 29.01 124.56
N ILE B 420 25.93 27.99 123.73
CA ILE B 420 26.19 28.19 122.31
C ILE B 420 24.96 28.68 121.55
N VAL B 421 23.82 28.01 121.70
CA VAL B 421 22.59 28.45 121.05
C VAL B 421 22.19 29.85 121.49
N ALA B 422 22.40 30.18 122.77
CA ALA B 422 22.13 31.54 123.24
C ALA B 422 22.97 32.56 122.48
N LYS B 423 24.28 32.31 122.37
CA LYS B 423 25.14 33.21 121.62
C LYS B 423 24.89 33.12 120.12
N ALA B 424 24.33 32.00 119.65
CA ALA B 424 23.96 31.89 118.24
C ALA B 424 22.77 32.79 117.92
N ILE B 425 21.85 32.95 118.87
CA ILE B 425 20.75 33.88 118.70
C ILE B 425 21.24 35.31 118.83
N ARG B 426 22.21 35.53 119.72
CA ARG B 426 22.80 36.86 119.87
C ARG B 426 23.50 37.32 118.60
N ASP B 427 24.14 36.38 117.89
CA ASP B 427 24.79 36.70 116.63
C ASP B 427 23.86 36.63 115.43
N GLY B 428 22.57 36.32 115.65
CA GLY B 428 21.64 36.21 114.56
C GLY B 428 21.87 35.04 113.64
N VAL B 429 22.56 34.00 114.13
CA VAL B 429 22.89 32.86 113.28
C VAL B 429 21.69 31.93 113.12
N ILE B 430 20.96 31.67 114.20
CA ILE B 430 19.90 30.67 114.20
C ILE B 430 18.60 31.33 114.67
N GLU B 431 17.48 30.92 114.07
CA GLU B 431 16.16 31.39 114.43
C GLU B 431 15.43 30.43 115.37
N ALA B 432 16.09 29.33 115.76
CA ALA B 432 15.41 28.24 116.46
C ALA B 432 14.88 28.67 117.82
N SER B 433 13.61 28.34 118.07
CA SER B 433 13.06 28.41 119.41
C SER B 433 13.47 27.19 120.20
N ILE B 434 13.49 27.31 121.52
CA ILE B 434 13.94 26.24 122.41
C ILE B 434 12.89 26.07 123.50
N ASN B 435 12.45 24.82 123.70
CA ASN B 435 11.50 24.49 124.76
C ASN B 435 12.28 23.77 125.87
N HIS B 436 12.47 24.45 127.00
CA HIS B 436 13.33 23.95 128.07
C HIS B 436 12.48 23.17 129.07
N GLU B 437 12.68 21.86 129.11
CA GLU B 437 12.20 21.02 130.20
C GLU B 437 13.35 20.15 130.67
N LYS B 438 13.77 19.22 129.80
CA LYS B 438 14.98 18.43 130.02
C LYS B 438 16.33 19.14 129.72
N GLY B 439 16.45 19.97 128.68
CA GLY B 439 15.43 20.30 127.70
C GLY B 439 15.62 19.78 126.29
N TYR B 440 14.92 20.42 125.35
CA TYR B 440 15.01 20.13 123.93
C TYR B 440 14.85 21.42 123.14
N VAL B 441 15.19 21.35 121.85
CA VAL B 441 15.08 22.51 120.97
C VAL B 441 14.09 22.19 119.86
N GLN B 442 13.04 23.00 119.76
CA GLN B 442 12.03 22.86 118.71
C GLN B 442 12.00 24.14 117.87
N SER B 443 12.44 24.03 116.63
CA SER B 443 12.46 25.16 115.70
C SER B 443 11.36 25.02 114.66
N LYS B 444 11.33 25.99 113.74
CA LYS B 444 10.33 26.02 112.68
C LYS B 444 10.95 26.69 111.46
N GLU B 445 10.32 26.45 110.31
CA GLU B 445 10.82 26.99 109.04
C GLU B 445 10.64 28.51 109.01
N MET B 446 11.71 29.22 108.66
CA MET B 446 11.65 30.66 108.49
C MET B 446 11.35 31.00 107.04
N ILE B 447 10.36 31.88 106.85
CA ILE B 447 9.87 32.23 105.52
C ILE B 447 9.47 33.70 105.50
N ASP B 448 8.77 34.11 104.45
CA ASP B 448 8.25 35.45 104.15
C ASP B 448 9.33 36.32 103.51
N ILE B 449 10.57 35.84 103.37
CA ILE B 449 11.56 36.56 102.58
C ILE B 449 11.04 36.75 101.15
N TYR B 450 10.42 35.70 100.61
CA TYR B 450 9.57 35.78 99.42
C TYR B 450 10.29 36.37 98.22
N SER B 451 9.61 37.27 97.50
CA SER B 451 10.08 37.78 96.22
C SER B 451 10.07 39.31 96.21
N THR B 452 8.90 39.90 96.43
CA THR B 452 8.73 41.34 96.37
C THR B 452 9.67 42.10 97.31
N ARG B 453 10.26 41.43 98.30
CA ARG B 453 11.08 42.10 99.30
C ARG B 453 12.57 42.12 98.92
N GLU B 454 13.27 40.99 99.04
CA GLU B 454 14.73 41.04 98.95
C GLU B 454 15.25 41.34 97.55
N PRO B 455 14.84 40.64 96.49
CA PRO B 455 15.44 40.91 95.17
C PRO B 455 15.31 42.35 94.68
N GLN B 456 14.15 42.98 94.82
CA GLN B 456 14.00 44.33 94.31
C GLN B 456 14.74 45.34 95.18
N LEU B 457 14.90 45.05 96.47
CA LEU B 457 15.66 45.93 97.34
C LEU B 457 17.15 45.79 97.09
N ALA B 458 17.60 44.58 96.76
CA ALA B 458 19.00 44.38 96.41
C ALA B 458 19.32 45.00 95.05
N PHE B 459 18.33 45.02 94.15
CA PHE B 459 18.54 45.60 92.83
C PHE B 459 18.80 47.10 92.88
N HIS B 460 18.50 47.75 94.00
CA HIS B 460 18.86 49.16 94.16
C HIS B 460 20.38 49.33 94.16
N GLN B 461 21.08 48.39 94.80
CA GLN B 461 22.54 48.43 94.79
C GLN B 461 23.10 47.88 93.49
N ARG B 462 22.37 47.00 92.81
CA ARG B 462 22.86 46.44 91.56
C ARG B 462 22.86 47.47 90.44
N ILE B 463 21.74 48.18 90.28
CA ILE B 463 21.66 49.19 89.22
C ILE B 463 22.53 50.40 89.54
N SER B 464 22.56 50.83 90.81
CA SER B 464 23.45 51.93 91.17
C SER B 464 24.90 51.54 90.93
N PHE B 465 25.22 50.25 91.02
CA PHE B 465 26.54 49.77 90.65
C PHE B 465 26.74 49.83 89.14
N CYS B 466 25.68 49.51 88.38
CA CYS B 466 25.81 49.44 86.93
C CYS B 466 25.78 50.83 86.29
N LEU B 467 24.94 51.74 86.81
CA LEU B 467 24.82 53.06 86.20
C LEU B 467 26.08 53.89 86.42
N ASP B 468 26.85 53.57 87.47
CA ASP B 468 28.13 54.25 87.67
C ASP B 468 29.15 53.81 86.63
N ILE B 469 29.09 52.55 86.22
CA ILE B 469 30.02 52.07 85.19
C ILE B 469 29.71 52.73 83.84
N HIS B 470 28.45 53.12 83.61
CA HIS B 470 28.13 53.92 82.43
C HIS B 470 28.94 55.21 82.42
N ASN B 471 29.11 55.82 83.59
CA ASN B 471 29.96 57.01 83.68
C ASN B 471 31.43 56.63 83.57
N MET B 472 31.81 55.47 84.10
CA MET B 472 33.18 55.01 84.00
C MET B 472 33.58 54.77 82.55
N SER B 473 32.63 54.30 81.73
CA SER B 473 32.92 54.10 80.32
C SER B 473 32.99 55.43 79.58
N VAL B 474 32.16 56.40 79.96
CA VAL B 474 32.19 57.71 79.32
C VAL B 474 33.48 58.44 79.68
N LYS B 475 33.86 58.41 80.96
CA LYS B 475 35.11 59.04 81.39
C LYS B 475 36.30 58.43 80.67
N ALA B 476 36.33 57.10 80.56
CA ALA B 476 37.40 56.44 79.81
C ALA B 476 37.32 56.73 78.32
N MET B 477 36.14 57.06 77.81
CA MET B 477 35.98 57.41 76.39
C MET B 477 36.43 58.84 76.11
N ARG B 478 36.42 59.71 77.12
CA ARG B 478 36.73 61.11 76.88
C ARG B 478 38.23 61.34 76.70
N PHE B 479 39.07 60.46 77.23
CA PHE B 479 40.52 60.65 77.05
C PHE B 479 40.94 60.50 75.60
N PRO B 480 40.54 59.44 74.86
CA PRO B 480 40.92 59.41 73.44
C PRO B 480 40.26 60.52 72.62
N MET C 1 -64.23 -7.50 22.71
CA MET C 1 -64.86 -6.57 21.79
C MET C 1 -66.03 -5.88 22.47
N ALA C 2 -66.32 -4.64 22.05
CA ALA C 2 -67.39 -3.84 22.63
C ALA C 2 -68.73 -4.56 22.59
N ASP C 3 -69.23 -4.83 21.38
CA ASP C 3 -70.54 -5.47 21.25
C ASP C 3 -70.54 -6.89 21.81
N GLY C 4 -69.40 -7.59 21.70
CA GLY C 4 -69.31 -8.94 22.25
C GLY C 4 -69.41 -8.96 23.77
N GLY C 5 -68.91 -7.90 24.42
CA GLY C 5 -68.99 -7.85 25.87
C GLY C 5 -70.35 -7.46 26.39
N SER C 6 -71.11 -6.69 25.60
CA SER C 6 -72.43 -6.25 26.03
C SER C 6 -73.47 -7.35 25.85
N GLU C 7 -73.32 -8.18 24.81
CA GLU C 7 -74.34 -9.19 24.53
C GLU C 7 -74.20 -10.40 25.45
N ARG C 8 -72.96 -10.77 25.80
CA ARG C 8 -72.75 -11.94 26.63
C ARG C 8 -72.96 -11.63 28.11
N ALA C 9 -72.52 -10.46 28.58
CA ALA C 9 -72.65 -10.13 29.99
C ALA C 9 -74.10 -9.86 30.34
N ASP C 10 -74.77 -9.01 29.56
CA ASP C 10 -76.16 -8.67 29.87
C ASP C 10 -77.08 -9.88 29.71
N GLY C 11 -76.67 -10.87 28.94
CA GLY C 11 -77.48 -12.08 28.80
C GLY C 11 -77.24 -13.07 29.92
N ARG C 12 -76.14 -12.92 30.65
CA ARG C 12 -75.80 -13.81 31.76
C ARG C 12 -76.23 -13.27 33.12
N ILE C 13 -76.82 -12.07 33.17
CA ILE C 13 -77.24 -11.52 34.46
C ILE C 13 -78.42 -12.29 35.01
N VAL C 14 -79.20 -12.94 34.13
CA VAL C 14 -80.34 -13.73 34.59
C VAL C 14 -79.86 -15.03 35.22
N LYS C 15 -78.72 -15.54 34.77
CA LYS C 15 -78.18 -16.80 35.29
C LYS C 15 -77.84 -16.72 36.77
N MET C 16 -77.46 -15.54 37.27
CA MET C 16 -77.11 -15.37 38.67
C MET C 16 -78.24 -15.76 39.60
N GLU C 17 -79.32 -14.99 39.61
CA GLU C 17 -80.40 -15.20 40.57
C GLU C 17 -81.29 -16.37 40.15
N VAL C 18 -81.70 -16.41 38.88
CA VAL C 18 -82.67 -17.41 38.44
C VAL C 18 -82.02 -18.78 38.36
N ASP C 19 -80.89 -18.89 37.68
CA ASP C 19 -80.24 -20.17 37.43
C ASP C 19 -79.28 -20.48 38.57
N TYR C 20 -78.65 -21.66 38.47
CA TYR C 20 -77.74 -22.13 39.50
C TYR C 20 -76.36 -21.52 39.29
N SER C 21 -75.44 -21.82 40.20
CA SER C 21 -74.07 -21.34 40.11
C SER C 21 -73.24 -22.08 39.07
N ALA C 22 -73.78 -23.15 38.48
CA ALA C 22 -73.03 -23.89 37.47
C ALA C 22 -72.77 -23.03 36.24
N THR C 23 -73.79 -22.29 35.80
CA THR C 23 -73.60 -21.37 34.67
C THR C 23 -72.70 -20.19 35.03
N VAL C 24 -72.61 -19.83 36.31
CA VAL C 24 -71.66 -18.80 36.72
C VAL C 24 -70.24 -19.27 36.49
N ASP C 25 -69.94 -20.54 36.79
CA ASP C 25 -68.65 -21.11 36.44
C ASP C 25 -68.53 -21.34 34.94
N GLN C 26 -69.62 -21.70 34.27
CA GLN C 26 -69.64 -21.81 32.82
C GLN C 26 -69.61 -20.45 32.14
N ARG C 27 -69.75 -19.36 32.88
CA ARG C 27 -69.64 -18.02 32.30
C ARG C 27 -68.18 -17.64 32.07
N LEU C 28 -67.25 -18.34 32.71
CA LEU C 28 -65.83 -18.02 32.61
C LEU C 28 -65.28 -18.11 31.19
N PRO C 29 -65.48 -19.19 30.42
CA PRO C 29 -64.79 -19.28 29.13
C PRO C 29 -65.19 -18.20 28.13
N GLU C 30 -66.48 -17.86 28.05
CA GLU C 30 -66.91 -16.86 27.08
C GLU C 30 -66.43 -15.47 27.45
N CYS C 31 -66.53 -15.12 28.74
CA CYS C 31 -66.07 -13.80 29.18
C CYS C 31 -64.56 -13.69 29.09
N ALA C 32 -63.84 -14.80 29.24
CA ALA C 32 -62.41 -14.79 29.06
C ALA C 32 -62.01 -14.54 27.61
N LYS C 33 -62.73 -15.14 26.65
CA LYS C 33 -62.44 -14.90 25.24
C LYS C 33 -62.64 -13.45 24.88
N LEU C 34 -63.57 -12.77 25.55
CA LEU C 34 -63.75 -11.33 25.33
C LEU C 34 -62.53 -10.55 25.80
N ALA C 35 -61.91 -10.98 26.91
CA ALA C 35 -60.73 -10.29 27.41
C ALA C 35 -59.46 -10.79 26.72
N LYS C 36 -59.54 -11.90 26.00
CA LYS C 36 -58.39 -12.37 25.23
C LYS C 36 -58.10 -11.45 24.06
N GLU C 37 -59.14 -10.86 23.48
CA GLU C 37 -58.96 -9.93 22.36
C GLU C 37 -58.33 -8.62 22.79
N GLY C 38 -58.86 -7.95 23.82
CA GLY C 38 -58.30 -6.70 24.28
C GLY C 38 -58.51 -5.55 23.30
N ARG C 39 -59.77 -5.36 22.87
CA ARG C 39 -60.05 -4.30 21.90
C ARG C 39 -60.05 -2.94 22.56
N LEU C 40 -60.18 -2.88 23.89
CA LEU C 40 -60.04 -1.67 24.71
C LEU C 40 -60.90 -0.51 24.13
N GLN C 41 -60.55 0.79 24.19
CA GLN C 41 -59.72 1.45 25.22
C GLN C 41 -60.30 1.28 26.63
N GLU C 42 -61.39 1.99 26.90
CA GLU C 42 -62.06 1.90 28.20
C GLU C 42 -63.28 1.00 28.19
N VAL C 43 -63.61 0.40 27.04
CA VAL C 43 -64.85 -0.35 26.94
C VAL C 43 -64.81 -1.62 27.79
N ILE C 44 -63.76 -2.43 27.64
CA ILE C 44 -63.66 -3.69 28.38
C ILE C 44 -63.61 -3.43 29.89
N GLU C 45 -63.05 -2.30 30.30
CA GLU C 45 -63.11 -1.91 31.70
C GLU C 45 -64.55 -1.85 32.18
N THR C 46 -65.44 -1.29 31.36
CA THR C 46 -66.86 -1.26 31.71
C THR C 46 -67.56 -2.57 31.38
N LEU C 47 -67.13 -3.26 30.32
CA LEU C 47 -67.74 -4.54 29.98
C LEU C 47 -67.53 -5.56 31.10
N LEU C 48 -66.27 -5.83 31.45
CA LEU C 48 -65.98 -6.82 32.47
C LEU C 48 -66.47 -6.42 33.86
N SER C 49 -66.75 -5.13 34.07
CA SER C 49 -67.38 -4.71 35.32
C SER C 49 -68.81 -5.22 35.45
N LEU C 50 -69.53 -5.40 34.34
CA LEU C 50 -70.88 -5.94 34.41
C LEU C 50 -70.86 -7.37 34.95
N GLU C 51 -69.86 -8.16 34.57
CA GLU C 51 -69.60 -9.41 35.27
C GLU C 51 -69.40 -9.15 36.75
N LYS C 52 -68.35 -8.39 37.08
CA LYS C 52 -68.03 -8.07 38.48
C LYS C 52 -69.19 -7.39 39.21
N GLN C 53 -70.15 -6.82 38.48
CA GLN C 53 -71.32 -6.22 39.11
C GLN C 53 -72.23 -7.32 39.63
N THR C 54 -72.77 -8.13 38.72
CA THR C 54 -73.56 -9.29 39.12
C THR C 54 -72.73 -10.30 39.92
N ARG C 55 -71.41 -10.31 39.75
CA ARG C 55 -70.57 -11.17 40.56
C ARG C 55 -70.56 -10.71 42.02
N THR C 56 -70.62 -9.40 42.25
CA THR C 56 -70.84 -8.88 43.59
C THR C 56 -72.31 -9.00 44.01
N ALA C 57 -73.23 -9.03 43.04
CA ALA C 57 -74.61 -9.39 43.35
C ALA C 57 -74.72 -10.84 43.77
N SER C 58 -73.85 -11.71 43.24
CA SER C 58 -73.72 -13.08 43.73
C SER C 58 -73.01 -13.15 45.07
N ASP C 59 -72.18 -12.16 45.40
CA ASP C 59 -71.59 -12.11 46.74
C ASP C 59 -72.65 -12.00 47.80
N MET C 60 -73.74 -11.28 47.53
CA MET C 60 -74.89 -11.29 48.42
C MET C 60 -75.44 -12.70 48.55
N VAL C 61 -75.69 -13.36 47.42
CA VAL C 61 -76.12 -14.75 47.38
C VAL C 61 -75.07 -15.67 48.00
N SER C 62 -73.92 -15.80 47.34
CA SER C 62 -72.99 -16.89 47.65
C SER C 62 -72.31 -16.69 49.00
N THR C 63 -71.67 -15.53 49.21
CA THR C 63 -70.83 -15.34 50.39
C THR C 63 -71.62 -15.44 51.70
N SER C 64 -72.89 -15.03 51.70
CA SER C 64 -73.75 -15.32 52.85
C SER C 64 -73.78 -16.81 53.13
N ARG C 65 -74.28 -17.59 52.17
CA ARG C 65 -74.33 -19.05 52.24
C ARG C 65 -74.90 -19.53 50.91
N ILE C 66 -74.66 -20.78 50.51
CA ILE C 66 -73.83 -21.76 51.20
C ILE C 66 -72.48 -21.95 50.49
N LEU C 67 -71.31 -21.83 51.14
CA LEU C 67 -71.03 -21.42 52.52
C LEU C 67 -69.50 -21.51 52.66
N VAL C 68 -68.97 -21.13 53.83
CA VAL C 68 -67.61 -21.51 54.25
C VAL C 68 -66.57 -20.73 53.44
N ALA C 69 -67.03 -19.89 52.50
CA ALA C 69 -66.23 -19.01 51.65
C ALA C 69 -65.53 -19.77 50.53
N VAL C 70 -65.70 -21.09 50.42
CA VAL C 70 -65.09 -21.85 49.33
C VAL C 70 -65.47 -21.26 47.98
N VAL C 71 -66.65 -20.63 47.90
CA VAL C 71 -67.02 -19.95 46.67
C VAL C 71 -66.17 -18.69 46.47
N LYS C 72 -65.64 -18.10 47.54
CA LYS C 72 -64.86 -16.89 47.41
C LYS C 72 -63.45 -17.19 46.93
N MET C 73 -62.85 -18.29 47.41
CA MET C 73 -61.55 -18.69 46.88
C MET C 73 -61.65 -19.14 45.43
N CYS C 74 -62.86 -19.52 44.99
CA CYS C 74 -63.09 -19.74 43.56
C CYS C 74 -63.21 -18.43 42.81
N TYR C 75 -63.58 -17.35 43.51
CA TYR C 75 -63.62 -16.04 42.87
C TYR C 75 -62.21 -15.52 42.57
N GLU C 76 -61.30 -15.62 43.54
CA GLU C 76 -59.91 -15.22 43.27
C GLU C 76 -59.25 -16.15 42.26
N ALA C 77 -59.79 -17.37 42.09
CA ALA C 77 -59.31 -18.24 41.03
C ALA C 77 -59.55 -17.63 39.66
N LYS C 78 -60.73 -17.05 39.45
CA LYS C 78 -61.04 -16.37 38.20
C LYS C 78 -60.79 -14.87 38.27
N GLU C 79 -60.39 -14.34 39.44
CA GLU C 79 -59.82 -13.00 39.49
C GLU C 79 -58.39 -13.01 38.96
N TRP C 80 -57.60 -13.99 39.39
CA TRP C 80 -56.28 -14.18 38.82
C TRP C 80 -56.37 -14.63 37.37
N ASP C 81 -57.39 -15.42 37.04
CA ASP C 81 -57.55 -15.90 35.67
C ASP C 81 -57.94 -14.76 34.73
N LEU C 82 -58.80 -13.85 35.20
CA LEU C 82 -59.23 -12.73 34.38
C LEU C 82 -58.06 -11.86 33.97
N LEU C 83 -57.00 -11.79 34.78
CA LEU C 83 -55.80 -11.04 34.44
C LEU C 83 -54.76 -11.87 33.72
N ASN C 84 -54.99 -13.19 33.58
CA ASN C 84 -53.99 -14.05 32.95
C ASN C 84 -53.94 -13.88 31.44
N GLU C 85 -55.10 -13.92 30.78
CA GLU C 85 -55.13 -14.06 29.33
C GLU C 85 -55.21 -12.74 28.57
N ASN C 86 -55.28 -11.60 29.26
CA ASN C 86 -55.57 -10.35 28.56
C ASN C 86 -54.39 -9.72 27.78
N ILE C 87 -53.20 -9.53 28.35
CA ILE C 87 -52.83 -9.75 29.75
C ILE C 87 -53.10 -8.46 30.51
N MET C 88 -53.48 -7.43 29.74
CA MET C 88 -53.81 -6.08 30.18
C MET C 88 -52.57 -5.26 30.54
N LEU C 89 -51.44 -5.92 30.77
CA LEU C 89 -50.15 -5.25 30.99
C LEU C 89 -50.24 -4.06 31.96
N LEU C 90 -50.96 -4.24 33.06
CA LEU C 90 -51.17 -3.17 34.05
C LEU C 90 -51.82 -1.95 33.39
N SER C 91 -52.94 -2.19 32.72
CA SER C 91 -53.56 -1.22 31.82
C SER C 91 -54.83 -1.84 31.22
N LYS C 92 -55.62 -1.08 30.45
CA LYS C 92 -55.62 0.38 30.41
C LYS C 92 -56.49 1.11 31.47
N ARG C 93 -57.74 0.74 31.80
CA ARG C 93 -58.61 -0.45 31.52
C ARG C 93 -58.26 -1.59 32.48
N ARG C 94 -57.25 -1.38 33.33
CA ARG C 94 -57.11 -2.23 34.51
C ARG C 94 -57.97 -1.75 35.66
N SER C 95 -58.59 -0.57 35.53
CA SER C 95 -59.48 -0.05 36.56
C SER C 95 -60.71 -0.93 36.76
N GLN C 96 -60.97 -1.88 35.86
CA GLN C 96 -62.05 -2.83 36.08
C GLN C 96 -61.82 -3.65 37.34
N LEU C 97 -60.55 -3.86 37.72
CA LEU C 97 -60.21 -4.54 38.95
C LEU C 97 -60.32 -3.63 40.18
N LYS C 98 -59.96 -2.35 40.06
CA LYS C 98 -60.05 -1.45 41.21
C LYS C 98 -61.46 -1.38 41.77
N GLN C 99 -62.42 -0.85 40.99
CA GLN C 99 -63.79 -0.75 41.46
C GLN C 99 -64.35 -2.11 41.86
N ALA C 100 -63.92 -3.18 41.19
CA ALA C 100 -64.24 -4.54 41.64
C ALA C 100 -63.73 -4.76 43.05
N VAL C 101 -62.41 -4.73 43.22
CA VAL C 101 -61.79 -4.95 44.53
C VAL C 101 -62.32 -3.95 45.54
N ALA C 102 -62.48 -2.68 45.14
CA ALA C 102 -63.04 -1.69 46.06
C ALA C 102 -64.45 -2.07 46.49
N LYS C 103 -65.23 -2.64 45.57
CA LYS C 103 -66.54 -3.18 45.94
C LYS C 103 -66.43 -4.55 46.61
N MET C 104 -65.37 -5.31 46.31
CA MET C 104 -65.13 -6.56 47.02
C MET C 104 -64.81 -6.29 48.48
N VAL C 105 -63.88 -5.37 48.76
CA VAL C 105 -63.57 -5.01 50.14
C VAL C 105 -64.70 -4.22 50.79
N GLN C 106 -65.57 -3.59 50.00
CA GLN C 106 -66.78 -2.99 50.56
C GLN C 106 -67.69 -4.06 51.13
N GLN C 107 -67.77 -5.21 50.45
CA GLN C 107 -68.47 -6.36 51.01
C GLN C 107 -67.75 -6.90 52.23
N CYS C 108 -66.41 -6.93 52.19
CA CYS C 108 -65.64 -7.37 53.35
C CYS C 108 -65.86 -6.45 54.54
N CYS C 109 -66.07 -5.15 54.27
CA CYS C 109 -66.45 -4.24 55.33
C CYS C 109 -67.79 -4.61 55.95
N THR C 110 -68.72 -5.13 55.15
CA THR C 110 -69.98 -5.62 55.70
C THR C 110 -69.86 -7.01 56.28
N TYR C 111 -68.89 -7.81 55.81
CA TYR C 111 -68.76 -9.18 56.30
C TYR C 111 -68.24 -9.24 57.72
N VAL C 112 -67.31 -8.35 58.08
CA VAL C 112 -66.69 -8.42 59.41
C VAL C 112 -67.72 -8.21 60.51
N GLU C 113 -68.68 -7.30 60.27
CA GLU C 113 -69.75 -7.09 61.24
C GLU C 113 -70.85 -8.14 61.13
N GLU C 114 -71.09 -8.64 59.91
CA GLU C 114 -72.17 -9.60 59.70
C GLU C 114 -71.77 -11.01 60.11
N ILE C 115 -70.54 -11.42 59.78
CA ILE C 115 -70.09 -12.77 60.02
C ILE C 115 -68.82 -12.73 60.87
N THR C 116 -68.48 -13.88 61.45
CA THR C 116 -67.31 -13.99 62.30
C THR C 116 -66.03 -13.79 61.51
N ASP C 117 -64.95 -13.50 62.23
CA ASP C 117 -63.68 -13.14 61.60
C ASP C 117 -62.98 -14.32 60.94
N LEU C 118 -63.45 -15.55 61.13
CA LEU C 118 -62.75 -16.70 60.56
C LEU C 118 -62.82 -16.74 59.03
N PRO C 119 -63.99 -16.68 58.39
CA PRO C 119 -63.99 -16.75 56.92
C PRO C 119 -63.44 -15.49 56.25
N ILE C 120 -63.52 -14.33 56.90
CA ILE C 120 -63.06 -13.11 56.24
C ILE C 120 -61.53 -13.03 56.20
N LYS C 121 -60.83 -13.56 57.20
CA LYS C 121 -59.39 -13.57 57.18
C LYS C 121 -58.83 -14.55 56.13
N LEU C 122 -59.58 -15.61 55.82
CA LEU C 122 -59.23 -16.43 54.66
C LEU C 122 -59.59 -15.72 53.36
N ARG C 123 -60.56 -14.81 53.43
CA ARG C 123 -60.82 -13.91 52.31
C ARG C 123 -59.81 -12.79 52.26
N LEU C 124 -59.33 -12.33 53.42
CA LEU C 124 -58.35 -11.26 53.46
C LEU C 124 -56.95 -11.76 53.12
N ILE C 125 -56.64 -13.03 53.39
CA ILE C 125 -55.32 -13.54 53.04
C ILE C 125 -55.18 -13.67 51.52
N ASP C 126 -56.30 -13.79 50.80
CA ASP C 126 -56.25 -13.91 49.36
C ASP C 126 -56.03 -12.55 48.71
N THR C 127 -56.66 -11.50 49.24
CA THR C 127 -56.52 -10.17 48.68
C THR C 127 -55.20 -9.50 49.04
N LEU C 128 -54.44 -10.07 50.00
CA LEU C 128 -53.10 -9.55 50.26
C LEU C 128 -52.19 -9.73 49.05
N ARG C 129 -52.32 -10.85 48.34
CA ARG C 129 -51.58 -11.05 47.11
C ARG C 129 -52.20 -10.27 45.96
N MET C 130 -53.49 -9.97 46.05
CA MET C 130 -54.14 -9.16 45.02
C MET C 130 -53.63 -7.72 45.04
N VAL C 131 -53.25 -7.22 46.21
CA VAL C 131 -52.67 -5.89 46.29
C VAL C 131 -51.24 -5.89 45.75
N THR C 132 -50.47 -6.93 46.05
CA THR C 132 -49.12 -7.04 45.48
C THR C 132 -49.19 -7.06 43.96
N GLU C 133 -50.23 -7.69 43.39
CA GLU C 133 -50.48 -7.61 41.97
C GLU C 133 -51.15 -6.30 41.58
N GLY C 134 -51.87 -5.67 42.51
CA GLY C 134 -52.53 -4.41 42.25
C GLY C 134 -51.65 -3.21 42.51
N LYS C 135 -50.35 -3.43 42.58
CA LYS C 135 -49.40 -2.36 42.83
C LYS C 135 -50.09 -1.14 43.42
N ILE C 136 -49.61 0.05 43.06
CA ILE C 136 -50.19 1.30 43.55
C ILE C 136 -50.74 2.14 42.41
N TYR C 137 -52.02 1.96 42.11
CA TYR C 137 -52.67 2.71 41.04
C TYR C 137 -53.90 3.46 41.55
N VAL C 138 -53.80 4.79 41.56
CA VAL C 138 -54.89 5.65 42.02
C VAL C 138 -55.43 5.22 43.39
N GLU C 139 -56.52 4.46 43.38
CA GLU C 139 -57.14 3.99 44.60
C GLU C 139 -57.02 2.47 44.74
N ILE C 140 -55.81 1.96 44.59
CA ILE C 140 -55.56 0.52 44.69
C ILE C 140 -54.68 0.19 45.88
N GLU C 141 -53.82 1.12 46.25
CA GLU C 141 -52.91 0.94 47.38
C GLU C 141 -53.60 1.29 48.70
N ARG C 142 -54.60 2.17 48.62
CA ARG C 142 -55.34 2.59 49.80
C ARG C 142 -56.20 1.46 50.35
N ALA C 143 -56.70 0.61 49.45
CA ALA C 143 -57.54 -0.51 49.84
C ALA C 143 -56.85 -1.38 50.88
N ARG C 144 -55.52 -1.42 50.83
CA ARG C 144 -54.73 -2.21 51.78
C ARG C 144 -54.85 -1.64 53.18
N LEU C 145 -54.92 -0.31 53.29
CA LEU C 145 -54.89 0.34 54.60
C LEU C 145 -56.19 0.10 55.36
N THR C 146 -57.31 0.06 54.65
CA THR C 146 -58.60 -0.10 55.32
C THR C 146 -58.86 -1.54 55.75
N LYS C 147 -58.31 -2.52 55.03
CA LYS C 147 -58.51 -3.91 55.42
C LYS C 147 -57.58 -4.32 56.55
N THR C 148 -56.35 -3.78 56.56
CA THR C 148 -55.41 -4.15 57.62
C THR C 148 -55.74 -3.45 58.94
N LEU C 149 -56.48 -2.35 58.90
CA LEU C 149 -56.98 -1.74 60.12
C LEU C 149 -58.10 -2.57 60.72
N ALA C 150 -58.86 -3.25 59.86
CA ALA C 150 -59.90 -4.16 60.33
C ALA C 150 -59.28 -5.39 60.98
N THR C 151 -58.14 -5.87 60.47
CA THR C 151 -57.49 -7.03 61.05
C THR C 151 -56.98 -6.73 62.45
N ILE C 152 -56.62 -5.48 62.72
CA ILE C 152 -56.13 -5.11 64.04
C ILE C 152 -57.27 -5.08 65.04
N LYS C 153 -58.41 -4.52 64.64
CA LYS C 153 -59.54 -4.37 65.56
C LYS C 153 -60.19 -5.71 65.89
N GLU C 154 -59.91 -6.76 65.13
CA GLU C 154 -60.45 -8.09 65.44
C GLU C 154 -60.02 -8.53 66.84
N GLN C 155 -58.72 -8.76 67.01
CA GLN C 155 -58.16 -9.20 68.29
C GLN C 155 -57.71 -8.02 69.16
N ASN C 156 -57.96 -6.78 68.73
CA ASN C 156 -57.60 -5.53 69.37
C ASN C 156 -56.11 -5.23 69.26
N GLY C 157 -55.31 -6.14 68.70
CA GLY C 157 -53.92 -5.87 68.43
C GLY C 157 -52.99 -6.52 69.45
N ASP C 158 -51.79 -6.83 68.99
CA ASP C 158 -50.73 -7.36 69.84
C ASP C 158 -49.39 -6.90 69.29
N VAL C 159 -48.31 -7.47 69.81
CA VAL C 159 -46.97 -7.08 69.38
C VAL C 159 -46.74 -7.43 67.92
N LYS C 160 -47.24 -8.59 67.48
CA LYS C 160 -47.00 -9.03 66.10
C LYS C 160 -47.78 -8.19 65.09
N GLU C 161 -49.08 -7.97 65.34
CA GLU C 161 -49.88 -7.18 64.41
C GLU C 161 -49.47 -5.72 64.42
N ALA C 162 -48.96 -5.23 65.56
CA ALA C 162 -48.42 -3.87 65.59
C ALA C 162 -47.13 -3.77 64.79
N ALA C 163 -46.38 -4.87 64.67
CA ALA C 163 -45.22 -4.90 63.81
C ALA C 163 -45.59 -5.11 62.34
N SER C 164 -46.70 -5.78 62.07
CA SER C 164 -47.10 -6.02 60.68
C SER C 164 -47.57 -4.74 60.01
N ILE C 165 -48.14 -3.81 60.78
CA ILE C 165 -48.58 -2.54 60.19
C ILE C 165 -47.39 -1.62 59.96
N LEU C 166 -46.29 -1.82 60.68
CA LEU C 166 -45.10 -0.98 60.52
C LEU C 166 -44.56 -1.06 59.09
N GLN C 167 -44.41 -2.28 58.57
CA GLN C 167 -43.92 -2.43 57.21
C GLN C 167 -44.94 -1.92 56.19
N GLU C 168 -46.22 -1.97 56.55
CA GLU C 168 -47.28 -1.46 55.68
C GLU C 168 -47.31 0.06 55.61
N LEU C 169 -46.75 0.75 56.59
CA LEU C 169 -46.70 2.21 56.59
C LEU C 169 -45.98 2.76 55.36
N GLN C 170 -44.68 2.45 55.25
CA GLN C 170 -43.83 3.05 54.23
C GLN C 170 -44.11 2.55 52.82
N VAL C 171 -45.02 1.59 52.65
CA VAL C 171 -45.32 1.09 51.30
C VAL C 171 -45.96 2.19 50.46
N GLU C 172 -46.84 2.99 51.05
CA GLU C 172 -47.56 4.03 50.33
C GLU C 172 -46.83 5.37 50.33
N THR C 173 -45.61 5.44 50.86
CA THR C 173 -44.85 6.69 50.83
C THR C 173 -44.64 7.18 49.40
N TYR C 174 -43.86 6.45 48.61
CA TYR C 174 -43.56 6.85 47.24
C TYR C 174 -44.59 6.35 46.24
N GLY C 175 -45.47 5.42 46.63
CA GLY C 175 -46.47 4.90 45.72
C GLY C 175 -47.51 5.93 45.33
N SER C 176 -48.17 6.53 46.32
CA SER C 176 -49.16 7.57 46.08
C SER C 176 -49.17 8.53 47.25
N MET C 177 -49.38 9.81 46.96
CA MET C 177 -49.28 10.86 47.98
C MET C 177 -50.67 11.33 48.38
N GLU C 178 -50.92 11.33 49.69
CA GLU C 178 -52.17 11.83 50.25
C GLU C 178 -51.84 12.58 51.53
N LYS C 179 -52.37 13.80 51.65
CA LYS C 179 -51.96 14.72 52.70
C LYS C 179 -52.73 14.57 54.01
N LYS C 180 -53.85 13.84 54.01
CA LYS C 180 -54.66 13.77 55.22
C LYS C 180 -54.97 12.33 55.63
N GLU C 181 -55.70 11.59 54.79
CA GLU C 181 -56.10 10.23 55.14
C GLU C 181 -54.91 9.32 55.39
N ARG C 182 -53.83 9.50 54.63
CA ARG C 182 -52.62 8.71 54.86
C ARG C 182 -52.03 8.99 56.24
N VAL C 183 -52.11 10.24 56.69
CA VAL C 183 -51.60 10.58 58.02
C VAL C 183 -52.46 9.92 59.10
N GLU C 184 -53.74 9.72 58.83
CA GLU C 184 -54.62 9.06 59.80
C GLU C 184 -54.21 7.60 60.01
N PHE C 185 -53.66 6.97 58.98
CA PHE C 185 -53.23 5.58 59.10
C PHE C 185 -51.87 5.48 59.79
N ILE C 186 -50.98 6.46 59.55
CA ILE C 186 -49.64 6.42 60.12
C ILE C 186 -49.61 6.86 61.58
N LEU C 187 -50.70 7.42 62.10
CA LEU C 187 -50.81 7.74 63.51
C LEU C 187 -51.45 6.61 64.32
N GLU C 188 -51.96 5.58 63.67
CA GLU C 188 -52.72 4.54 64.36
C GLU C 188 -51.80 3.54 65.06
N GLN C 189 -50.61 3.29 64.50
CA GLN C 189 -49.74 2.26 65.08
C GLN C 189 -48.96 2.79 66.27
N MET C 190 -48.79 4.11 66.39
CA MET C 190 -48.00 4.64 67.49
C MET C 190 -48.73 4.50 68.82
N ARG C 191 -50.06 4.59 68.81
CA ARG C 191 -50.82 4.30 70.02
C ARG C 191 -50.93 2.80 70.28
N LEU C 192 -50.74 1.97 69.25
CA LEU C 192 -50.65 0.54 69.47
C LEU C 192 -49.27 0.14 70.00
N CYS C 193 -48.22 0.83 69.56
CA CYS C 193 -46.87 0.60 70.05
C CYS C 193 -46.72 0.93 71.53
N LEU C 194 -47.64 1.70 72.11
CA LEU C 194 -47.62 1.92 73.55
C LEU C 194 -47.85 0.62 74.32
N ALA C 195 -48.62 -0.31 73.73
CA ALA C 195 -48.77 -1.63 74.33
C ALA C 195 -47.54 -2.49 74.12
N VAL C 196 -46.80 -2.26 73.04
CA VAL C 196 -45.54 -2.95 72.82
C VAL C 196 -44.50 -2.52 73.84
N LYS C 197 -44.68 -1.35 74.44
CA LYS C 197 -43.90 -0.84 75.57
C LYS C 197 -42.51 -0.39 75.14
N ASP C 198 -42.11 -0.71 73.91
CA ASP C 198 -40.81 -0.28 73.40
C ASP C 198 -40.88 1.21 73.04
N TYR C 199 -40.03 2.01 73.67
CA TYR C 199 -40.10 3.46 73.47
C TYR C 199 -39.40 3.87 72.18
N ILE C 200 -38.24 3.28 71.89
CA ILE C 200 -37.48 3.67 70.72
C ILE C 200 -38.21 3.28 69.44
N ARG C 201 -38.93 2.17 69.46
CA ARG C 201 -39.69 1.74 68.29
C ARG C 201 -40.81 2.72 67.97
N THR C 202 -41.40 3.31 69.01
CA THR C 202 -42.48 4.26 68.78
C THR C 202 -41.96 5.64 68.39
N GLN C 203 -40.70 5.95 68.67
CA GLN C 203 -40.10 7.21 68.27
C GLN C 203 -39.45 7.14 66.90
N ILE C 204 -39.26 5.94 66.34
CA ILE C 204 -38.77 5.83 64.97
C ILE C 204 -39.90 6.13 63.99
N ILE C 205 -41.08 5.57 64.23
CA ILE C 205 -42.24 5.95 63.43
C ILE C 205 -42.63 7.40 63.69
N SER C 206 -42.32 7.92 64.87
CA SER C 206 -42.50 9.34 65.12
C SER C 206 -41.49 10.17 64.34
N LYS C 207 -40.29 9.62 64.12
CA LYS C 207 -39.34 10.26 63.23
C LYS C 207 -39.83 10.26 61.79
N LYS C 208 -40.68 9.30 61.42
CA LYS C 208 -41.32 9.29 60.12
C LYS C 208 -42.49 10.26 60.05
N ILE C 209 -42.91 10.83 61.17
CA ILE C 209 -43.98 11.82 61.17
C ILE C 209 -43.45 13.19 60.75
N ASN C 210 -42.25 13.56 61.18
CA ASN C 210 -41.74 14.90 60.91
C ASN C 210 -41.47 15.14 59.44
N THR C 211 -41.28 14.09 58.64
CA THR C 211 -41.16 14.28 57.20
C THR C 211 -42.52 14.50 56.55
N LYS C 212 -43.60 14.14 57.24
CA LYS C 212 -44.94 14.48 56.77
C LYS C 212 -45.31 15.92 57.11
N PHE C 213 -44.58 16.55 58.03
CA PHE C 213 -44.75 17.97 58.34
C PHE C 213 -44.39 18.79 57.11
N PHE C 214 -44.96 20.00 56.97
CA PHE C 214 -45.78 20.67 57.98
C PHE C 214 -47.22 20.15 58.01
N GLN C 215 -47.65 19.68 59.19
CA GLN C 215 -48.93 19.03 59.33
C GLN C 215 -50.11 19.97 59.15
N GLU C 216 -49.94 21.25 59.45
CA GLU C 216 -51.01 22.22 59.30
C GLU C 216 -51.12 22.62 57.82
N GLU C 217 -51.94 23.66 57.56
CA GLU C 217 -52.25 24.17 56.23
C GLU C 217 -53.27 23.25 55.54
N ASN C 218 -53.42 22.04 56.08
CA ASN C 218 -54.53 21.16 55.72
C ASN C 218 -55.74 21.54 56.58
N THR C 219 -56.77 20.69 56.59
CA THR C 219 -57.87 20.86 57.53
C THR C 219 -57.29 20.98 58.94
N GLU C 220 -57.66 21.98 59.74
CA GLU C 220 -58.77 22.93 59.59
C GLU C 220 -60.18 22.30 59.41
N LYS C 221 -60.61 21.48 60.36
CA LYS C 221 -59.82 21.16 61.55
C LYS C 221 -59.69 19.66 61.75
N LEU C 222 -58.49 19.15 61.51
CA LEU C 222 -58.15 17.75 61.75
C LEU C 222 -56.81 17.66 62.47
N LYS C 223 -55.74 18.07 61.77
CA LYS C 223 -54.40 18.00 62.32
C LYS C 223 -54.24 18.85 63.58
N LEU C 224 -55.06 19.88 63.75
CA LEU C 224 -55.07 20.61 65.02
C LEU C 224 -55.53 19.72 66.16
N LYS C 225 -56.55 18.88 65.91
CA LYS C 225 -56.97 17.90 66.90
C LYS C 225 -56.03 16.69 66.93
N TYR C 226 -55.29 16.45 65.85
CA TYR C 226 -54.29 15.39 65.85
C TYR C 226 -53.20 15.62 66.89
N TYR C 227 -52.97 16.88 67.29
CA TYR C 227 -51.99 17.15 68.33
C TYR C 227 -52.28 16.33 69.59
N ASN C 228 -53.53 16.29 70.03
CA ASN C 228 -53.90 15.50 71.20
C ASN C 228 -53.47 14.05 71.04
N LEU C 229 -53.52 13.53 69.81
CA LEU C 229 -52.98 12.20 69.55
C LEU C 229 -51.46 12.22 69.44
N MET C 230 -50.89 13.31 68.91
CA MET C 230 -49.45 13.39 68.75
C MET C 230 -48.76 13.67 70.08
N ILE C 231 -49.33 14.58 70.87
CA ILE C 231 -48.69 14.96 72.14
C ILE C 231 -48.85 13.88 73.20
N GLN C 232 -49.82 12.97 73.05
CA GLN C 232 -50.00 11.91 74.03
C GLN C 232 -48.80 10.97 74.03
N LEU C 233 -48.12 10.85 72.89
CA LEU C 233 -46.91 10.03 72.83
C LEU C 233 -45.77 10.69 73.59
N ASP C 234 -45.49 11.96 73.30
CA ASP C 234 -44.42 12.69 73.96
C ASP C 234 -44.79 13.13 75.37
N GLN C 235 -46.04 12.97 75.79
CA GLN C 235 -46.42 13.33 77.15
C GLN C 235 -45.85 12.33 78.15
N HIS C 236 -46.10 11.04 77.93
CA HIS C 236 -45.70 9.98 78.85
C HIS C 236 -44.19 9.92 79.06
N GLU C 237 -43.44 9.48 78.05
CA GLU C 237 -42.01 9.25 78.18
C GLU C 237 -41.17 10.41 77.66
N GLY C 238 -41.79 11.50 77.22
CA GLY C 238 -41.01 12.59 76.66
C GLY C 238 -40.04 13.17 77.69
N SER C 239 -38.87 13.59 77.20
CA SER C 239 -37.86 14.15 78.08
C SER C 239 -38.32 15.49 78.63
N TYR C 240 -37.70 15.90 79.75
CA TYR C 240 -38.09 17.13 80.40
C TYR C 240 -37.71 18.35 79.57
N LEU C 241 -36.54 18.31 78.93
CA LEU C 241 -36.13 19.41 78.06
C LEU C 241 -36.81 19.32 76.70
N SER C 242 -37.15 18.11 76.26
CA SER C 242 -37.78 17.91 74.96
C SER C 242 -39.21 18.43 74.91
N ILE C 243 -39.90 18.51 76.04
CA ILE C 243 -41.28 18.99 76.08
C ILE C 243 -41.38 20.50 76.22
N CYS C 244 -40.25 21.20 76.28
CA CYS C 244 -40.25 22.66 76.33
C CYS C 244 -40.94 23.22 75.10
N LYS C 245 -40.32 23.06 73.92
CA LYS C 245 -40.93 23.52 72.68
C LYS C 245 -42.12 22.66 72.28
N HIS C 246 -42.25 21.46 72.82
CA HIS C 246 -43.37 20.59 72.49
C HIS C 246 -44.64 20.96 73.22
N TYR C 247 -44.55 21.47 74.46
CA TYR C 247 -45.76 21.92 75.14
C TYR C 247 -46.27 23.23 74.55
N ARG C 248 -45.48 23.87 73.68
CA ARG C 248 -46.02 24.95 72.88
C ARG C 248 -46.94 24.42 71.79
N ALA C 249 -46.72 23.17 71.36
CA ALA C 249 -47.61 22.54 70.40
C ALA C 249 -48.89 22.01 71.05
N ILE C 250 -48.83 21.66 72.34
CA ILE C 250 -50.04 21.20 73.01
C ILE C 250 -50.99 22.37 73.27
N TYR C 251 -50.46 23.60 73.17
CA TYR C 251 -51.27 24.79 73.35
C TYR C 251 -51.84 25.31 72.03
N ASP C 252 -51.41 24.73 70.90
CA ASP C 252 -51.87 25.21 69.60
C ASP C 252 -53.36 24.96 69.40
N THR C 253 -53.83 23.77 69.75
CA THR C 253 -55.24 23.44 69.61
C THR C 253 -56.09 24.26 70.60
N PRO C 254 -55.69 24.41 71.88
CA PRO C 254 -56.43 25.33 72.75
C PRO C 254 -56.33 26.78 72.29
N CYS C 255 -55.33 27.14 71.49
CA CYS C 255 -55.27 28.50 70.97
C CYS C 255 -56.44 28.81 70.05
N ILE C 256 -56.91 27.82 69.28
CA ILE C 256 -58.13 28.01 68.50
C ILE C 256 -59.34 28.06 69.42
N GLN C 257 -59.33 27.29 70.50
CA GLN C 257 -60.36 27.35 71.53
C GLN C 257 -60.39 28.76 72.15
N ALA C 258 -61.54 29.33 72.56
CA ALA C 258 -62.89 28.75 72.65
C ALA C 258 -62.97 27.58 73.64
N GLU C 259 -62.30 27.74 74.77
CA GLU C 259 -62.41 26.81 75.89
C GLU C 259 -61.98 27.54 77.16
N SER C 260 -62.42 27.02 78.30
CA SER C 260 -62.09 27.59 79.60
C SER C 260 -61.22 26.64 80.42
N GLU C 261 -61.79 25.51 80.88
CA GLU C 261 -61.03 24.62 81.75
C GLU C 261 -59.91 23.92 80.99
N LYS C 262 -60.22 23.30 79.85
CA LYS C 262 -59.19 22.58 79.10
C LYS C 262 -58.20 23.55 78.47
N TRP C 263 -58.60 24.80 78.25
CA TRP C 263 -57.69 25.79 77.72
C TRP C 263 -56.77 26.35 78.80
N GLN C 264 -57.31 26.60 80.00
CA GLN C 264 -56.50 27.19 81.06
C GLN C 264 -55.46 26.21 81.57
N GLN C 265 -55.78 24.91 81.59
CA GLN C 265 -54.80 23.91 81.99
C GLN C 265 -53.63 23.81 81.02
N ALA C 266 -53.83 24.25 79.77
CA ALA C 266 -52.71 24.30 78.83
C ALA C 266 -51.70 25.38 79.21
N LEU C 267 -52.18 26.47 79.82
CA LEU C 267 -51.27 27.50 80.30
C LEU C 267 -50.47 27.02 81.50
N LYS C 268 -51.10 26.24 82.38
CA LYS C 268 -50.39 25.66 83.51
C LYS C 268 -49.46 24.54 83.09
N SER C 269 -49.87 23.73 82.12
CA SER C 269 -49.02 22.62 81.68
C SER C 269 -47.80 23.13 80.92
N VAL C 270 -47.97 24.25 80.19
CA VAL C 270 -46.85 24.82 79.45
C VAL C 270 -45.94 25.67 80.32
N VAL C 271 -46.39 26.09 81.50
CA VAL C 271 -45.54 26.84 82.41
C VAL C 271 -44.83 25.93 83.42
N LEU C 272 -45.20 24.66 83.50
CA LEU C 272 -44.68 23.76 84.52
C LEU C 272 -43.51 22.91 84.05
N TYR C 273 -43.11 22.99 82.78
CA TYR C 273 -41.90 22.26 82.39
C TYR C 273 -40.63 23.01 82.75
N VAL C 274 -40.75 24.25 83.22
CA VAL C 274 -39.58 25.01 83.64
C VAL C 274 -38.91 24.33 84.83
N ILE C 275 -39.72 23.83 85.77
CA ILE C 275 -39.20 23.03 86.87
C ILE C 275 -38.69 21.69 86.35
N LEU C 276 -39.37 21.12 85.35
CA LEU C 276 -38.95 19.83 84.81
C LEU C 276 -37.66 19.95 84.03
N ALA C 277 -37.57 20.93 83.13
CA ALA C 277 -36.41 21.04 82.27
C ALA C 277 -35.21 21.58 83.06
N PRO C 278 -34.00 21.08 82.80
CA PRO C 278 -32.82 21.63 83.47
C PRO C 278 -32.60 23.08 83.07
N PHE C 279 -32.13 23.88 84.03
CA PHE C 279 -31.96 25.31 83.81
C PHE C 279 -30.94 25.58 82.72
N ASP C 280 -31.33 26.37 81.73
CA ASP C 280 -30.49 26.65 80.57
C ASP C 280 -30.85 28.03 80.03
N ASN C 281 -29.95 28.57 79.19
CA ASN C 281 -30.20 29.89 78.60
C ASN C 281 -31.44 29.88 77.71
N GLU C 282 -31.67 28.79 76.98
CA GLU C 282 -32.87 28.66 76.18
C GLU C 282 -34.12 28.50 77.04
N GLN C 283 -33.97 28.09 78.30
CA GLN C 283 -35.10 28.05 79.22
C GLN C 283 -35.43 29.44 79.75
N SER C 284 -34.41 30.27 79.95
CA SER C 284 -34.62 31.64 80.43
C SER C 284 -35.54 32.42 79.50
N ASP C 285 -35.11 32.64 78.26
CA ASP C 285 -35.87 33.49 77.34
C ASP C 285 -37.18 32.82 76.92
N LEU C 286 -37.33 31.51 77.15
CA LEU C 286 -38.56 30.83 76.77
C LEU C 286 -39.70 31.17 77.71
N VAL C 287 -39.39 31.30 79.01
CA VAL C 287 -40.44 31.68 79.96
C VAL C 287 -40.76 33.16 79.86
N HIS C 288 -39.86 33.95 79.27
CA HIS C 288 -40.13 35.37 79.08
C HIS C 288 -41.11 35.61 77.94
N ARG C 289 -41.18 34.69 76.97
CA ARG C 289 -42.17 34.83 75.91
C ARG C 289 -43.59 34.67 76.45
N ILE C 290 -43.78 33.74 77.40
CA ILE C 290 -45.07 33.56 78.04
C ILE C 290 -45.22 34.42 79.28
N SER C 291 -44.18 35.14 79.70
CA SER C 291 -44.27 36.02 80.84
C SER C 291 -45.14 37.23 80.52
N GLY C 292 -45.89 37.69 81.52
CA GLY C 292 -46.78 38.81 81.31
C GLY C 292 -48.05 38.47 80.56
N ASP C 293 -48.31 37.18 80.33
CA ASP C 293 -49.53 36.78 79.65
C ASP C 293 -50.75 37.14 80.50
N LYS C 294 -51.78 37.69 79.85
CA LYS C 294 -52.92 38.24 80.58
C LYS C 294 -53.65 37.17 81.36
N LYS C 295 -53.84 36.00 80.77
CA LYS C 295 -54.59 34.93 81.41
C LYS C 295 -53.71 33.95 82.19
N LEU C 296 -52.39 34.11 82.14
CA LEU C 296 -51.51 33.21 82.87
C LEU C 296 -51.40 33.59 84.34
N GLU C 297 -51.40 34.89 84.66
CA GLU C 297 -51.28 35.33 86.04
C GLU C 297 -52.54 35.07 86.86
N GLU C 298 -53.63 34.62 86.23
CA GLU C 298 -54.86 34.35 86.97
C GLU C 298 -54.67 33.28 88.03
N ILE C 299 -53.70 32.39 87.87
CA ILE C 299 -53.39 31.35 88.85
C ILE C 299 -52.36 31.92 89.82
N PRO C 300 -52.67 32.02 91.12
CA PRO C 300 -51.68 32.54 92.07
C PRO C 300 -50.44 31.67 92.21
N LYS C 301 -50.53 30.38 91.85
CA LYS C 301 -49.37 29.51 91.93
C LYS C 301 -48.31 29.88 90.89
N TYR C 302 -48.73 30.50 89.79
CA TYR C 302 -47.76 30.97 88.79
C TYR C 302 -46.93 32.12 89.34
N LYS C 303 -47.47 32.88 90.28
CA LYS C 303 -46.73 34.00 90.86
C LYS C 303 -45.51 33.52 91.63
N ASP C 304 -45.61 32.36 92.27
CA ASP C 304 -44.46 31.81 92.98
C ASP C 304 -43.43 31.22 92.02
N LEU C 305 -43.89 30.76 90.85
CA LEU C 305 -43.03 30.18 89.84
C LEU C 305 -41.94 31.15 89.39
N LEU C 306 -42.34 32.26 88.77
CA LEU C 306 -41.36 33.18 88.22
C LEU C 306 -40.65 33.95 89.33
N LYS C 307 -41.26 34.05 90.51
CA LYS C 307 -40.66 34.78 91.61
C LYS C 307 -39.33 34.17 92.03
N LEU C 308 -39.24 32.84 92.03
CA LEU C 308 -37.98 32.19 92.36
C LEU C 308 -36.96 32.38 91.25
N PHE C 309 -37.43 32.58 90.01
CA PHE C 309 -36.51 32.75 88.89
C PHE C 309 -35.95 34.15 88.79
N THR C 310 -36.68 35.16 89.27
CA THR C 310 -36.21 36.54 89.25
C THR C 310 -35.76 36.95 90.64
N THR C 311 -34.57 37.55 90.72
CA THR C 311 -33.99 38.12 91.94
C THR C 311 -33.66 37.06 92.99
N MET C 312 -34.17 35.84 92.83
CA MET C 312 -33.80 34.71 93.69
C MET C 312 -33.97 35.03 95.17
N GLU C 313 -32.85 35.21 95.87
CA GLU C 313 -32.74 35.23 97.33
C GLU C 313 -33.03 33.86 97.93
N LEU C 314 -33.84 33.82 98.99
CA LEU C 314 -34.04 32.59 99.75
C LEU C 314 -35.50 32.47 100.16
N MET C 315 -35.98 31.22 100.12
CA MET C 315 -37.30 30.88 100.62
C MET C 315 -37.28 29.43 101.10
N ARG C 316 -38.06 29.17 102.14
CA ARG C 316 -38.18 27.82 102.68
C ARG C 316 -38.83 26.92 101.64
N TRP C 317 -38.20 25.77 101.36
CA TRP C 317 -38.72 24.90 100.32
C TRP C 317 -40.09 24.34 100.65
N SER C 318 -40.41 24.18 101.93
CA SER C 318 -41.75 23.73 102.32
C SER C 318 -42.82 24.78 102.00
N THR C 319 -42.49 26.07 102.07
CA THR C 319 -43.43 27.10 101.65
C THR C 319 -43.73 27.00 100.15
N LEU C 320 -42.74 26.64 99.34
CA LEU C 320 -43.00 26.34 97.93
C LEU C 320 -43.87 25.10 97.80
N VAL C 321 -43.67 24.10 98.67
CA VAL C 321 -44.56 22.95 98.73
C VAL C 321 -45.96 23.33 99.19
N GLU C 322 -46.09 24.31 100.10
CA GLU C 322 -47.40 24.79 100.50
C GLU C 322 -48.17 25.35 99.31
N ASP C 323 -47.48 26.03 98.40
CA ASP C 323 -48.14 26.56 97.21
C ASP C 323 -48.37 25.47 96.17
N TYR C 324 -47.37 24.63 95.94
CA TYR C 324 -47.47 23.56 94.96
C TYR C 324 -48.00 22.26 95.54
N GLY C 325 -48.38 22.25 96.82
CA GLY C 325 -49.14 21.14 97.36
C GLY C 325 -50.64 21.32 97.23
N MET C 326 -51.10 22.56 97.07
CA MET C 326 -52.51 22.85 96.84
C MET C 326 -52.93 22.60 95.39
N GLU C 327 -51.97 22.59 94.45
CA GLU C 327 -52.31 22.28 93.07
C GLU C 327 -52.82 20.86 92.89
N LEU C 328 -52.52 19.96 93.81
CA LEU C 328 -53.16 18.66 93.83
C LEU C 328 -54.66 18.79 94.11
N ARG C 329 -55.03 19.59 95.11
CA ARG C 329 -56.42 19.86 95.40
C ARG C 329 -57.02 20.94 94.51
N LYS C 330 -56.19 21.80 93.92
CA LYS C 330 -56.69 22.85 93.04
C LYS C 330 -57.39 22.24 91.84
N GLY C 331 -58.39 22.96 91.33
CA GLY C 331 -59.18 22.49 90.21
C GLY C 331 -60.61 22.13 90.58
N SER C 332 -61.56 22.10 89.63
CA SER C 332 -61.41 22.34 88.18
C SER C 332 -60.38 21.41 87.51
N LEU C 333 -59.30 21.99 86.99
CA LEU C 333 -58.31 21.24 86.22
C LEU C 333 -57.23 20.73 87.17
N GLU C 334 -57.17 19.42 87.35
CA GLU C 334 -56.10 18.77 88.10
C GLU C 334 -55.04 18.18 87.19
N SER C 335 -55.22 18.27 85.88
CA SER C 335 -54.29 17.65 84.94
C SER C 335 -52.85 18.15 85.04
N PRO C 336 -52.56 19.44 85.32
CA PRO C 336 -51.16 19.82 85.55
C PRO C 336 -50.52 19.10 86.72
N ALA C 337 -51.25 18.86 87.80
CA ALA C 337 -50.73 18.09 88.93
C ALA C 337 -50.85 16.59 88.71
N THR C 338 -51.56 16.16 87.67
CA THR C 338 -51.69 14.74 87.33
C THR C 338 -50.42 14.21 86.66
N ASP C 339 -50.06 14.77 85.50
CA ASP C 339 -48.88 14.34 84.79
C ASP C 339 -47.61 14.48 85.63
N VAL C 340 -47.60 15.42 86.58
CA VAL C 340 -46.42 15.68 87.39
C VAL C 340 -46.50 14.96 88.72
N PHE C 341 -47.37 15.42 89.61
CA PHE C 341 -47.42 14.86 90.96
C PHE C 341 -48.39 13.70 91.09
N GLY C 342 -49.20 13.45 90.06
CA GLY C 342 -50.15 12.36 90.12
C GLY C 342 -49.50 11.00 89.98
N SER C 343 -48.43 10.91 89.20
CA SER C 343 -47.70 9.66 89.03
C SER C 343 -46.67 9.52 90.15
N THR C 344 -46.61 8.33 90.76
CA THR C 344 -45.71 8.13 91.88
C THR C 344 -44.25 8.07 91.44
N GLU C 345 -43.93 7.25 90.45
CA GLU C 345 -42.55 7.11 90.01
C GLU C 345 -42.09 8.32 89.21
N GLU C 346 -43.01 8.97 88.49
CA GLU C 346 -42.65 10.17 87.76
C GLU C 346 -42.58 11.38 88.67
N GLY C 347 -43.42 11.40 89.72
CA GLY C 347 -43.41 12.54 90.62
C GLY C 347 -42.17 12.58 91.49
N GLU C 348 -41.80 11.45 92.08
CA GLU C 348 -40.64 11.39 92.96
C GLU C 348 -39.37 11.82 92.21
N LYS C 349 -39.26 11.47 90.94
CA LYS C 349 -38.16 11.97 90.12
C LYS C 349 -38.25 13.47 89.90
N ARG C 350 -39.44 13.99 89.58
CA ARG C 350 -39.64 15.42 89.41
C ARG C 350 -39.65 16.18 90.73
N TRP C 351 -39.96 15.51 91.85
CA TRP C 351 -39.80 16.14 93.16
C TRP C 351 -38.32 16.41 93.44
N LYS C 352 -37.47 15.40 93.26
CA LYS C 352 -36.04 15.60 93.40
C LYS C 352 -35.49 16.49 92.30
N ASP C 353 -36.19 16.53 91.15
CA ASP C 353 -35.81 17.47 90.10
C ASP C 353 -36.25 18.88 90.46
N LEU C 354 -37.39 19.00 91.13
CA LEU C 354 -37.78 20.29 91.70
C LEU C 354 -36.76 20.76 92.73
N LYS C 355 -36.19 19.83 93.49
CA LYS C 355 -35.08 20.17 94.38
C LYS C 355 -33.90 20.70 93.59
N ASN C 356 -33.63 20.11 92.43
CA ASN C 356 -32.51 20.55 91.61
C ASN C 356 -32.73 21.97 91.09
N ARG C 357 -33.98 22.40 91.01
CA ARG C 357 -34.27 23.77 90.57
C ARG C 357 -34.01 24.75 91.70
N VAL C 358 -34.42 24.41 92.91
CA VAL C 358 -34.33 25.36 94.02
C VAL C 358 -32.92 25.39 94.60
N VAL C 359 -32.23 24.25 94.63
CA VAL C 359 -30.92 24.21 95.27
C VAL C 359 -29.85 24.78 94.34
N GLU C 360 -29.99 24.56 93.03
CA GLU C 360 -28.96 25.03 92.10
C GLU C 360 -29.11 26.53 91.84
N HIS C 361 -30.35 27.02 91.83
CA HIS C 361 -30.56 28.45 91.68
C HIS C 361 -29.96 29.24 92.84
N ASN C 362 -29.84 28.63 94.03
CA ASN C 362 -29.04 29.22 95.09
C ASN C 362 -27.56 29.19 94.73
N ILE C 363 -27.07 28.04 94.26
CA ILE C 363 -25.67 27.91 93.88
C ILE C 363 -25.31 28.91 92.78
N ARG C 364 -26.26 29.22 91.90
CA ARG C 364 -25.98 30.16 90.82
C ARG C 364 -25.75 31.57 91.36
N ILE C 365 -26.57 32.00 92.30
CA ILE C 365 -26.39 33.35 92.86
C ILE C 365 -25.26 33.35 93.89
N MET C 366 -25.05 32.23 94.58
CA MET C 366 -23.99 32.18 95.59
C MET C 366 -22.61 32.16 94.94
N ALA C 367 -22.50 31.58 93.75
CA ALA C 367 -21.24 31.59 93.02
C ALA C 367 -20.85 33.01 92.65
N LYS C 368 -21.83 33.90 92.51
CA LYS C 368 -21.54 35.30 92.22
C LYS C 368 -21.07 36.03 93.46
N TYR C 369 -21.53 35.61 94.64
CA TYR C 369 -21.26 36.30 95.89
C TYR C 369 -20.07 35.73 96.65
N TYR C 370 -19.46 34.65 96.17
CA TYR C 370 -18.28 34.08 96.81
C TYR C 370 -17.04 34.50 96.02
N THR C 371 -15.92 34.89 96.65
CA THR C 371 -15.59 34.84 98.09
C THR C 371 -15.69 33.42 98.68
N ARG C 372 -16.21 33.27 99.89
CA ARG C 372 -16.13 31.98 100.58
C ARG C 372 -17.38 31.74 101.42
N ILE C 373 -17.55 30.49 101.84
CA ILE C 373 -18.65 30.08 102.71
C ILE C 373 -18.19 28.89 103.55
N THR C 374 -18.68 28.83 104.78
CA THR C 374 -18.44 27.65 105.62
C THR C 374 -19.39 26.52 105.23
N MET C 375 -18.98 25.28 105.48
CA MET C 375 -19.79 24.13 105.11
C MET C 375 -21.07 24.06 105.94
N LYS C 376 -21.00 24.43 107.21
CA LYS C 376 -22.18 24.36 108.08
C LYS C 376 -23.21 25.41 107.69
N ARG C 377 -22.75 26.57 107.24
CA ARG C 377 -23.67 27.62 106.82
C ARG C 377 -24.41 27.24 105.55
N MET C 378 -23.82 26.38 104.71
CA MET C 378 -24.48 25.98 103.48
C MET C 378 -25.66 25.06 103.77
N ALA C 379 -25.60 24.32 104.88
CA ALA C 379 -26.67 23.39 105.23
C ALA C 379 -27.95 24.14 105.58
N GLN C 380 -27.84 25.14 106.44
CA GLN C 380 -29.03 25.91 106.83
C GLN C 380 -29.52 26.79 105.70
N LEU C 381 -28.64 27.14 104.76
CA LEU C 381 -29.04 27.94 103.60
C LEU C 381 -29.74 27.11 102.54
N LEU C 382 -29.29 25.89 102.29
CA LEU C 382 -29.94 24.98 101.36
C LEU C 382 -31.06 24.18 101.99
N ASP C 383 -31.28 24.34 103.30
CA ASP C 383 -32.39 23.70 104.02
C ASP C 383 -32.29 22.17 103.97
N LEU C 384 -31.09 21.63 104.16
CA LEU C 384 -30.89 20.19 104.17
C LEU C 384 -29.57 19.90 104.88
N SER C 385 -29.26 18.61 105.00
CA SER C 385 -28.08 18.17 105.72
C SER C 385 -26.82 18.44 104.91
N VAL C 386 -25.67 18.45 105.62
CA VAL C 386 -24.39 18.68 104.95
C VAL C 386 -24.07 17.54 103.99
N ASP C 387 -24.57 16.34 104.28
CA ASP C 387 -24.33 15.21 103.38
C ASP C 387 -25.13 15.36 102.09
N GLU C 388 -26.35 15.87 102.18
CA GLU C 388 -27.11 16.17 100.97
C GLU C 388 -26.47 17.29 100.19
N SER C 389 -25.82 18.23 100.88
CA SER C 389 -25.04 19.26 100.21
C SER C 389 -23.87 18.66 99.44
N GLU C 390 -23.11 17.76 100.07
CA GLU C 390 -22.02 17.06 99.36
C GLU C 390 -22.54 16.31 98.14
N ALA C 391 -23.73 15.71 98.23
CA ALA C 391 -24.34 15.11 97.05
C ALA C 391 -24.72 16.16 96.02
N PHE C 392 -25.25 17.30 96.47
CA PHE C 392 -25.53 18.40 95.55
C PHE C 392 -24.25 19.13 95.16
N LEU C 393 -23.17 18.95 95.91
CA LEU C 393 -21.88 19.50 95.52
C LEU C 393 -21.22 18.64 94.44
N SER C 394 -21.47 17.32 94.49
CA SER C 394 -20.84 16.41 93.54
C SER C 394 -21.54 16.45 92.19
N ASN C 395 -22.88 16.41 92.18
CA ASN C 395 -23.61 16.30 90.92
C ASN C 395 -23.62 17.61 90.15
N LEU C 396 -23.51 18.75 90.85
CA LEU C 396 -23.46 20.03 90.15
C LEU C 396 -22.07 20.31 89.60
N VAL C 397 -21.03 19.85 90.29
CA VAL C 397 -19.67 20.16 89.84
C VAL C 397 -19.24 19.25 88.68
N VAL C 398 -19.80 18.04 88.59
CA VAL C 398 -19.49 17.19 87.44
C VAL C 398 -20.16 17.74 86.19
N ASN C 399 -21.23 18.51 86.34
CA ASN C 399 -21.80 19.28 85.24
C ASN C 399 -20.98 20.52 84.93
N LYS C 400 -19.96 20.81 85.76
CA LYS C 400 -19.06 21.96 85.61
C LYS C 400 -19.81 23.26 85.31
N THR C 401 -20.94 23.45 85.99
CA THR C 401 -21.66 24.71 85.88
C THR C 401 -21.05 25.80 86.76
N ILE C 402 -20.50 25.43 87.92
CA ILE C 402 -19.83 26.36 88.82
C ILE C 402 -18.55 25.69 89.33
N PHE C 403 -17.42 26.38 89.15
CA PHE C 403 -16.16 25.88 89.68
C PHE C 403 -16.11 26.11 91.19
N ALA C 404 -15.77 25.06 91.94
CA ALA C 404 -15.78 25.13 93.38
C ALA C 404 -14.57 24.42 93.96
N LYS C 405 -14.03 24.97 95.04
CA LYS C 405 -12.94 24.36 95.80
C LYS C 405 -13.48 24.01 97.18
N VAL C 406 -13.63 22.72 97.46
CA VAL C 406 -14.30 22.24 98.67
C VAL C 406 -13.26 21.59 99.57
N ASP C 407 -13.07 22.18 100.75
CA ASP C 407 -12.17 21.65 101.77
C ASP C 407 -12.99 21.14 102.95
N ARG C 408 -12.99 19.83 103.15
CA ARG C 408 -13.85 19.24 104.17
C ARG C 408 -13.16 19.15 105.53
N LEU C 409 -11.87 19.43 105.61
CA LEU C 409 -11.17 19.30 106.89
C LEU C 409 -11.53 20.47 107.82
N ALA C 410 -11.46 21.69 107.32
CA ALA C 410 -11.79 22.88 108.10
C ALA C 410 -13.20 23.39 107.80
N GLY C 411 -13.91 22.79 106.86
CA GLY C 411 -15.25 23.22 106.50
C GLY C 411 -15.32 24.46 105.65
N ILE C 412 -14.19 25.06 105.26
CA ILE C 412 -14.22 26.24 104.42
C ILE C 412 -14.25 25.83 102.96
N ILE C 413 -15.30 26.24 102.25
CA ILE C 413 -15.47 25.98 100.83
C ILE C 413 -15.76 27.29 100.13
N ASN C 414 -15.64 27.28 98.81
CA ASN C 414 -15.90 28.48 98.02
C ASN C 414 -16.23 28.10 96.58
N PHE C 415 -16.88 29.04 95.89
CA PHE C 415 -17.23 28.90 94.48
C PHE C 415 -16.32 29.83 93.69
N GLN C 416 -15.51 29.24 92.80
CA GLN C 416 -14.45 29.94 92.08
C GLN C 416 -13.56 30.65 93.14
N ARG C 417 -12.93 31.81 92.89
CA ARG C 417 -12.35 32.23 91.62
C ARG C 417 -10.95 31.62 91.50
N PRO C 418 -10.48 31.37 90.27
CA PRO C 418 -9.33 30.47 90.09
C PRO C 418 -8.01 30.97 90.64
N LYS C 419 -7.86 30.90 91.97
CA LYS C 419 -6.56 31.01 92.64
C LYS C 419 -6.01 32.44 92.69
N ASP C 420 -6.71 33.39 92.07
CA ASP C 420 -6.34 34.80 92.06
C ASP C 420 -4.92 35.07 91.57
N PRO C 421 -4.52 34.57 90.39
CA PRO C 421 -3.27 35.04 89.79
C PRO C 421 -3.38 36.45 89.23
N ASN C 422 -4.61 36.96 89.08
CA ASN C 422 -4.87 38.18 88.35
C ASN C 422 -4.00 39.33 88.83
N ASN C 423 -3.43 40.05 87.87
CA ASN C 423 -2.53 41.16 88.12
C ASN C 423 -2.99 42.39 87.33
N LEU C 424 -3.02 42.25 86.00
CA LEU C 424 -3.46 43.35 85.13
C LEU C 424 -4.80 43.93 85.58
N LEU C 425 -5.85 43.09 85.59
CA LEU C 425 -7.19 43.59 85.91
C LEU C 425 -7.25 44.21 87.29
N ASN C 426 -6.40 43.78 88.21
CA ASN C 426 -6.33 44.41 89.52
C ASN C 426 -5.82 45.83 89.40
N ASP C 427 -4.75 46.04 88.62
CA ASP C 427 -4.17 47.36 88.47
C ASP C 427 -4.95 48.19 87.44
N TRP C 428 -5.39 47.57 86.34
CA TRP C 428 -6.06 48.31 85.28
C TRP C 428 -7.41 48.86 85.76
N SER C 429 -8.29 47.99 86.25
CA SER C 429 -9.58 48.45 86.73
C SER C 429 -9.42 49.47 87.85
N GLN C 430 -8.36 49.32 88.65
CA GLN C 430 -8.00 50.35 89.60
C GLN C 430 -7.70 51.67 88.89
N LYS C 431 -6.62 51.69 88.09
CA LYS C 431 -6.16 52.95 87.52
C LYS C 431 -7.07 53.45 86.41
N LEU C 432 -7.31 52.64 85.38
CA LEU C 432 -8.15 53.07 84.27
C LEU C 432 -9.57 53.41 84.71
N ASN C 433 -10.34 52.40 85.11
CA ASN C 433 -11.76 52.55 85.41
C ASN C 433 -12.01 53.60 86.48
N SER C 434 -11.51 53.36 87.70
CA SER C 434 -11.87 54.22 88.83
C SER C 434 -11.38 55.65 88.65
N LEU C 435 -10.13 55.83 88.21
CA LEU C 435 -9.62 57.19 88.03
C LEU C 435 -10.28 57.93 86.87
N MET C 436 -10.87 57.20 85.91
CA MET C 436 -11.67 57.88 84.90
C MET C 436 -12.82 58.65 85.55
N SER C 437 -13.44 58.07 86.57
CA SER C 437 -14.44 58.83 87.33
C SER C 437 -13.79 59.94 88.13
N LEU C 438 -12.52 59.76 88.50
CA LEU C 438 -11.82 60.79 89.26
C LEU C 438 -11.33 61.92 88.37
N VAL C 439 -10.97 61.63 87.13
CA VAL C 439 -10.55 62.67 86.18
C VAL C 439 -11.72 63.30 85.45
N ASN C 440 -12.90 62.70 85.52
CA ASN C 440 -14.09 63.32 84.94
C ASN C 440 -14.71 64.37 85.85
N LYS C 441 -14.18 64.53 87.06
CA LYS C 441 -14.69 65.52 88.01
C LYS C 441 -14.77 66.91 87.39
N THR C 442 -13.60 67.53 87.15
CA THR C 442 -13.57 68.89 86.66
C THR C 442 -14.24 69.05 85.29
N THR C 443 -14.34 67.96 84.52
CA THR C 443 -15.03 67.99 83.23
C THR C 443 -16.47 68.45 83.41
N HIS C 444 -17.28 67.69 84.15
CA HIS C 444 -18.66 68.09 84.38
C HIS C 444 -18.81 69.03 85.57
N LEU C 445 -17.73 69.27 86.32
CA LEU C 445 -17.78 70.28 87.38
C LEU C 445 -17.86 71.68 86.79
N ILE C 446 -17.03 71.97 85.78
CA ILE C 446 -17.13 73.27 85.12
C ILE C 446 -18.41 73.37 84.31
N ALA C 447 -19.01 72.23 83.96
CA ALA C 447 -20.33 72.24 83.34
C ALA C 447 -21.38 72.74 84.31
N LYS C 448 -21.36 72.21 85.54
CA LYS C 448 -22.28 72.67 86.57
C LYS C 448 -21.83 73.99 87.19
N GLU C 449 -20.53 74.29 87.15
CA GLU C 449 -20.05 75.58 87.61
C GLU C 449 -20.66 76.71 86.80
N GLU C 450 -20.88 76.48 85.50
CA GLU C 450 -21.57 77.46 84.67
C GLU C 450 -23.04 77.57 85.06
N MET C 451 -23.65 76.44 85.45
CA MET C 451 -25.05 76.46 85.82
C MET C 451 -25.29 77.30 87.06
N ILE C 452 -24.48 77.11 88.09
CA ILE C 452 -24.74 77.77 89.37
C ILE C 452 -24.27 79.23 89.33
N HIS C 453 -23.26 79.54 88.52
CA HIS C 453 -22.73 80.89 88.48
C HIS C 453 -23.45 81.80 87.49
N ASN C 454 -24.27 81.24 86.59
CA ASN C 454 -25.06 82.08 85.70
C ASN C 454 -26.29 82.65 86.38
N LEU C 455 -26.96 81.87 87.23
CA LEU C 455 -28.13 82.34 87.98
C LEU C 455 -27.72 83.05 89.27
N GLN C 456 -27.08 82.34 90.19
CA GLN C 456 -26.59 82.95 91.42
C GLN C 456 -25.19 83.51 91.23
N ASN D 140 10.86 -18.10 75.25
CA ASN D 140 12.26 -17.77 75.00
C ASN D 140 12.36 -16.75 73.87
N LEU D 141 12.50 -15.48 74.23
CA LEU D 141 12.54 -14.41 73.23
C LEU D 141 13.79 -14.47 72.35
N PRO D 142 15.01 -14.60 72.89
CA PRO D 142 16.18 -14.67 72.00
C PRO D 142 16.15 -15.87 71.07
N LYS D 143 15.62 -17.01 71.52
CA LYS D 143 15.51 -18.16 70.64
C LYS D 143 14.43 -17.97 69.59
N ALA D 144 13.38 -17.21 69.93
CA ALA D 144 12.34 -16.90 68.94
C ALA D 144 12.88 -15.96 67.87
N ARG D 145 13.62 -14.93 68.27
CA ARG D 145 14.24 -14.04 67.30
C ARG D 145 15.31 -14.73 66.47
N ALA D 146 16.09 -15.63 67.08
CA ALA D 146 17.09 -16.38 66.32
C ALA D 146 16.42 -17.25 65.27
N ALA D 147 15.30 -17.87 65.60
CA ALA D 147 14.53 -18.60 64.60
C ALA D 147 13.90 -17.64 63.59
N LEU D 148 13.60 -16.41 64.02
CA LEU D 148 13.09 -15.41 63.10
C LEU D 148 14.22 -14.81 62.25
N THR D 149 15.41 -14.66 62.83
CA THR D 149 16.54 -14.15 62.08
C THR D 149 16.95 -15.10 60.96
N SER D 150 16.91 -16.41 61.22
CA SER D 150 17.22 -17.38 60.17
C SER D 150 16.18 -17.34 59.06
N ALA D 151 14.96 -16.90 59.36
CA ALA D 151 13.92 -16.79 58.36
C ALA D 151 14.05 -15.52 57.52
N ARG D 152 14.85 -14.56 57.97
CA ARG D 152 15.03 -13.33 57.20
C ARG D 152 15.70 -13.62 55.86
N THR D 153 16.77 -14.41 55.87
CA THR D 153 17.42 -14.81 54.62
C THR D 153 16.77 -16.03 53.99
N THR D 154 15.88 -16.71 54.71
CA THR D 154 15.19 -17.88 54.15
C THR D 154 14.07 -17.48 53.21
N ALA D 155 13.39 -16.36 53.48
CA ALA D 155 12.27 -15.96 52.64
C ALA D 155 12.71 -15.59 51.23
N ASN D 156 13.87 -14.96 51.10
CA ASN D 156 14.36 -14.54 49.79
C ASN D 156 15.29 -15.59 49.18
N ALA D 157 15.47 -16.72 49.86
CA ALA D 157 16.40 -17.74 49.37
C ALA D 157 15.84 -18.46 48.15
N ILE D 158 14.60 -18.94 48.25
CA ILE D 158 14.00 -19.75 47.20
C ILE D 158 13.35 -18.82 46.19
N TYR D 159 12.76 -19.38 45.14
CA TYR D 159 12.03 -18.61 44.13
C TYR D 159 10.57 -18.57 44.53
N CYS D 160 10.11 -17.37 44.89
CA CYS D 160 8.79 -17.07 45.48
C CYS D 160 8.76 -17.65 46.89
N PRO D 161 8.03 -17.03 47.83
CA PRO D 161 8.11 -17.60 49.19
C PRO D 161 7.45 -18.98 49.40
N PRO D 162 6.23 -19.24 48.86
CA PRO D 162 5.17 -18.42 48.26
C PRO D 162 4.52 -17.49 49.28
N LYS D 163 4.32 -17.98 50.50
CA LYS D 163 4.01 -17.13 51.64
C LYS D 163 5.07 -17.37 52.72
N LEU D 164 5.97 -16.40 52.89
CA LEU D 164 6.97 -16.44 53.96
C LEU D 164 7.03 -15.09 54.65
N GLN D 165 7.44 -14.05 53.91
CA GLN D 165 7.53 -12.71 54.46
C GLN D 165 6.22 -12.27 55.10
N ALA D 166 5.09 -12.65 54.52
CA ALA D 166 3.80 -12.39 55.15
C ALA D 166 3.67 -13.12 56.47
N THR D 167 4.09 -14.39 56.51
CA THR D 167 4.15 -15.11 57.78
C THR D 167 5.26 -14.55 58.67
N LEU D 168 6.37 -14.13 58.06
CA LEU D 168 7.45 -13.50 58.83
C LEU D 168 6.98 -12.18 59.44
N ASP D 169 6.07 -11.49 58.74
CA ASP D 169 5.50 -10.26 59.29
C ASP D 169 4.69 -10.55 60.55
N MET D 170 3.93 -11.65 60.54
CA MET D 170 3.23 -12.05 61.76
C MET D 170 4.21 -12.46 62.84
N GLN D 171 5.25 -13.22 62.49
CA GLN D 171 6.32 -13.49 63.42
C GLN D 171 7.06 -12.23 63.84
N SER D 172 7.17 -11.24 62.96
CA SER D 172 7.69 -9.93 63.36
C SER D 172 6.71 -9.20 64.26
N GLY D 173 5.43 -9.59 64.25
CA GLY D 173 4.47 -9.02 65.18
C GLY D 173 4.38 -9.79 66.47
N ILE D 174 5.38 -10.61 66.78
CA ILE D 174 5.38 -11.38 68.01
C ILE D 174 6.56 -10.98 68.90
N ILE D 175 7.77 -11.20 68.40
CA ILE D 175 8.96 -10.81 69.15
C ILE D 175 9.04 -9.30 69.32
N HIS D 176 8.83 -8.54 68.25
CA HIS D 176 8.82 -7.09 68.34
C HIS D 176 7.68 -6.62 69.24
N ALA D 177 6.54 -7.32 69.20
CA ALA D 177 5.46 -7.04 70.13
C ALA D 177 5.85 -7.40 71.56
N ALA D 178 6.61 -8.49 71.74
CA ALA D 178 7.16 -8.79 73.05
C ALA D 178 8.17 -7.73 73.48
N GLU D 179 8.88 -7.15 72.51
CA GLU D 179 9.75 -6.02 72.80
C GLU D 179 8.98 -4.76 73.15
N GLU D 180 7.68 -4.71 72.84
CA GLU D 180 6.83 -3.55 73.07
C GLU D 180 7.39 -2.32 72.36
N LYS D 181 7.64 -2.49 71.05
CA LYS D 181 8.19 -1.40 70.25
C LYS D 181 7.13 -0.35 69.94
N ASP D 182 6.17 -0.69 69.09
CA ASP D 182 5.07 0.21 68.77
C ASP D 182 3.80 -0.63 68.68
N TRP D 183 2.74 -0.14 69.34
CA TRP D 183 1.50 -0.92 69.40
C TRP D 183 0.78 -0.93 68.07
N LYS D 184 0.87 0.15 67.30
CA LYS D 184 0.14 0.23 66.04
C LYS D 184 0.84 -0.55 64.93
N THR D 185 2.18 -0.51 64.88
CA THR D 185 2.89 -1.25 63.84
C THR D 185 2.74 -2.75 64.00
N ALA D 186 2.86 -3.25 65.23
CA ALA D 186 2.65 -4.67 65.48
C ALA D 186 1.22 -5.08 65.12
N TYR D 187 0.25 -4.23 65.44
CA TYR D 187 -1.13 -4.48 65.03
C TYR D 187 -1.27 -4.41 63.52
N SER D 188 -0.45 -3.57 62.86
CA SER D 188 -0.44 -3.50 61.41
C SER D 188 0.09 -4.77 60.76
N TYR D 189 1.03 -5.47 61.38
CA TYR D 189 1.48 -6.75 60.86
C TYR D 189 0.37 -7.79 60.87
N PHE D 190 -0.50 -7.78 61.88
CA PHE D 190 -1.69 -8.63 61.86
C PHE D 190 -2.60 -8.28 60.68
N TYR D 191 -2.72 -7.00 60.35
CA TYR D 191 -3.48 -6.61 59.17
C TYR D 191 -2.80 -7.12 57.91
N GLU D 192 -1.47 -7.09 57.87
CA GLU D 192 -0.75 -7.61 56.72
C GLU D 192 -0.92 -9.13 56.62
N ALA D 193 -0.80 -9.82 57.76
CA ALA D 193 -1.01 -11.26 57.76
C ALA D 193 -2.45 -11.61 57.39
N PHE D 194 -3.41 -10.82 57.86
CA PHE D 194 -4.81 -11.04 57.50
C PHE D 194 -5.05 -10.85 56.00
N GLU D 195 -4.35 -9.92 55.36
CA GLU D 195 -4.43 -9.80 53.91
C GLU D 195 -3.79 -11.01 53.24
N GLY D 196 -2.77 -11.60 53.88
CA GLY D 196 -2.14 -12.79 53.33
C GLY D 196 -2.78 -14.08 53.77
N TYR D 197 -3.76 -14.03 54.66
CA TYR D 197 -4.47 -15.21 55.12
C TYR D 197 -5.64 -15.59 54.22
N ASP D 198 -5.86 -14.86 53.12
CA ASP D 198 -6.99 -15.15 52.24
C ASP D 198 -6.76 -16.47 51.51
N SER D 199 -7.82 -17.29 51.43
CA SER D 199 -7.82 -18.57 50.75
C SER D 199 -6.74 -19.50 51.32
N ILE D 200 -6.90 -19.81 52.60
CA ILE D 200 -6.08 -20.77 53.32
C ILE D 200 -7.01 -21.59 54.22
N ASP D 201 -6.43 -22.50 55.00
CA ASP D 201 -7.19 -23.35 55.89
C ASP D 201 -8.00 -22.51 56.88
N SER D 202 -9.30 -22.80 56.97
CA SER D 202 -10.17 -21.99 57.81
C SER D 202 -9.87 -22.10 59.30
N PRO D 203 -9.62 -23.29 59.88
CA PRO D 203 -9.21 -23.34 61.30
C PRO D 203 -7.99 -22.48 61.60
N LYS D 204 -7.05 -22.36 60.66
CA LYS D 204 -5.93 -21.44 60.85
C LYS D 204 -6.37 -20.00 60.67
N ALA D 205 -7.35 -19.76 59.80
CA ALA D 205 -7.87 -18.41 59.61
C ALA D 205 -8.87 -18.04 60.70
N ILE D 206 -9.56 -19.01 61.29
CA ILE D 206 -10.53 -18.70 62.33
C ILE D 206 -9.82 -18.39 63.65
N THR D 207 -8.61 -18.92 63.84
CA THR D 207 -7.80 -18.59 65.00
C THR D 207 -6.88 -17.40 64.76
N SER D 208 -6.79 -16.92 63.52
CA SER D 208 -6.01 -15.71 63.24
C SER D 208 -6.68 -14.48 63.82
N LEU D 209 -8.01 -14.42 63.80
CA LEU D 209 -8.73 -13.29 64.38
C LEU D 209 -8.67 -13.31 65.90
N LYS D 210 -8.30 -14.44 66.51
CA LYS D 210 -8.11 -14.50 67.95
C LYS D 210 -6.98 -13.56 68.37
N TYR D 211 -5.89 -13.54 67.61
CA TYR D 211 -4.75 -12.71 67.97
C TYR D 211 -4.93 -11.25 67.55
N MET D 212 -5.47 -11.00 66.35
CA MET D 212 -5.51 -9.63 65.84
C MET D 212 -6.63 -8.82 66.48
N LEU D 213 -7.79 -9.43 66.73
CA LEU D 213 -8.88 -8.69 67.35
C LEU D 213 -8.67 -8.50 68.85
N LEU D 214 -7.98 -9.45 69.50
CA LEU D 214 -7.61 -9.26 70.90
C LEU D 214 -6.39 -8.35 71.04
N CYS D 215 -5.62 -8.18 69.97
CA CYS D 215 -4.58 -7.16 69.95
C CYS D 215 -5.20 -5.77 69.98
N LYS D 216 -6.41 -5.64 69.43
CA LYS D 216 -7.12 -4.37 69.50
C LYS D 216 -7.53 -4.05 70.94
N ILE D 217 -7.55 -5.07 71.80
CA ILE D 217 -7.92 -4.87 73.20
C ILE D 217 -6.80 -4.16 73.94
N MET D 218 -5.56 -4.58 73.70
CA MET D 218 -4.41 -3.97 74.38
C MET D 218 -4.24 -2.50 74.00
N LEU D 219 -4.39 -2.19 72.71
CA LEU D 219 -4.04 -0.86 72.22
C LEU D 219 -5.03 0.18 72.72
N ASN D 220 -6.33 -0.04 72.49
CA ASN D 220 -7.41 0.89 72.83
C ASN D 220 -7.36 2.16 71.99
N THR D 221 -6.24 2.43 71.31
CA THR D 221 -6.19 3.50 70.32
C THR D 221 -5.42 3.04 69.08
N PRO D 222 -5.87 1.99 68.40
CA PRO D 222 -5.19 1.64 67.13
C PRO D 222 -5.53 2.61 66.01
N GLU D 223 -6.71 3.23 66.06
CA GLU D 223 -7.22 4.12 65.03
C GLU D 223 -7.57 3.35 63.75
N ASP D 224 -7.16 2.09 63.68
CA ASP D 224 -7.45 1.22 62.55
C ASP D 224 -8.68 0.36 62.77
N VAL D 225 -9.42 0.56 63.87
CA VAL D 225 -10.59 -0.22 64.23
C VAL D 225 -11.54 -0.35 63.04
N GLN D 226 -12.11 0.78 62.62
CA GLN D 226 -13.11 0.77 61.57
C GLN D 226 -12.54 0.30 60.22
N ALA D 227 -11.23 0.47 59.99
CA ALA D 227 -10.65 0.04 58.73
C ALA D 227 -10.77 -1.47 58.53
N LEU D 228 -10.17 -2.24 59.46
CA LEU D 228 -10.19 -3.69 59.36
C LEU D 228 -11.61 -4.24 59.41
N VAL D 229 -12.27 -4.12 60.57
CA VAL D 229 -13.45 -4.94 60.86
C VAL D 229 -14.63 -4.54 59.99
N SER D 230 -14.70 -3.27 59.57
CA SER D 230 -15.80 -2.83 58.73
C SER D 230 -15.55 -3.03 57.25
N GLY D 231 -14.36 -3.51 56.87
CA GLY D 231 -14.11 -3.82 55.47
C GLY D 231 -14.81 -5.09 55.05
N LYS D 232 -14.88 -5.32 53.74
CA LYS D 232 -15.56 -6.49 53.22
C LYS D 232 -14.78 -7.77 53.46
N LEU D 233 -13.47 -7.67 53.70
CA LEU D 233 -12.66 -8.87 53.89
C LEU D 233 -12.81 -9.44 55.30
N ALA D 234 -12.98 -8.58 56.29
CA ALA D 234 -13.11 -9.04 57.67
C ALA D 234 -14.52 -9.49 58.02
N LEU D 235 -15.52 -9.12 57.24
CA LEU D 235 -16.89 -9.55 57.46
C LEU D 235 -17.20 -10.89 56.83
N ARG D 236 -16.22 -11.52 56.19
CA ARG D 236 -16.41 -12.77 55.45
C ARG D 236 -16.64 -13.98 56.35
N TYR D 237 -16.26 -13.90 57.63
CA TYR D 237 -16.28 -15.06 58.52
C TYR D 237 -17.56 -15.01 59.36
N ALA D 238 -18.48 -15.92 59.09
CA ALA D 238 -19.72 -16.06 59.83
C ALA D 238 -19.67 -17.15 60.90
N GLY D 239 -18.51 -17.79 61.07
CA GLY D 239 -18.41 -18.94 61.96
C GLY D 239 -18.70 -18.59 63.41
N ARG D 240 -18.80 -19.65 64.22
CA ARG D 240 -19.16 -19.48 65.63
C ARG D 240 -18.04 -18.81 66.41
N GLN D 241 -16.80 -19.23 66.17
CA GLN D 241 -15.68 -18.70 66.96
C GLN D 241 -15.41 -17.24 66.62
N THR D 242 -15.59 -16.86 65.36
CA THR D 242 -15.37 -15.48 64.95
C THR D 242 -16.52 -14.55 65.34
N GLU D 243 -17.74 -15.07 65.46
CA GLU D 243 -18.84 -14.25 65.95
C GLU D 243 -18.60 -13.80 67.39
N ALA D 244 -18.00 -14.67 68.20
CA ALA D 244 -17.56 -14.26 69.53
C ALA D 244 -16.37 -13.32 69.43
N LEU D 245 -15.59 -13.41 68.35
CA LEU D 245 -14.50 -12.47 68.13
C LEU D 245 -15.00 -11.15 67.57
N LYS D 246 -16.11 -11.17 66.84
CA LYS D 246 -16.67 -9.93 66.30
C LYS D 246 -17.11 -8.99 67.40
N CYS D 247 -17.68 -9.52 68.48
CA CYS D 247 -18.01 -8.71 69.64
C CYS D 247 -16.81 -8.40 70.52
N VAL D 248 -15.75 -9.22 70.44
CA VAL D 248 -14.49 -8.85 71.08
C VAL D 248 -13.87 -7.64 70.38
N ALA D 249 -13.89 -7.64 69.04
CA ALA D 249 -13.50 -6.43 68.31
C ALA D 249 -14.41 -5.26 68.66
N GLN D 250 -15.68 -5.54 68.98
CA GLN D 250 -16.57 -4.52 69.51
C GLN D 250 -16.26 -4.21 70.97
N ALA D 251 -15.77 -5.20 71.71
CA ALA D 251 -15.39 -4.98 73.11
C ALA D 251 -14.23 -4.00 73.21
N SER D 252 -13.33 -4.00 72.23
CA SER D 252 -12.27 -3.01 72.14
C SER D 252 -12.80 -1.60 71.93
N LYS D 253 -13.81 -1.45 71.08
CA LYS D 253 -14.53 -0.19 70.91
C LYS D 253 -15.32 0.19 72.15
N ASN D 254 -15.61 -0.77 73.04
CA ASN D 254 -16.40 -0.53 74.24
C ASN D 254 -15.55 0.17 75.32
N ARG D 255 -14.50 -0.50 75.77
CA ARG D 255 -13.71 -0.08 76.95
C ARG D 255 -14.68 -0.06 78.12
N SER D 256 -14.90 1.08 78.79
CA SER D 256 -15.98 1.18 79.77
C SER D 256 -15.85 0.15 80.88
N LEU D 257 -14.93 0.39 81.83
CA LEU D 257 -14.54 -0.59 82.84
C LEU D 257 -15.73 -1.26 83.52
N ALA D 258 -16.88 -0.57 83.59
CA ALA D 258 -18.10 -1.23 84.02
C ALA D 258 -18.44 -2.42 83.12
N ASP D 259 -18.33 -2.22 81.81
CA ASP D 259 -18.50 -3.31 80.85
C ASP D 259 -17.26 -4.18 80.72
N PHE D 260 -16.07 -3.60 80.81
CA PHE D 260 -14.83 -4.38 80.68
C PHE D 260 -14.71 -5.43 81.78
N GLU D 261 -15.02 -5.06 83.02
CA GLU D 261 -14.98 -6.04 84.10
C GLU D 261 -16.11 -7.05 83.98
N LYS D 262 -17.20 -6.68 83.30
CA LYS D 262 -18.30 -7.61 83.09
C LYS D 262 -17.95 -8.66 82.04
N ALA D 263 -17.68 -8.21 80.80
CA ALA D 263 -17.34 -9.12 79.73
C ALA D 263 -16.01 -9.83 79.96
N LEU D 264 -15.25 -9.44 80.99
CA LEU D 264 -13.99 -10.12 81.30
C LEU D 264 -14.23 -11.58 81.62
N THR D 265 -15.36 -11.90 82.26
CA THR D 265 -15.67 -13.29 82.57
C THR D 265 -16.21 -14.01 81.34
N ASP D 266 -17.00 -13.33 80.52
CA ASP D 266 -17.57 -13.96 79.33
C ASP D 266 -16.49 -14.26 78.30
N TYR D 267 -15.49 -13.39 78.18
CA TYR D 267 -14.39 -13.55 77.23
C TYR D 267 -13.19 -14.27 77.84
N ARG D 268 -13.32 -14.76 79.08
CA ARG D 268 -12.22 -15.47 79.73
C ARG D 268 -11.70 -16.62 78.88
N ALA D 269 -12.57 -17.23 78.08
CA ALA D 269 -12.11 -18.29 77.15
C ALA D 269 -11.16 -17.71 76.11
N GLU D 270 -11.51 -16.57 75.52
CA GLU D 270 -10.60 -15.91 74.59
C GLU D 270 -9.41 -15.29 75.32
N LEU D 271 -9.59 -15.00 76.61
CA LEU D 271 -8.48 -14.49 77.41
C LEU D 271 -7.38 -15.53 77.55
N ARG D 272 -7.74 -16.81 77.50
CA ARG D 272 -6.74 -17.87 77.61
C ARG D 272 -5.90 -17.99 76.34
N ASP D 273 -6.50 -17.71 75.19
CA ASP D 273 -5.77 -17.75 73.93
C ASP D 273 -4.85 -16.56 73.73
N ASP D 274 -4.93 -15.56 74.61
CA ASP D 274 -4.02 -14.42 74.59
C ASP D 274 -2.58 -14.91 74.73
N PRO D 275 -1.68 -14.59 73.80
CA PRO D 275 -0.30 -15.09 73.92
C PRO D 275 0.37 -14.70 75.22
N ILE D 276 0.23 -13.45 75.64
CA ILE D 276 0.68 -13.01 76.97
C ILE D 276 -0.55 -12.48 77.68
N ILE D 277 -1.00 -13.20 78.71
CA ILE D 277 -2.25 -12.85 79.35
C ILE D 277 -2.10 -11.63 80.26
N SER D 278 -0.96 -11.50 80.96
CA SER D 278 -0.79 -10.38 81.88
C SER D 278 -0.57 -9.06 81.16
N THR D 279 0.41 -9.00 80.25
CA THR D 279 0.84 -7.72 79.69
C THR D 279 -0.27 -7.04 78.91
N HIS D 280 -1.07 -7.80 78.16
CA HIS D 280 -2.13 -7.20 77.36
C HIS D 280 -3.13 -6.46 78.24
N LEU D 281 -3.61 -7.11 79.30
CA LEU D 281 -4.60 -6.52 80.19
C LEU D 281 -3.98 -5.69 81.30
N ALA D 282 -2.68 -5.80 81.55
CA ALA D 282 -2.04 -4.96 82.56
C ALA D 282 -1.88 -3.53 82.06
N LYS D 283 -1.38 -3.37 80.83
CA LYS D 283 -1.28 -2.03 80.25
C LYS D 283 -2.66 -1.42 80.04
N LEU D 284 -3.68 -2.25 79.83
CA LEU D 284 -5.04 -1.74 79.75
C LEU D 284 -5.53 -1.29 81.12
N TYR D 285 -5.44 -2.17 82.11
CA TYR D 285 -5.98 -1.88 83.44
C TYR D 285 -5.23 -0.72 84.08
N ASP D 286 -3.91 -0.65 83.85
CA ASP D 286 -3.15 0.48 84.36
C ASP D 286 -3.51 1.77 83.63
N ASN D 287 -3.74 1.71 82.32
CA ASN D 287 -4.16 2.90 81.60
C ASN D 287 -5.61 3.26 81.91
N LEU D 288 -6.50 2.26 81.94
CA LEU D 288 -7.89 2.50 82.27
C LEU D 288 -8.09 2.95 83.71
N LEU D 289 -7.10 2.72 84.58
CA LEU D 289 -7.13 3.23 85.94
C LEU D 289 -7.29 4.75 85.95
N GLU D 290 -6.31 5.47 85.41
CA GLU D 290 -6.41 6.93 85.38
C GLU D 290 -7.50 7.42 84.44
N GLN D 291 -7.97 6.58 83.51
CA GLN D 291 -9.10 6.97 82.66
C GLN D 291 -10.33 7.27 83.51
N ASN D 292 -10.59 6.45 84.52
CA ASN D 292 -11.69 6.73 85.44
C ASN D 292 -11.26 7.65 86.57
N LEU D 293 -9.95 7.83 86.76
CA LEU D 293 -9.48 8.75 87.79
C LEU D 293 -9.56 10.20 87.32
N ILE D 294 -9.27 10.44 86.04
CA ILE D 294 -9.36 11.80 85.51
C ILE D 294 -10.82 12.24 85.42
N ARG D 295 -11.75 11.29 85.56
CA ARG D 295 -13.16 11.65 85.59
C ARG D 295 -13.58 12.15 86.97
N VAL D 296 -13.09 11.49 88.03
CA VAL D 296 -13.48 11.86 89.38
C VAL D 296 -12.70 13.06 89.90
N ILE D 297 -11.44 13.21 89.51
CA ILE D 297 -10.62 14.32 90.01
C ILE D 297 -10.88 15.62 89.26
N GLU D 298 -11.40 15.55 88.03
CA GLU D 298 -11.60 16.73 87.19
C GLU D 298 -12.61 17.75 87.72
N PRO D 299 -13.83 17.36 88.12
CA PRO D 299 -14.88 18.39 88.29
C PRO D 299 -14.56 19.47 89.31
N PHE D 300 -14.08 19.09 90.49
CA PHE D 300 -13.77 20.06 91.54
C PHE D 300 -12.28 19.99 91.87
N SER D 301 -11.72 21.13 92.26
CA SER D 301 -10.26 21.27 92.34
C SER D 301 -9.66 20.33 93.37
N ARG D 302 -10.08 20.46 94.63
CA ARG D 302 -9.47 19.68 95.70
C ARG D 302 -10.45 18.62 96.21
N VAL D 303 -9.93 17.43 96.48
CA VAL D 303 -10.73 16.27 96.87
C VAL D 303 -10.06 15.59 98.04
N GLN D 304 -10.86 15.00 98.93
CA GLN D 304 -10.32 14.19 100.00
C GLN D 304 -9.69 12.91 99.43
N ILE D 305 -8.54 12.54 99.98
CA ILE D 305 -7.79 11.43 99.40
C ILE D 305 -8.35 10.08 99.84
N GLU D 306 -9.13 10.04 100.93
CA GLU D 306 -9.64 8.77 101.41
C GLU D 306 -10.83 8.28 100.60
N HIS D 307 -11.77 9.18 100.27
CA HIS D 307 -12.93 8.77 99.49
C HIS D 307 -12.62 8.67 98.00
N ILE D 308 -11.75 9.54 97.49
CA ILE D 308 -11.40 9.48 96.07
C ILE D 308 -10.59 8.22 95.78
N SER D 309 -9.89 7.69 96.78
CA SER D 309 -9.18 6.43 96.61
C SER D 309 -10.01 5.26 97.11
N SER D 310 -11.23 5.50 97.60
CA SER D 310 -12.12 4.42 97.98
C SER D 310 -12.78 3.75 96.78
N LEU D 311 -12.93 4.47 95.67
CA LEU D 311 -13.46 3.86 94.46
C LEU D 311 -12.43 2.95 93.81
N ILE D 312 -11.15 3.23 94.02
CA ILE D 312 -10.07 2.39 93.53
C ILE D 312 -9.69 1.42 94.65
N LYS D 313 -10.42 1.51 95.77
CA LYS D 313 -10.50 0.56 96.88
C LYS D 313 -9.37 0.70 97.90
N LEU D 314 -8.31 1.45 97.60
CA LEU D 314 -7.22 1.60 98.57
C LEU D 314 -6.45 2.87 98.27
N SER D 315 -5.65 3.30 99.25
CA SER D 315 -4.94 4.57 99.15
C SER D 315 -3.42 4.41 99.15
N LYS D 316 -2.86 4.12 100.32
CA LYS D 316 -1.44 4.33 100.57
C LYS D 316 -0.55 3.35 99.79
N ALA D 317 -0.93 2.08 99.72
CA ALA D 317 -0.05 1.04 99.20
C ALA D 317 0.46 1.32 97.79
N ASP D 318 -0.43 1.31 96.80
CA ASP D 318 -0.05 1.51 95.41
C ASP D 318 -0.60 2.81 94.84
N VAL D 319 -1.92 2.99 94.86
CA VAL D 319 -2.63 4.11 94.23
C VAL D 319 -1.95 5.44 94.49
N GLU D 320 -1.94 5.89 95.74
CA GLU D 320 -1.31 7.15 96.09
C GLU D 320 0.18 7.20 95.74
N ARG D 321 0.85 6.05 95.71
CA ARG D 321 2.20 6.01 95.18
C ARG D 321 2.20 6.12 93.66
N LYS D 322 1.25 5.47 93.00
CA LYS D 322 1.09 5.65 91.56
C LYS D 322 0.61 7.07 91.24
N LEU D 323 -0.30 7.61 92.06
CA LEU D 323 -0.71 8.99 91.89
C LEU D 323 0.44 9.95 92.18
N SER D 324 1.35 9.57 93.08
CA SER D 324 2.55 10.38 93.31
C SER D 324 3.46 10.34 92.09
N GLN D 325 3.43 9.23 91.35
CA GLN D 325 4.18 9.13 90.10
C GLN D 325 3.55 9.96 88.99
N MET D 326 2.27 10.30 89.12
CA MET D 326 1.60 11.11 88.10
C MET D 326 2.16 12.53 88.05
N ILE D 327 2.51 13.10 89.21
CA ILE D 327 3.20 14.39 89.22
C ILE D 327 4.55 14.25 88.54
N LEU D 328 5.18 13.09 88.67
CA LEU D 328 6.47 12.85 88.05
C LEU D 328 6.32 12.70 86.54
N ASP D 329 5.23 12.08 86.10
CA ASP D 329 4.94 11.91 84.68
C ASP D 329 4.24 13.12 84.08
N LYS D 330 3.96 14.15 84.88
CA LYS D 330 3.32 15.41 84.51
C LYS D 330 1.86 15.24 84.10
N LYS D 331 1.34 14.02 84.06
CA LYS D 331 -0.07 13.79 83.76
C LYS D 331 -1.01 14.41 84.80
N PHE D 332 -0.52 14.66 86.00
CA PHE D 332 -1.34 15.21 87.08
C PHE D 332 -0.54 16.28 87.81
N HIS D 333 -1.12 17.48 87.91
CA HIS D 333 -0.49 18.59 88.62
C HIS D 333 -1.27 18.84 89.90
N GLY D 334 -0.64 18.60 91.03
CA GLY D 334 -1.26 18.79 92.32
C GLY D 334 -0.34 18.33 93.43
N ILE D 335 -0.89 18.33 94.65
CA ILE D 335 -0.15 17.90 95.83
C ILE D 335 -1.13 17.33 96.83
N LEU D 336 -0.66 16.35 97.61
CA LEU D 336 -1.54 15.69 98.57
C LEU D 336 -1.35 16.29 99.96
N ASP D 337 -2.16 15.80 100.90
CA ASP D 337 -2.01 16.11 102.32
C ASP D 337 -2.13 14.81 103.09
N GLN D 338 -1.06 14.42 103.78
CA GLN D 338 -1.04 13.12 104.43
C GLN D 338 -1.82 13.14 105.75
N GLY D 339 -1.67 14.21 106.52
CA GLY D 339 -2.31 14.30 107.81
C GLY D 339 -3.83 14.40 107.78
N GLU D 340 -4.35 15.42 107.09
CA GLU D 340 -5.80 15.64 107.03
C GLU D 340 -6.47 14.98 105.83
N GLY D 341 -5.69 14.44 104.90
CA GLY D 341 -6.26 13.70 103.78
C GLY D 341 -7.06 14.53 102.80
N VAL D 342 -6.46 15.56 102.22
CA VAL D 342 -7.11 16.40 101.20
C VAL D 342 -6.11 16.60 100.06
N LEU D 343 -6.50 16.17 98.87
CA LEU D 343 -5.64 16.35 97.69
C LEU D 343 -5.90 17.71 97.06
N ILE D 344 -4.84 18.50 96.92
CA ILE D 344 -4.93 19.86 96.38
C ILE D 344 -4.27 19.88 95.01
N ILE D 345 -4.95 20.45 94.03
CA ILE D 345 -4.46 20.55 92.66
C ILE D 345 -4.12 22.01 92.37
N PHE D 346 -2.87 22.26 91.99
CA PHE D 346 -2.44 23.60 91.59
C PHE D 346 -1.59 23.50 90.34
N ASP D 347 -2.02 24.19 89.29
CA ASP D 347 -1.25 24.35 88.06
C ASP D 347 -0.47 25.67 88.03
N GLU D 348 -0.50 26.42 89.13
CA GLU D 348 -0.05 27.80 89.22
C GLU D 348 1.37 28.06 88.73
N PRO D 349 2.41 27.44 89.29
CA PRO D 349 3.75 28.06 89.32
C PRO D 349 4.45 28.06 87.97
N PRO D 350 4.23 29.08 87.14
CA PRO D 350 4.82 29.07 85.80
C PRO D 350 6.30 29.42 85.83
N VAL D 351 6.98 29.13 84.74
CA VAL D 351 8.34 29.61 84.49
C VAL D 351 8.32 30.32 83.15
N ASP D 352 8.48 31.65 83.17
CA ASP D 352 8.38 32.42 81.93
C ASP D 352 9.53 33.41 81.79
N LYS D 353 9.56 34.43 82.66
CA LYS D 353 10.53 35.52 82.56
C LYS D 353 11.94 35.11 82.96
N THR D 354 12.08 34.14 83.86
CA THR D 354 13.37 33.86 84.50
C THR D 354 14.34 33.15 83.58
N TYR D 355 14.03 31.93 83.13
CA TYR D 355 14.92 31.23 82.19
C TYR D 355 15.20 32.06 80.96
N GLU D 356 14.29 32.96 80.59
CA GLU D 356 14.55 33.84 79.47
C GLU D 356 15.57 34.92 79.81
N ALA D 357 15.97 35.02 81.07
CA ALA D 357 16.95 36.01 81.51
C ALA D 357 18.31 35.38 81.79
N ALA D 358 18.38 34.49 82.77
CA ALA D 358 19.65 33.92 83.21
C ALA D 358 20.34 33.14 82.09
N LEU D 359 19.56 32.42 81.29
CA LEU D 359 20.16 31.61 80.22
C LEU D 359 20.81 32.49 79.16
N GLU D 360 20.28 33.69 78.95
CA GLU D 360 20.91 34.62 78.00
C GLU D 360 22.18 35.21 78.60
N THR D 361 22.22 35.38 79.92
CA THR D 361 23.43 35.88 80.56
C THR D 361 24.54 34.83 80.53
N ILE D 362 24.19 33.55 80.68
CA ILE D 362 25.19 32.48 80.58
C ILE D 362 25.84 32.51 79.19
N GLN D 363 25.05 32.83 78.16
CA GLN D 363 25.62 33.00 76.83
C GLN D 363 26.47 34.27 76.77
N ASN D 364 26.09 35.30 77.53
CA ASN D 364 26.87 36.53 77.55
C ASN D 364 28.23 36.31 78.21
N MET D 365 28.37 35.23 78.99
CA MET D 365 29.67 34.87 79.55
C MET D 365 30.63 34.46 78.45
N SER D 366 30.10 34.00 77.31
CA SER D 366 30.96 33.64 76.19
C SER D 366 31.32 34.86 75.36
N LYS D 367 30.60 35.97 75.54
CA LYS D 367 30.91 37.18 74.79
C LYS D 367 32.16 37.85 75.34
N VAL D 368 32.27 37.96 76.67
CA VAL D 368 33.41 38.62 77.27
C VAL D 368 34.66 37.73 77.24
N VAL D 369 34.50 36.44 77.55
CA VAL D 369 35.64 35.54 77.55
C VAL D 369 36.26 35.44 76.16
N ASP D 370 35.43 35.38 75.12
CA ASP D 370 35.95 35.37 73.77
C ASP D 370 36.52 36.73 73.39
N SER D 371 36.04 37.81 74.00
CA SER D 371 36.62 39.12 73.75
C SER D 371 37.90 39.34 74.56
N LEU D 372 38.09 38.55 75.62
CA LEU D 372 39.34 38.64 76.38
C LEU D 372 40.55 38.34 75.52
N TYR D 373 40.38 37.53 74.47
CA TYR D 373 41.46 37.30 73.52
C TYR D 373 41.80 38.57 72.75
N ASN D 374 40.78 39.31 72.32
CA ASN D 374 41.03 40.58 71.63
C ASN D 374 41.70 41.58 72.55
N LYS D 375 41.23 41.66 73.80
CA LYS D 375 41.76 42.59 74.80
C LYS D 375 43.27 42.41 74.99
N ALA D 376 43.68 41.22 75.47
CA ALA D 376 45.08 40.98 75.78
C ALA D 376 45.97 40.97 74.54
N LYS D 377 45.41 40.70 73.36
CA LYS D 377 46.24 40.65 72.16
C LYS D 377 46.65 42.03 71.69
N LYS D 378 45.71 42.98 71.67
CA LYS D 378 46.02 44.31 71.17
C LYS D 378 46.89 45.09 72.16
N LEU D 379 46.70 44.86 73.45
CA LEU D 379 47.46 45.60 74.45
C LEU D 379 48.89 45.12 74.57
N THR D 380 49.11 43.80 74.62
CA THR D 380 50.45 43.25 74.77
C THR D 380 50.65 42.02 73.90
N PRO E 1 43.14 -6.78 66.88
CA PRO E 1 44.26 -7.33 67.65
C PRO E 1 44.47 -6.62 68.97
N LYS E 2 43.42 -6.57 69.79
CA LYS E 2 43.48 -5.86 71.07
C LYS E 2 43.01 -6.74 72.22
N ASN E 3 41.77 -7.22 72.16
CA ASN E 3 41.08 -7.93 73.23
C ASN E 3 41.93 -8.96 73.97
N PRO E 4 42.72 -9.79 73.28
CA PRO E 4 43.61 -10.69 74.04
C PRO E 4 44.58 -9.95 74.96
N ASP E 5 45.22 -8.90 74.47
CA ASP E 5 46.02 -8.03 75.32
C ASP E 5 45.19 -7.01 76.07
N LEU E 6 44.08 -6.55 75.48
CA LEU E 6 43.21 -5.61 76.18
C LEU E 6 42.66 -6.24 77.46
N ARG E 7 42.55 -7.57 77.48
CA ARG E 7 42.17 -8.29 78.69
C ARG E 7 43.30 -8.35 79.71
N ILE E 8 44.55 -8.20 79.29
CA ILE E 8 45.65 -8.10 80.25
C ILE E 8 45.50 -6.85 81.11
N ALA E 9 45.04 -5.76 80.49
CA ALA E 9 44.69 -4.57 81.27
C ALA E 9 43.54 -4.87 82.23
N GLN E 10 42.59 -5.71 81.81
CA GLN E 10 41.56 -6.20 82.72
C GLN E 10 42.19 -7.03 83.83
N LEU E 11 43.23 -7.79 83.51
CA LEU E 11 43.96 -8.54 84.52
C LEU E 11 44.74 -7.65 85.46
N ARG E 12 45.20 -6.48 84.99
CA ARG E 12 45.91 -5.55 85.86
C ARG E 12 45.00 -5.01 86.96
N PHE E 13 43.78 -4.59 86.61
CA PHE E 13 42.84 -4.14 87.62
C PHE E 13 42.29 -5.31 88.42
N LEU E 14 42.25 -6.51 87.83
CA LEU E 14 41.87 -7.70 88.59
C LEU E 14 42.94 -8.02 89.64
N LEU E 15 44.20 -7.71 89.35
CA LEU E 15 45.23 -7.82 90.36
C LEU E 15 45.26 -6.62 91.29
N SER E 16 44.94 -5.43 90.76
CA SER E 16 45.10 -4.20 91.53
C SER E 16 44.31 -4.16 92.83
N LEU E 17 42.99 -3.98 92.74
CA LEU E 17 42.20 -3.84 93.98
C LEU E 17 42.11 -5.15 94.75
N PRO E 18 41.56 -6.24 94.21
CA PRO E 18 41.55 -7.50 94.97
C PRO E 18 42.94 -8.14 94.97
N GLU E 19 43.37 -8.59 96.15
CA GLU E 19 44.59 -9.36 96.29
C GLU E 19 44.33 -10.87 96.38
N HIS E 20 43.07 -11.28 96.27
CA HIS E 20 42.72 -12.68 96.51
C HIS E 20 43.40 -13.62 95.53
N ARG E 21 43.17 -13.44 94.23
CA ARG E 21 43.68 -14.36 93.21
C ARG E 21 44.92 -13.76 92.56
N GLY E 22 46.08 -14.31 92.87
CA GLY E 22 47.28 -13.99 92.13
C GLY E 22 47.68 -15.10 91.18
N ASP E 23 47.13 -16.29 91.39
CA ASP E 23 47.40 -17.42 90.51
C ASP E 23 46.51 -17.41 89.27
N ALA E 24 45.22 -17.09 89.45
CA ALA E 24 44.28 -17.15 88.34
C ALA E 24 44.59 -16.06 87.31
N ALA E 25 45.04 -14.89 87.78
CA ALA E 25 45.37 -13.81 86.87
C ALA E 25 46.73 -14.01 86.20
N VAL E 26 47.64 -14.78 86.82
CA VAL E 26 48.95 -15.02 86.22
C VAL E 26 48.96 -16.24 85.30
N ARG E 27 47.95 -17.12 85.37
CA ARG E 27 47.92 -18.25 84.47
C ARG E 27 47.51 -17.84 83.06
N ASP E 28 46.40 -17.12 82.93
CA ASP E 28 46.01 -16.60 81.62
C ASP E 28 46.95 -15.49 81.17
N GLU E 29 47.66 -14.86 82.10
CA GLU E 29 48.72 -13.92 81.71
C GLU E 29 49.89 -14.68 81.09
N LEU E 30 50.28 -15.80 81.70
CA LEU E 30 51.30 -16.65 81.10
C LEU E 30 50.75 -17.33 79.85
N MET E 31 49.46 -17.68 79.86
CA MET E 31 48.84 -18.16 78.63
C MET E 31 48.82 -17.08 77.56
N ALA E 32 48.71 -15.81 77.97
CA ALA E 32 48.90 -14.70 77.05
C ALA E 32 50.37 -14.40 76.81
N ALA E 33 51.27 -14.95 77.62
CA ALA E 33 52.70 -14.85 77.35
C ALA E 33 53.16 -15.90 76.34
N VAL E 34 52.69 -17.15 76.48
CA VAL E 34 53.08 -18.21 75.56
C VAL E 34 52.51 -18.01 74.16
N ARG E 35 51.46 -17.20 74.02
CA ARG E 35 51.00 -16.77 72.72
C ARG E 35 51.21 -15.27 72.62
N ASP E 36 50.95 -14.72 71.43
CA ASP E 36 50.93 -13.26 71.21
C ASP E 36 52.31 -12.63 71.46
N ASN E 37 53.24 -13.43 72.01
CA ASN E 37 54.62 -13.01 72.26
C ASN E 37 54.72 -11.86 73.25
N ASN E 38 53.83 -11.83 74.24
CA ASN E 38 53.84 -10.75 75.22
C ASN E 38 55.07 -10.83 76.12
N MET E 39 55.78 -9.71 76.24
CA MET E 39 56.96 -9.64 77.10
C MET E 39 56.70 -8.73 78.29
N ALA E 40 56.66 -7.42 78.06
CA ALA E 40 56.37 -6.49 79.16
C ALA E 40 55.02 -6.73 79.83
N PRO E 41 53.95 -7.14 79.15
CA PRO E 41 52.72 -7.51 79.87
C PRO E 41 52.95 -8.43 81.06
N TYR E 42 53.87 -9.40 80.94
CA TYR E 42 54.20 -10.20 82.12
C TYR E 42 55.36 -9.61 82.91
N TYR E 43 56.08 -8.63 82.38
CA TYR E 43 57.14 -7.97 83.15
C TYR E 43 56.58 -6.99 84.16
N GLU E 44 55.66 -6.12 83.73
CA GLU E 44 54.99 -5.24 84.68
C GLU E 44 54.03 -6.01 85.56
N ALA E 45 53.59 -7.19 85.12
CA ALA E 45 52.81 -8.07 85.98
C ALA E 45 53.72 -8.90 86.88
N LEU E 46 55.02 -8.95 86.55
CA LEU E 46 55.95 -9.70 87.38
C LEU E 46 56.17 -9.00 88.72
N CYS E 47 56.04 -7.67 88.75
CA CYS E 47 56.11 -6.94 90.00
C CYS E 47 54.80 -7.02 90.76
N LYS E 48 53.67 -6.91 90.05
CA LYS E 48 52.37 -7.01 90.71
C LYS E 48 52.10 -8.44 91.17
N SER E 49 52.21 -9.41 90.27
CA SER E 49 52.00 -10.81 90.59
C SER E 49 53.31 -11.41 91.11
N LEU E 50 53.36 -12.74 91.22
CA LEU E 50 54.53 -13.41 91.78
C LEU E 50 55.75 -13.20 90.88
N ASP E 51 56.92 -13.27 91.51
CA ASP E 51 58.18 -13.15 90.79
C ASP E 51 58.71 -14.54 90.45
N TRP E 52 57.79 -15.44 90.14
CA TRP E 52 58.11 -16.82 89.78
C TRP E 52 59.02 -17.48 90.82
N GLN E 53 60.30 -17.58 90.49
CA GLN E 53 60.96 -18.81 90.10
C GLN E 53 61.72 -18.56 88.79
N ILE E 54 61.09 -18.92 87.67
CA ILE E 54 61.72 -18.70 86.37
C ILE E 54 60.63 -18.44 85.33
N ASP E 55 60.80 -17.36 84.56
CA ASP E 55 60.16 -17.23 83.26
C ASP E 55 61.24 -17.40 82.19
N VAL E 56 62.06 -16.36 82.01
CA VAL E 56 63.37 -16.43 81.37
C VAL E 56 63.32 -17.24 80.07
N ASP E 57 64.11 -18.33 80.02
CA ASP E 57 64.34 -19.04 78.77
C ASP E 57 63.07 -19.54 78.12
N LEU E 58 62.04 -19.85 78.92
CA LEU E 58 60.76 -20.23 78.34
C LEU E 58 60.18 -19.11 77.49
N LEU E 59 60.21 -17.88 78.03
CA LEU E 59 59.75 -16.71 77.30
C LEU E 59 60.88 -15.93 76.64
N ASN E 60 62.14 -16.32 76.85
CA ASN E 60 63.24 -15.71 76.12
C ASN E 60 63.40 -16.29 74.72
N LYS E 61 63.18 -17.59 74.57
CA LYS E 61 63.12 -18.16 73.22
C LYS E 61 61.98 -17.55 72.41
N MET E 62 60.98 -16.97 73.10
CA MET E 62 59.94 -16.22 72.41
C MET E 62 60.46 -14.86 71.96
N LYS E 63 60.92 -14.03 72.91
CA LYS E 63 61.51 -12.75 72.53
C LYS E 63 62.68 -12.91 71.57
N LYS E 64 63.34 -14.06 71.56
CA LYS E 64 64.30 -14.34 70.50
C LYS E 64 63.58 -14.66 69.20
N ALA E 65 62.57 -15.52 69.23
CA ALA E 65 61.72 -15.72 68.06
C ALA E 65 60.99 -14.43 67.70
N ASN E 66 60.64 -13.61 68.70
CA ASN E 66 60.19 -12.26 68.42
C ASN E 66 61.26 -11.48 67.67
N GLU E 67 62.48 -11.44 68.22
CA GLU E 67 63.60 -10.81 67.55
C GLU E 67 63.83 -11.36 66.15
N ASP E 68 63.66 -12.66 65.96
CA ASP E 68 63.70 -13.23 64.62
C ASP E 68 62.54 -12.72 63.78
N GLU E 69 61.36 -12.58 64.39
CA GLU E 69 60.23 -12.00 63.69
C GLU E 69 60.35 -10.47 63.64
N LEU E 70 61.10 -9.90 64.58
CA LEU E 70 61.35 -8.45 64.55
C LEU E 70 62.41 -8.12 63.52
N LYS E 71 63.46 -8.94 63.43
CA LYS E 71 64.52 -8.67 62.45
C LYS E 71 64.06 -8.92 61.03
N ARG E 72 63.19 -9.91 60.81
CA ARG E 72 62.67 -10.18 59.46
C ARG E 72 61.73 -9.08 59.00
N LEU E 73 61.07 -8.38 59.93
CA LEU E 73 60.36 -7.15 59.57
C LEU E 73 61.32 -5.99 59.42
N ASP E 74 62.38 -5.95 60.23
CA ASP E 74 63.46 -5.00 60.05
C ASP E 74 64.34 -5.33 58.87
N GLU E 75 64.34 -6.58 58.40
CA GLU E 75 64.93 -6.90 57.11
C GLU E 75 63.97 -6.55 55.98
N GLU E 76 62.66 -6.56 56.27
CA GLU E 76 61.67 -6.22 55.26
C GLU E 76 61.68 -4.73 54.91
N LEU E 77 62.27 -3.90 55.78
CA LEU E 77 62.27 -2.47 55.50
C LEU E 77 63.24 -2.11 54.37
N GLU E 78 64.45 -2.69 54.39
CA GLU E 78 65.40 -2.45 53.30
C GLU E 78 65.22 -3.39 52.12
N ASP E 79 64.50 -4.51 52.31
CA ASP E 79 64.22 -5.38 51.18
C ASP E 79 63.09 -4.85 50.32
N ALA E 80 62.04 -4.28 50.93
CA ALA E 80 60.94 -3.73 50.18
C ALA E 80 61.26 -2.36 49.61
N GLU E 81 62.07 -1.56 50.30
CA GLU E 81 62.49 -0.27 49.79
C GLU E 81 63.48 -0.38 48.65
N LYS E 82 64.04 -1.57 48.42
CA LYS E 82 64.82 -1.80 47.21
C LYS E 82 63.95 -1.63 45.98
N ASN E 83 62.71 -2.10 46.04
CA ASN E 83 61.71 -1.79 45.03
C ASN E 83 61.05 -0.45 45.36
N LEU E 84 60.05 -0.06 44.57
CA LEU E 84 59.38 1.21 44.80
C LEU E 84 57.87 1.04 44.63
N GLY E 85 57.14 1.69 45.52
CA GLY E 85 55.69 1.67 45.50
C GLY E 85 55.15 2.67 46.49
N GLU E 86 53.88 3.04 46.32
CA GLU E 86 53.27 4.05 47.16
C GLU E 86 52.72 3.40 48.43
N SER E 87 53.27 3.78 49.58
CA SER E 87 52.77 3.40 50.90
C SER E 87 52.85 1.90 51.17
N GLU E 88 53.18 1.10 50.17
CA GLU E 88 53.15 -0.35 50.34
C GLU E 88 54.40 -0.86 51.05
N ILE E 89 55.55 -0.24 50.77
CA ILE E 89 56.82 -0.69 51.32
C ILE E 89 56.81 -0.59 52.85
N ARG E 90 56.46 0.59 53.36
CA ARG E 90 56.58 0.93 54.77
C ARG E 90 55.29 0.69 55.55
N ASP E 91 54.24 0.18 54.90
CA ASP E 91 53.03 -0.20 55.62
C ASP E 91 53.24 -1.51 56.39
N ALA E 92 54.24 -2.30 55.98
CA ALA E 92 54.51 -3.56 56.67
C ALA E 92 55.24 -3.34 57.99
N MET E 93 55.88 -2.17 58.15
CA MET E 93 56.63 -1.87 59.36
C MET E 93 55.82 -1.10 60.40
N MET E 94 54.52 -0.90 60.18
CA MET E 94 53.72 -0.24 61.19
C MET E 94 52.87 -1.23 61.98
N ALA E 95 51.86 -1.82 61.34
CA ALA E 95 50.91 -2.68 62.03
C ALA E 95 51.56 -3.83 62.77
N LYS E 96 52.51 -4.53 62.13
CA LYS E 96 53.17 -5.65 62.79
C LYS E 96 54.27 -5.19 63.73
N ALA E 97 54.94 -4.08 63.42
CA ALA E 97 55.98 -3.58 64.31
C ALA E 97 55.40 -2.80 65.49
N GLU E 98 54.21 -2.23 65.32
CA GLU E 98 53.51 -1.68 66.48
C GLU E 98 52.74 -2.77 67.21
N TYR E 99 52.57 -3.93 66.56
CA TYR E 99 52.21 -5.14 67.28
C TYR E 99 53.36 -5.59 68.18
N LEU E 100 54.58 -5.12 67.89
CA LEU E 100 55.71 -5.38 68.79
C LEU E 100 55.69 -4.45 69.99
N CYS E 101 54.92 -3.36 69.95
CA CYS E 101 54.59 -2.63 71.17
C CYS E 101 53.75 -3.50 72.08
N ARG E 102 52.87 -4.31 71.49
CA ARG E 102 52.13 -5.31 72.25
C ARG E 102 53.07 -6.34 72.87
N ILE E 103 54.18 -6.64 72.20
CA ILE E 103 55.23 -7.49 72.78
C ILE E 103 55.74 -6.87 74.07
N GLY E 104 56.36 -5.69 73.99
CA GLY E 104 56.92 -5.10 75.20
C GLY E 104 57.07 -3.60 75.17
N ASP E 105 56.99 -3.03 76.37
CA ASP E 105 57.33 -1.67 76.82
C ASP E 105 56.73 -0.61 75.89
N LYS E 106 57.43 0.51 75.75
CA LYS E 106 57.14 1.55 74.77
C LYS E 106 58.07 1.52 73.58
N GLU E 107 59.06 0.63 73.56
CA GLU E 107 60.04 0.62 72.48
C GLU E 107 59.37 0.37 71.13
N GLY E 108 58.50 -0.62 71.08
CA GLY E 108 57.70 -0.81 69.87
C GLY E 108 56.78 0.35 69.60
N ALA E 109 56.19 0.93 70.65
CA ALA E 109 55.31 2.09 70.50
C ALA E 109 56.01 3.29 69.89
N LEU E 110 56.92 3.92 70.64
CA LEU E 110 57.36 5.27 70.32
C LEU E 110 58.14 5.31 69.01
N THR E 111 59.01 4.32 68.77
CA THR E 111 59.84 4.37 67.58
C THR E 111 59.13 3.91 66.31
N ALA E 112 58.09 3.08 66.43
CA ALA E 112 57.39 2.65 65.22
C ALA E 112 56.20 3.53 64.91
N PHE E 113 55.79 4.40 65.84
CA PHE E 113 54.69 5.31 65.59
C PHE E 113 55.12 6.46 64.70
N ARG E 114 56.22 7.13 65.07
CA ARG E 114 56.66 8.31 64.32
C ARG E 114 57.43 7.90 63.07
N LYS E 115 57.95 6.68 63.03
CA LYS E 115 58.73 6.24 61.88
C LYS E 115 57.85 6.00 60.67
N THR E 116 56.63 5.51 60.87
CA THR E 116 55.69 5.26 59.78
C THR E 116 54.70 6.39 59.57
N TYR E 117 54.79 7.48 60.33
CA TYR E 117 53.71 8.46 60.38
C TYR E 117 53.70 9.36 59.14
N ASP E 118 54.88 9.67 58.61
CA ASP E 118 54.96 10.68 57.55
C ASP E 118 54.57 10.12 56.19
N LYS E 119 54.72 8.80 55.99
CA LYS E 119 54.49 8.23 54.67
C LYS E 119 53.01 8.05 54.35
N THR E 120 52.23 7.62 55.34
CA THR E 120 50.89 7.09 55.09
C THR E 120 50.03 8.07 54.31
N VAL E 121 49.48 7.59 53.20
CA VAL E 121 48.60 8.40 52.36
C VAL E 121 47.13 8.22 52.71
N ALA E 122 46.80 7.27 53.58
CA ALA E 122 45.41 6.96 53.93
C ALA E 122 45.19 7.25 55.41
N LEU E 123 43.98 7.70 55.74
CA LEU E 123 43.62 7.99 57.13
C LEU E 123 43.43 6.72 57.95
N GLY E 124 43.21 5.58 57.32
CA GLY E 124 43.03 4.34 58.09
C GLY E 124 44.31 3.88 58.76
N HIS E 125 45.46 4.13 58.12
CA HIS E 125 46.73 3.72 58.70
C HIS E 125 47.14 4.68 59.81
N ARG E 126 46.82 5.98 59.66
CA ARG E 126 47.10 6.93 60.72
C ARG E 126 46.29 6.64 61.97
N LEU E 127 45.09 6.07 61.81
CA LEU E 127 44.27 5.73 62.96
C LEU E 127 44.71 4.45 63.65
N ASP E 128 45.31 3.51 62.90
CA ASP E 128 45.90 2.34 63.53
C ASP E 128 47.00 2.74 64.50
N ILE E 129 47.70 3.83 64.20
CA ILE E 129 48.62 4.46 65.14
C ILE E 129 47.82 4.84 66.38
N VAL E 130 46.88 5.77 66.22
CA VAL E 130 46.06 6.25 67.33
C VAL E 130 45.41 5.09 68.07
N PHE E 131 45.02 4.04 67.35
CA PHE E 131 44.55 2.81 67.99
C PHE E 131 45.57 2.30 69.00
N TYR E 132 46.78 1.97 68.52
CA TYR E 132 47.77 1.34 69.39
C TYR E 132 48.27 2.28 70.48
N LEU E 133 48.01 3.59 70.36
CA LEU E 133 48.29 4.49 71.48
C LEU E 133 47.20 4.39 72.54
N LEU E 134 45.99 4.00 72.14
CA LEU E 134 44.88 3.91 73.08
C LEU E 134 44.98 2.65 73.93
N ARG E 135 45.60 1.60 73.40
CA ARG E 135 45.72 0.35 74.13
C ARG E 135 46.84 0.43 75.17
N ILE E 136 47.97 1.06 74.80
CA ILE E 136 49.08 1.19 75.74
C ILE E 136 48.70 2.13 76.88
N GLY E 137 47.87 3.14 76.59
CA GLY E 137 47.34 3.99 77.65
C GLY E 137 46.26 3.32 78.46
N LEU E 138 45.66 2.25 77.95
CA LEU E 138 44.75 1.44 78.75
C LEU E 138 45.52 0.46 79.62
N PHE E 139 46.57 -0.16 79.07
CA PHE E 139 47.44 -1.05 79.83
C PHE E 139 48.06 -0.31 81.00
N TYR E 140 48.94 0.66 80.69
CA TYR E 140 49.52 1.51 81.71
C TYR E 140 48.59 2.70 81.95
N MET E 141 48.34 3.01 83.22
CA MET E 141 47.28 3.94 83.59
C MET E 141 47.54 5.37 83.16
N ASP E 142 48.72 5.65 82.59
CA ASP E 142 49.05 7.00 82.14
C ASP E 142 48.01 7.49 81.14
N ASN E 143 47.45 8.67 81.42
CA ASN E 143 46.36 9.24 80.62
C ASN E 143 46.85 10.14 79.49
N ASP E 144 48.14 10.45 79.46
CA ASP E 144 48.68 11.39 78.46
C ASP E 144 48.40 10.93 77.04
N LEU E 145 48.98 9.78 76.64
CA LEU E 145 49.06 9.43 75.24
C LEU E 145 47.69 9.25 74.60
N ILE E 146 46.68 8.86 75.38
CA ILE E 146 45.36 8.61 74.81
C ILE E 146 44.56 9.90 74.59
N THR E 147 44.98 11.02 75.21
CA THR E 147 44.32 12.29 74.96
C THR E 147 44.80 12.93 73.66
N ARG E 148 46.10 12.85 73.40
CA ARG E 148 46.66 13.58 72.25
C ARG E 148 46.34 12.89 70.94
N ASN E 149 46.42 11.55 70.91
CA ASN E 149 46.21 10.82 69.66
C ASN E 149 44.78 10.98 69.16
N THR E 150 43.81 11.06 70.07
CA THR E 150 42.42 11.26 69.66
C THR E 150 42.23 12.65 69.07
N GLU E 151 42.98 13.64 69.57
CA GLU E 151 42.94 14.97 68.98
C GLU E 151 43.54 14.96 67.59
N LYS E 152 44.56 14.14 67.37
CA LYS E 152 45.12 14.00 66.03
C LYS E 152 44.21 13.17 65.14
N ALA E 153 43.37 12.31 65.76
CA ALA E 153 42.49 11.45 64.98
C ALA E 153 41.27 12.22 64.48
N LYS E 154 40.82 13.23 65.23
CA LYS E 154 39.63 13.96 64.83
C LYS E 154 39.91 14.92 63.68
N SER E 155 41.13 15.45 63.59
CA SER E 155 41.43 16.42 62.55
C SER E 155 41.59 15.76 61.18
N LEU E 156 42.40 14.71 61.11
CA LEU E 156 42.77 14.12 59.82
C LEU E 156 41.68 13.21 59.27
N ILE E 157 41.13 12.32 60.10
CA ILE E 157 40.26 11.26 59.60
C ILE E 157 38.83 11.73 59.38
N GLU E 158 38.41 12.82 60.03
CA GLU E 158 37.04 13.31 59.98
C GLU E 158 36.83 14.32 58.85
N GLU E 159 37.77 14.46 57.93
CA GLU E 159 37.82 15.58 57.00
C GLU E 159 36.52 15.95 56.23
N GLY E 160 35.82 15.07 55.51
CA GLY E 160 36.01 13.64 55.33
C GLY E 160 35.08 12.75 56.14
N GLY E 161 34.61 11.66 55.52
CA GLY E 161 33.83 10.66 56.21
C GLY E 161 34.55 9.32 56.34
N ASP E 162 33.98 8.48 57.21
CA ASP E 162 34.08 7.03 57.10
C ASP E 162 32.96 6.42 57.94
N TRP E 163 32.57 5.20 57.58
CA TRP E 163 31.56 4.50 58.39
C TRP E 163 32.19 3.77 59.57
N ASP E 164 33.29 3.06 59.33
CA ASP E 164 33.79 2.06 60.29
C ASP E 164 34.61 2.71 61.39
N ARG E 165 35.81 3.18 61.06
CA ARG E 165 36.74 3.65 62.09
C ARG E 165 36.35 4.99 62.69
N ARG E 166 35.43 5.73 62.08
CA ARG E 166 34.96 6.97 62.70
C ARG E 166 33.98 6.69 63.84
N ASN E 167 33.16 5.66 63.71
CA ASN E 167 32.26 5.29 64.80
C ASN E 167 33.05 4.78 66.00
N ARG E 168 34.28 4.31 65.76
CA ARG E 168 35.13 3.88 66.86
C ARG E 168 35.63 5.08 67.65
N LEU E 169 35.86 6.21 66.98
CA LEU E 169 36.30 7.42 67.66
C LEU E 169 35.25 7.90 68.64
N LYS E 170 33.98 7.90 68.23
CA LYS E 170 32.89 8.28 69.13
C LYS E 170 32.83 7.34 70.33
N VAL E 171 33.30 6.10 70.17
CA VAL E 171 33.40 5.18 71.30
C VAL E 171 34.61 5.53 72.16
N TYR E 172 35.71 5.92 71.52
CA TYR E 172 36.92 6.24 72.27
C TYR E 172 36.73 7.46 73.17
N GLN E 173 36.31 8.58 72.59
CA GLN E 173 36.02 9.76 73.40
C GLN E 173 34.89 9.50 74.39
N GLY E 174 33.88 8.72 74.00
CA GLY E 174 32.87 8.29 74.96
C GLY E 174 33.47 7.47 76.09
N LEU E 175 34.37 6.55 75.76
CA LEU E 175 35.12 5.85 76.79
C LEU E 175 36.05 6.79 77.55
N TYR E 176 36.56 7.83 76.89
CA TYR E 176 37.32 8.84 77.61
C TYR E 176 36.39 9.73 78.44
N CYS E 177 35.18 9.97 77.96
CA CYS E 177 34.21 10.73 78.74
C CYS E 177 33.82 9.99 80.00
N VAL E 178 33.84 8.65 79.97
CA VAL E 178 33.62 7.89 81.19
C VAL E 178 34.95 7.58 81.88
N ALA E 179 36.08 7.79 81.20
CA ALA E 179 37.37 7.64 81.85
C ALA E 179 37.65 8.82 82.78
N ILE E 180 37.47 10.04 82.28
CA ILE E 180 37.40 11.22 83.13
C ILE E 180 35.93 11.40 83.47
N ARG E 181 35.56 12.52 84.08
CA ARG E 181 34.15 12.75 84.40
C ARG E 181 33.52 13.58 83.30
N ASP E 182 32.72 12.93 82.45
CA ASP E 182 31.71 13.60 81.64
C ASP E 182 30.51 12.66 81.56
N PHE E 183 29.37 13.07 82.13
CA PHE E 183 28.16 12.28 82.02
C PHE E 183 27.39 12.55 80.74
N LYS E 184 27.26 13.81 80.34
CA LYS E 184 26.31 14.17 79.29
C LYS E 184 26.79 13.70 77.92
N GLN E 185 28.07 13.85 77.62
CA GLN E 185 28.60 13.44 76.32
C GLN E 185 28.96 11.96 76.25
N ALA E 186 29.07 11.29 77.39
CA ALA E 186 29.35 9.86 77.40
C ALA E 186 28.26 9.09 76.65
N ALA E 187 27.03 9.12 77.17
CA ALA E 187 25.92 8.46 76.51
C ALA E 187 25.56 9.12 75.18
N GLU E 188 25.87 10.40 75.01
CA GLU E 188 25.59 11.08 73.75
C GLU E 188 26.43 10.51 72.61
N LEU E 189 27.72 10.28 72.85
CA LEU E 189 28.56 9.61 71.87
C LEU E 189 28.33 8.10 71.84
N PHE E 190 27.68 7.54 72.84
CA PHE E 190 27.29 6.13 72.83
C PHE E 190 25.97 5.90 72.13
N LEU E 191 25.34 6.95 71.59
CA LEU E 191 24.05 6.81 70.92
C LEU E 191 24.16 5.98 69.64
N ASP E 192 25.37 5.80 69.11
CA ASP E 192 25.55 5.02 67.89
C ASP E 192 25.12 3.57 68.07
N THR E 193 25.43 2.98 69.23
CA THR E 193 24.95 1.65 69.64
C THR E 193 25.40 0.61 68.61
N VAL E 194 24.50 -0.18 68.03
CA VAL E 194 24.90 -1.33 67.23
C VAL E 194 25.53 -0.91 65.90
N SER E 195 25.44 0.36 65.53
CA SER E 195 26.10 0.81 64.30
C SER E 195 27.60 0.54 64.33
N THR E 196 28.19 0.48 65.52
CA THR E 196 29.58 0.06 65.66
C THR E 196 29.72 -1.46 65.59
N PHE E 197 28.66 -2.18 65.91
CA PHE E 197 28.64 -3.65 65.95
C PHE E 197 29.70 -4.11 66.96
N THR E 198 30.51 -5.12 66.63
CA THR E 198 31.49 -5.67 67.54
C THR E 198 32.85 -5.71 66.85
N SER E 199 33.88 -5.24 67.56
CA SER E 199 35.22 -5.18 66.99
C SER E 199 36.25 -5.52 68.07
N TYR E 200 37.48 -5.77 67.62
CA TYR E 200 38.58 -6.04 68.54
C TYR E 200 38.78 -4.89 69.51
N GLU E 201 38.55 -3.66 69.05
CA GLU E 201 38.66 -2.47 69.90
C GLU E 201 37.37 -2.15 70.63
N LEU E 202 36.26 -2.77 70.25
CA LEU E 202 34.99 -2.60 70.93
C LEU E 202 34.72 -3.70 71.96
N MET E 203 35.69 -4.62 72.15
CA MET E 203 35.60 -5.78 73.04
C MET E 203 34.25 -6.48 72.91
N ASP E 204 33.62 -6.84 74.03
CA ASP E 204 32.29 -7.42 73.97
C ASP E 204 31.25 -6.30 73.92
N TYR E 205 30.41 -6.32 72.88
CA TYR E 205 29.40 -5.27 72.74
C TYR E 205 28.40 -5.30 73.88
N LYS E 206 28.08 -6.48 74.41
CA LYS E 206 27.21 -6.55 75.58
C LYS E 206 27.81 -5.83 76.78
N THR E 207 29.14 -5.86 76.91
CA THR E 207 29.79 -5.06 77.96
C THR E 207 29.77 -3.58 77.60
N PHE E 208 29.82 -3.25 76.30
CA PHE E 208 29.65 -1.86 75.89
C PHE E 208 28.24 -1.37 76.18
N VAL E 209 27.26 -2.28 76.14
CA VAL E 209 25.91 -1.93 76.55
C VAL E 209 25.87 -1.60 78.04
N THR E 210 26.65 -2.34 78.84
CA THR E 210 26.70 -2.06 80.27
C THR E 210 27.36 -0.72 80.56
N TYR E 211 28.33 -0.32 79.74
CA TYR E 211 29.01 0.95 79.96
C TYR E 211 28.08 2.12 79.65
N THR E 212 27.29 2.01 78.58
CA THR E 212 26.39 3.11 78.21
C THR E 212 25.12 3.14 79.06
N VAL E 213 24.72 2.01 79.65
CA VAL E 213 23.50 2.00 80.44
C VAL E 213 23.75 2.56 81.83
N TYR E 214 24.98 2.46 82.33
CA TYR E 214 25.28 2.98 83.65
C TYR E 214 25.41 4.50 83.65
N VAL E 215 25.82 5.08 82.53
CA VAL E 215 25.85 6.53 82.42
C VAL E 215 24.47 7.07 82.03
N SER E 216 23.62 6.22 81.47
CA SER E 216 22.32 6.68 80.97
C SER E 216 21.30 6.79 82.09
N MET E 217 21.65 6.31 83.29
CA MET E 217 20.73 6.44 84.41
C MET E 217 20.92 7.74 85.17
N ILE E 218 21.92 8.55 84.79
CA ILE E 218 22.12 9.86 85.38
C ILE E 218 21.95 10.94 84.32
N ALA E 219 22.86 10.95 83.34
CA ALA E 219 22.86 11.97 82.31
C ALA E 219 21.59 12.00 81.49
N LEU E 220 20.97 10.85 81.24
CA LEU E 220 19.76 10.75 80.44
C LEU E 220 18.57 10.86 81.39
N GLU E 221 17.82 11.94 81.27
CA GLU E 221 16.76 12.25 82.22
C GLU E 221 15.61 11.24 82.09
N ARG E 222 14.83 11.13 83.16
CA ARG E 222 13.73 10.16 83.25
C ARG E 222 12.79 10.15 82.05
N PRO E 223 12.35 11.30 81.51
CA PRO E 223 11.55 11.23 80.26
C PRO E 223 12.31 10.61 79.11
N ASP E 224 13.60 10.95 78.96
CA ASP E 224 14.42 10.36 77.92
C ASP E 224 15.06 9.04 78.33
N LEU E 225 15.06 8.71 79.63
CA LEU E 225 15.64 7.46 80.11
C LEU E 225 14.81 6.28 79.59
N ARG E 226 13.50 6.33 79.83
CA ARG E 226 12.61 5.31 79.30
C ARG E 226 12.46 5.39 77.79
N GLU E 227 12.72 6.56 77.20
CA GLU E 227 12.54 6.73 75.76
C GLU E 227 13.58 5.98 74.95
N LYS E 228 14.86 6.16 75.27
CA LYS E 228 15.92 5.54 74.47
C LYS E 228 15.87 4.02 74.50
N VAL E 229 15.48 3.44 75.63
CA VAL E 229 15.45 1.98 75.73
C VAL E 229 14.20 1.42 75.07
N ILE E 230 13.05 2.03 75.31
CA ILE E 230 11.79 1.49 74.79
C ILE E 230 11.61 1.83 73.32
N LYS E 231 11.84 3.09 72.94
CA LYS E 231 11.67 3.49 71.55
C LYS E 231 12.85 3.07 70.70
N GLY E 232 14.05 3.04 71.29
CA GLY E 232 15.23 2.56 70.59
C GLY E 232 15.13 1.09 70.25
N ALA E 233 15.29 0.75 68.98
CA ALA E 233 15.07 -0.62 68.55
C ALA E 233 16.26 -1.52 68.88
N GLU E 234 17.42 -1.24 68.28
CA GLU E 234 18.56 -2.15 68.38
C GLU E 234 19.09 -2.26 69.80
N ILE E 235 18.85 -1.23 70.63
CA ILE E 235 19.38 -1.26 71.99
C ILE E 235 18.46 -2.02 72.94
N LEU E 236 17.21 -2.28 72.53
CA LEU E 236 16.26 -2.88 73.47
C LEU E 236 16.45 -4.38 73.59
N GLU E 237 16.91 -5.04 72.51
CA GLU E 237 17.04 -6.49 72.56
C GLU E 237 18.23 -6.92 73.42
N VAL E 238 19.28 -6.10 73.45
CA VAL E 238 20.48 -6.48 74.19
C VAL E 238 20.28 -6.29 75.69
N LEU E 239 19.42 -5.35 76.10
CA LEU E 239 19.16 -5.16 77.51
C LEU E 239 18.19 -6.20 78.05
N HIS E 240 17.29 -6.70 77.21
CA HIS E 240 16.35 -7.72 77.65
C HIS E 240 17.05 -9.05 77.87
N SER E 241 18.21 -9.25 77.24
CA SER E 241 18.98 -10.47 77.46
C SER E 241 19.55 -10.53 78.87
N LEU E 242 19.82 -9.37 79.47
CA LEU E 242 20.34 -9.31 80.82
C LEU E 242 19.20 -9.03 81.79
N PRO E 243 18.76 -9.99 82.59
CA PRO E 243 17.66 -9.73 83.53
C PRO E 243 18.04 -8.80 84.67
N ALA E 244 19.32 -8.73 85.02
CA ALA E 244 19.72 -7.91 86.16
C ALA E 244 19.67 -6.42 85.80
N VAL E 245 20.15 -6.07 84.60
CA VAL E 245 20.20 -4.66 84.22
C VAL E 245 18.81 -4.15 83.85
N ARG E 246 18.05 -4.96 83.11
CA ARG E 246 16.72 -4.54 82.67
C ARG E 246 15.78 -4.33 83.86
N GLN E 247 15.90 -5.17 84.88
CA GLN E 247 15.12 -4.99 86.10
C GLN E 247 15.37 -3.61 86.70
N TYR E 248 16.61 -3.35 87.09
CA TYR E 248 16.98 -2.07 87.68
C TYR E 248 16.61 -0.88 86.80
N LEU E 249 16.57 -1.07 85.48
CA LEU E 249 16.14 0.01 84.58
C LEU E 249 14.66 0.33 84.75
N PHE E 250 13.80 -0.69 84.66
CA PHE E 250 12.36 -0.49 84.83
C PHE E 250 11.98 -0.23 86.28
N SER E 251 12.69 -0.82 87.24
CA SER E 251 12.40 -0.55 88.65
C SER E 251 12.69 0.90 88.99
N LEU E 252 13.66 1.51 88.28
CA LEU E 252 13.90 2.94 88.44
C LEU E 252 12.69 3.74 88.01
N TYR E 253 12.02 3.31 86.93
CA TYR E 253 10.78 3.94 86.52
C TYR E 253 9.62 3.53 87.41
N GLU E 254 9.70 2.33 88.01
CA GLU E 254 8.67 1.88 88.94
C GLU E 254 8.75 2.59 90.29
N CYS E 255 9.89 3.20 90.61
CA CYS E 255 10.14 4.06 91.76
C CYS E 255 10.27 3.28 93.08
N ARG E 256 10.09 1.96 93.08
CA ARG E 256 10.21 1.20 94.31
C ARG E 256 11.64 1.28 94.83
N TYR E 257 11.79 1.68 96.10
CA TYR E 257 13.13 1.88 96.65
C TYR E 257 13.61 0.65 97.41
N SER E 258 12.79 -0.40 97.46
CA SER E 258 13.21 -1.62 98.17
C SER E 258 14.22 -2.42 97.35
N VAL E 259 14.07 -2.44 96.03
CA VAL E 259 14.98 -3.21 95.19
C VAL E 259 16.20 -2.40 94.76
N PHE E 260 16.19 -1.08 95.01
CA PHE E 260 17.31 -0.25 94.58
C PHE E 260 18.60 -0.63 95.32
N PHE E 261 18.56 -0.60 96.66
CA PHE E 261 19.77 -0.82 97.45
C PHE E 261 20.39 -2.18 97.17
N GLN E 262 19.57 -3.14 96.74
CA GLN E 262 20.07 -4.44 96.31
C GLN E 262 20.67 -4.34 94.92
N SER E 263 19.85 -3.98 93.93
CA SER E 263 20.28 -3.97 92.53
C SER E 263 21.38 -2.94 92.28
N LEU E 264 21.36 -1.80 92.98
CA LEU E 264 22.40 -0.79 92.78
C LEU E 264 23.75 -1.32 93.26
N ALA E 265 23.74 -2.16 94.28
CA ALA E 265 24.98 -2.81 94.72
C ALA E 265 25.50 -3.79 93.66
N VAL E 266 24.60 -4.49 92.97
CA VAL E 266 25.02 -5.38 91.88
C VAL E 266 25.70 -4.58 90.78
N VAL E 267 25.14 -3.41 90.45
CA VAL E 267 25.80 -2.52 89.50
C VAL E 267 27.10 -2.01 90.09
N GLU E 268 27.13 -1.75 91.40
CA GLU E 268 28.35 -1.28 92.03
C GLU E 268 29.41 -2.36 92.08
N GLN E 269 29.00 -3.62 92.16
CA GLN E 269 29.94 -4.73 92.07
C GLN E 269 30.68 -4.71 90.74
N GLU E 270 29.95 -4.48 89.65
CA GLU E 270 30.59 -4.30 88.35
C GLU E 270 31.38 -2.99 88.31
N MET E 271 30.90 -1.98 89.05
CA MET E 271 31.60 -0.70 89.08
C MET E 271 32.87 -0.79 89.94
N LYS E 272 32.87 -1.70 90.93
CA LYS E 272 34.05 -1.88 91.76
C LYS E 272 35.12 -2.69 91.05
N LYS E 273 34.72 -3.75 90.35
CA LYS E 273 35.65 -4.70 89.76
C LYS E 273 36.09 -4.33 88.35
N ASP E 274 35.64 -3.19 87.83
CA ASP E 274 36.01 -2.76 86.49
C ASP E 274 37.03 -1.63 86.58
N TRP E 275 37.99 -1.63 85.66
CA TRP E 275 39.01 -0.60 85.63
C TRP E 275 38.40 0.74 85.23
N LEU E 276 39.13 1.81 85.55
CA LEU E 276 38.82 3.20 85.23
C LEU E 276 37.54 3.68 85.92
N PHE E 277 36.83 2.77 86.59
CA PHE E 277 35.68 3.15 87.38
C PHE E 277 36.01 3.34 88.85
N ALA E 278 37.26 3.11 89.25
CA ALA E 278 37.66 3.27 90.64
C ALA E 278 37.57 4.72 91.13
N PRO E 279 38.09 5.73 90.41
CA PRO E 279 37.87 7.11 90.88
C PRO E 279 36.44 7.57 90.74
N HIS E 280 35.68 6.99 89.81
CA HIS E 280 34.38 7.53 89.42
C HIS E 280 33.19 6.86 90.10
N TYR E 281 33.40 5.85 90.95
CA TYR E 281 32.24 5.22 91.57
C TYR E 281 31.78 5.95 92.83
N ARG E 282 32.62 6.81 93.39
CA ARG E 282 32.29 7.45 94.66
C ARG E 282 31.10 8.41 94.51
N TYR E 283 31.18 9.29 93.51
CA TYR E 283 30.06 10.20 93.26
C TYR E 283 28.91 9.47 92.56
N TYR E 284 29.19 8.32 91.94
CA TYR E 284 28.14 7.58 91.24
C TYR E 284 27.11 7.02 92.23
N VAL E 285 27.55 6.67 93.43
CA VAL E 285 26.68 6.05 94.44
C VAL E 285 25.49 6.94 94.75
N ARG E 286 25.75 8.11 95.33
CA ARG E 286 24.67 8.98 95.77
C ARG E 286 24.06 9.81 94.64
N GLU E 287 24.63 9.74 93.44
CA GLU E 287 24.03 10.44 92.31
C GLU E 287 22.84 9.65 91.76
N MET E 288 22.90 8.32 91.85
CA MET E 288 21.71 7.52 91.53
C MET E 288 20.70 7.53 92.66
N ARG E 289 21.14 7.85 93.88
CA ARG E 289 20.21 8.01 94.99
C ARG E 289 19.38 9.28 94.81
N ILE E 290 20.05 10.41 94.58
CA ILE E 290 19.32 11.66 94.36
C ILE E 290 18.48 11.57 93.09
N HIS E 291 18.93 10.80 92.10
CA HIS E 291 18.10 10.54 90.92
C HIS E 291 16.80 9.85 91.31
N ALA E 292 16.87 8.89 92.24
CA ALA E 292 15.66 8.26 92.76
C ALA E 292 14.99 9.16 93.80
N TYR E 293 15.77 9.97 94.52
CA TYR E 293 15.22 10.88 95.51
C TYR E 293 14.66 12.16 94.89
N SER E 294 15.09 12.52 93.68
CA SER E 294 14.49 13.65 92.98
C SER E 294 12.99 13.46 92.83
N GLN E 295 12.59 12.42 92.11
CA GLN E 295 11.18 12.09 91.96
C GLN E 295 10.50 11.80 93.30
N LEU E 296 11.25 11.33 94.29
CA LEU E 296 10.72 11.03 95.61
C LEU E 296 10.08 12.26 96.25
N LEU E 297 10.90 13.26 96.57
CA LEU E 297 10.41 14.41 97.33
C LEU E 297 9.50 15.30 96.48
N GLU E 298 9.59 15.20 95.15
CA GLU E 298 8.69 15.97 94.29
C GLU E 298 7.25 15.49 94.40
N SER E 299 7.04 14.30 94.97
CA SER E 299 5.70 13.71 95.01
C SER E 299 4.80 14.38 96.03
N TYR E 300 5.30 14.57 97.26
CA TYR E 300 4.49 15.08 98.36
C TYR E 300 5.15 16.32 98.96
N ARG E 301 4.33 17.28 99.40
CA ARG E 301 4.86 18.46 100.07
C ARG E 301 5.21 18.15 101.52
N SER E 302 4.44 17.25 102.14
CA SER E 302 4.69 16.80 103.50
C SER E 302 4.78 15.29 103.51
N LEU E 303 5.95 14.76 103.84
CA LEU E 303 6.19 13.33 103.79
C LEU E 303 6.85 12.90 105.08
N THR E 304 6.39 11.77 105.61
CA THR E 304 6.95 11.21 106.83
C THR E 304 8.02 10.19 106.49
N LEU E 305 9.15 10.25 107.20
CA LEU E 305 10.25 9.34 106.94
C LEU E 305 9.95 7.91 107.39
N GLY E 306 8.96 7.71 108.24
CA GLY E 306 8.50 6.37 108.52
C GLY E 306 7.87 5.72 107.31
N TYR E 307 7.16 6.51 106.50
CA TYR E 307 6.70 6.04 105.21
C TYR E 307 7.86 5.77 104.26
N MET E 308 8.99 6.45 104.46
CA MET E 308 10.20 6.13 103.71
C MET E 308 10.87 4.88 104.24
N ALA E 309 10.72 4.58 105.54
CA ALA E 309 11.26 3.35 106.10
C ALA E 309 10.64 2.13 105.42
N GLU E 310 9.36 2.25 105.06
CA GLU E 310 8.67 1.21 104.31
C GLU E 310 9.42 0.88 103.02
N ALA E 311 9.55 1.88 102.13
CA ALA E 311 10.22 1.66 100.85
C ALA E 311 11.69 1.33 101.05
N PHE E 312 12.38 2.05 101.94
CA PHE E 312 13.81 1.82 102.12
C PHE E 312 14.09 0.49 102.81
N GLY E 313 13.24 0.10 103.76
CA GLY E 313 13.34 -1.22 104.37
C GLY E 313 14.54 -1.60 105.21
N VAL E 314 14.82 -0.89 106.31
CA VAL E 314 14.02 0.23 106.78
C VAL E 314 14.93 1.40 107.15
N GLY E 315 14.83 2.50 106.42
CA GLY E 315 15.58 3.69 106.75
C GLY E 315 15.08 4.32 108.03
N VAL E 316 15.94 4.45 109.03
CA VAL E 316 15.59 5.17 110.26
C VAL E 316 16.63 6.25 110.51
N GLU E 317 17.81 5.84 110.98
CA GLU E 317 18.92 6.76 111.13
C GLU E 317 19.84 6.77 109.92
N PHE E 318 19.64 5.86 108.96
CA PHE E 318 20.51 5.81 107.79
C PHE E 318 20.29 7.02 106.89
N ILE E 319 19.03 7.28 106.51
CA ILE E 319 18.72 8.46 105.69
C ILE E 319 18.74 9.76 106.48
N ASP E 320 18.88 9.68 107.81
CA ASP E 320 18.96 10.87 108.65
C ASP E 320 20.23 11.66 108.29
N GLN E 321 21.38 11.01 108.39
CA GLN E 321 22.64 11.68 108.03
C GLN E 321 22.84 11.69 106.52
N GLU E 322 22.35 10.67 105.82
CA GLU E 322 22.45 10.59 104.37
C GLU E 322 21.82 11.80 103.69
N LEU E 323 20.50 11.96 103.86
CA LEU E 323 19.81 13.08 103.24
C LEU E 323 20.32 14.43 103.76
N SER E 324 20.87 14.44 104.97
CA SER E 324 21.42 15.68 105.52
C SER E 324 22.71 16.06 104.80
N ARG E 325 23.54 15.08 104.46
CA ARG E 325 24.76 15.33 103.72
C ARG E 325 24.50 15.61 102.25
N PHE E 326 23.26 15.40 101.79
CA PHE E 326 22.89 15.80 100.44
C PHE E 326 22.62 17.30 100.38
N ILE E 327 21.96 17.83 101.41
CA ILE E 327 21.58 19.24 101.41
C ILE E 327 22.81 20.13 101.58
N ALA E 328 23.73 19.73 102.46
CA ALA E 328 24.94 20.49 102.71
C ALA E 328 25.83 20.61 101.48
N ALA E 329 25.81 19.63 100.57
CA ALA E 329 26.58 19.68 99.35
C ALA E 329 25.83 20.33 98.19
N GLY E 330 24.63 20.84 98.43
CA GLY E 330 23.83 21.46 97.39
C GLY E 330 23.02 20.51 96.54
N ARG E 331 22.99 19.22 96.89
CA ARG E 331 22.23 18.25 96.13
C ARG E 331 20.82 18.10 96.71
N LEU E 332 19.82 18.45 95.91
CA LEU E 332 18.40 18.31 96.28
C LEU E 332 18.10 19.09 97.56
N HIS E 333 18.07 20.42 97.41
CA HIS E 333 17.73 21.28 98.53
C HIS E 333 16.33 20.97 99.02
N CYS E 334 16.22 20.66 100.30
CA CYS E 334 14.95 20.25 100.89
C CYS E 334 15.00 20.48 102.39
N LYS E 335 13.82 20.45 103.01
CA LYS E 335 13.68 20.60 104.46
C LYS E 335 13.05 19.34 105.01
N ILE E 336 13.80 18.58 105.79
CA ILE E 336 13.31 17.36 106.43
C ILE E 336 13.31 17.58 107.94
N ASP E 337 12.12 17.49 108.55
CA ASP E 337 11.96 17.77 109.97
C ASP E 337 12.45 16.57 110.79
N LYS E 338 13.17 16.85 111.88
CA LYS E 338 13.73 15.80 112.71
C LYS E 338 12.87 15.60 113.96
N VAL E 339 12.62 14.32 114.29
CA VAL E 339 11.83 13.82 115.41
C VAL E 339 10.35 14.18 115.22
N ASN E 340 10.05 15.09 114.30
CA ASN E 340 8.68 15.35 113.90
C ASN E 340 8.27 14.53 112.70
N GLU E 341 9.21 13.86 112.04
CA GLU E 341 8.93 12.90 110.98
C GLU E 341 8.16 13.56 109.83
N ILE E 342 8.68 14.67 109.31
CA ILE E 342 8.03 15.44 108.25
C ILE E 342 9.12 15.89 107.27
N VAL E 343 8.82 15.77 105.97
CA VAL E 343 9.72 16.31 104.95
C VAL E 343 8.97 17.37 104.16
N GLU E 344 9.63 18.51 103.92
CA GLU E 344 8.97 19.68 103.36
C GLU E 344 9.51 19.97 101.96
N THR E 345 8.59 20.23 101.03
CA THR E 345 8.95 20.53 99.65
C THR E 345 8.39 21.90 99.26
N ASN E 346 9.01 22.55 98.28
CA ASN E 346 10.31 23.19 98.41
C ASN E 346 11.43 22.42 97.71
N ARG E 347 12.34 23.15 97.08
CA ARG E 347 12.38 24.60 97.18
C ARG E 347 11.93 25.29 95.90
N PRO E 348 10.87 26.10 96.01
CA PRO E 348 10.34 26.84 94.86
C PRO E 348 11.42 27.56 94.07
N ASP E 349 12.13 26.84 93.22
CA ASP E 349 13.21 27.40 92.42
C ASP E 349 12.70 28.10 91.17
N SER E 350 11.39 28.10 90.94
CA SER E 350 10.84 28.69 89.73
C SER E 350 10.87 30.21 89.72
N LYS E 351 11.21 30.86 90.84
CA LYS E 351 11.10 32.31 90.89
C LYS E 351 12.38 32.98 91.41
N ASN E 352 12.69 32.80 92.69
CA ASN E 352 13.66 33.65 93.38
C ASN E 352 15.11 33.28 93.05
N TRP E 353 15.58 32.12 93.53
CA TRP E 353 16.99 31.76 93.37
C TRP E 353 17.37 31.61 91.90
N GLN E 354 16.41 31.32 91.04
CA GLN E 354 16.69 31.16 89.63
C GLN E 354 17.10 32.48 88.99
N TYR E 355 16.74 33.62 89.59
CA TYR E 355 17.20 34.92 89.11
C TYR E 355 18.67 35.17 89.36
N GLN E 356 19.27 34.46 90.33
CA GLN E 356 20.57 34.86 90.85
C GLN E 356 21.70 34.61 89.85
N GLU E 357 21.45 33.77 88.84
CA GLU E 357 22.50 33.47 87.87
C GLU E 357 22.83 34.68 87.00
N THR E 358 21.88 35.61 86.85
CA THR E 358 22.11 36.81 86.06
C THR E 358 23.28 37.62 86.62
N ILE E 359 23.10 38.16 87.83
CA ILE E 359 24.05 39.14 88.35
C ILE E 359 25.32 38.47 88.90
N LYS E 360 25.20 37.28 89.49
CA LYS E 360 26.36 36.62 90.08
C LYS E 360 27.42 36.32 89.03
N LYS E 361 27.05 35.60 87.96
CA LYS E 361 27.97 35.39 86.86
C LYS E 361 28.25 36.71 86.14
N GLY E 362 27.33 37.67 86.23
CA GLY E 362 27.55 38.98 85.63
C GLY E 362 28.38 39.93 86.47
N ASP E 363 28.71 39.55 87.71
CA ASP E 363 29.59 40.38 88.53
C ASP E 363 31.03 40.28 88.06
N LEU E 364 31.62 39.08 88.14
CA LEU E 364 32.97 38.88 87.65
C LEU E 364 33.09 39.23 86.17
N LEU E 365 32.01 39.05 85.42
CA LEU E 365 31.96 39.51 84.03
C LEU E 365 32.23 41.01 83.95
N LEU E 366 31.34 41.80 84.53
CA LEU E 366 31.48 43.26 84.46
C LEU E 366 32.70 43.74 85.22
N ASN E 367 33.11 43.01 86.26
CA ASN E 367 34.34 43.35 86.96
C ASN E 367 35.56 43.19 86.05
N ARG E 368 35.54 42.17 85.19
CA ARG E 368 36.66 41.91 84.31
C ARG E 368 36.81 43.04 83.29
N VAL E 369 35.70 43.67 82.90
CA VAL E 369 35.75 44.79 81.97
C VAL E 369 35.83 46.13 82.67
N GLN E 370 35.74 46.15 84.00
CA GLN E 370 36.03 47.35 84.78
C GLN E 370 37.54 47.55 84.84
N LYS E 371 38.24 46.58 85.45
CA LYS E 371 39.69 46.61 85.51
C LYS E 371 40.32 46.82 84.13
N LEU E 372 39.87 46.07 83.13
CA LEU E 372 40.46 46.17 81.81
C LEU E 372 40.05 47.45 81.09
N SER E 373 39.06 48.16 81.62
CA SER E 373 38.75 49.49 81.13
C SER E 373 39.73 50.54 81.64
N ARG E 374 40.19 50.40 82.88
CA ARG E 374 41.21 51.31 83.40
C ARG E 374 42.55 51.12 82.72
N VAL E 375 42.78 49.96 82.11
CA VAL E 375 44.01 49.73 81.36
C VAL E 375 44.06 50.60 80.11
N ILE E 376 42.91 50.92 79.52
CA ILE E 376 42.86 51.78 78.35
C ILE E 376 42.29 53.15 78.70
N ASN E 377 43.14 54.18 78.67
CA ASN E 377 44.55 54.01 78.34
C ASN E 377 45.38 54.04 79.62
N MET E 378 46.47 53.26 79.63
CA MET E 378 47.38 53.16 80.76
C MET E 378 46.68 52.58 81.99
N ALA F 1 -29.83 63.67 70.05
CA ALA F 1 -29.60 65.00 69.49
C ALA F 1 -28.11 65.34 69.50
N VAL F 2 -27.78 66.55 69.95
CA VAL F 2 -26.39 67.00 70.00
C VAL F 2 -25.79 66.57 71.33
N GLN F 3 -24.73 65.76 71.27
CA GLN F 3 -24.05 65.31 72.48
C GLN F 3 -22.77 66.12 72.69
N LYS F 4 -21.81 65.98 71.77
CA LYS F 4 -20.56 66.72 71.83
C LYS F 4 -20.31 67.41 70.50
N VAL F 5 -19.50 68.47 70.53
CA VAL F 5 -19.20 69.26 69.36
C VAL F 5 -17.69 69.21 69.11
N VAL F 6 -17.31 69.41 67.84
CA VAL F 6 -15.92 69.47 67.43
C VAL F 6 -15.67 70.83 66.81
N VAL F 7 -14.84 71.64 67.46
CA VAL F 7 -14.54 72.99 67.02
C VAL F 7 -13.12 73.01 66.46
N HIS F 8 -12.99 73.36 65.18
CA HIS F 8 -11.70 73.46 64.52
C HIS F 8 -11.05 74.79 64.87
N PRO F 9 -9.72 74.89 64.88
CA PRO F 9 -9.08 76.19 65.05
C PRO F 9 -9.37 77.16 63.91
N LEU F 10 -9.80 76.66 62.76
CA LEU F 10 -10.09 77.53 61.61
C LEU F 10 -11.38 78.31 61.82
N VAL F 11 -12.44 77.60 62.20
CA VAL F 11 -13.73 78.27 62.40
C VAL F 11 -13.71 79.12 63.67
N LEU F 12 -12.95 78.70 64.68
CA LEU F 12 -12.82 79.51 65.89
C LEU F 12 -12.10 80.82 65.58
N LEU F 13 -11.16 80.77 64.63
CA LEU F 13 -10.47 81.99 64.21
C LEU F 13 -11.42 82.93 63.49
N SER F 14 -12.41 82.36 62.78
CA SER F 14 -13.41 83.19 62.12
C SER F 14 -14.19 84.04 63.12
N VAL F 15 -14.24 83.65 64.38
CA VAL F 15 -14.74 84.54 65.42
C VAL F 15 -13.64 85.50 65.86
N VAL F 16 -12.38 85.05 65.83
CA VAL F 16 -11.28 85.86 66.35
C VAL F 16 -10.89 86.96 65.36
N ASP F 17 -10.88 86.66 64.07
CA ASP F 17 -10.54 87.69 63.09
C ASP F 17 -11.62 88.76 63.01
N HIS F 18 -12.88 88.39 63.25
CA HIS F 18 -13.94 89.38 63.33
C HIS F 18 -13.83 90.23 64.58
N PHE F 19 -13.10 89.77 65.59
CA PHE F 19 -12.79 90.62 66.73
C PHE F 19 -11.87 91.76 66.35
N ASN F 20 -11.08 91.59 65.29
CA ASN F 20 -10.34 92.72 64.74
C ASN F 20 -11.22 93.59 63.85
N ARG F 21 -12.21 93.00 63.19
CA ARG F 21 -13.15 93.74 62.36
C ARG F 21 -13.88 94.81 63.14
N ILE F 22 -14.73 94.39 64.09
CA ILE F 22 -15.53 95.34 64.87
C ILE F 22 -14.82 95.79 66.15
N GLY F 23 -13.64 95.25 66.44
CA GLY F 23 -12.91 95.69 67.62
C GLY F 23 -12.32 97.07 67.45
N LYS F 24 -11.89 97.40 66.23
CA LYS F 24 -11.32 98.70 65.96
C LYS F 24 -12.39 99.78 65.91
N VAL F 25 -13.58 99.43 65.41
CA VAL F 25 -14.70 100.38 65.37
C VAL F 25 -15.53 100.33 66.65
N GLY F 26 -15.32 99.33 67.49
CA GLY F 26 -16.09 99.19 68.71
C GLY F 26 -17.54 98.81 68.46
N ASN F 27 -18.40 98.99 69.45
CA ASN F 27 -17.99 99.54 70.74
C ASN F 27 -18.33 98.59 71.88
N GLN F 28 -19.62 98.36 72.08
CA GLN F 28 -20.12 97.56 73.18
C GLN F 28 -20.25 96.09 72.76
N LYS F 29 -20.71 95.26 73.70
CA LYS F 29 -21.02 93.85 73.49
C LYS F 29 -19.78 93.05 73.08
N ARG F 30 -19.84 92.35 71.95
CA ARG F 30 -18.89 91.29 71.65
C ARG F 30 -18.99 90.94 70.17
N VAL F 31 -18.31 89.87 69.77
CA VAL F 31 -18.43 89.35 68.42
C VAL F 31 -19.48 88.23 68.40
N VAL F 32 -20.43 88.32 67.47
CA VAL F 32 -21.51 87.34 67.35
C VAL F 32 -21.65 87.00 65.86
N GLY F 33 -21.82 85.71 65.57
CA GLY F 33 -22.05 85.28 64.21
C GLY F 33 -22.87 84.00 64.19
N VAL F 34 -23.21 83.57 62.98
CA VAL F 34 -24.00 82.37 62.79
C VAL F 34 -23.08 81.21 62.43
N LEU F 35 -23.31 80.06 63.04
CA LEU F 35 -22.40 78.93 62.95
C LEU F 35 -22.83 77.97 61.85
N LEU F 36 -21.88 77.58 61.00
CA LEU F 36 -22.10 76.54 59.99
C LEU F 36 -21.54 75.22 60.52
N GLY F 37 -22.43 74.27 60.81
CA GLY F 37 -22.04 72.98 61.31
C GLY F 37 -21.93 71.93 60.22
N SER F 38 -21.10 70.91 60.48
CA SER F 38 -21.03 69.72 59.64
C SER F 38 -21.46 68.54 60.50
N TRP F 39 -22.63 67.98 60.19
CA TRP F 39 -23.21 66.91 61.00
C TRP F 39 -23.22 65.63 60.17
N GLN F 40 -22.27 64.73 60.46
CA GLN F 40 -22.26 63.40 59.88
C GLN F 40 -22.87 62.34 60.78
N LYS F 41 -23.10 62.67 62.05
CA LYS F 41 -23.51 61.69 63.06
C LYS F 41 -23.91 62.48 64.31
N LYS F 42 -24.28 61.75 65.37
CA LYS F 42 -24.65 62.38 66.63
C LYS F 42 -23.55 63.31 67.13
N VAL F 43 -22.29 62.96 66.91
CA VAL F 43 -21.18 63.85 67.23
C VAL F 43 -21.18 65.01 66.23
N LEU F 44 -21.13 66.23 66.75
CA LEU F 44 -21.23 67.43 65.93
C LEU F 44 -19.84 67.95 65.58
N ASP F 45 -19.69 68.43 64.36
CA ASP F 45 -18.43 68.99 63.88
C ASP F 45 -18.71 70.32 63.19
N VAL F 46 -17.74 71.22 63.26
CA VAL F 46 -17.85 72.55 62.66
C VAL F 46 -16.60 72.79 61.82
N SER F 47 -16.79 73.23 60.58
CA SER F 47 -15.70 73.49 59.66
C SER F 47 -15.50 74.98 59.41
N ASN F 48 -16.49 75.63 58.80
CA ASN F 48 -16.46 77.06 58.52
C ASN F 48 -17.68 77.73 59.16
N SER F 49 -17.76 79.04 58.98
CA SER F 49 -18.90 79.83 59.45
C SER F 49 -18.82 81.20 58.79
N PHE F 50 -19.79 82.05 59.11
CA PHE F 50 -19.81 83.42 58.62
C PHE F 50 -20.24 84.34 59.76
N ALA F 51 -19.46 85.40 59.96
CA ALA F 51 -19.75 86.36 61.02
C ALA F 51 -20.69 87.44 60.51
N VAL F 52 -21.69 87.79 61.31
CA VAL F 52 -22.74 88.72 60.91
C VAL F 52 -22.73 89.92 61.86
N PRO F 53 -22.98 91.13 61.37
CA PRO F 53 -23.07 92.28 62.29
C PRO F 53 -24.19 92.08 63.29
N PHE F 54 -23.86 92.29 64.57
CA PHE F 54 -24.78 91.98 65.67
C PHE F 54 -24.50 92.96 66.80
N ASP F 55 -25.56 93.34 67.51
CA ASP F 55 -25.44 94.23 68.67
C ASP F 55 -26.52 93.88 69.69
N GLU F 56 -26.19 94.07 70.96
CA GLU F 56 -27.11 93.81 72.06
C GLU F 56 -27.08 95.00 72.99
N ASP F 57 -28.21 95.68 73.12
CA ASP F 57 -28.31 96.88 73.94
C ASP F 57 -28.30 96.52 75.42
N ASP F 58 -27.87 97.48 76.25
CA ASP F 58 -27.81 97.24 77.69
C ASP F 58 -29.15 97.50 78.38
N LYS F 59 -29.93 98.46 77.91
CA LYS F 59 -30.93 99.11 78.77
C LYS F 59 -32.29 98.41 79.06
N ASP F 60 -33.07 97.85 78.13
CA ASP F 60 -32.83 97.42 76.74
C ASP F 60 -31.83 96.27 76.67
N ASP F 61 -31.74 95.50 77.76
CA ASP F 61 -30.89 94.32 77.80
C ASP F 61 -31.43 93.16 76.96
N SER F 62 -32.69 93.20 76.56
CA SER F 62 -33.33 92.11 75.83
C SER F 62 -33.30 92.30 74.32
N VAL F 63 -32.63 93.35 73.84
CA VAL F 63 -32.67 93.70 72.42
C VAL F 63 -31.49 93.04 71.71
N TRP F 64 -31.78 92.33 70.62
CA TRP F 64 -30.76 91.68 69.81
C TRP F 64 -31.24 91.60 68.38
N PHE F 65 -30.33 91.77 67.41
CA PHE F 65 -30.69 91.57 66.02
C PHE F 65 -29.56 90.92 65.23
N LEU F 66 -29.89 89.81 64.57
CA LEU F 66 -29.11 89.30 63.46
C LEU F 66 -29.52 90.00 62.18
N ASP F 67 -28.60 90.06 61.22
CA ASP F 67 -28.92 90.50 59.87
C ASP F 67 -29.24 89.28 59.01
N HIS F 68 -30.51 89.11 58.65
CA HIS F 68 -30.96 87.90 57.97
C HIS F 68 -30.88 88.00 56.45
N ASP F 69 -30.67 89.20 55.90
CA ASP F 69 -30.29 89.28 54.50
C ASP F 69 -28.86 88.81 54.30
N TYR F 70 -28.02 89.00 55.33
CA TYR F 70 -26.68 88.44 55.33
C TYR F 70 -26.73 86.93 55.52
N LEU F 71 -27.74 86.44 56.22
CA LEU F 71 -27.81 85.01 56.52
C LEU F 71 -28.36 84.22 55.34
N GLU F 72 -29.29 84.80 54.59
CA GLU F 72 -29.96 84.06 53.51
C GLU F 72 -29.04 83.89 52.30
N ASN F 73 -28.67 84.99 51.64
CA ASN F 73 -27.94 84.89 50.38
C ASN F 73 -26.54 84.32 50.57
N MET F 74 -25.87 84.65 51.69
CA MET F 74 -24.55 84.08 51.93
C MET F 74 -24.61 82.58 52.19
N TYR F 75 -25.72 82.08 52.72
CA TYR F 75 -25.93 80.64 52.76
C TYR F 75 -25.90 80.01 51.38
N GLY F 76 -26.64 80.57 50.42
CA GLY F 76 -26.55 80.12 49.04
C GLY F 76 -25.18 80.24 48.43
N MET F 77 -24.31 81.08 49.01
CA MET F 77 -22.92 81.15 48.57
C MET F 77 -22.14 79.94 49.05
N PHE F 78 -22.06 79.77 50.38
CA PHE F 78 -21.35 78.63 50.94
C PHE F 78 -22.00 77.31 50.54
N LYS F 79 -23.31 77.31 50.31
CA LYS F 79 -23.99 76.10 49.84
C LYS F 79 -23.55 75.74 48.42
N LYS F 80 -23.30 76.75 47.59
CA LYS F 80 -22.91 76.49 46.20
C LYS F 80 -21.49 75.93 46.13
N VAL F 81 -20.59 76.46 46.96
CA VAL F 81 -19.23 75.94 46.98
C VAL F 81 -19.15 74.64 47.77
N ASN F 82 -19.86 74.55 48.89
CA ASN F 82 -19.86 73.35 49.73
C ASN F 82 -21.31 72.93 49.97
N ALA F 83 -21.68 71.78 49.44
CA ALA F 83 -23.06 71.30 49.59
C ALA F 83 -23.28 70.72 50.97
N ARG F 84 -22.23 70.18 51.59
CA ARG F 84 -22.39 69.52 52.88
C ARG F 84 -22.51 70.53 54.02
N GLU F 85 -21.92 71.71 53.84
CA GLU F 85 -21.88 72.70 54.91
C GLU F 85 -23.22 73.40 55.06
N ARG F 86 -23.78 73.37 56.26
CA ARG F 86 -25.05 74.02 56.55
C ARG F 86 -25.02 74.61 57.96
N ILE F 87 -25.97 75.50 58.23
CA ILE F 87 -26.01 76.19 59.52
C ILE F 87 -26.62 75.28 60.58
N VAL F 88 -25.83 74.95 61.60
CA VAL F 88 -26.32 74.17 62.74
C VAL F 88 -26.68 75.04 63.94
N GLY F 89 -26.42 76.34 63.87
CA GLY F 89 -26.64 77.20 65.02
C GLY F 89 -25.85 78.49 64.90
N TRP F 90 -25.57 79.09 66.06
CA TRP F 90 -24.89 80.37 66.15
C TRP F 90 -23.77 80.27 67.18
N TYR F 91 -23.14 81.40 67.47
CA TYR F 91 -22.03 81.45 68.41
C TYR F 91 -21.85 82.89 68.90
N HIS F 92 -20.89 83.08 69.80
CA HIS F 92 -20.49 84.38 70.34
C HIS F 92 -19.33 84.14 71.29
N THR F 93 -18.64 85.22 71.66
CA THR F 93 -17.46 85.13 72.50
C THR F 93 -17.74 85.34 73.99
N GLY F 94 -19.00 85.50 74.37
CA GLY F 94 -19.34 85.63 75.77
C GLY F 94 -18.83 86.90 76.44
N PRO F 95 -18.05 86.75 77.53
CA PRO F 95 -17.59 85.50 78.14
C PRO F 95 -18.69 84.69 78.85
N LYS F 96 -19.72 85.38 79.33
CA LYS F 96 -20.85 84.72 79.98
C LYS F 96 -22.11 85.04 79.18
N LEU F 97 -23.24 84.50 79.63
CA LEU F 97 -24.50 84.63 78.91
C LEU F 97 -25.46 85.49 79.73
N HIS F 98 -25.93 86.58 79.12
CA HIS F 98 -27.04 87.32 79.68
C HIS F 98 -28.36 86.59 79.41
N LYS F 99 -29.38 86.93 80.19
CA LYS F 99 -30.67 86.24 80.08
C LYS F 99 -31.29 86.38 78.70
N ASN F 100 -30.89 87.42 77.94
CA ASN F 100 -31.50 87.66 76.64
C ASN F 100 -31.16 86.58 75.63
N ASP F 101 -30.15 85.75 75.93
CA ASP F 101 -29.70 84.75 74.96
C ASP F 101 -30.75 83.68 74.69
N ILE F 102 -31.84 83.69 75.46
CA ILE F 102 -32.91 82.71 75.25
C ILE F 102 -33.62 82.97 73.93
N ALA F 103 -33.70 84.24 73.52
CA ALA F 103 -34.47 84.61 72.33
C ALA F 103 -33.68 84.49 71.03
N ILE F 104 -32.36 84.39 71.09
CA ILE F 104 -31.57 84.31 69.86
C ILE F 104 -31.75 82.93 69.21
N ASN F 105 -31.77 81.88 70.04
CA ASN F 105 -31.90 80.53 69.51
C ASN F 105 -33.30 80.24 69.00
N GLU F 106 -34.34 80.64 69.75
CA GLU F 106 -35.71 80.32 69.38
C GLU F 106 -36.12 80.98 68.06
N LEU F 107 -35.46 82.09 67.69
CA LEU F 107 -35.82 82.76 66.44
C LEU F 107 -35.31 81.98 65.24
N MET F 108 -34.10 81.44 65.33
CA MET F 108 -33.46 80.75 64.21
C MET F 108 -33.77 79.27 64.15
N LYS F 109 -34.66 78.77 65.01
CA LYS F 109 -35.07 77.37 64.93
C LYS F 109 -35.78 77.05 63.63
N ARG F 110 -36.20 78.07 62.88
CA ARG F 110 -36.74 77.83 61.54
C ARG F 110 -35.65 77.32 60.59
N TYR F 111 -34.40 77.69 60.86
CA TYR F 111 -33.29 77.25 60.02
C TYR F 111 -32.86 75.83 60.37
N CYS F 112 -32.77 75.52 61.67
CA CYS F 112 -32.30 74.23 62.14
C CYS F 112 -33.21 73.75 63.27
N PRO F 113 -33.49 72.45 63.35
CA PRO F 113 -34.35 71.96 64.44
C PRO F 113 -33.84 72.31 65.82
N ASN F 114 -32.55 72.17 66.07
CA ASN F 114 -31.93 72.58 67.33
C ASN F 114 -30.63 73.34 67.00
N SER F 115 -30.57 74.60 67.40
CA SER F 115 -29.43 75.46 67.12
C SER F 115 -28.49 75.43 68.33
N VAL F 116 -27.28 74.95 68.13
CA VAL F 116 -26.29 74.89 69.19
C VAL F 116 -25.46 76.15 69.20
N LEU F 117 -25.40 76.81 70.35
CA LEU F 117 -24.60 78.01 70.53
C LEU F 117 -23.23 77.65 71.09
N VAL F 118 -22.21 78.35 70.61
CA VAL F 118 -20.83 78.10 71.01
C VAL F 118 -20.27 79.38 71.61
N ILE F 119 -20.01 79.35 72.92
CA ILE F 119 -19.32 80.47 73.57
C ILE F 119 -17.83 80.27 73.41
N ILE F 120 -17.16 81.25 72.81
CA ILE F 120 -15.72 81.16 72.56
C ILE F 120 -15.00 82.21 73.39
N ASP F 121 -13.67 82.21 73.30
CA ASP F 121 -12.81 83.14 74.03
C ASP F 121 -11.72 83.63 73.11
N VAL F 122 -11.66 84.95 72.89
CA VAL F 122 -10.63 85.53 72.04
C VAL F 122 -9.28 85.65 72.73
N LYS F 123 -9.26 85.80 74.05
CA LYS F 123 -8.02 85.89 74.82
C LYS F 123 -7.89 84.68 75.73
N PRO F 124 -7.00 83.74 75.45
CA PRO F 124 -6.89 82.55 76.32
C PRO F 124 -6.35 82.91 77.69
N LYS F 125 -7.04 82.45 78.72
CA LYS F 125 -6.61 82.70 80.10
C LYS F 125 -6.64 81.44 80.95
N ASP F 126 -7.84 80.94 81.22
CA ASP F 126 -8.07 79.89 82.21
C ASP F 126 -9.38 79.17 81.85
N LEU F 127 -9.64 77.99 82.42
CA LEU F 127 -8.73 77.23 83.26
C LEU F 127 -8.06 76.09 82.48
N GLY F 128 -8.34 76.02 81.19
CA GLY F 128 -8.09 74.79 80.45
C GLY F 128 -8.63 74.89 79.04
N LEU F 129 -9.01 73.72 78.50
CA LEU F 129 -9.52 73.63 77.13
C LEU F 129 -10.61 74.69 76.98
N PRO F 130 -10.44 75.60 76.02
CA PRO F 130 -11.18 76.86 76.08
C PRO F 130 -12.59 76.79 75.52
N THR F 131 -13.18 77.97 75.36
CA THR F 131 -14.51 78.23 74.79
C THR F 131 -15.54 77.44 75.60
N GLU F 132 -16.59 76.91 74.96
CA GLU F 132 -17.75 76.34 75.63
C GLU F 132 -18.79 75.99 74.56
N ALA F 133 -19.80 75.19 74.92
CA ALA F 133 -20.90 74.92 74.02
C ALA F 133 -22.18 74.68 74.83
N TYR F 134 -23.31 75.14 74.31
CA TYR F 134 -24.61 74.96 74.94
C TYR F 134 -25.61 74.40 73.94
N ILE F 135 -26.60 73.69 74.46
CA ILE F 135 -27.71 73.15 73.68
C ILE F 135 -29.01 73.67 74.26
N SER F 136 -30.00 73.92 73.40
CA SER F 136 -31.26 74.50 73.83
C SER F 136 -32.31 73.41 74.00
N VAL F 137 -32.71 73.16 75.24
CA VAL F 137 -33.78 72.24 75.58
C VAL F 137 -34.68 72.89 76.62
N GLU F 138 -35.74 72.17 77.01
CA GLU F 138 -36.64 72.63 78.06
C GLU F 138 -36.78 71.52 79.09
N GLU F 139 -36.24 71.74 80.29
CA GLU F 139 -36.37 70.80 81.39
C GLU F 139 -37.49 71.16 82.36
N VAL F 140 -38.18 72.28 82.12
CA VAL F 140 -39.11 72.87 83.08
C VAL F 140 -38.36 73.06 84.39
N HIS F 141 -38.85 72.45 85.48
CA HIS F 141 -38.21 72.51 86.78
C HIS F 141 -39.03 71.66 87.74
N ASP F 142 -38.42 71.29 88.86
CA ASP F 142 -39.12 70.50 89.87
C ASP F 142 -40.01 71.39 90.74
N ASP F 143 -39.62 72.65 90.94
CA ASP F 143 -40.36 73.54 91.82
C ASP F 143 -41.71 73.93 91.26
N GLY F 144 -41.95 73.72 89.96
CA GLY F 144 -43.21 74.08 89.36
C GLY F 144 -43.21 75.34 88.53
N THR F 145 -42.04 75.88 88.20
CA THR F 145 -41.97 77.07 87.37
C THR F 145 -42.66 76.83 86.03
N PRO F 146 -43.13 77.89 85.36
CA PRO F 146 -43.52 77.75 83.96
C PRO F 146 -42.34 77.23 83.14
N THR F 147 -42.64 76.65 81.99
CA THR F 147 -41.63 75.87 81.28
C THR F 147 -40.36 76.70 81.07
N SER F 148 -39.25 76.16 81.57
CA SER F 148 -38.00 76.90 81.68
C SER F 148 -37.08 76.50 80.54
N LYS F 149 -36.65 77.49 79.76
CA LYS F 149 -35.71 77.24 78.68
C LYS F 149 -34.32 77.67 79.13
N THR F 150 -33.45 76.70 79.37
CA THR F 150 -32.12 76.96 79.90
C THR F 150 -31.12 76.13 79.10
N PHE F 151 -30.06 76.76 78.64
CA PHE F 151 -29.07 76.08 77.82
C PHE F 151 -28.19 75.17 78.67
N GLU F 152 -28.11 73.89 78.28
CA GLU F 152 -27.31 72.91 78.98
C GLU F 152 -25.94 72.81 78.34
N HIS F 153 -24.90 72.64 79.17
CA HIS F 153 -23.54 72.65 78.67
C HIS F 153 -23.27 71.46 77.77
N VAL F 154 -22.65 71.72 76.62
CA VAL F 154 -22.20 70.68 75.71
C VAL F 154 -20.68 70.64 75.75
N THR F 155 -20.12 69.45 75.97
CA THR F 155 -18.68 69.31 76.03
C THR F 155 -18.06 69.61 74.67
N SER F 156 -17.07 70.50 74.66
CA SER F 156 -16.42 70.93 73.44
C SER F 156 -15.02 70.32 73.36
N GLU F 157 -14.65 69.90 72.15
CA GLU F 157 -13.33 69.32 71.92
C GLU F 157 -12.80 69.80 70.59
N ILE F 158 -11.50 70.09 70.56
CA ILE F 158 -10.85 70.48 69.31
C ILE F 158 -10.54 69.24 68.48
N GLY F 159 -10.55 69.42 67.16
CA GLY F 159 -10.28 68.32 66.25
C GLY F 159 -9.56 68.85 65.03
N ALA F 160 -8.97 67.92 64.28
CA ALA F 160 -8.12 68.26 63.15
C ALA F 160 -8.77 67.82 61.85
N GLU F 161 -8.09 68.14 60.76
CA GLU F 161 -8.54 67.79 59.42
C GLU F 161 -7.31 67.76 58.51
N GLU F 162 -7.42 67.02 57.42
CA GLU F 162 -6.35 66.98 56.44
C GLU F 162 -6.17 68.34 55.79
N ALA F 163 -4.92 68.64 55.42
CA ALA F 163 -4.54 69.82 54.66
C ALA F 163 -4.69 71.12 55.43
N GLU F 164 -5.34 71.10 56.59
CA GLU F 164 -5.51 72.34 57.36
C GLU F 164 -4.37 72.59 58.32
N GLU F 165 -3.49 71.61 58.55
CA GLU F 165 -2.37 71.81 59.46
C GLU F 165 -1.15 72.41 58.75
N VAL F 166 -1.26 72.68 57.45
CA VAL F 166 -0.15 73.21 56.67
C VAL F 166 0.33 74.53 57.26
N GLY F 167 -0.51 75.57 57.16
CA GLY F 167 -0.10 76.88 57.66
C GLY F 167 -0.29 77.02 59.16
N VAL F 168 -1.33 76.36 59.71
CA VAL F 168 -1.65 76.46 61.13
C VAL F 168 -0.48 76.01 61.98
N GLU F 169 -0.15 74.71 61.91
CA GLU F 169 0.91 74.16 62.75
C GLU F 169 2.31 74.59 62.32
N HIS F 170 2.44 75.29 61.20
CA HIS F 170 3.74 75.77 60.75
C HIS F 170 4.24 76.96 61.55
N LEU F 171 3.36 77.94 61.78
CA LEU F 171 3.79 79.23 62.30
C LEU F 171 4.35 79.15 63.71
N LEU F 172 3.86 78.22 64.54
CA LEU F 172 4.40 78.05 65.88
C LEU F 172 5.89 77.71 65.83
N ARG F 173 6.23 76.51 65.37
CA ARG F 173 7.61 76.11 65.07
C ARG F 173 8.48 76.03 66.33
N ASP F 174 7.98 76.58 67.45
CA ASP F 174 8.75 76.63 68.69
C ASP F 174 8.43 75.47 69.63
N ILE F 175 7.46 74.63 69.30
CA ILE F 175 7.05 73.56 70.21
C ILE F 175 8.00 72.38 70.09
N LYS F 176 8.21 71.69 71.21
CA LYS F 176 8.94 70.43 71.24
C LYS F 176 7.93 69.29 71.29
N ASP F 177 7.94 68.45 70.26
CA ASP F 177 7.01 67.33 70.20
C ASP F 177 7.74 65.99 70.30
N THR F 178 7.45 65.23 71.36
CA THR F 178 6.52 65.67 72.40
C THR F 178 7.23 66.04 73.73
N THR F 179 7.96 65.14 74.39
CA THR F 179 8.33 63.81 73.93
C THR F 179 7.57 62.73 74.72
N VAL F 180 6.88 61.85 74.00
CA VAL F 180 6.06 60.83 74.63
C VAL F 180 6.94 59.82 75.33
N GLY F 181 6.59 59.51 76.58
CA GLY F 181 7.26 58.49 77.35
C GLY F 181 8.18 58.99 78.44
N THR F 182 8.63 60.23 78.39
CA THR F 182 9.51 60.73 79.44
C THR F 182 8.90 61.97 80.13
N LEU F 183 8.97 63.13 79.47
CA LEU F 183 8.43 64.35 80.05
C LEU F 183 6.92 64.50 79.85
N SER F 184 6.37 63.92 78.78
CA SER F 184 4.98 64.18 78.42
C SER F 184 4.03 63.77 79.54
N GLN F 185 4.24 62.59 80.13
CA GLN F 185 3.29 62.08 81.11
C GLN F 185 3.52 62.71 82.48
N ARG F 186 4.77 63.09 82.79
CA ARG F 186 5.06 63.56 84.14
C ARG F 186 4.65 65.01 84.35
N ILE F 187 4.76 65.86 83.31
CA ILE F 187 4.29 67.23 83.45
C ILE F 187 2.79 67.25 83.73
N THR F 188 2.05 66.36 83.08
CA THR F 188 0.63 66.20 83.37
C THR F 188 0.38 65.85 84.83
N ASN F 189 1.20 64.99 85.42
CA ASN F 189 1.04 64.57 86.80
C ASN F 189 1.17 65.75 87.76
N GLN F 190 2.18 66.61 87.54
CA GLN F 190 2.32 67.81 88.34
C GLN F 190 1.11 68.73 88.16
N VAL F 191 0.57 68.77 86.94
CA VAL F 191 -0.65 69.54 86.68
C VAL F 191 -1.91 68.81 87.11
N HIS F 192 -1.93 67.46 87.04
CA HIS F 192 -3.10 66.72 87.46
C HIS F 192 -3.41 66.94 88.93
N GLY F 193 -2.38 67.17 89.75
CA GLY F 193 -2.62 67.56 91.12
C GLY F 193 -3.01 69.02 91.24
N LEU F 194 -2.36 69.90 90.49
CA LEU F 194 -2.71 71.31 90.44
C LEU F 194 -4.15 71.50 89.96
N LYS F 195 -4.41 71.17 88.69
CA LYS F 195 -5.74 71.40 88.11
C LYS F 195 -6.78 70.47 88.72
N GLY F 196 -6.35 69.35 89.28
CA GLY F 196 -7.29 68.46 89.93
C GLY F 196 -7.74 68.97 91.28
N LEU F 197 -6.79 69.43 92.10
CA LEU F 197 -7.10 69.84 93.46
C LEU F 197 -7.42 71.33 93.61
N ASN F 198 -7.23 72.14 92.56
CA ASN F 198 -7.63 73.54 92.66
C ASN F 198 -9.15 73.67 92.50
N SER F 199 -9.72 72.99 91.50
CA SER F 199 -11.18 72.93 91.40
C SER F 199 -11.77 72.20 92.59
N LYS F 200 -10.98 71.36 93.25
CA LYS F 200 -11.40 70.75 94.51
C LYS F 200 -11.61 71.81 95.59
N LEU F 201 -10.68 72.77 95.66
CA LEU F 201 -10.77 73.80 96.69
C LEU F 201 -11.76 74.89 96.30
N LEU F 202 -11.84 75.21 95.00
CA LEU F 202 -12.78 76.24 94.55
C LEU F 202 -14.22 75.82 94.78
N ASP F 203 -14.52 74.53 94.55
CA ASP F 203 -15.89 74.05 94.71
C ASP F 203 -16.21 73.80 96.18
N ILE F 204 -15.27 73.25 96.94
CA ILE F 204 -15.53 72.95 98.34
C ILE F 204 -15.74 74.23 99.14
N ARG F 205 -15.17 75.34 98.67
CA ARG F 205 -15.42 76.63 99.31
C ARG F 205 -16.77 77.20 98.88
N SER F 206 -17.20 76.92 97.65
CA SER F 206 -18.53 77.34 97.22
C SER F 206 -19.61 76.43 97.78
N TYR F 207 -19.28 75.15 97.99
CA TYR F 207 -20.20 74.24 98.65
C TYR F 207 -20.39 74.56 100.13
N LEU F 208 -19.34 75.04 100.80
CA LEU F 208 -19.51 75.59 102.14
C LEU F 208 -20.29 76.89 102.10
N GLU F 209 -20.13 77.66 101.02
CA GLU F 209 -20.86 78.91 100.89
C GLU F 209 -22.36 78.68 100.78
N LYS F 210 -22.75 77.50 100.28
CA LYS F 210 -24.16 77.13 100.15
C LYS F 210 -24.91 77.38 101.45
N VAL F 211 -24.49 76.70 102.53
CA VAL F 211 -25.12 76.90 103.84
C VAL F 211 -25.17 78.38 104.19
N ALA F 212 -24.05 79.08 103.99
CA ALA F 212 -23.99 80.52 104.23
C ALA F 212 -25.00 81.27 103.38
N THR F 213 -24.77 81.34 102.07
CA THR F 213 -25.64 82.07 101.15
C THR F 213 -25.77 81.28 99.85
N GLY F 214 -26.42 81.89 98.86
CA GLY F 214 -26.56 81.27 97.55
C GLY F 214 -27.23 79.92 97.56
N LYS F 215 -28.34 79.82 98.29
CA LYS F 215 -29.12 78.58 98.35
C LYS F 215 -30.57 78.92 98.01
N LEU F 216 -31.11 78.44 96.88
CA LEU F 216 -30.50 77.51 95.94
C LEU F 216 -29.31 78.11 95.17
N PRO F 217 -28.50 77.28 94.49
CA PRO F 217 -28.55 75.84 94.16
C PRO F 217 -28.46 74.89 95.34
N ILE F 218 -29.38 73.93 95.38
CA ILE F 218 -29.46 72.96 96.47
C ILE F 218 -28.55 71.69 96.41
N ASN F 219 -28.12 71.14 95.25
CA ASN F 219 -28.17 71.70 93.90
C ASN F 219 -29.48 71.61 93.11
N HIS F 220 -30.17 70.46 93.03
CA HIS F 220 -29.87 69.18 93.67
C HIS F 220 -30.10 68.12 92.58
N GLN F 221 -29.70 66.86 92.74
CA GLN F 221 -28.83 66.33 93.80
C GLN F 221 -27.39 66.13 93.35
N ILE F 222 -27.10 66.53 92.10
CA ILE F 222 -25.94 66.01 91.36
C ILE F 222 -24.63 66.18 92.13
N ILE F 223 -24.56 67.19 92.99
CA ILE F 223 -23.31 67.52 93.70
C ILE F 223 -22.77 66.33 94.48
N TYR F 224 -23.51 65.92 95.53
CA TYR F 224 -22.98 64.88 96.42
C TYR F 224 -23.02 63.51 95.76
N GLN F 225 -23.88 63.32 94.75
CA GLN F 225 -24.08 62.00 94.16
C GLN F 225 -22.78 61.47 93.55
N LEU F 226 -22.21 62.21 92.60
CA LEU F 226 -20.97 61.80 91.99
C LEU F 226 -19.77 62.01 92.91
N GLN F 227 -19.88 62.91 93.88
CA GLN F 227 -18.88 63.00 94.93
C GLN F 227 -18.79 61.68 95.70
N ASP F 228 -19.92 61.03 95.92
CA ASP F 228 -19.92 59.73 96.57
C ASP F 228 -19.45 58.63 95.64
N VAL F 229 -19.49 58.86 94.33
CA VAL F 229 -18.85 57.95 93.39
C VAL F 229 -17.35 58.13 93.44
N PHE F 230 -16.90 59.36 93.72
CA PHE F 230 -15.49 59.61 94.03
C PHE F 230 -15.07 58.90 95.31
N ASN F 231 -16.04 58.49 96.12
CA ASN F 231 -15.78 57.97 97.47
C ASN F 231 -15.54 56.46 97.48
N LEU F 232 -15.46 55.80 96.32
CA LEU F 232 -15.07 54.39 96.29
C LEU F 232 -13.80 54.16 97.09
N LEU F 233 -12.83 55.07 96.95
CA LEU F 233 -11.74 55.20 97.90
C LEU F 233 -11.70 56.66 98.32
N PRO F 234 -11.51 56.98 99.61
CA PRO F 234 -11.62 58.39 99.97
C PRO F 234 -10.53 59.31 99.37
N ASP F 235 -9.21 59.03 99.45
CA ASP F 235 -8.57 58.13 100.39
C ASP F 235 -8.12 58.94 101.61
N VAL F 236 -8.54 58.50 102.81
CA VAL F 236 -8.26 59.21 104.05
C VAL F 236 -7.46 58.31 104.98
N SER F 237 -7.23 58.80 106.20
CA SER F 237 -6.22 58.24 107.11
C SER F 237 -6.54 56.85 107.66
N LEU F 238 -5.62 55.91 107.40
CA LEU F 238 -4.54 56.16 106.45
C LEU F 238 -4.68 55.25 105.23
N GLN F 239 -5.16 55.86 104.14
CA GLN F 239 -5.17 55.28 102.81
C GLN F 239 -6.02 54.01 102.68
N GLU F 240 -6.41 53.43 103.81
CA GLU F 240 -7.20 52.20 103.86
C GLU F 240 -6.68 51.15 102.89
N PHE F 241 -5.35 51.07 102.75
CA PHE F 241 -4.70 50.23 101.76
C PHE F 241 -4.29 48.87 102.29
N VAL F 242 -4.72 48.49 103.50
CA VAL F 242 -4.33 47.21 104.09
C VAL F 242 -4.50 46.06 103.10
N LYS F 243 -5.56 46.07 102.29
CA LYS F 243 -5.67 45.11 101.20
C LYS F 243 -4.84 45.51 99.99
N ALA F 244 -4.66 46.82 99.76
CA ALA F 244 -3.88 47.28 98.62
C ALA F 244 -2.41 47.54 98.96
N PHE F 245 -1.97 47.22 100.18
CA PHE F 245 -0.60 47.48 100.59
C PHE F 245 0.36 46.52 99.90
N TYR F 246 0.22 45.22 100.16
CA TYR F 246 1.05 44.25 99.45
C TYR F 246 0.84 44.33 97.94
N LEU F 247 -0.35 44.76 97.51
CA LEU F 247 -0.61 44.91 96.08
C LEU F 247 0.03 46.17 95.51
N LYS F 248 0.23 47.19 96.35
CA LYS F 248 0.93 48.39 95.96
C LYS F 248 2.31 48.06 95.39
N THR F 249 3.17 47.48 96.23
CA THR F 249 4.50 47.10 95.78
C THR F 249 4.47 45.96 94.76
N ASN F 250 3.44 45.12 94.79
CA ASN F 250 3.31 44.02 93.84
C ASN F 250 3.04 44.50 92.42
N ASP F 251 2.51 45.72 92.26
CA ASP F 251 2.43 46.32 90.93
C ASP F 251 3.77 46.88 90.50
N GLN F 252 4.58 47.33 91.46
CA GLN F 252 5.94 47.76 91.21
C GLN F 252 6.91 46.58 91.13
N MET F 253 6.42 45.36 91.36
CA MET F 253 7.22 44.14 91.34
C MET F 253 8.04 44.00 90.06
N VAL F 254 7.37 43.77 88.93
CA VAL F 254 8.06 43.54 87.66
C VAL F 254 8.62 44.82 87.05
N VAL F 255 8.00 45.97 87.32
CA VAL F 255 8.50 47.24 86.77
C VAL F 255 9.91 47.50 87.26
N VAL F 256 10.18 47.21 88.54
CA VAL F 256 11.54 47.37 89.06
C VAL F 256 12.42 46.21 88.61
N TYR F 257 11.85 45.02 88.49
CA TYR F 257 12.62 43.86 88.07
C TYR F 257 13.14 44.03 86.64
N LEU F 258 12.26 44.40 85.71
CA LEU F 258 12.69 44.62 84.33
C LEU F 258 13.68 45.77 84.25
N ALA F 259 13.39 46.88 84.95
CA ALA F 259 14.32 48.01 85.00
C ALA F 259 15.68 47.58 85.53
N SER F 260 15.70 46.57 86.39
CA SER F 260 16.96 46.00 86.85
C SER F 260 17.55 45.06 85.80
N LEU F 261 16.69 44.35 85.08
CA LEU F 261 17.18 43.39 84.09
C LEU F 261 17.62 44.06 82.80
N ILE F 262 16.89 45.09 82.36
CA ILE F 262 17.24 45.76 81.11
C ILE F 262 18.53 46.56 81.26
N ARG F 263 18.64 47.35 82.33
CA ARG F 263 19.83 48.16 82.53
C ARG F 263 21.09 47.32 82.66
N SER F 264 20.94 46.05 83.05
CA SER F 264 22.11 45.17 83.16
C SER F 264 22.67 44.82 81.78
N VAL F 265 21.79 44.34 80.89
CA VAL F 265 22.22 43.96 79.55
C VAL F 265 22.41 45.16 78.62
N VAL F 266 21.59 46.20 78.77
CA VAL F 266 21.83 47.44 78.01
C VAL F 266 23.22 47.97 78.30
N ALA F 267 23.65 47.89 79.57
CA ALA F 267 25.03 48.19 79.89
C ALA F 267 25.99 47.27 79.14
N LEU F 268 25.70 45.96 79.14
CA LEU F 268 26.56 45.01 78.43
C LEU F 268 26.63 45.33 76.95
N HIS F 269 25.57 45.92 76.40
CA HIS F 269 25.63 46.40 75.02
C HIS F 269 26.36 47.74 74.94
N ASN F 270 26.13 48.62 75.91
CA ASN F 270 26.76 49.94 75.87
C ASN F 270 28.22 49.87 76.32
N LEU F 271 28.49 49.19 77.42
CA LEU F 271 29.83 49.20 78.01
C LEU F 271 30.82 48.44 77.12
N ILE F 272 30.50 47.19 76.79
CA ILE F 272 31.40 46.38 75.97
C ILE F 272 31.70 47.06 74.64
N ASN F 273 30.65 47.28 73.83
CA ASN F 273 30.84 47.80 72.48
C ASN F 273 31.57 49.14 72.47
N ASN F 274 31.39 49.96 73.50
CA ASN F 274 32.10 51.23 73.56
C ASN F 274 33.59 50.99 73.79
N LYS F 275 33.93 50.10 74.73
CA LYS F 275 35.33 49.80 75.00
C LYS F 275 36.02 49.19 73.79
N ILE F 276 35.32 48.28 73.09
CA ILE F 276 35.86 47.66 71.89
C ILE F 276 36.25 48.71 70.85
N ALA F 277 35.25 49.46 70.37
CA ALA F 277 35.49 50.40 69.28
C ALA F 277 36.45 51.51 69.70
N ASN F 278 36.49 51.82 71.00
CA ASN F 278 37.36 52.90 71.46
C ASN F 278 38.83 52.52 71.36
N ARG F 279 39.21 51.39 71.95
CA ARG F 279 40.61 50.98 71.94
C ARG F 279 41.08 50.56 70.56
N ASP F 280 40.15 50.16 69.68
CA ASP F 280 40.53 49.83 68.31
C ASP F 280 41.05 51.07 67.57
N ALA F 281 40.38 52.20 67.75
CA ALA F 281 40.85 53.45 67.14
C ALA F 281 41.95 54.10 67.96
N GLU F 282 41.82 54.10 69.29
CA GLU F 282 42.72 54.87 70.14
C GLU F 282 44.16 54.36 70.04
N LYS F 283 44.40 53.09 70.39
CA LYS F 283 45.77 52.63 70.52
C LYS F 283 46.40 52.26 69.18
N LYS F 284 45.59 51.86 68.19
CA LYS F 284 46.14 51.50 66.89
C LYS F 284 46.56 52.73 66.10
N GLU F 285 46.07 53.91 66.49
CA GLU F 285 46.49 55.14 65.83
C GLU F 285 47.87 55.59 66.29
N GLY F 286 48.15 55.50 67.59
CA GLY F 286 49.43 55.89 68.12
C GLY F 286 50.09 54.79 68.94
N VAL G 1 -82.37 89.92 72.26
CA VAL G 1 -81.12 89.50 72.89
C VAL G 1 -80.71 90.41 74.06
N PRO G 2 -80.77 91.75 73.90
CA PRO G 2 -80.45 92.61 75.05
C PRO G 2 -81.44 92.48 76.19
N GLY G 3 -82.66 92.02 75.91
CA GLY G 3 -83.64 91.85 76.99
C GLY G 3 -83.37 90.63 77.84
N PHE G 4 -82.47 89.75 77.39
CA PHE G 4 -82.16 88.55 78.15
C PHE G 4 -81.35 88.89 79.40
N LEU G 5 -80.44 89.85 79.27
CA LEU G 5 -79.63 90.26 80.43
C LEU G 5 -80.33 91.29 81.30
N GLN G 6 -81.41 91.90 80.81
CA GLN G 6 -82.16 92.86 81.61
C GLN G 6 -83.07 92.18 82.64
N GLN G 7 -83.57 90.98 82.34
CA GLN G 7 -84.34 90.23 83.33
C GLN G 7 -83.43 89.57 84.35
N SER G 8 -82.21 89.22 83.94
CA SER G 8 -81.20 88.68 84.84
C SER G 8 -80.33 89.78 85.46
N GLN G 9 -80.65 91.05 85.19
CA GLN G 9 -79.91 92.19 85.69
C GLN G 9 -79.63 92.11 87.18
N SER G 10 -80.69 92.14 88.00
CA SER G 10 -80.54 92.14 89.46
C SER G 10 -80.73 90.72 89.98
N SER G 11 -79.64 90.11 90.44
CA SER G 11 -79.69 88.84 91.16
C SER G 11 -79.62 89.04 92.67
N GLY G 12 -79.49 90.28 93.14
CA GLY G 12 -79.34 90.57 94.54
C GLY G 12 -78.57 91.85 94.76
N PRO G 13 -78.13 92.09 96.00
CA PRO G 13 -77.37 93.31 96.29
C PRO G 13 -76.00 93.28 95.63
N GLY G 14 -75.62 94.38 94.99
CA GLY G 14 -74.33 94.51 94.35
C GLY G 14 -74.20 93.86 92.99
N GLN G 15 -75.13 92.97 92.62
CA GLN G 15 -75.04 92.31 91.33
C GLN G 15 -75.23 93.27 90.16
N PRO G 16 -76.26 94.15 90.14
CA PRO G 16 -76.45 94.98 88.94
C PRO G 16 -75.29 95.92 88.65
N ALA G 17 -74.56 96.36 89.69
CA ALA G 17 -73.49 97.33 89.49
C ALA G 17 -72.47 96.85 88.46
N VAL G 18 -72.06 95.58 88.56
CA VAL G 18 -71.15 95.01 87.56
C VAL G 18 -71.87 94.55 86.30
N TRP G 19 -73.19 94.36 86.35
CA TRP G 19 -73.94 93.96 85.17
C TRP G 19 -74.26 95.12 84.24
N HIS G 20 -74.36 96.35 84.78
CA HIS G 20 -74.51 97.51 83.90
C HIS G 20 -73.32 97.66 82.97
N ARG G 21 -72.13 97.27 83.42
CA ARG G 21 -70.95 97.29 82.55
C ARG G 21 -70.97 96.11 81.59
N LEU G 22 -71.55 94.98 82.02
CA LEU G 22 -71.52 93.77 81.19
C LEU G 22 -72.29 93.97 79.90
N GLU G 23 -73.41 94.71 79.94
CA GLU G 23 -74.17 94.93 78.72
C GLU G 23 -73.46 95.87 77.77
N GLU G 24 -72.66 96.80 78.31
CA GLU G 24 -71.87 97.69 77.47
C GLU G 24 -70.60 97.03 76.96
N LEU G 25 -70.28 95.82 77.43
CA LEU G 25 -69.08 95.13 76.98
C LEU G 25 -69.24 94.57 75.58
N TYR G 26 -70.35 93.89 75.29
CA TYR G 26 -70.56 93.33 73.97
C TYR G 26 -71.03 94.36 72.95
N THR G 27 -71.75 95.40 73.39
CA THR G 27 -72.13 96.47 72.47
C THR G 27 -70.90 97.24 72.00
N LYS G 28 -69.93 97.45 72.89
CA LYS G 28 -68.64 97.98 72.48
C LYS G 28 -67.79 96.93 71.77
N LYS G 29 -68.23 95.67 71.75
CA LYS G 29 -67.59 94.57 71.05
C LYS G 29 -66.19 94.28 71.58
N LEU G 30 -65.89 94.65 72.82
CA LEU G 30 -64.61 94.30 73.44
C LEU G 30 -64.80 93.01 74.23
N TRP G 31 -64.12 91.95 73.77
CA TRP G 31 -64.33 90.61 74.30
C TRP G 31 -63.34 90.23 75.39
N HIS G 32 -62.37 91.08 75.70
CA HIS G 32 -61.48 90.83 76.84
C HIS G 32 -62.13 91.24 78.14
N GLN G 33 -62.47 92.53 78.29
CA GLN G 33 -63.25 92.97 79.44
C GLN G 33 -64.52 92.13 79.60
N LEU G 34 -65.10 91.67 78.49
CA LEU G 34 -66.22 90.75 78.58
C LEU G 34 -65.77 89.35 79.01
N THR G 35 -64.55 88.95 78.65
CA THR G 35 -64.04 87.68 79.14
C THR G 35 -63.75 87.73 80.63
N LEU G 36 -62.99 88.74 81.07
CA LEU G 36 -62.62 88.88 82.47
C LEU G 36 -63.81 89.13 83.38
N GLN G 37 -64.79 89.93 82.96
CA GLN G 37 -65.95 90.19 83.80
C GLN G 37 -66.82 88.95 83.96
N VAL G 38 -66.98 88.18 82.88
CA VAL G 38 -67.68 86.90 82.98
C VAL G 38 -66.86 85.93 83.82
N LEU G 39 -65.55 85.89 83.61
CA LEU G 39 -64.67 85.12 84.48
C LEU G 39 -64.72 85.59 85.92
N ASP G 40 -64.84 86.91 86.14
CA ASP G 40 -65.07 87.42 87.48
C ASP G 40 -66.40 86.93 88.04
N PHE G 41 -67.42 86.82 87.18
CA PHE G 41 -68.67 86.21 87.59
C PHE G 41 -68.50 84.70 87.76
N VAL G 42 -67.65 84.08 86.94
CA VAL G 42 -67.33 82.67 87.11
C VAL G 42 -66.53 82.47 88.40
N GLN G 43 -65.60 83.39 88.67
CA GLN G 43 -64.86 83.35 89.93
C GLN G 43 -65.79 83.61 91.11
N ASP G 44 -66.81 84.44 90.90
CA ASP G 44 -67.79 84.70 91.95
C ASP G 44 -68.64 83.45 92.19
N PRO G 45 -68.67 82.92 93.41
CA PRO G 45 -69.46 81.70 93.67
C PRO G 45 -70.95 81.94 93.46
N CYS G 46 -71.56 81.06 92.68
CA CYS G 46 -72.98 81.14 92.39
C CYS G 46 -73.54 79.73 92.29
N PHE G 47 -74.87 79.64 92.27
CA PHE G 47 -75.58 78.35 92.32
C PHE G 47 -75.12 77.26 91.32
N ALA G 48 -74.98 77.53 90.02
CA ALA G 48 -75.18 78.82 89.37
C ALA G 48 -76.20 78.71 88.23
N GLN G 49 -77.32 79.42 88.36
CA GLN G 49 -78.28 79.47 87.27
C GLN G 49 -78.01 80.65 86.33
N GLY G 50 -77.10 81.55 86.72
CA GLY G 50 -76.78 82.67 85.85
C GLY G 50 -75.90 82.27 84.69
N ASP G 51 -74.85 81.49 84.94
CA ASP G 51 -73.97 81.06 83.87
C ASP G 51 -74.58 79.94 83.04
N GLY G 52 -75.62 79.26 83.57
CA GLY G 52 -76.28 78.22 82.82
C GLY G 52 -77.25 78.74 81.77
N LEU G 53 -77.85 79.90 82.00
CA LEU G 53 -78.74 80.49 81.00
C LEU G 53 -77.93 81.22 79.92
N ILE G 54 -76.77 81.77 80.29
CA ILE G 54 -75.96 82.51 79.33
C ILE G 54 -75.07 81.59 78.50
N LYS G 55 -74.92 80.32 78.90
CA LYS G 55 -74.05 79.42 78.16
C LYS G 55 -74.55 79.21 76.74
N LEU G 56 -75.85 79.40 76.49
CA LEU G 56 -76.36 79.34 75.13
C LEU G 56 -75.88 80.55 74.32
N TYR G 57 -75.93 81.74 74.93
CA TYR G 57 -75.42 82.94 74.27
C TYR G 57 -73.89 82.99 74.28
N GLU G 58 -73.25 82.47 75.32
CA GLU G 58 -71.81 82.35 75.30
C GLU G 58 -71.36 81.38 74.22
N ASN G 59 -72.17 80.35 73.94
CA ASN G 59 -71.90 79.47 72.82
C ASN G 59 -72.03 80.24 71.51
N PHE G 60 -73.06 81.09 71.40
CA PHE G 60 -73.19 81.93 70.22
C PHE G 60 -72.08 82.97 70.15
N ILE G 61 -71.56 83.39 71.31
CA ILE G 61 -70.48 84.36 71.33
C ILE G 61 -69.24 83.79 70.66
N SER G 62 -68.89 82.55 71.01
CA SER G 62 -67.69 81.93 70.45
C SER G 62 -67.83 81.70 68.95
N GLU G 63 -69.06 81.57 68.46
CA GLU G 63 -69.31 81.34 67.04
C GLU G 63 -68.75 82.46 66.17
N PHE G 64 -69.36 83.65 66.26
CA PHE G 64 -68.99 84.73 65.35
C PHE G 64 -67.72 85.45 65.79
N GLU G 65 -67.33 85.33 67.06
CA GLU G 65 -66.09 85.95 67.52
C GLU G 65 -64.88 85.12 67.15
N HIS G 66 -64.97 83.79 67.29
CA HIS G 66 -64.07 82.80 66.69
C HIS G 66 -62.63 82.91 67.16
N ARG G 67 -62.32 83.94 67.96
CA ARG G 67 -60.95 84.24 68.34
C ARG G 67 -60.64 83.83 69.78
N VAL G 68 -61.39 84.36 70.75
CA VAL G 68 -61.05 84.23 72.16
C VAL G 68 -60.77 82.77 72.51
N ASN G 69 -59.71 82.55 73.30
CA ASN G 69 -59.19 81.22 73.52
C ASN G 69 -60.20 80.37 74.28
N PRO G 70 -60.26 79.06 74.03
CA PRO G 70 -61.18 78.19 74.79
C PRO G 70 -60.86 78.08 76.27
N LEU G 71 -59.67 78.51 76.70
CA LEU G 71 -59.33 78.48 78.13
C LEU G 71 -60.42 79.16 78.96
N SER G 72 -60.89 80.32 78.51
CA SER G 72 -62.00 80.97 79.20
C SER G 72 -63.31 80.22 79.00
N LEU G 73 -63.45 79.49 77.88
CA LEU G 73 -64.65 78.71 77.66
C LEU G 73 -64.69 77.47 78.54
N VAL G 74 -63.52 76.96 78.92
CA VAL G 74 -63.48 75.81 79.82
C VAL G 74 -63.70 76.23 81.26
N GLU G 75 -63.20 77.41 81.62
CA GLU G 75 -63.34 77.88 83.00
C GLU G 75 -64.80 78.18 83.34
N ILE G 76 -65.58 78.62 82.36
CA ILE G 76 -66.99 78.93 82.62
C ILE G 76 -67.82 77.66 82.66
N ILE G 77 -67.50 76.69 81.80
CA ILE G 77 -68.34 75.49 81.70
C ILE G 77 -68.17 74.58 82.91
N LEU G 78 -67.01 74.64 83.58
CA LEU G 78 -66.82 73.81 84.77
C LEU G 78 -67.61 74.33 85.96
N HIS G 79 -67.95 75.62 85.97
CA HIS G 79 -68.92 76.12 86.95
C HIS G 79 -70.35 75.82 86.53
N VAL G 80 -70.59 75.66 85.23
CA VAL G 80 -71.92 75.35 84.75
C VAL G 80 -72.26 73.89 84.97
N VAL G 81 -71.27 73.00 84.81
CA VAL G 81 -71.52 71.57 85.02
C VAL G 81 -71.86 71.29 86.48
N ARG G 82 -71.45 72.17 87.39
CA ARG G 82 -71.87 72.04 88.78
C ARG G 82 -73.37 72.25 88.94
N GLN G 83 -73.98 73.10 88.12
CA GLN G 83 -75.43 73.24 88.11
C GLN G 83 -76.10 72.10 87.34
N MET G 84 -75.46 71.61 86.28
CA MET G 84 -76.03 70.54 85.48
C MET G 84 -75.96 69.20 86.22
N THR G 85 -74.84 68.95 86.90
CA THR G 85 -74.63 67.76 87.73
C THR G 85 -74.59 66.47 86.92
N ASP G 86 -74.86 66.55 85.62
CA ASP G 86 -74.91 65.36 84.77
C ASP G 86 -73.67 65.34 83.87
N PRO G 87 -72.73 64.43 84.08
CA PRO G 87 -71.54 64.39 83.22
C PRO G 87 -71.82 63.92 81.79
N ASN G 88 -72.98 63.30 81.53
CA ASN G 88 -73.25 62.75 80.22
C ASN G 88 -73.55 63.85 79.20
N VAL G 89 -74.64 64.59 79.40
CA VAL G 89 -75.02 65.65 78.48
C VAL G 89 -73.98 66.76 78.44
N ALA G 90 -73.15 66.87 79.47
CA ALA G 90 -72.10 67.87 79.50
C ALA G 90 -70.89 67.49 78.64
N LEU G 91 -70.49 66.22 78.64
CA LEU G 91 -69.38 65.80 77.79
C LEU G 91 -69.73 65.88 76.31
N THR G 92 -71.00 65.71 75.95
CA THR G 92 -71.42 65.95 74.57
C THR G 92 -71.25 67.41 74.20
N PHE G 93 -71.53 68.32 75.15
CA PHE G 93 -71.28 69.73 74.93
C PHE G 93 -69.80 70.07 75.09
N LEU G 94 -69.08 69.32 75.91
CA LEU G 94 -67.65 69.57 76.10
C LEU G 94 -66.87 69.23 74.83
N GLU G 95 -67.15 68.06 74.24
CA GLU G 95 -66.56 67.72 72.96
C GLU G 95 -67.07 68.63 71.85
N LYS G 96 -68.29 69.18 71.98
CA LYS G 96 -68.78 70.14 71.01
C LYS G 96 -67.92 71.39 70.99
N THR G 97 -67.48 71.85 72.17
CA THR G 97 -66.58 72.99 72.24
C THR G 97 -65.18 72.62 71.76
N ARG G 98 -64.82 71.34 71.76
CA ARG G 98 -63.51 70.92 71.28
C ARG G 98 -63.45 70.91 69.75
N GLU G 99 -64.52 70.44 69.11
CA GLU G 99 -64.52 70.36 67.65
C GLU G 99 -64.80 71.71 67.00
N LYS G 100 -65.56 72.59 67.67
CA LYS G 100 -65.90 73.88 67.08
C LYS G 100 -64.79 74.90 67.21
N VAL G 101 -63.87 74.71 68.15
CA VAL G 101 -62.81 75.67 68.43
C VAL G 101 -61.49 75.08 67.95
N LYS G 102 -60.90 75.70 66.94
CA LYS G 102 -59.59 75.31 66.41
C LYS G 102 -58.72 76.55 66.32
N SER G 103 -57.62 76.57 67.08
CA SER G 103 -56.71 77.69 67.12
C SER G 103 -55.28 77.17 67.32
N SER G 104 -54.30 78.05 67.11
CA SER G 104 -52.91 77.67 67.32
C SER G 104 -52.68 77.18 68.74
N ASP G 105 -53.29 77.83 69.72
CA ASP G 105 -53.29 77.31 71.08
C ASP G 105 -54.09 76.03 71.13
N GLU G 106 -53.51 74.98 71.72
CA GLU G 106 -54.14 73.67 71.69
C GLU G 106 -55.44 73.67 72.47
N ALA G 107 -56.52 73.27 71.82
CA ALA G 107 -57.81 73.08 72.47
C ALA G 107 -58.01 71.65 72.95
N VAL G 108 -57.11 70.73 72.58
CA VAL G 108 -57.24 69.35 73.04
C VAL G 108 -56.75 69.19 74.47
N ILE G 109 -55.68 69.91 74.85
CA ILE G 109 -55.11 69.74 76.18
C ILE G 109 -56.06 70.28 77.24
N LEU G 110 -56.75 71.38 76.92
CA LEU G 110 -57.70 71.94 77.89
C LEU G 110 -59.01 71.18 77.91
N CYS G 111 -59.40 70.56 76.78
CA CYS G 111 -60.63 69.77 76.75
C CYS G 111 -60.43 68.38 77.34
N LYS G 112 -59.32 67.72 77.04
CA LYS G 112 -59.08 66.38 77.59
C LYS G 112 -58.93 66.41 79.11
N THR G 113 -58.33 67.47 79.65
CA THR G 113 -58.28 67.62 81.10
C THR G 113 -59.67 67.90 81.67
N ALA G 114 -60.54 68.53 80.89
CA ALA G 114 -61.92 68.73 81.32
C ALA G 114 -62.76 67.46 81.13
N ILE G 115 -62.43 66.63 80.13
CA ILE G 115 -63.15 65.38 79.94
C ILE G 115 -62.90 64.43 81.10
N GLY G 116 -61.63 64.22 81.47
CA GLY G 116 -61.31 63.33 82.57
C GLY G 116 -61.79 63.85 83.91
N ALA G 117 -61.88 65.18 84.06
CA ALA G 117 -62.39 65.75 85.30
C ALA G 117 -63.86 65.39 85.48
N LEU G 118 -64.64 65.48 84.40
CA LEU G 118 -66.05 65.06 84.46
C LEU G 118 -66.18 63.55 84.41
N LYS G 119 -65.09 62.83 84.14
CA LYS G 119 -65.11 61.38 84.05
C LYS G 119 -64.99 60.69 85.40
N LEU G 120 -64.83 61.45 86.48
CA LEU G 120 -64.73 60.85 87.82
C LEU G 120 -66.00 60.10 88.20
N ASN G 121 -67.12 60.36 87.52
CA ASN G 121 -68.38 59.68 87.79
C ASN G 121 -68.60 58.45 86.93
N ILE G 122 -67.62 58.06 86.11
CA ILE G 122 -67.77 56.93 85.19
C ILE G 122 -67.67 55.49 85.77
N GLY G 123 -67.09 55.22 86.95
CA GLY G 123 -66.33 56.13 87.80
C GLY G 123 -64.89 56.37 87.40
N ASP G 124 -64.16 55.29 87.15
CA ASP G 124 -62.74 55.34 86.80
C ASP G 124 -62.32 53.97 86.26
N LEU G 125 -61.02 53.84 85.99
CA LEU G 125 -60.28 52.62 85.73
C LEU G 125 -60.51 52.05 84.33
N GLN G 126 -61.53 52.49 83.58
CA GLN G 126 -61.82 51.87 82.31
C GLN G 126 -61.30 52.68 81.12
N VAL G 127 -61.98 53.78 80.79
CA VAL G 127 -61.59 54.62 79.65
C VAL G 127 -60.76 55.82 80.09
N THR G 128 -60.52 55.98 81.39
CA THR G 128 -59.78 57.12 81.92
C THR G 128 -58.38 57.24 81.35
N LYS G 129 -57.53 56.24 81.60
CA LYS G 129 -56.13 56.31 81.21
C LYS G 129 -55.95 56.62 79.72
N GLU G 130 -56.93 56.26 78.89
CA GLU G 130 -56.84 56.59 77.46
C GLU G 130 -56.87 58.10 77.24
N THR G 131 -57.85 58.79 77.86
CA THR G 131 -57.92 60.24 77.69
C THR G 131 -56.93 60.95 78.61
N ILE G 132 -56.41 60.24 79.60
CA ILE G 132 -55.38 60.82 80.47
C ILE G 132 -54.05 60.86 79.75
N GLU G 133 -53.71 59.77 79.05
CA GLU G 133 -52.44 59.70 78.33
C GLU G 133 -52.45 60.62 77.11
N ASP G 134 -53.65 60.92 76.58
CA ASP G 134 -53.73 61.78 75.41
C ASP G 134 -53.34 63.21 75.73
N VAL G 135 -53.49 63.62 76.99
CA VAL G 135 -53.15 64.98 77.43
C VAL G 135 -51.68 65.28 77.16
N GLU G 136 -50.78 64.59 77.86
CA GLU G 136 -49.36 64.90 77.78
C GLU G 136 -48.76 64.58 76.42
N GLU G 137 -49.47 63.82 75.58
CA GLU G 137 -48.99 63.60 74.21
C GLU G 137 -49.04 64.91 73.42
N MET G 138 -50.18 65.60 73.48
CA MET G 138 -50.29 66.92 72.86
C MET G 138 -49.64 67.99 73.71
N LEU G 139 -49.64 67.81 75.03
CA LEU G 139 -49.04 68.79 75.94
C LEU G 139 -47.52 68.75 75.91
N ASN G 140 -46.92 67.71 75.32
CA ASN G 140 -45.46 67.62 75.26
C ASN G 140 -44.86 68.83 74.56
N ASN G 141 -45.52 69.30 73.51
CA ASN G 141 -45.14 70.54 72.84
C ASN G 141 -46.39 71.33 72.44
N LEU G 142 -46.46 72.60 72.84
CA LEU G 142 -45.46 73.22 73.70
C LEU G 142 -46.09 73.60 75.04
N PRO G 143 -45.56 73.02 76.13
CA PRO G 143 -46.16 73.28 77.46
C PRO G 143 -45.80 74.66 78.00
N GLY G 144 -46.11 75.70 77.25
CA GLY G 144 -45.80 77.06 77.66
C GLY G 144 -46.74 77.60 78.72
N VAL G 145 -48.00 77.14 78.68
CA VAL G 145 -48.98 77.60 79.66
C VAL G 145 -48.63 77.07 81.05
N THR G 146 -48.39 75.75 81.14
CA THR G 146 -47.94 75.07 82.36
C THR G 146 -49.04 75.05 83.42
N SER G 147 -50.10 75.84 83.23
CA SER G 147 -51.22 75.83 84.17
C SER G 147 -52.14 74.64 83.94
N VAL G 148 -52.33 74.23 82.68
CA VAL G 148 -53.15 73.07 82.38
C VAL G 148 -52.56 71.78 82.91
N HIS G 149 -51.25 71.76 83.16
CA HIS G 149 -50.59 70.58 83.73
C HIS G 149 -51.12 70.23 85.12
N SER G 150 -51.63 71.21 85.86
CA SER G 150 -52.30 70.90 87.13
C SER G 150 -53.62 70.18 86.90
N ARG G 151 -54.36 70.57 85.86
CA ARG G 151 -55.57 69.85 85.49
C ARG G 151 -55.24 68.46 84.98
N PHE G 152 -54.02 68.29 84.45
CA PHE G 152 -53.58 66.97 84.02
C PHE G 152 -53.22 66.09 85.21
N TYR G 153 -52.83 66.71 86.33
CA TYR G 153 -52.50 65.94 87.52
C TYR G 153 -53.76 65.46 88.23
N ASP G 154 -54.83 66.26 88.18
CA ASP G 154 -56.08 65.93 88.85
C ASP G 154 -56.60 64.56 88.41
N LEU G 155 -56.95 64.44 87.13
CA LEU G 155 -57.43 63.16 86.62
C LEU G 155 -56.37 62.07 86.71
N SER G 156 -55.10 62.45 86.76
CA SER G 156 -54.04 61.47 86.96
C SER G 156 -53.97 61.03 88.42
N SER G 157 -54.24 61.95 89.34
CA SER G 157 -54.29 61.59 90.76
C SER G 157 -55.52 60.76 91.07
N LYS G 158 -56.64 61.02 90.40
CA LYS G 158 -57.83 60.21 90.59
C LYS G 158 -57.71 58.85 89.93
N TYR G 159 -56.86 58.72 88.91
CA TYR G 159 -56.56 57.40 88.35
C TYR G 159 -55.82 56.53 89.36
N TYR G 160 -55.11 57.17 90.30
CA TYR G 160 -54.39 56.42 91.33
C TYR G 160 -55.35 55.88 92.39
N GLN G 161 -56.54 56.48 92.49
CA GLN G 161 -57.48 56.10 93.56
C GLN G 161 -57.92 54.65 93.48
N THR G 162 -57.68 53.97 92.35
CA THR G 162 -57.99 52.55 92.26
C THR G 162 -57.01 51.71 93.07
N ILE G 163 -55.89 52.30 93.48
CA ILE G 163 -54.85 51.62 94.26
C ILE G 163 -54.35 50.37 93.54
N GLY G 164 -53.61 50.54 92.45
CA GLY G 164 -53.25 51.86 91.94
C GLY G 164 -51.81 52.29 92.11
N ASN G 165 -50.95 51.39 92.59
CA ASN G 165 -49.51 51.62 92.63
C ASN G 165 -49.15 52.86 93.43
N HIS G 166 -49.25 52.78 94.77
CA HIS G 166 -48.93 53.88 95.66
C HIS G 166 -47.63 54.57 95.31
N ALA G 167 -46.62 53.80 94.91
CA ALA G 167 -45.32 54.37 94.56
C ALA G 167 -45.43 55.34 93.39
N SER G 168 -46.44 55.14 92.53
CA SER G 168 -46.62 56.05 91.41
C SER G 168 -47.29 57.35 91.83
N TYR G 169 -48.04 57.34 92.94
CA TYR G 169 -48.68 58.58 93.41
C TYR G 169 -47.64 59.63 93.78
N TYR G 170 -46.60 59.23 94.52
CA TYR G 170 -45.52 60.15 94.83
C TYR G 170 -44.78 60.58 93.56
N LYS G 171 -44.71 59.70 92.56
CA LYS G 171 -44.17 60.07 91.26
C LYS G 171 -45.17 60.94 90.50
N ASP G 172 -46.46 60.68 90.69
CA ASP G 172 -47.49 61.55 90.12
C ASP G 172 -47.52 62.89 90.83
N ALA G 173 -47.15 62.92 92.12
CA ALA G 173 -47.03 64.18 92.85
C ALA G 173 -45.99 65.12 92.23
N LEU G 174 -44.99 64.57 91.55
CA LEU G 174 -44.04 65.38 90.79
C LEU G 174 -44.71 66.14 89.66
N ARG G 175 -45.78 65.61 89.09
CA ARG G 175 -46.60 66.32 88.11
C ARG G 175 -47.50 67.37 88.75
N PHE G 176 -47.59 67.38 90.09
CA PHE G 176 -48.27 68.43 90.83
C PHE G 176 -47.28 69.43 91.41
N LEU G 177 -46.38 68.97 92.28
CA LEU G 177 -45.35 69.83 92.84
C LEU G 177 -44.49 70.48 91.75
N GLY G 178 -44.50 69.92 90.54
CA GLY G 178 -43.77 70.51 89.43
C GLY G 178 -44.64 71.21 88.42
N CYS G 179 -45.96 71.24 88.63
CA CYS G 179 -46.84 71.92 87.68
C CYS G 179 -46.87 73.43 87.91
N VAL G 180 -46.97 73.85 89.17
CA VAL G 180 -47.06 75.27 89.51
C VAL G 180 -46.17 75.54 90.72
N ASP G 181 -45.43 76.64 90.66
CA ASP G 181 -44.59 77.08 91.78
C ASP G 181 -45.41 77.33 93.04
N ILE G 182 -46.24 78.37 93.00
CA ILE G 182 -46.96 78.85 94.17
C ILE G 182 -48.14 77.95 94.44
N LYS G 183 -48.46 77.78 95.72
CA LYS G 183 -49.59 76.98 96.20
C LYS G 183 -50.91 77.47 95.60
N ASP G 184 -51.27 78.72 95.90
CA ASP G 184 -52.51 79.38 95.49
C ASP G 184 -53.76 78.61 95.93
N LEU G 185 -53.64 77.81 96.98
CA LEU G 185 -54.75 77.08 97.57
C LEU G 185 -54.52 76.99 99.06
N PRO G 186 -55.57 76.85 99.86
CA PRO G 186 -55.40 76.84 101.32
C PRO G 186 -54.43 75.77 101.78
N VAL G 187 -53.49 76.17 102.63
CA VAL G 187 -52.47 75.25 103.13
C VAL G 187 -53.10 74.13 103.96
N SER G 188 -54.23 74.39 104.61
CA SER G 188 -54.90 73.35 105.37
C SER G 188 -55.33 72.19 104.47
N GLU G 189 -55.59 72.48 103.20
CA GLU G 189 -55.88 71.41 102.25
C GLU G 189 -54.62 70.61 101.93
N GLN G 190 -53.48 71.29 101.85
CA GLN G 190 -52.20 70.63 101.59
C GLN G 190 -51.57 70.02 102.82
N GLN G 191 -51.99 70.42 104.03
CA GLN G 191 -51.50 69.75 105.22
C GLN G 191 -52.19 68.41 105.44
N GLU G 192 -53.41 68.26 104.90
CA GLU G 192 -54.00 66.93 104.78
C GLU G 192 -53.62 66.24 103.48
N ARG G 193 -52.97 66.97 102.55
CA ARG G 193 -52.36 66.30 101.41
C ARG G 193 -51.12 65.51 101.81
N ALA G 194 -50.18 66.17 102.51
CA ALA G 194 -49.00 65.48 103.01
C ALA G 194 -49.35 64.43 104.06
N PHE G 195 -50.57 64.49 104.59
CA PHE G 195 -51.10 63.44 105.45
C PHE G 195 -51.04 62.11 104.72
N THR G 196 -51.78 62.00 103.62
CA THR G 196 -51.77 60.80 102.80
C THR G 196 -50.58 60.72 101.84
N LEU G 197 -49.94 61.84 101.53
CA LEU G 197 -48.81 61.82 100.62
C LEU G 197 -47.61 61.11 101.25
N GLY G 198 -47.30 61.44 102.50
CA GLY G 198 -46.20 60.76 103.18
C GLY G 198 -46.51 59.29 103.42
N LEU G 199 -47.74 58.98 103.83
CA LEU G 199 -48.17 57.60 104.00
C LEU G 199 -48.09 56.82 102.69
N ALA G 200 -48.93 57.18 101.72
CA ALA G 200 -49.04 56.41 100.48
C ALA G 200 -47.71 56.33 99.75
N GLY G 201 -46.98 57.44 99.70
CA GLY G 201 -45.66 57.41 99.08
C GLY G 201 -44.72 56.45 99.78
N LEU G 202 -44.88 56.31 101.10
CA LEU G 202 -44.07 55.35 101.84
C LEU G 202 -44.62 53.93 101.69
N LEU G 203 -45.93 53.79 101.56
CA LEU G 203 -46.57 52.49 101.41
C LEU G 203 -46.01 51.73 100.21
N GLY G 204 -46.27 52.25 99.00
CA GLY G 204 -45.79 51.59 97.79
C GLY G 204 -44.27 51.60 97.73
N GLU G 205 -43.67 50.42 97.61
CA GLU G 205 -42.22 50.28 97.55
C GLU G 205 -41.69 50.24 96.13
N GLY G 206 -42.55 50.43 95.13
CA GLY G 206 -42.07 50.45 93.75
C GLY G 206 -40.97 51.47 93.52
N VAL G 207 -40.98 52.57 94.26
CA VAL G 207 -39.90 53.54 94.23
C VAL G 207 -38.89 53.19 95.32
N PHE G 208 -37.66 52.91 94.91
CA PHE G 208 -36.66 52.43 95.86
C PHE G 208 -36.05 53.57 96.67
N ASN G 209 -35.87 54.74 96.06
CA ASN G 209 -35.26 55.86 96.77
C ASN G 209 -36.29 56.64 97.57
N PHE G 210 -37.17 57.38 96.89
CA PHE G 210 -38.29 58.09 97.50
C PHE G 210 -37.83 59.27 98.37
N GLY G 211 -36.54 59.33 98.68
CA GLY G 211 -36.00 60.38 99.53
C GLY G 211 -35.22 61.47 98.82
N GLU G 212 -35.14 61.45 97.49
CA GLU G 212 -34.38 62.43 96.74
C GLU G 212 -34.84 63.86 97.01
N LEU G 213 -36.04 64.20 96.57
CA LEU G 213 -36.58 65.55 96.67
C LEU G 213 -37.42 65.78 97.93
N LEU G 214 -37.44 64.82 98.85
CA LEU G 214 -38.25 64.94 100.07
C LEU G 214 -37.86 66.16 100.91
N MET G 215 -36.75 66.82 100.60
CA MET G 215 -36.34 68.05 101.26
C MET G 215 -36.81 69.30 100.51
N HIS G 216 -37.60 69.13 99.45
CA HIS G 216 -38.01 70.25 98.63
C HIS G 216 -38.70 71.32 99.48
N PRO G 217 -38.45 72.61 99.21
CA PRO G 217 -38.98 73.66 100.10
C PRO G 217 -40.50 73.76 100.15
N VAL G 218 -41.18 73.57 99.02
CA VAL G 218 -42.62 73.79 99.01
C VAL G 218 -43.37 72.67 99.73
N LEU G 219 -42.84 71.45 99.73
CA LEU G 219 -43.51 70.38 100.46
C LEU G 219 -43.18 70.42 101.95
N GLU G 220 -41.97 70.85 102.31
CA GLU G 220 -41.59 70.93 103.71
C GLU G 220 -42.28 72.07 104.45
N SER G 221 -42.69 73.12 103.74
CA SER G 221 -43.53 74.14 104.37
C SER G 221 -44.86 73.54 104.81
N LEU G 222 -45.35 72.54 104.06
CA LEU G 222 -46.52 71.80 104.49
C LEU G 222 -46.18 70.84 105.63
N ARG G 223 -44.95 70.33 105.62
CA ARG G 223 -44.51 69.43 106.68
C ARG G 223 -44.29 70.14 108.01
N ASN G 224 -44.30 71.46 108.02
CA ASN G 224 -44.24 72.19 109.29
C ASN G 224 -45.61 72.22 109.96
N THR G 225 -46.67 72.44 109.19
CA THR G 225 -48.03 72.42 109.73
C THR G 225 -48.55 71.01 109.90
N ASP G 226 -48.03 70.05 109.13
CA ASP G 226 -48.47 68.67 109.23
C ASP G 226 -48.04 68.07 110.58
N ARG G 227 -48.73 66.99 110.96
CA ARG G 227 -48.47 66.32 112.23
C ARG G 227 -46.99 65.95 112.35
N GLN G 228 -46.38 66.39 113.46
CA GLN G 228 -44.92 66.35 113.58
C GLN G 228 -44.37 64.94 113.66
N TRP G 229 -45.13 63.99 114.23
CA TRP G 229 -44.61 62.64 114.37
C TRP G 229 -44.55 61.92 113.03
N LEU G 230 -45.37 62.36 112.06
CA LEU G 230 -45.30 61.78 110.73
C LEU G 230 -44.06 62.24 109.99
N ILE G 231 -43.61 63.47 110.26
CA ILE G 231 -42.40 63.97 109.64
C ILE G 231 -41.15 63.37 110.29
N ASP G 232 -41.17 63.19 111.61
CA ASP G 232 -40.02 62.62 112.30
C ASP G 232 -39.77 61.18 111.84
N THR G 233 -40.83 60.45 111.50
CA THR G 233 -40.64 59.12 110.92
C THR G 233 -40.39 59.18 109.42
N LEU G 234 -40.70 60.30 108.77
CA LEU G 234 -40.29 60.49 107.39
C LEU G 234 -38.80 60.77 107.29
N TYR G 235 -38.24 61.51 108.27
CA TYR G 235 -36.80 61.69 108.33
C TYR G 235 -36.08 60.37 108.59
N ALA G 236 -36.78 59.37 109.15
CA ALA G 236 -36.18 58.06 109.32
C ALA G 236 -35.93 57.40 107.97
N PHE G 237 -36.90 57.47 107.06
CA PHE G 237 -36.71 57.02 105.70
C PHE G 237 -35.98 58.04 104.83
N ASN G 238 -35.98 59.32 105.22
CA ASN G 238 -35.19 60.31 104.51
C ASN G 238 -33.72 60.21 104.88
N SER G 239 -33.43 60.16 106.18
CA SER G 239 -32.07 59.88 106.64
C SER G 239 -32.06 58.66 107.54
N GLY G 240 -32.49 58.82 108.79
CA GLY G 240 -32.58 57.72 109.74
C GLY G 240 -31.29 56.95 109.92
N ASN G 241 -31.34 55.64 109.67
CA ASN G 241 -32.60 54.96 109.39
C ASN G 241 -33.32 54.55 110.68
N VAL G 242 -32.56 54.05 111.64
CA VAL G 242 -33.13 53.49 112.87
C VAL G 242 -32.49 54.14 114.11
N GLU G 243 -33.25 54.88 114.94
CA GLU G 243 -34.67 55.25 114.80
C GLU G 243 -35.66 54.09 114.68
N ARG G 244 -35.60 53.14 115.62
CA ARG G 244 -36.58 52.07 115.67
C ARG G 244 -37.91 52.55 116.25
N PHE G 245 -37.89 53.56 117.12
CA PHE G 245 -39.12 54.06 117.69
C PHE G 245 -39.94 54.84 116.67
N GLN G 246 -39.28 55.55 115.77
CA GLN G 246 -40.00 56.38 114.80
C GLN G 246 -40.66 55.54 113.71
N THR G 247 -39.96 54.52 113.22
CA THR G 247 -40.54 53.65 112.20
C THR G 247 -41.75 52.90 112.74
N LEU G 248 -41.85 52.75 114.07
CA LEU G 248 -43.07 52.21 114.67
C LEU G 248 -44.13 53.31 114.83
N LYS G 249 -43.70 54.56 114.97
CA LYS G 249 -44.64 55.66 115.23
C LYS G 249 -45.65 55.81 114.10
N THR G 250 -45.25 55.52 112.86
CA THR G 250 -46.19 55.61 111.75
C THR G 250 -47.28 54.57 111.87
N ALA G 251 -47.02 53.48 112.60
CA ALA G 251 -48.05 52.48 112.85
C ALA G 251 -48.88 52.81 114.09
N TRP G 252 -48.46 53.80 114.88
CA TRP G 252 -49.21 54.22 116.06
C TRP G 252 -50.41 55.07 115.65
N GLY G 253 -50.15 56.23 115.05
CA GLY G 253 -51.24 57.13 114.69
C GLY G 253 -52.17 56.58 113.65
N GLN G 254 -51.65 56.17 112.49
CA GLN G 254 -52.47 55.69 111.38
C GLN G 254 -52.38 54.17 111.35
N GLN G 255 -53.45 53.50 111.77
CA GLN G 255 -53.56 52.05 111.72
C GLN G 255 -53.72 51.49 110.30
N PRO G 256 -54.71 51.94 109.52
CA PRO G 256 -55.05 51.23 108.29
C PRO G 256 -54.03 51.42 107.17
N ASP G 257 -54.08 50.49 106.21
CA ASP G 257 -53.28 50.50 104.99
C ASP G 257 -51.81 50.23 105.26
N LEU G 258 -51.40 50.30 106.52
CA LEU G 258 -50.01 50.04 106.91
C LEU G 258 -49.79 48.61 107.40
N ALA G 259 -50.86 47.81 107.50
CA ALA G 259 -50.71 46.46 108.01
C ALA G 259 -49.95 45.55 107.06
N ALA G 260 -50.21 45.68 105.75
CA ALA G 260 -49.52 44.83 104.77
C ALA G 260 -48.10 45.30 104.52
N ASN G 261 -47.87 46.61 104.60
CA ASN G 261 -46.56 47.19 104.34
C ASN G 261 -45.73 47.38 105.61
N GLU G 262 -46.27 47.00 106.78
CA GLU G 262 -45.50 47.10 108.02
C GLU G 262 -44.20 46.32 107.92
N ALA G 263 -44.30 44.99 107.77
CA ALA G 263 -43.09 44.15 107.67
C ALA G 263 -42.26 44.52 106.46
N GLN G 264 -42.88 45.14 105.45
CA GLN G 264 -42.12 45.59 104.28
C GLN G 264 -41.34 46.87 104.58
N LEU G 265 -41.98 47.81 105.30
CA LEU G 265 -41.27 49.02 105.67
C LEU G 265 -40.21 48.75 106.72
N LEU G 266 -40.37 47.67 107.49
CA LEU G 266 -39.29 47.21 108.34
C LEU G 266 -38.11 46.69 107.53
N ARG G 267 -38.36 46.27 106.29
CA ARG G 267 -37.29 45.84 105.40
C ARG G 267 -36.56 47.02 104.77
N LYS G 268 -37.28 48.10 104.46
CA LYS G 268 -36.65 49.26 103.82
C LYS G 268 -35.64 49.94 104.73
N ILE G 269 -35.93 50.03 106.03
CA ILE G 269 -34.97 50.62 106.95
C ILE G 269 -33.77 49.71 107.13
N GLN G 270 -33.93 48.40 106.86
CA GLN G 270 -32.81 47.48 106.97
C GLN G 270 -31.86 47.60 105.79
N LEU G 271 -32.36 48.00 104.62
CA LEU G 271 -31.48 48.25 103.48
C LEU G 271 -31.03 49.70 103.42
N LEU G 272 -31.64 50.56 104.25
CA LEU G 272 -31.25 51.96 104.26
C LEU G 272 -30.00 52.18 105.10
N CYS G 273 -29.75 51.30 106.08
CA CYS G 273 -28.54 51.43 106.90
C CYS G 273 -27.31 50.92 106.17
N LEU G 274 -27.47 49.92 105.30
CA LEU G 274 -26.34 49.33 104.59
C LEU G 274 -25.59 50.38 103.78
N MET G 275 -26.33 51.31 103.16
CA MET G 275 -25.70 52.35 102.36
C MET G 275 -25.15 53.47 103.24
N GLU G 276 -25.81 53.76 104.37
CA GLU G 276 -25.41 54.90 105.19
C GLU G 276 -24.15 54.61 106.00
N MET G 277 -24.07 53.44 106.64
CA MET G 277 -22.96 53.17 107.55
C MET G 277 -21.63 53.23 106.83
N THR G 278 -21.60 52.84 105.56
CA THR G 278 -20.40 53.06 104.74
C THR G 278 -20.32 54.48 104.21
N PHE G 279 -21.46 55.17 104.03
CA PHE G 279 -21.42 56.55 103.56
C PHE G 279 -21.06 57.51 104.69
N THR G 280 -21.69 57.35 105.86
CA THR G 280 -21.40 58.23 106.98
C THR G 280 -19.95 58.14 107.41
N ARG G 281 -19.44 56.92 107.61
CA ARG G 281 -18.04 56.74 107.93
C ARG G 281 -17.19 56.92 106.68
N PRO G 282 -15.93 57.36 106.84
CA PRO G 282 -15.00 57.33 105.70
C PRO G 282 -14.62 55.92 105.28
N ALA G 283 -14.81 54.94 106.15
CA ALA G 283 -14.43 53.54 105.92
C ALA G 283 -12.91 53.50 105.57
N ASN G 284 -12.37 52.58 104.76
CA ASN G 284 -12.78 51.19 104.57
C ASN G 284 -11.87 50.24 105.35
N HIS G 285 -12.35 49.47 106.33
CA HIS G 285 -13.73 49.40 106.87
C HIS G 285 -14.84 49.21 105.85
N ARG G 286 -14.55 48.42 104.80
CA ARG G 286 -15.53 48.14 103.77
C ARG G 286 -16.34 46.90 104.14
N GLN G 287 -15.68 45.75 104.26
CA GLN G 287 -16.35 44.54 104.73
C GLN G 287 -16.90 44.74 106.14
N LEU G 288 -18.12 44.27 106.35
CA LEU G 288 -18.85 44.49 107.59
C LEU G 288 -19.18 43.17 108.26
N THR G 289 -19.17 43.16 109.59
CA THR G 289 -19.47 41.94 110.34
C THR G 289 -20.97 41.79 110.54
N PHE G 290 -21.45 40.54 110.51
CA PHE G 290 -22.89 40.28 110.61
C PHE G 290 -23.46 40.79 111.92
N GLU G 291 -22.68 40.74 113.01
CA GLU G 291 -23.18 41.23 114.29
C GLU G 291 -23.50 42.72 114.26
N GLU G 292 -22.77 43.50 113.45
CA GLU G 292 -23.10 44.91 113.29
C GLU G 292 -24.42 45.08 112.56
N ILE G 293 -24.66 44.32 111.49
CA ILE G 293 -25.98 44.32 110.86
C ILE G 293 -27.03 43.77 111.80
N ALA G 294 -26.67 42.77 112.62
CA ALA G 294 -27.57 42.25 113.63
C ALA G 294 -27.78 43.22 114.78
N LYS G 295 -27.03 44.32 114.82
CA LYS G 295 -27.21 45.35 115.84
C LYS G 295 -28.08 46.47 115.32
N SER G 296 -27.62 47.18 114.29
CA SER G 296 -28.37 48.25 113.67
C SER G 296 -29.71 47.75 113.13
N ALA G 297 -29.66 46.86 112.14
CA ALA G 297 -30.89 46.33 111.54
C ALA G 297 -31.58 45.32 112.44
N LYS G 298 -30.95 44.92 113.55
CA LYS G 298 -31.49 44.01 114.56
C LYS G 298 -32.16 42.79 113.93
N ILE G 299 -31.48 42.15 112.99
CA ILE G 299 -32.00 40.99 112.28
C ILE G 299 -31.23 39.76 112.71
N THR G 300 -31.89 38.60 112.69
CA THR G 300 -31.24 37.37 113.09
C THR G 300 -30.21 36.93 112.05
N VAL G 301 -29.29 36.08 112.48
CA VAL G 301 -28.18 35.63 111.65
C VAL G 301 -28.66 34.89 110.40
N ASN G 302 -29.72 34.09 110.50
CA ASN G 302 -30.21 33.33 109.36
C ASN G 302 -30.90 34.20 108.31
N GLU G 303 -31.37 35.38 108.67
CA GLU G 303 -32.06 36.26 107.75
C GLU G 303 -31.18 37.34 107.14
N VAL G 304 -29.90 37.40 107.50
CA VAL G 304 -29.04 38.46 106.94
C VAL G 304 -28.81 38.24 105.46
N GLU G 305 -28.86 36.99 104.99
CA GLU G 305 -28.72 36.66 103.58
C GLU G 305 -29.77 37.39 102.75
N LEU G 306 -31.04 37.07 102.99
CA LEU G 306 -32.14 37.72 102.25
C LEU G 306 -32.05 39.23 102.33
N LEU G 307 -31.64 39.76 103.49
CA LEU G 307 -31.52 41.20 103.68
C LEU G 307 -30.53 41.83 102.70
N VAL G 308 -29.24 41.50 102.85
CA VAL G 308 -28.21 42.21 102.09
C VAL G 308 -28.22 41.81 100.62
N MET G 309 -28.63 40.59 100.30
CA MET G 309 -28.66 40.18 98.89
C MET G 309 -29.81 40.82 98.14
N LYS G 310 -30.90 41.16 98.82
CA LYS G 310 -31.98 41.89 98.17
C LYS G 310 -31.55 43.29 97.79
N ALA G 311 -30.69 43.90 98.62
CA ALA G 311 -30.13 45.21 98.28
C ALA G 311 -29.25 45.13 97.04
N LEU G 312 -28.69 43.96 96.76
CA LEU G 312 -27.92 43.77 95.54
C LEU G 312 -28.78 43.92 94.29
N SER G 313 -30.03 43.46 94.33
CA SER G 313 -30.93 43.63 93.20
C SER G 313 -31.53 45.03 93.15
N VAL G 314 -31.76 45.65 94.31
CA VAL G 314 -32.26 47.01 94.35
C VAL G 314 -31.26 47.98 93.73
N GLY G 315 -29.97 47.75 93.98
CA GLY G 315 -28.93 48.55 93.39
C GLY G 315 -28.27 49.54 94.31
N LEU G 316 -28.57 49.52 95.62
CA LEU G 316 -27.91 50.45 96.54
C LEU G 316 -26.50 49.99 96.89
N VAL G 317 -26.26 48.68 96.90
CA VAL G 317 -24.92 48.13 97.11
C VAL G 317 -24.76 46.89 96.26
N LYS G 318 -23.60 46.77 95.61
CA LYS G 318 -23.25 45.59 94.82
C LYS G 318 -22.35 44.61 95.57
N GLY G 319 -22.03 44.90 96.83
CA GLY G 319 -20.98 44.15 97.53
C GLY G 319 -21.38 42.71 97.78
N SER G 320 -20.52 41.78 97.39
CA SER G 320 -20.71 40.37 97.68
C SER G 320 -20.51 40.12 99.18
N ILE G 321 -21.05 39.00 99.64
CA ILE G 321 -21.05 38.64 101.06
C ILE G 321 -20.03 37.54 101.28
N ASP G 322 -19.22 37.68 102.33
CA ASP G 322 -18.25 36.66 102.72
C ASP G 322 -18.91 35.79 103.79
N GLU G 323 -19.22 34.54 103.42
CA GLU G 323 -20.01 33.66 104.27
C GLU G 323 -19.18 32.69 105.11
N VAL G 324 -17.85 32.78 105.06
CA VAL G 324 -17.03 31.96 105.96
C VAL G 324 -17.10 32.50 107.38
N ASP G 325 -16.64 33.73 107.58
CA ASP G 325 -16.84 34.44 108.83
C ASP G 325 -18.21 35.10 108.91
N LYS G 326 -19.05 34.92 107.90
CA LYS G 326 -20.39 35.50 107.80
C LYS G 326 -20.37 37.01 107.75
N ARG G 327 -19.28 37.60 107.26
CA ARG G 327 -19.15 39.05 107.18
C ARG G 327 -19.59 39.55 105.82
N VAL G 328 -20.39 40.61 105.81
CA VAL G 328 -21.00 41.14 104.59
C VAL G 328 -20.09 42.24 104.05
N HIS G 329 -19.50 42.00 102.88
CA HIS G 329 -18.61 42.97 102.25
C HIS G 329 -19.40 43.93 101.38
N MET G 330 -18.97 45.19 101.37
CA MET G 330 -19.63 46.24 100.61
C MET G 330 -18.80 46.67 99.42
N THR G 331 -19.49 47.10 98.35
CA THR G 331 -18.85 47.76 97.22
C THR G 331 -19.71 48.95 96.81
N TRP G 332 -19.06 49.92 96.17
CA TRP G 332 -19.67 51.16 95.72
C TRP G 332 -20.35 51.83 96.92
N VAL G 333 -21.52 52.44 96.71
CA VAL G 333 -22.25 53.15 97.76
C VAL G 333 -23.51 53.77 97.16
N GLN G 334 -24.51 54.06 98.00
CA GLN G 334 -25.69 54.79 97.56
C GLN G 334 -25.78 56.11 98.31
N PRO G 335 -25.51 57.25 97.69
CA PRO G 335 -25.71 58.53 98.37
C PRO G 335 -27.17 58.93 98.40
N ARG G 336 -27.59 59.55 99.51
CA ARG G 336 -28.95 60.05 99.64
C ARG G 336 -28.92 61.41 100.33
N VAL G 337 -29.52 62.41 99.66
CA VAL G 337 -29.74 63.76 100.18
C VAL G 337 -28.43 64.33 100.71
N LEU G 338 -28.51 65.05 101.84
CA LEU G 338 -27.39 65.77 102.42
C LEU G 338 -27.88 66.45 103.68
N ASP G 339 -26.95 66.82 104.55
CA ASP G 339 -27.25 67.52 105.79
C ASP G 339 -26.18 68.57 106.04
N LEU G 340 -26.48 69.49 106.96
CA LEU G 340 -25.53 70.55 107.29
C LEU G 340 -24.26 69.97 107.89
N GLN G 341 -24.40 68.86 108.64
CA GLN G 341 -23.23 68.20 109.20
C GLN G 341 -22.51 67.38 108.14
N GLN G 342 -23.18 67.11 107.01
CA GLN G 342 -22.53 66.38 105.92
C GLN G 342 -21.58 67.27 105.14
N ILE G 343 -21.90 68.55 104.99
CA ILE G 343 -20.96 69.47 104.33
C ILE G 343 -19.74 69.70 105.21
N LYS G 344 -19.96 69.89 106.51
CA LYS G 344 -18.86 70.04 107.45
C LYS G 344 -18.08 68.75 107.55
N GLY G 345 -18.77 67.61 107.51
CA GLY G 345 -18.08 66.34 107.45
C GLY G 345 -17.39 66.12 106.14
N MET G 346 -17.90 66.75 105.07
CA MET G 346 -17.23 66.70 103.77
C MET G 346 -15.90 67.45 103.82
N LYS G 347 -15.94 68.74 104.19
CA LYS G 347 -14.73 69.57 104.19
C LYS G 347 -13.63 68.94 105.03
N ASP G 348 -14.01 68.13 106.02
CA ASP G 348 -13.02 67.44 106.84
C ASP G 348 -12.33 66.35 106.03
N ARG G 349 -13.12 65.45 105.43
CA ARG G 349 -12.55 64.29 104.76
C ARG G 349 -12.45 64.45 103.24
N LEU G 350 -12.90 65.57 102.67
CA LEU G 350 -12.75 65.81 101.23
C LEU G 350 -11.47 66.61 100.98
N GLU G 351 -11.40 67.83 101.52
CA GLU G 351 -10.20 68.65 101.40
C GLU G 351 -8.97 67.95 101.98
N PHE G 352 -9.17 66.99 102.89
CA PHE G 352 -8.05 66.22 103.42
C PHE G 352 -7.35 65.45 102.31
N TRP G 353 -8.10 65.02 101.30
CA TRP G 353 -7.48 64.45 100.12
C TRP G 353 -6.77 65.51 99.29
N CYS G 354 -7.23 66.76 99.37
CA CYS G 354 -6.61 67.84 98.60
C CYS G 354 -5.31 68.28 99.26
N THR G 355 -5.30 68.37 100.59
CA THR G 355 -4.10 68.88 101.28
C THR G 355 -3.03 67.81 101.40
N ASP G 356 -3.41 66.52 101.44
CA ASP G 356 -2.42 65.46 101.56
C ASP G 356 -1.72 65.20 100.24
N VAL G 357 -2.49 65.10 99.15
CA VAL G 357 -1.91 64.81 97.85
C VAL G 357 -1.06 65.96 97.32
N LYS G 358 -1.56 67.20 97.38
CA LYS G 358 -0.80 68.33 96.85
C LYS G 358 0.48 68.57 97.66
N SER G 359 0.47 68.23 98.95
CA SER G 359 1.66 68.38 99.78
C SER G 359 2.78 67.47 99.27
N MET G 360 2.49 66.19 99.08
CA MET G 360 3.47 65.27 98.53
C MET G 360 3.60 65.38 97.01
N GLU G 361 2.64 66.03 96.34
CA GLU G 361 2.82 66.30 94.91
C GLU G 361 3.92 67.33 94.69
N MET G 362 4.04 68.31 95.59
CA MET G 362 5.16 69.24 95.52
C MET G 362 6.50 68.52 95.67
N LEU G 363 6.53 67.44 96.46
CA LEU G 363 7.73 66.64 96.57
C LEU G 363 8.08 65.99 95.24
N VAL G 364 7.07 65.63 94.45
CA VAL G 364 7.32 65.11 93.10
C VAL G 364 7.79 66.22 92.19
N GLU G 365 7.25 67.43 92.36
CA GLU G 365 7.68 68.56 91.55
C GLU G 365 9.07 69.04 91.96
N HIS G 366 9.33 69.10 93.28
CA HIS G 366 10.61 69.59 93.80
C HIS G 366 11.79 68.78 93.28
N GLN G 367 11.85 67.49 93.66
CA GLN G 367 13.05 66.70 93.39
C GLN G 367 13.19 66.40 91.90
N ALA G 368 12.07 66.15 91.21
CA ALA G 368 12.14 65.67 89.84
C ALA G 368 12.15 66.79 88.80
N HIS G 369 12.19 68.06 89.22
CA HIS G 369 12.26 69.14 88.24
C HIS G 369 13.68 69.31 87.71
N ASP G 370 14.66 68.77 88.42
CA ASP G 370 16.06 68.88 87.99
C ASP G 370 16.36 67.91 86.85
N ILE G 371 15.75 66.72 86.89
CA ILE G 371 16.01 65.73 85.85
C ILE G 371 15.23 66.05 84.58
N LEU G 372 14.28 66.99 84.66
CA LEU G 372 13.52 67.40 83.48
C LEU G 372 14.15 68.63 82.83
N THR G 373 14.14 69.75 83.55
CA THR G 373 14.66 71.03 83.07
C THR G 373 13.98 71.47 81.78
N MET H 1 -39.58 114.08 48.79
CA MET H 1 -40.17 113.19 49.78
C MET H 1 -39.32 113.15 51.05
N VAL H 2 -39.97 112.89 52.19
CA VAL H 2 -39.25 112.81 53.45
C VAL H 2 -38.50 111.48 53.52
N LEU H 3 -37.26 111.52 53.98
CA LEU H 3 -36.43 110.34 54.08
C LEU H 3 -36.37 109.86 55.53
N GLU H 4 -36.66 108.58 55.75
CA GLU H 4 -36.66 107.99 57.08
C GLU H 4 -36.95 106.49 56.92
N SER H 5 -36.65 105.75 57.98
CA SER H 5 -36.93 104.32 58.05
C SER H 5 -37.98 104.10 59.14
N THR H 6 -39.18 103.70 58.73
CA THR H 6 -40.28 103.52 59.66
C THR H 6 -40.35 102.07 60.11
N MET H 7 -40.11 101.84 61.40
CA MET H 7 -40.18 100.51 61.99
C MET H 7 -41.49 100.40 62.75
N VAL H 8 -42.41 99.59 62.23
CA VAL H 8 -43.72 99.41 62.87
C VAL H 8 -43.63 98.23 63.83
N CYS H 9 -44.23 98.38 65.01
CA CYS H 9 -44.16 97.37 66.07
C CYS H 9 -45.56 96.81 66.28
N VAL H 10 -45.75 95.54 65.91
CA VAL H 10 -47.03 94.89 66.16
C VAL H 10 -47.16 94.54 67.63
N ASP H 11 -48.40 94.51 68.11
CA ASP H 11 -48.69 94.25 69.52
C ASP H 11 -49.18 92.81 69.65
N ASN H 12 -48.34 91.95 70.24
CA ASN H 12 -48.67 90.56 70.50
C ASN H 12 -49.17 90.33 71.91
N SER H 13 -49.41 91.40 72.68
CA SER H 13 -49.85 91.24 74.06
C SER H 13 -51.21 90.55 74.11
N GLU H 14 -51.49 89.92 75.27
CA GLU H 14 -52.66 89.06 75.39
C GLU H 14 -53.97 89.82 75.28
N TYR H 15 -53.95 91.15 75.36
CA TYR H 15 -55.15 91.95 75.27
C TYR H 15 -55.51 92.35 73.84
N MET H 16 -54.77 91.86 72.85
CA MET H 16 -55.07 92.10 71.46
C MET H 16 -55.98 91.02 70.85
N ARG H 17 -56.47 90.09 71.66
CA ARG H 17 -57.21 88.94 71.18
C ARG H 17 -58.72 89.17 71.10
N ASN H 18 -59.21 90.38 71.40
CA ASN H 18 -60.62 90.67 71.33
C ASN H 18 -60.94 91.47 70.07
N GLY H 19 -62.23 91.75 69.88
CA GLY H 19 -62.73 92.38 68.67
C GLY H 19 -63.22 93.81 68.77
N ASP H 20 -62.85 94.55 69.83
CA ASP H 20 -63.33 95.93 69.96
C ASP H 20 -62.99 96.77 68.73
N PHE H 21 -61.85 96.49 68.11
CA PHE H 21 -61.50 97.07 66.81
C PHE H 21 -61.91 96.05 65.76
N LEU H 22 -62.94 96.37 64.99
CA LEU H 22 -63.62 95.39 64.14
C LEU H 22 -62.79 94.93 62.96
N PRO H 23 -62.95 93.65 62.56
CA PRO H 23 -63.72 92.63 63.28
C PRO H 23 -62.99 92.11 64.54
N THR H 24 -61.67 92.10 64.49
CA THR H 24 -60.85 91.64 65.60
C THR H 24 -59.52 92.38 65.53
N ARG H 25 -58.93 92.65 66.70
CA ARG H 25 -57.67 93.39 66.74
C ARG H 25 -56.56 92.71 65.95
N LEU H 26 -56.61 91.38 65.81
CA LEU H 26 -55.64 90.69 64.96
C LEU H 26 -55.76 91.15 63.52
N GLN H 27 -56.99 91.14 62.98
CA GLN H 27 -57.21 91.67 61.64
C GLN H 27 -57.27 93.19 61.63
N ALA H 28 -57.63 93.81 62.76
CA ALA H 28 -57.66 95.26 62.82
C ALA H 28 -56.25 95.84 62.75
N GLN H 29 -55.34 95.36 63.61
CA GLN H 29 -53.96 95.80 63.52
C GLN H 29 -53.32 95.38 62.20
N GLN H 30 -53.80 94.28 61.63
CA GLN H 30 -53.40 93.93 60.26
C GLN H 30 -53.81 95.02 59.28
N ASP H 31 -55.08 95.47 59.36
CA ASP H 31 -55.53 96.58 58.54
C ASP H 31 -54.81 97.87 58.94
N ALA H 32 -54.40 97.98 60.21
CA ALA H 32 -53.61 99.14 60.62
C ALA H 32 -52.20 99.06 60.05
N VAL H 33 -51.69 97.85 59.85
CA VAL H 33 -50.41 97.69 59.16
C VAL H 33 -50.60 97.84 57.65
N ASN H 34 -51.78 97.46 57.15
CA ASN H 34 -52.07 97.61 55.72
C ASN H 34 -52.04 99.07 55.30
N ILE H 35 -52.57 99.96 56.14
CA ILE H 35 -52.71 101.36 55.73
C ILE H 35 -51.39 102.10 55.85
N VAL H 36 -50.52 101.69 56.79
CA VAL H 36 -49.23 102.36 56.92
C VAL H 36 -48.26 101.88 55.85
N CYS H 37 -48.34 100.59 55.48
CA CYS H 37 -47.41 100.06 54.50
C CYS H 37 -47.76 100.54 53.10
N HIS H 38 -49.06 100.63 52.79
CA HIS H 38 -49.47 101.14 51.49
C HIS H 38 -49.28 102.65 51.40
N SER H 39 -49.26 103.34 52.54
CA SER H 39 -49.02 104.78 52.52
C SER H 39 -47.56 105.09 52.23
N LYS H 40 -46.64 104.32 52.81
CA LYS H 40 -45.22 104.51 52.51
C LYS H 40 -44.92 104.19 51.05
N THR H 41 -45.67 103.25 50.47
CA THR H 41 -45.53 102.98 49.04
C THR H 41 -45.95 104.19 48.22
N ARG H 42 -47.01 104.89 48.66
CA ARG H 42 -47.41 106.11 47.99
C ARG H 42 -46.47 107.26 48.31
N SER H 43 -45.65 107.13 49.36
CA SER H 43 -44.79 108.22 49.79
C SER H 43 -43.41 108.11 49.15
N ASN H 44 -42.59 107.16 49.60
CA ASN H 44 -41.27 106.97 49.03
C ASN H 44 -41.00 105.48 48.88
N PRO H 45 -40.42 105.05 47.76
CA PRO H 45 -40.04 103.63 47.63
C PRO H 45 -38.83 103.27 48.47
N GLU H 46 -37.99 104.25 48.82
CA GLU H 46 -36.74 103.93 49.50
C GLU H 46 -36.95 103.65 50.98
N ASN H 47 -38.15 103.93 51.49
CA ASN H 47 -38.43 103.68 52.90
C ASN H 47 -38.60 102.18 53.15
N ASN H 48 -37.80 101.67 54.08
CA ASN H 48 -37.81 100.25 54.44
C ASN H 48 -38.47 100.06 55.80
N VAL H 49 -39.40 99.09 55.86
CA VAL H 49 -40.27 98.90 57.01
C VAL H 49 -40.21 97.44 57.43
N GLY H 50 -39.79 97.21 58.69
CA GLY H 50 -39.82 95.90 59.30
C GLY H 50 -40.92 95.79 60.36
N LEU H 51 -40.90 94.67 61.06
CA LEU H 51 -41.86 94.40 62.12
C LEU H 51 -41.15 93.76 63.31
N ILE H 52 -41.67 94.02 64.50
CA ILE H 52 -41.08 93.55 65.75
C ILE H 52 -42.19 93.18 66.73
N THR H 53 -42.01 92.06 67.43
CA THR H 53 -42.95 91.60 68.45
C THR H 53 -42.49 92.14 69.81
N LEU H 54 -43.32 92.98 70.42
CA LEU H 54 -42.94 93.64 71.67
C LEU H 54 -43.11 92.71 72.87
N ALA H 55 -44.23 91.99 72.94
CA ALA H 55 -44.51 91.16 74.11
C ALA H 55 -43.62 89.92 74.11
N ASN H 56 -43.53 89.30 75.29
CA ASN H 56 -42.61 88.18 75.55
C ASN H 56 -41.20 88.71 75.32
N ASP H 57 -40.40 88.11 74.45
CA ASP H 57 -39.07 88.62 74.14
C ASP H 57 -39.02 89.06 72.69
N CYS H 58 -38.29 90.15 72.44
CA CYS H 58 -38.28 90.81 71.14
C CYS H 58 -37.50 89.95 70.14
N GLU H 59 -38.15 89.62 69.02
CA GLU H 59 -37.55 88.84 67.95
C GLU H 59 -38.03 89.38 66.61
N VAL H 60 -37.12 89.55 65.67
CA VAL H 60 -37.44 90.05 64.34
C VAL H 60 -37.07 88.98 63.32
N LEU H 61 -38.08 88.41 62.67
CA LEU H 61 -37.90 87.43 61.61
C LEU H 61 -37.86 88.06 60.23
N THR H 62 -38.19 89.34 60.10
CA THR H 62 -38.23 90.04 58.82
C THR H 62 -37.18 91.16 58.83
N THR H 63 -36.12 90.99 58.04
CA THR H 63 -35.11 92.04 57.92
C THR H 63 -35.75 93.30 57.36
N LEU H 64 -35.24 94.46 57.78
CA LEU H 64 -35.77 95.73 57.33
C LEU H 64 -35.71 95.82 55.81
N THR H 65 -36.87 96.00 55.18
CA THR H 65 -36.97 95.99 53.73
C THR H 65 -38.10 96.91 53.31
N PRO H 66 -38.00 97.54 52.13
CA PRO H 66 -39.13 98.35 51.64
C PRO H 66 -40.33 97.51 51.24
N ASP H 67 -40.12 96.25 50.85
CA ASP H 67 -41.24 95.39 50.44
C ASP H 67 -42.02 94.92 51.66
N THR H 68 -43.33 95.18 51.65
CA THR H 68 -44.21 94.80 52.75
C THR H 68 -44.81 93.42 52.58
N GLY H 69 -44.45 92.69 51.52
CA GLY H 69 -44.99 91.37 51.26
C GLY H 69 -44.75 90.37 52.38
N ARG H 70 -43.52 90.35 52.90
CA ARG H 70 -43.21 89.44 54.00
C ARG H 70 -43.84 89.93 55.30
N ILE H 71 -44.06 91.23 55.42
CA ILE H 71 -44.70 91.79 56.61
C ILE H 71 -46.16 91.35 56.69
N LEU H 72 -46.86 91.40 55.55
CA LEU H 72 -48.26 91.00 55.54
C LEU H 72 -48.43 89.51 55.80
N SER H 73 -47.41 88.71 55.48
CA SER H 73 -47.48 87.28 55.75
C SER H 73 -47.32 86.98 57.24
N LYS H 74 -46.44 87.71 57.92
CA LYS H 74 -46.25 87.51 59.36
C LYS H 74 -47.41 88.04 60.19
N LEU H 75 -48.27 88.88 59.60
CA LEU H 75 -49.45 89.35 60.31
C LEU H 75 -50.41 88.21 60.61
N HIS H 76 -50.43 87.19 59.77
CA HIS H 76 -51.20 85.99 60.04
C HIS H 76 -50.49 85.13 61.07
N THR H 77 -51.27 84.32 61.80
CA THR H 77 -50.82 83.38 62.82
C THR H 77 -49.75 83.99 63.73
N VAL H 78 -49.93 85.26 64.08
CA VAL H 78 -48.94 85.94 64.92
C VAL H 78 -49.01 85.42 66.35
N GLN H 79 -50.12 84.79 66.73
CA GLN H 79 -50.35 84.26 68.08
C GLN H 79 -50.13 85.35 69.12
N PRO H 80 -51.05 86.30 69.25
CA PRO H 80 -50.87 87.37 70.24
C PRO H 80 -51.07 86.87 71.67
N LYS H 81 -50.05 86.23 72.22
CA LYS H 81 -50.07 85.72 73.59
C LYS H 81 -48.75 86.03 74.26
N GLY H 82 -48.80 86.71 75.40
CA GLY H 82 -47.61 87.05 76.14
C GLY H 82 -47.84 88.28 76.99
N LYS H 83 -46.81 88.65 77.74
CA LYS H 83 -46.83 89.82 78.60
C LYS H 83 -46.24 91.02 77.88
N ILE H 84 -46.95 92.15 77.93
CA ILE H 84 -46.49 93.35 77.24
C ILE H 84 -45.25 93.90 77.93
N THR H 85 -44.24 94.24 77.13
CA THR H 85 -43.03 94.85 77.62
C THR H 85 -42.71 96.07 76.78
N PHE H 86 -42.67 97.24 77.45
CA PHE H 86 -42.53 98.53 76.76
C PHE H 86 -41.09 98.99 76.71
N CYS H 87 -40.45 99.20 77.87
CA CYS H 87 -39.13 99.85 77.93
C CYS H 87 -38.14 99.25 76.95
N THR H 88 -38.17 97.91 76.79
CA THR H 88 -37.24 97.28 75.85
C THR H 88 -37.63 97.51 74.40
N GLY H 89 -38.85 98.01 74.15
CA GLY H 89 -39.32 98.16 72.78
C GLY H 89 -39.09 99.52 72.17
N ILE H 90 -38.45 100.44 72.90
CA ILE H 90 -38.15 101.76 72.36
C ILE H 90 -36.92 101.65 71.47
N ARG H 91 -35.78 101.29 72.06
CA ARG H 91 -34.53 101.15 71.33
C ARG H 91 -34.51 99.90 70.43
N VAL H 92 -35.54 99.06 70.54
CA VAL H 92 -35.59 97.85 69.70
C VAL H 92 -35.69 98.24 68.23
N ALA H 93 -36.32 99.37 67.92
CA ALA H 93 -36.31 99.87 66.57
C ALA H 93 -35.03 100.64 66.28
N HIS H 94 -34.50 101.31 67.31
CA HIS H 94 -33.26 102.08 67.17
C HIS H 94 -32.04 101.21 66.90
N LEU H 95 -31.99 100.00 67.47
CA LEU H 95 -30.88 99.10 67.17
C LEU H 95 -30.93 98.61 65.74
N ALA H 96 -32.12 98.27 65.25
CA ALA H 96 -32.27 97.96 63.83
C ALA H 96 -32.01 99.19 62.97
N LEU H 97 -32.21 100.39 63.53
CA LEU H 97 -31.88 101.63 62.82
C LEU H 97 -30.39 101.91 62.85
N LYS H 98 -29.67 101.43 63.87
CA LYS H 98 -28.22 101.55 63.87
C LYS H 98 -27.56 100.55 62.92
N HIS H 99 -28.31 99.53 62.50
CA HIS H 99 -27.84 98.59 61.48
C HIS H 99 -28.11 99.06 60.07
N ARG H 100 -28.74 100.21 59.90
CA ARG H 100 -29.05 100.72 58.57
C ARG H 100 -27.77 101.10 57.84
N GLN H 101 -27.69 100.68 56.57
CA GLN H 101 -26.52 101.03 55.76
C GLN H 101 -26.51 102.52 55.44
N GLY H 102 -27.60 103.03 54.86
CA GLY H 102 -27.71 104.45 54.60
C GLY H 102 -27.96 105.21 55.89
N LYS H 103 -27.20 106.28 56.11
CA LYS H 103 -27.39 107.15 57.27
C LYS H 103 -28.24 108.37 56.98
N ASN H 104 -28.71 108.55 55.74
CA ASN H 104 -29.49 109.72 55.40
C ASN H 104 -30.95 109.60 55.85
N HIS H 105 -31.41 108.40 56.13
CA HIS H 105 -32.79 108.17 56.56
C HIS H 105 -32.92 108.51 58.04
N LYS H 106 -33.93 109.32 58.36
CA LYS H 106 -34.19 109.68 59.74
C LYS H 106 -34.71 108.47 60.51
N MET H 107 -34.57 108.54 61.84
CA MET H 107 -34.98 107.46 62.73
C MET H 107 -36.39 107.74 63.21
N ARG H 108 -37.34 106.89 62.80
CA ARG H 108 -38.75 107.05 63.12
C ARG H 108 -39.31 105.71 63.58
N ILE H 109 -40.08 105.72 64.66
CA ILE H 109 -40.64 104.52 65.25
C ILE H 109 -42.13 104.71 65.46
N ILE H 110 -42.90 103.66 65.18
CA ILE H 110 -44.33 103.61 65.49
C ILE H 110 -44.61 102.30 66.20
N ALA H 111 -45.13 102.39 67.42
CA ALA H 111 -45.39 101.22 68.25
C ALA H 111 -46.87 101.16 68.61
N PHE H 112 -47.37 99.94 68.81
CA PHE H 112 -48.76 99.71 69.16
C PHE H 112 -48.82 99.18 70.59
N VAL H 113 -49.42 99.95 71.48
CA VAL H 113 -49.58 99.56 72.88
C VAL H 113 -51.07 99.35 73.13
N GLY H 114 -51.48 98.09 73.27
CA GLY H 114 -52.88 97.77 73.51
C GLY H 114 -53.17 97.25 74.90
N SER H 115 -52.19 97.30 75.80
CA SER H 115 -52.33 96.72 77.13
C SER H 115 -51.81 97.68 78.19
N PRO H 116 -52.42 97.68 79.37
CA PRO H 116 -51.89 98.50 80.47
C PRO H 116 -50.52 98.02 80.89
N VAL H 117 -49.59 98.96 81.03
CA VAL H 117 -48.21 98.66 81.41
C VAL H 117 -47.93 99.31 82.75
N GLU H 118 -47.12 98.63 83.56
CA GLU H 118 -46.70 99.15 84.87
C GLU H 118 -45.38 99.90 84.67
N ASP H 119 -45.41 101.21 84.83
CA ASP H 119 -44.24 102.04 84.57
C ASP H 119 -44.30 103.27 85.46
N ASN H 120 -43.11 103.74 85.86
CA ASN H 120 -42.98 104.94 86.66
C ASN H 120 -42.66 106.13 85.75
N GLU H 121 -43.19 107.30 86.13
CA GLU H 121 -42.97 108.51 85.35
C GLU H 121 -41.50 108.86 85.19
N LYS H 122 -40.64 108.37 86.09
CA LYS H 122 -39.21 108.61 85.95
C LYS H 122 -38.58 107.72 84.88
N ASP H 123 -39.19 106.56 84.62
CA ASP H 123 -38.61 105.65 83.63
C ASP H 123 -38.90 106.11 82.21
N LEU H 124 -40.07 106.72 81.99
CA LEU H 124 -40.42 107.18 80.65
C LEU H 124 -39.71 108.49 80.30
N VAL H 125 -39.40 109.31 81.31
CA VAL H 125 -38.73 110.58 81.02
C VAL H 125 -37.24 110.35 80.73
N LYS H 126 -36.66 109.28 81.26
CA LYS H 126 -35.27 108.95 80.93
C LYS H 126 -35.16 108.45 79.49
N LEU H 127 -36.13 107.65 79.05
CA LEU H 127 -36.13 107.20 77.66
C LEU H 127 -36.48 108.36 76.72
N ALA H 128 -37.35 109.27 77.17
CA ALA H 128 -37.66 110.46 76.39
C ALA H 128 -36.40 111.27 76.09
N LYS H 129 -35.75 111.78 77.13
CA LYS H 129 -34.54 112.58 76.95
C LYS H 129 -33.42 111.79 76.28
N ARG H 130 -33.43 110.46 76.38
CA ARG H 130 -32.43 109.67 75.67
C ARG H 130 -32.64 109.76 74.16
N LEU H 131 -33.89 109.77 73.72
CA LEU H 131 -34.20 109.97 72.31
C LEU H 131 -33.96 111.41 71.85
N LYS H 132 -34.01 112.38 72.77
CA LYS H 132 -33.62 113.74 72.42
C LYS H 132 -32.14 113.81 72.07
N LYS H 133 -31.31 113.07 72.80
CA LYS H 133 -29.89 113.01 72.48
C LYS H 133 -29.66 112.23 71.19
N GLU H 134 -30.55 111.30 70.89
CA GLU H 134 -30.47 110.50 69.67
C GLU H 134 -31.29 111.06 68.53
N LYS H 135 -32.03 112.16 68.76
CA LYS H 135 -32.82 112.89 67.78
C LYS H 135 -34.01 112.08 67.26
N VAL H 136 -34.16 110.82 67.69
CA VAL H 136 -35.22 109.96 67.15
C VAL H 136 -36.59 110.54 67.50
N ASN H 137 -37.45 110.62 66.48
CA ASN H 137 -38.83 111.06 66.65
C ASN H 137 -39.72 109.82 66.56
N VAL H 138 -40.42 109.51 67.65
CA VAL H 138 -41.22 108.30 67.76
C VAL H 138 -42.69 108.69 67.84
N ASP H 139 -43.48 108.24 66.89
CA ASP H 139 -44.92 108.49 66.88
C ASP H 139 -45.62 107.26 67.45
N ILE H 140 -46.23 107.41 68.62
CA ILE H 140 -46.93 106.33 69.29
C ILE H 140 -48.43 106.50 69.06
N ILE H 141 -49.11 105.38 68.83
CA ILE H 141 -50.56 105.35 68.64
C ILE H 141 -51.15 104.42 69.68
N ASN H 142 -51.99 104.97 70.56
CA ASN H 142 -52.63 104.15 71.59
C ASN H 142 -53.63 103.20 70.96
N PHE H 143 -53.56 101.94 71.38
CA PHE H 143 -54.50 100.91 70.98
C PHE H 143 -55.02 100.20 72.22
N GLY H 144 -55.94 99.26 71.99
CA GLY H 144 -56.44 98.41 73.06
C GLY H 144 -57.02 99.19 74.22
N GLU H 145 -56.91 98.62 75.41
CA GLU H 145 -57.30 99.29 76.64
C GLU H 145 -56.07 99.56 77.50
N GLU H 146 -56.12 100.67 78.22
CA GLU H 146 -55.00 101.10 79.06
C GLU H 146 -55.57 102.01 80.15
N GLU H 147 -54.69 102.69 80.87
CA GLU H 147 -55.12 103.70 81.83
C GLU H 147 -56.00 104.71 81.14
N VAL H 148 -57.18 104.97 81.73
CA VAL H 148 -58.15 105.86 81.11
C VAL H 148 -57.54 107.24 80.92
N ASN H 149 -57.60 107.73 79.68
CA ASN H 149 -56.93 108.98 79.30
C ASN H 149 -55.45 108.90 79.65
N THR H 150 -54.73 108.09 78.85
CA THR H 150 -53.39 107.63 79.18
C THR H 150 -52.49 108.80 79.58
N GLU H 151 -51.81 108.62 80.72
CA GLU H 151 -50.92 109.65 81.25
C GLU H 151 -49.46 109.34 80.92
N LYS H 152 -48.98 108.19 81.40
CA LYS H 152 -47.60 107.76 81.18
C LYS H 152 -47.18 107.91 79.73
N LEU H 153 -47.85 107.18 78.83
CA LEU H 153 -47.51 107.25 77.41
C LEU H 153 -47.64 108.68 76.88
N THR H 154 -48.61 109.44 77.40
CA THR H 154 -48.72 110.84 77.00
C THR H 154 -47.54 111.65 77.49
N ALA H 155 -47.15 111.47 78.76
CA ALA H 155 -45.94 112.12 79.26
C ALA H 155 -44.70 111.57 78.56
N PHE H 156 -44.75 110.32 78.09
CA PHE H 156 -43.65 109.78 77.31
C PHE H 156 -43.57 110.45 75.94
N VAL H 157 -44.71 110.75 75.34
CA VAL H 157 -44.72 111.41 74.03
C VAL H 157 -44.42 112.89 74.19
N ASN H 158 -45.03 113.54 75.19
CA ASN H 158 -44.87 114.97 75.37
C ASN H 158 -43.41 115.32 75.68
N THR H 159 -42.80 114.59 76.62
CA THR H 159 -41.41 114.85 76.98
C THR H 159 -40.42 114.30 75.95
N LEU H 160 -40.90 113.58 74.93
CA LEU H 160 -39.99 113.03 73.92
C LEU H 160 -39.50 114.10 72.97
N ASN H 161 -40.37 115.04 72.59
CA ASN H 161 -40.04 116.08 71.62
C ASN H 161 -40.29 117.45 72.22
N GLY H 162 -39.58 118.45 71.70
CA GLY H 162 -39.84 119.82 72.06
C GLY H 162 -39.08 120.77 71.16
N LYS H 163 -39.63 121.98 71.01
CA LYS H 163 -39.02 123.05 70.21
C LYS H 163 -38.44 122.62 68.86
N ASP H 164 -39.29 122.28 67.89
CA ASP H 164 -40.75 122.20 68.06
C ASP H 164 -41.27 120.89 68.69
N GLY H 165 -40.79 119.71 68.28
CA GLY H 165 -39.83 119.49 67.20
C GLY H 165 -40.42 118.87 65.95
N THR H 166 -41.75 118.81 65.90
CA THR H 166 -42.53 118.25 64.79
C THR H 166 -41.92 116.99 64.14
N GLY H 167 -41.93 115.87 64.87
CA GLY H 167 -42.49 115.82 66.21
C GLY H 167 -43.02 114.46 66.62
N SER H 168 -43.51 114.38 67.86
CA SER H 168 -44.13 113.18 68.40
C SER H 168 -45.48 113.54 69.00
N HIS H 169 -46.53 112.90 68.51
CA HIS H 169 -47.89 113.19 68.94
C HIS H 169 -48.61 111.89 69.24
N LEU H 170 -49.38 111.87 70.33
CA LEU H 170 -50.12 110.68 70.76
C LEU H 170 -51.60 110.96 70.59
N VAL H 171 -52.32 109.96 70.09
CA VAL H 171 -53.77 110.06 69.89
C VAL H 171 -54.43 109.01 70.77
N THR H 172 -55.23 109.48 71.73
CA THR H 172 -55.92 108.56 72.64
C THR H 172 -57.06 107.88 71.90
N VAL H 173 -57.15 106.55 72.03
CA VAL H 173 -58.17 105.77 71.36
C VAL H 173 -59.39 105.64 72.28
N PRO H 174 -60.59 105.97 71.80
CA PRO H 174 -61.78 105.81 72.62
C PRO H 174 -62.14 104.34 72.79
N PRO H 175 -62.51 103.91 74.07
CA PRO H 175 -62.92 102.50 74.29
C PRO H 175 -64.33 102.22 73.79
N GLY H 176 -64.47 102.16 72.47
CA GLY H 176 -65.75 101.93 71.84
C GLY H 176 -65.60 101.19 70.53
N PRO H 177 -66.71 100.67 70.01
CA PRO H 177 -66.65 99.91 68.75
C PRO H 177 -66.31 100.82 67.58
N SER H 178 -65.32 100.42 66.80
CA SER H 178 -64.91 101.19 65.63
C SER H 178 -64.13 100.27 64.69
N LEU H 179 -64.01 100.71 63.44
CA LEU H 179 -63.16 100.04 62.47
C LEU H 179 -61.73 100.56 62.58
N ALA H 180 -60.76 99.67 62.39
CA ALA H 180 -59.36 100.04 62.49
C ALA H 180 -58.98 101.16 61.53
N ASP H 181 -59.67 101.26 60.38
CA ASP H 181 -59.40 102.35 59.45
C ASP H 181 -59.89 103.68 60.02
N ALA H 182 -60.89 103.65 60.91
CA ALA H 182 -61.36 104.87 61.56
C ALA H 182 -60.49 105.27 62.73
N LEU H 183 -59.73 104.34 63.30
CA LEU H 183 -58.81 104.70 64.39
C LEU H 183 -57.63 105.51 63.86
N ILE H 184 -57.04 105.06 62.75
CA ILE H 184 -55.85 105.70 62.20
C ILE H 184 -56.15 107.01 61.49
N SER H 185 -57.43 107.37 61.35
CA SER H 185 -57.81 108.57 60.61
C SER H 185 -57.06 109.80 61.11
N SER H 186 -57.15 110.07 62.40
CA SER H 186 -56.43 111.21 62.97
C SER H 186 -54.91 111.01 62.98
N PRO H 187 -54.37 109.86 63.44
CA PRO H 187 -52.90 109.74 63.47
C PRO H 187 -52.24 109.77 62.10
N ILE H 188 -52.83 109.14 61.09
CA ILE H 188 -52.17 109.12 59.78
C ILE H 188 -52.25 110.48 59.11
N LEU H 189 -53.31 111.25 59.38
CA LEU H 189 -53.37 112.63 58.91
C LEU H 189 -52.22 113.45 59.48
N ALA H 190 -52.23 113.66 60.79
CA ALA H 190 -51.16 114.36 61.50
C ALA H 190 -50.50 113.39 62.46
N GLY H 191 -49.23 113.08 62.22
CA GLY H 191 -48.50 112.14 63.05
C GLY H 191 -48.38 112.54 64.51
N ALA I 1 8.27 100.92 34.28
CA ALA I 1 9.44 101.72 34.61
C ALA I 1 10.15 101.18 35.84
N VAL I 2 9.86 101.78 36.99
CA VAL I 2 10.49 101.35 38.24
C VAL I 2 9.66 100.22 38.84
N ASP I 3 10.29 99.07 39.06
CA ASP I 3 9.64 97.90 39.61
C ASP I 3 10.50 97.37 40.75
N THR I 4 9.91 97.25 41.94
CA THR I 4 10.61 96.76 43.11
C THR I 4 9.98 95.45 43.57
N ALA I 5 10.81 94.57 44.13
CA ALA I 5 10.33 93.27 44.61
C ALA I 5 9.27 93.46 45.68
N GLU I 6 8.15 92.75 45.52
CA GLU I 6 6.99 92.90 46.39
C GLU I 6 7.09 91.95 47.58
N GLN I 7 6.62 92.39 48.73
CA GLN I 7 6.51 91.56 49.93
C GLN I 7 5.05 91.38 50.27
N VAL I 8 4.62 90.13 50.44
CA VAL I 8 3.22 89.79 50.65
C VAL I 8 2.98 89.55 52.14
N TYR I 9 2.20 90.41 52.76
CA TYR I 9 1.78 90.20 54.14
C TYR I 9 0.45 89.48 54.17
N ILE I 10 0.46 88.23 54.65
CA ILE I 10 -0.75 87.41 54.72
C ILE I 10 -1.24 87.41 56.17
N SER I 11 -2.55 87.49 56.34
CA SER I 11 -3.16 87.40 57.66
C SER I 11 -3.50 85.94 57.98
N SER I 12 -3.35 85.58 59.26
CA SER I 12 -3.72 84.23 59.70
C SER I 12 -5.16 83.89 59.35
N LEU I 13 -6.02 84.90 59.19
CA LEU I 13 -7.39 84.63 58.76
C LEU I 13 -7.45 84.34 57.26
N ALA I 14 -6.54 84.94 56.49
CA ALA I 14 -6.51 84.70 55.05
C ALA I 14 -5.87 83.36 54.75
N LEU I 15 -5.02 82.87 55.66
CA LEU I 15 -4.39 81.55 55.47
C LEU I 15 -5.42 80.43 55.63
N LEU I 16 -6.51 80.70 56.35
CA LEU I 16 -7.50 79.66 56.59
C LEU I 16 -8.18 79.19 55.31
N LYS I 17 -8.83 80.10 54.58
CA LYS I 17 -9.59 79.71 53.40
C LYS I 17 -8.70 79.31 52.23
N MET I 18 -7.38 79.50 52.33
CA MET I 18 -6.48 79.00 51.30
C MET I 18 -6.43 77.47 51.33
N LEU I 19 -6.11 76.91 52.50
CA LEU I 19 -6.05 75.46 52.63
C LEU I 19 -7.43 74.84 52.83
N LYS I 20 -8.34 75.55 53.50
CA LYS I 20 -9.66 75.01 53.82
C LYS I 20 -10.53 74.89 52.58
N HIS I 21 -10.68 75.98 51.82
CA HIS I 21 -11.42 75.92 50.56
C HIS I 21 -10.72 75.01 49.56
N GLY I 22 -9.39 74.95 49.64
CA GLY I 22 -8.65 74.02 48.79
C GLY I 22 -8.89 72.58 49.18
N ARG I 23 -9.10 72.32 50.47
CA ARG I 23 -9.38 70.96 50.92
C ARG I 23 -10.76 70.51 50.46
N ALA I 24 -11.70 71.44 50.33
CA ALA I 24 -13.04 71.08 49.89
C ALA I 24 -13.07 70.69 48.42
N GLY I 25 -12.11 71.17 47.62
CA GLY I 25 -12.08 70.81 46.21
C GLY I 25 -11.28 69.56 45.92
N VAL I 26 -10.50 69.09 46.90
CA VAL I 26 -9.69 67.89 46.77
C VAL I 26 -10.53 66.71 46.29
N PRO I 27 -10.03 65.96 45.28
CA PRO I 27 -8.77 66.14 44.55
C PRO I 27 -8.74 67.29 43.55
N MET I 28 -9.89 67.67 43.01
CA MET I 28 -9.95 68.56 41.85
C MET I 28 -9.47 69.97 42.21
N GLU I 29 -9.08 70.72 41.19
CA GLU I 29 -8.55 72.06 41.39
C GLU I 29 -9.68 73.08 41.51
N VAL I 30 -9.48 74.05 42.39
CA VAL I 30 -10.48 75.09 42.62
C VAL I 30 -10.03 76.40 41.99
N MET I 31 -10.87 77.44 42.09
CA MET I 31 -10.51 78.80 41.70
C MET I 31 -11.02 79.76 42.76
N GLY I 32 -10.12 80.47 43.43
CA GLY I 32 -10.48 81.44 44.43
C GLY I 32 -10.20 82.88 43.99
N LEU I 33 -10.29 83.78 44.97
CA LEU I 33 -9.96 85.18 44.79
C LEU I 33 -9.31 85.73 46.05
N MET I 34 -8.23 86.48 45.88
CA MET I 34 -7.48 87.07 46.99
C MET I 34 -8.07 88.43 47.33
N LEU I 35 -8.12 88.76 48.62
CA LEU I 35 -8.68 90.00 49.10
C LEU I 35 -7.69 90.70 50.02
N GLY I 36 -7.43 91.98 49.76
CA GLY I 36 -6.39 92.68 50.52
C GLY I 36 -6.32 94.13 50.13
N GLU I 37 -5.18 94.75 50.43
CA GLU I 37 -4.96 96.17 50.19
C GLU I 37 -3.57 96.37 49.60
N PHE I 38 -3.46 97.28 48.64
CA PHE I 38 -2.18 97.61 48.03
C PHE I 38 -1.59 98.82 48.74
N VAL I 39 -0.54 98.60 49.54
CA VAL I 39 0.08 99.70 50.27
C VAL I 39 1.02 100.50 49.36
N ASP I 40 1.88 99.82 48.62
CA ASP I 40 2.89 100.47 47.78
C ASP I 40 3.41 99.44 46.78
N ASP I 41 4.47 99.80 46.06
CA ASP I 41 5.00 98.93 45.01
C ASP I 41 5.77 97.75 45.60
N TYR I 42 6.57 97.99 46.64
CA TYR I 42 7.47 96.96 47.14
C TYR I 42 6.86 96.10 48.25
N THR I 43 5.66 96.41 48.72
CA THR I 43 4.98 95.58 49.71
C THR I 43 3.50 95.49 49.34
N VAL I 44 2.88 94.39 49.77
CA VAL I 44 1.46 94.14 49.51
C VAL I 44 0.93 93.28 50.65
N ARG I 45 -0.34 93.48 50.99
CA ARG I 45 -0.97 92.68 52.04
C ARG I 45 -2.27 92.08 51.53
N VAL I 46 -2.51 90.83 51.93
CA VAL I 46 -3.78 90.15 51.73
C VAL I 46 -4.41 89.99 53.10
N ILE I 47 -5.47 90.75 53.36
CA ILE I 47 -6.09 90.76 54.68
C ILE I 47 -7.25 89.78 54.81
N ASP I 48 -7.73 89.20 53.70
CA ASP I 48 -8.85 88.28 53.78
C ASP I 48 -8.80 87.33 52.59
N VAL I 49 -9.35 86.14 52.77
CA VAL I 49 -9.53 85.16 51.70
C VAL I 49 -10.88 84.49 51.88
N PHE I 50 -11.63 84.38 50.78
CA PHE I 50 -12.97 83.82 50.80
C PHE I 50 -13.05 82.69 49.79
N ALA I 51 -14.10 81.87 49.93
CA ALA I 51 -14.25 80.69 49.08
C ALA I 51 -15.11 81.02 47.87
N MET I 52 -14.74 80.46 46.71
CA MET I 52 -15.46 80.61 45.47
C MET I 52 -15.92 79.24 44.99
N PRO I 53 -17.00 79.18 44.21
CA PRO I 53 -17.55 77.88 43.81
C PRO I 53 -16.56 77.07 42.99
N GLN I 54 -16.37 75.81 43.38
CA GLN I 54 -15.45 74.93 42.68
C GLN I 54 -16.06 74.47 41.36
N SER I 55 -15.20 74.29 40.36
CA SER I 55 -15.65 73.89 39.02
C SER I 55 -15.40 72.39 38.83
N GLY I 56 -16.49 71.63 38.69
CA GLY I 56 -16.36 70.20 38.42
C GLY I 56 -16.09 69.88 36.97
N THR I 57 -16.28 70.85 36.07
CA THR I 57 -15.96 70.69 34.66
C THR I 57 -14.58 71.23 34.31
N GLY I 58 -13.84 71.71 35.29
CA GLY I 58 -12.54 72.30 35.07
C GLY I 58 -12.56 73.81 35.28
N VAL I 59 -11.39 74.35 35.63
CA VAL I 59 -11.31 75.77 35.99
C VAL I 59 -11.34 76.60 34.71
N SER I 60 -12.12 77.68 34.73
CA SER I 60 -12.19 78.64 33.63
C SER I 60 -12.25 80.05 34.20
N VAL I 61 -12.02 81.04 33.33
CA VAL I 61 -12.07 82.43 33.75
C VAL I 61 -13.49 82.87 34.05
N GLU I 62 -14.50 82.19 33.48
CA GLU I 62 -15.89 82.48 33.75
C GLU I 62 -16.40 81.79 35.01
N ALA I 63 -15.56 81.01 35.69
CA ALA I 63 -16.00 80.35 36.92
C ALA I 63 -16.26 81.36 38.02
N VAL I 64 -15.64 82.54 37.93
CA VAL I 64 -15.90 83.59 38.92
C VAL I 64 -17.12 84.39 38.50
N ASP I 65 -18.15 84.40 39.35
CA ASP I 65 -19.40 85.07 39.06
C ASP I 65 -19.29 86.52 39.48
N PRO I 66 -19.47 87.49 38.57
CA PRO I 66 -19.34 88.90 38.98
C PRO I 66 -20.43 89.34 39.96
N VAL I 67 -21.62 88.75 39.91
CA VAL I 67 -22.65 89.12 40.86
C VAL I 67 -22.42 88.42 42.20
N PHE I 68 -21.52 87.44 42.23
CA PHE I 68 -21.15 86.79 43.47
C PHE I 68 -20.27 87.74 44.29
N GLN I 69 -19.40 88.48 43.61
CA GLN I 69 -18.53 89.46 44.27
C GLN I 69 -19.30 90.73 44.60
N ALA I 70 -20.20 91.13 43.72
CA ALA I 70 -20.98 92.35 43.96
C ALA I 70 -21.91 92.17 45.16
N LYS I 71 -22.41 90.95 45.36
CA LYS I 71 -23.22 90.67 46.54
C LYS I 71 -22.33 90.44 47.75
N MET I 72 -21.08 90.02 47.52
CA MET I 72 -20.15 89.80 48.62
C MET I 72 -19.60 91.12 49.16
N LEU I 73 -19.21 92.04 48.27
CA LEU I 73 -18.68 93.32 48.73
C LEU I 73 -19.72 94.11 49.51
N ASP I 74 -21.00 93.99 49.11
CA ASP I 74 -22.06 94.65 49.86
C ASP I 74 -22.21 94.02 51.25
N MET I 75 -22.01 92.71 51.35
CA MET I 75 -22.04 92.06 52.65
C MET I 75 -20.76 92.35 53.45
N LEU I 76 -19.69 92.76 52.78
CA LEU I 76 -18.50 93.19 53.47
C LEU I 76 -18.62 94.61 54.03
N LYS I 77 -19.54 95.41 53.49
CA LYS I 77 -19.74 96.75 54.02
C LYS I 77 -20.38 96.70 55.40
N GLN I 78 -21.46 95.93 55.55
CA GLN I 78 -22.04 95.68 56.86
C GLN I 78 -21.13 94.85 57.76
N THR I 79 -20.20 94.10 57.18
CA THR I 79 -19.12 93.48 57.93
C THR I 79 -18.12 94.55 58.33
N GLY I 80 -17.27 94.22 59.31
CA GLY I 80 -16.37 95.22 59.89
C GLY I 80 -15.54 95.95 58.86
N ARG I 81 -14.83 95.21 58.00
CA ARG I 81 -13.93 95.83 57.04
C ARG I 81 -14.38 95.56 55.61
N PRO I 82 -14.83 96.68 54.78
CA PRO I 82 -15.07 96.55 53.32
C PRO I 82 -13.88 96.92 52.44
N GLU I 83 -12.91 96.02 52.34
CA GLU I 83 -11.69 96.30 51.60
C GLU I 83 -11.81 95.85 50.15
N MET I 84 -11.17 96.62 49.28
CA MET I 84 -11.22 96.37 47.83
C MET I 84 -10.51 95.07 47.48
N VAL I 85 -10.94 94.46 46.38
CA VAL I 85 -10.33 93.22 45.91
C VAL I 85 -8.93 93.51 45.36
N VAL I 86 -8.09 92.48 45.28
CA VAL I 86 -6.73 92.63 44.80
C VAL I 86 -6.44 91.61 43.70
N GLY I 87 -6.53 90.32 44.01
CA GLY I 87 -6.06 89.27 43.12
C GLY I 87 -6.76 87.94 43.30
N TRP I 88 -6.24 86.90 42.65
CA TRP I 88 -6.89 85.60 42.58
C TRP I 88 -5.95 84.51 43.07
N TYR I 89 -6.54 83.35 43.40
CA TYR I 89 -5.76 82.17 43.77
C TYR I 89 -6.51 80.93 43.29
N HIS I 90 -5.77 79.83 43.17
CA HIS I 90 -6.36 78.55 42.78
C HIS I 90 -5.56 77.40 43.40
N SER I 91 -6.29 76.37 43.85
CA SER I 91 -5.65 75.16 44.34
C SER I 91 -5.26 74.25 43.17
N HIS I 92 -4.23 73.44 43.40
CA HIS I 92 -3.81 72.40 42.46
C HIS I 92 -3.38 71.16 43.24
N PRO I 93 -4.34 70.42 43.80
CA PRO I 93 -3.97 69.27 44.65
C PRO I 93 -3.38 68.10 43.88
N GLY I 94 -3.74 67.92 42.62
CA GLY I 94 -3.35 66.72 41.89
C GLY I 94 -1.90 66.66 41.49
N PHE I 95 -1.15 67.75 41.63
CA PHE I 95 0.23 67.80 41.18
C PHE I 95 0.97 68.87 41.99
N GLY I 96 2.15 69.26 41.53
CA GLY I 96 3.06 70.10 42.28
C GLY I 96 2.70 71.58 42.27
N CYS I 97 1.43 71.87 41.98
CA CYS I 97 0.82 73.20 42.06
C CYS I 97 1.63 74.23 41.27
N TRP I 98 1.55 74.07 39.95
CA TRP I 98 2.12 75.00 38.99
C TRP I 98 1.02 75.61 38.14
N LEU I 99 1.32 76.77 37.56
CA LEU I 99 0.32 77.50 36.78
C LEU I 99 0.02 76.74 35.49
N SER I 100 -1.26 76.43 35.29
CA SER I 100 -1.68 75.61 34.15
C SER I 100 -1.96 76.50 32.93
N GLY I 101 -2.53 75.89 31.89
CA GLY I 101 -2.84 76.62 30.68
C GLY I 101 -4.00 77.58 30.86
N VAL I 102 -4.91 77.27 31.79
CA VAL I 102 -6.02 78.18 32.07
C VAL I 102 -5.55 79.33 32.94
N ASP I 103 -4.57 79.07 33.82
CA ASP I 103 -4.09 80.09 34.73
C ASP I 103 -3.43 81.26 34.01
N ILE I 104 -2.81 81.00 32.85
CA ILE I 104 -2.20 82.09 32.10
C ILE I 104 -3.26 82.86 31.30
N ASN I 105 -4.33 82.19 30.89
CA ASN I 105 -5.40 82.88 30.17
C ASN I 105 -6.19 83.79 31.09
N THR I 106 -6.31 83.41 32.36
CA THR I 106 -6.98 84.28 33.33
C THR I 106 -6.04 85.31 33.94
N GLN I 107 -4.78 85.32 33.53
CA GLN I 107 -3.83 86.32 34.02
C GLN I 107 -4.05 87.67 33.37
N GLN I 108 -3.89 87.74 32.04
CA GLN I 108 -4.09 89.00 31.34
C GLN I 108 -5.48 89.59 31.55
N SER I 109 -6.46 88.75 31.92
CA SER I 109 -7.80 89.26 32.20
C SER I 109 -7.84 89.88 33.59
N PHE I 110 -7.21 89.24 34.58
CA PHE I 110 -7.23 89.75 35.94
C PHE I 110 -6.23 90.88 36.13
N GLU I 111 -5.11 90.83 35.41
CA GLU I 111 -4.14 91.93 35.52
C GLU I 111 -4.63 93.17 34.80
N ALA I 112 -5.64 93.03 33.94
CA ALA I 112 -6.28 94.20 33.36
C ALA I 112 -7.26 94.82 34.36
N LEU I 113 -8.01 93.98 35.07
CA LEU I 113 -8.89 94.43 36.14
C LEU I 113 -8.11 95.16 37.23
N SER I 114 -7.25 94.44 37.92
CA SER I 114 -6.42 95.01 38.98
C SER I 114 -4.96 95.02 38.54
N GLU I 115 -4.20 95.98 39.07
CA GLU I 115 -2.82 96.20 38.67
C GLU I 115 -1.96 94.94 38.76
N ARG I 116 -1.76 94.44 39.99
CA ARG I 116 -0.88 93.29 40.18
C ARG I 116 -1.57 91.99 39.80
N ALA I 117 -2.60 91.61 40.55
CA ALA I 117 -3.29 90.32 40.39
C ALA I 117 -2.29 89.16 40.53
N VAL I 118 -1.83 88.99 41.77
CA VAL I 118 -0.81 87.99 42.07
C VAL I 118 -1.41 86.60 41.91
N ALA I 119 -0.73 85.75 41.16
CA ALA I 119 -1.17 84.36 40.98
C ALA I 119 -0.68 83.52 42.15
N VAL I 120 -1.61 82.89 42.87
CA VAL I 120 -1.31 82.12 44.06
C VAL I 120 -1.83 80.71 43.88
N VAL I 121 -0.96 79.71 44.12
CA VAL I 121 -1.32 78.31 44.05
C VAL I 121 -1.07 77.68 45.40
N VAL I 122 -1.76 76.56 45.66
CA VAL I 122 -1.63 75.85 46.93
C VAL I 122 -1.86 74.36 46.69
N ASP I 123 -1.12 73.53 47.43
CA ASP I 123 -1.31 72.09 47.35
C ASP I 123 -1.34 71.47 48.74
N PRO I 124 -2.27 70.55 48.99
CA PRO I 124 -2.31 69.83 50.29
C PRO I 124 -1.23 68.77 50.45
N ILE I 125 -0.79 68.18 49.33
CA ILE I 125 -0.11 66.89 49.37
C ILE I 125 1.34 66.97 49.84
N GLN I 126 2.08 68.02 49.46
CA GLN I 126 3.51 68.09 49.68
C GLN I 126 3.93 67.85 51.14
N SER I 127 3.10 68.22 52.10
CA SER I 127 3.39 67.97 53.50
C SER I 127 2.08 68.03 54.28
N VAL I 128 2.19 68.00 55.61
CA VAL I 128 1.02 68.07 56.47
C VAL I 128 1.15 69.25 57.44
N LYS I 129 2.19 69.23 58.29
CA LYS I 129 2.31 70.20 59.38
C LYS I 129 3.39 71.25 59.13
N GLY I 130 4.66 70.86 59.03
CA GLY I 130 5.76 71.80 59.18
C GLY I 130 6.32 72.45 57.94
N LYS I 131 5.55 72.52 56.86
CA LYS I 131 6.01 73.17 55.63
C LYS I 131 4.98 74.19 55.17
N VAL I 132 5.49 75.29 54.63
CA VAL I 132 4.61 76.34 54.10
C VAL I 132 3.87 75.85 52.85
N VAL I 133 4.54 75.05 52.02
CA VAL I 133 3.99 74.54 50.77
C VAL I 133 3.45 75.70 49.94
N ILE I 134 2.14 75.69 49.69
CA ILE I 134 1.38 76.69 48.94
C ILE I 134 2.13 77.00 47.64
N ASP I 135 2.08 78.26 47.20
CA ASP I 135 2.83 78.77 46.04
C ASP I 135 2.39 80.19 45.78
N ALA I 136 3.19 80.95 45.02
CA ALA I 136 2.75 82.24 44.52
C ALA I 136 3.57 82.61 43.30
N PHE I 137 3.00 83.47 42.46
CA PHE I 137 3.67 83.91 41.24
C PHE I 137 3.07 85.24 40.81
N ARG I 138 3.82 85.96 39.97
CA ARG I 138 3.38 87.20 39.37
C ARG I 138 3.88 87.26 37.93
N LEU I 139 2.98 87.61 37.02
CA LEU I 139 3.31 87.62 35.60
C LEU I 139 4.26 88.79 35.29
N ILE I 140 5.41 88.48 34.71
CA ILE I 140 6.27 89.50 34.12
C ILE I 140 5.92 89.57 32.64
N ASN I 141 5.73 90.79 32.14
CA ASN I 141 5.15 90.99 30.82
C ASN I 141 6.09 90.46 29.73
N ALA I 142 5.55 89.63 28.84
CA ALA I 142 6.31 89.15 27.69
C ALA I 142 6.60 90.24 26.68
N ASN I 143 5.83 91.34 26.70
CA ASN I 143 6.13 92.47 25.82
C ASN I 143 7.41 93.17 26.25
N MET I 144 7.85 92.95 27.49
CA MET I 144 9.07 93.55 28.02
C MET I 144 10.34 92.89 27.50
N MET I 145 10.23 91.82 26.71
CA MET I 145 11.42 91.16 26.17
C MET I 145 12.28 92.12 25.37
N VAL I 146 11.69 93.20 24.88
CA VAL I 146 12.48 94.25 24.23
C VAL I 146 13.29 95.01 25.26
N LEU I 147 12.73 95.20 26.45
CA LEU I 147 13.41 95.91 27.52
C LEU I 147 14.16 94.92 28.42
N GLY I 148 14.68 95.42 29.53
CA GLY I 148 15.40 94.58 30.48
C GLY I 148 14.47 93.52 31.05
N HIS I 149 14.86 92.24 30.90
CA HIS I 149 14.01 91.13 31.34
C HIS I 149 14.36 90.60 32.72
N GLU I 150 15.25 91.23 33.46
CA GLU I 150 15.62 90.68 34.77
C GLU I 150 15.29 91.59 35.98
N PRO I 151 14.00 91.78 36.26
CA PRO I 151 13.63 92.25 37.60
C PRO I 151 13.84 91.13 38.61
N ARG I 152 13.88 91.41 39.92
CA ARG I 152 13.64 92.73 40.51
C ARG I 152 14.87 93.23 41.26
N GLN I 153 14.92 94.52 41.54
CA GLN I 153 15.88 95.03 42.51
C GLN I 153 15.55 94.48 43.90
N THR I 154 16.54 94.53 44.79
CA THR I 154 16.46 93.86 46.08
C THR I 154 16.26 92.37 45.82
N THR I 155 17.33 91.70 45.38
CA THR I 155 17.20 90.45 44.62
C THR I 155 16.80 89.26 45.48
N SER I 156 17.66 88.87 46.44
CA SER I 156 17.61 87.54 47.02
C SER I 156 16.27 87.20 47.69
N ASN I 157 15.41 88.15 48.01
CA ASN I 157 14.07 87.74 48.41
C ASN I 157 13.39 86.91 47.32
N LEU I 158 13.70 87.22 46.06
CA LEU I 158 13.49 86.31 44.94
C LEU I 158 14.54 85.20 44.92
N GLY I 159 15.82 85.58 44.84
CA GLY I 159 16.90 84.60 44.74
C GLY I 159 16.81 83.49 45.77
N HIS I 160 16.57 83.83 47.04
CA HIS I 160 16.35 82.80 48.05
C HIS I 160 15.06 82.04 47.83
N LEU I 161 13.99 82.71 47.39
CA LEU I 161 12.79 82.01 46.97
C LEU I 161 13.06 81.19 45.70
N ASN I 162 14.03 81.60 44.91
CA ASN I 162 14.48 80.79 43.78
C ASN I 162 15.16 79.49 44.21
N LYS I 163 15.47 79.35 45.50
CA LYS I 163 15.81 78.06 46.09
C LYS I 163 14.53 77.43 46.64
N PRO I 164 14.40 76.09 46.54
CA PRO I 164 15.25 75.06 45.95
C PRO I 164 15.33 75.12 44.42
N SER I 165 14.44 75.91 43.82
CA SER I 165 14.16 75.99 42.37
C SER I 165 13.15 74.93 41.97
N ILE I 166 12.78 74.07 42.92
CA ILE I 166 11.65 73.15 42.82
C ILE I 166 11.56 72.49 41.44
N GLN I 167 12.52 71.62 41.17
CA GLN I 167 12.57 70.74 39.99
C GLN I 167 12.66 71.58 38.72
N ALA I 168 11.90 71.24 37.69
CA ALA I 168 12.10 71.79 36.36
C ALA I 168 10.86 72.50 35.84
N LEU I 169 9.77 71.75 35.65
CA LEU I 169 8.55 72.31 35.08
C LEU I 169 8.06 73.52 35.86
N ILE I 170 8.19 73.48 37.19
CA ILE I 170 7.81 74.64 38.01
C ILE I 170 8.61 75.86 37.58
N HIS I 171 9.94 75.81 37.76
CA HIS I 171 10.79 76.89 37.29
C HIS I 171 10.86 76.98 35.78
N GLY I 172 10.34 75.98 35.06
CA GLY I 172 10.14 76.14 33.63
C GLY I 172 9.10 77.20 33.33
N LEU I 173 8.23 77.48 34.29
CA LEU I 173 7.28 78.59 34.18
C LEU I 173 7.88 79.93 34.61
N ASN I 174 9.13 79.94 35.06
CA ASN I 174 9.82 81.20 35.33
C ASN I 174 9.98 82.03 34.06
N ARG I 175 9.79 81.43 32.89
CA ARG I 175 9.60 82.21 31.67
C ARG I 175 8.20 82.80 31.67
N HIS I 176 8.11 84.13 31.57
CA HIS I 176 6.91 84.95 31.58
C HIS I 176 6.35 85.13 33.00
N TYR I 177 6.91 84.49 34.02
CA TYR I 177 6.45 84.64 35.38
C TYR I 177 7.62 84.85 36.33
N TYR I 178 7.34 85.45 37.48
CA TYR I 178 8.28 85.51 38.59
C TYR I 178 7.49 85.36 39.88
N SER I 179 8.01 84.55 40.80
CA SER I 179 7.30 84.32 42.04
C SER I 179 7.43 85.54 42.95
N ILE I 180 6.78 85.46 44.11
CA ILE I 180 6.68 86.59 45.03
C ILE I 180 6.89 86.08 46.45
N THR I 181 7.39 86.96 47.31
CA THR I 181 7.80 86.58 48.66
C THR I 181 6.59 86.57 49.59
N ILE I 182 6.46 85.53 50.39
CA ILE I 182 5.38 85.41 51.36
C ILE I 182 5.95 85.40 52.76
N ASN I 183 5.68 86.46 53.52
CA ASN I 183 6.02 86.51 54.93
C ASN I 183 4.76 86.78 55.73
N TYR I 184 4.83 86.51 57.03
CA TYR I 184 3.66 86.59 57.90
C TYR I 184 3.78 87.82 58.77
N ARG I 185 2.92 88.81 58.54
CA ARG I 185 2.77 89.92 59.48
C ARG I 185 2.19 89.35 60.77
N LYS I 186 2.68 89.82 61.91
CA LYS I 186 2.44 89.09 63.15
C LYS I 186 0.98 89.16 63.57
N ASN I 187 0.34 88.00 63.63
CA ASN I 187 -0.96 87.77 64.23
C ASN I 187 -0.86 87.25 65.65
N GLU I 188 0.35 87.25 66.22
CA GLU I 188 0.75 86.38 67.33
C GLU I 188 -0.26 86.32 68.45
N LEU I 189 -1.03 87.40 68.66
CA LEU I 189 -2.19 87.33 69.54
C LEU I 189 -3.02 86.09 69.24
N GLU I 190 -3.54 86.00 68.01
CA GLU I 190 -4.20 84.77 67.58
C GLU I 190 -3.23 83.60 67.51
N GLN I 191 -1.97 83.84 67.14
CA GLN I 191 -1.03 82.74 66.99
C GLN I 191 -0.63 82.16 68.34
N LYS I 192 -0.65 82.97 69.40
CA LYS I 192 -0.39 82.45 70.74
C LYS I 192 -1.51 81.51 71.20
N MET I 193 -2.77 81.87 70.93
CA MET I 193 -3.86 80.97 71.29
C MET I 193 -3.94 79.80 70.32
N LEU I 194 -3.40 79.97 69.10
CA LEU I 194 -3.34 78.85 68.17
C LEU I 194 -2.49 77.71 68.74
N LEU I 195 -1.42 78.08 69.45
CA LEU I 195 -0.60 77.06 70.11
C LEU I 195 -1.29 76.56 71.38
N ASN I 196 -1.94 77.47 72.11
CA ASN I 196 -2.58 77.08 73.36
C ASN I 196 -3.80 76.20 73.12
N LEU I 197 -4.61 76.54 72.11
CA LEU I 197 -5.78 75.73 71.80
C LEU I 197 -5.37 74.35 71.26
N HIS I 198 -4.23 74.29 70.58
CA HIS I 198 -3.81 73.03 69.97
C HIS I 198 -3.20 72.08 71.01
N LYS I 199 -2.30 72.60 71.86
CA LYS I 199 -1.59 71.73 72.79
C LYS I 199 -2.43 71.37 74.00
N LYS I 200 -3.25 72.30 74.50
CA LYS I 200 -4.14 71.97 75.62
C LYS I 200 -5.14 70.89 75.24
N SER I 201 -5.74 71.00 74.06
CA SER I 201 -6.63 69.96 73.58
C SER I 201 -5.88 68.64 73.38
N TRP I 202 -4.57 68.71 73.14
CA TRP I 202 -3.75 67.52 72.99
C TRP I 202 -3.11 67.07 74.30
N MET I 203 -3.27 67.82 75.39
CA MET I 203 -2.69 67.39 76.67
C MET I 203 -3.83 66.81 77.49
N GLU I 204 -4.01 65.50 77.36
CA GLU I 204 -4.89 64.63 78.17
C GLU I 204 -6.27 65.23 78.40
N GLY I 205 -6.62 66.27 77.65
CA GLY I 205 -7.94 66.86 77.58
C GLY I 205 -8.32 67.68 78.79
N LEU I 206 -7.98 67.19 79.99
CA LEU I 206 -7.88 68.00 81.21
C LEU I 206 -6.44 68.16 81.69
N THR I 207 -5.49 67.48 81.06
CA THR I 207 -4.17 67.09 81.57
C THR I 207 -4.32 65.95 82.58
N LEU I 208 -5.53 65.75 83.10
CA LEU I 208 -5.85 64.70 84.06
C LEU I 208 -6.18 63.35 83.44
N GLN I 209 -6.93 63.34 82.32
CA GLN I 209 -7.72 62.17 81.94
C GLN I 209 -6.92 60.88 81.91
N ASP I 210 -5.79 60.87 81.22
CA ASP I 210 -5.01 59.65 81.04
C ASP I 210 -4.13 59.34 82.24
N TYR I 211 -4.16 60.17 83.29
CA TYR I 211 -3.37 59.91 84.49
C TYR I 211 -4.17 60.26 85.73
N VAL I 221 -1.64 43.15 81.12
CA VAL I 221 -1.05 44.33 80.50
C VAL I 221 -0.44 45.22 81.58
N VAL I 222 -0.07 44.61 82.70
CA VAL I 222 0.74 45.26 83.72
C VAL I 222 2.03 44.49 83.85
N LYS I 223 1.95 43.27 84.40
CA LYS I 223 3.07 42.35 84.30
C LYS I 223 3.07 41.69 82.92
N GLU I 224 1.89 41.46 82.36
CA GLU I 224 1.79 40.84 81.04
C GLU I 224 2.33 41.75 79.94
N MET I 225 2.06 43.05 80.03
CA MET I 225 2.70 43.97 79.11
C MET I 225 4.21 43.97 79.26
N LEU I 226 4.71 43.71 80.48
CA LEU I 226 6.12 43.49 80.70
C LEU I 226 6.55 42.06 80.37
N GLU I 227 5.60 41.12 80.33
CA GLU I 227 5.88 39.80 79.78
C GLU I 227 5.90 39.83 78.25
N LEU I 228 5.14 40.76 77.66
CA LEU I 228 5.29 41.01 76.22
C LEU I 228 6.50 41.89 75.96
N ALA I 229 6.85 42.75 76.91
CA ALA I 229 8.02 43.61 76.78
C ALA I 229 9.29 42.81 77.01
N LYS I 230 9.26 41.84 77.94
CA LYS I 230 10.43 41.02 78.17
C LYS I 230 10.81 40.21 76.93
N ASN I 231 9.83 39.82 76.11
CA ASN I 231 10.16 39.23 74.82
C ASN I 231 10.91 40.23 73.95
N TYR I 232 10.59 41.52 74.07
CA TYR I 232 11.40 42.55 73.42
C TYR I 232 12.62 42.91 74.26
N ASN I 233 12.56 42.63 75.57
CA ASN I 233 13.69 42.92 76.44
C ASN I 233 14.60 41.73 76.66
N LYS I 234 14.25 40.55 76.15
CA LYS I 234 15.09 39.36 76.28
C LYS I 234 15.25 38.65 74.94
N ALA I 235 14.14 38.15 74.38
CA ALA I 235 14.21 37.43 73.12
C ALA I 235 14.80 38.29 72.01
N VAL I 236 14.70 39.62 72.13
CA VAL I 236 15.36 40.48 71.17
C VAL I 236 16.85 40.64 71.52
N GLU I 237 17.23 40.38 72.77
CA GLU I 237 18.62 40.55 73.17
C GLU I 237 19.54 39.57 72.43
N GLU I 238 19.14 38.31 72.34
CA GLU I 238 20.03 37.33 71.72
C GLU I 238 20.24 37.59 70.24
N GLU I 239 19.20 38.06 69.53
CA GLU I 239 19.42 38.46 68.14
C GLU I 239 20.21 39.76 68.07
N ASP I 240 20.17 40.57 69.12
CA ASP I 240 21.03 41.75 69.20
C ASP I 240 22.45 41.39 69.66
N LYS I 241 22.58 40.47 70.62
CA LYS I 241 23.89 40.13 71.17
C LYS I 241 24.58 39.00 70.41
N MET I 242 24.00 38.49 69.34
CA MET I 242 24.76 37.64 68.42
C MET I 242 25.66 38.47 67.52
N THR I 243 25.29 39.73 67.26
CA THR I 243 26.05 40.61 66.38
C THR I 243 27.44 40.92 66.92
N PRO I 244 27.65 41.13 68.23
CA PRO I 244 29.04 41.22 68.70
C PRO I 244 29.82 39.93 68.52
N GLU I 245 29.17 38.77 68.65
CA GLU I 245 29.82 37.52 68.27
C GLU I 245 29.96 37.42 66.75
N GLN I 246 29.10 38.11 66.00
CA GLN I 246 29.32 38.25 64.57
C GLN I 246 30.40 39.28 64.27
N LEU I 247 30.57 40.29 65.12
CA LEU I 247 31.74 41.16 65.03
C LEU I 247 33.04 40.41 65.26
N ALA I 248 33.03 39.38 66.10
CA ALA I 248 34.13 38.44 66.13
C ALA I 248 34.07 37.57 64.89
N ILE I 249 35.16 37.56 64.12
CA ILE I 249 35.09 37.01 62.77
C ILE I 249 35.35 35.50 62.68
N LYS I 250 36.49 34.96 63.10
CA LYS I 250 37.59 35.60 63.81
C LYS I 250 38.93 35.02 63.33
N ASN I 251 39.90 35.82 62.90
CA ASN I 251 39.81 37.26 62.64
C ASN I 251 40.86 37.55 61.55
N VAL I 252 40.59 38.42 60.57
CA VAL I 252 39.28 38.99 60.26
C VAL I 252 39.04 38.86 58.76
N GLY I 253 38.05 38.07 58.38
CA GLY I 253 37.69 37.89 56.99
C GLY I 253 36.45 38.63 56.54
N LYS I 254 35.68 39.16 57.49
CA LYS I 254 34.39 39.76 57.20
C LYS I 254 34.52 41.27 57.10
N GLN I 255 33.74 41.87 56.19
CA GLN I 255 33.80 43.31 55.96
C GLN I 255 33.34 44.08 57.20
N ASP I 256 34.16 45.02 57.64
CA ASP I 256 33.90 45.85 58.81
C ASP I 256 34.14 47.32 58.45
N PRO I 257 33.66 48.27 59.27
CA PRO I 257 32.83 48.17 60.48
C PRO I 257 31.34 48.01 60.23
N LYS I 258 30.63 47.46 61.21
CA LYS I 258 29.18 47.46 61.23
C LYS I 258 28.72 47.68 62.67
N ARG I 259 27.80 48.61 62.86
CA ARG I 259 27.34 49.01 64.19
C ARG I 259 25.90 48.55 64.37
N HIS I 260 25.71 47.53 65.20
CA HIS I 260 24.40 47.01 65.56
C HIS I 260 23.88 47.55 66.88
N LEU I 261 24.61 48.47 67.52
CA LEU I 261 24.24 48.94 68.85
C LEU I 261 22.83 49.50 68.87
N GLU I 262 22.46 50.26 67.85
CA GLU I 262 21.13 50.87 67.80
C GLU I 262 20.17 49.92 67.04
N GLU I 263 18.87 50.20 67.02
CA GLU I 263 18.22 51.20 67.87
C GLU I 263 17.58 50.55 69.10
N HIS I 264 17.71 49.24 69.22
CA HIS I 264 17.02 48.51 70.28
C HIS I 264 17.50 48.95 71.66
N VAL I 265 18.78 49.26 71.82
CA VAL I 265 19.31 49.62 73.13
C VAL I 265 18.60 50.85 73.66
N ASP I 266 18.58 51.93 72.87
CA ASP I 266 17.92 53.16 73.29
C ASP I 266 16.41 53.03 73.35
N VAL I 267 15.82 52.09 72.61
CA VAL I 267 14.38 51.87 72.70
C VAL I 267 14.02 51.22 74.03
N LEU I 268 14.79 50.21 74.43
CA LEU I 268 14.54 49.57 75.72
C LEU I 268 14.83 50.51 76.88
N MET I 269 15.77 51.44 76.70
CA MET I 269 15.96 52.52 77.65
C MET I 269 14.68 53.30 77.86
N THR I 270 14.19 53.93 76.79
CA THR I 270 12.94 54.69 76.87
C THR I 270 11.76 53.79 77.24
N SER I 271 11.83 52.50 76.92
CA SER I 271 10.77 51.58 77.30
C SER I 271 10.65 51.49 78.82
N ASN I 272 11.78 51.55 79.52
CA ASN I 272 11.75 51.62 80.98
C ASN I 272 11.32 53.00 81.44
N ILE I 273 11.68 54.04 80.68
CA ILE I 273 11.28 55.40 81.04
C ILE I 273 9.77 55.53 80.98
N VAL I 274 9.14 54.82 80.04
CA VAL I 274 7.68 54.79 79.98
C VAL I 274 7.12 54.04 81.18
N GLN I 275 7.73 52.90 81.51
CA GLN I 275 7.17 52.03 82.55
C GLN I 275 7.49 52.53 83.95
N CYS I 276 8.59 53.25 84.13
CA CYS I 276 8.97 53.70 85.47
C CYS I 276 8.10 54.88 85.91
N LEU I 277 7.95 55.88 85.05
CA LEU I 277 7.16 57.06 85.42
C LEU I 277 5.67 56.76 85.41
N ALA I 278 5.24 55.79 84.61
CA ALA I 278 3.84 55.35 84.67
C ALA I 278 3.58 54.54 85.93
N ALA I 279 4.59 53.84 86.45
CA ALA I 279 4.44 53.18 87.74
C ALA I 279 4.58 54.18 88.89
N MET I 280 5.20 55.33 88.64
CA MET I 280 5.25 56.38 89.65
C MET I 280 3.88 56.99 89.90
N LEU I 281 2.93 56.76 88.98
CA LEU I 281 1.55 57.23 89.18
C LEU I 281 0.98 56.69 90.48
N ASP I 282 1.47 55.55 90.94
CA ASP I 282 1.08 55.05 92.26
C ASP I 282 1.55 56.00 93.35
N THR I 283 2.82 56.44 93.27
CA THR I 283 3.36 57.37 94.27
C THR I 283 2.96 58.81 93.99
N VAL I 284 2.67 59.16 92.74
CA VAL I 284 2.40 60.54 92.37
C VAL I 284 0.93 60.87 92.63
N VAL I 285 0.03 60.22 91.88
CA VAL I 285 -1.40 60.45 92.04
C VAL I 285 -1.83 60.23 93.49
N PHE I 286 -1.68 58.99 93.95
CA PHE I 286 -1.92 58.68 95.36
C PHE I 286 -0.82 59.30 96.21
N LYS I 287 -1.21 60.13 97.18
CA LYS I 287 -0.28 60.92 97.99
C LYS I 287 0.72 61.68 97.13
N MET J 1 75.40 57.51 140.80
CA MET J 1 74.91 58.78 140.26
C MET J 1 73.43 58.96 140.56
N TYR J 2 73.07 60.13 141.08
CA TYR J 2 71.70 60.46 141.44
C TYR J 2 71.12 59.47 142.44
N GLU J 3 70.06 58.76 142.03
CA GLU J 3 69.31 57.85 142.88
C GLU J 3 68.83 58.64 144.14
N GLN J 4 68.66 58.04 145.34
CA GLN J 4 68.17 56.68 145.56
C GLN J 4 66.84 56.47 144.86
N LEU J 5 66.73 55.38 144.10
CA LEU J 5 65.55 55.16 143.27
C LEU J 5 64.93 53.78 143.52
N LYS J 6 65.67 52.72 143.21
CA LYS J 6 65.14 51.37 143.35
C LYS J 6 65.03 50.92 144.80
N GLY J 7 65.53 51.71 145.76
CA GLY J 7 65.46 51.30 147.14
C GLY J 7 64.05 51.16 147.66
N GLU J 8 63.10 51.85 147.03
CA GLU J 8 61.70 51.77 147.41
C GLU J 8 60.93 50.72 146.63
N TRP J 9 61.59 49.99 145.71
CA TRP J 9 60.90 48.99 144.91
C TRP J 9 60.64 47.72 145.70
N ASN J 10 61.58 47.32 146.55
CA ASN J 10 61.43 46.07 147.30
C ASN J 10 60.40 46.22 148.42
N ARG J 11 60.44 47.34 149.15
CA ARG J 11 59.51 47.55 150.25
C ARG J 11 58.14 48.00 149.77
N LYS J 12 58.00 48.36 148.49
CA LYS J 12 56.76 48.90 147.91
C LYS J 12 56.40 50.15 148.72
N SER J 13 55.12 50.38 149.04
CA SER J 13 54.74 51.52 149.84
C SER J 13 53.64 51.13 150.82
N PRO J 14 53.67 51.63 152.05
CA PRO J 14 52.55 51.37 152.97
C PRO J 14 51.27 52.10 152.56
N ASN J 15 51.39 53.33 152.06
CA ASN J 15 50.27 54.15 151.65
C ASN J 15 50.58 54.79 150.30
N LEU J 16 49.69 55.68 149.85
CA LEU J 16 49.88 56.37 148.59
C LEU J 16 50.78 57.58 148.70
N SER J 17 51.26 57.93 149.90
CA SER J 17 52.16 59.06 150.04
C SER J 17 53.53 58.74 149.45
N LYS J 18 54.06 57.55 149.74
CA LYS J 18 55.34 57.14 149.16
C LYS J 18 55.23 56.91 147.66
N CYS J 19 54.08 56.45 147.17
CA CYS J 19 53.89 56.30 145.74
C CYS J 19 53.99 57.64 145.02
N GLY J 20 53.43 58.69 145.62
CA GLY J 20 53.59 60.02 145.06
C GLY J 20 54.99 60.57 145.20
N GLU J 21 55.69 60.17 146.27
CA GLU J 21 57.08 60.57 146.43
C GLU J 21 57.96 59.92 145.37
N GLU J 22 57.70 58.66 145.05
CA GLU J 22 58.42 58.00 143.97
C GLU J 22 58.09 58.63 142.63
N LEU J 23 56.84 59.04 142.42
CA LEU J 23 56.48 59.76 141.21
C LEU J 23 57.16 61.13 141.17
N GLY J 24 57.32 61.76 142.33
CA GLY J 24 58.05 63.01 142.39
C GLY J 24 59.53 62.82 142.13
N ARG J 25 60.10 61.72 142.59
CA ARG J 25 61.49 61.41 142.28
C ARG J 25 61.64 61.03 140.80
N LEU J 26 60.64 60.37 140.24
CA LEU J 26 60.64 60.07 138.81
C LEU J 26 60.55 61.32 137.95
N LYS J 27 60.06 62.44 138.51
CA LYS J 27 59.95 63.67 137.73
C LYS J 27 61.32 64.20 137.34
N LEU J 28 62.30 64.09 138.24
CA LEU J 28 63.66 64.52 137.93
C LEU J 28 64.23 63.70 136.78
N VAL J 29 63.84 62.43 136.68
CA VAL J 29 64.26 61.61 135.55
C VAL J 29 63.56 62.07 134.26
N LEU J 30 62.30 62.48 134.38
CA LEU J 30 61.56 62.96 133.22
C LEU J 30 61.99 64.36 132.79
N LEU J 31 62.67 65.10 133.66
CA LEU J 31 63.12 66.44 133.29
C LEU J 31 64.38 66.40 132.43
N GLU J 32 65.27 65.45 132.68
CA GLU J 32 66.54 65.39 131.96
C GLU J 32 66.42 64.53 130.70
N LEU J 33 66.38 63.22 130.89
CA LEU J 33 66.30 62.28 129.76
C LEU J 33 64.88 62.12 129.24
N ASN J 34 63.88 62.40 130.07
CA ASN J 34 62.47 62.19 129.76
C ASN J 34 62.21 60.77 129.27
N PHE J 35 61.31 60.60 128.30
CA PHE J 35 61.01 59.27 127.78
C PHE J 35 61.75 58.92 126.49
N LEU J 36 62.37 59.90 125.82
CA LEU J 36 62.89 59.73 124.47
C LEU J 36 63.42 61.07 123.93
N PRO J 37 64.00 61.09 122.72
CA PRO J 37 64.54 60.05 121.84
C PRO J 37 66.07 59.91 121.89
N THR J 38 66.64 59.52 123.02
CA THR J 38 68.09 59.47 123.16
C THR J 38 68.57 58.06 122.85
N THR J 39 69.26 57.90 121.71
CA THR J 39 69.82 56.61 121.34
C THR J 39 71.11 56.32 122.07
N GLY J 40 72.03 57.29 122.08
CA GLY J 40 73.33 57.10 122.70
C GLY J 40 74.31 56.36 121.80
N THR J 41 75.29 55.61 122.34
CA THR J 41 75.58 55.39 123.77
C THR J 41 74.39 54.81 124.54
N LYS J 42 74.07 53.54 124.28
CA LYS J 42 72.89 52.90 124.86
C LYS J 42 72.99 52.81 126.38
N LEU J 43 74.15 53.14 126.95
CA LEU J 43 74.29 53.19 128.39
C LEU J 43 73.40 54.27 129.00
N THR J 44 72.96 55.25 128.20
CA THR J 44 72.02 56.24 128.70
C THR J 44 70.61 55.66 128.83
N LYS J 45 70.38 54.48 128.27
CA LYS J 45 69.11 53.76 128.44
C LYS J 45 69.13 52.82 129.63
N GLN J 46 70.23 52.76 130.39
CA GLN J 46 70.30 51.88 131.54
C GLN J 46 69.37 52.37 132.65
N GLN J 47 69.39 53.67 132.95
CA GLN J 47 68.45 54.22 133.92
C GLN J 47 67.01 54.14 133.43
N LEU J 48 66.78 54.04 132.13
CA LEU J 48 65.45 53.72 131.62
C LEU J 48 65.02 52.32 131.99
N ILE J 49 65.93 51.35 131.95
CA ILE J 49 65.65 50.02 132.49
C ILE J 49 65.35 50.11 133.98
N LEU J 50 66.11 50.96 134.68
CA LEU J 50 65.79 51.25 136.08
C LEU J 50 64.48 52.01 136.19
N ALA J 51 64.16 52.81 135.17
CA ALA J 51 62.90 53.54 135.19
C ALA J 51 61.72 52.63 134.85
N ARG J 52 61.98 51.55 134.10
CA ARG J 52 60.91 50.62 133.78
C ARG J 52 60.42 49.89 135.03
N ASP J 53 61.35 49.31 135.80
CA ASP J 53 60.97 48.49 136.94
C ASP J 53 60.13 49.28 137.95
N ILE J 54 60.43 50.56 138.13
CA ILE J 54 59.62 51.39 139.01
C ILE J 54 58.33 51.83 138.35
N LEU J 55 58.30 51.96 137.02
CA LEU J 55 57.04 52.13 136.32
C LEU J 55 56.27 50.82 136.20
N GLU J 56 56.95 49.68 136.28
CA GLU J 56 56.27 48.40 136.33
C GLU J 56 55.52 48.23 137.65
N ILE J 57 56.20 48.49 138.76
CA ILE J 57 55.54 48.46 140.07
C ILE J 57 54.58 49.63 140.25
N GLY J 58 54.77 50.71 139.48
CA GLY J 58 53.80 51.80 139.53
C GLY J 58 52.44 51.38 139.01
N ALA J 59 52.42 50.55 137.97
CA ALA J 59 51.16 49.98 137.50
C ALA J 59 50.60 49.00 138.54
N GLN J 60 51.47 48.32 139.28
CA GLN J 60 51.02 47.51 140.40
C GLN J 60 50.49 48.40 141.52
N TRP J 61 51.05 49.60 141.65
CA TRP J 61 50.52 50.56 142.63
C TRP J 61 49.26 51.23 142.11
N SER J 62 49.11 51.29 140.78
CA SER J 62 47.92 51.92 140.20
C SER J 62 46.69 51.05 140.37
N ILE J 63 46.83 49.73 140.25
CA ILE J 63 45.69 48.85 140.53
C ILE J 63 45.44 48.79 142.04
N LEU J 64 46.49 48.97 142.85
CA LEU J 64 46.31 49.03 144.29
C LEU J 64 45.52 50.27 144.70
N ARG J 65 45.73 51.39 143.99
CA ARG J 65 44.97 52.60 144.23
C ARG J 65 43.68 52.67 143.43
N LYS J 66 43.46 51.72 142.52
CA LYS J 66 42.26 51.52 141.72
C LYS J 66 42.08 52.61 140.66
N ASP J 67 42.94 53.63 140.60
CA ASP J 67 42.74 54.72 139.66
C ASP J 67 42.97 54.22 138.24
N ILE J 68 41.95 54.38 137.39
CA ILE J 68 41.99 53.89 136.02
C ILE J 68 42.93 54.72 135.14
N PRO J 69 42.81 56.05 135.08
CA PRO J 69 43.67 56.80 134.15
C PRO J 69 45.15 56.65 134.44
N SER J 70 45.54 56.52 135.70
CA SER J 70 46.95 56.29 136.03
C SER J 70 47.38 54.90 135.60
N PHE J 71 46.47 53.92 135.70
CA PHE J 71 46.81 52.55 135.36
C PHE J 71 47.17 52.41 133.89
N GLU J 72 46.38 53.04 133.00
CA GLU J 72 46.70 53.02 131.59
C GLU J 72 47.86 53.94 131.25
N ARG J 73 48.24 54.84 132.16
CA ARG J 73 49.38 55.71 131.91
C ARG J 73 50.69 54.96 132.09
N TYR J 74 50.81 54.18 133.16
CA TYR J 74 52.02 53.39 133.38
C TYR J 74 52.17 52.30 132.33
N MET J 75 51.03 51.75 131.87
CA MET J 75 51.09 50.69 130.88
C MET J 75 51.51 51.22 129.51
N ALA J 76 50.93 52.34 129.09
CA ALA J 76 51.25 52.89 127.77
C ALA J 76 52.71 53.33 127.69
N GLN J 77 53.24 53.87 128.79
CA GLN J 77 54.67 54.15 128.87
C GLN J 77 55.48 52.89 128.63
N LEU J 78 55.31 51.88 129.49
CA LEU J 78 56.01 50.61 129.33
C LEU J 78 55.70 49.96 127.98
N LYS J 79 54.52 50.26 127.43
CA LYS J 79 54.19 49.75 126.10
C LYS J 79 55.14 50.31 125.04
N CYS J 80 55.51 51.58 125.18
CA CYS J 80 56.44 52.21 124.25
C CYS J 80 57.90 51.96 124.57
N TYR J 81 58.21 51.48 125.78
CA TYR J 81 59.58 51.09 126.09
C TYR J 81 60.03 49.93 125.21
N TYR J 82 59.21 48.87 125.15
CA TYR J 82 59.53 47.74 124.29
C TYR J 82 59.21 48.02 122.83
N PHE J 83 58.33 48.99 122.56
CA PHE J 83 58.06 49.46 121.20
C PHE J 83 59.15 50.39 120.68
N ASP J 84 60.06 50.82 121.56
CA ASP J 84 61.13 51.73 121.15
C ASP J 84 62.01 51.10 120.10
N TYR J 85 62.63 51.94 119.27
CA TYR J 85 63.40 51.48 118.13
C TYR J 85 64.58 50.60 118.50
N LYS J 86 64.98 50.58 119.78
CA LYS J 86 66.02 49.68 120.27
C LYS J 86 65.34 48.53 121.00
N GLU J 87 65.41 47.33 120.42
CA GLU J 87 64.68 46.18 120.94
C GLU J 87 65.50 45.37 121.95
N GLN J 88 66.79 45.65 122.11
CA GLN J 88 67.64 44.90 123.02
C GLN J 88 67.63 45.60 124.37
N LEU J 89 67.02 44.95 125.38
CA LEU J 89 66.90 45.51 126.72
C LEU J 89 67.08 44.38 127.73
N PRO J 90 67.61 44.67 128.91
CA PRO J 90 67.70 43.64 129.95
C PRO J 90 66.31 43.18 130.40
N GLU J 91 66.23 41.92 130.83
CA GLU J 91 64.96 41.36 131.23
C GLU J 91 64.54 41.89 132.60
N SER J 92 63.22 42.10 132.76
CA SER J 92 62.66 42.64 133.99
C SER J 92 61.78 41.56 134.62
N ALA J 93 61.14 41.91 135.73
CA ALA J 93 60.32 40.96 136.48
C ALA J 93 58.83 41.24 136.31
N TYR J 94 58.37 42.40 136.78
CA TYR J 94 56.95 42.71 136.77
C TYR J 94 56.37 42.87 135.36
N MET J 95 57.21 42.88 134.33
CA MET J 95 56.73 43.02 132.96
C MET J 95 55.70 41.96 132.61
N HIS J 96 55.87 40.75 133.14
CA HIS J 96 54.99 39.64 132.82
C HIS J 96 53.53 39.95 133.14
N GLN J 97 53.22 40.13 134.42
CA GLN J 97 51.82 40.22 134.82
C GLN J 97 51.17 41.54 134.42
N LEU J 98 51.94 42.63 134.33
CA LEU J 98 51.34 43.91 133.99
C LEU J 98 50.84 43.93 132.54
N LEU J 99 51.49 43.16 131.66
CA LEU J 99 50.95 42.96 130.32
C LEU J 99 49.62 42.24 130.38
N GLY J 100 49.42 41.42 131.42
CA GLY J 100 48.15 40.76 131.65
C GLY J 100 47.17 41.55 132.49
N LEU J 101 47.64 42.47 133.34
CA LEU J 101 46.73 43.28 134.14
C LEU J 101 45.85 44.14 133.24
N ASN J 102 46.47 44.96 132.38
CA ASN J 102 45.70 45.73 131.40
C ASN J 102 45.01 44.84 130.39
N LEU J 103 45.52 43.62 130.16
CA LEU J 103 44.87 42.69 129.25
C LEU J 103 43.54 42.20 129.83
N LEU J 104 43.55 41.76 131.08
CA LEU J 104 42.35 41.28 131.73
C LEU J 104 41.40 42.40 132.13
N PHE J 105 41.93 43.58 132.48
CA PHE J 105 41.06 44.73 132.73
C PHE J 105 40.32 45.14 131.47
N LEU J 106 40.96 45.03 130.31
CA LEU J 106 40.34 45.36 129.04
C LEU J 106 39.38 44.27 128.58
N LEU J 107 39.56 43.03 129.06
CA LEU J 107 38.55 42.00 128.84
C LEU J 107 37.34 42.23 129.73
N SER J 108 37.53 42.82 130.92
CA SER J 108 36.42 43.10 131.81
C SER J 108 35.51 44.18 131.25
N GLN J 109 36.05 45.08 130.44
CA GLN J 109 35.24 46.12 129.81
C GLN J 109 34.72 45.72 128.44
N ASN J 110 34.95 44.48 128.03
CA ASN J 110 34.31 43.77 126.91
C ASN J 110 34.93 44.10 125.55
N ARG J 111 35.92 44.99 125.47
CA ARG J 111 36.52 45.32 124.18
C ARG J 111 37.32 44.13 123.67
N VAL J 112 36.95 43.62 122.50
CA VAL J 112 37.68 42.53 121.87
C VAL J 112 38.87 43.03 121.05
N ALA J 113 38.79 44.26 120.52
CA ALA J 113 39.80 44.71 119.56
C ALA J 113 41.15 44.94 120.22
N GLU J 114 41.19 45.74 121.29
CA GLU J 114 42.45 46.05 121.95
C GLU J 114 42.99 44.86 122.75
N PHE J 115 42.23 43.78 122.87
CA PHE J 115 42.70 42.60 123.61
C PHE J 115 43.84 41.92 122.87
N HIS J 116 43.64 41.58 121.60
CA HIS J 116 44.64 40.83 120.85
C HIS J 116 45.79 41.72 120.39
N THR J 117 45.54 43.02 120.21
CA THR J 117 46.60 43.92 119.77
C THR J 117 47.62 44.22 120.85
N GLU J 118 47.28 43.96 122.12
CA GLU J 118 48.25 44.13 123.19
C GLU J 118 49.23 42.96 123.25
N LEU J 119 48.77 41.78 122.84
CA LEU J 119 49.63 40.61 122.75
C LEU J 119 50.54 40.64 121.52
N GLU J 120 50.38 41.64 120.65
CA GLU J 120 51.18 41.71 119.43
C GLU J 120 52.63 42.08 119.72
N ARG J 121 52.98 42.37 120.97
CA ARG J 121 54.38 42.56 121.34
C ARG J 121 55.18 41.30 121.07
N LEU J 122 54.60 40.13 121.35
CA LEU J 122 55.20 38.84 121.04
C LEU J 122 54.12 37.87 120.57
N PRO J 123 53.50 38.15 119.41
CA PRO J 123 52.32 37.38 118.99
C PRO J 123 52.65 35.95 118.59
N ALA J 124 53.82 35.73 117.99
CA ALA J 124 54.17 34.40 117.52
C ALA J 124 54.46 33.46 118.68
N LYS J 125 54.96 33.99 119.79
CA LYS J 125 55.31 33.20 120.96
C LYS J 125 54.19 33.12 121.98
N ASP J 126 53.01 33.68 121.68
CA ASP J 126 51.87 33.58 122.57
C ASP J 126 51.52 32.12 122.87
N ILE J 127 51.13 31.38 121.84
CA ILE J 127 50.77 29.97 122.02
C ILE J 127 52.01 29.14 122.32
N GLN J 128 53.16 29.57 121.83
CA GLN J 128 54.39 28.79 121.98
C GLN J 128 54.90 28.82 123.42
N THR J 129 54.97 30.01 124.02
CA THR J 129 55.55 30.15 125.35
C THR J 129 54.83 31.24 126.13
N ASN J 130 55.41 31.65 127.27
CA ASN J 130 54.84 32.67 128.15
C ASN J 130 53.46 32.24 128.65
N VAL J 131 53.50 31.25 129.56
CA VAL J 131 52.29 30.68 130.15
C VAL J 131 51.41 31.78 130.77
N TYR J 132 52.03 32.87 131.22
CA TYR J 132 51.25 33.99 131.75
C TYR J 132 50.32 34.57 130.69
N ILE J 133 50.76 34.56 129.42
CA ILE J 133 49.87 34.96 128.33
C ILE J 133 48.94 33.81 127.95
N LYS J 134 49.34 32.57 128.22
CA LYS J 134 48.54 31.43 127.81
C LYS J 134 47.23 31.35 128.59
N HIS J 135 47.21 31.85 129.82
CA HIS J 135 45.98 31.78 130.61
C HIS J 135 44.87 32.66 130.04
N PRO J 136 45.09 33.95 129.75
CA PRO J 136 43.99 34.76 129.19
C PRO J 136 43.50 34.29 127.84
N VAL J 137 44.38 33.84 126.94
CA VAL J 137 43.91 33.35 125.65
C VAL J 137 43.11 32.06 125.81
N SER J 138 43.44 31.26 126.83
CA SER J 138 42.59 30.12 127.16
C SER J 138 41.38 30.56 127.98
N LEU J 139 41.47 31.70 128.66
CA LEU J 139 40.34 32.22 129.41
C LEU J 139 39.28 32.78 128.47
N GLU J 140 39.72 33.52 127.44
CA GLU J 140 38.79 33.99 126.43
C GLU J 140 38.15 32.82 125.67
N GLN J 141 38.89 31.71 125.53
CA GLN J 141 38.33 30.51 124.94
C GLN J 141 37.14 29.99 125.74
N TYR J 142 37.23 30.04 127.07
CA TYR J 142 36.14 29.62 127.93
C TYR J 142 34.98 30.60 127.95
N LEU J 143 35.22 31.88 127.69
CA LEU J 143 34.13 32.85 127.58
C LEU J 143 33.26 32.57 126.36
N MET J 144 33.78 31.83 125.39
CA MET J 144 32.98 31.47 124.21
C MET J 144 32.33 30.10 124.37
N GLU J 145 32.53 29.43 125.49
CA GLU J 145 31.95 28.11 125.72
C GLU J 145 30.43 28.10 125.98
N GLY J 146 29.90 28.92 126.88
CA GLY J 146 30.61 29.90 127.68
C GLY J 146 30.91 29.46 129.11
N SER J 147 31.77 30.23 129.77
CA SER J 147 32.12 29.98 131.16
C SER J 147 32.18 31.32 131.92
N TYR J 148 31.49 31.49 133.05
CA TYR J 148 30.77 30.50 133.88
C TYR J 148 31.67 29.40 134.47
N ASN J 149 31.34 28.14 134.19
CA ASN J 149 31.91 27.03 134.95
C ASN J 149 33.42 26.94 134.80
N LYS J 150 33.91 26.82 133.56
CA LYS J 150 35.33 26.50 133.35
C LYS J 150 36.23 27.64 133.81
N VAL J 151 35.76 28.87 133.74
CA VAL J 151 36.55 30.01 134.20
C VAL J 151 36.77 29.93 135.70
N PHE J 152 35.71 29.65 136.47
CA PHE J 152 35.83 29.55 137.91
C PHE J 152 36.70 28.39 138.35
N LEU J 153 36.72 27.29 137.58
CA LEU J 153 37.65 26.21 137.87
C LEU J 153 39.08 26.63 137.62
N ALA J 154 39.33 27.35 136.53
CA ALA J 154 40.64 27.94 136.28
C ALA J 154 40.91 29.12 137.20
N LYS J 155 39.88 29.68 137.83
CA LYS J 155 40.07 30.75 138.80
C LYS J 155 40.54 30.18 140.14
N GLY J 156 40.59 28.86 140.27
CA GLY J 156 41.09 28.26 141.48
C GLY J 156 42.60 28.36 141.61
N ASN J 157 43.31 28.19 140.49
CA ASN J 157 44.78 28.25 140.47
C ASN J 157 45.21 29.23 139.39
N ILE J 158 45.79 30.35 139.81
CA ILE J 158 46.39 31.33 138.90
C ILE J 158 47.69 31.77 139.57
N PRO J 159 48.75 32.11 138.83
CA PRO J 159 49.99 32.61 139.45
C PRO J 159 49.82 33.76 140.49
N ALA J 160 48.95 34.77 140.33
CA ALA J 160 48.23 35.10 139.10
C ALA J 160 49.08 35.91 138.09
N GLU J 161 49.75 36.99 138.50
CA GLU J 161 49.66 37.63 139.82
C GLU J 161 49.00 39.01 139.68
N SER J 162 48.33 39.44 140.74
CA SER J 162 47.58 40.69 140.88
C SER J 162 46.24 40.66 140.13
N TYR J 163 45.91 39.56 139.44
CA TYR J 163 44.64 39.46 138.73
C TYR J 163 43.43 39.43 139.66
N THR J 164 43.65 39.36 140.98
CA THR J 164 42.52 39.24 141.91
C THR J 164 41.55 40.40 141.78
N PHE J 165 42.05 41.60 141.52
CA PHE J 165 41.18 42.75 141.37
C PHE J 165 40.35 42.66 140.10
N PHE J 166 40.97 42.18 139.02
CA PHE J 166 40.30 42.11 137.72
C PHE J 166 39.34 40.95 137.59
N ILE J 167 39.60 39.82 138.25
CA ILE J 167 38.66 38.71 138.20
C ILE J 167 37.37 39.02 138.95
N ASP J 168 37.38 40.02 139.84
CA ASP J 168 36.15 40.48 140.46
C ASP J 168 35.32 41.30 139.49
N ILE J 169 35.98 42.09 138.63
CA ILE J 169 35.26 42.79 137.57
C ILE J 169 34.92 41.83 136.46
N LEU J 170 35.73 40.78 136.27
CA LEU J 170 35.38 39.73 135.31
C LEU J 170 34.11 39.01 135.73
N LEU J 171 33.85 38.95 137.04
CA LEU J 171 32.58 38.46 137.54
C LEU J 171 31.42 39.29 136.99
N ASP J 172 31.38 40.57 137.35
CA ASP J 172 30.24 41.43 137.03
C ASP J 172 29.94 41.43 135.53
N THR J 173 30.97 41.45 134.69
CA THR J 173 30.73 41.41 133.26
C THR J 173 30.23 40.05 132.79
N ILE J 174 30.56 38.98 133.52
CA ILE J 174 29.93 37.69 133.26
C ILE J 174 28.57 37.58 133.96
N ARG J 175 28.46 38.14 135.17
CA ARG J 175 27.24 37.96 135.95
C ARG J 175 26.03 38.57 135.26
N ASP J 176 26.20 39.73 134.61
CA ASP J 176 25.06 40.36 133.95
C ASP J 176 24.73 39.68 132.63
N GLU J 177 25.58 38.78 132.17
CA GLU J 177 25.32 38.02 130.94
C GLU J 177 24.37 36.85 131.15
N ILE J 178 24.20 36.38 132.39
CA ILE J 178 23.23 35.31 132.64
C ILE J 178 21.84 35.75 132.22
N ALA J 179 21.51 37.02 132.46
CA ALA J 179 20.22 37.54 132.00
C ALA J 179 20.25 37.83 130.51
N GLY J 180 21.37 38.36 130.00
CA GLY J 180 21.43 38.73 128.59
C GLY J 180 21.56 37.55 127.66
N CYS J 181 22.48 36.63 127.98
CA CYS J 181 22.77 35.53 127.06
C CYS J 181 21.64 34.51 126.98
N ILE J 182 21.21 33.98 128.13
CA ILE J 182 20.36 32.80 128.13
C ILE J 182 19.06 33.04 127.36
N GLU J 183 18.54 34.26 127.42
CA GLU J 183 17.35 34.63 126.64
C GLU J 183 17.53 36.07 126.16
N LYS J 184 16.95 36.42 125.00
CA LYS J 184 16.06 35.57 124.21
C LYS J 184 16.81 34.53 123.37
N ALA J 185 16.19 33.38 123.09
CA ALA J 185 14.86 33.04 123.60
C ALA J 185 14.74 31.58 124.03
N TYR J 186 14.38 31.35 125.28
CA TYR J 186 14.00 30.05 125.81
C TYR J 186 12.60 30.14 126.40
N GLU J 187 11.98 28.98 126.62
CA GLU J 187 10.62 28.97 127.16
C GLU J 187 10.60 29.16 128.67
N LYS J 188 10.97 28.12 129.42
CA LYS J 188 10.97 28.18 130.88
C LYS J 188 12.14 27.37 131.41
N ILE J 189 12.90 27.96 132.31
CA ILE J 189 14.05 27.30 132.93
C ILE J 189 13.80 27.21 134.43
N LEU J 190 14.04 26.04 135.02
CA LEU J 190 13.67 25.76 136.39
C LEU J 190 14.51 26.59 137.36
N PHE J 191 13.99 26.72 138.58
CA PHE J 191 14.60 27.52 139.64
C PHE J 191 16.07 27.16 139.87
N THR J 192 16.33 25.94 140.33
CA THR J 192 17.68 25.54 140.69
C THR J 192 18.61 25.41 139.47
N GLU J 193 18.07 25.32 138.26
CA GLU J 193 18.91 25.27 137.07
C GLU J 193 19.63 26.60 136.86
N ALA J 194 18.94 27.72 137.09
CA ALA J 194 19.60 29.02 137.00
C ALA J 194 20.54 29.23 138.18
N THR J 195 20.23 28.60 139.33
CA THR J 195 21.09 28.74 140.50
C THR J 195 22.40 28.00 140.33
N ARG J 196 22.41 26.95 139.50
CA ARG J 196 23.64 26.19 139.27
C ARG J 196 24.73 27.06 138.68
N ILE J 197 24.36 27.97 137.78
CA ILE J 197 25.35 28.87 137.19
C ILE J 197 25.69 30.00 138.17
N LEU J 198 24.68 30.54 138.86
CA LEU J 198 24.89 31.66 139.77
C LEU J 198 25.58 31.26 141.07
N PHE J 199 25.67 29.97 141.35
CA PHE J 199 26.29 29.43 142.58
C PHE J 199 25.58 30.04 143.80
N PHE J 200 26.33 30.43 144.83
CA PHE J 200 25.80 30.87 146.12
C PHE J 200 24.78 29.88 146.68
N ASN J 201 23.72 30.39 147.30
CA ASN J 201 22.60 29.56 147.74
C ASN J 201 21.28 30.18 147.32
N THR J 202 20.90 31.33 147.89
CA THR J 202 19.73 32.10 147.47
C THR J 202 20.12 33.57 147.55
N PRO J 203 20.97 34.04 146.63
CA PRO J 203 21.49 35.40 146.72
C PRO J 203 20.43 36.44 146.34
N LYS J 204 20.73 37.69 146.70
CA LYS J 204 19.91 38.82 146.28
C LYS J 204 20.16 39.22 144.83
N LYS J 205 21.18 38.64 144.19
CA LYS J 205 21.42 38.93 142.77
C LYS J 205 20.29 38.39 141.90
N MET J 206 19.92 37.13 142.08
CA MET J 206 18.76 36.59 141.39
C MET J 206 17.46 37.28 141.82
N THR J 207 17.42 37.78 143.05
CA THR J 207 16.28 38.60 143.47
C THR J 207 16.29 39.92 142.71
N ASP J 208 17.46 40.52 142.53
CA ASP J 208 17.56 41.72 141.70
C ASP J 208 17.23 41.40 140.24
N TYR J 209 17.48 40.16 139.81
CA TYR J 209 17.10 39.75 138.46
C TYR J 209 15.59 39.74 138.29
N ALA J 210 14.88 39.19 139.28
CA ALA J 210 13.42 39.18 139.24
C ALA J 210 12.86 40.59 139.10
N LYS J 211 13.56 41.58 139.67
CA LYS J 211 13.20 42.98 139.44
C LYS J 211 13.63 43.44 138.06
N LYS J 212 14.95 43.40 137.80
CA LYS J 212 15.49 43.93 136.57
C LYS J 212 14.88 43.27 135.34
N ARG J 213 14.92 41.94 135.28
CA ARG J 213 14.48 41.23 134.09
C ARG J 213 13.02 41.55 133.73
N GLY J 214 12.08 41.01 134.48
CA GLY J 214 10.67 41.32 134.33
C GLY J 214 10.07 41.33 132.92
N TRP J 215 10.11 40.26 132.11
CA TRP J 215 10.28 38.83 132.42
C TRP J 215 9.23 38.39 133.46
N VAL J 216 9.55 37.43 134.33
CA VAL J 216 8.57 36.78 135.19
C VAL J 216 9.28 36.24 136.42
N LEU J 217 8.59 36.25 137.56
CA LEU J 217 9.00 35.47 138.73
C LEU J 217 7.93 34.42 138.98
N GLY J 218 8.22 33.17 138.63
CA GLY J 218 7.32 32.07 138.85
C GLY J 218 7.70 31.24 140.07
N PRO J 219 6.76 30.46 140.59
CA PRO J 219 7.10 29.51 141.66
C PRO J 219 7.96 28.38 141.12
N ASN J 220 9.10 28.14 141.77
CA ASN J 220 9.98 27.00 141.48
C ASN J 220 10.31 26.89 139.99
N ASN J 221 10.33 28.03 139.29
CA ASN J 221 10.50 28.06 137.84
C ASN J 221 10.50 29.51 137.40
N TYR J 222 11.02 29.74 136.19
CA TYR J 222 11.03 31.06 135.57
C TYR J 222 10.40 30.97 134.19
N TYR J 223 9.67 32.01 133.81
CA TYR J 223 8.92 32.01 132.56
C TYR J 223 9.33 33.18 131.69
N SER J 224 9.23 32.99 130.37
CA SER J 224 9.57 34.00 129.39
C SER J 224 8.37 34.79 128.89
N PHE J 225 7.18 34.53 129.43
CA PHE J 225 5.94 35.19 128.98
C PHE J 225 6.03 36.71 129.06
N ALA J 226 5.41 37.42 128.11
CA ALA J 226 4.69 36.82 127.00
C ALA J 226 4.84 37.63 125.71
N SER J 227 5.17 36.99 124.59
CA SER J 227 5.62 35.60 124.58
C SER J 227 6.84 35.46 123.65
N GLN J 228 7.99 35.14 124.24
CA GLN J 228 9.19 34.69 123.50
C GLN J 228 10.10 35.62 122.66
N GLN J 229 9.89 36.94 122.53
CA GLN J 229 8.97 37.78 123.27
C GLN J 229 8.53 38.94 122.38
N GLN J 230 7.39 39.54 122.71
CA GLN J 230 6.76 40.69 122.06
C GLN J 230 6.08 40.33 120.75
N LYS J 231 6.30 39.13 120.19
CA LYS J 231 5.67 38.65 118.97
C LYS J 231 5.84 39.64 117.82
N PRO J 232 7.04 39.74 117.25
CA PRO J 232 7.24 40.69 116.14
C PRO J 232 6.47 40.28 114.90
N GLU J 233 5.81 41.25 114.28
CA GLU J 233 5.04 41.02 113.05
C GLU J 233 5.85 40.93 111.73
N ASP J 234 6.88 41.75 111.50
CA ASP J 234 7.34 42.84 112.35
C ASP J 234 6.51 44.11 112.24
N THR J 235 6.29 44.59 111.01
CA THR J 235 5.53 45.81 110.79
C THR J 235 4.92 45.79 109.39
N THR J 236 3.75 46.41 109.27
CA THR J 236 3.13 46.63 107.96
C THR J 236 3.45 48.02 107.40
N ILE J 237 4.16 48.86 108.14
CA ILE J 237 4.57 50.19 107.71
C ILE J 237 5.58 50.15 106.56
N PRO J 238 6.59 49.23 106.53
CA PRO J 238 7.65 49.34 105.52
C PRO J 238 7.16 49.38 104.07
N SER J 239 5.89 49.02 103.83
CA SER J 239 5.31 49.24 102.51
C SER J 239 5.42 50.70 102.11
N THR J 240 5.37 51.62 103.09
CA THR J 240 5.62 53.03 102.83
C THR J 240 7.01 53.24 102.24
N GLU J 241 8.06 52.92 103.00
CA GLU J 241 9.43 53.15 102.56
C GLU J 241 9.77 52.38 101.29
N LEU J 242 9.03 51.31 100.98
CA LEU J 242 9.22 50.64 99.69
C LEU J 242 8.86 51.57 98.54
N ALA J 243 7.81 52.39 98.70
CA ALA J 243 7.49 53.40 97.70
C ALA J 243 8.54 54.50 97.70
N LYS J 244 9.19 54.73 98.85
CA LYS J 244 10.28 55.70 98.89
C LYS J 244 11.50 55.18 98.14
N GLN J 245 11.71 53.87 98.16
CA GLN J 245 12.84 53.29 97.43
C GLN J 245 12.66 53.44 95.92
N VAL J 246 11.41 53.40 95.46
CA VAL J 246 11.15 53.53 94.02
C VAL J 246 11.36 54.96 93.57
N ILE J 247 11.22 55.92 94.49
CA ILE J 247 11.41 57.33 94.15
C ILE J 247 12.79 57.56 93.56
N GLU J 248 13.83 57.34 94.36
CA GLU J 248 15.19 57.56 93.87
C GLU J 248 15.60 56.52 92.83
N TYR J 249 14.96 55.34 92.85
CA TYR J 249 15.29 54.32 91.85
C TYR J 249 14.82 54.75 90.47
N ALA J 250 13.59 55.27 90.38
CA ALA J 250 13.12 55.81 89.10
C ALA J 250 13.88 57.09 88.73
N ARG J 251 14.43 57.79 89.72
CA ARG J 251 15.23 58.97 89.43
C ARG J 251 16.58 58.57 88.83
N GLN J 252 17.15 57.47 89.32
CA GLN J 252 18.40 56.99 88.74
C GLN J 252 18.20 56.53 87.31
N LEU J 253 17.02 56.02 86.98
CA LEU J 253 16.71 55.66 85.60
C LEU J 253 16.58 56.90 84.73
N GLU J 254 16.26 58.04 85.35
CA GLU J 254 16.14 59.28 84.59
C GLU J 254 17.46 60.04 84.53
N MET J 255 18.46 59.59 85.29
CA MET J 255 19.74 60.29 85.29
C MET J 255 20.60 59.92 84.08
N ILE J 256 20.31 58.80 83.44
CA ILE J 256 21.18 58.28 82.39
C ILE J 256 21.18 59.13 81.09
N VAL J 257 20.03 59.45 80.48
CA VAL J 257 18.67 59.10 80.90
C VAL J 257 18.21 57.83 80.19
N MET K 1 53.47 40.70 89.01
CA MET K 1 53.29 42.14 89.18
C MET K 1 54.47 42.98 88.67
N SER K 2 55.69 42.48 88.79
CA SER K 2 56.26 41.98 90.05
C SER K 2 57.04 43.08 90.78
N GLU K 3 56.35 43.80 91.64
CA GLU K 3 56.97 44.87 92.41
C GLU K 3 56.78 44.66 93.92
N LYS K 4 57.05 45.70 94.69
CA LYS K 4 56.91 45.64 96.14
C LYS K 4 57.60 44.41 96.73
N LYS K 5 56.93 43.76 97.67
CA LYS K 5 57.49 42.58 98.32
C LYS K 5 56.78 41.31 97.86
N GLN K 6 56.20 41.37 96.66
CA GLN K 6 55.50 40.23 96.09
C GLN K 6 56.45 39.06 95.83
N PRO K 7 57.59 39.37 95.22
CA PRO K 7 58.59 38.34 94.90
C PRO K 7 59.50 38.06 96.10
N VAL K 8 59.54 38.99 97.05
CA VAL K 8 60.37 38.83 98.24
C VAL K 8 59.99 37.58 99.03
N ASP K 9 58.69 37.39 99.23
CA ASP K 9 58.19 36.24 99.97
C ASP K 9 57.25 35.40 99.11
N GLU K 40 39.39 17.43 82.31
CA GLU K 40 38.09 17.95 82.73
C GLU K 40 38.12 18.88 83.97
N ASP K 41 38.79 18.53 85.08
CA ASP K 41 39.61 17.32 85.27
C ASP K 41 39.25 16.67 86.60
N ASN K 42 39.94 15.59 86.96
CA ASN K 42 39.79 15.02 88.29
C ASN K 42 40.09 16.02 89.40
N TRP K 43 40.95 17.01 89.12
CA TRP K 43 41.18 18.09 90.08
C TRP K 43 39.90 18.88 90.34
N ASP K 44 39.10 19.10 89.30
CA ASP K 44 37.84 19.81 89.47
C ASP K 44 36.85 18.97 90.27
N ASP K 45 36.82 17.66 90.02
CA ASP K 45 35.94 16.79 90.78
C ASP K 45 36.50 16.54 92.19
N ASP K 46 37.80 16.76 92.38
CA ASP K 46 38.41 16.55 93.68
C ASP K 46 37.86 17.52 94.72
N ASN K 47 37.26 18.63 94.30
CA ASN K 47 36.57 19.53 95.21
C ASN K 47 35.41 18.79 95.86
N VAL K 48 34.60 18.11 95.05
CA VAL K 48 33.51 17.31 95.58
C VAL K 48 34.00 15.97 96.10
N GLU K 49 35.05 15.40 95.48
CA GLU K 49 35.53 14.08 95.88
C GLU K 49 36.08 14.07 97.30
N ASP K 50 36.71 15.16 97.74
CA ASP K 50 37.20 15.24 99.11
C ASP K 50 36.06 15.29 100.12
N ASP K 51 34.87 15.71 99.72
CA ASP K 51 33.71 15.62 100.61
C ASP K 51 33.33 14.16 100.83
N PHE K 52 33.69 13.27 99.90
CA PHE K 52 33.49 11.85 100.10
C PHE K 52 34.53 11.27 101.05
N SER K 53 35.73 11.86 101.08
CA SER K 53 36.81 11.32 101.90
C SER K 53 36.48 11.45 103.39
N ASN K 54 35.97 12.61 103.80
CA ASN K 54 35.73 12.87 105.21
C ASN K 54 34.31 12.48 105.62
N GLN K 55 33.45 12.17 104.65
CA GLN K 55 32.06 11.84 104.94
C GLN K 55 31.62 10.63 104.14
N LEU K 56 31.10 9.64 104.85
CA LEU K 56 30.38 8.47 104.31
C LEU K 56 31.21 7.67 103.30
N ARG K 57 32.54 7.78 103.34
CA ARG K 57 33.41 7.04 102.44
C ARG K 57 32.96 7.18 100.98
N ALA K 58 32.58 6.07 100.36
CA ALA K 58 32.05 6.12 99.00
C ALA K 58 30.50 6.08 98.96
N GLU K 59 29.82 5.02 99.43
CA GLU K 59 30.36 3.81 100.06
C GLU K 59 29.49 2.61 99.70
N LEU K 60 30.13 1.45 99.50
CA LEU K 60 29.42 0.23 99.14
C LEU K 60 29.25 -0.70 100.34
N GLU K 61 30.37 -1.14 100.93
CA GLU K 61 30.35 -2.17 101.96
C GLU K 61 29.39 -1.82 103.09
N LYS K 62 29.53 -0.62 103.67
CA LYS K 62 28.67 -0.23 104.78
C LYS K 62 27.21 -0.19 104.36
N HIS K 63 26.91 0.48 103.24
CA HIS K 63 25.54 0.47 102.73
C HIS K 63 25.12 -0.92 102.27
N GLY K 64 26.09 -1.78 101.94
CA GLY K 64 25.78 -3.17 101.68
C GLY K 64 25.59 -4.00 102.93
N TYR K 65 26.19 -3.57 104.05
CA TYR K 65 25.98 -4.25 105.31
C TYR K 65 24.64 -3.87 105.93
N LYS K 66 24.13 -2.68 105.60
CA LYS K 66 22.84 -2.22 106.14
C LYS K 66 21.67 -3.05 105.65
N MET K 67 21.88 -3.88 104.63
CA MET K 67 20.81 -4.74 104.13
C MET K 67 20.26 -5.63 105.24
N GLU K 68 21.10 -6.51 105.80
CA GLU K 68 20.69 -7.49 106.78
C GLU K 68 20.64 -6.95 108.20
N THR K 69 20.94 -5.67 108.41
CA THR K 69 20.87 -5.10 109.75
C THR K 69 19.43 -5.07 110.25
N SER K 70 18.53 -4.46 109.48
CA SER K 70 17.13 -4.37 109.87
C SER K 70 16.21 -4.45 108.65
CA ALA L 1 22.24 73.40 6.66
C ALA L 1 21.49 74.72 6.42
N PRO L 2 21.87 75.51 5.41
CA PRO L 2 21.07 76.69 5.08
C PRO L 2 19.63 76.34 4.73
N PRO L 3 19.37 75.24 4.00
CA PRO L 3 17.97 74.81 3.86
C PRO L 3 17.35 74.35 5.16
N ALA L 4 18.16 73.88 6.10
CA ALA L 4 17.63 73.42 7.38
C ALA L 4 17.59 74.52 8.43
N LEU L 5 18.11 75.72 8.12
CA LEU L 5 18.10 76.82 9.06
C LEU L 5 16.71 77.42 9.16
N TRP L 6 16.22 78.01 8.06
CA TRP L 6 14.86 78.51 8.03
C TRP L 6 13.84 77.39 8.25
N ASP L 7 14.23 76.16 7.95
CA ASP L 7 13.35 75.01 8.18
C ASP L 7 13.10 74.81 9.67
N LEU L 8 14.18 74.76 10.46
CA LEU L 8 14.05 74.60 11.90
C LEU L 8 13.59 75.88 12.59
N ALA L 9 13.82 77.04 11.97
CA ALA L 9 13.50 78.32 12.60
C ALA L 9 12.00 78.61 12.60
N ALA L 10 11.19 77.78 11.96
CA ALA L 10 9.76 78.02 11.85
C ALA L 10 8.98 77.54 13.06
N ASP L 11 9.65 77.02 14.08
CA ASP L 11 8.95 76.51 15.26
C ASP L 11 8.30 77.61 16.09
N LYS L 12 8.64 78.88 15.85
CA LYS L 12 8.02 79.96 16.61
C LYS L 12 6.53 80.07 16.28
N GLN L 13 6.18 79.98 15.00
CA GLN L 13 4.77 79.95 14.63
C GLN L 13 4.14 78.59 14.88
N THR L 14 4.93 77.53 14.84
CA THR L 14 4.47 76.17 15.14
C THR L 14 3.85 76.09 16.52
N LEU L 15 4.64 76.36 17.56
CA LEU L 15 4.15 76.26 18.93
C LEU L 15 2.92 77.14 19.17
N GLN L 16 2.80 78.24 18.43
CA GLN L 16 1.58 79.04 18.51
C GLN L 16 0.40 78.29 17.90
N SER L 17 0.64 77.62 16.77
CA SER L 17 -0.39 76.79 16.16
C SER L 17 -0.42 75.38 16.72
N GLU L 18 0.53 75.03 17.59
CA GLU L 18 0.54 73.70 18.17
C GLU L 18 -0.49 73.57 19.29
N GLN L 19 -0.82 74.68 19.97
CA GLN L 19 -1.84 74.65 21.01
C GLN L 19 -3.20 74.23 20.48
N PRO L 20 -3.70 74.76 19.37
CA PRO L 20 -4.92 74.20 18.78
C PRO L 20 -4.64 72.87 18.10
N LEU L 21 -5.66 72.01 18.11
CA LEU L 21 -5.65 70.67 17.54
C LEU L 21 -4.74 69.71 18.31
N GLN L 22 -4.02 70.19 19.33
CA GLN L 22 -3.18 69.32 20.15
C GLN L 22 -3.98 68.24 20.86
N VAL L 23 -5.26 68.49 21.15
CA VAL L 23 -6.09 67.55 21.88
C VAL L 23 -6.74 66.50 20.99
N ALA L 24 -6.41 66.47 19.69
CA ALA L 24 -7.13 65.62 18.76
C ALA L 24 -6.94 64.13 19.08
N ARG L 25 -6.01 63.81 19.98
CA ARG L 25 -5.81 62.42 20.38
C ARG L 25 -7.01 61.92 21.20
N CYS L 26 -7.58 60.79 20.79
CA CYS L 26 -7.12 60.05 19.62
C CYS L 26 -8.23 59.89 18.59
N THR L 27 -7.94 59.18 17.50
CA THR L 27 -8.95 58.89 16.51
C THR L 27 -9.99 57.94 17.09
N LYS L 28 -11.26 58.29 16.92
CA LYS L 28 -12.36 57.58 17.58
C LYS L 28 -13.50 57.33 16.60
N ILE L 29 -14.10 56.15 16.68
CA ILE L 29 -15.22 55.81 15.81
C ILE L 29 -16.53 55.94 16.59
N ILE L 30 -17.56 56.45 15.93
CA ILE L 30 -18.86 56.61 16.58
C ILE L 30 -19.64 55.32 16.42
N ASN L 31 -20.84 55.26 17.00
CA ASN L 31 -21.62 54.02 17.01
C ASN L 31 -23.05 54.24 16.53
N ALA L 32 -23.87 54.97 17.27
CA ALA L 32 -25.27 55.19 16.89
C ALA L 32 -25.68 56.59 17.34
N ASP L 33 -26.92 56.96 16.99
CA ASP L 33 -27.48 58.25 17.37
C ASP L 33 -28.92 58.08 17.82
N SER L 34 -29.20 58.41 19.08
CA SER L 34 -30.59 58.49 19.53
C SER L 34 -31.23 59.82 19.17
N GLU L 35 -30.51 60.92 19.35
CA GLU L 35 -31.01 62.25 19.04
C GLU L 35 -29.95 63.00 18.23
N ASP L 36 -30.29 64.23 17.84
CA ASP L 36 -29.36 65.04 17.04
C ASP L 36 -28.13 65.46 17.83
N PRO L 37 -28.25 66.06 19.02
CA PRO L 37 -27.03 66.61 19.66
C PRO L 37 -26.01 65.57 20.08
N LYS L 38 -26.45 64.44 20.65
CA LYS L 38 -25.56 63.52 21.33
C LYS L 38 -25.38 62.24 20.54
N TYR L 39 -24.12 61.85 20.33
CA TYR L 39 -23.75 60.61 19.66
C TYR L 39 -22.81 59.83 20.57
N ILE L 40 -22.85 58.51 20.47
CA ILE L 40 -21.89 57.66 21.18
C ILE L 40 -20.71 57.39 20.28
N ILE L 41 -19.50 57.54 20.84
CA ILE L 41 -18.26 57.40 20.09
C ILE L 41 -17.31 56.49 20.87
N ASN L 42 -16.54 55.70 20.13
CA ASN L 42 -15.57 54.78 20.71
C ASN L 42 -14.19 55.11 20.19
N VAL L 43 -13.20 55.08 21.08
CA VAL L 43 -11.81 55.44 20.76
C VAL L 43 -10.93 54.23 21.01
N LYS L 44 -9.75 54.24 20.39
CA LYS L 44 -8.78 53.16 20.51
C LYS L 44 -8.26 52.96 21.92
N GLN L 45 -8.48 53.92 22.83
CA GLN L 45 -8.19 53.72 24.24
C GLN L 45 -9.08 52.66 24.87
N PHE L 46 -10.07 52.15 24.12
CA PHE L 46 -11.05 51.15 24.51
C PHE L 46 -12.22 51.80 25.24
N ALA L 47 -12.10 53.10 25.52
CA ALA L 47 -13.14 53.82 26.25
C ALA L 47 -14.11 54.46 25.27
N LYS L 48 -15.40 54.14 25.42
CA LYS L 48 -16.42 54.77 24.59
C LYS L 48 -16.86 56.09 25.20
N PHE L 49 -17.15 57.06 24.34
CA PHE L 49 -17.50 58.41 24.79
C PHE L 49 -18.75 58.90 24.07
N VAL L 50 -19.82 59.14 24.84
CA VAL L 50 -20.94 59.92 24.33
C VAL L 50 -20.56 61.40 24.43
N VAL L 51 -20.82 62.15 23.37
CA VAL L 51 -20.56 63.58 23.42
C VAL L 51 -21.36 64.30 22.35
N ASP L 52 -21.54 65.61 22.51
CA ASP L 52 -22.07 66.45 21.45
C ASP L 52 -20.91 66.97 20.62
N LEU L 53 -21.21 67.74 19.57
CA LEU L 53 -20.21 68.26 18.66
C LEU L 53 -20.11 69.78 18.80
N SER L 54 -18.93 70.30 18.51
CA SER L 54 -18.71 71.74 18.61
C SER L 54 -19.53 72.48 17.56
N ASP L 55 -19.78 73.76 17.82
CA ASP L 55 -20.61 74.58 16.95
C ASP L 55 -19.94 74.85 15.62
N GLN L 56 -18.65 74.52 15.51
CA GLN L 56 -17.89 74.73 14.28
C GLN L 56 -18.18 73.68 13.22
N VAL L 57 -18.75 72.54 13.59
CA VAL L 57 -19.06 71.46 12.65
C VAL L 57 -20.55 71.21 12.69
N ALA L 58 -21.16 71.05 11.51
CA ALA L 58 -22.59 70.82 11.42
C ALA L 58 -22.91 69.39 11.83
N PRO L 59 -24.08 69.13 12.44
CA PRO L 59 -24.40 67.76 12.85
C PRO L 59 -24.66 66.81 11.69
N THR L 60 -25.06 67.33 10.52
CA THR L 60 -25.37 66.47 9.39
C THR L 60 -24.12 65.84 8.77
N ASP L 61 -22.93 66.36 9.05
CA ASP L 61 -21.70 65.82 8.51
C ASP L 61 -21.19 64.61 9.29
N ILE L 62 -21.83 64.26 10.40
CA ILE L 62 -21.42 63.13 11.22
C ILE L 62 -22.26 61.93 10.80
N GLU L 63 -21.61 60.93 10.21
CA GLU L 63 -22.25 59.70 9.80
C GLU L 63 -21.71 58.52 10.60
N GLU L 64 -22.51 57.48 10.71
CA GLU L 64 -22.14 56.32 11.52
C GLU L 64 -20.87 55.68 10.97
N GLY L 65 -19.88 55.49 11.85
CA GLY L 65 -18.59 54.98 11.44
C GLY L 65 -17.60 56.01 10.97
N MET L 66 -17.72 57.25 11.43
CA MET L 66 -16.83 58.32 10.97
C MET L 66 -15.83 58.66 12.07
N ARG L 67 -14.54 58.57 11.75
CA ARG L 67 -13.51 58.99 12.69
C ARG L 67 -13.38 60.51 12.68
N VAL L 68 -13.49 61.12 13.86
CA VAL L 68 -13.49 62.57 13.99
C VAL L 68 -12.51 62.96 15.08
N GLY L 69 -12.11 64.23 15.08
CA GLY L 69 -11.23 64.73 16.12
C GLY L 69 -11.95 64.86 17.45
N VAL L 70 -11.17 65.21 18.48
CA VAL L 70 -11.67 65.26 19.85
C VAL L 70 -10.87 66.29 20.62
N ASP L 71 -11.46 66.78 21.71
CA ASP L 71 -10.77 67.61 22.69
C ASP L 71 -10.70 66.82 23.99
N ARG L 72 -9.50 66.35 24.35
CA ARG L 72 -9.37 65.40 25.44
C ARG L 72 -9.96 65.95 26.74
N ASN L 73 -9.88 67.27 26.94
CA ASN L 73 -10.59 67.89 28.05
C ASN L 73 -12.10 67.67 27.95
N LYS L 74 -12.71 68.28 26.93
CA LYS L 74 -14.18 68.30 26.83
C LYS L 74 -14.74 67.09 26.08
N TYR L 75 -13.90 66.30 25.41
CA TYR L 75 -14.31 65.08 24.71
C TYR L 75 -15.18 65.38 23.49
N GLN L 76 -15.48 66.65 23.24
CA GLN L 76 -16.36 67.01 22.14
C GLN L 76 -15.69 66.77 20.79
N ILE L 77 -16.53 66.62 19.76
CA ILE L 77 -16.03 66.40 18.41
C ILE L 77 -15.32 67.64 17.91
N HIS L 78 -14.16 67.46 17.29
CA HIS L 78 -13.35 68.57 16.81
C HIS L 78 -13.40 68.68 15.28
N ILE L 79 -12.70 67.80 14.57
CA ILE L 79 -12.69 67.82 13.10
C ILE L 79 -12.75 66.38 12.59
N PRO L 80 -13.49 66.10 11.54
CA PRO L 80 -13.50 64.73 10.99
C PRO L 80 -12.23 64.43 10.21
N LEU L 81 -11.79 63.18 10.33
CA LEU L 81 -10.63 62.69 9.58
C LEU L 81 -11.08 61.60 8.60
N PRO L 82 -10.91 61.81 7.30
CA PRO L 82 -11.49 60.89 6.31
C PRO L 82 -10.97 59.47 6.43
N PRO L 83 -9.65 59.23 6.51
CA PRO L 83 -9.17 57.84 6.52
C PRO L 83 -9.51 57.13 7.81
N LYS L 84 -10.11 55.94 7.68
CA LYS L 84 -10.29 55.02 8.80
C LYS L 84 -9.26 53.89 8.80
N ILE L 85 -8.31 53.91 7.87
CA ILE L 85 -7.70 52.69 7.38
C ILE L 85 -6.58 53.02 6.39
N ASP L 86 -5.62 52.10 6.16
CA ASP L 86 -5.49 50.83 6.86
C ASP L 86 -4.04 50.67 7.34
N PRO L 87 -3.82 49.95 8.45
CA PRO L 87 -2.44 49.67 8.86
C PRO L 87 -1.70 48.86 7.80
N THR L 88 -0.54 49.39 7.39
CA THR L 88 0.29 48.85 6.33
C THR L 88 -0.52 48.54 5.08
N VAL L 89 -0.16 47.45 4.40
CA VAL L 89 -0.94 46.79 3.34
C VAL L 89 -1.17 47.71 2.14
N THR L 90 -0.90 49.02 2.32
CA THR L 90 -1.10 49.97 1.23
C THR L 90 0.12 50.04 0.32
N MET L 91 1.33 49.97 0.90
CA MET L 91 2.55 50.25 0.16
C MET L 91 2.75 49.26 -0.98
N MET L 92 2.40 47.99 -0.77
CA MET L 92 2.49 47.02 -1.85
C MET L 92 1.26 47.10 -2.75
N GLN L 93 0.17 47.66 -2.23
CA GLN L 93 -1.05 47.79 -3.03
C GLN L 93 -0.97 48.97 -3.99
N VAL L 94 -0.33 50.06 -3.56
CA VAL L 94 -0.30 51.27 -4.36
C VAL L 94 0.79 51.16 -5.41
N GLU L 95 0.46 51.50 -6.65
CA GLU L 95 1.39 51.51 -7.76
C GLU L 95 1.30 52.84 -8.48
N GLU L 96 2.45 53.43 -8.80
CA GLU L 96 2.51 54.75 -9.40
C GLU L 96 3.58 54.77 -10.49
N LYS L 97 3.53 55.83 -11.30
CA LYS L 97 4.47 56.15 -12.40
C LYS L 97 4.31 55.16 -13.55
N PRO L 98 4.59 55.58 -14.78
CA PRO L 98 4.39 54.70 -15.93
C PRO L 98 5.64 53.91 -16.29
N ASP L 99 5.47 53.02 -17.28
CA ASP L 99 6.51 52.20 -17.89
C ASP L 99 5.85 51.28 -18.89
N VAL L 100 6.67 50.73 -19.80
CA VAL L 100 6.23 49.71 -20.76
C VAL L 100 5.07 50.23 -21.61
N THR L 101 5.37 51.14 -22.54
CA THR L 101 4.33 51.73 -23.37
C THR L 101 3.81 50.72 -24.38
N TYR L 102 2.90 51.17 -25.26
CA TYR L 102 2.21 50.25 -26.16
C TYR L 102 3.13 49.73 -27.26
N SER L 103 4.24 50.44 -27.51
CA SER L 103 5.14 50.03 -28.58
C SER L 103 5.83 48.70 -28.28
N ASP L 104 5.69 48.16 -27.07
CA ASP L 104 6.34 46.90 -26.72
C ASP L 104 5.52 45.68 -27.10
N VAL L 105 4.36 45.87 -27.75
CA VAL L 105 3.54 44.73 -28.14
C VAL L 105 4.27 43.90 -29.19
N GLY L 106 4.02 42.59 -29.18
CA GLY L 106 4.72 41.69 -30.07
C GLY L 106 3.98 41.32 -31.34
N GLY L 107 3.03 42.14 -31.76
CA GLY L 107 2.31 41.92 -33.00
C GLY L 107 0.89 41.43 -32.84
N CYS L 108 0.46 41.06 -31.63
CA CYS L 108 -0.91 40.64 -31.43
C CYS L 108 -1.85 41.82 -31.59
N LYS L 109 -2.83 41.68 -32.48
CA LYS L 109 -3.71 42.80 -32.81
C LYS L 109 -5.07 42.64 -32.13
N GLU L 110 -5.88 41.68 -32.60
CA GLU L 110 -7.23 41.53 -32.07
C GLU L 110 -7.23 41.26 -30.58
N GLN L 111 -6.25 40.51 -30.08
CA GLN L 111 -6.13 40.27 -28.65
C GLN L 111 -6.01 41.59 -27.88
N ILE L 112 -4.94 42.34 -28.14
CA ILE L 112 -4.69 43.57 -27.39
C ILE L 112 -5.73 44.63 -27.73
N GLU L 113 -6.41 44.51 -28.88
CA GLU L 113 -7.39 45.51 -29.27
C GLU L 113 -8.66 45.41 -28.42
N LYS L 114 -9.21 44.20 -28.30
CA LYS L 114 -10.45 44.00 -27.57
C LYS L 114 -10.29 44.12 -26.07
N LEU L 115 -9.08 43.95 -25.53
CA LEU L 115 -8.83 44.26 -24.13
C LEU L 115 -8.44 45.71 -23.91
N ARG L 116 -8.15 46.45 -24.98
CA ARG L 116 -7.94 47.89 -24.85
C ARG L 116 -9.28 48.62 -24.80
N GLU L 117 -10.26 48.15 -25.56
CA GLU L 117 -11.57 48.79 -25.58
C GLU L 117 -12.40 48.48 -24.34
N VAL L 118 -11.93 47.56 -23.49
CA VAL L 118 -12.67 47.28 -22.26
C VAL L 118 -12.31 48.28 -21.17
N VAL L 119 -11.15 48.94 -21.28
CA VAL L 119 -10.66 49.80 -20.21
C VAL L 119 -10.34 51.20 -20.75
N GLU L 120 -9.39 51.30 -21.68
CA GLU L 120 -8.92 52.60 -22.13
C GLU L 120 -10.03 53.35 -22.88
N THR L 121 -10.75 52.65 -23.75
CA THR L 121 -11.79 53.30 -24.54
C THR L 121 -12.98 53.80 -23.72
N PRO L 122 -13.55 53.03 -22.77
CA PRO L 122 -14.69 53.58 -22.01
C PRO L 122 -14.34 54.80 -21.19
N LEU L 123 -13.15 54.82 -20.57
CA LEU L 123 -12.78 55.96 -19.74
C LEU L 123 -12.36 57.16 -20.57
N LEU L 124 -11.73 56.94 -21.73
CA LEU L 124 -11.35 58.05 -22.59
C LEU L 124 -12.58 58.75 -23.17
N HIS L 125 -13.61 57.98 -23.52
CA HIS L 125 -14.87 58.53 -24.04
C HIS L 125 -16.02 57.97 -23.23
N PRO L 126 -16.30 58.56 -22.06
CA PRO L 126 -17.41 58.05 -21.25
C PRO L 126 -18.77 58.20 -21.91
N GLU L 127 -19.01 59.33 -22.57
CA GLU L 127 -20.30 59.57 -23.22
C GLU L 127 -20.53 58.59 -24.37
N ARG L 128 -19.47 58.08 -24.99
CA ARG L 128 -19.62 57.15 -26.11
C ARG L 128 -20.42 55.91 -25.69
N PHE L 129 -19.84 55.09 -24.81
CA PHE L 129 -20.48 53.83 -24.44
C PHE L 129 -21.73 54.03 -23.59
N VAL L 130 -21.89 55.19 -22.96
CA VAL L 130 -23.13 55.48 -22.25
C VAL L 130 -24.26 55.72 -23.24
N ASN L 131 -24.00 56.52 -24.28
CA ASN L 131 -25.00 56.69 -25.33
C ASN L 131 -25.13 55.42 -26.17
N LEU L 132 -24.02 54.70 -26.37
CA LEU L 132 -24.06 53.44 -27.10
C LEU L 132 -24.60 52.29 -26.25
N GLY L 133 -24.70 52.47 -24.94
CA GLY L 133 -25.23 51.45 -24.05
C GLY L 133 -26.58 50.92 -24.48
N ILE L 134 -26.91 49.62 -24.33
CA ILE L 134 -26.14 48.49 -23.76
C ILE L 134 -25.46 48.81 -22.40
N GLU L 135 -24.23 48.33 -22.17
CA GLU L 135 -23.57 48.40 -20.88
C GLU L 135 -22.19 47.76 -21.00
N PRO L 136 -21.16 48.35 -20.38
CA PRO L 136 -19.84 47.74 -20.44
C PRO L 136 -19.79 46.46 -19.62
N PRO L 137 -18.91 45.53 -19.99
CA PRO L 137 -18.81 44.27 -19.23
C PRO L 137 -18.29 44.50 -17.82
N LYS L 138 -18.44 43.48 -16.99
CA LYS L 138 -18.11 43.60 -15.58
C LYS L 138 -16.68 43.17 -15.24
N GLY L 139 -15.92 42.66 -16.21
CA GLY L 139 -14.56 42.26 -15.94
C GLY L 139 -13.97 41.49 -17.11
N VAL L 140 -12.69 41.18 -16.99
CA VAL L 140 -11.95 40.44 -18.01
C VAL L 140 -11.10 39.35 -17.35
N LEU L 141 -10.37 38.60 -18.18
CA LEU L 141 -9.52 37.52 -17.69
C LEU L 141 -8.35 37.33 -18.65
N LEU L 142 -7.20 36.95 -18.10
CA LEU L 142 -6.00 36.69 -18.89
C LEU L 142 -5.33 35.42 -18.39
N PHE L 143 -4.95 34.55 -19.33
CA PHE L 143 -4.23 33.32 -19.04
C PHE L 143 -3.90 32.64 -20.36
N GLY L 144 -2.95 31.72 -20.31
CA GLY L 144 -2.48 31.04 -21.49
C GLY L 144 -1.02 30.66 -21.36
N PRO L 145 -0.33 30.48 -22.48
CA PRO L 145 1.13 30.38 -22.46
C PRO L 145 1.74 31.60 -21.81
N PRO L 146 2.92 31.48 -21.20
CA PRO L 146 3.45 32.60 -20.41
C PRO L 146 3.61 33.89 -21.19
N GLY L 147 4.20 33.81 -22.39
CA GLY L 147 4.25 34.97 -23.26
C GLY L 147 2.88 35.33 -23.83
N THR L 148 2.45 36.57 -23.60
CA THR L 148 3.20 37.50 -22.77
C THR L 148 2.42 37.86 -21.51
N GLY L 149 2.90 37.36 -20.36
CA GLY L 149 2.25 37.65 -19.11
C GLY L 149 2.84 38.86 -18.40
N LYS L 150 1.98 39.52 -17.62
CA LYS L 150 2.38 40.59 -16.70
C LYS L 150 2.86 41.84 -17.45
N THR L 151 3.17 41.71 -18.74
CA THR L 151 3.51 42.87 -19.55
C THR L 151 2.28 43.61 -20.06
N LEU L 152 1.22 42.88 -20.44
CA LEU L 152 -0.02 43.51 -20.87
C LEU L 152 -0.62 44.36 -19.76
N CYS L 153 -0.42 43.97 -18.51
CA CYS L 153 -0.83 44.82 -17.40
C CYS L 153 0.08 46.03 -17.28
N ALA L 154 1.36 45.88 -17.61
CA ALA L 154 2.27 47.02 -17.63
C ALA L 154 2.02 47.92 -18.82
N ARG L 155 1.30 47.44 -19.83
CA ARG L 155 0.99 48.26 -20.99
C ARG L 155 0.03 49.39 -20.61
N ALA L 156 -0.98 49.07 -19.80
CA ALA L 156 -1.95 50.09 -19.37
C ALA L 156 -1.33 51.09 -18.39
N VAL L 157 -0.13 50.82 -17.88
CA VAL L 157 0.51 51.75 -16.96
C VAL L 157 1.01 52.98 -17.68
N ALA L 158 1.74 52.78 -18.79
CA ALA L 158 2.22 53.91 -19.57
C ALA L 158 1.12 54.49 -20.47
N ASN L 159 0.13 53.68 -20.85
CA ASN L 159 -1.01 54.17 -21.59
C ASN L 159 -2.07 54.77 -20.70
N ARG L 160 -1.83 54.84 -19.40
CA ARG L 160 -2.81 55.39 -18.47
C ARG L 160 -3.13 56.83 -18.81
N THR L 161 -4.43 57.15 -18.84
CA THR L 161 -4.86 58.45 -19.33
C THR L 161 -4.62 59.55 -18.30
N ASP L 162 -5.02 59.33 -17.05
CA ASP L 162 -4.97 60.40 -16.07
C ASP L 162 -4.25 60.00 -14.78
N ALA L 163 -4.86 59.12 -13.99
CA ALA L 163 -4.36 58.80 -12.66
C ALA L 163 -3.91 57.35 -12.59
N CYS L 164 -2.88 57.09 -11.80
CA CYS L 164 -2.34 55.74 -11.67
C CYS L 164 -3.36 54.81 -11.03
N PHE L 165 -3.19 53.51 -11.26
CA PHE L 165 -4.14 52.50 -10.83
C PHE L 165 -3.46 51.48 -9.92
N ILE L 166 -4.29 50.72 -9.21
CA ILE L 166 -3.85 49.84 -8.14
C ILE L 166 -3.48 48.47 -8.70
N ARG L 167 -2.36 47.94 -8.20
CA ARG L 167 -1.97 46.56 -8.47
C ARG L 167 -1.99 45.77 -7.17
N VAL L 168 -2.52 44.55 -7.24
CA VAL L 168 -2.62 43.65 -6.10
C VAL L 168 -2.24 42.26 -6.57
N ILE L 169 -1.48 41.54 -5.75
CA ILE L 169 -1.15 40.15 -6.02
C ILE L 169 -1.65 39.29 -4.86
N GLY L 170 -1.79 38.00 -5.11
CA GLY L 170 -2.50 37.14 -4.17
C GLY L 170 -1.72 36.89 -2.88
N SER L 171 -0.41 36.69 -3.00
CA SER L 171 0.39 36.23 -1.86
C SER L 171 0.62 37.32 -0.82
N GLU L 172 0.39 38.58 -1.14
CA GLU L 172 0.50 39.67 -0.17
C GLU L 172 -0.70 39.76 0.76
N LEU L 173 -1.84 39.18 0.36
CA LEU L 173 -3.06 39.19 1.15
C LEU L 173 -3.16 37.97 2.07
N VAL L 174 -2.11 37.14 2.15
CA VAL L 174 -2.19 35.93 2.96
C VAL L 174 -2.24 36.29 4.43
N GLN L 175 -2.70 35.36 5.24
CA GLN L 175 -2.95 35.54 6.66
C GLN L 175 -1.94 34.77 7.51
N LYS L 176 -1.58 35.20 8.73
CA LYS L 176 -1.88 36.47 9.45
C LYS L 176 -3.30 37.03 9.39
N TYR L 177 -3.41 38.28 8.94
CA TYR L 177 -4.68 38.98 8.90
C TYR L 177 -5.66 38.32 7.94
N VAL L 178 -6.87 38.05 8.43
CA VAL L 178 -7.98 37.66 7.59
C VAL L 178 -9.03 38.76 7.66
N GLY L 179 -9.67 39.04 6.53
CA GLY L 179 -10.64 40.09 6.45
C GLY L 179 -10.14 41.38 5.84
N GLU L 180 -8.83 41.54 5.67
CA GLU L 180 -8.30 42.71 4.98
C GLU L 180 -8.80 42.78 3.54
N GLY L 181 -8.74 41.66 2.84
CA GLY L 181 -9.20 41.60 1.46
C GLY L 181 -10.61 42.12 1.26
N ALA L 182 -11.54 41.74 2.13
CA ALA L 182 -12.87 42.35 2.17
C ALA L 182 -12.74 43.85 2.39
N ARG L 183 -12.19 44.23 3.55
CA ARG L 183 -12.04 45.64 3.89
C ARG L 183 -11.31 46.41 2.80
N MET L 184 -10.31 45.79 2.18
CA MET L 184 -9.53 46.44 1.13
C MET L 184 -10.38 46.74 -0.10
N VAL L 185 -11.08 45.73 -0.61
CA VAL L 185 -11.80 45.89 -1.88
C VAL L 185 -13.00 46.81 -1.71
N ARG L 186 -13.46 47.00 -0.47
CA ARG L 186 -14.57 47.93 -0.22
C ARG L 186 -14.09 49.37 -0.25
N GLU L 187 -12.90 49.62 0.32
CA GLU L 187 -12.42 50.99 0.47
C GLU L 187 -11.83 51.53 -0.83
N LEU L 188 -11.17 50.67 -1.61
CA LEU L 188 -10.56 51.14 -2.85
C LEU L 188 -11.60 51.62 -3.87
N PHE L 189 -12.81 51.06 -3.83
CA PHE L 189 -13.88 51.57 -4.69
C PHE L 189 -14.50 52.82 -4.08
N GLU L 190 -14.58 52.88 -2.74
CA GLU L 190 -15.03 54.11 -2.11
C GLU L 190 -14.04 55.25 -2.36
N MET L 191 -12.74 54.93 -2.32
CA MET L 191 -11.73 55.91 -2.71
C MET L 191 -11.83 56.21 -4.20
N ALA L 192 -12.11 55.18 -5.01
CA ALA L 192 -12.32 55.38 -6.44
C ALA L 192 -13.43 56.39 -6.70
N ARG L 193 -14.65 56.10 -6.26
CA ARG L 193 -15.83 56.84 -6.72
C ARG L 193 -15.64 58.35 -6.60
N THR L 194 -14.82 58.79 -5.65
CA THR L 194 -14.49 60.21 -5.57
C THR L 194 -13.78 60.69 -6.84
N LYS L 195 -12.63 60.10 -7.15
CA LYS L 195 -11.88 60.53 -8.31
C LYS L 195 -12.15 59.65 -9.53
N LYS L 196 -12.88 58.55 -9.33
CA LYS L 196 -13.01 57.46 -10.30
C LYS L 196 -11.63 57.01 -10.76
N ALA L 197 -11.52 56.66 -12.05
CA ALA L 197 -10.27 56.49 -12.77
C ALA L 197 -9.19 55.73 -11.98
N CYS L 198 -9.55 54.68 -11.24
CA CYS L 198 -8.56 53.83 -10.59
C CYS L 198 -8.89 52.36 -10.77
N LEU L 199 -8.04 51.65 -11.52
CA LEU L 199 -8.24 50.24 -11.82
C LEU L 199 -7.78 49.37 -10.66
N ILE L 200 -8.41 48.20 -10.54
CA ILE L 200 -8.03 47.19 -9.56
C ILE L 200 -7.63 45.93 -10.30
N PHE L 201 -6.45 45.42 -9.94
CA PHE L 201 -5.87 44.27 -10.63
C PHE L 201 -5.45 43.22 -9.61
N PHE L 202 -5.66 41.96 -9.98
CA PHE L 202 -5.25 40.83 -9.16
C PHE L 202 -4.46 39.86 -10.03
N ASP L 203 -3.39 39.29 -9.45
CA ASP L 203 -2.49 38.40 -10.17
C ASP L 203 -2.39 37.06 -9.44
N GLU L 204 -2.22 35.99 -10.23
CA GLU L 204 -2.01 34.64 -9.71
C GLU L 204 -3.15 34.19 -8.82
N ILE L 205 -4.30 33.96 -9.45
CA ILE L 205 -5.47 33.47 -8.72
C ILE L 205 -5.46 31.94 -8.64
N ASP L 206 -4.54 31.28 -9.35
CA ASP L 206 -4.52 29.83 -9.37
C ASP L 206 -4.11 29.24 -8.01
N ALA L 207 -3.06 29.79 -7.40
CA ALA L 207 -2.60 29.27 -6.12
C ALA L 207 -3.66 29.46 -5.03
N ILE L 208 -4.31 30.63 -5.03
CA ILE L 208 -5.31 30.96 -4.02
C ILE L 208 -6.71 30.52 -4.43
N GLY L 209 -6.87 29.92 -5.60
CA GLY L 209 -8.18 29.49 -6.08
C GLY L 209 -8.44 28.00 -5.96
N GLY L 210 -7.72 27.33 -5.06
CA GLY L 210 -7.83 25.89 -4.95
C GLY L 210 -9.26 25.45 -4.65
N ALA L 211 -9.81 24.59 -5.51
CA ALA L 211 -11.19 24.15 -5.40
C ALA L 211 -11.27 22.63 -5.58
N ARG L 212 -12.27 21.98 -4.97
CA ARG L 212 -13.32 22.64 -4.18
C ARG L 212 -13.22 22.26 -2.72
N PHE L 213 -13.56 21.02 -2.41
CA PHE L 213 -13.54 20.54 -1.03
C PHE L 213 -12.85 19.18 -0.99
N ASP L 214 -12.25 18.89 0.16
CA ASP L 214 -11.59 17.61 0.40
C ASP L 214 -12.14 17.02 1.69
N ASP L 215 -11.86 15.73 1.89
CA ASP L 215 -12.29 15.02 3.09
C ASP L 215 -11.76 15.72 4.34
N GLY L 216 -10.44 15.65 4.54
CA GLY L 216 -9.81 16.34 5.65
C GLY L 216 -8.37 15.93 5.86
N ALA L 217 -7.62 16.72 6.62
CA ALA L 217 -8.14 17.97 7.17
C ALA L 217 -7.75 19.15 6.30
N GLY L 218 -8.66 20.11 6.14
CA GLY L 218 -8.41 21.28 5.33
C GLY L 218 -7.25 22.12 5.84
N GLY L 219 -6.36 22.49 4.93
CA GLY L 219 -6.54 22.19 3.52
C GLY L 219 -7.22 23.30 2.73
N ASP L 220 -7.92 22.91 1.66
CA ASP L 220 -8.44 23.89 0.70
C ASP L 220 -9.41 24.87 1.36
N ASN L 221 -9.98 24.52 2.50
CA ASN L 221 -11.03 25.34 3.10
C ASN L 221 -10.49 26.68 3.60
N GLU L 222 -9.24 26.69 4.07
CA GLU L 222 -8.62 27.97 4.41
C GLU L 222 -8.26 28.75 3.15
N VAL L 223 -8.07 28.03 2.03
CA VAL L 223 -7.84 28.71 0.76
C VAL L 223 -9.14 29.24 0.19
N GLN L 224 -10.28 28.68 0.62
CA GLN L 224 -11.58 29.20 0.18
C GLN L 224 -11.81 30.62 0.64
N ARG L 225 -11.07 31.09 1.66
CA ARG L 225 -11.16 32.49 2.08
C ARG L 225 -10.73 33.42 0.96
N THR L 226 -9.70 33.03 0.21
CA THR L 226 -9.15 33.92 -0.81
C THR L 226 -10.00 33.92 -2.09
N MET L 227 -10.37 32.72 -2.56
CA MET L 227 -11.06 32.63 -3.85
C MET L 227 -12.53 33.03 -3.74
N LEU L 228 -13.24 32.48 -2.76
CA LEU L 228 -14.68 32.68 -2.71
C LEU L 228 -15.03 34.10 -2.29
N GLU L 229 -14.27 34.66 -1.35
CA GLU L 229 -14.58 36.01 -0.86
C GLU L 229 -14.24 37.06 -1.91
N LEU L 230 -13.13 36.88 -2.63
CA LEU L 230 -12.75 37.83 -3.67
C LEU L 230 -13.79 37.83 -4.79
N ILE L 231 -14.20 36.64 -5.24
CA ILE L 231 -15.23 36.55 -6.27
C ILE L 231 -16.53 37.16 -5.78
N ASN L 232 -16.89 36.86 -4.52
CA ASN L 232 -18.10 37.43 -3.93
C ASN L 232 -18.03 38.95 -3.90
N GLN L 233 -16.88 39.50 -3.48
CA GLN L 233 -16.72 40.95 -3.48
C GLN L 233 -16.70 41.51 -4.90
N LEU L 234 -16.24 40.71 -5.87
CA LEU L 234 -16.35 41.12 -7.27
C LEU L 234 -17.80 41.05 -7.74
N ASP L 235 -18.62 40.21 -7.11
CA ASP L 235 -19.98 39.96 -7.55
C ASP L 235 -20.96 41.04 -7.13
N GLY L 236 -20.49 42.07 -6.44
CA GLY L 236 -21.35 43.21 -6.12
C GLY L 236 -21.86 43.90 -7.36
N PHE L 237 -22.80 44.80 -7.15
CA PHE L 237 -23.41 45.55 -8.24
C PHE L 237 -22.86 46.96 -8.40
N ASP L 238 -21.85 47.35 -7.63
CA ASP L 238 -21.43 48.74 -7.60
C ASP L 238 -20.01 49.05 -8.11
N PRO L 239 -19.93 49.73 -9.26
CA PRO L 239 -21.02 49.65 -10.24
C PRO L 239 -20.85 48.75 -11.49
N ARG L 240 -20.38 47.50 -11.45
CA ARG L 240 -19.32 47.01 -10.55
C ARG L 240 -18.17 46.46 -11.38
N GLY L 241 -17.05 47.17 -11.37
CA GLY L 241 -16.99 48.50 -10.80
C GLY L 241 -17.01 49.52 -11.93
N ASN L 242 -16.65 50.77 -11.62
CA ASN L 242 -16.53 51.76 -12.67
C ASN L 242 -15.40 51.45 -13.64
N ILE L 243 -14.30 50.86 -13.16
CA ILE L 243 -13.15 50.54 -13.99
C ILE L 243 -13.17 49.11 -14.52
N LYS L 244 -14.15 48.30 -14.11
CA LYS L 244 -14.36 46.95 -14.66
C LYS L 244 -13.16 46.04 -14.39
N VAL L 245 -12.36 46.40 -13.39
CA VAL L 245 -11.25 45.62 -12.81
C VAL L 245 -10.36 45.01 -13.89
N LEU L 246 -9.90 43.77 -13.64
CA LEU L 246 -9.02 43.01 -14.53
C LEU L 246 -8.68 41.68 -13.86
N MET L 247 -8.23 40.70 -14.64
CA MET L 247 -7.79 39.43 -14.08
C MET L 247 -6.64 38.87 -14.90
N ALA L 248 -5.68 38.29 -14.21
CA ALA L 248 -4.55 37.62 -14.85
C ALA L 248 -4.11 36.47 -13.96
N THR L 249 -3.69 35.38 -14.61
CA THR L 249 -3.29 34.17 -13.89
C THR L 249 -2.47 33.30 -14.85
N ASN L 250 -2.14 32.09 -14.40
CA ASN L 250 -1.37 31.17 -15.22
C ASN L 250 -2.27 30.12 -15.86
N ARG L 251 -2.74 29.16 -15.07
CA ARG L 251 -3.63 28.12 -15.56
C ARG L 251 -5.09 28.55 -15.42
N PRO L 252 -6.00 27.96 -16.21
CA PRO L 252 -7.43 28.27 -16.04
C PRO L 252 -8.00 27.81 -14.72
N ASP L 253 -7.29 26.96 -13.97
CA ASP L 253 -7.77 26.44 -12.69
C ASP L 253 -8.11 27.56 -11.71
N THR L 254 -9.09 27.35 -10.84
CA THR L 254 -9.85 26.10 -10.79
C THR L 254 -11.24 26.24 -11.38
N LEU L 255 -12.03 25.16 -11.29
CA LEU L 255 -13.33 25.12 -11.95
C LEU L 255 -14.31 26.11 -11.33
N ASP L 256 -14.32 26.21 -10.01
CA ASP L 256 -15.31 27.07 -9.34
C ASP L 256 -15.13 28.54 -9.68
N PRO L 257 -13.93 29.14 -9.60
CA PRO L 257 -13.80 30.52 -10.07
C PRO L 257 -14.00 30.65 -11.57
N ALA L 258 -13.78 29.57 -12.33
CA ALA L 258 -13.96 29.61 -13.76
C ALA L 258 -15.43 29.58 -14.15
N LEU L 259 -16.26 28.91 -13.35
CA LEU L 259 -17.69 28.87 -13.64
C LEU L 259 -18.43 30.05 -13.01
N MET L 260 -17.78 30.76 -12.07
CA MET L 260 -18.42 31.93 -11.47
C MET L 260 -18.31 33.17 -12.35
N ARG L 261 -17.19 33.31 -13.07
CA ARG L 261 -16.99 34.50 -13.88
C ARG L 261 -17.98 34.67 -15.05
N PRO L 262 -18.43 33.63 -15.76
CA PRO L 262 -19.37 33.89 -16.86
C PRO L 262 -20.67 34.55 -16.40
N GLY L 263 -21.07 34.32 -15.15
CA GLY L 263 -22.22 35.01 -14.60
C GLY L 263 -21.97 36.49 -14.37
N ARG L 264 -20.71 36.89 -14.24
CA ARG L 264 -20.38 38.29 -14.03
C ARG L 264 -19.42 38.81 -15.10
N LEU L 265 -18.21 38.27 -15.12
CA LEU L 265 -17.16 38.77 -16.00
C LEU L 265 -17.44 38.37 -17.45
N ASP L 266 -16.54 38.78 -18.34
CA ASP L 266 -16.63 38.49 -19.76
C ASP L 266 -15.23 38.64 -20.34
N ARG L 267 -15.13 38.46 -21.65
CA ARG L 267 -13.87 38.64 -22.39
C ARG L 267 -12.78 37.73 -21.84
N LYS L 268 -12.96 36.44 -22.07
CA LYS L 268 -11.93 35.44 -21.78
C LYS L 268 -11.18 35.12 -23.06
N ILE L 269 -9.90 35.48 -23.10
CA ILE L 269 -9.07 35.29 -24.29
C ILE L 269 -7.94 34.33 -23.93
N GLU L 270 -7.51 33.58 -24.94
CA GLU L 270 -6.42 32.62 -24.81
C GLU L 270 -5.25 33.06 -25.68
N PHE L 271 -4.08 33.15 -25.06
CA PHE L 271 -2.85 33.48 -25.76
C PHE L 271 -2.54 32.41 -26.81
N SER L 272 -2.07 32.75 -28.02
CA SER L 272 -1.65 34.06 -28.54
C SER L 272 -0.68 34.85 -27.64
N LEU L 273 0.61 34.50 -27.50
CA LEU L 273 1.45 33.54 -28.26
C LEU L 273 1.66 34.05 -29.70
N PRO L 274 2.82 33.75 -30.28
CA PRO L 274 3.14 34.31 -31.60
C PRO L 274 2.47 33.56 -32.75
N ASP L 275 2.09 34.32 -33.77
CA ASP L 275 1.79 33.74 -35.08
C ASP L 275 3.08 33.49 -35.84
N LEU L 276 3.01 32.56 -36.80
CA LEU L 276 4.19 32.25 -37.60
C LEU L 276 4.70 33.48 -38.34
N GLU L 277 3.79 34.35 -38.77
CA GLU L 277 4.17 35.65 -39.34
C GLU L 277 4.26 36.75 -38.30
N GLY L 278 3.98 36.43 -37.03
CA GLY L 278 4.03 37.44 -35.98
C GLY L 278 5.29 37.41 -35.16
N ARG L 279 6.15 36.40 -35.37
CA ARG L 279 7.40 36.34 -34.62
C ARG L 279 8.37 37.41 -35.07
N THR L 280 8.18 37.97 -36.27
CA THR L 280 9.06 39.04 -36.74
C THR L 280 8.72 40.37 -36.09
N HIS L 281 7.52 40.50 -35.52
CA HIS L 281 7.14 41.74 -34.85
C HIS L 281 7.95 41.95 -33.58
N ILE L 282 8.20 40.88 -32.81
CA ILE L 282 9.09 41.00 -31.67
C ILE L 282 10.52 41.23 -32.13
N PHE L 283 10.83 40.83 -33.36
CA PHE L 283 12.13 41.13 -33.94
C PHE L 283 12.21 42.55 -34.48
N LYS L 284 11.06 43.18 -34.75
CA LYS L 284 11.06 44.56 -35.21
C LYS L 284 11.50 45.52 -34.11
N ILE L 285 10.88 45.42 -32.92
CA ILE L 285 11.34 46.19 -31.77
C ILE L 285 12.77 45.84 -31.39
N HIS L 286 13.18 44.59 -31.60
CA HIS L 286 14.56 44.19 -31.40
C HIS L 286 15.47 44.56 -32.57
N ALA L 287 14.89 44.96 -33.70
CA ALA L 287 15.72 45.42 -34.82
C ALA L 287 16.35 46.77 -34.54
N ARG L 288 15.81 47.50 -33.56
CA ARG L 288 16.43 48.74 -33.12
C ARG L 288 17.50 48.52 -32.06
N SER L 289 17.71 47.28 -31.64
CA SER L 289 18.68 46.99 -30.59
C SER L 289 20.08 46.86 -31.17
N MET L 290 21.02 47.62 -30.61
CA MET L 290 22.44 47.61 -31.00
C MET L 290 22.52 47.96 -32.49
N SER L 291 23.28 47.23 -33.29
CA SER L 291 23.41 47.49 -34.72
C SER L 291 23.00 46.22 -35.46
N VAL L 292 21.97 46.32 -36.29
CA VAL L 292 21.43 45.18 -37.02
C VAL L 292 21.88 45.28 -38.47
N GLU L 293 22.44 44.19 -39.00
CA GLU L 293 22.85 44.16 -40.39
C GLU L 293 21.63 44.01 -41.29
N ARG L 294 21.70 44.60 -42.48
CA ARG L 294 20.54 44.60 -43.37
C ARG L 294 20.35 43.24 -44.06
N ASP L 295 21.33 42.34 -43.93
CA ASP L 295 21.22 41.05 -44.59
C ASP L 295 20.38 40.08 -43.74
N ILE L 296 20.11 40.45 -42.50
CA ILE L 296 19.39 39.56 -41.59
C ILE L 296 17.95 39.42 -42.06
N ARG L 297 17.46 38.18 -42.05
CA ARG L 297 16.08 37.86 -42.40
C ARG L 297 15.38 37.29 -41.16
N PHE L 298 14.38 38.02 -40.66
CA PHE L 298 13.70 37.60 -39.44
C PHE L 298 12.71 36.48 -39.71
N GLU L 299 12.25 36.37 -40.96
CA GLU L 299 11.30 35.32 -41.30
C GLU L 299 11.97 33.95 -41.35
N LEU L 300 13.31 33.94 -41.47
CA LEU L 300 14.03 32.67 -41.56
C LEU L 300 14.12 32.00 -40.19
N LEU L 301 14.49 32.76 -39.15
CA LEU L 301 14.72 32.16 -37.85
C LEU L 301 13.43 32.04 -37.04
N ALA L 302 12.36 32.69 -37.51
CA ALA L 302 11.09 32.63 -36.78
C ALA L 302 10.55 31.20 -36.70
N ARG L 303 10.50 30.51 -37.84
CA ARG L 303 9.98 29.16 -37.89
C ARG L 303 10.82 28.16 -37.10
N LEU L 304 12.12 28.44 -36.92
CA LEU L 304 12.99 27.48 -36.24
C LEU L 304 12.74 27.40 -34.75
N CYS L 305 12.08 28.40 -34.16
CA CYS L 305 11.85 28.48 -32.72
C CYS L 305 10.35 28.51 -32.45
N PRO L 306 9.70 27.35 -32.43
CA PRO L 306 8.25 27.31 -32.18
C PRO L 306 7.92 27.56 -30.71
N ASN L 307 6.78 28.22 -30.50
CA ASN L 307 6.25 28.52 -29.16
C ASN L 307 7.26 29.29 -28.32
N SER L 308 8.04 30.16 -28.95
CA SER L 308 9.05 30.94 -28.27
C SER L 308 8.54 32.28 -27.75
N THR L 309 7.33 32.68 -28.13
CA THR L 309 6.73 33.95 -27.73
C THR L 309 7.69 35.10 -27.99
N GLY L 310 7.75 36.05 -27.05
CA GLY L 310 8.73 37.11 -27.11
C GLY L 310 9.86 36.92 -26.13
N ALA L 311 9.67 35.99 -25.18
CA ALA L 311 10.67 35.76 -24.15
C ALA L 311 11.86 34.96 -24.67
N GLU L 312 11.59 33.86 -25.39
CA GLU L 312 12.68 33.01 -25.84
C GLU L 312 13.44 33.63 -27.01
N ILE L 313 12.76 34.41 -27.86
CA ILE L 313 13.45 35.11 -28.94
C ILE L 313 14.03 36.44 -28.48
N ARG L 314 13.72 36.89 -27.27
CA ARG L 314 14.45 37.99 -26.67
C ARG L 314 15.90 37.58 -26.41
N SER L 315 16.11 36.28 -26.12
CA SER L 315 17.45 35.74 -25.97
C SER L 315 18.20 35.62 -27.30
N VAL L 316 17.48 35.51 -28.42
CA VAL L 316 18.09 35.47 -29.73
C VAL L 316 18.94 36.70 -29.93
N CYS L 317 18.31 37.88 -29.93
CA CYS L 317 19.06 39.14 -30.02
C CYS L 317 19.96 39.38 -28.81
N THR L 318 19.72 38.67 -27.71
CA THR L 318 20.66 38.69 -26.59
C THR L 318 21.88 37.84 -26.91
N GLU L 319 21.67 36.55 -27.15
CA GLU L 319 22.77 35.68 -27.58
C GLU L 319 23.50 36.23 -28.79
N ALA L 320 22.81 37.01 -29.63
CA ALA L 320 23.45 37.74 -30.71
C ALA L 320 24.55 38.64 -30.15
N GLY L 321 24.17 39.63 -29.34
CA GLY L 321 25.14 40.49 -28.70
C GLY L 321 25.99 39.79 -27.66
N MET L 322 25.47 38.73 -27.04
CA MET L 322 26.25 37.95 -26.08
C MET L 322 27.52 37.41 -26.72
N PHE L 323 27.37 36.53 -27.71
CA PHE L 323 28.52 35.97 -28.41
C PHE L 323 29.23 37.00 -29.29
N ALA L 324 28.62 38.17 -29.52
CA ALA L 324 29.30 39.21 -30.27
C ALA L 324 30.50 39.75 -29.51
N ILE L 325 30.30 40.11 -28.25
CA ILE L 325 31.40 40.55 -27.40
C ILE L 325 32.33 39.40 -27.02
N ARG L 326 31.80 38.18 -26.89
CA ARG L 326 32.66 37.02 -26.66
C ARG L 326 33.65 36.83 -27.81
N ALA L 327 33.19 37.05 -29.04
CA ALA L 327 34.05 36.98 -30.21
C ALA L 327 34.72 38.30 -30.54
N ARG L 328 34.50 39.33 -29.72
CA ARG L 328 35.06 40.67 -29.85
C ARG L 328 34.51 41.44 -31.05
N ARG L 329 33.65 40.84 -31.85
CA ARG L 329 33.08 41.51 -33.00
C ARG L 329 32.08 42.57 -32.54
N LYS L 330 31.48 43.28 -33.50
CA LYS L 330 30.54 44.36 -33.19
C LYS L 330 29.11 43.97 -33.49
N ILE L 331 28.73 43.89 -34.77
CA ILE L 331 27.36 43.54 -35.14
C ILE L 331 27.20 42.02 -35.10
N ALA L 332 25.98 41.55 -35.36
CA ALA L 332 25.70 40.11 -35.45
C ALA L 332 24.86 39.86 -36.69
N THR L 333 25.43 39.12 -37.64
CA THR L 333 24.69 38.72 -38.83
C THR L 333 23.68 37.62 -38.45
N GLU L 334 22.67 37.43 -39.31
CA GLU L 334 21.70 36.37 -39.10
C GLU L 334 22.36 35.03 -38.82
N LYS L 335 23.18 34.54 -39.76
CA LYS L 335 23.81 33.23 -39.62
C LYS L 335 24.66 33.14 -38.35
N ASP L 336 25.15 34.27 -37.86
CA ASP L 336 25.94 34.29 -36.63
C ASP L 336 25.15 33.74 -35.45
N PHE L 337 24.09 34.45 -35.04
CA PHE L 337 23.38 34.06 -33.83
C PHE L 337 22.44 32.89 -34.06
N LEU L 338 21.91 32.73 -35.28
CA LEU L 338 20.96 31.64 -35.51
C LEU L 338 21.63 30.28 -35.37
N GLU L 339 22.94 30.21 -35.60
CA GLU L 339 23.67 28.98 -35.30
C GLU L 339 23.66 28.69 -33.81
N ALA L 340 23.66 29.75 -32.99
CA ALA L 340 23.48 29.58 -31.55
C ALA L 340 22.02 29.47 -31.16
N VAL L 341 21.10 29.93 -32.02
CA VAL L 341 19.68 29.85 -31.69
C VAL L 341 19.18 28.42 -31.83
N ASN L 342 19.63 27.70 -32.86
CA ASN L 342 19.26 26.29 -32.98
C ASN L 342 19.81 25.49 -31.81
N LYS L 343 20.87 25.97 -31.16
CA LYS L 343 21.37 25.37 -29.93
C LYS L 343 20.55 25.79 -28.71
N VAL L 344 20.15 27.06 -28.64
CA VAL L 344 19.45 27.55 -27.45
C VAL L 344 18.05 26.95 -27.35
N ILE L 345 17.48 26.50 -28.45
CA ILE L 345 16.18 25.82 -28.39
C ILE L 345 16.34 24.37 -27.98
N LYS L 346 17.33 23.67 -28.56
CA LYS L 346 17.47 22.24 -28.32
C LYS L 346 18.16 21.95 -27.00
N SER L 347 19.27 22.64 -26.71
CA SER L 347 20.02 22.37 -25.49
C SER L 347 19.22 22.75 -24.26
N TYR L 348 18.32 23.73 -24.40
CA TYR L 348 17.43 24.09 -23.29
C TYR L 348 16.18 23.23 -23.26
N ALA L 349 15.97 22.40 -24.29
CA ALA L 349 14.87 21.44 -24.31
C ALA L 349 15.29 20.05 -23.83
N LYS L 350 16.55 19.88 -23.45
CA LYS L 350 17.00 18.56 -22.99
C LYS L 350 16.37 18.22 -21.64
N PHE L 351 16.44 19.14 -20.68
CA PHE L 351 15.81 18.91 -19.39
C PHE L 351 14.29 19.10 -19.45
N SER L 352 13.83 20.18 -20.08
CA SER L 352 12.41 20.41 -20.28
C SER L 352 12.21 21.07 -21.63
N ALA L 353 11.26 20.56 -22.41
CA ALA L 353 10.98 21.14 -23.72
C ALA L 353 10.01 22.32 -23.61
N THR L 354 9.66 22.70 -22.38
CA THR L 354 8.76 23.79 -22.06
C THR L 354 7.36 23.57 -22.66
N PRO L 355 6.72 22.41 -22.41
CA PRO L 355 5.30 22.28 -22.80
C PRO L 355 4.36 22.92 -21.79
N ARG L 356 3.24 23.51 -22.24
CA ARG L 356 2.20 23.91 -21.30
C ARG L 356 1.05 22.91 -21.27
N TYR L 357 1.10 21.90 -22.13
CA TYR L 357 -0.01 20.95 -22.22
C TYR L 357 -0.07 20.14 -20.93
N MET L 358 1.09 19.84 -20.36
CA MET L 358 1.21 18.97 -19.21
C MET L 358 0.86 19.68 -17.90
N THR L 359 0.86 21.01 -17.90
CA THR L 359 0.43 21.76 -16.73
C THR L 359 -0.99 21.39 -16.32
N TYR L 360 -1.97 21.74 -17.17
CA TYR L 360 -3.36 21.42 -16.85
C TYR L 360 -3.69 19.96 -17.07
N ASN L 361 -2.82 19.20 -17.75
CA ASN L 361 -3.03 17.77 -17.94
C ASN L 361 -2.09 16.95 -17.06
N GLU M 1 26.62 74.35 15.18
CA GLU M 1 27.20 74.97 16.37
C GLU M 1 26.14 75.68 17.21
N GLU M 2 25.61 76.79 16.70
CA GLU M 2 24.57 77.50 17.44
C GLU M 2 23.21 76.82 17.27
N GLU M 3 23.02 76.08 16.18
CA GLU M 3 21.76 75.37 15.99
C GLU M 3 21.62 74.21 16.97
N ARG M 4 22.74 73.70 17.48
CA ARG M 4 22.69 72.62 18.47
C ARG M 4 22.15 73.14 19.80
N SER M 5 22.58 74.33 20.20
CA SER M 5 22.11 74.93 21.45
C SER M 5 20.84 75.74 21.28
N LYS M 6 20.27 75.80 20.08
CA LYS M 6 19.05 76.56 19.83
C LYS M 6 17.82 75.67 19.82
N VAL M 7 17.75 74.73 18.87
CA VAL M 7 16.56 73.89 18.73
C VAL M 7 16.40 72.94 19.92
N ASP M 8 17.46 72.74 20.72
CA ASP M 8 17.38 71.80 21.83
C ASP M 8 16.29 72.18 22.82
N ASP M 9 16.10 73.49 23.04
CA ASP M 9 15.01 73.93 23.89
C ASP M 9 13.68 73.84 23.16
N LEU M 10 13.72 73.88 21.82
CA LEU M 10 12.51 73.76 21.01
C LEU M 10 12.01 72.33 20.90
N ARG M 11 12.89 71.33 21.02
CA ARG M 11 12.48 69.93 20.97
C ARG M 11 12.57 69.29 22.35
N GLY M 12 13.78 69.24 22.92
CA GLY M 12 14.00 68.56 24.17
C GLY M 12 13.94 69.42 25.42
N THR M 13 14.73 69.07 26.44
CA THR M 13 15.63 67.91 26.40
C THR M 13 15.00 66.50 26.33
N PRO M 14 13.91 66.22 27.06
CA PRO M 14 13.25 64.92 26.90
C PRO M 14 12.34 64.89 25.68
N MET M 15 12.20 63.69 25.13
CA MET M 15 11.29 63.45 24.00
C MET M 15 11.10 61.94 23.87
N SER M 16 10.31 61.55 22.88
CA SER M 16 9.93 60.15 22.68
C SER M 16 10.20 59.72 21.25
N VAL M 17 10.20 58.41 21.03
CA VAL M 17 10.40 57.81 19.71
C VAL M 17 9.12 57.12 19.33
N GLY M 18 8.42 57.65 18.34
CA GLY M 18 7.17 57.10 17.85
C GLY M 18 7.32 56.47 16.48
N THR M 19 6.17 56.23 15.83
CA THR M 19 6.13 55.73 14.47
C THR M 19 5.20 56.60 13.64
N LEU M 20 5.42 56.59 12.33
CA LEU M 20 4.62 57.40 11.42
C LEU M 20 3.45 56.59 10.87
N GLU M 21 2.30 57.24 10.74
CA GLU M 21 1.09 56.60 10.23
C GLU M 21 0.73 57.12 8.85
N GLU M 22 0.37 58.41 8.74
CA GLU M 22 -0.01 58.99 7.47
C GLU M 22 0.21 60.50 7.51
N ILE M 23 0.25 61.10 6.32
CA ILE M 23 0.51 62.53 6.16
C ILE M 23 -0.65 63.16 5.41
N ILE M 24 -1.08 64.34 5.87
CA ILE M 24 -2.18 65.07 5.26
C ILE M 24 -1.61 66.30 4.56
N ASP M 25 -2.25 66.71 3.47
CA ASP M 25 -1.79 67.87 2.70
C ASP M 25 -1.89 69.18 3.44
N ASP M 26 -2.53 69.20 4.62
CA ASP M 26 -2.68 70.40 5.43
C ASP M 26 -1.46 70.65 6.32
N ASN M 27 -0.41 69.83 6.19
CA ASN M 27 0.84 69.81 6.94
C ASN M 27 0.70 69.06 8.26
N HIS M 28 -0.51 68.63 8.64
CA HIS M 28 -0.68 67.78 9.81
C HIS M 28 -0.26 66.37 9.45
N ALA M 29 0.71 65.83 10.19
CA ALA M 29 1.25 64.49 9.94
C ALA M 29 0.78 63.58 11.07
N ILE M 30 -0.10 62.63 10.75
CA ILE M 30 -0.58 61.71 11.76
C ILE M 30 0.50 60.68 12.09
N VAL M 31 0.84 60.60 13.37
CA VAL M 31 1.83 59.66 13.86
C VAL M 31 1.18 58.76 14.90
N SER M 32 1.78 57.59 15.09
CA SER M 32 1.26 56.58 16.01
C SER M 32 2.40 56.08 16.88
N THR M 33 2.26 56.21 18.19
CA THR M 33 3.23 55.72 19.16
C THR M 33 2.55 54.77 20.13
N SER M 34 3.37 53.97 20.81
CA SER M 34 2.85 52.97 21.74
C SER M 34 2.16 53.63 22.93
N VAL M 35 0.91 53.22 23.18
CA VAL M 35 0.23 52.23 22.35
C VAL M 35 -1.17 52.71 21.97
N GLY M 36 -1.46 52.67 20.67
CA GLY M 36 -2.78 53.03 20.16
C GLY M 36 -3.14 54.49 20.37
N SER M 37 -2.28 55.40 19.92
CA SER M 37 -2.50 56.83 20.06
C SER M 37 -2.12 57.53 18.77
N GLU M 38 -2.97 58.45 18.32
CA GLU M 38 -2.74 59.25 17.12
C GLU M 38 -2.65 60.73 17.52
N HIS M 39 -2.42 61.58 16.52
CA HIS M 39 -2.25 63.01 16.74
C HIS M 39 -2.07 63.74 15.41
N TYR M 40 -2.26 65.06 15.40
CA TYR M 40 -2.00 65.89 14.23
C TYR M 40 -0.72 66.68 14.48
N VAL M 41 0.34 66.35 13.76
CA VAL M 41 1.64 66.98 13.95
C VAL M 41 1.92 67.86 12.73
N SER M 42 1.95 69.17 12.94
CA SER M 42 2.34 70.13 11.91
C SER M 42 3.67 70.74 12.32
N ILE M 43 4.73 70.37 11.59
CA ILE M 43 6.08 70.87 11.85
C ILE M 43 6.75 71.14 10.50
N LEU M 44 7.40 72.29 10.40
CA LEU M 44 8.20 72.64 9.24
C LEU M 44 9.69 72.35 9.45
N SER M 45 10.05 71.78 10.60
CA SER M 45 11.45 71.70 11.03
C SER M 45 12.14 70.48 10.46
N PHE M 46 13.30 70.70 9.83
CA PHE M 46 14.27 69.66 9.50
C PHE M 46 13.81 68.71 8.40
N VAL M 47 12.52 68.73 8.06
CA VAL M 47 11.96 67.81 7.08
C VAL M 47 12.33 68.23 5.64
N ASP M 48 12.80 67.34 4.75
CA ASP M 48 13.09 65.89 4.89
C ASP M 48 11.85 65.00 5.01
N LYS M 49 10.66 65.60 4.97
CA LYS M 49 9.43 64.82 5.13
C LYS M 49 9.24 63.83 3.98
N ASP M 50 9.77 64.16 2.80
CA ASP M 50 9.57 63.29 1.64
C ASP M 50 10.40 62.01 1.77
N LEU M 51 11.62 62.11 2.33
CA LEU M 51 12.48 60.94 2.42
C LEU M 51 12.01 59.97 3.50
N LEU M 52 11.17 60.45 4.43
CA LEU M 52 10.72 59.65 5.56
C LEU M 52 10.01 58.36 5.12
N GLU M 53 8.79 58.49 4.58
CA GLU M 53 7.87 57.40 4.27
C GLU M 53 7.35 56.81 5.58
N PRO M 54 6.13 56.24 5.62
CA PRO M 54 5.62 55.69 6.88
C PRO M 54 6.39 54.47 7.38
N GLY M 55 5.98 53.93 8.53
CA GLY M 55 6.71 52.87 9.19
C GLY M 55 8.01 53.29 9.82
N CYS M 56 8.34 54.58 9.77
CA CYS M 56 9.62 55.08 10.27
C CYS M 56 9.69 55.13 11.79
N SER M 57 10.91 55.27 12.28
CA SER M 57 11.24 55.36 13.70
C SER M 57 11.17 56.80 14.21
N VAL M 58 10.61 57.71 13.41
CA VAL M 58 10.65 59.15 13.64
C VAL M 58 10.28 59.52 15.08
N LEU M 59 11.00 60.49 15.64
CA LEU M 59 10.85 60.85 17.04
C LEU M 59 9.56 61.64 17.27
N LEU M 60 9.12 61.67 18.53
CA LEU M 60 7.99 62.48 18.96
C LEU M 60 8.41 63.25 20.22
N ASN M 61 8.43 64.57 20.14
CA ASN M 61 8.79 65.39 21.30
C ASN M 61 7.72 65.24 22.38
N HIS M 62 8.16 65.31 23.64
CA HIS M 62 7.22 65.23 24.75
C HIS M 62 6.23 66.40 24.74
N LYS M 63 6.71 67.61 24.45
CA LYS M 63 5.83 68.76 24.43
C LYS M 63 5.75 69.45 23.08
N VAL M 64 4.63 69.31 22.40
CA VAL M 64 3.66 68.27 22.76
C VAL M 64 3.41 67.37 21.54
N HIS M 65 3.91 66.13 21.61
CA HIS M 65 3.73 65.13 20.54
C HIS M 65 4.10 65.69 19.16
N ALA M 66 5.30 66.23 19.02
CA ALA M 66 5.77 66.78 17.75
C ALA M 66 7.04 66.06 17.32
N VAL M 67 7.26 65.99 16.02
CA VAL M 67 8.46 65.35 15.48
C VAL M 67 9.45 66.42 15.05
N ILE M 68 10.58 66.50 15.76
CA ILE M 68 11.61 67.46 15.39
C ILE M 68 12.47 66.92 14.23
N GLY M 69 12.76 65.63 14.24
CA GLY M 69 13.62 65.06 13.21
C GLY M 69 13.80 63.57 13.41
N VAL M 70 14.83 63.04 12.78
CA VAL M 70 15.13 61.60 12.82
C VAL M 70 16.60 61.41 13.17
N LEU M 71 16.92 60.19 13.60
CA LEU M 71 18.31 59.79 13.82
C LEU M 71 18.72 58.74 12.81
N MET M 72 18.24 57.50 13.01
CA MET M 72 18.53 56.36 12.15
C MET M 72 17.79 55.12 12.61
N ASP M 73 17.88 54.05 11.83
CA ASP M 73 17.31 52.76 12.20
C ASP M 73 18.30 51.67 11.81
N ASP M 74 18.40 50.65 12.65
CA ASP M 74 19.52 49.72 12.56
C ASP M 74 19.40 48.75 11.37
N THR M 75 18.39 47.89 11.25
CA THR M 75 17.27 47.69 12.16
C THR M 75 16.94 46.21 12.23
N ASP M 76 16.31 45.80 13.34
CA ASP M 76 15.88 44.43 13.53
C ASP M 76 17.08 43.49 13.65
N PRO M 77 16.89 42.28 14.19
CA PRO M 77 18.02 41.33 14.22
C PRO M 77 18.45 40.86 12.83
N LEU M 78 17.61 41.09 11.82
CA LEU M 78 17.79 40.47 10.51
C LEU M 78 19.02 40.99 9.76
N VAL M 79 19.45 42.23 10.01
CA VAL M 79 20.52 42.82 9.23
C VAL M 79 21.91 42.37 9.69
N THR M 80 22.04 41.85 10.91
CA THR M 80 23.36 41.62 11.49
C THR M 80 24.01 40.34 10.95
N VAL M 81 23.27 39.54 10.18
CA VAL M 81 23.74 38.22 9.75
C VAL M 81 25.03 38.28 8.92
N MET M 82 24.92 38.78 7.69
CA MET M 82 26.00 38.57 6.72
C MET M 82 27.22 39.45 7.04
N LYS M 83 26.98 40.74 7.20
CA LYS M 83 28.08 41.67 7.49
C LYS M 83 29.41 41.14 6.95
N VAL M 84 29.73 41.55 5.71
CA VAL M 84 30.96 41.20 4.96
C VAL M 84 31.07 39.75 4.44
N GLU M 85 31.39 39.59 3.15
CA GLU M 85 31.60 40.68 2.21
C GLU M 85 31.30 40.23 0.78
N LYS M 86 32.02 39.19 0.33
CA LYS M 86 32.87 38.44 1.24
C LYS M 86 34.36 38.47 0.87
N ALA M 87 34.77 39.45 0.07
CA ALA M 87 36.18 39.54 -0.30
C ALA M 87 36.61 38.26 -1.02
N PRO M 88 37.57 38.35 -1.94
CA PRO M 88 37.95 37.20 -2.77
C PRO M 88 38.93 36.23 -2.11
N GLN M 89 38.48 35.52 -1.08
CA GLN M 89 39.30 34.45 -0.50
C GLN M 89 39.07 33.10 -1.16
N GLU M 90 38.03 32.97 -1.99
CA GLU M 90 37.96 31.86 -2.93
C GLU M 90 38.55 32.33 -4.25
N THR M 91 39.70 31.76 -4.61
CA THR M 91 40.56 32.32 -5.65
C THR M 91 40.42 31.52 -6.93
N TYR M 92 40.58 32.19 -8.07
CA TYR M 92 40.68 31.50 -9.35
C TYR M 92 41.86 30.54 -9.35
N ALA M 93 42.79 30.71 -8.41
CA ALA M 93 43.88 29.77 -8.20
C ALA M 93 43.47 28.58 -7.34
N ASP M 94 42.20 28.51 -6.92
CA ASP M 94 41.64 27.31 -6.31
C ASP M 94 40.85 26.46 -7.30
N ILE M 95 40.68 26.90 -8.54
CA ILE M 95 39.90 26.18 -9.54
C ILE M 95 40.70 26.07 -10.83
N GLY M 96 40.35 25.06 -11.63
CA GLY M 96 40.99 24.87 -12.91
C GLY M 96 40.50 23.57 -13.53
N GLY M 97 40.75 23.46 -14.84
CA GLY M 97 40.39 22.26 -15.57
C GLY M 97 39.18 22.40 -16.45
N LEU M 98 38.46 23.51 -16.36
CA LEU M 98 37.26 23.72 -17.15
C LEU M 98 37.48 24.89 -18.11
N ASP M 99 37.24 24.65 -19.40
CA ASP M 99 37.59 25.65 -20.41
C ASP M 99 36.37 26.11 -21.20
N ASN M 100 35.71 25.18 -21.90
CA ASN M 100 34.54 25.55 -22.72
C ASN M 100 33.44 26.19 -21.88
N GLN M 101 33.32 25.79 -20.61
CA GLN M 101 32.33 26.40 -19.74
C GLN M 101 32.79 27.74 -19.17
N ILE M 102 34.10 27.89 -18.94
CA ILE M 102 34.59 29.07 -18.24
C ILE M 102 34.60 30.30 -19.16
N GLN M 103 34.58 30.07 -20.48
CA GLN M 103 34.68 31.19 -21.41
C GLN M 103 33.34 31.89 -21.60
N GLU M 104 32.25 31.11 -21.68
CA GLU M 104 30.97 31.67 -22.10
C GLU M 104 30.36 32.56 -21.01
N ILE M 105 30.21 32.03 -19.80
CA ILE M 105 29.46 32.77 -18.78
C ILE M 105 30.30 33.87 -18.17
N LYS M 106 31.62 33.86 -18.42
CA LYS M 106 32.46 34.97 -17.96
C LYS M 106 32.02 36.28 -18.58
N GLU M 107 31.42 36.24 -19.77
CA GLU M 107 30.88 37.43 -20.43
C GLU M 107 29.61 37.92 -19.76
N SER M 108 28.69 37.00 -19.44
CA SER M 108 27.40 37.37 -18.87
C SER M 108 27.55 38.06 -17.51
N VAL M 109 28.42 37.56 -16.65
CA VAL M 109 28.62 38.20 -15.35
C VAL M 109 29.34 39.53 -15.51
N GLU M 110 30.17 39.65 -16.54
CA GLU M 110 30.86 40.90 -16.86
C GLU M 110 30.14 41.72 -17.92
N LEU M 111 28.99 41.25 -18.43
CA LEU M 111 28.27 42.00 -19.45
C LEU M 111 27.72 43.33 -18.93
N PRO M 112 27.12 43.44 -17.73
CA PRO M 112 26.85 44.76 -17.18
C PRO M 112 28.14 45.43 -16.72
N LEU M 113 28.05 46.57 -16.04
CA LEU M 113 29.22 47.32 -15.59
C LEU M 113 30.05 47.66 -16.81
N THR M 114 31.26 47.10 -16.97
CA THR M 114 32.16 47.50 -18.04
C THR M 114 31.53 47.23 -19.42
N HIS M 115 32.05 47.96 -20.42
CA HIS M 115 31.54 48.00 -21.79
C HIS M 115 30.09 48.48 -21.81
N PRO M 116 29.78 49.65 -21.22
CA PRO M 116 28.38 50.11 -21.22
C PRO M 116 27.91 50.60 -22.57
N GLU M 117 28.82 51.00 -23.46
CA GLU M 117 28.47 51.69 -24.69
C GLU M 117 27.56 50.86 -25.60
N TYR M 118 27.96 49.61 -25.89
CA TYR M 118 27.12 48.76 -26.72
C TYR M 118 26.02 48.08 -25.90
N TYR M 119 26.07 48.23 -24.57
CA TYR M 119 25.00 47.71 -23.74
C TYR M 119 23.79 48.63 -23.74
N GLU M 120 24.02 49.95 -23.70
CA GLU M 120 22.92 50.90 -23.69
C GLU M 120 22.32 51.11 -25.08
N GLU M 121 23.13 50.99 -26.13
CA GLU M 121 22.60 51.07 -27.49
C GLU M 121 21.63 49.94 -27.80
N MET M 122 21.82 48.78 -27.18
CA MET M 122 20.87 47.67 -27.28
C MET M 122 19.49 48.13 -26.81
N GLY M 123 19.39 48.41 -25.51
CA GLY M 123 18.17 48.91 -24.92
C GLY M 123 17.17 47.85 -24.50
N ILE M 124 17.24 46.66 -25.10
CA ILE M 124 16.45 45.54 -24.59
C ILE M 124 17.07 45.01 -23.31
N LYS M 125 18.36 44.62 -23.37
CA LYS M 125 19.33 44.24 -22.35
C LYS M 125 18.91 42.97 -21.63
N PRO M 126 19.85 42.14 -21.19
CA PRO M 126 19.51 40.99 -20.34
C PRO M 126 19.86 41.22 -18.88
N PRO M 127 19.12 42.05 -18.14
CA PRO M 127 19.41 42.24 -16.71
C PRO M 127 18.71 41.22 -15.83
N LYS M 128 18.79 39.95 -16.22
CA LYS M 128 18.15 38.86 -15.48
C LYS M 128 19.13 38.07 -14.62
N GLY M 129 20.42 38.37 -14.68
CA GLY M 129 21.39 37.54 -13.97
C GLY M 129 21.71 36.29 -14.76
N VAL M 130 21.96 35.19 -14.04
CA VAL M 130 22.18 33.88 -14.64
C VAL M 130 21.48 32.82 -13.79
N ILE M 131 21.61 31.55 -14.17
CA ILE M 131 21.07 30.44 -13.41
C ILE M 131 22.04 29.27 -13.48
N LEU M 132 22.26 28.61 -12.34
CA LEU M 132 23.15 27.47 -12.23
C LEU M 132 22.37 26.28 -11.68
N TYR M 133 22.96 25.09 -11.81
CA TYR M 133 22.41 23.89 -11.19
C TYR M 133 23.46 22.78 -11.25
N GLY M 134 23.10 21.61 -10.72
CA GLY M 134 23.88 20.41 -10.85
C GLY M 134 24.72 20.06 -9.64
N PRO M 135 24.82 18.74 -9.34
CA PRO M 135 25.61 18.05 -8.31
C PRO M 135 27.06 17.75 -8.67
N PRO M 136 27.91 17.51 -7.66
CA PRO M 136 27.75 18.02 -6.29
C PRO M 136 28.05 19.52 -6.23
N GLY M 137 29.13 19.89 -6.92
CA GLY M 137 29.58 21.26 -7.03
C GLY M 137 29.41 21.88 -8.40
N THR M 138 28.60 21.29 -9.28
CA THR M 138 28.38 21.88 -10.60
C THR M 138 27.82 23.29 -10.47
N GLY M 139 27.00 23.54 -9.45
CA GLY M 139 26.58 24.88 -9.13
C GLY M 139 27.69 25.67 -8.47
N LYS M 140 28.52 24.98 -7.68
CA LYS M 140 29.68 25.63 -7.08
C LYS M 140 30.80 25.80 -8.09
N THR M 141 30.72 25.11 -9.23
CA THR M 141 31.74 25.22 -10.26
C THR M 141 31.93 26.66 -10.72
N LEU M 142 30.84 27.31 -11.12
CA LEU M 142 30.88 28.71 -11.53
C LEU M 142 30.64 29.67 -10.37
N LEU M 143 30.50 29.16 -9.15
CA LEU M 143 30.47 30.04 -7.98
C LEU M 143 31.80 30.77 -7.83
N ALA M 144 32.87 30.18 -8.37
CA ALA M 144 34.18 30.82 -8.33
C ALA M 144 34.21 32.12 -9.13
N LYS M 145 33.30 32.28 -10.09
CA LYS M 145 33.16 33.57 -10.75
C LYS M 145 32.34 34.54 -9.92
N ALA M 146 31.44 34.04 -9.07
CA ALA M 146 30.71 34.92 -8.17
C ALA M 146 31.63 35.54 -7.13
N VAL M 147 32.59 34.76 -6.62
CA VAL M 147 33.59 35.33 -5.71
C VAL M 147 34.61 36.14 -6.49
N ALA M 148 34.85 35.78 -7.76
CA ALA M 148 35.64 36.65 -8.63
C ALA M 148 34.90 37.94 -8.93
N ASN M 149 33.58 37.95 -8.75
CA ASN M 149 32.81 39.18 -8.87
C ASN M 149 32.73 39.92 -7.54
N GLN M 150 33.45 39.44 -6.52
CA GLN M 150 33.55 40.18 -5.27
C GLN M 150 34.69 41.20 -5.32
N THR M 151 35.56 41.10 -6.33
CA THR M 151 36.67 42.05 -6.42
C THR M 151 36.18 43.43 -6.84
N SER M 152 34.94 43.52 -7.31
CA SER M 152 34.31 44.77 -7.70
C SER M 152 32.80 44.64 -7.51
N ALA M 153 32.08 45.77 -7.53
CA ALA M 153 30.62 45.81 -7.34
C ALA M 153 30.29 45.17 -5.99
N THR M 154 29.30 44.28 -5.90
CA THR M 154 28.95 43.66 -4.62
C THR M 154 28.35 42.28 -4.89
N PHE M 155 28.51 41.38 -3.91
CA PHE M 155 28.00 40.01 -3.99
C PHE M 155 27.12 39.73 -2.77
N LEU M 156 26.18 38.80 -2.96
CA LEU M 156 25.31 38.33 -1.88
C LEU M 156 25.08 36.83 -2.03
N ARG M 157 25.15 36.10 -0.92
CA ARG M 157 24.92 34.67 -0.88
C ARG M 157 23.74 34.39 0.05
N VAL M 158 22.68 33.79 -0.50
CA VAL M 158 21.49 33.45 0.26
C VAL M 158 21.28 31.95 0.18
N VAL M 159 21.28 31.28 1.33
CA VAL M 159 21.11 29.84 1.40
C VAL M 159 19.63 29.51 1.29
N GLY M 160 19.26 28.73 0.26
CA GLY M 160 17.87 28.39 0.06
C GLY M 160 17.38 27.29 0.99
N SER M 161 18.18 26.24 1.11
CA SER M 161 17.92 25.10 2.01
C SER M 161 16.53 24.53 1.75
N GLU M 162 15.84 24.13 2.81
CA GLU M 162 14.50 23.58 2.68
C GLU M 162 13.54 24.12 3.73
N LEU M 163 13.80 23.79 5.01
CA LEU M 163 12.77 23.92 6.04
C LEU M 163 12.82 25.25 6.77
N ILE M 164 13.95 25.57 7.42
CA ILE M 164 14.01 26.67 8.40
C ILE M 164 13.33 27.92 7.89
N GLN M 165 13.56 28.29 6.63
CA GLN M 165 12.90 29.46 6.06
C GLN M 165 11.48 29.06 5.67
N LYS M 166 10.51 29.68 6.35
CA LYS M 166 9.09 29.38 6.23
C LYS M 166 8.23 30.63 6.07
N TYR M 167 8.18 31.46 7.11
CA TYR M 167 7.36 32.68 7.22
C TYR M 167 5.94 32.35 6.76
N LEU M 168 5.26 33.24 6.04
CA LEU M 168 3.83 33.08 5.71
C LEU M 168 3.39 32.07 4.62
N GLY M 169 4.15 31.84 3.54
CA GLY M 169 5.41 32.50 3.27
C GLY M 169 5.37 33.98 2.91
N ASP M 170 4.70 34.33 1.81
CA ASP M 170 4.57 35.71 1.36
C ASP M 170 5.92 36.35 1.02
N GLY M 171 7.01 35.70 1.41
CA GLY M 171 8.35 36.19 1.19
C GLY M 171 8.58 37.64 1.56
N PRO M 172 7.99 38.10 2.69
CA PRO M 172 8.06 39.54 2.97
C PRO M 172 9.44 40.03 3.36
N LYS M 173 10.14 39.28 4.22
CA LYS M 173 11.39 39.77 4.78
C LYS M 173 12.61 39.29 4.01
N LEU M 174 12.45 38.35 3.07
CA LEU M 174 13.60 37.97 2.24
C LEU M 174 13.78 38.95 1.09
N VAL M 175 12.70 39.60 0.66
CA VAL M 175 12.83 40.71 -0.28
C VAL M 175 13.49 41.89 0.43
N ARG M 176 13.31 41.96 1.74
CA ARG M 176 14.01 42.97 2.54
C ARG M 176 15.50 42.67 2.59
N GLU M 177 15.87 41.39 2.69
CA GLU M 177 17.28 41.01 2.67
C GLU M 177 17.93 41.42 1.37
N LEU M 178 17.21 41.26 0.26
CA LEU M 178 17.77 41.63 -1.05
C LEU M 178 17.80 43.14 -1.22
N PHE M 179 16.86 43.84 -0.59
CA PHE M 179 16.73 45.29 -0.79
C PHE M 179 17.73 46.06 0.05
N ARG M 180 17.99 45.60 1.28
CA ARG M 180 18.84 46.36 2.19
C ARG M 180 20.31 46.27 1.79
N VAL M 181 20.71 45.17 1.15
CA VAL M 181 22.10 45.03 0.72
C VAL M 181 22.36 45.81 -0.55
N ALA M 182 21.31 46.04 -1.34
CA ALA M 182 21.46 46.81 -2.56
C ALA M 182 21.41 48.31 -2.29
N GLU M 183 21.00 48.69 -1.08
CA GLU M 183 20.92 50.11 -0.76
C GLU M 183 22.29 50.67 -0.41
N GLU M 184 23.25 49.80 -0.06
CA GLU M 184 24.59 50.25 0.27
C GLU M 184 25.38 50.69 -0.95
N HIS M 185 25.27 49.95 -2.07
CA HIS M 185 26.09 50.14 -3.26
C HIS M 185 25.20 50.36 -4.48
N ALA M 186 24.33 49.39 -4.74
CA ALA M 186 23.46 49.23 -5.91
C ALA M 186 24.11 49.08 -7.28
N PRO M 187 25.20 48.32 -7.34
CA PRO M 187 25.22 47.19 -8.25
C PRO M 187 24.83 46.00 -7.37
N SER M 188 24.66 44.80 -7.91
CA SER M 188 24.39 43.67 -7.03
C SER M 188 24.69 42.36 -7.74
N ILE M 189 24.91 41.33 -6.94
CA ILE M 189 24.85 39.95 -7.39
C ILE M 189 24.17 39.15 -6.29
N VAL M 190 23.04 38.50 -6.63
CA VAL M 190 22.25 37.72 -5.68
C VAL M 190 22.33 36.26 -6.09
N PHE M 191 22.76 35.40 -5.17
CA PHE M 191 23.03 34.01 -5.45
C PHE M 191 22.20 33.11 -4.54
N ILE M 192 21.44 32.21 -5.15
CA ILE M 192 20.64 31.21 -4.44
C ILE M 192 21.15 29.84 -4.85
N ASP M 193 21.24 28.92 -3.88
CA ASP M 193 21.84 27.61 -4.08
C ASP M 193 21.10 26.54 -3.30
N GLU M 194 21.19 25.30 -3.79
CA GLU M 194 20.72 24.10 -3.09
C GLU M 194 19.22 24.17 -2.79
N ILE M 195 18.44 24.05 -3.87
CA ILE M 195 16.99 23.93 -3.72
C ILE M 195 16.64 22.47 -3.47
N ASP M 196 16.08 22.20 -2.29
CA ASP M 196 15.77 20.85 -1.86
C ASP M 196 14.32 20.44 -2.12
N ALA M 197 13.54 21.27 -2.82
CA ALA M 197 12.10 21.09 -2.93
C ALA M 197 11.72 19.67 -3.34
N ILE M 198 12.47 19.07 -4.27
CA ILE M 198 12.14 17.73 -4.73
C ILE M 198 12.62 16.69 -3.73
N GLY M 199 13.67 17.01 -2.97
CA GLY M 199 14.26 16.05 -2.05
C GLY M 199 13.82 16.18 -0.61
N THR M 200 12.66 16.79 -0.37
CA THR M 200 12.17 17.01 0.99
C THR M 200 11.83 15.69 1.66
N LYS M 201 12.25 15.57 2.93
CA LYS M 201 11.82 14.45 3.75
C LYS M 201 10.39 14.66 4.23
N ARG M 202 10.05 15.88 4.63
CA ARG M 202 8.68 16.23 4.99
C ARG M 202 8.54 17.75 4.94
N TYR M 203 7.31 18.21 5.17
CA TYR M 203 7.04 19.64 5.27
C TYR M 203 7.37 20.15 6.68
N ASP M 204 7.69 21.44 6.78
CA ASP M 204 8.11 21.99 8.07
C ASP M 204 6.95 22.64 8.80
N SER M 205 6.68 22.13 10.00
CA SER M 205 5.67 22.68 10.94
C SER M 205 4.33 22.77 10.22
N ASN M 206 3.66 23.92 10.24
CA ASN M 206 2.30 24.03 9.72
C ASN M 206 2.22 24.39 8.24
N SER M 207 3.36 24.52 7.56
CA SER M 207 3.30 24.89 6.14
C SER M 207 2.76 23.73 5.32
N GLY M 208 1.65 23.98 4.63
CA GLY M 208 1.05 23.02 3.73
C GLY M 208 0.47 21.77 4.34
N GLY M 209 0.97 20.62 3.89
CA GLY M 209 2.08 20.58 2.95
C GLY M 209 1.67 20.61 1.48
N GLU M 210 2.51 20.02 0.63
CA GLU M 210 2.27 19.90 -0.82
C GLU M 210 2.11 21.31 -1.40
N ARG M 211 0.95 21.67 -1.94
CA ARG M 211 0.76 22.88 -2.76
C ARG M 211 1.20 24.19 -2.12
N GLU M 212 1.16 24.29 -0.79
CA GLU M 212 1.56 25.55 -0.17
C GLU M 212 3.06 25.78 -0.32
N ILE M 213 3.84 24.70 -0.36
CA ILE M 213 5.25 24.83 -0.72
C ILE M 213 5.38 25.22 -2.18
N GLN M 214 4.39 24.86 -3.00
CA GLN M 214 4.39 25.25 -4.40
C GLN M 214 3.96 26.70 -4.59
N ARG M 215 2.98 27.16 -3.81
CA ARG M 215 2.49 28.52 -3.97
C ARG M 215 3.47 29.56 -3.44
N THR M 216 4.28 29.22 -2.44
CA THR M 216 5.36 30.12 -2.03
C THR M 216 6.49 30.12 -3.04
N MET M 217 6.63 29.04 -3.82
CA MET M 217 7.54 29.06 -4.95
C MET M 217 6.92 29.80 -6.14
N LEU M 218 5.59 29.76 -6.27
CA LEU M 218 4.92 30.60 -7.26
C LEU M 218 5.01 32.07 -6.84
N GLU M 219 5.02 32.34 -5.54
CA GLU M 219 5.31 33.68 -5.05
C GLU M 219 6.78 34.02 -5.27
N LEU M 220 7.67 33.02 -5.14
CA LEU M 220 9.05 33.24 -5.50
C LEU M 220 9.17 33.64 -6.97
N LEU M 221 8.28 33.13 -7.83
CA LEU M 221 8.19 33.64 -9.19
C LEU M 221 7.71 35.08 -9.20
N ASN M 222 6.55 35.35 -8.60
CA ASN M 222 5.92 36.66 -8.72
C ASN M 222 6.82 37.76 -8.19
N GLN M 223 7.58 37.48 -7.14
CA GLN M 223 8.69 38.33 -6.74
C GLN M 223 9.66 38.52 -7.91
N LEU M 224 10.23 37.41 -8.37
CA LEU M 224 11.28 37.41 -9.39
C LEU M 224 10.74 37.67 -10.80
N ASP M 225 9.42 37.65 -11.00
CA ASP M 225 8.83 37.63 -12.35
C ASP M 225 9.27 38.78 -13.27
N GLY M 226 9.18 40.05 -12.87
CA GLY M 226 8.59 40.53 -11.64
C GLY M 226 8.09 41.94 -11.84
N PHE M 227 7.10 42.36 -11.05
CA PHE M 227 6.49 43.66 -11.26
C PHE M 227 6.46 44.50 -9.99
N ASP M 228 7.19 45.62 -9.99
CA ASP M 228 8.01 45.98 -11.14
C ASP M 228 9.42 46.34 -10.69
N SER M 229 10.40 45.60 -11.22
CA SER M 229 11.80 45.84 -10.91
C SER M 229 12.57 46.08 -12.20
N ARG M 230 13.43 47.08 -12.20
CA ARG M 230 14.22 47.45 -13.36
C ARG M 230 15.69 47.08 -13.18
N GLY M 231 16.37 47.69 -12.21
CA GLY M 231 17.79 47.47 -12.04
C GLY M 231 18.10 46.10 -11.45
N ASP M 232 19.36 45.97 -11.05
CA ASP M 232 19.87 44.71 -10.49
C ASP M 232 20.43 44.97 -9.08
N VAL M 233 20.32 44.06 -8.11
CA VAL M 233 19.68 42.73 -8.06
C VAL M 233 19.84 41.81 -9.30
N LYS M 234 21.06 41.31 -9.49
CA LYS M 234 21.31 40.25 -10.45
C LYS M 234 20.93 38.91 -9.84
N VAL M 235 20.00 38.21 -10.47
CA VAL M 235 19.43 36.96 -9.93
C VAL M 235 20.29 35.80 -10.39
N ILE M 236 20.73 34.98 -9.44
CA ILE M 236 21.44 33.74 -9.72
C ILE M 236 20.82 32.63 -8.86
N MET M 237 20.31 31.59 -9.52
CA MET M 237 19.72 30.45 -8.85
C MET M 237 20.56 29.20 -9.07
N ALA M 238 20.57 28.31 -8.09
CA ALA M 238 21.34 27.08 -8.18
C ALA M 238 20.67 25.99 -7.35
N THR M 239 20.90 24.74 -7.73
CA THR M 239 20.36 23.59 -7.03
C THR M 239 21.11 22.35 -7.52
N ASN M 240 20.78 21.20 -6.93
CA ASN M 240 21.36 19.94 -7.39
C ASN M 240 20.65 19.43 -8.63
N ARG M 241 19.31 19.42 -8.61
CA ARG M 241 18.50 19.02 -9.75
C ARG M 241 17.28 19.93 -9.81
N ILE M 242 16.98 20.46 -10.98
CA ILE M 242 15.86 21.37 -11.14
C ILE M 242 14.82 20.67 -12.00
N GLU M 243 13.77 20.16 -11.36
CA GLU M 243 12.47 19.96 -11.97
C GLU M 243 11.48 21.05 -11.57
N THR M 244 11.94 22.02 -10.78
CA THR M 244 11.04 22.93 -10.07
C THR M 244 10.43 23.97 -11.01
N LEU M 245 11.27 24.80 -11.63
CA LEU M 245 10.79 25.93 -12.41
C LEU M 245 9.80 25.47 -13.47
N ASP M 246 8.60 26.06 -13.45
CA ASP M 246 7.57 25.78 -14.41
C ASP M 246 7.99 26.32 -15.78
N PRO M 247 7.40 25.81 -16.86
CA PRO M 247 7.62 26.44 -18.18
C PRO M 247 7.37 27.94 -18.20
N ALA M 248 6.56 28.46 -17.27
CA ALA M 248 6.33 29.90 -17.21
C ALA M 248 7.49 30.62 -16.53
N LEU M 249 8.12 29.96 -15.55
CA LEU M 249 9.10 30.66 -14.72
C LEU M 249 10.41 30.90 -15.46
N ILE M 250 10.75 30.06 -16.43
CA ILE M 250 12.04 30.16 -17.11
C ILE M 250 12.00 31.29 -18.13
N ARG M 251 10.80 31.73 -18.52
CA ARG M 251 10.71 32.73 -19.59
C ARG M 251 11.30 34.07 -19.20
N PRO M 252 10.95 34.69 -18.05
CA PRO M 252 11.64 35.92 -17.66
C PRO M 252 13.11 35.67 -17.42
N GLY M 253 13.43 34.61 -16.70
CA GLY M 253 14.79 34.17 -16.51
C GLY M 253 14.92 32.82 -15.87
N ARG M 254 16.04 32.14 -16.16
CA ARG M 254 17.00 32.68 -17.10
C ARG M 254 16.76 32.10 -18.48
N ILE M 255 16.31 32.95 -19.40
CA ILE M 255 16.00 32.49 -20.75
C ILE M 255 17.26 32.52 -21.62
N ASP M 256 18.33 33.14 -21.15
CA ASP M 256 19.55 33.27 -21.93
C ASP M 256 20.55 32.17 -21.61
N ARG M 257 21.15 32.21 -20.42
CA ARG M 257 22.25 31.33 -20.07
C ARG M 257 21.95 30.59 -18.77
N LYS M 258 21.81 29.28 -18.86
CA LYS M 258 21.88 28.39 -17.70
C LYS M 258 22.87 27.28 -18.02
N ILE M 259 23.61 26.84 -17.00
CA ILE M 259 24.86 26.13 -17.21
C ILE M 259 24.75 24.69 -16.75
N GLU M 260 25.54 23.84 -17.38
CA GLU M 260 25.72 22.45 -16.97
C GLU M 260 27.19 22.11 -17.11
N PHE M 261 27.77 21.58 -16.05
CA PHE M 261 29.18 21.19 -16.04
C PHE M 261 29.28 19.66 -16.01
N PRO M 262 29.82 19.03 -17.04
CA PRO M 262 29.94 17.57 -17.04
C PRO M 262 30.96 17.11 -16.02
N LEU M 263 30.91 15.82 -15.71
CA LEU M 263 31.86 15.23 -14.77
C LEU M 263 33.28 15.43 -15.29
N PRO M 264 34.25 15.67 -14.41
CA PRO M 264 35.60 16.00 -14.89
C PRO M 264 36.29 14.79 -15.51
N ASP M 265 37.21 15.08 -16.42
CA ASP M 265 38.05 14.06 -17.06
C ASP M 265 39.45 14.10 -16.48
N GLU M 266 40.33 13.27 -17.03
CA GLU M 266 41.71 13.20 -16.53
C GLU M 266 42.41 14.54 -16.65
N LYS M 267 42.06 15.36 -17.65
CA LYS M 267 42.67 16.66 -17.79
C LYS M 267 42.14 17.65 -16.76
N THR M 268 40.84 17.58 -16.45
CA THR M 268 40.27 18.49 -15.47
C THR M 268 40.68 18.09 -14.05
N LYS M 269 40.63 16.80 -13.73
CA LYS M 269 40.97 16.35 -12.38
C LYS M 269 42.42 16.68 -12.04
N LYS M 270 43.34 16.46 -12.98
CA LYS M 270 44.72 16.85 -12.74
C LYS M 270 44.85 18.36 -12.59
N ARG M 271 44.08 19.12 -13.38
CA ARG M 271 44.12 20.57 -13.23
C ARG M 271 43.32 21.02 -12.02
N ILE M 272 42.42 20.18 -11.52
CA ILE M 272 41.69 20.52 -10.30
C ILE M 272 42.60 20.38 -9.08
N PHE M 273 43.30 19.25 -8.97
CA PHE M 273 44.05 18.97 -7.76
C PHE M 273 45.35 19.77 -7.70
N GLN M 274 46.07 19.84 -8.83
CA GLN M 274 47.33 20.59 -8.85
C GLN M 274 47.09 22.06 -8.54
N ILE M 275 45.97 22.61 -9.01
CA ILE M 275 45.66 24.01 -8.74
C ILE M 275 45.14 24.18 -7.32
N HIS M 276 44.33 23.23 -6.83
CA HIS M 276 43.92 23.27 -5.43
C HIS M 276 45.09 23.20 -4.48
N THR M 277 46.13 22.43 -4.84
CA THR M 277 47.31 22.28 -4.01
C THR M 277 48.40 23.30 -4.33
N SER M 278 48.13 24.24 -5.23
CA SER M 278 49.12 25.26 -5.57
C SER M 278 49.49 26.08 -4.34
N ARG M 279 48.51 26.36 -3.49
CA ARG M 279 48.79 27.06 -2.24
C ARG M 279 49.52 26.14 -1.26
N MET M 280 48.96 24.97 -0.99
CA MET M 280 49.48 24.08 0.03
C MET M 280 49.45 22.64 -0.45
N THR M 281 50.59 21.97 -0.38
CA THR M 281 50.73 20.55 -0.67
C THR M 281 50.93 19.79 0.63
N LEU M 282 51.14 18.48 0.51
CA LEU M 282 51.47 17.63 1.64
C LEU M 282 52.83 16.99 1.39
N ALA M 283 53.81 17.34 2.22
CA ALA M 283 55.18 16.83 2.13
C ALA M 283 55.81 17.11 0.77
N ASP M 284 55.29 18.11 0.05
CA ASP M 284 55.65 18.40 -1.34
C ASP M 284 55.53 17.09 -2.12
N ASP M 285 56.43 16.78 -3.05
CA ASP M 285 56.64 15.45 -3.63
C ASP M 285 55.43 14.89 -4.36
N VAL M 286 54.29 15.56 -4.28
CA VAL M 286 53.04 15.03 -4.82
C VAL M 286 53.13 14.97 -6.34
N THR M 287 52.87 13.79 -6.89
CA THR M 287 52.77 13.59 -8.33
C THR M 287 51.35 13.17 -8.67
N LEU M 288 50.77 13.82 -9.69
CA LEU M 288 49.37 13.58 -10.01
C LEU M 288 49.18 12.51 -11.07
N ASP M 289 50.26 11.89 -11.56
CA ASP M 289 50.11 10.83 -12.55
C ASP M 289 49.50 9.57 -11.95
N ASP M 290 50.00 9.15 -10.78
CA ASP M 290 49.51 7.93 -10.16
C ASP M 290 48.25 8.13 -9.35
N LEU M 291 47.90 9.39 -9.05
CA LEU M 291 46.71 9.67 -8.26
C LEU M 291 45.45 9.42 -9.07
N ILE M 292 45.40 9.94 -10.29
CA ILE M 292 44.22 9.76 -11.13
C ILE M 292 44.23 8.38 -11.78
N MET M 293 45.41 7.75 -11.86
CA MET M 293 45.51 6.43 -12.48
C MET M 293 45.04 5.33 -11.54
N ALA M 294 45.28 5.48 -10.24
CA ALA M 294 44.92 4.43 -9.29
C ALA M 294 43.42 4.30 -9.13
N LYS M 295 42.74 5.41 -8.85
CA LYS M 295 41.30 5.43 -8.63
C LYS M 295 40.58 5.85 -9.92
N ASP M 296 39.84 4.93 -10.50
CA ASP M 296 39.10 5.21 -11.73
C ASP M 296 37.67 4.70 -11.65
N ASP M 297 36.69 5.61 -11.64
CA ASP M 297 36.91 7.04 -11.51
C ASP M 297 35.95 7.63 -10.48
N LEU M 298 36.06 8.93 -10.25
CA LEU M 298 35.21 9.67 -9.32
C LEU M 298 35.62 11.13 -9.39
N SER M 299 34.73 12.01 -8.90
CA SER M 299 34.94 13.44 -9.01
C SER M 299 36.10 13.89 -8.12
N GLY M 300 36.62 15.08 -8.43
CA GLY M 300 37.72 15.65 -7.69
C GLY M 300 37.36 16.12 -6.30
N ALA M 301 36.12 15.84 -5.88
CA ALA M 301 35.70 16.10 -4.50
C ALA M 301 36.58 15.34 -3.51
N ASP M 302 36.51 14.01 -3.55
CA ASP M 302 37.16 13.15 -2.57
C ASP M 302 38.67 13.08 -2.71
N ILE M 303 39.23 13.61 -3.80
CA ILE M 303 40.69 13.55 -3.95
C ILE M 303 41.35 14.48 -2.94
N LYS M 304 40.64 15.52 -2.50
CA LYS M 304 41.12 16.35 -1.40
C LYS M 304 40.88 15.65 -0.06
N ALA M 305 39.82 14.84 0.03
CA ALA M 305 39.51 14.17 1.28
C ALA M 305 40.55 13.10 1.61
N ILE M 306 40.97 12.33 0.59
CA ILE M 306 42.02 11.34 0.82
C ILE M 306 43.34 12.04 1.12
N CYS M 307 43.55 13.23 0.56
CA CYS M 307 44.74 14.00 0.89
C CYS M 307 44.56 14.74 2.22
N THR M 308 43.30 15.01 2.61
CA THR M 308 43.04 15.55 3.93
C THR M 308 43.47 14.58 5.02
N GLU M 309 43.13 13.30 4.84
CA GLU M 309 43.52 12.29 5.82
C GLU M 309 44.95 11.83 5.61
N ALA M 310 45.56 12.18 4.48
CA ALA M 310 46.94 11.77 4.23
C ALA M 310 47.90 12.44 5.19
N GLY M 311 47.89 13.78 5.25
CA GLY M 311 48.69 14.47 6.23
C GLY M 311 48.09 14.42 7.63
N LEU M 312 46.83 14.02 7.74
CA LEU M 312 46.18 13.89 9.03
C LEU M 312 46.66 12.63 9.75
N MET M 313 46.73 11.51 9.04
CA MET M 313 47.27 10.30 9.63
C MET M 313 48.76 10.42 9.87
N ALA M 314 49.48 11.13 9.00
CA ALA M 314 50.89 11.37 9.22
C ALA M 314 51.13 12.32 10.38
N LEU M 315 50.10 13.05 10.81
CA LEU M 315 50.20 13.96 11.95
C LEU M 315 50.30 13.23 13.28
N ARG M 316 50.07 11.92 13.30
CA ARG M 316 50.39 11.13 14.49
C ARG M 316 51.88 11.12 14.74
N GLU M 317 52.67 11.29 13.67
CA GLU M 317 54.11 11.49 13.75
C GLU M 317 54.45 12.97 13.87
N ARG M 318 53.44 13.82 13.96
CA ARG M 318 53.47 15.25 14.28
C ARG M 318 53.93 16.13 13.13
N ARG M 319 54.65 15.58 12.15
CA ARG M 319 54.77 16.32 10.90
C ARG M 319 54.70 15.42 9.66
N MET M 320 55.76 14.64 9.45
CA MET M 320 56.05 14.05 8.13
C MET M 320 56.49 12.60 8.31
N LYS M 321 55.78 11.69 7.63
CA LYS M 321 56.18 10.29 7.45
C LYS M 321 55.07 9.61 6.65
N VAL M 322 55.42 8.48 6.03
CA VAL M 322 54.49 7.68 5.23
C VAL M 322 54.74 6.23 5.57
N THR M 323 53.70 5.51 5.97
CA THR M 323 53.80 4.07 6.23
C THR M 323 53.14 3.30 5.08
N ASN M 324 53.92 2.47 4.38
CA ASN M 324 53.42 1.80 3.19
C ASN M 324 52.28 0.85 3.51
N GLU M 325 52.36 0.15 4.64
CA GLU M 325 51.30 -0.79 5.01
C GLU M 325 50.07 -0.06 5.51
N ASP M 326 50.25 1.07 6.20
CA ASP M 326 49.13 1.84 6.71
C ASP M 326 48.49 2.73 5.65
N PHE M 327 49.28 3.35 4.77
CA PHE M 327 48.73 4.28 3.80
C PHE M 327 47.78 3.57 2.83
N LYS M 328 48.20 2.43 2.30
CA LYS M 328 47.34 1.67 1.41
C LYS M 328 46.16 1.06 2.17
N LYS M 329 46.30 0.86 3.47
CA LYS M 329 45.18 0.37 4.27
C LYS M 329 44.19 1.49 4.56
N SER M 330 44.69 2.70 4.82
CA SER M 330 43.81 3.84 5.00
C SER M 330 43.16 4.26 3.68
N LYS M 331 43.88 4.06 2.57
CA LYS M 331 43.30 4.32 1.26
C LYS M 331 42.22 3.30 0.91
N GLU M 332 42.29 2.11 1.51
CA GLU M 332 41.30 1.08 1.25
C GLU M 332 39.90 1.52 1.67
N ASN M 333 39.82 2.33 2.73
CA ASN M 333 38.51 2.80 3.20
C ASN M 333 37.79 3.62 2.15
N VAL M 334 38.49 4.60 1.56
CA VAL M 334 37.86 5.40 0.51
C VAL M 334 37.83 4.64 -0.81
N LEU M 335 38.82 3.79 -1.07
CA LEU M 335 38.81 2.99 -2.29
C LEU M 335 37.59 2.09 -2.34
N TYR M 336 37.30 1.38 -1.25
CA TYR M 336 36.09 0.57 -1.19
C TYR M 336 34.84 1.42 -1.15
N LYS M 337 34.89 2.62 -0.56
CA LYS M 337 33.73 3.48 -0.51
C LYS M 337 33.19 3.74 -1.92
N LYS M 338 34.08 4.02 -2.87
CA LYS M 338 33.66 4.16 -4.25
C LYS M 338 33.52 2.82 -4.95
N GLN M 339 34.15 1.78 -4.42
CA GLN M 339 34.09 0.45 -5.03
C GLN M 339 32.93 -0.39 -4.50
N GLU M 340 32.12 0.15 -3.60
CA GLU M 340 30.88 -0.53 -3.22
C GLU M 340 29.80 -0.30 -4.26
N GLY M 341 29.72 0.94 -4.77
CA GLY M 341 28.73 1.31 -5.75
C GLY M 341 29.26 1.41 -7.17
N THR M 342 30.37 0.70 -7.47
CA THR M 342 31.00 0.77 -8.78
C THR M 342 30.04 0.59 -9.96
N PRO M 343 29.22 -0.46 -10.05
CA PRO M 343 28.38 -0.63 -11.24
C PRO M 343 27.14 0.25 -11.19
N GLU M 344 26.35 0.21 -12.26
CA GLU M 344 25.08 0.94 -12.32
C GLU M 344 23.91 0.02 -12.76
N GLY M 345 23.89 -0.58 -13.96
CA GLY M 345 24.90 -0.50 -15.02
C GLY M 345 26.23 -1.15 -14.70
N LEU M 346 27.32 -0.85 -15.42
CA LEU M 346 27.37 -0.25 -16.78
C LEU M 346 26.51 0.96 -17.14
N TYR M 347 26.62 2.05 -16.39
CA TYR M 347 25.97 3.28 -16.81
C TYR M 347 26.52 3.68 -18.16
N LEU M 348 25.64 3.86 -19.15
CA LEU M 348 26.09 3.99 -20.52
C LEU M 348 25.05 4.69 -21.39
N LEU N 1 63.74 85.71 95.43
CA LEU N 1 62.37 86.20 95.48
C LEU N 1 61.68 85.56 96.68
N GLU N 2 61.71 84.23 96.74
CA GLU N 2 61.36 83.44 97.91
C GLU N 2 59.87 83.49 98.25
N GLU N 3 59.13 84.41 97.64
CA GLU N 3 57.68 84.45 97.80
C GLU N 3 56.94 83.27 97.15
N GLY N 4 57.21 82.93 95.88
CA GLY N 4 58.15 83.60 95.00
C GLY N 4 58.42 82.82 93.74
N LYS N 5 59.55 83.10 93.08
CA LYS N 5 59.88 82.36 91.85
C LYS N 5 59.97 80.86 92.10
N ALA N 6 60.23 80.45 93.34
CA ALA N 6 60.06 79.05 93.70
C ALA N 6 58.60 78.71 93.97
N GLY N 7 57.87 79.61 94.62
CA GLY N 7 56.46 79.35 94.91
C GLY N 7 55.57 79.59 93.71
N SER N 8 55.83 80.66 92.95
CA SER N 8 55.06 80.99 91.76
C SER N 8 55.08 79.86 90.73
N GLY N 9 56.19 79.14 90.62
CA GLY N 9 56.18 77.94 89.79
C GLY N 9 55.16 76.93 90.27
N LEU N 10 55.08 76.73 91.59
CA LEU N 10 54.04 75.88 92.16
C LEU N 10 52.66 76.48 91.91
N ARG N 11 52.57 77.81 91.91
CA ARG N 11 51.35 78.49 91.51
C ARG N 11 51.12 78.26 90.02
N GLN N 12 52.17 78.40 89.22
CA GLN N 12 52.06 78.09 87.80
C GLN N 12 51.86 76.61 87.56
N TYR N 13 52.37 75.77 88.47
CA TYR N 13 52.10 74.34 88.39
C TYR N 13 50.62 74.02 88.54
N TYR N 14 49.93 74.66 89.48
CA TYR N 14 48.49 74.46 89.63
C TYR N 14 47.76 74.76 88.33
N LEU N 15 48.04 75.90 87.71
CA LEU N 15 47.42 76.21 86.42
C LEU N 15 47.79 75.19 85.36
N SER N 16 49.08 74.84 85.25
CA SER N 16 49.51 73.85 84.28
C SER N 16 48.95 72.47 84.62
N LYS N 17 48.81 72.16 85.91
CA LYS N 17 48.13 70.91 86.28
C LYS N 17 46.68 70.94 85.85
N ILE N 18 45.98 72.06 86.11
CA ILE N 18 44.62 72.22 85.59
C ILE N 18 44.61 72.36 84.08
N GLU N 19 45.62 73.01 83.49
CA GLU N 19 45.70 73.07 82.02
C GLU N 19 45.80 71.68 81.42
N GLU N 20 46.65 70.82 81.99
CA GLU N 20 46.67 69.43 81.57
C GLU N 20 45.38 68.71 81.96
N LEU N 21 44.85 69.02 83.14
CA LEU N 21 43.53 68.52 83.50
C LEU N 21 42.47 69.04 82.54
N GLN N 22 42.51 70.33 82.23
CA GLN N 22 41.60 70.88 81.23
C GLN N 22 41.85 70.26 79.87
N LEU N 23 43.12 70.07 79.49
CA LEU N 23 43.43 69.39 78.23
C LEU N 23 42.88 67.96 78.22
N ILE N 24 42.94 67.27 79.36
CA ILE N 24 42.28 65.97 79.46
C ILE N 24 40.77 66.11 79.26
N VAL N 25 40.16 67.09 79.93
CA VAL N 25 38.75 67.38 79.71
C VAL N 25 38.53 67.90 78.30
N ASN N 26 39.50 68.63 77.75
CA ASN N 26 39.40 69.08 76.37
C ASN N 26 39.56 67.91 75.41
N ASP N 27 40.50 67.01 75.69
CA ASP N 27 40.64 65.80 74.89
C ASP N 27 39.37 64.97 74.95
N LYS N 28 38.69 65.00 76.10
CA LYS N 28 37.38 64.37 76.19
C LYS N 28 36.33 65.14 75.40
N SER N 29 36.53 66.45 75.24
CA SER N 29 35.61 67.24 74.41
C SER N 29 35.95 67.11 72.93
N GLN N 30 37.25 67.12 72.60
CA GLN N 30 37.68 67.14 71.20
C GLN N 30 37.15 65.91 70.45
N ASN N 31 37.39 64.71 70.99
CA ASN N 31 36.85 63.52 70.35
C ASN N 31 35.34 63.49 70.44
N LEU N 32 34.76 64.16 71.44
CA LEU N 32 33.30 64.25 71.53
C LEU N 32 32.76 65.30 70.57
N ARG N 33 33.56 66.32 70.23
CA ARG N 33 33.17 67.22 69.16
C ARG N 33 32.97 66.48 67.84
N ARG N 34 33.75 65.42 67.62
CA ARG N 34 33.57 64.63 66.40
C ARG N 34 32.26 63.86 66.43
N LEU N 35 31.89 63.30 67.59
CA LEU N 35 30.60 62.60 67.70
C LEU N 35 29.43 63.54 67.41
N GLN N 36 29.61 64.84 67.65
CA GLN N 36 28.58 65.81 67.29
C GLN N 36 28.59 66.04 65.78
N ALA N 37 29.71 66.55 65.25
CA ALA N 37 29.82 66.86 63.83
C ALA N 37 29.49 65.65 62.96
N GLN N 38 29.86 64.46 63.41
CA GLN N 38 29.47 63.23 62.72
C GLN N 38 27.95 63.16 62.63
N ARG N 39 27.28 63.04 63.79
CA ARG N 39 25.83 63.04 63.82
C ARG N 39 25.22 64.31 63.24
N ASN N 40 25.91 65.45 63.35
CA ASN N 40 25.45 66.66 62.69
C ASN N 40 25.51 66.50 61.17
N GLU N 41 26.54 65.83 60.67
CA GLU N 41 26.57 65.48 59.25
C GLU N 41 25.54 64.40 58.95
N LEU N 42 25.34 63.46 59.88
CA LEU N 42 24.26 62.50 59.74
C LEU N 42 22.91 63.18 59.83
N ASN N 43 22.81 64.26 60.60
CA ASN N 43 21.59 65.07 60.58
C ASN N 43 21.39 65.75 59.24
N ALA N 44 22.47 66.00 58.50
CA ALA N 44 22.37 66.43 57.12
C ALA N 44 22.17 65.26 56.15
N LYS N 45 22.50 64.03 56.56
CA LYS N 45 22.30 62.87 55.71
C LYS N 45 20.81 62.54 55.58
N VAL N 46 20.07 62.62 56.69
CA VAL N 46 18.62 62.42 56.62
C VAL N 46 17.98 63.55 55.83
N ARG N 47 18.59 64.74 55.84
CA ARG N 47 18.17 65.82 54.96
C ARG N 47 18.75 65.68 53.56
N LEU N 48 19.84 64.92 53.41
CA LEU N 48 20.34 64.63 52.06
C LEU N 48 19.40 63.68 51.34
N LEU N 49 18.92 62.64 52.04
CA LEU N 49 17.92 61.76 51.46
C LEU N 49 16.59 62.48 51.25
N ARG N 50 16.24 63.42 52.14
CA ARG N 50 15.04 64.22 51.93
C ARG N 50 15.17 65.10 50.71
N GLU N 51 16.29 65.79 50.56
CA GLU N 51 16.50 66.64 49.40
C GLU N 51 16.60 65.82 48.13
N GLU N 52 17.27 64.66 48.21
CA GLU N 52 17.38 63.80 47.03
C GLU N 52 16.04 63.17 46.68
N LEU N 53 15.21 62.88 47.69
CA LEU N 53 13.88 62.35 47.42
C LEU N 53 13.01 63.36 46.68
N GLN N 54 13.17 64.65 46.98
CA GLN N 54 12.44 65.68 46.26
C GLN N 54 12.79 65.68 44.77
N LEU N 55 14.02 65.28 44.43
CA LEU N 55 14.38 65.12 43.03
C LEU N 55 13.69 63.90 42.43
N LEU N 56 13.48 62.87 43.24
CA LEU N 56 12.83 61.65 42.83
C LEU N 56 11.35 61.63 43.19
N GLN N 57 10.80 62.75 43.70
CA GLN N 57 9.45 62.77 44.24
C GLN N 57 8.37 62.78 43.17
N GLU N 58 8.51 63.63 42.15
CA GLU N 58 7.42 63.89 41.21
C GLU N 58 6.90 62.64 40.53
N GLN N 59 7.65 62.12 39.56
CA GLN N 59 7.30 60.89 38.87
C GLN N 59 8.06 59.67 39.36
N GLY N 60 8.93 59.82 40.36
CA GLY N 60 9.87 58.77 40.69
C GLY N 60 11.09 58.87 39.81
N SER N 61 11.67 57.73 39.43
CA SER N 61 12.67 57.69 38.37
C SER N 61 12.61 56.31 37.73
N TYR N 62 12.82 56.26 36.42
CA TYR N 62 12.55 55.05 35.64
C TYR N 62 13.85 54.33 35.30
N VAL N 63 13.72 53.26 34.52
CA VAL N 63 14.85 52.49 34.00
C VAL N 63 14.61 52.27 32.52
N GLY N 64 15.56 52.69 31.69
CA GLY N 64 15.44 52.58 30.25
C GLY N 64 16.32 51.49 29.67
N GLU N 65 16.18 51.30 28.35
CA GLU N 65 16.98 50.36 27.60
C GLU N 65 17.44 51.03 26.31
N VAL N 66 18.75 51.11 26.12
CA VAL N 66 19.32 51.81 24.97
C VAL N 66 19.54 50.81 23.83
N VAL N 67 18.81 51.00 22.74
CA VAL N 67 18.99 50.14 21.57
C VAL N 67 20.16 50.53 20.70
N ARG N 68 20.53 51.82 20.65
CA ARG N 68 21.66 52.26 19.84
C ARG N 68 22.23 53.53 20.48
N ALA N 69 23.52 53.75 20.24
CA ALA N 69 24.23 54.91 20.76
C ALA N 69 24.62 55.81 19.61
N MET N 70 24.58 57.13 19.84
CA MET N 70 24.93 58.10 18.82
C MET N 70 26.11 58.94 19.29
N ASP N 71 26.86 59.47 18.31
CA ASP N 71 27.99 60.35 18.63
C ASP N 71 27.53 61.76 18.97
N LYS N 72 26.28 62.09 18.63
CA LYS N 72 25.72 63.40 18.95
C LYS N 72 25.42 63.58 20.43
N LYS N 73 25.61 62.52 21.23
CA LYS N 73 25.42 62.44 22.68
C LYS N 73 23.95 62.24 23.05
N LYS N 74 23.03 62.23 22.10
CA LYS N 74 21.65 61.84 22.37
C LYS N 74 21.58 60.33 22.43
N VAL N 75 20.98 59.80 23.51
CA VAL N 75 20.90 58.37 23.74
C VAL N 75 19.43 57.96 23.69
N LEU N 76 19.13 56.90 22.96
CA LEU N 76 17.77 56.40 22.88
C LEU N 76 17.43 55.60 24.13
N VAL N 77 16.22 55.81 24.64
CA VAL N 77 15.76 55.17 25.88
C VAL N 77 14.51 54.35 25.53
N LYS N 78 14.39 53.16 26.12
CA LYS N 78 13.22 52.32 25.91
C LYS N 78 12.81 51.68 27.22
N VAL N 79 11.52 51.80 27.55
CA VAL N 79 10.93 51.11 28.69
C VAL N 79 10.12 49.94 28.15
N HIS N 80 10.10 48.83 28.91
CA HIS N 80 9.48 47.61 28.41
C HIS N 80 8.00 47.78 28.11
N PRO N 81 7.15 48.22 29.04
CA PRO N 81 5.74 48.43 28.68
C PRO N 81 5.52 49.65 27.79
N GLU N 82 6.37 50.67 27.90
CA GLU N 82 6.17 51.91 27.19
C GLU N 82 6.85 51.86 25.82
N GLY N 83 6.82 53.00 25.11
CA GLY N 83 7.50 53.14 23.85
C GLY N 83 8.92 53.66 24.01
N LYS N 84 9.66 53.63 22.91
CA LYS N 84 11.04 54.09 22.91
C LYS N 84 11.08 55.60 23.09
N PHE N 85 12.04 56.08 23.87
CA PHE N 85 12.29 57.51 24.07
C PHE N 85 13.71 57.84 23.62
N VAL N 86 14.05 59.12 23.67
CA VAL N 86 15.41 59.59 23.42
C VAL N 86 15.57 60.93 24.13
N VAL N 87 16.81 61.26 24.50
CA VAL N 87 17.08 62.43 25.32
C VAL N 87 18.46 62.98 24.98
N ASP N 88 18.63 64.28 25.18
CA ASP N 88 19.93 64.91 25.02
C ASP N 88 20.79 64.56 26.22
N VAL N 89 22.05 65.01 26.21
CA VAL N 89 23.01 64.77 27.29
C VAL N 89 22.57 65.41 28.60
N ASP N 90 22.49 64.69 29.74
CA ASP N 90 22.80 63.25 29.96
C ASP N 90 24.23 62.80 29.66
N LYS N 91 25.18 63.22 30.51
CA LYS N 91 26.47 62.54 30.62
C LYS N 91 26.80 62.43 32.11
N ASN N 92 26.91 61.19 32.60
CA ASN N 92 27.29 60.94 33.98
C ASN N 92 28.49 59.99 34.04
N ILE N 93 28.28 58.70 33.80
CA ILE N 93 29.39 57.76 33.75
C ILE N 93 30.12 57.91 32.41
N ASP N 94 31.37 57.42 32.37
CA ASP N 94 32.14 57.44 31.14
C ASP N 94 31.37 56.77 30.01
N ILE N 95 31.48 57.35 28.82
CA ILE N 95 30.64 56.93 27.70
C ILE N 95 31.02 55.53 27.24
N ASN N 96 32.27 55.13 27.44
CA ASN N 96 32.72 53.82 26.98
C ASN N 96 31.99 52.67 27.65
N ASP N 97 31.43 52.90 28.85
CA ASP N 97 30.64 51.88 29.52
C ASP N 97 29.22 51.78 28.99
N VAL N 98 28.81 52.70 28.13
CA VAL N 98 27.47 52.71 27.55
C VAL N 98 27.52 52.00 26.21
N THR N 99 26.72 50.95 26.06
CA THR N 99 26.65 50.13 24.87
C THR N 99 25.18 49.85 24.57
N PRO N 100 24.84 49.56 23.31
CA PRO N 100 23.46 49.19 22.99
C PRO N 100 23.01 47.96 23.76
N ASN N 101 21.69 47.85 23.95
CA ASN N 101 21.02 46.73 24.62
C ASN N 101 21.32 46.70 26.11
N CYS N 102 22.17 47.61 26.58
CA CYS N 102 22.54 47.65 27.99
C CYS N 102 21.47 48.35 28.82
N ARG N 103 21.36 47.92 30.08
CA ARG N 103 20.39 48.49 31.02
C ARG N 103 20.92 49.82 31.56
N VAL N 104 20.04 50.82 31.63
CA VAL N 104 20.39 52.15 32.08
C VAL N 104 19.26 52.73 32.92
N ALA N 105 19.62 53.49 33.95
CA ALA N 105 18.63 54.18 34.76
C ALA N 105 18.06 55.38 34.01
N LEU N 106 16.89 55.84 34.44
CA LEU N 106 16.19 56.93 33.77
C LEU N 106 15.62 57.90 34.80
N ARG N 107 15.95 59.18 34.66
CA ARG N 107 15.40 60.23 35.51
C ARG N 107 13.99 60.60 35.07
N ASN N 108 13.22 61.15 36.01
CA ASN N 108 11.83 61.49 35.72
C ASN N 108 11.71 62.81 34.95
N ASP N 109 12.42 63.84 35.41
CA ASP N 109 12.20 65.20 34.90
C ASP N 109 12.80 65.38 33.52
N SER N 110 14.14 65.38 33.44
CA SER N 110 14.80 65.53 32.14
C SER N 110 14.82 64.23 31.36
N TYR N 111 14.42 63.11 31.96
CA TYR N 111 14.43 61.80 31.30
C TYR N 111 15.82 61.45 30.77
N THR N 112 16.85 61.72 31.56
CA THR N 112 18.21 61.40 31.21
C THR N 112 18.61 60.07 31.86
N LEU N 113 19.85 59.64 31.59
CA LEU N 113 20.39 58.41 32.16
C LEU N 113 21.29 58.78 33.33
N HIS N 114 20.88 58.41 34.54
CA HIS N 114 21.64 58.76 35.73
C HIS N 114 22.88 57.90 35.92
N LYS N 115 22.79 56.59 35.73
CA LYS N 115 23.91 55.70 35.93
C LYS N 115 23.97 54.70 34.77
N ILE N 116 24.97 53.84 34.81
CA ILE N 116 25.10 52.71 33.90
C ILE N 116 24.95 51.43 34.70
N LEU N 117 24.19 50.48 34.15
CA LEU N 117 23.85 49.26 34.88
C LEU N 117 24.30 48.06 34.07
N PRO N 118 24.82 47.03 34.73
CA PRO N 118 25.17 45.80 34.01
C PRO N 118 23.93 45.09 33.50
N ASN N 119 23.96 44.68 32.24
CA ASN N 119 22.86 43.99 31.60
C ASN N 119 23.18 42.50 31.48
N LYS N 120 22.21 41.74 30.98
CA LYS N 120 22.40 40.31 30.74
C LYS N 120 21.89 39.99 29.35
N VAL N 121 22.81 39.59 28.47
CA VAL N 121 22.49 39.12 27.13
C VAL N 121 23.13 37.74 26.96
N ASP N 122 24.46 37.69 27.05
CA ASP N 122 25.15 36.40 27.09
C ASP N 122 24.68 35.50 28.24
N PRO N 123 24.40 36.00 29.46
CA PRO N 123 23.85 35.12 30.50
C PRO N 123 22.57 34.41 30.10
N LEU N 124 21.73 35.05 29.27
CA LEU N 124 20.53 34.40 28.75
C LEU N 124 20.89 33.12 28.00
N VAL N 125 21.65 33.27 26.92
CA VAL N 125 22.11 32.15 26.11
C VAL N 125 22.85 31.13 26.97
N SER N 126 23.97 31.56 27.57
CA SER N 126 24.85 30.66 28.30
C SER N 126 24.11 29.83 29.36
N LEU N 127 23.05 30.39 29.94
CA LEU N 127 22.26 29.62 30.90
C LEU N 127 21.57 28.46 30.21
N MET N 128 21.05 28.68 29.00
CA MET N 128 20.48 27.59 28.22
C MET N 128 21.57 26.61 27.76
N MET N 129 22.81 27.08 27.67
CA MET N 129 23.90 26.22 27.24
C MET N 129 24.36 25.31 28.37
N VAL N 130 24.25 25.78 29.61
CA VAL N 130 24.65 24.97 30.75
C VAL N 130 23.53 24.01 31.17
N GLU N 131 22.31 24.23 30.67
CA GLU N 131 21.22 23.29 30.95
C GLU N 131 21.45 21.96 30.25
N LYS N 132 21.93 22.00 29.00
CA LYS N 132 21.99 20.79 28.20
C LYS N 132 23.13 19.88 28.63
N VAL N 133 24.23 20.46 29.13
CA VAL N 133 25.41 19.67 29.47
C VAL N 133 26.02 20.21 30.75
N PRO N 134 26.57 19.31 31.57
CA PRO N 134 27.45 19.73 32.66
C PRO N 134 28.81 20.21 32.15
N ASP N 135 29.77 20.37 33.05
CA ASP N 135 31.10 20.83 32.64
C ASP N 135 31.81 19.74 31.83
N SER N 136 32.10 18.61 32.46
CA SER N 136 32.63 17.42 31.79
C SER N 136 33.98 17.72 31.10
N THR N 137 34.99 17.90 31.95
CA THR N 137 36.35 18.14 31.50
C THR N 137 37.01 16.82 31.11
N TYR N 138 38.32 16.85 30.88
CA TYR N 138 39.06 15.62 30.53
C TYR N 138 38.98 14.60 31.66
N GLU N 139 39.04 15.08 32.91
CA GLU N 139 38.89 14.18 34.06
C GLU N 139 37.48 13.61 34.18
N MET N 140 36.52 14.17 33.46
CA MET N 140 35.16 13.65 33.43
C MET N 140 34.89 12.77 32.21
N ILE N 141 35.89 12.52 31.38
CA ILE N 141 35.72 11.68 30.20
C ILE N 141 36.80 10.60 30.21
N GLY N 142 36.46 9.45 29.64
CA GLY N 142 37.39 8.34 29.58
C GLY N 142 36.94 7.30 28.59
N GLY N 143 37.88 6.44 28.17
CA GLY N 143 37.60 5.39 27.23
C GLY N 143 37.68 5.80 25.78
N LEU N 144 37.64 7.09 25.48
CA LEU N 144 37.75 7.62 24.12
C LEU N 144 39.18 7.99 23.76
N ASP N 145 40.16 7.66 24.60
CA ASP N 145 41.53 8.11 24.44
C ASP N 145 42.05 7.92 23.02
N LYS N 146 41.67 6.81 22.37
CA LYS N 146 42.04 6.63 20.97
C LYS N 146 41.39 7.69 20.09
N GLN N 147 40.14 8.05 20.37
CA GLN N 147 39.44 9.06 19.60
C GLN N 147 39.80 10.49 20.03
N ILE N 148 40.17 10.70 21.30
CA ILE N 148 40.55 12.04 21.71
C ILE N 148 41.87 12.46 21.04
N LYS N 149 42.71 11.49 20.72
CA LYS N 149 43.92 11.80 19.94
C LYS N 149 43.57 12.10 18.49
N GLU N 150 42.41 11.62 18.03
CA GLU N 150 41.96 11.92 16.67
C GLU N 150 41.33 13.30 16.60
N ILE N 151 40.57 13.67 17.63
CA ILE N 151 39.84 14.94 17.61
C ILE N 151 40.71 16.14 17.98
N LYS N 152 41.72 15.95 18.84
CA LYS N 152 42.50 17.08 19.34
C LYS N 152 43.15 17.87 18.22
N GLU N 153 43.89 17.18 17.35
CA GLU N 153 44.60 17.85 16.26
C GLU N 153 43.66 18.65 15.36
N VAL N 154 42.37 18.32 15.33
CA VAL N 154 41.40 19.18 14.68
C VAL N 154 41.02 20.35 15.59
N ILE N 155 40.82 20.07 16.87
CA ILE N 155 40.38 21.11 17.80
C ILE N 155 41.54 22.01 18.18
N GLU N 156 42.70 21.42 18.45
CA GLU N 156 43.82 22.18 19.01
C GLU N 156 44.47 23.07 17.96
N LEU N 157 44.33 22.71 16.68
CA LEU N 157 45.12 23.39 15.65
C LEU N 157 44.73 24.84 15.46
N PRO N 158 43.46 25.21 15.23
CA PRO N 158 43.15 26.63 15.01
C PRO N 158 43.28 27.51 16.25
N VAL N 159 43.30 26.94 17.45
CA VAL N 159 43.42 27.75 18.65
C VAL N 159 44.87 28.16 18.90
N LYS N 160 45.80 27.24 18.63
CA LYS N 160 47.20 27.39 18.99
C LYS N 160 48.11 27.26 17.78
N HIS N 161 48.02 26.13 17.07
CA HIS N 161 48.93 25.82 15.98
C HIS N 161 48.92 26.76 14.77
N PRO N 162 47.79 27.44 14.35
CA PRO N 162 47.51 27.60 12.91
C PRO N 162 48.67 28.04 12.03
N GLU N 163 49.67 28.70 12.61
CA GLU N 163 50.82 29.14 11.82
C GLU N 163 51.49 27.99 11.07
N LEU N 164 51.25 26.75 11.50
CA LEU N 164 51.78 25.57 10.82
C LEU N 164 50.81 24.98 9.80
N PHE N 165 49.65 25.62 9.56
CA PHE N 165 48.75 25.20 8.49
C PHE N 165 49.49 25.08 7.16
N GLU N 166 50.05 26.19 6.70
CA GLU N 166 50.81 26.19 5.45
C GLU N 166 51.88 25.10 5.43
N ALA N 167 52.46 24.79 6.59
CA ALA N 167 53.44 23.72 6.67
C ALA N 167 52.79 22.36 6.49
N LEU N 168 51.67 22.14 7.18
CA LEU N 168 50.96 20.85 7.07
C LEU N 168 50.17 20.75 5.77
N GLY N 169 49.78 21.86 5.17
CA GLY N 169 49.10 21.84 3.89
C GLY N 169 47.69 21.30 3.92
N ILE N 170 46.84 21.85 4.78
CA ILE N 170 45.44 21.45 4.88
C ILE N 170 44.61 22.66 5.28
N ALA N 171 43.40 22.76 4.74
CA ALA N 171 42.49 23.84 5.09
C ALA N 171 41.91 23.61 6.48
N GLN N 172 41.39 24.68 7.06
CA GLN N 172 40.76 24.59 8.38
C GLN N 172 39.60 23.60 8.34
N PRO N 173 39.55 22.64 9.24
CA PRO N 173 38.51 21.60 9.16
C PRO N 173 37.13 22.17 9.39
N LYS N 174 36.17 21.64 8.62
CA LYS N 174 34.79 22.09 8.66
C LYS N 174 34.00 21.55 9.84
N GLY N 175 34.47 20.48 10.47
CA GLY N 175 33.76 19.91 11.59
C GLY N 175 34.10 18.44 11.74
N VAL N 176 33.50 17.84 12.76
CA VAL N 176 33.70 16.43 13.06
C VAL N 176 32.34 15.79 13.30
N LEU N 177 32.24 14.49 13.05
CA LEU N 177 31.02 13.74 13.29
C LEU N 177 31.30 12.56 14.22
N LEU N 178 30.31 12.22 15.03
CA LEU N 178 30.36 11.04 15.90
C LEU N 178 29.04 10.29 15.73
N TYR N 179 29.13 9.04 15.27
CA TYR N 179 27.95 8.23 15.00
C TYR N 179 28.12 6.84 15.60
N GLY N 180 27.11 6.42 16.36
CA GLY N 180 27.08 5.10 16.93
C GLY N 180 25.91 4.94 17.89
N PRO N 181 25.52 3.70 18.18
CA PRO N 181 24.40 3.48 19.11
C PRO N 181 24.73 4.00 20.49
N PRO N 182 23.86 4.84 21.07
CA PRO N 182 24.11 5.41 22.39
C PRO N 182 23.95 4.41 23.53
N GLY N 183 24.86 4.41 24.49
CA GLY N 183 26.09 5.20 24.40
C GLY N 183 26.05 6.58 25.02
N THR N 184 27.19 6.99 25.57
CA THR N 184 27.39 8.32 26.12
C THR N 184 28.84 8.73 25.84
N GLY N 185 29.24 9.88 26.38
CA GLY N 185 30.57 10.39 26.23
C GLY N 185 30.77 11.29 25.03
N LYS N 186 29.91 11.18 24.01
CA LYS N 186 30.00 12.09 22.87
C LYS N 186 29.70 13.53 23.27
N THR N 187 28.75 13.75 24.17
CA THR N 187 28.46 15.08 24.70
C THR N 187 29.47 15.49 25.76
N LEU N 188 29.90 14.54 26.60
CA LEU N 188 30.86 14.86 27.65
C LEU N 188 32.22 15.24 27.07
N LEU N 189 32.57 14.67 25.91
CA LEU N 189 33.86 14.97 25.30
C LEU N 189 33.87 16.35 24.64
N ALA N 190 32.69 16.92 24.36
CA ALA N 190 32.58 18.23 23.72
C ALA N 190 33.36 19.29 24.50
N ARG N 191 32.93 19.55 25.73
CA ARG N 191 33.61 20.53 26.58
C ARG N 191 34.84 19.95 27.27
N ALA N 192 35.14 18.67 27.07
CA ALA N 192 36.31 18.05 27.67
C ALA N 192 37.57 18.51 26.96
N VAL N 193 37.68 18.18 25.67
CA VAL N 193 38.82 18.64 24.88
C VAL N 193 38.89 20.16 24.89
N ALA N 194 37.73 20.83 24.91
CA ALA N 194 37.71 22.28 24.89
C ALA N 194 38.16 22.90 26.21
N HIS N 195 38.07 22.14 27.31
CA HIS N 195 38.46 22.68 28.61
C HIS N 195 39.97 22.91 28.66
N HIS N 196 40.75 21.88 28.35
CA HIS N 196 42.20 22.03 28.30
C HIS N 196 42.67 22.82 27.08
N THR N 197 41.84 22.96 26.06
CA THR N 197 42.14 23.83 24.93
C THR N 197 41.97 25.30 25.29
N ASP N 198 41.40 25.60 26.46
CA ASP N 198 41.12 26.94 26.98
C ASP N 198 39.99 27.64 26.25
N CYS N 199 39.43 27.05 25.20
CA CYS N 199 38.34 27.66 24.47
C CYS N 199 37.00 27.36 25.15
N THR N 200 36.15 28.38 25.25
CA THR N 200 34.85 28.22 25.87
C THR N 200 33.94 27.39 24.96
N PHE N 201 32.86 26.87 25.52
CA PHE N 201 31.97 25.98 24.77
C PHE N 201 30.52 26.48 24.83
N ILE N 202 29.89 26.54 23.66
CA ILE N 202 28.48 26.86 23.52
C ILE N 202 27.79 25.59 23.02
N ARG N 203 26.49 25.47 23.29
CA ARG N 203 25.91 24.13 23.23
C ARG N 203 25.18 23.83 21.93
N VAL N 204 23.90 24.22 21.80
CA VAL N 204 23.05 23.68 20.75
C VAL N 204 21.60 24.16 20.89
N SER N 205 20.75 23.73 19.95
CA SER N 205 19.30 23.94 19.94
C SER N 205 18.65 23.16 21.11
N GLY N 206 17.33 23.15 21.33
CA GLY N 206 16.25 23.59 20.46
C GLY N 206 16.16 25.02 20.00
N SER N 207 16.11 25.96 20.94
CA SER N 207 16.00 27.38 20.60
C SER N 207 14.75 27.63 19.73
N GLU N 208 13.52 27.61 20.26
CA GLU N 208 13.12 27.69 21.69
C GLU N 208 13.63 28.97 22.35
N LEU N 209 12.91 30.06 22.07
CA LEU N 209 13.07 31.43 22.57
C LEU N 209 14.00 32.25 21.68
N VAL N 210 14.62 31.63 20.67
CA VAL N 210 15.30 32.43 19.65
C VAL N 210 14.34 32.65 18.49
N GLN N 211 13.09 32.20 18.63
CA GLN N 211 12.08 32.52 17.64
C GLN N 211 11.38 33.85 17.94
N LYS N 212 11.78 34.55 18.99
CA LYS N 212 11.31 35.90 19.28
C LYS N 212 12.46 36.89 19.43
N PHE N 213 13.33 36.67 20.41
CA PHE N 213 14.55 37.46 20.58
C PHE N 213 15.27 37.60 19.25
N ILE N 214 15.29 36.52 18.48
CA ILE N 214 15.60 36.55 17.05
C ILE N 214 14.27 36.41 16.31
N GLY N 215 14.03 37.28 15.34
CA GLY N 215 12.75 37.33 14.66
C GLY N 215 12.34 36.04 13.95
N GLU N 216 11.05 35.92 13.64
CA GLU N 216 10.57 34.76 12.88
C GLU N 216 10.96 34.88 11.41
N GLY N 217 10.74 36.06 10.82
CA GLY N 217 11.15 36.30 9.46
C GLY N 217 12.66 36.31 9.31
N ALA N 218 13.35 36.35 10.44
CA ALA N 218 14.79 36.20 10.45
C ALA N 218 15.17 34.77 10.02
N ARG N 219 16.44 34.63 9.64
CA ARG N 219 16.93 33.43 8.95
C ARG N 219 17.29 32.29 9.92
N MET N 220 17.00 32.45 11.22
CA MET N 220 17.26 31.41 12.21
C MET N 220 18.73 31.07 12.29
N VAL N 221 19.12 29.86 11.86
CA VAL N 221 20.48 29.35 12.00
C VAL N 221 21.51 30.38 11.56
N ARG N 222 21.17 31.22 10.57
CA ARG N 222 22.03 32.34 10.22
C ARG N 222 22.10 33.37 11.35
N GLU N 223 21.02 33.56 12.10
CA GLU N 223 21.07 34.46 13.25
C GLU N 223 21.81 33.83 14.42
N LEU N 224 21.68 32.50 14.57
CA LEU N 224 22.49 31.79 15.55
C LEU N 224 23.96 31.78 15.14
N PHE N 225 24.22 31.84 13.83
CA PHE N 225 25.58 32.00 13.32
C PHE N 225 26.17 33.34 13.75
N VAL N 226 25.31 34.30 14.10
CA VAL N 226 25.78 35.56 14.66
C VAL N 226 26.09 35.42 16.15
N MET N 227 25.26 34.67 16.87
CA MET N 227 25.47 34.53 18.32
C MET N 227 26.79 33.86 18.63
N ALA N 228 27.19 32.88 17.81
CA ALA N 228 28.49 32.24 18.00
C ALA N 228 29.62 33.24 17.79
N ARG N 229 29.44 34.18 16.86
CA ARG N 229 30.47 35.18 16.63
C ARG N 229 30.42 36.28 17.69
N GLU N 230 29.21 36.64 18.14
CA GLU N 230 29.09 37.64 19.20
C GLU N 230 29.77 37.17 20.49
N HIS N 231 29.58 35.91 20.84
CA HIS N 231 30.33 35.31 21.94
C HIS N 231 31.80 35.17 21.57
N ALA N 232 32.63 35.00 22.60
CA ALA N 232 34.04 34.67 22.38
C ALA N 232 34.12 33.38 21.56
N PRO N 233 35.19 33.18 20.78
CA PRO N 233 35.27 31.98 19.94
C PRO N 233 35.07 30.71 20.74
N SER N 234 34.21 29.84 20.26
CA SER N 234 33.78 28.65 21.01
C SER N 234 33.55 27.47 20.09
N ILE N 235 33.03 26.40 20.66
CA ILE N 235 32.74 25.15 19.95
C ILE N 235 31.26 24.84 20.07
N ILE N 236 30.71 24.12 19.09
CA ILE N 236 29.29 23.81 19.08
C ILE N 236 29.12 22.29 19.12
N PHE N 237 27.87 21.82 19.21
CA PHE N 237 27.58 20.39 19.27
C PHE N 237 26.23 20.18 18.57
N MET N 238 25.83 18.91 18.47
CA MET N 238 24.51 18.55 17.95
C MET N 238 23.77 17.76 19.02
N ASP N 239 22.77 18.39 19.63
CA ASP N 239 21.93 17.73 20.62
C ASP N 239 20.48 18.19 20.56
N GLU N 240 19.54 17.26 20.42
CA GLU N 240 19.82 15.90 19.96
C GLU N 240 18.83 15.61 18.84
N ILE N 241 17.56 15.53 19.25
CA ILE N 241 16.39 15.36 18.37
C ILE N 241 16.64 14.23 17.37
N ASP N 242 17.39 13.22 17.80
CA ASP N 242 17.61 12.01 17.02
C ASP N 242 16.76 10.93 17.68
N SER N 243 15.69 10.51 16.99
CA SER N 243 14.68 9.68 17.62
C SER N 243 14.44 8.43 16.79
N ILE N 244 13.78 7.46 17.42
CA ILE N 244 13.50 6.15 16.86
C ILE N 244 12.13 6.14 16.19
N GLY N 245 11.52 7.34 16.04
CA GLY N 245 10.11 7.45 15.74
C GLY N 245 9.64 6.53 14.62
N SER N 246 10.26 6.59 13.45
CA SER N 246 10.33 5.35 12.66
C SER N 246 11.78 5.07 12.33
N SER N 247 12.27 5.64 11.22
CA SER N 247 13.69 5.98 11.07
C SER N 247 13.76 7.10 10.05
N ARG N 248 14.43 8.20 10.39
CA ARG N 248 14.72 9.28 9.44
C ARG N 248 15.36 10.44 10.20
N LEU N 249 15.99 11.33 9.43
CA LEU N 249 16.37 12.66 9.92
C LEU N 249 15.23 13.66 9.79
N GLU N 250 14.06 13.18 9.38
CA GLU N 250 12.86 13.96 9.08
C GLU N 250 12.57 15.00 10.15
N GLY N 251 12.62 14.60 11.41
CA GLY N 251 12.43 15.52 12.52
C GLY N 251 13.73 16.04 13.08
N GLY N 252 14.83 15.35 12.77
CA GLY N 252 16.13 15.77 13.29
C GLY N 252 16.76 16.89 12.48
N SER N 253 16.41 16.96 11.20
CA SER N 253 16.98 17.96 10.30
C SER N 253 16.68 19.39 10.73
N GLY N 254 15.66 19.61 11.56
CA GLY N 254 15.38 20.95 12.02
C GLY N 254 16.46 21.48 12.95
N GLY N 255 17.00 20.59 13.79
CA GLY N 255 18.08 20.94 14.69
C GLY N 255 19.43 20.35 14.32
N ASP N 256 19.55 19.73 13.14
CA ASP N 256 20.81 19.09 12.76
C ASP N 256 21.23 19.50 11.34
N SER N 257 20.46 19.07 10.34
CA SER N 257 20.83 19.34 8.96
C SER N 257 20.85 20.83 8.65
N GLU N 258 20.03 21.61 9.35
CA GLU N 258 20.08 23.05 9.20
C GLU N 258 21.26 23.65 9.94
N VAL N 259 21.64 23.07 11.08
CA VAL N 259 22.85 23.48 11.76
C VAL N 259 24.11 23.03 11.02
N GLN N 260 23.98 22.07 10.09
CA GLN N 260 25.09 21.76 9.20
C GLN N 260 25.48 22.97 8.37
N ARG N 261 24.49 23.79 8.02
CA ARG N 261 24.79 25.04 7.31
C ARG N 261 25.47 26.04 8.22
N THR N 262 25.25 25.93 9.53
CA THR N 262 25.84 26.88 10.47
C THR N 262 27.35 26.73 10.54
N MET N 263 27.84 25.49 10.50
CA MET N 263 29.29 25.26 10.55
C MET N 263 29.96 25.76 9.28
N LEU N 264 29.24 25.72 8.15
CA LEU N 264 29.81 26.20 6.89
C LEU N 264 29.96 27.72 6.89
N GLU N 265 28.88 28.43 7.18
CA GLU N 265 28.86 29.88 7.13
C GLU N 265 29.73 30.53 8.21
N LEU N 266 29.84 29.91 9.39
CA LEU N 266 30.75 30.41 10.40
C LEU N 266 32.20 30.35 9.94
N LEU N 267 32.66 29.18 9.48
CA LEU N 267 34.02 29.03 8.98
C LEU N 267 34.24 29.71 7.64
N ASN N 268 33.16 30.09 6.94
CA ASN N 268 33.31 30.90 5.73
C ASN N 268 33.68 32.34 6.09
N GLN N 269 33.10 32.89 7.15
CA GLN N 269 33.50 34.19 7.66
C GLN N 269 34.93 34.13 8.19
N LEU N 270 35.19 33.19 9.09
CA LEU N 270 36.50 33.06 9.73
C LEU N 270 37.61 33.05 8.70
N ASP N 271 37.40 32.32 7.61
CA ASP N 271 38.24 32.45 6.43
C ASP N 271 38.22 33.89 5.95
N GLY N 272 37.05 34.35 5.52
CA GLY N 272 36.97 35.63 4.83
C GLY N 272 37.29 36.82 5.70
N PHE N 273 36.55 37.00 6.78
CA PHE N 273 36.59 38.28 7.52
C PHE N 273 36.18 38.03 8.97
N GLU N 274 35.88 39.12 9.67
CA GLU N 274 35.66 39.18 11.11
C GLU N 274 36.89 38.62 11.82
N ALA N 275 36.69 37.89 12.93
CA ALA N 275 37.77 37.38 13.76
C ALA N 275 37.22 36.65 14.99
N THR N 276 38.02 35.77 15.62
CA THR N 276 39.21 35.21 15.01
C THR N 276 39.23 33.69 15.14
N LYS N 277 39.06 33.01 14.00
CA LYS N 277 39.16 31.55 13.90
C LYS N 277 38.32 30.85 14.96
N ASN N 278 38.83 29.72 15.46
CA ASN N 278 38.29 28.97 16.60
C ASN N 278 36.76 28.88 16.64
N ILE N 279 36.16 28.22 15.65
CA ILE N 279 34.75 27.88 15.67
C ILE N 279 34.62 26.45 15.15
N LYS N 280 34.00 25.59 15.94
CA LYS N 280 33.97 24.17 15.62
C LYS N 280 32.63 23.57 16.04
N VAL N 281 32.35 22.39 15.50
CA VAL N 281 31.10 21.67 15.76
C VAL N 281 31.43 20.20 15.99
N ILE N 282 30.51 19.51 16.65
CA ILE N 282 30.61 18.06 16.87
C ILE N 282 29.23 17.46 16.66
N MET N 283 29.16 16.39 15.88
CA MET N 283 27.90 15.73 15.53
C MET N 283 27.64 14.58 16.49
N ALA N 284 26.37 14.39 16.85
CA ALA N 284 25.92 13.24 17.64
C ALA N 284 24.75 12.59 16.91
N THR N 285 24.96 11.36 16.45
CA THR N 285 23.92 10.57 15.80
C THR N 285 24.20 9.10 16.12
N ASN N 286 23.42 8.20 15.51
CA ASN N 286 23.50 6.78 15.85
C ASN N 286 23.87 5.92 14.65
N ARG N 287 22.95 5.69 13.71
CA ARG N 287 23.16 4.78 12.60
C ARG N 287 22.29 5.25 11.44
N ILE N 288 22.22 4.45 10.38
CA ILE N 288 21.42 4.75 9.21
C ILE N 288 21.87 6.07 8.57
N ASP N 289 21.03 7.10 8.65
CA ASP N 289 21.12 8.28 7.79
C ASP N 289 22.41 9.10 7.90
N ILE N 290 23.33 8.73 8.80
CA ILE N 290 24.63 9.39 8.82
C ILE N 290 25.27 9.36 7.44
N LEU N 291 25.00 8.31 6.67
CA LEU N 291 25.47 8.24 5.28
C LEU N 291 24.97 9.42 4.46
N ASP N 292 23.78 9.93 4.80
CA ASP N 292 23.30 11.15 4.15
C ASP N 292 24.11 12.37 4.58
N SER N 293 24.54 12.41 5.84
CA SER N 293 25.47 13.46 6.26
C SER N 293 26.79 13.35 5.51
N ALA N 294 27.17 12.12 5.13
CA ALA N 294 28.31 11.92 4.24
C ALA N 294 27.97 12.25 2.80
N LEU N 295 26.68 12.31 2.46
CA LEU N 295 26.28 12.78 1.14
C LEU N 295 26.30 14.30 1.08
N LEU N 296 25.94 14.95 2.19
CA LEU N 296 25.99 16.41 2.26
C LEU N 296 27.44 16.91 2.28
N ARG N 297 28.28 16.26 3.08
CA ARG N 297 29.71 16.59 3.10
C ARG N 297 30.47 15.56 2.29
N PRO N 298 30.99 15.91 1.11
CA PRO N 298 31.76 14.93 0.34
C PRO N 298 33.17 14.73 0.89
N GLY N 299 33.27 14.49 2.20
CA GLY N 299 34.54 14.29 2.84
C GLY N 299 35.41 15.53 2.95
N ARG N 300 34.92 16.70 2.52
CA ARG N 300 35.72 17.92 2.60
C ARG N 300 35.12 18.97 3.53
N ILE N 301 35.77 19.21 4.67
CA ILE N 301 36.85 18.38 5.17
C ILE N 301 36.48 17.99 6.60
N ASP N 302 36.26 16.70 6.82
CA ASP N 302 35.65 16.22 8.06
C ASP N 302 36.58 15.22 8.73
N ARG N 303 36.82 15.42 10.01
CA ARG N 303 37.62 14.48 10.80
C ARG N 303 36.85 13.19 11.01
N LYS N 304 37.55 12.06 10.93
CA LYS N 304 36.93 10.75 11.00
C LYS N 304 36.97 10.23 12.43
N ILE N 305 35.81 10.17 13.07
CA ILE N 305 35.64 9.51 14.36
C ILE N 305 34.32 8.76 14.33
N GLU N 306 34.36 7.46 14.60
CA GLU N 306 33.15 6.66 14.72
C GLU N 306 32.82 6.52 16.20
N PHE N 307 31.69 7.10 16.62
CA PHE N 307 31.29 7.01 18.02
C PHE N 307 31.03 5.55 18.37
N PRO N 308 31.82 4.98 19.26
CA PRO N 308 31.76 3.54 19.48
C PRO N 308 30.58 3.15 20.37
N PRO N 309 30.07 1.93 20.22
CA PRO N 309 29.20 1.37 21.25
C PRO N 309 29.99 1.16 22.52
N PRO N 310 29.32 0.94 23.67
CA PRO N 310 30.06 0.75 24.92
C PRO N 310 31.09 -0.37 24.79
N ASN N 311 32.32 -0.06 25.17
CA ASN N 311 33.46 -0.93 24.94
C ASN N 311 34.19 -1.17 26.26
N GLU N 312 35.03 -2.21 26.28
CA GLU N 312 35.77 -2.55 27.48
C GLU N 312 36.66 -1.40 27.92
N GLU N 313 37.40 -0.80 26.99
CA GLU N 313 38.22 0.35 27.33
C GLU N 313 37.37 1.55 27.76
N ALA N 314 36.13 1.61 27.28
CA ALA N 314 35.25 2.72 27.66
C ALA N 314 34.70 2.53 29.06
N ARG N 315 34.19 1.34 29.37
CA ARG N 315 33.51 1.12 30.64
C ARG N 315 34.49 1.10 31.81
N LEU N 316 35.76 0.81 31.54
CA LEU N 316 36.74 0.72 32.63
C LEU N 316 36.93 2.06 33.33
N ASP N 317 37.32 3.09 32.58
CA ASP N 317 37.63 4.38 33.21
C ASP N 317 36.37 5.20 33.46
N ILE N 318 35.39 5.16 32.55
CA ILE N 318 34.22 6.03 32.67
C ILE N 318 33.40 5.67 33.91
N LEU N 319 33.67 4.50 34.50
CA LEU N 319 33.05 4.15 35.78
C LEU N 319 33.69 4.93 36.92
N LYS N 320 35.00 4.75 37.10
CA LYS N 320 35.74 5.54 38.07
C LYS N 320 35.51 7.04 37.88
N ILE N 321 35.29 7.45 36.64
CA ILE N 321 35.05 8.86 36.35
C ILE N 321 33.86 9.39 37.15
N HIS N 322 32.73 8.69 37.10
CA HIS N 322 31.54 9.09 37.82
C HIS N 322 31.56 8.70 39.29
N SER N 323 32.58 7.95 39.73
CA SER N 323 32.71 7.61 41.13
C SER N 323 33.61 8.59 41.90
N ARG N 324 34.09 9.64 41.23
CA ARG N 324 34.92 10.63 41.92
C ARG N 324 34.07 11.60 42.72
N LYS N 325 32.84 11.85 42.27
CA LYS N 325 31.95 12.77 42.97
C LYS N 325 31.39 12.17 44.24
N MET N 326 31.31 10.84 44.33
CA MET N 326 30.83 10.15 45.51
C MET N 326 32.00 9.51 46.25
N ASN N 327 31.88 9.43 47.57
CA ASN N 327 32.93 8.84 48.39
C ASN N 327 32.59 7.37 48.65
N LEU N 328 33.36 6.47 48.04
CA LEU N 328 33.21 5.03 48.27
C LEU N 328 34.57 4.43 48.61
N THR N 329 34.63 3.10 48.72
CA THR N 329 35.88 2.43 49.04
C THR N 329 36.59 1.99 47.76
N ARG N 330 37.79 1.42 47.94
CA ARG N 330 38.58 0.89 46.85
C ARG N 330 38.41 -0.62 46.67
N GLY N 331 37.55 -1.25 47.46
CA GLY N 331 37.39 -2.69 47.42
C GLY N 331 36.67 -3.20 46.18
N ILE N 332 36.26 -2.29 45.30
CA ILE N 332 35.57 -2.64 44.07
C ILE N 332 36.58 -2.73 42.93
N ASN N 333 36.53 -3.81 42.17
CA ASN N 333 37.43 -4.02 41.02
C ASN N 333 36.69 -3.52 39.79
N LEU N 334 37.20 -2.44 39.20
CA LEU N 334 36.52 -1.83 38.05
C LEU N 334 36.80 -2.58 36.76
N ARG N 335 37.90 -3.32 36.70
CA ARG N 335 38.26 -4.10 35.52
C ARG N 335 37.18 -5.14 35.17
N LYS N 336 36.99 -6.12 36.05
CA LYS N 336 36.13 -7.24 35.73
C LYS N 336 34.65 -6.85 35.78
N ILE N 337 34.30 -5.85 36.59
CA ILE N 337 32.90 -5.46 36.72
C ILE N 337 32.41 -4.83 35.41
N ALA N 338 33.32 -4.25 34.62
CA ALA N 338 32.95 -3.70 33.32
C ALA N 338 32.85 -4.78 32.25
N GLU N 339 33.58 -5.88 32.39
CA GLU N 339 33.60 -6.91 31.35
C GLU N 339 32.38 -7.83 31.42
N LEU N 340 31.64 -7.81 32.53
CA LEU N 340 30.45 -8.64 32.64
C LEU N 340 29.25 -8.07 31.91
N MET N 341 29.36 -6.86 31.36
CA MET N 341 28.27 -6.23 30.62
C MET N 341 28.78 -5.81 29.24
N PRO N 342 29.05 -6.83 28.29
CA PRO N 342 29.50 -6.51 26.92
C PRO N 342 28.33 -6.14 26.01
N GLY N 343 27.69 -5.01 26.31
CA GLY N 343 26.50 -4.62 25.57
C GLY N 343 25.78 -3.48 26.23
N ALA N 344 24.47 -3.41 25.97
CA ALA N 344 23.57 -2.38 26.52
C ALA N 344 24.06 -1.02 26.01
N SER N 345 24.19 -0.02 26.86
CA SER N 345 24.51 1.33 26.41
C SER N 345 25.53 1.97 27.36
N GLY N 346 26.10 3.09 26.90
CA GLY N 346 27.00 3.84 27.74
C GLY N 346 26.31 4.56 28.87
N ALA N 347 25.03 4.92 28.67
CA ALA N 347 24.25 5.52 29.75
C ALA N 347 23.94 4.51 30.85
N GLU N 348 24.09 3.22 30.56
CA GLU N 348 23.88 2.20 31.57
C GLU N 348 24.97 2.25 32.64
N VAL N 349 26.14 2.79 32.30
CA VAL N 349 27.20 2.95 33.29
C VAL N 349 26.71 3.80 34.45
N LYS N 350 26.12 4.96 34.15
CA LYS N 350 25.44 5.75 35.17
C LYS N 350 24.20 5.05 35.70
N GLY N 351 23.57 4.18 34.92
CA GLY N 351 22.42 3.45 35.41
C GLY N 351 22.80 2.43 36.48
N VAL N 352 24.00 1.85 36.36
CA VAL N 352 24.51 0.93 37.37
C VAL N 352 24.60 1.64 38.72
N CYS N 353 25.45 2.67 38.81
CA CYS N 353 25.65 3.42 40.03
C CYS N 353 24.36 4.07 40.54
N THR N 354 23.80 5.00 39.76
CA THR N 354 22.73 5.87 40.28
C THR N 354 21.45 5.09 40.56
N GLU N 355 20.96 4.34 39.57
CA GLU N 355 19.67 3.66 39.75
C GLU N 355 19.73 2.61 40.84
N ALA N 356 20.77 1.78 40.86
CA ALA N 356 20.95 0.80 41.92
C ALA N 356 21.48 1.40 43.21
N GLY N 357 21.91 2.67 43.19
CA GLY N 357 22.32 3.33 44.41
C GLY N 357 21.19 3.58 45.38
N MET N 358 19.94 3.52 44.90
CA MET N 358 18.79 3.66 45.79
C MET N 358 18.62 2.45 46.70
N TYR N 359 19.24 1.32 46.38
CA TYR N 359 19.19 0.16 47.26
C TYR N 359 20.10 0.34 48.47
N ALA N 360 21.27 0.92 48.26
CA ALA N 360 22.11 1.34 49.40
C ALA N 360 21.44 2.49 50.15
N LEU N 361 20.54 3.20 49.48
CA LEU N 361 19.76 4.25 50.13
C LEU N 361 18.64 3.63 50.98
N ARG N 362 18.34 2.35 50.75
CA ARG N 362 17.28 1.69 51.49
C ARG N 362 17.72 1.31 52.90
N GLU N 363 18.95 0.82 53.04
CA GLU N 363 19.44 0.31 54.32
C GLU N 363 20.00 1.40 55.22
N ARG N 364 19.94 2.66 54.80
CA ARG N 364 20.35 3.79 55.63
C ARG N 364 21.82 3.74 56.01
N ARG N 365 22.63 3.07 55.19
CA ARG N 365 24.07 3.00 55.42
C ARG N 365 24.80 3.44 54.16
N VAL N 366 25.93 4.13 54.34
CA VAL N 366 26.61 4.74 53.20
C VAL N 366 27.20 3.67 52.28
N HIS N 367 27.59 2.53 52.84
CA HIS N 367 28.13 1.44 52.04
C HIS N 367 27.43 0.13 52.40
N VAL N 368 27.40 -0.77 51.43
CA VAL N 368 26.69 -2.04 51.56
C VAL N 368 27.65 -3.20 51.30
N THR N 369 27.29 -4.36 51.83
CA THR N 369 28.09 -5.57 51.68
C THR N 369 28.07 -6.06 50.24
N GLN N 370 29.02 -6.92 49.90
CA GLN N 370 29.23 -7.42 48.54
C GLN N 370 27.98 -8.09 47.98
N GLU N 371 27.09 -8.55 48.86
CA GLU N 371 25.87 -9.22 48.43
C GLU N 371 25.04 -8.33 47.53
N ASP N 372 25.05 -7.02 47.80
CA ASP N 372 24.31 -6.09 46.95
C ASP N 372 25.07 -5.77 45.67
N PHE N 373 26.40 -5.88 45.69
CA PHE N 373 27.18 -5.66 44.48
C PHE N 373 26.78 -6.61 43.37
N GLU N 374 26.57 -7.90 43.69
CA GLU N 374 26.04 -8.83 42.70
C GLU N 374 24.58 -8.52 42.36
N MET N 375 23.85 -7.93 43.30
CA MET N 375 22.47 -7.54 43.03
C MET N 375 22.42 -6.33 42.09
N ALA N 376 23.41 -5.44 42.22
CA ALA N 376 23.51 -4.32 41.29
C ALA N 376 23.74 -4.80 39.86
N VAL N 377 24.45 -5.90 39.69
CA VAL N 377 24.64 -6.49 38.37
C VAL N 377 23.40 -7.26 37.96
N ALA N 378 22.67 -7.82 38.93
CA ALA N 378 21.48 -8.61 38.60
C ALA N 378 20.35 -7.74 38.09
N LYS N 379 20.29 -6.48 38.53
CA LYS N 379 19.22 -5.59 38.08
C LYS N 379 19.44 -5.16 36.63
N VAL N 380 20.69 -4.86 36.26
CA VAL N 380 20.99 -4.41 34.90
C VAL N 380 20.97 -5.54 33.89
N MET N 381 21.04 -6.80 34.34
CA MET N 381 20.96 -7.94 33.44
C MET N 381 19.53 -8.37 33.13
N GLN N 382 18.56 -7.89 33.91
CA GLN N 382 17.15 -8.21 33.62
C GLN N 382 16.62 -7.36 32.46
N LYS N 383 17.15 -6.14 32.30
CA LYS N 383 16.71 -5.29 31.21
C LYS N 383 17.38 -5.65 29.89
N ASP N 384 18.45 -6.45 29.96
CA ASP N 384 19.17 -6.88 28.76
C ASP N 384 18.37 -7.94 28.00
N ASP O 1 56.32 89.40 86.35
CA ASP O 1 56.11 88.97 84.98
C ASP O 1 55.55 87.54 84.95
N LEU O 2 56.06 86.70 85.85
CA LEU O 2 55.57 85.32 85.90
C LEU O 2 54.21 85.24 86.59
N TYR O 3 53.93 86.13 87.53
CA TYR O 3 52.57 86.27 88.06
C TYR O 3 51.64 86.96 87.08
N SER O 4 52.16 87.82 86.21
CA SER O 4 51.36 88.40 85.14
C SER O 4 50.72 87.31 84.28
N ARG O 5 51.55 86.50 83.62
CA ARG O 5 51.03 85.39 82.84
C ARG O 5 50.24 84.41 83.72
N TYR O 6 50.65 84.26 84.98
CA TYR O 6 49.86 83.47 85.92
C TYR O 6 48.44 84.00 86.08
N LYS O 7 48.24 85.31 85.95
CA LYS O 7 46.90 85.88 85.90
C LYS O 7 46.34 85.92 84.49
N LYS O 8 47.17 85.69 83.46
CA LYS O 8 46.68 85.57 82.10
C LYS O 8 46.17 84.17 81.77
N LEU O 9 46.87 83.13 82.22
CA LEU O 9 46.66 81.78 81.75
C LEU O 9 45.35 81.14 82.20
N GLN O 10 44.77 81.59 83.33
CA GLN O 10 43.51 81.00 83.76
C GLN O 10 42.32 81.51 82.95
N GLN O 11 42.51 82.55 82.14
CA GLN O 11 41.45 83.01 81.24
C GLN O 11 41.03 81.89 80.30
N GLU O 12 41.92 81.48 79.38
CA GLU O 12 41.57 80.41 78.45
C GLU O 12 41.27 79.12 79.19
N LEU O 13 41.84 78.93 80.38
CA LEU O 13 41.42 77.86 81.26
C LEU O 13 39.91 77.95 81.53
N GLU O 14 39.49 79.06 82.16
CA GLU O 14 38.08 79.30 82.39
C GLU O 14 37.30 79.54 81.09
N PHE O 15 37.94 80.05 80.05
CA PHE O 15 37.26 80.23 78.78
C PHE O 15 36.92 78.89 78.14
N LEU O 16 37.81 77.90 78.31
CA LEU O 16 37.49 76.54 77.87
C LEU O 16 36.63 75.81 78.89
N GLU O 17 36.59 76.28 80.14
CA GLU O 17 35.70 75.69 81.13
C GLU O 17 34.25 75.99 80.80
N VAL O 18 33.97 77.20 80.32
CA VAL O 18 32.62 77.52 79.86
C VAL O 18 32.40 76.94 78.46
N GLN O 19 33.48 76.58 77.76
CA GLN O 19 33.34 75.86 76.51
C GLN O 19 32.97 74.40 76.74
N GLU O 20 33.02 73.93 77.98
CA GLU O 20 32.56 72.58 78.28
C GLU O 20 31.04 72.50 78.20
N GLU O 21 30.35 73.40 78.90
CA GLU O 21 28.89 73.44 78.81
C GLU O 21 28.43 73.96 77.46
N TYR O 22 29.33 74.62 76.72
CA TYR O 22 29.06 75.09 75.36
C TYR O 22 28.63 73.92 74.47
N ILE O 23 29.53 72.95 74.28
CA ILE O 23 29.27 71.80 73.43
C ILE O 23 28.26 70.86 74.07
N LYS O 24 28.47 70.53 75.34
CA LYS O 24 27.65 69.54 76.03
C LYS O 24 26.17 69.89 75.99
N ASP O 25 25.85 71.17 76.13
CA ASP O 25 24.46 71.59 76.00
C ASP O 25 24.05 71.66 74.54
N GLU O 26 24.98 72.00 73.65
CA GLU O 26 24.67 72.08 72.23
C GLU O 26 24.49 70.70 71.63
N GLN O 27 25.37 69.76 71.98
CA GLN O 27 25.33 68.44 71.37
C GLN O 27 24.10 67.63 71.81
N LYS O 28 23.63 67.83 73.03
CA LYS O 28 22.44 67.10 73.49
C LYS O 28 21.17 67.63 72.84
N ASN O 29 21.06 68.95 72.66
CA ASN O 29 19.99 69.54 71.87
C ASN O 29 19.99 68.94 70.48
N LEU O 30 21.10 69.13 69.74
CA LEU O 30 21.22 68.55 68.41
C LEU O 30 20.99 67.04 68.41
N LYS O 31 21.35 66.36 69.50
CA LYS O 31 21.03 64.95 69.63
C LYS O 31 19.52 64.73 69.65
N LYS O 32 18.81 65.52 70.46
CA LYS O 32 17.35 65.47 70.44
C LYS O 32 16.81 65.97 69.10
N GLU O 33 17.53 66.88 68.44
CA GLU O 33 17.15 67.29 67.09
C GLU O 33 17.42 66.18 66.09
N PHE O 34 18.46 65.39 66.34
CA PHE O 34 18.75 64.24 65.48
C PHE O 34 17.75 63.11 65.73
N LEU O 35 17.34 62.94 67.00
CA LEU O 35 16.26 62.01 67.30
C LEU O 35 14.95 62.50 66.71
N HIS O 36 14.76 63.82 66.65
CA HIS O 36 13.60 64.37 65.94
C HIS O 36 13.74 64.14 64.44
N ALA O 37 14.97 64.08 63.93
CA ALA O 37 15.18 63.79 62.52
C ALA O 37 14.91 62.30 62.23
N GLN O 38 14.97 61.46 63.25
CA GLN O 38 14.62 60.05 63.07
C GLN O 38 13.12 59.90 62.83
N GLU O 39 12.31 60.73 63.49
CA GLU O 39 10.88 60.72 63.24
C GLU O 39 10.56 61.24 61.84
N GLU O 40 11.38 62.15 61.31
CA GLU O 40 11.24 62.66 59.97
C GLU O 40 11.28 61.53 58.93
N VAL O 41 12.43 60.85 58.85
CA VAL O 41 12.59 59.80 57.85
C VAL O 41 11.58 58.67 58.04
N LYS O 42 11.15 58.43 59.28
CA LYS O 42 10.14 57.42 59.52
C LYS O 42 8.74 57.93 59.17
N ARG O 43 8.57 59.25 59.14
CA ARG O 43 7.29 59.83 58.72
C ARG O 43 7.06 59.63 57.23
N ILE O 44 8.11 59.82 56.43
CA ILE O 44 8.05 59.61 54.99
C ILE O 44 8.10 58.11 54.68
N GLN O 45 7.22 57.65 53.78
CA GLN O 45 6.18 58.49 53.18
C GLN O 45 4.83 58.31 53.86
N SER O 46 4.79 57.47 54.89
CA SER O 46 3.55 57.08 55.57
C SER O 46 2.64 56.41 54.54
N ILE O 47 1.43 56.88 54.31
CA ILE O 47 0.52 56.26 53.35
C ILE O 47 0.14 57.26 52.26
N PRO O 48 -0.23 56.76 51.06
CA PRO O 48 -0.31 55.37 50.63
C PRO O 48 0.98 54.85 49.97
N LEU O 49 0.95 53.59 49.52
CA LEU O 49 2.09 52.98 48.86
C LEU O 49 1.61 52.14 47.69
N VAL O 50 2.55 51.71 46.85
CA VAL O 50 2.27 50.86 45.70
C VAL O 50 3.31 49.75 45.62
N ILE O 51 2.86 48.55 45.26
CA ILE O 51 3.75 47.40 45.17
C ILE O 51 4.65 47.51 43.95
N GLY O 52 5.88 47.03 44.10
CA GLY O 52 6.83 46.99 43.00
C GLY O 52 7.77 45.81 43.15
N GLN O 53 8.37 45.43 42.02
CA GLN O 53 9.23 44.25 41.95
C GLN O 53 10.70 44.66 41.87
N PHE O 54 11.49 44.18 42.81
CA PHE O 54 12.92 44.48 42.81
C PHE O 54 13.63 43.66 41.73
N LEU O 55 14.59 44.31 41.06
CA LEU O 55 15.32 43.67 39.98
C LEU O 55 16.75 43.32 40.37
N GLU O 56 17.60 44.30 40.64
CA GLU O 56 18.96 44.04 41.11
C GLU O 56 19.47 45.26 41.85
N ALA O 57 20.51 45.05 42.65
CA ALA O 57 21.17 46.14 43.37
C ALA O 57 22.35 46.61 42.53
N VAL O 58 22.24 47.82 41.98
CA VAL O 58 23.26 48.32 41.07
C VAL O 58 24.45 48.90 41.83
N ASP O 59 24.19 49.64 42.90
CA ASP O 59 25.25 50.26 43.70
C ASP O 59 24.64 50.71 45.02
N GLN O 60 25.43 51.43 45.81
CA GLN O 60 25.00 51.89 47.12
C GLN O 60 23.99 53.03 47.00
N ASN O 61 23.12 53.13 48.01
CA ASN O 61 22.20 54.24 48.22
C ASN O 61 21.07 54.28 47.20
N THR O 62 21.13 53.43 46.16
CA THR O 62 20.06 53.40 45.17
C THR O 62 20.02 52.02 44.53
N ALA O 63 18.84 51.67 44.03
CA ALA O 63 18.63 50.40 43.36
C ALA O 63 17.43 50.52 42.44
N ILE O 64 17.34 49.59 41.48
CA ILE O 64 16.28 49.59 40.47
C ILE O 64 15.18 48.62 40.91
N VAL O 65 13.94 49.02 40.68
CA VAL O 65 12.78 48.23 41.06
C VAL O 65 11.73 48.31 39.95
N GLY O 66 11.29 47.15 39.46
CA GLY O 66 10.20 47.11 38.49
C GLY O 66 8.87 47.42 39.14
N SER O 67 8.10 48.29 38.51
CA SER O 67 6.76 48.60 38.99
C SER O 67 5.79 47.47 38.68
N THR O 68 4.69 47.45 39.43
CA THR O 68 3.64 46.46 39.17
C THR O 68 3.11 46.58 37.75
N THR O 69 3.10 47.80 37.19
CA THR O 69 2.72 47.99 35.80
C THR O 69 3.75 47.43 34.82
N GLY O 70 4.93 47.04 35.31
CA GLY O 70 5.96 46.46 34.47
C GLY O 70 7.13 47.37 34.17
N SER O 71 6.98 48.68 34.37
CA SER O 71 8.06 49.61 34.08
C SER O 71 9.07 49.62 35.21
N ASN O 72 10.32 49.30 34.90
CA ASN O 72 11.37 49.27 35.90
C ASN O 72 11.72 50.68 36.35
N TYR O 73 11.80 50.88 37.67
CA TYR O 73 12.07 52.19 38.24
C TYR O 73 13.39 52.16 39.00
N TYR O 74 14.19 53.21 38.82
CA TYR O 74 15.48 53.36 39.50
C TYR O 74 15.29 54.34 40.65
N VAL O 75 15.38 53.85 41.89
CA VAL O 75 14.96 54.61 43.06
C VAL O 75 16.08 54.60 44.10
N ARG O 76 16.30 55.77 44.72
CA ARG O 76 17.17 55.85 45.88
C ARG O 76 16.61 55.01 47.03
N ILE O 77 17.43 54.11 47.56
CA ILE O 77 16.99 53.28 48.68
C ILE O 77 16.96 54.11 49.96
N LEU O 78 16.16 53.64 50.92
CA LEU O 78 16.07 54.30 52.22
C LEU O 78 17.35 54.04 53.00
N SER O 79 17.80 55.04 53.77
CA SER O 79 19.10 54.96 54.41
C SER O 79 19.12 54.00 55.59
N THR O 80 17.97 53.43 55.98
CA THR O 80 17.93 52.58 57.16
C THR O 80 18.54 51.21 56.89
N ILE O 81 17.86 50.39 56.09
CA ILE O 81 18.29 49.03 55.79
C ILE O 81 18.64 48.96 54.32
N ASP O 82 19.94 48.85 54.02
CA ASP O 82 20.42 48.77 52.65
C ASP O 82 20.71 47.35 52.16
N ARG O 83 20.62 46.34 53.02
CA ARG O 83 21.25 45.06 52.69
C ARG O 83 20.36 43.84 52.85
N GLU O 84 20.01 43.48 54.10
CA GLU O 84 19.53 42.13 54.38
C GLU O 84 18.20 41.84 53.70
N LEU O 85 17.28 42.80 53.67
CA LEU O 85 15.97 42.57 53.07
C LEU O 85 15.92 42.97 51.61
N LEU O 86 17.03 43.44 51.04
CA LEU O 86 17.10 43.82 49.64
C LEU O 86 16.75 42.64 48.73
N LYS O 87 17.62 41.62 48.71
CA LYS O 87 17.46 40.37 47.96
C LYS O 87 17.55 40.61 46.46
N PRO O 88 17.97 39.61 45.68
CA PRO O 88 18.03 39.80 44.22
C PRO O 88 16.67 40.08 43.59
N ASN O 89 15.65 39.28 43.93
CA ASN O 89 14.31 39.43 43.38
C ASN O 89 13.31 39.36 44.52
N ALA O 90 12.58 40.45 44.73
CA ALA O 90 11.57 40.51 45.77
C ALA O 90 10.56 41.59 45.44
N SER O 91 9.39 41.52 46.08
CA SER O 91 8.35 42.52 45.93
C SER O 91 8.50 43.55 47.04
N VAL O 92 8.78 44.79 46.65
CA VAL O 92 9.04 45.88 47.59
C VAL O 92 7.99 46.96 47.40
N ALA O 93 7.49 47.51 48.50
CA ALA O 93 6.49 48.55 48.45
C ALA O 93 7.14 49.87 48.02
N LEU O 94 6.41 50.63 47.20
CA LEU O 94 6.87 51.93 46.71
C LEU O 94 5.80 52.98 46.99
N HIS O 95 6.24 54.23 47.08
CA HIS O 95 5.29 55.32 47.26
C HIS O 95 4.55 55.62 45.95
N LYS O 96 3.39 56.26 46.07
CA LYS O 96 2.59 56.60 44.91
C LYS O 96 3.37 57.45 43.92
N HIS O 97 3.66 58.70 44.28
CA HIS O 97 4.33 59.61 43.35
C HIS O 97 5.82 59.30 43.25
N SER O 98 6.49 59.18 44.40
CA SER O 98 7.95 59.08 44.40
C SER O 98 8.45 57.66 44.14
N ASN O 99 7.62 56.64 44.35
CA ASN O 99 8.01 55.24 44.15
C ASN O 99 9.21 54.88 45.03
N ALA O 100 9.25 55.41 46.23
CA ALA O 100 10.42 55.29 47.09
C ALA O 100 10.57 53.86 47.63
N LEU O 101 11.80 53.37 47.62
CA LEU O 101 12.11 52.08 48.23
C LEU O 101 12.15 52.22 49.75
N VAL O 102 11.31 51.45 50.44
CA VAL O 102 11.21 51.53 51.89
C VAL O 102 11.35 50.14 52.49
N ASP O 103 10.33 49.29 52.29
CA ASP O 103 10.29 47.99 52.92
C ASP O 103 9.76 46.96 51.93
N VAL O 104 10.36 45.77 51.98
CA VAL O 104 9.92 44.65 51.15
C VAL O 104 8.87 43.86 51.91
N LEU O 105 8.48 42.71 51.38
CA LEU O 105 7.54 41.83 52.05
C LEU O 105 8.29 41.01 53.11
N PRO O 106 7.62 40.18 53.94
CA PRO O 106 8.35 39.48 55.00
C PRO O 106 9.59 38.67 54.58
N PRO O 107 9.53 37.87 53.48
CA PRO O 107 8.47 37.41 52.58
C PRO O 107 7.67 36.26 53.18
N GLU O 108 6.43 36.01 52.76
CA GLU O 108 5.74 36.82 51.76
C GLU O 108 4.24 36.82 52.05
N ALA O 109 3.53 37.78 51.46
CA ALA O 109 2.08 37.71 51.40
C ALA O 109 1.59 36.69 50.36
N ASP O 110 2.50 36.07 49.63
CA ASP O 110 2.21 35.11 48.56
C ASP O 110 1.44 35.84 47.45
N SER O 111 0.34 35.29 46.95
CA SER O 111 -0.37 35.87 45.81
C SER O 111 -1.84 35.46 45.91
N SER O 112 -2.58 35.66 44.81
CA SER O 112 -3.99 35.36 44.76
C SER O 112 -4.23 33.86 44.54
N ILE O 113 -5.48 33.53 44.20
CA ILE O 113 -5.96 32.16 44.03
C ILE O 113 -5.85 31.45 45.37
N MET O 114 -5.27 30.25 45.40
CA MET O 114 -5.31 29.42 46.61
C MET O 114 -4.57 28.10 46.44
N MET O 115 -4.52 27.30 47.50
CA MET O 115 -3.80 26.03 47.54
C MET O 115 -4.63 25.02 48.32
N LEU O 116 -4.04 23.87 48.61
CA LEU O 116 -4.64 22.79 49.42
C LEU O 116 -5.91 22.31 48.69
N THR O 117 -7.03 22.19 49.38
CA THR O 117 -8.34 21.73 48.92
C THR O 117 -8.37 20.23 48.61
N SER O 118 -7.23 19.52 48.68
CA SER O 118 -7.19 18.09 48.41
C SER O 118 -7.33 17.24 49.67
N ASP O 119 -7.58 17.85 50.82
CA ASP O 119 -7.61 17.16 52.10
C ASP O 119 -8.98 16.66 52.50
N GLN O 120 -10.00 16.76 51.63
CA GLN O 120 -11.36 16.42 52.01
C GLN O 120 -11.49 14.96 52.41
N LYS O 121 -10.84 14.06 51.66
CA LYS O 121 -10.84 12.61 51.93
C LYS O 121 -12.23 11.98 51.75
N PRO O 122 -12.29 10.65 51.58
CA PRO O 122 -11.26 9.70 51.16
C PRO O 122 -11.09 9.65 49.63
N ASP O 123 -9.96 9.17 49.13
CA ASP O 123 -9.83 8.99 47.70
C ASP O 123 -9.52 7.53 47.33
N VAL O 124 -8.28 7.12 47.51
CA VAL O 124 -7.81 5.79 47.09
C VAL O 124 -6.80 5.28 48.11
N MET O 125 -6.92 4.01 48.49
CA MET O 125 -5.98 3.39 49.40
C MET O 125 -4.83 2.76 48.61
N TYR O 126 -3.61 2.93 49.13
CA TYR O 126 -2.41 2.41 48.48
C TYR O 126 -2.23 0.91 48.65
N ALA O 127 -3.07 0.26 49.45
CA ALA O 127 -2.92 -1.17 49.72
C ALA O 127 -3.14 -2.06 48.50
N ASP O 128 -3.59 -1.49 47.38
CA ASP O 128 -3.82 -2.30 46.18
C ASP O 128 -2.51 -2.89 45.65
N ILE O 129 -1.43 -2.12 45.72
CA ILE O 129 -0.13 -2.57 45.26
C ILE O 129 0.66 -3.17 46.41
N GLY O 130 0.03 -3.28 47.57
CA GLY O 130 0.73 -3.74 48.76
C GLY O 130 1.19 -5.19 48.67
N GLY O 131 0.59 -5.97 47.76
CA GLY O 131 0.98 -7.37 47.65
C GLY O 131 2.27 -7.57 46.89
N MET O 132 2.53 -6.71 45.91
CA MET O 132 3.76 -6.80 45.13
C MET O 132 5.00 -6.66 46.01
N ASP O 133 5.17 -5.48 46.61
CA ASP O 133 6.36 -5.06 47.37
C ASP O 133 7.57 -4.88 46.47
N ILE O 134 7.50 -5.35 45.23
CA ILE O 134 8.51 -5.01 44.24
C ILE O 134 8.23 -3.65 43.64
N GLN O 135 6.96 -3.29 43.48
CA GLN O 135 6.59 -1.97 42.99
C GLN O 135 6.68 -0.92 44.09
N LYS O 136 6.22 -1.25 45.29
CA LYS O 136 6.23 -0.28 46.38
C LYS O 136 7.64 0.08 46.83
N GLN O 137 8.58 -0.87 46.74
CA GLN O 137 9.96 -0.59 47.16
C GLN O 137 10.57 0.53 46.34
N GLU O 138 10.30 0.55 45.04
CA GLU O 138 10.77 1.66 44.20
C GLU O 138 9.95 2.92 44.46
N VAL O 139 8.67 2.75 44.80
CA VAL O 139 7.83 3.90 45.13
C VAL O 139 8.19 4.45 46.50
N ARG O 140 8.44 3.56 47.47
CA ARG O 140 8.77 4.00 48.81
C ARG O 140 10.06 4.83 48.81
N GLU O 141 11.00 4.46 47.94
CA GLU O 141 12.25 5.21 47.84
C GLU O 141 12.09 6.50 47.03
N ALA O 142 11.08 6.57 46.16
CA ALA O 142 10.88 7.73 45.30
C ALA O 142 9.85 8.72 45.83
N VAL O 143 9.24 8.47 46.99
CA VAL O 143 8.18 9.34 47.48
C VAL O 143 8.54 9.94 48.83
N GLU O 144 8.51 9.14 49.89
CA GLU O 144 8.64 9.69 51.23
C GLU O 144 10.08 10.06 51.55
N LEU O 145 11.05 9.29 51.07
CA LEU O 145 12.45 9.67 51.30
C LEU O 145 12.82 10.94 50.54
N PRO O 146 12.44 11.12 49.26
CA PRO O 146 12.68 12.43 48.63
C PRO O 146 11.92 13.57 49.26
N LEU O 147 10.92 13.29 50.10
CA LEU O 147 10.13 14.36 50.70
C LEU O 147 10.95 15.11 51.74
N THR O 148 11.22 14.48 52.88
CA THR O 148 12.17 15.02 53.85
C THR O 148 13.15 13.91 54.23
N HIS O 149 14.40 14.05 53.77
CA HIS O 149 15.52 13.28 54.30
C HIS O 149 16.78 14.09 53.99
N PHE O 150 17.79 14.01 54.85
CA PHE O 150 18.94 14.91 54.69
C PHE O 150 20.26 14.16 54.66
N GLU O 151 20.64 13.53 55.78
CA GLU O 151 21.98 12.97 55.91
C GLU O 151 22.21 11.79 54.97
N LEU O 152 21.14 11.15 54.49
CA LEU O 152 21.31 9.99 53.63
C LEU O 152 21.77 10.38 52.22
N TYR O 153 21.49 11.60 51.78
CA TYR O 153 21.84 12.01 50.43
C TYR O 153 23.33 12.35 50.32
N LYS O 154 23.80 13.33 51.09
CA LYS O 154 25.19 13.76 51.01
C LYS O 154 26.16 12.61 51.19
N GLN O 155 25.79 11.60 51.97
CA GLN O 155 26.60 10.39 52.14
C GLN O 155 26.83 9.68 50.82
N ILE O 156 25.77 9.17 50.20
CA ILE O 156 25.89 8.47 48.93
C ILE O 156 26.24 9.42 47.80
N GLY O 157 25.93 10.72 47.95
CA GLY O 157 26.29 11.71 46.97
C GLY O 157 25.32 11.89 45.82
N ILE O 158 24.32 11.02 45.68
CA ILE O 158 23.36 11.13 44.60
C ILE O 158 22.42 12.29 44.88
N ASP O 159 22.31 13.21 43.93
CA ASP O 159 21.42 14.35 44.07
C ASP O 159 20.05 13.98 43.53
N PRO O 160 19.02 13.89 44.36
CA PRO O 160 17.69 13.50 43.87
C PRO O 160 17.09 14.57 42.99
N PRO O 161 16.54 14.20 41.82
CA PRO O 161 15.89 15.17 40.96
C PRO O 161 14.48 15.50 41.44
N ARG O 162 14.03 16.70 41.07
CA ARG O 162 12.67 17.14 41.33
C ARG O 162 11.71 16.77 40.21
N GLY O 163 12.22 16.28 39.08
CA GLY O 163 11.40 16.04 37.91
C GLY O 163 10.38 14.94 38.03
N VAL O 164 9.12 15.27 37.77
CA VAL O 164 8.04 14.29 37.60
C VAL O 164 7.23 14.71 36.38
N LEU O 165 7.20 13.85 35.37
CA LEU O 165 6.47 14.11 34.14
C LEU O 165 5.51 12.96 33.89
N MET O 166 4.22 13.28 33.79
CA MET O 166 3.17 12.27 33.60
C MET O 166 2.56 12.43 32.22
N TYR O 167 2.81 11.44 31.36
CA TYR O 167 2.18 11.37 30.06
C TYR O 167 1.51 10.01 29.94
N GLY O 168 0.80 9.79 28.84
CA GLY O 168 0.12 8.54 28.62
C GLY O 168 -1.41 8.53 28.71
N PRO O 169 -2.06 9.61 29.16
CA PRO O 169 -3.53 9.46 29.10
C PRO O 169 -4.08 9.47 27.68
N PRO O 170 -5.14 8.68 27.42
CA PRO O 170 -5.89 7.81 28.33
C PRO O 170 -5.13 6.55 28.75
N GLY O 171 -5.42 6.01 29.94
CA GLY O 171 -6.49 6.47 30.80
C GLY O 171 -6.13 7.60 31.75
N CYS O 172 -7.06 7.89 32.68
CA CYS O 172 -6.91 9.06 33.53
C CYS O 172 -5.67 8.97 34.42
N GLY O 173 -5.61 7.96 35.29
CA GLY O 173 -4.55 7.90 36.28
C GLY O 173 -4.42 9.20 37.04
N LYS O 174 -3.19 9.68 37.19
CA LYS O 174 -2.92 11.04 37.65
C LYS O 174 -3.58 11.38 38.98
N THR O 175 -4.55 12.30 38.95
CA THR O 175 -5.06 12.93 40.16
C THR O 175 -5.48 11.92 41.23
N MET O 176 -5.80 10.68 40.83
CA MET O 176 -5.96 9.63 41.83
C MET O 176 -4.73 9.50 42.71
N LEU O 177 -3.56 9.32 42.10
CA LEU O 177 -2.32 9.25 42.86
C LEU O 177 -1.93 10.58 43.47
N ALA O 178 -2.58 11.67 43.08
CA ALA O 178 -2.32 12.96 43.71
C ALA O 178 -2.95 13.02 45.10
N LYS O 179 -4.29 12.92 45.15
CA LYS O 179 -4.98 12.84 46.43
C LYS O 179 -4.59 11.61 47.24
N ALA O 180 -4.03 10.59 46.59
CA ALA O 180 -3.54 9.42 47.33
C ALA O 180 -2.26 9.76 48.09
N VAL O 181 -1.39 10.58 47.50
CA VAL O 181 -0.23 11.09 48.21
C VAL O 181 -0.66 11.90 49.42
N ALA O 182 -1.79 12.60 49.30
CA ALA O 182 -2.33 13.33 50.44
C ALA O 182 -2.64 12.41 51.61
N HIS O 183 -3.05 11.17 51.32
CA HIS O 183 -3.18 10.17 52.36
C HIS O 183 -1.82 9.76 52.89
N HIS O 184 -0.86 9.53 51.99
CA HIS O 184 0.50 9.17 52.36
C HIS O 184 1.13 10.24 53.25
N THR O 185 1.35 11.43 52.69
CA THR O 185 2.00 12.51 53.40
C THR O 185 1.14 13.77 53.30
N THR O 186 1.46 14.75 54.15
CA THR O 186 0.74 16.01 54.19
C THR O 186 1.68 17.15 53.77
N ALA O 187 1.28 17.88 52.73
CA ALA O 187 2.08 18.99 52.23
C ALA O 187 1.15 19.97 51.52
N ALA O 188 1.64 21.18 51.31
CA ALA O 188 0.86 22.19 50.60
C ALA O 188 0.85 21.89 49.11
N PHE O 189 -0.35 21.82 48.53
CA PHE O 189 -0.53 21.48 47.12
C PHE O 189 -0.97 22.74 46.37
N ILE O 190 -0.12 23.19 45.45
CA ILE O 190 -0.45 24.30 44.57
C ILE O 190 -1.06 23.72 43.30
N ARG O 191 -2.35 24.01 43.07
CA ARG O 191 -3.09 23.48 41.93
C ARG O 191 -3.54 24.65 41.06
N VAL O 192 -3.01 24.71 39.85
CA VAL O 192 -3.35 25.76 38.89
C VAL O 192 -3.39 25.14 37.50
N VAL O 193 -4.33 25.61 36.68
CA VAL O 193 -4.42 25.22 35.28
C VAL O 193 -3.31 25.93 34.52
N GLY O 194 -2.88 25.35 33.40
CA GLY O 194 -1.83 25.98 32.62
C GLY O 194 -2.21 27.35 32.09
N SER O 195 -3.51 27.61 31.96
CA SER O 195 -4.01 28.90 31.49
C SER O 195 -4.39 29.85 32.61
N GLU O 196 -4.16 29.48 33.87
CA GLU O 196 -4.69 30.25 34.99
C GLU O 196 -4.01 31.61 35.12
N PHE O 197 -2.75 31.72 34.71
CA PHE O 197 -1.99 32.96 34.87
C PHE O 197 -2.04 33.84 33.63
N VAL O 198 -2.81 33.45 32.62
CA VAL O 198 -2.97 34.29 31.44
C VAL O 198 -3.84 35.49 31.81
N GLN O 199 -3.31 36.70 31.58
CA GLN O 199 -4.03 37.91 31.92
C GLN O 199 -3.98 38.91 30.77
N LYS O 200 -4.54 40.10 30.98
CA LYS O 200 -4.59 41.13 29.94
C LYS O 200 -3.27 41.90 29.81
N TYR O 201 -2.43 41.88 30.84
CA TYR O 201 -1.13 42.56 30.80
C TYR O 201 -0.04 41.52 30.95
N LEU O 202 1.13 41.80 30.37
CA LEU O 202 2.26 40.89 30.45
C LEU O 202 3.19 41.24 31.60
N GLY O 203 2.88 42.26 32.40
CA GLY O 203 3.74 42.61 33.52
C GLY O 203 3.45 41.82 34.77
N GLU O 204 2.19 41.39 34.94
CA GLU O 204 1.82 40.61 36.12
C GLU O 204 2.23 39.15 35.99
N GLY O 205 2.34 38.64 34.76
CA GLY O 205 2.65 37.25 34.53
C GLY O 205 3.93 36.75 35.17
N PRO O 206 5.06 37.41 34.90
CA PRO O 206 6.32 36.96 35.52
C PRO O 206 6.30 37.00 37.04
N ARG O 207 5.43 37.83 37.63
CA ARG O 207 5.38 37.92 39.09
C ARG O 207 4.61 36.76 39.70
N MET O 208 3.53 36.32 39.04
CA MET O 208 2.71 35.25 39.61
C MET O 208 3.47 33.94 39.68
N VAL O 209 4.07 33.51 38.57
CA VAL O 209 4.84 32.27 38.57
C VAL O 209 6.05 32.39 39.48
N ARG O 210 6.55 33.61 39.69
CA ARG O 210 7.63 33.81 40.65
C ARG O 210 7.11 33.66 42.07
N ASP O 211 5.91 34.18 42.35
CA ASP O 211 5.33 34.05 43.69
C ASP O 211 4.92 32.62 43.97
N VAL O 212 4.66 31.84 42.91
CA VAL O 212 4.30 30.44 43.10
C VAL O 212 5.52 29.61 43.43
N PHE O 213 6.63 29.85 42.74
CA PHE O 213 7.84 29.07 42.98
C PHE O 213 8.64 29.57 44.18
N ARG O 214 8.43 30.82 44.60
CA ARG O 214 9.20 31.33 45.74
C ARG O 214 8.62 30.85 47.06
N LEU O 215 7.36 30.46 47.09
CA LEU O 215 6.81 29.84 48.31
C LEU O 215 7.16 28.36 48.39
N ALA O 216 7.58 27.76 47.28
CA ALA O 216 8.00 26.37 47.26
C ALA O 216 9.34 26.20 47.96
N LYS O 217 10.27 27.14 47.70
CA LYS O 217 11.55 27.12 48.40
C LYS O 217 11.40 27.66 49.82
N GLU O 218 10.37 28.49 50.06
CA GLU O 218 10.18 29.06 51.39
C GLU O 218 9.57 28.04 52.34
N ASN O 219 8.52 27.36 51.91
CA ASN O 219 7.80 26.41 52.75
C ASN O 219 8.16 24.98 52.37
N ALA O 220 8.32 24.14 53.39
CA ALA O 220 8.63 22.73 53.16
C ALA O 220 7.82 21.84 54.08
N PRO O 221 7.35 20.69 53.56
CA PRO O 221 7.44 20.29 52.16
C PRO O 221 6.40 20.98 51.28
N ALA O 222 6.68 21.08 49.98
CA ALA O 222 5.78 21.75 49.04
C ALA O 222 5.68 20.94 47.76
N ILE O 223 4.47 20.87 47.21
CA ILE O 223 4.22 20.18 45.95
C ILE O 223 3.37 21.09 45.07
N ILE O 224 3.80 21.32 43.84
CA ILE O 224 3.09 22.18 42.91
C ILE O 224 2.64 21.36 41.71
N PHE O 225 1.36 21.43 41.38
CA PHE O 225 0.76 20.65 40.30
C PHE O 225 0.15 21.60 39.28
N ILE O 226 0.65 21.54 38.05
CA ILE O 226 0.07 22.30 36.94
C ILE O 226 -0.39 21.31 35.87
N ASP O 227 -1.63 21.49 35.43
CA ASP O 227 -2.29 20.55 34.54
C ASP O 227 -2.13 21.00 33.10
N GLU O 228 -1.46 20.15 32.29
CA GLU O 228 -1.40 20.31 30.84
C GLU O 228 -0.83 21.66 30.42
N ILE O 229 0.49 21.83 30.60
CA ILE O 229 1.16 23.07 30.23
C ILE O 229 1.48 23.03 28.74
N ASP O 230 1.10 21.95 28.06
CA ASP O 230 1.37 21.83 26.64
C ASP O 230 0.69 22.92 25.82
N ALA O 231 -0.35 23.55 26.36
CA ALA O 231 -1.00 24.68 25.71
C ALA O 231 0.00 25.80 25.42
N ILE O 232 0.57 26.39 26.48
CA ILE O 232 1.52 27.48 26.31
C ILE O 232 2.79 27.04 25.61
N ALA O 233 3.01 25.73 25.46
CA ALA O 233 4.20 25.25 24.75
C ALA O 233 4.15 25.57 23.26
N THR O 234 3.02 26.03 22.76
CA THR O 234 2.90 26.40 21.36
C THR O 234 3.76 27.63 21.06
N LYS O 235 4.56 27.54 20.00
CA LYS O 235 5.51 28.57 19.64
C LYS O 235 4.98 29.41 18.48
N ARG O 236 4.66 30.67 18.77
CA ARG O 236 4.20 31.61 17.74
C ARG O 236 4.81 32.97 18.02
N PHE O 237 5.43 33.56 17.01
CA PHE O 237 6.16 34.82 17.19
C PHE O 237 5.26 36.04 17.05
N ASP O 238 4.06 35.88 16.50
CA ASP O 238 3.20 37.02 16.18
C ASP O 238 2.94 37.87 17.41
N ALA O 239 2.79 39.18 17.19
CA ALA O 239 2.67 40.13 18.30
C ALA O 239 1.41 39.88 19.11
N GLN O 240 0.29 39.59 18.45
CA GLN O 240 -0.93 39.26 19.17
C GLN O 240 -0.74 38.00 19.99
N THR O 241 0.08 37.07 19.50
CA THR O 241 0.52 35.92 20.27
C THR O 241 1.81 36.19 21.04
N GLY O 242 2.33 37.42 20.97
CA GLY O 242 3.50 37.78 21.75
C GLY O 242 3.32 37.54 23.24
N ALA O 243 2.17 37.95 23.78
CA ALA O 243 1.83 37.59 25.16
C ALA O 243 1.69 36.09 25.31
N ASP O 244 1.13 35.42 24.30
CA ASP O 244 1.09 33.96 24.27
C ASP O 244 2.51 33.38 24.21
N ARG O 245 3.43 34.06 23.54
CA ARG O 245 4.82 33.65 23.60
C ARG O 245 5.50 34.23 24.85
N GLU O 246 4.93 35.28 25.43
CA GLU O 246 5.49 35.82 26.67
C GLU O 246 5.25 34.85 27.82
N VAL O 247 4.13 34.13 27.80
CA VAL O 247 3.86 33.14 28.84
C VAL O 247 4.62 31.84 28.62
N GLN O 248 5.09 31.57 27.41
CA GLN O 248 5.98 30.44 27.20
C GLN O 248 7.41 30.75 27.63
N ARG O 249 7.83 32.02 27.56
CA ARG O 249 9.06 32.44 28.21
C ARG O 249 8.89 32.59 29.71
N ILE O 250 7.69 32.92 30.17
CA ILE O 250 7.35 32.72 31.57
C ILE O 250 7.52 31.26 31.96
N LEU O 251 7.07 30.34 31.10
CA LEU O 251 7.34 28.93 31.32
C LEU O 251 8.83 28.66 31.30
N LEU O 252 9.58 29.38 30.46
CA LEU O 252 11.03 29.31 30.48
C LEU O 252 11.63 30.13 31.63
N GLU O 253 10.86 31.07 32.17
CA GLU O 253 11.28 31.85 33.33
C GLU O 253 11.21 30.98 34.58
N LEU O 254 10.02 30.48 34.90
CA LEU O 254 9.89 29.50 35.97
C LEU O 254 10.79 28.29 35.75
N LEU O 255 11.13 28.00 34.49
CA LEU O 255 12.15 27.00 34.20
C LEU O 255 13.51 27.45 34.70
N ASN O 256 13.83 28.73 34.51
CA ASN O 256 15.05 29.27 35.09
C ASN O 256 14.94 29.31 36.61
N GLN O 257 13.70 29.41 37.13
CA GLN O 257 13.51 29.46 38.57
C GLN O 257 13.56 28.08 39.22
N MET O 258 13.34 27.01 38.46
CA MET O 258 13.35 25.66 39.03
C MET O 258 14.76 25.14 39.27
N ASP O 259 15.77 25.71 38.62
CA ASP O 259 17.15 25.42 38.98
C ASP O 259 17.61 26.23 40.17
N GLY O 260 16.88 27.29 40.53
CA GLY O 260 17.15 27.99 41.77
C GLY O 260 16.86 27.13 42.98
N PHE O 261 16.03 26.09 42.79
CA PHE O 261 15.78 25.13 43.86
C PHE O 261 17.00 24.24 44.07
N ASP O 262 17.89 24.18 43.09
CA ASP O 262 19.11 23.39 43.18
C ASP O 262 20.24 24.14 43.86
N GLN O 263 20.75 23.61 44.97
CA GLN O 263 20.22 22.40 45.61
C GLN O 263 20.08 22.67 47.11
N ASN O 264 19.51 21.73 47.87
CA ASN O 264 18.54 20.75 47.38
C ASN O 264 17.14 21.21 47.77
N VAL O 265 17.09 22.35 48.46
CA VAL O 265 15.90 22.78 49.19
C VAL O 265 15.23 24.01 48.57
N ASN O 266 13.93 23.94 48.25
CA ASN O 266 13.13 22.71 48.28
C ASN O 266 11.98 22.85 47.28
N VAL O 267 11.50 21.72 46.76
CA VAL O 267 10.34 21.70 45.86
C VAL O 267 10.00 20.25 45.51
N LYS O 268 8.77 20.04 45.04
CA LYS O 268 8.38 18.82 44.34
C LYS O 268 7.52 19.24 43.16
N VAL O 269 7.98 18.95 41.94
CA VAL O 269 7.31 19.37 40.73
C VAL O 269 6.74 18.16 40.02
N ILE O 270 5.42 18.06 39.99
CA ILE O 270 4.71 17.02 39.26
C ILE O 270 4.05 17.66 38.05
N MET O 271 4.27 17.06 36.88
CA MET O 271 3.77 17.60 35.63
C MET O 271 2.94 16.56 34.92
N ALA O 272 1.78 17.00 34.41
CA ALA O 272 0.86 16.09 33.73
C ALA O 272 0.35 16.78 32.47
N THR O 273 0.30 16.01 31.38
CA THR O 273 -0.19 16.53 30.12
C THR O 273 -0.82 15.41 29.33
N ASN O 274 -1.85 15.77 28.54
CA ASN O 274 -2.52 14.79 27.70
C ASN O 274 -1.76 14.52 26.41
N ARG O 275 -1.10 15.53 25.85
CA ARG O 275 -0.31 15.37 24.64
C ARG O 275 1.02 16.08 24.81
N ALA O 276 2.10 15.32 24.76
CA ALA O 276 3.45 15.87 24.94
C ALA O 276 4.14 16.20 23.62
N ASP O 277 3.46 16.04 22.49
CA ASP O 277 4.09 16.29 21.20
C ASP O 277 4.40 17.77 21.02
N THR O 278 3.59 18.65 21.62
CA THR O 278 3.81 20.08 21.50
C THR O 278 4.84 20.61 22.48
N LEU O 279 5.32 19.79 23.40
CA LEU O 279 6.30 20.23 24.38
C LEU O 279 7.66 20.43 23.74
N ASP O 280 8.47 21.32 24.32
CA ASP O 280 9.79 21.62 23.80
C ASP O 280 10.80 20.59 24.29
N PRO O 281 11.89 20.37 23.54
CA PRO O 281 12.87 19.36 23.96
C PRO O 281 13.56 19.69 25.27
N ALA O 282 13.85 20.96 25.52
CA ALA O 282 14.56 21.34 26.74
C ALA O 282 13.70 21.19 27.98
N LEU O 283 12.37 21.10 27.83
CA LEU O 283 11.51 20.93 28.98
C LEU O 283 11.56 19.49 29.49
N LEU O 284 11.73 18.54 28.58
CA LEU O 284 11.80 17.13 28.98
C LEU O 284 13.24 16.68 29.19
N ARG O 285 14.19 17.59 29.00
CA ARG O 285 15.60 17.23 29.14
C ARG O 285 15.95 17.01 30.60
N PRO O 286 16.83 16.04 30.93
CA PRO O 286 17.27 15.88 32.31
C PRO O 286 18.02 17.08 32.86
N GLY O 287 18.41 17.02 34.13
CA GLY O 287 18.97 18.17 34.82
C GLY O 287 17.94 19.14 35.34
N ARG O 288 16.70 19.06 34.88
CA ARG O 288 15.58 19.83 35.43
C ARG O 288 14.45 18.86 35.75
N LEU O 289 13.91 18.21 34.73
CA LEU O 289 13.04 17.05 34.90
C LEU O 289 13.86 15.84 34.47
N ASP O 290 14.32 15.04 35.44
CA ASP O 290 15.14 13.87 35.15
C ASP O 290 14.35 12.57 35.14
N ARG O 291 13.06 12.61 35.45
CA ARG O 291 12.25 11.40 35.54
C ARG O 291 10.98 11.57 34.70
N LYS O 292 10.82 10.69 33.71
CA LYS O 292 9.63 10.65 32.87
C LYS O 292 8.80 9.45 33.29
N ILE O 293 7.64 9.70 33.89
CA ILE O 293 6.75 8.64 34.34
C ILE O 293 5.64 8.53 33.29
N GLU O 294 5.66 7.43 32.54
CA GLU O 294 4.70 7.23 31.46
C GLU O 294 3.54 6.39 32.00
N PHE O 295 2.36 7.00 32.08
CA PHE O 295 1.18 6.25 32.48
C PHE O 295 0.81 5.27 31.37
N PRO O 296 0.78 3.96 31.64
CA PRO O 296 0.54 3.00 30.57
C PRO O 296 -0.88 3.10 30.02
N LEU O 297 -1.03 2.66 28.78
CA LEU O 297 -2.35 2.57 28.18
C LEU O 297 -3.19 1.57 28.96
N PRO O 298 -4.50 1.80 29.13
CA PRO O 298 -5.30 0.87 29.95
C PRO O 298 -5.19 -0.58 29.51
N ASP O 299 -5.27 -0.84 28.21
CA ASP O 299 -5.12 -2.18 27.66
C ASP O 299 -6.02 -3.19 28.35
N ARG O 300 -5.49 -4.39 28.59
CA ARG O 300 -6.26 -5.43 29.29
C ARG O 300 -6.18 -5.26 30.80
N ARG O 301 -5.05 -4.72 31.30
CA ARG O 301 -4.80 -4.72 32.75
C ARG O 301 -5.77 -3.79 33.48
N GLN O 302 -5.96 -2.58 32.97
CA GLN O 302 -6.82 -1.61 33.63
C GLN O 302 -8.31 -1.91 33.46
N LYS O 303 -8.67 -2.89 32.62
CA LYS O 303 -10.06 -3.26 32.44
C LYS O 303 -10.72 -3.66 33.76
N ARG O 304 -10.33 -4.82 34.29
CA ARG O 304 -11.05 -5.41 35.41
C ARG O 304 -10.92 -4.56 36.67
N LEU O 305 -9.79 -3.85 36.82
CA LEU O 305 -9.61 -2.99 37.98
C LEU O 305 -10.61 -1.83 37.96
N ILE O 306 -10.89 -1.30 36.77
CA ILE O 306 -11.75 -0.13 36.64
C ILE O 306 -13.22 -0.46 36.65
N PHE O 307 -13.58 -1.73 36.39
CA PHE O 307 -14.97 -2.15 36.58
C PHE O 307 -15.27 -2.38 38.06
N SER O 308 -14.25 -2.76 38.84
CA SER O 308 -14.46 -3.04 40.25
C SER O 308 -14.58 -1.76 41.06
N THR O 309 -13.85 -0.72 40.67
CA THR O 309 -13.89 0.53 41.45
C THR O 309 -15.19 1.29 41.26
N ILE O 310 -15.83 1.16 40.09
CA ILE O 310 -17.08 1.86 39.86
C ILE O 310 -18.25 1.13 40.51
N THR O 311 -18.24 -0.21 40.49
CA THR O 311 -19.33 -0.97 41.06
C THR O 311 -19.37 -0.88 42.58
N SER O 312 -18.25 -0.54 43.22
CA SER O 312 -18.27 -0.25 44.65
C SER O 312 -19.00 1.06 44.93
N LYS O 313 -18.83 2.05 44.04
CA LYS O 313 -19.61 3.28 44.15
C LYS O 313 -21.04 3.08 43.67
N MET O 314 -21.27 2.10 42.80
CA MET O 314 -22.62 1.74 42.40
C MET O 314 -23.36 1.11 43.59
N ASN O 315 -24.68 1.15 43.51
CA ASN O 315 -25.49 0.42 44.48
C ASN O 315 -25.28 -1.08 44.30
N LEU O 316 -25.34 -1.81 45.41
CA LEU O 316 -25.25 -3.27 45.35
C LEU O 316 -26.40 -3.78 44.48
N SER O 317 -26.18 -4.61 43.44
CA SER O 317 -24.95 -5.32 43.02
C SER O 317 -24.57 -6.45 43.99
N GLU O 318 -25.31 -6.58 45.08
CA GLU O 318 -25.31 -7.84 45.80
C GLU O 318 -26.22 -8.85 45.10
N GLU O 319 -27.24 -8.34 44.41
CA GLU O 319 -28.07 -9.15 43.53
C GLU O 319 -27.44 -9.25 42.15
N VAL O 320 -27.24 -8.10 41.50
CA VAL O 320 -26.62 -8.04 40.18
C VAL O 320 -25.31 -8.80 40.21
N ASP O 321 -25.12 -9.71 39.25
CA ASP O 321 -23.97 -10.61 39.21
C ASP O 321 -23.01 -10.12 38.14
N LEU O 322 -21.80 -9.72 38.56
CA LEU O 322 -20.82 -9.13 37.66
C LEU O 322 -20.27 -10.12 36.64
N GLU O 323 -20.63 -11.41 36.72
CA GLU O 323 -20.03 -12.42 35.86
C GLU O 323 -20.29 -12.11 34.38
N ASP O 324 -21.53 -11.79 34.03
CA ASP O 324 -21.87 -11.59 32.62
C ASP O 324 -21.47 -10.22 32.10
N TYR O 325 -21.25 -9.24 32.96
CA TYR O 325 -20.88 -7.89 32.52
C TYR O 325 -19.38 -7.72 32.29
N VAL O 326 -18.56 -8.66 32.78
CA VAL O 326 -17.13 -8.64 32.51
C VAL O 326 -16.78 -9.38 31.23
N ALA O 327 -17.78 -9.95 30.54
CA ALA O 327 -17.56 -10.71 29.32
C ALA O 327 -18.13 -10.00 28.10
N ARG O 328 -19.46 -9.89 27.98
CA ARG O 328 -20.05 -9.29 26.79
C ARG O 328 -19.76 -7.81 26.67
N PRO O 329 -19.93 -6.97 27.70
CA PRO O 329 -19.53 -5.56 27.55
C PRO O 329 -18.04 -5.37 27.36
N ASP O 330 -17.23 -6.34 27.81
CA ASP O 330 -15.78 -6.25 27.62
C ASP O 330 -15.40 -6.40 26.15
N LYS O 331 -16.24 -7.05 25.36
CA LYS O 331 -15.95 -7.24 23.94
C LYS O 331 -16.06 -5.93 23.17
N ILE O 332 -17.06 -5.12 23.52
CA ILE O 332 -17.36 -3.92 22.74
C ILE O 332 -16.68 -2.67 23.29
N SER O 333 -15.89 -2.80 24.34
CA SER O 333 -15.20 -1.64 24.93
C SER O 333 -14.26 -0.99 23.91
N GLY O 334 -14.18 0.33 23.95
CA GLY O 334 -13.46 1.09 22.94
C GLY O 334 -11.94 0.90 22.84
N ALA O 335 -11.19 1.21 23.90
CA ALA O 335 -11.69 1.84 25.12
C ALA O 335 -11.25 3.31 25.17
N ASP O 336 -12.08 4.27 25.60
CA ASP O 336 -13.43 4.14 26.18
C ASP O 336 -13.47 3.24 27.41
N ILE O 337 -12.64 3.58 28.41
CA ILE O 337 -12.35 2.69 29.52
C ILE O 337 -12.95 3.20 30.84
N ASN O 338 -12.41 4.31 31.35
CA ASN O 338 -12.62 4.67 32.75
C ASN O 338 -14.07 5.08 33.02
N SER O 339 -14.54 6.11 32.35
CA SER O 339 -15.78 6.77 32.76
C SER O 339 -17.00 6.30 32.00
N ILE O 340 -16.83 5.43 31.00
CA ILE O 340 -17.99 4.70 30.48
C ILE O 340 -18.53 3.74 31.54
N CYS O 341 -17.65 3.18 32.37
CA CYS O 341 -18.11 2.42 33.53
C CYS O 341 -18.97 3.29 34.43
N GLN O 342 -18.67 4.60 34.49
CA GLN O 342 -19.54 5.51 35.21
C GLN O 342 -20.85 5.73 34.45
N GLU O 343 -20.81 5.70 33.12
CA GLU O 343 -22.04 5.76 32.34
C GLU O 343 -22.89 4.53 32.61
N SER O 344 -22.25 3.39 32.86
CA SER O 344 -22.97 2.20 33.29
C SER O 344 -23.70 2.46 34.61
N GLY O 345 -23.12 3.31 35.46
CA GLY O 345 -23.82 3.73 36.65
C GLY O 345 -24.80 4.87 36.38
N MET O 346 -24.51 5.69 35.38
CA MET O 346 -25.41 6.77 34.98
C MET O 346 -26.59 6.27 34.15
N LEU O 347 -26.61 4.99 33.79
CA LEU O 347 -27.84 4.36 33.32
C LEU O 347 -28.61 3.68 34.44
N ALA O 348 -28.04 3.65 35.65
CA ALA O 348 -28.80 3.20 36.82
C ALA O 348 -29.72 4.30 37.33
N VAL O 349 -29.32 5.56 37.19
CA VAL O 349 -30.22 6.67 37.46
C VAL O 349 -31.31 6.78 36.39
N ARG O 350 -31.07 6.24 35.19
CA ARG O 350 -32.14 6.07 34.21
C ARG O 350 -33.29 5.27 34.80
N GLU O 351 -32.97 4.32 35.68
CA GLU O 351 -33.96 3.55 36.41
C GLU O 351 -34.53 4.40 37.56
N ASN O 352 -35.83 4.34 37.91
CA ASN O 352 -36.92 3.44 37.46
C ASN O 352 -36.78 2.00 37.96
N ARG O 353 -35.70 1.73 38.69
CA ARG O 353 -35.52 0.44 39.33
C ARG O 353 -34.65 0.63 40.56
N TYR O 354 -34.93 -0.12 41.63
CA TYR O 354 -34.19 0.05 42.87
C TYR O 354 -32.81 -0.58 42.80
N ILE O 355 -32.73 -1.80 42.29
CA ILE O 355 -31.46 -2.51 42.10
C ILE O 355 -31.26 -2.68 40.60
N VAL O 356 -30.12 -2.18 40.10
CA VAL O 356 -29.94 -2.01 38.65
C VAL O 356 -30.15 -3.33 37.92
N LEU O 357 -30.99 -3.29 36.89
CA LEU O 357 -31.29 -4.47 36.09
C LEU O 357 -30.14 -4.81 35.14
N ALA O 358 -30.14 -6.06 34.68
CA ALA O 358 -29.11 -6.51 33.75
C ALA O 358 -29.18 -5.75 32.43
N LYS O 359 -30.38 -5.32 32.03
CA LYS O 359 -30.53 -4.64 30.74
C LYS O 359 -29.93 -3.24 30.77
N ASP O 360 -29.73 -2.68 31.97
CA ASP O 360 -29.19 -1.33 32.08
C ASP O 360 -27.70 -1.29 31.73
N PHE O 361 -26.92 -2.18 32.34
CA PHE O 361 -25.48 -2.30 32.05
C PHE O 361 -25.23 -2.56 30.57
N GLU O 362 -25.74 -3.68 30.06
CA GLU O 362 -25.54 -4.12 28.68
C GLU O 362 -25.87 -3.02 27.69
N LYS O 363 -26.92 -2.24 27.95
CA LYS O 363 -27.31 -1.17 27.04
C LYS O 363 -26.30 -0.03 27.05
N ALA O 364 -25.62 0.18 28.18
CA ALA O 364 -24.70 1.30 28.29
C ALA O 364 -23.45 1.10 27.43
N TYR O 365 -22.83 -0.08 27.51
CA TYR O 365 -21.58 -0.29 26.79
C TYR O 365 -21.80 -0.53 25.30
N LYS O 366 -22.97 -1.05 24.92
CA LYS O 366 -23.19 -1.43 23.53
C LYS O 366 -23.32 -0.23 22.60
N THR O 367 -23.57 0.97 23.14
CA THR O 367 -23.71 2.14 22.27
C THR O 367 -22.35 2.66 21.84
N VAL O 368 -21.38 2.66 22.73
CA VAL O 368 -20.05 3.18 22.42
C VAL O 368 -18.96 2.23 22.92
N ILE O 369 -18.09 1.79 22.01
CA ILE O 369 -18.16 2.18 20.62
C ILE O 369 -18.47 0.94 19.77
N LYS O 370 -19.06 1.17 18.60
CA LYS O 370 -19.52 0.08 17.76
C LYS O 370 -18.35 -0.61 17.07
N LYS O 371 -18.55 -1.88 16.73
CA LYS O 371 -17.61 -2.66 15.95
C LYS O 371 -18.32 -3.23 14.74
N ASP O 372 -17.57 -3.40 13.65
CA ASP O 372 -18.13 -3.88 12.39
C ASP O 372 -17.32 -5.08 11.93
N GLU O 373 -17.92 -6.26 11.97
CA GLU O 373 -17.23 -7.53 11.73
C GLU O 373 -18.22 -8.52 11.07
N GLN O 374 -17.78 -9.71 10.64
CA GLN O 374 -16.39 -10.10 10.46
C GLN O 374 -16.16 -10.73 9.08
N GLU O 375 -15.49 -10.01 8.18
CA GLU O 375 -15.02 -10.60 6.92
C GLU O 375 -13.52 -10.87 6.88
N HIS O 376 -12.77 -10.47 7.90
CA HIS O 376 -11.31 -10.46 7.78
C HIS O 376 -10.61 -11.16 8.94
N GLU O 377 -10.77 -10.62 10.15
CA GLU O 377 -10.07 -11.10 11.34
C GLU O 377 -10.49 -12.52 11.72
N PHE O 378 -11.42 -13.09 10.97
CA PHE O 378 -11.95 -14.42 11.24
C PHE O 378 -10.86 -15.48 11.38
N TYR O 379 -9.64 -15.20 10.89
CA TYR O 379 -8.53 -16.14 11.04
C TYR O 379 -8.34 -16.59 12.48
N LYS O 380 -8.70 -15.76 13.46
CA LYS O 380 -8.66 -16.13 14.86
C LYS O 380 -9.73 -17.18 15.18
N THR P 1 -44.93 67.90 45.08
CA THR P 1 -44.57 69.30 45.17
C THR P 1 -43.11 69.46 45.59
N LYS P 2 -42.81 69.04 46.82
CA LYS P 2 -41.45 69.14 47.35
C LYS P 2 -40.57 67.96 46.94
N GLN P 3 -41.13 66.98 46.23
CA GLN P 3 -40.32 65.83 45.81
C GLN P 3 -39.29 66.23 44.76
N TYR P 4 -39.53 67.31 44.04
CA TYR P 4 -38.56 67.78 43.05
C TYR P 4 -37.31 68.32 43.73
N GLU P 5 -37.48 69.07 44.81
CA GLU P 5 -36.32 69.56 45.54
C GLU P 5 -35.55 68.41 46.19
N LYS P 6 -36.25 67.33 46.53
CA LYS P 6 -35.57 66.14 47.05
C LYS P 6 -34.65 65.55 45.99
N SER P 7 -35.10 65.52 44.74
CA SER P 7 -34.22 65.07 43.65
C SER P 7 -33.11 66.06 43.40
N GLU P 8 -33.34 67.35 43.67
CA GLU P 8 -32.28 68.34 43.56
C GLU P 8 -31.22 68.12 44.63
N ASN P 9 -31.64 67.75 45.84
CA ASN P 9 -30.68 67.41 46.89
C ASN P 9 -29.97 66.10 46.58
N ASP P 10 -30.61 65.22 45.79
CA ASP P 10 -29.92 64.01 45.35
C ASP P 10 -28.81 64.33 44.36
N LEU P 11 -28.95 65.43 43.62
CA LEU P 11 -27.89 65.84 42.70
C LEU P 11 -26.67 66.32 43.47
N LYS P 12 -26.87 66.86 44.67
CA LYS P 12 -25.75 67.21 45.52
C LYS P 12 -24.98 65.97 45.94
N ALA P 13 -25.66 64.84 46.10
CA ALA P 13 -24.97 63.59 46.35
C ALA P 13 -24.33 63.04 45.09
N LEU P 14 -24.84 63.45 43.93
CA LEU P 14 -24.23 63.05 42.66
C LEU P 14 -22.90 63.75 42.42
N GLN P 15 -22.62 64.84 43.14
CA GLN P 15 -21.35 65.53 43.00
C GLN P 15 -20.18 64.69 43.51
N SER P 16 -20.44 63.67 44.32
CA SER P 16 -19.39 62.79 44.83
C SER P 16 -18.86 61.91 43.71
N VAL P 17 -17.53 61.87 43.58
CA VAL P 17 -16.86 61.07 42.56
C VAL P 17 -16.94 59.60 42.97
N GLY P 18 -16.98 58.74 41.96
CA GLY P 18 -17.03 57.31 42.23
C GLY P 18 -15.65 56.78 42.58
N GLN P 19 -15.61 55.81 43.48
CA GLN P 19 -14.37 55.18 43.89
C GLN P 19 -14.01 54.06 42.91
N ILE P 20 -12.84 53.45 43.11
CA ILE P 20 -12.29 52.47 42.19
C ILE P 20 -12.31 51.09 42.85
N VAL P 21 -12.82 50.09 42.14
CA VAL P 21 -12.93 48.74 42.66
C VAL P 21 -11.56 48.09 42.68
N GLY P 22 -11.43 47.03 43.47
CA GLY P 22 -10.18 46.27 43.53
C GLY P 22 -10.39 44.92 44.18
N GLU P 23 -9.43 44.03 43.94
CA GLU P 23 -9.41 42.70 44.53
C GLU P 23 -8.30 42.61 45.56
N VAL P 24 -8.66 42.27 46.80
CA VAL P 24 -7.67 42.09 47.84
C VAL P 24 -6.91 40.78 47.59
N LEU P 25 -5.67 40.73 48.08
CA LEU P 25 -4.92 39.48 48.03
C LEU P 25 -4.79 38.89 49.43
N LYS P 26 -3.91 39.47 50.24
CA LYS P 26 -3.74 39.05 51.64
C LYS P 26 -3.32 40.28 52.44
N GLN P 27 -2.92 40.04 53.69
CA GLN P 27 -2.54 41.10 54.61
C GLN P 27 -1.18 40.82 55.25
N LEU P 28 -0.32 41.83 55.21
CA LEU P 28 0.97 41.74 55.90
C LEU P 28 0.81 41.98 57.39
N THR P 29 0.07 43.02 57.77
CA THR P 29 -0.26 43.32 59.15
C THR P 29 -1.67 43.91 59.17
N GLU P 30 -2.15 44.28 60.36
CA GLU P 30 -3.46 44.93 60.44
C GLU P 30 -3.42 46.33 59.82
N GLU P 31 -2.26 46.98 59.81
CA GLU P 31 -2.13 48.31 59.24
C GLU P 31 -1.73 48.31 57.78
N LYS P 32 -1.36 47.15 57.22
CA LYS P 32 -0.93 47.04 55.84
C LYS P 32 -1.72 45.93 55.16
N PHE P 33 -2.55 46.29 54.18
CA PHE P 33 -3.33 45.35 53.40
C PHE P 33 -2.89 45.45 51.94
N ILE P 34 -2.88 44.32 51.24
CA ILE P 34 -2.49 44.31 49.84
C ILE P 34 -3.74 44.16 48.97
N VAL P 35 -4.07 45.21 48.22
CA VAL P 35 -5.21 45.21 47.32
C VAL P 35 -4.71 45.36 45.89
N LYS P 36 -5.47 44.78 44.96
CA LYS P 36 -5.14 44.84 43.54
C LYS P 36 -6.37 45.24 42.76
N ALA P 37 -6.28 46.37 42.05
CA ALA P 37 -7.40 46.85 41.25
C ALA P 37 -7.63 45.93 40.05
N THR P 38 -8.83 46.02 39.48
CA THR P 38 -9.15 45.23 38.30
C THR P 38 -8.22 45.56 37.14
N ASN P 39 -7.65 46.77 37.13
CA ASN P 39 -6.69 47.18 36.12
C ASN P 39 -5.37 46.41 36.23
N GLY P 40 -5.08 45.81 37.38
CA GLY P 40 -3.85 45.06 37.56
C GLY P 40 -2.76 45.60 38.46
N PRO P 41 -2.72 46.90 38.78
CA PRO P 41 -1.76 47.37 39.77
C PRO P 41 -2.16 46.97 41.18
N ARG P 42 -1.15 46.72 42.01
CA ARG P 42 -1.36 46.39 43.42
C ARG P 42 -0.95 47.58 44.29
N TYR P 43 -1.68 47.77 45.38
CA TYR P 43 -1.42 48.90 46.27
C TYR P 43 -1.45 48.44 47.72
N VAL P 44 -0.39 48.74 48.46
CA VAL P 44 -0.41 48.61 49.91
C VAL P 44 -0.76 49.96 50.50
N VAL P 45 -1.95 50.07 51.09
CA VAL P 45 -2.48 51.34 51.55
C VAL P 45 -3.03 51.15 52.96
N GLY P 46 -3.33 52.26 53.62
CA GLY P 46 -3.99 52.21 54.90
C GLY P 46 -5.50 52.14 54.75
N CYS P 47 -6.18 52.01 55.88
CA CYS P 47 -7.63 51.88 55.90
C CYS P 47 -8.21 52.93 56.83
N ARG P 48 -9.49 53.24 56.62
CA ARG P 48 -10.17 54.24 57.41
C ARG P 48 -10.88 53.60 58.59
N ARG P 49 -11.54 54.43 59.39
CA ARG P 49 -12.11 54.00 60.66
C ARG P 49 -13.56 53.56 60.58
N GLN P 50 -14.23 53.77 59.44
CA GLN P 50 -15.66 53.46 59.36
C GLN P 50 -15.94 52.02 58.93
N LEU P 51 -14.93 51.29 58.47
CA LEU P 51 -15.15 49.95 57.97
C LEU P 51 -15.34 48.96 59.13
N ASP P 52 -15.57 47.70 58.78
CA ASP P 52 -15.87 46.66 59.77
C ASP P 52 -14.95 45.47 59.52
N LYS P 53 -15.18 44.39 60.28
CA LYS P 53 -14.35 43.20 60.16
C LYS P 53 -14.65 42.42 58.88
N SER P 54 -15.84 42.62 58.30
CA SER P 54 -16.22 41.92 57.08
C SER P 54 -15.46 42.42 55.86
N LYS P 55 -14.67 43.47 56.01
CA LYS P 55 -13.95 44.03 54.86
C LYS P 55 -12.73 43.17 54.51
N LEU P 56 -12.11 42.56 55.53
CA LEU P 56 -10.85 41.84 55.35
C LEU P 56 -10.95 40.78 54.27
N LYS P 57 -11.65 39.68 54.56
CA LYS P 57 -12.03 38.65 53.59
C LYS P 57 -10.81 37.91 53.04
N PRO P 58 -11.00 36.72 52.45
CA PRO P 58 -9.90 36.08 51.73
C PRO P 58 -9.89 36.43 50.25
N GLY P 59 -9.54 37.68 49.93
CA GLY P 59 -9.48 38.11 48.54
C GLY P 59 -10.83 38.35 47.88
N THR P 60 -11.70 39.12 48.54
CA THR P 60 -13.01 39.46 48.01
C THR P 60 -12.96 40.86 47.40
N ARG P 61 -13.70 41.04 46.30
CA ARG P 61 -13.73 42.30 45.60
C ARG P 61 -14.14 43.45 46.53
N VAL P 62 -13.38 44.54 46.48
CA VAL P 62 -13.63 45.72 47.31
C VAL P 62 -13.48 46.96 46.44
N ALA P 63 -13.90 48.10 46.97
CA ALA P 63 -13.71 49.37 46.29
C ALA P 63 -12.67 50.21 47.02
N LEU P 64 -11.79 50.88 46.26
CA LEU P 64 -10.71 51.67 46.81
C LEU P 64 -11.00 53.16 46.67
N ASP P 65 -10.57 53.93 47.65
CA ASP P 65 -10.80 55.36 47.64
C ASP P 65 -9.99 56.02 46.52
N MET P 66 -10.41 57.22 46.12
CA MET P 66 -9.75 57.90 45.01
C MET P 66 -8.48 58.64 45.44
N THR P 67 -8.20 58.71 46.74
CA THR P 67 -7.01 59.41 47.24
C THR P 67 -6.18 58.50 48.13
N THR P 68 -6.68 58.17 49.32
CA THR P 68 -5.92 57.30 50.22
C THR P 68 -5.96 55.85 49.73
N LEU P 69 -6.84 55.55 48.77
CA LEU P 69 -7.08 54.20 48.25
C LEU P 69 -7.59 53.26 49.34
N THR P 70 -8.20 53.80 50.39
CA THR P 70 -8.76 52.98 51.45
C THR P 70 -10.10 52.40 51.01
N ILE P 71 -10.45 51.25 51.61
CA ILE P 71 -11.68 50.57 51.25
C ILE P 71 -12.84 51.16 52.04
N MET P 72 -13.86 51.63 51.32
CA MET P 72 -15.05 52.17 51.95
C MET P 72 -16.09 51.08 52.16
N ARG P 73 -16.69 50.61 51.06
CA ARG P 73 -17.69 49.54 51.11
C ARG P 73 -17.48 48.64 49.91
N TYR P 74 -17.58 47.33 50.14
CA TYR P 74 -17.30 46.33 49.11
C TYR P 74 -18.58 46.02 48.34
N LEU P 75 -18.50 46.11 47.02
CA LEU P 75 -19.60 45.70 46.14
C LEU P 75 -19.36 44.27 45.68
N PRO P 76 -20.38 43.40 45.72
CA PRO P 76 -20.13 41.99 45.42
C PRO P 76 -19.63 41.75 44.01
N ARG P 77 -20.32 42.29 43.00
CA ARG P 77 -19.99 42.08 41.60
C ARG P 77 -20.84 43.03 40.75
N GLU P 78 -20.61 42.99 39.44
CA GLU P 78 -21.47 43.65 38.48
C GLU P 78 -21.44 42.85 37.18
N VAL P 79 -22.59 42.70 36.54
CA VAL P 79 -22.66 41.98 35.26
C VAL P 79 -23.67 42.67 34.35
N ASP P 80 -23.21 43.11 33.17
CA ASP P 80 -24.10 43.58 32.12
C ASP P 80 -24.85 42.45 31.42
N PRO P 81 -24.16 41.42 30.89
CA PRO P 81 -24.85 40.47 29.99
C PRO P 81 -25.85 39.54 30.67
N LEU P 82 -25.83 39.41 31.99
CA LEU P 82 -26.57 38.35 32.66
C LEU P 82 -28.04 38.32 32.28
N VAL P 83 -28.66 39.49 32.14
CA VAL P 83 -30.10 39.56 31.92
C VAL P 83 -30.50 38.91 30.60
N TYR P 84 -29.62 38.94 29.61
CA TYR P 84 -29.95 38.33 28.32
C TYR P 84 -29.95 36.81 28.42
N ASN P 85 -29.27 36.26 29.43
CA ASN P 85 -29.32 34.81 29.65
C ASN P 85 -30.43 34.43 30.62
N MET P 86 -31.09 35.43 31.21
CA MET P 86 -32.16 35.15 32.17
C MET P 86 -33.49 34.83 31.49
N SER P 87 -33.64 35.23 30.23
CA SER P 87 -34.94 35.28 29.58
C SER P 87 -35.28 34.03 28.77
N HIS P 88 -34.40 33.02 28.78
CA HIS P 88 -34.69 31.81 28.01
C HIS P 88 -35.85 31.03 28.63
N GLU P 89 -36.78 30.60 27.78
CA GLU P 89 -37.96 29.89 28.24
C GLU P 89 -38.29 28.77 27.25
N ASP P 90 -38.76 27.65 27.79
CA ASP P 90 -39.22 26.52 26.99
C ASP P 90 -40.38 25.87 27.73
N PRO P 91 -41.38 25.35 27.03
CA PRO P 91 -42.51 24.72 27.69
C PRO P 91 -42.30 23.22 27.92
N GLY P 92 -43.25 22.62 28.62
CA GLY P 92 -43.28 21.18 28.85
C GLY P 92 -42.27 20.73 29.88
N ASN P 93 -42.47 19.59 30.57
CA ASN P 93 -43.71 18.81 30.67
C ASN P 93 -44.28 18.24 29.38
N VAL P 94 -45.54 18.60 29.12
CA VAL P 94 -46.32 17.93 28.06
C VAL P 94 -45.69 18.15 26.70
N SER P 95 -45.36 19.41 26.38
CA SER P 95 -44.82 19.72 25.05
C SER P 95 -43.48 19.02 24.83
N TYR P 96 -42.78 18.68 25.90
CA TYR P 96 -41.58 17.86 25.77
C TYR P 96 -41.94 16.42 25.46
N SER P 97 -42.94 15.88 26.15
CA SER P 97 -43.39 14.52 25.89
C SER P 97 -44.22 14.41 24.63
N GLU P 98 -44.59 15.54 24.01
CA GLU P 98 -45.39 15.50 22.80
C GLU P 98 -44.55 15.38 21.54
N ILE P 99 -43.21 15.42 21.66
CA ILE P 99 -42.36 15.37 20.48
C ILE P 99 -42.44 14.04 19.74
N GLY P 100 -43.09 13.04 20.32
CA GLY P 100 -43.36 11.77 19.66
C GLY P 100 -42.20 10.81 19.60
N GLY P 101 -40.98 11.26 19.90
CA GLY P 101 -39.84 10.37 19.93
C GLY P 101 -38.52 11.05 20.24
N LEU P 102 -37.55 10.27 20.71
CA LEU P 102 -37.76 8.84 20.97
C LEU P 102 -38.40 8.68 22.35
N SER P 103 -39.27 7.67 22.47
CA SER P 103 -40.08 7.52 23.68
C SER P 103 -39.23 7.36 24.93
N GLU P 104 -38.20 6.51 24.88
CA GLU P 104 -37.34 6.30 26.04
C GLU P 104 -36.44 7.49 26.34
N GLN P 105 -36.18 8.35 25.34
CA GLN P 105 -35.33 9.51 25.57
C GLN P 105 -36.08 10.59 26.33
N ILE P 106 -37.40 10.65 26.18
CA ILE P 106 -38.22 11.51 27.03
C ILE P 106 -38.18 10.99 28.46
N ARG P 107 -38.08 9.66 28.62
CA ARG P 107 -37.98 9.05 29.94
C ARG P 107 -36.57 9.16 30.51
N GLU P 108 -35.61 9.66 29.72
CA GLU P 108 -34.24 9.83 30.17
C GLU P 108 -34.05 11.12 30.98
N LEU P 109 -34.10 12.27 30.31
CA LEU P 109 -33.78 13.52 30.99
C LEU P 109 -34.89 13.99 31.93
N ARG P 110 -36.06 13.34 31.88
CA ARG P 110 -37.11 13.57 32.86
C ARG P 110 -36.57 13.35 34.26
N GLU P 111 -36.13 12.12 34.54
CA GLU P 111 -35.66 11.76 35.87
C GLU P 111 -34.21 12.18 36.08
N VAL P 112 -33.50 12.50 35.00
CA VAL P 112 -32.11 12.90 35.12
C VAL P 112 -31.99 14.36 35.53
N ILE P 113 -32.81 15.23 34.95
CA ILE P 113 -32.68 16.68 35.13
C ILE P 113 -33.72 17.19 36.13
N GLU P 114 -35.00 17.02 35.80
CA GLU P 114 -36.06 17.61 36.61
C GLU P 114 -36.16 16.96 37.99
N LEU P 115 -35.94 15.66 38.08
CA LEU P 115 -36.17 14.89 39.32
C LEU P 115 -35.25 15.29 40.48
N PRO P 116 -33.95 15.55 40.26
CA PRO P 116 -33.08 15.91 41.39
C PRO P 116 -33.61 17.04 42.27
N LEU P 117 -34.35 17.99 41.72
CA LEU P 117 -34.85 19.09 42.54
C LEU P 117 -36.05 18.67 43.39
N THR P 118 -37.01 17.97 42.78
CA THR P 118 -38.24 17.62 43.49
C THR P 118 -38.01 16.50 44.49
N ASN P 119 -37.15 15.54 44.16
CA ASN P 119 -36.86 14.39 45.02
C ASN P 119 -35.37 14.08 44.99
N PRO P 120 -34.55 14.90 45.66
CA PRO P 120 -33.12 14.57 45.77
C PRO P 120 -32.84 13.38 46.66
N GLU P 121 -33.79 12.98 47.51
CA GLU P 121 -33.55 11.91 48.46
C GLU P 121 -33.47 10.55 47.77
N LEU P 122 -34.10 10.40 46.61
CA LEU P 122 -34.10 9.11 45.92
C LEU P 122 -32.69 8.69 45.50
N PHE P 123 -31.87 9.65 45.07
CA PHE P 123 -30.53 9.31 44.58
C PHE P 123 -29.56 9.08 45.73
N GLN P 124 -29.65 9.88 46.79
CA GLN P 124 -28.66 9.80 47.86
C GLN P 124 -28.90 8.60 48.77
N ARG P 125 -30.15 8.16 48.91
CA ARG P 125 -30.43 7.00 49.76
C ARG P 125 -29.89 5.72 49.13
N VAL P 126 -30.21 5.48 47.86
CA VAL P 126 -29.71 4.30 47.17
C VAL P 126 -28.20 4.41 46.96
N GLY P 127 -27.70 5.62 46.75
CA GLY P 127 -26.27 5.84 46.56
C GLY P 127 -25.82 6.00 45.13
N ILE P 128 -26.74 6.13 44.18
CA ILE P 128 -26.40 6.33 42.78
C ILE P 128 -26.32 7.82 42.51
N ILE P 129 -25.30 8.24 41.78
CA ILE P 129 -25.06 9.65 41.49
C ILE P 129 -25.73 9.99 40.16
N PRO P 130 -26.41 11.14 40.05
CA PRO P 130 -26.93 11.57 38.75
C PRO P 130 -25.80 11.97 37.83
N PRO P 131 -26.01 11.93 36.51
CA PRO P 131 -24.94 12.28 35.57
C PRO P 131 -24.66 13.78 35.61
N LYS P 132 -23.38 14.12 35.51
CA LYS P 132 -22.98 15.53 35.56
C LYS P 132 -22.89 16.15 34.19
N GLY P 133 -23.11 15.38 33.12
CA GLY P 133 -23.02 15.91 31.77
C GLY P 133 -23.81 15.06 30.80
N CYS P 134 -24.03 15.62 29.61
CA CYS P 134 -24.70 14.91 28.54
C CYS P 134 -24.31 15.55 27.22
N LEU P 135 -24.48 14.79 26.14
CA LEU P 135 -24.15 15.23 24.79
C LEU P 135 -25.26 14.78 23.85
N LEU P 136 -25.82 15.72 23.10
CA LEU P 136 -26.85 15.43 22.11
C LEU P 136 -26.41 15.90 20.73
N TYR P 137 -26.22 14.93 19.84
CA TYR P 137 -25.71 15.19 18.49
C TYR P 137 -26.82 14.91 17.50
N GLY P 138 -26.48 15.07 16.21
CA GLY P 138 -27.45 14.90 15.14
C GLY P 138 -26.85 15.07 13.77
N PRO P 139 -27.69 15.36 12.76
CA PRO P 139 -29.16 15.25 12.73
C PRO P 139 -29.75 14.02 12.01
N PRO P 140 -29.66 12.80 12.57
CA PRO P 140 -30.52 11.71 12.06
C PRO P 140 -31.96 11.96 12.47
N GLY P 141 -32.62 12.90 11.79
CA GLY P 141 -33.87 13.44 12.29
C GLY P 141 -33.63 14.75 13.03
N THR P 142 -34.58 15.13 13.85
CA THR P 142 -34.48 16.36 14.62
C THR P 142 -34.49 16.00 16.10
N GLY P 143 -34.40 17.02 16.95
CA GLY P 143 -34.50 16.85 18.38
C GLY P 143 -33.21 16.88 19.17
N LYS P 144 -32.11 17.35 18.58
CA LYS P 144 -30.86 17.43 19.32
C LYS P 144 -30.96 18.52 20.39
N THR P 145 -31.43 19.71 20.00
CA THR P 145 -31.58 20.81 20.93
C THR P 145 -32.83 20.64 21.80
N LEU P 146 -33.97 20.35 21.18
CA LEU P 146 -35.25 20.39 21.88
C LEU P 146 -35.29 19.41 23.05
N LEU P 147 -34.64 18.26 22.90
CA LEU P 147 -34.69 17.22 23.92
C LEU P 147 -34.10 17.75 25.24
N ALA P 148 -32.96 18.43 25.16
CA ALA P 148 -32.38 19.03 26.37
C ALA P 148 -32.99 20.39 26.66
N ARG P 149 -33.59 21.04 25.66
CA ARG P 149 -34.04 22.42 25.83
C ARG P 149 -35.33 22.48 26.63
N ALA P 150 -36.25 21.55 26.39
CA ALA P 150 -37.53 21.61 27.08
C ALA P 150 -37.40 21.21 28.54
N VAL P 151 -36.51 20.26 28.84
CA VAL P 151 -36.26 19.88 30.23
C VAL P 151 -35.41 20.93 30.94
N ALA P 152 -34.80 21.83 30.16
CA ALA P 152 -33.98 22.88 30.75
C ALA P 152 -34.78 23.84 31.61
N SER P 153 -35.91 24.35 31.10
CA SER P 153 -36.75 25.23 31.90
C SER P 153 -37.84 24.47 32.64
N GLN P 154 -37.90 23.14 32.46
CA GLN P 154 -38.88 22.33 33.18
C GLN P 154 -38.42 22.01 34.60
N LEU P 155 -37.11 22.07 34.85
CA LEU P 155 -36.60 21.90 36.21
C LEU P 155 -37.20 22.95 37.14
N ASP P 156 -37.13 24.21 36.73
CA ASP P 156 -37.71 25.34 37.44
C ASP P 156 -37.62 26.53 36.48
N CYS P 157 -38.01 27.71 36.97
CA CYS P 157 -37.72 28.93 36.23
C CYS P 157 -36.22 29.13 36.03
N ASN P 158 -35.41 28.37 36.77
CA ASN P 158 -33.96 28.39 36.62
C ASN P 158 -33.55 27.91 35.24
N PHE P 159 -32.82 28.75 34.51
CA PHE P 159 -32.00 28.29 33.40
C PHE P 159 -30.96 29.37 33.09
N LEU P 160 -29.89 28.94 32.43
CA LEU P 160 -28.88 29.84 31.88
C LEU P 160 -28.51 29.34 30.49
N LYS P 161 -28.74 30.18 29.48
CA LYS P 161 -28.50 29.82 28.09
C LYS P 161 -27.15 30.35 27.65
N VAL P 162 -26.39 29.52 26.93
CA VAL P 162 -25.06 29.88 26.45
C VAL P 162 -25.06 29.77 24.94
N VAL P 163 -24.62 30.83 24.27
CA VAL P 163 -24.47 30.83 22.82
C VAL P 163 -22.99 30.79 22.49
N SER P 164 -22.63 30.05 21.44
CA SER P 164 -21.23 29.90 21.06
C SER P 164 -20.58 31.19 20.60
N SER P 165 -21.36 32.26 20.43
CA SER P 165 -20.79 33.52 19.94
C SER P 165 -20.04 34.26 21.04
N SER P 166 -20.31 33.91 22.30
CA SER P 166 -19.68 34.62 23.41
C SER P 166 -18.31 34.07 23.79
N ILE P 167 -17.95 32.89 23.28
CA ILE P 167 -16.68 32.27 23.66
C ILE P 167 -15.52 32.88 22.88
N VAL P 168 -15.74 33.22 21.60
CA VAL P 168 -14.66 33.70 20.75
C VAL P 168 -14.15 35.07 21.22
N ASP P 169 -15.04 35.90 21.75
CA ASP P 169 -14.68 37.21 22.33
C ASP P 169 -14.00 38.07 21.27
N LYS P 170 -12.75 38.47 21.45
CA LYS P 170 -12.07 39.42 20.58
C LYS P 170 -10.58 39.11 20.61
N TYR P 171 -9.79 39.97 19.99
CA TYR P 171 -8.34 39.82 20.04
C TYR P 171 -7.85 39.94 21.48
N ILE P 172 -7.05 38.96 21.91
CA ILE P 172 -6.68 38.81 23.32
C ILE P 172 -7.96 38.76 24.14
N GLY P 173 -8.84 37.82 23.78
CA GLY P 173 -10.16 37.78 24.37
C GLY P 173 -10.11 37.58 25.88
N GLU P 174 -10.80 38.44 26.61
CA GLU P 174 -10.89 38.37 28.06
C GLU P 174 -12.04 37.50 28.54
N SER P 175 -12.76 36.84 27.63
CA SER P 175 -13.88 35.99 28.03
C SER P 175 -13.45 34.80 28.88
N ALA P 176 -12.15 34.56 29.04
CA ALA P 176 -11.70 33.53 29.97
C ALA P 176 -12.29 33.77 31.36
N ARG P 177 -12.32 35.02 31.81
CA ARG P 177 -13.00 35.33 33.07
C ARG P 177 -14.49 35.49 32.88
N LEU P 178 -14.96 35.70 31.65
CA LEU P 178 -16.40 35.75 31.39
C LEU P 178 -17.01 34.35 31.37
N ILE P 179 -16.28 33.35 30.85
CA ILE P 179 -16.72 31.97 31.02
C ILE P 179 -16.78 31.63 32.50
N ARG P 180 -15.84 32.17 33.28
CA ARG P 180 -15.96 32.08 34.73
C ARG P 180 -17.08 32.94 35.26
N GLU P 181 -17.27 34.14 34.68
CA GLU P 181 -18.35 35.01 35.14
C GLU P 181 -19.72 34.43 34.80
N MET P 182 -19.89 33.93 33.57
CA MET P 182 -21.16 33.36 33.14
C MET P 182 -21.52 32.13 33.97
N PHE P 183 -20.51 31.33 34.33
CA PHE P 183 -20.77 30.18 35.19
C PHE P 183 -20.88 30.60 36.65
N ASN P 184 -20.27 31.72 37.03
CA ASN P 184 -20.44 32.25 38.38
C ASN P 184 -21.89 32.63 38.62
N TYR P 185 -22.49 33.32 37.66
CA TYR P 185 -23.90 33.67 37.72
C TYR P 185 -24.81 32.52 37.35
N ALA P 186 -24.27 31.47 36.73
CA ALA P 186 -25.02 30.23 36.58
C ALA P 186 -25.24 29.55 37.93
N ARG P 187 -24.27 29.68 38.83
CA ARG P 187 -24.43 29.19 40.20
C ARG P 187 -25.32 30.07 41.05
N ASP P 188 -25.52 31.33 40.65
CA ASP P 188 -26.57 32.15 41.25
C ASP P 188 -27.95 31.51 41.11
N HIS P 189 -28.13 30.67 40.09
CA HIS P 189 -29.36 29.93 39.91
C HIS P 189 -29.18 28.50 40.42
N GLN P 190 -30.06 28.07 41.31
CA GLN P 190 -30.00 26.70 41.80
C GLN P 190 -31.32 25.95 41.66
N PRO P 191 -31.25 24.67 41.27
CA PRO P 191 -30.04 24.00 40.79
C PRO P 191 -29.70 24.41 39.35
N CYS P 192 -28.42 24.57 39.06
CA CYS P 192 -27.98 25.15 37.79
C CYS P 192 -28.05 24.14 36.64
N ILE P 193 -28.21 24.67 35.44
CA ILE P 193 -28.16 23.91 34.20
C ILE P 193 -27.29 24.69 33.21
N ILE P 194 -26.41 23.97 32.52
CA ILE P 194 -25.46 24.58 31.59
C ILE P 194 -25.70 24.02 30.20
N PHE P 195 -25.83 24.90 29.22
CA PHE P 195 -25.95 24.51 27.82
C PHE P 195 -24.69 24.88 27.04
N MET P 196 -24.37 24.05 26.06
CA MET P 196 -23.41 24.40 25.02
C MET P 196 -23.93 23.90 23.69
N ASP P 197 -24.05 24.82 22.73
CA ASP P 197 -24.62 24.49 21.43
C ASP P 197 -23.61 24.82 20.35
N GLU P 198 -23.61 23.99 19.30
CA GLU P 198 -22.72 24.18 18.15
C GLU P 198 -21.26 24.21 18.58
N ILE P 199 -20.83 23.17 19.30
CA ILE P 199 -19.45 23.13 19.77
C ILE P 199 -18.47 22.75 18.65
N ASP P 200 -18.97 22.36 17.47
CA ASP P 200 -18.09 22.02 16.37
C ASP P 200 -17.30 23.24 15.88
N ALA P 201 -17.63 24.42 16.39
CA ALA P 201 -16.84 25.61 16.09
C ALA P 201 -15.83 25.89 17.20
N ILE P 202 -16.32 26.14 18.42
CA ILE P 202 -15.47 26.47 19.56
C ILE P 202 -14.84 25.24 20.20
N GLY P 203 -15.09 24.06 19.67
CA GLY P 203 -14.51 22.82 20.18
C GLY P 203 -13.21 22.41 19.51
N GLY P 204 -12.47 23.38 18.99
CA GLY P 204 -11.37 23.13 18.06
C GLY P 204 -10.41 22.01 18.42
N ARG P 205 -10.15 21.13 17.45
CA ARG P 205 -9.42 19.89 17.67
C ARG P 205 -7.92 20.13 17.53
N ARG P 206 -7.15 19.52 18.43
CA ARG P 206 -5.70 19.65 18.45
C ARG P 206 -4.98 18.55 17.68
N PHE P 207 -5.73 17.68 16.98
CA PHE P 207 -5.14 16.61 16.18
C PHE P 207 -4.02 17.14 15.28
N SER P 208 -4.40 17.95 14.30
CA SER P 208 -3.44 18.67 13.46
C SER P 208 -3.24 20.05 14.10
N GLU P 209 -2.01 20.33 14.53
CA GLU P 209 -1.74 21.53 15.31
C GLU P 209 -1.76 22.74 14.38
N GLY P 210 -2.67 23.67 14.65
CA GLY P 210 -2.85 24.85 13.82
C GLY P 210 -2.35 26.13 14.47
N THR P 211 -2.97 27.24 14.09
CA THR P 211 -2.65 28.54 14.67
C THR P 211 -3.06 28.56 16.15
N SER P 212 -2.49 29.53 16.88
CA SER P 212 -2.73 29.64 18.31
C SER P 212 -4.21 29.84 18.65
N ALA P 213 -5.04 30.14 17.65
CA ALA P 213 -6.49 30.20 17.89
C ALA P 213 -7.01 28.87 18.39
N ASP P 214 -6.38 27.76 18.00
CA ASP P 214 -6.75 26.46 18.54
C ASP P 214 -6.31 26.32 19.99
N ARG P 215 -5.23 27.00 20.37
CA ARG P 215 -4.78 26.96 21.76
C ARG P 215 -5.74 27.71 22.68
N GLU P 216 -6.14 28.93 22.30
CA GLU P 216 -7.05 29.71 23.12
C GLU P 216 -8.43 29.05 23.18
N ILE P 217 -8.74 28.21 22.20
CA ILE P 217 -9.93 27.36 22.29
C ILE P 217 -9.80 26.40 23.46
N GLN P 218 -8.63 25.78 23.60
CA GLN P 218 -8.40 24.90 24.74
C GLN P 218 -8.40 25.67 26.05
N ARG P 219 -7.91 26.91 26.05
CA ARG P 219 -7.93 27.72 27.26
C ARG P 219 -9.35 28.04 27.69
N THR P 220 -10.23 28.34 26.74
CA THR P 220 -11.64 28.51 27.07
C THR P 220 -12.24 27.20 27.58
N LEU P 221 -11.75 26.07 27.07
CA LEU P 221 -12.17 24.78 27.61
C LEU P 221 -11.68 24.61 29.03
N MET P 222 -10.48 25.11 29.33
CA MET P 222 -9.98 25.05 30.70
C MET P 222 -10.87 25.85 31.65
N GLU P 223 -11.40 26.98 31.21
CA GLU P 223 -12.31 27.77 32.04
C GLU P 223 -13.63 27.05 32.25
N LEU P 224 -14.03 26.23 31.26
CA LEU P 224 -15.22 25.41 31.43
C LEU P 224 -14.99 24.36 32.50
N LEU P 225 -13.90 23.60 32.37
CA LEU P 225 -13.68 22.44 33.22
C LEU P 225 -13.37 22.85 34.65
N ASN P 226 -12.55 23.90 34.82
CA ASN P 226 -12.08 24.30 36.14
C ASN P 226 -13.23 24.46 37.13
N GLN P 227 -14.14 25.40 36.86
CA GLN P 227 -15.25 25.64 37.78
C GLN P 227 -16.17 24.44 37.88
N MET P 228 -16.32 23.67 36.81
CA MET P 228 -17.13 22.46 36.84
C MET P 228 -16.40 21.27 37.44
N ASP P 229 -15.11 21.42 37.75
CA ASP P 229 -14.33 20.40 38.43
C ASP P 229 -14.29 20.59 39.95
N GLY P 230 -15.06 21.53 40.48
CA GLY P 230 -14.98 21.90 41.88
C GLY P 230 -15.22 20.78 42.88
N PHE P 231 -14.94 20.94 44.18
CA PHE P 231 -14.55 22.17 44.91
C PHE P 231 -15.69 23.19 44.92
N ASP P 232 -16.77 22.88 44.21
CA ASP P 232 -17.98 23.68 44.21
C ASP P 232 -19.11 22.76 43.80
N THR P 233 -20.29 23.35 43.55
CA THR P 233 -21.44 22.58 43.13
C THR P 233 -21.11 21.81 41.83
N LEU P 234 -21.27 20.48 41.92
CA LEU P 234 -20.90 19.62 40.80
C LEU P 234 -22.02 18.66 40.45
N HIS P 235 -22.37 17.78 41.38
CA HIS P 235 -23.43 16.81 41.11
C HIS P 235 -24.78 17.50 40.97
N ARG P 236 -24.91 18.70 41.54
CA ARG P 236 -26.19 19.41 41.46
C ARG P 236 -26.36 20.07 40.11
N VAL P 237 -25.27 20.54 39.50
CA VAL P 237 -25.34 21.22 38.21
C VAL P 237 -25.27 20.21 37.07
N LYS P 238 -26.05 20.44 36.03
CA LYS P 238 -26.11 19.57 34.86
C LYS P 238 -25.65 20.34 33.64
N MET P 239 -24.52 19.92 33.05
CA MET P 239 -23.95 20.55 31.87
C MET P 239 -24.40 19.80 30.63
N ILE P 240 -24.68 20.54 29.55
CA ILE P 240 -25.11 19.97 28.29
C ILE P 240 -24.29 20.58 27.17
N MET P 241 -23.83 19.73 26.24
CA MET P 241 -23.14 20.19 25.04
C MET P 241 -23.79 19.55 23.82
N ALA P 242 -23.67 20.25 22.69
CA ALA P 242 -24.26 19.78 21.45
C ALA P 242 -23.26 19.98 20.32
N THR P 243 -23.31 19.10 19.32
CA THR P 243 -22.39 19.18 18.20
C THR P 243 -23.08 18.60 16.97
N ASN P 244 -22.52 18.95 15.80
CA ASN P 244 -23.00 18.35 14.56
C ASN P 244 -22.48 16.92 14.43
N ARG P 245 -21.18 16.72 14.66
CA ARG P 245 -20.58 15.40 14.65
C ARG P 245 -19.61 15.35 15.84
N PRO P 246 -19.57 14.23 16.57
CA PRO P 246 -18.67 14.17 17.73
C PRO P 246 -17.28 13.67 17.38
N ASP P 247 -16.68 14.23 16.32
CA ASP P 247 -15.25 14.03 16.09
C ASP P 247 -14.44 15.25 16.54
N THR P 248 -15.13 16.28 17.03
CA THR P 248 -14.46 17.52 17.41
C THR P 248 -14.16 17.56 18.90
N LEU P 249 -14.57 16.54 19.64
CA LEU P 249 -14.50 16.59 21.09
C LEU P 249 -13.09 16.38 21.62
N ASP P 250 -12.22 15.73 20.84
CA ASP P 250 -10.87 15.33 21.22
C ASP P 250 -10.98 14.23 22.27
N PRO P 251 -9.90 13.48 22.55
CA PRO P 251 -10.02 12.40 23.54
C PRO P 251 -10.43 12.87 24.92
N ALA P 252 -10.33 14.17 25.22
CA ALA P 252 -10.77 14.67 26.51
C ALA P 252 -12.30 14.69 26.62
N LEU P 253 -12.96 15.36 25.67
CA LEU P 253 -14.42 15.48 25.75
C LEU P 253 -15.11 14.23 25.24
N LEU P 254 -14.50 13.51 24.28
CA LEU P 254 -15.02 12.21 23.88
C LEU P 254 -15.17 11.27 25.06
N ARG P 255 -14.31 11.38 26.06
CA ARG P 255 -14.38 10.61 27.29
C ARG P 255 -15.61 11.04 28.10
N PRO P 256 -16.19 10.15 28.88
CA PRO P 256 -17.22 10.56 29.83
C PRO P 256 -16.63 11.38 30.96
N GLY P 257 -17.36 11.61 32.05
CA GLY P 257 -17.01 12.78 32.85
C GLY P 257 -17.55 14.02 32.16
N ARG P 258 -16.66 14.87 31.65
CA ARG P 258 -17.07 16.12 31.01
C ARG P 258 -18.30 15.94 30.12
N LEU P 259 -18.18 15.14 29.06
CA LEU P 259 -19.32 14.76 28.24
C LEU P 259 -19.66 13.30 28.54
N ASP P 260 -20.78 13.09 29.22
CA ASP P 260 -21.17 11.76 29.69
C ASP P 260 -22.07 11.02 28.71
N ARG P 261 -23.33 11.46 28.61
CA ARG P 261 -24.32 10.73 27.86
C ARG P 261 -24.32 11.13 26.39
N LYS P 262 -24.41 10.13 25.51
CA LYS P 262 -24.51 10.35 24.07
C LYS P 262 -25.80 9.71 23.58
N ILE P 263 -26.64 10.52 22.92
CA ILE P 263 -27.97 10.08 22.52
C ILE P 263 -28.26 10.60 21.11
N HIS P 264 -28.73 9.71 20.24
CA HIS P 264 -29.12 10.10 18.89
C HIS P 264 -30.63 10.00 18.75
N ILE P 265 -31.15 10.26 17.55
CA ILE P 265 -32.59 10.29 17.30
C ILE P 265 -32.91 9.27 16.21
N ASP P 266 -34.06 8.60 16.37
CA ASP P 266 -34.56 7.65 15.39
C ASP P 266 -35.85 8.17 14.79
N LEU P 267 -36.40 7.41 13.85
CA LEU P 267 -37.64 7.73 13.15
C LEU P 267 -38.83 7.15 13.88
N PRO P 268 -40.02 7.73 13.68
CA PRO P 268 -41.24 7.15 14.29
C PRO P 268 -41.70 5.89 13.59
N ASN P 269 -42.86 5.36 14.00
CA ASN P 269 -43.37 4.11 13.46
C ASN P 269 -44.81 4.32 12.98
N GLU P 270 -45.43 3.24 12.51
CA GLU P 270 -46.80 3.31 12.06
C GLU P 270 -47.75 3.27 13.26
N GLN P 271 -48.87 3.99 13.14
CA GLN P 271 -49.87 4.18 14.18
C GLN P 271 -49.32 5.05 15.30
N ALA P 272 -47.98 5.20 15.34
CA ALA P 272 -47.36 6.30 16.07
C ALA P 272 -47.31 7.57 15.25
N ARG P 273 -47.42 7.45 13.92
CA ARG P 273 -47.50 8.62 13.06
C ARG P 273 -48.75 9.42 13.35
N LEU P 274 -49.83 8.74 13.78
CA LEU P 274 -51.04 9.43 14.20
C LEU P 274 -50.85 10.15 15.53
N ASP P 275 -49.88 9.73 16.34
CA ASP P 275 -49.61 10.35 17.63
C ASP P 275 -48.89 11.69 17.45
N ILE P 276 -47.69 11.65 16.85
CA ILE P 276 -46.94 12.87 16.59
C ILE P 276 -47.76 13.85 15.75
N LEU P 277 -48.72 13.32 14.97
CA LEU P 277 -49.62 14.14 14.20
C LEU P 277 -50.46 15.08 15.07
N LYS P 278 -51.07 14.53 16.13
CA LYS P 278 -52.00 15.32 16.93
C LYS P 278 -51.34 16.55 17.53
N ILE P 279 -50.06 16.46 17.87
CA ILE P 279 -49.37 17.61 18.44
C ILE P 279 -48.89 18.57 17.35
N HIS P 280 -48.77 18.11 16.11
CA HIS P 280 -48.45 18.99 14.99
C HIS P 280 -49.69 19.66 14.40
N ALA P 281 -50.88 19.23 14.79
CA ALA P 281 -52.10 19.90 14.37
C ALA P 281 -52.07 21.36 14.79
N GLY P 282 -52.17 21.61 16.10
CA GLY P 282 -52.00 22.93 16.65
C GLY P 282 -52.87 24.00 16.02
N PRO P 283 -52.23 25.11 15.61
CA PRO P 283 -53.00 26.22 15.03
C PRO P 283 -53.64 25.91 13.68
N ILE P 284 -52.96 25.17 12.80
CA ILE P 284 -53.46 24.91 11.47
C ILE P 284 -54.60 23.90 11.55
N THR P 285 -55.73 24.27 10.95
CA THR P 285 -56.91 23.42 10.88
C THR P 285 -57.29 23.22 9.42
N LYS P 286 -58.12 22.21 9.17
CA LYS P 286 -58.46 21.82 7.81
C LYS P 286 -59.90 21.32 7.79
N HIS P 287 -60.30 20.70 6.68
CA HIS P 287 -61.68 20.28 6.47
C HIS P 287 -62.11 19.26 7.51
N GLY P 288 -63.42 19.16 7.72
CA GLY P 288 -63.93 18.28 8.77
C GLY P 288 -63.64 16.81 8.51
N GLU P 289 -63.99 16.33 7.32
CA GLU P 289 -63.78 14.94 6.95
C GLU P 289 -62.43 14.83 6.24
N ILE P 290 -61.48 14.18 6.89
CA ILE P 290 -60.12 14.05 6.38
C ILE P 290 -59.45 12.84 7.04
N ASP P 291 -58.36 12.38 6.44
CA ASP P 291 -57.48 11.39 7.04
C ASP P 291 -56.05 11.89 6.86
N TYR P 292 -55.36 12.16 7.97
CA TYR P 292 -54.05 12.79 7.89
C TYR P 292 -52.95 11.80 7.47
N GLU P 293 -53.26 10.50 7.38
CA GLU P 293 -52.22 9.53 7.10
C GLU P 293 -51.59 9.73 5.73
N ALA P 294 -52.35 10.24 4.75
CA ALA P 294 -51.78 10.51 3.43
C ALA P 294 -50.75 11.63 3.50
N ILE P 295 -51.02 12.65 4.32
CA ILE P 295 -50.13 13.79 4.49
C ILE P 295 -48.75 13.34 4.96
N VAL P 296 -48.68 12.77 6.18
CA VAL P 296 -47.40 12.52 6.83
C VAL P 296 -46.65 11.33 6.24
N LYS P 297 -47.35 10.35 5.67
CA LYS P 297 -46.67 9.17 5.13
C LYS P 297 -45.81 9.53 3.94
N LEU P 298 -46.23 10.51 3.14
CA LEU P 298 -45.47 10.87 1.94
C LEU P 298 -44.16 11.56 2.28
N SER P 299 -44.03 12.07 3.51
CA SER P 299 -42.80 12.69 3.98
C SER P 299 -42.22 11.84 5.11
N ASP P 300 -41.12 11.16 4.84
CA ASP P 300 -40.50 10.26 5.81
C ASP P 300 -39.09 10.71 6.10
N GLY P 301 -38.73 10.68 7.39
CA GLY P 301 -37.42 11.16 7.80
C GLY P 301 -37.27 12.65 7.65
N PHE P 302 -38.21 13.40 8.24
CA PHE P 302 -38.26 14.84 8.10
C PHE P 302 -38.20 15.50 9.47
N ASN P 303 -37.69 16.73 9.49
CA ASN P 303 -37.71 17.53 10.71
C ASN P 303 -39.14 17.82 11.13
N GLY P 304 -39.35 17.98 12.45
CA GLY P 304 -40.66 18.34 12.94
C GLY P 304 -41.16 19.66 12.37
N ALA P 305 -40.24 20.57 12.06
CA ALA P 305 -40.63 21.81 11.40
C ALA P 305 -40.85 21.60 9.90
N ASP P 306 -40.14 20.64 9.31
CA ASP P 306 -40.36 20.32 7.89
C ASP P 306 -41.77 19.78 7.66
N LEU P 307 -42.20 18.83 8.50
CA LEU P 307 -43.60 18.40 8.45
C LEU P 307 -44.52 19.56 8.80
N ARG P 308 -44.09 20.44 9.71
CA ARG P 308 -44.85 21.64 10.02
C ARG P 308 -44.87 22.58 8.81
N ASN P 309 -43.81 22.58 8.02
CA ASN P 309 -43.82 23.34 6.77
C ASN P 309 -44.76 22.72 5.75
N VAL P 310 -44.81 21.37 5.69
CA VAL P 310 -45.70 20.70 4.74
C VAL P 310 -47.16 21.05 5.05
N CYS P 311 -47.49 21.16 6.34
CA CYS P 311 -48.85 21.54 6.72
C CYS P 311 -49.14 22.98 6.32
N THR P 312 -48.14 23.87 6.46
CA THR P 312 -48.34 25.25 6.07
C THR P 312 -48.26 25.43 4.55
N GLU P 313 -47.36 24.68 3.90
CA GLU P 313 -47.28 24.73 2.45
C GLU P 313 -48.57 24.23 1.81
N ALA P 314 -49.19 23.20 2.38
CA ALA P 314 -50.50 22.77 1.91
C ALA P 314 -51.57 23.78 2.29
N GLY P 315 -51.38 24.49 3.39
CA GLY P 315 -52.30 25.55 3.78
C GLY P 315 -52.11 26.83 3.01
N MET P 316 -50.91 27.10 2.52
CA MET P 316 -50.68 28.27 1.67
C MET P 316 -51.13 28.01 0.23
N PHE P 317 -51.46 26.77 -0.10
CA PHE P 317 -52.07 26.48 -1.40
C PHE P 317 -53.57 26.76 -1.35
N ALA P 318 -54.11 26.95 -0.15
CA ALA P 318 -55.54 27.23 0.01
C ALA P 318 -55.87 28.63 -0.45
N ILE P 319 -54.96 29.59 -0.20
CA ILE P 319 -55.24 30.97 -0.57
C ILE P 319 -55.22 31.12 -2.09
N ARG P 320 -54.49 30.25 -2.80
CA ARG P 320 -54.58 30.23 -4.25
C ARG P 320 -55.91 29.65 -4.72
N ALA P 321 -56.51 28.77 -3.92
CA ALA P 321 -57.82 28.20 -4.22
C ALA P 321 -58.96 28.99 -3.59
N ASP P 322 -58.66 30.12 -2.95
CA ASP P 322 -59.64 31.02 -2.31
C ASP P 322 -60.65 30.27 -1.44
N HIS P 323 -60.18 29.20 -0.79
CA HIS P 323 -60.99 28.43 0.15
C HIS P 323 -60.25 28.31 1.48
N ASP P 324 -61.01 28.05 2.55
CA ASP P 324 -60.41 27.85 3.86
C ASP P 324 -59.70 26.51 3.93
N PHE P 325 -60.39 25.44 3.54
CA PHE P 325 -59.78 24.12 3.49
C PHE P 325 -59.48 23.72 2.06
N VAL P 326 -58.86 22.55 1.90
CA VAL P 326 -58.56 21.99 0.59
C VAL P 326 -58.83 20.49 0.65
N VAL P 327 -59.25 19.93 -0.49
CA VAL P 327 -59.40 18.48 -0.59
C VAL P 327 -58.03 17.83 -0.48
N GLN P 328 -58.02 16.56 -0.06
CA GLN P 328 -56.75 15.86 0.15
C GLN P 328 -56.06 15.48 -1.15
N GLU P 329 -56.72 15.65 -2.30
CA GLU P 329 -56.07 15.38 -3.58
C GLU P 329 -55.04 16.44 -3.90
N ASP P 330 -55.42 17.72 -3.73
CA ASP P 330 -54.45 18.81 -3.94
C ASP P 330 -53.43 18.85 -2.81
N PHE P 331 -53.81 18.37 -1.62
CA PHE P 331 -52.88 18.23 -0.51
C PHE P 331 -51.70 17.35 -0.91
N MET P 332 -51.97 16.08 -1.21
CA MET P 332 -50.92 15.13 -1.58
C MET P 332 -50.02 15.66 -2.69
N LYS P 333 -50.57 16.43 -3.62
CA LYS P 333 -49.76 17.11 -4.63
C LYS P 333 -48.70 17.97 -3.97
N ALA P 334 -49.14 19.00 -3.22
CA ALA P 334 -48.19 19.88 -2.56
C ALA P 334 -47.36 19.15 -1.52
N VAL P 335 -47.88 18.05 -0.97
CA VAL P 335 -47.14 17.28 0.02
C VAL P 335 -46.02 16.50 -0.65
N ARG P 336 -46.35 15.78 -1.72
CA ARG P 336 -45.37 14.88 -2.34
C ARG P 336 -44.26 15.66 -3.04
N LYS P 337 -44.62 16.70 -3.80
CA LYS P 337 -43.66 17.51 -4.53
C LYS P 337 -42.60 18.08 -3.60
N VAL P 338 -43.01 18.91 -2.63
CA VAL P 338 -42.07 19.54 -1.72
C VAL P 338 -41.26 18.49 -0.95
N ALA P 339 -41.88 17.38 -0.57
CA ALA P 339 -41.17 16.37 0.21
C ALA P 339 -40.06 15.73 -0.61
N ASP P 340 -40.33 15.38 -1.87
CA ASP P 340 -39.30 14.79 -2.71
C ASP P 340 -38.20 15.79 -3.04
N SER P 341 -38.50 17.10 -2.96
CA SER P 341 -37.46 18.10 -3.18
C SER P 341 -36.52 18.19 -1.99
N LYS P 342 -37.03 17.88 -0.78
CA LYS P 342 -36.17 17.91 0.40
C LYS P 342 -35.24 16.71 0.45
N LYS P 343 -35.66 15.57 -0.09
CA LYS P 343 -34.84 14.35 -0.05
C LYS P 343 -33.58 14.46 -0.89
N LEU P 344 -33.61 15.25 -1.97
CA LEU P 344 -32.40 15.45 -2.76
C LEU P 344 -31.35 16.26 -2.00
N GLU P 345 -31.80 17.04 -1.03
CA GLU P 345 -30.92 17.85 -0.19
C GLU P 345 -30.54 17.14 1.11
N SER P 346 -30.92 15.87 1.26
CA SER P 346 -30.68 15.11 2.48
C SER P 346 -29.29 14.51 2.56
N LYS P 347 -28.42 14.80 1.60
CA LYS P 347 -27.07 14.25 1.59
C LYS P 347 -26.30 14.73 2.82
N LEU P 348 -25.26 13.98 3.16
CA LEU P 348 -24.42 14.22 4.34
C LEU P 348 -25.21 14.01 5.64
N ASP P 349 -26.04 12.96 5.67
CA ASP P 349 -26.65 12.54 6.93
C ASP P 349 -25.78 11.54 7.67
N TYR P 350 -24.72 11.04 7.04
CA TYR P 350 -23.82 10.10 7.71
C TYR P 350 -22.93 10.83 8.69
N LYS P 351 -22.94 10.39 9.95
CA LYS P 351 -22.19 11.04 11.00
C LYS P 351 -21.27 10.03 11.69
N PRO P 352 -20.06 10.44 12.06
CA PRO P 352 -19.15 9.52 12.75
C PRO P 352 -19.62 9.21 14.16
N VAL P 353 -19.30 8.00 14.60
CA VAL P 353 -19.69 7.53 15.92
C VAL P 353 -18.66 7.96 16.97
N THR Q 1 -52.85 77.55 47.56
CA THR Q 1 -53.09 76.78 46.35
C THR Q 1 -52.23 77.29 45.20
N HIS Q 2 -51.80 78.54 45.30
CA HIS Q 2 -50.95 79.16 44.30
C HIS Q 2 -49.46 78.96 44.57
N GLU Q 3 -49.12 78.22 45.64
CA GLU Q 3 -47.72 77.96 45.93
C GLU Q 3 -47.10 76.98 44.94
N LEU Q 4 -47.91 76.29 44.15
CA LEU Q 4 -47.37 75.36 43.16
C LEU Q 4 -46.62 76.09 42.06
N GLN Q 5 -47.06 77.29 41.70
CA GLN Q 5 -46.36 78.08 40.69
C GLN Q 5 -45.12 78.74 41.28
N ALA Q 6 -45.09 78.96 42.59
CA ALA Q 6 -43.92 79.55 43.23
C ALA Q 6 -42.75 78.57 43.24
N MET Q 7 -43.02 77.32 43.61
CA MET Q 7 -41.96 76.31 43.61
C MET Q 7 -41.65 75.85 42.18
N LYS Q 8 -42.55 76.09 41.24
CA LYS Q 8 -42.29 75.71 39.84
C LYS Q 8 -41.19 76.57 39.25
N ASP Q 9 -40.97 77.76 39.80
CA ASP Q 9 -39.92 78.64 39.29
C ASP Q 9 -38.54 78.21 39.79
N LYS Q 10 -38.48 77.73 41.04
CA LYS Q 10 -37.18 77.35 41.60
C LYS Q 10 -36.73 75.99 41.09
N ILE Q 11 -37.66 75.13 40.67
CA ILE Q 11 -37.26 73.85 40.09
C ILE Q 11 -36.77 74.03 38.66
N LYS Q 12 -37.32 75.00 37.93
CA LYS Q 12 -36.81 75.30 36.60
C LYS Q 12 -35.49 76.08 36.69
N GLU Q 13 -35.36 76.92 37.71
CA GLU Q 13 -34.09 77.62 37.93
C GLU Q 13 -33.00 76.63 38.32
N ASN Q 14 -33.34 75.62 39.12
CA ASN Q 14 -32.38 74.60 39.47
C ASN Q 14 -32.21 73.57 38.35
N SER Q 15 -33.20 73.45 37.46
CA SER Q 15 -33.03 72.63 36.27
C SER Q 15 -32.03 73.26 35.31
N GLU Q 16 -31.91 74.59 35.36
CA GLU Q 16 -30.86 75.26 34.59
C GLU Q 16 -29.49 74.94 35.17
N LYS Q 17 -29.40 74.71 36.48
CA LYS Q 17 -28.15 74.25 37.08
C LYS Q 17 -27.86 72.81 36.66
N ILE Q 18 -28.90 72.07 36.25
CA ILE Q 18 -28.69 70.73 35.70
C ILE Q 18 -28.22 70.83 34.26
N LYS Q 19 -28.62 71.90 33.56
CA LYS Q 19 -28.22 72.07 32.16
C LYS Q 19 -26.71 72.14 32.01
N VAL Q 20 -26.06 72.95 32.84
CA VAL Q 20 -24.60 73.03 32.81
C VAL Q 20 -23.96 71.72 33.22
N ASN Q 21 -24.68 70.90 33.99
CA ASN Q 21 -24.23 69.54 34.27
C ASN Q 21 -24.63 68.56 33.17
N LYS Q 22 -25.55 68.95 32.28
CA LYS Q 22 -25.92 68.11 31.15
C LYS Q 22 -25.08 68.39 29.91
N THR Q 23 -24.22 69.40 29.95
CA THR Q 23 -23.30 69.64 28.85
C THR Q 23 -21.87 69.42 29.32
N LEU Q 24 -21.25 68.33 28.86
CA LEU Q 24 -21.89 67.36 27.98
C LEU Q 24 -21.88 65.99 28.66
N PRO Q 25 -22.77 65.08 28.25
CA PRO Q 25 -22.73 63.71 28.80
C PRO Q 25 -21.46 63.00 28.36
N TYR Q 26 -20.33 63.38 28.98
CA TYR Q 26 -18.99 63.30 28.41
C TYR Q 26 -18.54 61.89 28.02
N LEU Q 27 -19.01 60.83 28.67
CA LEU Q 27 -18.45 59.52 28.37
C LEU Q 27 -19.48 58.43 28.58
N VAL Q 28 -19.17 57.24 28.05
CA VAL Q 28 -20.05 56.07 28.13
C VAL Q 28 -19.71 55.27 29.37
N SER Q 29 -20.74 54.84 30.10
CA SER Q 29 -20.55 54.03 31.31
C SER Q 29 -21.54 52.87 31.29
N ASN Q 30 -21.02 51.65 31.31
CA ASN Q 30 -21.87 50.47 31.36
C ASN Q 30 -22.58 50.40 32.72
N VAL Q 31 -23.89 50.20 32.67
CA VAL Q 31 -24.74 50.27 33.85
C VAL Q 31 -25.02 48.87 34.37
N ILE Q 32 -24.97 48.73 35.70
CA ILE Q 32 -25.44 47.53 36.39
C ILE Q 32 -26.27 47.97 37.58
N GLU Q 33 -27.55 47.58 37.58
CA GLU Q 33 -28.48 47.99 38.63
C GLU Q 33 -28.34 47.07 39.83
N LEU Q 34 -28.31 47.67 41.02
CA LEU Q 34 -28.14 46.92 42.26
C LEU Q 34 -28.90 47.61 43.39
N LEU Q 35 -29.45 46.81 44.29
CA LEU Q 35 -30.17 47.31 45.46
C LEU Q 35 -29.59 46.64 46.69
N ASP Q 36 -29.00 47.43 47.59
CA ASP Q 36 -28.42 46.90 48.82
C ASP Q 36 -28.49 47.95 49.91
N VAL Q 37 -28.63 47.49 51.15
CA VAL Q 37 -28.66 48.35 52.33
C VAL Q 37 -27.50 47.95 53.23
N ASP Q 38 -26.82 48.96 53.80
CA ASP Q 38 -25.67 48.72 54.65
C ASP Q 38 -25.99 49.15 56.07
N PRO Q 39 -26.02 48.23 57.03
CA PRO Q 39 -26.26 48.62 58.43
C PRO Q 39 -25.08 49.41 58.99
N ASN Q 40 -25.38 50.48 59.71
CA ASN Q 40 -24.34 51.32 60.29
C ASN Q 40 -24.59 51.57 61.79
N ASP Q 41 -23.66 51.14 62.62
CA ASP Q 41 -22.44 50.47 62.16
C ASP Q 41 -22.51 48.98 62.43
N SER Q 53 -27.66 57.64 62.12
CA SER Q 53 -27.26 56.27 62.42
C SER Q 53 -27.41 55.37 61.19
N GLN Q 54 -28.62 54.89 60.96
CA GLN Q 54 -28.91 54.01 59.83
C GLN Q 54 -28.91 54.81 58.54
N ARG Q 55 -28.21 54.28 57.54
CA ARG Q 55 -28.13 54.90 56.22
C ARG Q 55 -28.72 53.93 55.20
N LYS Q 56 -29.85 54.31 54.61
CA LYS Q 56 -30.52 53.50 53.61
C LYS Q 56 -30.56 54.24 52.28
N GLY Q 57 -30.44 53.47 51.21
CA GLY Q 57 -30.48 54.05 49.87
C GLY Q 57 -30.18 52.99 48.84
N LYS Q 58 -30.53 53.31 47.60
CA LYS Q 58 -30.30 52.42 46.46
C LYS Q 58 -29.06 52.90 45.72
N CYS Q 59 -28.12 51.98 45.51
CA CYS Q 59 -26.85 52.30 44.87
C CYS Q 59 -26.51 51.20 43.86
N ALA Q 60 -26.19 51.61 42.64
CA ALA Q 60 -25.95 50.68 41.54
C ALA Q 60 -24.48 50.77 41.12
N VAL Q 61 -23.82 49.62 41.00
CA VAL Q 61 -22.44 49.59 40.57
C VAL Q 61 -22.35 49.94 39.10
N ILE Q 62 -21.42 50.82 38.74
CA ILE Q 62 -21.29 51.32 37.39
C ILE Q 62 -19.95 50.89 36.82
N LYS Q 63 -19.91 50.77 35.49
CA LYS Q 63 -18.66 50.48 34.79
C LYS Q 63 -18.16 51.73 34.07
N THR Q 64 -16.99 51.60 33.44
CA THR Q 64 -16.47 52.56 32.50
C THR Q 64 -15.76 51.79 31.40
N SER Q 65 -15.93 52.22 30.15
CA SER Q 65 -15.36 51.50 29.03
C SER Q 65 -13.83 51.58 29.00
N THR Q 66 -13.24 52.43 29.84
CA THR Q 66 -11.80 52.55 29.97
C THR Q 66 -11.15 51.33 30.62
N ARG Q 67 -11.96 50.34 31.03
CA ARG Q 67 -11.65 49.10 31.72
C ARG Q 67 -11.61 49.29 33.23
N GLN Q 68 -11.71 50.51 33.73
CA GLN Q 68 -11.90 50.76 35.15
C GLN Q 68 -13.36 50.59 35.53
N THR Q 69 -13.61 50.27 36.79
CA THR Q 69 -14.96 50.08 37.32
C THR Q 69 -15.12 50.98 38.53
N TYR Q 70 -16.28 51.64 38.64
CA TYR Q 70 -16.51 52.61 39.71
C TYR Q 70 -17.81 52.29 40.45
N PHE Q 71 -18.10 53.10 41.47
CA PHE Q 71 -19.23 52.89 42.36
C PHE Q 71 -19.91 54.24 42.60
N LEU Q 72 -21.18 54.35 42.22
CA LEU Q 72 -21.92 55.59 42.32
C LEU Q 72 -23.37 55.33 42.67
N PRO Q 73 -24.04 56.28 43.33
CA PRO Q 73 -25.45 56.08 43.70
C PRO Q 73 -26.35 56.06 42.47
N VAL Q 74 -27.57 55.55 42.68
CA VAL Q 74 -28.52 55.41 41.59
C VAL Q 74 -28.91 56.77 41.05
N ILE Q 75 -28.90 56.90 39.73
CA ILE Q 75 -29.22 58.13 39.03
C ILE Q 75 -30.72 58.45 39.13
N GLY Q 76 -31.07 59.73 39.28
CA GLY Q 76 -30.15 60.85 39.28
C GLY Q 76 -29.45 61.22 37.98
N LEU Q 77 -30.21 61.58 36.94
CA LEU Q 77 -31.61 61.97 37.05
C LEU Q 77 -32.60 60.81 36.81
N VAL Q 78 -32.57 60.26 35.59
CA VAL Q 78 -33.53 59.23 35.21
C VAL Q 78 -33.48 58.08 36.22
N ASP Q 79 -34.65 57.72 36.75
CA ASP Q 79 -34.73 56.79 37.87
C ASP Q 79 -34.51 55.35 37.40
N ALA Q 80 -34.68 54.42 38.34
CA ALA Q 80 -34.46 53.00 38.06
C ALA Q 80 -35.55 52.38 37.20
N GLU Q 81 -36.61 53.12 36.88
CA GLU Q 81 -37.67 52.58 36.04
C GLU Q 81 -37.13 52.11 34.69
N LYS Q 82 -36.08 52.75 34.20
CA LYS Q 82 -35.37 52.29 33.02
C LYS Q 82 -33.87 52.33 33.27
N LEU Q 83 -33.17 51.22 33.06
CA LEU Q 83 -33.77 49.97 32.58
C LEU Q 83 -33.01 48.81 33.22
N LYS Q 84 -33.22 47.60 32.73
CA LYS Q 84 -32.32 46.50 33.05
C LYS Q 84 -30.91 46.92 32.67
N PRO Q 85 -29.87 46.36 33.35
CA PRO Q 85 -28.53 46.98 33.28
C PRO Q 85 -28.05 47.20 31.85
N GLY Q 86 -27.73 48.45 31.55
CA GLY Q 86 -27.45 48.89 30.20
C GLY Q 86 -26.03 49.33 29.91
N ASP Q 87 -25.90 50.16 28.88
CA ASP Q 87 -24.66 50.83 28.51
C ASP Q 87 -25.06 52.10 27.77
N LEU Q 88 -24.09 52.73 27.12
CA LEU Q 88 -24.28 53.88 26.23
C LEU Q 88 -24.63 55.17 26.96
N VAL Q 89 -24.92 55.11 28.27
CA VAL Q 89 -25.39 56.29 28.98
C VAL Q 89 -24.26 57.31 29.09
N GLY Q 90 -24.63 58.60 29.11
CA GLY Q 90 -23.65 59.65 29.20
C GLY Q 90 -23.31 59.95 30.66
N VAL Q 91 -22.06 60.32 30.92
CA VAL Q 91 -21.61 60.69 32.26
C VAL Q 91 -20.44 61.66 32.10
N ASN Q 92 -20.31 62.59 33.05
CA ASN Q 92 -19.46 63.76 32.89
C ASN Q 92 -18.13 63.56 33.61
N LYS Q 93 -17.05 63.43 32.83
CA LYS Q 93 -15.65 63.48 33.29
C LYS Q 93 -15.48 62.61 34.53
N ASP Q 94 -14.84 63.10 35.59
CA ASP Q 94 -14.58 62.29 36.78
C ASP Q 94 -15.70 62.42 37.82
N SER Q 95 -16.68 63.30 37.58
CA SER Q 95 -17.75 63.49 38.54
C SER Q 95 -18.61 62.24 38.67
N TYR Q 96 -18.69 61.44 37.60
CA TYR Q 96 -19.38 60.15 37.59
C TYR Q 96 -20.85 60.29 38.00
N LEU Q 97 -21.56 61.14 37.26
CA LEU Q 97 -23.01 61.24 37.35
C LEU Q 97 -23.60 61.07 35.96
N ILE Q 98 -24.65 60.24 35.85
CA ILE Q 98 -25.27 59.93 34.58
C ILE Q 98 -26.58 60.72 34.50
N LEU Q 99 -26.66 61.62 33.52
CA LEU Q 99 -27.83 62.49 33.40
C LEU Q 99 -29.00 61.79 32.71
N GLU Q 100 -28.73 60.98 31.68
CA GLU Q 100 -29.81 60.39 30.91
C GLU Q 100 -29.34 59.06 30.32
N THR Q 101 -30.28 58.13 30.17
CA THR Q 101 -29.99 56.80 29.63
C THR Q 101 -30.21 56.83 28.13
N LEU Q 102 -29.12 56.70 27.37
CA LEU Q 102 -29.12 56.94 25.92
C LEU Q 102 -29.07 55.63 25.14
N PRO Q 103 -29.99 55.41 24.19
CA PRO Q 103 -29.99 54.35 23.18
C PRO Q 103 -29.25 54.82 21.91
N THR Q 104 -29.07 54.03 20.85
CA THR Q 104 -29.48 52.62 20.74
C THR Q 104 -28.31 51.70 20.36
N GLU Q 105 -27.92 50.84 21.30
CA GLU Q 105 -27.03 49.69 21.08
C GLU Q 105 -25.73 50.16 20.40
N TYR Q 106 -25.21 49.43 19.41
CA TYR Q 106 -23.86 49.62 18.86
C TYR Q 106 -23.66 48.52 17.81
N ASP Q 107 -22.65 48.59 16.94
CA ASP Q 107 -21.68 49.68 16.78
C ASP Q 107 -21.31 49.91 15.31
N SER Q 108 -21.36 51.16 14.85
CA SER Q 108 -20.85 51.57 13.53
C SER Q 108 -21.48 50.67 12.47
N ARG Q 109 -20.71 49.89 11.71
CA ARG Q 109 -21.28 49.06 10.67
C ARG Q 109 -21.93 47.81 11.22
N VAL Q 110 -21.67 47.47 12.49
CA VAL Q 110 -22.32 46.32 13.10
C VAL Q 110 -23.81 46.60 13.30
N LYS Q 111 -24.14 47.83 13.70
CA LYS Q 111 -25.53 48.22 13.86
C LYS Q 111 -26.27 48.14 12.53
N ALA Q 112 -25.80 48.89 11.53
CA ALA Q 112 -26.36 48.88 10.19
C ALA Q 112 -25.30 48.34 9.24
N MET Q 113 -25.52 47.15 8.71
CA MET Q 113 -24.55 46.56 7.78
C MET Q 113 -24.47 47.35 6.49
N GLU Q 114 -25.61 47.56 5.83
CA GLU Q 114 -25.67 48.36 4.62
C GLU Q 114 -27.03 49.06 4.57
N VAL Q 115 -27.02 50.30 4.09
CA VAL Q 115 -28.22 51.10 3.94
C VAL Q 115 -28.60 51.12 2.46
N ASP Q 116 -29.71 50.48 2.13
CA ASP Q 116 -30.19 50.41 0.75
C ASP Q 116 -31.61 50.95 0.69
N GLU Q 117 -31.83 51.94 -0.17
CA GLU Q 117 -33.16 52.54 -0.31
C GLU Q 117 -34.09 51.64 -1.11
N ARG Q 118 -33.77 51.41 -2.38
CA ARG Q 118 -34.60 50.63 -3.28
C ARG Q 118 -33.84 50.47 -4.60
N PRO Q 119 -33.99 49.32 -5.26
CA PRO Q 119 -33.27 49.10 -6.51
C PRO Q 119 -33.90 49.83 -7.69
N THR Q 120 -33.09 50.02 -8.73
CA THR Q 120 -33.56 50.67 -9.95
C THR Q 120 -34.39 49.73 -10.82
N GLU Q 121 -34.52 48.45 -10.46
CA GLU Q 121 -35.21 47.47 -11.27
C GLU Q 121 -36.36 46.85 -10.48
N GLN Q 122 -37.27 46.20 -11.21
CA GLN Q 122 -38.46 45.59 -10.64
C GLN Q 122 -38.56 44.15 -11.08
N TYR Q 123 -39.46 43.41 -10.42
CA TYR Q 123 -39.59 41.97 -10.65
C TYR Q 123 -40.00 41.64 -12.08
N SER Q 124 -40.46 42.62 -12.85
CA SER Q 124 -40.87 42.38 -14.24
C SER Q 124 -39.68 42.10 -15.16
N ASP Q 125 -38.45 42.21 -14.67
CA ASP Q 125 -37.26 42.10 -15.50
C ASP Q 125 -36.86 40.66 -15.81
N ILE Q 126 -37.59 39.66 -15.33
CA ILE Q 126 -37.27 38.27 -15.61
C ILE Q 126 -38.30 37.69 -16.57
N GLY Q 127 -37.82 37.21 -17.71
CA GLY Q 127 -38.66 36.47 -18.63
C GLY Q 127 -38.62 34.97 -18.37
N GLY Q 128 -39.75 34.32 -18.64
CA GLY Q 128 -39.83 32.88 -18.57
C GLY Q 128 -39.76 32.28 -17.19
N LEU Q 129 -39.45 33.08 -16.16
CA LEU Q 129 -39.35 32.60 -14.78
C LEU Q 129 -40.62 32.80 -13.99
N ASP Q 130 -41.71 33.22 -14.64
CA ASP Q 130 -42.96 33.53 -13.94
C ASP Q 130 -43.49 32.35 -13.13
N LYS Q 131 -43.07 31.12 -13.47
CA LYS Q 131 -43.53 29.97 -12.71
C LYS Q 131 -42.87 29.91 -11.33
N GLN Q 132 -41.56 30.14 -11.28
CA GLN Q 132 -40.82 30.01 -10.03
C GLN Q 132 -40.65 31.32 -9.28
N ILE Q 133 -41.10 32.44 -9.84
CA ILE Q 133 -41.09 33.69 -9.07
C ILE Q 133 -42.27 33.76 -8.13
N GLN Q 134 -43.37 33.08 -8.45
CA GLN Q 134 -44.54 33.09 -7.59
C GLN Q 134 -44.22 32.51 -6.21
N GLU Q 135 -43.45 31.42 -6.19
CA GLU Q 135 -43.02 30.85 -4.91
C GLU Q 135 -42.19 31.84 -4.12
N LEU Q 136 -41.26 32.53 -4.80
CA LEU Q 136 -40.47 33.60 -4.21
C LEU Q 136 -41.37 34.72 -3.70
N VAL Q 137 -42.12 35.37 -4.61
CA VAL Q 137 -42.95 36.51 -4.26
C VAL Q 137 -43.90 36.19 -3.12
N GLU Q 138 -44.47 34.99 -3.10
CA GLU Q 138 -45.39 34.60 -2.04
C GLU Q 138 -44.74 34.77 -0.66
N ALA Q 139 -43.69 33.99 -0.39
CA ALA Q 139 -43.14 33.87 0.95
C ALA Q 139 -42.78 35.24 1.54
N ILE Q 140 -42.36 36.18 0.71
CA ILE Q 140 -42.03 37.51 1.22
C ILE Q 140 -43.29 38.37 1.38
N VAL Q 141 -44.20 38.29 0.41
CA VAL Q 141 -45.37 39.17 0.42
C VAL Q 141 -46.45 38.67 1.37
N LEU Q 142 -46.66 37.36 1.42
CA LEU Q 142 -47.79 36.83 2.20
C LEU Q 142 -47.77 37.19 3.69
N PRO Q 143 -46.63 37.24 4.40
CA PRO Q 143 -46.72 37.60 5.83
C PRO Q 143 -47.13 39.04 6.06
N MET Q 144 -47.07 39.90 5.05
CA MET Q 144 -47.39 41.31 5.25
C MET Q 144 -48.88 41.57 5.07
N ASN Q 145 -49.37 41.46 3.83
CA ASN Q 145 -50.76 41.82 3.53
C ASN Q 145 -51.73 40.71 3.95
N HIS Q 146 -51.32 39.45 3.83
CA HIS Q 146 -52.18 38.31 4.06
C HIS Q 146 -52.12 37.80 5.50
N LYS Q 147 -51.40 38.50 6.38
CA LYS Q 147 -51.26 38.03 7.76
C LYS Q 147 -52.60 37.88 8.46
N GLU Q 148 -53.57 38.74 8.13
CA GLU Q 148 -54.87 38.68 8.78
C GLU Q 148 -55.60 37.38 8.44
N LYS Q 149 -55.35 36.84 7.26
CA LYS Q 149 -55.95 35.57 6.88
C LYS Q 149 -55.25 34.37 7.51
N PHE Q 150 -54.03 34.55 8.01
CA PHE Q 150 -53.29 33.43 8.59
C PHE Q 150 -53.75 33.12 10.01
N GLU Q 151 -54.11 34.15 10.78
CA GLU Q 151 -54.61 33.91 12.14
C GLU Q 151 -55.95 33.20 12.12
N ASN Q 152 -56.70 33.34 11.03
CA ASN Q 152 -57.99 32.64 10.93
C ASN Q 152 -57.79 31.17 10.59
N LEU Q 153 -56.90 30.88 9.64
CA LEU Q 153 -56.67 29.51 9.19
C LEU Q 153 -55.50 28.84 9.88
N GLY Q 154 -54.78 29.54 10.76
CA GLY Q 154 -53.63 28.96 11.41
C GLY Q 154 -52.45 28.71 10.48
N ILE Q 155 -52.13 29.69 9.63
CA ILE Q 155 -51.06 29.54 8.65
C ILE Q 155 -49.80 30.20 9.18
N GLN Q 156 -48.67 29.52 9.02
CA GLN Q 156 -47.38 30.06 9.44
C GLN Q 156 -46.58 30.47 8.21
N PRO Q 157 -46.13 31.73 8.13
CA PRO Q 157 -45.42 32.17 6.94
C PRO Q 157 -44.03 31.57 6.88
N PRO Q 158 -43.51 31.30 5.68
CA PRO Q 158 -42.14 30.79 5.57
C PRO Q 158 -41.13 31.86 5.98
N LYS Q 159 -39.96 31.42 6.43
CA LYS Q 159 -38.91 32.36 6.81
C LYS Q 159 -37.75 32.32 5.82
N GLY Q 160 -36.94 31.26 5.87
CA GLY Q 160 -35.83 31.14 4.97
C GLY Q 160 -36.22 30.53 3.64
N VAL Q 161 -35.53 30.98 2.59
CA VAL Q 161 -35.75 30.48 1.23
C VAL Q 161 -34.38 30.26 0.59
N LEU Q 162 -34.18 29.09 0.00
CA LEU Q 162 -32.91 28.77 -0.65
C LEU Q 162 -33.06 28.98 -2.15
N MET Q 163 -32.36 29.99 -2.68
CA MET Q 163 -32.41 30.36 -4.08
C MET Q 163 -31.06 30.04 -4.70
N TYR Q 164 -31.02 29.04 -5.57
CA TYR Q 164 -29.75 28.51 -6.08
C TYR Q 164 -29.88 28.17 -7.55
N GLY Q 165 -28.82 28.44 -8.32
CA GLY Q 165 -28.74 28.07 -9.70
C GLY Q 165 -27.37 28.41 -10.28
N PRO Q 166 -27.01 27.79 -11.39
CA PRO Q 166 -25.72 28.10 -12.02
C PRO Q 166 -25.71 29.51 -12.58
N PRO Q 167 -24.69 30.31 -12.24
CA PRO Q 167 -24.62 31.71 -12.67
C PRO Q 167 -24.33 31.89 -14.15
N GLY Q 168 -24.82 32.98 -14.75
CA GLY Q 168 -25.80 33.83 -14.12
C GLY Q 168 -27.21 33.28 -14.11
N THR Q 169 -27.82 33.19 -12.94
CA THR Q 169 -29.25 32.89 -12.82
C THR Q 169 -30.11 34.11 -12.58
N GLY Q 170 -29.52 35.30 -12.46
CA GLY Q 170 -30.28 36.49 -12.15
C GLY Q 170 -30.97 36.42 -10.80
N LYS Q 171 -30.33 35.75 -9.84
CA LYS Q 171 -30.95 35.56 -8.53
C LYS Q 171 -30.91 36.86 -7.72
N THR Q 172 -29.76 37.53 -7.71
CA THR Q 172 -29.60 38.70 -6.85
C THR Q 172 -30.38 39.89 -7.39
N LEU Q 173 -30.49 40.00 -8.72
CA LEU Q 173 -31.35 41.04 -9.29
C LEU Q 173 -32.82 40.79 -8.96
N LEU Q 174 -33.27 39.54 -9.04
CA LEU Q 174 -34.67 39.23 -8.79
C LEU Q 174 -35.03 39.40 -7.33
N ALA Q 175 -34.13 38.99 -6.42
CA ALA Q 175 -34.37 39.12 -4.99
C ALA Q 175 -34.65 40.58 -4.61
N ARG Q 176 -33.65 41.45 -4.82
CA ARG Q 176 -33.76 42.84 -4.40
C ARG Q 176 -34.90 43.57 -5.10
N ALA Q 177 -35.18 43.20 -6.36
CA ALA Q 177 -36.21 43.89 -7.13
C ALA Q 177 -37.59 43.69 -6.52
N CYS Q 178 -37.78 42.57 -5.82
CA CYS Q 178 -39.07 42.32 -5.18
C CYS Q 178 -39.28 43.20 -3.96
N ALA Q 179 -38.19 43.79 -3.44
CA ALA Q 179 -38.32 44.69 -2.29
C ALA Q 179 -38.63 46.12 -2.72
N ALA Q 180 -38.60 46.41 -4.01
CA ALA Q 180 -38.89 47.77 -4.47
C ALA Q 180 -40.38 48.09 -4.44
N GLN Q 181 -41.21 47.19 -4.96
CA GLN Q 181 -42.66 47.39 -4.99
C GLN Q 181 -43.31 47.16 -3.64
N THR Q 182 -42.69 46.39 -2.75
CA THR Q 182 -43.28 46.08 -1.45
C THR Q 182 -42.86 47.05 -0.35
N LYS Q 183 -42.11 48.10 -0.69
CA LYS Q 183 -41.70 49.15 0.25
C LYS Q 183 -40.72 48.59 1.27
N ALA Q 184 -40.43 47.30 1.19
CA ALA Q 184 -39.55 46.64 2.15
C ALA Q 184 -38.16 47.27 2.16
N THR Q 185 -37.69 47.63 3.35
CA THR Q 185 -36.35 48.16 3.50
C THR Q 185 -35.33 47.03 3.30
N PHE Q 186 -34.35 47.28 2.43
CA PHE Q 186 -33.36 46.27 2.08
C PHE Q 186 -32.08 46.49 2.85
N LEU Q 187 -31.45 45.39 3.26
CA LEU Q 187 -30.16 45.42 3.94
C LEU Q 187 -29.21 44.46 3.21
N LYS Q 188 -28.10 44.99 2.72
CA LYS Q 188 -27.16 44.17 1.97
C LYS Q 188 -26.16 43.51 2.92
N LEU Q 189 -26.00 42.20 2.76
CA LEU Q 189 -25.09 41.44 3.59
C LEU Q 189 -24.56 40.26 2.78
N ALA Q 190 -23.30 39.91 3.04
CA ALA Q 190 -22.67 38.76 2.42
C ALA Q 190 -22.11 37.85 3.50
N GLY Q 191 -22.00 36.57 3.18
CA GLY Q 191 -21.49 35.58 4.10
C GLY Q 191 -20.05 35.79 4.49
N PRO Q 192 -19.15 35.84 3.51
CA PRO Q 192 -17.72 36.07 3.82
C PRO Q 192 -17.43 37.41 4.48
N GLN Q 193 -18.37 38.37 4.43
CA GLN Q 193 -18.15 39.66 5.08
C GLN Q 193 -18.12 39.53 6.60
N LEU Q 194 -18.54 38.38 7.12
CA LEU Q 194 -18.59 38.18 8.57
C LEU Q 194 -17.28 37.65 9.13
N VAL Q 195 -16.26 37.47 8.30
CA VAL Q 195 -14.97 36.96 8.77
C VAL Q 195 -13.99 38.11 8.85
N GLN Q 196 -13.39 38.30 10.03
CA GLN Q 196 -12.38 39.33 10.24
C GLN Q 196 -11.20 38.71 10.98
N MET Q 197 -10.11 39.46 11.06
CA MET Q 197 -8.96 39.01 11.85
C MET Q 197 -9.38 38.72 13.29
N PHE Q 198 -10.03 39.67 13.93
CA PHE Q 198 -10.45 39.54 15.32
C PHE Q 198 -11.56 38.49 15.41
N ILE Q 199 -11.34 37.49 16.25
CA ILE Q 199 -12.37 36.47 16.43
C ILE Q 199 -13.57 37.08 17.14
N GLY Q 200 -14.74 36.48 16.94
CA GLY Q 200 -15.96 36.97 17.55
C GLY Q 200 -16.48 38.27 17.00
N ASP Q 201 -16.53 38.43 15.67
CA ASP Q 201 -17.10 39.62 15.07
C ASP Q 201 -18.42 39.27 14.40
N GLY Q 202 -18.37 38.52 13.30
CA GLY Q 202 -19.58 38.12 12.61
C GLY Q 202 -20.55 37.35 13.50
N ALA Q 203 -20.02 36.71 14.54
CA ALA Q 203 -20.86 35.99 15.49
C ALA Q 203 -21.66 36.96 16.34
N LYS Q 204 -21.01 38.04 16.78
CA LYS Q 204 -21.71 39.05 17.58
C LYS Q 204 -22.66 39.87 16.70
N LEU Q 205 -22.41 39.91 15.40
CA LEU Q 205 -23.28 40.63 14.48
C LEU Q 205 -24.70 40.12 14.45
N VAL Q 206 -24.90 38.81 14.42
CA VAL Q 206 -26.27 38.26 14.44
C VAL Q 206 -26.97 38.61 15.74
N ARG Q 207 -26.24 38.59 16.87
CA ARG Q 207 -26.80 39.07 18.12
C ARG Q 207 -27.32 40.50 17.96
N ASP Q 208 -26.60 41.32 17.19
CA ASP Q 208 -27.09 42.65 16.87
C ASP Q 208 -28.08 42.61 15.71
N ALA Q 209 -27.82 41.77 14.70
CA ALA Q 209 -28.66 41.75 13.50
C ALA Q 209 -30.08 41.28 13.82
N PHE Q 210 -30.22 40.12 14.47
CA PHE Q 210 -31.53 39.61 14.83
C PHE Q 210 -32.20 40.41 15.93
N ALA Q 211 -31.45 41.14 16.75
CA ALA Q 211 -32.07 42.08 17.68
C ALA Q 211 -32.81 43.16 16.93
N LEU Q 212 -32.26 43.62 15.82
CA LEU Q 212 -32.97 44.56 14.96
C LEU Q 212 -34.12 43.87 14.23
N ALA Q 213 -33.99 42.56 13.97
CA ALA Q 213 -35.10 41.82 13.37
C ALA Q 213 -36.28 41.75 14.32
N LYS Q 214 -36.01 41.76 15.64
CA LYS Q 214 -37.10 41.87 16.59
C LYS Q 214 -37.59 43.32 16.70
N GLU Q 215 -36.66 44.28 16.73
CA GLU Q 215 -37.03 45.68 16.79
C GLU Q 215 -37.76 46.12 15.52
N LYS Q 216 -37.10 45.96 14.37
CA LYS Q 216 -37.70 46.35 13.10
C LYS Q 216 -38.69 45.29 12.60
N ALA Q 217 -39.64 45.74 11.78
CA ALA Q 217 -40.58 44.99 10.97
C ALA Q 217 -40.03 44.77 9.57
N PRO Q 218 -40.24 43.59 8.96
CA PRO Q 218 -39.83 43.39 7.56
C PRO Q 218 -40.55 44.38 6.65
N SER Q 219 -39.89 45.09 5.71
CA SER Q 219 -38.49 45.00 5.27
C SER Q 219 -38.04 43.62 4.79
N ILE Q 220 -36.77 43.27 5.05
CA ILE Q 220 -36.13 42.09 4.49
C ILE Q 220 -34.64 42.06 4.86
N ILE Q 221 -34.03 40.87 4.80
CA ILE Q 221 -32.58 40.71 4.83
C ILE Q 221 -32.20 39.66 3.81
N PHE Q 222 -31.18 39.98 3.00
CA PHE Q 222 -30.71 39.09 1.95
C PHE Q 222 -29.22 38.82 2.13
N ILE Q 223 -28.84 37.56 1.96
CA ILE Q 223 -27.45 37.13 2.06
C ILE Q 223 -27.13 36.26 0.85
N ASP Q 224 -25.84 36.01 0.63
CA ASP Q 224 -25.41 35.24 -0.52
C ASP Q 224 -24.27 34.32 -0.09
N GLU Q 225 -24.01 33.30 -0.91
CA GLU Q 225 -22.99 32.29 -0.63
C GLU Q 225 -23.21 31.62 0.73
N LEU Q 226 -24.42 31.11 0.94
CA LEU Q 226 -24.69 30.39 2.19
C LEU Q 226 -24.09 28.99 2.17
N ASP Q 227 -23.88 28.43 0.98
CA ASP Q 227 -23.37 27.07 0.88
C ASP Q 227 -21.90 27.00 1.31
N ALA Q 228 -21.09 27.96 0.86
CA ALA Q 228 -19.68 27.96 1.24
C ALA Q 228 -19.52 28.14 2.74
N ILE Q 229 -20.11 29.22 3.29
CA ILE Q 229 -20.01 29.49 4.72
C ILE Q 229 -20.65 28.42 5.58
N GLY Q 230 -21.46 27.55 5.00
CA GLY Q 230 -22.10 26.48 5.74
C GLY Q 230 -21.32 25.18 5.69
N THR Q 231 -20.02 25.26 5.42
CA THR Q 231 -19.18 24.09 5.25
C THR Q 231 -18.56 23.73 6.60
N LYS Q 232 -18.97 22.59 7.15
CA LYS Q 232 -18.43 22.06 8.39
C LYS Q 232 -17.30 21.06 8.14
N ARG Q 233 -16.86 20.92 6.91
CA ARG Q 233 -15.85 19.95 6.48
C ARG Q 233 -16.32 18.54 6.84
N PHE Q 234 -15.37 17.71 7.27
CA PHE Q 234 -15.64 16.43 7.92
C PHE Q 234 -14.82 16.38 9.19
N ASP Q 235 -13.49 16.41 9.03
CA ASP Q 235 -12.57 16.54 10.15
C ASP Q 235 -12.31 18.02 10.41
N SER Q 236 -12.63 18.47 11.62
CA SER Q 236 -12.43 19.86 12.04
C SER Q 236 -11.58 19.79 13.31
N GLU Q 237 -10.97 20.90 13.78
CA GLU Q 237 -11.18 22.27 13.33
C GLU Q 237 -9.92 22.89 12.72
N LYS Q 238 -10.06 23.88 11.83
CA LYS Q 238 -11.34 24.39 11.33
C LYS Q 238 -11.15 24.93 9.91
N ALA Q 239 -12.24 25.37 9.29
CA ALA Q 239 -12.20 25.88 7.93
C ALA Q 239 -11.75 27.33 7.89
N GLY Q 240 -11.94 28.01 6.76
CA GLY Q 240 -11.69 29.43 6.69
C GLY Q 240 -12.95 30.24 6.95
N ASP Q 241 -14.07 29.53 7.01
CA ASP Q 241 -15.39 30.12 7.21
C ASP Q 241 -15.78 30.19 8.69
N ARG Q 242 -14.83 29.94 9.60
CA ARG Q 242 -15.06 29.72 11.03
C ARG Q 242 -16.11 30.64 11.63
N GLU Q 243 -15.82 31.95 11.66
CA GLU Q 243 -16.73 32.90 12.27
C GLU Q 243 -18.14 32.82 11.69
N VAL Q 244 -18.30 32.57 10.39
CA VAL Q 244 -19.62 32.51 9.79
C VAL Q 244 -20.32 31.17 9.99
N GLN Q 245 -19.59 30.05 9.95
CA GLN Q 245 -20.23 28.76 10.20
C GLN Q 245 -20.76 28.67 11.62
N ARG Q 246 -20.12 29.37 12.56
CA ARG Q 246 -20.70 29.57 13.88
C ARG Q 246 -21.80 30.63 13.83
N THR Q 247 -21.63 31.62 12.96
CA THR Q 247 -22.64 32.66 12.81
C THR Q 247 -23.91 32.13 12.16
N MET Q 248 -23.75 31.35 11.08
CA MET Q 248 -24.91 30.77 10.41
C MET Q 248 -25.69 29.88 11.36
N LEU Q 249 -25.01 28.91 11.98
CA LEU Q 249 -25.68 28.03 12.94
C LEU Q 249 -26.17 28.80 14.16
N GLU Q 250 -25.62 29.98 14.42
CA GLU Q 250 -26.25 30.89 15.38
C GLU Q 250 -27.44 31.61 14.76
N LEU Q 251 -27.29 32.09 13.52
CA LEU Q 251 -28.42 32.61 12.76
C LEU Q 251 -29.53 31.57 12.70
N LEU Q 252 -29.14 30.30 12.63
CA LEU Q 252 -30.11 29.21 12.70
C LEU Q 252 -30.56 28.92 14.13
N ASN Q 253 -29.73 29.26 15.11
CA ASN Q 253 -30.05 28.93 16.50
C ASN Q 253 -31.15 29.83 17.04
N GLN Q 254 -31.02 31.15 16.83
CA GLN Q 254 -32.02 32.07 17.35
C GLN Q 254 -33.36 31.90 16.63
N LEU Q 255 -33.35 31.33 15.44
CA LEU Q 255 -34.61 30.91 14.81
C LEU Q 255 -35.23 29.75 15.56
N ASP Q 256 -34.39 28.89 16.13
CA ASP Q 256 -34.85 27.69 16.85
C ASP Q 256 -35.34 28.05 18.25
N GLY Q 257 -34.43 28.52 19.11
CA GLY Q 257 -34.73 28.73 20.51
C GLY Q 257 -35.68 29.88 20.79
N PHE Q 258 -35.71 30.91 19.94
CA PHE Q 258 -36.50 32.10 20.19
C PHE Q 258 -37.62 32.21 19.16
N GLN Q 259 -38.86 32.07 19.61
CA GLN Q 259 -40.00 32.23 18.71
C GLN Q 259 -40.18 33.64 18.13
N PRO Q 260 -39.95 34.74 18.86
CA PRO Q 260 -40.18 36.07 18.25
C PRO Q 260 -39.33 36.34 17.03
N ASN Q 261 -38.28 35.55 16.79
CA ASN Q 261 -37.39 35.72 15.65
C ASN Q 261 -38.08 35.49 14.31
N THR Q 262 -39.33 35.01 14.30
CA THR Q 262 -40.07 34.77 13.07
C THR Q 262 -40.36 36.09 12.34
N GLN Q 263 -40.06 37.21 12.97
CA GLN Q 263 -40.19 38.52 12.35
C GLN Q 263 -39.00 38.79 11.43
N VAL Q 264 -39.24 39.60 10.40
CA VAL Q 264 -38.21 39.98 9.44
C VAL Q 264 -37.64 38.75 8.76
N LYS Q 265 -38.41 38.17 7.84
CA LYS Q 265 -37.98 37.00 7.08
C LYS Q 265 -36.65 37.25 6.39
N VAL Q 266 -35.81 36.23 6.34
CA VAL Q 266 -34.47 36.32 5.77
C VAL Q 266 -34.40 35.46 4.51
N ILE Q 267 -33.86 36.04 3.44
CA ILE Q 267 -33.64 35.33 2.18
C ILE Q 267 -32.19 34.91 2.10
N ALA Q 268 -31.96 33.66 1.71
CA ALA Q 268 -30.61 33.14 1.53
C ALA Q 268 -30.43 32.75 0.07
N ALA Q 269 -29.18 32.75 -0.39
CA ALA Q 269 -28.85 32.41 -1.76
C ALA Q 269 -27.52 31.69 -1.82
N THR Q 270 -27.47 30.66 -2.66
CA THR Q 270 -26.26 29.85 -2.86
C THR Q 270 -26.02 29.69 -4.35
N ASN Q 271 -24.75 29.60 -4.72
CA ASN Q 271 -24.38 29.36 -6.12
C ASN Q 271 -24.11 27.90 -6.42
N ARG Q 272 -24.10 27.03 -5.41
CA ARG Q 272 -23.90 25.61 -5.63
C ARG Q 272 -24.55 24.84 -4.48
N VAL Q 273 -25.04 23.63 -4.80
CA VAL Q 273 -25.64 22.76 -3.79
C VAL Q 273 -24.67 21.71 -3.26
N ASP Q 274 -23.39 21.77 -3.65
CA ASP Q 274 -22.45 20.71 -3.28
C ASP Q 274 -22.34 20.56 -1.78
N ILE Q 275 -22.28 21.66 -1.05
CA ILE Q 275 -22.15 21.65 0.41
C ILE Q 275 -23.41 22.26 0.99
N LEU Q 276 -24.18 21.44 1.71
CA LEU Q 276 -25.39 21.89 2.37
C LEU Q 276 -25.46 21.30 3.77
N ASP Q 277 -25.68 22.17 4.74
CA ASP Q 277 -25.81 21.77 6.15
C ASP Q 277 -27.20 21.17 6.36
N PRO Q 278 -27.30 19.92 6.79
CA PRO Q 278 -28.63 19.34 7.04
C PRO Q 278 -29.43 20.08 8.11
N ALA Q 279 -28.77 20.91 8.93
CA ALA Q 279 -29.50 21.65 9.96
C ALA Q 279 -30.32 22.78 9.36
N LEU Q 280 -30.11 23.08 8.07
CA LEU Q 280 -30.82 24.16 7.42
C LEU Q 280 -32.31 23.88 7.22
N LEU Q 281 -32.77 22.67 7.52
CA LEU Q 281 -34.16 22.29 7.32
C LEU Q 281 -34.94 22.62 8.58
N ARG Q 282 -35.88 23.56 8.46
CA ARG Q 282 -36.72 24.05 9.56
C ARG Q 282 -37.67 25.09 9.00
N SER Q 283 -38.70 25.42 9.77
CA SER Q 283 -39.66 26.45 9.37
C SER Q 283 -39.00 27.82 9.37
N GLY Q 284 -38.36 28.19 10.48
CA GLY Q 284 -37.64 29.46 10.53
C GLY Q 284 -36.40 29.45 9.66
N ARG Q 285 -35.87 28.28 9.36
CA ARG Q 285 -34.71 28.14 8.48
C ARG Q 285 -35.21 27.93 7.05
N LEU Q 286 -34.32 27.53 6.15
CA LEU Q 286 -34.64 27.38 4.74
C LEU Q 286 -35.84 26.46 4.56
N ASP Q 287 -36.85 26.96 3.84
CA ASP Q 287 -38.08 26.21 3.59
C ASP Q 287 -38.34 26.08 2.09
N ARG Q 288 -38.58 27.19 1.40
CA ARG Q 288 -38.86 27.15 -0.03
C ARG Q 288 -37.57 26.88 -0.80
N LYS Q 289 -37.55 25.80 -1.56
CA LYS Q 289 -36.37 25.43 -2.34
C LYS Q 289 -36.82 24.98 -3.73
N ILE Q 290 -36.29 25.64 -4.76
CA ILE Q 290 -36.59 25.31 -6.14
C ILE Q 290 -35.28 25.31 -6.91
N GLU Q 291 -34.95 24.20 -7.56
CA GLU Q 291 -33.73 24.12 -8.34
C GLU Q 291 -33.89 24.88 -9.65
N PHE Q 292 -32.92 25.73 -9.94
CA PHE Q 292 -32.92 26.51 -11.17
C PHE Q 292 -32.07 25.80 -12.22
N PRO Q 293 -32.66 25.19 -13.24
CA PRO Q 293 -31.85 24.68 -14.35
C PRO Q 293 -31.54 25.78 -15.34
N MET Q 294 -30.93 25.44 -16.46
CA MET Q 294 -30.75 26.42 -17.52
C MET Q 294 -32.12 26.74 -18.12
N PRO Q 295 -32.48 28.01 -18.27
CA PRO Q 295 -33.81 28.35 -18.79
C PRO Q 295 -34.02 27.74 -20.17
N ASN Q 296 -35.28 27.48 -20.49
CA ASN Q 296 -35.64 26.85 -21.75
C ASN Q 296 -35.43 27.82 -22.91
N GLU Q 297 -35.72 27.33 -24.13
CA GLU Q 297 -35.52 28.16 -25.31
C GLU Q 297 -36.46 29.36 -25.31
N GLU Q 298 -37.66 29.20 -24.77
CA GLU Q 298 -38.60 30.32 -24.68
C GLU Q 298 -38.11 31.33 -23.64
N ALA Q 299 -37.60 30.83 -22.51
CA ALA Q 299 -37.15 31.71 -21.45
C ALA Q 299 -35.83 32.40 -21.80
N ARG Q 300 -34.94 31.69 -22.48
CA ARG Q 300 -33.66 32.28 -22.86
C ARG Q 300 -33.86 33.43 -23.84
N ALA Q 301 -34.82 33.29 -24.75
CA ALA Q 301 -35.12 34.37 -25.68
C ALA Q 301 -35.77 35.54 -24.96
N ARG Q 302 -36.65 35.26 -24.00
CA ARG Q 302 -37.27 36.29 -23.17
C ARG Q 302 -36.23 37.11 -22.41
N ILE Q 303 -35.47 36.46 -21.54
CA ILE Q 303 -34.58 37.18 -20.62
C ILE Q 303 -33.65 38.12 -21.38
N MET Q 304 -33.17 37.68 -22.54
CA MET Q 304 -32.27 38.51 -23.33
C MET Q 304 -32.98 39.78 -23.81
N GLN Q 305 -34.28 39.67 -24.08
CA GLN Q 305 -35.05 40.85 -24.45
C GLN Q 305 -35.40 41.69 -23.23
N ILE Q 306 -35.71 41.06 -22.10
CA ILE Q 306 -36.11 41.79 -20.90
C ILE Q 306 -34.91 42.35 -20.14
N HIS Q 307 -33.70 41.84 -20.38
CA HIS Q 307 -32.52 42.53 -19.88
C HIS Q 307 -32.21 43.77 -20.72
N SER Q 308 -32.67 43.78 -21.97
CA SER Q 308 -32.41 44.88 -22.89
C SER Q 308 -33.52 45.92 -22.92
N ARG Q 309 -34.56 45.77 -22.09
CA ARG Q 309 -35.63 46.76 -22.06
C ARG Q 309 -35.12 48.12 -21.58
N LYS Q 310 -34.08 48.12 -20.74
CA LYS Q 310 -33.47 49.36 -20.30
C LYS Q 310 -32.69 50.06 -21.41
N MET Q 311 -32.37 49.35 -22.49
CA MET Q 311 -31.53 49.86 -23.56
C MET Q 311 -32.28 49.72 -24.88
N ASN Q 312 -31.59 50.01 -25.98
CA ASN Q 312 -32.18 49.90 -27.31
C ASN Q 312 -32.23 48.43 -27.74
N VAL Q 313 -33.35 48.03 -28.33
CA VAL Q 313 -33.53 46.68 -28.86
C VAL Q 313 -33.63 46.77 -30.37
N SER Q 314 -32.85 45.94 -31.07
CA SER Q 314 -32.80 46.01 -32.52
C SER Q 314 -34.04 45.37 -33.13
N PRO Q 315 -34.59 45.98 -34.20
CA PRO Q 315 -35.73 45.36 -34.88
C PRO Q 315 -35.31 44.25 -35.83
N ASP Q 316 -36.28 43.71 -36.58
CA ASP Q 316 -36.04 42.61 -37.52
C ASP Q 316 -35.39 41.43 -36.80
N VAL Q 317 -36.16 40.86 -35.87
CA VAL Q 317 -35.70 39.73 -35.06
C VAL Q 317 -36.82 38.69 -35.01
N ASN Q 318 -36.48 37.45 -35.36
CA ASN Q 318 -37.47 36.37 -35.29
C ASN Q 318 -37.63 35.86 -33.87
N TYR Q 319 -36.57 35.95 -33.07
CA TYR Q 319 -36.52 35.49 -31.68
C TYR Q 319 -36.59 33.97 -31.56
N GLU Q 320 -36.97 33.30 -32.64
CA GLU Q 320 -37.03 31.83 -32.62
C GLU Q 320 -35.67 31.21 -32.89
N GLU Q 321 -34.92 31.77 -33.84
CA GLU Q 321 -33.61 31.22 -34.19
C GLU Q 321 -32.62 31.38 -33.06
N LEU Q 322 -32.56 32.57 -32.47
CA LEU Q 322 -31.65 32.81 -31.36
C LEU Q 322 -32.03 31.98 -30.13
N ALA Q 323 -33.30 31.57 -30.06
CA ALA Q 323 -33.76 30.80 -28.91
C ALA Q 323 -33.31 29.34 -29.00
N ARG Q 324 -33.48 28.73 -30.18
CA ARG Q 324 -33.21 27.29 -30.30
C ARG Q 324 -31.72 27.01 -30.34
N CYS Q 325 -30.92 27.97 -30.80
CA CYS Q 325 -29.47 27.80 -30.87
C CYS Q 325 -28.79 27.90 -29.51
N THR Q 326 -29.52 28.24 -28.45
CA THR Q 326 -28.95 28.39 -27.12
C THR Q 326 -29.13 27.08 -26.36
N ASP Q 327 -28.01 26.44 -26.02
CA ASP Q 327 -28.01 25.23 -25.20
C ASP Q 327 -26.97 25.40 -24.09
N ASP Q 328 -27.43 25.37 -22.84
CA ASP Q 328 -26.63 25.53 -21.63
C ASP Q 328 -26.04 26.93 -21.48
N PHE Q 329 -26.27 27.83 -22.43
CA PHE Q 329 -25.72 29.18 -22.36
C PHE Q 329 -26.38 29.95 -21.22
N ASN Q 330 -25.56 30.62 -20.42
CA ASN Q 330 -26.05 31.32 -19.24
C ASN Q 330 -26.85 32.57 -19.63
N GLY Q 331 -27.72 33.00 -18.73
CA GLY Q 331 -28.47 34.22 -18.96
C GLY Q 331 -27.59 35.46 -18.93
N ALA Q 332 -26.57 35.45 -18.07
CA ALA Q 332 -25.63 36.57 -18.04
C ALA Q 332 -24.83 36.64 -19.33
N GLN Q 333 -24.57 35.48 -19.95
CA GLN Q 333 -23.88 35.47 -21.23
C GLN Q 333 -24.77 36.04 -22.34
N CYS Q 334 -26.08 35.89 -22.18
CA CYS Q 334 -27.01 36.48 -23.15
C CYS Q 334 -26.92 38.00 -23.14
N LYS Q 335 -26.64 38.58 -21.97
CA LYS Q 335 -26.37 40.01 -21.90
C LYS Q 335 -25.09 40.35 -22.65
N ALA Q 336 -24.07 39.49 -22.52
CA ALA Q 336 -22.82 39.72 -23.23
C ALA Q 336 -22.98 39.54 -24.73
N VAL Q 337 -24.02 38.83 -25.17
CA VAL Q 337 -24.30 38.71 -26.60
C VAL Q 337 -24.63 40.08 -27.18
N CYS Q 338 -25.55 40.80 -26.53
CA CYS Q 338 -25.90 42.13 -26.99
C CYS Q 338 -24.78 43.14 -26.74
N VAL Q 339 -23.83 42.80 -25.87
CA VAL Q 339 -22.67 43.64 -25.63
C VAL Q 339 -21.71 43.48 -26.80
N GLU Q 340 -21.22 42.27 -27.03
CA GLU Q 340 -20.32 42.01 -28.15
C GLU Q 340 -20.95 42.42 -29.47
N ALA Q 341 -22.25 42.21 -29.64
CA ALA Q 341 -22.92 42.67 -30.86
C ALA Q 341 -22.99 44.20 -30.90
N GLY Q 342 -22.94 44.83 -29.72
CA GLY Q 342 -22.92 46.28 -29.66
C GLY Q 342 -21.51 46.84 -29.73
N MET Q 343 -20.53 46.03 -29.34
CA MET Q 343 -19.13 46.45 -29.46
C MET Q 343 -18.69 46.44 -30.91
N ILE Q 344 -19.16 45.46 -31.68
CA ILE Q 344 -18.81 45.41 -33.10
C ILE Q 344 -19.58 46.48 -33.88
N ALA Q 345 -20.67 46.98 -33.31
CA ALA Q 345 -21.43 48.05 -33.96
C ALA Q 345 -20.58 49.31 -34.09
N LEU Q 346 -19.64 49.52 -33.18
CA LEU Q 346 -18.69 50.61 -33.25
C LEU Q 346 -17.89 50.55 -34.56
N ARG Q 347 -17.12 49.48 -34.73
CA ARG Q 347 -16.29 49.35 -35.94
C ARG Q 347 -17.14 49.18 -37.19
N ARG Q 348 -18.38 48.68 -37.06
CA ARG Q 348 -19.25 48.57 -38.22
C ARG Q 348 -19.76 49.92 -38.69
N GLY Q 349 -19.86 50.90 -37.80
CA GLY Q 349 -20.31 52.22 -38.16
C GLY Q 349 -21.80 52.45 -38.10
N ALA Q 350 -22.60 51.40 -37.89
CA ALA Q 350 -24.05 51.51 -37.82
C ALA Q 350 -24.52 50.90 -36.52
N THR Q 351 -25.31 51.65 -35.76
CA THR Q 351 -25.85 51.16 -34.49
C THR Q 351 -26.99 50.16 -34.67
N GLU Q 352 -27.48 49.98 -35.90
CA GLU Q 352 -28.54 49.01 -36.16
C GLU Q 352 -27.95 47.61 -36.19
N LEU Q 353 -28.69 46.67 -35.61
CA LEU Q 353 -28.27 45.27 -35.53
C LEU Q 353 -29.27 44.38 -36.27
N THR Q 354 -28.83 43.18 -36.61
CA THR Q 354 -29.63 42.23 -37.36
C THR Q 354 -29.81 40.96 -36.53
N HIS Q 355 -30.81 40.17 -36.90
CA HIS Q 355 -31.13 38.94 -36.19
C HIS Q 355 -29.98 37.94 -36.24
N GLU Q 356 -29.16 37.97 -37.29
CA GLU Q 356 -28.01 37.09 -37.38
C GLU Q 356 -26.88 37.51 -36.46
N ASP Q 357 -26.91 38.75 -35.96
CA ASP Q 357 -25.87 39.19 -35.03
C ASP Q 357 -26.06 38.59 -33.65
N TYR Q 358 -27.30 38.32 -33.26
CA TYR Q 358 -27.57 37.64 -32.00
C TYR Q 358 -26.88 36.29 -31.96
N MET Q 359 -27.27 35.38 -32.86
CA MET Q 359 -26.65 34.06 -32.93
C MET Q 359 -25.15 34.13 -33.17
N GLU Q 360 -24.64 35.23 -33.72
CA GLU Q 360 -23.20 35.41 -33.85
C GLU Q 360 -22.55 35.55 -32.49
N GLY Q 361 -23.09 36.45 -31.65
CA GLY Q 361 -22.57 36.60 -30.31
C GLY Q 361 -23.00 35.48 -29.37
N ILE Q 362 -24.06 34.75 -29.73
CA ILE Q 362 -24.50 33.63 -28.91
C ILE Q 362 -23.50 32.49 -29.02
N LEU Q 363 -23.10 32.12 -30.24
CA LEU Q 363 -22.12 31.06 -30.42
C LEU Q 363 -20.71 31.54 -30.07
N GLU Q 364 -20.51 32.85 -30.01
CA GLU Q 364 -19.21 33.44 -29.67
C GLU Q 364 -18.73 32.99 -28.29
N VAL Q 365 -19.44 33.40 -27.24
CA VAL Q 365 -18.97 33.15 -25.88
C VAL Q 365 -18.97 31.66 -25.56
N GLN Q 366 -19.88 30.90 -26.15
CA GLN Q 366 -19.96 29.47 -25.89
C GLN Q 366 -20.42 28.76 -27.17
N ALA Q 367 -19.86 27.60 -27.50
CA ALA Q 367 -18.92 26.86 -26.64
C ALA Q 367 -17.49 27.38 -26.65
N LYS Q 368 -17.04 27.78 -25.48
CA LYS Q 368 -15.67 28.21 -25.18
C LYS Q 368 -15.23 29.28 -26.17
N LYS Q 369 -13.96 29.23 -26.58
CA LYS Q 369 -13.31 30.23 -27.44
C LYS Q 369 -11.82 29.86 -27.54
N LYS Q 370 -11.10 30.40 -28.52
CA LYS Q 370 -11.63 30.89 -29.79
C LYS Q 370 -11.38 29.86 -30.89
N ALA Q 371 -10.77 28.75 -30.51
CA ALA Q 371 -10.11 27.87 -31.47
C ALA Q 371 -11.13 27.13 -32.33
N ASN Q 372 -10.61 26.34 -33.27
CA ASN Q 372 -11.39 25.58 -34.23
C ASN Q 372 -10.87 24.14 -34.29
N LEU Q 373 -11.65 23.29 -34.95
CA LEU Q 373 -11.36 21.86 -35.01
C LEU Q 373 -10.56 21.56 -36.29
N GLN Q 374 -9.31 21.16 -36.11
CA GLN Q 374 -8.49 20.59 -37.16
C GLN Q 374 -7.78 19.35 -36.61
N TYR Q 375 -7.08 18.63 -37.48
CA TYR Q 375 -6.27 17.48 -37.07
C TYR Q 375 -7.15 16.37 -36.48
N TYR Q 376 -8.43 16.65 -36.28
CA TYR Q 376 -9.35 15.68 -35.70
C TYR Q 376 -10.08 14.81 -36.72
N ALA Q 377 -9.80 15.04 -38.00
CA ALA Q 377 -10.42 14.29 -39.09
C ALA Q 377 -11.91 14.55 -39.20
CA SER R 1 -3.03 4.24 7.35
C SER R 1 -3.21 3.81 5.90
N SER R 2 -2.87 4.71 4.97
CA SER R 2 -3.07 4.47 3.54
C SER R 2 -1.80 4.81 2.78
N ALA R 3 -1.60 4.11 1.66
CA ALA R 3 -0.44 4.32 0.82
C ALA R 3 -0.77 3.93 -0.61
N GLY R 4 -0.80 4.92 -1.50
CA GLY R 4 -1.02 4.67 -2.91
C GLY R 4 -2.49 4.54 -3.27
N PHE R 5 -2.85 3.44 -3.91
CA PHE R 5 -4.21 3.20 -4.37
C PHE R 5 -4.94 2.19 -3.50
N ASP R 6 -4.51 2.00 -2.26
CA ASP R 6 -5.08 0.94 -1.43
C ASP R 6 -6.50 1.27 -0.95
N ARG R 7 -6.91 2.53 -1.06
CA ARG R 7 -8.28 2.88 -0.73
C ARG R 7 -9.22 2.68 -1.91
N HIS R 8 -8.70 2.18 -3.03
CA HIS R 8 -9.50 2.08 -4.25
C HIS R 8 -9.65 0.66 -4.76
N ILE R 9 -8.56 -0.09 -4.87
CA ILE R 9 -8.62 -1.47 -5.33
C ILE R 9 -8.19 -2.37 -4.18
N THR R 10 -8.16 -3.68 -4.41
CA THR R 10 -7.94 -4.66 -3.35
C THR R 10 -6.46 -4.96 -3.23
N ILE R 11 -5.68 -3.96 -2.81
CA ILE R 11 -4.27 -4.17 -2.50
C ILE R 11 -4.06 -3.80 -1.04
N PHE R 12 -2.93 -4.21 -0.47
CA PHE R 12 -2.70 -4.15 0.97
C PHE R 12 -2.44 -2.73 1.45
N SER R 13 -2.90 -2.43 2.65
CA SER R 13 -2.51 -1.23 3.35
C SER R 13 -1.16 -1.47 4.03
N PRO R 14 -0.49 -0.43 4.57
CA PRO R 14 0.71 -0.70 5.37
C PRO R 14 0.43 -1.41 6.69
N GLU R 15 -0.77 -1.29 7.23
CA GLU R 15 -1.11 -1.92 8.50
C GLU R 15 -1.50 -3.38 8.35
N GLY R 16 -1.60 -3.90 7.13
CA GLY R 16 -2.01 -5.26 6.90
C GLY R 16 -3.44 -5.43 6.45
N ARG R 17 -4.20 -4.35 6.36
CA ARG R 17 -5.60 -4.43 5.98
C ARG R 17 -5.75 -4.61 4.47
N LEU R 18 -7.01 -4.62 4.04
CA LEU R 18 -7.40 -4.36 2.66
C LEU R 18 -8.83 -3.84 2.69
N TYR R 19 -9.00 -2.59 2.28
CA TYR R 19 -10.19 -1.83 2.67
C TYR R 19 -11.44 -2.23 1.91
N GLN R 20 -11.32 -2.83 0.73
CA GLN R 20 -12.49 -3.06 -0.11
C GLN R 20 -13.39 -4.13 0.50
N VAL R 21 -12.81 -5.14 1.14
CA VAL R 21 -13.62 -6.15 1.79
C VAL R 21 -14.29 -5.59 3.03
N GLU R 22 -13.59 -4.73 3.79
CA GLU R 22 -14.24 -4.18 4.97
C GLU R 22 -15.16 -3.02 4.61
N TYR R 23 -15.19 -2.63 3.34
CA TYR R 23 -16.31 -1.86 2.85
C TYR R 23 -17.45 -2.78 2.44
N ALA R 24 -17.11 -3.98 1.95
CA ALA R 24 -18.14 -4.93 1.56
C ALA R 24 -18.89 -5.48 2.77
N PHE R 25 -18.27 -5.49 3.94
CA PHE R 25 -18.95 -5.96 5.14
C PHE R 25 -20.02 -5.00 5.60
N LYS R 26 -19.93 -3.74 5.18
CA LYS R 26 -21.08 -2.85 5.30
C LYS R 26 -21.64 -2.46 3.95
N ALA R 27 -21.41 -3.27 2.92
CA ALA R 27 -22.27 -3.21 1.75
C ALA R 27 -23.57 -3.97 1.97
N ILE R 28 -23.64 -4.80 3.02
CA ILE R 28 -24.88 -5.46 3.34
C ILE R 28 -25.88 -4.46 3.91
N ASN R 29 -25.40 -3.46 4.64
CA ASN R 29 -26.27 -2.67 5.51
C ASN R 29 -27.19 -1.70 4.78
N GLN R 30 -27.09 -1.60 3.46
CA GLN R 30 -28.08 -0.82 2.73
C GLN R 30 -29.40 -1.58 2.56
N GLY R 31 -29.41 -2.89 2.79
CA GLY R 31 -30.61 -3.66 2.49
C GLY R 31 -31.74 -3.42 3.47
N GLY R 32 -31.43 -3.32 4.76
CA GLY R 32 -32.51 -3.20 5.73
C GLY R 32 -33.25 -4.50 5.93
N LEU R 33 -32.58 -5.50 6.49
CA LEU R 33 -33.16 -6.82 6.64
C LEU R 33 -32.50 -7.55 7.81
N THR R 34 -33.32 -8.15 8.66
CA THR R 34 -32.87 -9.10 9.66
C THR R 34 -33.24 -10.51 9.22
N SER R 35 -32.27 -11.41 9.23
CA SER R 35 -32.50 -12.78 8.82
C SER R 35 -31.78 -13.71 9.77
N VAL R 36 -32.53 -14.58 10.43
CA VAL R 36 -32.00 -15.45 11.48
C VAL R 36 -32.19 -16.89 11.05
N ALA R 37 -31.15 -17.70 11.19
CA ALA R 37 -31.23 -19.14 10.94
C ALA R 37 -31.00 -19.86 12.26
N VAL R 38 -31.82 -20.87 12.54
CA VAL R 38 -31.72 -21.66 13.77
C VAL R 38 -31.73 -23.14 13.39
N ARG R 39 -30.73 -23.88 13.87
CA ARG R 39 -30.68 -25.32 13.68
C ARG R 39 -31.22 -26.02 14.90
N GLY R 40 -32.32 -26.75 14.72
CA GLY R 40 -32.89 -27.55 15.78
C GLY R 40 -32.26 -28.92 15.87
N LYS R 41 -32.98 -29.85 16.48
CA LYS R 41 -32.51 -31.23 16.60
C LYS R 41 -32.66 -31.96 15.28
N ASP R 42 -33.88 -31.96 14.73
CA ASP R 42 -34.15 -32.61 13.46
C ASP R 42 -34.66 -31.65 12.41
N CYS R 43 -34.48 -30.35 12.59
CA CYS R 43 -35.05 -29.37 11.67
C CYS R 43 -34.19 -28.12 11.68
N ALA R 44 -34.48 -27.22 10.73
CA ALA R 44 -33.77 -25.95 10.63
C ALA R 44 -34.71 -24.93 10.02
N VAL R 45 -34.68 -23.72 10.56
CA VAL R 45 -35.65 -22.68 10.23
C VAL R 45 -34.91 -21.45 9.72
N ILE R 46 -35.32 -20.98 8.54
CA ILE R 46 -34.97 -19.66 8.04
C ILE R 46 -36.14 -18.74 8.38
N VAL R 47 -35.84 -17.55 8.90
CA VAL R 47 -36.82 -16.48 9.02
C VAL R 47 -36.22 -15.23 8.41
N THR R 48 -37.07 -14.46 7.73
CA THR R 48 -36.68 -13.25 7.00
C THR R 48 -37.79 -12.25 7.30
N GLN R 49 -37.76 -11.08 6.66
CA GLN R 49 -38.99 -10.32 6.46
C GLN R 49 -38.90 -9.63 5.12
N LYS R 50 -39.95 -8.88 4.77
CA LYS R 50 -39.91 -8.05 3.58
C LYS R 50 -40.41 -6.66 3.95
N LYS R 51 -40.10 -5.71 3.08
CA LYS R 51 -40.68 -4.38 3.15
C LYS R 51 -41.47 -4.16 1.88
N VAL R 52 -42.74 -3.76 2.04
CA VAL R 52 -43.64 -3.57 0.92
C VAL R 52 -44.02 -2.09 0.93
N PRO R 53 -43.18 -1.20 0.39
CA PRO R 53 -43.44 0.24 0.59
C PRO R 53 -44.55 0.77 -0.31
N ASP R 54 -44.95 -0.01 -1.32
CA ASP R 54 -46.00 0.37 -2.24
C ASP R 54 -47.12 -0.66 -2.15
N LYS R 55 -48.34 -0.23 -2.48
CA LYS R 55 -49.41 -1.19 -2.67
C LYS R 55 -49.41 -1.77 -4.08
N LEU R 56 -48.51 -1.30 -4.95
CA LEU R 56 -48.50 -1.76 -6.32
C LEU R 56 -47.42 -2.80 -6.55
N LEU R 57 -46.43 -2.84 -5.66
CA LEU R 57 -45.46 -3.92 -5.67
C LEU R 57 -46.12 -5.22 -5.22
N ASP R 58 -45.56 -6.35 -5.63
CA ASP R 58 -46.17 -7.65 -5.43
C ASP R 58 -45.69 -8.29 -4.14
N SER R 59 -46.43 -9.28 -3.67
CA SER R 59 -45.98 -10.12 -2.57
C SER R 59 -45.33 -11.39 -3.10
N SER R 60 -45.50 -11.66 -4.38
CA SER R 60 -45.08 -12.93 -4.94
C SER R 60 -43.68 -12.87 -5.54
N THR R 61 -43.10 -11.68 -5.66
CA THR R 61 -41.81 -11.58 -6.32
C THR R 61 -40.67 -11.21 -5.38
N VAL R 62 -40.98 -10.58 -4.24
CA VAL R 62 -39.94 -9.95 -3.44
C VAL R 62 -39.43 -10.92 -2.38
N THR R 63 -39.90 -12.16 -2.43
CA THR R 63 -39.46 -13.19 -1.51
C THR R 63 -37.98 -13.51 -1.72
N HIS R 64 -37.19 -13.35 -0.66
CA HIS R 64 -35.76 -13.62 -0.75
C HIS R 64 -35.46 -15.10 -0.61
N LEU R 65 -36.46 -15.90 -0.22
CA LEU R 65 -36.27 -17.33 -0.12
C LEU R 65 -36.09 -17.95 -1.49
N PHE R 66 -34.85 -18.23 -1.84
CA PHE R 66 -34.51 -18.85 -3.11
C PHE R 66 -34.15 -20.31 -2.89
N LYS R 67 -34.66 -21.16 -3.77
CA LYS R 67 -34.46 -22.60 -3.65
C LYS R 67 -33.35 -22.99 -4.61
N ILE R 68 -32.34 -23.71 -4.11
CA ILE R 68 -31.21 -24.08 -4.94
C ILE R 68 -31.46 -25.43 -5.60
N THR R 69 -31.72 -26.45 -4.80
CA THR R 69 -32.06 -27.76 -5.32
C THR R 69 -33.19 -28.28 -4.44
N GLU R 70 -33.55 -29.57 -4.58
CA GLU R 70 -34.71 -30.08 -3.88
C GLU R 70 -34.37 -30.54 -2.47
N ASN R 71 -33.13 -30.31 -2.03
CA ASN R 71 -32.75 -30.53 -0.64
C ASN R 71 -32.02 -29.34 -0.04
N ILE R 72 -31.86 -28.25 -0.78
CA ILE R 72 -31.05 -27.11 -0.34
C ILE R 72 -31.85 -25.84 -0.59
N GLY R 73 -32.11 -25.09 0.47
CA GLY R 73 -32.67 -23.77 0.36
C GLY R 73 -31.66 -22.71 0.78
N CYS R 74 -31.97 -21.47 0.44
CA CYS R 74 -31.09 -20.38 0.83
C CYS R 74 -31.90 -19.10 0.97
N VAL R 75 -31.31 -18.12 1.64
CA VAL R 75 -31.91 -16.80 1.77
C VAL R 75 -30.78 -15.79 1.60
N MET R 76 -31.15 -14.60 1.14
CA MET R 76 -30.14 -13.62 0.74
C MET R 76 -30.34 -12.33 1.53
N THR R 77 -29.22 -11.69 1.83
CA THR R 77 -29.20 -10.33 2.33
C THR R 77 -28.26 -9.52 1.46
N GLY R 78 -27.95 -8.29 1.90
CA GLY R 78 -27.12 -7.45 1.07
C GLY R 78 -27.94 -6.87 -0.07
N MET R 79 -27.23 -6.30 -1.04
CA MET R 79 -27.92 -5.70 -2.17
C MET R 79 -28.47 -6.79 -3.09
N THR R 80 -29.47 -6.41 -3.88
CA THR R 80 -30.30 -7.37 -4.61
C THR R 80 -29.60 -7.99 -5.80
N ALA R 81 -28.90 -7.19 -6.60
CA ALA R 81 -28.32 -7.69 -7.84
C ALA R 81 -27.20 -8.69 -7.60
N ASP R 82 -26.32 -8.39 -6.64
CA ASP R 82 -25.27 -9.35 -6.28
C ASP R 82 -25.86 -10.61 -5.69
N SER R 83 -26.96 -10.47 -4.95
CA SER R 83 -27.60 -11.63 -4.34
C SER R 83 -28.18 -12.56 -5.38
N ARG R 84 -28.90 -12.02 -6.36
CA ARG R 84 -29.47 -12.88 -7.38
C ARG R 84 -28.40 -13.43 -8.31
N SER R 85 -27.33 -12.68 -8.56
CA SER R 85 -26.28 -13.19 -9.43
C SER R 85 -25.49 -14.28 -8.75
N GLN R 86 -25.49 -14.31 -7.42
CA GLN R 86 -24.91 -15.44 -6.71
C GLN R 86 -25.75 -16.69 -6.89
N VAL R 87 -27.05 -16.54 -7.10
CA VAL R 87 -27.98 -17.65 -7.01
C VAL R 87 -27.86 -18.56 -8.23
N GLN R 88 -27.72 -17.99 -9.43
CA GLN R 88 -27.57 -18.84 -10.61
C GLN R 88 -26.25 -19.58 -10.62
N ARG R 89 -25.22 -19.02 -9.98
CA ARG R 89 -23.99 -19.79 -9.85
C ARG R 89 -24.15 -20.92 -8.84
N ALA R 90 -24.96 -20.70 -7.80
CA ALA R 90 -25.23 -21.75 -6.85
C ALA R 90 -26.02 -22.90 -7.49
N ARG R 91 -27.09 -22.54 -8.22
CA ARG R 91 -27.91 -23.53 -8.91
C ARG R 91 -27.11 -24.27 -9.96
N TYR R 92 -26.27 -23.54 -10.69
CA TYR R 92 -25.53 -24.11 -11.80
C TYR R 92 -24.44 -25.05 -11.33
N GLU R 93 -23.76 -24.68 -10.24
CA GLU R 93 -22.75 -25.58 -9.71
C GLU R 93 -23.36 -26.77 -9.00
N ALA R 94 -24.57 -26.61 -8.44
CA ALA R 94 -25.28 -27.77 -7.90
C ALA R 94 -25.65 -28.74 -9.00
N ALA R 95 -26.12 -28.22 -10.14
CA ALA R 95 -26.49 -29.07 -11.25
C ALA R 95 -25.28 -29.76 -11.86
N ASN R 96 -24.13 -29.06 -11.92
CA ASN R 96 -22.93 -29.73 -12.41
C ASN R 96 -22.40 -30.75 -11.42
N TRP R 97 -22.68 -30.58 -10.13
CA TRP R 97 -22.37 -31.65 -9.19
C TRP R 97 -23.23 -32.87 -9.48
N LYS R 98 -24.49 -32.63 -9.84
CA LYS R 98 -25.38 -33.75 -10.17
C LYS R 98 -24.97 -34.44 -11.45
N TYR R 99 -24.43 -33.70 -12.42
CA TYR R 99 -24.03 -34.35 -13.67
C TYR R 99 -22.69 -35.06 -13.51
N LYS R 100 -21.73 -34.44 -12.82
CA LYS R 100 -20.40 -35.03 -12.74
C LYS R 100 -20.34 -36.18 -11.74
N TYR R 101 -20.88 -35.98 -10.55
CA TYR R 101 -20.58 -36.91 -9.47
C TYR R 101 -21.76 -37.83 -9.17
N GLY R 102 -22.91 -37.57 -9.78
CA GLY R 102 -24.01 -38.51 -9.80
C GLY R 102 -24.88 -38.58 -8.57
N TYR R 103 -24.42 -38.08 -7.43
CA TYR R 103 -25.22 -38.09 -6.22
C TYR R 103 -25.47 -36.65 -5.79
N GLU R 104 -26.43 -36.48 -4.88
CA GLU R 104 -26.85 -35.15 -4.47
C GLU R 104 -25.77 -34.48 -3.64
N ILE R 105 -25.52 -33.21 -3.92
CA ILE R 105 -24.44 -32.46 -3.31
C ILE R 105 -24.71 -32.23 -1.83
N PRO R 106 -23.73 -32.43 -0.96
CA PRO R 106 -23.88 -31.98 0.43
C PRO R 106 -23.92 -30.48 0.55
N VAL R 107 -24.54 -29.91 1.59
CA VAL R 107 -24.66 -28.46 1.71
C VAL R 107 -23.32 -27.87 2.11
N ASP R 108 -22.39 -28.72 2.54
CA ASP R 108 -21.05 -28.27 2.91
C ASP R 108 -20.26 -27.81 1.69
N MET R 109 -20.25 -28.60 0.63
CA MET R 109 -19.36 -28.36 -0.50
C MET R 109 -19.75 -27.17 -1.34
N LEU R 110 -21.05 -26.86 -1.40
CA LEU R 110 -21.50 -25.76 -2.24
C LEU R 110 -21.01 -24.42 -1.69
N CYS R 111 -20.89 -24.32 -0.36
CA CYS R 111 -20.35 -23.09 0.22
C CYS R 111 -18.86 -22.99 0.03
N LYS R 112 -18.15 -24.11 -0.11
CA LYS R 112 -16.74 -24.05 -0.47
C LYS R 112 -16.58 -23.56 -1.91
N ARG R 113 -17.46 -24.03 -2.80
CA ARG R 113 -17.43 -23.57 -4.18
C ARG R 113 -17.72 -22.08 -4.30
N ILE R 114 -18.82 -21.63 -3.69
CA ILE R 114 -19.20 -20.21 -3.73
C ILE R 114 -18.16 -19.35 -3.02
N ALA R 115 -17.60 -19.85 -1.94
CA ALA R 115 -16.56 -19.11 -1.24
C ALA R 115 -15.29 -18.98 -2.06
N ASP R 116 -14.97 -19.99 -2.88
CA ASP R 116 -13.77 -19.89 -3.70
C ASP R 116 -13.98 -18.97 -4.89
N ILE R 117 -15.17 -18.99 -5.48
CA ILE R 117 -15.46 -18.02 -6.56
C ILE R 117 -15.48 -16.60 -6.01
N SER R 118 -16.03 -16.41 -4.80
CA SER R 118 -15.98 -15.09 -4.17
C SER R 118 -14.56 -14.68 -3.80
N GLN R 119 -13.68 -15.66 -3.55
CA GLN R 119 -12.27 -15.37 -3.40
C GLN R 119 -11.65 -14.88 -4.69
N VAL R 120 -11.99 -15.52 -5.80
CA VAL R 120 -11.45 -15.11 -7.10
C VAL R 120 -11.95 -13.71 -7.47
N TYR R 121 -13.18 -13.37 -7.06
CA TYR R 121 -13.62 -11.97 -7.12
C TYR R 121 -12.80 -11.07 -6.22
N THR R 122 -12.40 -11.56 -5.05
CA THR R 122 -11.59 -10.72 -4.15
C THR R 122 -10.14 -10.62 -4.61
N GLN R 123 -9.54 -11.74 -5.03
CA GLN R 123 -8.11 -11.86 -5.32
C GLN R 123 -7.65 -10.98 -6.47
N ASN R 124 -8.31 -11.10 -7.62
CA ASN R 124 -7.95 -10.31 -8.77
C ASN R 124 -8.35 -8.85 -8.54
N ALA R 125 -7.54 -7.94 -9.04
CA ALA R 125 -7.62 -6.55 -8.62
C ALA R 125 -8.65 -5.72 -9.38
N GLU R 126 -9.15 -6.19 -10.52
CA GLU R 126 -10.00 -5.35 -11.34
C GLU R 126 -11.44 -5.83 -11.45
N MET R 127 -11.99 -6.43 -10.40
CA MET R 127 -13.37 -6.90 -10.42
C MET R 127 -13.99 -6.71 -9.04
N ARG R 128 -15.24 -6.26 -9.04
CA ARG R 128 -15.93 -5.83 -7.83
C ARG R 128 -16.22 -7.04 -6.93
N PRO R 129 -16.13 -6.90 -5.60
CA PRO R 129 -16.16 -8.09 -4.75
C PRO R 129 -17.55 -8.56 -4.32
N LEU R 130 -18.63 -8.17 -5.00
CA LEU R 130 -19.97 -8.74 -4.83
C LEU R 130 -20.56 -8.65 -3.42
N GLY R 131 -20.92 -7.46 -2.97
CA GLY R 131 -21.30 -7.28 -1.57
C GLY R 131 -22.62 -7.89 -1.10
N CYS R 132 -22.84 -9.17 -1.34
CA CYS R 132 -23.98 -9.87 -0.77
C CYS R 132 -23.52 -10.89 0.25
N CYS R 133 -24.46 -11.37 1.08
CA CYS R 133 -24.16 -12.33 2.13
C CYS R 133 -25.06 -13.54 2.00
N MET R 134 -24.44 -14.71 1.89
CA MET R 134 -25.09 -15.95 1.50
C MET R 134 -25.40 -16.78 2.74
N ILE R 135 -26.61 -17.35 2.82
CA ILE R 135 -27.03 -18.14 3.96
C ILE R 135 -27.71 -19.41 3.44
N LEU R 136 -27.23 -20.58 3.86
CA LEU R 136 -27.78 -21.84 3.38
C LEU R 136 -28.32 -22.69 4.52
N ILE R 137 -29.25 -23.58 4.17
CA ILE R 137 -29.65 -24.70 5.03
C ILE R 137 -29.67 -25.97 4.19
N GLY R 138 -29.91 -27.11 4.83
CA GLY R 138 -29.95 -28.37 4.09
C GLY R 138 -29.85 -29.54 5.03
N ILE R 139 -29.91 -30.74 4.44
CA ILE R 139 -29.93 -32.01 5.17
C ILE R 139 -28.78 -32.87 4.66
N ASP R 140 -28.09 -33.56 5.58
CA ASP R 140 -27.00 -34.47 5.26
C ASP R 140 -27.27 -35.83 5.87
N GLU R 141 -26.63 -36.87 5.33
CA GLU R 141 -26.70 -38.21 5.91
C GLU R 141 -26.03 -38.24 7.28
N GLU R 142 -26.82 -38.59 8.30
CA GLU R 142 -26.38 -38.88 9.67
C GLU R 142 -25.72 -37.68 10.35
N GLN R 143 -25.89 -36.49 9.80
CA GLN R 143 -25.33 -35.27 10.37
C GLN R 143 -26.39 -34.26 10.74
N GLY R 144 -27.67 -34.62 10.63
CA GLY R 144 -28.76 -33.73 10.94
C GLY R 144 -28.90 -32.63 9.93
N PRO R 145 -29.68 -31.61 10.25
CA PRO R 145 -29.69 -30.41 9.42
C PRO R 145 -28.41 -29.60 9.62
N GLN R 146 -28.14 -28.72 8.66
CA GLN R 146 -26.97 -27.87 8.72
C GLN R 146 -27.34 -26.46 8.30
N VAL R 147 -26.58 -25.50 8.81
CA VAL R 147 -26.71 -24.10 8.44
C VAL R 147 -25.32 -23.61 8.08
N TYR R 148 -25.21 -22.87 6.99
CA TYR R 148 -23.94 -22.26 6.62
C TYR R 148 -24.16 -20.82 6.17
N LYS R 149 -23.10 -20.02 6.32
CA LYS R 149 -23.11 -18.62 5.91
C LYS R 149 -21.88 -18.34 5.07
N CYS R 150 -22.05 -17.64 3.96
CA CYS R 150 -20.91 -17.25 3.15
C CYS R 150 -20.89 -15.74 3.00
N ASP R 151 -19.94 -15.10 3.67
CA ASP R 151 -19.71 -13.66 3.59
C ASP R 151 -19.01 -13.33 2.28
N PRO R 152 -18.99 -12.06 1.80
CA PRO R 152 -18.25 -11.78 0.56
C PRO R 152 -16.77 -11.53 0.79
N ALA R 153 -16.15 -12.36 1.62
CA ALA R 153 -14.70 -12.35 1.80
C ALA R 153 -14.09 -13.68 1.42
N GLY R 154 -14.91 -14.71 1.24
CA GLY R 154 -14.44 -15.94 0.65
C GLY R 154 -14.20 -17.06 1.61
N TYR R 155 -14.97 -17.16 2.69
CA TYR R 155 -14.80 -18.25 3.62
C TYR R 155 -16.14 -18.95 3.86
N TYR R 156 -16.10 -20.27 3.77
CA TYR R 156 -17.28 -21.07 4.10
C TYR R 156 -17.27 -21.29 5.59
N CYS R 157 -18.47 -21.31 6.14
CA CYS R 157 -18.68 -20.86 7.49
C CYS R 157 -20.09 -21.24 7.91
N GLY R 158 -20.21 -21.92 9.05
CA GLY R 158 -21.52 -22.41 9.39
C GLY R 158 -21.67 -22.91 10.80
N PHE R 159 -22.73 -22.46 11.48
CA PHE R 159 -22.76 -22.67 12.92
C PHE R 159 -24.13 -23.16 13.38
N LYS R 160 -24.35 -23.13 14.70
CA LYS R 160 -25.57 -23.63 15.32
C LYS R 160 -26.74 -22.70 15.09
N ALA R 161 -26.53 -21.41 15.27
CA ALA R 161 -27.53 -20.40 14.96
C ALA R 161 -26.82 -19.11 14.63
N THR R 162 -26.97 -18.65 13.39
CA THR R 162 -26.18 -17.53 12.92
C THR R 162 -27.10 -16.56 12.20
N ALA R 163 -26.71 -15.28 12.20
CA ALA R 163 -27.49 -14.24 11.56
C ALA R 163 -26.54 -13.09 11.21
N ALA R 164 -26.56 -12.63 9.96
CA ALA R 164 -25.81 -11.45 9.57
C ALA R 164 -26.70 -10.56 8.73
N GLY R 165 -26.36 -9.28 8.67
CA GLY R 165 -27.18 -8.31 7.98
C GLY R 165 -27.05 -6.95 8.62
N VAL R 166 -28.21 -6.33 8.89
CA VAL R 166 -28.22 -4.97 9.41
C VAL R 166 -28.20 -4.96 10.93
N LYS R 167 -29.23 -5.52 11.56
CA LYS R 167 -29.44 -5.39 12.99
C LYS R 167 -28.78 -6.50 13.79
N GLN R 168 -28.00 -7.36 13.14
CA GLN R 168 -27.64 -8.65 13.71
C GLN R 168 -26.53 -8.59 14.74
N THR R 169 -25.90 -7.43 14.95
CA THR R 169 -24.88 -7.33 15.98
C THR R 169 -25.49 -7.52 17.37
N GLU R 170 -26.73 -7.08 17.55
CA GLU R 170 -27.45 -7.36 18.79
C GLU R 170 -28.21 -8.68 18.72
N SER R 171 -28.56 -9.13 17.51
CA SER R 171 -29.29 -10.39 17.39
C SER R 171 -28.41 -11.58 17.73
N THR R 172 -27.12 -11.52 17.39
CA THR R 172 -26.19 -12.55 17.84
C THR R 172 -26.01 -12.51 19.34
N SER R 173 -26.10 -11.31 19.93
CA SER R 173 -26.00 -11.21 21.38
C SER R 173 -27.25 -11.74 22.06
N PHE R 174 -28.39 -11.72 21.37
CA PHE R 174 -29.57 -12.39 21.93
C PHE R 174 -29.47 -13.90 21.75
N LEU R 175 -28.92 -14.34 20.62
CA LEU R 175 -28.84 -15.77 20.37
C LEU R 175 -27.79 -16.44 21.24
N GLU R 176 -26.79 -15.68 21.70
CA GLU R 176 -25.92 -16.21 22.75
C GLU R 176 -26.69 -16.35 24.05
N LYS R 177 -27.61 -15.43 24.31
CA LYS R 177 -28.38 -15.50 25.54
C LYS R 177 -29.50 -16.53 25.45
N LYS R 178 -29.75 -17.08 24.25
CA LYS R 178 -30.85 -18.02 24.12
C LYS R 178 -30.35 -19.44 23.86
N VAL R 179 -29.16 -19.57 23.24
CA VAL R 179 -28.69 -20.90 22.88
C VAL R 179 -28.10 -21.62 24.08
N LYS R 180 -27.12 -21.01 24.75
CA LYS R 180 -26.40 -21.72 25.81
C LYS R 180 -27.29 -21.84 27.04
N LYS R 181 -28.05 -22.92 27.05
CA LYS R 181 -28.84 -23.34 28.21
C LYS R 181 -29.19 -24.80 28.05
N LYS R 182 -29.94 -25.33 29.02
CA LYS R 182 -30.32 -26.74 29.06
C LYS R 182 -31.55 -27.04 28.21
N PHE R 183 -32.00 -26.10 27.40
CA PHE R 183 -33.18 -26.32 26.57
C PHE R 183 -32.81 -27.16 25.36
N ASP R 184 -33.68 -28.12 25.05
CA ASP R 184 -33.58 -28.84 23.79
C ASP R 184 -34.21 -28.02 22.68
N TRP R 185 -34.39 -28.65 21.52
CA TRP R 185 -34.99 -27.96 20.39
C TRP R 185 -36.02 -28.86 19.73
N THR R 186 -37.28 -28.57 19.97
CA THR R 186 -38.39 -29.14 19.22
C THR R 186 -38.70 -28.20 18.07
N PHE R 187 -39.69 -28.57 17.26
CA PHE R 187 -39.95 -27.84 16.02
C PHE R 187 -40.54 -26.46 16.32
N GLU R 188 -41.63 -26.42 17.09
CA GLU R 188 -42.27 -25.14 17.41
C GLU R 188 -41.46 -24.35 18.40
N GLN R 189 -40.50 -24.99 19.07
CA GLN R 189 -39.54 -24.22 19.86
C GLN R 189 -38.59 -23.46 18.95
N THR R 190 -38.13 -24.09 17.87
CA THR R 190 -37.23 -23.41 16.94
C THR R 190 -37.97 -22.32 16.17
N VAL R 191 -39.20 -22.59 15.73
CA VAL R 191 -39.96 -21.55 15.04
C VAL R 191 -40.33 -20.44 16.00
N GLU R 192 -40.72 -20.79 17.23
CA GLU R 192 -41.11 -19.78 18.21
C GLU R 192 -39.92 -19.01 18.76
N THR R 193 -38.70 -19.50 18.59
CA THR R 193 -37.53 -18.66 18.86
C THR R 193 -37.14 -17.84 17.64
N ALA R 194 -37.42 -18.36 16.44
CA ALA R 194 -37.02 -17.65 15.22
C ALA R 194 -37.84 -16.38 15.04
N ILE R 195 -39.08 -16.36 15.51
CA ILE R 195 -39.81 -15.10 15.51
C ILE R 195 -39.38 -14.21 16.67
N THR R 196 -39.32 -14.74 17.89
CA THR R 196 -39.17 -13.89 19.07
C THR R 196 -37.78 -13.30 19.19
N CYS R 197 -36.78 -13.98 18.61
CA CYS R 197 -35.45 -13.38 18.56
C CYS R 197 -35.44 -12.13 17.68
N LEU R 198 -36.25 -12.14 16.62
CA LEU R 198 -36.34 -10.98 15.74
C LEU R 198 -37.31 -9.94 16.30
N SER R 199 -38.31 -10.37 17.05
CA SER R 199 -39.27 -9.44 17.63
C SER R 199 -38.68 -8.72 18.83
N THR R 200 -37.67 -9.33 19.48
CA THR R 200 -36.89 -8.59 20.46
C THR R 200 -36.08 -7.49 19.80
N VAL R 201 -35.65 -7.71 18.56
CA VAL R 201 -34.84 -6.72 17.87
C VAL R 201 -35.67 -5.53 17.43
N LEU R 202 -36.73 -5.77 16.66
CA LEU R 202 -37.47 -4.69 16.02
C LEU R 202 -38.53 -4.11 16.94
N SER R 203 -39.02 -4.89 17.90
CA SER R 203 -40.03 -4.49 18.89
C SER R 203 -41.32 -4.00 18.23
N ILE R 204 -41.83 -4.80 17.29
CA ILE R 204 -43.01 -4.43 16.52
C ILE R 204 -44.19 -5.34 16.81
N ASP R 205 -43.96 -6.66 16.83
CA ASP R 205 -44.96 -7.70 17.11
C ASP R 205 -46.13 -7.63 16.13
N PHE R 206 -45.81 -7.95 14.89
CA PHE R 206 -46.53 -7.54 13.70
C PHE R 206 -47.36 -8.68 13.09
N LYS R 207 -47.94 -8.39 11.93
CA LYS R 207 -48.85 -9.29 11.23
C LYS R 207 -48.07 -10.45 10.63
N PRO R 208 -48.69 -11.62 10.41
CA PRO R 208 -47.98 -12.71 9.71
C PRO R 208 -47.83 -12.53 8.20
N SER R 209 -48.13 -11.36 7.65
CA SER R 209 -47.89 -11.15 6.22
C SER R 209 -46.49 -10.60 5.95
N GLU R 210 -45.65 -10.49 6.98
CA GLU R 210 -44.34 -9.85 6.79
C GLU R 210 -43.18 -10.84 6.80
N ILE R 211 -43.13 -11.76 7.73
CA ILE R 211 -42.00 -12.68 7.81
C ILE R 211 -42.24 -13.86 6.86
N GLU R 212 -41.21 -14.21 6.10
CA GLU R 212 -41.21 -15.41 5.28
C GLU R 212 -40.39 -16.47 5.96
N VAL R 213 -40.98 -17.64 6.14
CA VAL R 213 -40.31 -18.73 6.84
C VAL R 213 -40.15 -19.87 5.87
N GLY R 214 -38.91 -20.17 5.51
CA GLY R 214 -38.58 -21.42 4.88
C GLY R 214 -38.02 -22.38 5.91
N VAL R 215 -38.35 -23.66 5.77
CA VAL R 215 -38.04 -24.63 6.79
C VAL R 215 -37.60 -25.92 6.10
N VAL R 216 -36.87 -26.74 6.84
CA VAL R 216 -36.55 -28.09 6.39
C VAL R 216 -36.58 -28.99 7.63
N THR R 217 -37.00 -30.24 7.46
CA THR R 217 -37.28 -31.14 8.56
C THR R 217 -37.15 -32.56 8.04
N VAL R 218 -36.44 -33.40 8.78
CA VAL R 218 -36.21 -34.77 8.30
C VAL R 218 -37.43 -35.58 8.75
N GLU R 219 -38.54 -35.35 8.07
CA GLU R 219 -39.61 -36.31 7.85
C GLU R 219 -39.81 -36.33 6.35
N ASN R 220 -39.91 -35.12 5.79
CA ASN R 220 -39.88 -34.88 4.36
C ASN R 220 -38.76 -33.91 4.09
N PRO R 221 -37.61 -34.35 3.58
CA PRO R 221 -36.41 -33.50 3.58
C PRO R 221 -36.41 -32.42 2.52
N LYS R 222 -37.50 -32.20 1.80
CA LYS R 222 -37.50 -31.19 0.75
C LYS R 222 -37.66 -29.81 1.37
N PHE R 223 -36.94 -28.84 0.82
CA PHE R 223 -37.06 -27.45 1.25
C PHE R 223 -38.47 -26.95 0.97
N ARG R 224 -39.00 -26.17 1.91
CA ARG R 224 -40.41 -25.82 1.90
C ARG R 224 -40.60 -24.43 2.48
N ILE R 225 -41.36 -23.60 1.77
CA ILE R 225 -41.73 -22.28 2.23
C ILE R 225 -43.15 -22.35 2.76
N LEU R 226 -43.36 -21.89 3.98
CA LEU R 226 -44.64 -22.04 4.65
C LEU R 226 -45.71 -21.16 4.02
N THR R 227 -46.94 -21.65 4.07
CA THR R 227 -48.10 -20.87 3.68
C THR R 227 -48.41 -19.89 4.80
N GLU R 228 -49.08 -18.78 4.46
CA GLU R 228 -49.33 -17.71 5.43
C GLU R 228 -50.23 -18.16 6.58
N ALA R 229 -51.10 -19.14 6.34
CA ALA R 229 -52.05 -19.59 7.37
C ALA R 229 -51.33 -20.28 8.52
N GLU R 230 -50.41 -21.20 8.21
CA GLU R 230 -49.68 -21.87 9.28
C GLU R 230 -48.63 -20.96 9.90
N ILE R 231 -48.18 -19.95 9.15
CA ILE R 231 -47.36 -18.89 9.72
C ILE R 231 -48.14 -18.13 10.78
N ASP R 232 -49.41 -17.84 10.50
CA ASP R 232 -50.29 -17.24 11.49
C ASP R 232 -50.53 -18.19 12.66
N ALA R 233 -50.53 -19.50 12.39
CA ALA R 233 -50.69 -20.48 13.46
C ALA R 233 -49.50 -20.46 14.41
N HIS R 234 -48.29 -20.31 13.88
CA HIS R 234 -47.14 -20.13 14.75
C HIS R 234 -47.17 -18.80 15.48
N LEU R 235 -47.58 -17.74 14.78
CA LEU R 235 -47.40 -16.39 15.31
C LEU R 235 -48.43 -16.06 16.38
N VAL R 236 -49.62 -16.67 16.31
CA VAL R 236 -50.51 -16.58 17.45
C VAL R 236 -50.31 -17.74 18.39
N ALA R 237 -49.59 -18.79 17.96
CA ALA R 237 -49.29 -19.89 18.86
C ALA R 237 -48.26 -19.48 19.90
N LEU R 238 -47.41 -18.50 19.59
CA LEU R 238 -46.47 -18.02 20.58
C LEU R 238 -47.10 -17.07 21.59
N ALA R 239 -48.18 -16.39 21.23
CA ALA R 239 -48.87 -15.47 22.12
C ALA R 239 -49.68 -16.29 23.11
N GLU R 240 -49.24 -16.31 24.36
CA GLU R 240 -49.89 -17.10 25.40
C GLU R 240 -51.24 -16.50 25.78
N GLU S 1 -9.54 -10.68 -18.83
CA GLU S 1 -10.80 -9.95 -18.80
C GLU S 1 -10.66 -8.69 -19.62
N ARG S 2 -9.52 -8.02 -19.47
CA ARG S 2 -9.17 -6.87 -20.29
C ARG S 2 -7.76 -6.94 -20.86
N GLY S 3 -6.89 -7.79 -20.30
CA GLY S 3 -5.49 -7.69 -20.65
C GLY S 3 -4.84 -6.44 -20.08
N TYR S 4 -5.11 -6.14 -18.81
CA TYR S 4 -4.42 -5.04 -18.17
C TYR S 4 -3.03 -5.50 -17.72
N SER S 5 -2.99 -6.55 -16.89
CA SER S 5 -1.88 -7.49 -16.77
C SER S 5 -0.56 -6.85 -16.29
N PHE S 6 -0.65 -5.63 -15.75
CA PHE S 6 0.51 -4.93 -15.26
C PHE S 6 0.73 -5.28 -13.79
N SER S 7 1.98 -5.47 -13.41
CA SER S 7 2.28 -5.82 -12.02
C SER S 7 2.24 -4.58 -11.15
N LEU S 8 1.30 -4.56 -10.22
CA LEU S 8 1.20 -3.45 -9.28
C LEU S 8 2.25 -3.55 -8.18
N THR S 9 2.93 -4.68 -8.09
CA THR S 9 4.07 -4.82 -7.20
C THR S 9 5.34 -4.34 -7.90
N THR S 10 5.84 -3.17 -7.49
CA THR S 10 7.03 -2.59 -8.09
C THR S 10 8.10 -2.42 -7.02
N PHE S 11 9.24 -1.87 -7.41
CA PHE S 11 10.31 -1.63 -6.45
C PHE S 11 10.19 -0.25 -5.82
N SER S 12 10.71 -0.12 -4.61
CA SER S 12 10.77 1.13 -3.89
C SER S 12 11.97 1.95 -4.36
N PRO S 13 12.09 3.21 -3.93
CA PRO S 13 13.37 3.89 -4.12
C PRO S 13 14.51 3.30 -3.31
N SER S 14 14.21 2.66 -2.17
CA SER S 14 15.28 1.97 -1.45
C SER S 14 15.60 0.64 -2.10
N GLY S 15 14.64 0.05 -2.78
CA GLY S 15 14.78 -1.26 -3.37
C GLY S 15 14.02 -2.36 -2.68
N LYS S 16 13.02 -2.03 -1.88
CA LYS S 16 12.28 -3.01 -1.10
C LYS S 16 10.97 -3.31 -1.78
N LEU S 17 10.64 -4.60 -1.88
CA LEU S 17 9.31 -5.01 -2.32
C LEU S 17 8.27 -4.65 -1.28
N VAL S 18 7.37 -3.73 -1.66
CA VAL S 18 6.50 -3.11 -0.68
C VAL S 18 5.33 -4.01 -0.33
N GLN S 19 4.71 -4.62 -1.35
CA GLN S 19 3.54 -5.46 -1.12
C GLN S 19 3.91 -6.74 -0.39
N ILE S 20 5.16 -7.18 -0.52
CA ILE S 20 5.57 -8.36 0.22
C ILE S 20 5.78 -8.03 1.69
N GLU S 21 6.33 -6.84 1.98
CA GLU S 21 6.42 -6.38 3.37
C GLU S 21 5.05 -6.18 4.02
N TYR S 22 4.11 -5.60 3.28
CA TYR S 22 2.79 -5.37 3.85
C TYR S 22 2.05 -6.69 3.99
N ALA S 23 2.28 -7.62 3.08
CA ALA S 23 1.70 -8.95 3.21
C ALA S 23 2.30 -9.70 4.40
N LEU S 24 3.56 -9.44 4.73
CA LEU S 24 4.13 -10.04 5.93
C LEU S 24 3.56 -9.41 7.19
N ALA S 25 3.18 -8.13 7.11
CA ALA S 25 2.44 -7.53 8.22
C ALA S 25 1.06 -8.17 8.36
N ALA S 26 0.43 -8.52 7.23
CA ALA S 26 -0.85 -9.23 7.29
C ALA S 26 -0.69 -10.66 7.77
N VAL S 27 0.51 -11.23 7.60
CA VAL S 27 0.81 -12.49 8.27
C VAL S 27 0.92 -12.27 9.77
N ALA S 28 1.54 -11.16 10.18
CA ALA S 28 1.72 -10.86 11.59
C ALA S 28 0.39 -10.54 12.28
N GLY S 29 -0.64 -10.19 11.52
CA GLY S 29 -1.95 -9.98 12.13
C GLY S 29 -2.74 -11.27 12.29
N GLY S 30 -2.16 -12.39 11.91
CA GLY S 30 -2.90 -13.64 11.88
C GLY S 30 -2.83 -14.41 13.18
N ALA S 31 -3.49 -15.57 13.18
CA ALA S 31 -3.54 -16.43 14.35
C ALA S 31 -2.18 -17.09 14.60
N PRO S 32 -1.81 -17.32 15.86
CA PRO S 32 -0.53 -17.95 16.14
C PRO S 32 -0.57 -19.45 15.89
N SER S 33 0.60 -20.01 15.62
CA SER S 33 0.76 -21.43 15.34
C SER S 33 2.22 -21.80 15.54
N VAL S 34 2.46 -23.06 15.89
CA VAL S 34 3.82 -23.53 16.10
C VAL S 34 3.91 -24.99 15.68
N GLY S 35 5.09 -25.39 15.24
CA GLY S 35 5.30 -26.73 14.74
C GLY S 35 6.70 -27.19 15.02
N ILE S 36 6.83 -28.41 15.51
CA ILE S 36 8.08 -28.93 16.06
C ILE S 36 8.38 -30.28 15.43
N LYS S 37 9.59 -30.44 14.91
CA LYS S 37 10.10 -31.71 14.41
C LYS S 37 10.85 -32.38 15.55
N ALA S 38 10.55 -33.65 15.82
CA ALA S 38 11.29 -34.35 16.86
C ALA S 38 11.41 -35.83 16.59
N ALA S 39 12.45 -36.21 15.83
CA ALA S 39 13.16 -37.48 15.91
C ALA S 39 12.38 -38.74 15.51
N ASN S 40 11.06 -38.66 15.41
CA ASN S 40 10.30 -39.72 14.73
C ASN S 40 9.28 -39.13 13.78
N GLY S 41 8.69 -38.00 14.15
CA GLY S 41 7.73 -37.33 13.31
C GLY S 41 7.58 -35.85 13.64
N VAL S 42 6.67 -35.17 12.96
CA VAL S 42 6.53 -33.73 13.07
C VAL S 42 5.13 -33.41 13.57
N VAL S 43 5.05 -32.58 14.60
CA VAL S 43 3.80 -32.20 15.23
C VAL S 43 3.50 -30.75 14.87
N LEU S 44 2.35 -30.51 14.25
CA LEU S 44 1.88 -29.16 13.96
C LEU S 44 0.77 -28.80 14.93
N ALA S 45 0.87 -27.62 15.51
CA ALA S 45 -0.14 -27.12 16.45
C ALA S 45 -0.65 -25.79 15.93
N THR S 46 -1.97 -25.60 15.97
CA THR S 46 -2.55 -24.33 15.60
C THR S 46 -3.48 -23.88 16.72
N GLU S 47 -3.99 -22.67 16.58
CA GLU S 47 -4.73 -22.02 17.65
C GLU S 47 -5.96 -21.34 17.07
N LYS S 48 -7.13 -21.93 17.34
CA LYS S 48 -8.38 -21.59 16.66
C LYS S 48 -9.41 -21.16 17.69
N LYS S 49 -9.62 -19.85 17.83
CA LYS S 49 -10.62 -19.34 18.75
C LYS S 49 -11.83 -18.86 17.98
N GLN S 50 -12.94 -19.56 18.17
CA GLN S 50 -14.23 -19.14 17.65
C GLN S 50 -14.64 -17.85 18.35
N LYS S 51 -15.16 -16.91 17.57
CA LYS S 51 -15.46 -15.58 18.10
C LYS S 51 -16.70 -15.55 18.98
N SER S 52 -17.43 -16.66 19.10
CA SER S 52 -18.64 -16.71 19.90
C SER S 52 -18.88 -18.13 20.38
N ILE S 53 -19.84 -18.27 21.29
CA ILE S 53 -20.30 -19.59 21.71
C ILE S 53 -21.28 -20.19 20.72
N LEU S 54 -21.79 -19.38 19.79
CA LEU S 54 -22.68 -19.84 18.74
C LEU S 54 -21.99 -20.72 17.71
N TYR S 55 -20.65 -20.69 17.67
CA TYR S 55 -19.97 -21.27 16.53
C TYR S 55 -19.85 -22.78 16.63
N ASP S 56 -19.53 -23.39 15.50
CA ASP S 56 -19.32 -24.83 15.39
C ASP S 56 -17.85 -25.05 15.06
N GLU S 57 -17.19 -25.90 15.83
CA GLU S 57 -15.80 -26.22 15.56
C GLU S 57 -15.67 -27.48 14.71
N ARG S 58 -16.78 -28.17 14.47
CA ARG S 58 -16.72 -29.43 13.73
C ARG S 58 -16.62 -29.18 12.23
N SER S 59 -16.93 -27.97 11.77
CA SER S 59 -17.03 -27.72 10.34
C SER S 59 -15.66 -27.46 9.73
N VAL S 60 -15.01 -26.37 10.14
CA VAL S 60 -13.78 -25.90 9.52
C VAL S 60 -12.61 -26.55 10.24
N HIS S 61 -11.65 -27.08 9.48
CA HIS S 61 -10.47 -27.72 10.03
C HIS S 61 -9.25 -26.93 9.59
N LYS S 62 -8.25 -26.81 10.47
CA LYS S 62 -7.06 -26.06 10.08
C LYS S 62 -5.93 -26.98 9.64
N VAL S 63 -5.64 -28.03 10.39
CA VAL S 63 -4.72 -29.07 9.93
C VAL S 63 -5.43 -29.76 8.77
N GLU S 64 -4.85 -29.66 7.58
CA GLU S 64 -5.47 -30.18 6.37
C GLU S 64 -4.46 -31.08 5.69
N PRO S 65 -4.77 -32.37 5.50
CA PRO S 65 -3.81 -33.28 4.87
C PRO S 65 -3.72 -33.05 3.37
N ILE S 66 -2.57 -33.37 2.80
CA ILE S 66 -2.34 -33.19 1.37
C ILE S 66 -2.16 -34.53 0.69
N THR S 67 -1.51 -35.47 1.38
CA THR S 67 -1.41 -36.84 0.95
C THR S 67 -1.80 -37.66 2.18
N LYS S 68 -1.50 -38.97 2.17
CA LYS S 68 -1.72 -39.74 3.39
C LYS S 68 -0.50 -39.68 4.31
N HIS S 69 0.45 -38.80 4.00
CA HIS S 69 1.60 -38.62 4.89
C HIS S 69 2.07 -37.18 4.97
N ILE S 70 1.29 -36.20 4.52
CA ILE S 70 1.72 -34.82 4.43
C ILE S 70 0.64 -33.90 4.97
N GLY S 71 0.98 -33.11 5.99
CA GLY S 71 0.09 -32.12 6.55
C GLY S 71 0.54 -30.71 6.22
N LEU S 72 -0.36 -29.75 6.48
CA LEU S 72 -0.15 -28.38 6.05
C LEU S 72 -1.04 -27.41 6.82
N VAL S 73 -0.45 -26.50 7.60
CA VAL S 73 -1.20 -25.49 8.34
C VAL S 73 -0.65 -24.11 7.96
N TYR S 74 -1.31 -23.07 8.47
CA TYR S 74 -0.94 -21.73 8.06
C TYR S 74 -0.89 -20.81 9.25
N SER S 75 -0.60 -19.55 8.95
CA SER S 75 -0.74 -18.42 9.87
C SER S 75 -0.96 -17.18 9.02
N GLY S 76 -2.22 -16.80 8.85
CA GLY S 76 -2.60 -15.76 7.93
C GLY S 76 -4.09 -15.75 7.73
N MET S 77 -4.52 -15.57 6.49
CA MET S 77 -5.94 -15.52 6.21
C MET S 77 -6.43 -16.73 5.42
N GLY S 78 -7.45 -17.38 5.96
CA GLY S 78 -8.08 -18.56 5.42
C GLY S 78 -8.58 -18.56 3.98
N PRO S 79 -9.31 -17.50 3.56
CA PRO S 79 -9.74 -17.46 2.16
C PRO S 79 -8.61 -17.41 1.15
N ASP S 80 -7.44 -16.86 1.50
CA ASP S 80 -6.29 -17.01 0.63
C ASP S 80 -5.57 -18.32 0.91
N TYR S 81 -5.85 -18.95 2.05
CA TYR S 81 -5.22 -20.23 2.36
C TYR S 81 -5.78 -21.36 1.51
N ARG S 82 -7.11 -21.44 1.39
CA ARG S 82 -7.74 -22.62 0.81
C ARG S 82 -7.45 -22.76 -0.69
N VAL S 83 -7.14 -21.65 -1.37
CA VAL S 83 -6.87 -21.67 -2.79
C VAL S 83 -5.58 -22.42 -3.06
N LEU S 84 -4.50 -22.07 -2.37
CA LEU S 84 -3.27 -22.82 -2.55
C LEU S 84 -3.28 -24.16 -1.83
N VAL S 85 -4.23 -24.38 -0.91
CA VAL S 85 -4.49 -25.74 -0.44
C VAL S 85 -4.94 -26.60 -1.60
N HIS S 86 -5.97 -26.13 -2.31
CA HIS S 86 -6.50 -26.89 -3.45
C HIS S 86 -5.48 -26.99 -4.57
N ARG S 87 -4.64 -25.96 -4.73
CA ARG S 87 -3.60 -25.98 -5.74
C ARG S 87 -2.55 -27.04 -5.40
N ALA S 88 -2.26 -27.20 -4.12
CA ALA S 88 -1.35 -28.28 -3.72
C ALA S 88 -2.01 -29.65 -3.86
N ARG S 89 -3.33 -29.71 -3.64
CA ARG S 89 -4.07 -30.96 -3.82
C ARG S 89 -4.01 -31.44 -5.26
N LYS S 90 -4.31 -30.55 -6.22
CA LYS S 90 -4.17 -30.92 -7.61
C LYS S 90 -2.72 -31.13 -8.00
N LEU S 91 -1.81 -30.40 -7.37
CA LEU S 91 -0.43 -30.38 -7.82
C LEU S 91 0.33 -31.63 -7.42
N ALA S 92 -0.02 -32.24 -6.28
CA ALA S 92 0.64 -33.50 -5.92
C ALA S 92 0.21 -34.64 -6.82
N GLN S 93 -0.98 -34.56 -7.39
CA GLN S 93 -1.53 -35.70 -8.08
C GLN S 93 -0.98 -35.86 -9.48
N GLN S 94 -0.46 -34.79 -10.09
CA GLN S 94 0.27 -34.99 -11.34
C GLN S 94 1.57 -35.71 -11.08
N TYR S 95 2.18 -35.49 -9.92
CA TYR S 95 3.36 -36.25 -9.57
C TYR S 95 2.99 -37.70 -9.29
N TYR S 96 1.79 -37.94 -8.78
CA TYR S 96 1.41 -39.32 -8.52
C TYR S 96 0.94 -40.01 -9.78
N LEU S 97 0.58 -39.24 -10.81
CA LEU S 97 0.20 -39.86 -12.09
C LEU S 97 1.43 -40.13 -12.94
N VAL S 98 2.38 -39.20 -12.99
CA VAL S 98 3.54 -39.37 -13.83
C VAL S 98 4.47 -40.43 -13.26
N TYR S 99 4.92 -40.25 -12.02
CA TYR S 99 5.98 -41.07 -11.49
C TYR S 99 5.49 -42.28 -10.71
N GLN S 100 4.20 -42.31 -10.36
CA GLN S 100 3.55 -43.40 -9.61
C GLN S 100 4.27 -43.70 -8.31
N GLU S 101 4.31 -42.69 -7.43
CA GLU S 101 5.16 -42.74 -6.26
C GLU S 101 4.69 -41.64 -5.32
N PRO S 102 4.73 -41.85 -4.01
CA PRO S 102 4.32 -40.80 -3.06
C PRO S 102 5.28 -39.62 -3.10
N ILE S 103 4.73 -38.43 -3.30
CA ILE S 103 5.51 -37.23 -3.62
C ILE S 103 6.29 -36.77 -2.40
N PRO S 104 7.56 -36.42 -2.54
CA PRO S 104 8.32 -35.87 -1.41
C PRO S 104 7.92 -34.44 -1.09
N THR S 105 7.92 -34.14 0.22
CA THR S 105 7.53 -32.83 0.71
C THR S 105 8.49 -31.75 0.21
N ALA S 106 9.77 -32.12 0.09
CA ALA S 106 10.76 -31.27 -0.55
C ALA S 106 10.34 -30.87 -1.94
N GLN S 107 9.76 -31.78 -2.71
CA GLN S 107 9.25 -31.42 -4.02
C GLN S 107 7.99 -30.56 -3.93
N LEU S 108 7.14 -30.81 -2.92
CA LEU S 108 5.95 -29.97 -2.72
C LEU S 108 6.29 -28.51 -2.51
N VAL S 109 7.27 -28.23 -1.65
CA VAL S 109 7.50 -26.86 -1.25
C VAL S 109 8.25 -26.11 -2.36
N GLN S 110 9.03 -26.86 -3.16
CA GLN S 110 9.59 -26.31 -4.39
C GLN S 110 8.47 -25.86 -5.33
N ARG S 111 7.47 -26.71 -5.54
CA ARG S 111 6.48 -26.41 -6.56
C ARG S 111 5.48 -25.35 -6.08
N VAL S 112 5.04 -25.45 -4.83
CA VAL S 112 4.12 -24.46 -4.27
C VAL S 112 4.81 -23.11 -4.15
N ALA S 113 6.09 -23.12 -3.76
CA ALA S 113 6.90 -21.91 -3.79
C ALA S 113 7.04 -21.32 -5.19
N SER S 114 7.10 -22.18 -6.21
CA SER S 114 7.15 -21.68 -7.58
C SER S 114 5.83 -21.03 -7.98
N VAL S 115 4.71 -21.62 -7.55
CA VAL S 115 3.39 -21.06 -7.79
C VAL S 115 3.26 -19.70 -7.13
N MET S 116 3.77 -19.56 -5.91
CA MET S 116 3.53 -18.35 -5.15
C MET S 116 4.43 -17.21 -5.60
N GLN S 117 5.72 -17.51 -5.81
CA GLN S 117 6.66 -16.53 -6.36
C GLN S 117 6.28 -16.12 -7.77
N GLU S 118 5.87 -17.08 -8.58
CA GLU S 118 5.34 -16.79 -9.91
C GLU S 118 4.04 -16.01 -9.82
N TYR S 119 3.33 -16.07 -8.69
CA TYR S 119 2.09 -15.34 -8.55
C TYR S 119 2.32 -13.93 -8.01
N THR S 120 3.49 -13.64 -7.42
CA THR S 120 3.79 -12.30 -6.94
C THR S 120 4.10 -11.32 -8.07
N GLN S 121 4.32 -11.82 -9.27
CA GLN S 121 4.79 -11.00 -10.38
C GLN S 121 3.77 -10.88 -11.51
N SER S 122 2.71 -11.68 -11.48
CA SER S 122 1.82 -11.78 -12.63
C SER S 122 0.87 -10.60 -12.73
N GLY S 123 -0.16 -10.75 -13.55
CA GLY S 123 -0.95 -9.60 -13.93
C GLY S 123 -1.98 -9.20 -12.90
N GLY S 124 -1.64 -8.12 -12.19
CA GLY S 124 -2.57 -7.39 -11.35
C GLY S 124 -3.24 -8.17 -10.24
N VAL S 125 -2.46 -8.76 -9.34
CA VAL S 125 -3.02 -9.46 -8.19
C VAL S 125 -2.33 -8.97 -6.94
N ARG S 126 -2.99 -9.08 -5.82
CA ARG S 126 -2.17 -8.96 -4.64
C ARG S 126 -1.51 -10.31 -4.36
N PRO S 127 -0.40 -10.36 -3.61
CA PRO S 127 0.13 -11.66 -3.21
C PRO S 127 -0.76 -12.30 -2.15
N PHE S 128 -0.53 -13.58 -1.91
CA PHE S 128 -1.26 -14.25 -0.85
C PHE S 128 -0.79 -13.75 0.51
N GLY S 129 -1.71 -13.67 1.45
CA GLY S 129 -1.36 -13.30 2.80
C GLY S 129 -1.12 -14.47 3.72
N VAL S 130 -0.51 -15.55 3.24
CA VAL S 130 -0.48 -16.80 3.97
C VAL S 130 0.95 -17.25 4.16
N SER S 131 1.30 -17.67 5.38
CA SER S 131 2.58 -18.31 5.66
C SER S 131 2.34 -19.74 6.13
N LEU S 132 2.82 -20.70 5.36
CA LEU S 132 2.49 -22.11 5.55
C LEU S 132 3.55 -22.81 6.39
N LEU S 133 3.11 -23.87 7.07
CA LEU S 133 4.01 -24.86 7.65
C LEU S 133 3.65 -26.19 7.04
N ILE S 134 4.62 -26.84 6.40
CA ILE S 134 4.37 -28.08 5.67
C ILE S 134 5.24 -29.17 6.26
N CYS S 135 4.62 -30.27 6.65
CA CYS S 135 5.30 -31.36 7.33
C CYS S 135 5.14 -32.62 6.50
N GLY S 136 5.74 -33.70 6.98
CA GLY S 136 5.65 -34.96 6.28
C GLY S 136 6.78 -35.91 6.63
N TRP S 137 6.63 -37.18 6.28
CA TRP S 137 7.58 -38.21 6.64
C TRP S 137 7.97 -39.01 5.41
N ASN S 138 8.99 -38.53 4.69
CA ASN S 138 9.44 -39.16 3.46
C ASN S 138 10.84 -39.71 3.65
N GLU S 139 11.03 -40.96 3.23
CA GLU S 139 12.30 -41.70 3.14
C GLU S 139 12.99 -41.88 4.48
N GLY S 140 12.31 -41.74 5.61
CA GLY S 140 12.89 -42.09 6.89
C GLY S 140 13.23 -40.92 7.79
N ARG S 141 13.29 -39.71 7.27
CA ARG S 141 13.59 -38.54 8.09
C ARG S 141 12.46 -37.54 7.93
N PRO S 142 11.69 -37.27 8.98
CA PRO S 142 10.54 -36.39 8.85
C PRO S 142 10.96 -34.94 8.67
N TYR S 143 10.23 -34.24 7.80
CA TYR S 143 10.62 -32.90 7.38
C TYR S 143 9.60 -31.89 7.89
N LEU S 144 10.07 -30.65 8.05
CA LEU S 144 9.21 -29.52 8.39
C LEU S 144 9.70 -28.29 7.64
N PHE S 145 8.87 -27.76 6.74
CA PHE S 145 9.22 -26.61 5.93
C PHE S 145 8.26 -25.47 6.20
N GLN S 146 8.73 -24.25 5.95
CA GLN S 146 7.92 -23.04 6.05
C GLN S 146 8.07 -22.22 4.78
N SER S 147 6.96 -21.83 4.18
CA SER S 147 6.96 -20.86 3.10
C SER S 147 6.40 -19.53 3.60
N ASP S 148 6.26 -18.56 2.69
CA ASP S 148 5.93 -17.20 3.06
C ASP S 148 5.39 -16.49 1.83
N PRO S 149 4.78 -15.29 1.99
CA PRO S 149 4.35 -14.54 0.81
C PRO S 149 5.44 -14.09 -0.15
N SER S 150 6.72 -14.14 0.25
CA SER S 150 7.79 -13.83 -0.69
C SER S 150 8.12 -14.99 -1.60
N GLY S 151 7.44 -16.13 -1.44
CA GLY S 151 7.75 -17.31 -2.20
C GLY S 151 8.95 -18.07 -1.71
N ALA S 152 9.60 -17.61 -0.65
CA ALA S 152 10.78 -18.29 -0.12
C ALA S 152 10.38 -19.56 0.60
N TYR S 153 11.39 -20.34 0.97
CA TYR S 153 11.14 -21.55 1.72
C TYR S 153 12.33 -21.86 2.61
N PHE S 154 12.03 -22.17 3.85
CA PHE S 154 13.03 -22.41 4.88
C PHE S 154 12.89 -23.85 5.37
N ALA S 155 13.87 -24.29 6.14
CA ALA S 155 13.88 -25.64 6.68
C ALA S 155 14.15 -25.54 8.17
N TRP S 156 13.09 -25.39 8.97
CA TRP S 156 13.21 -25.09 10.38
C TRP S 156 13.26 -26.38 11.19
N LYS S 157 13.93 -26.33 12.35
CA LYS S 157 13.81 -27.43 13.29
C LYS S 157 12.48 -27.36 14.04
N ALA S 158 12.17 -26.21 14.64
CA ALA S 158 10.92 -26.02 15.36
C ALA S 158 10.58 -24.53 15.43
N THR S 159 9.69 -24.07 14.56
CA THR S 159 9.44 -22.65 14.44
C THR S 159 8.01 -22.32 14.84
N ALA S 160 7.68 -21.04 14.74
CA ALA S 160 6.35 -20.54 15.04
C ALA S 160 6.08 -19.29 14.24
N MET S 161 4.85 -19.16 13.74
CA MET S 161 4.42 -18.02 12.96
C MET S 161 3.17 -17.43 13.59
N GLY S 162 2.77 -16.26 13.12
CA GLY S 162 1.59 -15.60 13.63
C GLY S 162 1.92 -14.54 14.66
N LYS S 163 0.98 -14.36 15.59
CA LYS S 163 1.19 -13.43 16.69
C LYS S 163 2.29 -13.92 17.62
N ASN S 164 3.09 -12.95 18.12
CA ASN S 164 4.10 -13.17 19.14
C ASN S 164 5.13 -14.21 18.73
N TYR S 165 5.54 -14.19 17.47
CA TYR S 165 6.45 -15.23 17.00
C TYR S 165 7.88 -14.97 17.45
N VAL S 166 8.19 -13.78 17.97
CA VAL S 166 9.45 -13.59 18.65
C VAL S 166 9.38 -14.13 20.07
N ASN S 167 8.18 -14.10 20.68
CA ASN S 167 8.01 -14.70 21.99
C ASN S 167 8.09 -16.20 21.91
N GLY S 168 7.31 -16.81 21.01
CA GLY S 168 7.41 -18.24 20.80
C GLY S 168 8.69 -18.64 20.12
N LYS S 169 9.36 -17.70 19.45
CA LYS S 169 10.63 -18.02 18.83
C LYS S 169 11.71 -18.18 19.88
N THR S 170 11.82 -17.23 20.82
CA THR S 170 12.77 -17.36 21.92
C THR S 170 12.38 -18.49 22.86
N PHE S 171 11.08 -18.74 23.01
CA PHE S 171 10.64 -19.87 23.82
C PHE S 171 11.04 -21.18 23.17
N LEU S 172 10.96 -21.24 21.84
CA LEU S 172 11.42 -22.44 21.13
C LEU S 172 12.91 -22.39 20.84
N GLU S 173 13.61 -21.36 21.33
CA GLU S 173 15.06 -21.36 21.19
C GLU S 173 15.70 -22.22 22.28
N LYS S 174 15.15 -22.14 23.49
CA LYS S 174 15.73 -22.89 24.61
C LYS S 174 14.93 -24.14 24.90
N ARG S 175 13.60 -24.03 25.01
CA ARG S 175 12.80 -25.16 25.45
C ARG S 175 12.69 -26.22 24.37
N TYR S 176 12.69 -25.82 23.11
CA TYR S 176 12.90 -26.80 22.06
C TYR S 176 14.39 -27.15 22.02
N ASN S 177 14.68 -28.37 21.60
CA ASN S 177 16.01 -28.90 21.83
C ASN S 177 16.41 -29.99 20.85
N GLU S 178 17.47 -30.72 21.21
CA GLU S 178 18.15 -31.74 20.40
C GLU S 178 17.15 -32.78 19.91
N ASP S 179 16.51 -33.54 20.79
CA ASP S 179 15.72 -34.69 20.36
C ASP S 179 14.72 -35.05 21.44
N LEU S 180 13.51 -35.40 21.01
CA LEU S 180 12.43 -35.75 21.91
C LEU S 180 11.75 -37.01 21.42
N GLU S 181 10.57 -37.27 21.98
CA GLU S 181 9.67 -38.23 21.38
C GLU S 181 8.45 -37.52 20.82
N LEU S 182 7.58 -38.32 20.18
CA LEU S 182 6.38 -37.80 19.58
C LEU S 182 5.45 -37.17 20.60
N GLU S 183 5.29 -37.80 21.76
CA GLU S 183 4.46 -37.19 22.80
C GLU S 183 5.16 -36.01 23.44
N ASP S 184 6.49 -36.00 23.40
CA ASP S 184 7.23 -34.93 24.07
C ASP S 184 7.23 -33.66 23.25
N ALA S 185 7.07 -33.78 21.93
CA ALA S 185 6.89 -32.60 21.11
C ALA S 185 5.53 -31.95 21.36
N ILE S 186 4.53 -32.77 21.71
CA ILE S 186 3.18 -32.28 21.90
C ILE S 186 3.10 -31.39 23.13
N HIS S 187 3.86 -31.76 24.16
CA HIS S 187 3.88 -31.01 25.42
C HIS S 187 4.43 -29.60 25.21
N THR S 188 5.60 -29.50 24.60
CA THR S 188 6.18 -28.19 24.39
C THR S 188 5.45 -27.40 23.30
N ALA S 189 4.78 -28.08 22.37
CA ALA S 189 4.00 -27.38 21.37
C ALA S 189 2.74 -26.76 21.98
N ILE S 190 2.06 -27.52 22.84
CA ILE S 190 0.89 -26.99 23.54
C ILE S 190 1.30 -25.92 24.54
N LEU S 191 2.51 -26.02 25.09
CA LEU S 191 3.02 -24.98 25.97
C LEU S 191 3.27 -23.69 25.19
N THR S 192 3.90 -23.78 24.03
CA THR S 192 4.23 -22.56 23.31
C THR S 192 3.01 -21.99 22.59
N LEU S 193 1.97 -22.80 22.40
CA LEU S 193 0.68 -22.23 22.00
C LEU S 193 -0.06 -21.70 23.22
N LYS S 194 0.33 -22.17 24.41
CA LYS S 194 -0.21 -21.64 25.66
C LYS S 194 0.57 -20.45 26.16
N GLU S 195 1.52 -19.97 25.35
CA GLU S 195 2.22 -18.73 25.67
C GLU S 195 1.34 -17.51 25.43
N SER S 196 0.57 -17.50 24.34
CA SER S 196 -0.19 -16.32 23.95
C SER S 196 -1.67 -16.60 23.74
N PHE S 197 -2.28 -17.44 24.57
CA PHE S 197 -3.69 -17.74 24.45
C PHE S 197 -4.47 -16.99 25.52
N GLU S 198 -5.79 -17.24 25.54
CA GLU S 198 -6.66 -16.65 26.55
C GLU S 198 -6.62 -17.47 27.83
N GLY S 199 -7.58 -17.22 28.71
CA GLY S 199 -7.57 -17.82 30.03
C GLY S 199 -7.99 -19.28 30.12
N GLN S 200 -8.31 -19.90 28.99
CA GLN S 200 -8.75 -21.29 28.96
C GLN S 200 -8.44 -21.88 27.60
N MET S 201 -8.03 -23.14 27.58
CA MET S 201 -7.70 -23.83 26.34
C MET S 201 -8.31 -25.22 26.38
N THR S 202 -9.25 -25.45 25.48
CA THR S 202 -10.03 -26.67 25.50
C THR S 202 -9.76 -27.43 24.22
N GLU S 203 -10.58 -28.46 23.98
CA GLU S 203 -10.48 -29.23 22.75
C GLU S 203 -10.97 -28.43 21.54
N ASP S 204 -11.70 -27.34 21.78
CA ASP S 204 -12.21 -26.55 20.68
C ASP S 204 -11.25 -25.42 20.31
N ASN S 205 -10.32 -25.10 21.20
CA ASN S 205 -9.39 -24.01 20.91
C ASN S 205 -8.23 -24.49 20.06
N ILE S 206 -7.42 -25.41 20.57
CA ILE S 206 -6.30 -25.95 19.83
C ILE S 206 -6.83 -27.02 18.89
N GLU S 207 -5.97 -27.42 17.96
CA GLU S 207 -6.23 -28.53 17.04
C GLU S 207 -4.90 -28.98 16.46
N VAL S 208 -4.48 -30.18 16.84
CA VAL S 208 -3.10 -30.61 16.72
C VAL S 208 -3.01 -31.84 15.82
N GLY S 209 -2.16 -31.79 14.81
CA GLY S 209 -1.91 -32.93 13.95
C GLY S 209 -0.49 -33.41 13.99
N ILE S 210 -0.25 -34.67 13.65
CA ILE S 210 1.06 -35.29 13.71
C ILE S 210 1.35 -35.97 12.38
N CYS S 211 2.60 -36.35 12.17
CA CYS S 211 2.99 -37.27 11.11
C CYS S 211 3.75 -38.43 11.74
N ASN S 212 3.16 -39.61 11.73
CA ASN S 212 3.99 -40.76 12.01
C ASN S 212 4.80 -41.09 10.77
N GLU S 213 5.87 -41.85 10.95
CA GLU S 213 6.62 -42.29 9.78
C GLU S 213 5.88 -43.40 9.05
N ALA S 214 4.90 -44.03 9.71
CA ALA S 214 4.05 -45.01 9.04
C ALA S 214 2.89 -44.35 8.31
N GLY S 215 2.59 -43.10 8.63
CA GLY S 215 1.54 -42.39 7.92
C GLY S 215 0.98 -41.25 8.74
N PHE S 216 0.30 -40.35 8.05
CA PHE S 216 -0.34 -39.21 8.70
C PHE S 216 -1.52 -39.67 9.53
N ARG S 217 -1.82 -38.93 10.60
CA ARG S 217 -3.08 -39.07 11.34
C ARG S 217 -3.40 -37.78 12.06
N ARG S 218 -4.38 -37.04 11.56
CA ARG S 218 -4.93 -35.91 12.29
C ARG S 218 -5.63 -36.40 13.56
N LEU S 219 -5.39 -35.69 14.66
CA LEU S 219 -5.87 -36.13 15.96
C LEU S 219 -7.27 -35.61 16.22
N THR S 220 -7.94 -36.27 17.17
CA THR S 220 -9.32 -36.07 17.51
C THR S 220 -9.41 -35.21 18.77
N PRO S 221 -10.54 -34.53 19.00
CA PRO S 221 -10.69 -33.77 20.24
C PRO S 221 -10.74 -34.61 21.51
N THR S 222 -10.90 -35.93 21.40
CA THR S 222 -10.75 -36.80 22.56
C THR S 222 -9.34 -36.71 23.13
N GLU S 223 -8.33 -37.02 22.31
CA GLU S 223 -6.95 -36.95 22.78
C GLU S 223 -6.45 -35.51 22.84
N VAL S 224 -7.03 -34.61 22.06
CA VAL S 224 -6.65 -33.21 22.15
C VAL S 224 -7.14 -32.62 23.46
N LYS S 225 -8.26 -33.14 23.96
CA LYS S 225 -8.71 -32.78 25.29
C LYS S 225 -7.98 -33.54 26.39
N ASP S 226 -7.49 -34.75 26.09
CA ASP S 226 -6.78 -35.51 27.11
C ASP S 226 -5.37 -34.99 27.34
N TYR S 227 -4.71 -34.47 26.31
CA TYR S 227 -3.32 -34.09 26.50
C TYR S 227 -3.21 -32.76 27.22
N LEU S 228 -4.14 -31.85 26.94
CA LEU S 228 -4.14 -30.50 27.51
C LEU S 228 -4.96 -30.52 28.80
N ALA S 229 -4.55 -31.33 29.76
CA ALA S 229 -5.40 -31.62 30.92
C ALA S 229 -4.91 -31.28 32.34
N ALA S 230 -3.68 -31.57 32.81
CA ALA S 230 -2.33 -31.58 32.19
C ALA S 230 -2.12 -30.33 31.36
N ILE S 231 -2.09 -29.19 32.07
CA ILE S 231 -1.89 -27.90 31.43
C ILE S 231 -0.51 -27.88 30.80
N ALA S 232 -0.50 -27.93 29.47
CA ALA S 232 0.59 -28.44 28.62
C ALA S 232 0.99 -29.86 29.02
N SER T 1 -8.53 2.86 -15.12
CA SER T 1 -7.96 1.62 -15.63
C SER T 1 -6.50 1.80 -15.97
N ARG T 2 -6.17 2.96 -16.53
CA ARG T 2 -4.78 3.26 -16.81
C ARG T 2 -4.20 4.20 -15.77
N ARG T 3 -5.05 4.82 -14.96
CA ARG T 3 -4.55 5.66 -13.88
C ARG T 3 -4.14 4.83 -12.66
N TYR T 4 -4.34 3.53 -12.70
CA TYR T 4 -3.77 2.66 -11.68
C TYR T 4 -2.46 2.04 -12.13
N ASP T 5 -2.03 2.36 -13.35
CA ASP T 5 -0.82 1.75 -13.91
C ASP T 5 0.42 2.37 -13.31
N SER T 6 1.42 1.54 -13.08
CA SER T 6 2.62 1.96 -12.35
C SER T 6 3.79 2.31 -13.26
N ARG T 7 3.70 1.97 -14.56
CA ARG T 7 4.65 2.41 -15.60
C ARG T 7 6.08 1.93 -15.32
N THR T 8 6.28 0.62 -15.38
CA THR T 8 7.56 0.05 -15.02
C THR T 8 8.57 0.05 -16.16
N THR T 9 8.20 0.55 -17.33
CA THR T 9 9.00 0.29 -18.52
C THR T 9 9.63 1.57 -19.06
N ILE T 10 8.98 2.71 -18.83
CA ILE T 10 9.29 3.94 -19.55
C ILE T 10 10.60 4.53 -19.06
N PHE T 11 11.31 5.20 -19.97
CA PHE T 11 12.41 6.07 -19.59
C PHE T 11 11.91 7.22 -18.73
N SER T 12 12.79 7.71 -17.86
CA SER T 12 12.51 8.79 -16.91
C SER T 12 13.30 10.01 -17.30
N PRO T 13 12.80 11.23 -17.12
CA PRO T 13 13.28 12.38 -17.92
C PRO T 13 14.70 12.88 -17.63
N GLU T 14 15.52 12.14 -16.89
CA GLU T 14 16.88 12.61 -16.64
C GLU T 14 17.93 11.97 -17.54
N GLY T 15 17.69 10.75 -18.06
CA GLY T 15 18.65 10.05 -18.87
C GLY T 15 18.66 8.55 -18.72
N ARG T 16 18.23 8.01 -17.59
CA ARG T 16 18.43 6.61 -17.29
C ARG T 16 17.11 5.86 -17.16
N LEU T 17 17.20 4.54 -17.27
CA LEU T 17 16.09 3.65 -16.91
C LEU T 17 15.86 3.78 -15.41
N TYR T 18 14.64 4.15 -15.04
CA TYR T 18 14.35 4.44 -13.64
C TYR T 18 14.19 3.17 -12.83
N GLN T 19 13.77 2.09 -13.47
CA GLN T 19 13.39 0.91 -12.72
C GLN T 19 14.57 -0.02 -12.52
N VAL T 20 15.50 -0.04 -13.47
CA VAL T 20 16.63 -0.96 -13.40
C VAL T 20 17.62 -0.52 -12.31
N GLU T 21 17.67 0.78 -12.03
CA GLU T 21 18.49 1.27 -10.93
C GLU T 21 17.96 0.76 -9.59
N TYR T 22 16.65 0.84 -9.40
CA TYR T 22 16.06 0.32 -8.17
C TYR T 22 16.06 -1.19 -8.16
N ALA T 23 16.23 -1.81 -9.33
CA ALA T 23 16.50 -3.24 -9.36
C ALA T 23 17.87 -3.54 -8.78
N MET T 24 18.89 -2.79 -9.22
CA MET T 24 20.25 -3.03 -8.77
C MET T 24 20.44 -2.70 -7.29
N GLU T 25 19.63 -1.77 -6.76
CA GLU T 25 19.69 -1.47 -5.34
C GLU T 25 19.21 -2.61 -4.47
N ALA T 26 18.38 -3.52 -5.01
CA ALA T 26 17.96 -4.68 -4.23
C ALA T 26 19.03 -5.76 -4.26
N ILE T 27 19.76 -5.87 -5.36
CA ILE T 27 20.94 -6.73 -5.39
C ILE T 27 21.99 -6.22 -4.43
N GLY T 28 22.04 -4.90 -4.21
CA GLY T 28 22.95 -4.34 -3.21
C GLY T 28 22.68 -4.78 -1.77
N HIS T 29 21.55 -5.40 -1.50
CA HIS T 29 21.28 -5.93 -0.18
C HIS T 29 21.35 -7.46 -0.17
N ALA T 30 21.74 -8.00 0.99
CA ALA T 30 21.48 -9.38 1.43
C ALA T 30 22.34 -10.38 0.66
N GLY T 31 23.28 -9.95 -0.19
CA GLY T 31 24.02 -10.93 -0.95
C GLY T 31 25.52 -10.72 -0.84
N THR T 32 26.26 -11.83 -0.79
CA THR T 32 27.72 -11.80 -0.87
C THR T 32 28.21 -13.07 -1.57
N CYS T 33 28.77 -12.90 -2.78
CA CYS T 33 29.32 -13.99 -3.56
C CYS T 33 30.53 -13.51 -4.35
N LEU T 34 31.48 -14.42 -4.56
CA LEU T 34 32.66 -14.11 -5.35
C LEU T 34 33.31 -15.40 -5.86
N GLY T 35 34.22 -15.22 -6.81
CA GLY T 35 34.98 -16.31 -7.38
C GLY T 35 36.40 -15.85 -7.61
N ILE T 36 37.30 -16.81 -7.81
CA ILE T 36 38.73 -16.52 -7.76
C ILE T 36 39.39 -16.90 -9.07
N LEU T 37 40.49 -16.21 -9.39
CA LEU T 37 41.39 -16.56 -10.48
C LEU T 37 42.01 -17.92 -10.21
N ALA T 38 41.63 -18.93 -10.97
CA ALA T 38 42.14 -20.25 -10.64
C ALA T 38 42.34 -21.08 -11.88
N ASN T 39 43.54 -21.64 -12.01
CA ASN T 39 43.78 -22.78 -12.88
C ASN T 39 43.38 -24.04 -12.12
N ASP T 40 43.23 -25.14 -12.89
CA ASP T 40 42.84 -26.52 -12.48
C ASP T 40 41.81 -26.56 -11.33
N GLY T 41 40.85 -25.66 -11.40
CA GLY T 41 39.91 -25.40 -10.32
C GLY T 41 39.25 -24.08 -10.54
N VAL T 42 38.15 -23.87 -9.82
CA VAL T 42 37.44 -22.61 -9.71
C VAL T 42 36.52 -22.71 -8.50
N LEU T 43 36.43 -21.64 -7.72
CA LEU T 43 35.73 -21.68 -6.45
C LEU T 43 34.65 -20.61 -6.40
N LEU T 44 33.66 -20.85 -5.55
CA LEU T 44 32.60 -19.89 -5.28
C LEU T 44 32.53 -19.64 -3.78
N ALA T 45 32.08 -18.44 -3.41
CA ALA T 45 31.98 -18.09 -2.00
C ALA T 45 30.54 -17.73 -1.69
N ALA T 46 30.13 -18.04 -0.46
CA ALA T 46 28.76 -17.79 -0.05
C ALA T 46 28.73 -17.37 1.40
N GLU T 47 27.82 -16.46 1.70
CA GLU T 47 27.63 -15.92 3.05
C GLU T 47 26.26 -16.35 3.55
N ARG T 48 26.24 -17.04 4.69
CA ARG T 48 24.98 -17.47 5.28
C ARG T 48 24.17 -16.26 5.74
N ARG T 49 22.97 -16.12 5.17
CA ARG T 49 22.09 -15.05 5.62
C ARG T 49 21.40 -15.43 6.93
N ASN T 50 20.85 -16.64 6.99
CA ASN T 50 20.22 -17.15 8.20
C ASN T 50 21.17 -18.11 8.89
N ILE T 51 21.92 -17.59 9.85
CA ILE T 51 22.87 -18.40 10.62
C ILE T 51 22.32 -18.77 11.98
N HIS T 52 20.99 -18.77 12.13
CA HIS T 52 20.37 -19.10 13.40
C HIS T 52 20.52 -20.58 13.70
N LYS T 53 20.44 -20.96 14.97
CA LYS T 53 20.64 -22.33 15.41
C LYS T 53 19.40 -23.19 15.26
N LEU T 54 18.47 -22.81 14.40
CA LEU T 54 17.18 -23.49 14.37
C LEU T 54 16.83 -23.99 12.97
N LEU T 55 17.74 -23.82 12.02
CA LEU T 55 17.53 -24.38 10.68
C LEU T 55 17.92 -25.86 10.64
N ASP T 56 17.58 -26.51 9.53
CA ASP T 56 17.77 -27.95 9.44
C ASP T 56 19.08 -28.37 8.82
N GLU T 57 19.63 -27.54 7.91
CA GLU T 57 20.82 -27.85 7.11
C GLU T 57 20.69 -29.17 6.36
N VAL T 58 19.49 -29.47 5.87
CA VAL T 58 19.27 -30.73 5.15
C VAL T 58 19.17 -30.53 3.64
N PHE T 59 19.26 -29.30 3.16
CA PHE T 59 19.23 -29.04 1.73
C PHE T 59 20.53 -29.43 1.04
N PHE T 60 21.66 -29.36 1.76
CA PHE T 60 23.01 -29.74 1.33
C PHE T 60 23.50 -28.73 0.30
N SER T 61 22.79 -27.63 0.06
CA SER T 61 23.29 -26.48 -0.67
C SER T 61 22.38 -25.30 -0.40
N GLU T 62 22.95 -24.19 0.03
CA GLU T 62 22.17 -23.05 0.50
C GLU T 62 22.19 -21.89 -0.50
N LYS T 63 23.28 -21.75 -1.23
CA LYS T 63 23.42 -20.67 -2.20
C LYS T 63 24.06 -21.15 -3.50
N ILE T 64 24.35 -22.44 -3.61
CA ILE T 64 24.95 -23.03 -4.78
C ILE T 64 23.90 -23.91 -5.45
N TYR T 65 23.66 -23.70 -6.73
CA TYR T 65 22.69 -24.49 -7.47
C TYR T 65 23.40 -25.21 -8.60
N LYS T 66 23.26 -26.54 -8.65
CA LYS T 66 23.97 -27.36 -9.62
C LYS T 66 23.03 -27.62 -10.79
N LEU T 67 23.33 -27.00 -11.94
CA LEU T 67 22.37 -26.97 -13.04
C LEU T 67 22.80 -27.77 -14.26
N ASN T 68 23.90 -28.50 -14.19
CA ASN T 68 24.29 -29.45 -15.24
C ASN T 68 25.30 -30.40 -14.60
N GLU T 69 25.95 -31.21 -15.43
CA GLU T 69 27.11 -31.95 -14.92
C GLU T 69 28.28 -31.01 -14.63
N ASP T 70 28.36 -29.91 -15.37
CA ASP T 70 29.61 -29.16 -15.43
C ASP T 70 29.51 -27.75 -14.89
N MET T 71 28.34 -27.27 -14.50
CA MET T 71 28.18 -25.85 -14.22
C MET T 71 27.40 -25.67 -12.93
N ALA T 72 27.45 -24.44 -12.40
CA ALA T 72 26.70 -24.06 -11.21
C ALA T 72 26.51 -22.56 -11.21
N CYS T 73 25.72 -22.07 -10.25
CA CYS T 73 25.44 -20.65 -10.16
C CYS T 73 25.22 -20.28 -8.71
N SER T 74 25.24 -18.98 -8.41
CA SER T 74 25.16 -18.48 -7.05
C SER T 74 24.11 -17.39 -6.94
N VAL T 75 23.00 -17.71 -6.28
CA VAL T 75 21.85 -16.81 -6.13
C VAL T 75 22.25 -15.59 -5.31
N ALA T 76 21.85 -14.40 -5.77
CA ALA T 76 21.98 -13.18 -5.01
C ALA T 76 20.66 -12.41 -5.04
N GLY T 77 20.19 -12.02 -3.87
CA GLY T 77 19.00 -11.19 -3.81
C GLY T 77 17.73 -11.95 -3.47
N ILE T 78 16.65 -11.66 -4.19
CA ILE T 78 15.36 -12.31 -3.95
C ILE T 78 15.45 -13.75 -4.42
N THR T 79 15.42 -14.69 -3.48
CA THR T 79 15.90 -16.04 -3.73
C THR T 79 14.95 -16.82 -4.64
N SER T 80 13.64 -16.67 -4.45
CA SER T 80 12.71 -17.52 -5.18
C SER T 80 12.54 -17.05 -6.62
N ASP T 81 12.90 -15.80 -6.89
CA ASP T 81 12.96 -15.35 -8.27
C ASP T 81 14.08 -16.08 -9.01
N ALA T 82 15.19 -16.32 -8.32
CA ALA T 82 16.21 -17.21 -8.84
C ALA T 82 15.73 -18.66 -8.84
N ASN T 83 14.77 -19.00 -7.98
CA ASN T 83 14.15 -20.31 -8.11
C ASN T 83 13.19 -20.40 -9.28
N VAL T 84 12.89 -19.28 -9.94
CA VAL T 84 12.33 -19.38 -11.29
C VAL T 84 13.45 -19.49 -12.32
N LEU T 85 14.52 -18.69 -12.13
CA LEU T 85 15.57 -18.60 -13.14
C LEU T 85 16.40 -19.87 -13.25
N THR T 86 16.44 -20.71 -12.21
CA THR T 86 17.23 -21.93 -12.32
C THR T 86 16.39 -23.06 -12.91
N ASN T 87 15.07 -22.99 -12.74
CA ASN T 87 14.21 -23.92 -13.47
C ASN T 87 14.24 -23.63 -14.95
N GLU T 88 14.07 -22.36 -15.33
CA GLU T 88 14.18 -21.94 -16.72
C GLU T 88 15.55 -22.24 -17.29
N LEU T 89 16.60 -21.88 -16.55
CA LEU T 89 17.96 -22.02 -17.06
C LEU T 89 18.37 -23.47 -17.16
N ARG T 90 17.97 -24.28 -16.18
CA ARG T 90 18.27 -25.71 -16.21
C ARG T 90 17.54 -26.38 -17.37
N LEU T 91 16.33 -25.90 -17.67
CA LEU T 91 15.59 -26.47 -18.79
C LEU T 91 16.21 -26.06 -20.12
N ILE T 92 16.78 -24.85 -20.19
CA ILE T 92 17.49 -24.41 -21.40
C ILE T 92 18.71 -25.28 -21.66
N ALA T 93 19.51 -25.52 -20.61
CA ALA T 93 20.69 -26.34 -20.74
C ALA T 93 20.33 -27.77 -21.14
N GLN T 94 19.25 -28.30 -20.56
CA GLN T 94 18.93 -29.69 -20.85
C GLN T 94 18.29 -29.84 -22.22
N ARG T 95 17.56 -28.83 -22.71
CA ARG T 95 17.06 -28.94 -24.07
C ARG T 95 18.16 -28.75 -25.11
N TYR T 96 19.22 -28.00 -24.79
CA TYR T 96 20.37 -27.95 -25.69
C TYR T 96 21.08 -29.30 -25.70
N LEU T 97 21.08 -30.00 -24.56
CA LEU T 97 21.65 -31.34 -24.57
C LEU T 97 20.78 -32.31 -25.36
N LEU T 98 19.47 -32.08 -25.40
CA LEU T 98 18.61 -32.88 -26.27
C LEU T 98 18.93 -32.65 -27.74
N GLN T 99 19.11 -31.39 -28.13
CA GLN T 99 19.10 -31.06 -29.55
C GLN T 99 20.43 -31.40 -30.23
N TYR T 100 21.48 -31.66 -29.45
CA TYR T 100 22.81 -31.77 -30.04
C TYR T 100 23.66 -32.94 -29.54
N GLN T 101 23.20 -33.69 -28.52
CA GLN T 101 23.97 -34.74 -27.80
C GLN T 101 25.32 -34.24 -27.32
N GLU T 102 25.41 -33.02 -26.81
CA GLU T 102 26.70 -32.44 -26.47
C GLU T 102 26.48 -31.41 -25.37
N PRO T 103 27.39 -31.28 -24.39
CA PRO T 103 27.17 -30.34 -23.29
C PRO T 103 27.19 -28.88 -23.70
N ILE T 104 26.33 -28.10 -23.07
CA ILE T 104 26.07 -26.71 -23.45
C ILE T 104 27.25 -25.83 -23.03
N PRO T 105 27.84 -25.07 -23.96
CA PRO T 105 28.84 -24.07 -23.57
C PRO T 105 28.18 -22.91 -22.84
N CYS T 106 28.99 -22.24 -22.02
CA CYS T 106 28.42 -21.39 -20.98
C CYS T 106 27.91 -20.07 -21.52
N GLU T 107 28.51 -19.57 -22.60
CA GLU T 107 28.21 -18.24 -23.14
C GLU T 107 26.78 -18.14 -23.63
N GLN T 108 26.38 -19.06 -24.49
CA GLN T 108 25.04 -19.04 -25.02
C GLN T 108 24.02 -19.51 -23.99
N LEU T 109 24.48 -20.17 -22.93
CA LEU T 109 23.63 -20.36 -21.76
C LEU T 109 23.38 -19.03 -21.06
N VAL T 110 24.39 -18.18 -21.00
CA VAL T 110 24.23 -16.88 -20.36
C VAL T 110 23.33 -15.97 -21.18
N THR T 111 23.54 -15.91 -22.50
CA THR T 111 22.73 -15.05 -23.34
C THR T 111 21.30 -15.60 -23.45
N ALA T 112 21.16 -16.93 -23.40
CA ALA T 112 19.85 -17.54 -23.43
C ALA T 112 19.05 -17.23 -22.17
N LEU T 113 19.74 -16.97 -21.06
CA LEU T 113 19.02 -16.43 -19.90
C LEU T 113 18.76 -14.95 -20.05
N CYS T 114 19.78 -14.17 -20.40
CA CYS T 114 19.69 -12.72 -20.31
C CYS T 114 18.74 -12.13 -21.34
N ASP T 115 18.39 -12.90 -22.37
CA ASP T 115 17.34 -12.45 -23.28
C ASP T 115 15.97 -12.47 -22.62
N ILE T 116 15.81 -13.26 -21.56
CA ILE T 116 14.52 -13.33 -20.88
C ILE T 116 14.37 -12.17 -19.89
N LYS T 117 15.41 -11.94 -19.08
CA LYS T 117 15.42 -10.80 -18.17
C LYS T 117 15.34 -9.49 -18.95
N GLN T 118 16.12 -9.43 -20.04
CA GLN T 118 16.03 -8.31 -20.96
C GLN T 118 14.66 -8.22 -21.58
N ALA T 119 14.02 -9.37 -21.82
CA ALA T 119 12.69 -9.37 -22.42
C ALA T 119 11.65 -8.83 -21.46
N TYR T 120 11.89 -8.92 -20.14
CA TYR T 120 10.97 -8.26 -19.23
C TYR T 120 11.31 -6.79 -19.05
N THR T 121 12.58 -6.41 -19.26
CA THR T 121 12.87 -4.99 -19.16
C THR T 121 12.37 -4.22 -20.37
N GLN T 122 12.36 -4.82 -21.55
CA GLN T 122 12.03 -4.12 -22.77
C GLN T 122 10.55 -3.78 -22.89
N PHE T 123 9.68 -4.68 -22.43
CA PHE T 123 8.26 -4.55 -22.69
C PHE T 123 7.46 -5.36 -21.69
N GLY T 124 6.23 -4.97 -21.45
CA GLY T 124 5.38 -5.72 -20.57
C GLY T 124 4.61 -4.92 -19.55
N GLY T 125 5.16 -3.82 -19.04
CA GLY T 125 4.58 -3.21 -17.85
C GLY T 125 4.72 -4.12 -16.65
N LYS T 126 5.91 -4.69 -16.47
CA LYS T 126 6.11 -5.88 -15.66
C LYS T 126 7.23 -5.61 -14.66
N ARG T 127 7.12 -6.21 -13.48
CA ARG T 127 8.20 -6.15 -12.51
C ARG T 127 9.39 -6.93 -13.02
N PRO T 128 10.57 -6.33 -13.12
CA PRO T 128 11.74 -7.06 -13.63
C PRO T 128 12.23 -8.09 -12.63
N PHE T 129 13.12 -8.95 -13.10
CA PHE T 129 13.82 -9.89 -12.23
C PHE T 129 14.77 -9.13 -11.32
N GLY T 130 14.93 -9.60 -10.10
CA GLY T 130 15.81 -8.94 -9.17
C GLY T 130 16.95 -9.81 -8.69
N VAL T 131 17.53 -10.62 -9.57
CA VAL T 131 18.60 -11.53 -9.23
C VAL T 131 19.79 -11.25 -10.13
N SER T 132 20.96 -11.06 -9.53
CA SER T 132 22.21 -10.94 -10.27
C SER T 132 23.12 -12.07 -9.82
N LEU T 133 23.17 -13.15 -10.60
CA LEU T 133 23.82 -14.38 -10.16
C LEU T 133 25.06 -14.65 -11.00
N LEU T 134 25.94 -15.48 -10.44
CA LEU T 134 27.23 -15.78 -11.05
C LEU T 134 27.16 -17.09 -11.83
N TYR T 135 28.27 -17.43 -12.49
CA TYR T 135 28.35 -18.66 -13.26
C TYR T 135 29.76 -19.19 -13.18
N ILE T 136 29.90 -20.51 -13.05
CA ILE T 136 31.17 -21.18 -13.17
C ILE T 136 30.98 -22.32 -14.16
N GLY T 137 32.07 -22.97 -14.52
CA GLY T 137 31.93 -24.19 -15.28
C GLY T 137 33.12 -24.48 -16.18
N TRP T 138 33.04 -25.64 -16.82
CA TRP T 138 34.02 -26.11 -17.78
C TRP T 138 33.38 -26.06 -19.16
N ASP T 139 34.19 -25.99 -20.20
CA ASP T 139 33.71 -26.21 -21.56
C ASP T 139 34.81 -26.83 -22.40
N LYS T 140 34.44 -27.26 -23.60
CA LYS T 140 35.41 -27.87 -24.51
C LYS T 140 36.43 -26.85 -25.00
N HIS T 141 35.98 -25.63 -25.25
CA HIS T 141 36.83 -24.71 -26.01
C HIS T 141 37.71 -23.87 -25.09
N TYR T 142 37.13 -23.25 -24.07
CA TYR T 142 37.82 -22.22 -23.32
C TYR T 142 38.23 -22.63 -21.92
N GLY T 143 38.13 -23.90 -21.56
CA GLY T 143 38.61 -24.35 -20.26
C GLY T 143 37.67 -23.92 -19.16
N PHE T 144 38.11 -22.95 -18.36
CA PHE T 144 37.33 -22.50 -17.21
C PHE T 144 36.83 -21.09 -17.44
N GLN T 145 35.69 -20.75 -16.84
CA GLN T 145 35.04 -19.47 -17.09
C GLN T 145 34.35 -18.97 -15.83
N LEU T 146 34.11 -17.65 -15.82
CA LEU T 146 33.28 -16.97 -14.83
C LEU T 146 32.40 -15.98 -15.56
N TYR T 147 31.18 -15.78 -15.08
CA TYR T 147 30.30 -14.80 -15.69
C TYR T 147 29.49 -14.09 -14.63
N GLN T 148 28.82 -13.02 -15.07
CA GLN T 148 28.15 -12.06 -14.21
C GLN T 148 26.82 -11.70 -14.86
N SER T 149 25.79 -11.58 -14.06
CA SER T 149 24.48 -11.24 -14.59
C SER T 149 23.98 -9.93 -14.00
N ASP T 150 23.09 -9.27 -14.72
CA ASP T 150 22.46 -8.02 -14.34
C ASP T 150 20.97 -8.09 -14.57
N PRO T 151 20.16 -7.28 -13.87
CA PRO T 151 18.75 -7.21 -14.23
C PRO T 151 18.52 -6.55 -15.57
N SER T 152 19.46 -5.71 -16.02
CA SER T 152 19.36 -5.17 -17.36
C SER T 152 19.66 -6.21 -18.43
N GLY T 153 20.37 -7.28 -18.08
CA GLY T 153 20.69 -8.33 -19.03
C GLY T 153 22.04 -8.20 -19.66
N ASN T 154 22.87 -7.29 -19.18
CA ASN T 154 24.21 -7.12 -19.69
C ASN T 154 25.17 -7.97 -18.87
N TYR T 155 25.92 -8.83 -19.55
CA TYR T 155 26.76 -9.81 -18.87
C TYR T 155 28.23 -9.54 -19.15
N GLY T 156 29.08 -9.88 -18.18
CA GLY T 156 30.50 -9.76 -18.36
C GLY T 156 31.25 -10.96 -17.81
N GLY T 157 32.33 -11.36 -18.45
CA GLY T 157 33.18 -12.40 -17.92
C GLY T 157 34.26 -11.80 -17.05
N TRP T 158 34.43 -12.37 -15.87
CA TRP T 158 35.46 -11.87 -14.97
C TRP T 158 36.56 -12.90 -14.77
N LYS T 159 37.52 -12.57 -13.92
CA LYS T 159 38.40 -13.54 -13.28
C LYS T 159 38.33 -13.45 -11.77
N ALA T 160 37.76 -12.37 -11.25
CA ALA T 160 37.38 -12.23 -9.85
C ALA T 160 36.25 -11.21 -9.80
N THR T 161 35.24 -11.46 -8.98
CA THR T 161 33.97 -10.81 -9.24
C THR T 161 33.35 -10.23 -7.98
N CYS T 162 32.19 -9.58 -8.18
CA CYS T 162 31.59 -8.68 -7.20
C CYS T 162 30.11 -8.97 -7.04
N ILE T 163 29.76 -9.61 -5.93
CA ILE T 163 28.40 -9.68 -5.41
C ILE T 163 28.49 -9.57 -3.89
N GLY T 164 27.78 -8.61 -3.30
CA GLY T 164 27.09 -7.53 -3.99
C GLY T 164 27.70 -6.18 -3.64
N ASN T 165 26.99 -5.39 -2.82
CA ASN T 165 27.46 -4.04 -2.49
C ASN T 165 28.65 -4.09 -1.55
N ASN T 166 28.69 -5.09 -0.65
CA ASN T 166 29.83 -5.23 0.24
C ASN T 166 31.06 -5.74 -0.49
N SER T 167 30.90 -6.21 -1.73
CA SER T 167 31.99 -6.78 -2.49
C SER T 167 32.72 -5.79 -3.37
N ALA T 168 32.33 -4.51 -3.37
CA ALA T 168 33.15 -3.51 -4.04
C ALA T 168 34.48 -3.33 -3.32
N ALA T 169 34.44 -3.35 -1.98
CA ALA T 169 35.65 -3.45 -1.18
C ALA T 169 36.41 -4.73 -1.45
N ALA T 170 35.69 -5.81 -1.77
CA ALA T 170 36.36 -7.02 -2.18
C ALA T 170 36.99 -6.87 -3.56
N VAL T 171 36.47 -5.97 -4.39
CA VAL T 171 37.12 -5.73 -5.69
C VAL T 171 38.39 -4.92 -5.50
N SER T 172 38.35 -3.93 -4.60
CA SER T 172 39.58 -3.22 -4.25
C SER T 172 40.61 -4.14 -3.61
N MET T 173 40.15 -5.10 -2.81
CA MET T 173 41.05 -6.06 -2.18
C MET T 173 41.59 -7.05 -3.20
N LEU T 174 40.79 -7.40 -4.20
CA LEU T 174 41.26 -8.33 -5.22
C LEU T 174 42.22 -7.67 -6.19
N LYS T 175 42.01 -6.40 -6.53
CA LYS T 175 43.01 -5.72 -7.34
C LYS T 175 44.27 -5.44 -6.55
N GLN T 176 44.15 -5.21 -5.24
CA GLN T 176 45.34 -5.03 -4.41
C GLN T 176 46.03 -6.36 -4.11
N ASP T 177 45.33 -7.47 -4.32
CA ASP T 177 45.89 -8.80 -4.14
C ASP T 177 45.93 -9.58 -5.44
N TYR T 178 46.35 -8.95 -6.51
CA TYR T 178 46.15 -9.50 -7.85
C TYR T 178 47.32 -10.38 -8.24
N LYS T 179 47.06 -11.33 -9.14
CA LYS T 179 48.05 -12.26 -9.64
C LYS T 179 47.63 -12.68 -11.04
N GLU T 180 48.40 -13.58 -11.65
CA GLU T 180 48.10 -14.09 -12.99
C GLU T 180 48.42 -15.57 -13.09
N GLY T 181 47.43 -16.40 -12.79
CA GLY T 181 47.57 -17.82 -12.99
C GLY T 181 48.22 -18.59 -11.87
N GLU T 182 47.73 -18.47 -10.65
CA GLU T 182 48.28 -19.20 -9.50
C GLU T 182 47.18 -19.94 -8.77
N MET T 183 47.01 -21.23 -9.11
CA MET T 183 46.20 -22.15 -8.34
C MET T 183 46.71 -23.56 -8.63
N THR T 184 47.33 -24.27 -7.65
CA THR T 184 47.60 -24.05 -6.19
C THR T 184 46.41 -23.63 -5.35
N LEU T 185 45.44 -24.54 -5.20
CA LEU T 185 44.13 -24.18 -4.67
C LEU T 185 44.18 -23.74 -3.22
N LYS T 186 45.26 -24.08 -2.49
CA LYS T 186 45.40 -23.54 -1.15
C LYS T 186 45.71 -22.05 -1.17
N SER T 187 46.36 -21.56 -2.24
CA SER T 187 46.58 -20.13 -2.36
C SER T 187 45.29 -19.40 -2.68
N ALA T 188 44.48 -19.98 -3.57
CA ALA T 188 43.22 -19.35 -3.94
C ALA T 188 42.22 -19.41 -2.79
N LEU T 189 42.20 -20.51 -2.04
CA LEU T 189 41.28 -20.61 -0.92
C LEU T 189 41.76 -19.79 0.26
N ALA T 190 43.07 -19.64 0.42
CA ALA T 190 43.58 -18.75 1.45
C ALA T 190 43.28 -17.30 1.11
N LEU T 191 43.32 -16.96 -0.18
CA LEU T 191 42.96 -15.60 -0.59
C LEU T 191 41.46 -15.39 -0.44
N ALA T 192 40.65 -16.41 -0.73
CA ALA T 192 39.21 -16.26 -0.65
C ALA T 192 38.74 -16.17 0.80
N ILE T 193 39.30 -17.00 1.68
CA ILE T 193 38.99 -16.89 3.09
C ILE T 193 39.57 -15.61 3.67
N LYS T 194 40.64 -15.09 3.08
CA LYS T 194 41.15 -13.78 3.49
C LYS T 194 40.17 -12.67 3.12
N VAL T 195 39.62 -12.72 1.91
CA VAL T 195 38.68 -11.70 1.46
C VAL T 195 37.40 -11.75 2.25
N LEU T 196 36.87 -12.96 2.50
CA LEU T 196 35.70 -13.06 3.35
C LEU T 196 36.01 -12.76 4.82
N ASN T 197 37.27 -12.83 5.23
CA ASN T 197 37.60 -12.36 6.58
C ASN T 197 37.52 -10.85 6.65
N LYS T 198 38.25 -10.16 5.80
CA LYS T 198 38.41 -8.71 5.97
C LYS T 198 37.23 -7.92 5.40
N THR T 199 36.44 -8.52 4.51
CA THR T 199 35.28 -7.81 3.98
C THR T 199 34.06 -7.95 4.88
N MET T 200 33.69 -9.18 5.23
CA MET T 200 32.57 -9.43 6.12
C MET T 200 32.90 -8.91 7.51
N ASP T 201 31.90 -8.35 8.19
CA ASP T 201 32.18 -7.54 9.37
C ASP T 201 32.35 -8.40 10.62
N VAL T 202 31.72 -9.57 10.65
CA VAL T 202 31.80 -10.45 11.82
C VAL T 202 33.21 -11.02 11.92
N SER T 203 33.83 -10.83 13.08
CA SER T 203 35.23 -11.16 13.32
C SER T 203 35.45 -12.67 13.28
N LYS T 204 36.70 -13.04 12.95
CA LYS T 204 37.29 -14.37 13.05
C LYS T 204 36.73 -15.42 12.08
N LEU T 205 35.69 -15.08 11.32
CA LEU T 205 35.12 -15.91 10.25
C LEU T 205 34.68 -17.27 10.79
N SER T 206 33.56 -17.29 11.52
CA SER T 206 33.00 -18.53 12.04
C SER T 206 32.74 -19.54 10.94
N ALA T 207 32.90 -20.83 11.28
CA ALA T 207 32.94 -21.88 10.26
C ALA T 207 31.57 -22.16 9.67
N GLU T 208 30.51 -21.76 10.37
CA GLU T 208 29.17 -21.99 9.84
C GLU T 208 28.79 -20.96 8.79
N LYS T 209 29.32 -19.74 8.92
CA LYS T 209 28.75 -18.61 8.21
C LYS T 209 29.16 -18.58 6.75
N VAL T 210 30.23 -19.28 6.39
CA VAL T 210 30.77 -19.23 5.03
C VAL T 210 30.47 -20.56 4.35
N GLU T 211 30.65 -20.57 3.02
CA GLU T 211 30.42 -21.76 2.22
C GLU T 211 31.24 -21.65 0.94
N ILE T 212 31.92 -22.72 0.58
CA ILE T 212 32.81 -22.76 -0.58
C ILE T 212 32.44 -23.96 -1.43
N ALA T 213 32.19 -23.71 -2.71
CA ALA T 213 31.93 -24.77 -3.69
C ALA T 213 33.00 -24.68 -4.76
N THR T 214 33.71 -25.78 -4.97
CA THR T 214 34.80 -25.83 -5.94
C THR T 214 34.43 -26.73 -7.10
N LEU T 215 35.17 -26.59 -8.19
CA LEU T 215 34.98 -27.39 -9.39
C LEU T 215 36.34 -27.79 -9.96
N THR T 216 36.70 -29.06 -9.85
CA THR T 216 37.93 -29.55 -10.42
C THR T 216 37.65 -30.32 -11.69
N ARG T 217 38.40 -30.03 -12.74
CA ARG T 217 38.27 -30.76 -13.99
C ARG T 217 38.91 -32.13 -13.85
N GLU T 218 38.10 -33.18 -13.92
CA GLU T 218 38.59 -34.54 -13.95
C GLU T 218 37.96 -35.25 -15.13
N ASN T 219 38.80 -35.94 -15.90
CA ASN T 219 38.36 -36.69 -17.07
C ASN T 219 37.89 -38.08 -16.65
N GLY T 220 36.62 -38.39 -16.92
CA GLY T 220 35.66 -37.44 -17.48
C GLY T 220 34.61 -37.12 -16.44
N LYS T 221 35.06 -36.96 -15.19
CA LYS T 221 34.12 -36.74 -14.10
C LYS T 221 33.63 -35.31 -14.05
N THR T 222 34.55 -34.35 -14.09
CA THR T 222 34.30 -32.91 -13.92
C THR T 222 33.52 -32.66 -12.62
N VAL T 223 34.24 -32.94 -11.52
CA VAL T 223 33.61 -33.00 -10.20
C VAL T 223 33.27 -31.60 -9.72
N ILE T 224 32.00 -31.41 -9.35
CA ILE T 224 31.56 -30.22 -8.65
C ILE T 224 31.64 -30.54 -7.17
N ARG T 225 32.74 -30.11 -6.54
CA ARG T 225 33.07 -30.51 -5.19
C ARG T 225 32.56 -29.44 -4.22
N VAL T 226 31.54 -29.79 -3.45
CA VAL T 226 31.00 -28.93 -2.40
C VAL T 226 31.57 -29.46 -1.09
N LEU T 227 32.42 -28.67 -0.45
CA LEU T 227 33.21 -29.15 0.68
C LEU T 227 32.52 -28.88 2.01
N LYS T 228 32.72 -29.79 2.96
CA LYS T 228 32.08 -29.73 4.26
C LYS T 228 32.90 -28.91 5.24
N GLN T 229 32.35 -28.72 6.44
CA GLN T 229 32.95 -27.84 7.43
C GLN T 229 34.26 -28.36 7.99
N LYS T 230 34.46 -29.69 7.96
CA LYS T 230 35.68 -30.28 8.54
C LYS T 230 36.92 -29.88 7.75
N GLU T 231 36.76 -29.59 6.46
CA GLU T 231 37.83 -29.00 5.68
C GLU T 231 37.67 -27.50 5.48
N VAL T 232 36.69 -26.89 6.15
CA VAL T 232 36.65 -25.44 6.24
C VAL T 232 37.47 -24.96 7.45
N GLU T 233 37.38 -25.70 8.56
CA GLU T 233 37.90 -25.22 9.84
C GLU T 233 39.42 -25.13 9.85
N GLN T 234 40.09 -26.14 9.29
CA GLN T 234 41.55 -26.10 9.23
C GLN T 234 42.04 -25.07 8.21
N LEU T 235 41.20 -24.73 7.24
CA LEU T 235 41.53 -23.62 6.35
C LEU T 235 41.43 -22.29 7.08
N ILE T 236 40.44 -22.15 7.97
CA ILE T 236 40.30 -20.95 8.78
C ILE T 236 41.48 -20.81 9.73
N LYS T 237 41.89 -21.91 10.36
CA LYS T 237 43.05 -21.87 11.24
C LYS T 237 44.35 -21.62 10.46
N LYS T 238 44.38 -22.04 9.20
CA LYS T 238 45.52 -21.71 8.34
C LYS T 238 45.60 -20.21 8.09
N HIS T 239 44.46 -19.59 7.76
CA HIS T 239 44.47 -18.15 7.52
C HIS T 239 44.74 -17.35 8.79
N GLU T 240 44.20 -17.80 9.93
CA GLU T 240 44.49 -17.12 11.19
C GLU T 240 45.96 -17.24 11.56
N GLU T 241 46.57 -18.38 11.23
CA GLU T 241 48.02 -18.53 11.37
C GLU T 241 48.76 -17.55 10.47
N GLU T 242 48.24 -17.32 9.25
CA GLU T 242 48.91 -16.40 8.35
C GLU T 242 48.74 -14.96 8.78
N GLU T 243 47.65 -14.65 9.47
CA GLU T 243 47.47 -13.29 10.01
C GLU T 243 48.38 -13.08 11.20
N ALA T 244 48.52 -14.10 12.05
CA ALA T 244 49.43 -14.00 13.19
C ALA T 244 50.89 -13.93 12.74
N LYS T 245 51.22 -14.61 11.64
CA LYS T 245 52.57 -14.50 11.10
C LYS T 245 52.82 -13.17 10.42
N ALA T 246 51.86 -12.70 9.63
CA ALA T 246 52.07 -11.48 8.85
C ALA T 246 52.00 -10.22 9.70
N GLU T 247 51.33 -10.27 10.86
CA GLU T 247 51.28 -9.11 11.72
C GLU T 247 52.59 -8.84 12.45
N ARG T 248 53.53 -9.78 12.42
CA ARG T 248 54.81 -9.66 13.13
C ARG T 248 55.76 -8.65 12.50
N GLU T 249 55.43 -8.10 11.33
CA GLU T 249 56.26 -7.09 10.68
C GLU T 249 56.32 -5.81 11.51
N LYS T 250 55.22 -5.50 12.20
CA LYS T 250 55.20 -4.37 13.13
C LYS T 250 55.02 -4.87 14.55
N SER U 1 -3.34 -9.21 -23.46
CA SER U 1 -1.96 -9.21 -23.00
C SER U 1 -1.57 -7.85 -22.43
N TYR U 2 -0.87 -7.06 -23.24
CA TYR U 2 -0.25 -5.82 -22.80
C TYR U 2 -0.66 -4.72 -23.76
N ASP U 3 -1.82 -4.12 -23.53
CA ASP U 3 -2.37 -3.12 -24.43
C ASP U 3 -2.27 -1.75 -23.78
N ARG U 4 -1.22 -1.01 -24.11
CA ARG U 4 -1.02 0.34 -23.64
C ARG U 4 -0.04 1.04 -24.56
N ALA U 5 -0.42 2.23 -25.03
CA ALA U 5 0.47 3.01 -25.88
C ALA U 5 1.48 3.73 -25.01
N ILE U 6 2.74 3.30 -25.07
CA ILE U 6 3.79 3.94 -24.29
C ILE U 6 4.20 5.26 -24.92
N THR U 7 4.37 5.26 -26.23
CA THR U 7 5.00 6.39 -26.89
C THR U 7 3.98 7.20 -27.67
N VAL U 8 3.62 8.37 -27.16
CA VAL U 8 2.58 9.20 -27.75
C VAL U 8 3.15 10.57 -28.07
N PHE U 9 2.43 11.33 -28.88
CA PHE U 9 2.87 12.67 -29.26
C PHE U 9 2.71 13.66 -28.12
N SER U 10 3.74 14.43 -27.88
CA SER U 10 3.67 15.58 -26.99
C SER U 10 3.00 16.74 -27.70
N PRO U 11 2.40 17.68 -26.96
CA PRO U 11 1.67 18.78 -27.61
C PRO U 11 2.53 19.76 -28.38
N ASP U 12 3.84 19.79 -28.16
CA ASP U 12 4.70 20.59 -29.01
C ASP U 12 5.23 19.81 -30.21
N GLY U 13 4.65 18.65 -30.50
CA GLY U 13 4.94 17.94 -31.71
C GLY U 13 5.91 16.78 -31.58
N HIS U 14 6.73 16.76 -30.53
CA HIS U 14 7.72 15.72 -30.42
C HIS U 14 7.11 14.42 -29.91
N LEU U 15 7.66 13.30 -30.39
CA LEU U 15 7.66 12.13 -29.54
C LEU U 15 8.65 12.33 -28.41
N PHE U 16 8.29 11.88 -27.22
CA PHE U 16 9.28 11.88 -26.16
C PHE U 16 10.30 10.78 -26.37
N GLN U 17 9.87 9.51 -26.29
CA GLN U 17 10.76 8.38 -26.05
C GLN U 17 11.78 8.20 -27.17
N VAL U 18 11.41 8.60 -28.37
CA VAL U 18 12.36 8.67 -29.47
C VAL U 18 13.35 9.79 -29.22
N GLU U 19 12.84 11.03 -29.13
CA GLU U 19 13.73 12.18 -29.03
C GLU U 19 14.15 12.45 -27.59
N TYR U 20 13.73 11.62 -26.65
CA TYR U 20 14.34 11.64 -25.34
C TYR U 20 15.32 10.49 -25.15
N ALA U 21 15.03 9.32 -25.72
CA ALA U 21 15.84 8.13 -25.44
C ALA U 21 17.19 8.15 -26.14
N GLN U 22 17.50 9.22 -26.88
CA GLN U 22 18.84 9.42 -27.39
C GLN U 22 19.81 9.91 -26.33
N GLU U 23 19.32 10.18 -25.12
CA GLU U 23 20.22 10.48 -24.01
C GLU U 23 20.99 9.25 -23.59
N ALA U 24 20.39 8.07 -23.73
CA ALA U 24 21.12 6.83 -23.47
C ALA U 24 22.20 6.61 -24.52
N VAL U 25 21.99 7.14 -25.73
CA VAL U 25 23.07 7.21 -26.70
C VAL U 25 24.13 8.21 -26.23
N LYS U 26 23.68 9.32 -25.63
CA LYS U 26 24.62 10.37 -25.24
C LYS U 26 25.47 9.96 -24.04
N LYS U 27 25.02 9.03 -23.22
CA LYS U 27 25.77 8.59 -22.05
C LYS U 27 26.30 7.17 -22.18
N GLY U 28 26.82 6.79 -23.35
CA GLY U 28 27.45 5.51 -23.49
C GLY U 28 28.89 5.65 -23.94
N SER U 29 29.49 4.55 -24.39
CA SER U 29 30.83 4.62 -24.93
C SER U 29 30.81 5.32 -26.28
N THR U 30 31.95 5.93 -26.64
CA THR U 30 32.04 6.56 -27.93
C THR U 30 32.53 5.55 -28.96
N ALA U 31 32.21 5.82 -30.22
CA ALA U 31 32.76 5.02 -31.30
C ALA U 31 32.82 5.89 -32.54
N VAL U 32 33.96 5.84 -33.20
CA VAL U 32 34.18 6.55 -34.44
C VAL U 32 34.45 5.53 -35.53
N GLY U 33 34.60 6.03 -36.75
CA GLY U 33 34.92 5.17 -37.86
C GLY U 33 34.92 5.96 -39.13
N VAL U 34 35.93 5.76 -39.96
CA VAL U 34 36.00 6.37 -41.27
C VAL U 34 35.97 5.23 -42.29
N ARG U 35 35.76 5.59 -43.55
CA ARG U 35 35.91 4.62 -44.60
C ARG U 35 37.05 5.07 -45.52
N GLY U 36 37.96 4.15 -45.78
CA GLY U 36 38.99 4.40 -46.77
C GLY U 36 38.41 4.09 -48.12
N ARG U 37 39.18 4.37 -49.16
CA ARG U 37 38.75 3.96 -50.49
C ARG U 37 38.94 2.46 -50.68
N ASP U 38 39.80 1.85 -49.87
CA ASP U 38 40.08 0.42 -50.00
C ASP U 38 39.78 -0.33 -48.70
N ILE U 39 40.24 0.15 -47.56
CA ILE U 39 40.05 -0.54 -46.29
C ILE U 39 39.35 0.40 -45.33
N VAL U 40 38.28 -0.07 -44.72
CA VAL U 40 37.55 0.71 -43.72
C VAL U 40 38.19 0.49 -42.37
N VAL U 41 37.90 1.39 -41.43
CA VAL U 41 38.41 1.29 -40.07
C VAL U 41 37.39 1.92 -39.15
N LEU U 42 36.93 1.14 -38.18
CA LEU U 42 36.06 1.64 -37.14
C LEU U 42 36.62 1.20 -35.79
N GLY U 43 36.22 1.90 -34.74
CA GLY U 43 36.76 1.59 -33.44
C GLY U 43 35.98 2.18 -32.29
N VAL U 44 35.91 1.45 -31.18
CA VAL U 44 35.21 1.91 -30.00
C VAL U 44 36.25 2.52 -29.09
N GLU U 45 35.84 3.47 -28.25
CA GLU U 45 36.76 4.12 -27.32
C GLU U 45 35.99 4.27 -26.02
N LYS U 46 36.59 4.90 -24.99
CA LYS U 46 36.04 5.09 -23.65
C LYS U 46 35.60 3.77 -23.04
N LYS U 47 36.43 2.73 -23.20
CA LYS U 47 36.05 1.38 -22.80
C LYS U 47 35.89 1.27 -21.29
N SER U 48 36.65 2.08 -20.54
CA SER U 48 36.61 2.15 -19.07
C SER U 48 36.86 0.79 -18.43
N VAL U 49 37.84 0.07 -18.96
CA VAL U 49 38.07 -1.33 -18.63
C VAL U 49 38.62 -1.45 -17.23
N ALA U 50 38.36 -2.57 -16.59
CA ALA U 50 38.84 -2.85 -15.25
C ALA U 50 40.34 -3.14 -15.21
N LYS U 51 40.95 -3.42 -16.38
CA LYS U 51 42.40 -3.48 -16.59
C LYS U 51 43.12 -4.55 -15.76
N LEU U 52 42.35 -5.46 -15.17
CA LEU U 52 42.88 -6.66 -14.54
C LEU U 52 42.01 -7.85 -14.83
N GLN U 53 41.01 -7.70 -15.69
CA GLN U 53 39.96 -8.69 -15.88
C GLN U 53 39.78 -8.97 -17.37
N ASP U 54 38.73 -9.71 -17.69
CA ASP U 54 38.60 -10.29 -19.03
C ASP U 54 38.06 -9.25 -20.01
N GLU U 55 38.29 -9.49 -21.30
CA GLU U 55 38.07 -8.47 -22.32
C GLU U 55 37.35 -8.97 -23.56
N ARG U 56 37.29 -10.28 -23.79
CA ARG U 56 36.64 -10.75 -25.01
C ARG U 56 35.12 -10.75 -24.87
N THR U 57 34.61 -10.71 -23.65
CA THR U 57 33.16 -10.70 -23.47
C THR U 57 32.61 -9.28 -23.51
N VAL U 58 33.47 -8.28 -23.38
CA VAL U 58 33.02 -6.89 -23.51
C VAL U 58 33.30 -6.39 -24.93
N ARG U 59 33.57 -7.31 -25.85
CA ARG U 59 33.83 -6.95 -27.24
C ARG U 59 32.55 -6.46 -27.89
N LYS U 60 32.53 -5.19 -28.27
CA LYS U 60 31.35 -4.58 -28.86
C LYS U 60 31.55 -4.13 -30.29
N ILE U 61 32.41 -4.81 -31.04
CA ILE U 61 32.41 -4.78 -32.49
C ILE U 61 32.27 -6.22 -32.95
N CYS U 62 31.22 -6.51 -33.69
CA CYS U 62 30.94 -7.88 -34.07
C CYS U 62 30.48 -7.90 -35.52
N ALA U 63 30.07 -9.08 -35.97
CA ALA U 63 29.78 -9.27 -37.38
C ALA U 63 28.38 -9.85 -37.50
N LEU U 64 27.76 -9.59 -38.65
CA LEU U 64 26.51 -10.28 -38.96
C LEU U 64 26.76 -11.37 -39.99
N ASP U 65 27.28 -10.98 -41.14
CA ASP U 65 28.03 -11.85 -42.02
C ASP U 65 29.47 -11.34 -41.97
N ASP U 66 30.38 -12.05 -42.64
CA ASP U 66 31.73 -11.51 -42.78
C ASP U 66 31.76 -10.25 -43.63
N ASN U 67 30.75 -10.04 -44.46
CA ASN U 67 30.60 -8.88 -45.31
C ASN U 67 30.31 -7.61 -44.51
N VAL U 68 29.80 -7.74 -43.29
CA VAL U 68 29.21 -6.62 -42.55
C VAL U 68 29.80 -6.58 -41.14
N CYS U 69 30.26 -5.39 -40.72
CA CYS U 69 30.77 -5.16 -39.38
C CYS U 69 29.75 -4.39 -38.55
N MET U 70 29.86 -4.51 -37.23
CA MET U 70 29.03 -3.76 -36.30
C MET U 70 29.84 -2.73 -35.53
N ALA U 71 29.17 -1.72 -35.03
CA ALA U 71 29.68 -0.78 -34.03
C ALA U 71 28.47 -0.06 -33.49
N PHE U 72 28.44 0.21 -32.19
CA PHE U 72 27.29 0.87 -31.61
C PHE U 72 27.66 1.64 -30.36
N ALA U 73 26.70 2.43 -29.88
CA ALA U 73 26.82 3.16 -28.64
C ALA U 73 25.63 2.80 -27.76
N GLY U 74 25.46 3.54 -26.68
CA GLY U 74 24.34 3.31 -25.80
C GLY U 74 24.54 2.06 -24.95
N LEU U 75 23.47 1.65 -24.29
CA LEU U 75 23.49 0.47 -23.44
C LEU U 75 23.48 -0.78 -24.31
N THR U 76 24.37 -1.72 -24.00
CA THR U 76 24.66 -2.81 -24.93
C THR U 76 23.58 -3.88 -24.86
N ALA U 77 22.83 -3.90 -23.76
CA ALA U 77 21.84 -4.93 -23.49
C ALA U 77 20.75 -4.93 -24.56
N ASP U 78 20.16 -3.78 -24.82
CA ASP U 78 19.19 -3.68 -25.91
C ASP U 78 19.82 -3.86 -27.28
N ALA U 79 21.13 -3.63 -27.40
CA ALA U 79 21.77 -3.77 -28.70
C ALA U 79 21.96 -5.23 -29.07
N ARG U 80 22.04 -6.11 -28.07
CA ARG U 80 22.27 -7.53 -28.33
C ARG U 80 21.15 -8.17 -29.13
N ILE U 81 19.90 -7.84 -28.80
CA ILE U 81 18.76 -8.41 -29.49
C ILE U 81 18.67 -7.88 -30.92
N VAL U 82 19.03 -6.60 -31.11
CA VAL U 82 19.07 -6.02 -32.45
C VAL U 82 20.11 -6.72 -33.31
N ILE U 83 21.25 -7.05 -32.70
CA ILE U 83 22.31 -7.76 -33.43
C ILE U 83 21.85 -9.16 -33.82
N ASN U 84 21.28 -9.91 -32.87
CA ASN U 84 20.91 -11.30 -33.16
C ASN U 84 19.76 -11.39 -34.16
N ARG U 85 18.78 -10.48 -34.05
CA ARG U 85 17.69 -10.43 -35.00
C ARG U 85 18.20 -10.03 -36.38
N ALA U 86 19.19 -9.13 -36.41
CA ALA U 86 19.82 -8.73 -37.66
C ALA U 86 20.57 -9.89 -38.30
N ARG U 87 21.14 -10.77 -37.49
CA ARG U 87 21.86 -11.92 -38.00
C ARG U 87 20.89 -12.95 -38.59
N VAL U 88 19.80 -13.23 -37.88
CA VAL U 88 18.78 -14.15 -38.36
C VAL U 88 18.15 -13.62 -39.65
N GLU U 89 18.00 -12.30 -39.75
CA GLU U 89 17.53 -11.71 -40.99
C GLU U 89 18.54 -11.86 -42.12
N CYS U 90 19.83 -11.62 -41.83
CA CYS U 90 20.78 -11.60 -42.94
C CYS U 90 21.22 -13.01 -43.34
N GLN U 91 20.77 -14.04 -42.62
CA GLN U 91 21.05 -15.39 -43.09
C GLN U 91 20.01 -15.86 -44.09
N SER U 92 18.74 -15.51 -43.87
CA SER U 92 17.70 -15.92 -44.80
C SER U 92 17.80 -15.17 -46.11
N HIS U 93 18.49 -14.01 -46.11
CA HIS U 93 18.80 -13.35 -47.36
C HIS U 93 19.80 -14.17 -48.17
N ARG U 94 20.70 -14.88 -47.48
CA ARG U 94 21.56 -15.83 -48.18
C ARG U 94 20.74 -17.02 -48.67
N LEU U 95 19.70 -17.39 -47.93
CA LEU U 95 18.82 -18.48 -48.37
C LEU U 95 18.04 -18.08 -49.61
N THR U 96 17.64 -16.82 -49.69
CA THR U 96 17.18 -16.19 -50.93
C THR U 96 18.38 -15.79 -51.77
N VAL U 97 18.22 -14.69 -52.52
CA VAL U 97 19.09 -14.14 -53.56
C VAL U 97 20.57 -14.29 -53.25
N GLU U 98 21.32 -14.89 -54.18
CA GLU U 98 22.51 -15.64 -53.79
C GLU U 98 23.72 -14.74 -53.62
N ASP U 99 23.59 -13.46 -53.91
CA ASP U 99 24.63 -12.51 -53.57
C ASP U 99 24.66 -12.31 -52.05
N PRO U 100 25.80 -11.92 -51.48
CA PRO U 100 25.82 -11.62 -50.04
C PRO U 100 25.04 -10.36 -49.74
N VAL U 101 24.81 -10.15 -48.44
CA VAL U 101 23.91 -9.11 -47.97
C VAL U 101 24.52 -7.74 -48.24
N THR U 102 23.82 -6.93 -49.02
CA THR U 102 24.22 -5.55 -49.19
C THR U 102 23.93 -4.79 -47.91
N VAL U 103 24.81 -3.83 -47.58
CA VAL U 103 24.77 -3.18 -46.28
C VAL U 103 23.52 -2.29 -46.15
N GLU U 104 23.06 -1.73 -47.27
CA GLU U 104 21.89 -0.84 -47.25
C GLU U 104 20.63 -1.63 -46.92
N TYR U 105 20.60 -2.90 -47.32
CA TYR U 105 19.47 -3.75 -46.98
C TYR U 105 19.41 -4.02 -45.48
N ILE U 106 20.55 -4.32 -44.86
CA ILE U 106 20.52 -4.67 -43.45
C ILE U 106 20.29 -3.42 -42.60
N THR U 107 20.71 -2.25 -43.08
CA THR U 107 20.40 -1.02 -42.36
C THR U 107 18.94 -0.66 -42.48
N ARG U 108 18.30 -0.99 -43.62
CA ARG U 108 16.86 -0.85 -43.65
C ARG U 108 16.17 -1.88 -42.77
N TYR U 109 16.83 -3.01 -42.47
CA TYR U 109 16.20 -3.95 -41.56
C TYR U 109 16.25 -3.45 -40.12
N ILE U 110 17.42 -3.03 -39.63
CA ILE U 110 17.50 -2.50 -38.27
C ILE U 110 16.65 -1.24 -38.13
N ALA U 111 16.65 -0.38 -39.16
CA ALA U 111 15.88 0.84 -39.09
C ALA U 111 14.38 0.59 -39.12
N SER U 112 13.93 -0.36 -39.94
CA SER U 112 12.50 -0.65 -40.02
C SER U 112 12.01 -1.36 -38.76
N LEU U 113 12.80 -2.33 -38.28
CA LEU U 113 12.52 -3.00 -37.02
C LEU U 113 12.43 -2.02 -35.86
N LYS U 114 13.37 -1.09 -35.78
CA LYS U 114 13.39 -0.17 -34.67
C LYS U 114 12.25 0.83 -34.77
N GLN U 115 11.85 1.17 -35.99
CA GLN U 115 10.66 1.99 -36.19
C GLN U 115 9.40 1.29 -35.68
N ARG U 116 9.13 0.07 -36.16
CA ARG U 116 7.92 -0.62 -35.69
C ARG U 116 8.05 -1.06 -34.24
N TYR U 117 9.25 -1.00 -33.69
CA TYR U 117 9.44 -1.24 -32.27
C TYR U 117 9.13 0.00 -31.46
N THR U 118 9.17 1.18 -32.11
CA THR U 118 8.62 2.37 -31.47
C THR U 118 7.10 2.44 -31.66
N GLN U 119 6.61 1.94 -32.79
CA GLN U 119 5.23 2.19 -33.21
C GLN U 119 4.24 1.36 -32.41
N SER U 120 4.65 0.19 -31.94
CA SER U 120 3.69 -0.79 -31.44
C SER U 120 3.26 -0.51 -30.00
N ASN U 121 2.38 -1.37 -29.49
CA ASN U 121 1.82 -1.18 -28.16
C ASN U 121 2.71 -1.81 -27.09
N GLY U 122 2.89 -1.08 -26.00
CA GLY U 122 3.53 -1.61 -24.81
C GLY U 122 5.00 -1.94 -24.95
N ARG U 123 5.75 -1.19 -25.74
CA ARG U 123 7.14 -1.50 -26.02
C ARG U 123 7.98 -0.24 -25.84
N ARG U 124 8.95 -0.30 -24.93
CA ARG U 124 9.92 0.78 -24.76
C ARG U 124 10.81 0.83 -25.99
N PRO U 125 11.02 1.99 -26.62
CA PRO U 125 11.88 2.05 -27.79
C PRO U 125 13.34 1.79 -27.44
N PHE U 126 14.10 1.33 -28.44
CA PHE U 126 15.51 1.07 -28.22
C PHE U 126 16.27 2.37 -27.99
N GLY U 127 17.26 2.30 -27.11
CA GLY U 127 18.14 3.40 -26.84
C GLY U 127 19.54 3.25 -27.38
N ILE U 128 19.70 2.75 -28.60
CA ILE U 128 21.00 2.60 -29.20
C ILE U 128 21.05 3.36 -30.52
N SER U 129 22.23 3.88 -30.82
CA SER U 129 22.63 4.17 -32.18
C SER U 129 23.64 3.11 -32.55
N ALA U 130 23.80 2.86 -33.85
CA ALA U 130 24.73 1.82 -34.25
C ALA U 130 25.28 2.15 -35.61
N LEU U 131 26.46 1.60 -35.90
CA LEU U 131 27.05 1.74 -37.22
C LEU U 131 27.16 0.39 -37.89
N ILE U 132 27.01 0.41 -39.22
CA ILE U 132 26.99 -0.78 -40.04
C ILE U 132 27.90 -0.50 -41.23
N VAL U 133 29.12 -1.03 -41.18
CA VAL U 133 30.12 -0.75 -42.21
C VAL U 133 30.49 -2.05 -42.87
N GLY U 134 30.53 -2.05 -44.20
CA GLY U 134 30.96 -3.24 -44.91
C GLY U 134 31.19 -2.97 -46.37
N PHE U 135 32.35 -3.40 -46.85
CA PHE U 135 32.69 -3.33 -48.26
C PHE U 135 31.88 -4.38 -49.00
N ASP U 136 30.91 -3.96 -49.79
CA ASP U 136 29.90 -4.86 -50.34
C ASP U 136 30.45 -5.73 -51.47
N PHE U 137 29.53 -6.43 -52.13
CA PHE U 137 29.81 -6.99 -53.43
C PHE U 137 30.10 -5.87 -54.42
N ASP U 138 30.89 -6.21 -55.45
CA ASP U 138 31.47 -5.26 -56.40
C ASP U 138 32.36 -4.23 -55.68
N GLY U 139 32.98 -4.68 -54.59
CA GLY U 139 34.12 -4.03 -53.94
C GLY U 139 33.94 -2.61 -53.44
N THR U 140 32.73 -2.09 -53.34
CA THR U 140 32.53 -0.70 -53.00
C THR U 140 32.27 -0.55 -51.50
N PRO U 141 33.07 0.25 -50.81
CA PRO U 141 32.85 0.44 -49.37
C PRO U 141 31.95 1.63 -49.06
N ARG U 142 31.13 1.49 -48.04
CA ARG U 142 30.23 2.56 -47.60
C ARG U 142 29.82 2.27 -46.17
N LEU U 143 29.20 3.26 -45.53
CA LEU U 143 28.77 3.08 -44.15
C LEU U 143 27.44 3.79 -43.92
N TYR U 144 26.77 3.39 -42.86
CA TYR U 144 25.50 3.97 -42.44
C TYR U 144 25.49 4.01 -40.93
N GLN U 145 24.72 4.93 -40.36
CA GLN U 145 24.42 4.85 -38.95
C GLN U 145 22.92 4.67 -38.77
N THR U 146 22.55 4.23 -37.58
CA THR U 146 21.16 4.10 -37.21
C THR U 146 20.75 5.28 -36.34
N ASP U 147 19.56 5.14 -35.77
CA ASP U 147 18.90 6.17 -34.98
C ASP U 147 17.78 5.46 -34.25
N PRO U 148 17.49 5.85 -32.99
CA PRO U 148 16.29 5.31 -32.34
C PRO U 148 14.98 5.72 -33.01
N SER U 149 15.00 6.79 -33.81
CA SER U 149 13.89 7.04 -34.71
C SER U 149 13.81 5.96 -35.78
N GLY U 150 14.96 5.46 -36.24
CA GLY U 150 14.99 4.46 -37.28
C GLY U 150 15.29 5.05 -38.64
N THR U 151 16.17 6.05 -38.68
CA THR U 151 16.49 6.75 -39.92
C THR U 151 17.94 6.45 -40.28
N TYR U 152 18.12 5.45 -41.15
CA TYR U 152 19.43 5.12 -41.66
C TYR U 152 19.95 6.26 -42.53
N HIS U 153 21.26 6.51 -42.46
CA HIS U 153 21.73 7.80 -42.91
C HIS U 153 23.23 7.71 -43.18
N ALA U 154 23.62 7.81 -44.45
CA ALA U 154 24.97 7.46 -44.89
C ALA U 154 25.95 8.61 -44.69
N TRP U 155 26.92 8.40 -43.81
CA TRP U 155 27.99 9.35 -43.55
C TRP U 155 29.25 8.97 -44.30
N LYS U 156 30.21 9.90 -44.30
CA LYS U 156 31.57 9.55 -44.70
C LYS U 156 32.42 9.15 -43.51
N ALA U 157 32.16 9.71 -42.33
CA ALA U 157 32.81 9.26 -41.11
C ALA U 157 31.89 9.51 -39.93
N ASN U 158 32.31 9.03 -38.76
CA ASN U 158 31.43 8.82 -37.62
C ASN U 158 31.81 9.74 -36.46
N ALA U 159 30.81 10.07 -35.63
CA ALA U 159 31.00 10.39 -34.22
C ALA U 159 29.67 10.11 -33.53
N ILE U 160 29.61 9.05 -32.72
CA ILE U 160 28.43 8.79 -31.91
C ILE U 160 28.82 8.47 -30.47
N GLY U 161 27.97 8.84 -29.53
CA GLY U 161 28.28 8.66 -28.13
C GLY U 161 28.64 9.96 -27.45
N ARG U 162 29.51 9.85 -26.45
CA ARG U 162 29.85 11.00 -25.62
C ARG U 162 30.73 11.99 -26.39
N GLY U 163 30.23 13.20 -26.54
CA GLY U 163 30.98 14.20 -27.28
C GLY U 163 31.01 13.94 -28.77
N ALA U 164 29.85 13.64 -29.36
CA ALA U 164 29.79 13.47 -30.81
C ALA U 164 29.99 14.80 -31.53
N LYS U 165 29.66 15.91 -30.87
CA LYS U 165 29.92 17.22 -31.45
C LYS U 165 31.42 17.52 -31.46
N SER U 166 32.16 16.93 -30.53
CA SER U 166 33.59 17.19 -30.44
C SER U 166 34.34 16.51 -31.58
N VAL U 167 34.12 15.20 -31.74
CA VAL U 167 34.82 14.47 -32.78
C VAL U 167 34.22 14.79 -34.15
N ARG U 168 32.89 14.95 -34.20
CA ARG U 168 32.24 15.33 -35.45
C ARG U 168 32.62 16.73 -35.88
N GLU U 169 32.94 17.60 -34.93
CA GLU U 169 33.53 18.88 -35.28
C GLU U 169 34.99 18.71 -35.67
N PHE U 170 35.65 17.68 -35.13
CA PHE U 170 37.07 17.50 -35.42
C PHE U 170 37.30 16.97 -36.83
N LEU U 171 36.40 16.15 -37.35
CA LEU U 171 36.69 15.48 -38.62
C LEU U 171 36.51 16.41 -39.82
N GLU U 172 35.98 17.61 -39.63
CA GLU U 172 36.00 18.60 -40.69
C GLU U 172 37.42 19.08 -40.94
N LYS U 173 38.26 19.12 -39.91
CA LYS U 173 39.69 19.31 -40.08
C LYS U 173 40.41 18.06 -40.53
N ASN U 174 39.72 16.92 -40.59
CA ASN U 174 40.27 15.70 -41.18
C ASN U 174 40.08 15.68 -42.69
N TYR U 175 38.89 16.05 -43.18
CA TYR U 175 38.40 15.59 -44.49
C TYR U 175 39.18 16.06 -45.71
N THR U 176 40.37 16.64 -45.57
CA THR U 176 41.28 16.82 -46.68
C THR U 176 41.51 15.49 -47.40
N ASP U 177 41.54 15.55 -48.74
CA ASP U 177 41.50 14.33 -49.54
C ASP U 177 42.84 13.59 -49.53
N GLU U 178 43.88 14.21 -48.95
CA GLU U 178 45.07 13.48 -48.58
C GLU U 178 44.76 12.36 -47.59
N ALA U 179 43.86 12.62 -46.65
CA ALA U 179 43.40 11.63 -45.70
C ALA U 179 42.09 11.04 -46.24
N ILE U 180 42.11 9.79 -46.66
CA ILE U 180 43.25 8.90 -46.55
C ILE U 180 43.72 8.43 -47.91
N GLU U 181 44.91 8.88 -48.31
CA GLU U 181 45.56 8.33 -49.49
C GLU U 181 46.35 7.07 -49.18
N THR U 182 46.51 6.73 -47.90
CA THR U 182 47.18 5.51 -47.49
C THR U 182 46.37 4.87 -46.37
N ASP U 183 46.47 3.55 -46.27
CA ASP U 183 45.67 2.83 -45.29
C ASP U 183 46.22 3.04 -43.88
N ASP U 184 47.54 3.14 -43.75
CA ASP U 184 48.15 3.48 -42.47
C ASP U 184 47.81 4.91 -42.07
N LEU U 185 47.54 5.77 -43.05
CA LEU U 185 47.02 7.09 -42.73
C LEU U 185 45.56 7.02 -42.29
N THR U 186 44.80 6.01 -42.76
CA THR U 186 43.43 5.85 -42.31
C THR U 186 43.37 5.36 -40.87
N ILE U 187 44.23 4.39 -40.52
CA ILE U 187 44.16 3.80 -39.17
C ILE U 187 44.70 4.78 -38.14
N LYS U 188 45.88 5.33 -38.40
CA LYS U 188 46.44 6.37 -37.54
C LYS U 188 45.63 7.65 -37.60
N LEU U 189 44.83 7.80 -38.65
CA LEU U 189 43.86 8.88 -38.70
C LEU U 189 42.73 8.67 -37.70
N VAL U 190 42.26 7.43 -37.58
CA VAL U 190 41.21 7.13 -36.61
C VAL U 190 41.74 7.30 -35.19
N ILE U 191 42.92 6.75 -34.90
CA ILE U 191 43.47 6.83 -33.55
C ILE U 191 43.87 8.26 -33.20
N LYS U 192 44.41 8.99 -34.17
CA LYS U 192 44.72 10.41 -33.97
C LYS U 192 43.45 11.24 -33.85
N ALA U 193 42.34 10.78 -34.42
CA ALA U 193 41.07 11.41 -34.15
C ALA U 193 40.56 11.06 -32.76
N LEU U 194 40.94 9.88 -32.26
CA LEU U 194 40.53 9.48 -30.92
C LEU U 194 41.48 10.06 -29.86
N LEU U 195 42.49 10.81 -30.30
CA LEU U 195 43.26 11.62 -29.37
C LEU U 195 42.39 12.68 -28.70
N GLU U 196 41.50 13.32 -29.46
CA GLU U 196 40.60 14.30 -28.87
C GLU U 196 39.49 13.63 -28.08
N VAL U 197 39.28 12.34 -28.33
CA VAL U 197 38.40 11.51 -27.51
C VAL U 197 39.03 11.24 -26.16
N VAL U 198 38.30 10.47 -25.33
CA VAL U 198 38.66 10.13 -23.95
C VAL U 198 40.00 9.42 -23.86
N GLN U 199 40.48 9.22 -22.62
CA GLN U 199 41.85 9.47 -22.15
C GLN U 199 42.95 9.14 -23.15
N SER U 200 42.77 8.13 -24.02
CA SER U 200 43.69 7.77 -25.09
C SER U 200 45.07 7.38 -24.56
N GLY U 201 45.07 6.53 -23.53
CA GLY U 201 46.28 6.01 -22.96
C GLY U 201 46.73 4.70 -23.58
N GLY U 202 46.22 4.34 -24.75
CA GLY U 202 46.58 3.10 -25.40
C GLY U 202 45.91 1.87 -24.81
N LYS U 203 44.98 2.05 -23.88
CA LYS U 203 44.31 0.89 -23.29
C LYS U 203 42.88 0.77 -23.78
N ASN U 204 42.12 1.85 -23.68
CA ASN U 204 40.70 1.84 -24.04
C ASN U 204 40.45 2.03 -25.53
N ILE U 205 41.47 1.93 -26.38
CA ILE U 205 41.28 2.12 -27.80
C ILE U 205 41.27 0.76 -28.48
N GLU U 206 40.09 0.31 -28.88
CA GLU U 206 39.93 -0.96 -29.58
C GLU U 206 39.48 -0.68 -31.00
N LEU U 207 40.33 -1.00 -31.97
CA LEU U 207 40.05 -0.69 -33.36
C LEU U 207 40.01 -1.98 -34.16
N ALA U 208 39.25 -1.97 -35.25
CA ALA U 208 39.14 -3.13 -36.12
C ALA U 208 38.96 -2.65 -37.56
N VAL U 209 39.49 -3.42 -38.50
CA VAL U 209 39.47 -3.05 -39.90
C VAL U 209 38.88 -4.19 -40.73
N MET U 210 38.85 -3.97 -42.04
CA MET U 210 38.29 -4.92 -43.01
C MET U 210 38.85 -4.55 -44.38
N ARG U 211 39.69 -5.42 -44.94
CA ARG U 211 40.42 -5.10 -46.18
C ARG U 211 39.68 -5.64 -47.39
N ARG U 212 38.36 -5.41 -47.45
CA ARG U 212 37.51 -5.40 -48.66
C ARG U 212 37.30 -6.81 -49.23
N ASP U 213 38.08 -7.81 -48.80
CA ASP U 213 37.86 -9.21 -49.13
C ASP U 213 38.13 -10.11 -47.93
N GLN U 214 38.77 -9.57 -46.90
CA GLN U 214 39.17 -10.34 -45.75
C GLN U 214 38.06 -10.29 -44.70
N SER U 215 38.02 -11.30 -43.84
CA SER U 215 37.25 -11.19 -42.61
C SER U 215 37.85 -10.12 -41.71
N LEU U 216 37.03 -9.58 -40.83
CA LEU U 216 37.45 -8.43 -40.02
C LEU U 216 38.52 -8.82 -39.02
N LYS U 217 39.52 -7.95 -38.89
CA LYS U 217 40.73 -8.26 -38.14
C LYS U 217 40.78 -7.39 -36.89
N ILE U 218 40.51 -8.01 -35.74
CA ILE U 218 40.70 -7.32 -34.48
C ILE U 218 42.19 -7.21 -34.21
N LEU U 219 42.72 -6.00 -34.28
CA LEU U 219 44.15 -5.82 -34.10
C LEU U 219 44.51 -5.88 -32.62
N ASN U 220 45.62 -6.56 -32.33
CA ASN U 220 46.13 -6.63 -30.98
C ASN U 220 46.72 -5.28 -30.58
N PRO U 221 46.93 -5.05 -29.27
CA PRO U 221 47.71 -3.86 -28.88
C PRO U 221 49.19 -3.96 -29.24
N GLU U 222 49.47 -3.97 -30.54
CA GLU U 222 50.84 -4.11 -31.03
C GLU U 222 51.19 -2.93 -31.92
N GLU U 223 50.33 -2.62 -32.89
CA GLU U 223 50.59 -1.48 -33.77
C GLU U 223 49.78 -0.27 -33.37
N ILE U 224 48.89 -0.41 -32.38
CA ILE U 224 48.25 0.77 -31.80
C ILE U 224 49.30 1.60 -31.06
N GLU U 225 50.25 0.94 -30.39
CA GLU U 225 51.33 1.66 -29.73
C GLU U 225 52.29 2.25 -30.74
N LYS U 226 52.43 1.61 -31.91
CA LYS U 226 53.31 2.16 -32.94
C LYS U 226 52.65 3.33 -33.67
N TYR U 227 51.32 3.33 -33.73
CA TYR U 227 50.61 4.46 -34.32
C TYR U 227 50.55 5.62 -33.35
N VAL U 228 50.52 5.32 -32.06
CA VAL U 228 50.72 6.37 -31.06
C VAL U 228 52.15 6.87 -31.11
N ALA U 229 53.09 6.00 -31.50
CA ALA U 229 54.48 6.40 -31.60
C ALA U 229 54.71 7.33 -32.78
N GLU U 230 54.17 6.99 -33.95
CA GLU U 230 54.34 7.89 -35.09
C GLU U 230 53.43 9.10 -35.01
N ILE U 231 52.35 9.01 -34.22
CA ILE U 231 51.48 10.17 -34.03
C ILE U 231 52.15 11.17 -33.08
N GLU U 232 52.73 10.67 -31.98
CA GLU U 232 53.41 11.54 -31.05
C GLU U 232 54.73 12.07 -31.62
N LYS U 233 55.41 11.26 -32.43
CA LYS U 233 56.59 11.74 -33.14
C LYS U 233 56.21 12.74 -34.24
N GLU U 234 55.03 12.57 -34.84
CA GLU U 234 54.53 13.56 -35.79
C GLU U 234 54.21 14.87 -35.11
N LYS U 235 53.66 14.80 -33.88
CA LYS U 235 53.45 16.01 -33.10
C LYS U 235 54.76 16.59 -32.60
N GLU U 236 55.81 15.77 -32.51
CA GLU U 236 57.15 16.32 -32.28
C GLU U 236 57.65 17.04 -33.52
N GLU U 237 57.24 16.57 -34.71
CA GLU U 237 57.59 17.27 -35.94
C GLU U 237 56.71 18.49 -36.18
N ASN U 238 55.60 18.63 -35.45
CA ASN U 238 54.69 19.75 -35.65
C ASN U 238 55.17 21.05 -35.04
N GLU U 239 56.37 21.09 -34.46
CA GLU U 239 56.94 22.32 -33.94
C GLU U 239 58.46 22.29 -34.02
N TYR V 1 -1.12 15.42 -17.35
CA TYR V 1 -2.27 14.57 -17.13
C TYR V 1 -2.51 13.63 -18.30
N ASP V 2 -1.66 12.61 -18.42
CA ASP V 2 -1.77 11.64 -19.50
C ASP V 2 -3.11 10.90 -19.45
N ARG V 3 -4.07 11.39 -20.23
CA ARG V 3 -5.39 10.78 -20.27
C ARG V 3 -5.51 9.81 -21.45
N GLY V 4 -6.74 9.45 -21.79
CA GLY V 4 -6.99 8.52 -22.88
C GLY V 4 -6.31 8.94 -24.17
N VAL V 5 -5.54 8.03 -24.75
CA VAL V 5 -4.83 8.30 -25.99
C VAL V 5 -5.80 8.53 -27.15
N ASN V 6 -7.05 8.13 -26.95
CA ASN V 6 -8.07 8.30 -27.97
C ASN V 6 -9.21 9.22 -27.52
N THR V 7 -8.91 10.32 -26.84
CA THR V 7 -9.95 11.12 -26.19
C THR V 7 -10.16 12.45 -26.91
N PHE V 8 -11.42 12.87 -27.02
CA PHE V 8 -11.76 14.11 -27.70
C PHE V 8 -11.45 15.34 -26.86
N SER V 9 -11.44 16.50 -27.51
CA SER V 9 -11.09 17.76 -26.88
C SER V 9 -12.36 18.43 -26.37
N PRO V 10 -12.24 19.47 -25.55
CA PRO V 10 -13.41 20.31 -25.29
C PRO V 10 -13.93 21.13 -26.47
N GLU V 11 -13.13 21.30 -27.51
CA GLU V 11 -13.58 22.08 -28.68
C GLU V 11 -14.73 21.40 -29.46
N GLY V 12 -14.54 20.16 -29.87
CA GLY V 12 -13.29 19.46 -29.67
C GLY V 12 -13.07 18.29 -30.61
N ARG V 13 -11.81 17.98 -30.89
CA ARG V 13 -11.45 16.88 -31.78
C ARG V 13 -10.49 15.92 -31.09
N LEU V 14 -9.74 15.15 -31.87
CA LEU V 14 -8.78 14.22 -31.29
C LEU V 14 -7.56 14.98 -30.82
N PHE V 15 -7.25 14.87 -29.53
CA PHE V 15 -6.06 15.44 -28.93
C PHE V 15 -4.79 15.04 -29.63
N GLN V 16 -4.65 13.76 -29.92
CA GLN V 16 -3.37 13.27 -30.40
C GLN V 16 -3.19 13.52 -31.89
N VAL V 17 -4.29 13.64 -32.63
CA VAL V 17 -4.19 14.06 -34.03
C VAL V 17 -3.82 15.53 -34.11
N GLU V 18 -4.45 16.36 -33.27
CA GLU V 18 -4.10 17.78 -33.19
C GLU V 18 -2.66 17.98 -32.75
N TYR V 19 -2.16 17.12 -31.86
CA TYR V 19 -0.75 17.18 -31.51
C TYR V 19 0.11 16.69 -32.67
N ALA V 20 -0.42 15.75 -33.46
CA ALA V 20 0.33 15.23 -34.60
C ALA V 20 0.49 16.25 -35.71
N ILE V 21 -0.46 17.18 -35.85
CA ILE V 21 -0.35 18.20 -36.89
C ILE V 21 0.82 19.12 -36.64
N GLU V 22 1.13 19.39 -35.37
CA GLU V 22 2.24 20.27 -35.05
C GLU V 22 3.59 19.62 -35.35
N ALA V 23 3.62 18.29 -35.46
CA ALA V 23 4.85 17.60 -35.82
C ALA V 23 5.23 17.78 -37.28
N ILE V 24 4.31 18.25 -38.13
CA ILE V 24 4.67 18.52 -39.51
C ILE V 24 5.46 19.81 -39.60
N LYS V 25 5.23 20.73 -38.66
CA LYS V 25 5.76 22.09 -38.76
C LYS V 25 7.27 22.13 -38.60
N LEU V 26 7.86 21.17 -37.90
CA LEU V 26 9.31 21.19 -37.71
C LEU V 26 10.03 20.36 -38.78
N GLY V 27 9.28 19.68 -39.62
CA GLY V 27 9.88 18.95 -40.72
C GLY V 27 10.31 19.86 -41.85
N SER V 28 11.02 19.28 -42.81
CA SER V 28 11.50 20.05 -43.95
C SER V 28 10.36 20.35 -44.91
N THR V 29 10.59 21.36 -45.75
CA THR V 29 9.58 21.88 -46.65
C THR V 29 9.53 21.07 -47.93
N ALA V 30 8.53 21.35 -48.76
CA ALA V 30 8.37 20.77 -50.09
C ALA V 30 7.39 21.63 -50.88
N ILE V 31 7.41 21.48 -52.20
CA ILE V 31 6.58 22.25 -53.12
C ILE V 31 6.05 21.32 -54.19
N GLY V 32 4.73 21.24 -54.31
CA GLY V 32 4.14 20.61 -55.47
C GLY V 32 3.39 21.60 -56.33
N ILE V 33 3.40 21.37 -57.64
CA ILE V 33 2.68 22.19 -58.61
C ILE V 33 2.08 21.28 -59.67
N GLN V 34 0.78 21.40 -59.90
CA GLN V 34 0.11 20.68 -60.98
C GLN V 34 0.21 21.47 -62.26
N THR V 35 0.71 20.82 -63.31
CA THR V 35 0.85 21.38 -64.64
C THR V 35 -0.16 20.68 -65.54
N SER V 36 -0.59 21.34 -66.61
CA SER V 36 -1.38 20.65 -67.62
C SER V 36 -0.57 19.59 -68.36
N GLU V 37 0.76 19.71 -68.35
CA GLU V 37 1.60 18.74 -69.02
C GLU V 37 2.02 17.61 -68.09
N GLY V 38 2.11 17.88 -66.79
CA GLY V 38 2.56 16.86 -65.86
C GLY V 38 2.45 17.35 -64.44
N VAL V 39 3.32 16.81 -63.60
CA VAL V 39 3.45 17.28 -62.22
C VAL V 39 4.93 17.43 -61.92
N CYS V 40 5.35 18.65 -61.60
CA CYS V 40 6.68 18.87 -61.07
C CYS V 40 6.57 18.90 -59.55
N LEU V 41 7.72 18.81 -58.89
CA LEU V 41 7.72 18.61 -57.45
C LEU V 41 9.09 19.02 -56.93
N ALA V 42 9.14 19.53 -55.71
CA ALA V 42 10.39 19.99 -55.13
C ALA V 42 10.39 19.71 -53.64
N VAL V 43 11.59 19.62 -53.08
CA VAL V 43 11.81 19.35 -51.66
C VAL V 43 13.18 19.90 -51.31
N GLU V 44 13.52 19.93 -50.03
CA GLU V 44 14.88 20.23 -49.60
C GLU V 44 15.40 19.13 -48.70
N LYS V 45 16.65 18.69 -48.94
CA LYS V 45 17.19 17.56 -48.20
C LYS V 45 17.59 17.95 -46.79
N ARG V 46 17.93 19.24 -46.58
CA ARG V 46 18.42 19.77 -45.29
C ARG V 46 19.68 19.03 -44.83
N ILE V 47 20.78 19.26 -45.54
CA ILE V 47 22.10 18.74 -45.17
C ILE V 47 22.47 19.27 -43.79
N THR V 48 22.84 18.37 -42.89
CA THR V 48 23.12 18.77 -41.52
C THR V 48 24.59 19.12 -41.33
N SER V 49 25.49 18.45 -42.05
CA SER V 49 26.92 18.64 -41.88
C SER V 49 27.63 18.16 -43.12
N PRO V 50 28.84 18.66 -43.40
CA PRO V 50 29.66 18.07 -44.48
C PRO V 50 30.19 16.67 -44.19
N LEU V 51 29.95 16.12 -42.99
CA LEU V 51 30.22 14.71 -42.75
C LEU V 51 29.40 13.82 -43.68
N MET V 52 28.12 14.17 -43.83
CA MET V 52 27.13 13.27 -44.43
C MET V 52 27.26 13.24 -45.94
N GLU V 53 26.98 12.07 -46.51
CA GLU V 53 26.84 11.99 -47.96
C GLU V 53 25.47 12.53 -48.34
N PRO V 54 25.36 13.39 -49.35
CA PRO V 54 24.09 14.10 -49.58
C PRO V 54 23.08 13.32 -50.39
N SER V 55 23.51 12.35 -51.20
CA SER V 55 22.59 11.74 -52.14
C SER V 55 21.96 10.47 -51.62
N SER V 56 22.24 10.07 -50.38
CA SER V 56 21.60 8.86 -49.87
C SER V 56 20.26 9.18 -49.24
N ILE V 57 20.00 10.45 -48.96
CA ILE V 57 18.78 10.90 -48.30
C ILE V 57 17.66 10.83 -49.33
N GLU V 58 16.54 10.22 -48.97
CA GLU V 58 15.39 10.15 -49.84
C GLU V 58 14.26 11.02 -49.30
N LYS V 59 13.76 11.92 -50.15
CA LYS V 59 12.52 12.60 -49.85
C LYS V 59 11.50 12.32 -50.94
N ILE V 60 11.97 11.88 -52.11
CA ILE V 60 11.12 11.37 -53.15
C ILE V 60 11.48 9.91 -53.40
N VAL V 61 10.51 9.06 -53.17
CA VAL V 61 10.54 7.70 -53.66
C VAL V 61 9.38 7.57 -54.64
N GLU V 62 9.54 6.72 -55.63
CA GLU V 62 8.57 6.69 -56.72
C GLU V 62 7.78 5.40 -56.58
N ILE V 63 6.47 5.52 -56.34
CA ILE V 63 5.66 4.42 -55.84
C ILE V 63 5.44 3.36 -56.92
N ASP V 64 4.79 3.73 -58.00
CA ASP V 64 4.72 2.87 -59.17
C ASP V 64 5.67 3.47 -60.19
N ALA V 65 5.58 2.99 -61.43
CA ALA V 65 6.21 3.72 -62.53
C ALA V 65 5.61 5.10 -62.66
N HIS V 66 4.29 5.21 -62.55
CA HIS V 66 3.55 6.39 -62.97
C HIS V 66 2.96 7.19 -61.82
N ILE V 67 3.28 6.87 -60.57
CA ILE V 67 2.78 7.62 -59.43
C ILE V 67 3.97 8.00 -58.55
N GLY V 68 4.29 9.30 -58.53
CA GLY V 68 5.35 9.80 -57.69
C GLY V 68 4.89 9.99 -56.27
N CYS V 69 5.82 10.43 -55.42
CA CYS V 69 5.52 10.66 -54.02
C CYS V 69 6.47 11.70 -53.46
N ALA V 70 6.08 12.27 -52.33
CA ALA V 70 6.92 13.17 -51.57
C ALA V 70 6.57 13.04 -50.10
N MET V 71 7.57 12.80 -49.26
CA MET V 71 7.34 12.62 -47.84
C MET V 71 7.86 13.82 -47.06
N SER V 72 7.56 13.84 -45.77
CA SER V 72 7.82 15.00 -44.92
C SER V 72 7.80 14.57 -43.45
N GLY V 73 8.28 15.46 -42.59
CA GLY V 73 8.23 15.19 -41.15
C GLY V 73 9.20 14.10 -40.75
N LEU V 74 8.69 13.10 -40.05
CA LEU V 74 9.50 11.96 -39.67
C LEU V 74 9.53 10.96 -40.82
N ILE V 75 10.74 10.68 -41.33
CA ILE V 75 10.88 9.90 -42.53
C ILE V 75 10.65 8.41 -42.24
N ALA V 76 11.05 7.96 -41.05
CA ALA V 76 10.97 6.55 -40.73
C ALA V 76 9.52 6.12 -40.52
N ASP V 77 8.64 7.07 -40.19
CA ASP V 77 7.21 6.78 -40.23
C ASP V 77 6.72 6.68 -41.66
N ALA V 78 7.30 7.48 -42.57
CA ALA V 78 6.82 7.53 -43.94
C ALA V 78 7.13 6.26 -44.71
N LYS V 79 8.28 5.62 -44.41
CA LYS V 79 8.73 4.45 -45.15
C LYS V 79 7.75 3.27 -45.10
N THR V 80 7.08 3.12 -43.96
CA THR V 80 6.09 2.05 -43.80
C THR V 80 4.90 2.28 -44.73
N LEU V 81 4.41 3.51 -44.81
CA LEU V 81 3.30 3.83 -45.70
C LEU V 81 3.70 3.72 -47.16
N ILE V 82 4.95 4.03 -47.48
CA ILE V 82 5.46 3.85 -48.82
C ILE V 82 5.42 2.39 -49.22
N ASP V 83 6.04 1.53 -48.39
CA ASP V 83 6.21 0.13 -48.75
C ASP V 83 4.87 -0.60 -48.81
N LYS V 84 3.91 -0.19 -47.99
CA LYS V 84 2.61 -0.87 -48.04
C LYS V 84 1.73 -0.31 -49.15
N ALA V 85 1.85 0.99 -49.42
CA ALA V 85 1.10 1.59 -50.53
C ALA V 85 1.52 0.99 -51.87
N ARG V 86 2.81 0.62 -51.99
CA ARG V 86 3.26 -0.11 -53.16
C ARG V 86 2.56 -1.48 -53.28
N VAL V 87 2.37 -2.16 -52.15
CA VAL V 87 1.71 -3.46 -52.14
C VAL V 87 0.25 -3.33 -52.55
N GLU V 88 -0.39 -2.22 -52.15
CA GLU V 88 -1.78 -2.01 -52.52
C GLU V 88 -1.91 -1.68 -54.01
N THR V 89 -0.94 -0.96 -54.58
CA THR V 89 -0.95 -0.74 -56.02
C THR V 89 -0.74 -2.04 -56.80
N GLN V 90 0.20 -2.88 -56.34
CA GLN V 90 0.45 -4.14 -57.04
C GLN V 90 -0.74 -5.08 -56.93
N ASN V 91 -1.39 -5.12 -55.76
CA ASN V 91 -2.58 -5.95 -55.60
C ASN V 91 -3.70 -5.48 -56.51
N HIS V 92 -3.81 -4.16 -56.71
CA HIS V 92 -4.74 -3.65 -57.71
C HIS V 92 -4.38 -4.15 -59.10
N TRP V 93 -3.08 -4.19 -59.41
CA TRP V 93 -2.70 -4.57 -60.77
C TRP V 93 -2.84 -6.07 -60.99
N PHE V 94 -2.80 -6.87 -59.93
CA PHE V 94 -2.82 -8.31 -60.13
C PHE V 94 -4.21 -8.89 -59.89
N THR V 95 -5.13 -8.09 -59.35
CA THR V 95 -6.53 -8.49 -59.50
C THR V 95 -7.11 -7.94 -60.80
N TYR V 96 -6.57 -6.82 -61.29
CA TYR V 96 -7.32 -6.02 -62.27
C TYR V 96 -6.65 -5.84 -63.63
N ASN V 97 -5.33 -6.09 -63.75
CA ASN V 97 -4.56 -5.82 -64.98
C ASN V 97 -4.70 -4.40 -65.50
N GLU V 98 -4.75 -3.43 -64.60
CA GLU V 98 -4.76 -2.04 -65.00
C GLU V 98 -4.08 -1.22 -63.91
N THR V 99 -3.70 -0.01 -64.26
CA THR V 99 -3.02 0.87 -63.34
C THR V 99 -4.00 1.42 -62.31
N MET V 100 -3.64 1.26 -61.04
CA MET V 100 -4.39 1.89 -59.96
C MET V 100 -4.33 3.41 -60.09
N THR V 101 -5.51 4.03 -60.10
CA THR V 101 -5.64 5.47 -60.24
C THR V 101 -5.03 6.17 -59.04
N VAL V 102 -4.65 7.43 -59.24
CA VAL V 102 -3.89 8.16 -58.23
C VAL V 102 -4.77 8.47 -57.04
N GLU V 103 -6.08 8.59 -57.26
CA GLU V 103 -7.02 8.84 -56.18
C GLU V 103 -7.09 7.69 -55.20
N SER V 104 -7.28 6.47 -55.69
CA SER V 104 -7.63 5.36 -54.83
C SER V 104 -6.47 4.89 -53.98
N VAL V 105 -5.24 5.29 -54.37
CA VAL V 105 -4.08 5.04 -53.54
C VAL V 105 -4.24 5.71 -52.19
N THR V 106 -4.74 6.95 -52.18
CA THR V 106 -4.75 7.71 -50.95
C THR V 106 -5.98 7.37 -50.12
N GLN V 107 -7.02 6.82 -50.74
CA GLN V 107 -8.01 6.12 -49.94
C GLN V 107 -7.42 4.88 -49.31
N ALA V 108 -6.59 4.16 -50.05
CA ALA V 108 -6.06 2.89 -49.57
C ALA V 108 -5.00 3.11 -48.48
N VAL V 109 -4.50 4.35 -48.35
CA VAL V 109 -3.63 4.67 -47.23
C VAL V 109 -4.41 5.34 -46.11
N SER V 110 -5.29 6.27 -46.46
CA SER V 110 -5.96 7.07 -45.44
C SER V 110 -7.07 6.30 -44.75
N ASN V 111 -7.42 5.11 -45.25
CA ASN V 111 -8.33 4.26 -44.51
C ASN V 111 -7.65 3.65 -43.30
N LEU V 112 -6.33 3.63 -43.29
CA LEU V 112 -5.55 3.28 -42.12
C LEU V 112 -4.66 4.42 -41.65
N ALA V 113 -4.96 5.66 -42.03
CA ALA V 113 -4.36 6.80 -41.36
C ALA V 113 -4.74 6.84 -39.87
N LEU V 114 -5.93 6.33 -39.53
CA LEU V 114 -6.37 6.23 -38.14
C LEU V 114 -6.62 4.77 -37.78
N GLN V 115 -5.60 4.11 -37.24
CA GLN V 115 -5.76 2.79 -36.64
C GLN V 115 -5.25 2.69 -35.22
N PHE V 116 -4.95 3.81 -34.57
CA PHE V 116 -4.32 3.73 -33.26
C PHE V 116 -5.35 3.32 -32.19
N GLY V 117 -4.83 2.90 -31.05
CA GLY V 117 -5.66 2.41 -29.98
C GLY V 117 -4.89 1.44 -29.13
N GLU V 118 -5.63 0.69 -28.30
CA GLU V 118 -4.99 -0.32 -27.48
C GLU V 118 -5.36 -1.71 -27.97
N GLU V 119 -6.65 -2.01 -28.01
CA GLU V 119 -7.10 -3.22 -28.66
C GLU V 119 -7.42 -2.93 -30.13
N ASP V 120 -7.85 -3.96 -30.84
CA ASP V 120 -8.24 -3.93 -32.26
C ASP V 120 -7.12 -3.43 -33.17
N SER V 127 -0.52 2.30 -32.00
CA SER V 127 -0.46 3.01 -30.74
C SER V 127 -0.66 4.50 -30.92
N ARG V 128 0.20 5.09 -31.73
CA ARG V 128 0.16 6.51 -32.00
C ARG V 128 -0.18 6.74 -33.47
N PRO V 129 -0.80 7.85 -33.83
CA PRO V 129 -1.04 8.11 -35.25
C PRO V 129 0.26 8.51 -35.94
N PHE V 130 0.23 8.45 -37.27
CA PHE V 130 1.43 8.72 -38.04
C PHE V 130 1.75 10.20 -38.07
N GLY V 131 3.03 10.52 -38.21
CA GLY V 131 3.47 11.89 -38.13
C GLY V 131 4.04 12.41 -39.44
N VAL V 132 3.37 12.09 -40.54
CA VAL V 132 3.85 12.40 -41.87
C VAL V 132 2.79 13.22 -42.60
N ALA V 133 3.22 14.05 -43.53
CA ALA V 133 2.32 14.72 -44.46
C ALA V 133 2.81 14.50 -45.88
N LEU V 134 2.13 13.60 -46.58
CA LEU V 134 2.60 13.12 -47.87
C LEU V 134 2.10 14.01 -48.98
N LEU V 135 2.83 13.99 -50.09
CA LEU V 135 2.40 14.63 -51.33
C LEU V 135 2.47 13.57 -52.42
N PHE V 136 1.31 13.20 -52.96
CA PHE V 136 1.24 12.22 -54.04
C PHE V 136 1.05 12.95 -55.35
N GLY V 137 1.84 12.57 -56.35
CA GLY V 137 1.63 13.03 -57.71
C GLY V 137 1.28 11.85 -58.60
N GLY V 138 1.26 12.10 -59.89
CA GLY V 138 1.11 11.00 -60.83
C GLY V 138 0.16 11.38 -61.96
N VAL V 139 0.16 10.53 -62.98
CA VAL V 139 -0.70 10.69 -64.14
C VAL V 139 -1.48 9.40 -64.32
N ASP V 140 -2.77 9.45 -64.04
CA ASP V 140 -3.70 8.41 -64.42
C ASP V 140 -4.42 8.83 -65.71
N GLU V 141 -5.51 8.13 -66.05
CA GLU V 141 -6.28 8.51 -67.23
C GLU V 141 -7.00 9.84 -67.04
N LYS V 142 -7.16 10.29 -65.79
CA LYS V 142 -7.82 11.56 -65.53
C LYS V 142 -6.86 12.73 -65.68
N GLY V 143 -5.63 12.48 -66.11
CA GLY V 143 -4.66 13.53 -66.31
C GLY V 143 -3.63 13.54 -65.20
N PRO V 144 -2.79 14.57 -65.17
CA PRO V 144 -1.83 14.70 -64.06
C PRO V 144 -2.51 15.21 -62.81
N GLN V 145 -2.54 14.37 -61.78
CA GLN V 145 -3.18 14.70 -60.51
C GLN V 145 -2.11 14.98 -59.48
N LEU V 146 -2.39 15.92 -58.59
CA LEU V 146 -1.50 16.28 -57.50
C LEU V 146 -2.29 16.22 -56.21
N PHE V 147 -1.83 15.43 -55.25
CA PHE V 147 -2.59 15.12 -54.06
C PHE V 147 -1.80 15.39 -52.81
N HIS V 148 -2.48 15.22 -51.67
CA HIS V 148 -1.98 15.66 -50.38
C HIS V 148 -2.76 14.96 -49.29
N MET V 149 -2.07 14.30 -48.38
CA MET V 149 -2.72 13.68 -47.24
C MET V 149 -1.99 14.08 -45.97
N ASP V 150 -2.71 13.99 -44.89
CA ASP V 150 -2.35 14.50 -43.58
C ASP V 150 -2.37 13.33 -42.59
N PRO V 151 -1.98 13.52 -41.32
CA PRO V 151 -2.20 12.43 -40.35
C PRO V 151 -3.67 12.14 -40.06
N SER V 152 -4.56 13.11 -40.29
CA SER V 152 -5.95 12.91 -39.94
C SER V 152 -6.67 12.05 -40.97
N GLY V 153 -6.05 11.84 -42.12
CA GLY V 153 -6.67 11.14 -43.22
C GLY V 153 -7.53 12.02 -44.08
N THR V 154 -7.66 13.29 -43.73
CA THR V 154 -8.48 14.19 -44.51
C THR V 154 -7.76 14.51 -45.81
N PHE V 155 -8.07 13.70 -46.81
CA PHE V 155 -7.43 13.74 -48.11
C PHE V 155 -8.20 14.61 -49.10
N VAL V 156 -7.46 15.50 -49.76
CA VAL V 156 -8.07 16.48 -50.65
C VAL V 156 -7.13 16.67 -51.83
N GLN V 157 -7.67 17.04 -52.99
CA GLN V 157 -6.84 17.46 -54.11
C GLN V 157 -6.31 18.86 -53.81
N CYS V 158 -5.06 19.10 -54.13
CA CYS V 158 -4.47 20.42 -54.06
C CYS V 158 -3.75 20.70 -55.38
N ASP V 159 -4.03 21.86 -55.97
CA ASP V 159 -3.41 22.21 -57.25
C ASP V 159 -1.94 22.53 -57.07
N ALA V 160 -1.61 23.30 -56.05
CA ALA V 160 -0.21 23.69 -55.84
C ALA V 160 0.04 23.84 -54.35
N ARG V 161 0.43 22.75 -53.72
CA ARG V 161 0.46 22.62 -52.27
C ARG V 161 1.87 22.75 -51.75
N ALA V 162 2.01 23.51 -50.67
CA ALA V 162 3.21 23.51 -49.86
C ALA V 162 2.89 22.87 -48.53
N ILE V 163 3.94 22.47 -47.82
CA ILE V 163 3.80 21.82 -46.52
C ILE V 163 4.84 22.41 -45.57
N GLY V 164 4.92 21.80 -44.39
CA GLY V 164 6.09 21.92 -43.54
C GLY V 164 6.27 23.28 -42.91
N SER V 165 7.54 23.59 -42.64
CA SER V 165 7.88 24.83 -41.97
C SER V 165 7.62 26.03 -42.87
N ALA V 166 7.81 25.88 -44.17
CA ALA V 166 7.76 27.03 -45.05
C ALA V 166 6.35 27.30 -45.56
N SER V 167 5.40 26.44 -45.19
CA SER V 167 4.03 26.37 -45.71
C SER V 167 3.30 27.70 -45.81
N GLU V 168 3.43 28.52 -44.78
CA GLU V 168 2.70 29.79 -44.73
C GLU V 168 3.23 30.77 -45.76
N GLY V 169 4.53 31.02 -45.73
CA GLY V 169 5.14 31.90 -46.73
C GLY V 169 5.18 31.32 -48.12
N ALA V 170 5.24 29.98 -48.25
CA ALA V 170 5.31 29.39 -49.57
C ALA V 170 3.96 29.38 -50.26
N GLN V 171 2.90 29.01 -49.55
CA GLN V 171 1.54 29.19 -50.08
C GLN V 171 1.25 30.64 -50.37
N SER V 172 1.45 31.51 -49.37
CA SER V 172 1.16 32.93 -49.42
C SER V 172 1.88 33.63 -50.57
N SER V 173 3.14 33.27 -50.79
CA SER V 173 3.86 33.76 -51.95
C SER V 173 3.52 32.99 -53.22
N LEU V 174 2.85 31.85 -53.10
CA LEU V 174 2.72 30.96 -54.24
C LEU V 174 1.42 31.19 -55.00
N GLN V 175 0.37 31.70 -54.34
CA GLN V 175 -0.84 32.04 -55.12
C GLN V 175 -0.61 33.24 -56.03
N GLU V 176 0.39 34.06 -55.73
CA GLU V 176 0.67 35.23 -56.56
C GLU V 176 1.26 34.81 -57.90
N VAL V 177 2.02 33.73 -57.93
CA VAL V 177 2.78 33.35 -59.12
C VAL V 177 2.20 32.15 -59.83
N TYR V 178 0.95 31.80 -59.58
CA TYR V 178 0.35 30.65 -60.21
C TYR V 178 -0.90 31.02 -60.98
N HIS V 179 -1.08 30.38 -62.14
CA HIS V 179 -2.26 30.54 -62.97
C HIS V 179 -2.63 29.18 -63.56
N LYS V 180 -3.67 29.18 -64.39
CA LYS V 180 -4.22 27.93 -64.88
C LYS V 180 -3.38 27.29 -65.99
N SER V 181 -2.73 28.07 -66.83
CA SER V 181 -2.02 27.55 -67.98
C SER V 181 -0.51 27.53 -67.80
N MET V 182 -0.02 27.15 -66.62
CA MET V 182 1.40 26.98 -66.37
C MET V 182 1.98 25.87 -67.24
N THR V 183 3.17 26.10 -67.77
CA THR V 183 3.88 25.03 -68.44
C THR V 183 4.89 24.40 -67.49
N LEU V 184 5.63 23.42 -68.01
CA LEU V 184 6.49 22.63 -67.13
C LEU V 184 7.76 23.38 -66.76
N LYS V 185 8.55 23.78 -67.77
CA LYS V 185 9.84 24.41 -67.48
C LYS V 185 9.67 25.81 -66.90
N GLU V 186 8.48 26.38 -67.03
CA GLU V 186 8.14 27.58 -66.27
C GLU V 186 7.99 27.25 -64.79
N ALA V 187 7.32 26.13 -64.48
CA ALA V 187 7.03 25.79 -63.10
C ALA V 187 8.28 25.30 -62.37
N ILE V 188 9.17 24.63 -63.10
CA ILE V 188 10.38 24.05 -62.51
C ILE V 188 11.29 25.16 -62.00
N LYS V 189 11.52 26.18 -62.82
CA LYS V 189 12.23 27.34 -62.29
C LYS V 189 11.33 28.24 -61.47
N SER V 190 10.02 27.99 -61.43
CA SER V 190 9.15 28.75 -60.54
C SER V 190 9.14 28.17 -59.14
N SER V 191 9.71 26.98 -58.94
CA SER V 191 9.77 26.41 -57.60
C SER V 191 11.05 26.84 -56.87
N LEU V 192 12.17 26.85 -57.59
CA LEU V 192 13.47 27.04 -56.94
C LEU V 192 13.66 28.47 -56.47
N ILE V 193 12.91 29.42 -57.03
CA ILE V 193 12.88 30.77 -56.50
C ILE V 193 12.36 30.75 -55.06
N ILE V 194 11.27 30.01 -54.86
CA ILE V 194 10.68 29.87 -53.53
C ILE V 194 11.61 29.11 -52.61
N LEU V 195 12.28 28.07 -53.15
CA LEU V 195 13.21 27.30 -52.33
C LEU V 195 14.40 28.13 -51.88
N LYS V 196 15.01 28.90 -52.79
CA LYS V 196 16.13 29.73 -52.38
C LYS V 196 15.70 30.92 -51.54
N GLN V 197 14.41 31.26 -51.54
CA GLN V 197 13.94 32.17 -50.51
C GLN V 197 13.80 31.49 -49.16
N VAL V 198 13.42 30.21 -49.12
CA VAL V 198 13.03 29.62 -47.84
C VAL V 198 14.08 28.73 -47.20
N MET V 199 15.21 28.48 -47.84
CA MET V 199 16.24 27.62 -47.27
C MET V 199 17.25 28.46 -46.51
N GLU V 200 18.07 27.79 -45.68
CA GLU V 200 19.05 28.51 -44.88
C GLU V 200 20.45 28.27 -45.41
N GLU V 201 20.69 27.14 -46.05
CA GLU V 201 21.96 26.91 -46.72
C GLU V 201 21.91 27.47 -48.13
N LYS V 202 23.08 27.67 -48.72
CA LYS V 202 23.13 28.19 -50.08
C LYS V 202 22.65 27.13 -51.06
N LEU V 203 21.77 27.55 -51.97
CA LEU V 203 21.25 26.65 -52.99
C LEU V 203 22.33 26.22 -53.95
N ASN V 204 22.51 24.91 -54.08
CA ASN V 204 23.50 24.35 -54.98
C ASN V 204 23.08 22.94 -55.39
N ALA V 205 24.04 22.18 -55.91
CA ALA V 205 23.73 20.89 -56.51
C ALA V 205 23.44 19.80 -55.48
N THR V 206 23.62 20.07 -54.19
CA THR V 206 23.45 19.02 -53.20
C THR V 206 22.25 19.22 -52.28
N ASN V 207 21.54 20.35 -52.40
CA ASN V 207 20.53 20.64 -51.40
C ASN V 207 19.16 20.10 -51.78
N ILE V 208 18.72 20.31 -53.01
CA ILE V 208 17.35 20.01 -53.38
C ILE V 208 17.32 18.90 -54.42
N GLU V 209 16.12 18.40 -54.68
CA GLU V 209 15.90 17.45 -55.76
C GLU V 209 14.50 17.65 -56.32
N LEU V 210 14.44 17.63 -57.65
CA LEU V 210 13.20 17.78 -58.39
C LEU V 210 12.69 16.40 -58.78
N ALA V 211 11.44 16.32 -59.20
CA ALA V 211 10.83 15.08 -59.62
C ALA V 211 9.66 15.43 -60.53
N THR V 212 9.69 14.92 -61.75
CA THR V 212 8.64 15.20 -62.73
C THR V 212 8.08 13.90 -63.27
N VAL V 213 6.80 13.93 -63.61
CA VAL V 213 6.11 12.78 -64.18
C VAL V 213 5.05 13.28 -65.16
N GLN V 214 5.12 12.77 -66.40
CA GLN V 214 4.30 13.23 -67.51
C GLN V 214 3.79 12.04 -68.30
N PRO V 215 2.70 12.22 -69.07
CA PRO V 215 2.32 11.16 -70.02
C PRO V 215 3.33 10.97 -71.12
N GLY V 216 3.86 12.06 -71.68
CA GLY V 216 4.78 12.01 -72.79
C GLY V 216 6.23 12.32 -72.46
N GLN V 217 6.56 12.47 -71.18
CA GLN V 217 7.95 12.67 -70.77
C GLN V 217 8.21 11.73 -69.61
N ASN V 218 8.55 10.48 -69.92
CA ASN V 218 8.51 9.40 -68.94
C ASN V 218 9.24 8.14 -69.42
N PHE V 219 10.12 7.60 -68.58
CA PHE V 219 10.51 8.25 -67.34
C PHE V 219 12.03 8.43 -67.28
N HIS V 220 12.51 9.61 -67.67
CA HIS V 220 12.21 10.89 -67.02
C HIS V 220 11.96 10.73 -65.53
N MET V 221 13.02 10.44 -64.77
CA MET V 221 12.92 10.28 -63.33
C MET V 221 13.60 11.43 -62.60
N PHE V 222 14.80 11.19 -62.11
CA PHE V 222 15.56 12.21 -61.39
C PHE V 222 17.05 11.89 -61.35
N THR V 223 17.82 12.56 -62.20
CA THR V 223 19.26 12.35 -62.26
C THR V 223 19.96 13.66 -61.93
N LYS V 224 21.23 13.56 -61.55
CA LYS V 224 22.02 14.76 -61.37
C LYS V 224 22.47 15.29 -62.74
N GLU V 225 23.04 16.50 -62.71
CA GLU V 225 23.54 17.32 -63.82
C GLU V 225 22.43 17.87 -64.71
N GLU V 226 21.20 17.41 -64.52
CA GLU V 226 20.05 18.16 -65.00
C GLU V 226 19.84 19.36 -64.10
N LEU V 227 19.97 19.13 -62.80
CA LEU V 227 19.75 20.15 -61.78
C LEU V 227 20.82 21.25 -61.86
N GLU V 228 22.01 20.90 -62.35
CA GLU V 228 23.05 21.89 -62.57
C GLU V 228 22.63 22.90 -63.64
N GLU V 229 22.03 22.40 -64.71
CA GLU V 229 21.45 23.27 -65.73
C GLU V 229 20.23 23.99 -65.21
N VAL V 230 19.49 23.38 -64.28
CA VAL V 230 18.28 23.99 -63.73
C VAL V 230 18.60 25.18 -62.85
N ILE V 231 19.60 25.06 -61.96
CA ILE V 231 19.93 26.16 -61.05
C ILE V 231 20.62 27.30 -61.81
N LYS V 232 21.49 26.97 -62.76
CA LYS V 232 22.26 28.00 -63.46
C LYS V 232 21.41 28.85 -64.40
N ASP V 233 20.14 28.50 -64.62
CA ASP V 233 19.23 29.35 -65.37
C ASP V 233 18.66 30.50 -64.55
N ILE V 234 19.07 30.64 -63.29
CA ILE V 234 18.60 31.73 -62.45
C ILE V 234 19.25 33.03 -62.93
N ASN W 1 -12.83 18.46 -13.35
CA ASN W 1 -12.86 17.96 -14.72
C ASN W 1 -12.18 16.60 -14.84
N GLN W 2 -11.99 15.93 -13.71
CA GLN W 2 -11.36 14.62 -13.72
C GLN W 2 -12.32 13.54 -14.19
N TYR W 3 -13.62 13.81 -14.21
CA TYR W 3 -14.59 12.91 -14.83
C TYR W 3 -14.88 13.26 -16.28
N ASP W 4 -14.10 14.15 -16.88
CA ASP W 4 -14.12 14.37 -18.31
C ASP W 4 -13.14 13.46 -19.03
N ASN W 5 -12.66 12.42 -18.36
CA ASN W 5 -11.51 11.68 -18.87
C ASN W 5 -11.92 10.72 -19.97
N ASP W 6 -12.81 9.79 -19.67
CA ASP W 6 -13.05 8.66 -20.54
C ASP W 6 -14.54 8.48 -20.81
N VAL W 7 -14.85 7.52 -21.68
CA VAL W 7 -16.24 7.30 -22.05
C VAL W 7 -16.93 6.47 -20.97
N THR W 8 -16.16 5.74 -20.17
CA THR W 8 -16.71 4.92 -19.10
C THR W 8 -17.33 5.77 -17.99
N VAL W 9 -16.71 6.89 -17.64
CA VAL W 9 -17.06 7.58 -16.41
C VAL W 9 -18.33 8.39 -16.59
N TRP W 10 -19.36 8.08 -15.79
CA TRP W 10 -20.57 8.87 -15.73
C TRP W 10 -20.29 10.18 -15.01
N SER W 11 -21.10 11.19 -15.28
CA SER W 11 -21.00 12.44 -14.54
C SER W 11 -21.73 12.33 -13.21
N PRO W 12 -21.48 13.25 -12.29
CA PRO W 12 -22.38 13.37 -11.13
C PRO W 12 -23.66 14.11 -11.46
N GLN W 13 -23.80 14.60 -12.69
CA GLN W 13 -25.03 15.19 -13.17
C GLN W 13 -25.80 14.26 -14.10
N GLY W 14 -25.17 13.20 -14.59
CA GLY W 14 -25.85 12.27 -15.46
C GLY W 14 -25.66 12.51 -16.94
N ARG W 15 -24.57 13.16 -17.35
CA ARG W 15 -24.32 13.44 -18.75
C ARG W 15 -22.88 13.04 -19.06
N ILE W 16 -22.72 11.99 -19.86
CA ILE W 16 -21.40 11.47 -20.20
C ILE W 16 -20.74 12.44 -21.17
N HIS W 17 -19.62 13.02 -20.77
CA HIS W 17 -19.06 14.18 -21.46
C HIS W 17 -18.49 13.88 -22.83
N GLN W 18 -17.96 12.66 -23.06
CA GLN W 18 -17.34 12.34 -24.35
C GLN W 18 -18.34 12.42 -25.48
N ILE W 19 -19.60 12.11 -25.18
CA ILE W 19 -20.66 12.24 -26.17
C ILE W 19 -20.91 13.72 -26.49
N GLU W 20 -20.88 14.57 -25.46
CA GLU W 20 -21.06 16.01 -25.67
C GLU W 20 -19.92 16.61 -26.47
N TYR W 21 -18.69 16.15 -26.20
CA TYR W 21 -17.56 16.65 -26.97
C TYR W 21 -17.60 16.13 -28.40
N ALA W 22 -18.19 14.96 -28.61
CA ALA W 22 -18.33 14.47 -29.97
C ALA W 22 -19.43 15.20 -30.72
N MET W 23 -20.49 15.63 -30.02
CA MET W 23 -21.47 16.53 -30.60
C MET W 23 -20.84 17.85 -31.00
N GLU W 24 -19.87 18.32 -30.22
CA GLU W 24 -19.13 19.50 -30.61
C GLU W 24 -18.33 19.24 -31.89
N ALA W 25 -17.88 18.01 -32.10
CA ALA W 25 -17.22 17.69 -33.35
C ALA W 25 -18.21 17.60 -34.50
N VAL W 26 -19.48 17.33 -34.19
CA VAL W 26 -20.51 17.39 -35.23
C VAL W 26 -20.75 18.84 -35.65
N LYS W 27 -20.81 19.77 -34.70
CA LYS W 27 -21.15 21.14 -35.03
C LYS W 27 -20.04 21.85 -35.80
N GLN W 28 -18.81 21.33 -35.75
CA GLN W 28 -17.71 22.04 -36.40
C GLN W 28 -17.67 21.78 -37.89
N GLY W 29 -18.42 20.79 -38.38
CA GLY W 29 -18.47 20.52 -39.80
C GLY W 29 -19.30 21.55 -40.54
N SER W 30 -19.25 21.54 -41.87
CA SER W 30 -20.00 22.54 -42.62
C SER W 30 -21.48 22.18 -42.66
N ALA W 31 -22.28 23.10 -43.19
CA ALA W 31 -23.72 22.96 -43.18
C ALA W 31 -24.16 21.99 -44.28
N THR W 32 -25.26 21.29 -44.04
CA THR W 32 -25.92 20.46 -45.03
C THR W 32 -27.38 20.31 -44.64
N VAL W 33 -28.26 20.25 -45.64
CA VAL W 33 -29.71 20.29 -45.44
C VAL W 33 -30.33 19.17 -46.24
N GLY W 34 -31.07 18.30 -45.55
CA GLY W 34 -31.84 17.25 -46.19
C GLY W 34 -33.32 17.41 -45.90
N LEU W 35 -34.12 17.34 -46.96
CA LEU W 35 -35.56 17.55 -46.83
C LEU W 35 -36.28 16.76 -47.90
N LYS W 36 -37.45 16.24 -47.53
CA LYS W 36 -38.17 15.31 -48.39
C LYS W 36 -39.50 15.91 -48.79
N SER W 37 -40.02 15.43 -49.92
CA SER W 37 -41.41 15.56 -50.29
C SER W 37 -42.10 14.23 -50.00
N LYS W 38 -43.34 14.10 -50.46
CA LYS W 38 -43.96 12.78 -50.41
C LYS W 38 -43.44 11.87 -51.50
N THR W 39 -42.88 12.41 -52.58
CA THR W 39 -42.52 11.62 -53.74
C THR W 39 -41.01 11.62 -54.00
N HIS W 40 -40.24 12.46 -53.31
CA HIS W 40 -38.80 12.54 -53.51
C HIS W 40 -38.08 12.92 -52.23
N ALA W 41 -36.77 12.73 -52.22
CA ALA W 41 -35.92 13.17 -51.14
C ALA W 41 -34.70 13.88 -51.70
N VAL W 42 -34.39 15.05 -51.13
CA VAL W 42 -33.29 15.89 -51.61
C VAL W 42 -32.43 16.27 -50.42
N LEU W 43 -31.13 16.01 -50.52
CA LEU W 43 -30.18 16.50 -49.54
C LEU W 43 -29.10 17.33 -50.22
N VAL W 44 -28.85 18.52 -49.67
CA VAL W 44 -27.97 19.51 -50.28
C VAL W 44 -26.90 19.87 -49.26
N ALA W 45 -25.64 19.84 -49.69
CA ALA W 45 -24.51 20.13 -48.83
C ALA W 45 -23.78 21.37 -49.33
N LEU W 46 -22.91 21.90 -48.48
CA LEU W 46 -22.05 23.03 -48.81
C LEU W 46 -20.61 22.69 -48.52
N LYS W 47 -19.80 22.63 -49.57
CA LYS W 47 -18.38 22.33 -49.45
C LYS W 47 -17.66 23.55 -48.89
N ARG W 48 -16.50 23.30 -48.26
CA ARG W 48 -15.52 24.33 -47.98
C ARG W 48 -14.17 23.85 -48.48
N ALA W 49 -13.24 24.80 -48.66
CA ALA W 49 -11.91 24.47 -49.14
C ALA W 49 -10.88 24.90 -48.11
N GLN W 50 -9.68 24.34 -48.24
CA GLN W 50 -8.58 24.75 -47.37
C GLN W 50 -8.01 26.10 -47.81
N SER W 51 -7.72 26.25 -49.09
CA SER W 51 -7.24 27.49 -49.66
C SER W 51 -7.92 27.75 -50.99
N GLU W 52 -7.42 28.73 -51.73
CA GLU W 52 -7.98 29.01 -53.05
C GLU W 52 -7.63 27.91 -54.05
N LEU W 53 -6.37 27.46 -54.03
CA LEU W 53 -5.90 26.54 -55.06
C LEU W 53 -6.37 25.12 -54.81
N ALA W 54 -6.60 24.74 -53.55
CA ALA W 54 -7.07 23.40 -53.26
C ALA W 54 -8.54 23.29 -53.62
N ALA W 55 -8.92 22.16 -54.21
CA ALA W 55 -10.32 21.94 -54.55
C ALA W 55 -11.14 21.73 -53.29
N HIS W 56 -12.44 22.00 -53.38
CA HIS W 56 -13.31 21.88 -52.23
C HIS W 56 -13.53 20.43 -51.84
N GLN W 57 -13.39 20.14 -50.55
CA GLN W 57 -13.60 18.80 -50.04
C GLN W 57 -15.07 18.41 -50.13
N LYS W 58 -15.34 17.28 -50.78
CA LYS W 58 -16.71 16.89 -51.04
C LYS W 58 -17.36 16.29 -49.79
N LYS W 59 -18.69 16.30 -49.78
CA LYS W 59 -19.47 15.79 -48.67
C LYS W 59 -20.31 14.59 -49.11
N ILE W 60 -21.15 14.76 -50.14
CA ILE W 60 -22.12 13.74 -50.49
C ILE W 60 -21.41 12.61 -51.22
N LEU W 61 -21.57 11.40 -50.71
CA LEU W 61 -20.94 10.24 -51.33
C LEU W 61 -21.99 9.18 -51.61
N HIS W 62 -21.87 8.57 -52.78
CA HIS W 62 -22.77 7.54 -53.24
C HIS W 62 -22.58 6.27 -52.43
N VAL W 63 -23.69 5.61 -52.08
CA VAL W 63 -23.62 4.41 -51.24
C VAL W 63 -24.29 3.21 -51.90
N ASP W 64 -25.55 3.35 -52.27
CA ASP W 64 -26.19 2.23 -52.93
C ASP W 64 -26.96 2.75 -54.14
N ASN W 65 -27.79 1.89 -54.73
CA ASN W 65 -28.57 2.33 -55.88
C ASN W 65 -29.73 3.21 -55.46
N HIS W 66 -30.02 3.31 -54.17
CA HIS W 66 -31.00 4.26 -53.69
C HIS W 66 -30.61 4.95 -52.39
N ILE W 67 -29.64 4.44 -51.65
CA ILE W 67 -29.27 5.00 -50.36
C ILE W 67 -28.12 5.97 -50.60
N GLY W 68 -28.30 7.22 -50.17
CA GLY W 68 -27.25 8.19 -50.18
C GLY W 68 -27.17 8.93 -48.86
N ILE W 69 -25.95 9.31 -48.47
CA ILE W 69 -25.73 9.96 -47.18
C ILE W 69 -24.90 11.21 -47.39
N SER W 70 -25.23 12.25 -46.63
CA SER W 70 -24.36 13.40 -46.46
C SER W 70 -23.38 13.11 -45.33
N ILE W 71 -22.59 14.11 -44.97
CA ILE W 71 -21.62 13.95 -43.89
C ILE W 71 -21.26 15.32 -43.34
N ALA W 72 -20.92 15.37 -42.05
CA ALA W 72 -20.22 16.49 -41.46
C ALA W 72 -19.35 15.96 -40.33
N GLY W 73 -18.23 16.64 -40.08
CA GLY W 73 -17.32 16.26 -39.02
C GLY W 73 -16.08 15.59 -39.58
N LEU W 74 -15.69 14.45 -38.98
CA LEU W 74 -14.48 13.75 -39.35
C LEU W 74 -14.64 13.07 -40.71
N THR W 75 -13.53 12.68 -41.32
CA THR W 75 -13.61 12.13 -42.67
C THR W 75 -13.25 10.66 -42.69
N ALA W 76 -12.25 10.25 -41.90
CA ALA W 76 -11.79 8.86 -41.91
C ALA W 76 -12.85 7.94 -41.33
N ASP W 77 -13.53 8.40 -40.27
CA ASP W 77 -14.63 7.62 -39.71
C ASP W 77 -15.82 7.59 -40.66
N ALA W 78 -15.95 8.62 -41.51
CA ALA W 78 -16.96 8.59 -42.54
C ALA W 78 -16.64 7.55 -43.60
N ARG W 79 -15.35 7.35 -43.88
CA ARG W 79 -14.99 6.22 -44.73
C ARG W 79 -15.19 4.90 -44.01
N LEU W 80 -15.09 4.87 -42.68
CA LEU W 80 -15.25 3.63 -41.94
C LEU W 80 -16.70 3.17 -41.95
N LEU W 81 -17.62 4.05 -41.51
CA LEU W 81 -19.04 3.74 -41.60
C LEU W 81 -19.54 3.74 -43.04
N CYS W 82 -18.80 4.34 -43.96
CA CYS W 82 -19.09 4.18 -45.37
C CYS W 82 -18.83 2.76 -45.83
N ASN W 83 -17.69 2.18 -45.46
CA ASN W 83 -17.37 0.83 -45.92
C ASN W 83 -18.26 -0.20 -45.24
N PHE W 84 -18.55 0.01 -43.95
CA PHE W 84 -19.55 -0.82 -43.28
C PHE W 84 -20.93 -0.65 -43.89
N MET W 85 -21.23 0.55 -44.39
CA MET W 85 -22.51 0.83 -45.02
C MET W 85 -22.66 0.06 -46.33
N ARG W 86 -21.63 0.13 -47.20
CA ARG W 86 -21.61 -0.66 -48.42
C ARG W 86 -21.73 -2.14 -48.13
N GLN W 87 -20.98 -2.62 -47.13
CA GLN W 87 -20.90 -4.06 -46.90
C GLN W 87 -22.21 -4.62 -46.36
N GLU W 88 -22.89 -3.85 -45.50
CA GLU W 88 -24.20 -4.32 -45.05
C GLU W 88 -25.28 -4.11 -46.10
N CYS W 89 -25.05 -3.24 -47.09
CA CYS W 89 -25.98 -3.20 -48.22
C CYS W 89 -25.85 -4.47 -49.06
N LEU W 90 -24.64 -4.75 -49.54
CA LEU W 90 -24.51 -5.85 -50.49
C LEU W 90 -24.45 -7.21 -49.81
N ASP W 91 -24.44 -7.27 -48.49
CA ASP W 91 -24.72 -8.53 -47.81
C ASP W 91 -26.13 -9.00 -48.08
N SER W 92 -27.13 -8.19 -47.73
CA SER W 92 -28.50 -8.59 -47.93
C SER W 92 -28.89 -8.52 -49.40
N ARG W 93 -28.18 -7.70 -50.19
CA ARG W 93 -28.35 -7.76 -51.63
C ARG W 93 -27.80 -9.08 -52.17
N PHE W 94 -26.78 -9.63 -51.52
CA PHE W 94 -26.24 -10.91 -51.95
C PHE W 94 -27.11 -12.07 -51.48
N VAL W 95 -27.71 -11.96 -50.30
CA VAL W 95 -28.42 -13.10 -49.75
C VAL W 95 -29.88 -13.10 -50.19
N PHE W 96 -30.64 -12.06 -49.85
CA PHE W 96 -32.07 -12.07 -50.07
C PHE W 96 -32.48 -11.72 -51.49
N ASP W 97 -31.55 -11.18 -52.29
CA ASP W 97 -31.75 -10.74 -53.67
C ASP W 97 -32.87 -9.71 -53.74
N ARG W 98 -32.88 -8.80 -52.79
CA ARG W 98 -33.73 -7.61 -52.77
C ARG W 98 -32.92 -6.49 -52.12
N PRO W 99 -33.23 -5.23 -52.43
CA PRO W 99 -32.55 -4.13 -51.77
C PRO W 99 -33.06 -3.93 -50.35
N LEU W 100 -32.22 -3.31 -49.54
CA LEU W 100 -32.63 -3.10 -48.16
C LEU W 100 -33.44 -1.83 -47.99
N PRO W 101 -34.55 -1.91 -47.27
CA PRO W 101 -35.18 -0.70 -46.74
C PRO W 101 -34.26 0.01 -45.77
N VAL W 102 -34.46 1.32 -45.67
CA VAL W 102 -33.55 2.16 -44.89
C VAL W 102 -33.77 1.95 -43.40
N SER W 103 -35.02 1.69 -42.99
CA SER W 103 -35.37 1.75 -41.58
C SER W 103 -34.82 0.57 -40.78
N ARG W 104 -34.30 -0.44 -41.47
CA ARG W 104 -33.58 -1.49 -40.77
C ARG W 104 -32.09 -1.43 -41.05
N LEU W 105 -31.67 -0.50 -41.91
CA LEU W 105 -30.23 -0.27 -42.08
C LEU W 105 -29.67 0.48 -40.89
N VAL W 106 -30.40 1.49 -40.41
CA VAL W 106 -29.84 2.44 -39.46
C VAL W 106 -29.69 1.82 -38.07
N SER W 107 -30.43 0.74 -37.79
CA SER W 107 -30.22 0.00 -36.55
C SER W 107 -28.86 -0.68 -36.55
N LEU W 108 -28.30 -0.97 -37.72
CA LEU W 108 -26.94 -1.49 -37.77
C LEU W 108 -25.92 -0.38 -37.56
N ILE W 109 -26.31 0.86 -37.84
CA ILE W 109 -25.42 1.98 -37.51
C ILE W 109 -25.47 2.27 -36.02
N GLY W 110 -26.66 2.17 -35.42
CA GLY W 110 -26.77 2.36 -33.98
C GLY W 110 -26.10 1.25 -33.20
N SER W 111 -26.31 0.01 -33.62
CA SER W 111 -25.65 -1.11 -32.96
C SER W 111 -24.21 -1.26 -33.41
N LYS W 112 -23.81 -0.51 -34.44
CA LYS W 112 -22.40 -0.49 -34.84
C LYS W 112 -21.63 0.54 -34.04
N THR W 113 -22.17 1.74 -33.91
CA THR W 113 -21.55 2.83 -33.18
C THR W 113 -21.87 2.80 -31.70
N GLN W 114 -22.65 1.83 -31.25
CA GLN W 114 -22.92 1.72 -29.82
C GLN W 114 -21.70 1.25 -29.04
N ILE W 115 -21.15 0.09 -29.42
CA ILE W 115 -20.08 -0.54 -28.63
C ILE W 115 -18.83 0.34 -28.49
N PRO W 116 -18.41 1.13 -29.49
CA PRO W 116 -17.35 2.12 -29.19
C PRO W 116 -17.81 3.32 -28.37
N THR W 117 -19.01 3.34 -27.80
CA THR W 117 -19.36 4.35 -26.81
C THR W 117 -19.52 3.77 -25.42
N GLN W 118 -19.16 2.52 -25.20
CA GLN W 118 -19.32 1.97 -23.87
C GLN W 118 -18.04 1.38 -23.31
N ARG W 119 -17.36 0.54 -24.09
CA ARG W 119 -16.19 -0.13 -23.56
C ARG W 119 -15.00 0.81 -23.50
N TYR W 120 -14.03 0.44 -22.68
CA TYR W 120 -12.96 1.36 -22.34
C TYR W 120 -11.98 1.52 -23.49
N GLY W 121 -11.48 2.73 -23.67
CA GLY W 121 -10.49 3.01 -24.68
C GLY W 121 -11.02 3.09 -26.09
N ARG W 122 -12.30 3.38 -26.27
CA ARG W 122 -12.92 3.44 -27.59
C ARG W 122 -13.61 4.78 -27.75
N ARG W 123 -13.22 5.52 -28.71
CA ARG W 123 -13.89 6.80 -28.89
C ARG W 123 -15.20 6.61 -29.64
N PRO W 124 -16.13 7.56 -29.56
CA PRO W 124 -17.28 7.51 -30.46
C PRO W 124 -16.88 7.97 -31.85
N TYR W 125 -17.80 7.95 -32.81
CA TYR W 125 -17.47 8.37 -34.16
C TYR W 125 -17.99 9.78 -34.38
N GLY W 126 -17.09 10.69 -34.71
CA GLY W 126 -17.50 12.02 -35.14
C GLY W 126 -18.18 11.93 -36.49
N VAL W 127 -19.50 12.06 -36.52
CA VAL W 127 -20.27 11.61 -37.66
C VAL W 127 -21.48 12.52 -37.84
N GLY W 128 -21.92 12.68 -39.08
CA GLY W 128 -22.95 13.64 -39.41
C GLY W 128 -23.92 13.16 -40.47
N LEU W 129 -24.27 11.88 -40.44
CA LEU W 129 -25.01 11.27 -41.54
C LEU W 129 -26.41 11.86 -41.70
N LEU W 130 -26.79 12.11 -42.95
CA LEU W 130 -28.17 12.42 -43.31
C LEU W 130 -28.59 11.42 -44.36
N ILE W 131 -29.17 10.32 -43.91
CA ILE W 131 -29.46 9.17 -44.75
C ILE W 131 -30.71 9.46 -45.55
N ALA W 132 -30.72 9.04 -46.82
CA ALA W 132 -31.88 9.22 -47.68
C ALA W 132 -31.98 8.09 -48.68
N GLY W 133 -33.19 7.58 -48.86
CA GLY W 133 -33.41 6.52 -49.83
C GLY W 133 -34.88 6.22 -49.99
N TYR W 134 -35.14 5.15 -50.75
CA TYR W 134 -36.46 4.56 -50.83
C TYR W 134 -36.46 3.16 -50.24
N ASP W 135 -37.41 2.92 -49.36
CA ASP W 135 -38.04 1.63 -49.27
C ASP W 135 -39.31 1.68 -50.14
N ASP W 136 -40.18 0.68 -49.98
CA ASP W 136 -41.40 0.67 -50.77
C ASP W 136 -42.40 1.73 -50.32
N MET W 137 -42.27 2.26 -49.10
CA MET W 137 -43.22 3.23 -48.58
C MET W 137 -42.73 4.67 -48.74
N GLY W 138 -41.84 4.93 -49.69
CA GLY W 138 -41.52 6.29 -50.06
C GLY W 138 -40.14 6.74 -49.62
N PRO W 139 -39.97 8.04 -49.42
CA PRO W 139 -38.67 8.56 -49.03
C PRO W 139 -38.53 8.61 -47.52
N HIS W 140 -37.28 8.73 -47.07
CA HIS W 140 -36.98 8.91 -45.66
C HIS W 140 -35.77 9.80 -45.53
N ILE W 141 -35.81 10.70 -44.54
CA ILE W 141 -34.66 11.52 -44.17
C ILE W 141 -34.35 11.26 -42.71
N PHE W 142 -33.24 10.60 -42.45
CA PHE W 142 -32.81 10.31 -41.10
C PHE W 142 -31.64 11.22 -40.76
N GLN W 143 -31.27 11.24 -39.49
CA GLN W 143 -29.98 11.78 -39.10
C GLN W 143 -29.42 10.90 -38.01
N THR W 144 -28.11 10.99 -37.82
CA THR W 144 -27.46 10.23 -36.79
C THR W 144 -26.84 11.18 -35.79
N CYS W 145 -26.07 10.62 -34.87
CA CYS W 145 -25.37 11.36 -33.84
C CYS W 145 -24.31 10.42 -33.30
N PRO W 146 -23.25 10.94 -32.67
CA PRO W 146 -22.28 10.03 -32.05
C PRO W 146 -22.82 9.33 -30.83
N SER W 147 -23.93 9.80 -30.26
CA SER W 147 -24.60 9.06 -29.20
C SER W 147 -25.49 7.95 -29.74
N ALA W 148 -25.58 7.80 -31.07
CA ALA W 148 -26.38 6.78 -31.76
C ALA W 148 -27.86 6.89 -31.40
N ASN W 149 -28.46 8.03 -31.70
CA ASN W 149 -29.89 8.24 -31.56
C ASN W 149 -30.43 8.79 -32.86
N TYR W 150 -31.08 7.94 -33.65
CA TYR W 150 -31.46 8.29 -35.00
C TYR W 150 -32.90 8.78 -35.04
N PHE W 151 -33.14 9.84 -35.80
CA PHE W 151 -34.39 10.57 -35.79
C PHE W 151 -35.03 10.51 -37.16
N ASP W 152 -36.27 10.04 -37.24
CA ASP W 152 -37.02 10.16 -38.47
C ASP W 152 -37.67 11.53 -38.53
N CYS W 153 -37.09 12.41 -39.33
CA CYS W 153 -37.59 13.77 -39.45
C CYS W 153 -38.29 13.93 -40.79
N ARG W 154 -38.81 15.14 -41.02
CA ARG W 154 -39.18 15.50 -42.39
C ARG W 154 -38.14 16.43 -42.99
N ALA W 155 -37.36 17.09 -42.16
CA ALA W 155 -36.26 17.95 -42.58
C ALA W 155 -35.38 18.26 -41.38
N MET W 156 -34.07 18.14 -41.57
CA MET W 156 -33.11 18.55 -40.56
C MET W 156 -31.94 19.24 -41.23
N SER W 157 -31.01 19.68 -40.39
CA SER W 157 -29.76 20.27 -40.84
C SER W 157 -28.77 20.20 -39.70
N ILE W 158 -27.54 19.84 -40.01
CA ILE W 158 -26.47 19.72 -39.04
C ILE W 158 -25.20 20.36 -39.64
N GLY W 159 -24.36 20.87 -38.78
CA GLY W 159 -23.18 21.60 -39.19
C GLY W 159 -23.10 22.96 -38.53
N ALA W 160 -22.19 23.79 -39.05
CA ALA W 160 -21.94 25.10 -38.48
C ALA W 160 -23.09 26.04 -38.77
N ARG W 161 -23.57 26.71 -37.71
CA ARG W 161 -24.74 27.62 -37.67
C ARG W 161 -25.93 27.11 -38.46
N SER W 162 -26.20 25.82 -38.33
CA SER W 162 -27.30 25.18 -39.02
C SER W 162 -28.65 25.44 -38.39
N GLN W 163 -28.69 26.13 -37.24
CA GLN W 163 -29.97 26.43 -36.61
C GLN W 163 -30.76 27.43 -37.43
N SER W 164 -30.06 28.33 -38.13
CA SER W 164 -30.73 29.26 -39.04
C SER W 164 -31.41 28.52 -40.18
N ALA W 165 -30.85 27.39 -40.59
CA ALA W 165 -31.49 26.55 -41.60
C ALA W 165 -32.81 26.00 -41.06
N ARG W 166 -32.81 25.55 -39.80
CA ARG W 166 -34.04 25.06 -39.18
C ARG W 166 -35.10 26.14 -39.11
N THR W 167 -34.71 27.34 -38.64
CA THR W 167 -35.67 28.43 -38.50
C THR W 167 -36.08 28.98 -39.86
N TYR W 168 -35.36 28.63 -40.92
CA TYR W 168 -35.98 28.76 -42.23
C TYR W 168 -37.02 27.68 -42.47
N LEU W 169 -36.72 26.43 -42.10
CA LEU W 169 -37.53 25.32 -42.58
C LEU W 169 -38.89 25.26 -41.89
N GLU W 170 -38.99 25.75 -40.64
CA GLU W 170 -40.25 25.62 -39.92
C GLU W 170 -41.37 26.47 -40.51
N ARG W 171 -41.05 27.59 -41.15
CA ARG W 171 -42.12 28.37 -41.74
C ARG W 171 -42.40 27.96 -43.19
N HIS W 172 -41.88 26.82 -43.63
CA HIS W 172 -42.20 26.28 -44.94
C HIS W 172 -42.48 24.78 -44.90
N MET W 173 -42.48 24.19 -43.70
CA MET W 173 -42.77 22.76 -43.57
C MET W 173 -44.20 22.41 -43.96
N SER W 174 -45.12 23.37 -43.94
CA SER W 174 -46.47 23.12 -44.44
C SER W 174 -46.51 23.13 -45.95
N GLU W 175 -45.46 23.63 -46.61
CA GLU W 175 -45.43 23.72 -48.06
C GLU W 175 -44.33 22.86 -48.66
N PHE W 176 -43.63 22.05 -47.86
CA PHE W 176 -42.60 21.17 -48.37
C PHE W 176 -43.08 19.76 -48.64
N MET W 177 -44.33 19.57 -49.04
CA MET W 177 -44.83 18.22 -49.18
C MET W 177 -45.27 17.89 -50.61
N GLU W 178 -46.03 18.78 -51.25
CA GLU W 178 -46.62 18.46 -52.54
C GLU W 178 -45.67 18.70 -53.70
N CYS W 179 -44.76 19.66 -53.58
CA CYS W 179 -44.07 20.23 -54.73
C CYS W 179 -43.06 19.26 -55.32
N ASN W 180 -42.85 19.37 -56.64
CA ASN W 180 -41.89 18.53 -57.32
C ASN W 180 -40.50 19.16 -57.29
N LEU W 181 -39.59 18.57 -58.07
CA LEU W 181 -38.16 18.63 -57.78
C LEU W 181 -37.58 20.03 -57.96
N ASN W 182 -37.96 20.73 -59.02
CA ASN W 182 -37.24 21.91 -59.46
C ASN W 182 -37.37 23.06 -58.48
N GLU W 183 -38.50 23.14 -57.76
CA GLU W 183 -38.57 24.13 -56.69
C GLU W 183 -38.26 23.51 -55.34
N LEU W 184 -38.28 22.18 -55.25
CA LEU W 184 -37.91 21.52 -54.00
C LEU W 184 -36.44 21.70 -53.71
N VAL W 185 -35.61 21.67 -54.76
CA VAL W 185 -34.16 21.79 -54.58
C VAL W 185 -33.80 23.19 -54.13
N LYS W 186 -34.35 24.21 -54.81
CA LYS W 186 -34.06 25.58 -54.42
C LYS W 186 -34.69 25.93 -53.07
N HIS W 187 -35.82 25.30 -52.75
CA HIS W 187 -36.30 25.32 -51.37
C HIS W 187 -35.31 24.66 -50.42
N GLY W 188 -34.54 23.70 -50.91
CA GLY W 188 -33.47 23.14 -50.14
C GLY W 188 -32.37 24.15 -49.86
N LEU W 189 -31.74 24.66 -50.92
CA LEU W 189 -30.53 25.43 -50.71
C LEU W 189 -30.81 26.89 -50.38
N ARG W 190 -32.07 27.30 -50.26
CA ARG W 190 -32.32 28.56 -49.54
C ARG W 190 -31.87 28.45 -48.09
N ALA W 191 -32.02 27.28 -47.47
CA ALA W 191 -31.51 27.09 -46.12
C ALA W 191 -30.00 27.20 -46.07
N LEU W 192 -29.32 26.70 -47.11
CA LEU W 192 -27.89 26.89 -47.24
C LEU W 192 -27.52 28.36 -47.41
N ARG W 193 -28.33 29.14 -48.12
CA ARG W 193 -27.98 30.55 -48.26
C ARG W 193 -28.31 31.31 -46.97
N GLU W 194 -29.10 30.70 -46.07
CA GLU W 194 -29.19 31.30 -44.74
C GLU W 194 -28.12 30.77 -43.79
N THR W 195 -27.39 29.73 -44.16
CA THR W 195 -26.29 29.30 -43.29
C THR W 195 -25.03 30.13 -43.50
N LEU W 196 -25.02 31.02 -44.48
CA LEU W 196 -23.82 31.80 -44.76
C LEU W 196 -23.96 33.23 -44.25
N PRO W 197 -22.84 33.94 -44.07
CA PRO W 197 -22.92 35.39 -43.96
C PRO W 197 -23.43 36.01 -45.25
N ALA W 198 -24.11 37.16 -45.12
CA ALA W 198 -24.90 37.73 -46.21
C ALA W 198 -24.10 38.65 -47.12
N GLU W 199 -22.79 38.47 -47.22
CA GLU W 199 -21.96 39.33 -48.05
C GLU W 199 -21.08 38.56 -49.04
N GLN W 200 -21.18 37.23 -49.05
CA GLN W 200 -20.47 36.45 -50.05
C GLN W 200 -21.40 35.39 -50.60
N ASP W 201 -21.18 35.02 -51.86
CA ASP W 201 -21.96 34.00 -52.53
C ASP W 201 -21.60 32.61 -51.97
N LEU W 202 -22.52 31.62 -51.96
CA LEU W 202 -23.61 31.18 -52.87
C LEU W 202 -23.07 31.02 -54.30
N THR W 203 -21.88 30.45 -54.39
CA THR W 203 -21.24 30.28 -55.68
C THR W 203 -21.72 28.99 -56.32
N THR W 204 -21.16 28.69 -57.50
CA THR W 204 -21.53 27.45 -58.18
C THR W 204 -20.52 26.36 -57.89
N LYS W 205 -19.32 26.73 -57.45
CA LYS W 205 -18.23 25.76 -57.38
C LYS W 205 -18.27 24.95 -56.09
N ASN W 206 -19.23 25.23 -55.21
CA ASN W 206 -19.16 24.62 -53.90
C ASN W 206 -20.38 23.75 -53.59
N VAL W 207 -21.57 24.12 -54.07
CA VAL W 207 -22.75 23.41 -53.63
C VAL W 207 -22.93 22.10 -54.40
N SER W 208 -23.28 21.03 -53.68
CA SER W 208 -23.53 19.71 -54.24
C SER W 208 -24.91 19.25 -53.83
N ILE W 209 -25.66 18.68 -54.77
CA ILE W 209 -27.06 18.35 -54.57
C ILE W 209 -27.28 16.88 -54.92
N GLY W 210 -27.90 16.14 -54.01
CA GLY W 210 -28.22 14.75 -54.26
C GLY W 210 -29.69 14.48 -54.10
N ILE W 211 -30.24 13.72 -55.04
CA ILE W 211 -31.66 13.43 -55.12
C ILE W 211 -31.82 11.92 -55.25
N VAL W 212 -32.85 11.37 -54.61
CA VAL W 212 -33.25 9.97 -54.83
C VAL W 212 -34.75 9.94 -55.15
N GLY W 213 -35.12 9.20 -56.20
CA GLY W 213 -36.51 9.13 -56.61
C GLY W 213 -36.91 7.73 -57.03
N LYS W 214 -38.14 7.63 -57.52
CA LYS W 214 -38.69 6.33 -57.94
C LYS W 214 -38.16 5.93 -59.29
N ASP W 215 -38.41 6.76 -60.30
CA ASP W 215 -37.84 6.58 -61.62
C ASP W 215 -36.53 7.33 -61.78
N LEU W 216 -35.79 7.53 -60.69
CA LEU W 216 -34.59 8.35 -60.68
C LEU W 216 -33.64 7.76 -59.66
N GLU W 217 -32.56 7.17 -60.14
CA GLU W 217 -31.54 6.58 -59.27
C GLU W 217 -30.77 7.70 -58.57
N PHE W 218 -30.15 7.36 -57.44
CA PHE W 218 -29.47 8.34 -56.61
C PHE W 218 -28.27 8.95 -57.34
N THR W 219 -28.23 10.27 -57.40
CA THR W 219 -27.35 10.98 -58.31
C THR W 219 -26.72 12.16 -57.60
N ILE W 220 -25.43 12.38 -57.82
CA ILE W 220 -24.72 13.52 -57.26
C ILE W 220 -24.35 14.47 -58.39
N TYR W 221 -24.68 15.73 -58.24
CA TYR W 221 -24.37 16.74 -59.25
C TYR W 221 -23.27 17.65 -58.71
N ASP W 222 -22.38 18.10 -59.58
CA ASP W 222 -21.17 18.78 -59.12
C ASP W 222 -20.83 19.97 -60.00
N ASP W 223 -21.38 21.12 -59.60
CA ASP W 223 -21.09 22.51 -60.04
C ASP W 223 -21.64 22.74 -61.45
N ASP W 224 -21.85 21.73 -62.27
CA ASP W 224 -21.98 21.97 -63.70
C ASP W 224 -23.30 21.44 -64.19
N ASP W 225 -23.73 20.32 -63.62
CA ASP W 225 -25.14 19.97 -63.65
C ASP W 225 -25.86 20.68 -62.50
N VAL W 226 -25.10 21.30 -61.61
CA VAL W 226 -25.67 22.17 -60.59
C VAL W 226 -26.01 23.53 -61.18
N SER W 227 -25.13 24.06 -62.05
CA SER W 227 -25.38 25.32 -62.79
C SER W 227 -26.77 25.49 -63.45
N PRO W 228 -27.47 24.43 -63.90
CA PRO W 228 -28.89 24.62 -64.23
C PRO W 228 -29.83 24.76 -63.04
N PHE W 229 -29.39 24.45 -61.82
CA PHE W 229 -30.31 24.61 -60.69
C PHE W 229 -30.15 25.96 -60.00
N LEU W 230 -28.96 26.53 -60.01
CA LEU W 230 -28.74 27.78 -59.29
C LEU W 230 -29.26 28.99 -60.06
N GLU W 231 -29.63 28.81 -61.33
CA GLU W 231 -30.17 29.91 -62.09
C GLU W 231 -31.60 30.22 -61.64
N GLY W 232 -31.89 31.52 -61.54
CA GLY W 232 -33.22 31.94 -61.15
C GLY W 232 -33.53 31.85 -59.67
N LEU W 233 -32.73 32.46 -58.82
CA LEU W 233 -33.05 32.60 -57.41
C LEU W 233 -33.24 34.07 -57.07
N GLU W 234 -33.89 34.30 -55.94
CA GLU W 234 -34.18 35.64 -55.46
C GLU W 234 -32.94 36.25 -54.82
N GLU W 235 -32.87 37.57 -54.85
CA GLU W 235 -31.75 38.26 -54.21
C GLU W 235 -31.89 38.20 -52.70
N ARG W 236 -30.74 38.13 -52.03
CA ARG W 236 -30.71 38.29 -50.59
C ARG W 236 -31.17 39.70 -50.21
N PRO W 237 -32.01 39.84 -49.19
CA PRO W 237 -32.56 41.15 -48.83
C PRO W 237 -31.49 42.08 -48.25
N GLN W 238 -31.86 43.36 -48.15
CA GLN W 238 -30.97 44.38 -47.62
C GLN W 238 -30.74 44.21 -46.11
N THR X 5 -12.61 12.72 -3.18
CA THR X 5 -12.38 12.46 -4.61
C THR X 5 -11.85 11.05 -4.83
N GLY X 6 -11.91 10.60 -6.08
CA GLY X 6 -11.38 9.30 -6.43
C GLY X 6 -12.29 8.13 -6.17
N TYR X 7 -13.42 8.33 -5.51
CA TYR X 7 -14.32 7.21 -5.22
C TYR X 7 -15.50 7.15 -6.17
N ASP X 8 -15.69 8.16 -7.00
CA ASP X 8 -16.83 8.19 -7.91
C ASP X 8 -16.49 7.74 -9.33
N LEU X 9 -15.23 7.82 -9.73
CA LEU X 9 -14.81 7.63 -11.11
C LEU X 9 -15.07 6.22 -11.62
N SER X 10 -14.39 5.23 -11.09
CA SER X 10 -14.52 3.87 -11.58
C SER X 10 -15.79 3.23 -11.02
N ALA X 11 -16.25 2.18 -11.69
CA ALA X 11 -17.44 1.49 -11.23
C ALA X 11 -17.13 0.40 -10.22
N SER X 12 -15.90 -0.11 -10.24
CA SER X 12 -15.58 -1.29 -9.44
C SER X 12 -15.07 -0.93 -8.05
N THR X 13 -15.17 0.32 -7.64
CA THR X 13 -14.66 0.71 -6.34
C THR X 13 -15.81 1.06 -5.40
N PHE X 14 -15.83 0.42 -4.22
CA PHE X 14 -16.77 0.81 -3.18
C PHE X 14 -16.38 2.17 -2.60
N SER X 15 -17.39 2.92 -2.18
CA SER X 15 -17.21 4.16 -1.48
C SER X 15 -17.16 3.86 0.01
N PRO X 16 -16.51 4.70 0.82
CA PRO X 16 -16.33 4.36 2.24
C PRO X 16 -17.61 4.32 3.06
N ASP X 17 -18.68 4.99 2.63
CA ASP X 17 -19.96 4.81 3.29
C ASP X 17 -20.67 3.53 2.85
N GLY X 18 -20.22 2.91 1.76
CA GLY X 18 -20.65 1.57 1.43
C GLY X 18 -21.61 1.42 0.26
N ARG X 19 -21.61 2.37 -0.68
CA ARG X 19 -22.42 2.18 -1.88
C ARG X 19 -21.55 2.50 -3.09
N VAL X 20 -22.09 2.25 -4.29
CA VAL X 20 -21.34 2.40 -5.53
C VAL X 20 -21.89 3.62 -6.25
N PHE X 21 -21.02 4.60 -6.50
CA PHE X 21 -21.50 5.88 -7.00
C PHE X 21 -21.84 5.84 -8.48
N GLN X 22 -21.16 5.00 -9.27
CA GLN X 22 -21.48 4.93 -10.69
C GLN X 22 -22.86 4.33 -10.91
N VAL X 23 -23.27 3.40 -10.05
CA VAL X 23 -24.62 2.87 -10.10
C VAL X 23 -25.62 3.95 -9.67
N GLU X 24 -25.27 4.72 -8.65
CA GLU X 24 -26.15 5.78 -8.17
C GLU X 24 -26.25 6.91 -9.18
N TYR X 25 -25.18 7.16 -9.92
CA TYR X 25 -25.25 8.12 -11.01
C TYR X 25 -26.04 7.57 -12.17
N ALA X 26 -26.02 6.25 -12.35
CA ALA X 26 -26.82 5.64 -13.40
C ALA X 26 -28.30 5.67 -13.07
N MET X 27 -28.65 5.69 -11.78
CA MET X 27 -30.05 5.73 -11.39
C MET X 27 -30.67 7.08 -11.72
N LYS X 28 -29.93 8.17 -11.46
CA LYS X 28 -30.51 9.48 -11.69
C LYS X 28 -30.17 10.02 -13.07
N ALA X 29 -29.58 9.21 -13.94
CA ALA X 29 -29.49 9.58 -15.34
C ALA X 29 -30.82 9.35 -16.04
N VAL X 30 -31.55 8.31 -15.62
CA VAL X 30 -32.87 8.05 -16.14
C VAL X 30 -33.88 9.05 -15.58
N GLU X 31 -33.51 9.72 -14.48
CA GLU X 31 -34.38 10.67 -13.81
C GLU X 31 -34.66 11.91 -14.68
N ASN X 32 -33.75 12.23 -15.61
CA ASN X 32 -33.97 13.38 -16.47
C ASN X 32 -34.88 13.08 -17.65
N SER X 33 -35.13 11.80 -17.96
CA SER X 33 -35.94 11.49 -19.12
C SER X 33 -37.43 11.61 -18.81
N SER X 34 -38.24 11.56 -19.86
CA SER X 34 -39.66 11.84 -19.72
C SER X 34 -40.41 10.67 -19.11
N THR X 35 -41.65 10.94 -18.69
CA THR X 35 -42.44 9.95 -17.96
C THR X 35 -43.07 8.93 -18.90
N ALA X 36 -42.89 7.66 -18.57
CA ALA X 36 -43.55 6.55 -19.25
C ALA X 36 -44.04 5.57 -18.20
N ILE X 37 -45.35 5.29 -18.19
CA ILE X 37 -45.93 4.48 -17.13
C ILE X 37 -46.44 3.15 -17.69
N GLY X 38 -46.86 2.27 -16.78
CA GLY X 38 -47.52 1.03 -17.17
C GLY X 38 -48.35 0.51 -16.03
N ILE X 39 -49.28 -0.39 -16.38
CA ILE X 39 -50.24 -0.95 -15.44
C ILE X 39 -50.80 -2.21 -16.10
N ARG X 40 -51.18 -3.19 -15.29
CA ARG X 40 -51.85 -4.36 -15.82
C ARG X 40 -53.28 -4.41 -15.31
N CYS X 41 -54.16 -4.99 -16.10
CA CYS X 41 -55.50 -5.33 -15.64
C CYS X 41 -55.56 -6.83 -15.38
N LYS X 42 -56.78 -7.34 -15.16
CA LYS X 42 -56.94 -8.74 -14.82
C LYS X 42 -56.64 -9.64 -16.02
N ASP X 43 -56.75 -9.13 -17.24
CA ASP X 43 -56.42 -9.89 -18.43
C ASP X 43 -55.67 -9.09 -19.48
N GLY X 44 -54.68 -8.30 -19.09
CA GLY X 44 -53.87 -7.60 -20.07
C GLY X 44 -52.97 -6.58 -19.42
N VAL X 45 -52.03 -6.08 -20.22
CA VAL X 45 -51.04 -5.11 -19.77
C VAL X 45 -51.11 -3.88 -20.67
N VAL X 46 -51.32 -2.72 -20.08
CA VAL X 46 -51.45 -1.47 -20.82
C VAL X 46 -50.20 -0.63 -20.58
N PHE X 47 -49.60 -0.16 -21.67
CA PHE X 47 -48.47 0.77 -21.60
C PHE X 47 -48.91 2.16 -22.01
N GLY X 48 -48.07 3.13 -21.69
CA GLY X 48 -48.27 4.48 -22.16
C GLY X 48 -46.98 5.26 -21.98
N VAL X 49 -46.57 5.93 -23.05
CA VAL X 49 -45.36 6.74 -23.02
C VAL X 49 -45.73 8.13 -23.54
N GLU X 50 -45.44 9.15 -22.75
CA GLU X 50 -45.60 10.52 -23.22
C GLU X 50 -44.31 10.90 -23.92
N LYS X 51 -44.42 11.54 -25.07
CA LYS X 51 -43.28 11.80 -25.95
C LYS X 51 -43.26 13.30 -26.24
N LEU X 52 -42.09 13.82 -26.58
CA LEU X 52 -41.89 15.27 -26.55
C LEU X 52 -41.75 15.86 -27.95
N VAL X 53 -42.62 16.80 -28.28
CA VAL X 53 -42.54 17.55 -29.54
C VAL X 53 -42.45 19.03 -29.17
N LEU X 54 -41.31 19.64 -29.49
CA LEU X 54 -41.17 21.07 -29.19
C LEU X 54 -41.76 21.93 -30.32
N SER X 55 -41.16 21.89 -31.51
CA SER X 55 -41.71 22.64 -32.65
C SER X 55 -41.97 21.80 -33.89
N LYS X 56 -40.95 21.11 -34.36
CA LYS X 56 -41.00 20.46 -35.68
C LYS X 56 -40.50 19.03 -35.60
N LEU X 57 -39.62 18.79 -34.63
CA LEU X 57 -38.43 17.94 -34.71
C LEU X 57 -38.46 16.71 -35.60
N TYR X 58 -39.47 15.86 -35.43
CA TYR X 58 -39.46 14.57 -36.10
C TYR X 58 -40.84 14.27 -36.67
N GLU X 59 -40.87 13.43 -37.69
CA GLU X 59 -42.11 12.86 -38.20
C GLU X 59 -42.76 12.00 -37.14
N GLU X 60 -44.10 11.95 -37.18
CA GLU X 60 -44.86 11.18 -36.21
C GLU X 60 -44.57 9.70 -36.36
N GLY X 61 -44.09 9.09 -35.28
CA GLY X 61 -43.66 7.70 -35.33
C GLY X 61 -42.16 7.50 -35.39
N SER X 62 -41.37 8.53 -35.14
CA SER X 62 -39.94 8.39 -35.00
C SER X 62 -39.61 7.79 -33.65
N ASN X 63 -38.46 7.10 -33.58
CA ASN X 63 -37.75 6.56 -32.40
C ASN X 63 -38.65 6.09 -31.27
N LYS X 64 -39.64 5.27 -31.60
CA LYS X 64 -40.69 4.90 -30.65
C LYS X 64 -40.12 4.12 -29.48
N ARG X 65 -40.31 4.66 -28.28
CA ARG X 65 -39.77 4.02 -27.09
C ARG X 65 -40.56 2.76 -26.71
N LEU X 66 -41.69 2.54 -27.36
CA LEU X 66 -42.31 1.23 -27.30
C LEU X 66 -41.69 0.31 -28.34
N PHE X 67 -41.19 -0.83 -27.89
CA PHE X 67 -40.55 -1.81 -28.75
C PHE X 67 -41.41 -3.05 -28.76
N ASN X 68 -40.86 -4.13 -29.31
CA ASN X 68 -41.57 -5.39 -29.38
C ASN X 68 -40.54 -6.51 -29.39
N VAL X 69 -40.25 -7.08 -28.23
CA VAL X 69 -39.20 -8.09 -28.12
C VAL X 69 -39.64 -9.42 -28.69
N ASP X 70 -40.69 -10.02 -28.17
CA ASP X 70 -41.13 -11.30 -28.69
C ASP X 70 -42.51 -11.09 -29.28
N ARG X 71 -43.14 -12.18 -29.71
CA ARG X 71 -44.52 -12.15 -30.16
C ARG X 71 -45.46 -11.65 -29.07
N HIS X 72 -45.13 -11.93 -27.81
CA HIS X 72 -46.00 -11.60 -26.70
C HIS X 72 -45.35 -10.71 -25.64
N VAL X 73 -44.15 -10.20 -25.88
CA VAL X 73 -43.45 -9.38 -24.88
C VAL X 73 -43.00 -8.08 -25.54
N GLY X 74 -43.21 -6.95 -24.83
CA GLY X 74 -42.76 -5.67 -25.34
C GLY X 74 -42.03 -4.85 -24.29
N MET X 75 -41.33 -3.82 -24.77
CA MET X 75 -40.54 -2.91 -23.95
C MET X 75 -41.36 -1.66 -23.70
N ALA X 76 -40.91 -0.84 -22.77
CA ALA X 76 -41.31 0.56 -22.67
C ALA X 76 -40.13 1.30 -22.05
N VAL X 77 -39.23 1.81 -22.88
CA VAL X 77 -37.94 2.25 -22.41
C VAL X 77 -38.00 3.73 -22.06
N ALA X 78 -37.15 4.11 -21.11
CA ALA X 78 -36.99 5.49 -20.70
C ALA X 78 -35.61 5.65 -20.10
N GLY X 79 -35.03 6.83 -20.32
CA GLY X 79 -33.65 7.07 -19.95
C GLY X 79 -32.87 7.52 -21.17
N LEU X 80 -31.60 7.19 -21.22
CA LEU X 80 -30.85 7.27 -22.47
C LEU X 80 -31.42 6.24 -23.44
N LEU X 81 -31.26 6.47 -24.74
CA LEU X 81 -32.08 5.71 -25.67
C LEU X 81 -31.29 4.63 -26.40
N ALA X 82 -30.01 4.90 -26.69
CA ALA X 82 -29.21 4.01 -27.51
C ALA X 82 -28.95 2.68 -26.81
N ASP X 83 -28.64 2.75 -25.52
CA ASP X 83 -28.41 1.54 -24.75
C ASP X 83 -29.70 0.77 -24.55
N ALA X 84 -30.83 1.48 -24.59
CA ALA X 84 -32.12 0.80 -24.56
C ALA X 84 -32.35 0.02 -25.84
N ARG X 85 -31.91 0.55 -26.97
CA ARG X 85 -32.00 -0.24 -28.19
C ARG X 85 -31.03 -1.42 -28.17
N SER X 86 -29.90 -1.26 -27.49
CA SER X 86 -28.98 -2.39 -27.35
C SER X 86 -29.59 -3.50 -26.51
N LEU X 87 -30.26 -3.13 -25.41
CA LEU X 87 -30.99 -4.12 -24.63
C LEU X 87 -32.17 -4.71 -25.40
N ALA X 88 -32.75 -3.94 -26.31
CA ALA X 88 -33.80 -4.49 -27.16
C ALA X 88 -33.25 -5.57 -28.09
N ASP X 89 -32.05 -5.34 -28.64
CA ASP X 89 -31.46 -6.34 -29.51
C ASP X 89 -31.01 -7.58 -28.72
N ILE X 90 -30.52 -7.38 -27.50
CA ILE X 90 -30.05 -8.51 -26.71
C ILE X 90 -31.22 -9.34 -26.20
N ALA X 91 -32.26 -8.69 -25.69
CA ALA X 91 -33.44 -9.42 -25.25
C ALA X 91 -34.15 -10.10 -26.40
N ARG X 92 -34.13 -9.45 -27.58
CA ARG X 92 -34.57 -10.08 -28.82
C ARG X 92 -33.81 -11.37 -29.08
N GLU X 93 -32.48 -11.33 -28.94
CA GLU X 93 -31.65 -12.49 -29.22
C GLU X 93 -31.87 -13.59 -28.18
N GLU X 94 -32.17 -13.20 -26.95
CA GLU X 94 -32.39 -14.19 -25.89
C GLU X 94 -33.71 -14.91 -26.10
N ALA X 95 -34.73 -14.18 -26.53
CA ALA X 95 -35.98 -14.83 -26.91
C ALA X 95 -35.80 -15.73 -28.12
N SER X 96 -34.87 -15.37 -29.01
CA SER X 96 -34.56 -16.26 -30.13
C SER X 96 -33.87 -17.54 -29.66
N ASN X 97 -33.02 -17.46 -28.64
CA ASN X 97 -32.36 -18.67 -28.16
C ASN X 97 -33.32 -19.59 -27.44
N PHE X 98 -34.22 -19.03 -26.62
CA PHE X 98 -35.16 -19.88 -25.90
C PHE X 98 -36.18 -20.48 -26.86
N ARG X 99 -36.68 -19.66 -27.78
CA ARG X 99 -37.59 -20.11 -28.83
C ARG X 99 -36.99 -21.20 -29.70
N SER X 100 -35.71 -21.05 -30.08
CA SER X 100 -35.07 -22.07 -30.90
C SER X 100 -34.82 -23.34 -30.10
N ASN X 101 -34.33 -23.21 -28.88
CA ASN X 101 -33.93 -24.38 -28.11
C ASN X 101 -35.09 -25.16 -27.53
N PHE X 102 -35.90 -24.57 -26.65
CA PHE X 102 -36.76 -25.41 -25.84
C PHE X 102 -38.17 -25.57 -26.39
N GLY X 103 -38.47 -24.96 -27.53
CA GLY X 103 -39.66 -25.30 -28.28
C GLY X 103 -40.90 -24.52 -27.96
N TYR X 104 -40.97 -23.84 -26.81
CA TYR X 104 -42.18 -23.11 -26.47
C TYR X 104 -41.82 -21.67 -26.16
N ASN X 105 -42.84 -20.85 -25.97
CA ASN X 105 -42.66 -19.40 -25.91
C ASN X 105 -42.07 -19.01 -24.56
N ILE X 106 -41.28 -17.93 -24.55
CA ILE X 106 -40.49 -17.55 -23.39
C ILE X 106 -41.38 -16.99 -22.29
N PRO X 107 -41.30 -17.52 -21.06
CA PRO X 107 -42.00 -16.89 -19.94
C PRO X 107 -41.31 -15.59 -19.55
N LEU X 108 -42.04 -14.71 -18.88
CA LEU X 108 -41.50 -13.39 -18.61
C LEU X 108 -40.48 -13.43 -17.49
N LYS X 109 -40.51 -14.47 -16.66
CA LYS X 109 -39.60 -14.61 -15.54
C LYS X 109 -38.17 -14.89 -16.00
N HIS X 110 -37.98 -15.92 -16.83
CA HIS X 110 -36.68 -16.18 -17.44
C HIS X 110 -36.15 -15.01 -18.23
N LEU X 111 -37.02 -14.28 -18.93
CA LEU X 111 -36.55 -13.17 -19.73
C LEU X 111 -36.07 -12.05 -18.82
N ALA X 112 -36.77 -11.84 -17.71
CA ALA X 112 -36.32 -10.84 -16.73
C ALA X 112 -35.01 -11.23 -16.08
N ASP X 113 -34.81 -12.53 -15.81
CA ASP X 113 -33.53 -12.96 -15.26
C ASP X 113 -32.41 -12.80 -16.26
N ARG X 114 -32.60 -13.27 -17.50
CA ARG X 114 -31.51 -13.30 -18.46
C ARG X 114 -31.15 -11.91 -18.95
N VAL X 115 -32.09 -10.97 -18.89
CA VAL X 115 -31.72 -9.60 -19.21
C VAL X 115 -31.09 -8.92 -18.00
N ALA X 116 -31.68 -9.14 -16.82
CA ALA X 116 -31.22 -8.43 -15.62
C ALA X 116 -29.82 -8.89 -15.19
N MET X 117 -29.43 -10.10 -15.56
CA MET X 117 -28.08 -10.54 -15.26
C MET X 117 -27.07 -9.89 -16.20
N TYR X 118 -27.51 -9.46 -17.38
CA TYR X 118 -26.61 -8.68 -18.23
C TYR X 118 -26.48 -7.26 -17.72
N VAL X 119 -27.59 -6.65 -17.33
CA VAL X 119 -27.57 -5.29 -16.80
C VAL X 119 -26.74 -5.25 -15.52
N HIS X 120 -26.82 -6.31 -14.72
CA HIS X 120 -25.90 -6.46 -13.60
C HIS X 120 -24.49 -6.75 -14.06
N ALA X 121 -24.34 -7.49 -15.16
CA ALA X 121 -23.02 -7.93 -15.60
C ALA X 121 -22.19 -6.78 -16.14
N TYR X 122 -22.83 -5.66 -16.48
CA TYR X 122 -22.07 -4.47 -16.80
C TYR X 122 -21.89 -3.54 -15.61
N THR X 123 -21.99 -4.01 -14.37
CA THR X 123 -21.68 -3.20 -13.21
C THR X 123 -20.60 -3.81 -12.33
N LEU X 124 -19.74 -4.65 -12.90
CA LEU X 124 -18.72 -5.35 -12.12
C LEU X 124 -17.31 -5.08 -12.62
N TYR X 125 -17.16 -4.32 -13.70
CA TYR X 125 -15.86 -4.14 -14.29
C TYR X 125 -15.66 -2.68 -14.64
N SER X 126 -14.40 -2.26 -14.75
CA SER X 126 -14.12 -0.95 -15.30
C SER X 126 -13.84 -1.04 -16.79
N ALA X 127 -14.11 -2.20 -17.39
CA ALA X 127 -14.11 -2.30 -18.84
C ALA X 127 -15.26 -1.50 -19.44
N VAL X 128 -16.44 -1.62 -18.87
CA VAL X 128 -17.62 -1.00 -19.40
C VAL X 128 -18.15 0.00 -18.38
N ARG X 129 -19.22 0.68 -18.73
CA ARG X 129 -19.95 1.49 -17.78
C ARG X 129 -21.25 0.79 -17.45
N PRO X 130 -21.85 1.08 -16.30
CA PRO X 130 -23.22 0.61 -16.06
C PRO X 130 -24.18 1.28 -17.02
N PHE X 131 -25.21 0.53 -17.42
CA PHE X 131 -26.23 1.05 -18.32
C PHE X 131 -27.00 2.20 -17.70
N GLY X 132 -27.64 2.97 -18.57
CA GLY X 132 -28.43 4.11 -18.15
C GLY X 132 -29.85 4.00 -18.65
N CYS X 133 -30.41 2.80 -18.60
CA CYS X 133 -31.72 2.54 -19.16
C CYS X 133 -32.58 1.76 -18.19
N SER X 134 -33.87 2.03 -18.24
CA SER X 134 -34.85 1.29 -17.46
C SER X 134 -36.07 1.09 -18.33
N PHE X 135 -36.67 -0.08 -18.22
CA PHE X 135 -37.69 -0.50 -19.17
C PHE X 135 -38.73 -1.38 -18.51
N MET X 136 -39.90 -1.39 -19.12
CA MET X 136 -41.02 -2.20 -18.67
C MET X 136 -41.06 -3.47 -19.53
N LEU X 137 -41.71 -4.51 -19.00
CA LEU X 137 -41.93 -5.73 -19.75
C LEU X 137 -43.33 -6.26 -19.50
N GLY X 138 -44.19 -6.15 -20.52
CA GLY X 138 -45.55 -6.62 -20.40
C GLY X 138 -45.80 -7.82 -21.28
N SER X 139 -46.69 -8.70 -20.81
CA SER X 139 -46.93 -9.96 -21.49
C SER X 139 -48.24 -10.61 -21.06
N TYR X 140 -48.74 -11.55 -21.85
CA TYR X 140 -49.91 -12.33 -21.46
C TYR X 140 -49.91 -13.68 -22.15
N SER X 141 -50.12 -14.72 -21.35
CA SER X 141 -50.36 -16.07 -21.85
C SER X 141 -51.41 -16.72 -20.97
N VAL X 142 -52.20 -17.62 -21.59
CA VAL X 142 -53.37 -18.17 -20.92
C VAL X 142 -52.97 -19.13 -19.81
N ASN X 143 -51.83 -19.78 -19.94
CA ASN X 143 -51.30 -20.60 -18.87
C ASN X 143 -50.43 -19.81 -17.91
N ASP X 144 -50.28 -18.51 -18.15
CA ASP X 144 -49.39 -17.65 -17.37
C ASP X 144 -50.11 -16.51 -16.69
N GLY X 145 -50.98 -15.80 -17.39
CA GLY X 145 -51.55 -14.57 -16.87
C GLY X 145 -50.68 -13.38 -17.23
N ALA X 146 -51.17 -12.21 -16.89
CA ALA X 146 -50.45 -10.99 -17.22
C ALA X 146 -49.42 -10.66 -16.14
N GLN X 147 -48.17 -10.58 -16.54
CA GLN X 147 -47.10 -10.16 -15.63
C GLN X 147 -46.48 -8.87 -16.14
N LEU X 148 -45.97 -8.08 -15.21
CA LEU X 148 -45.38 -6.80 -15.52
C LEU X 148 -44.13 -6.60 -14.68
N TYR X 149 -42.97 -6.65 -15.34
CA TYR X 149 -41.71 -6.58 -14.64
C TYR X 149 -41.00 -5.27 -14.97
N MET X 150 -40.10 -4.90 -14.07
CA MET X 150 -39.47 -3.59 -14.02
C MET X 150 -37.98 -3.77 -13.76
N ILE X 151 -37.16 -3.33 -14.70
CA ILE X 151 -35.71 -3.46 -14.60
C ILE X 151 -35.12 -2.05 -14.53
N ASP X 152 -34.33 -1.81 -13.50
CA ASP X 152 -33.61 -0.57 -13.28
C ASP X 152 -32.20 -0.70 -13.82
N PRO X 153 -31.43 0.40 -13.92
CA PRO X 153 -30.02 0.26 -14.33
C PRO X 153 -29.14 -0.49 -13.35
N SER X 154 -29.56 -0.65 -12.09
CA SER X 154 -28.72 -1.39 -11.15
C SER X 154 -28.76 -2.89 -11.37
N GLY X 155 -29.84 -3.41 -11.93
CA GLY X 155 -29.99 -4.82 -12.15
C GLY X 155 -31.10 -5.48 -11.36
N VAL X 156 -31.88 -4.71 -10.61
CA VAL X 156 -32.96 -5.27 -9.80
C VAL X 156 -34.17 -5.46 -10.68
N SER X 157 -34.71 -6.67 -10.71
CA SER X 157 -35.89 -6.98 -11.49
C SER X 157 -36.93 -7.58 -10.54
N TYR X 158 -38.12 -7.00 -10.54
CA TYR X 158 -39.18 -7.49 -9.67
C TYR X 158 -40.51 -7.13 -10.32
N GLY X 159 -41.60 -7.24 -9.57
CA GLY X 159 -42.91 -7.20 -10.18
C GLY X 159 -43.88 -6.18 -9.62
N TYR X 160 -44.45 -5.38 -10.51
CA TYR X 160 -45.47 -4.42 -10.14
C TYR X 160 -46.83 -4.85 -10.66
N TRP X 161 -47.87 -4.31 -10.05
CA TRP X 161 -49.11 -4.14 -10.77
C TRP X 161 -49.03 -2.91 -11.68
N GLY X 162 -48.38 -1.86 -11.19
CA GLY X 162 -48.19 -0.65 -11.98
C GLY X 162 -46.91 0.10 -11.65
N CYS X 163 -46.31 0.77 -12.63
CA CYS X 163 -45.08 1.51 -12.41
C CYS X 163 -45.02 2.78 -13.26
N ALA X 164 -43.99 3.58 -13.00
CA ALA X 164 -43.77 4.84 -13.69
C ALA X 164 -42.28 5.17 -13.69
N ILE X 165 -41.77 5.61 -14.85
CA ILE X 165 -40.36 5.93 -15.02
C ILE X 165 -40.25 7.25 -15.75
N GLY X 166 -39.58 8.22 -15.12
CA GLY X 166 -39.33 9.49 -15.76
C GLY X 166 -39.02 10.60 -14.77
N LYS X 167 -39.06 11.83 -15.28
CA LYS X 167 -38.97 13.03 -14.45
C LYS X 167 -40.12 13.07 -13.48
N ALA X 168 -41.30 13.28 -14.03
CA ALA X 168 -42.53 13.20 -13.27
C ALA X 168 -42.80 11.73 -13.01
N ARG X 169 -42.20 11.21 -11.95
CA ARG X 169 -42.29 9.79 -11.63
C ARG X 169 -43.22 9.60 -10.44
N GLN X 170 -42.95 10.28 -9.33
CA GLN X 170 -43.75 10.11 -8.12
C GLN X 170 -45.16 10.66 -8.32
N ALA X 171 -45.28 11.81 -8.99
CA ALA X 171 -46.58 12.38 -9.28
C ALA X 171 -47.37 11.54 -10.27
N ALA X 172 -46.67 10.77 -11.10
CA ALA X 172 -47.36 9.92 -12.07
C ALA X 172 -47.60 8.51 -11.53
N LYS X 173 -47.05 8.18 -10.36
CA LYS X 173 -47.45 6.95 -9.69
C LYS X 173 -48.22 7.23 -8.42
N THR X 174 -48.58 8.48 -8.17
CA THR X 174 -49.42 8.79 -7.02
C THR X 174 -50.85 8.32 -7.26
N GLU X 175 -51.34 8.52 -8.48
CA GLU X 175 -52.75 8.32 -8.79
C GLU X 175 -53.09 6.87 -9.14
N ILE X 176 -52.10 5.99 -9.30
CA ILE X 176 -52.40 4.65 -9.78
C ILE X 176 -53.09 3.84 -8.69
N GLU X 177 -52.88 4.21 -7.43
CA GLU X 177 -53.58 3.54 -6.33
C GLU X 177 -55.06 3.92 -6.29
N LYS X 178 -55.46 4.98 -6.99
CA LYS X 178 -56.89 5.26 -7.14
C LYS X 178 -57.56 4.21 -8.02
N LEU X 179 -56.89 3.77 -9.08
CA LEU X 179 -57.45 2.76 -9.96
C LEU X 179 -57.46 1.39 -9.28
N GLN X 180 -58.26 0.49 -9.83
CA GLN X 180 -58.38 -0.86 -9.31
C GLN X 180 -57.92 -1.83 -10.39
N MET X 181 -56.91 -2.64 -10.05
CA MET X 181 -56.39 -3.62 -11.00
C MET X 181 -57.34 -4.78 -11.18
N LYS X 182 -57.96 -5.23 -10.08
CA LYS X 182 -58.55 -6.57 -10.05
C LYS X 182 -59.80 -6.67 -10.91
N GLU X 183 -60.65 -5.65 -10.91
CA GLU X 183 -61.94 -5.75 -11.58
C GLU X 183 -61.92 -5.25 -13.01
N MET X 184 -61.12 -4.24 -13.32
CA MET X 184 -61.30 -3.47 -14.55
C MET X 184 -60.85 -4.24 -15.77
N THR X 185 -61.56 -4.04 -16.87
CA THR X 185 -61.14 -4.50 -18.18
C THR X 185 -60.15 -3.50 -18.74
N CYS X 186 -59.19 -3.99 -19.54
CA CYS X 186 -58.13 -3.15 -20.04
C CYS X 186 -58.63 -2.11 -21.05
N ARG X 187 -59.78 -2.37 -21.68
CA ARG X 187 -60.35 -1.42 -22.62
C ARG X 187 -60.75 -0.12 -21.91
N ASP X 188 -61.15 -0.21 -20.65
CA ASP X 188 -61.23 0.99 -19.85
C ASP X 188 -59.84 1.53 -19.50
N ILE X 189 -58.90 0.64 -19.20
CA ILE X 189 -57.59 1.02 -18.64
C ILE X 189 -56.77 1.84 -19.65
N VAL X 190 -57.12 1.74 -20.93
CA VAL X 190 -56.48 2.59 -21.95
C VAL X 190 -56.74 4.07 -21.68
N LYS X 191 -58.01 4.48 -21.65
CA LYS X 191 -58.33 5.87 -21.30
C LYS X 191 -58.03 6.18 -19.85
N GLU X 192 -58.04 5.15 -18.99
CA GLU X 192 -57.66 5.34 -17.59
C GLU X 192 -56.16 5.57 -17.43
N VAL X 193 -55.37 5.28 -18.47
CA VAL X 193 -53.97 5.71 -18.47
C VAL X 193 -53.85 7.09 -19.08
N ALA X 194 -54.55 7.29 -20.19
CA ALA X 194 -54.37 8.51 -20.98
C ALA X 194 -54.88 9.75 -20.25
N LYS X 195 -55.77 9.55 -19.27
CA LYS X 195 -56.23 10.71 -18.51
C LYS X 195 -55.11 11.31 -17.66
N ILE X 196 -54.24 10.49 -17.08
CA ILE X 196 -53.25 11.11 -16.19
C ILE X 196 -51.94 11.33 -16.93
N ILE X 197 -51.70 10.58 -18.00
CA ILE X 197 -50.60 10.96 -18.89
C ILE X 197 -50.89 12.33 -19.50
N TYR X 198 -52.16 12.61 -19.77
CA TYR X 198 -52.51 13.98 -20.12
C TYR X 198 -52.46 14.90 -18.90
N ILE X 199 -52.74 14.38 -17.70
CA ILE X 199 -52.71 15.26 -16.52
C ILE X 199 -51.29 15.53 -16.05
N VAL X 200 -50.43 14.52 -15.98
CA VAL X 200 -49.07 14.74 -15.49
C VAL X 200 -48.29 15.41 -16.62
N HIS X 201 -47.12 15.96 -16.29
CA HIS X 201 -46.29 16.78 -17.18
C HIS X 201 -47.06 17.98 -17.71
N ASP X 202 -47.34 18.94 -16.82
CA ASP X 202 -48.08 20.13 -17.20
C ASP X 202 -47.31 20.96 -18.23
N GLU X 203 -48.07 21.65 -19.09
CA GLU X 203 -47.56 22.18 -20.35
C GLU X 203 -46.75 23.46 -20.21
N VAL X 204 -46.38 23.87 -19.00
CA VAL X 204 -45.54 25.06 -18.86
C VAL X 204 -44.07 24.69 -19.13
N LYS X 205 -43.69 23.45 -18.82
CA LYS X 205 -42.34 23.00 -19.09
C LYS X 205 -42.07 22.83 -20.58
N ASP X 206 -42.82 21.95 -21.23
CA ASP X 206 -42.78 21.78 -22.69
C ASP X 206 -44.14 22.19 -23.23
N LYS X 207 -44.14 22.86 -24.38
CA LYS X 207 -45.37 23.43 -24.92
C LYS X 207 -46.31 22.34 -25.43
N ALA X 208 -45.78 21.39 -26.19
CA ALA X 208 -46.58 20.33 -26.77
C ALA X 208 -45.97 18.97 -26.46
N PHE X 209 -46.75 17.93 -26.74
CA PHE X 209 -46.32 16.55 -26.52
C PHE X 209 -47.15 15.67 -27.44
N GLU X 210 -46.91 14.36 -27.35
CA GLU X 210 -47.63 13.39 -28.16
C GLU X 210 -47.57 12.05 -27.45
N LEU X 211 -48.64 11.27 -27.59
CA LEU X 211 -48.86 10.08 -26.77
C LEU X 211 -48.73 8.81 -27.59
N GLU X 212 -48.04 7.81 -27.04
CA GLU X 212 -48.08 6.44 -27.53
C GLU X 212 -48.76 5.54 -26.52
N LEU X 213 -49.45 4.52 -27.03
CA LEU X 213 -50.09 3.51 -26.20
C LEU X 213 -49.88 2.15 -26.82
N SER X 214 -49.45 1.18 -26.02
CA SER X 214 -49.28 -0.17 -26.53
C SER X 214 -49.93 -1.15 -25.57
N TRP X 215 -50.57 -2.16 -26.14
CA TRP X 215 -51.55 -2.91 -25.38
C TRP X 215 -51.53 -4.37 -25.78
N VAL X 216 -51.11 -5.20 -24.82
CA VAL X 216 -51.08 -6.65 -25.01
C VAL X 216 -51.99 -7.27 -23.95
N GLY X 217 -52.67 -8.33 -24.34
CA GLY X 217 -53.46 -9.06 -23.39
C GLY X 217 -54.37 -10.06 -24.09
N GLU X 218 -55.48 -10.36 -23.43
CA GLU X 218 -56.39 -11.37 -23.93
C GLU X 218 -57.14 -10.92 -25.17
N LEU X 219 -57.46 -9.63 -25.28
CA LEU X 219 -58.23 -9.15 -26.42
C LEU X 219 -57.41 -9.17 -27.70
N THR X 220 -56.12 -8.92 -27.62
CA THR X 220 -55.25 -8.98 -28.78
C THR X 220 -54.79 -10.40 -29.08
N ASN X 221 -55.21 -11.39 -28.26
CA ASN X 221 -54.92 -12.82 -28.45
C ASN X 221 -53.43 -13.10 -28.44
N GLY X 222 -52.76 -12.65 -27.38
CA GLY X 222 -51.36 -12.94 -27.19
C GLY X 222 -50.38 -12.06 -27.93
N ARG X 223 -50.72 -11.61 -29.14
CA ARG X 223 -49.84 -10.76 -29.91
C ARG X 223 -49.78 -9.37 -29.29
N HIS X 224 -48.58 -8.83 -29.15
CA HIS X 224 -48.41 -7.47 -28.68
C HIS X 224 -48.32 -6.53 -29.87
N GLU X 225 -49.13 -5.47 -29.84
CA GLU X 225 -49.03 -4.46 -30.88
C GLU X 225 -49.45 -3.12 -30.30
N ILE X 226 -49.10 -2.06 -31.03
CA ILE X 226 -49.59 -0.73 -30.73
C ILE X 226 -51.07 -0.68 -31.07
N VAL X 227 -51.85 -0.03 -30.21
CA VAL X 227 -53.25 0.22 -30.57
C VAL X 227 -53.28 1.26 -31.68
N PRO X 228 -54.23 1.20 -32.60
CA PRO X 228 -54.36 2.28 -33.58
C PRO X 228 -54.88 3.51 -32.87
N LYS X 229 -53.98 4.49 -32.68
CA LYS X 229 -54.23 5.65 -31.83
C LYS X 229 -55.39 6.49 -32.34
N ASP X 230 -55.56 6.54 -33.66
CA ASP X 230 -56.76 7.08 -34.26
C ASP X 230 -58.02 6.27 -33.92
N ILE X 231 -57.92 4.94 -33.89
CA ILE X 231 -59.09 4.10 -33.69
C ILE X 231 -59.52 4.16 -32.23
N ARG X 232 -60.80 4.53 -32.04
CA ARG X 232 -61.58 4.79 -30.84
C ARG X 232 -61.20 6.10 -30.15
N GLU X 233 -59.98 6.59 -30.44
CA GLU X 233 -59.38 7.88 -30.04
C GLU X 233 -59.82 8.34 -28.65
N GLU X 234 -59.79 7.40 -27.70
CA GLU X 234 -60.50 7.60 -26.44
C GLU X 234 -59.76 8.56 -25.54
N ALA X 235 -58.48 8.80 -25.84
CA ALA X 235 -57.59 9.58 -25.00
C ALA X 235 -58.04 11.02 -24.86
N GLU X 236 -57.99 11.77 -25.94
CA GLU X 236 -58.17 13.21 -25.84
C GLU X 236 -59.64 13.59 -25.74
N LYS X 237 -60.52 12.66 -26.15
CA LYS X 237 -61.95 12.83 -25.94
C LYS X 237 -62.28 12.90 -24.46
N TYR X 238 -61.56 12.12 -23.65
CA TYR X 238 -61.69 12.26 -22.21
C TYR X 238 -60.78 13.34 -21.66
N ALA X 239 -59.64 13.58 -22.32
CA ALA X 239 -58.59 14.39 -21.72
C ALA X 239 -58.89 15.87 -21.78
N LYS X 240 -59.51 16.33 -22.88
CA LYS X 240 -59.95 17.72 -22.91
C LYS X 240 -61.13 17.95 -21.98
N GLU X 241 -61.88 16.90 -21.65
CA GLU X 241 -62.99 16.97 -20.72
C GLU X 241 -62.55 16.65 -19.29
N SER X 242 -61.26 16.52 -19.04
CA SER X 242 -60.76 16.20 -17.72
C SER X 242 -60.01 17.35 -17.07
N LEU X 243 -60.07 18.56 -17.63
CA LEU X 243 -59.35 19.67 -17.04
C LEU X 243 -60.07 20.27 -15.84
N LYS X 244 -61.40 20.28 -15.84
CA LYS X 244 -62.16 20.91 -14.78
C LYS X 244 -62.27 20.04 -13.53
N THR Y 1 -34.63 -53.27 -25.89
CA THR Y 1 -34.84 -53.49 -27.31
C THR Y 1 -36.26 -53.09 -27.67
N THR Y 2 -37.22 -53.97 -27.45
CA THR Y 2 -38.58 -53.71 -27.88
C THR Y 2 -39.30 -52.86 -26.84
N ILE Y 3 -39.66 -51.64 -27.21
CA ILE Y 3 -40.26 -50.71 -26.28
C ILE Y 3 -41.68 -50.39 -26.73
N MET Y 4 -42.42 -49.73 -25.84
CA MET Y 4 -43.85 -49.58 -25.99
C MET Y 4 -44.27 -48.35 -25.21
N ALA Y 5 -45.19 -47.57 -25.76
CA ALA Y 5 -45.64 -46.34 -25.11
C ALA Y 5 -47.04 -45.99 -25.59
N VAL Y 6 -48.04 -46.25 -24.76
CA VAL Y 6 -49.43 -45.97 -25.09
C VAL Y 6 -49.97 -44.97 -24.08
N GLN Y 7 -50.70 -43.97 -24.57
CA GLN Y 7 -51.39 -43.04 -23.69
C GLN Y 7 -52.84 -43.48 -23.52
N PHE Y 8 -53.49 -42.92 -22.51
CA PHE Y 8 -54.91 -43.16 -22.25
C PHE Y 8 -55.46 -41.86 -21.68
N ASP Y 9 -56.63 -41.95 -21.05
CA ASP Y 9 -57.31 -40.77 -20.50
C ASP Y 9 -56.47 -40.10 -19.41
N GLY Y 10 -56.18 -40.83 -18.34
CA GLY Y 10 -55.56 -40.23 -17.18
C GLY Y 10 -54.05 -40.11 -17.24
N GLY Y 11 -53.45 -40.61 -18.31
CA GLY Y 11 -52.01 -40.55 -18.40
C GLY Y 11 -51.52 -41.47 -19.52
N VAL Y 12 -50.32 -42.00 -19.32
CA VAL Y 12 -49.67 -42.85 -20.31
C VAL Y 12 -49.29 -44.17 -19.66
N VAL Y 13 -49.00 -45.16 -20.50
CA VAL Y 13 -48.51 -46.46 -20.08
C VAL Y 13 -47.26 -46.74 -20.89
N LEU Y 14 -46.17 -47.08 -20.23
CA LEU Y 14 -44.96 -47.48 -20.92
C LEU Y 14 -44.72 -48.96 -20.73
N GLY Y 15 -43.71 -49.46 -21.42
CA GLY Y 15 -43.39 -50.87 -21.33
C GLY Y 15 -42.23 -51.20 -22.23
N ALA Y 16 -41.40 -52.14 -21.79
CA ALA Y 16 -40.24 -52.56 -22.55
C ALA Y 16 -39.84 -53.96 -22.12
N ASP Y 17 -39.05 -54.61 -22.96
CA ASP Y 17 -38.38 -55.83 -22.56
C ASP Y 17 -37.04 -55.46 -21.92
N SER Y 18 -36.15 -56.42 -21.76
CA SER Y 18 -34.92 -56.19 -21.03
C SER Y 18 -33.69 -56.77 -21.70
N ARG Y 19 -33.86 -57.77 -22.55
CA ARG Y 19 -32.74 -58.58 -23.01
C ARG Y 19 -31.88 -57.83 -24.01
N THR Y 20 -30.66 -57.50 -23.61
CA THR Y 20 -29.76 -56.63 -24.34
C THR Y 20 -28.74 -57.45 -25.10
N THR Y 21 -28.76 -57.35 -26.43
CA THR Y 21 -28.00 -58.22 -27.30
C THR Y 21 -26.73 -57.54 -27.76
N THR Y 22 -25.60 -58.18 -27.51
CA THR Y 22 -24.32 -57.79 -28.10
C THR Y 22 -23.77 -58.98 -28.89
N GLY Y 23 -23.78 -58.85 -30.21
CA GLY Y 23 -23.47 -60.00 -31.06
C GLY Y 23 -24.56 -61.04 -30.97
N SER Y 24 -24.16 -62.31 -31.07
CA SER Y 24 -25.10 -63.40 -30.84
C SER Y 24 -25.04 -63.90 -29.41
N TYR Y 25 -24.75 -63.01 -28.47
CA TYR Y 25 -24.64 -63.36 -27.06
C TYR Y 25 -25.45 -62.39 -26.22
N ILE Y 26 -26.00 -62.90 -25.12
CA ILE Y 26 -26.75 -62.07 -24.19
C ILE Y 26 -25.87 -61.79 -22.98
N ALA Y 27 -25.41 -60.56 -22.85
CA ALA Y 27 -24.52 -60.23 -21.74
C ALA Y 27 -25.29 -59.66 -20.56
N ASN Y 28 -26.58 -59.42 -20.74
CA ASN Y 28 -27.39 -58.90 -19.64
C ASN Y 28 -28.83 -59.29 -19.88
N ARG Y 29 -29.39 -60.07 -18.95
CA ARG Y 29 -30.80 -60.45 -19.05
C ARG Y 29 -31.71 -59.27 -18.79
N VAL Y 30 -31.69 -58.75 -17.56
CA VAL Y 30 -32.66 -57.80 -17.09
C VAL Y 30 -31.99 -56.43 -16.96
N THR Y 31 -32.60 -55.41 -17.55
CA THR Y 31 -31.98 -54.10 -17.67
C THR Y 31 -33.07 -53.03 -17.63
N ASP Y 32 -32.80 -51.93 -16.94
CA ASP Y 32 -33.69 -50.78 -16.90
C ASP Y 32 -33.64 -50.11 -18.27
N LYS Y 33 -34.56 -50.50 -19.16
CA LYS Y 33 -34.66 -49.77 -20.42
C LYS Y 33 -35.34 -48.43 -20.26
N LEU Y 34 -36.42 -48.36 -19.51
CA LEU Y 34 -37.09 -47.09 -19.27
C LEU Y 34 -36.41 -46.36 -18.12
N THR Y 35 -36.27 -45.03 -18.27
CA THR Y 35 -35.41 -44.27 -17.39
C THR Y 35 -36.13 -43.03 -16.88
N PRO Y 36 -36.13 -42.77 -15.57
CA PRO Y 36 -36.74 -41.57 -14.96
C PRO Y 36 -35.96 -40.27 -15.10
N ILE Y 37 -36.24 -39.51 -16.16
CA ILE Y 37 -35.66 -38.18 -16.30
C ILE Y 37 -36.13 -37.29 -15.16
N HIS Y 38 -37.44 -37.11 -15.07
CA HIS Y 38 -38.04 -36.31 -14.02
C HIS Y 38 -39.07 -37.20 -13.33
N ASP Y 39 -39.88 -36.62 -12.45
CA ASP Y 39 -40.81 -37.44 -11.69
C ASP Y 39 -42.01 -37.88 -12.51
N ARG Y 40 -42.27 -37.21 -13.63
CA ARG Y 40 -43.45 -37.50 -14.43
C ARG Y 40 -43.12 -37.82 -15.88
N ILE Y 41 -41.84 -37.85 -16.25
CA ILE Y 41 -41.42 -37.95 -17.65
C ILE Y 41 -40.44 -39.11 -17.77
N PHE Y 42 -40.77 -40.10 -18.59
CA PHE Y 42 -39.87 -41.21 -18.84
C PHE Y 42 -39.36 -41.17 -20.27
N CYS Y 43 -38.24 -41.85 -20.48
CA CYS Y 43 -37.80 -42.24 -21.81
C CYS Y 43 -37.37 -43.69 -21.74
N CYS Y 44 -37.70 -44.42 -22.79
CA CYS Y 44 -37.25 -45.81 -22.95
C CYS Y 44 -36.42 -45.88 -24.22
N ARG Y 45 -35.21 -46.39 -24.10
CA ARG Y 45 -34.17 -46.17 -25.09
C ARG Y 45 -33.93 -47.41 -25.93
N SER Y 46 -33.49 -47.19 -27.16
CA SER Y 46 -33.33 -48.27 -28.12
C SER Y 46 -32.11 -48.01 -28.99
N GLY Y 47 -31.59 -49.06 -29.61
CA GLY Y 47 -30.41 -48.95 -30.43
C GLY Y 47 -29.15 -49.19 -29.63
N SER Y 48 -28.15 -48.33 -29.80
CA SER Y 48 -26.93 -48.42 -29.02
C SER Y 48 -27.22 -48.10 -27.56
N ALA Y 49 -26.38 -48.63 -26.67
CA ALA Y 49 -26.66 -48.44 -25.24
C ALA Y 49 -25.90 -47.24 -24.68
N ALA Y 50 -24.62 -47.11 -25.02
CA ALA Y 50 -23.80 -46.05 -24.46
C ALA Y 50 -24.25 -44.67 -24.93
N ASP Y 51 -24.66 -44.59 -26.19
CA ASP Y 51 -25.11 -43.33 -26.78
C ASP Y 51 -26.37 -42.84 -26.09
N THR Y 52 -27.36 -43.72 -25.93
CA THR Y 52 -28.61 -43.33 -25.31
C THR Y 52 -28.45 -43.08 -23.81
N GLN Y 53 -27.48 -43.75 -23.18
CA GLN Y 53 -27.21 -43.45 -21.77
C GLN Y 53 -26.63 -42.05 -21.61
N ALA Y 54 -25.68 -41.68 -22.48
CA ALA Y 54 -25.08 -40.35 -22.38
C ALA Y 54 -26.09 -39.27 -22.72
N VAL Y 55 -26.95 -39.53 -23.71
CA VAL Y 55 -27.96 -38.55 -24.11
C VAL Y 55 -29.00 -38.38 -23.01
N ALA Y 56 -29.46 -39.49 -22.40
CA ALA Y 56 -30.45 -39.39 -21.34
C ALA Y 56 -29.88 -38.71 -20.09
N ASP Y 57 -28.60 -38.92 -19.81
CA ASP Y 57 -27.99 -38.23 -18.67
C ASP Y 57 -27.86 -36.74 -18.93
N ALA Y 58 -27.50 -36.36 -20.16
CA ALA Y 58 -27.32 -34.93 -20.45
C ALA Y 58 -28.67 -34.20 -20.49
N VAL Y 59 -29.71 -34.86 -20.99
CA VAL Y 59 -31.04 -34.27 -20.97
C VAL Y 59 -31.53 -34.15 -19.53
N THR Y 60 -31.22 -35.13 -18.69
CA THR Y 60 -31.54 -35.04 -17.26
C THR Y 60 -30.86 -33.84 -16.62
N TYR Y 61 -29.62 -33.55 -17.05
CA TYR Y 61 -28.92 -32.36 -16.56
C TYR Y 61 -29.64 -31.08 -16.96
N GLN Y 62 -29.87 -30.87 -18.27
CA GLN Y 62 -30.40 -29.59 -18.74
C GLN Y 62 -31.85 -29.36 -18.32
N LEU Y 63 -32.66 -30.41 -18.39
CA LEU Y 63 -34.04 -30.31 -17.91
C LEU Y 63 -34.09 -30.15 -16.40
N GLY Y 64 -33.11 -30.72 -15.68
CA GLY Y 64 -33.07 -30.53 -14.24
C GLY Y 64 -32.78 -29.09 -13.87
N PHE Y 65 -31.76 -28.50 -14.49
CA PHE Y 65 -31.38 -27.11 -14.21
C PHE Y 65 -32.47 -26.13 -14.61
N HIS Y 66 -33.05 -26.32 -15.80
CA HIS Y 66 -34.14 -25.46 -16.24
C HIS Y 66 -35.38 -25.63 -15.37
N SER Y 67 -35.69 -26.87 -14.99
CA SER Y 67 -36.88 -27.14 -14.20
C SER Y 67 -36.77 -26.59 -12.79
N ILE Y 68 -35.57 -26.51 -12.24
CA ILE Y 68 -35.39 -25.81 -10.97
C ILE Y 68 -35.50 -24.30 -11.18
N GLU Y 69 -34.94 -23.81 -12.28
CA GLU Y 69 -34.89 -22.36 -12.49
C GLU Y 69 -36.27 -21.77 -12.74
N LEU Y 70 -37.20 -22.54 -13.29
CA LEU Y 70 -38.59 -22.09 -13.28
C LEU Y 70 -39.19 -22.17 -11.89
N ASN Y 71 -38.77 -23.16 -11.11
CA ASN Y 71 -39.49 -23.68 -9.94
C ASN Y 71 -40.96 -23.92 -10.27
N GLU Y 72 -41.18 -24.66 -11.36
CA GLU Y 72 -42.46 -25.14 -11.84
C GLU Y 72 -42.24 -26.53 -12.43
N PRO Y 73 -43.29 -27.33 -12.56
CA PRO Y 73 -43.14 -28.61 -13.26
C PRO Y 73 -42.85 -28.42 -14.73
N PRO Y 74 -42.03 -29.29 -15.32
CA PRO Y 74 -41.66 -29.13 -16.73
C PRO Y 74 -42.66 -29.78 -17.67
N LEU Y 75 -42.82 -29.16 -18.83
CA LEU Y 75 -43.65 -29.72 -19.89
C LEU Y 75 -42.94 -30.91 -20.52
N VAL Y 76 -43.72 -31.78 -21.16
CA VAL Y 76 -43.12 -32.94 -21.81
C VAL Y 76 -42.41 -32.52 -23.09
N HIS Y 77 -42.97 -31.53 -23.79
CA HIS Y 77 -42.37 -31.04 -25.02
C HIS Y 77 -41.05 -30.34 -24.76
N THR Y 78 -40.86 -29.82 -23.55
CA THR Y 78 -39.57 -29.31 -23.12
C THR Y 78 -38.53 -30.42 -23.09
N ALA Y 79 -38.93 -31.61 -22.67
CA ALA Y 79 -38.01 -32.73 -22.68
C ALA Y 79 -37.78 -33.25 -24.09
N ALA Y 80 -38.81 -33.24 -24.92
CA ALA Y 80 -38.68 -33.79 -26.27
C ALA Y 80 -37.85 -32.89 -27.17
N SER Y 81 -37.89 -31.58 -26.94
CA SER Y 81 -37.11 -30.66 -27.77
C SER Y 81 -35.62 -30.83 -27.54
N LEU Y 82 -35.23 -31.23 -26.32
CA LEU Y 82 -33.82 -31.41 -26.04
C LEU Y 82 -33.27 -32.69 -26.68
N PHE Y 83 -34.07 -33.75 -26.70
CA PHE Y 83 -33.67 -34.94 -27.46
C PHE Y 83 -33.63 -34.65 -28.95
N LYS Y 84 -34.52 -33.77 -29.42
CA LYS Y 84 -34.45 -33.38 -30.83
C LYS Y 84 -33.16 -32.63 -31.14
N GLU Y 85 -32.72 -31.76 -30.22
CA GLU Y 85 -31.53 -30.97 -30.47
C GLU Y 85 -30.26 -31.83 -30.37
N MET Y 86 -30.17 -32.67 -29.33
CA MET Y 86 -28.94 -33.46 -29.18
C MET Y 86 -28.88 -34.59 -30.19
N CYS Y 87 -30.01 -35.24 -30.48
CA CYS Y 87 -30.00 -36.32 -31.44
C CYS Y 87 -29.82 -35.80 -32.86
N TYR Y 88 -30.38 -34.61 -33.14
CA TYR Y 88 -30.22 -34.06 -34.49
C TYR Y 88 -28.84 -33.48 -34.70
N ARG Y 89 -28.29 -32.79 -33.70
CA ARG Y 89 -27.03 -32.08 -33.89
C ARG Y 89 -25.87 -33.04 -34.07
N TYR Y 90 -25.97 -34.23 -33.48
CA TYR Y 90 -24.91 -35.22 -33.56
C TYR Y 90 -25.38 -36.51 -34.22
N ARG Y 91 -26.10 -36.41 -35.34
CA ARG Y 91 -26.74 -37.59 -35.91
C ARG Y 91 -25.76 -38.50 -36.62
N GLU Y 92 -24.52 -38.04 -36.82
CA GLU Y 92 -23.56 -38.84 -37.57
C GLU Y 92 -22.99 -39.97 -36.73
N ASP Y 93 -23.13 -39.89 -35.40
CA ASP Y 93 -22.52 -40.90 -34.55
C ASP Y 93 -23.55 -41.59 -33.67
N LEU Y 94 -24.56 -40.87 -33.23
CA LEU Y 94 -25.50 -41.44 -32.28
C LEU Y 94 -26.53 -42.32 -32.98
N MET Y 95 -26.98 -43.34 -32.27
CA MET Y 95 -28.05 -44.21 -32.72
C MET Y 95 -29.07 -44.32 -31.60
N ALA Y 96 -29.96 -43.35 -31.53
CA ALA Y 96 -30.86 -43.20 -30.38
C ALA Y 96 -32.27 -43.60 -30.80
N GLY Y 97 -32.81 -44.59 -30.10
CA GLY Y 97 -34.19 -45.02 -30.32
C GLY Y 97 -35.10 -44.52 -29.23
N ILE Y 98 -34.95 -43.25 -28.88
CA ILE Y 98 -35.62 -42.71 -27.70
C ILE Y 98 -37.10 -42.52 -27.97
N ILE Y 99 -37.94 -42.86 -26.99
CA ILE Y 99 -39.34 -42.48 -26.98
C ILE Y 99 -39.66 -41.83 -25.64
N ILE Y 100 -40.02 -40.55 -25.69
CA ILE Y 100 -40.28 -39.77 -24.50
C ILE Y 100 -41.77 -39.82 -24.22
N ALA Y 101 -42.15 -40.12 -22.99
CA ALA Y 101 -43.56 -40.20 -22.64
C ALA Y 101 -43.76 -39.75 -21.20
N GLY Y 102 -44.91 -39.17 -20.92
CA GLY Y 102 -45.22 -38.82 -19.55
C GLY Y 102 -46.44 -37.92 -19.43
N TRP Y 103 -47.08 -38.01 -18.28
CA TRP Y 103 -48.21 -37.16 -17.94
C TRP Y 103 -47.70 -35.76 -17.66
N ASP Y 104 -48.55 -34.77 -17.88
CA ASP Y 104 -48.20 -33.38 -17.60
C ASP Y 104 -49.42 -32.73 -16.98
N PRO Y 105 -49.25 -31.79 -16.03
CA PRO Y 105 -50.42 -31.11 -15.48
C PRO Y 105 -51.10 -30.17 -16.45
N GLN Y 106 -50.33 -29.56 -17.34
CA GLN Y 106 -50.90 -28.53 -18.20
C GLN Y 106 -51.61 -29.14 -19.40
N GLU Y 107 -51.16 -30.30 -19.86
CA GLU Y 107 -51.64 -30.85 -21.13
C GLU Y 107 -52.08 -32.30 -21.05
N GLY Y 108 -51.96 -32.94 -19.89
CA GLY Y 108 -52.37 -34.33 -19.87
C GLY Y 108 -51.30 -35.25 -20.42
N GLY Y 109 -51.73 -36.45 -20.83
CA GLY Y 109 -50.80 -37.46 -21.30
C GLY Y 109 -50.28 -37.14 -22.69
N GLN Y 110 -48.99 -37.33 -22.90
CA GLN Y 110 -48.35 -37.11 -24.19
C GLN Y 110 -47.29 -38.17 -24.40
N VAL Y 111 -47.13 -38.60 -25.65
CA VAL Y 111 -46.06 -39.51 -26.05
C VAL Y 111 -45.42 -38.98 -27.32
N TYR Y 112 -44.12 -38.71 -27.25
CA TYR Y 112 -43.35 -38.26 -28.41
C TYR Y 112 -42.40 -39.37 -28.82
N SER Y 113 -42.09 -39.42 -30.12
CA SER Y 113 -41.16 -40.41 -30.65
C SER Y 113 -39.95 -39.71 -31.25
N VAL Y 114 -38.77 -40.30 -31.06
CA VAL Y 114 -37.55 -39.82 -31.68
C VAL Y 114 -36.87 -41.02 -32.34
N PRO Y 115 -36.92 -41.14 -33.66
CA PRO Y 115 -36.17 -42.21 -34.33
C PRO Y 115 -34.72 -41.82 -34.54
N MET Y 116 -33.99 -42.63 -35.30
CA MET Y 116 -32.56 -42.41 -35.54
C MET Y 116 -32.27 -41.11 -36.26
N GLY Y 117 -33.19 -40.64 -37.11
CA GLY Y 117 -32.96 -39.43 -37.89
C GLY Y 117 -32.95 -38.16 -37.08
N GLY Y 118 -33.60 -38.15 -35.93
CA GLY Y 118 -33.64 -36.97 -35.09
C GLY Y 118 -34.91 -36.15 -35.18
N MET Y 119 -35.93 -36.65 -35.87
CA MET Y 119 -37.18 -35.92 -35.93
C MET Y 119 -38.01 -36.19 -34.69
N MET Y 120 -39.02 -35.34 -34.49
CA MET Y 120 -39.89 -35.40 -33.33
C MET Y 120 -41.33 -35.32 -33.80
N VAL Y 121 -42.15 -36.28 -33.36
CA VAL Y 121 -43.55 -36.30 -33.77
C VAL Y 121 -44.36 -36.92 -32.64
N ARG Y 122 -45.55 -36.38 -32.41
CA ARG Y 122 -46.46 -36.89 -31.40
C ARG Y 122 -47.19 -38.11 -31.96
N GLN Y 123 -47.37 -39.13 -31.13
CA GLN Y 123 -48.18 -40.27 -31.49
C GLN Y 123 -49.11 -40.62 -30.34
N SER Y 124 -50.21 -41.28 -30.68
CA SER Y 124 -51.09 -41.81 -29.64
C SER Y 124 -50.50 -43.08 -29.03
N PHE Y 125 -49.81 -43.88 -29.83
CA PHE Y 125 -49.10 -45.05 -29.34
C PHE Y 125 -47.83 -45.20 -30.15
N ALA Y 126 -46.75 -45.63 -29.49
CA ALA Y 126 -45.43 -45.60 -30.09
C ALA Y 126 -44.69 -46.89 -29.79
N ILE Y 127 -43.82 -47.28 -30.71
CA ILE Y 127 -43.14 -48.57 -30.73
C ILE Y 127 -41.77 -48.41 -31.36
N GLY Y 128 -40.80 -49.11 -30.81
CA GLY Y 128 -39.44 -48.95 -31.28
C GLY Y 128 -38.61 -50.20 -31.07
N GLY Y 129 -37.35 -50.09 -31.41
CA GLY Y 129 -36.48 -51.24 -31.29
C GLY Y 129 -36.61 -52.18 -32.46
N SER Y 130 -35.74 -53.19 -32.50
CA SER Y 130 -35.71 -54.11 -33.61
C SER Y 130 -36.91 -55.05 -33.60
N GLY Y 131 -37.49 -55.29 -32.42
CA GLY Y 131 -38.55 -56.26 -32.31
C GLY Y 131 -39.91 -55.74 -32.69
N SER Y 132 -40.04 -54.41 -32.82
CA SER Y 132 -41.36 -53.81 -33.03
C SER Y 132 -41.91 -54.10 -34.43
N SER Y 133 -41.02 -54.48 -35.35
CA SER Y 133 -41.40 -54.86 -36.71
C SER Y 133 -42.25 -56.12 -36.75
N TYR Y 134 -42.31 -56.86 -35.65
CA TYR Y 134 -43.08 -58.09 -35.65
C TYR Y 134 -44.43 -57.90 -34.96
N ILE Y 135 -44.67 -56.72 -34.39
CA ILE Y 135 -45.91 -56.42 -33.70
C ILE Y 135 -46.60 -55.19 -34.26
N TYR Y 136 -46.08 -54.64 -35.37
CA TYR Y 136 -46.81 -53.63 -36.15
C TYR Y 136 -48.25 -54.07 -36.46
N GLY Y 137 -48.42 -55.30 -36.92
CA GLY Y 137 -49.74 -55.78 -37.31
C GLY Y 137 -50.71 -55.92 -36.17
N TYR Y 138 -50.28 -56.50 -35.05
CA TYR Y 138 -51.15 -56.64 -33.89
C TYR Y 138 -51.47 -55.31 -33.23
N VAL Y 139 -50.51 -54.39 -33.19
CA VAL Y 139 -50.80 -53.10 -32.58
C VAL Y 139 -51.65 -52.25 -33.52
N ASP Y 140 -51.67 -52.57 -34.82
CA ASP Y 140 -52.61 -51.89 -35.71
C ASP Y 140 -54.05 -52.31 -35.49
N ALA Y 141 -54.31 -53.59 -35.34
CA ALA Y 141 -55.67 -54.10 -35.29
C ALA Y 141 -56.26 -54.03 -33.89
N THR Y 142 -55.49 -54.37 -32.87
CA THR Y 142 -56.07 -54.51 -31.54
C THR Y 142 -56.31 -53.14 -30.89
N TYR Y 143 -55.60 -52.10 -31.36
CA TYR Y 143 -55.76 -50.78 -30.77
C TYR Y 143 -57.13 -50.20 -31.07
N ARG Y 144 -57.63 -49.39 -30.12
CA ARG Y 144 -58.93 -48.75 -30.20
C ARG Y 144 -58.91 -47.55 -29.27
N GLU Y 145 -59.50 -46.45 -29.70
CA GLU Y 145 -59.41 -45.20 -28.96
C GLU Y 145 -60.22 -45.25 -27.68
N GLY Y 146 -59.60 -44.77 -26.60
CA GLY Y 146 -60.29 -44.63 -25.33
C GLY Y 146 -60.20 -45.84 -24.43
N MET Y 147 -59.06 -46.51 -24.45
CA MET Y 147 -58.85 -47.68 -23.59
C MET Y 147 -58.62 -47.25 -22.14
N THR Y 148 -59.16 -48.05 -21.22
CA THR Y 148 -58.86 -47.84 -19.81
C THR Y 148 -57.49 -48.40 -19.48
N LYS Y 149 -57.02 -48.10 -18.27
CA LYS Y 149 -55.66 -48.46 -17.87
C LYS Y 149 -55.53 -49.98 -17.71
N GLU Y 150 -56.59 -50.62 -17.23
CA GLU Y 150 -56.56 -52.07 -17.04
C GLU Y 150 -56.59 -52.81 -18.36
N GLU Y 151 -57.00 -52.15 -19.45
CA GLU Y 151 -56.86 -52.75 -20.76
C GLU Y 151 -55.59 -52.31 -21.47
N CYS Y 152 -55.03 -51.16 -21.07
CA CYS Y 152 -53.76 -50.75 -21.64
C CYS Y 152 -52.62 -51.62 -21.15
N LEU Y 153 -52.60 -51.95 -19.86
CA LEU Y 153 -51.52 -52.79 -19.33
C LEU Y 153 -51.61 -54.21 -19.86
N GLN Y 154 -52.83 -54.73 -20.01
CA GLN Y 154 -53.03 -56.00 -20.70
C GLN Y 154 -52.58 -55.91 -22.14
N PHE Y 155 -52.85 -54.77 -22.79
CA PHE Y 155 -52.56 -54.61 -24.21
C PHE Y 155 -51.07 -54.55 -24.48
N THR Y 156 -50.32 -53.80 -23.68
CA THR Y 156 -48.88 -53.78 -23.85
C THR Y 156 -48.25 -55.06 -23.35
N ALA Y 157 -48.93 -55.75 -22.43
CA ALA Y 157 -48.44 -57.05 -21.98
C ALA Y 157 -48.47 -58.07 -23.09
N ASN Y 158 -49.59 -58.16 -23.81
CA ASN Y 158 -49.65 -59.07 -24.95
C ASN Y 158 -48.77 -58.57 -26.09
N ALA Y 159 -48.70 -57.24 -26.25
CA ALA Y 159 -47.97 -56.65 -27.36
C ALA Y 159 -46.46 -56.82 -27.20
N LEU Y 160 -45.99 -56.97 -25.96
CA LEU Y 160 -44.59 -57.34 -25.77
C LEU Y 160 -44.43 -58.84 -25.67
N ALA Y 161 -45.50 -59.56 -25.37
CA ALA Y 161 -45.42 -61.01 -25.32
C ALA Y 161 -45.18 -61.60 -26.70
N LEU Y 162 -45.80 -60.99 -27.72
CA LEU Y 162 -45.57 -61.45 -29.09
C LEU Y 162 -44.16 -61.14 -29.55
N ALA Y 163 -43.66 -59.94 -29.24
CA ALA Y 163 -42.35 -59.53 -29.72
C ALA Y 163 -41.24 -60.30 -29.03
N MET Y 164 -41.31 -60.45 -27.71
CA MET Y 164 -40.40 -61.34 -27.01
C MET Y 164 -40.53 -62.78 -27.45
N GLU Y 165 -41.74 -63.22 -27.82
CA GLU Y 165 -41.96 -64.59 -28.26
C GLU Y 165 -41.29 -64.88 -29.60
N ARG Y 166 -41.34 -63.94 -30.53
CA ARG Y 166 -40.96 -64.26 -31.91
C ARG Y 166 -39.53 -63.83 -32.22
N ASP Y 167 -39.13 -62.64 -31.79
CA ASP Y 167 -37.80 -62.12 -32.07
C ASP Y 167 -36.79 -62.85 -31.20
N GLY Y 168 -35.68 -63.23 -31.83
CA GLY Y 168 -34.62 -63.88 -31.08
C GLY Y 168 -33.82 -62.90 -30.25
N SER Y 169 -33.78 -61.64 -30.67
CA SER Y 169 -33.07 -60.62 -29.91
C SER Y 169 -33.83 -60.27 -28.64
N SER Y 170 -35.11 -59.99 -28.77
CA SER Y 170 -35.95 -59.62 -27.65
C SER Y 170 -36.19 -60.81 -26.73
N GLY Y 171 -36.47 -60.52 -25.46
CA GLY Y 171 -36.70 -61.57 -24.49
C GLY Y 171 -36.57 -61.03 -23.08
N GLY Y 172 -36.14 -61.91 -22.19
CA GLY Y 172 -35.99 -61.53 -20.80
C GLY Y 172 -37.29 -61.47 -20.04
N VAL Y 173 -37.63 -60.29 -19.51
CA VAL Y 173 -38.84 -60.12 -18.72
C VAL Y 173 -39.44 -58.76 -19.05
N ILE Y 174 -40.77 -58.69 -19.02
CA ILE Y 174 -41.47 -57.45 -19.32
C ILE Y 174 -41.33 -56.50 -18.16
N ARG Y 175 -40.92 -55.27 -18.45
CA ARG Y 175 -41.00 -54.16 -17.50
C ARG Y 175 -42.17 -53.28 -17.90
N LEU Y 176 -42.92 -52.81 -16.90
CA LEU Y 176 -44.04 -51.93 -17.14
C LEU Y 176 -43.97 -50.73 -16.21
N ALA Y 177 -44.70 -49.68 -16.57
CA ALA Y 177 -44.80 -48.46 -15.78
C ALA Y 177 -46.02 -47.68 -16.22
N ALA Y 178 -46.91 -47.40 -15.27
CA ALA Y 178 -48.09 -46.59 -15.53
C ALA Y 178 -47.91 -45.24 -14.87
N ILE Y 179 -48.19 -44.17 -15.61
CA ILE Y 179 -47.92 -42.81 -15.18
C ILE Y 179 -49.20 -42.00 -15.21
N ALA Y 180 -49.53 -41.39 -14.09
CA ALA Y 180 -50.64 -40.45 -13.99
C ALA Y 180 -50.29 -39.41 -12.94
N GLU Y 181 -51.29 -38.66 -12.49
CA GLU Y 181 -51.05 -37.71 -11.41
C GLU Y 181 -50.82 -38.42 -10.08
N SER Y 182 -51.43 -39.60 -9.90
CA SER Y 182 -51.39 -40.33 -8.64
C SER Y 182 -50.02 -40.89 -8.31
N GLY Y 183 -49.11 -40.96 -9.27
CA GLY Y 183 -47.78 -41.46 -9.03
C GLY Y 183 -47.43 -42.59 -9.98
N VAL Y 184 -46.14 -42.71 -10.24
CA VAL Y 184 -45.62 -43.73 -11.14
C VAL Y 184 -45.62 -45.07 -10.43
N GLU Y 185 -46.27 -46.06 -11.02
CA GLU Y 185 -46.31 -47.42 -10.50
C GLU Y 185 -45.49 -48.31 -11.43
N ARG Y 186 -44.35 -48.78 -10.95
CA ARG Y 186 -43.50 -49.66 -11.73
C ARG Y 186 -43.62 -51.08 -11.21
N GLN Y 187 -43.91 -52.01 -12.11
CA GLN Y 187 -44.09 -53.41 -11.74
C GLN Y 187 -43.50 -54.27 -12.84
N VAL Y 188 -43.31 -55.55 -12.51
CA VAL Y 188 -42.67 -56.50 -13.40
C VAL Y 188 -43.61 -57.67 -13.60
N LEU Y 189 -44.04 -57.88 -14.84
CA LEU Y 189 -44.87 -59.02 -15.19
C LEU Y 189 -44.11 -59.96 -16.11
N LEU Y 190 -44.65 -61.16 -16.27
CA LEU Y 190 -44.08 -62.15 -17.18
C LEU Y 190 -45.19 -63.06 -17.69
N GLY Y 191 -45.26 -63.20 -19.01
CA GLY Y 191 -46.30 -63.99 -19.65
C GLY Y 191 -47.41 -63.13 -20.24
N THR Z 1 -7.51 -64.21 -20.42
CA THR Z 1 -7.92 -63.39 -19.30
C THR Z 1 -9.39 -63.63 -18.98
N THR Z 2 -9.65 -64.08 -17.75
CA THR Z 2 -11.00 -64.32 -17.29
C THR Z 2 -11.15 -63.73 -15.90
N ILE Z 3 -11.96 -62.68 -15.78
CA ILE Z 3 -12.23 -62.06 -14.50
C ILE Z 3 -13.70 -62.26 -14.19
N ALA Z 4 -14.07 -62.02 -12.93
CA ALA Z 4 -15.44 -62.28 -12.49
C ALA Z 4 -15.73 -61.46 -11.24
N GLY Z 5 -16.99 -61.47 -10.85
CA GLY Z 5 -17.42 -60.80 -9.63
C GLY Z 5 -18.79 -61.27 -9.24
N VAL Z 6 -19.11 -61.14 -7.95
CA VAL Z 6 -20.39 -61.55 -7.42
C VAL Z 6 -20.68 -60.73 -6.17
N VAL Z 7 -21.96 -60.59 -5.85
CA VAL Z 7 -22.41 -59.90 -4.65
C VAL Z 7 -23.00 -60.92 -3.71
N TYR Z 8 -22.31 -61.20 -2.61
CA TYR Z 8 -22.91 -62.01 -1.57
C TYR Z 8 -23.70 -61.11 -0.63
N LYS Z 9 -24.10 -61.67 0.52
CA LYS Z 9 -25.07 -61.00 1.39
C LYS Z 9 -24.53 -59.74 2.06
N ASP Z 10 -23.20 -59.58 2.09
CA ASP Z 10 -22.59 -58.47 2.83
C ASP Z 10 -21.59 -57.67 2.01
N GLY Z 11 -21.16 -58.16 0.86
CA GLY Z 11 -20.14 -57.44 0.13
C GLY Z 11 -19.96 -57.98 -1.29
N ILE Z 12 -18.71 -57.95 -1.74
CA ILE Z 12 -18.32 -58.26 -3.11
C ILE Z 12 -17.11 -59.18 -3.09
N VAL Z 13 -17.16 -60.24 -3.89
CA VAL Z 13 -16.01 -61.12 -4.11
C VAL Z 13 -15.57 -60.95 -5.56
N LEU Z 14 -14.29 -60.64 -5.76
CA LEU Z 14 -13.70 -60.48 -7.07
C LEU Z 14 -12.67 -61.55 -7.30
N GLY Z 15 -12.19 -61.67 -8.54
CA GLY Z 15 -11.19 -62.67 -8.85
C GLY Z 15 -10.69 -62.51 -10.26
N ALA Z 16 -9.50 -63.08 -10.50
CA ALA Z 16 -8.85 -63.02 -11.80
C ALA Z 16 -7.75 -64.06 -11.82
N ASP Z 17 -7.44 -64.53 -13.01
CA ASP Z 17 -6.20 -65.29 -13.16
C ASP Z 17 -5.13 -64.41 -13.76
N THR Z 18 -3.87 -64.82 -13.57
CA THR Z 18 -2.77 -63.89 -13.77
C THR Z 18 -1.93 -64.14 -15.01
N ARG Z 19 -2.54 -64.53 -16.13
CA ARG Z 19 -1.80 -64.73 -17.37
C ARG Z 19 -2.00 -63.51 -18.27
N ALA Z 20 -0.89 -62.89 -18.68
CA ALA Z 20 -0.91 -61.71 -19.55
C ALA Z 20 -0.32 -62.08 -20.91
N THR Z 21 -1.17 -62.55 -21.81
CA THR Z 21 -0.74 -63.04 -23.11
C THR Z 21 -0.46 -61.87 -24.03
N GLU Z 22 0.48 -62.06 -24.95
CA GLU Z 22 0.61 -61.18 -26.11
C GLU Z 22 0.60 -62.02 -27.37
N GLY Z 23 -0.51 -61.98 -28.11
CA GLY Z 23 -0.64 -62.84 -29.26
C GLY Z 23 -0.89 -64.26 -28.81
N MET Z 24 -0.12 -65.19 -29.34
CA MET Z 24 -0.24 -66.58 -28.92
C MET Z 24 0.95 -67.06 -28.12
N VAL Z 25 1.76 -66.15 -27.61
CA VAL Z 25 2.88 -66.46 -26.74
C VAL Z 25 2.64 -65.82 -25.39
N VAL Z 26 2.78 -66.60 -24.32
CA VAL Z 26 2.54 -66.07 -22.98
C VAL Z 26 3.70 -65.20 -22.55
N ALA Z 27 3.42 -63.94 -22.24
CA ALA Z 27 4.44 -62.98 -21.86
C ALA Z 27 4.67 -62.95 -20.35
N ASP Z 28 3.65 -63.31 -19.58
CA ASP Z 28 3.71 -63.25 -18.12
C ASP Z 28 2.95 -64.43 -17.52
N LYS Z 29 3.54 -65.04 -16.50
CA LYS Z 29 2.82 -66.09 -15.78
C LYS Z 29 2.09 -65.51 -14.58
N ASN Z 30 2.55 -64.39 -14.06
CA ASN Z 30 2.03 -63.83 -12.82
C ASN Z 30 1.90 -62.31 -12.99
N CYS Z 31 0.67 -61.85 -13.16
CA CYS Z 31 0.37 -60.44 -13.35
C CYS Z 31 -0.70 -60.02 -12.36
N SER Z 32 -1.07 -58.75 -12.38
CA SER Z 32 -2.14 -58.28 -11.51
C SER Z 32 -3.17 -57.50 -12.31
N LYS Z 33 -4.45 -57.72 -12.00
CA LYS Z 33 -5.51 -56.92 -12.59
C LYS Z 33 -6.36 -56.20 -11.55
N ILE Z 34 -6.45 -56.71 -10.34
CA ILE Z 34 -7.31 -56.16 -9.31
C ILE Z 34 -6.63 -54.92 -8.74
N HIS Z 35 -6.99 -53.75 -9.26
CA HIS Z 35 -6.25 -52.53 -8.96
C HIS Z 35 -6.94 -51.70 -7.89
N PHE Z 36 -6.19 -50.73 -7.39
CA PHE Z 36 -6.65 -49.84 -6.32
C PHE Z 36 -7.40 -48.66 -6.91
N ILE Z 37 -8.48 -48.26 -6.25
CA ILE Z 37 -9.19 -47.02 -6.55
C ILE Z 37 -9.39 -46.19 -5.29
N SER Z 38 -9.96 -46.78 -4.25
CA SER Z 38 -10.16 -46.17 -2.96
C SER Z 38 -9.90 -47.27 -1.94
N PRO Z 39 -9.83 -46.93 -0.64
CA PRO Z 39 -9.78 -48.00 0.37
C PRO Z 39 -10.97 -48.95 0.40
N ASN Z 40 -12.11 -48.62 -0.21
CA ASN Z 40 -13.17 -49.61 -0.36
C ASN Z 40 -13.41 -50.03 -1.81
N ILE Z 41 -13.28 -49.14 -2.78
CA ILE Z 41 -13.65 -49.43 -4.16
C ILE Z 41 -12.44 -49.98 -4.88
N TYR Z 42 -12.61 -51.12 -5.54
CA TYR Z 42 -11.59 -51.72 -6.39
C TYR Z 42 -12.10 -51.88 -7.81
N CYS Z 43 -11.23 -52.36 -8.68
CA CYS Z 43 -11.52 -52.48 -10.10
C CYS Z 43 -10.68 -53.59 -10.71
N CYS Z 44 -11.27 -54.29 -11.68
CA CYS Z 44 -10.57 -55.31 -12.45
C CYS Z 44 -10.56 -54.90 -13.91
N GLY Z 45 -9.49 -55.23 -14.63
CA GLY Z 45 -9.33 -54.83 -16.00
C GLY Z 45 -9.44 -55.99 -16.98
N ALA Z 46 -9.74 -55.65 -18.22
CA ALA Z 46 -9.82 -56.63 -19.30
C ALA Z 46 -9.62 -55.88 -20.61
N GLY Z 47 -9.24 -56.60 -21.66
CA GLY Z 47 -9.01 -55.98 -22.95
C GLY Z 47 -7.57 -55.54 -23.10
N THR Z 48 -7.37 -54.37 -23.70
CA THR Z 48 -6.04 -53.78 -23.83
C THR Z 48 -5.57 -53.35 -22.46
N ALA Z 49 -4.37 -53.78 -22.07
CA ALA Z 49 -3.95 -53.67 -20.68
C ALA Z 49 -3.60 -52.24 -20.29
N ALA Z 50 -2.87 -51.53 -21.16
CA ALA Z 50 -2.32 -50.23 -20.78
C ALA Z 50 -3.42 -49.18 -20.70
N ASP Z 51 -4.46 -49.32 -21.53
CA ASP Z 51 -5.61 -48.43 -21.45
C ASP Z 51 -6.32 -48.56 -20.11
N THR Z 52 -6.49 -49.82 -19.66
CA THR Z 52 -7.10 -50.06 -18.35
C THR Z 52 -6.23 -49.54 -17.23
N ASP Z 53 -4.91 -49.68 -17.35
CA ASP Z 53 -4.01 -49.26 -16.29
C ASP Z 53 -3.98 -47.75 -16.14
N MET Z 54 -3.81 -47.03 -17.25
CA MET Z 54 -3.75 -45.57 -17.16
C MET Z 54 -5.13 -44.99 -16.84
N THR Z 55 -6.19 -45.67 -17.28
CA THR Z 55 -7.54 -45.25 -16.93
C THR Z 55 -7.78 -45.37 -15.44
N THR Z 56 -7.49 -46.54 -14.87
CA THR Z 56 -7.73 -46.75 -13.44
C THR Z 56 -6.79 -45.95 -12.57
N GLN Z 57 -5.62 -45.55 -13.10
CA GLN Z 57 -4.76 -44.66 -12.33
C GLN Z 57 -5.30 -43.23 -12.36
N LEU Z 58 -5.87 -42.81 -13.48
CA LEU Z 58 -6.42 -41.46 -13.56
C LEU Z 58 -7.66 -41.31 -12.68
N ILE Z 59 -8.56 -42.30 -12.73
CA ILE Z 59 -9.75 -42.25 -11.89
C ILE Z 59 -9.38 -42.42 -10.42
N SER Z 60 -8.33 -43.21 -10.15
CA SER Z 60 -7.76 -43.28 -8.81
C SER Z 60 -7.28 -41.93 -8.33
N SER Z 61 -6.67 -41.13 -9.20
CA SER Z 61 -6.21 -39.81 -8.81
C SER Z 61 -7.38 -38.87 -8.51
N ASN Z 62 -8.38 -38.83 -9.40
CA ASN Z 62 -9.51 -37.92 -9.20
C ASN Z 62 -10.32 -38.29 -7.96
N LEU Z 63 -10.47 -39.59 -7.69
CA LEU Z 63 -11.13 -39.95 -6.44
C LEU Z 63 -10.24 -39.74 -5.23
N GLU Z 64 -8.92 -39.65 -5.41
CA GLU Z 64 -8.11 -39.20 -4.28
C GLU Z 64 -8.36 -37.73 -3.98
N LEU Z 65 -8.60 -36.91 -5.02
CA LEU Z 65 -9.03 -35.53 -4.78
C LEU Z 65 -10.39 -35.48 -4.09
N HIS Z 66 -11.35 -36.29 -4.55
CA HIS Z 66 -12.71 -36.15 -4.05
C HIS Z 66 -12.82 -36.71 -2.63
N SER Z 67 -12.21 -37.87 -2.39
CA SER Z 67 -12.21 -38.44 -1.05
C SER Z 67 -11.41 -37.58 -0.08
N LEU Z 68 -10.31 -36.99 -0.55
CA LEU Z 68 -9.51 -36.18 0.35
C LEU Z 68 -10.16 -34.84 0.60
N SER Z 69 -11.01 -34.38 -0.32
CA SER Z 69 -11.64 -33.08 -0.17
C SER Z 69 -12.88 -33.16 0.70
N THR Z 70 -13.67 -34.23 0.54
CA THR Z 70 -14.87 -34.35 1.37
C THR Z 70 -14.53 -34.86 2.76
N GLY Z 71 -13.41 -35.54 2.92
CA GLY Z 71 -13.11 -36.20 4.17
C GLY Z 71 -13.94 -37.42 4.43
N ARG Z 72 -14.58 -37.96 3.39
CA ARG Z 72 -15.48 -39.09 3.52
C ARG Z 72 -15.02 -40.17 2.57
N LEU Z 73 -15.90 -41.14 2.36
CA LEU Z 73 -15.57 -42.24 1.47
C LEU Z 73 -16.50 -42.21 0.26
N PRO Z 74 -15.97 -42.19 -0.96
CA PRO Z 74 -16.80 -41.89 -2.13
C PRO Z 74 -17.74 -43.03 -2.49
N ARG Z 75 -18.83 -42.68 -3.15
CA ARG Z 75 -19.79 -43.67 -3.58
C ARG Z 75 -19.31 -44.32 -4.88
N VAL Z 76 -19.79 -45.53 -5.13
CA VAL Z 76 -19.39 -46.26 -6.33
C VAL Z 76 -19.91 -45.58 -7.58
N VAL Z 77 -21.06 -44.91 -7.46
CA VAL Z 77 -21.68 -44.25 -8.62
C VAL Z 77 -20.84 -43.05 -9.09
N THR Z 78 -19.97 -42.53 -8.22
CA THR Z 78 -19.05 -41.48 -8.64
C THR Z 78 -18.03 -42.03 -9.63
N ALA Z 79 -17.42 -43.16 -9.27
CA ALA Z 79 -16.46 -43.81 -10.15
C ALA Z 79 -17.12 -44.33 -11.42
N ASN Z 80 -18.37 -44.80 -11.31
CA ASN Z 80 -19.09 -45.26 -12.49
C ASN Z 80 -19.38 -44.10 -13.43
N ARG Z 81 -19.75 -42.94 -12.88
CA ARG Z 81 -20.09 -41.80 -13.72
C ARG Z 81 -18.85 -41.23 -14.39
N MET Z 82 -17.74 -41.16 -13.64
CA MET Z 82 -16.47 -40.72 -14.22
C MET Z 82 -16.00 -41.66 -15.32
N LEU Z 83 -16.14 -42.97 -15.10
CA LEU Z 83 -15.65 -43.93 -16.09
C LEU Z 83 -16.51 -43.95 -17.35
N LYS Z 84 -17.84 -43.86 -17.20
CA LYS Z 84 -18.65 -43.90 -18.40
C LYS Z 84 -18.55 -42.59 -19.17
N GLN Z 85 -18.28 -41.48 -18.47
CA GLN Z 85 -18.09 -40.23 -19.18
C GLN Z 85 -16.75 -40.22 -19.92
N MET Z 86 -15.69 -40.67 -19.23
CA MET Z 86 -14.36 -40.68 -19.82
C MET Z 86 -14.26 -41.65 -20.99
N LEU Z 87 -14.79 -42.86 -20.82
CA LEU Z 87 -14.74 -43.82 -21.92
C LEU Z 87 -15.71 -43.46 -23.03
N PHE Z 88 -16.79 -42.75 -22.72
CA PHE Z 88 -17.63 -42.28 -23.81
C PHE Z 88 -16.96 -41.14 -24.59
N ARG Z 89 -16.04 -40.40 -23.96
CA ARG Z 89 -15.35 -39.31 -24.65
C ARG Z 89 -14.53 -39.81 -25.83
N TYR Z 90 -13.89 -40.98 -25.69
CA TYR Z 90 -12.91 -41.39 -26.69
C TYR Z 90 -13.52 -42.35 -27.71
N GLN Z 91 -14.82 -42.61 -27.59
CA GLN Z 91 -15.64 -43.29 -28.61
C GLN Z 91 -15.17 -44.67 -29.03
N GLY Z 92 -14.76 -45.49 -28.08
CA GLY Z 92 -14.47 -46.86 -28.37
C GLY Z 92 -13.07 -47.16 -28.88
N TYR Z 93 -12.27 -46.13 -29.19
CA TYR Z 93 -10.89 -46.38 -29.60
C TYR Z 93 -10.07 -46.89 -28.43
N ILE Z 94 -10.33 -46.38 -27.24
CA ILE Z 94 -9.76 -46.94 -26.02
C ILE Z 94 -10.51 -48.23 -25.74
N GLY Z 95 -9.80 -49.34 -25.79
CA GLY Z 95 -10.38 -50.62 -25.43
C GLY Z 95 -10.13 -50.92 -23.96
N ALA Z 96 -11.20 -51.01 -23.18
CA ALA Z 96 -11.08 -51.19 -21.74
C ALA Z 96 -12.37 -51.79 -21.23
N ALA Z 97 -12.26 -52.89 -20.48
CA ALA Z 97 -13.43 -53.57 -19.94
C ALA Z 97 -13.24 -53.71 -18.45
N LEU Z 98 -14.13 -53.13 -17.67
CA LEU Z 98 -13.90 -53.02 -16.24
C LEU Z 98 -15.01 -53.68 -15.45
N VAL Z 99 -14.62 -54.26 -14.33
CA VAL Z 99 -15.54 -54.70 -13.29
C VAL Z 99 -15.31 -53.79 -12.09
N LEU Z 100 -16.28 -52.94 -11.80
CA LEU Z 100 -16.13 -51.91 -10.78
C LEU Z 100 -16.98 -52.28 -9.60
N GLY Z 101 -16.38 -52.34 -8.42
CA GLY Z 101 -17.08 -52.76 -7.23
C GLY Z 101 -16.56 -52.07 -5.99
N GLY Z 102 -17.47 -51.82 -5.06
CA GLY Z 102 -17.11 -51.28 -3.77
C GLY Z 102 -18.29 -51.37 -2.82
N VAL Z 103 -18.02 -51.02 -1.58
CA VAL Z 103 -19.05 -50.98 -0.55
C VAL Z 103 -19.23 -49.53 -0.12
N ASP Z 104 -20.44 -49.03 -0.29
CA ASP Z 104 -20.76 -47.66 0.07
C ASP Z 104 -21.54 -47.60 1.38
N VAL Z 105 -22.05 -46.40 1.66
CA VAL Z 105 -23.06 -46.22 2.69
C VAL Z 105 -24.33 -46.95 2.32
N THR Z 106 -24.65 -47.03 1.03
CA THR Z 106 -25.84 -47.73 0.56
C THR Z 106 -25.61 -49.21 0.29
N GLY Z 107 -24.59 -49.82 0.90
CA GLY Z 107 -24.37 -51.24 0.78
C GLY Z 107 -23.34 -51.59 -0.26
N PRO Z 108 -23.50 -52.75 -0.90
CA PRO Z 108 -22.58 -53.12 -1.99
C PRO Z 108 -23.15 -52.71 -3.34
N HIS Z 109 -22.25 -52.53 -4.32
CA HIS Z 109 -22.63 -52.20 -5.67
C HIS Z 109 -21.61 -52.79 -6.63
N LEU Z 110 -22.10 -53.52 -7.63
CA LEU Z 110 -21.23 -54.16 -8.60
C LEU Z 110 -21.59 -53.69 -10.00
N TYR Z 111 -20.59 -53.21 -10.73
CA TYR Z 111 -20.79 -52.56 -12.01
C TYR Z 111 -19.94 -53.22 -13.08
N SER Z 112 -20.37 -53.08 -14.32
CA SER Z 112 -19.65 -53.59 -15.47
C SER Z 112 -19.63 -52.55 -16.57
N ILE Z 113 -18.43 -52.23 -17.04
CA ILE Z 113 -18.27 -51.13 -17.99
C ILE Z 113 -17.62 -51.65 -19.26
N TYR Z 114 -18.38 -51.58 -20.35
CA TYR Z 114 -18.02 -51.97 -21.70
C TYR Z 114 -17.27 -50.82 -22.37
N PRO Z 115 -16.38 -51.11 -23.34
CA PRO Z 115 -15.44 -50.07 -23.78
C PRO Z 115 -16.06 -48.91 -24.56
N HIS Z 116 -17.29 -49.04 -25.04
CA HIS Z 116 -17.95 -47.88 -25.62
C HIS Z 116 -18.56 -46.97 -24.59
N GLY Z 117 -18.65 -47.40 -23.33
CA GLY Z 117 -19.24 -46.61 -22.28
C GLY Z 117 -20.57 -47.12 -21.78
N SER Z 118 -21.05 -48.22 -22.34
CA SER Z 118 -22.34 -48.77 -21.94
C SER Z 118 -22.18 -49.56 -20.64
N THR Z 119 -22.79 -49.08 -19.57
CA THR Z 119 -22.64 -49.68 -18.26
C THR Z 119 -23.87 -50.49 -17.90
N ASP Z 120 -23.67 -51.50 -17.06
CA ASP Z 120 -24.72 -52.41 -16.62
C ASP Z 120 -24.52 -52.72 -15.15
N LYS Z 121 -25.56 -52.50 -14.35
CA LYS Z 121 -25.60 -52.89 -12.96
C LYS Z 121 -26.10 -54.32 -12.88
N LEU Z 122 -25.37 -55.16 -12.15
CA LEU Z 122 -25.69 -56.58 -12.08
C LEU Z 122 -25.35 -57.08 -10.68
N PRO Z 123 -25.92 -58.22 -10.27
CA PRO Z 123 -25.41 -58.86 -9.06
C PRO Z 123 -24.14 -59.66 -9.27
N TYR Z 124 -23.86 -60.07 -10.51
CA TYR Z 124 -22.67 -60.84 -10.81
C TYR Z 124 -22.29 -60.64 -12.27
N VAL Z 125 -20.99 -60.45 -12.53
CA VAL Z 125 -20.50 -60.12 -13.86
C VAL Z 125 -19.31 -61.01 -14.22
N THR Z 126 -19.14 -61.25 -15.51
CA THR Z 126 -17.96 -61.92 -16.04
C THR Z 126 -17.46 -61.12 -17.24
N MET Z 127 -16.17 -60.79 -17.23
CA MET Z 127 -15.56 -60.10 -18.36
C MET Z 127 -14.30 -60.85 -18.78
N GLY Z 128 -13.83 -60.53 -19.97
CA GLY Z 128 -12.64 -61.16 -20.51
C GLY Z 128 -12.98 -62.12 -21.64
N SER Z 129 -11.92 -62.67 -22.24
CA SER Z 129 -12.09 -63.53 -23.41
C SER Z 129 -12.63 -64.91 -23.05
N GLY Z 130 -12.49 -65.31 -21.79
CA GLY Z 130 -13.03 -66.57 -21.37
C GLY Z 130 -14.19 -66.39 -20.42
N SER Z 131 -14.88 -65.26 -20.54
CA SER Z 131 -15.95 -64.92 -19.61
C SER Z 131 -17.16 -65.82 -19.75
N LEU Z 132 -17.33 -66.47 -20.91
CA LEU Z 132 -18.49 -67.33 -21.14
C LEU Z 132 -18.43 -68.56 -20.25
N ALA Z 133 -17.23 -69.08 -20.02
CA ALA Z 133 -17.08 -70.23 -19.14
C ALA Z 133 -17.36 -69.85 -17.70
N ALA Z 134 -16.98 -68.64 -17.28
CA ALA Z 134 -17.26 -68.21 -15.92
C ALA Z 134 -18.74 -67.93 -15.72
N MET Z 135 -19.41 -67.40 -16.73
CA MET Z 135 -20.84 -67.21 -16.65
C MET Z 135 -21.58 -68.54 -16.64
N ALA Z 136 -20.98 -69.56 -17.25
CA ALA Z 136 -21.58 -70.89 -17.24
C ALA Z 136 -21.58 -71.52 -15.85
N VAL Z 137 -20.71 -71.06 -14.96
CA VAL Z 137 -20.74 -71.53 -13.58
C VAL Z 137 -21.60 -70.61 -12.73
N PHE Z 138 -21.45 -69.29 -12.93
CA PHE Z 138 -22.23 -68.33 -12.16
C PHE Z 138 -23.72 -68.40 -12.42
N GLU Z 139 -24.17 -68.96 -13.53
CA GLU Z 139 -25.61 -69.13 -13.63
C GLU Z 139 -26.07 -70.42 -12.93
N ASP Z 140 -25.42 -71.53 -13.25
CA ASP Z 140 -25.90 -72.83 -12.80
C ASP Z 140 -25.76 -73.03 -11.30
N LYS Z 141 -24.70 -72.52 -10.69
CA LYS Z 141 -24.49 -72.77 -9.28
C LYS Z 141 -24.72 -71.55 -8.39
N PHE Z 142 -25.67 -70.70 -8.72
CA PHE Z 142 -25.90 -69.50 -7.93
C PHE Z 142 -27.15 -69.63 -7.07
N ARG Z 143 -27.15 -68.89 -5.95
CA ARG Z 143 -28.34 -68.57 -5.20
C ARG Z 143 -28.10 -67.21 -4.59
N PRO Z 144 -29.15 -66.40 -4.43
CA PRO Z 144 -28.94 -65.06 -3.88
C PRO Z 144 -28.70 -65.10 -2.37
N ASP Z 145 -27.95 -64.09 -1.90
CA ASP Z 145 -27.63 -63.85 -0.49
C ASP Z 145 -26.89 -65.03 0.14
N MET Z 146 -25.78 -65.42 -0.49
CA MET Z 146 -24.92 -66.46 0.04
C MET Z 146 -24.10 -65.94 1.22
N GLU Z 147 -23.36 -66.85 1.84
CA GLU Z 147 -22.35 -66.45 2.80
C GLU Z 147 -21.03 -66.21 2.06
N GLU Z 148 -20.00 -65.86 2.82
CA GLU Z 148 -18.74 -65.46 2.23
C GLU Z 148 -17.99 -66.65 1.62
N GLU Z 149 -18.03 -67.79 2.29
CA GLU Z 149 -17.23 -68.93 1.85
C GLU Z 149 -17.83 -69.59 0.62
N GLU Z 150 -19.16 -69.56 0.50
CA GLU Z 150 -19.79 -70.05 -0.74
C GLU Z 150 -19.51 -69.09 -1.89
N ALA Z 151 -19.35 -67.81 -1.59
CA ALA Z 151 -19.01 -66.84 -2.62
C ALA Z 151 -17.57 -67.01 -3.09
N LYS Z 152 -16.65 -67.27 -2.16
CA LYS Z 152 -15.25 -67.46 -2.54
C LYS Z 152 -15.05 -68.78 -3.26
N ASN Z 153 -15.75 -69.84 -2.83
CA ASN Z 153 -15.67 -71.12 -3.54
C ASN Z 153 -16.37 -71.01 -4.89
N LEU Z 154 -17.39 -70.17 -4.98
CA LEU Z 154 -18.10 -69.99 -6.25
C LEU Z 154 -17.24 -69.27 -7.26
N VAL Z 155 -16.63 -68.16 -6.86
CA VAL Z 155 -15.80 -67.38 -7.76
C VAL Z 155 -14.54 -68.15 -8.12
N SER Z 156 -13.91 -68.80 -7.13
CA SER Z 156 -12.71 -69.57 -7.41
C SER Z 156 -13.01 -70.78 -8.28
N GLU Z 157 -14.22 -71.33 -8.15
CA GLU Z 157 -14.62 -72.42 -9.03
C GLU Z 157 -14.88 -71.93 -10.45
N ALA Z 158 -15.51 -70.77 -10.59
CA ALA Z 158 -15.83 -70.26 -11.92
C ALA Z 158 -14.58 -69.81 -12.66
N ILE Z 159 -13.64 -69.17 -11.96
CA ILE Z 159 -12.35 -68.85 -12.55
C ILE Z 159 -11.59 -70.14 -12.85
N ALA Z 160 -11.78 -71.16 -12.01
CA ALA Z 160 -11.17 -72.46 -12.30
C ALA Z 160 -11.80 -73.13 -13.52
N ALA Z 161 -13.01 -72.74 -13.91
CA ALA Z 161 -13.61 -73.28 -15.11
C ALA Z 161 -13.05 -72.62 -16.36
N GLY Z 162 -12.69 -71.34 -16.27
CA GLY Z 162 -12.15 -70.65 -17.43
C GLY Z 162 -10.72 -71.05 -17.74
N ILE Z 163 -9.98 -71.49 -16.73
CA ILE Z 163 -8.57 -71.81 -16.88
C ILE Z 163 -8.38 -73.13 -17.63
N PHE Z 164 -9.16 -74.15 -17.28
CA PHE Z 164 -9.00 -75.43 -17.96
C PHE Z 164 -9.66 -75.48 -19.33
N ASN Z 165 -10.31 -74.40 -19.77
CA ASN Z 165 -10.93 -74.38 -21.08
C ASN Z 165 -10.30 -73.34 -22.00
N ASP Z 166 -10.24 -72.09 -21.56
CA ASP Z 166 -9.78 -71.02 -22.43
C ASP Z 166 -8.26 -71.04 -22.58
N LEU Z 167 -7.79 -70.78 -23.79
CA LEU Z 167 -6.37 -70.76 -24.05
C LEU Z 167 -5.73 -69.49 -23.49
N GLY Z 168 -6.33 -68.33 -23.77
CA GLY Z 168 -5.71 -67.08 -23.40
C GLY Z 168 -5.72 -66.82 -21.91
N SER Z 169 -6.56 -67.53 -21.18
CA SER Z 169 -6.52 -67.47 -19.72
C SER Z 169 -5.57 -68.52 -19.18
N GLY Z 170 -5.47 -68.57 -17.85
CA GLY Z 170 -4.84 -69.71 -17.22
C GLY Z 170 -3.58 -69.33 -16.45
N SER Z 171 -3.73 -69.30 -15.13
CA SER Z 171 -2.68 -69.08 -14.14
C SER Z 171 -3.20 -69.27 -12.73
N ASN Z 172 -2.39 -68.91 -11.74
CA ASN Z 172 -2.83 -68.84 -10.35
C ASN Z 172 -4.03 -67.91 -10.19
N ILE Z 173 -4.93 -68.27 -9.29
CA ILE Z 173 -6.18 -67.53 -9.08
C ILE Z 173 -6.00 -66.52 -7.97
N ASP Z 174 -6.25 -65.25 -8.26
CA ASP Z 174 -6.32 -64.22 -7.24
C ASP Z 174 -7.75 -64.07 -6.77
N LEU Z 175 -7.93 -63.46 -5.60
CA LEU Z 175 -9.23 -63.19 -5.02
C LEU Z 175 -9.16 -61.90 -4.25
N CYS Z 176 -10.31 -61.29 -4.00
CA CYS Z 176 -10.38 -60.05 -3.22
C CYS Z 176 -11.79 -59.86 -2.69
N VAL Z 177 -11.94 -59.85 -1.38
CA VAL Z 177 -13.24 -59.76 -0.73
C VAL Z 177 -13.35 -58.38 -0.09
N ILE Z 178 -14.38 -57.63 -0.44
CA ILE Z 178 -14.61 -56.30 0.10
C ILE Z 178 -15.91 -56.35 0.90
N SER Z 179 -15.87 -55.86 2.13
CA SER Z 179 -17.06 -55.76 2.95
C SER Z 179 -17.18 -54.33 3.47
N LYS Z 180 -18.07 -54.14 4.44
CA LYS Z 180 -18.33 -52.82 5.02
C LYS Z 180 -17.14 -52.31 5.80
N ASN Z 181 -16.59 -53.14 6.69
CA ASN Z 181 -15.52 -52.69 7.56
C ASN Z 181 -14.23 -53.50 7.36
N LYS Z 182 -14.34 -54.68 6.76
CA LYS Z 182 -13.19 -55.54 6.52
C LYS Z 182 -12.81 -55.52 5.06
N LEU Z 183 -11.51 -55.35 4.79
CA LEU Z 183 -10.96 -55.44 3.43
C LEU Z 183 -9.91 -56.53 3.40
N ASP Z 184 -10.08 -57.49 2.51
CA ASP Z 184 -9.16 -58.61 2.37
C ASP Z 184 -8.74 -58.74 0.91
N PHE Z 185 -7.44 -58.79 0.68
CA PHE Z 185 -6.89 -58.83 -0.66
C PHE Z 185 -5.89 -59.97 -0.74
N LEU Z 186 -6.25 -61.02 -1.47
CA LEU Z 186 -5.46 -62.24 -1.52
C LEU Z 186 -4.76 -62.34 -2.87
N ARG Z 187 -3.47 -62.05 -2.89
CA ARG Z 187 -2.65 -62.44 -4.03
C ARG Z 187 -2.33 -63.92 -3.80
N PRO Z 188 -2.09 -64.74 -4.86
CA PRO Z 188 -2.96 -65.90 -5.07
C PRO Z 188 -3.31 -66.78 -3.89
N TYR Z 189 -4.61 -67.02 -3.74
CA TYR Z 189 -5.08 -67.91 -2.70
C TYR Z 189 -4.89 -69.36 -3.11
N THR Z 190 -5.28 -69.70 -4.34
CA THR Z 190 -5.14 -71.05 -4.85
C THR Z 190 -4.00 -71.09 -5.85
N VAL Z 191 -3.11 -72.06 -5.68
CA VAL Z 191 -2.09 -72.35 -6.68
C VAL Z 191 -2.51 -73.67 -7.35
N PRO Z 192 -3.30 -73.63 -8.42
CA PRO Z 192 -3.81 -74.89 -8.97
C PRO Z 192 -2.81 -75.58 -9.86
N ASN Z 193 -1.70 -74.94 -10.17
CA ASN Z 193 -0.79 -75.40 -11.20
C ASN Z 193 0.58 -75.72 -10.63
N LYS Z 194 1.06 -76.93 -10.91
CA LYS Z 194 2.39 -77.35 -10.55
C LYS Z 194 3.18 -77.66 -11.82
N LYS Z 195 4.50 -77.71 -11.68
CA LYS Z 195 5.40 -78.01 -12.79
C LYS Z 195 6.31 -79.16 -12.42
N GLY Z 196 6.47 -80.11 -13.35
CA GLY Z 196 7.47 -81.14 -13.17
C GLY Z 196 8.88 -80.59 -13.19
N THR Z 197 9.67 -80.97 -12.19
CA THR Z 197 10.96 -80.36 -11.98
C THR Z 197 11.99 -80.86 -12.99
N ARG Z 198 13.23 -80.43 -12.79
CA ARG Z 198 14.32 -80.78 -13.69
C ARG Z 198 14.67 -82.25 -13.56
N LEU Z 199 14.48 -83.00 -14.65
CA LEU Z 199 14.86 -84.40 -14.63
C LEU Z 199 16.37 -84.57 -14.74
N GLY Z 200 17.02 -83.74 -15.54
CA GLY Z 200 18.47 -83.76 -15.60
C GLY Z 200 19.01 -82.34 -15.59
N ARG Z 201 20.20 -82.20 -15.02
CA ARG Z 201 20.88 -80.92 -14.95
C ARG Z 201 21.35 -80.54 -16.35
N TYR Z 202 21.09 -79.30 -16.75
CA TYR Z 202 21.52 -78.78 -18.04
C TYR Z 202 22.53 -77.66 -17.90
N ARG Z 203 23.18 -77.54 -16.75
CA ARG Z 203 24.00 -76.37 -16.45
C ARG Z 203 25.28 -76.37 -17.27
N CYS Z 204 25.58 -75.22 -17.88
CA CYS Z 204 26.82 -75.03 -18.63
C CYS Z 204 27.75 -74.20 -17.78
N GLU Z 205 28.90 -74.77 -17.40
CA GLU Z 205 29.84 -74.09 -16.54
C GLU Z 205 30.63 -73.04 -17.30
N LYS Z 206 31.58 -72.43 -16.59
CA LYS Z 206 32.39 -71.37 -17.18
C LYS Z 206 33.37 -71.95 -18.19
N GLY Z 207 33.78 -71.11 -19.15
CA GLY Z 207 34.73 -71.47 -20.17
C GLY Z 207 34.08 -71.92 -21.46
N THR Z 208 32.77 -72.18 -21.44
CA THR Z 208 32.12 -72.75 -22.61
C THR Z 208 31.78 -71.69 -23.66
N THR Z 209 32.07 -70.42 -23.37
CA THR Z 209 31.80 -69.34 -24.31
C THR Z 209 32.98 -68.39 -24.32
N ALA Z 210 33.53 -68.14 -25.50
CA ALA Z 210 34.69 -67.28 -25.66
C ALA Z 210 34.31 -65.82 -25.42
N VAL Z 211 35.29 -65.02 -25.02
CA VAL Z 211 35.10 -63.60 -24.77
C VAL Z 211 36.13 -62.84 -25.60
N LEU Z 212 35.65 -61.90 -26.43
CA LEU Z 212 36.58 -61.08 -27.19
C LEU Z 212 37.16 -59.95 -26.35
N THR Z 213 36.32 -59.04 -25.87
CA THR Z 213 36.78 -57.81 -25.25
C THR Z 213 36.06 -57.60 -23.93
N GLU Z 214 36.81 -57.64 -22.84
CA GLU Z 214 36.27 -57.37 -21.52
C GLU Z 214 36.41 -55.89 -21.20
N LYS Z 215 35.76 -55.45 -20.13
CA LYS Z 215 35.78 -54.07 -19.68
C LYS Z 215 35.37 -54.04 -18.23
N ILE Z 216 36.17 -53.39 -17.38
CA ILE Z 216 35.95 -53.39 -15.94
C ILE Z 216 35.80 -51.96 -15.46
N THR Z 217 34.73 -51.69 -14.71
CA THR Z 217 34.49 -50.37 -14.14
C THR Z 217 33.99 -50.53 -12.72
N PRO Z 218 34.82 -50.23 -11.73
CA PRO Z 218 34.38 -50.29 -10.34
C PRO Z 218 33.41 -49.15 -10.01
N LEU Z 219 32.74 -49.29 -8.87
CA LEU Z 219 31.76 -48.31 -8.42
C LEU Z 219 32.11 -47.86 -7.01
N GLU Z 220 31.16 -47.15 -6.39
CA GLU Z 220 31.32 -46.69 -5.02
C GLU Z 220 30.38 -47.42 -4.07
N SER AA 1 7.81 -57.96 -40.83
CA SER AA 1 6.97 -57.19 -39.93
C SER AA 1 7.53 -55.78 -39.70
N ILE AA 2 6.72 -54.94 -39.05
CA ILE AA 2 7.12 -53.56 -38.81
C ILE AA 2 8.21 -53.51 -37.75
N MET AA 3 8.14 -54.41 -36.78
CA MET AA 3 9.26 -54.62 -35.88
C MET AA 3 10.44 -55.26 -36.59
N SER AA 4 10.21 -56.03 -37.63
CA SER AA 4 11.27 -56.72 -38.36
C SER AA 4 11.98 -55.83 -39.37
N TYR AA 5 11.85 -54.52 -39.26
CA TYR AA 5 12.54 -53.60 -40.15
C TYR AA 5 14.03 -53.62 -39.85
N ASN AA 6 14.40 -53.59 -38.56
CA ASN AA 6 15.80 -53.58 -38.19
C ASN AA 6 16.22 -54.82 -37.42
N GLY AA 7 15.26 -55.62 -36.95
CA GLY AA 7 15.61 -56.76 -36.14
C GLY AA 7 16.02 -56.34 -34.74
N GLY AA 8 16.80 -57.19 -34.09
CA GLY AA 8 17.31 -56.82 -32.80
C GLY AA 8 16.50 -57.40 -31.65
N ALA AA 9 17.15 -57.50 -30.49
CA ALA AA 9 16.55 -58.13 -29.32
C ALA AA 9 17.26 -57.63 -28.07
N VAL AA 10 16.57 -57.69 -26.93
CA VAL AA 10 17.16 -57.38 -25.63
C VAL AA 10 16.75 -58.48 -24.66
N MET AA 11 17.72 -59.04 -23.95
CA MET AA 11 17.48 -60.01 -22.90
C MET AA 11 18.01 -59.48 -21.59
N ALA AA 12 17.26 -59.65 -20.51
CA ALA AA 12 17.74 -59.30 -19.18
C ALA AA 12 17.30 -60.36 -18.19
N MET AA 13 18.28 -60.96 -17.52
CA MET AA 13 18.02 -62.09 -16.63
C MET AA 13 18.49 -61.75 -15.23
N LYS AA 14 17.55 -61.71 -14.30
CA LYS AA 14 17.85 -61.47 -12.89
C LYS AA 14 18.54 -62.68 -12.29
N GLY AA 15 19.67 -62.46 -11.63
CA GLY AA 15 20.37 -63.49 -10.91
C GLY AA 15 20.09 -63.43 -9.42
N LYS AA 16 21.04 -63.98 -8.65
CA LYS AA 16 20.95 -64.03 -7.20
C LYS AA 16 21.03 -62.65 -6.59
N ASN AA 17 22.14 -61.96 -6.83
CA ASN AA 17 22.33 -60.60 -6.37
C ASN AA 17 22.78 -59.67 -7.50
N CYS AA 18 23.12 -60.23 -8.65
CA CYS AA 18 23.60 -59.48 -9.80
C CYS AA 18 22.61 -59.63 -10.94
N VAL AA 19 22.56 -58.64 -11.82
CA VAL AA 19 21.62 -58.63 -12.93
C VAL AA 19 22.40 -58.44 -14.22
N ALA AA 20 22.07 -59.25 -15.22
CA ALA AA 20 22.75 -59.21 -16.50
C ALA AA 20 21.79 -58.80 -17.59
N ILE AA 21 22.17 -57.78 -18.36
CA ILE AA 21 21.40 -57.32 -19.50
C ILE AA 21 22.24 -57.47 -20.75
N ALA AA 22 21.65 -58.11 -21.76
CA ALA AA 22 22.35 -58.35 -23.00
C ALA AA 22 21.47 -57.98 -24.16
N ALA AA 23 22.10 -57.60 -25.27
CA ALA AA 23 21.36 -57.26 -26.47
C ALA AA 23 22.28 -57.44 -27.65
N ASP AA 24 21.69 -57.37 -28.84
CA ASP AA 24 22.47 -57.31 -30.04
C ASP AA 24 22.47 -55.88 -30.58
N ARG AA 25 23.31 -55.69 -31.59
CA ARG AA 25 23.63 -54.36 -32.10
C ARG AA 25 23.70 -54.28 -33.63
N ARG AA 26 23.31 -55.34 -34.31
CA ARG AA 26 23.36 -55.34 -35.78
C ARG AA 26 22.42 -54.26 -36.27
N PHE AA 27 22.83 -53.48 -37.27
CA PHE AA 27 21.95 -52.42 -37.70
C PHE AA 27 21.78 -52.48 -39.20
N GLY AA 28 20.53 -52.64 -39.64
CA GLY AA 28 20.30 -52.81 -41.05
C GLY AA 28 18.88 -52.54 -41.52
N ILE AA 29 18.66 -52.60 -42.83
CA ILE AA 29 17.36 -52.28 -43.43
C ILE AA 29 16.84 -53.54 -44.11
N GLN AA 30 16.11 -54.36 -43.35
CA GLN AA 30 15.22 -55.45 -43.77
C GLN AA 30 15.90 -56.66 -44.40
N ALA AA 31 17.08 -56.50 -44.97
CA ALA AA 31 17.88 -57.61 -45.46
C ALA AA 31 19.37 -57.32 -45.38
N GLN AA 32 19.73 -56.06 -45.22
CA GLN AA 32 21.05 -55.56 -45.58
C GLN AA 32 21.64 -54.80 -44.40
N MET AA 33 22.75 -55.30 -43.87
CA MET AA 33 23.37 -54.62 -42.75
C MET AA 33 24.07 -53.34 -43.20
N VAL AA 34 24.34 -52.47 -42.24
CA VAL AA 34 25.04 -51.21 -42.52
C VAL AA 34 26.30 -51.14 -41.67
N THR AA 35 26.17 -51.44 -40.38
CA THR AA 35 27.27 -51.33 -39.45
C THR AA 35 27.10 -52.34 -38.32
N THR AA 36 28.12 -52.44 -37.47
CA THR AA 36 28.03 -53.34 -36.32
C THR AA 36 28.13 -52.57 -35.01
N ASP AA 37 28.60 -51.33 -35.06
CA ASP AA 37 28.91 -50.63 -33.81
C ASP AA 37 27.68 -49.95 -33.21
N PHE AA 38 26.48 -50.35 -33.60
CA PHE AA 38 25.27 -49.70 -33.12
C PHE AA 38 24.95 -50.09 -31.69
N GLN AA 39 24.43 -49.14 -30.91
CA GLN AA 39 24.25 -49.29 -29.47
C GLN AA 39 22.77 -49.32 -29.14
N LYS AA 40 22.34 -50.35 -28.43
CA LYS AA 40 20.93 -50.47 -28.01
C LYS AA 40 20.80 -50.48 -26.49
N ILE AA 41 21.94 -50.44 -25.78
CA ILE AA 41 21.92 -50.43 -24.32
C ILE AA 41 22.42 -49.08 -23.82
N PHE AA 42 21.63 -48.46 -22.96
CA PHE AA 42 22.00 -47.11 -22.56
C PHE AA 42 22.23 -47.02 -21.06
N PRO AA 43 23.27 -46.32 -20.63
CA PRO AA 43 23.43 -46.04 -19.20
C PRO AA 43 22.44 -44.98 -18.74
N MET AA 44 21.78 -45.26 -17.62
CA MET AA 44 20.86 -44.32 -17.01
C MET AA 44 21.22 -44.21 -15.54
N GLY AA 45 22.00 -43.19 -15.19
CA GLY AA 45 22.54 -43.14 -13.86
C GLY AA 45 23.64 -44.16 -13.70
N ASP AA 46 23.97 -44.47 -12.45
CA ASP AA 46 25.00 -45.45 -12.14
C ASP AA 46 24.34 -46.74 -11.65
N ARG AA 47 24.95 -47.86 -12.01
CA ARG AA 47 24.47 -49.22 -11.68
C ARG AA 47 23.05 -49.44 -12.16
N LEU AA 48 22.73 -48.94 -13.35
CA LEU AA 48 21.41 -49.08 -13.93
C LEU AA 48 21.53 -48.89 -15.44
N TYR AA 49 20.70 -49.60 -16.18
CA TYR AA 49 20.70 -49.54 -17.63
C TYR AA 49 19.28 -49.67 -18.15
N ILE AA 50 19.12 -49.41 -19.44
CA ILE AA 50 17.87 -49.71 -20.14
C ILE AA 50 18.23 -50.28 -21.50
N GLY AA 51 17.55 -51.35 -21.90
CA GLY AA 51 17.65 -51.89 -23.23
C GLY AA 51 16.52 -51.35 -24.08
N LEU AA 52 16.76 -51.28 -25.39
CA LEU AA 52 15.78 -50.80 -26.33
C LEU AA 52 15.89 -51.62 -27.60
N ALA AA 53 14.76 -51.87 -28.25
CA ALA AA 53 14.75 -52.68 -29.46
C ALA AA 53 13.58 -52.27 -30.34
N GLY AA 54 13.69 -52.55 -31.62
CA GLY AA 54 12.62 -52.31 -32.55
C GLY AA 54 13.11 -51.44 -33.70
N LEU AA 55 12.24 -50.51 -34.11
CA LEU AA 55 12.62 -49.53 -35.12
C LEU AA 55 13.66 -48.60 -34.52
N ALA AA 56 14.76 -48.38 -35.27
CA ALA AA 56 15.94 -47.74 -34.69
C ALA AA 56 15.71 -46.27 -34.38
N THR AA 57 14.79 -45.63 -35.11
CA THR AA 57 14.49 -44.22 -34.89
C THR AA 57 13.84 -43.99 -33.54
N ASP AA 58 12.88 -44.84 -33.19
CA ASP AA 58 12.27 -44.73 -31.87
C ASP AA 58 13.22 -45.15 -30.77
N VAL AA 59 14.20 -46.00 -31.09
CA VAL AA 59 15.23 -46.36 -30.11
C VAL AA 59 16.06 -45.14 -29.75
N GLN AA 60 16.57 -44.44 -30.77
CA GLN AA 60 17.41 -43.28 -30.50
C GLN AA 60 16.61 -42.12 -29.91
N THR AA 61 15.40 -41.91 -30.42
CA THR AA 61 14.60 -40.76 -30.01
C THR AA 61 14.04 -40.95 -28.60
N VAL AA 62 13.49 -42.13 -28.33
CA VAL AA 62 13.00 -42.44 -26.99
C VAL AA 62 14.15 -42.48 -25.99
N ALA AA 63 15.33 -42.92 -26.44
CA ALA AA 63 16.51 -42.87 -25.58
C ALA AA 63 16.88 -41.43 -25.22
N GLN AA 64 16.78 -40.52 -26.19
CA GLN AA 64 17.14 -39.14 -25.88
C GLN AA 64 16.09 -38.44 -25.03
N ARG AA 65 14.80 -38.74 -25.22
CA ARG AA 65 13.78 -38.14 -24.38
C ARG AA 65 13.85 -38.64 -22.96
N LEU AA 66 14.13 -39.94 -22.80
CA LEU AA 66 14.25 -40.50 -21.46
C LEU AA 66 15.49 -39.97 -20.76
N LYS AA 67 16.58 -39.78 -21.50
CA LYS AA 67 17.78 -39.19 -20.91
C LYS AA 67 17.53 -37.72 -20.53
N PHE AA 68 16.71 -37.02 -21.32
CA PHE AA 68 16.30 -35.65 -21.04
C PHE AA 68 15.57 -35.53 -19.71
N ARG AA 69 14.44 -36.23 -19.59
CA ARG AA 69 13.65 -36.13 -18.37
C ARG AA 69 14.36 -36.76 -17.18
N LEU AA 70 15.25 -37.72 -17.43
CA LEU AA 70 16.01 -38.32 -16.34
C LEU AA 70 17.02 -37.35 -15.76
N ASN AA 71 17.76 -36.65 -16.64
CA ASN AA 71 18.69 -35.63 -16.16
C ASN AA 71 17.96 -34.49 -15.45
N LEU AA 72 16.77 -34.12 -15.92
CA LEU AA 72 16.01 -33.11 -15.21
C LEU AA 72 15.54 -33.63 -13.86
N TYR AA 73 15.26 -34.93 -13.75
CA TYR AA 73 14.75 -35.44 -12.49
C TYR AA 73 15.86 -35.61 -11.46
N GLU AA 74 17.05 -36.04 -11.88
CA GLU AA 74 18.15 -36.09 -10.93
C GLU AA 74 18.78 -34.71 -10.72
N LEU AA 75 18.35 -33.72 -11.49
CA LEU AA 75 18.74 -32.36 -11.12
C LEU AA 75 17.63 -31.62 -10.37
N LYS AA 76 16.45 -32.22 -10.22
CA LYS AA 76 15.47 -31.64 -9.31
C LYS AA 76 15.71 -32.10 -7.88
N GLU AA 77 16.01 -33.38 -7.70
CA GLU AA 77 16.23 -33.95 -6.37
C GLU AA 77 17.62 -34.58 -6.36
N GLY AA 78 18.27 -34.53 -5.19
CA GLY AA 78 19.67 -34.92 -5.12
C GLY AA 78 19.90 -36.41 -5.24
N ARG AA 79 18.87 -37.21 -4.98
CA ARG AA 79 19.04 -38.65 -4.97
C ARG AA 79 19.07 -39.19 -6.39
N GLN AA 80 19.59 -40.41 -6.53
CA GLN AA 80 19.40 -41.14 -7.78
C GLN AA 80 17.97 -41.62 -7.89
N ILE AA 81 17.61 -42.08 -9.08
CA ILE AA 81 16.24 -42.52 -9.30
C ILE AA 81 16.11 -43.99 -8.90
N LYS AA 82 14.98 -44.36 -8.33
CA LYS AA 82 14.60 -45.73 -8.03
C LYS AA 82 14.01 -46.33 -9.30
N PRO AA 83 14.17 -47.63 -9.51
CA PRO AA 83 13.82 -48.19 -10.82
C PRO AA 83 12.33 -48.28 -11.10
N TYR AA 84 11.49 -48.38 -10.06
CA TYR AA 84 10.04 -48.28 -10.26
C TYR AA 84 9.66 -46.94 -10.86
N THR AA 85 10.28 -45.87 -10.36
CA THR AA 85 10.04 -44.53 -10.87
C THR AA 85 10.46 -44.41 -12.33
N LEU AA 86 11.55 -45.09 -12.70
CA LEU AA 86 11.98 -45.12 -14.09
C LEU AA 86 10.97 -45.88 -14.95
N MET AA 87 10.41 -46.97 -14.40
CA MET AA 87 9.44 -47.75 -15.16
C MET AA 87 8.17 -46.95 -15.44
N SER AA 88 7.67 -46.23 -14.44
CA SER AA 88 6.50 -45.42 -14.67
C SER AA 88 6.82 -44.19 -15.52
N MET AA 89 8.09 -43.76 -15.51
CA MET AA 89 8.50 -42.67 -16.38
C MET AA 89 8.46 -43.10 -17.84
N VAL AA 90 8.98 -44.29 -18.13
CA VAL AA 90 8.95 -44.81 -19.50
C VAL AA 90 7.52 -45.13 -19.91
N ALA AA 91 6.71 -45.56 -18.95
CA ALA AA 91 5.31 -45.86 -19.24
C ALA AA 91 4.52 -44.61 -19.60
N ASN AA 92 4.78 -43.52 -18.89
CA ASN AA 92 4.13 -42.26 -19.24
C ASN AA 92 4.66 -41.72 -20.56
N LEU AA 93 5.97 -41.82 -20.77
CA LEU AA 93 6.57 -41.26 -21.98
C LEU AA 93 6.12 -42.02 -23.23
N LEU AA 94 5.83 -43.31 -23.09
CA LEU AA 94 5.23 -44.01 -24.22
C LEU AA 94 3.74 -43.72 -24.31
N TYR AA 95 3.07 -43.51 -23.18
CA TYR AA 95 1.62 -43.37 -23.23
C TYR AA 95 1.18 -41.98 -23.66
N GLU AA 96 2.08 -40.99 -23.66
CA GLU AA 96 1.73 -39.66 -24.17
C GLU AA 96 1.38 -39.72 -25.66
N LYS AA 97 2.13 -40.49 -26.42
CA LYS AA 97 1.81 -40.74 -27.81
C LYS AA 97 1.00 -42.02 -27.85
N ARG AA 98 -0.25 -41.95 -27.40
CA ARG AA 98 -1.11 -43.12 -27.36
C ARG AA 98 -1.50 -43.57 -28.76
N PHE AA 99 -1.89 -42.64 -29.61
CA PHE AA 99 -2.52 -42.96 -30.88
C PHE AA 99 -1.50 -43.12 -32.00
N GLY AA 100 -0.50 -42.26 -32.08
CA GLY AA 100 0.62 -42.49 -32.95
C GLY AA 100 1.81 -42.97 -32.13
N PRO AA 101 2.03 -44.28 -32.09
CA PRO AA 101 2.90 -44.84 -31.05
C PRO AA 101 4.36 -44.84 -31.44
N TYR AA 102 5.24 -44.89 -30.45
CA TYR AA 102 6.63 -45.21 -30.73
C TYR AA 102 6.79 -46.73 -30.85
N TYR AA 103 7.51 -47.15 -31.86
CA TYR AA 103 7.70 -48.56 -32.14
C TYR AA 103 8.96 -49.02 -31.42
N THR AA 104 8.83 -49.26 -30.12
CA THR AA 104 9.92 -49.82 -29.34
C THR AA 104 9.36 -50.62 -28.19
N GLU AA 105 10.18 -51.51 -27.67
CA GLU AA 105 9.84 -52.31 -26.51
C GLU AA 105 10.97 -52.23 -25.51
N PRO AA 106 10.92 -51.29 -24.58
CA PRO AA 106 12.05 -51.08 -23.68
C PRO AA 106 12.17 -52.15 -22.62
N VAL AA 107 13.40 -52.39 -22.16
CA VAL AA 107 13.68 -53.33 -21.08
C VAL AA 107 14.55 -52.59 -20.07
N ILE AA 108 14.04 -52.42 -18.86
CA ILE AA 108 14.75 -51.74 -17.79
C ILE AA 108 15.35 -52.80 -16.89
N ALA AA 109 16.66 -52.78 -16.73
CA ALA AA 109 17.36 -53.72 -15.88
C ALA AA 109 18.39 -52.94 -15.07
N GLY AA 110 18.37 -53.13 -13.75
CA GLY AA 110 19.31 -52.42 -12.90
C GLY AA 110 19.07 -52.75 -11.44
N LEU AA 111 20.09 -52.49 -10.63
CA LEU AA 111 20.04 -52.72 -9.20
C LEU AA 111 19.38 -51.51 -8.53
N ASP AA 112 18.69 -51.75 -7.44
CA ASP AA 112 18.17 -50.68 -6.59
C ASP AA 112 19.37 -50.00 -5.96
N PRO AA 113 19.50 -48.68 -6.05
CA PRO AA 113 20.67 -48.03 -5.42
C PRO AA 113 20.64 -47.97 -3.90
N LYS AA 114 19.53 -48.36 -3.26
CA LYS AA 114 19.50 -48.40 -1.81
C LYS AA 114 20.15 -49.67 -1.28
N THR AA 115 19.89 -50.79 -1.94
CA THR AA 115 20.28 -52.13 -1.49
C THR AA 115 21.05 -52.80 -2.61
N PHE AA 116 21.17 -54.13 -2.52
CA PHE AA 116 21.58 -54.88 -3.70
C PHE AA 116 20.44 -55.74 -4.22
N LYS AA 117 19.21 -55.23 -4.11
CA LYS AA 117 18.05 -55.90 -4.72
C LYS AA 117 18.05 -55.70 -6.23
N PRO AA 118 18.12 -56.76 -7.03
CA PRO AA 118 18.04 -56.60 -8.48
C PRO AA 118 16.60 -56.39 -8.94
N PHE AA 119 16.47 -55.94 -10.18
CA PHE AA 119 15.17 -55.61 -10.73
C PHE AA 119 15.21 -55.61 -12.26
N ILE AA 120 14.22 -56.26 -12.86
CA ILE AA 120 14.03 -56.27 -14.31
C ILE AA 120 12.56 -56.06 -14.62
N CYS AA 121 12.27 -55.36 -15.72
CA CYS AA 121 10.91 -55.16 -16.20
C CYS AA 121 10.96 -54.79 -17.67
N SER AA 122 9.87 -55.05 -18.37
CA SER AA 122 9.78 -54.73 -19.79
C SER AA 122 8.41 -54.15 -20.09
N LEU AA 123 8.35 -53.34 -21.14
CA LEU AA 123 7.17 -52.54 -21.41
C LEU AA 123 6.74 -52.70 -22.87
N ASP AA 124 5.43 -52.70 -23.08
CA ASP AA 124 4.90 -52.70 -24.43
C ASP AA 124 5.02 -51.31 -25.05
N LEU AA 125 4.70 -51.23 -26.33
CA LEU AA 125 4.78 -49.95 -27.03
C LEU AA 125 3.67 -49.01 -26.58
N ILE AA 126 2.53 -49.56 -26.19
CA ILE AA 126 1.48 -48.74 -25.60
C ILE AA 126 1.88 -48.28 -24.21
N GLY AA 127 2.68 -49.07 -23.52
CA GLY AA 127 3.21 -48.65 -22.23
C GLY AA 127 2.78 -49.50 -21.05
N CYS AA 128 2.46 -50.76 -21.28
CA CYS AA 128 2.03 -51.63 -20.20
C CYS AA 128 3.24 -52.14 -19.42
N PRO AA 129 3.34 -51.86 -18.12
CA PRO AA 129 4.48 -52.36 -17.35
C PRO AA 129 4.28 -53.83 -17.03
N MET AA 130 5.38 -54.49 -16.69
CA MET AA 130 5.36 -55.90 -16.32
C MET AA 130 6.61 -56.23 -15.54
N VAL AA 131 6.44 -56.68 -14.31
CA VAL AA 131 7.57 -57.08 -13.48
C VAL AA 131 7.60 -58.60 -13.38
N THR AA 132 8.77 -59.16 -13.65
CA THR AA 132 8.97 -60.60 -13.56
C THR AA 132 10.09 -60.89 -12.59
N ASP AA 133 10.43 -62.17 -12.46
CA ASP AA 133 11.42 -62.62 -11.52
C ASP AA 133 12.54 -63.41 -12.17
N ASP AA 134 12.37 -63.79 -13.44
CA ASP AA 134 13.33 -64.66 -14.11
C ASP AA 134 14.01 -63.95 -15.28
N PHE AA 135 13.25 -63.44 -16.25
CA PHE AA 135 13.79 -62.84 -17.46
C PHE AA 135 12.67 -62.14 -18.21
N VAL AA 136 13.05 -61.14 -18.99
CA VAL AA 136 12.17 -60.49 -19.95
C VAL AA 136 12.91 -60.38 -21.28
N VAL AA 137 12.16 -60.46 -22.37
CA VAL AA 137 12.73 -60.43 -23.71
C VAL AA 137 11.89 -59.49 -24.56
N SER AA 138 12.51 -58.85 -25.55
CA SER AA 138 11.82 -57.88 -26.38
C SER AA 138 12.54 -57.76 -27.72
N GLY AA 139 11.85 -58.13 -28.80
CA GLY AA 139 12.42 -58.02 -30.12
C GLY AA 139 11.59 -58.81 -31.11
N THR AA 140 12.12 -58.93 -32.32
CA THR AA 140 11.47 -59.69 -33.38
C THR AA 140 11.49 -61.15 -33.03
N CYS AA 141 12.69 -61.64 -32.73
CA CYS AA 141 12.86 -62.96 -32.17
C CYS AA 141 12.45 -62.90 -30.71
N ALA AA 142 11.46 -63.70 -30.34
CA ALA AA 142 11.11 -63.88 -28.94
C ALA AA 142 10.92 -65.34 -28.56
N GLU AA 143 10.42 -66.17 -29.47
CA GLU AA 143 10.10 -67.55 -29.14
C GLU AA 143 11.36 -68.35 -28.92
N GLN AA 144 12.46 -67.94 -29.56
CA GLN AA 144 13.76 -68.53 -29.33
C GLN AA 144 14.24 -68.31 -27.91
N MET AA 145 14.15 -67.07 -27.44
CA MET AA 145 14.68 -66.75 -26.11
C MET AA 145 13.77 -67.29 -25.02
N TYR AA 146 12.46 -67.36 -25.30
CA TYR AA 146 11.61 -68.11 -24.38
C TYR AA 146 11.90 -69.60 -24.43
N GLY AA 147 12.41 -70.10 -25.54
CA GLY AA 147 12.80 -71.48 -25.62
C GLY AA 147 14.06 -71.77 -24.83
N MET AA 148 14.93 -70.78 -24.71
CA MET AA 148 16.19 -71.00 -23.99
C MET AA 148 16.05 -70.71 -22.50
N CYS AA 149 15.48 -69.55 -22.16
CA CYS AA 149 15.49 -69.11 -20.77
C CYS AA 149 14.47 -69.83 -19.92
N GLU AA 150 13.60 -70.64 -20.51
CA GLU AA 150 12.77 -71.51 -19.68
C GLU AA 150 13.41 -72.86 -19.48
N SER AA 151 14.65 -73.04 -19.91
CA SER AA 151 15.37 -74.29 -19.68
C SER AA 151 16.80 -74.09 -19.22
N LEU AA 152 17.29 -72.86 -19.16
CA LEU AA 152 18.62 -72.62 -18.61
C LEU AA 152 18.59 -71.76 -17.35
N TRP AA 153 17.44 -71.22 -17.00
CA TRP AA 153 17.37 -70.33 -15.86
C TRP AA 153 17.25 -71.12 -14.56
N GLU AA 154 18.13 -70.81 -13.61
CA GLU AA 154 18.06 -71.30 -12.24
C GLU AA 154 17.74 -70.13 -11.32
N PRO AA 155 17.17 -70.38 -10.13
CA PRO AA 155 16.79 -69.26 -9.27
C PRO AA 155 17.95 -68.51 -8.63
N ASN AA 156 18.97 -69.21 -8.15
CA ASN AA 156 20.04 -68.59 -7.38
C ASN AA 156 21.34 -68.67 -8.16
N MET AA 157 21.76 -67.54 -8.73
CA MET AA 157 22.82 -67.57 -9.72
C MET AA 157 23.95 -66.63 -9.35
N ASP AA 158 25.11 -67.22 -9.12
CA ASP AA 158 26.41 -66.58 -9.08
C ASP AA 158 26.70 -65.96 -10.45
N PRO AA 159 27.58 -64.94 -10.51
CA PRO AA 159 27.75 -64.22 -11.80
C PRO AA 159 28.33 -65.06 -12.93
N ASP AA 160 29.05 -66.14 -12.60
CA ASP AA 160 29.61 -67.00 -13.63
C ASP AA 160 28.53 -67.75 -14.38
N HIS AA 161 27.63 -68.41 -13.65
CA HIS AA 161 26.57 -69.17 -14.29
C HIS AA 161 25.54 -68.24 -14.93
N LEU AA 162 25.42 -67.01 -14.42
CA LEU AA 162 24.55 -66.04 -15.05
C LEU AA 162 25.13 -65.59 -16.38
N PHE AA 163 26.43 -65.32 -16.41
CA PHE AA 163 27.09 -64.89 -17.63
C PHE AA 163 27.09 -65.99 -18.68
N GLU AA 164 27.33 -67.23 -18.27
CA GLU AA 164 27.36 -68.30 -19.25
C GLU AA 164 25.97 -68.70 -19.68
N THR AA 165 24.98 -68.54 -18.80
CA THR AA 165 23.59 -68.83 -19.14
C THR AA 165 23.08 -67.84 -20.18
N ILE AA 166 23.30 -66.54 -19.94
CA ILE AA 166 22.85 -65.54 -20.89
C ILE AA 166 23.70 -65.60 -22.16
N SER AA 167 24.92 -66.13 -22.07
CA SER AA 167 25.77 -66.30 -23.24
C SER AA 167 25.20 -67.37 -24.16
N GLN AA 168 24.88 -68.54 -23.60
CA GLN AA 168 24.33 -69.61 -24.42
C GLN AA 168 22.94 -69.25 -24.95
N ALA AA 169 22.14 -68.56 -24.14
CA ALA AA 169 20.80 -68.20 -24.57
C ALA AA 169 20.82 -67.16 -25.68
N MET AA 170 21.71 -66.17 -25.56
CA MET AA 170 21.78 -65.17 -26.63
C MET AA 170 22.40 -65.72 -27.90
N LEU AA 171 23.45 -66.54 -27.80
CA LEU AA 171 24.09 -67.05 -29.00
C LEU AA 171 23.19 -68.03 -29.75
N ASN AA 172 22.68 -69.03 -29.03
CA ASN AA 172 21.84 -70.02 -29.69
C ASN AA 172 20.47 -69.44 -30.05
N ALA AA 173 20.06 -68.36 -29.39
CA ALA AA 173 18.79 -67.74 -29.73
C ALA AA 173 18.91 -66.89 -30.97
N VAL AA 174 19.98 -66.09 -31.07
CA VAL AA 174 20.10 -65.17 -32.20
C VAL AA 174 20.53 -65.92 -33.46
N ASP AA 175 21.31 -67.00 -33.30
CA ASP AA 175 21.78 -67.73 -34.47
C ASP AA 175 20.67 -68.58 -35.10
N ARG AA 176 19.48 -68.59 -34.53
CA ARG AA 176 18.33 -69.21 -35.20
C ARG AA 176 17.50 -68.14 -35.91
N ASP AA 177 17.54 -66.89 -35.44
CA ASP AA 177 16.90 -65.82 -36.16
C ASP AA 177 17.76 -65.41 -37.35
N ALA AA 178 17.14 -64.77 -38.34
CA ALA AA 178 17.87 -64.39 -39.55
C ALA AA 178 18.27 -62.93 -39.52
N VAL AA 179 17.33 -62.03 -39.21
CA VAL AA 179 17.55 -60.61 -39.48
C VAL AA 179 18.45 -59.99 -38.42
N SER AA 180 18.71 -60.72 -37.34
CA SER AA 180 19.63 -60.23 -36.32
C SER AA 180 20.92 -61.04 -36.32
N GLY AA 181 21.91 -60.53 -35.60
CA GLY AA 181 23.18 -61.22 -35.51
C GLY AA 181 24.31 -60.24 -35.30
N MET AA 182 25.47 -60.62 -35.85
CA MET AA 182 26.63 -59.74 -36.03
C MET AA 182 27.21 -59.28 -34.68
N GLY AA 183 27.10 -60.11 -33.67
CA GLY AA 183 27.73 -59.80 -32.41
C GLY AA 183 26.72 -59.72 -31.27
N VAL AA 184 27.18 -60.10 -30.08
CA VAL AA 184 26.38 -60.08 -28.86
C VAL AA 184 27.17 -59.42 -27.76
N ILE AA 185 26.60 -58.35 -27.19
CA ILE AA 185 27.21 -57.65 -26.07
C ILE AA 185 26.45 -58.00 -24.80
N VAL AA 186 27.20 -58.25 -23.72
CA VAL AA 186 26.64 -58.68 -22.45
C VAL AA 186 27.13 -57.77 -21.35
N HIS AA 187 26.20 -57.05 -20.73
CA HIS AA 187 26.49 -56.25 -19.55
C HIS AA 187 26.10 -57.07 -18.33
N ILE AA 188 27.09 -57.59 -17.62
CA ILE AA 188 26.89 -58.22 -16.32
C ILE AA 188 27.29 -57.23 -15.25
N ILE AA 189 26.31 -56.76 -14.49
CA ILE AA 189 26.59 -55.78 -13.44
C ILE AA 189 26.25 -56.40 -12.10
N GLU AA 190 27.07 -56.09 -11.10
CA GLU AA 190 26.88 -56.57 -9.75
C GLU AA 190 26.99 -55.37 -8.82
N LYS AA 191 27.05 -55.64 -7.51
CA LYS AA 191 27.13 -54.55 -6.54
C LYS AA 191 28.46 -53.83 -6.62
N ASP AA 192 29.53 -54.57 -6.88
CA ASP AA 192 30.86 -53.96 -6.92
C ASP AA 192 31.10 -53.24 -8.24
N LYS AA 193 31.08 -53.97 -9.33
CA LYS AA 193 31.67 -53.46 -10.56
C LYS AA 193 30.82 -53.85 -11.76
N ILE AA 194 30.73 -52.93 -12.70
CA ILE AA 194 30.05 -53.11 -13.97
C ILE AA 194 31.04 -53.75 -14.93
N THR AA 195 30.62 -54.81 -15.62
CA THR AA 195 31.49 -55.57 -16.49
C THR AA 195 30.83 -55.75 -17.84
N THR AA 196 31.54 -55.40 -18.91
CA THR AA 196 31.02 -55.50 -20.27
C THR AA 196 31.90 -56.44 -21.07
N ARG AA 197 31.31 -57.50 -21.60
CA ARG AA 197 32.02 -58.43 -22.44
C ARG AA 197 31.26 -58.62 -23.74
N THR AA 198 32.00 -58.79 -24.83
CA THR AA 198 31.42 -59.05 -26.15
C THR AA 198 31.84 -60.44 -26.57
N LEU AA 199 30.87 -61.30 -26.86
CA LEU AA 199 31.14 -62.70 -27.10
C LEU AA 199 31.71 -62.90 -28.51
N LYS AA 200 32.04 -64.16 -28.80
CA LYS AA 200 32.56 -64.54 -30.10
C LYS AA 200 31.42 -65.19 -30.88
N ALA AA 201 30.73 -64.39 -31.68
CA ALA AA 201 29.50 -64.83 -32.33
C ALA AA 201 29.77 -65.15 -33.79
N ARG AA 202 28.77 -65.74 -34.43
CA ARG AA 202 28.81 -65.93 -35.87
C ARG AA 202 28.61 -64.60 -36.58
N MET AA 203 29.31 -64.44 -37.70
CA MET AA 203 29.24 -63.21 -38.48
C MET AA 203 28.32 -63.34 -39.67
N ASP AA 204 27.44 -64.33 -39.68
CA ASP AA 204 26.55 -64.57 -40.81
C ASP AA 204 25.09 -64.67 -40.40
N MET BA 1 18.16 -44.59 -57.06
CA MET BA 1 18.28 -43.99 -58.38
C MET BA 1 19.55 -43.17 -58.53
N GLU BA 2 20.19 -42.83 -57.41
CA GLU BA 2 21.39 -42.00 -57.43
C GLU BA 2 22.48 -42.63 -56.58
N TYR BA 3 23.71 -42.56 -57.06
CA TYR BA 3 24.84 -43.30 -56.50
C TYR BA 3 25.74 -42.37 -55.70
N LEU BA 4 26.16 -42.85 -54.53
CA LEU BA 4 27.22 -42.17 -53.78
C LEU BA 4 27.94 -43.10 -52.83
N ILE BA 5 29.10 -42.68 -52.37
CA ILE BA 5 29.97 -43.53 -51.57
C ILE BA 5 30.75 -42.64 -50.60
N GLY BA 6 31.46 -43.26 -49.66
CA GLY BA 6 32.30 -42.52 -48.75
C GLY BA 6 33.18 -43.44 -47.96
N ILE BA 7 34.47 -43.12 -47.89
CA ILE BA 7 35.45 -44.01 -47.27
C ILE BA 7 36.19 -43.24 -46.18
N GLN BA 8 36.12 -43.75 -44.96
CA GLN BA 8 36.81 -43.18 -43.81
C GLN BA 8 38.26 -43.66 -43.79
N GLY BA 9 39.19 -42.72 -43.85
CA GLY BA 9 40.59 -43.04 -43.72
C GLY BA 9 41.10 -42.80 -42.31
N PRO BA 10 42.42 -42.87 -42.12
CA PRO BA 10 42.98 -42.47 -40.82
C PRO BA 10 42.89 -40.98 -40.55
N ASP BA 11 43.10 -40.15 -41.57
CA ASP BA 11 43.03 -38.70 -41.40
C ASP BA 11 42.36 -37.99 -42.56
N TYR BA 12 41.56 -38.71 -43.34
CA TYR BA 12 40.93 -38.13 -44.50
C TYR BA 12 39.59 -38.82 -44.73
N VAL BA 13 38.63 -38.08 -45.27
CA VAL BA 13 37.36 -38.63 -45.69
C VAL BA 13 37.10 -38.15 -47.11
N LEU BA 14 36.96 -39.08 -48.05
CA LEU BA 14 36.57 -38.74 -49.41
C LEU BA 14 35.14 -39.18 -49.64
N VAL BA 15 34.35 -38.33 -50.27
CA VAL BA 15 33.00 -38.68 -50.69
C VAL BA 15 32.92 -38.46 -52.18
N ALA BA 16 31.92 -39.05 -52.81
CA ALA BA 16 31.80 -38.96 -54.26
C ALA BA 16 30.34 -39.14 -54.62
N SER BA 17 29.77 -38.16 -55.29
CA SER BA 17 28.38 -38.19 -55.72
C SER BA 17 28.30 -38.58 -57.18
N ASP BA 18 27.13 -38.38 -57.76
CA ASP BA 18 26.93 -38.56 -59.19
C ASP BA 18 26.28 -37.32 -59.78
N ARG BA 19 26.81 -36.91 -60.94
CA ARG BA 19 26.43 -35.64 -61.53
C ARG BA 19 25.12 -35.76 -62.31
N VAL BA 20 24.51 -36.95 -62.30
CA VAL BA 20 23.24 -37.18 -62.97
C VAL BA 20 22.12 -36.53 -62.16
N ALA BA 21 21.31 -35.72 -62.83
CA ALA BA 21 20.11 -35.12 -62.25
C ALA BA 21 18.86 -35.41 -63.07
N ALA BA 22 18.64 -36.67 -63.42
CA ALA BA 22 17.76 -37.01 -64.52
C ALA BA 22 16.28 -36.81 -64.21
N SER BA 23 15.50 -36.67 -65.27
CA SER BA 23 14.05 -36.65 -65.26
C SER BA 23 13.52 -38.06 -65.33
N ASN BA 24 12.24 -38.16 -65.72
CA ASN BA 24 11.43 -39.39 -65.81
C ASN BA 24 12.18 -40.45 -66.62
N ILE BA 25 12.54 -40.20 -67.89
CA ILE BA 25 13.40 -41.14 -68.61
C ILE BA 25 14.60 -40.46 -69.23
N VAL BA 26 14.62 -39.13 -69.27
CA VAL BA 26 15.71 -38.40 -69.89
C VAL BA 26 16.61 -37.82 -68.81
N GLN BA 27 17.81 -37.45 -69.22
CA GLN BA 27 18.80 -36.86 -68.33
C GLN BA 27 18.89 -35.38 -68.63
N MET BA 28 18.24 -34.57 -67.79
CA MET BA 28 18.17 -33.14 -68.08
C MET BA 28 19.49 -32.45 -67.76
N LYS BA 29 20.06 -32.72 -66.60
CA LYS BA 29 21.28 -32.05 -66.18
C LYS BA 29 22.36 -33.10 -65.96
N ASP BA 30 23.48 -32.91 -66.63
CA ASP BA 30 24.56 -33.89 -66.63
C ASP BA 30 25.72 -33.49 -65.73
N ASP BA 31 25.63 -32.37 -65.03
CA ASP BA 31 26.69 -31.89 -64.15
C ASP BA 31 26.16 -31.34 -62.83
N HIS BA 32 25.33 -32.10 -62.12
CA HIS BA 32 24.70 -31.62 -60.90
C HIS BA 32 25.68 -31.68 -59.74
N ASP BA 33 25.53 -30.76 -58.79
CA ASP BA 33 26.36 -30.70 -57.60
C ASP BA 33 25.51 -31.05 -56.38
N LYS BA 34 25.65 -32.27 -55.87
CA LYS BA 34 24.94 -32.68 -54.67
C LYS BA 34 25.62 -32.28 -53.38
N MET BA 35 26.67 -31.46 -53.45
CA MET BA 35 27.52 -31.22 -52.29
C MET BA 35 27.28 -29.83 -51.74
N PHE BA 36 26.99 -29.74 -50.45
CA PHE BA 36 26.59 -28.48 -49.83
C PHE BA 36 27.65 -28.07 -48.81
N LYS BA 37 28.52 -27.15 -49.22
CA LYS BA 37 29.68 -26.74 -48.42
C LYS BA 37 29.19 -25.91 -47.25
N MET BA 38 29.29 -26.46 -46.05
CA MET BA 38 28.94 -25.71 -44.86
C MET BA 38 30.07 -24.80 -44.41
N SER BA 39 31.24 -25.37 -44.16
CA SER BA 39 32.49 -24.64 -44.05
C SER BA 39 33.61 -25.51 -44.58
N GLU BA 40 34.85 -25.18 -44.17
CA GLU BA 40 35.99 -26.06 -44.44
C GLU BA 40 35.83 -27.42 -43.77
N LYS BA 41 35.08 -27.48 -42.67
CA LYS BA 41 34.99 -28.73 -41.93
C LYS BA 41 34.01 -29.70 -42.58
N ILE BA 42 32.75 -29.30 -42.71
CA ILE BA 42 31.67 -30.29 -42.88
C ILE BA 42 31.03 -30.16 -44.25
N LEU BA 43 30.99 -31.27 -44.99
CA LEU BA 43 30.20 -31.37 -46.21
C LEU BA 43 28.84 -31.95 -45.88
N LEU BA 44 27.94 -31.93 -46.86
CA LEU BA 44 26.60 -32.44 -46.71
C LEU BA 44 26.09 -32.90 -48.07
N LEU BA 45 25.52 -34.10 -48.09
CA LEU BA 45 24.97 -34.71 -49.29
C LEU BA 45 23.50 -34.98 -49.03
N CYS BA 46 22.67 -34.98 -50.07
CA CYS BA 46 21.23 -35.10 -49.85
C CYS BA 46 20.53 -35.54 -51.13
N VAL BA 47 19.99 -36.77 -51.12
CA VAL BA 47 19.31 -37.39 -52.25
C VAL BA 47 18.12 -38.17 -51.72
N GLY BA 48 16.97 -38.02 -52.38
CA GLY BA 48 15.73 -38.63 -51.97
C GLY BA 48 14.63 -38.19 -52.90
N GLU BA 49 13.54 -37.67 -52.34
CA GLU BA 49 12.54 -36.96 -53.13
C GLU BA 49 13.19 -35.82 -53.90
N ALA BA 50 12.68 -35.59 -55.13
CA ALA BA 50 13.28 -34.63 -56.04
C ALA BA 50 13.19 -33.20 -55.51
N GLY BA 51 12.15 -32.91 -54.73
CA GLY BA 51 11.95 -31.56 -54.24
C GLY BA 51 12.43 -31.31 -52.84
N ASP BA 52 12.34 -32.32 -51.97
CA ASP BA 52 12.54 -32.10 -50.54
C ASP BA 52 14.02 -31.88 -50.21
N THR BA 53 14.91 -32.53 -50.95
CA THR BA 53 16.33 -32.53 -50.60
C THR BA 53 16.95 -31.15 -50.76
N VAL BA 54 16.59 -30.44 -51.81
CA VAL BA 54 17.19 -29.16 -52.13
C VAL BA 54 16.85 -28.12 -51.09
N GLN BA 55 15.59 -28.06 -50.62
CA GLN BA 55 15.33 -27.07 -49.59
C GLN BA 55 15.75 -27.58 -48.22
N PHE BA 56 15.88 -28.90 -48.06
CA PHE BA 56 16.29 -29.39 -46.75
C PHE BA 56 17.77 -29.15 -46.49
N ALA BA 57 18.60 -29.18 -47.53
CA ALA BA 57 20.01 -28.92 -47.37
C ALA BA 57 20.27 -27.47 -46.99
N GLU BA 58 19.44 -26.54 -47.43
CA GLU BA 58 19.67 -25.14 -47.04
C GLU BA 58 19.26 -24.89 -45.60
N TYR BA 59 18.34 -25.68 -45.07
CA TYR BA 59 17.83 -25.44 -43.73
C TYR BA 59 18.90 -25.70 -42.67
N ILE BA 60 19.54 -26.86 -42.78
CA ILE BA 60 20.71 -27.18 -41.96
C ILE BA 60 21.84 -26.17 -42.22
N GLN BA 61 21.99 -25.73 -43.47
CA GLN BA 61 23.02 -24.77 -43.84
C GLN BA 61 22.87 -23.45 -43.11
N LYS BA 62 21.65 -22.93 -43.04
CA LYS BA 62 21.48 -21.62 -42.43
C LYS BA 62 21.42 -21.72 -40.92
N ASN BA 63 20.99 -22.87 -40.39
CA ASN BA 63 21.01 -22.99 -38.94
C ASN BA 63 22.42 -23.17 -38.40
N VAL BA 64 23.21 -24.06 -39.00
CA VAL BA 64 24.57 -24.29 -38.50
C VAL BA 64 25.47 -23.12 -38.86
N GLN BA 65 25.19 -22.47 -39.99
CA GLN BA 65 25.84 -21.22 -40.33
C GLN BA 65 25.57 -20.15 -39.30
N LEU BA 66 24.30 -20.05 -38.84
CA LEU BA 66 23.95 -19.14 -37.76
C LEU BA 66 24.65 -19.50 -36.46
N TYR BA 67 24.96 -20.79 -36.27
CA TYR BA 67 25.68 -21.15 -35.04
C TYR BA 67 27.13 -20.68 -35.08
N LYS BA 68 27.89 -21.11 -36.09
CA LYS BA 68 29.32 -20.81 -36.08
C LYS BA 68 29.60 -19.35 -36.34
N MET BA 69 28.68 -18.64 -36.96
CA MET BA 69 28.84 -17.21 -37.15
C MET BA 69 28.56 -16.43 -35.86
N ARG BA 70 27.83 -17.04 -34.91
CA ARG BA 70 27.47 -16.33 -33.69
C ARG BA 70 28.34 -16.68 -32.49
N ASN BA 71 28.80 -17.92 -32.33
CA ASN BA 71 29.70 -18.15 -31.21
C ASN BA 71 31.17 -17.99 -31.59
N GLY BA 72 31.49 -17.89 -32.86
CA GLY BA 72 32.86 -17.68 -33.27
C GLY BA 72 33.67 -18.95 -33.43
N TYR BA 73 33.10 -20.07 -33.01
CA TYR BA 73 33.69 -21.38 -33.18
C TYR BA 73 32.64 -22.30 -33.76
N GLU BA 74 33.07 -23.38 -34.39
CA GLU BA 74 32.20 -24.19 -35.22
C GLU BA 74 32.04 -25.58 -34.60
N LEU BA 75 30.88 -26.18 -34.80
CA LEU BA 75 30.55 -27.49 -34.26
C LEU BA 75 31.44 -28.59 -34.80
N SER BA 76 31.59 -29.62 -33.99
CA SER BA 76 32.09 -30.90 -34.44
C SER BA 76 31.04 -31.54 -35.34
N PRO BA 77 31.43 -32.49 -36.19
CA PRO BA 77 30.44 -33.14 -37.06
C PRO BA 77 29.40 -33.99 -36.34
N THR BA 78 29.67 -34.35 -35.08
CA THR BA 78 28.68 -35.13 -34.32
C THR BA 78 27.44 -34.31 -34.02
N ALA BA 79 27.64 -33.05 -33.61
CA ALA BA 79 26.51 -32.16 -33.36
C ALA BA 79 25.74 -31.84 -34.64
N ALA BA 80 26.42 -31.82 -35.78
CA ALA BA 80 25.71 -31.65 -37.03
C ALA BA 80 24.91 -32.90 -37.37
N ALA BA 81 25.45 -34.07 -37.02
CA ALA BA 81 24.76 -35.33 -37.31
C ALA BA 81 23.48 -35.45 -36.51
N ASN BA 82 23.56 -35.17 -35.20
CA ASN BA 82 22.35 -35.18 -34.40
C ASN BA 82 21.42 -34.04 -34.78
N PHE BA 83 21.99 -32.93 -35.26
CA PHE BA 83 21.15 -31.80 -35.59
C PHE BA 83 20.35 -32.04 -36.86
N THR BA 84 20.89 -32.81 -37.80
CA THR BA 84 20.09 -33.22 -38.94
C THR BA 84 19.09 -34.30 -38.56
N ARG BA 85 19.54 -35.29 -37.78
CA ARG BA 85 18.66 -36.38 -37.35
C ARG BA 85 17.43 -35.87 -36.61
N ARG BA 86 17.63 -34.90 -35.71
CA ARG BA 86 16.52 -34.39 -34.92
C ARG BA 86 15.51 -33.64 -35.78
N ASN BA 87 15.97 -32.98 -36.84
CA ASN BA 87 15.03 -32.29 -37.70
C ASN BA 87 14.26 -33.27 -38.58
N LEU BA 88 14.87 -34.40 -38.95
CA LEU BA 88 14.05 -35.42 -39.59
C LEU BA 88 13.09 -36.08 -38.61
N ALA BA 89 13.52 -36.27 -37.37
CA ALA BA 89 12.69 -37.02 -36.41
C ALA BA 89 11.51 -36.17 -35.95
N ASP BA 90 11.66 -34.85 -35.91
CA ASP BA 90 10.50 -34.00 -35.75
C ASP BA 90 9.74 -33.84 -37.06
N CYS BA 91 10.40 -34.06 -38.19
CA CYS BA 91 9.71 -33.95 -39.46
C CYS BA 91 8.78 -35.13 -39.75
N LEU BA 92 9.12 -36.32 -39.28
CA LEU BA 92 8.45 -37.55 -39.69
C LEU BA 92 7.00 -37.63 -39.24
N ARG BA 93 6.77 -37.52 -37.93
CA ARG BA 93 5.41 -37.57 -37.38
C ARG BA 93 4.78 -36.20 -37.56
N SER BA 94 4.39 -35.88 -38.79
CA SER BA 94 3.75 -34.59 -39.07
C SER BA 94 2.94 -34.70 -40.35
N ARG BA 95 2.48 -33.55 -40.83
CA ARG BA 95 1.72 -33.52 -42.08
C ARG BA 95 2.65 -33.45 -43.27
N THR BA 96 3.84 -32.89 -43.10
CA THR BA 96 4.81 -32.71 -44.17
C THR BA 96 6.09 -33.48 -43.83
N PRO BA 97 6.18 -34.73 -44.28
CA PRO BA 97 7.41 -35.49 -44.05
C PRO BA 97 8.44 -35.18 -45.14
N TYR BA 98 9.71 -35.19 -44.74
CA TYR BA 98 10.78 -35.14 -45.73
C TYR BA 98 11.14 -36.56 -46.15
N HIS BA 99 11.75 -36.69 -47.30
CA HIS BA 99 12.28 -37.98 -47.74
C HIS BA 99 13.68 -37.75 -48.27
N VAL BA 100 14.65 -37.72 -47.36
CA VAL BA 100 16.05 -37.53 -47.71
C VAL BA 100 16.82 -38.72 -47.15
N ASN BA 101 18.06 -38.88 -47.58
CA ASN BA 101 18.78 -40.06 -47.15
C ASN BA 101 20.20 -39.85 -46.66
N LEU BA 102 20.89 -38.83 -47.15
CA LEU BA 102 22.33 -39.03 -47.26
C LEU BA 102 23.09 -38.57 -46.03
N LEU BA 103 24.41 -38.48 -46.22
CA LEU BA 103 25.41 -38.67 -45.19
C LEU BA 103 26.30 -37.44 -45.07
N LEU BA 104 26.83 -37.24 -43.87
CA LEU BA 104 27.62 -36.09 -43.48
C LEU BA 104 29.10 -36.44 -43.41
N ALA BA 105 29.90 -35.72 -44.19
CA ALA BA 105 31.34 -35.86 -44.17
C ALA BA 105 31.95 -34.67 -43.45
N GLY BA 106 32.71 -34.94 -42.39
CA GLY BA 106 33.29 -33.87 -41.61
C GLY BA 106 34.57 -34.28 -40.94
N TYR BA 107 35.38 -33.28 -40.62
CA TYR BA 107 36.66 -33.48 -39.96
C TYR BA 107 36.72 -32.62 -38.73
N ASP BA 108 37.21 -33.21 -37.64
CA ASP BA 108 37.48 -32.48 -36.43
C ASP BA 108 38.96 -32.61 -36.11
N GLU BA 109 39.56 -31.51 -35.66
CA GLU BA 109 40.97 -31.49 -35.34
C GLU BA 109 41.28 -32.19 -34.02
N HIS BA 110 40.27 -32.48 -33.20
CA HIS BA 110 40.46 -33.14 -31.92
C HIS BA 110 39.94 -34.57 -31.98
N GLU BA 111 38.73 -34.77 -32.49
CA GLU BA 111 38.13 -36.09 -32.51
C GLU BA 111 38.54 -36.91 -33.73
N GLY BA 112 39.16 -36.31 -34.72
CA GLY BA 112 39.52 -37.01 -35.94
C GLY BA 112 38.38 -37.01 -36.94
N PRO BA 113 38.64 -37.54 -38.13
CA PRO BA 113 37.63 -37.51 -39.20
C PRO BA 113 36.50 -38.48 -38.96
N ALA BA 114 35.29 -38.01 -39.25
CA ALA BA 114 34.07 -38.76 -38.97
C ALA BA 114 33.15 -38.76 -40.18
N LEU BA 115 32.55 -39.91 -40.44
CA LEU BA 115 31.58 -40.08 -41.51
C LEU BA 115 30.33 -40.73 -40.97
N TYR BA 116 29.22 -40.00 -40.97
CA TYR BA 116 27.96 -40.49 -40.42
C TYR BA 116 27.06 -40.95 -41.56
N TYR BA 117 25.81 -41.28 -41.22
CA TYR BA 117 24.92 -42.02 -42.11
C TYR BA 117 23.49 -41.83 -41.65
N MET BA 118 22.66 -41.23 -42.50
CA MET BA 118 21.24 -41.09 -42.22
C MET BA 118 20.45 -42.19 -42.90
N ASP BA 119 19.14 -42.03 -42.89
CA ASP BA 119 18.19 -42.91 -43.57
C ASP BA 119 16.89 -42.13 -43.69
N TYR BA 120 15.97 -42.60 -44.55
CA TYR BA 120 14.73 -41.86 -44.73
C TYR BA 120 13.80 -42.00 -43.54
N LEU BA 121 14.08 -42.93 -42.64
CA LEU BA 121 13.35 -43.00 -41.39
C LEU BA 121 14.11 -42.40 -40.22
N ALA BA 122 15.19 -41.66 -40.48
CA ALA BA 122 16.01 -40.85 -39.58
C ALA BA 122 16.84 -41.67 -38.58
N ALA BA 123 17.52 -42.72 -39.01
CA ALA BA 123 18.43 -43.40 -38.11
C ALA BA 123 19.85 -42.80 -38.21
N LEU BA 124 20.69 -43.16 -37.25
CA LEU BA 124 22.10 -42.80 -37.25
C LEU BA 124 22.97 -44.04 -37.41
N ALA BA 125 24.19 -43.82 -37.88
CA ALA BA 125 25.19 -44.87 -38.01
C ALA BA 125 26.56 -44.24 -38.17
N LYS BA 126 27.48 -44.63 -37.29
CA LYS BA 126 28.89 -44.28 -37.41
C LYS BA 126 29.53 -45.33 -38.30
N ALA BA 127 29.86 -44.97 -39.52
CA ALA BA 127 30.18 -45.97 -40.54
C ALA BA 127 31.63 -45.87 -40.97
N PRO BA 128 32.32 -47.00 -41.17
CA PRO BA 128 33.63 -46.95 -41.79
C PRO BA 128 33.57 -46.74 -43.29
N PHE BA 129 32.54 -47.28 -43.95
CA PHE BA 129 32.30 -47.05 -45.37
C PHE BA 129 30.82 -47.31 -45.64
N ALA BA 130 30.22 -46.45 -46.45
CA ALA BA 130 28.78 -46.54 -46.64
C ALA BA 130 28.41 -46.06 -48.03
N ALA BA 131 27.13 -46.23 -48.36
CA ALA BA 131 26.60 -45.88 -49.67
C ALA BA 131 25.09 -45.76 -49.58
N HIS BA 132 24.49 -45.29 -50.67
CA HIS BA 132 23.04 -45.29 -50.80
C HIS BA 132 22.64 -45.62 -52.23
N GLY BA 133 21.37 -45.40 -52.52
CA GLY BA 133 20.83 -45.69 -53.82
C GLY BA 133 20.76 -47.18 -54.09
N TYR BA 134 20.53 -47.50 -55.35
CA TYR BA 134 20.56 -48.90 -55.76
C TYR BA 134 21.98 -49.33 -56.11
N GLY BA 135 22.95 -48.44 -55.91
CA GLY BA 135 24.32 -48.78 -56.21
C GLY BA 135 25.04 -49.46 -55.07
N ALA BA 136 24.53 -49.35 -53.84
CA ALA BA 136 25.17 -49.90 -52.65
C ALA BA 136 25.35 -51.41 -52.77
N PHE BA 137 24.34 -52.06 -53.37
CA PHE BA 137 24.35 -53.49 -53.62
C PHE BA 137 25.51 -53.94 -54.49
N LEU BA 138 26.07 -53.03 -55.29
CA LEU BA 138 27.30 -53.35 -56.00
C LEU BA 138 28.50 -52.61 -55.44
N THR BA 139 28.32 -51.75 -54.45
CA THR BA 139 29.51 -51.22 -53.77
C THR BA 139 30.09 -52.23 -52.81
N LEU BA 140 29.34 -52.53 -51.76
CA LEU BA 140 30.00 -52.91 -50.51
C LEU BA 140 30.52 -54.35 -50.49
N SER BA 141 30.35 -55.10 -51.56
CA SER BA 141 31.14 -56.30 -51.74
C SER BA 141 32.59 -55.95 -52.00
N ILE BA 142 32.84 -55.13 -53.04
CA ILE BA 142 34.20 -54.68 -53.34
C ILE BA 142 34.68 -53.77 -52.23
N LEU BA 143 33.79 -52.93 -51.71
CA LEU BA 143 34.18 -51.95 -50.72
C LEU BA 143 34.40 -52.60 -49.36
N ASP BA 144 33.90 -53.81 -49.18
CA ASP BA 144 34.30 -54.61 -48.03
C ASP BA 144 35.54 -55.43 -48.34
N ARG BA 145 35.76 -55.76 -49.60
CA ARG BA 145 36.83 -56.67 -49.99
C ARG BA 145 38.20 -56.03 -49.84
N TYR BA 146 38.45 -54.96 -50.58
CA TYR BA 146 39.74 -54.29 -50.61
C TYR BA 146 39.67 -53.10 -49.68
N TYR BA 147 39.78 -53.33 -48.36
CA TYR BA 147 39.72 -52.23 -47.43
C TYR BA 147 40.45 -52.58 -46.15
N THR BA 148 41.26 -51.65 -45.67
CA THR BA 148 41.99 -51.75 -44.43
C THR BA 148 42.03 -50.36 -43.81
N PRO BA 149 41.79 -50.21 -42.49
CA PRO BA 149 41.70 -48.86 -41.92
C PRO BA 149 43.00 -48.07 -41.87
N THR BA 150 44.11 -48.61 -42.37
CA THR BA 150 45.35 -47.88 -42.52
C THR BA 150 45.68 -47.57 -43.97
N ILE BA 151 44.67 -47.29 -44.80
CA ILE BA 151 44.93 -47.10 -46.22
C ILE BA 151 45.16 -45.62 -46.51
N SER BA 152 46.05 -45.35 -47.46
CA SER BA 152 46.39 -43.97 -47.80
C SER BA 152 45.44 -43.43 -48.86
N ARG BA 153 45.53 -42.13 -49.12
CA ARG BA 153 44.54 -41.47 -49.97
C ARG BA 153 44.73 -41.82 -51.43
N GLU BA 154 45.95 -42.19 -51.82
CA GLU BA 154 46.20 -42.54 -53.22
C GLU BA 154 45.60 -43.91 -53.54
N ARG BA 155 45.72 -44.85 -52.62
CA ARG BA 155 45.01 -46.11 -52.78
C ARG BA 155 43.54 -45.99 -52.43
N ALA BA 156 43.12 -44.87 -51.85
CA ALA BA 156 41.68 -44.64 -51.67
C ALA BA 156 41.06 -44.20 -52.99
N VAL BA 157 41.71 -43.28 -53.70
CA VAL BA 157 41.23 -42.88 -55.01
C VAL BA 157 41.36 -44.02 -56.00
N GLU BA 158 42.46 -44.76 -55.93
CA GLU BA 158 42.63 -45.93 -56.79
C GLU BA 158 41.67 -47.04 -56.41
N LEU BA 159 41.28 -47.09 -55.13
CA LEU BA 159 40.23 -48.01 -54.71
C LEU BA 159 38.88 -47.62 -55.29
N LEU BA 160 38.58 -46.31 -55.33
CA LEU BA 160 37.32 -45.86 -55.88
C LEU BA 160 37.26 -46.06 -57.38
N ARG BA 161 38.42 -46.05 -58.05
CA ARG BA 161 38.49 -46.44 -59.46
C ARG BA 161 37.99 -47.86 -59.67
N LYS BA 162 38.28 -48.77 -58.73
CA LYS BA 162 37.84 -50.16 -58.86
C LYS BA 162 36.33 -50.28 -58.76
N CYS BA 163 35.73 -49.58 -57.80
CA CYS BA 163 34.28 -49.62 -57.64
C CYS BA 163 33.57 -49.00 -58.84
N LEU BA 164 34.11 -47.90 -59.36
CA LEU BA 164 33.50 -47.28 -60.53
C LEU BA 164 33.69 -48.14 -61.78
N GLU BA 165 34.76 -48.92 -61.85
CA GLU BA 165 34.88 -49.85 -62.97
C GLU BA 165 33.98 -51.06 -62.76
N GLU BA 166 33.55 -51.30 -61.53
CA GLU BA 166 32.50 -52.29 -61.33
C GLU BA 166 31.12 -51.73 -61.63
N LEU BA 167 30.96 -50.41 -61.67
CA LEU BA 167 29.62 -49.84 -61.86
C LEU BA 167 29.14 -49.94 -63.30
N GLN BA 168 29.95 -49.49 -64.27
CA GLN BA 168 29.49 -49.36 -65.65
C GLN BA 168 29.76 -50.64 -66.44
N LYS BA 169 29.79 -51.76 -65.71
CA LYS BA 169 29.76 -53.08 -66.30
C LYS BA 169 28.43 -53.77 -66.07
N ARG BA 170 27.84 -53.60 -64.88
CA ARG BA 170 26.57 -54.24 -64.56
C ARG BA 170 25.55 -53.30 -63.92
N PHE BA 171 25.26 -52.17 -64.53
CA PHE BA 171 24.06 -51.42 -64.19
C PHE BA 171 23.21 -51.12 -65.42
N ILE BA 172 21.90 -51.07 -65.20
CA ILE BA 172 20.99 -50.54 -66.20
C ILE BA 172 20.91 -49.02 -66.15
N LEU BA 173 21.53 -48.39 -65.15
CA LEU BA 173 21.64 -46.93 -65.19
C LEU BA 173 22.90 -46.53 -65.94
N ASN BA 174 23.14 -45.23 -66.03
CA ASN BA 174 24.22 -44.77 -66.91
C ASN BA 174 25.39 -44.23 -66.12
N LEU BA 175 25.17 -43.17 -65.34
CA LEU BA 175 26.15 -42.58 -64.42
C LEU BA 175 27.52 -42.28 -65.03
N PRO BA 176 27.63 -41.29 -65.93
CA PRO BA 176 28.92 -41.08 -66.60
C PRO BA 176 30.02 -40.51 -65.72
N THR BA 177 29.83 -39.37 -65.07
CA THR BA 177 30.92 -38.62 -64.45
C THR BA 177 30.60 -38.39 -62.97
N PHE BA 178 31.59 -38.61 -62.11
CA PHE BA 178 31.43 -38.42 -60.67
C PHE BA 178 32.38 -37.33 -60.22
N SER BA 179 31.92 -36.45 -59.34
CA SER BA 179 32.81 -35.51 -58.67
C SER BA 179 33.27 -36.11 -57.35
N VAL BA 180 34.53 -35.88 -56.99
CA VAL BA 180 35.13 -36.47 -55.80
C VAL BA 180 35.79 -35.38 -54.97
N ARG BA 181 35.39 -35.26 -53.71
CA ARG BA 181 36.03 -34.35 -52.77
C ARG BA 181 36.98 -35.13 -51.87
N ILE BA 182 37.67 -34.39 -51.01
CA ILE BA 182 38.52 -34.96 -49.97
C ILE BA 182 38.63 -33.93 -48.86
N ILE BA 183 38.63 -34.40 -47.62
CA ILE BA 183 38.61 -33.53 -46.45
C ILE BA 183 39.80 -33.91 -45.56
N ASP BA 184 40.64 -32.93 -45.25
CA ASP BA 184 41.85 -33.17 -44.48
C ASP BA 184 41.98 -32.23 -43.29
N LYS BA 185 43.19 -32.15 -42.73
CA LYS BA 185 43.49 -31.16 -41.70
C LYS BA 185 43.28 -29.75 -42.19
N ASN BA 186 43.58 -29.48 -43.46
CA ASN BA 186 43.25 -28.18 -44.05
C ASN BA 186 41.74 -28.01 -44.17
N GLY BA 187 41.09 -28.86 -44.94
CA GLY BA 187 39.66 -28.77 -45.12
C GLY BA 187 39.26 -29.27 -46.48
N ILE BA 188 38.41 -28.49 -47.14
CA ILE BA 188 37.83 -28.93 -48.41
C ILE BA 188 38.84 -28.76 -49.53
N HIS BA 189 39.31 -29.88 -50.06
CA HIS BA 189 40.06 -29.89 -51.31
C HIS BA 189 39.24 -30.60 -52.36
N ASP BA 190 39.13 -30.00 -53.53
CA ASP BA 190 38.41 -30.64 -54.62
C ASP BA 190 39.38 -31.39 -55.52
N LEU BA 191 39.14 -32.69 -55.68
CA LEU BA 191 39.92 -33.52 -56.57
C LEU BA 191 39.36 -33.39 -57.98
N ASP BA 192 39.98 -34.12 -58.92
CA ASP BA 192 39.58 -34.02 -60.31
C ASP BA 192 38.22 -34.65 -60.55
N ASN BA 193 37.53 -34.16 -61.57
CA ASN BA 193 36.24 -34.72 -61.94
C ASN BA 193 36.45 -36.08 -62.62
N ILE BA 194 36.11 -37.14 -61.90
CA ILE BA 194 36.33 -38.50 -62.38
C ILE BA 194 35.28 -38.80 -63.43
N SER BA 195 35.74 -39.23 -64.59
CA SER BA 195 34.89 -39.35 -65.77
C SER BA 195 35.13 -40.66 -66.49
N PHE BA 196 34.09 -41.14 -67.15
CA PHE BA 196 34.26 -42.20 -68.12
C PHE BA 196 33.91 -41.69 -69.52
N PRO BA 197 34.87 -41.65 -70.43
CA PRO BA 197 34.57 -41.23 -71.79
C PRO BA 197 33.73 -42.25 -72.52
N LYS BA 198 32.75 -41.79 -73.32
CA LYS BA 198 31.95 -42.72 -74.09
C LYS BA 198 32.70 -43.20 -75.32
N GLN BA 199 33.69 -42.44 -75.76
CA GLN BA 199 34.50 -42.82 -76.91
C GLN BA 199 35.93 -42.27 -76.78
N THR CA 1 2.20 -30.00 -76.45
CA THR CA 1 2.76 -28.96 -75.60
C THR CA 1 4.27 -29.14 -75.46
N THR CA 2 5.03 -28.31 -76.16
CA THR CA 2 6.47 -28.42 -76.15
C THR CA 2 7.10 -27.05 -76.11
N THR CA 3 7.79 -26.76 -75.01
CA THR CA 3 8.62 -25.58 -74.90
C THR CA 3 10.07 -26.02 -74.94
N LEU CA 4 10.96 -25.12 -75.35
CA LEU CA 4 12.37 -25.45 -75.29
C LEU CA 4 13.17 -24.17 -75.05
N ALA CA 5 14.26 -24.31 -74.33
CA ALA CA 5 15.09 -23.17 -73.95
C ALA CA 5 16.55 -23.59 -73.99
N PHE CA 6 17.37 -22.80 -74.66
CA PHE CA 6 18.80 -23.05 -74.66
C PHE CA 6 19.53 -21.72 -74.80
N LYS CA 7 20.62 -21.59 -74.07
CA LYS CA 7 21.42 -20.36 -74.07
C LYS CA 7 22.66 -20.56 -74.93
N PHE CA 8 23.05 -19.50 -75.63
CA PHE CA 8 24.26 -19.50 -76.44
C PHE CA 8 24.97 -18.18 -76.23
N ARG CA 9 25.92 -17.89 -77.13
CA ARG CA 9 26.79 -16.72 -77.00
C ARG CA 9 26.01 -15.41 -76.92
N HIS CA 10 24.88 -15.32 -77.61
CA HIS CA 10 24.05 -14.11 -77.55
C HIS CA 10 22.72 -14.46 -76.91
N GLY CA 11 22.68 -14.48 -75.58
CA GLY CA 11 21.41 -14.57 -74.88
C GLY CA 11 20.76 -15.94 -74.96
N VAL CA 12 19.45 -15.95 -74.74
CA VAL CA 12 18.66 -17.15 -74.52
C VAL CA 12 17.52 -17.18 -75.53
N ILE CA 13 17.31 -18.33 -76.16
CA ILE CA 13 16.23 -18.53 -77.12
C ILE CA 13 15.16 -19.40 -76.48
N VAL CA 14 13.90 -18.98 -76.56
CA VAL CA 14 12.75 -19.72 -76.08
C VAL CA 14 11.77 -19.89 -77.23
N ALA CA 15 11.26 -21.11 -77.39
CA ALA CA 15 10.27 -21.38 -78.43
C ALA CA 15 9.21 -22.32 -77.89
N ALA CA 16 7.98 -22.17 -78.38
CA ALA CA 16 6.90 -23.05 -77.95
C ALA CA 16 5.81 -23.07 -78.99
N ASP CA 17 4.99 -24.12 -78.93
CA ASP CA 17 3.79 -24.23 -79.76
C ASP CA 17 2.65 -23.43 -79.16
N SER CA 18 1.44 -23.73 -79.61
CA SER CA 18 0.27 -23.01 -79.12
C SER CA 18 -0.93 -23.90 -78.83
N ARG CA 19 -0.86 -25.20 -79.15
CA ARG CA 19 -2.01 -26.07 -78.96
C ARG CA 19 -2.12 -26.50 -77.51
N ALA CA 20 -3.33 -26.36 -76.95
CA ALA CA 20 -3.60 -26.76 -75.57
C ALA CA 20 -4.94 -27.48 -75.55
N THR CA 21 -4.89 -28.78 -75.28
CA THR CA 21 -6.06 -29.64 -75.43
C THR CA 21 -6.83 -29.71 -74.13
N ALA CA 22 -7.83 -30.57 -74.13
CA ALA CA 22 -8.57 -30.99 -72.94
C ALA CA 22 -9.06 -32.40 -73.21
N GLY CA 23 -8.27 -33.40 -72.83
CA GLY CA 23 -8.58 -34.73 -73.28
C GLY CA 23 -8.22 -34.91 -74.74
N ALA CA 24 -9.04 -35.68 -75.46
CA ALA CA 24 -8.82 -35.86 -76.89
C ALA CA 24 -9.25 -34.63 -77.68
N TYR CA 25 -10.11 -33.82 -77.10
CA TYR CA 25 -10.61 -32.63 -77.79
C TYR CA 25 -9.62 -31.49 -77.67
N ILE CA 26 -9.55 -30.64 -78.70
CA ILE CA 26 -8.68 -29.48 -78.64
C ILE CA 26 -9.50 -28.24 -78.34
N ALA CA 27 -9.16 -27.56 -77.24
CA ALA CA 27 -9.88 -26.38 -76.80
C ALA CA 27 -9.65 -25.22 -77.76
N SER CA 28 -8.38 -24.91 -78.05
CA SER CA 28 -8.07 -23.83 -78.95
C SER CA 28 -6.70 -24.04 -79.56
N GLN CA 29 -6.44 -23.34 -80.66
CA GLN CA 29 -5.19 -23.45 -81.39
C GLN CA 29 -4.25 -22.29 -81.12
N THR CA 30 -4.70 -21.24 -80.44
CA THR CA 30 -3.91 -20.03 -80.27
C THR CA 30 -3.62 -19.69 -78.82
N VAL CA 31 -3.28 -20.66 -77.98
CA VAL CA 31 -2.92 -20.36 -76.60
C VAL CA 31 -1.47 -19.88 -76.57
N LYS CA 32 -1.28 -18.63 -76.18
CA LYS CA 32 0.05 -18.05 -76.08
C LYS CA 32 0.72 -18.57 -74.81
N LYS CA 33 1.64 -19.51 -74.98
CA LYS CA 33 2.19 -20.24 -73.85
C LYS CA 33 3.33 -19.51 -73.15
N VAL CA 34 4.18 -18.81 -73.89
CA VAL CA 34 5.34 -18.22 -73.24
C VAL CA 34 4.92 -16.92 -72.57
N ILE CA 35 4.76 -16.95 -71.26
CA ILE CA 35 4.15 -15.88 -70.49
C ILE CA 35 5.20 -14.82 -70.20
N GLU CA 36 4.87 -13.56 -70.50
CA GLU CA 36 5.73 -12.43 -70.27
C GLU CA 36 5.60 -12.01 -68.81
N ILE CA 37 6.72 -11.95 -68.11
CA ILE CA 37 6.69 -11.57 -66.70
C ILE CA 37 7.11 -10.12 -66.52
N ASN CA 38 8.30 -9.78 -66.99
CA ASN CA 38 8.82 -8.43 -66.89
C ASN CA 38 9.30 -8.05 -68.28
N PRO CA 39 9.82 -6.83 -68.50
CA PRO CA 39 10.56 -6.60 -69.75
C PRO CA 39 11.92 -7.28 -69.82
N TYR CA 40 12.30 -8.10 -68.82
CA TYR CA 40 13.59 -8.77 -68.88
C TYR CA 40 13.50 -10.22 -68.42
N LEU CA 41 12.28 -10.74 -68.24
CA LEU CA 41 12.09 -12.14 -67.89
C LEU CA 41 11.06 -12.78 -68.78
N LEU CA 42 11.20 -14.09 -69.00
CA LEU CA 42 10.25 -14.86 -69.79
C LEU CA 42 10.00 -16.20 -69.10
N GLY CA 43 8.72 -16.53 -68.91
CA GLY CA 43 8.33 -17.80 -68.37
C GLY CA 43 7.43 -18.54 -69.34
N THR CA 44 7.41 -19.87 -69.20
CA THR CA 44 6.67 -20.71 -70.13
C THR CA 44 5.57 -21.45 -69.38
N MET CA 45 4.92 -22.35 -70.09
CA MET CA 45 3.76 -23.05 -69.58
C MET CA 45 3.91 -24.53 -69.91
N ALA CA 46 3.53 -25.39 -68.98
CA ALA CA 46 3.59 -26.83 -69.18
C ALA CA 46 2.60 -27.52 -68.25
N GLY CA 47 2.04 -28.63 -68.73
CA GLY CA 47 1.07 -29.36 -67.94
C GLY CA 47 -0.22 -28.58 -67.81
N GLY CA 48 -0.53 -28.16 -66.59
CA GLY CA 48 -1.67 -27.31 -66.36
C GLY CA 48 -1.45 -25.92 -66.91
N ALA CA 49 -2.53 -25.18 -67.19
CA ALA CA 49 -2.38 -23.85 -67.73
C ALA CA 49 -2.56 -22.79 -66.66
N ALA CA 50 -3.65 -22.87 -65.90
CA ALA CA 50 -3.96 -21.89 -64.88
C ALA CA 50 -2.97 -21.89 -63.73
N ASP CA 51 -2.28 -23.01 -63.50
CA ASP CA 51 -1.26 -23.05 -62.46
C ASP CA 51 -0.03 -22.25 -62.88
N CYS CA 52 0.41 -22.43 -64.13
CA CYS CA 52 1.57 -21.69 -64.61
C CYS CA 52 1.25 -20.20 -64.75
N SER CA 53 0.05 -19.87 -65.24
CA SER CA 53 -0.35 -18.47 -65.36
C SER CA 53 -0.43 -17.82 -63.99
N PHE CA 54 -1.04 -18.52 -63.02
CA PHE CA 54 -1.26 -17.93 -61.72
C PHE CA 54 0.05 -17.77 -60.97
N TRP CA 55 0.87 -18.82 -60.91
CA TRP CA 55 2.06 -18.74 -60.08
C TRP CA 55 3.17 -17.94 -60.73
N GLU CA 56 3.22 -17.88 -62.07
CA GLU CA 56 4.16 -16.95 -62.66
C GLU CA 56 3.71 -15.51 -62.51
N ARG CA 57 2.40 -15.29 -62.52
CA ARG CA 57 1.88 -13.95 -62.28
C ARG CA 57 2.19 -13.48 -60.86
N LEU CA 58 2.00 -14.38 -59.89
CA LEU CA 58 2.36 -14.09 -58.52
C LEU CA 58 3.87 -14.00 -58.31
N LEU CA 59 4.66 -14.63 -59.19
CA LEU CA 59 6.09 -14.34 -59.20
C LEU CA 59 6.38 -12.92 -59.64
N ALA CA 60 5.66 -12.45 -60.67
CA ALA CA 60 5.83 -11.08 -61.16
C ALA CA 60 5.51 -10.04 -60.10
N ARG CA 61 4.58 -10.35 -59.20
CA ARG CA 61 4.31 -9.49 -58.05
C ARG CA 61 5.53 -9.24 -57.17
N GLN CA 62 6.13 -10.32 -56.68
CA GLN CA 62 7.25 -10.19 -55.75
C GLN CA 62 8.49 -9.63 -56.46
N CYS CA 63 8.62 -9.90 -57.76
CA CYS CA 63 9.71 -9.31 -58.51
C CYS CA 63 9.54 -7.80 -58.65
N ARG CA 64 8.31 -7.35 -58.88
CA ARG CA 64 8.09 -5.91 -59.04
C ARG CA 64 8.28 -5.17 -57.71
N ILE CA 65 7.81 -5.75 -56.61
CA ILE CA 65 8.00 -5.11 -55.31
C ILE CA 65 9.48 -5.12 -54.92
N TYR CA 66 10.19 -6.19 -55.29
CA TYR CA 66 11.63 -6.28 -55.06
C TYR CA 66 12.38 -5.18 -55.78
N GLU CA 67 12.01 -4.92 -57.04
CA GLU CA 67 12.59 -3.80 -57.77
C GLU CA 67 12.22 -2.47 -57.14
N LEU CA 68 11.02 -2.36 -56.58
CA LEU CA 68 10.63 -1.10 -55.96
C LEU CA 68 11.32 -0.89 -54.62
N ARG CA 69 11.87 -1.95 -54.02
CA ARG CA 69 12.57 -1.75 -52.76
C ARG CA 69 14.06 -1.54 -52.98
N ASN CA 70 14.74 -2.51 -53.61
CA ASN CA 70 16.19 -2.48 -53.64
C ASN CA 70 16.78 -1.66 -54.78
N LYS CA 71 15.95 -1.01 -55.59
CA LYS CA 71 16.32 -0.22 -56.76
C LYS CA 71 17.13 -1.00 -57.79
N GLU CA 72 16.99 -2.32 -57.83
CA GLU CA 72 17.75 -3.18 -58.72
C GLU CA 72 16.80 -4.20 -59.32
N ARG CA 73 16.96 -4.48 -60.61
CA ARG CA 73 16.20 -5.56 -61.20
C ARG CA 73 16.67 -6.89 -60.65
N ILE CA 74 15.74 -7.79 -60.42
CA ILE CA 74 16.00 -9.02 -59.69
C ILE CA 74 16.79 -10.00 -60.55
N SER CA 75 17.67 -10.76 -59.91
CA SER CA 75 18.44 -11.76 -60.62
C SER CA 75 17.55 -12.95 -60.97
N VAL CA 76 18.03 -13.78 -61.89
CA VAL CA 76 17.21 -14.88 -62.42
C VAL CA 76 17.09 -15.99 -61.38
N ALA CA 77 18.20 -16.30 -60.70
CA ALA CA 77 18.21 -17.36 -59.70
C ALA CA 77 17.35 -17.01 -58.50
N ALA CA 78 17.23 -15.71 -58.21
CA ALA CA 78 16.34 -15.26 -57.16
C ALA CA 78 14.88 -15.49 -57.52
N ALA CA 79 14.54 -15.22 -58.77
CA ALA CA 79 13.17 -15.43 -59.25
C ALA CA 79 12.82 -16.91 -59.23
N SER CA 80 13.77 -17.75 -59.63
CA SER CA 80 13.54 -19.19 -59.58
C SER CA 80 13.41 -19.69 -58.16
N LYS CA 81 14.19 -19.12 -57.24
CA LYS CA 81 14.13 -19.56 -55.85
C LYS CA 81 12.81 -19.16 -55.19
N LEU CA 82 12.35 -17.92 -55.47
CA LEU CA 82 11.06 -17.48 -54.94
C LEU CA 82 9.92 -18.30 -55.51
N LEU CA 83 10.02 -18.65 -56.79
CA LEU CA 83 8.97 -19.46 -57.40
C LEU CA 83 8.94 -20.86 -56.81
N ALA CA 84 10.12 -21.43 -56.53
CA ALA CA 84 10.14 -22.76 -55.92
C ALA CA 84 9.64 -22.73 -54.48
N ASN CA 85 9.92 -21.65 -53.75
CA ASN CA 85 9.39 -21.54 -52.39
C ASN CA 85 7.89 -21.32 -52.38
N MET CA 86 7.35 -20.70 -53.43
CA MET CA 86 5.90 -20.58 -53.49
C MET CA 86 5.25 -21.90 -53.90
N VAL CA 87 5.85 -22.63 -54.83
CA VAL CA 87 5.24 -23.88 -55.31
C VAL CA 87 5.32 -24.96 -54.25
N TYR CA 88 6.40 -25.00 -53.46
CA TYR CA 88 6.73 -26.17 -52.66
C TYR CA 88 5.72 -26.44 -51.54
N GLN CA 89 5.07 -25.40 -51.01
CA GLN CA 89 4.18 -25.58 -49.87
C GLN CA 89 2.94 -26.39 -50.23
N TYR CA 90 2.55 -26.39 -51.49
CA TYR CA 90 1.38 -27.12 -51.95
C TYR CA 90 1.73 -28.52 -52.43
N LYS CA 91 2.85 -29.07 -52.00
CA LYS CA 91 3.24 -30.42 -52.42
C LYS CA 91 2.34 -31.47 -51.78
N GLY CA 92 1.61 -32.19 -52.63
CA GLY CA 92 0.64 -33.14 -52.17
C GLY CA 92 -0.80 -32.73 -52.39
N MET CA 93 -1.04 -31.59 -53.03
CA MET CA 93 -2.39 -31.19 -53.41
C MET CA 93 -2.67 -31.36 -54.89
N GLY CA 94 -1.64 -31.52 -55.71
CA GLY CA 94 -1.84 -31.89 -57.09
C GLY CA 94 -1.68 -30.78 -58.11
N LEU CA 95 -0.73 -29.88 -57.88
CA LEU CA 95 -0.36 -28.88 -58.87
C LEU CA 95 0.46 -29.54 -59.96
N SER CA 96 0.15 -29.25 -61.20
CA SER CA 96 0.94 -29.69 -62.34
C SER CA 96 1.54 -28.47 -63.02
N MET CA 97 2.83 -28.23 -62.75
CA MET CA 97 3.47 -26.99 -63.17
C MET CA 97 4.89 -27.30 -63.63
N GLY CA 98 5.14 -27.12 -64.92
CA GLY CA 98 6.45 -27.41 -65.48
C GLY CA 98 7.14 -26.21 -66.10
N THR CA 99 7.13 -25.08 -65.40
CA THR CA 99 7.60 -23.84 -66.00
C THR CA 99 9.12 -23.81 -66.16
N MET CA 100 9.58 -22.76 -66.84
CA MET CA 100 10.99 -22.41 -66.93
C MET CA 100 11.12 -20.92 -66.69
N ILE CA 101 12.29 -20.49 -66.24
CA ILE CA 101 12.57 -19.08 -66.00
C ILE CA 101 13.77 -18.69 -66.84
N CYS CA 102 13.65 -17.61 -67.61
CA CYS CA 102 14.68 -17.17 -68.53
C CYS CA 102 14.89 -15.68 -68.30
N GLY CA 103 16.14 -15.24 -68.40
CA GLY CA 103 16.38 -13.81 -68.29
C GLY CA 103 17.85 -13.49 -68.30
N TRP CA 104 18.15 -12.20 -68.46
CA TRP CA 104 19.51 -11.73 -68.39
C TRP CA 104 19.81 -11.25 -66.98
N ASP CA 105 21.06 -11.41 -66.55
CA ASP CA 105 21.46 -11.13 -65.19
C ASP CA 105 22.80 -10.39 -65.22
N LYS CA 106 23.29 -10.04 -64.03
CA LYS CA 106 24.63 -9.48 -63.91
C LYS CA 106 25.68 -10.53 -64.29
N ARG CA 107 25.36 -11.80 -64.12
CA ARG CA 107 26.30 -12.86 -64.48
C ARG CA 107 26.12 -13.30 -65.93
N GLY CA 108 25.21 -12.66 -66.65
CA GLY CA 108 25.12 -12.81 -68.08
C GLY CA 108 23.81 -13.44 -68.53
N PRO CA 109 23.91 -14.46 -69.38
CA PRO CA 109 22.73 -15.25 -69.72
C PRO CA 109 22.28 -16.08 -68.52
N GLY CA 110 21.01 -16.48 -68.52
CA GLY CA 110 20.49 -17.25 -67.42
C GLY CA 110 19.31 -18.12 -67.80
N LEU CA 111 19.18 -19.26 -67.13
CA LEU CA 111 18.12 -20.21 -67.38
C LEU CA 111 17.96 -21.13 -66.18
N TYR CA 112 16.72 -21.35 -65.76
CA TYR CA 112 16.41 -22.29 -64.70
C TYR CA 112 15.12 -23.01 -65.04
N TYR CA 113 14.90 -24.13 -64.35
CA TYR CA 113 13.76 -25.00 -64.62
C TYR CA 113 13.12 -25.40 -63.31
N VAL CA 114 11.82 -25.16 -63.19
CA VAL CA 114 11.10 -25.32 -61.93
C VAL CA 114 9.96 -26.30 -62.12
N ASP CA 115 9.98 -27.40 -61.39
CA ASP CA 115 8.93 -28.40 -61.40
C ASP CA 115 7.96 -28.17 -60.26
N SER CA 116 6.77 -28.76 -60.40
CA SER CA 116 5.81 -28.72 -59.32
C SER CA 116 6.19 -29.64 -58.18
N GLU CA 117 7.04 -30.64 -58.43
CA GLU CA 117 7.54 -31.48 -57.35
C GLU CA 117 8.56 -30.74 -56.49
N GLY CA 118 9.23 -29.73 -57.04
CA GLY CA 118 10.24 -29.00 -56.33
C GLY CA 118 11.63 -29.07 -56.93
N ASN CA 119 11.76 -29.54 -58.17
CA ASN CA 119 13.05 -29.54 -58.85
C ASN CA 119 13.44 -28.12 -59.18
N ARG CA 120 14.73 -27.83 -59.11
CA ARG CA 120 15.29 -26.54 -59.50
C ARG CA 120 16.71 -26.79 -59.98
N ILE CA 121 16.92 -26.72 -61.29
CA ILE CA 121 18.22 -26.99 -61.88
C ILE CA 121 18.51 -25.97 -62.97
N SER CA 122 19.73 -25.45 -62.94
CA SER CA 122 20.28 -24.65 -64.03
C SER CA 122 20.70 -25.58 -65.13
N GLY CA 123 20.95 -25.03 -66.32
CA GLY CA 123 21.44 -25.87 -67.39
C GLY CA 123 21.66 -25.10 -68.67
N ALA CA 124 22.21 -25.81 -69.65
CA ALA CA 124 22.37 -25.23 -70.97
C ALA CA 124 21.08 -25.37 -71.76
N THR CA 125 20.60 -26.58 -71.95
CA THR CA 125 19.44 -26.85 -72.77
C THR CA 125 18.35 -27.50 -71.94
N PHE CA 126 17.10 -27.25 -72.34
CA PHE CA 126 15.93 -27.89 -71.72
C PHE CA 126 14.84 -28.06 -72.75
N SER CA 127 13.91 -28.95 -72.47
CA SER CA 127 12.65 -29.04 -73.19
C SER CA 127 11.64 -29.69 -72.27
N VAL CA 128 10.45 -29.09 -72.18
CA VAL CA 128 9.46 -29.49 -71.18
C VAL CA 128 8.15 -29.79 -71.89
N GLY CA 129 7.55 -30.92 -71.56
CA GLY CA 129 6.21 -31.20 -72.01
C GLY CA 129 6.10 -32.63 -72.49
N SER CA 130 4.99 -32.90 -73.18
CA SER CA 130 4.73 -34.23 -73.70
C SER CA 130 5.65 -34.54 -74.87
N GLY CA 131 5.76 -33.61 -75.81
CA GLY CA 131 6.69 -33.74 -76.92
C GLY CA 131 8.08 -33.26 -76.62
N SER CA 132 8.50 -33.26 -75.36
CA SER CA 132 9.83 -32.76 -75.03
C SER CA 132 10.91 -33.75 -75.41
N VAL CA 133 10.63 -35.05 -75.24
CA VAL CA 133 11.59 -36.08 -75.56
C VAL CA 133 11.80 -36.17 -77.07
N TYR CA 134 10.82 -35.71 -77.83
CA TYR CA 134 10.98 -35.52 -79.26
C TYR CA 134 11.81 -34.29 -79.59
N ALA CA 135 12.00 -33.38 -78.64
CA ALA CA 135 12.72 -32.16 -78.93
C ALA CA 135 14.18 -32.25 -78.54
N TYR CA 136 14.50 -33.02 -77.48
CA TYR CA 136 15.90 -33.25 -77.12
C TYR CA 136 16.70 -33.92 -78.23
N GLY CA 137 16.04 -34.76 -79.03
CA GLY CA 137 16.75 -35.55 -80.02
C GLY CA 137 17.31 -34.71 -81.14
N VAL CA 138 16.46 -33.93 -81.80
CA VAL CA 138 16.96 -33.05 -82.85
C VAL CA 138 17.69 -31.84 -82.25
N MET CA 139 17.38 -31.48 -81.00
CA MET CA 139 17.99 -30.30 -80.42
C MET CA 139 19.43 -30.56 -80.03
N ASP CA 140 19.76 -31.80 -79.68
CA ASP CA 140 21.13 -32.06 -79.24
C ASP CA 140 22.09 -32.38 -80.38
N ARG CA 141 21.61 -32.45 -81.62
CA ARG CA 141 22.51 -32.79 -82.71
C ARG CA 141 23.13 -31.55 -83.34
N GLY CA 142 22.36 -30.47 -83.50
CA GLY CA 142 22.89 -29.25 -84.06
C GLY CA 142 23.37 -28.22 -83.08
N TYR CA 143 23.35 -28.52 -81.78
CA TYR CA 143 23.66 -27.51 -80.78
C TYR CA 143 25.14 -27.51 -80.42
N SER CA 144 25.68 -26.32 -80.28
CA SER CA 144 26.94 -26.09 -79.58
C SER CA 144 26.83 -24.73 -78.94
N TYR CA 145 27.93 -24.25 -78.36
CA TYR CA 145 27.90 -22.92 -77.77
C TYR CA 145 27.95 -21.85 -78.84
N ASP CA 146 28.75 -22.06 -79.87
CA ASP CA 146 28.94 -21.10 -80.94
C ASP CA 146 27.93 -21.25 -82.07
N LEU CA 147 26.82 -20.52 -82.02
CA LEU CA 147 25.91 -20.49 -83.15
C LEU CA 147 25.60 -19.05 -83.54
N GLU CA 148 25.23 -18.84 -84.79
CA GLU CA 148 24.78 -17.52 -85.20
C GLU CA 148 23.32 -17.32 -84.82
N VAL CA 149 22.82 -16.12 -85.13
CA VAL CA 149 21.45 -15.76 -84.78
C VAL CA 149 20.45 -16.49 -85.65
N GLU CA 150 20.60 -16.42 -86.98
CA GLU CA 150 19.70 -17.12 -87.87
C GLU CA 150 19.84 -18.64 -87.76
N GLN CA 151 21.04 -19.11 -87.41
CA GLN CA 151 21.24 -20.54 -87.19
C GLN CA 151 20.45 -21.02 -85.97
N ALA CA 152 20.49 -20.24 -84.88
CA ALA CA 152 19.76 -20.63 -83.68
C ALA CA 152 18.25 -20.50 -83.89
N TYR CA 153 17.84 -19.54 -84.72
CA TYR CA 153 16.42 -19.44 -85.06
C TYR CA 153 15.96 -20.65 -85.86
N ASP CA 154 16.79 -21.09 -86.80
CA ASP CA 154 16.41 -22.24 -87.63
C ASP CA 154 16.42 -23.53 -86.83
N LEU CA 155 17.35 -23.68 -85.89
CA LEU CA 155 17.35 -24.86 -85.04
C LEU CA 155 16.15 -24.85 -84.11
N ALA CA 156 15.92 -23.73 -83.42
CA ALA CA 156 14.85 -23.66 -82.43
C ALA CA 156 13.48 -23.63 -83.08
N ARG CA 157 13.41 -23.40 -84.38
CA ARG CA 157 12.14 -23.58 -85.06
C ARG CA 157 11.98 -25.01 -85.58
N ARG CA 158 13.10 -25.61 -86.03
CA ARG CA 158 13.05 -26.99 -86.53
C ARG CA 158 12.66 -27.97 -85.43
N ALA CA 159 13.13 -27.74 -84.21
CA ALA CA 159 12.87 -28.68 -83.13
C ALA CA 159 11.40 -28.66 -82.71
N ILE CA 160 10.80 -27.47 -82.67
CA ILE CA 160 9.36 -27.36 -82.46
C ILE CA 160 8.61 -28.00 -83.62
N TYR CA 161 9.16 -27.92 -84.84
CA TYR CA 161 8.49 -28.55 -85.97
C TYR CA 161 8.47 -30.07 -85.85
N GLN CA 162 9.56 -30.67 -85.39
CA GLN CA 162 9.57 -32.11 -85.19
C GLN CA 162 8.68 -32.50 -84.01
N ALA CA 163 8.60 -31.63 -83.01
CA ALA CA 163 7.75 -31.91 -81.86
C ALA CA 163 6.27 -31.89 -82.23
N THR CA 164 5.86 -30.91 -83.03
CA THR CA 164 4.45 -30.86 -83.44
C THR CA 164 4.16 -31.89 -84.51
N TYR CA 165 5.17 -32.33 -85.24
CA TYR CA 165 4.95 -33.41 -86.20
C TYR CA 165 4.70 -34.72 -85.48
N ARG CA 166 5.66 -35.19 -84.69
CA ARG CA 166 5.61 -36.56 -84.21
C ARG CA 166 4.59 -36.75 -83.10
N ASP CA 167 4.61 -35.89 -82.10
CA ASP CA 167 3.61 -35.91 -81.04
C ASP CA 167 2.26 -35.51 -81.62
N ALA CA 168 1.18 -35.96 -80.97
CA ALA CA 168 -0.14 -35.48 -81.34
C ALA CA 168 -0.58 -34.29 -80.49
N TYR CA 169 -0.05 -34.15 -79.28
CA TYR CA 169 -0.47 -33.09 -78.38
C TYR CA 169 0.16 -31.74 -78.67
N SER CA 170 0.94 -31.61 -79.74
CA SER CA 170 1.59 -30.35 -80.07
C SER CA 170 1.23 -29.92 -81.47
N GLY CA 171 0.86 -28.66 -81.62
CA GLY CA 171 0.48 -28.11 -82.90
C GLY CA 171 0.24 -26.63 -82.80
N GLY CA 172 -0.24 -26.05 -83.89
CA GLY CA 172 -0.58 -24.64 -83.86
C GLY CA 172 0.58 -23.78 -84.34
N ALA CA 173 0.76 -22.63 -83.70
CA ALA CA 173 1.80 -21.72 -84.13
C ALA CA 173 3.16 -22.18 -83.61
N VAL CA 174 4.21 -21.46 -84.00
CA VAL CA 174 5.54 -21.61 -83.42
C VAL CA 174 5.94 -20.24 -82.89
N ASN CA 175 5.72 -20.02 -81.60
CA ASN CA 175 6.02 -18.73 -80.99
C ASN CA 175 7.47 -18.73 -80.55
N LEU CA 176 8.27 -17.85 -81.14
CA LEU CA 176 9.70 -17.82 -80.92
C LEU CA 176 10.11 -16.48 -80.32
N TYR CA 177 10.83 -16.52 -79.21
CA TYR CA 177 11.31 -15.31 -78.54
C TYR CA 177 12.83 -15.28 -78.52
N HIS CA 178 13.37 -14.16 -78.04
CA HIS CA 178 14.81 -13.95 -77.95
C HIS CA 178 15.09 -13.07 -76.75
N VAL CA 179 15.94 -13.55 -75.86
CA VAL CA 179 16.38 -12.80 -74.69
C VAL CA 179 17.75 -12.24 -74.97
N ARG CA 180 17.97 -10.97 -74.65
CA ARG CA 180 19.28 -10.34 -74.78
C ARG CA 180 19.58 -9.60 -73.50
N GLU CA 181 20.68 -8.83 -73.52
CA GLU CA 181 21.06 -8.05 -72.34
C GLU CA 181 20.09 -6.91 -72.07
N ASP CA 182 19.57 -6.28 -73.11
CA ASP CA 182 18.73 -5.10 -72.97
C ASP CA 182 17.25 -5.43 -72.87
N GLY CA 183 16.89 -6.59 -72.37
CA GLY CA 183 15.49 -6.95 -72.35
C GLY CA 183 15.11 -7.74 -73.58
N TRP CA 184 14.10 -8.60 -73.42
CA TRP CA 184 13.76 -9.57 -74.46
C TRP CA 184 13.10 -8.90 -75.65
N ILE CA 185 12.98 -9.66 -76.74
CA ILE CA 185 12.38 -9.18 -77.96
C ILE CA 185 11.75 -10.36 -78.69
N ARG CA 186 10.52 -10.18 -79.15
CA ARG CA 186 9.85 -11.20 -79.95
C ARG CA 186 10.50 -11.30 -81.32
N VAL CA 187 10.59 -12.53 -81.83
CA VAL CA 187 11.17 -12.73 -83.15
C VAL CA 187 10.06 -12.85 -84.18
N SER CA 188 9.23 -13.89 -84.04
CA SER CA 188 8.27 -14.23 -85.08
C SER CA 188 7.24 -15.20 -84.54
N SER CA 189 6.24 -15.48 -85.36
CA SER CA 189 5.23 -16.49 -85.07
C SER CA 189 4.82 -17.15 -86.37
N ASP CA 190 5.49 -18.25 -86.72
CA ASP CA 190 5.25 -18.95 -87.96
C ASP CA 190 4.32 -20.12 -87.71
N ASN CA 191 3.30 -20.23 -88.55
CA ASN CA 191 2.36 -21.32 -88.44
C ASN CA 191 2.97 -22.59 -89.03
N VAL CA 192 2.61 -23.73 -88.44
CA VAL CA 192 3.21 -25.02 -88.82
C VAL CA 192 2.83 -25.40 -90.24
N ALA CA 193 1.58 -25.12 -90.63
CA ALA CA 193 1.11 -25.43 -91.97
C ALA CA 193 1.87 -24.66 -93.04
N ASP CA 194 2.39 -23.48 -92.71
CA ASP CA 194 3.31 -22.80 -93.59
C ASP CA 194 4.72 -23.35 -93.52
N LEU CA 195 5.14 -23.83 -92.35
CA LEU CA 195 6.49 -24.36 -92.19
C LEU CA 195 6.69 -25.70 -92.88
N HIS CA 196 5.61 -26.45 -93.11
CA HIS CA 196 5.76 -27.73 -93.79
C HIS CA 196 6.15 -27.53 -95.25
N GLU CA 197 5.66 -26.45 -95.87
CA GLU CA 197 6.13 -26.03 -97.18
C GLU CA 197 7.61 -25.65 -97.17
N LYS CA 198 8.10 -25.13 -96.05
CA LYS CA 198 9.49 -24.67 -95.98
C LYS CA 198 10.44 -25.83 -95.79
N TYR CA 199 10.25 -26.62 -94.73
CA TYR CA 199 11.22 -27.67 -94.43
C TYR CA 199 10.89 -28.98 -95.13
N SER CA 200 9.76 -29.08 -95.81
CA SER CA 200 9.45 -30.32 -96.52
C SER CA 200 10.31 -30.53 -97.76
N GLY CA 201 10.94 -29.47 -98.27
CA GLY CA 201 11.79 -29.58 -99.44
C GLY CA 201 11.43 -28.59 -100.53
N ARG DA 1 -22.34 -42.25 -53.11
CA ARG DA 1 -22.51 -41.33 -51.99
C ARG DA 1 -23.04 -39.98 -52.47
N PHE DA 2 -22.99 -38.99 -51.58
CA PHE DA 2 -23.28 -37.63 -51.98
C PHE DA 2 -22.17 -37.11 -52.88
N SER DA 3 -22.42 -37.12 -54.18
CA SER DA 3 -21.43 -36.63 -55.15
C SER DA 3 -21.81 -35.20 -55.51
N PRO DA 4 -21.02 -34.21 -55.10
CA PRO DA 4 -21.53 -32.83 -55.11
C PRO DA 4 -21.57 -32.16 -56.48
N TYR DA 5 -21.35 -32.86 -57.57
CA TYR DA 5 -21.43 -32.29 -58.92
C TYR DA 5 -22.53 -33.00 -59.70
N VAL DA 6 -23.25 -32.24 -60.52
CA VAL DA 6 -24.19 -32.78 -61.48
C VAL DA 6 -24.15 -31.91 -62.73
N PHE DA 7 -24.27 -32.53 -63.89
CA PHE DA 7 -24.14 -31.84 -65.16
C PHE DA 7 -25.51 -31.38 -65.63
N ASN DA 8 -25.63 -30.10 -65.94
CA ASN DA 8 -26.88 -29.55 -66.43
C ASN DA 8 -26.90 -29.34 -67.93
N GLY DA 9 -25.82 -28.85 -68.50
CA GLY DA 9 -25.80 -28.58 -69.93
C GLY DA 9 -26.13 -27.15 -70.27
N GLY DA 10 -26.47 -26.95 -71.53
CA GLY DA 10 -26.59 -25.62 -72.09
C GLY DA 10 -25.34 -25.36 -72.92
N THR DA 11 -25.48 -24.49 -73.91
CA THR DA 11 -24.38 -24.21 -74.83
C THR DA 11 -24.30 -22.72 -75.09
N ILE DA 12 -23.16 -22.13 -74.78
CA ILE DA 12 -22.94 -20.69 -74.89
C ILE DA 12 -22.17 -20.43 -76.18
N LEU DA 13 -22.54 -19.38 -76.89
CA LEU DA 13 -21.87 -19.00 -78.13
C LEU DA 13 -21.52 -17.53 -78.07
N ALA DA 14 -20.33 -17.17 -78.54
CA ALA DA 14 -19.92 -15.77 -78.59
C ALA DA 14 -19.10 -15.50 -79.84
N ILE DA 15 -19.39 -14.40 -80.51
CA ILE DA 15 -18.68 -13.99 -81.73
C ILE DA 15 -18.32 -12.52 -81.57
N ALA DA 16 -17.03 -12.21 -81.67
CA ALA DA 16 -16.55 -10.84 -81.57
C ALA DA 16 -16.56 -10.20 -82.96
N GLY DA 17 -17.27 -9.09 -83.09
CA GLY DA 17 -17.30 -8.36 -84.33
C GLY DA 17 -16.30 -7.23 -84.36
N GLU DA 18 -16.51 -6.33 -85.33
CA GLU DA 18 -15.63 -5.19 -85.49
C GLU DA 18 -15.91 -4.13 -84.45
N ASP DA 19 -17.18 -3.78 -84.27
CA ASP DA 19 -17.60 -2.90 -83.20
C ASP DA 19 -18.68 -3.49 -82.32
N PHE DA 20 -18.93 -4.79 -82.43
CA PHE DA 20 -20.03 -5.44 -81.73
C PHE DA 20 -19.55 -6.77 -81.17
N ALA DA 21 -20.42 -7.40 -80.38
CA ALA DA 21 -20.17 -8.72 -79.84
C ALA DA 21 -21.52 -9.35 -79.53
N ILE DA 22 -21.74 -10.55 -80.04
CA ILE DA 22 -22.99 -11.27 -79.87
C ILE DA 22 -22.75 -12.44 -78.95
N VAL DA 23 -23.50 -12.48 -77.85
CA VAL DA 23 -23.45 -13.60 -76.90
C VAL DA 23 -24.83 -14.25 -76.93
N ALA DA 24 -24.86 -15.57 -77.09
CA ALA DA 24 -26.11 -16.29 -77.21
C ALA DA 24 -26.05 -17.61 -76.46
N SER DA 25 -27.19 -18.01 -75.89
CA SER DA 25 -27.23 -19.24 -75.10
C SER DA 25 -28.62 -19.84 -75.18
N ASP DA 26 -28.66 -21.17 -75.20
CA ASP DA 26 -29.91 -21.91 -75.08
C ASP DA 26 -30.41 -21.86 -73.64
N THR DA 27 -31.66 -22.28 -73.45
CA THR DA 27 -32.35 -22.05 -72.18
C THR DA 27 -32.79 -23.33 -71.47
N ARG DA 28 -32.58 -24.49 -72.07
CA ARG DA 28 -33.03 -25.75 -71.50
C ARG DA 28 -32.16 -26.13 -70.31
N LEU DA 29 -32.70 -26.02 -69.11
CA LEU DA 29 -32.03 -26.48 -67.90
C LEU DA 29 -32.53 -27.88 -67.56
N SER DA 30 -31.64 -28.86 -67.63
CA SER DA 30 -32.06 -30.25 -67.51
C SER DA 30 -31.08 -31.02 -66.66
N GLU DA 31 -31.60 -31.88 -65.80
CA GLU DA 31 -30.76 -32.76 -64.98
C GLU DA 31 -31.06 -34.20 -65.36
N GLY DA 32 -30.01 -34.95 -65.69
CA GLY DA 32 -30.18 -36.33 -66.08
C GLY DA 32 -30.87 -36.46 -67.43
N PHE DA 33 -32.05 -37.07 -67.41
CA PHE DA 33 -32.82 -37.22 -68.63
C PHE DA 33 -34.10 -36.41 -68.59
N SER DA 34 -34.42 -35.84 -67.43
CA SER DA 34 -35.65 -35.06 -67.30
C SER DA 34 -35.44 -33.67 -67.87
N ILE DA 35 -36.53 -32.90 -67.90
CA ILE DA 35 -36.50 -31.48 -68.21
C ILE DA 35 -37.04 -30.73 -67.01
N HIS DA 36 -36.23 -29.85 -66.43
CA HIS DA 36 -36.72 -29.05 -65.33
C HIS DA 36 -37.47 -27.83 -65.82
N THR DA 37 -36.94 -27.15 -66.84
CA THR DA 37 -37.65 -26.01 -67.39
C THR DA 37 -37.33 -25.86 -68.87
N ARG DA 38 -38.16 -25.09 -69.55
CA ARG DA 38 -37.94 -24.78 -70.95
C ARG DA 38 -37.62 -23.31 -71.15
N ASP DA 39 -37.47 -22.55 -70.07
CA ASP DA 39 -37.06 -21.16 -70.11
C ASP DA 39 -36.12 -20.91 -68.94
N SER DA 40 -34.84 -20.76 -69.25
CA SER DA 40 -33.84 -20.40 -68.25
C SER DA 40 -32.64 -19.80 -68.97
N PRO DA 41 -32.67 -18.49 -69.22
CA PRO DA 41 -31.60 -17.87 -70.01
C PRO DA 41 -30.30 -17.76 -69.22
N LYS DA 42 -29.19 -17.91 -69.93
CA LYS DA 42 -27.86 -17.88 -69.33
C LYS DA 42 -27.15 -16.54 -69.50
N CYS DA 43 -27.47 -15.78 -70.54
CA CYS DA 43 -26.77 -14.53 -70.82
C CYS DA 43 -27.15 -13.49 -69.79
N TYR DA 44 -26.15 -12.90 -69.14
CA TYR DA 44 -26.33 -12.06 -67.98
C TYR DA 44 -25.72 -10.70 -68.24
N LYS DA 45 -26.47 -9.64 -67.95
CA LYS DA 45 -25.99 -8.27 -68.11
C LYS DA 45 -25.16 -7.92 -66.89
N LEU DA 46 -23.88 -7.62 -67.10
CA LEU DA 46 -23.03 -7.16 -66.00
C LEU DA 46 -22.99 -5.65 -65.95
N THR DA 47 -22.47 -5.04 -67.01
CA THR DA 47 -22.43 -3.60 -67.18
C THR DA 47 -23.25 -3.25 -68.41
N ASP DA 48 -23.12 -1.99 -68.83
CA ASP DA 48 -23.68 -1.59 -70.12
C ASP DA 48 -22.99 -2.29 -71.28
N LYS DA 49 -21.70 -2.58 -71.17
CA LYS DA 49 -20.93 -3.03 -72.31
C LYS DA 49 -20.21 -4.35 -72.07
N THR DA 50 -20.71 -5.21 -71.18
CA THR DA 50 -20.08 -6.51 -70.93
C THR DA 50 -21.15 -7.50 -70.49
N VAL DA 51 -21.32 -8.56 -71.27
CA VAL DA 51 -22.34 -9.57 -71.02
C VAL DA 51 -21.67 -10.92 -70.87
N ILE DA 52 -21.91 -11.57 -69.74
CA ILE DA 52 -21.28 -12.85 -69.41
C ILE DA 52 -22.27 -13.97 -69.70
N GLY DA 53 -21.75 -15.14 -70.05
CA GLY DA 53 -22.53 -16.35 -70.08
C GLY DA 53 -21.91 -17.39 -69.18
N CYS DA 54 -22.76 -18.22 -68.58
CA CYS DA 54 -22.31 -19.20 -67.59
C CYS DA 54 -23.11 -20.47 -67.75
N SER DA 55 -22.43 -21.58 -68.08
CA SER DA 55 -23.08 -22.88 -68.18
C SER DA 55 -22.35 -23.89 -67.31
N GLY DA 56 -22.73 -25.15 -67.47
CA GLY DA 56 -22.25 -26.20 -66.61
C GLY DA 56 -23.22 -26.47 -65.49
N PHE DA 57 -22.65 -26.74 -64.31
CA PHE DA 57 -23.43 -26.86 -63.08
C PHE DA 57 -24.12 -25.53 -62.77
N HIS DA 58 -25.38 -25.58 -62.39
CA HIS DA 58 -26.21 -24.38 -62.34
C HIS DA 58 -26.04 -23.56 -61.07
N GLY DA 59 -25.87 -24.21 -59.91
CA GLY DA 59 -25.76 -23.48 -58.67
C GLY DA 59 -24.48 -22.66 -58.59
N ASP DA 60 -23.42 -23.15 -59.22
CA ASP DA 60 -22.21 -22.38 -59.31
C ASP DA 60 -22.33 -21.24 -60.32
N CYS DA 61 -23.21 -21.38 -61.32
CA CYS DA 61 -23.49 -20.26 -62.21
C CYS DA 61 -24.22 -19.14 -61.47
N LEU DA 62 -25.17 -19.51 -60.62
CA LEU DA 62 -25.88 -18.50 -59.83
C LEU DA 62 -24.94 -17.83 -58.83
N THR DA 63 -24.16 -18.62 -58.11
CA THR DA 63 -23.22 -18.12 -57.11
C THR DA 63 -22.17 -17.21 -57.73
N LEU DA 64 -21.60 -17.66 -58.85
CA LEU DA 64 -20.56 -16.90 -59.52
C LEU DA 64 -21.12 -15.60 -60.11
N THR DA 65 -22.33 -15.67 -60.66
CA THR DA 65 -22.98 -14.47 -61.18
C THR DA 65 -23.21 -13.44 -60.08
N LYS DA 66 -23.62 -13.90 -58.90
CA LYS DA 66 -23.90 -12.96 -57.83
C LYS DA 66 -22.62 -12.39 -57.21
N ILE DA 67 -21.54 -13.18 -57.17
CA ILE DA 67 -20.28 -12.65 -56.65
C ILE DA 67 -19.70 -11.61 -57.61
N ILE DA 68 -19.78 -11.89 -58.92
CA ILE DA 68 -19.29 -10.93 -59.92
C ILE DA 68 -20.09 -9.64 -59.89
N GLU DA 69 -21.42 -9.74 -59.84
CA GLU DA 69 -22.23 -8.54 -59.80
C GLU DA 69 -22.13 -7.82 -58.46
N ALA DA 70 -21.58 -8.48 -57.44
CA ALA DA 70 -21.22 -7.74 -56.23
C ALA DA 70 -19.92 -6.96 -56.42
N ARG DA 71 -18.86 -7.62 -56.92
CA ARG DA 71 -17.56 -6.97 -56.97
C ARG DA 71 -17.49 -5.89 -58.04
N LEU DA 72 -18.39 -5.92 -59.02
CA LEU DA 72 -18.55 -4.79 -59.93
C LEU DA 72 -18.96 -3.53 -59.18
N LYS DA 73 -19.96 -3.64 -58.32
CA LYS DA 73 -20.44 -2.47 -57.61
C LYS DA 73 -19.47 -2.07 -56.50
N MET DA 74 -18.66 -3.01 -56.01
CA MET DA 74 -17.58 -2.62 -55.11
C MET DA 74 -16.53 -1.81 -55.84
N TYR DA 75 -16.22 -2.19 -57.08
CA TYR DA 75 -15.27 -1.40 -57.88
C TYR DA 75 -15.85 -0.03 -58.21
N LYS DA 76 -17.16 0.03 -58.47
CA LYS DA 76 -17.78 1.32 -58.79
C LYS DA 76 -17.80 2.23 -57.56
N HIS DA 77 -18.02 1.65 -56.39
CA HIS DA 77 -17.98 2.43 -55.16
C HIS DA 77 -16.58 2.86 -54.79
N SER DA 78 -15.55 2.11 -55.19
CA SER DA 78 -14.20 2.53 -54.85
C SER DA 78 -13.68 3.56 -55.83
N ASN DA 79 -13.80 3.28 -57.13
CA ASN DA 79 -12.94 3.98 -58.07
C ASN DA 79 -13.71 4.81 -59.08
N ASN DA 80 -14.99 5.09 -58.82
CA ASN DA 80 -15.80 6.10 -59.51
C ASN DA 80 -15.99 5.84 -61.00
N LYS DA 81 -15.78 4.61 -61.47
CA LYS DA 81 -15.99 4.25 -62.86
C LYS DA 81 -16.21 2.75 -62.96
N ALA DA 82 -16.79 2.31 -64.06
CA ALA DA 82 -17.10 0.91 -64.21
C ALA DA 82 -15.84 0.12 -64.52
N MET DA 83 -15.90 -1.19 -64.28
CA MET DA 83 -14.81 -2.08 -64.65
C MET DA 83 -14.72 -2.19 -66.16
N THR DA 84 -13.49 -2.16 -66.66
CA THR DA 84 -13.25 -2.44 -68.06
C THR DA 84 -13.46 -3.93 -68.32
N THR DA 85 -13.61 -4.27 -69.60
CA THR DA 85 -13.82 -5.67 -69.95
C THR DA 85 -12.55 -6.48 -69.72
N GLY DA 86 -11.39 -5.85 -69.85
CA GLY DA 86 -10.14 -6.51 -69.53
C GLY DA 86 -9.94 -6.75 -68.04
N ALA DA 87 -10.55 -5.94 -67.19
CA ALA DA 87 -10.36 -6.13 -65.76
C ALA DA 87 -11.24 -7.25 -65.21
N ILE DA 88 -12.42 -7.44 -65.80
CA ILE DA 88 -13.33 -8.50 -65.38
C ILE DA 88 -12.72 -9.85 -65.66
N ALA DA 89 -11.93 -9.95 -66.72
CA ALA DA 89 -11.25 -11.20 -67.05
C ALA DA 89 -10.23 -11.58 -65.99
N ALA DA 90 -9.45 -10.62 -65.53
CA ALA DA 90 -8.43 -10.92 -64.53
C ALA DA 90 -9.06 -11.21 -63.17
N MET DA 91 -10.10 -10.45 -62.82
CA MET DA 91 -10.78 -10.68 -61.54
C MET DA 91 -11.46 -12.04 -61.53
N LEU DA 92 -12.06 -12.42 -62.67
CA LEU DA 92 -12.70 -13.73 -62.76
C LEU DA 92 -11.68 -14.85 -62.77
N SER DA 93 -10.47 -14.58 -63.29
CA SER DA 93 -9.41 -15.55 -63.18
C SER DA 93 -9.01 -15.78 -61.72
N THR DA 94 -8.95 -14.70 -60.94
CA THR DA 94 -8.60 -14.85 -59.53
C THR DA 94 -9.73 -15.52 -58.74
N ILE DA 95 -10.98 -15.23 -59.08
CA ILE DA 95 -12.10 -15.84 -58.36
C ILE DA 95 -12.19 -17.31 -58.68
N LEU DA 96 -12.06 -17.66 -59.96
CA LEU DA 96 -12.13 -19.06 -60.36
C LEU DA 96 -10.92 -19.84 -59.89
N TYR DA 97 -9.81 -19.16 -59.60
CA TYR DA 97 -8.68 -19.91 -59.03
C TYR DA 97 -8.74 -19.92 -57.51
N SER DA 98 -9.56 -19.06 -56.90
CA SER DA 98 -9.62 -18.98 -55.44
C SER DA 98 -10.18 -20.25 -54.81
N ARG DA 99 -10.97 -21.02 -55.55
CA ARG DA 99 -11.52 -22.28 -55.08
C ARG DA 99 -10.89 -23.46 -55.81
N ARG DA 100 -9.58 -23.41 -56.04
CA ARG DA 100 -8.91 -24.39 -56.91
C ARG DA 100 -8.99 -25.80 -56.37
N PHE DA 101 -8.93 -25.97 -55.05
CA PHE DA 101 -8.81 -27.31 -54.50
C PHE DA 101 -10.18 -27.88 -54.13
N PHE DA 102 -11.25 -27.18 -54.51
CA PHE DA 102 -12.61 -27.73 -54.53
C PHE DA 102 -13.35 -27.01 -55.64
N PRO DA 103 -13.09 -27.40 -56.89
CA PRO DA 103 -13.26 -26.48 -58.01
C PRO DA 103 -14.71 -26.27 -58.40
N TYR DA 104 -14.96 -25.13 -59.03
CA TYR DA 104 -16.20 -24.92 -59.76
C TYR DA 104 -16.29 -25.90 -60.91
N TYR DA 105 -17.50 -26.20 -61.33
CA TYR DA 105 -17.72 -26.92 -62.57
C TYR DA 105 -18.56 -26.00 -63.45
N VAL DA 106 -17.89 -25.06 -64.10
CA VAL DA 106 -18.52 -23.97 -64.82
C VAL DA 106 -17.62 -23.57 -65.99
N TYR DA 107 -18.23 -23.48 -67.18
CA TYR DA 107 -17.56 -22.96 -68.36
C TYR DA 107 -18.04 -21.52 -68.58
N ASN DA 108 -17.11 -20.58 -68.57
CA ASN DA 108 -17.43 -19.17 -68.64
C ASN DA 108 -17.02 -18.58 -69.97
N ILE DA 109 -17.83 -17.63 -70.45
CA ILE DA 109 -17.55 -16.85 -71.64
C ILE DA 109 -17.95 -15.40 -71.37
N ILE DA 110 -17.02 -14.49 -71.54
CA ILE DA 110 -17.29 -13.06 -71.38
C ILE DA 110 -17.17 -12.38 -72.73
N GLY DA 111 -18.23 -11.71 -73.15
CA GLY DA 111 -18.16 -10.86 -74.33
C GLY DA 111 -18.38 -9.42 -73.93
N GLY DA 112 -18.00 -8.52 -74.82
CA GLY DA 112 -18.24 -7.11 -74.59
C GLY DA 112 -17.17 -6.27 -75.24
N LEU DA 113 -17.46 -4.98 -75.32
CA LEU DA 113 -16.59 -4.03 -76.01
C LEU DA 113 -15.42 -3.65 -75.13
N ASP DA 114 -14.29 -3.34 -75.76
CA ASP DA 114 -13.11 -2.84 -75.07
C ASP DA 114 -13.14 -1.31 -75.11
N GLU DA 115 -12.02 -0.67 -74.78
CA GLU DA 115 -11.93 0.79 -74.73
C GLU DA 115 -12.04 1.43 -76.11
N GLU DA 116 -11.78 0.68 -77.18
CA GLU DA 116 -11.58 1.26 -78.50
C GLU DA 116 -12.67 0.87 -79.49
N GLY DA 117 -13.81 0.40 -79.01
CA GLY DA 117 -14.89 0.02 -79.91
C GLY DA 117 -14.64 -1.25 -80.69
N LYS DA 118 -14.10 -2.28 -80.06
CA LYS DA 118 -13.80 -3.54 -80.73
C LYS DA 118 -14.32 -4.72 -79.93
N GLY DA 119 -14.53 -5.83 -80.61
CA GLY DA 119 -15.09 -7.01 -79.97
C GLY DA 119 -14.00 -7.78 -79.23
N ALA DA 120 -14.18 -7.94 -77.93
CA ALA DA 120 -13.21 -8.60 -77.09
C ALA DA 120 -13.89 -9.72 -76.31
N VAL DA 121 -13.89 -10.91 -76.87
CA VAL DA 121 -14.49 -12.07 -76.24
C VAL DA 121 -13.42 -12.86 -75.52
N TYR DA 122 -13.60 -13.05 -74.22
CA TYR DA 122 -12.67 -13.84 -73.43
C TYR DA 122 -13.35 -15.14 -73.04
N SER DA 123 -12.56 -16.21 -72.98
CA SER DA 123 -13.08 -17.52 -72.58
C SER DA 123 -12.28 -18.02 -71.39
N PHE DA 124 -12.77 -19.10 -70.78
CA PHE DA 124 -12.24 -19.57 -69.51
C PHE DA 124 -12.26 -21.08 -69.45
N ASP DA 125 -11.89 -21.59 -68.28
CA ASP DA 125 -12.00 -22.99 -67.90
C ASP DA 125 -12.23 -23.01 -66.40
N PRO DA 126 -12.74 -24.13 -65.85
CA PRO DA 126 -13.01 -24.17 -64.40
C PRO DA 126 -11.80 -23.99 -63.50
N VAL DA 127 -10.59 -24.27 -63.98
CA VAL DA 127 -9.43 -24.03 -63.13
C VAL DA 127 -9.02 -22.56 -63.18
N GLY DA 128 -9.30 -21.88 -64.29
CA GLY DA 128 -9.18 -20.44 -64.32
C GLY DA 128 -8.20 -19.86 -65.32
N SER DA 129 -7.73 -20.62 -66.29
CA SER DA 129 -6.92 -20.03 -67.36
C SER DA 129 -7.83 -19.26 -68.31
N TYR DA 130 -7.25 -18.28 -69.01
CA TYR DA 130 -8.06 -17.49 -69.91
C TYR DA 130 -7.23 -16.96 -71.05
N GLN DA 131 -7.92 -16.57 -72.12
CA GLN DA 131 -7.28 -16.00 -73.29
C GLN DA 131 -8.30 -15.18 -74.06
N ARG DA 132 -7.79 -14.28 -74.88
CA ARG DA 132 -8.63 -13.50 -75.77
C ARG DA 132 -8.80 -14.26 -77.08
N ASP DA 133 -10.05 -14.40 -77.53
CA ASP DA 133 -10.34 -15.12 -78.76
C ASP DA 133 -11.40 -14.39 -79.55
N SER DA 134 -11.43 -14.66 -80.86
CA SER DA 134 -12.40 -14.01 -81.73
C SER DA 134 -13.77 -14.65 -81.60
N PHE DA 135 -13.81 -15.95 -81.30
CA PHE DA 135 -15.06 -16.67 -81.15
C PHE DA 135 -14.81 -17.94 -80.37
N LYS DA 136 -15.69 -18.23 -79.41
CA LYS DA 136 -15.61 -19.45 -78.63
C LYS DA 136 -17.01 -20.02 -78.43
N ALA DA 137 -17.04 -21.24 -77.90
CA ALA DA 137 -18.28 -21.96 -77.66
C ALA DA 137 -18.02 -23.02 -76.61
N GLY DA 138 -18.69 -22.91 -75.48
CA GLY DA 138 -18.54 -23.83 -74.38
C GLY DA 138 -19.75 -24.75 -74.25
N GLY DA 139 -19.83 -25.40 -73.10
CA GLY DA 139 -20.96 -26.23 -72.79
C GLY DA 139 -20.90 -27.61 -73.45
N SER DA 140 -22.09 -28.19 -73.60
CA SER DA 140 -22.19 -29.59 -74.02
C SER DA 140 -22.10 -29.74 -75.52
N ALA DA 141 -22.09 -28.64 -76.27
CA ALA DA 141 -22.07 -28.76 -77.72
C ALA DA 141 -20.91 -27.98 -78.33
N SER DA 142 -19.77 -27.96 -77.66
CA SER DA 142 -18.60 -27.25 -78.18
C SER DA 142 -18.09 -27.91 -79.45
N ALA DA 143 -18.06 -29.24 -79.43
CA ALA DA 143 -17.58 -30.01 -80.57
C ALA DA 143 -18.59 -30.04 -81.71
N MET DA 144 -19.81 -29.54 -81.50
CA MET DA 144 -20.76 -29.37 -82.58
C MET DA 144 -20.80 -27.95 -83.11
N LEU DA 145 -19.98 -27.05 -82.58
CA LEU DA 145 -19.98 -25.68 -83.04
C LEU DA 145 -18.63 -25.24 -83.60
N GLN DA 146 -17.54 -25.54 -82.90
CA GLN DA 146 -16.25 -24.92 -83.19
C GLN DA 146 -15.70 -25.10 -84.61
N PRO DA 147 -15.75 -26.28 -85.26
CA PRO DA 147 -15.23 -26.31 -86.64
C PRO DA 147 -16.12 -25.58 -87.63
N LEU DA 148 -17.38 -25.34 -87.28
CA LEU DA 148 -18.27 -24.64 -88.19
C LEU DA 148 -17.99 -23.15 -88.18
N LEU DA 149 -17.71 -22.59 -87.01
CA LEU DA 149 -17.27 -21.20 -86.95
C LEU DA 149 -15.88 -21.05 -87.51
N ASP DA 150 -15.07 -22.12 -87.45
CA ASP DA 150 -13.81 -22.10 -88.19
C ASP DA 150 -14.05 -22.07 -89.70
N ASN DA 151 -15.10 -22.72 -90.17
CA ASN DA 151 -15.37 -22.75 -91.60
C ASN DA 151 -16.05 -21.46 -92.06
N GLN DA 152 -16.67 -20.74 -91.14
CA GLN DA 152 -17.38 -19.54 -91.55
C GLN DA 152 -16.63 -18.27 -91.17
N VAL DA 153 -16.08 -18.22 -89.96
CA VAL DA 153 -15.43 -17.00 -89.51
C VAL DA 153 -13.92 -17.16 -89.54
N GLY DA 154 -13.42 -18.33 -89.14
CA GLY DA 154 -11.98 -18.50 -89.03
C GLY DA 154 -11.26 -18.71 -90.35
N PHE DA 155 -11.97 -19.15 -91.39
CA PHE DA 155 -11.44 -19.43 -92.72
C PHE DA 155 -10.30 -20.43 -92.73
N LYS DA 156 -10.35 -21.45 -91.88
CA LYS DA 156 -9.34 -22.50 -91.94
C LYS DA 156 -9.68 -23.54 -92.98
N ASN DA 157 -8.63 -24.10 -93.58
CA ASN DA 157 -8.70 -25.22 -94.53
C ASN DA 157 -9.55 -24.90 -95.75
N MET DA 158 -9.42 -23.68 -96.25
CA MET DA 158 -10.09 -23.31 -97.49
C MET DA 158 -9.11 -22.61 -98.42
N GLN DA 159 -9.18 -22.97 -99.69
CA GLN DA 159 -8.32 -22.43 -100.71
C GLN DA 159 -9.14 -21.53 -101.62
N ASN DA 160 -8.52 -20.44 -102.08
CA ASN DA 160 -9.10 -19.46 -103.00
C ASN DA 160 -10.32 -18.77 -102.38
N VAL DA 161 -10.23 -18.52 -101.07
CA VAL DA 161 -11.32 -17.91 -100.33
C VAL DA 161 -10.91 -16.49 -99.98
N GLU DA 162 -11.53 -15.52 -100.64
CA GLU DA 162 -11.31 -14.12 -100.31
C GLU DA 162 -11.89 -13.80 -98.93
N HIS DA 163 -11.31 -12.79 -98.29
CA HIS DA 163 -11.58 -12.49 -96.89
C HIS DA 163 -12.43 -11.22 -96.78
N VAL DA 164 -13.69 -11.41 -96.44
CA VAL DA 164 -14.59 -10.34 -96.00
C VAL DA 164 -14.64 -10.39 -94.48
N PRO DA 165 -14.58 -9.25 -93.79
CA PRO DA 165 -14.76 -9.27 -92.33
C PRO DA 165 -16.22 -9.52 -91.98
N LEU DA 166 -16.46 -9.93 -90.74
CA LEU DA 166 -17.81 -10.29 -90.32
C LEU DA 166 -18.68 -9.04 -90.19
N SER DA 167 -19.83 -9.08 -90.85
CA SER DA 167 -20.80 -8.00 -90.79
C SER DA 167 -21.87 -8.34 -89.76
N LEU DA 168 -22.70 -7.36 -89.45
CA LEU DA 168 -23.64 -7.52 -88.35
C LEU DA 168 -24.78 -8.45 -88.72
N ASP DA 169 -25.21 -8.43 -89.98
CA ASP DA 169 -26.32 -9.28 -90.39
C ASP DA 169 -25.89 -10.72 -90.58
N ARG DA 170 -24.64 -10.94 -90.97
CA ARG DA 170 -24.15 -12.28 -91.28
C ARG DA 170 -24.00 -13.12 -90.03
N ALA DA 171 -23.61 -12.49 -88.92
CA ALA DA 171 -23.39 -13.21 -87.68
C ALA DA 171 -24.71 -13.72 -87.09
N MET DA 172 -25.81 -13.03 -87.37
CA MET DA 172 -27.10 -13.45 -86.83
C MET DA 172 -27.59 -14.73 -87.47
N ARG DA 173 -27.50 -14.83 -88.80
CA ARG DA 173 -27.86 -16.08 -89.44
C ARG DA 173 -26.84 -17.16 -89.16
N LEU DA 174 -25.60 -16.77 -88.83
CA LEU DA 174 -24.67 -17.75 -88.29
C LEU DA 174 -25.17 -18.36 -86.99
N VAL DA 175 -25.57 -17.52 -86.02
CA VAL DA 175 -25.98 -18.02 -84.70
C VAL DA 175 -27.26 -18.84 -84.81
N LYS DA 176 -28.19 -18.38 -85.66
CA LYS DA 176 -29.43 -19.13 -85.86
C LYS DA 176 -29.18 -20.47 -86.52
N ASP DA 177 -28.28 -20.50 -87.52
CA ASP DA 177 -27.99 -21.77 -88.19
C ASP DA 177 -27.25 -22.74 -87.29
N VAL DA 178 -26.34 -22.23 -86.45
CA VAL DA 178 -25.58 -23.17 -85.63
C VAL DA 178 -26.43 -23.68 -84.48
N PHE DA 179 -27.41 -22.92 -84.01
CA PHE DA 179 -28.23 -23.46 -82.92
C PHE DA 179 -29.34 -24.36 -83.45
N ILE DA 180 -29.80 -24.13 -84.69
CA ILE DA 180 -30.75 -25.08 -85.25
C ILE DA 180 -30.04 -26.39 -85.59
N SER DA 181 -29.00 -26.33 -86.42
CA SER DA 181 -28.36 -27.55 -86.89
C SER DA 181 -27.56 -28.24 -85.79
N ALA DA 182 -27.11 -27.46 -84.80
CA ALA DA 182 -26.54 -28.09 -83.62
C ALA DA 182 -27.61 -28.67 -82.72
N ALA DA 183 -28.77 -28.01 -82.65
CA ALA DA 183 -29.83 -28.50 -81.78
C ALA DA 183 -30.51 -29.75 -82.33
N GLU DA 184 -30.29 -30.09 -83.60
CA GLU DA 184 -30.94 -31.28 -84.15
C GLU DA 184 -30.35 -32.57 -83.60
N ARG DA 185 -29.03 -32.64 -83.43
CA ARG DA 185 -28.37 -33.85 -82.97
C ARG DA 185 -28.11 -33.84 -81.47
N ASP DA 186 -27.93 -32.67 -80.88
CA ASP DA 186 -27.70 -32.58 -79.45
C ASP DA 186 -28.98 -32.82 -78.68
N VAL DA 187 -28.85 -33.23 -77.42
CA VAL DA 187 -30.01 -33.35 -76.54
C VAL DA 187 -30.11 -32.22 -75.54
N TYR DA 188 -29.02 -31.59 -75.14
CA TYR DA 188 -29.05 -30.56 -74.13
C TYR DA 188 -29.27 -29.17 -74.69
N THR DA 189 -29.42 -29.04 -76.01
CA THR DA 189 -29.71 -27.75 -76.61
C THR DA 189 -31.20 -27.70 -76.85
N GLY DA 190 -31.84 -26.64 -76.37
CA GLY DA 190 -33.28 -26.73 -76.20
C GLY DA 190 -34.05 -25.68 -76.96
N ASP DA 191 -35.25 -25.41 -76.44
CA ASP DA 191 -36.33 -24.72 -77.14
C ASP DA 191 -35.97 -23.25 -77.36
N ALA DA 192 -35.87 -22.43 -76.33
CA ALA DA 192 -35.75 -21.01 -76.56
C ALA DA 192 -34.28 -20.63 -76.67
N LEU DA 193 -34.00 -19.72 -77.59
CA LEU DA 193 -32.64 -19.26 -77.86
C LEU DA 193 -32.53 -17.78 -77.54
N ARG DA 194 -31.83 -17.44 -76.47
CA ARG DA 194 -31.55 -16.06 -76.11
C ARG DA 194 -30.40 -15.56 -76.95
N ILE DA 195 -30.52 -14.35 -77.50
CA ILE DA 195 -29.44 -13.71 -78.23
C ILE DA 195 -29.28 -12.30 -77.68
N CYS DA 196 -28.07 -11.98 -77.23
CA CYS DA 196 -27.74 -10.65 -76.75
C CYS DA 196 -26.72 -10.03 -77.68
N ILE DA 197 -27.01 -8.83 -78.18
CA ILE DA 197 -26.10 -8.08 -79.03
C ILE DA 197 -25.56 -6.93 -78.20
N VAL DA 198 -24.25 -6.80 -78.12
CA VAL DA 198 -23.61 -5.70 -77.42
C VAL DA 198 -23.07 -4.73 -78.46
N THR DA 199 -23.65 -3.55 -78.54
CA THR DA 199 -23.21 -2.52 -79.45
C THR DA 199 -22.57 -1.39 -78.66
N LYS DA 200 -22.21 -0.33 -79.37
CA LYS DA 200 -21.78 0.89 -78.70
C LYS DA 200 -22.95 1.64 -78.08
N GLU DA 201 -24.18 1.29 -78.45
CA GLU DA 201 -25.38 2.03 -78.08
C GLU DA 201 -26.20 1.35 -77.00
N GLY DA 202 -25.74 0.24 -76.44
CA GLY DA 202 -26.42 -0.38 -75.32
C GLY DA 202 -26.43 -1.88 -75.46
N ILE DA 203 -27.52 -2.48 -75.00
CA ILE DA 203 -27.72 -3.92 -75.02
C ILE DA 203 -29.03 -4.22 -75.72
N ARG DA 204 -28.98 -4.98 -76.80
CA ARG DA 204 -30.17 -5.44 -77.50
C ARG DA 204 -30.34 -6.93 -77.26
N GLU DA 205 -31.60 -7.34 -77.06
CA GLU DA 205 -31.92 -8.73 -76.81
C GLU DA 205 -32.99 -9.20 -77.78
N GLU DA 206 -32.85 -10.44 -78.23
CA GLU DA 206 -33.74 -11.05 -79.18
C GLU DA 206 -33.83 -12.54 -78.88
N THR DA 207 -35.04 -13.07 -78.90
CA THR DA 207 -35.28 -14.47 -78.56
C THR DA 207 -36.11 -15.12 -79.66
N VAL DA 208 -35.57 -16.20 -80.22
CA VAL DA 208 -36.24 -16.96 -81.28
C VAL DA 208 -36.43 -18.38 -80.80
N SER DA 209 -37.65 -18.89 -80.90
CA SER DA 209 -37.94 -20.26 -80.53
C SER DA 209 -37.35 -21.23 -81.54
N LEU DA 210 -37.35 -22.51 -81.17
CA LEU DA 210 -36.81 -23.57 -81.99
C LEU DA 210 -37.77 -24.74 -81.94
N ARG DA 211 -37.27 -25.93 -82.31
CA ARG DA 211 -38.06 -27.14 -82.16
C ARG DA 211 -38.32 -27.43 -80.69
N LYS DA 212 -39.47 -28.03 -80.42
CA LYS DA 212 -40.02 -28.11 -79.06
C LYS DA 212 -39.77 -29.45 -78.39
N ASP DA 213 -38.83 -30.26 -78.88
CA ASP DA 213 -38.57 -31.56 -78.26
C ASP DA 213 -37.15 -31.68 -77.70
N THR EA 1 -26.13 -34.65 -43.52
CA THR EA 1 -26.69 -35.99 -43.55
C THR EA 1 -26.26 -36.73 -44.80
N GLN EA 2 -25.45 -37.76 -44.64
CA GLN EA 2 -24.97 -38.51 -45.78
C GLN EA 2 -25.97 -39.59 -46.18
N ASN EA 3 -26.86 -39.97 -45.27
CA ASN EA 3 -27.79 -41.08 -45.46
C ASN EA 3 -29.14 -40.71 -44.88
N PRO EA 4 -30.17 -40.51 -45.72
CA PRO EA 4 -31.47 -40.07 -45.20
C PRO EA 4 -32.21 -41.17 -44.46
N MET EA 5 -32.56 -40.89 -43.21
CA MET EA 5 -33.16 -41.93 -42.37
C MET EA 5 -34.65 -42.05 -42.62
N VAL EA 6 -35.42 -41.02 -42.28
CA VAL EA 6 -36.88 -41.09 -42.43
C VAL EA 6 -37.32 -40.10 -43.51
N THR EA 7 -37.75 -40.64 -44.64
CA THR EA 7 -37.94 -39.84 -45.83
C THR EA 7 -39.42 -39.61 -46.11
N GLY EA 8 -39.68 -38.66 -47.01
CA GLY EA 8 -41.00 -38.42 -47.53
C GLY EA 8 -41.11 -38.83 -48.99
N THR EA 9 -41.98 -38.13 -49.71
CA THR EA 9 -42.23 -38.44 -51.12
C THR EA 9 -42.68 -37.17 -51.83
N SER EA 10 -43.33 -37.35 -52.97
CA SER EA 10 -43.48 -36.30 -53.98
C SER EA 10 -44.38 -35.14 -53.52
N VAL EA 11 -44.02 -33.93 -53.96
CA VAL EA 11 -44.77 -32.72 -53.70
C VAL EA 11 -45.12 -32.10 -55.04
N LEU EA 12 -46.35 -31.60 -55.17
CA LEU EA 12 -46.83 -31.03 -56.41
C LEU EA 12 -47.15 -29.56 -56.22
N GLY EA 13 -47.25 -28.82 -57.32
CA GLY EA 13 -47.61 -27.42 -57.26
C GLY EA 13 -47.81 -26.81 -58.63
N VAL EA 14 -48.73 -25.86 -58.77
CA VAL EA 14 -49.04 -25.26 -60.06
C VAL EA 14 -49.55 -23.85 -59.82
N LYS EA 15 -49.24 -22.95 -60.74
CA LYS EA 15 -49.86 -21.64 -60.72
C LYS EA 15 -51.29 -21.71 -61.22
N PHE EA 16 -52.05 -20.69 -60.88
CA PHE EA 16 -53.33 -20.39 -61.50
C PHE EA 16 -53.59 -18.91 -61.34
N GLU EA 17 -54.75 -18.46 -61.79
CA GLU EA 17 -55.07 -17.05 -61.69
C GLU EA 17 -55.41 -16.68 -60.25
N GLY EA 18 -54.50 -15.96 -59.62
CA GLY EA 18 -54.73 -15.45 -58.29
C GLY EA 18 -54.23 -16.34 -57.17
N GLY EA 19 -53.21 -17.15 -57.41
CA GLY EA 19 -52.63 -17.93 -56.34
C GLY EA 19 -51.97 -19.18 -56.88
N VAL EA 20 -51.39 -19.94 -55.95
CA VAL EA 20 -50.67 -21.16 -56.26
C VAL EA 20 -51.11 -22.24 -55.29
N VAL EA 21 -51.53 -23.38 -55.81
CA VAL EA 21 -51.95 -24.51 -54.99
C VAL EA 21 -50.85 -25.56 -54.95
N ILE EA 22 -50.51 -26.00 -53.73
CA ILE EA 22 -49.46 -26.98 -53.48
C ILE EA 22 -50.03 -28.06 -52.59
N ALA EA 23 -49.85 -29.33 -52.96
CA ALA EA 23 -50.42 -30.42 -52.20
C ALA EA 23 -49.44 -31.58 -52.12
N ALA EA 24 -48.95 -31.86 -50.92
CA ALA EA 24 -48.16 -33.05 -50.66
C ALA EA 24 -49.05 -34.08 -49.98
N ASP EA 25 -48.44 -35.19 -49.57
CA ASP EA 25 -49.14 -36.24 -48.86
C ASP EA 25 -48.49 -36.48 -47.51
N MET EA 26 -49.28 -37.01 -46.58
CA MET EA 26 -48.92 -36.93 -45.17
C MET EA 26 -48.15 -38.16 -44.70
N LEU EA 27 -47.50 -38.86 -45.62
CA LEU EA 27 -46.74 -40.05 -45.24
C LEU EA 27 -45.31 -39.73 -44.85
N GLY EA 28 -44.82 -40.38 -43.80
CA GLY EA 28 -43.41 -40.50 -43.56
C GLY EA 28 -43.01 -41.94 -43.74
N SER EA 29 -41.85 -42.20 -44.36
CA SER EA 29 -41.45 -43.56 -44.65
C SER EA 29 -40.04 -43.78 -44.12
N TYR EA 30 -39.71 -45.05 -43.91
CA TYR EA 30 -38.40 -45.45 -43.38
C TYR EA 30 -37.94 -46.68 -44.15
N GLY EA 31 -37.20 -46.48 -45.22
CA GLY EA 31 -36.81 -47.57 -46.09
C GLY EA 31 -38.01 -48.13 -46.83
N SER EA 32 -38.29 -49.41 -46.65
CA SER EA 32 -39.48 -49.98 -47.25
C SER EA 32 -40.72 -49.66 -46.43
N LEU EA 33 -40.56 -49.55 -45.12
CA LEU EA 33 -41.65 -49.37 -44.18
C LEU EA 33 -42.29 -47.99 -44.31
N ALA EA 34 -43.61 -47.96 -44.25
CA ALA EA 34 -44.35 -46.73 -44.06
C ALA EA 34 -44.60 -46.57 -42.57
N ARG EA 35 -43.65 -45.94 -41.87
CA ARG EA 35 -43.64 -46.00 -40.41
C ARG EA 35 -44.56 -44.97 -39.76
N PHE EA 36 -44.47 -43.70 -40.17
CA PHE EA 36 -45.24 -42.62 -39.55
C PHE EA 36 -46.36 -42.25 -40.50
N ARG EA 37 -47.60 -42.31 -40.01
CA ARG EA 37 -48.73 -42.17 -40.92
C ARG EA 37 -49.28 -40.74 -40.91
N ASN EA 38 -48.98 -39.97 -39.88
CA ASN EA 38 -49.64 -38.70 -39.68
C ASN EA 38 -48.62 -37.63 -39.36
N ILE EA 39 -48.02 -37.07 -40.41
CA ILE EA 39 -47.14 -35.92 -40.28
C ILE EA 39 -47.61 -34.85 -41.25
N SER EA 40 -47.17 -33.62 -41.05
CA SER EA 40 -47.51 -32.51 -41.94
C SER EA 40 -46.24 -32.14 -42.68
N ARG EA 41 -46.24 -32.30 -43.99
CA ARG EA 41 -45.09 -31.94 -44.80
C ARG EA 41 -45.27 -30.60 -45.48
N ILE EA 42 -46.19 -29.78 -45.02
CA ILE EA 42 -46.44 -28.45 -45.56
C ILE EA 42 -46.46 -27.46 -44.40
N MET EA 43 -45.62 -26.45 -44.46
CA MET EA 43 -45.57 -25.39 -43.45
C MET EA 43 -46.24 -24.13 -43.97
N ARG EA 44 -47.23 -23.65 -43.23
CA ARG EA 44 -47.88 -22.39 -43.55
C ARG EA 44 -47.05 -21.25 -42.99
N VAL EA 45 -46.22 -20.66 -43.85
CA VAL EA 45 -45.42 -19.49 -43.52
C VAL EA 45 -46.40 -18.31 -43.55
N ASN EA 46 -45.96 -17.14 -43.06
CA ASN EA 46 -46.78 -16.07 -42.48
C ASN EA 46 -48.10 -15.67 -43.14
N ASN EA 47 -48.06 -15.01 -44.30
CA ASN EA 47 -49.28 -14.59 -44.98
C ASN EA 47 -49.27 -14.84 -46.47
N SER EA 48 -48.10 -14.81 -47.10
CA SER EA 48 -48.05 -14.71 -48.54
C SER EA 48 -47.13 -15.73 -49.17
N THR EA 49 -46.77 -16.78 -48.46
CA THR EA 49 -45.85 -17.78 -48.99
C THR EA 49 -46.13 -19.10 -48.28
N MET EA 50 -45.49 -20.15 -48.79
CA MET EA 50 -45.89 -21.51 -48.45
C MET EA 50 -44.79 -22.46 -48.90
N LEU EA 51 -44.53 -23.48 -48.08
CA LEU EA 51 -43.39 -24.37 -48.27
C LEU EA 51 -43.84 -25.81 -48.29
N GLY EA 52 -43.29 -26.60 -49.22
CA GLY EA 52 -43.38 -28.05 -49.19
C GLY EA 52 -42.00 -28.65 -49.28
N ALA EA 53 -41.90 -29.95 -49.01
CA ALA EA 53 -40.59 -30.57 -48.98
C ALA EA 53 -40.69 -32.07 -49.22
N SER EA 54 -39.59 -32.62 -49.75
CA SER EA 54 -39.44 -34.06 -49.87
C SER EA 54 -38.16 -34.46 -49.15
N GLY EA 55 -37.76 -35.70 -49.36
CA GLY EA 55 -36.50 -36.18 -48.81
C GLY EA 55 -36.58 -36.35 -47.31
N ASP EA 56 -35.45 -36.05 -46.66
CA ASP EA 56 -35.34 -36.20 -45.21
C ASP EA 56 -36.28 -35.23 -44.50
N TYR EA 57 -36.94 -35.74 -43.46
CA TYR EA 57 -37.95 -34.93 -42.80
C TYR EA 57 -37.35 -34.13 -41.65
N ALA EA 58 -36.24 -34.61 -41.09
CA ALA EA 58 -35.65 -33.94 -39.93
C ALA EA 58 -35.05 -32.60 -40.33
N ASP EA 59 -34.39 -32.55 -41.49
CA ASP EA 59 -33.88 -31.28 -41.99
C ASP EA 59 -35.02 -30.34 -42.36
N PHE EA 60 -36.16 -30.89 -42.75
CA PHE EA 60 -37.34 -30.06 -42.95
C PHE EA 60 -37.86 -29.49 -41.64
N GLN EA 61 -37.73 -30.23 -40.53
CA GLN EA 61 -38.06 -29.62 -39.26
C GLN EA 61 -37.03 -28.58 -38.86
N TYR EA 62 -35.79 -28.73 -39.32
CA TYR EA 62 -34.76 -27.72 -39.07
C TYR EA 62 -35.09 -26.42 -39.79
N LEU EA 63 -35.39 -26.49 -41.09
CA LEU EA 63 -35.74 -25.28 -41.83
C LEU EA 63 -37.08 -24.72 -41.39
N LYS EA 64 -37.96 -25.58 -40.89
CA LYS EA 64 -39.18 -25.13 -40.25
C LYS EA 64 -38.87 -24.28 -39.02
N GLN EA 65 -37.85 -24.67 -38.26
CA GLN EA 65 -37.44 -23.92 -37.09
C GLN EA 65 -36.77 -22.60 -37.47
N VAL EA 66 -35.86 -22.65 -38.44
CA VAL EA 66 -35.04 -21.48 -38.78
C VAL EA 66 -35.88 -20.43 -39.51
N LEU EA 67 -36.70 -20.87 -40.47
CA LEU EA 67 -37.62 -19.94 -41.12
C LEU EA 67 -38.68 -19.46 -40.15
N GLY EA 68 -39.09 -20.34 -39.23
CA GLY EA 68 -40.02 -19.93 -38.19
C GLY EA 68 -39.49 -18.83 -37.30
N GLN EA 69 -38.18 -18.78 -37.09
CA GLN EA 69 -37.60 -17.65 -36.35
C GLN EA 69 -37.43 -16.43 -37.24
N MET EA 70 -36.87 -16.62 -38.43
CA MET EA 70 -36.48 -15.49 -39.27
C MET EA 70 -37.66 -14.72 -39.83
N VAL EA 71 -38.84 -15.35 -39.91
CA VAL EA 71 -40.03 -14.58 -40.23
C VAL EA 71 -40.41 -13.70 -39.03
N ILE EA 72 -40.33 -14.27 -37.83
CA ILE EA 72 -40.76 -13.57 -36.61
C ILE EA 72 -39.86 -12.37 -36.32
N ASP EA 73 -38.60 -12.41 -36.77
CA ASP EA 73 -37.72 -11.25 -36.69
C ASP EA 73 -38.29 -10.03 -37.42
N GLU EA 74 -38.63 -10.17 -38.70
CA GLU EA 74 -39.16 -9.04 -39.44
C GLU EA 74 -40.61 -8.75 -39.03
N GLU EA 75 -41.29 -9.75 -38.47
CA GLU EA 75 -42.59 -9.49 -37.85
C GLU EA 75 -42.46 -8.55 -36.65
N LEU EA 76 -41.34 -8.61 -35.94
CA LEU EA 76 -41.21 -7.80 -34.74
C LEU EA 76 -40.44 -6.51 -35.01
N LEU EA 77 -39.89 -6.34 -36.21
CA LEU EA 77 -39.48 -5.00 -36.60
C LEU EA 77 -40.68 -4.06 -36.70
N GLY EA 78 -41.68 -4.42 -37.48
CA GLY EA 78 -42.89 -3.63 -37.53
C GLY EA 78 -42.78 -2.34 -38.31
N ASP EA 79 -41.82 -2.24 -39.24
CA ASP EA 79 -41.75 -1.07 -40.09
C ASP EA 79 -42.77 -1.10 -41.22
N GLY EA 80 -43.46 -2.22 -41.41
CA GLY EA 80 -44.41 -2.37 -42.48
C GLY EA 80 -43.95 -3.28 -43.61
N HIS EA 81 -42.71 -3.74 -43.58
CA HIS EA 81 -42.18 -4.60 -44.62
C HIS EA 81 -42.31 -6.05 -44.21
N SER EA 82 -42.23 -6.94 -45.21
CA SER EA 82 -42.23 -8.37 -44.97
C SER EA 82 -41.47 -9.04 -46.09
N TYR EA 83 -41.08 -10.30 -45.86
CA TYR EA 83 -40.35 -11.03 -46.87
C TYR EA 83 -41.27 -11.47 -48.00
N SER EA 84 -40.96 -10.99 -49.20
CA SER EA 84 -41.60 -11.52 -50.39
C SER EA 84 -41.13 -12.96 -50.61
N PRO EA 85 -41.93 -13.80 -51.31
CA PRO EA 85 -41.53 -15.19 -51.55
C PRO EA 85 -40.31 -15.29 -52.45
N ARG EA 86 -40.17 -14.30 -53.31
CA ARG EA 86 -38.95 -14.12 -54.08
C ARG EA 86 -37.74 -13.96 -53.18
N ALA EA 87 -37.91 -13.25 -52.07
CA ALA EA 87 -36.81 -13.05 -51.15
C ALA EA 87 -36.55 -14.26 -50.28
N ILE EA 88 -37.57 -15.08 -50.03
CA ILE EA 88 -37.36 -16.29 -49.23
C ILE EA 88 -36.65 -17.35 -50.06
N HIS EA 89 -37.03 -17.46 -51.34
CA HIS EA 89 -36.41 -18.41 -52.26
C HIS EA 89 -34.92 -18.21 -52.40
N SER EA 90 -34.47 -16.95 -52.44
CA SER EA 90 -33.05 -16.67 -52.59
C SER EA 90 -32.29 -17.04 -51.32
N TRP EA 91 -32.88 -16.76 -50.15
CA TRP EA 91 -32.23 -17.13 -48.89
C TRP EA 91 -32.12 -18.64 -48.78
N LEU EA 92 -33.17 -19.33 -49.19
CA LEU EA 92 -33.21 -20.78 -49.00
C LEU EA 92 -32.26 -21.45 -49.96
N THR EA 93 -32.09 -20.87 -51.15
CA THR EA 93 -31.04 -21.30 -52.07
C THR EA 93 -29.66 -21.08 -51.47
N ARG EA 94 -29.37 -19.87 -51.00
CA ARG EA 94 -28.03 -19.57 -50.48
C ARG EA 94 -27.71 -20.30 -49.19
N ALA EA 95 -28.72 -20.70 -48.43
CA ALA EA 95 -28.52 -21.53 -47.26
C ALA EA 95 -28.38 -22.99 -47.62
N MET EA 96 -28.96 -23.41 -48.73
CA MET EA 96 -28.75 -24.78 -49.19
C MET EA 96 -27.36 -24.96 -49.76
N TYR EA 97 -26.91 -24.00 -50.57
CA TYR EA 97 -25.62 -24.10 -51.24
C TYR EA 97 -24.44 -23.94 -50.31
N SER EA 98 -24.52 -23.07 -49.31
CA SER EA 98 -23.39 -22.87 -48.42
C SER EA 98 -23.18 -24.07 -47.51
N ARG EA 99 -24.24 -24.86 -47.29
CA ARG EA 99 -24.05 -26.11 -46.58
C ARG EA 99 -23.65 -27.23 -47.53
N ARG EA 100 -23.98 -27.10 -48.82
CA ARG EA 100 -23.51 -28.05 -49.83
C ARG EA 100 -22.00 -27.98 -49.98
N SER EA 101 -21.42 -26.79 -49.80
CA SER EA 101 -20.00 -26.59 -50.10
C SER EA 101 -19.09 -27.20 -49.05
N LYS EA 102 -19.65 -27.77 -47.99
CA LYS EA 102 -18.83 -28.40 -46.96
C LYS EA 102 -19.05 -29.91 -46.87
N MET EA 103 -19.71 -30.50 -47.87
CA MET EA 103 -20.04 -31.93 -47.93
C MET EA 103 -20.84 -32.39 -46.71
N ASN EA 104 -21.80 -31.56 -46.32
CA ASN EA 104 -22.66 -31.87 -45.18
C ASN EA 104 -24.10 -31.50 -45.52
N PRO EA 105 -24.69 -32.06 -46.57
CA PRO EA 105 -25.84 -31.40 -47.20
C PRO EA 105 -27.15 -31.57 -46.45
N LEU EA 106 -28.12 -30.70 -46.74
CA LEU EA 106 -29.49 -30.94 -46.33
C LEU EA 106 -30.21 -31.77 -47.37
N TRP EA 107 -30.54 -33.00 -47.00
CA TRP EA 107 -31.13 -33.95 -47.95
C TRP EA 107 -32.58 -33.57 -48.14
N ASN EA 108 -32.84 -32.60 -49.02
CA ASN EA 108 -34.21 -32.15 -49.23
C ASN EA 108 -34.45 -31.86 -50.70
N THR EA 109 -35.70 -31.58 -51.01
CA THR EA 109 -36.14 -31.07 -52.30
C THR EA 109 -37.41 -30.30 -52.03
N MET EA 110 -37.35 -28.98 -52.16
CA MET EA 110 -38.40 -28.12 -51.63
C MET EA 110 -39.03 -27.25 -52.70
N VAL EA 111 -40.28 -26.89 -52.45
CA VAL EA 111 -41.07 -26.06 -53.34
C VAL EA 111 -41.58 -24.87 -52.51
N ILE EA 112 -41.24 -23.68 -52.92
CA ILE EA 112 -41.77 -22.48 -52.30
C ILE EA 112 -42.79 -21.85 -53.23
N GLY EA 113 -44.00 -21.68 -52.74
CA GLY EA 113 -45.04 -21.02 -53.52
C GLY EA 113 -45.62 -19.87 -52.74
N GLY EA 114 -45.84 -18.76 -53.45
CA GLY EA 114 -46.30 -17.57 -52.78
C GLY EA 114 -46.98 -16.62 -53.76
N TYR EA 115 -47.72 -15.66 -53.20
CA TYR EA 115 -48.55 -14.76 -53.97
C TYR EA 115 -48.44 -13.35 -53.42
N ALA EA 116 -47.70 -12.50 -54.13
CA ALA EA 116 -47.59 -11.10 -53.75
C ALA EA 116 -47.67 -10.25 -55.00
N ASP EA 117 -48.19 -9.02 -54.82
CA ASP EA 117 -48.30 -7.99 -55.85
C ASP EA 117 -49.17 -8.43 -57.03
N GLY EA 118 -50.11 -9.32 -56.76
CA GLY EA 118 -50.90 -9.92 -57.83
C GLY EA 118 -50.08 -10.79 -58.75
N GLU EA 119 -48.93 -11.28 -58.28
CA GLU EA 119 -48.03 -12.07 -59.09
C GLU EA 119 -47.76 -13.38 -58.38
N SER EA 120 -48.36 -14.45 -58.90
CA SER EA 120 -48.19 -15.78 -58.33
C SER EA 120 -46.76 -16.24 -58.58
N PHE EA 121 -46.13 -16.81 -57.56
CA PHE EA 121 -44.75 -17.25 -57.61
C PHE EA 121 -44.69 -18.71 -57.21
N LEU EA 122 -43.82 -19.46 -57.87
CA LEU EA 122 -43.67 -20.89 -57.61
C LEU EA 122 -42.23 -21.31 -57.88
N GLY EA 123 -41.45 -21.47 -56.82
CA GLY EA 123 -40.02 -21.70 -56.92
C GLY EA 123 -39.62 -23.08 -56.41
N TYR EA 124 -38.39 -23.44 -56.74
CA TYR EA 124 -37.87 -24.78 -56.50
C TYR EA 124 -36.45 -24.66 -55.96
N VAL EA 125 -36.13 -25.46 -54.95
CA VAL EA 125 -34.77 -25.55 -54.43
C VAL EA 125 -34.42 -27.02 -54.27
N ASP EA 126 -33.38 -27.47 -54.96
CA ASP EA 126 -32.96 -28.86 -54.91
C ASP EA 126 -31.92 -29.01 -53.80
N MET EA 127 -31.44 -30.23 -53.62
CA MET EA 127 -30.41 -30.49 -52.61
C MET EA 127 -29.07 -29.89 -53.01
N LEU EA 128 -28.74 -29.95 -54.30
CA LEU EA 128 -27.43 -29.52 -54.75
C LEU EA 128 -27.36 -28.03 -55.03
N GLY EA 129 -28.43 -27.28 -54.76
CA GLY EA 129 -28.41 -25.85 -54.96
C GLY EA 129 -29.07 -25.38 -56.24
N VAL EA 130 -29.65 -26.28 -57.02
CA VAL EA 130 -30.33 -25.90 -58.26
C VAL EA 130 -31.61 -25.16 -57.91
N ALA EA 131 -31.81 -24.00 -58.53
CA ALA EA 131 -32.98 -23.18 -58.22
C ALA EA 131 -33.49 -22.50 -59.48
N TYR EA 132 -34.79 -22.62 -59.72
CA TYR EA 132 -35.40 -21.99 -60.89
C TYR EA 132 -36.87 -21.74 -60.61
N GLU EA 133 -37.52 -21.09 -61.57
CA GLU EA 133 -38.92 -20.72 -61.48
C GLU EA 133 -39.67 -21.35 -62.63
N ALA EA 134 -40.87 -21.85 -62.37
CA ALA EA 134 -41.61 -22.60 -63.38
C ALA EA 134 -43.10 -22.52 -63.04
N PRO EA 135 -43.97 -22.66 -64.03
CA PRO EA 135 -45.41 -22.66 -63.71
C PRO EA 135 -45.91 -23.97 -63.16
N SER EA 136 -45.08 -25.02 -63.10
CA SER EA 136 -45.51 -26.30 -62.55
C SER EA 136 -44.30 -27.05 -62.05
N LEU EA 137 -44.28 -27.37 -60.76
CA LEU EA 137 -43.13 -28.02 -60.14
C LEU EA 137 -43.57 -29.31 -59.48
N ALA EA 138 -42.73 -30.34 -59.61
CA ALA EA 138 -43.01 -31.66 -59.07
C ALA EA 138 -41.70 -32.25 -58.60
N THR EA 139 -41.71 -32.88 -57.42
CA THR EA 139 -40.50 -33.40 -56.83
C THR EA 139 -40.52 -34.93 -56.84
N GLY EA 140 -39.33 -35.51 -56.73
CA GLY EA 140 -39.20 -36.96 -56.60
C GLY EA 140 -39.65 -37.68 -57.86
N TYR EA 141 -40.59 -38.62 -57.69
CA TYR EA 141 -41.16 -39.28 -58.85
C TYR EA 141 -42.32 -38.49 -59.43
N GLY EA 142 -42.63 -37.34 -58.85
CA GLY EA 142 -43.55 -36.43 -59.49
C GLY EA 142 -42.99 -35.87 -60.78
N ALA EA 143 -41.67 -35.73 -60.86
CA ALA EA 143 -41.04 -35.24 -62.09
C ALA EA 143 -41.10 -36.29 -63.19
N TYR EA 144 -41.31 -37.54 -62.81
CA TYR EA 144 -41.44 -38.62 -63.78
C TYR EA 144 -42.89 -39.03 -64.02
N LEU EA 145 -43.82 -38.65 -63.15
CA LEU EA 145 -45.19 -39.13 -63.27
C LEU EA 145 -46.20 -37.99 -63.41
N ALA EA 146 -46.13 -36.97 -62.55
CA ALA EA 146 -47.21 -36.00 -62.53
C ALA EA 146 -46.87 -34.74 -63.34
N GLN EA 147 -45.58 -34.42 -63.41
CA GLN EA 147 -45.11 -33.39 -64.33
C GLN EA 147 -45.55 -33.54 -65.79
N PRO EA 148 -45.70 -34.75 -66.38
CA PRO EA 148 -46.31 -34.81 -67.72
C PRO EA 148 -47.74 -34.34 -67.83
N LEU EA 149 -48.56 -34.48 -66.79
CA LEU EA 149 -49.92 -33.95 -66.87
C LEU EA 149 -49.92 -32.44 -66.78
N LEU EA 150 -49.10 -31.88 -65.89
CA LEU EA 150 -49.00 -30.45 -65.71
C LEU EA 150 -48.46 -29.77 -66.96
N ARG EA 151 -47.42 -30.35 -67.56
CA ARG EA 151 -46.90 -29.76 -68.79
C ARG EA 151 -47.72 -30.18 -70.00
N GLU EA 152 -48.60 -31.17 -69.84
CA GLU EA 152 -49.58 -31.45 -70.88
C GLU EA 152 -50.64 -30.36 -70.94
N VAL EA 153 -51.15 -29.96 -69.77
CA VAL EA 153 -52.25 -29.00 -69.74
C VAL EA 153 -51.77 -27.58 -69.94
N LEU EA 154 -50.61 -27.23 -69.36
CA LEU EA 154 -50.16 -25.85 -69.41
C LEU EA 154 -49.62 -25.45 -70.79
N GLU EA 155 -49.35 -26.43 -71.66
CA GLU EA 155 -48.99 -26.08 -73.02
C GLU EA 155 -50.23 -25.84 -73.88
N LYS EA 156 -51.36 -26.43 -73.49
CA LYS EA 156 -52.58 -26.25 -74.27
C LYS EA 156 -53.26 -24.92 -73.94
N GLN EA 157 -53.52 -24.67 -72.65
CA GLN EA 157 -54.14 -23.44 -72.21
C GLN EA 157 -53.43 -22.95 -70.96
N PRO EA 158 -52.55 -21.95 -71.08
CA PRO EA 158 -51.60 -21.65 -69.99
C PRO EA 158 -52.21 -21.02 -68.75
N VAL EA 159 -53.38 -20.42 -68.85
CA VAL EA 159 -54.02 -19.87 -67.65
C VAL EA 159 -55.01 -20.90 -67.11
N LEU EA 160 -55.24 -20.86 -65.80
CA LEU EA 160 -56.05 -21.85 -65.12
C LEU EA 160 -56.98 -21.18 -64.12
N SER EA 161 -58.13 -21.80 -63.89
CA SER EA 161 -59.00 -21.39 -62.80
C SER EA 161 -58.57 -22.07 -61.51
N GLN EA 162 -59.32 -21.83 -60.45
CA GLN EA 162 -58.99 -22.45 -59.17
C GLN EA 162 -59.53 -23.89 -59.11
N THR EA 163 -60.69 -24.12 -59.73
CA THR EA 163 -61.30 -25.43 -59.68
C THR EA 163 -60.58 -26.42 -60.60
N GLU EA 164 -60.15 -25.94 -61.78
CA GLU EA 164 -59.35 -26.76 -62.68
C GLU EA 164 -58.02 -27.13 -62.05
N ALA EA 165 -57.39 -26.18 -61.36
CA ALA EA 165 -56.11 -26.44 -60.71
C ALA EA 165 -56.27 -27.41 -59.55
N ARG EA 166 -57.32 -27.25 -58.75
CA ARG EA 166 -57.53 -28.16 -57.63
C ARG EA 166 -57.91 -29.55 -58.10
N ASP EA 167 -58.64 -29.64 -59.21
CA ASP EA 167 -58.98 -30.94 -59.76
C ASP EA 167 -57.77 -31.64 -60.37
N LEU EA 168 -56.88 -30.88 -61.00
CA LEU EA 168 -55.75 -31.47 -61.70
C LEU EA 168 -54.77 -32.10 -60.71
N VAL EA 169 -54.63 -31.48 -59.53
CA VAL EA 169 -53.78 -32.04 -58.48
C VAL EA 169 -54.39 -33.32 -57.93
N GLU EA 170 -55.73 -33.40 -57.87
CA GLU EA 170 -56.37 -34.64 -57.45
C GLU EA 170 -56.13 -35.76 -58.45
N ARG EA 171 -56.13 -35.43 -59.75
CA ARG EA 171 -55.77 -36.43 -60.76
C ARG EA 171 -54.32 -36.88 -60.62
N CYS EA 172 -53.40 -35.94 -60.41
CA CYS EA 172 -51.99 -36.30 -60.31
C CYS EA 172 -51.70 -37.07 -59.03
N MET EA 173 -52.47 -36.83 -57.97
CA MET EA 173 -52.28 -37.60 -56.76
C MET EA 173 -52.94 -38.97 -56.87
N ARG EA 174 -53.93 -39.11 -57.75
CA ARG EA 174 -54.39 -40.45 -58.11
C ARG EA 174 -53.30 -41.23 -58.81
N VAL EA 175 -52.56 -40.58 -59.72
CA VAL EA 175 -51.49 -41.27 -60.43
C VAL EA 175 -50.34 -41.61 -59.49
N LEU EA 176 -49.95 -40.66 -58.63
CA LEU EA 176 -48.85 -40.91 -57.70
C LEU EA 176 -49.26 -41.86 -56.59
N TYR EA 177 -50.55 -42.03 -56.33
CA TYR EA 177 -50.94 -43.14 -55.47
C TYR EA 177 -50.85 -44.46 -56.21
N TYR EA 178 -51.13 -44.44 -57.53
CA TYR EA 178 -51.09 -45.68 -58.30
C TYR EA 178 -49.68 -46.23 -58.45
N ARG EA 179 -48.77 -45.45 -59.02
CA ARG EA 179 -47.53 -46.06 -59.50
C ARG EA 179 -46.35 -45.83 -58.55
N ASP EA 180 -46.56 -45.14 -57.44
CA ASP EA 180 -45.47 -45.01 -56.51
C ASP EA 180 -45.67 -45.96 -55.33
N ALA EA 181 -44.57 -46.60 -54.93
CA ALA EA 181 -44.58 -47.57 -53.86
C ALA EA 181 -44.58 -46.92 -52.49
N ARG EA 182 -44.11 -45.69 -52.37
CA ARG EA 182 -43.94 -45.05 -51.08
C ARG EA 182 -44.81 -43.82 -50.95
N SER EA 183 -46.04 -43.88 -51.47
CA SER EA 183 -47.00 -42.78 -51.39
C SER EA 183 -48.30 -43.34 -50.82
N TYR EA 184 -48.87 -42.62 -49.87
CA TYR EA 184 -49.99 -43.11 -49.09
C TYR EA 184 -51.29 -42.48 -49.59
N ASN EA 185 -52.41 -43.12 -49.26
CA ASN EA 185 -53.71 -42.72 -49.81
C ASN EA 185 -54.34 -41.67 -48.91
N ARG EA 186 -53.60 -40.60 -48.62
CA ARG EA 186 -54.06 -39.58 -47.69
C ARG EA 186 -53.18 -38.36 -47.92
N PHE EA 187 -53.77 -37.28 -48.39
CA PHE EA 187 -52.96 -36.13 -48.78
C PHE EA 187 -53.71 -34.87 -48.41
N GLN EA 188 -52.95 -33.80 -48.21
CA GLN EA 188 -53.54 -32.52 -47.84
C GLN EA 188 -53.23 -31.50 -48.92
N ILE EA 189 -54.20 -30.63 -49.19
CA ILE EA 189 -54.06 -29.60 -50.20
C ILE EA 189 -53.90 -28.26 -49.48
N ALA EA 190 -52.92 -27.47 -49.92
CA ALA EA 190 -52.71 -26.15 -49.36
C ALA EA 190 -52.74 -25.14 -50.50
N THR EA 191 -53.25 -23.95 -50.24
CA THR EA 191 -53.50 -22.97 -51.27
C THR EA 191 -53.23 -21.58 -50.72
N VAL EA 192 -52.49 -20.77 -51.47
CA VAL EA 192 -52.37 -19.36 -51.15
C VAL EA 192 -53.20 -18.55 -52.15
N THR EA 193 -53.74 -17.43 -51.68
CA THR EA 193 -54.58 -16.55 -52.46
C THR EA 193 -54.22 -15.11 -52.12
N GLU EA 194 -55.09 -14.18 -52.52
CA GLU EA 194 -54.97 -12.82 -52.03
C GLU EA 194 -55.58 -12.70 -50.64
N LYS EA 195 -56.41 -13.68 -50.25
CA LYS EA 195 -56.95 -13.69 -48.89
C LYS EA 195 -55.88 -14.12 -47.88
N GLY EA 196 -55.18 -15.20 -48.17
CA GLY EA 196 -54.15 -15.68 -47.27
C GLY EA 196 -53.92 -17.16 -47.44
N VAL EA 197 -53.01 -17.68 -46.62
CA VAL EA 197 -52.64 -19.09 -46.68
C VAL EA 197 -53.74 -19.93 -46.06
N GLU EA 198 -54.13 -21.00 -46.76
CA GLU EA 198 -55.16 -21.88 -46.25
C GLU EA 198 -54.80 -23.31 -46.57
N ILE EA 199 -54.88 -24.18 -45.55
CA ILE EA 199 -54.52 -25.58 -45.66
C ILE EA 199 -55.79 -26.41 -45.51
N GLU EA 200 -56.15 -27.15 -46.56
CA GLU EA 200 -57.31 -28.01 -46.47
C GLU EA 200 -56.93 -29.31 -45.76
N GLY EA 201 -57.96 -30.06 -45.36
CA GLY EA 201 -57.75 -31.21 -44.50
C GLY EA 201 -57.28 -32.43 -45.25
N PRO EA 202 -57.08 -33.52 -44.50
CA PRO EA 202 -56.55 -34.78 -45.07
C PRO EA 202 -57.56 -35.51 -45.96
N LEU EA 203 -57.60 -35.08 -47.21
CA LEU EA 203 -58.52 -35.66 -48.18
C LEU EA 203 -58.05 -37.05 -48.62
N SER EA 204 -58.85 -37.67 -49.49
CA SER EA 204 -58.55 -39.00 -49.99
C SER EA 204 -58.92 -39.08 -51.47
N THR EA 205 -58.36 -40.07 -52.14
CA THR EA 205 -58.67 -40.30 -53.55
C THR EA 205 -59.60 -41.49 -53.71
N GLU EA 206 -60.33 -41.49 -54.81
CA GLU EA 206 -61.07 -42.65 -55.26
C GLU EA 206 -60.23 -43.37 -56.30
N THR EA 207 -60.36 -44.69 -56.35
CA THR EA 207 -59.54 -45.49 -57.24
C THR EA 207 -60.41 -46.30 -58.19
N ASN EA 208 -59.82 -46.71 -59.31
CA ASN EA 208 -60.47 -47.51 -60.33
C ASN EA 208 -59.69 -48.81 -60.46
N TRP EA 209 -60.31 -49.92 -60.07
CA TRP EA 209 -59.66 -51.22 -60.13
C TRP EA 209 -60.33 -52.16 -61.12
N ASP EA 210 -60.88 -51.63 -62.21
CA ASP EA 210 -61.64 -52.47 -63.12
C ASP EA 210 -60.77 -53.28 -64.06
N ILE EA 211 -59.45 -53.14 -64.01
CA ILE EA 211 -58.58 -53.96 -64.83
C ILE EA 211 -58.23 -55.28 -64.17
N ALA EA 212 -58.65 -55.49 -62.92
CA ALA EA 212 -58.30 -56.71 -62.21
C ALA EA 212 -59.07 -57.92 -62.69
N HIS EA 213 -60.21 -57.72 -63.34
CA HIS EA 213 -60.95 -58.84 -63.90
C HIS EA 213 -60.25 -59.46 -65.11
N MET EA 214 -59.49 -58.66 -65.85
CA MET EA 214 -58.81 -59.12 -67.05
C MET EA 214 -57.59 -59.95 -66.66
N ILE EA 215 -57.75 -61.27 -66.65
CA ILE EA 215 -56.61 -62.14 -66.35
C ILE EA 215 -55.77 -62.31 -67.60
N SER FA 1 -37.53 -111.68 -105.64
CA SER FA 1 -36.20 -112.27 -105.78
C SER FA 1 -35.41 -112.15 -104.49
N SER FA 2 -34.30 -112.87 -104.40
CA SER FA 2 -33.47 -112.88 -103.20
C SER FA 2 -32.00 -112.90 -103.59
N ALA FA 3 -31.28 -111.86 -103.17
CA ALA FA 3 -29.85 -111.74 -103.47
C ALA FA 3 -29.24 -110.73 -102.50
N GLY FA 4 -28.14 -111.13 -101.85
CA GLY FA 4 -27.44 -110.20 -100.98
C GLY FA 4 -27.99 -110.23 -99.57
N PHE FA 5 -27.64 -109.21 -98.78
CA PHE FA 5 -28.07 -109.12 -97.39
C PHE FA 5 -29.44 -108.45 -97.23
N ASP FA 6 -30.24 -108.38 -98.28
CA ASP FA 6 -31.52 -107.68 -98.22
C ASP FA 6 -32.55 -108.41 -97.36
N ARG FA 7 -32.38 -109.71 -97.15
CA ARG FA 7 -33.32 -110.45 -96.31
C ARG FA 7 -33.05 -110.26 -94.83
N HIS FA 8 -31.86 -109.80 -94.46
CA HIS FA 8 -31.47 -109.72 -93.06
C HIS FA 8 -31.43 -108.31 -92.51
N ILE FA 9 -30.96 -107.33 -93.27
CA ILE FA 9 -30.85 -105.96 -92.82
C ILE FA 9 -31.74 -105.08 -93.69
N THR FA 10 -31.71 -103.78 -93.42
CA THR FA 10 -32.64 -102.83 -94.05
C THR FA 10 -31.92 -102.06 -95.15
N ILE FA 11 -31.72 -102.71 -96.29
CA ILE FA 11 -31.28 -102.07 -97.52
C ILE FA 11 -32.27 -102.43 -98.62
N PHE FA 12 -32.00 -101.94 -99.83
CA PHE FA 12 -32.96 -102.05 -100.91
C PHE FA 12 -32.90 -103.42 -101.59
N SER FA 13 -34.05 -103.84 -102.11
CA SER FA 13 -34.16 -105.06 -102.87
C SER FA 13 -33.61 -104.83 -104.27
N PRO FA 14 -33.41 -105.89 -105.05
CA PRO FA 14 -33.18 -105.68 -106.49
C PRO FA 14 -34.36 -105.09 -107.23
N GLU FA 15 -35.58 -105.21 -106.69
CA GLU FA 15 -36.77 -104.76 -107.40
C GLU FA 15 -37.46 -103.56 -106.76
N GLY FA 16 -36.72 -102.72 -106.06
CA GLY FA 16 -37.28 -101.49 -105.56
C GLY FA 16 -37.98 -101.56 -104.22
N ARG FA 17 -37.95 -102.71 -103.54
CA ARG FA 17 -38.54 -102.83 -102.22
C ARG FA 17 -37.45 -102.84 -101.15
N LEU FA 18 -37.87 -103.06 -99.91
CA LEU FA 18 -37.04 -103.65 -98.88
C LEU FA 18 -37.92 -104.62 -98.09
N TYR FA 19 -37.32 -105.46 -97.27
CA TYR FA 19 -38.09 -106.59 -96.77
C TYR FA 19 -38.34 -106.57 -95.28
N GLN FA 20 -37.51 -105.87 -94.51
CA GLN FA 20 -37.65 -105.92 -93.05
C GLN FA 20 -38.90 -105.20 -92.59
N VAL FA 21 -39.24 -104.10 -93.25
CA VAL FA 21 -40.49 -103.41 -92.97
C VAL FA 21 -41.72 -104.25 -93.33
N GLU FA 22 -41.77 -104.82 -94.54
CA GLU FA 22 -42.94 -105.61 -94.88
C GLU FA 22 -42.93 -106.99 -94.24
N TYR FA 23 -41.79 -107.42 -93.68
CA TYR FA 23 -41.86 -108.52 -92.72
C TYR FA 23 -42.45 -108.05 -91.40
N ALA FA 24 -42.21 -106.79 -91.04
CA ALA FA 24 -42.77 -106.27 -89.80
C ALA FA 24 -44.24 -105.88 -89.95
N PHE FA 25 -44.78 -105.84 -91.16
CA PHE FA 25 -46.23 -105.70 -91.33
C PHE FA 25 -46.97 -106.88 -90.72
N LYS FA 26 -46.46 -108.09 -90.90
CA LYS FA 26 -47.05 -109.26 -90.28
C LYS FA 26 -46.40 -109.62 -88.95
N ALA FA 27 -45.73 -108.66 -88.32
CA ALA FA 27 -45.34 -108.83 -86.93
C ALA FA 27 -46.49 -108.52 -85.98
N ILE FA 28 -47.48 -107.76 -86.46
CA ILE FA 28 -48.67 -107.45 -85.65
C ILE FA 28 -49.52 -108.71 -85.48
N ASN FA 29 -49.52 -109.57 -86.49
CA ASN FA 29 -50.46 -110.68 -86.58
C ASN FA 29 -50.23 -111.77 -85.54
N GLN FA 30 -49.13 -111.76 -84.79
CA GLN FA 30 -49.01 -112.69 -83.68
C GLN FA 30 -49.80 -112.27 -82.44
N GLY FA 31 -50.38 -111.07 -82.44
CA GLY FA 31 -51.18 -110.67 -81.29
C GLY FA 31 -52.51 -111.39 -81.23
N GLY FA 32 -53.11 -111.66 -82.38
CA GLY FA 32 -54.45 -112.21 -82.41
C GLY FA 32 -55.48 -111.23 -81.91
N LEU FA 33 -55.65 -110.12 -82.62
CA LEU FA 33 -56.45 -109.02 -82.09
C LEU FA 33 -57.22 -108.36 -83.23
N THR FA 34 -58.49 -108.06 -82.94
CA THR FA 34 -59.32 -107.20 -83.78
C THR FA 34 -59.50 -105.88 -83.03
N SER FA 35 -59.51 -104.77 -83.76
CA SER FA 35 -59.57 -103.44 -83.16
C SER FA 35 -60.07 -102.45 -84.20
N VAL FA 36 -61.19 -101.80 -83.90
CA VAL FA 36 -61.82 -100.87 -84.83
C VAL FA 36 -61.85 -99.50 -84.16
N ALA FA 37 -61.55 -98.46 -84.93
CA ALA FA 37 -61.69 -97.08 -84.49
C ALA FA 37 -62.70 -96.39 -85.40
N VAL FA 38 -63.71 -95.77 -84.80
CA VAL FA 38 -64.81 -95.16 -85.54
C VAL FA 38 -64.84 -93.67 -85.23
N ARG FA 39 -65.02 -92.85 -86.27
CA ARG FA 39 -65.19 -91.41 -86.12
C ARG FA 39 -66.63 -91.05 -86.49
N GLY FA 40 -67.22 -90.14 -85.72
CA GLY FA 40 -68.60 -89.73 -85.94
C GLY FA 40 -68.77 -88.27 -86.28
N LYS FA 41 -69.92 -87.73 -85.89
CA LYS FA 41 -70.20 -86.32 -86.12
C LYS FA 41 -69.41 -85.44 -85.16
N ASP FA 42 -69.65 -85.60 -83.86
CA ASP FA 42 -68.85 -84.95 -82.84
C ASP FA 42 -68.31 -85.95 -81.82
N CYS FA 43 -68.02 -87.17 -82.23
CA CYS FA 43 -67.58 -88.22 -81.33
C CYS FA 43 -66.52 -89.07 -81.99
N ALA FA 44 -65.66 -89.65 -81.16
CA ALA FA 44 -64.67 -90.63 -81.60
C ALA FA 44 -64.81 -91.84 -80.70
N VAL FA 45 -64.85 -93.02 -81.32
CA VAL FA 45 -65.14 -94.26 -80.62
C VAL FA 45 -64.06 -95.28 -80.93
N ILE FA 46 -63.47 -95.84 -79.87
CA ILE FA 46 -62.51 -96.94 -79.96
C ILE FA 46 -63.23 -98.19 -79.48
N VAL FA 47 -63.05 -99.30 -80.19
CA VAL FA 47 -63.53 -100.60 -79.74
C VAL FA 47 -62.46 -101.66 -79.99
N THR FA 48 -62.11 -102.39 -78.94
CA THR FA 48 -61.04 -103.37 -78.97
C THR FA 48 -61.25 -104.37 -77.85
N GLN FA 49 -61.24 -105.66 -78.20
CA GLN FA 49 -61.39 -106.70 -77.19
C GLN FA 49 -60.06 -107.01 -76.56
N LYS FA 50 -60.10 -107.80 -75.49
CA LYS FA 50 -58.91 -108.43 -74.95
C LYS FA 50 -59.22 -109.89 -74.73
N LYS FA 51 -58.18 -110.71 -74.78
CA LYS FA 51 -58.31 -112.14 -74.54
C LYS FA 51 -57.96 -112.41 -73.09
N VAL FA 52 -58.78 -113.19 -72.40
CA VAL FA 52 -58.53 -113.59 -71.03
C VAL FA 52 -58.35 -115.10 -71.05
N PRO FA 53 -57.14 -115.62 -71.29
CA PRO FA 53 -56.98 -117.07 -71.43
C PRO FA 53 -56.88 -117.76 -70.08
N ASP FA 54 -56.54 -116.99 -69.05
CA ASP FA 54 -56.34 -117.51 -67.71
C ASP FA 54 -57.28 -116.77 -66.75
N LYS FA 55 -57.89 -117.52 -65.85
CA LYS FA 55 -58.64 -116.89 -64.77
C LYS FA 55 -57.72 -116.15 -63.81
N LEU FA 56 -56.50 -116.62 -63.65
CA LEU FA 56 -55.50 -115.98 -62.80
C LEU FA 56 -54.99 -114.67 -63.38
N LEU FA 57 -55.21 -114.43 -64.67
CA LEU FA 57 -54.93 -113.14 -65.27
C LEU FA 57 -55.90 -112.09 -64.75
N ASP FA 58 -55.34 -110.97 -64.33
CA ASP FA 58 -56.10 -109.88 -63.72
C ASP FA 58 -56.88 -109.14 -64.80
N SER FA 59 -58.04 -108.60 -64.43
CA SER FA 59 -58.85 -107.87 -65.40
C SER FA 59 -58.30 -106.48 -65.67
N SER FA 60 -57.47 -105.96 -64.76
CA SER FA 60 -57.08 -104.55 -64.84
C SER FA 60 -55.97 -104.32 -65.84
N THR FA 61 -54.83 -104.96 -65.66
CA THR FA 61 -53.60 -104.59 -66.36
C THR FA 61 -53.46 -105.19 -67.75
N VAL FA 62 -54.56 -105.53 -68.41
CA VAL FA 62 -54.50 -106.20 -69.71
C VAL FA 62 -55.05 -105.35 -70.84
N THR FA 63 -56.08 -104.54 -70.58
CA THR FA 63 -56.74 -103.72 -71.60
C THR FA 63 -55.77 -102.73 -72.23
N HIS FA 64 -55.71 -102.75 -73.57
CA HIS FA 64 -54.75 -101.96 -74.32
C HIS FA 64 -55.16 -100.51 -74.47
N LEU FA 65 -56.27 -100.09 -73.87
CA LEU FA 65 -56.67 -98.68 -73.91
C LEU FA 65 -55.71 -97.87 -73.06
N PHE FA 66 -54.80 -97.17 -73.70
CA PHE FA 66 -53.80 -96.37 -73.01
C PHE FA 66 -54.09 -94.90 -73.19
N LYS FA 67 -53.93 -94.15 -72.11
CA LYS FA 67 -54.26 -92.74 -72.04
C LYS FA 67 -52.98 -91.95 -72.32
N ILE FA 68 -52.98 -91.22 -73.43
CA ILE FA 68 -51.79 -90.44 -73.76
C ILE FA 68 -51.71 -89.17 -72.92
N THR FA 69 -52.73 -88.34 -73.01
CA THR FA 69 -52.82 -87.11 -72.24
C THR FA 69 -54.23 -87.07 -71.68
N GLU FA 70 -54.63 -85.95 -71.09
CA GLU FA 70 -56.00 -85.81 -70.61
C GLU FA 70 -57.00 -85.71 -71.74
N ASN FA 71 -56.56 -85.47 -72.97
CA ASN FA 71 -57.46 -85.26 -74.08
C ASN FA 71 -57.13 -86.14 -75.29
N ILE FA 72 -56.17 -87.03 -75.18
CA ILE FA 72 -55.72 -87.86 -76.29
C ILE FA 72 -55.73 -89.30 -75.80
N GLY FA 73 -56.46 -90.18 -76.51
CA GLY FA 73 -56.44 -91.59 -76.22
C GLY FA 73 -55.77 -92.38 -77.34
N CYS FA 74 -55.38 -93.61 -77.00
CA CYS FA 74 -54.79 -94.49 -78.00
C CYS FA 74 -55.10 -95.93 -77.64
N VAL FA 75 -55.04 -96.79 -78.66
CA VAL FA 75 -55.23 -98.23 -78.50
C VAL FA 75 -54.15 -98.92 -79.32
N MET FA 76 -53.70 -100.08 -78.88
CA MET FA 76 -52.52 -100.67 -79.50
C MET FA 76 -52.79 -102.05 -80.06
N THR FA 77 -52.21 -102.31 -81.23
CA THR FA 77 -52.12 -103.64 -81.80
C THR FA 77 -50.64 -104.09 -81.76
N GLY FA 78 -50.27 -105.21 -82.35
CA GLY FA 78 -48.88 -105.61 -82.40
C GLY FA 78 -48.38 -106.19 -81.11
N MET FA 79 -47.09 -106.53 -81.07
CA MET FA 79 -46.51 -107.08 -79.85
C MET FA 79 -46.36 -105.98 -78.81
N THR FA 80 -46.48 -106.36 -77.54
CA THR FA 80 -46.93 -105.40 -76.54
C THR FA 80 -45.79 -104.52 -76.06
N ALA FA 81 -44.55 -104.98 -76.20
CA ALA FA 81 -43.40 -104.19 -75.76
C ALA FA 81 -43.18 -102.96 -76.63
N ASP FA 82 -43.29 -103.14 -77.96
CA ASP FA 82 -43.20 -102.01 -78.88
C ASP FA 82 -44.34 -101.03 -78.64
N SER FA 83 -45.50 -101.56 -78.26
CA SER FA 83 -46.66 -100.71 -77.97
C SER FA 83 -46.42 -99.85 -76.75
N ARG FA 84 -46.00 -100.45 -75.63
CA ARG FA 84 -45.86 -99.69 -74.40
C ARG FA 84 -44.69 -98.72 -74.48
N SER FA 85 -43.58 -99.15 -75.11
CA SER FA 85 -42.45 -98.26 -75.33
C SER FA 85 -42.84 -97.07 -76.20
N GLN FA 86 -43.65 -97.34 -77.24
CA GLN FA 86 -44.17 -96.28 -78.09
C GLN FA 86 -45.09 -95.35 -77.30
N VAL FA 87 -45.79 -95.90 -76.30
CA VAL FA 87 -46.66 -95.08 -75.47
C VAL FA 87 -45.87 -94.13 -74.59
N GLN FA 88 -44.82 -94.61 -73.91
CA GLN FA 88 -44.04 -93.68 -73.09
C GLN FA 88 -43.25 -92.67 -73.93
N ARG FA 89 -42.85 -93.05 -75.15
CA ARG FA 89 -42.28 -92.04 -76.06
C ARG FA 89 -43.31 -90.97 -76.39
N ALA FA 90 -44.55 -91.38 -76.65
CA ALA FA 90 -45.63 -90.46 -76.98
C ALA FA 90 -45.97 -89.51 -75.83
N ARG FA 91 -46.03 -90.08 -74.61
CA ARG FA 91 -46.29 -89.28 -73.42
C ARG FA 91 -45.19 -88.26 -73.20
N TYR FA 92 -43.94 -88.68 -73.37
CA TYR FA 92 -42.81 -87.79 -73.13
C TYR FA 92 -42.79 -86.64 -74.13
N GLU FA 93 -43.11 -86.93 -75.38
CA GLU FA 93 -43.07 -85.88 -76.40
C GLU FA 93 -44.27 -84.95 -76.28
N ALA FA 94 -45.42 -85.46 -75.83
CA ALA FA 94 -46.57 -84.60 -75.58
C ALA FA 94 -46.30 -83.65 -74.42
N ALA FA 95 -45.65 -84.16 -73.37
CA ALA FA 95 -45.28 -83.30 -72.26
C ALA FA 95 -44.24 -82.26 -72.67
N ASN FA 96 -43.34 -82.63 -73.59
CA ASN FA 96 -42.38 -81.66 -74.10
C ASN FA 96 -43.05 -80.58 -74.91
N TRP FA 97 -44.13 -80.93 -75.63
CA TRP FA 97 -44.90 -79.91 -76.33
C TRP FA 97 -45.58 -78.99 -75.32
N LYS FA 98 -46.03 -79.55 -74.20
CA LYS FA 98 -46.64 -78.72 -73.17
C LYS FA 98 -45.63 -77.81 -72.49
N TYR FA 99 -44.36 -78.19 -72.48
CA TYR FA 99 -43.37 -77.30 -71.88
C TYR FA 99 -42.90 -76.25 -72.86
N LYS FA 100 -42.63 -76.63 -74.11
CA LYS FA 100 -42.10 -75.67 -75.06
C LYS FA 100 -43.18 -74.71 -75.55
N TYR FA 101 -44.26 -75.26 -76.08
CA TYR FA 101 -45.11 -74.44 -76.94
C TYR FA 101 -46.35 -73.88 -76.24
N GLY FA 102 -46.55 -74.20 -74.97
CA GLY FA 102 -47.51 -73.49 -74.15
C GLY FA 102 -48.97 -73.85 -74.35
N TYR FA 103 -49.29 -74.79 -75.22
CA TYR FA 103 -50.66 -75.25 -75.35
C TYR FA 103 -50.69 -76.72 -75.68
N GLU FA 104 -51.90 -77.29 -75.62
CA GLU FA 104 -52.09 -78.73 -75.77
C GLU FA 104 -51.77 -79.16 -77.20
N ILE FA 105 -51.07 -80.27 -77.32
CA ILE FA 105 -50.56 -80.73 -78.61
C ILE FA 105 -51.72 -81.22 -79.46
N PRO FA 106 -51.81 -80.80 -80.72
CA PRO FA 106 -52.78 -81.42 -81.64
C PRO FA 106 -52.46 -82.87 -81.93
N VAL FA 107 -53.47 -83.71 -82.13
CA VAL FA 107 -53.27 -85.16 -82.27
C VAL FA 107 -52.53 -85.49 -83.57
N ASP FA 108 -52.61 -84.60 -84.55
CA ASP FA 108 -51.91 -84.83 -85.82
C ASP FA 108 -50.40 -84.67 -85.66
N MET FA 109 -49.98 -83.64 -84.91
CA MET FA 109 -48.56 -83.39 -84.68
C MET FA 109 -47.87 -84.53 -83.96
N LEU FA 110 -48.58 -85.19 -83.05
CA LEU FA 110 -48.01 -86.30 -82.31
C LEU FA 110 -47.76 -87.49 -83.24
N CYS FA 111 -48.66 -87.71 -84.18
CA CYS FA 111 -48.45 -88.77 -85.17
C CYS FA 111 -47.36 -88.40 -86.15
N LYS FA 112 -47.15 -87.09 -86.38
CA LYS FA 112 -45.99 -86.66 -87.16
C LYS FA 112 -44.70 -87.04 -86.45
N ARG FA 113 -44.63 -86.79 -85.14
CA ARG FA 113 -43.39 -87.03 -84.41
C ARG FA 113 -43.11 -88.53 -84.27
N ILE FA 114 -44.14 -89.31 -83.93
CA ILE FA 114 -44.00 -90.76 -83.83
C ILE FA 114 -43.69 -91.36 -85.20
N ALA FA 115 -44.23 -90.76 -86.26
CA ALA FA 115 -43.96 -91.26 -87.61
C ALA FA 115 -42.52 -91.02 -88.01
N ASP FA 116 -42.01 -89.80 -87.80
CA ASP FA 116 -40.63 -89.47 -88.18
C ASP FA 116 -39.64 -90.26 -87.35
N ILE FA 117 -39.91 -90.43 -86.05
CA ILE FA 117 -38.99 -91.18 -85.22
C ILE FA 117 -39.06 -92.67 -85.57
N SER FA 118 -40.22 -93.14 -86.02
CA SER FA 118 -40.30 -94.50 -86.54
C SER FA 118 -39.48 -94.68 -87.81
N GLN FA 119 -39.38 -93.63 -88.63
CA GLN FA 119 -38.43 -93.66 -89.73
C GLN FA 119 -36.99 -93.72 -89.23
N VAL FA 120 -36.70 -93.04 -88.11
CA VAL FA 120 -35.34 -93.08 -87.57
C VAL FA 120 -35.01 -94.49 -87.07
N TYR FA 121 -36.01 -95.20 -86.52
CA TYR FA 121 -35.81 -96.60 -86.16
C TYR FA 121 -35.67 -97.48 -87.41
N THR FA 122 -36.29 -97.07 -88.52
CA THR FA 122 -36.12 -97.81 -89.76
C THR FA 122 -34.74 -97.65 -90.36
N GLN FA 123 -34.01 -96.60 -89.96
CA GLN FA 123 -32.91 -96.10 -90.76
C GLN FA 123 -31.59 -96.84 -90.55
N ASN FA 124 -31.29 -97.20 -89.31
CA ASN FA 124 -30.20 -98.12 -89.02
C ASN FA 124 -30.44 -99.45 -89.70
N ALA FA 125 -29.34 -100.11 -90.10
CA ALA FA 125 -29.45 -101.44 -90.66
C ALA FA 125 -29.39 -102.51 -89.56
N GLU FA 126 -29.39 -102.09 -88.30
CA GLU FA 126 -29.21 -103.05 -87.22
C GLU FA 126 -30.38 -103.05 -86.24
N MET FA 127 -30.81 -101.86 -85.81
CA MET FA 127 -31.76 -101.78 -84.70
C MET FA 127 -33.15 -102.19 -85.14
N ARG FA 128 -33.97 -102.58 -84.17
CA ARG FA 128 -35.19 -103.31 -84.49
C ARG FA 128 -36.32 -102.33 -84.83
N PRO FA 129 -37.12 -102.62 -85.86
CA PRO FA 129 -38.05 -101.60 -86.38
C PRO FA 129 -39.37 -101.48 -85.64
N LEU FA 130 -39.54 -102.08 -84.46
CA LEU FA 130 -40.69 -101.85 -83.57
C LEU FA 130 -42.04 -102.16 -84.20
N GLY FA 131 -42.35 -103.44 -84.42
CA GLY FA 131 -43.47 -103.78 -85.30
C GLY FA 131 -44.85 -103.65 -84.66
N CYS FA 132 -45.11 -102.56 -83.94
CA CYS FA 132 -46.47 -102.30 -83.48
C CYS FA 132 -47.14 -101.26 -84.37
N CYS FA 133 -48.47 -101.29 -84.39
CA CYS FA 133 -49.26 -100.31 -85.11
C CYS FA 133 -50.02 -99.45 -84.12
N MET FA 134 -50.16 -98.17 -84.47
CA MET FA 134 -50.54 -97.12 -83.53
C MET FA 134 -51.83 -96.47 -84.01
N ILE FA 135 -52.80 -96.33 -83.09
CA ILE FA 135 -54.10 -95.75 -83.40
C ILE FA 135 -54.42 -94.70 -82.36
N LEU FA 136 -54.58 -93.45 -82.79
CA LEU FA 136 -54.90 -92.36 -81.89
C LEU FA 136 -56.28 -91.79 -82.19
N ILE FA 137 -56.86 -91.15 -81.18
CA ILE FA 137 -58.04 -90.33 -81.35
C ILE FA 137 -57.86 -89.02 -80.59
N GLY FA 138 -58.85 -88.17 -80.65
CA GLY FA 138 -58.79 -86.90 -79.94
C GLY FA 138 -59.73 -85.90 -80.58
N ILE FA 139 -59.99 -84.83 -79.84
CA ILE FA 139 -60.86 -83.77 -80.28
C ILE FA 139 -60.05 -82.51 -80.49
N ASP FA 140 -60.08 -82.00 -81.71
CA ASP FA 140 -59.38 -80.77 -82.04
C ASP FA 140 -60.39 -79.73 -82.47
N GLU FA 141 -60.09 -78.48 -82.15
CA GLU FA 141 -60.99 -77.37 -82.39
C GLU FA 141 -60.96 -77.01 -83.86
N GLU FA 142 -62.11 -76.58 -84.38
CA GLU FA 142 -62.39 -76.18 -85.76
C GLU FA 142 -62.28 -77.32 -86.77
N GLN FA 143 -62.09 -78.56 -86.32
CA GLN FA 143 -62.18 -79.71 -87.19
C GLN FA 143 -62.98 -80.86 -86.62
N GLY FA 144 -63.39 -80.79 -85.35
CA GLY FA 144 -64.17 -81.83 -84.74
C GLY FA 144 -63.31 -83.01 -84.35
N PRO FA 145 -63.83 -84.22 -84.55
CA PRO FA 145 -63.11 -85.42 -84.13
C PRO FA 145 -62.04 -85.82 -85.14
N GLN FA 146 -61.03 -86.51 -84.63
CA GLN FA 146 -59.93 -87.02 -85.45
C GLN FA 146 -59.56 -88.41 -85.00
N VAL FA 147 -59.38 -89.29 -85.97
CA VAL FA 147 -58.75 -90.58 -85.77
C VAL FA 147 -57.46 -90.54 -86.58
N TYR FA 148 -56.41 -91.19 -86.09
CA TYR FA 148 -55.18 -91.29 -86.86
C TYR FA 148 -54.56 -92.67 -86.67
N LYS FA 149 -53.89 -93.14 -87.71
CA LYS FA 149 -53.16 -94.40 -87.67
C LYS FA 149 -51.70 -94.12 -87.98
N CYS FA 150 -50.80 -94.65 -87.16
CA CYS FA 150 -49.37 -94.65 -87.47
C CYS FA 150 -48.94 -96.09 -87.73
N ASP FA 151 -47.95 -96.26 -88.58
CA ASP FA 151 -47.55 -97.55 -89.13
C ASP FA 151 -46.09 -97.81 -88.83
N PRO FA 152 -45.65 -99.07 -88.85
CA PRO FA 152 -44.21 -99.33 -88.62
C PRO FA 152 -43.33 -98.84 -89.76
N ALA FA 153 -43.87 -98.74 -90.98
CA ALA FA 153 -43.15 -98.08 -92.05
C ALA FA 153 -43.01 -96.59 -91.77
N GLY FA 154 -44.00 -96.02 -91.08
CA GLY FA 154 -43.89 -94.65 -90.63
C GLY FA 154 -44.74 -93.69 -91.41
N TYR FA 155 -45.63 -94.17 -92.27
CA TYR FA 155 -46.51 -93.24 -92.96
C TYR FA 155 -47.89 -93.31 -92.33
N TYR FA 156 -48.49 -92.15 -92.17
CA TYR FA 156 -49.67 -91.97 -91.36
C TYR FA 156 -50.75 -91.30 -92.20
N CYS FA 157 -52.00 -91.64 -91.90
CA CYS FA 157 -53.14 -90.95 -92.49
C CYS FA 157 -54.31 -91.11 -91.54
N GLY FA 158 -55.20 -90.14 -91.56
CA GLY FA 158 -56.29 -90.14 -90.61
C GLY FA 158 -57.65 -90.17 -91.25
N PHE FA 159 -58.53 -91.02 -90.73
CA PHE FA 159 -59.70 -91.40 -91.51
C PHE FA 159 -60.77 -91.99 -90.59
N LYS FA 160 -61.99 -92.02 -91.11
CA LYS FA 160 -63.18 -92.21 -90.28
C LYS FA 160 -63.28 -93.63 -89.75
N ALA FA 161 -63.52 -94.60 -90.63
CA ALA FA 161 -63.59 -95.99 -90.25
C ALA FA 161 -62.18 -96.56 -90.29
N THR FA 162 -61.70 -97.00 -89.15
CA THR FA 162 -60.28 -97.26 -88.96
C THR FA 162 -60.09 -98.56 -88.22
N ALA FA 163 -59.23 -99.42 -88.78
CA ALA FA 163 -58.96 -100.73 -88.21
C ALA FA 163 -57.65 -101.28 -88.79
N ALA FA 164 -56.80 -101.84 -87.92
CA ALA FA 164 -55.59 -102.51 -88.37
C ALA FA 164 -55.19 -103.61 -87.40
N GLY FA 165 -54.63 -104.69 -87.93
CA GLY FA 165 -54.20 -105.80 -87.11
C GLY FA 165 -54.32 -107.12 -87.86
N VAL FA 166 -55.02 -108.06 -87.22
CA VAL FA 166 -55.12 -109.42 -87.76
C VAL FA 166 -56.31 -109.53 -88.72
N LYS FA 167 -57.53 -109.38 -88.18
CA LYS FA 167 -58.73 -109.65 -88.95
C LYS FA 167 -59.13 -108.47 -89.81
N GLN FA 168 -58.39 -107.36 -89.69
CA GLN FA 168 -58.92 -106.06 -90.08
C GLN FA 168 -58.87 -105.84 -91.59
N THR FA 169 -58.20 -106.72 -92.31
CA THR FA 169 -58.20 -106.66 -93.77
C THR FA 169 -59.59 -106.99 -94.31
N GLU FA 170 -60.37 -107.75 -93.54
CA GLU FA 170 -61.78 -107.95 -93.86
C GLU FA 170 -62.68 -106.93 -93.18
N SER FA 171 -62.23 -106.38 -92.04
CA SER FA 171 -63.04 -105.38 -91.34
C SER FA 171 -63.08 -104.07 -92.11
N THR FA 172 -62.01 -103.74 -92.81
CA THR FA 172 -62.05 -102.63 -93.76
C THR FA 172 -63.00 -102.94 -94.91
N SER FA 173 -63.08 -104.21 -95.32
CA SER FA 173 -64.00 -104.56 -96.39
C SER FA 173 -65.45 -104.51 -95.90
N PHE FA 174 -65.66 -104.58 -94.60
CA PHE FA 174 -67.00 -104.36 -94.07
C PHE FA 174 -67.30 -102.87 -93.92
N LEU FA 175 -66.34 -102.10 -93.41
CA LEU FA 175 -66.59 -100.69 -93.12
C LEU FA 175 -66.67 -99.87 -94.40
N GLU FA 176 -66.04 -100.36 -95.47
CA GLU FA 176 -66.37 -99.89 -96.81
C GLU FA 176 -67.84 -100.12 -97.12
N LYS FA 177 -68.37 -101.29 -96.75
CA LYS FA 177 -69.79 -101.54 -96.94
C LYS FA 177 -70.63 -100.95 -95.80
N LYS FA 178 -70.04 -100.10 -94.96
CA LYS FA 178 -70.80 -99.38 -93.96
C LYS FA 178 -70.82 -97.88 -94.25
N VAL FA 179 -69.76 -97.35 -94.84
CA VAL FA 179 -69.74 -95.93 -95.22
C VAL FA 179 -70.54 -95.72 -96.50
N LYS FA 180 -70.48 -96.68 -97.43
CA LYS FA 180 -71.54 -96.84 -98.41
C LYS FA 180 -72.23 -98.17 -98.10
N LYS FA 181 -73.46 -98.13 -97.55
CA LYS FA 181 -74.45 -97.03 -97.51
C LYS FA 181 -74.19 -95.75 -96.68
N LYS FA 182 -74.54 -94.60 -97.25
CA LYS FA 182 -74.24 -93.30 -96.65
C LYS FA 182 -75.12 -92.99 -95.45
N PHE FA 183 -74.92 -93.67 -94.33
CA PHE FA 183 -75.71 -93.45 -93.12
C PHE FA 183 -75.16 -92.28 -92.32
N ASP FA 184 -76.06 -91.42 -91.85
CA ASP FA 184 -75.69 -90.31 -90.97
C ASP FA 184 -75.26 -90.84 -89.61
N TRP FA 185 -74.47 -90.05 -88.90
CA TRP FA 185 -73.74 -90.54 -87.74
C TRP FA 185 -74.14 -89.79 -86.47
N THR FA 186 -74.48 -90.57 -85.45
CA THR FA 186 -74.70 -90.08 -84.09
C THR FA 186 -73.81 -90.87 -83.15
N PHE FA 187 -74.06 -90.72 -81.85
CA PHE FA 187 -73.30 -91.48 -80.87
C PHE FA 187 -73.65 -92.97 -80.93
N GLU FA 188 -74.94 -93.28 -80.81
CA GLU FA 188 -75.41 -94.67 -80.84
C GLU FA 188 -75.17 -95.32 -82.19
N GLN FA 189 -75.11 -94.52 -83.26
CA GLN FA 189 -74.80 -95.04 -84.57
C GLN FA 189 -73.35 -95.51 -84.63
N THR FA 190 -72.43 -94.72 -84.07
CA THR FA 190 -71.03 -95.10 -84.05
C THR FA 190 -70.76 -96.27 -83.10
N VAL FA 191 -71.44 -96.32 -81.96
CA VAL FA 191 -71.24 -97.44 -81.05
C VAL FA 191 -71.83 -98.71 -81.65
N GLU FA 192 -72.99 -98.57 -82.32
CA GLU FA 192 -73.66 -99.71 -82.93
C GLU FA 192 -72.84 -100.28 -84.08
N THR FA 193 -72.34 -99.42 -84.96
CA THR FA 193 -71.46 -99.90 -86.03
C THR FA 193 -70.13 -100.39 -85.47
N ALA FA 194 -69.71 -99.82 -84.34
CA ALA FA 194 -68.41 -100.16 -83.77
C ALA FA 194 -68.41 -101.56 -83.18
N ILE FA 195 -69.48 -101.95 -82.51
CA ILE FA 195 -69.56 -103.32 -82.00
C ILE FA 195 -69.98 -104.27 -83.11
N THR FA 196 -70.97 -103.90 -83.92
CA THR FA 196 -71.55 -104.85 -84.86
C THR FA 196 -70.65 -105.08 -86.07
N CYS FA 197 -69.70 -104.19 -86.32
CA CYS FA 197 -68.72 -104.48 -87.37
C CYS FA 197 -67.78 -105.60 -86.94
N LEU FA 198 -67.21 -105.47 -85.74
CA LEU FA 198 -66.35 -106.52 -85.18
C LEU FA 198 -67.14 -107.79 -84.92
N SER FA 199 -68.44 -107.66 -84.67
CA SER FA 199 -69.31 -108.82 -84.51
C SER FA 199 -69.49 -109.54 -85.83
N THR FA 200 -69.83 -108.81 -86.90
CA THR FA 200 -70.07 -109.47 -88.18
C THR FA 200 -68.80 -109.96 -88.84
N VAL FA 201 -67.63 -109.43 -88.47
CA VAL FA 201 -66.39 -110.04 -88.95
C VAL FA 201 -66.18 -111.41 -88.30
N LEU FA 202 -66.41 -111.51 -87.00
CA LEU FA 202 -66.05 -112.70 -86.24
C LEU FA 202 -67.20 -113.68 -86.06
N SER FA 203 -68.45 -113.20 -86.18
CA SER FA 203 -69.68 -113.98 -85.97
C SER FA 203 -69.71 -114.65 -84.60
N ILE FA 204 -69.68 -113.85 -83.53
CA ILE FA 204 -69.65 -114.39 -82.18
C ILE FA 204 -70.89 -113.99 -81.39
N ASP FA 205 -71.28 -112.70 -81.47
CA ASP FA 205 -72.40 -112.11 -80.73
C ASP FA 205 -72.21 -112.31 -79.23
N PHE FA 206 -71.20 -111.64 -78.68
CA PHE FA 206 -70.52 -112.05 -77.46
C PHE FA 206 -70.93 -111.20 -76.27
N LYS FA 207 -70.25 -111.47 -75.15
CA LYS FA 207 -70.56 -110.91 -73.86
C LYS FA 207 -70.08 -109.45 -73.78
N PRO FA 208 -70.64 -108.63 -72.88
CA PRO FA 208 -70.03 -107.31 -72.63
C PRO FA 208 -68.68 -107.33 -71.93
N SER FA 209 -68.11 -108.52 -71.64
CA SER FA 209 -66.85 -108.58 -70.94
C SER FA 209 -65.66 -108.35 -71.87
N GLU FA 210 -65.73 -108.85 -73.11
CA GLU FA 210 -64.53 -108.92 -73.95
C GLU FA 210 -64.09 -107.56 -74.45
N ILE FA 211 -64.98 -106.79 -75.06
CA ILE FA 211 -64.57 -105.54 -75.66
C ILE FA 211 -64.46 -104.46 -74.59
N GLU FA 212 -63.56 -103.53 -74.82
CA GLU FA 212 -63.39 -102.35 -73.99
C GLU FA 212 -63.47 -101.14 -74.89
N VAL FA 213 -64.30 -100.17 -74.50
CA VAL FA 213 -64.65 -99.07 -75.37
C VAL FA 213 -63.97 -97.82 -74.84
N GLY FA 214 -63.17 -97.19 -75.69
CA GLY FA 214 -62.65 -95.87 -75.44
C GLY FA 214 -63.43 -94.87 -76.28
N VAL FA 215 -63.78 -93.74 -75.66
CA VAL FA 215 -64.63 -92.78 -76.33
C VAL FA 215 -64.15 -91.38 -75.97
N VAL FA 216 -64.34 -90.45 -76.91
CA VAL FA 216 -64.25 -89.03 -76.64
C VAL FA 216 -65.27 -88.32 -77.52
N THR FA 217 -66.00 -87.39 -76.93
CA THR FA 217 -67.15 -86.78 -77.57
C THR FA 217 -67.17 -85.31 -77.18
N VAL FA 218 -67.57 -84.44 -78.12
CA VAL FA 218 -67.48 -83.02 -77.83
C VAL FA 218 -68.73 -82.62 -77.06
N GLU FA 219 -68.77 -83.00 -75.79
CA GLU FA 219 -69.55 -82.35 -74.76
C GLU FA 219 -68.58 -82.22 -73.60
N ASN FA 220 -67.74 -83.25 -73.48
CA ASN FA 220 -66.74 -83.34 -72.44
C ASN FA 220 -65.46 -83.82 -73.11
N PRO FA 221 -64.43 -82.99 -73.25
CA PRO FA 221 -63.29 -83.33 -74.13
C PRO FA 221 -62.37 -84.40 -73.57
N LYS FA 222 -62.60 -84.90 -72.36
CA LYS FA 222 -61.67 -85.83 -71.75
C LYS FA 222 -61.85 -87.23 -72.33
N PHE FA 223 -60.75 -87.98 -72.34
CA PHE FA 223 -60.80 -89.38 -72.74
C PHE FA 223 -61.54 -90.18 -71.67
N ARG FA 224 -62.32 -91.15 -72.12
CA ARG FA 224 -63.21 -91.85 -71.21
C ARG FA 224 -63.15 -93.34 -71.48
N ILE FA 225 -63.06 -94.12 -70.40
CA ILE FA 225 -63.07 -95.57 -70.46
C ILE FA 225 -64.38 -96.05 -69.84
N LEU FA 226 -65.13 -96.86 -70.58
CA LEU FA 226 -66.49 -97.18 -70.18
C LEU FA 226 -66.55 -98.21 -69.06
N THR FA 227 -67.77 -98.47 -68.59
CA THR FA 227 -68.04 -99.51 -67.63
C THR FA 227 -68.91 -100.58 -68.28
N GLU FA 228 -68.75 -101.83 -67.84
CA GLU FA 228 -69.37 -102.97 -68.51
C GLU FA 228 -70.91 -102.94 -68.47
N ALA FA 229 -71.49 -102.23 -67.50
CA ALA FA 229 -72.94 -102.18 -67.37
C ALA FA 229 -73.57 -101.42 -68.53
N GLU FA 230 -73.07 -100.21 -68.82
CA GLU FA 230 -73.61 -99.47 -69.95
C GLU FA 230 -73.19 -100.09 -71.28
N ILE FA 231 -72.09 -100.86 -71.28
CA ILE FA 231 -71.75 -101.67 -72.44
C ILE FA 231 -72.83 -102.72 -72.68
N ASP FA 232 -73.34 -103.30 -71.60
CA ASP FA 232 -74.47 -104.23 -71.72
C ASP FA 232 -75.72 -103.51 -72.18
N ALA FA 233 -75.86 -102.23 -71.82
CA ALA FA 233 -76.98 -101.44 -72.34
C ALA FA 233 -76.83 -101.19 -73.85
N HIS FA 234 -75.59 -101.07 -74.32
CA HIS FA 234 -75.37 -100.98 -75.76
C HIS FA 234 -75.69 -102.30 -76.46
N LEU FA 235 -75.30 -103.42 -75.85
CA LEU FA 235 -75.52 -104.72 -76.45
C LEU FA 235 -77.00 -105.06 -76.52
N VAL FA 236 -77.74 -104.85 -75.42
CA VAL FA 236 -79.18 -105.07 -75.46
C VAL FA 236 -79.89 -104.00 -76.24
N ALA FA 237 -79.26 -102.85 -76.46
CA ALA FA 237 -79.82 -101.86 -77.36
C ALA FA 237 -79.70 -102.33 -78.81
N LEU FA 238 -78.64 -103.07 -79.13
CA LEU FA 238 -78.50 -103.58 -80.48
C LEU FA 238 -78.99 -105.02 -80.64
N ALA FA 239 -79.52 -105.63 -79.58
CA ALA FA 239 -80.05 -106.99 -79.65
C ALA FA 239 -81.54 -106.92 -79.95
N GLU FA 240 -81.88 -106.77 -81.23
CA GLU FA 240 -83.28 -106.79 -81.64
C GLU FA 240 -83.74 -108.23 -81.87
N GLU GA 1 -24.12 -95.92 -82.05
CA GLU GA 1 -24.24 -97.31 -82.50
C GLU GA 1 -23.07 -98.14 -81.97
N ARG GA 2 -22.93 -99.37 -82.49
CA ARG GA 2 -21.84 -100.26 -82.11
C ARG GA 2 -20.48 -99.75 -82.57
N GLY GA 3 -20.44 -98.91 -83.60
CA GLY GA 3 -19.19 -98.49 -84.20
C GLY GA 3 -18.83 -99.22 -85.47
N TYR GA 4 -19.81 -99.83 -86.14
CA TYR GA 4 -19.51 -100.58 -87.35
C TYR GA 4 -19.30 -99.63 -88.53
N SER GA 5 -20.24 -98.72 -88.75
CA SER GA 5 -20.07 -97.44 -89.45
C SER GA 5 -19.55 -97.57 -90.88
N PHE GA 6 -19.67 -98.73 -91.50
CA PHE GA 6 -19.08 -98.92 -92.81
C PHE GA 6 -20.09 -98.62 -93.91
N SER GA 7 -19.60 -97.97 -94.97
CA SER GA 7 -20.46 -97.60 -96.09
C SER GA 7 -20.86 -98.85 -96.86
N LEU GA 8 -22.13 -99.18 -96.78
CA LEU GA 8 -22.69 -100.33 -97.47
C LEU GA 8 -22.84 -100.14 -98.98
N THR GA 9 -22.41 -99.00 -99.51
CA THR GA 9 -22.41 -98.74 -100.96
C THR GA 9 -20.97 -98.82 -101.48
N THR GA 10 -20.62 -100.00 -101.98
CA THR GA 10 -19.32 -100.18 -102.60
C THR GA 10 -19.43 -100.11 -104.12
N PHE GA 11 -18.36 -100.49 -104.81
CA PHE GA 11 -18.35 -100.38 -106.26
C PHE GA 11 -18.47 -101.75 -106.93
N SER GA 12 -19.06 -101.74 -108.12
CA SER GA 12 -19.21 -102.92 -108.96
C SER GA 12 -17.93 -103.12 -109.77
N PRO GA 13 -17.77 -104.28 -110.42
CA PRO GA 13 -16.70 -104.41 -111.42
C PRO GA 13 -16.82 -103.45 -112.59
N SER GA 14 -18.02 -102.99 -112.91
CA SER GA 14 -18.15 -101.87 -113.84
C SER GA 14 -18.14 -100.52 -113.12
N GLY GA 15 -18.00 -100.52 -111.80
CA GLY GA 15 -17.94 -99.28 -111.05
C GLY GA 15 -19.28 -98.72 -110.66
N LYS GA 16 -20.36 -99.45 -110.87
CA LYS GA 16 -21.69 -98.93 -110.61
C LYS GA 16 -22.00 -98.99 -109.11
N LEU GA 17 -22.99 -98.21 -108.70
CA LEU GA 17 -23.43 -98.12 -107.32
C LEU GA 17 -24.78 -98.81 -107.21
N VAL GA 18 -24.74 -100.06 -106.75
CA VAL GA 18 -25.85 -101.00 -107.00
C VAL GA 18 -27.06 -100.62 -106.16
N GLN GA 19 -26.84 -100.25 -104.90
CA GLN GA 19 -27.96 -99.90 -104.04
C GLN GA 19 -28.54 -98.54 -104.39
N ILE GA 20 -27.73 -97.65 -104.97
CA ILE GA 20 -28.25 -96.38 -105.42
C ILE GA 20 -29.10 -96.57 -106.68
N GLU GA 21 -28.69 -97.47 -107.56
CA GLU GA 21 -29.50 -97.79 -108.74
C GLU GA 21 -30.80 -98.49 -108.35
N TYR GA 22 -30.73 -99.38 -107.35
CA TYR GA 22 -31.94 -99.98 -106.80
C TYR GA 22 -32.85 -98.94 -106.17
N ALA GA 23 -32.26 -97.91 -105.55
CA ALA GA 23 -33.06 -96.84 -104.98
C ALA GA 23 -33.72 -96.02 -106.08
N LEU GA 24 -33.06 -95.87 -107.23
CA LEU GA 24 -33.67 -95.20 -108.36
C LEU GA 24 -34.85 -96.00 -108.90
N ALA GA 25 -34.72 -97.33 -108.95
CA ALA GA 25 -35.86 -98.15 -109.35
C ALA GA 25 -36.98 -98.08 -108.32
N ALA GA 26 -36.63 -97.92 -107.04
CA ALA GA 26 -37.63 -97.74 -106.00
C ALA GA 26 -38.35 -96.41 -106.15
N VAL GA 27 -37.66 -95.39 -106.67
CA VAL GA 27 -38.33 -94.15 -107.04
C VAL GA 27 -39.27 -94.39 -108.21
N ALA GA 28 -38.83 -95.18 -109.19
CA ALA GA 28 -39.67 -95.47 -110.35
C ALA GA 28 -40.90 -96.29 -109.99
N GLY GA 29 -40.85 -97.01 -108.86
CA GLY GA 29 -42.03 -97.66 -108.34
C GLY GA 29 -42.96 -96.78 -107.52
N GLY GA 30 -42.72 -95.48 -107.48
CA GLY GA 30 -43.55 -94.60 -106.69
C GLY GA 30 -44.70 -94.01 -107.48
N ALA GA 31 -45.26 -92.94 -106.92
CA ALA GA 31 -46.46 -92.33 -107.51
C ALA GA 31 -46.08 -91.50 -108.73
N PRO GA 32 -46.92 -91.46 -109.76
CA PRO GA 32 -46.65 -90.59 -110.91
C PRO GA 32 -46.82 -89.12 -110.56
N SER GA 33 -46.05 -88.27 -111.24
CA SER GA 33 -46.02 -86.85 -110.94
C SER GA 33 -45.60 -86.10 -112.20
N VAL GA 34 -45.84 -84.79 -112.20
CA VAL GA 34 -45.49 -83.93 -113.32
C VAL GA 34 -45.22 -82.52 -112.81
N GLY GA 35 -44.34 -81.82 -113.50
CA GLY GA 35 -43.99 -80.46 -113.11
C GLY GA 35 -43.46 -79.70 -114.30
N ILE GA 36 -44.05 -78.53 -114.55
CA ILE GA 36 -43.83 -77.77 -115.77
C ILE GA 36 -43.58 -76.31 -115.40
N LYS GA 37 -42.54 -75.72 -115.97
CA LYS GA 37 -42.24 -74.30 -115.85
C LYS GA 37 -42.57 -73.63 -117.18
N ALA GA 38 -43.32 -72.53 -117.14
CA ALA GA 38 -43.60 -71.83 -118.38
C ALA GA 38 -43.72 -70.33 -118.14
N ALA GA 39 -42.58 -69.64 -118.21
CA ALA GA 39 -42.42 -68.22 -118.54
C ALA GA 39 -42.97 -67.22 -117.52
N ASN GA 40 -43.76 -67.65 -116.55
CA ASN GA 40 -44.13 -66.73 -115.48
C ASN GA 40 -44.04 -67.42 -114.12
N GLY GA 41 -44.29 -68.72 -114.07
CA GLY GA 41 -44.24 -69.44 -112.82
C GLY GA 41 -44.16 -70.93 -113.07
N VAL GA 42 -44.05 -71.68 -111.99
CA VAL GA 42 -43.84 -73.12 -112.09
C VAL GA 42 -45.07 -73.84 -111.55
N VAL GA 43 -45.56 -74.80 -112.32
CA VAL GA 43 -46.74 -75.57 -111.99
C VAL GA 43 -46.30 -76.99 -111.65
N LEU GA 44 -46.66 -77.46 -110.46
CA LEU GA 44 -46.42 -78.83 -110.06
C LEU GA 44 -47.76 -79.55 -109.94
N ALA GA 45 -47.76 -80.86 -110.18
CA ALA GA 45 -48.97 -81.66 -110.13
C ALA GA 45 -48.62 -83.10 -109.82
N THR GA 46 -49.32 -83.68 -108.84
CA THR GA 46 -49.03 -85.04 -108.43
C THR GA 46 -50.32 -85.85 -108.39
N GLU GA 47 -50.16 -87.16 -108.50
CA GLU GA 47 -51.27 -88.09 -108.39
C GLU GA 47 -51.34 -88.66 -106.98
N LYS GA 48 -52.56 -88.73 -106.46
CA LYS GA 48 -52.76 -89.31 -105.13
C LYS GA 48 -54.10 -90.02 -105.04
N LYS GA 49 -54.12 -91.31 -105.32
CA LYS GA 49 -55.27 -92.15 -105.06
C LYS GA 49 -55.06 -92.88 -103.75
N GLN GA 50 -56.03 -92.73 -102.86
CA GLN GA 50 -56.05 -93.47 -101.61
C GLN GA 50 -56.34 -94.94 -101.92
N LYS GA 51 -55.97 -95.82 -100.98
CA LYS GA 51 -56.18 -97.25 -101.19
C LYS GA 51 -57.64 -97.64 -101.07
N SER GA 52 -58.48 -96.79 -100.50
CA SER GA 52 -59.90 -97.08 -100.37
C SER GA 52 -60.66 -95.76 -100.28
N ILE GA 53 -61.97 -95.86 -100.06
CA ILE GA 53 -62.77 -94.67 -99.83
C ILE GA 53 -62.78 -94.26 -98.37
N LEU GA 54 -62.10 -95.01 -97.50
CA LEU GA 54 -62.07 -94.67 -96.09
C LEU GA 54 -61.20 -93.44 -95.83
N TYR GA 55 -60.15 -93.27 -96.61
CA TYR GA 55 -59.10 -92.31 -96.28
C TYR GA 55 -59.57 -90.89 -96.55
N ASP GA 56 -58.80 -89.93 -96.06
CA ASP GA 56 -59.13 -88.52 -96.18
C ASP GA 56 -58.20 -87.88 -97.19
N GLU GA 57 -58.77 -87.13 -98.13
CA GLU GA 57 -57.98 -86.42 -99.12
C GLU GA 57 -57.53 -85.05 -98.65
N ARG GA 58 -57.89 -84.65 -97.43
CA ARG GA 58 -57.43 -83.37 -96.90
C ARG GA 58 -56.54 -83.52 -95.67
N SER GA 59 -56.22 -84.74 -95.28
CA SER GA 59 -55.43 -84.98 -94.07
C SER GA 59 -53.94 -84.88 -94.35
N VAL GA 60 -53.47 -85.63 -95.35
CA VAL GA 60 -52.05 -85.69 -95.69
C VAL GA 60 -51.83 -84.83 -96.92
N HIS GA 61 -50.80 -83.99 -96.88
CA HIS GA 61 -50.49 -83.11 -97.99
C HIS GA 61 -49.14 -83.47 -98.58
N LYS GA 62 -49.13 -83.87 -99.85
CA LYS GA 62 -47.87 -84.12 -100.55
C LYS GA 62 -47.09 -82.83 -100.73
N VAL GA 63 -47.78 -81.71 -100.89
CA VAL GA 63 -47.21 -80.48 -101.42
C VAL GA 63 -47.23 -79.44 -100.32
N GLU GA 64 -46.08 -79.18 -99.72
CA GLU GA 64 -46.04 -78.23 -98.63
C GLU GA 64 -44.80 -77.37 -98.77
N PRO GA 65 -44.90 -76.04 -98.65
CA PRO GA 65 -43.80 -75.17 -99.04
C PRO GA 65 -42.64 -75.20 -98.06
N ILE GA 66 -41.49 -74.70 -98.53
CA ILE GA 66 -40.34 -74.50 -97.65
C ILE GA 66 -40.29 -73.05 -97.19
N THR GA 67 -40.53 -72.13 -98.12
CA THR GA 67 -40.69 -70.71 -97.81
C THR GA 67 -41.92 -70.29 -98.59
N LYS GA 68 -42.31 -69.01 -98.49
CA LYS GA 68 -43.52 -68.57 -99.17
C LYS GA 68 -43.37 -68.47 -100.68
N HIS GA 69 -42.17 -68.66 -101.21
CA HIS GA 69 -41.95 -68.64 -102.65
C HIS GA 69 -41.28 -69.91 -103.16
N ILE GA 70 -41.23 -70.98 -102.36
CA ILE GA 70 -40.52 -72.20 -102.72
C ILE GA 70 -41.41 -73.39 -102.41
N GLY GA 71 -41.67 -74.23 -103.41
CA GLY GA 71 -42.44 -75.44 -103.25
C GLY GA 71 -41.65 -76.69 -103.56
N LEU GA 72 -42.18 -77.83 -103.14
CA LEU GA 72 -41.39 -79.06 -103.17
C LEU GA 72 -42.27 -80.30 -103.16
N VAL GA 73 -42.26 -81.08 -104.24
CA VAL GA 73 -42.98 -82.35 -104.32
C VAL GA 73 -42.00 -83.47 -104.61
N TYR GA 74 -42.49 -84.69 -104.65
CA TYR GA 74 -41.58 -85.84 -104.75
C TYR GA 74 -42.21 -86.91 -105.63
N SER GA 75 -41.46 -87.98 -105.84
CA SER GA 75 -41.96 -89.26 -106.27
C SER GA 75 -41.25 -90.32 -105.44
N GLY GA 76 -41.99 -91.33 -105.04
CA GLY GA 76 -41.40 -92.37 -104.22
C GLY GA 76 -42.13 -92.58 -102.91
N MET GA 77 -41.32 -92.66 -101.84
CA MET GA 77 -41.85 -93.10 -100.57
C MET GA 77 -41.93 -91.96 -99.55
N GLY GA 78 -42.92 -92.05 -98.68
CA GLY GA 78 -43.28 -90.99 -97.76
C GLY GA 78 -42.39 -90.68 -96.57
N PRO GA 79 -42.12 -91.68 -95.71
CA PRO GA 79 -41.45 -91.34 -94.42
C PRO GA 79 -40.00 -90.89 -94.54
N ASP GA 80 -39.34 -91.14 -95.67
CA ASP GA 80 -38.07 -90.48 -95.95
C ASP GA 80 -38.32 -89.03 -96.37
N TYR GA 81 -39.34 -88.83 -97.20
CA TYR GA 81 -39.66 -87.52 -97.75
C TYR GA 81 -40.00 -86.51 -96.66
N ARG GA 82 -40.74 -86.94 -95.63
CA ARG GA 82 -41.08 -86.01 -94.55
C ARG GA 82 -39.84 -85.58 -93.78
N VAL GA 83 -38.88 -86.50 -93.61
CA VAL GA 83 -37.65 -86.24 -92.90
C VAL GA 83 -36.83 -85.19 -93.63
N LEU GA 84 -36.60 -85.40 -94.93
CA LEU GA 84 -35.76 -84.41 -95.61
C LEU GA 84 -36.52 -83.13 -95.93
N VAL GA 85 -37.86 -83.17 -95.94
CA VAL GA 85 -38.64 -81.93 -95.97
C VAL GA 85 -38.37 -81.10 -94.73
N HIS GA 86 -38.49 -81.72 -93.55
CA HIS GA 86 -38.23 -81.00 -92.31
C HIS GA 86 -36.78 -80.55 -92.21
N ARG GA 87 -35.87 -81.31 -92.82
CA ARG GA 87 -34.48 -80.87 -92.93
C ARG GA 87 -34.37 -79.63 -93.80
N ALA GA 88 -35.19 -79.54 -94.85
CA ALA GA 88 -35.14 -78.34 -95.68
C ALA GA 88 -35.75 -77.13 -94.97
N ARG GA 89 -36.85 -77.36 -94.22
CA ARG GA 89 -37.47 -76.34 -93.40
C ARG GA 89 -36.47 -75.74 -92.43
N LYS GA 90 -35.78 -76.61 -91.69
CA LYS GA 90 -34.73 -76.17 -90.77
C LYS GA 90 -33.61 -75.47 -91.50
N LEU GA 91 -33.24 -75.98 -92.67
CA LEU GA 91 -31.99 -75.58 -93.27
C LEU GA 91 -32.11 -74.23 -93.99
N ALA GA 92 -33.32 -73.85 -94.39
CA ALA GA 92 -33.49 -72.52 -94.97
C ALA GA 92 -33.35 -71.43 -93.92
N GLN GA 93 -33.67 -71.75 -92.67
CA GLN GA 93 -33.80 -70.70 -91.66
C GLN GA 93 -32.45 -70.23 -91.15
N GLN GA 94 -31.39 -71.03 -91.34
CA GLN GA 94 -30.06 -70.51 -91.06
C GLN GA 94 -29.68 -69.44 -92.07
N TYR GA 95 -30.00 -69.66 -93.34
CA TYR GA 95 -29.69 -68.68 -94.37
C TYR GA 95 -30.55 -67.44 -94.21
N TYR GA 96 -31.75 -67.58 -93.65
CA TYR GA 96 -32.54 -66.39 -93.37
C TYR GA 96 -32.05 -65.68 -92.12
N LEU GA 97 -31.43 -66.42 -91.19
CA LEU GA 97 -30.87 -65.77 -90.02
C LEU GA 97 -29.60 -65.01 -90.33
N VAL GA 98 -28.75 -65.53 -91.20
CA VAL GA 98 -27.48 -64.86 -91.46
C VAL GA 98 -27.69 -63.62 -92.32
N TYR GA 99 -28.41 -63.77 -93.43
CA TYR GA 99 -28.41 -62.74 -94.45
C TYR GA 99 -29.68 -61.90 -94.48
N GLN GA 100 -30.76 -62.37 -93.82
CA GLN GA 100 -32.04 -61.66 -93.70
C GLN GA 100 -32.63 -61.34 -95.06
N GLU GA 101 -32.91 -62.38 -95.84
CA GLU GA 101 -33.19 -62.27 -97.26
C GLU GA 101 -33.72 -63.63 -97.69
N PRO GA 102 -34.68 -63.68 -98.61
CA PRO GA 102 -35.21 -64.98 -99.05
C PRO GA 102 -34.19 -65.82 -99.79
N ILE GA 103 -34.05 -67.07 -99.36
CA ILE GA 103 -32.97 -67.95 -99.79
C ILE GA 103 -33.19 -68.35 -101.25
N PRO GA 104 -32.15 -68.37 -102.08
CA PRO GA 104 -32.33 -68.77 -103.48
C PRO GA 104 -32.44 -70.27 -103.64
N THR GA 105 -33.24 -70.68 -104.64
CA THR GA 105 -33.55 -72.10 -104.81
C THR GA 105 -32.35 -72.88 -105.31
N ALA GA 106 -31.46 -72.20 -106.04
CA ALA GA 106 -30.19 -72.80 -106.41
C ALA GA 106 -29.37 -73.12 -105.17
N GLN GA 107 -29.45 -72.24 -104.16
CA GLN GA 107 -28.73 -72.47 -102.93
C GLN GA 107 -29.36 -73.61 -102.13
N LEU GA 108 -30.70 -73.73 -102.14
CA LEU GA 108 -31.33 -74.89 -101.50
C LEU GA 108 -30.94 -76.19 -102.17
N VAL GA 109 -30.86 -76.19 -103.50
CA VAL GA 109 -30.56 -77.44 -104.18
C VAL GA 109 -29.09 -77.81 -104.01
N GLN GA 110 -28.21 -76.80 -103.90
CA GLN GA 110 -26.83 -77.05 -103.49
C GLN GA 110 -26.77 -77.71 -102.12
N ARG GA 111 -27.49 -77.17 -101.14
CA ARG GA 111 -27.31 -77.64 -99.77
C ARG GA 111 -28.02 -78.97 -99.55
N VAL GA 112 -29.24 -79.13 -100.06
CA VAL GA 112 -29.96 -80.40 -99.94
C VAL GA 112 -29.26 -81.48 -100.74
N ALA GA 113 -28.66 -81.12 -101.87
CA ALA GA 113 -27.85 -82.08 -102.63
C ALA GA 113 -26.62 -82.52 -101.83
N SER GA 114 -26.02 -81.58 -101.09
CA SER GA 114 -24.88 -81.94 -100.24
C SER GA 114 -25.31 -82.84 -99.09
N VAL GA 115 -26.45 -82.54 -98.47
CA VAL GA 115 -26.98 -83.34 -97.38
C VAL GA 115 -27.28 -84.76 -97.84
N MET GA 116 -27.89 -84.90 -99.00
CA MET GA 116 -28.31 -86.21 -99.46
C MET GA 116 -27.12 -87.03 -99.95
N GLN GA 117 -26.17 -86.37 -100.64
CA GLN GA 117 -24.97 -87.04 -101.09
C GLN GA 117 -24.12 -87.53 -99.93
N GLU GA 118 -23.87 -86.65 -98.96
CA GLU GA 118 -23.19 -87.03 -97.73
C GLU GA 118 -23.94 -88.11 -96.98
N TYR GA 119 -25.27 -88.12 -97.10
CA TYR GA 119 -26.09 -89.12 -96.42
C TYR GA 119 -25.92 -90.49 -97.05
N THR GA 120 -25.66 -90.53 -98.36
CA THR GA 120 -25.44 -91.83 -99.02
C THR GA 120 -24.10 -92.44 -98.63
N GLN GA 121 -23.06 -91.62 -98.48
CA GLN GA 121 -21.73 -92.15 -98.25
C GLN GA 121 -21.50 -92.45 -96.77
N SER GA 122 -22.38 -91.95 -95.90
CA SER GA 122 -22.26 -92.11 -94.45
C SER GA 122 -22.36 -93.56 -94.00
N GLY GA 123 -22.09 -93.80 -92.72
CA GLY GA 123 -21.85 -95.15 -92.25
C GLY GA 123 -23.12 -95.91 -91.92
N GLY GA 124 -23.42 -96.95 -92.69
CA GLY GA 124 -24.36 -97.97 -92.23
C GLY GA 124 -25.82 -97.61 -92.38
N VAL GA 125 -26.14 -96.58 -93.17
CA VAL GA 125 -27.53 -96.19 -93.37
C VAL GA 125 -27.82 -96.17 -94.87
N ARG GA 126 -29.05 -96.53 -95.23
CA ARG GA 126 -29.42 -96.61 -96.63
C ARG GA 126 -29.63 -95.21 -97.19
N PRO GA 127 -29.57 -95.06 -98.51
CA PRO GA 127 -29.96 -93.79 -99.13
C PRO GA 127 -31.47 -93.61 -99.07
N PHE GA 128 -31.91 -92.40 -99.36
CA PHE GA 128 -33.33 -92.14 -99.46
C PHE GA 128 -33.89 -92.78 -100.73
N GLY GA 129 -35.19 -93.00 -100.72
CA GLY GA 129 -35.86 -93.52 -101.90
C GLY GA 129 -36.75 -92.47 -102.53
N VAL GA 130 -36.26 -91.23 -102.56
CA VAL GA 130 -37.05 -90.06 -102.93
C VAL GA 130 -36.32 -89.30 -104.02
N SER GA 131 -37.04 -88.94 -105.08
CA SER GA 131 -36.56 -87.97 -106.05
C SER GA 131 -37.47 -86.75 -105.99
N LEU GA 132 -36.90 -85.60 -105.66
CA LEU GA 132 -37.66 -84.40 -105.44
C LEU GA 132 -37.93 -83.65 -106.73
N LEU GA 133 -38.83 -82.67 -106.63
CA LEU GA 133 -38.96 -81.60 -107.60
C LEU GA 133 -39.01 -80.30 -106.81
N ILE GA 134 -37.98 -79.48 -106.95
CA ILE GA 134 -37.87 -78.24 -106.21
C ILE GA 134 -38.10 -77.09 -107.18
N CYS GA 135 -39.02 -76.19 -106.82
CA CYS GA 135 -39.40 -75.07 -107.66
C CYS GA 135 -39.37 -73.79 -106.83
N GLY GA 136 -39.37 -72.66 -107.53
CA GLY GA 136 -39.36 -71.38 -106.84
C GLY GA 136 -39.13 -70.26 -107.82
N TRP GA 137 -39.61 -69.08 -107.42
CA TRP GA 137 -39.55 -67.89 -108.27
C TRP GA 137 -38.87 -66.77 -107.51
N ASN GA 138 -37.56 -66.63 -107.71
CA ASN GA 138 -36.80 -65.56 -107.09
C ASN GA 138 -35.98 -64.87 -108.17
N GLU GA 139 -35.85 -63.54 -108.03
CA GLU GA 139 -35.08 -62.68 -108.93
C GLU GA 139 -35.57 -62.77 -110.38
N GLY GA 140 -36.89 -62.76 -110.54
CA GLY GA 140 -37.48 -62.64 -111.87
C GLY GA 140 -37.75 -63.96 -112.56
N ARG GA 141 -36.71 -64.76 -112.77
CA ARG GA 141 -36.83 -65.99 -113.55
C ARG GA 141 -37.10 -67.16 -112.63
N PRO GA 142 -38.27 -67.80 -112.73
CA PRO GA 142 -38.57 -68.92 -111.85
C PRO GA 142 -37.78 -70.17 -112.22
N TYR GA 143 -37.42 -70.94 -111.20
CA TYR GA 143 -36.53 -72.09 -111.34
C TYR GA 143 -37.32 -73.37 -111.08
N LEU GA 144 -36.91 -74.44 -111.77
CA LEU GA 144 -37.45 -75.78 -111.53
C LEU GA 144 -36.31 -76.78 -111.50
N PHE GA 145 -36.00 -77.31 -110.33
CA PHE GA 145 -34.87 -78.20 -110.15
C PHE GA 145 -35.34 -79.56 -109.67
N GLN GA 146 -34.53 -80.58 -109.93
CA GLN GA 146 -34.86 -81.96 -109.61
C GLN GA 146 -33.64 -82.69 -109.08
N SER GA 147 -33.73 -83.20 -107.86
CA SER GA 147 -32.67 -83.99 -107.24
C SER GA 147 -32.99 -85.48 -107.38
N ASP GA 148 -32.14 -86.31 -106.77
CA ASP GA 148 -32.25 -87.76 -106.91
C ASP GA 148 -31.62 -88.42 -105.69
N PRO GA 149 -31.80 -89.73 -105.51
CA PRO GA 149 -31.02 -90.43 -104.47
C PRO GA 149 -29.51 -90.38 -104.65
N SER GA 150 -29.01 -90.24 -105.87
CA SER GA 150 -27.55 -90.19 -106.07
C SER GA 150 -26.97 -88.81 -105.83
N GLY GA 151 -27.73 -87.89 -105.25
CA GLY GA 151 -27.24 -86.58 -104.89
C GLY GA 151 -27.18 -85.58 -106.02
N ALA GA 152 -27.31 -86.02 -107.27
CA ALA GA 152 -27.19 -85.13 -108.42
C ALA GA 152 -28.38 -84.20 -108.50
N TYR GA 153 -28.29 -83.23 -109.40
CA TYR GA 153 -29.42 -82.36 -109.68
C TYR GA 153 -29.31 -81.83 -111.09
N PHE GA 154 -30.43 -81.28 -111.57
CA PHE GA 154 -30.52 -80.76 -112.93
C PHE GA 154 -31.46 -79.56 -112.91
N ALA GA 155 -31.92 -79.19 -114.09
CA ALA GA 155 -32.96 -78.19 -114.26
C ALA GA 155 -33.88 -78.67 -115.38
N TRP GA 156 -35.13 -78.22 -115.37
CA TRP GA 156 -36.06 -78.68 -116.41
C TRP GA 156 -37.03 -77.58 -116.77
N LYS GA 157 -37.31 -77.47 -118.07
CA LYS GA 157 -38.52 -76.77 -118.50
C LYS GA 157 -39.76 -77.50 -118.04
N ALA GA 158 -39.79 -78.81 -118.27
CA ALA GA 158 -40.92 -79.65 -117.93
C ALA GA 158 -40.44 -81.08 -117.84
N THR GA 159 -40.86 -81.76 -116.77
CA THR GA 159 -40.42 -83.13 -116.56
C THR GA 159 -41.47 -83.86 -115.75
N ALA GA 160 -41.31 -85.18 -115.67
CA ALA GA 160 -42.21 -86.05 -114.94
C ALA GA 160 -41.39 -87.07 -114.17
N MET GA 161 -42.00 -87.62 -113.12
CA MET GA 161 -41.39 -88.67 -112.33
C MET GA 161 -42.48 -89.59 -111.80
N GLY GA 162 -42.19 -90.87 -111.74
CA GLY GA 162 -43.15 -91.87 -111.31
C GLY GA 162 -43.32 -92.95 -112.35
N LYS GA 163 -44.44 -93.66 -112.23
CA LYS GA 163 -44.75 -94.70 -113.21
C LYS GA 163 -45.04 -94.09 -114.57
N ASN GA 164 -44.57 -94.77 -115.61
CA ASN GA 164 -44.63 -94.38 -117.02
C ASN GA 164 -44.03 -93.00 -117.26
N TYR GA 165 -42.91 -92.67 -116.61
CA TYR GA 165 -42.29 -91.37 -116.77
C TYR GA 165 -41.65 -91.21 -118.15
N VAL GA 166 -41.46 -92.31 -118.89
CA VAL GA 166 -41.02 -92.19 -120.27
C VAL GA 166 -42.20 -91.85 -121.17
N ASN GA 167 -43.40 -92.31 -120.81
CA ASN GA 167 -44.59 -91.96 -121.57
C ASN GA 167 -44.97 -90.51 -121.32
N GLY GA 168 -44.95 -90.09 -120.06
CA GLY GA 168 -45.14 -88.69 -119.76
C GLY GA 168 -43.97 -87.82 -120.21
N LYS GA 169 -42.77 -88.40 -120.27
CA LYS GA 169 -41.60 -87.65 -120.68
C LYS GA 169 -41.62 -87.36 -122.17
N THR GA 170 -41.97 -88.37 -122.97
CA THR GA 170 -42.17 -88.14 -124.40
C THR GA 170 -43.44 -87.37 -124.67
N PHE GA 171 -44.41 -87.43 -123.76
CA PHE GA 171 -45.60 -86.59 -123.90
C PHE GA 171 -45.23 -85.12 -123.73
N LEU GA 172 -44.39 -84.82 -122.73
CA LEU GA 172 -43.94 -83.45 -122.56
C LEU GA 172 -42.84 -83.10 -123.55
N GLU GA 173 -42.31 -84.09 -124.26
CA GLU GA 173 -41.33 -83.79 -125.30
C GLU GA 173 -42.03 -83.52 -126.62
N LYS GA 174 -43.18 -84.16 -126.84
CA LYS GA 174 -43.98 -83.93 -128.03
C LYS GA 174 -45.10 -82.92 -127.80
N ARG GA 175 -46.04 -83.22 -126.89
CA ARG GA 175 -47.24 -82.40 -126.76
C ARG GA 175 -46.97 -81.09 -126.04
N TYR GA 176 -45.89 -81.03 -125.28
CA TYR GA 176 -45.42 -79.76 -124.74
C TYR GA 176 -44.32 -79.23 -125.63
N ASN GA 177 -44.05 -77.94 -125.50
CA ASN GA 177 -43.30 -77.21 -126.51
C ASN GA 177 -42.72 -75.94 -125.90
N GLU GA 178 -42.40 -75.00 -126.79
CA GLU GA 178 -42.07 -73.61 -126.51
C GLU GA 178 -43.06 -72.97 -125.55
N ASP GA 179 -42.60 -71.96 -124.79
CA ASP GA 179 -43.26 -71.40 -123.62
C ASP GA 179 -44.68 -70.91 -123.88
N LEU GA 180 -45.58 -71.30 -122.98
CA LEU GA 180 -46.94 -70.79 -122.89
C LEU GA 180 -47.12 -70.13 -121.54
N GLU GA 181 -48.37 -69.83 -121.22
CA GLU GA 181 -48.70 -69.31 -119.90
C GLU GA 181 -48.92 -70.44 -118.91
N LEU GA 182 -49.12 -70.04 -117.65
CA LEU GA 182 -49.31 -70.98 -116.56
C LEU GA 182 -50.58 -71.81 -116.71
N GLU GA 183 -51.63 -71.27 -117.32
CA GLU GA 183 -52.87 -72.01 -117.51
C GLU GA 183 -52.73 -73.12 -118.54
N ASP GA 184 -51.94 -72.87 -119.60
CA ASP GA 184 -51.66 -73.93 -120.54
C ASP GA 184 -50.67 -74.92 -119.96
N ALA GA 185 -49.83 -74.47 -119.03
CA ALA GA 185 -48.98 -75.41 -118.29
C ALA GA 185 -49.81 -76.35 -117.42
N ILE GA 186 -50.84 -75.81 -116.77
CA ILE GA 186 -51.78 -76.64 -116.01
C ILE GA 186 -52.54 -77.54 -116.96
N HIS GA 187 -52.81 -77.04 -118.18
CA HIS GA 187 -53.55 -77.80 -119.18
C HIS GA 187 -52.80 -79.06 -119.60
N THR GA 188 -51.56 -78.90 -120.05
CA THR GA 188 -50.81 -80.08 -120.44
C THR GA 188 -50.31 -80.88 -119.24
N ALA GA 189 -50.29 -80.28 -118.05
CA ALA GA 189 -49.96 -81.04 -116.85
C ALA GA 189 -51.09 -81.98 -116.44
N ILE GA 190 -52.34 -81.51 -116.54
CA ILE GA 190 -53.47 -82.40 -116.28
C ILE GA 190 -53.67 -83.33 -117.48
N LEU GA 191 -53.16 -82.96 -118.65
CA LEU GA 191 -53.13 -83.92 -119.76
C LEU GA 191 -52.19 -85.08 -119.45
N THR GA 192 -50.96 -84.79 -119.02
CA THR GA 192 -50.02 -85.87 -118.77
C THR GA 192 -50.32 -86.60 -117.47
N LEU GA 193 -51.01 -85.96 -116.53
CA LEU GA 193 -51.46 -86.68 -115.34
C LEU GA 193 -52.69 -87.52 -115.62
N LYS GA 194 -53.58 -87.04 -116.49
CA LYS GA 194 -54.75 -87.80 -116.89
C LYS GA 194 -54.40 -88.97 -117.78
N GLU GA 195 -53.26 -88.90 -118.47
CA GLU GA 195 -52.78 -90.02 -119.27
C GLU GA 195 -52.36 -91.19 -118.39
N SER GA 196 -51.74 -90.89 -117.25
CA SER GA 196 -51.00 -91.91 -116.50
C SER GA 196 -51.81 -92.56 -115.38
N PHE GA 197 -52.77 -91.87 -114.79
CA PHE GA 197 -53.44 -92.40 -113.61
C PHE GA 197 -54.53 -93.40 -114.00
N GLU GA 198 -55.41 -93.67 -113.04
CA GLU GA 198 -56.43 -94.71 -113.20
C GLU GA 198 -57.58 -94.20 -114.07
N GLY GA 199 -58.68 -94.96 -114.08
CA GLY GA 199 -59.75 -94.69 -115.02
C GLY GA 199 -60.60 -93.47 -114.66
N GLN GA 200 -60.86 -93.28 -113.37
CA GLN GA 200 -61.67 -92.16 -112.92
C GLN GA 200 -60.78 -91.17 -112.16
N MET GA 201 -60.89 -89.89 -112.52
CA MET GA 201 -60.10 -88.84 -111.90
C MET GA 201 -61.00 -87.64 -111.63
N THR GA 202 -60.95 -87.15 -110.39
CA THR GA 202 -61.86 -86.11 -109.92
C THR GA 202 -61.07 -85.00 -109.25
N GLU GA 203 -61.79 -84.17 -108.51
CA GLU GA 203 -61.19 -83.03 -107.82
C GLU GA 203 -60.26 -83.44 -106.69
N ASP GA 204 -60.41 -84.65 -106.15
CA ASP GA 204 -59.69 -85.05 -104.95
C ASP GA 204 -58.53 -85.99 -105.22
N ASN GA 205 -58.46 -86.59 -106.40
CA ASN GA 205 -57.41 -87.57 -106.66
C ASN GA 205 -56.08 -86.94 -107.01
N ILE GA 206 -56.04 -85.65 -107.32
CA ILE GA 206 -54.82 -84.98 -107.77
C ILE GA 206 -54.56 -83.79 -106.86
N GLU GA 207 -53.50 -83.05 -107.17
CA GLU GA 207 -53.21 -81.78 -106.53
C GLU GA 207 -52.49 -80.92 -107.55
N VAL GA 208 -52.79 -79.62 -107.55
CA VAL GA 208 -52.10 -78.66 -108.39
C VAL GA 208 -51.44 -77.63 -107.49
N GLY GA 209 -50.12 -77.55 -107.56
CA GLY GA 209 -49.37 -76.54 -106.84
C GLY GA 209 -48.64 -75.62 -107.79
N ILE GA 210 -48.75 -74.31 -107.54
CA ILE GA 210 -48.21 -73.31 -108.45
C ILE GA 210 -47.27 -72.37 -107.70
N CYS GA 211 -46.30 -71.84 -108.42
CA CYS GA 211 -45.52 -70.68 -108.01
C CYS GA 211 -46.00 -69.49 -108.81
N ASN GA 212 -46.43 -68.44 -108.13
CA ASN GA 212 -46.48 -67.15 -108.80
C ASN GA 212 -45.11 -66.50 -108.68
N GLU GA 213 -44.90 -65.45 -109.47
CA GLU GA 213 -43.72 -64.65 -109.20
C GLU GA 213 -43.90 -63.81 -107.94
N ALA GA 214 -45.15 -63.56 -107.54
CA ALA GA 214 -45.45 -62.96 -106.26
C ALA GA 214 -45.53 -63.98 -105.11
N GLY GA 215 -45.21 -65.25 -105.37
CA GLY GA 215 -45.11 -66.22 -104.29
C GLY GA 215 -45.62 -67.61 -104.61
N PHE GA 216 -45.16 -68.60 -103.85
CA PHE GA 216 -45.71 -69.95 -103.95
C PHE GA 216 -47.11 -69.98 -103.34
N ARG GA 217 -47.97 -70.80 -103.94
CA ARG GA 217 -49.35 -70.84 -103.48
C ARG GA 217 -49.89 -72.25 -103.60
N ARG GA 218 -50.53 -72.71 -102.52
CA ARG GA 218 -51.22 -73.98 -102.47
C ARG GA 218 -52.63 -73.79 -103.02
N LEU GA 219 -53.12 -74.80 -103.74
CA LEU GA 219 -54.48 -74.77 -104.26
C LEU GA 219 -55.28 -75.89 -103.61
N THR GA 220 -56.61 -75.72 -103.62
CA THR GA 220 -57.54 -76.63 -102.99
C THR GA 220 -58.33 -77.38 -104.05
N PRO GA 221 -59.02 -78.50 -103.69
CA PRO GA 221 -59.93 -79.14 -104.66
C PRO GA 221 -61.12 -78.29 -105.09
N THR GA 222 -61.35 -77.16 -104.44
CA THR GA 222 -62.29 -76.17 -104.97
C THR GA 222 -61.79 -75.63 -106.31
N GLU GA 223 -60.53 -75.15 -106.34
CA GLU GA 223 -59.99 -74.64 -107.59
C GLU GA 223 -59.63 -75.76 -108.55
N VAL GA 224 -59.30 -76.95 -108.02
CA VAL GA 224 -59.06 -78.09 -108.89
C VAL GA 224 -60.36 -78.51 -109.57
N LYS GA 225 -61.48 -78.39 -108.87
CA LYS GA 225 -62.79 -78.56 -109.48
C LYS GA 225 -63.14 -77.41 -110.41
N ASP GA 226 -62.58 -76.22 -110.16
CA ASP GA 226 -62.82 -75.09 -111.04
C ASP GA 226 -62.14 -75.29 -112.39
N TYR GA 227 -60.97 -75.94 -112.40
CA TYR GA 227 -60.34 -76.16 -113.68
C TYR GA 227 -60.94 -77.37 -114.40
N LEU GA 228 -60.84 -78.55 -113.81
CA LEU GA 228 -61.18 -79.80 -114.47
C LEU GA 228 -62.69 -79.93 -114.56
N ALA GA 229 -63.29 -79.21 -115.50
CA ALA GA 229 -64.72 -79.28 -115.74
C ALA GA 229 -65.21 -79.74 -117.12
N ALA GA 230 -64.68 -79.33 -118.31
CA ALA GA 230 -63.39 -78.75 -118.76
C ALA GA 230 -62.15 -79.54 -118.31
N ILE GA 231 -62.19 -80.85 -118.49
CA ILE GA 231 -61.04 -81.68 -118.15
C ILE GA 231 -59.96 -81.44 -119.19
N ALA GA 232 -59.02 -80.54 -118.86
CA ALA GA 232 -58.10 -79.89 -119.79
C ALA GA 232 -58.85 -79.34 -120.99
N SER HA 1 -22.46 -108.35 -87.18
CA SER HA 1 -21.78 -107.12 -87.52
C SER HA 1 -20.53 -107.39 -88.35
N ARG HA 2 -19.66 -108.24 -87.85
CA ARG HA 2 -18.42 -108.52 -88.57
C ARG HA 2 -18.61 -109.63 -89.60
N ARG HA 3 -19.83 -110.15 -89.76
CA ARG HA 3 -20.16 -110.88 -90.97
C ARG HA 3 -20.96 -110.02 -91.93
N TYR HA 4 -21.23 -108.76 -91.57
CA TYR HA 4 -21.92 -107.82 -92.43
C TYR HA 4 -20.98 -106.87 -93.15
N ASP HA 5 -19.69 -106.86 -92.79
CA ASP HA 5 -18.77 -105.86 -93.29
C ASP HA 5 -18.45 -106.07 -94.76
N SER HA 6 -18.49 -104.97 -95.51
CA SER HA 6 -18.29 -105.00 -96.96
C SER HA 6 -16.84 -105.29 -97.36
N ARG HA 7 -15.89 -105.12 -96.44
CA ARG HA 7 -14.48 -105.49 -96.61
C ARG HA 7 -13.84 -104.75 -97.78
N THR HA 8 -13.70 -103.44 -97.61
CA THR HA 8 -13.10 -102.63 -98.68
C THR HA 8 -11.61 -102.43 -98.46
N THR HA 9 -11.17 -102.22 -97.21
CA THR HA 9 -9.84 -101.69 -96.97
C THR HA 9 -8.80 -102.81 -96.94
N ILE HA 10 -9.26 -104.07 -97.01
CA ILE HA 10 -8.37 -105.22 -97.00
C ILE HA 10 -7.52 -105.25 -98.27
N PHE HA 11 -6.23 -105.52 -98.12
CA PHE HA 11 -5.39 -105.84 -99.27
C PHE HA 11 -5.88 -107.09 -99.98
N SER HA 12 -6.13 -106.95 -101.27
CA SER HA 12 -6.61 -108.06 -102.07
C SER HA 12 -5.45 -109.00 -102.40
N PRO HA 13 -5.72 -110.33 -102.49
CA PRO HA 13 -4.63 -111.32 -102.68
C PRO HA 13 -3.89 -111.27 -104.01
N GLU HA 14 -4.12 -110.27 -104.85
CA GLU HA 14 -3.44 -110.13 -106.14
C GLU HA 14 -2.37 -109.04 -106.16
N GLY HA 15 -2.24 -108.24 -105.11
CA GLY HA 15 -1.27 -107.17 -105.05
C GLY HA 15 -1.84 -105.78 -105.09
N ARG HA 16 -3.03 -105.61 -105.66
CA ARG HA 16 -3.59 -104.28 -105.84
C ARG HA 16 -4.60 -103.95 -104.74
N LEU HA 17 -5.15 -102.74 -104.82
CA LEU HA 17 -6.20 -102.29 -103.92
C LEU HA 17 -7.53 -102.45 -104.63
N TYR HA 18 -8.39 -103.32 -104.09
CA TYR HA 18 -9.53 -103.83 -104.85
C TYR HA 18 -10.61 -102.77 -105.03
N GLN HA 19 -10.75 -101.86 -104.07
CA GLN HA 19 -11.80 -100.87 -104.18
C GLN HA 19 -11.38 -99.74 -105.11
N VAL HA 20 -10.08 -99.43 -105.12
CA VAL HA 20 -9.59 -98.24 -105.81
C VAL HA 20 -9.55 -98.47 -107.31
N GLU HA 21 -9.34 -99.71 -107.73
CA GLU HA 21 -9.29 -100.02 -109.16
C GLU HA 21 -10.68 -99.93 -109.78
N TYR HA 22 -11.69 -100.42 -109.05
CA TYR HA 22 -13.08 -100.17 -109.44
C TYR HA 22 -13.40 -98.69 -109.42
N ALA HA 23 -12.84 -97.95 -108.45
CA ALA HA 23 -13.05 -96.50 -108.42
C ALA HA 23 -12.32 -95.79 -109.56
N MET HA 24 -11.36 -96.46 -110.20
CA MET HA 24 -10.77 -95.91 -111.42
C MET HA 24 -11.62 -96.23 -112.64
N GLU HA 25 -12.10 -97.46 -112.74
CA GLU HA 25 -12.89 -97.83 -113.91
C GLU HA 25 -14.30 -97.26 -113.86
N ALA HA 26 -14.73 -96.70 -112.73
CA ALA HA 26 -15.97 -95.95 -112.71
C ALA HA 26 -15.82 -94.62 -113.44
N ILE HA 27 -14.67 -93.96 -113.27
CA ILE HA 27 -14.32 -92.84 -114.13
C ILE HA 27 -14.12 -93.31 -115.57
N GLY HA 28 -13.53 -94.49 -115.75
CA GLY HA 28 -13.15 -94.94 -117.08
C GLY HA 28 -14.31 -95.17 -118.03
N HIS HA 29 -15.50 -95.43 -117.49
CA HIS HA 29 -16.66 -95.57 -118.35
C HIS HA 29 -17.16 -94.21 -118.81
N ALA HA 30 -16.92 -93.93 -120.10
CA ALA HA 30 -17.45 -92.79 -120.86
C ALA HA 30 -17.06 -91.42 -120.33
N GLY HA 31 -15.90 -91.34 -119.67
CA GLY HA 31 -15.37 -90.04 -119.30
C GLY HA 31 -14.71 -89.37 -120.49
N THR HA 32 -14.94 -88.06 -120.62
CA THR HA 32 -14.31 -87.26 -121.67
C THR HA 32 -14.11 -85.85 -121.16
N CYS HA 33 -12.89 -85.55 -120.72
CA CYS HA 33 -12.51 -84.23 -120.26
C CYS HA 33 -11.07 -83.97 -120.69
N LEU HA 34 -10.76 -82.73 -121.07
CA LEU HA 34 -9.40 -82.44 -121.46
C LEU HA 34 -9.06 -80.99 -121.18
N GLY HA 35 -7.75 -80.72 -121.24
CA GLY HA 35 -7.14 -79.41 -121.09
C GLY HA 35 -5.68 -79.60 -121.45
N ILE HA 36 -5.14 -78.75 -122.33
CA ILE HA 36 -3.94 -79.08 -123.08
C ILE HA 36 -2.86 -78.05 -122.81
N LEU HA 37 -1.74 -78.21 -123.49
CA LEU HA 37 -0.61 -77.28 -123.44
C LEU HA 37 -1.05 -75.88 -123.84
N ALA HA 38 -0.55 -74.89 -123.12
CA ALA HA 38 -0.68 -73.50 -123.51
C ALA HA 38 0.42 -72.69 -122.88
N ASN HA 39 1.20 -72.01 -123.70
CA ASN HA 39 1.94 -70.83 -123.27
C ASN HA 39 0.92 -69.71 -123.10
N ASP HA 40 1.30 -68.70 -122.31
CA ASP HA 40 0.56 -67.47 -121.94
C ASP HA 40 -0.95 -67.67 -121.81
N GLY HA 41 -1.33 -68.73 -121.11
CA GLY HA 41 -2.73 -69.08 -120.95
C GLY HA 41 -2.85 -70.53 -120.56
N VAL HA 42 -4.09 -71.02 -120.51
CA VAL HA 42 -4.38 -72.42 -120.29
C VAL HA 42 -5.79 -72.66 -120.86
N LEU HA 43 -6.12 -73.91 -121.13
CA LEU HA 43 -7.37 -74.25 -121.78
C LEU HA 43 -8.03 -75.42 -121.07
N LEU HA 44 -9.35 -75.55 -121.24
CA LEU HA 44 -10.10 -76.72 -120.80
C LEU HA 44 -11.18 -77.04 -121.83
N ALA HA 45 -11.57 -78.31 -121.88
CA ALA HA 45 -12.63 -78.74 -122.78
C ALA HA 45 -13.35 -79.92 -122.15
N ALA HA 46 -14.68 -79.86 -122.16
CA ALA HA 46 -15.50 -80.87 -121.50
C ALA HA 46 -16.62 -81.31 -122.42
N GLU HA 47 -17.09 -82.54 -122.21
CA GLU HA 47 -18.15 -83.09 -123.02
C GLU HA 47 -19.44 -83.15 -122.21
N ARG HA 48 -20.55 -82.74 -122.81
CA ARG HA 48 -21.84 -82.71 -122.13
C ARG HA 48 -22.36 -84.13 -121.96
N ARG HA 49 -22.68 -84.49 -120.73
CA ARG HA 49 -23.25 -85.81 -120.46
C ARG HA 49 -24.69 -85.86 -120.92
N ASN HA 50 -25.53 -84.99 -120.35
CA ASN HA 50 -26.95 -84.95 -120.69
C ASN HA 50 -27.19 -83.91 -121.78
N ILE HA 51 -27.57 -84.39 -122.96
CA ILE HA 51 -27.76 -83.51 -124.12
C ILE HA 51 -29.21 -83.46 -124.52
N HIS HA 52 -30.12 -83.61 -123.57
CA HIS HA 52 -31.55 -83.64 -123.88
C HIS HA 52 -32.08 -82.21 -123.96
N LYS HA 53 -33.09 -82.01 -124.80
CA LYS HA 53 -33.57 -80.67 -125.15
C LYS HA 53 -34.42 -80.03 -124.06
N LEU HA 54 -34.94 -80.81 -123.11
CA LEU HA 54 -35.85 -80.24 -122.13
C LEU HA 54 -35.12 -79.63 -120.93
N LEU HA 55 -33.80 -79.55 -120.97
CA LEU HA 55 -33.08 -78.87 -119.90
C LEU HA 55 -33.30 -77.37 -120.00
N ASP HA 56 -32.96 -76.66 -118.92
CA ASP HA 56 -33.11 -75.21 -118.93
C ASP HA 56 -31.86 -74.53 -119.48
N GLU HA 57 -30.69 -75.12 -119.20
CA GLU HA 57 -29.36 -74.54 -119.48
C GLU HA 57 -29.23 -73.13 -118.89
N VAL HA 58 -29.81 -72.92 -117.72
CA VAL HA 58 -29.70 -71.65 -117.01
C VAL HA 58 -28.71 -71.73 -115.85
N PHE HA 59 -27.87 -72.75 -115.83
CA PHE HA 59 -26.86 -72.86 -114.79
C PHE HA 59 -25.78 -71.80 -114.90
N PHE HA 60 -25.29 -71.53 -116.12
CA PHE HA 60 -24.20 -70.60 -116.47
C PHE HA 60 -22.87 -71.16 -115.97
N SER HA 61 -22.84 -72.31 -115.29
CA SER HA 61 -21.62 -72.95 -114.84
C SER HA 61 -21.92 -74.41 -114.56
N GLU HA 62 -20.97 -75.28 -114.88
CA GLU HA 62 -21.25 -76.70 -115.01
C GLU HA 62 -19.96 -77.38 -114.56
N LYS HA 63 -19.61 -78.53 -115.15
CA LYS HA 63 -18.36 -79.27 -114.92
C LYS HA 63 -17.10 -78.39 -114.82
N ILE HA 64 -17.07 -77.25 -115.51
CA ILE HA 64 -16.13 -76.18 -115.18
C ILE HA 64 -16.65 -75.42 -113.96
N TYR HA 65 -16.07 -75.70 -112.80
CA TYR HA 65 -16.38 -74.96 -111.59
C TYR HA 65 -15.34 -73.87 -111.39
N LYS HA 66 -15.79 -72.70 -110.95
CA LYS HA 66 -14.86 -71.63 -110.62
C LYS HA 66 -14.64 -71.60 -109.11
N LEU HA 67 -13.41 -71.92 -108.73
CA LEU HA 67 -13.13 -72.18 -107.32
C LEU HA 67 -12.33 -71.04 -106.70
N ASN HA 68 -11.68 -70.22 -107.54
CA ASN HA 68 -10.98 -69.04 -107.05
C ASN HA 68 -11.01 -68.01 -108.16
N GLU HA 69 -10.23 -66.93 -107.99
CA GLU HA 69 -10.06 -65.99 -109.09
C GLU HA 69 -9.08 -66.51 -110.12
N ASP HA 70 -8.24 -67.46 -109.74
CA ASP HA 70 -7.10 -67.83 -110.55
C ASP HA 70 -7.11 -69.28 -110.99
N MET HA 71 -8.08 -70.07 -110.57
CA MET HA 71 -8.08 -71.49 -110.88
C MET HA 71 -9.49 -71.94 -111.23
N ALA HA 72 -9.55 -73.17 -111.75
CA ALA HA 72 -10.79 -73.84 -112.08
C ALA HA 72 -10.50 -75.33 -112.13
N CYS HA 73 -11.56 -76.14 -112.17
CA CYS HA 73 -11.39 -77.57 -112.17
C CYS HA 73 -12.39 -78.23 -113.10
N SER HA 74 -11.87 -79.05 -114.01
CA SER HA 74 -12.67 -79.97 -114.80
C SER HA 74 -12.78 -81.24 -114.00
N VAL HA 75 -13.97 -81.82 -113.96
CA VAL HA 75 -14.23 -82.93 -113.06
C VAL HA 75 -14.79 -84.10 -113.85
N ALA HA 76 -14.64 -85.30 -113.31
CA ALA HA 76 -15.20 -86.50 -113.92
C ALA HA 76 -15.50 -87.50 -112.81
N GLY HA 77 -16.65 -88.17 -112.92
CA GLY HA 77 -17.05 -89.13 -111.92
C GLY HA 77 -18.48 -88.92 -111.47
N ILE HA 78 -18.80 -89.32 -110.24
CA ILE HA 78 -20.13 -89.11 -109.69
C ILE HA 78 -20.23 -87.65 -109.24
N THR HA 79 -21.37 -87.01 -109.53
CA THR HA 79 -21.44 -85.55 -109.55
C THR HA 79 -21.38 -84.91 -108.17
N SER HA 80 -22.36 -85.20 -107.30
CA SER HA 80 -22.36 -84.53 -106.00
C SER HA 80 -21.29 -85.09 -105.07
N ASP HA 81 -20.91 -86.35 -105.34
CA ASP HA 81 -19.68 -86.93 -104.81
C ASP HA 81 -18.48 -86.04 -105.10
N ALA HA 82 -18.47 -85.39 -106.25
CA ALA HA 82 -17.43 -84.42 -106.56
C ALA HA 82 -17.74 -83.04 -105.99
N ASN HA 83 -19.03 -82.72 -105.81
CA ASN HA 83 -19.40 -81.40 -105.28
C ASN HA 83 -18.94 -81.23 -103.83
N VAL HA 84 -18.84 -82.35 -103.09
CA VAL HA 84 -18.21 -82.31 -101.77
C VAL HA 84 -16.76 -81.87 -101.88
N LEU HA 85 -16.06 -82.40 -102.89
CA LEU HA 85 -14.65 -82.05 -103.08
C LEU HA 85 -14.47 -80.63 -103.58
N THR HA 86 -15.43 -80.11 -104.35
CA THR HA 86 -15.31 -78.73 -104.79
C THR HA 86 -15.57 -77.76 -103.65
N ASN HA 87 -16.56 -78.07 -102.81
CA ASN HA 87 -16.82 -77.24 -101.63
C ASN HA 87 -15.62 -77.23 -100.69
N GLU HA 88 -15.07 -78.40 -100.42
CA GLU HA 88 -13.96 -78.49 -99.48
C GLU HA 88 -12.69 -77.88 -100.05
N LEU HA 89 -12.43 -78.07 -101.35
CA LEU HA 89 -11.27 -77.46 -101.97
C LEU HA 89 -11.37 -75.95 -101.99
N ARG HA 90 -12.57 -75.43 -102.25
CA ARG HA 90 -12.78 -74.00 -102.26
C ARG HA 90 -12.59 -73.41 -100.88
N LEU HA 91 -12.99 -74.16 -99.85
CA LEU HA 91 -12.79 -73.67 -98.48
C LEU HA 91 -11.31 -73.76 -98.09
N ILE HA 92 -10.58 -74.72 -98.62
CA ILE HA 92 -9.14 -74.84 -98.36
C ILE HA 92 -8.39 -73.64 -98.94
N ALA HA 93 -8.66 -73.32 -100.21
CA ALA HA 93 -8.02 -72.19 -100.86
C ALA HA 93 -8.39 -70.88 -100.18
N GLN HA 94 -9.64 -70.74 -99.77
CA GLN HA 94 -10.04 -69.48 -99.15
C GLN HA 94 -9.53 -69.36 -97.72
N ARG HA 95 -9.34 -70.47 -97.00
CA ARG HA 95 -8.76 -70.32 -95.67
C ARG HA 95 -7.25 -70.07 -95.75
N TYR HA 96 -6.59 -70.54 -96.82
CA TYR HA 96 -5.20 -70.16 -97.04
C TYR HA 96 -5.09 -68.67 -97.30
N LEU HA 97 -5.98 -68.16 -98.16
CA LEU HA 97 -6.01 -66.73 -98.46
C LEU HA 97 -6.36 -65.92 -97.21
N LEU HA 98 -7.15 -66.51 -96.31
CA LEU HA 98 -7.37 -65.89 -95.00
C LEU HA 98 -6.08 -65.83 -94.20
N GLN HA 99 -5.29 -66.90 -94.24
CA GLN HA 99 -4.16 -66.99 -93.32
C GLN HA 99 -3.00 -66.11 -93.76
N TYR HA 100 -2.70 -66.06 -95.06
CA TYR HA 100 -1.51 -65.32 -95.46
C TYR HA 100 -1.80 -64.02 -96.17
N GLN HA 101 -3.04 -63.79 -96.61
CA GLN HA 101 -3.42 -62.65 -97.48
C GLN HA 101 -2.55 -62.61 -98.73
N GLU HA 102 -2.62 -63.71 -99.49
CA GLU HA 102 -1.69 -64.01 -100.55
C GLU HA 102 -2.32 -65.16 -101.34
N PRO HA 103 -2.25 -65.13 -102.67
CA PRO HA 103 -2.95 -66.16 -103.46
C PRO HA 103 -2.34 -67.55 -103.29
N ILE HA 104 -3.19 -68.55 -103.40
CA ILE HA 104 -2.81 -69.93 -103.09
C ILE HA 104 -2.03 -70.52 -104.27
N PRO HA 105 -0.84 -71.09 -104.03
CA PRO HA 105 -0.16 -71.86 -105.06
C PRO HA 105 -0.90 -73.15 -105.35
N CYS HA 106 -0.87 -73.58 -106.61
CA CYS HA 106 -1.74 -74.67 -107.03
C CYS HA 106 -1.25 -76.02 -106.51
N GLU HA 107 0.06 -76.15 -106.28
CA GLU HA 107 0.67 -77.43 -105.92
C GLU HA 107 0.17 -77.91 -104.56
N GLN HA 108 0.24 -77.05 -103.55
CA GLN HA 108 -0.15 -77.47 -102.21
C GLN HA 108 -1.67 -77.58 -102.09
N LEU HA 109 -2.40 -76.92 -102.97
CA LEU HA 109 -3.84 -77.16 -103.07
C LEU HA 109 -4.12 -78.56 -103.58
N VAL HA 110 -3.36 -78.98 -104.59
CA VAL HA 110 -3.49 -80.34 -105.12
C VAL HA 110 -3.12 -81.37 -104.06
N THR HA 111 -2.05 -81.13 -103.31
CA THR HA 111 -1.66 -82.09 -102.28
C THR HA 111 -2.66 -82.12 -101.14
N ALA HA 112 -3.31 -80.98 -100.87
CA ALA HA 112 -4.33 -80.94 -99.82
C ALA HA 112 -5.55 -81.77 -100.21
N LEU HA 113 -6.10 -81.54 -101.40
CA LEU HA 113 -7.28 -82.31 -101.82
C LEU HA 113 -6.94 -83.78 -102.01
N CYS HA 114 -5.73 -84.07 -102.53
CA CYS HA 114 -5.33 -85.45 -102.71
C CYS HA 114 -5.08 -86.15 -101.38
N ASP HA 115 -4.72 -85.41 -100.33
CA ASP HA 115 -4.67 -86.03 -99.01
C ASP HA 115 -6.07 -86.27 -98.46
N ILE HA 116 -7.01 -85.38 -98.77
CA ILE HA 116 -8.40 -85.59 -98.36
C ILE HA 116 -8.97 -86.83 -99.03
N LYS HA 117 -8.74 -86.99 -100.33
CA LYS HA 117 -9.16 -88.18 -101.05
C LYS HA 117 -8.38 -89.40 -100.59
N GLN HA 118 -7.14 -89.20 -100.13
CA GLN HA 118 -6.31 -90.32 -99.72
C GLN HA 118 -6.75 -90.92 -98.39
N ALA HA 119 -7.07 -90.09 -97.40
CA ALA HA 119 -7.35 -90.59 -96.06
C ALA HA 119 -8.65 -91.38 -95.99
N TYR HA 120 -9.51 -91.24 -96.99
CA TYR HA 120 -10.62 -92.16 -97.13
C TYR HA 120 -10.22 -93.45 -97.81
N THR HA 121 -9.03 -93.51 -98.41
CA THR HA 121 -8.55 -94.79 -98.91
C THR HA 121 -7.72 -95.49 -97.85
N GLN HA 122 -7.19 -94.76 -96.86
CA GLN HA 122 -6.47 -95.43 -95.79
C GLN HA 122 -7.34 -96.27 -94.87
N PHE HA 123 -8.48 -95.78 -94.43
CA PHE HA 123 -9.26 -96.53 -93.45
C PHE HA 123 -10.72 -96.13 -93.53
N GLY HA 124 -11.51 -96.68 -92.59
CA GLY HA 124 -12.91 -96.39 -92.52
C GLY HA 124 -13.82 -97.44 -93.13
N GLY HA 125 -13.32 -98.25 -94.06
CA GLY HA 125 -14.23 -99.10 -94.81
C GLY HA 125 -15.18 -98.31 -95.68
N LYS HA 126 -14.75 -97.13 -96.12
CA LYS HA 126 -15.62 -96.13 -96.72
C LYS HA 126 -15.59 -96.26 -98.24
N ARG HA 127 -16.70 -95.89 -98.86
CA ARG HA 127 -16.71 -95.66 -100.29
C ARG HA 127 -15.80 -94.48 -100.59
N PRO HA 128 -14.77 -94.66 -101.41
CA PRO HA 128 -13.89 -93.54 -101.74
C PRO HA 128 -14.59 -92.53 -102.64
N PHE HA 129 -13.97 -91.38 -102.79
CA PHE HA 129 -14.44 -90.43 -103.79
C PHE HA 129 -14.17 -91.00 -105.17
N GLY HA 130 -15.23 -91.38 -105.87
CA GLY HA 130 -15.08 -91.86 -107.23
C GLY HA 130 -14.96 -90.70 -108.20
N VAL HA 131 -13.90 -89.92 -108.05
CA VAL HA 131 -13.71 -88.67 -108.78
C VAL HA 131 -12.29 -88.66 -109.31
N SER HA 132 -12.15 -88.39 -110.61
CA SER HA 132 -10.87 -88.02 -111.19
C SER HA 132 -11.05 -86.66 -111.82
N LEU HA 133 -10.41 -85.64 -111.25
CA LEU HA 133 -10.67 -84.28 -111.69
C LEU HA 133 -9.38 -83.63 -112.19
N LEU HA 134 -9.53 -82.49 -112.84
CA LEU HA 134 -8.43 -81.77 -113.46
C LEU HA 134 -8.21 -80.43 -112.76
N TYR HA 135 -7.12 -79.77 -113.12
CA TYR HA 135 -6.78 -78.48 -112.53
C TYR HA 135 -6.20 -77.57 -113.58
N ILE HA 136 -6.50 -76.28 -113.46
CA ILE HA 136 -5.74 -75.23 -114.12
C ILE HA 136 -5.33 -74.24 -113.04
N GLY HA 137 -4.53 -73.26 -113.41
CA GLY HA 137 -4.21 -72.22 -112.46
C GLY HA 137 -3.00 -71.43 -112.85
N TRP HA 138 -2.93 -70.23 -112.29
CA TRP HA 138 -1.78 -69.35 -112.41
C TRP HA 138 -1.15 -69.19 -111.04
N ASP HA 139 0.16 -68.95 -111.00
CA ASP HA 139 0.85 -68.76 -109.74
C ASP HA 139 1.88 -67.64 -109.86
N LYS HA 140 2.70 -67.52 -108.82
CA LYS HA 140 3.77 -66.54 -108.83
C LYS HA 140 5.09 -67.12 -109.32
N HIS HA 141 5.15 -68.42 -109.55
CA HIS HA 141 6.44 -69.09 -109.64
C HIS HA 141 6.62 -69.91 -110.90
N TYR HA 142 5.53 -70.42 -111.48
CA TYR HA 142 5.67 -71.25 -112.67
C TYR HA 142 4.77 -70.82 -113.82
N GLY HA 143 3.99 -69.77 -113.67
CA GLY HA 143 3.15 -69.36 -114.78
C GLY HA 143 1.88 -70.18 -114.81
N PHE HA 144 1.75 -71.06 -115.80
CA PHE HA 144 0.50 -71.77 -116.04
C PHE HA 144 0.69 -73.26 -115.84
N GLN HA 145 -0.28 -73.89 -115.18
CA GLN HA 145 -0.12 -75.26 -114.72
C GLN HA 145 -1.37 -76.08 -115.00
N LEU HA 146 -1.15 -77.37 -115.26
CA LEU HA 146 -2.21 -78.37 -115.34
C LEU HA 146 -1.88 -79.48 -114.35
N TYR HA 147 -2.92 -80.09 -113.78
CA TYR HA 147 -2.73 -81.22 -112.89
C TYR HA 147 -3.84 -82.23 -113.06
N GLN HA 148 -3.54 -83.46 -112.65
CA GLN HA 148 -4.43 -84.61 -112.77
C GLN HA 148 -4.59 -85.22 -111.39
N SER HA 149 -5.83 -85.44 -110.98
CA SER HA 149 -6.09 -86.09 -109.71
C SER HA 149 -6.57 -87.52 -109.94
N ASP HA 150 -6.28 -88.39 -109.00
CA ASP HA 150 -6.75 -89.75 -109.05
C ASP HA 150 -7.48 -90.12 -107.76
N PRO HA 151 -8.37 -91.12 -107.78
CA PRO HA 151 -9.03 -91.52 -106.53
C PRO HA 151 -8.11 -92.17 -105.52
N SER HA 152 -6.91 -92.57 -105.91
CA SER HA 152 -5.93 -93.12 -105.00
C SER HA 152 -5.21 -92.05 -104.18
N GLY HA 153 -5.47 -90.77 -104.43
CA GLY HA 153 -4.73 -89.71 -103.80
C GLY HA 153 -3.43 -89.36 -104.50
N ASN HA 154 -3.16 -89.99 -105.64
CA ASN HA 154 -1.98 -89.71 -106.43
C ASN HA 154 -2.25 -88.55 -107.37
N TYR HA 155 -1.20 -87.79 -107.67
CA TYR HA 155 -1.28 -86.74 -108.68
C TYR HA 155 -0.01 -86.75 -109.51
N GLY HA 156 -0.17 -86.64 -110.81
CA GLY HA 156 0.94 -86.77 -111.75
C GLY HA 156 0.98 -85.68 -112.80
N GLY HA 157 0.77 -84.43 -112.39
CA GLY HA 157 0.47 -83.27 -113.22
C GLY HA 157 1.13 -83.11 -114.57
N TRP HA 158 0.28 -82.92 -115.59
CA TRP HA 158 0.65 -83.15 -116.96
C TRP HA 158 0.66 -81.82 -117.70
N LYS HA 159 0.88 -81.90 -119.01
CA LYS HA 159 0.48 -80.84 -119.92
C LYS HA 159 -0.47 -81.44 -120.94
N ALA HA 160 -0.50 -82.76 -120.99
CA ALA HA 160 -1.55 -83.47 -121.69
C ALA HA 160 -2.67 -83.82 -120.71
N THR HA 161 -3.52 -84.76 -121.13
CA THR HA 161 -4.75 -85.08 -120.42
C THR HA 161 -5.24 -86.47 -120.80
N CYS HA 162 -5.85 -87.16 -119.83
CA CYS HA 162 -6.37 -88.51 -120.05
C CYS HA 162 -7.58 -88.75 -119.16
N ILE HA 163 -8.78 -88.46 -119.67
CA ILE HA 163 -10.05 -88.81 -119.05
C ILE HA 163 -11.00 -89.22 -120.17
N GLY HA 164 -11.46 -90.47 -120.17
CA GLY HA 164 -10.96 -91.54 -119.32
C GLY HA 164 -10.39 -92.66 -120.18
N ASN HA 165 -11.12 -93.79 -120.25
CA ASN HA 165 -10.67 -94.91 -121.08
C ASN HA 165 -10.84 -94.58 -122.57
N ASN HA 166 -11.75 -93.65 -122.88
CA ASN HA 166 -11.90 -93.19 -124.27
C ASN HA 166 -10.76 -92.25 -124.65
N SER HA 167 -9.95 -91.84 -123.67
CA SER HA 167 -8.88 -90.90 -123.92
C SER HA 167 -7.53 -91.55 -124.16
N ALA HA 168 -7.49 -92.86 -124.40
CA ALA HA 168 -6.22 -93.47 -124.83
C ALA HA 168 -5.87 -93.01 -126.24
N ALA HA 169 -6.85 -93.02 -127.14
CA ALA HA 169 -6.64 -92.49 -128.47
C ALA HA 169 -6.50 -90.98 -128.45
N ALA HA 170 -7.05 -90.32 -127.43
CA ALA HA 170 -6.80 -88.89 -127.29
C ALA HA 170 -5.37 -88.61 -126.83
N VAL HA 171 -4.80 -89.48 -125.99
CA VAL HA 171 -3.42 -89.32 -125.58
C VAL HA 171 -2.48 -89.59 -126.74
N SER HA 172 -2.68 -90.70 -127.45
CA SER HA 172 -1.82 -91.00 -128.60
C SER HA 172 -2.03 -90.00 -129.72
N MET HA 173 -3.23 -89.42 -129.80
CA MET HA 173 -3.49 -88.35 -130.75
C MET HA 173 -2.76 -87.08 -130.35
N LEU HA 174 -2.63 -86.84 -129.04
CA LEU HA 174 -1.91 -85.65 -128.58
C LEU HA 174 -0.41 -85.79 -128.76
N LYS HA 175 0.12 -87.01 -128.61
CA LYS HA 175 1.54 -87.19 -128.89
C LYS HA 175 1.82 -87.15 -130.38
N GLN HA 176 0.96 -87.81 -131.18
CA GLN HA 176 1.18 -87.86 -132.62
C GLN HA 176 0.92 -86.52 -133.30
N ASP HA 177 0.14 -85.65 -132.66
CA ASP HA 177 -0.20 -84.36 -133.23
C ASP HA 177 0.24 -83.21 -132.34
N TYR HA 178 1.49 -83.23 -131.87
CA TYR HA 178 1.94 -82.43 -130.76
C TYR HA 178 2.53 -81.11 -131.24
N LYS HA 179 2.57 -80.13 -130.34
CA LYS HA 179 3.34 -78.90 -130.50
C LYS HA 179 4.03 -78.66 -129.17
N GLU HA 180 5.16 -77.96 -129.21
CA GLU HA 180 5.97 -77.72 -128.03
C GLU HA 180 6.46 -76.29 -128.01
N GLY HA 181 6.02 -75.52 -127.03
CA GLY HA 181 6.39 -74.12 -126.94
C GLY HA 181 5.70 -73.27 -127.99
N GLU HA 182 4.44 -73.58 -128.31
CA GLU HA 182 3.65 -72.75 -129.22
C GLU HA 182 2.25 -72.56 -128.63
N MET HA 183 1.90 -71.31 -128.38
CA MET HA 183 0.52 -70.92 -128.13
C MET HA 183 0.32 -69.53 -128.72
N THR HA 184 -0.19 -69.38 -129.96
CA THR HA 184 -1.00 -70.24 -130.87
C THR HA 184 -2.16 -70.93 -130.15
N LEU HA 185 -2.94 -70.10 -129.45
CA LEU HA 185 -4.08 -70.60 -128.69
C LEU HA 185 -5.19 -71.08 -129.61
N LYS HA 186 -5.35 -70.44 -130.78
CA LYS HA 186 -6.42 -70.82 -131.69
C LYS HA 186 -6.12 -72.15 -132.37
N SER HA 187 -4.85 -72.49 -132.55
CA SER HA 187 -4.50 -73.81 -133.08
C SER HA 187 -4.61 -74.86 -131.98
N ALA HA 188 -4.45 -74.43 -130.73
CA ALA HA 188 -4.69 -75.34 -129.61
C ALA HA 188 -6.18 -75.65 -129.47
N LEU HA 189 -7.04 -74.65 -129.66
CA LEU HA 189 -8.47 -74.86 -129.59
C LEU HA 189 -8.96 -75.65 -130.79
N ALA HA 190 -8.41 -75.36 -131.97
CA ALA HA 190 -8.77 -76.12 -133.17
C ALA HA 190 -8.22 -77.55 -133.11
N LEU HA 191 -7.09 -77.72 -132.42
CA LEU HA 191 -6.57 -79.06 -132.17
C LEU HA 191 -7.46 -79.81 -131.18
N ALA HA 192 -8.03 -79.07 -130.22
CA ALA HA 192 -9.00 -79.68 -129.32
C ALA HA 192 -10.27 -80.05 -130.07
N ILE HA 193 -10.63 -79.26 -131.07
CA ILE HA 193 -11.78 -79.55 -131.92
C ILE HA 193 -11.48 -80.79 -132.75
N LYS HA 194 -10.19 -80.98 -133.08
CA LYS HA 194 -9.80 -82.20 -133.79
C LYS HA 194 -9.90 -83.41 -132.87
N VAL HA 195 -9.49 -83.26 -131.61
CA VAL HA 195 -9.48 -84.36 -130.66
C VAL HA 195 -10.89 -84.79 -130.31
N LEU HA 196 -11.75 -83.84 -129.93
CA LEU HA 196 -13.14 -84.21 -129.65
C LEU HA 196 -13.89 -84.58 -130.90
N ASN HA 197 -13.47 -84.06 -132.06
CA ASN HA 197 -14.14 -84.40 -133.30
C ASN HA 197 -13.79 -85.83 -133.74
N LYS HA 198 -12.62 -86.33 -133.31
CA LYS HA 198 -12.23 -87.68 -133.72
C LYS HA 198 -12.56 -88.71 -132.64
N THR HA 199 -12.62 -88.29 -131.38
CA THR HA 199 -12.93 -89.22 -130.29
C THR HA 199 -14.43 -89.40 -130.13
N MET HA 200 -15.14 -88.31 -129.80
CA MET HA 200 -16.58 -88.39 -129.64
C MET HA 200 -17.27 -88.54 -131.00
N ASP HA 201 -18.03 -89.62 -131.17
CA ASP HA 201 -18.52 -89.99 -132.50
C ASP HA 201 -19.83 -89.31 -132.84
N VAL HA 202 -20.15 -88.18 -132.20
CA VAL HA 202 -21.32 -87.42 -132.60
C VAL HA 202 -21.06 -86.77 -133.95
N SER HA 203 -21.97 -86.98 -134.89
CA SER HA 203 -21.82 -86.51 -136.25
C SER HA 203 -21.97 -84.99 -136.29
N LYS HA 204 -20.92 -84.32 -136.78
CA LYS HA 204 -20.79 -82.89 -137.08
C LYS HA 204 -20.68 -82.00 -135.84
N LEU HA 205 -20.90 -82.57 -134.67
CA LEU HA 205 -20.48 -82.04 -133.36
C LEU HA 205 -20.99 -80.62 -133.10
N SER HA 206 -22.30 -80.52 -132.87
CA SER HA 206 -22.90 -79.26 -132.45
C SER HA 206 -22.30 -78.78 -131.13
N ALA HA 207 -22.22 -77.46 -130.96
CA ALA HA 207 -21.49 -76.91 -129.82
C ALA HA 207 -22.26 -77.04 -128.52
N GLU HA 208 -23.55 -77.38 -128.60
CA GLU HA 208 -24.30 -77.64 -127.38
C GLU HA 208 -23.93 -79.00 -126.79
N LYS HA 209 -23.33 -79.87 -127.60
CA LYS HA 209 -22.92 -81.18 -127.10
C LYS HA 209 -21.58 -81.12 -126.39
N VAL HA 210 -20.83 -80.03 -126.57
CA VAL HA 210 -19.51 -79.88 -125.96
C VAL HA 210 -19.46 -78.59 -125.15
N GLU HA 211 -18.29 -78.32 -124.57
CA GLU HA 211 -18.07 -77.08 -123.82
C GLU HA 211 -16.57 -76.84 -123.74
N ILE HA 212 -16.19 -75.56 -123.89
CA ILE HA 212 -14.82 -75.11 -123.75
C ILE HA 212 -14.81 -73.84 -122.92
N ALA HA 213 -14.00 -73.81 -121.87
CA ALA HA 213 -13.77 -72.59 -121.12
C ALA HA 213 -12.30 -72.52 -120.73
N THR HA 214 -11.65 -71.43 -121.11
CA THR HA 214 -10.21 -71.29 -120.97
C THR HA 214 -9.89 -70.17 -120.00
N LEU HA 215 -8.62 -69.81 -119.94
CA LEU HA 215 -8.14 -68.74 -119.06
C LEU HA 215 -7.06 -67.97 -119.79
N THR HA 216 -7.14 -66.66 -119.75
CA THR HA 216 -6.11 -65.78 -120.29
C THR HA 216 -5.53 -64.92 -119.18
N ARG HA 217 -4.23 -64.69 -119.25
CA ARG HA 217 -3.57 -63.80 -118.30
C ARG HA 217 -3.96 -62.36 -118.56
N GLU HA 218 -4.48 -61.71 -117.53
CA GLU HA 218 -4.61 -60.26 -117.52
C GLU HA 218 -3.82 -59.79 -116.31
N ASN HA 219 -3.47 -58.50 -116.31
CA ASN HA 219 -2.52 -57.95 -115.36
C ASN HA 219 -3.23 -57.03 -114.36
N GLY HA 220 -3.42 -57.51 -113.13
CA GLY HA 220 -3.10 -58.87 -112.72
C GLY HA 220 -4.40 -59.64 -112.53
N LYS HA 221 -5.33 -59.41 -113.46
CA LYS HA 221 -6.73 -59.77 -113.23
C LYS HA 221 -6.96 -61.27 -113.36
N THR HA 222 -6.24 -61.93 -114.28
CA THR HA 222 -6.37 -63.35 -114.61
C THR HA 222 -7.81 -63.66 -115.03
N VAL HA 223 -8.22 -63.12 -116.17
CA VAL HA 223 -9.61 -63.23 -116.59
C VAL HA 223 -9.89 -64.64 -117.08
N ILE HA 224 -10.93 -65.26 -116.52
CA ILE HA 224 -11.37 -66.59 -116.90
C ILE HA 224 -12.34 -66.44 -118.07
N ARG HA 225 -12.04 -67.14 -119.16
CA ARG HA 225 -12.78 -67.01 -120.41
C ARG HA 225 -13.79 -68.15 -120.49
N VAL HA 226 -15.06 -67.83 -120.31
CA VAL HA 226 -16.14 -68.77 -120.59
C VAL HA 226 -16.96 -68.20 -121.74
N LEU HA 227 -17.20 -69.03 -122.74
CA LEU HA 227 -17.63 -68.54 -124.05
C LEU HA 227 -18.81 -69.34 -124.56
N LYS HA 228 -19.60 -68.69 -125.41
CA LYS HA 228 -20.85 -69.24 -125.92
C LYS HA 228 -20.58 -70.18 -127.09
N GLN HA 229 -21.64 -70.56 -127.79
CA GLN HA 229 -21.58 -71.71 -128.68
C GLN HA 229 -21.21 -71.38 -130.12
N LYS HA 230 -21.66 -70.24 -130.65
CA LYS HA 230 -21.56 -69.97 -132.08
C LYS HA 230 -20.11 -69.74 -132.52
N GLU HA 231 -19.32 -69.10 -131.67
CA GLU HA 231 -17.91 -68.93 -131.96
C GLU HA 231 -17.12 -70.23 -131.83
N VAL HA 232 -17.66 -71.21 -131.12
CA VAL HA 232 -17.14 -72.56 -131.21
C VAL HA 232 -17.59 -73.22 -132.52
N GLU HA 233 -18.80 -72.90 -132.99
CA GLU HA 233 -19.34 -73.53 -134.18
C GLU HA 233 -18.58 -73.12 -135.43
N GLN HA 234 -18.16 -71.85 -135.51
CA GLN HA 234 -17.35 -71.44 -136.64
C GLN HA 234 -15.96 -72.06 -136.59
N LEU HA 235 -15.48 -72.38 -135.39
CA LEU HA 235 -14.24 -73.14 -135.26
C LEU HA 235 -14.42 -74.58 -135.70
N ILE HA 236 -15.60 -75.15 -135.44
CA ILE HA 236 -15.86 -76.55 -135.79
C ILE HA 236 -16.02 -76.70 -137.29
N LYS HA 237 -16.78 -75.79 -137.92
CA LYS HA 237 -16.91 -75.80 -139.37
C LYS HA 237 -15.60 -75.42 -140.03
N LYS HA 238 -14.80 -74.56 -139.37
CA LYS HA 238 -13.45 -74.28 -139.84
C LYS HA 238 -12.61 -75.55 -139.86
N HIS HA 239 -12.73 -76.36 -138.81
CA HIS HA 239 -12.00 -77.62 -138.75
C HIS HA 239 -12.52 -78.62 -139.77
N GLU HA 240 -13.82 -78.59 -140.07
CA GLU HA 240 -14.37 -79.46 -141.10
C GLU HA 240 -13.86 -79.04 -142.48
N GLU HA 241 -13.64 -77.74 -142.67
CA GLU HA 241 -12.96 -77.28 -143.88
C GLU HA 241 -11.50 -77.73 -143.88
N GLU HA 242 -10.88 -77.83 -142.70
CA GLU HA 242 -9.52 -78.35 -142.64
C GLU HA 242 -9.49 -79.86 -142.90
N GLU HA 243 -10.60 -80.55 -142.66
CA GLU HA 243 -10.69 -81.95 -143.07
C GLU HA 243 -10.93 -82.06 -144.56
N ALA HA 244 -11.70 -81.11 -145.12
CA ALA HA 244 -11.93 -81.09 -146.56
C ALA HA 244 -10.66 -80.80 -147.33
N LYS HA 245 -9.79 -79.95 -146.79
CA LYS HA 245 -8.47 -79.80 -147.37
C LYS HA 245 -7.56 -80.98 -147.02
N ALA HA 246 -7.82 -81.61 -145.87
CA ALA HA 246 -6.98 -82.74 -145.44
C ALA HA 246 -7.30 -84.02 -146.20
N GLU HA 247 -8.39 -84.04 -146.98
CA GLU HA 247 -8.64 -85.15 -147.89
C GLU HA 247 -8.28 -84.80 -149.33
N ARG HA 248 -7.73 -83.61 -149.58
CA ARG HA 248 -7.27 -83.26 -150.93
C ARG HA 248 -5.98 -83.96 -151.31
N GLU HA 249 -5.32 -84.64 -150.35
CA GLU HA 249 -4.07 -85.33 -150.64
C GLU HA 249 -4.28 -86.64 -151.39
N LYS HA 250 -5.53 -87.07 -151.58
CA LYS HA 250 -5.81 -88.25 -152.38
C LYS HA 250 -5.84 -87.91 -153.86
N SER IA 1 -16.23 -93.76 -84.86
CA SER IA 1 -14.98 -94.30 -85.36
C SER IA 1 -15.23 -95.59 -86.14
N TYR IA 2 -14.17 -96.37 -86.32
CA TYR IA 2 -14.22 -97.62 -87.08
C TYR IA 2 -13.37 -98.63 -86.34
N ASP IA 3 -14.01 -99.65 -85.77
CA ASP IA 3 -13.30 -100.63 -84.94
C ASP IA 3 -13.43 -102.00 -85.58
N ARG IA 4 -12.33 -102.47 -86.19
CA ARG IA 4 -12.25 -103.80 -86.74
C ARG IA 4 -10.77 -104.17 -86.84
N ALA IA 5 -10.45 -105.36 -86.36
CA ALA IA 5 -9.08 -105.86 -86.42
C ALA IA 5 -8.79 -106.26 -87.86
N ILE IA 6 -8.19 -105.33 -88.60
CA ILE IA 6 -7.83 -105.60 -89.99
C ILE IA 6 -6.67 -106.58 -90.04
N THR IA 7 -5.74 -106.48 -89.10
CA THR IA 7 -4.53 -107.28 -89.12
C THR IA 7 -4.55 -108.24 -87.94
N VAL IA 8 -4.69 -109.53 -88.21
CA VAL IA 8 -4.71 -110.57 -87.20
C VAL IA 8 -3.70 -111.64 -87.57
N PHE IA 9 -3.64 -112.67 -86.73
CA PHE IA 9 -2.71 -113.77 -86.90
C PHE IA 9 -3.32 -114.85 -87.79
N SER IA 10 -2.61 -115.23 -88.83
CA SER IA 10 -2.97 -116.39 -89.62
C SER IA 10 -2.76 -117.66 -88.79
N PRO IA 11 -3.46 -118.75 -89.12
CA PRO IA 11 -3.31 -119.98 -88.33
C PRO IA 11 -1.94 -120.64 -88.39
N ASP IA 12 -1.11 -120.34 -89.40
CA ASP IA 12 0.24 -120.86 -89.38
C ASP IA 12 1.21 -119.98 -88.60
N GLY IA 13 0.72 -118.91 -87.97
CA GLY IA 13 1.53 -118.04 -87.14
C GLY IA 13 1.94 -116.75 -87.78
N HIS IA 14 1.86 -116.64 -89.10
CA HIS IA 14 2.25 -115.41 -89.78
C HIS IA 14 1.18 -114.35 -89.62
N LEU IA 15 1.57 -113.11 -89.84
CA LEU IA 15 0.60 -112.07 -90.12
C LEU IA 15 0.16 -112.17 -91.57
N PHE IA 16 -1.00 -111.58 -91.89
CA PHE IA 16 -1.38 -111.43 -93.28
C PHE IA 16 -0.88 -110.10 -93.82
N GLN IA 17 -1.37 -108.97 -93.30
CA GLN IA 17 -1.32 -107.73 -94.07
C GLN IA 17 0.07 -107.11 -94.04
N VAL IA 18 0.90 -107.51 -93.08
CA VAL IA 18 2.25 -106.95 -92.99
C VAL IA 18 3.16 -107.59 -94.02
N GLU IA 19 3.27 -108.93 -94.01
CA GLU IA 19 4.13 -109.58 -95.00
C GLU IA 19 3.51 -109.54 -96.39
N TYR IA 20 2.18 -109.49 -96.47
CA TYR IA 20 1.56 -109.33 -97.77
C TYR IA 20 1.69 -107.90 -98.28
N ALA IA 21 1.86 -106.94 -97.35
CA ALA IA 21 2.06 -105.56 -97.78
C ALA IA 21 3.42 -105.33 -98.41
N GLN IA 22 4.33 -106.31 -98.36
CA GLN IA 22 5.57 -106.24 -99.11
C GLN IA 22 5.37 -106.52 -100.60
N GLU IA 23 4.18 -106.99 -101.00
CA GLU IA 23 3.90 -107.21 -102.42
C GLU IA 23 3.89 -105.89 -103.19
N ALA IA 24 3.40 -104.81 -102.59
CA ALA IA 24 3.46 -103.52 -103.24
C ALA IA 24 4.89 -102.99 -103.29
N VAL IA 25 5.76 -103.48 -102.40
CA VAL IA 25 7.16 -103.10 -102.44
C VAL IA 25 7.88 -103.88 -103.54
N LYS IA 26 7.56 -105.16 -103.69
CA LYS IA 26 8.14 -105.96 -104.77
C LYS IA 26 7.62 -105.49 -106.13
N LYS IA 27 6.37 -105.03 -106.18
CA LYS IA 27 5.88 -104.40 -107.40
C LYS IA 27 6.09 -102.90 -107.37
N GLY IA 28 6.84 -102.40 -106.38
CA GLY IA 28 7.26 -101.02 -106.41
C GLY IA 28 8.34 -100.81 -107.45
N SER IA 29 8.51 -99.55 -107.86
CA SER IA 29 9.51 -99.19 -108.85
C SER IA 29 10.91 -99.33 -108.27
N THR IA 30 11.87 -99.72 -109.11
CA THR IA 30 13.20 -100.10 -108.66
C THR IA 30 14.00 -98.88 -108.24
N ALA IA 31 14.75 -99.00 -107.15
CA ALA IA 31 15.60 -97.92 -106.68
C ALA IA 31 16.83 -98.50 -106.01
N VAL IA 32 17.96 -97.82 -106.16
CA VAL IA 32 19.21 -98.21 -105.51
C VAL IA 32 19.81 -97.00 -104.83
N GLY IA 33 20.75 -97.24 -103.93
CA GLY IA 33 21.46 -96.17 -103.26
C GLY IA 33 22.55 -96.76 -102.39
N VAL IA 34 23.73 -96.19 -102.49
CA VAL IA 34 24.89 -96.67 -101.75
C VAL IA 34 25.37 -95.60 -100.80
N ARG IA 35 26.20 -96.01 -99.84
CA ARG IA 35 26.94 -95.09 -99.01
C ARG IA 35 28.41 -95.18 -99.37
N GLY IA 36 29.08 -94.02 -99.37
CA GLY IA 36 30.48 -93.97 -99.70
C GLY IA 36 31.26 -93.30 -98.58
N ARG IA 37 32.57 -93.45 -98.65
CA ARG IA 37 33.41 -92.86 -97.61
C ARG IA 37 33.60 -91.37 -97.81
N ASP IA 38 33.19 -90.84 -98.97
CA ASP IA 38 33.27 -89.41 -99.22
C ASP IA 38 31.89 -88.80 -99.34
N ILE IA 39 31.10 -89.29 -100.29
CA ILE IA 39 29.78 -88.73 -100.59
C ILE IA 39 28.84 -89.87 -100.97
N VAL IA 40 27.59 -89.75 -100.56
CA VAL IA 40 26.56 -90.76 -100.79
C VAL IA 40 25.78 -90.38 -102.03
N VAL IA 41 25.10 -91.36 -102.62
CA VAL IA 41 24.33 -91.14 -103.84
C VAL IA 41 23.20 -92.16 -103.87
N LEU IA 42 22.13 -91.83 -104.58
CA LEU IA 42 21.05 -92.77 -104.80
C LEU IA 42 20.40 -92.51 -106.16
N GLY IA 43 19.68 -93.51 -106.66
CA GLY IA 43 19.05 -93.39 -107.96
C GLY IA 43 17.82 -94.27 -108.06
N VAL IA 44 16.83 -93.77 -108.77
CA VAL IA 44 15.60 -94.51 -109.00
C VAL IA 44 15.46 -94.69 -110.50
N GLU IA 45 14.72 -95.72 -110.91
CA GLU IA 45 14.55 -96.02 -112.32
C GLU IA 45 13.05 -96.04 -112.61
N LYS IA 46 12.70 -96.56 -113.79
CA LYS IA 46 11.34 -96.83 -114.26
C LYS IA 46 10.47 -95.58 -114.28
N LYS IA 47 10.97 -94.47 -114.81
CA LYS IA 47 10.14 -93.27 -114.95
C LYS IA 47 9.03 -93.50 -115.96
N SER IA 48 9.37 -94.10 -117.11
CA SER IA 48 8.49 -94.31 -118.26
C SER IA 48 7.84 -92.99 -118.70
N VAL IA 49 8.71 -92.04 -119.04
CA VAL IA 49 8.25 -90.67 -119.29
C VAL IA 49 7.47 -90.61 -120.59
N ALA IA 50 6.47 -89.73 -120.62
CA ALA IA 50 5.61 -89.56 -121.79
C ALA IA 50 6.17 -88.59 -122.81
N LYS IA 51 7.46 -88.25 -122.71
CA LYS IA 51 8.26 -87.53 -123.70
C LYS IA 51 7.84 -86.08 -123.90
N LEU IA 52 6.82 -85.61 -123.19
CA LEU IA 52 6.29 -84.27 -123.41
C LEU IA 52 5.81 -83.59 -122.14
N GLN IA 53 5.99 -84.20 -120.98
CA GLN IA 53 5.30 -83.77 -119.77
C GLN IA 53 6.29 -83.18 -118.78
N ASP IA 54 5.77 -82.70 -117.66
CA ASP IA 54 6.61 -82.13 -116.62
C ASP IA 54 7.24 -83.28 -115.84
N GLU IA 55 8.36 -83.00 -115.18
CA GLU IA 55 9.11 -84.06 -114.52
C GLU IA 55 9.28 -83.85 -113.03
N ARG IA 56 9.16 -82.62 -112.54
CA ARG IA 56 9.37 -82.36 -111.13
C ARG IA 56 8.17 -82.71 -110.28
N THR IA 57 7.03 -83.02 -110.90
CA THR IA 57 5.86 -83.41 -110.14
C THR IA 57 5.88 -84.89 -109.77
N VAL IA 58 6.61 -85.69 -110.53
CA VAL IA 58 6.68 -87.13 -110.31
C VAL IA 58 7.99 -87.43 -109.59
N ARG IA 59 8.53 -86.40 -108.93
CA ARG IA 59 9.85 -86.48 -108.33
C ARG IA 59 9.84 -87.40 -107.12
N LYS IA 60 10.47 -88.57 -107.27
CA LYS IA 60 10.44 -89.63 -106.29
C LYS IA 60 11.49 -89.45 -105.19
N ILE IA 61 12.21 -88.34 -105.17
CA ILE IA 61 13.29 -88.11 -104.23
C ILE IA 61 13.11 -86.73 -103.64
N CYS IA 62 13.09 -86.65 -102.31
CA CYS IA 62 13.05 -85.35 -101.65
C CYS IA 62 13.95 -85.41 -100.43
N ALA IA 63 13.92 -84.36 -99.63
CA ALA IA 63 14.70 -84.31 -98.41
C ALA IA 63 13.81 -83.82 -97.28
N LEU IA 64 13.92 -84.48 -96.14
CA LEU IA 64 13.16 -84.04 -94.97
C LEU IA 64 13.82 -82.84 -94.34
N ASP IA 65 15.15 -82.79 -94.41
CA ASP IA 65 15.94 -81.70 -93.88
C ASP IA 65 17.15 -81.60 -94.80
N ASP IA 66 18.00 -80.60 -94.55
CA ASP IA 66 19.24 -80.49 -95.33
C ASP IA 66 20.27 -81.53 -94.91
N ASN IA 67 19.99 -82.35 -93.90
CA ASN IA 67 20.90 -83.37 -93.45
C ASN IA 67 20.46 -84.77 -93.88
N VAL IA 68 19.18 -84.95 -94.22
CA VAL IA 68 18.59 -86.28 -94.43
C VAL IA 68 17.90 -86.27 -95.79
N CYS IA 69 18.08 -87.35 -96.57
CA CYS IA 69 17.40 -87.54 -97.84
C CYS IA 69 16.54 -88.79 -97.82
N MET IA 70 15.61 -88.85 -98.76
CA MET IA 70 14.64 -89.94 -98.86
C MET IA 70 14.81 -90.69 -100.18
N ALA IA 71 14.38 -91.95 -100.17
CA ALA IA 71 14.26 -92.77 -101.37
C ALA IA 71 13.32 -93.91 -101.04
N PHE IA 72 12.19 -93.99 -101.75
CA PHE IA 72 11.15 -94.95 -101.40
C PHE IA 72 10.78 -95.78 -102.62
N ALA IA 73 9.71 -96.55 -102.46
CA ALA IA 73 9.14 -97.35 -103.53
C ALA IA 73 7.64 -97.52 -103.25
N GLY IA 74 7.03 -98.47 -103.94
CA GLY IA 74 5.62 -98.74 -103.73
C GLY IA 74 4.71 -97.65 -104.27
N LEU IA 75 3.66 -97.33 -103.54
CA LEU IA 75 2.70 -96.34 -103.98
C LEU IA 75 3.05 -94.97 -103.42
N THR IA 76 2.71 -93.93 -104.18
CA THR IA 76 3.23 -92.59 -103.91
C THR IA 76 2.56 -91.94 -102.70
N ALA IA 77 1.30 -92.25 -102.45
CA ALA IA 77 0.50 -91.47 -101.52
C ALA IA 77 0.93 -91.70 -100.07
N ASP IA 78 1.19 -92.95 -99.72
CA ASP IA 78 1.67 -93.25 -98.37
C ASP IA 78 3.03 -92.62 -98.12
N ALA IA 79 3.86 -92.55 -99.16
CA ALA IA 79 5.13 -91.85 -99.06
C ALA IA 79 4.92 -90.37 -98.88
N ARG IA 80 3.86 -89.82 -99.47
CA ARG IA 80 3.57 -88.40 -99.30
C ARG IA 80 3.21 -88.07 -97.85
N ILE IA 81 2.30 -88.86 -97.27
CA ILE IA 81 1.89 -88.63 -95.88
C ILE IA 81 3.06 -88.86 -94.92
N VAL IA 82 3.82 -89.94 -95.14
CA VAL IA 82 4.95 -90.25 -94.28
C VAL IA 82 6.03 -89.19 -94.37
N ILE IA 83 6.29 -88.67 -95.57
CA ILE IA 83 7.31 -87.65 -95.74
C ILE IA 83 6.90 -86.34 -95.07
N ASN IA 84 5.63 -85.91 -95.25
CA ASN IA 84 5.20 -84.66 -94.64
C ASN IA 84 5.18 -84.74 -93.11
N ARG IA 85 4.69 -85.87 -92.58
CA ARG IA 85 4.70 -86.09 -91.13
C ARG IA 85 6.11 -86.11 -90.58
N ALA IA 86 7.04 -86.69 -91.33
CA ALA IA 86 8.43 -86.74 -90.88
C ALA IA 86 9.11 -85.38 -90.96
N ARG IA 87 8.71 -84.53 -91.91
CA ARG IA 87 9.20 -83.15 -91.94
C ARG IA 87 8.75 -82.39 -90.71
N VAL IA 88 7.48 -82.58 -90.31
CA VAL IA 88 6.98 -81.96 -89.09
C VAL IA 88 7.78 -82.45 -87.88
N GLU IA 89 8.07 -83.74 -87.82
CA GLU IA 89 8.79 -84.31 -86.69
C GLU IA 89 10.22 -83.79 -86.59
N CYS IA 90 10.94 -83.78 -87.71
CA CYS IA 90 12.34 -83.33 -87.67
C CYS IA 90 12.43 -81.84 -87.42
N GLN IA 91 11.43 -81.08 -87.87
CA GLN IA 91 11.46 -79.66 -87.58
C GLN IA 91 11.15 -79.39 -86.11
N SER IA 92 10.30 -80.22 -85.51
CA SER IA 92 10.08 -80.14 -84.06
C SER IA 92 11.31 -80.59 -83.30
N HIS IA 93 12.09 -81.52 -83.86
CA HIS IA 93 13.36 -81.91 -83.27
C HIS IA 93 14.35 -80.77 -83.26
N ARG IA 94 14.46 -80.02 -84.36
CA ARG IA 94 15.28 -78.82 -84.37
C ARG IA 94 14.74 -77.73 -83.45
N LEU IA 95 13.42 -77.74 -83.19
CA LEU IA 95 12.80 -76.68 -82.39
C LEU IA 95 13.26 -76.73 -80.94
N THR IA 96 13.56 -77.92 -80.42
CA THR IA 96 13.78 -78.09 -79.00
C THR IA 96 15.25 -78.42 -78.70
N VAL IA 97 15.77 -79.40 -79.41
CA VAL IA 97 17.08 -79.95 -79.08
C VAL IA 97 18.15 -79.05 -79.69
N GLU IA 98 17.76 -78.25 -80.70
CA GLU IA 98 18.58 -77.23 -81.36
C GLU IA 98 19.86 -77.80 -81.94
N ASP IA 99 19.71 -78.67 -82.93
CA ASP IA 99 20.81 -79.38 -83.57
C ASP IA 99 20.36 -79.92 -84.92
N PRO IA 100 21.30 -80.34 -85.77
CA PRO IA 100 20.90 -81.15 -86.93
C PRO IA 100 20.39 -82.52 -86.49
N VAL IA 101 19.42 -83.01 -87.25
CA VAL IA 101 18.69 -84.21 -86.88
C VAL IA 101 19.51 -85.45 -87.22
N THR IA 102 19.72 -86.30 -86.24
CA THR IA 102 20.40 -87.57 -86.44
C THR IA 102 19.50 -88.52 -87.23
N VAL IA 103 20.12 -89.44 -87.95
CA VAL IA 103 19.37 -90.28 -88.89
C VAL IA 103 18.56 -91.33 -88.13
N GLU IA 104 19.10 -91.81 -86.99
CA GLU IA 104 18.49 -92.92 -86.28
C GLU IA 104 17.23 -92.46 -85.60
N TYR IA 105 17.16 -91.16 -85.29
CA TYR IA 105 15.96 -90.56 -84.74
C TYR IA 105 14.83 -90.56 -85.77
N ILE IA 106 15.15 -90.25 -87.02
CA ILE IA 106 14.08 -90.13 -88.01
C ILE IA 106 13.67 -91.51 -88.50
N THR IA 107 14.58 -92.49 -88.44
CA THR IA 107 14.20 -93.85 -88.80
C THR IA 107 13.40 -94.49 -87.68
N ARG IA 108 13.71 -94.16 -86.43
CA ARG IA 108 12.85 -94.61 -85.34
C ARG IA 108 11.49 -93.97 -85.40
N TYR IA 109 11.40 -92.72 -85.86
CA TYR IA 109 10.10 -92.09 -85.92
C TYR IA 109 9.25 -92.68 -87.03
N ILE IA 110 9.83 -92.88 -88.21
CA ILE IA 110 9.06 -93.41 -89.34
C ILE IA 110 8.75 -94.88 -89.12
N ALA IA 111 9.72 -95.64 -88.60
CA ALA IA 111 9.50 -97.06 -88.39
C ALA IA 111 8.54 -97.31 -87.23
N SER IA 112 8.61 -96.47 -86.19
CA SER IA 112 7.71 -96.63 -85.06
C SER IA 112 6.31 -96.18 -85.41
N LEU IA 113 6.19 -95.11 -86.21
CA LEU IA 113 4.88 -94.69 -86.71
C LEU IA 113 4.28 -95.75 -87.61
N LYS IA 114 5.13 -96.45 -88.35
CA LYS IA 114 4.62 -97.49 -89.23
C LYS IA 114 4.20 -98.72 -88.44
N GLN IA 115 4.88 -99.01 -87.33
CA GLN IA 115 4.55 -100.21 -86.55
C GLN IA 115 3.29 -100.01 -85.72
N ARG IA 116 3.18 -98.86 -85.03
CA ARG IA 116 1.92 -98.56 -84.36
C ARG IA 116 0.82 -98.27 -85.38
N TYR IA 117 1.21 -97.96 -86.61
CA TYR IA 117 0.25 -97.82 -87.69
C TYR IA 117 -0.26 -99.19 -88.16
N THR IA 118 0.53 -100.25 -87.92
CA THR IA 118 -0.01 -101.59 -88.13
C THR IA 118 -0.78 -102.07 -86.90
N GLN IA 119 -0.52 -101.44 -85.75
CA GLN IA 119 -1.05 -101.96 -84.50
C GLN IA 119 -2.52 -101.60 -84.31
N SER IA 120 -2.86 -100.33 -84.49
CA SER IA 120 -4.10 -99.77 -83.97
C SER IA 120 -5.33 -100.26 -84.74
N ASN IA 121 -6.49 -99.84 -84.26
CA ASN IA 121 -7.76 -100.31 -84.78
C ASN IA 121 -8.04 -99.74 -86.16
N GLY IA 122 -8.21 -100.64 -87.12
CA GLY IA 122 -8.61 -100.32 -88.47
C GLY IA 122 -7.70 -99.36 -89.20
N ARG IA 123 -6.44 -99.73 -89.38
CA ARG IA 123 -5.49 -98.87 -90.09
C ARG IA 123 -4.72 -99.73 -91.07
N ARG IA 124 -5.07 -99.64 -92.36
CA ARG IA 124 -4.40 -100.35 -93.44
C ARG IA 124 -2.94 -99.94 -93.54
N PRO IA 125 -2.01 -100.87 -93.34
CA PRO IA 125 -0.58 -100.50 -93.20
C PRO IA 125 0.00 -99.89 -94.47
N PHE IA 126 1.12 -99.20 -94.31
CA PHE IA 126 1.74 -98.53 -95.44
C PHE IA 126 2.37 -99.55 -96.37
N GLY IA 127 2.23 -99.33 -97.67
CA GLY IA 127 2.80 -100.23 -98.64
C GLY IA 127 4.07 -99.69 -99.25
N ILE IA 128 4.86 -98.97 -98.46
CA ILE IA 128 6.10 -98.35 -98.92
C ILE IA 128 7.25 -98.93 -98.12
N SER IA 129 8.45 -98.87 -98.68
CA SER IA 129 9.69 -99.13 -97.96
C SER IA 129 10.69 -98.06 -98.36
N ALA IA 130 11.18 -97.32 -97.39
CA ALA IA 130 11.93 -96.11 -97.68
C ALA IA 130 13.37 -96.27 -97.25
N LEU IA 131 14.27 -95.78 -98.10
CA LEU IA 131 15.67 -95.61 -97.76
C LEU IA 131 15.87 -94.24 -97.15
N ILE IA 132 16.69 -94.18 -96.10
CA ILE IA 132 16.90 -92.95 -95.36
C ILE IA 132 18.39 -92.65 -95.41
N VAL IA 133 18.78 -91.71 -96.26
CA VAL IA 133 20.18 -91.44 -96.56
C VAL IA 133 20.55 -90.07 -96.00
N GLY IA 134 21.70 -90.00 -95.32
CA GLY IA 134 22.11 -88.73 -94.73
C GLY IA 134 23.60 -88.50 -94.66
N PHE IA 135 24.02 -87.55 -93.83
CA PHE IA 135 25.42 -87.30 -93.53
C PHE IA 135 25.60 -87.23 -92.02
N ASP IA 136 26.51 -88.05 -91.48
CA ASP IA 136 26.76 -88.07 -90.05
C ASP IA 136 27.51 -86.83 -89.60
N PHE IA 137 27.37 -86.50 -88.32
CA PHE IA 137 28.41 -85.72 -87.65
C PHE IA 137 29.69 -86.55 -87.64
N ASP IA 138 30.83 -85.85 -87.75
CA ASP IA 138 32.16 -86.39 -88.10
C ASP IA 138 32.15 -87.07 -89.47
N GLY IA 139 31.26 -86.61 -90.36
CA GLY IA 139 31.35 -86.86 -91.79
C GLY IA 139 31.32 -88.31 -92.22
N THR IA 140 30.57 -89.14 -91.50
CA THR IA 140 30.60 -90.58 -91.75
C THR IA 140 29.41 -90.97 -92.62
N PRO IA 141 29.46 -92.07 -93.37
CA PRO IA 141 28.27 -92.48 -94.11
C PRO IA 141 27.20 -93.07 -93.22
N ARG IA 142 25.94 -92.85 -93.61
CA ARG IA 142 24.79 -93.36 -92.88
C ARG IA 142 23.66 -93.64 -93.87
N LEU IA 143 23.11 -94.85 -93.81
CA LEU IA 143 21.82 -95.11 -94.44
C LEU IA 143 21.10 -96.23 -93.71
N TYR IA 144 19.79 -96.30 -93.93
CA TYR IA 144 18.90 -97.28 -93.34
C TYR IA 144 17.80 -97.58 -94.34
N GLN IA 145 17.15 -98.72 -94.18
CA GLN IA 145 15.88 -98.97 -94.84
C GLN IA 145 14.95 -99.68 -93.88
N THR IA 146 13.66 -99.56 -94.16
CA THR IA 146 12.62 -100.07 -93.29
C THR IA 146 11.86 -101.17 -94.01
N ASP IA 147 10.79 -101.61 -93.37
CA ASP IA 147 9.91 -102.67 -93.86
C ASP IA 147 8.50 -102.21 -93.59
N PRO IA 148 7.48 -102.84 -94.22
CA PRO IA 148 6.10 -102.67 -93.72
C PRO IA 148 5.91 -103.02 -92.25
N SER IA 149 6.70 -103.95 -91.71
CA SER IA 149 6.72 -104.16 -90.27
C SER IA 149 7.41 -103.03 -89.51
N GLY IA 150 8.14 -102.16 -90.19
CA GLY IA 150 8.75 -101.03 -89.53
C GLY IA 150 9.96 -101.38 -88.69
N THR IA 151 10.89 -102.11 -89.28
CA THR IA 151 12.13 -102.52 -88.60
C THR IA 151 13.28 -101.78 -89.26
N TYR IA 152 13.80 -100.75 -88.59
CA TYR IA 152 14.90 -99.98 -89.16
C TYR IA 152 16.17 -100.80 -89.10
N HIS IA 153 16.97 -100.70 -90.16
CA HIS IA 153 17.91 -101.76 -90.49
C HIS IA 153 18.96 -101.19 -91.44
N ALA IA 154 20.20 -101.08 -90.99
CA ALA IA 154 21.21 -100.37 -91.78
C ALA IA 154 21.75 -101.27 -92.87
N TRP IA 155 22.42 -100.65 -93.84
CA TRP IA 155 22.93 -101.33 -95.02
C TRP IA 155 24.10 -100.55 -95.58
N LYS IA 156 24.88 -101.19 -96.44
CA LYS IA 156 25.89 -100.46 -97.19
C LYS IA 156 25.39 -100.12 -98.59
N ALA IA 157 24.36 -100.82 -99.07
CA ALA IA 157 23.71 -100.50 -100.33
C ALA IA 157 22.28 -101.02 -100.32
N ASN IA 158 21.57 -100.83 -101.43
CA ASN IA 158 20.15 -101.10 -101.48
C ASN IA 158 19.85 -102.46 -102.09
N ALA IA 159 18.72 -103.03 -101.72
CA ALA IA 159 18.01 -104.02 -102.53
C ALA IA 159 16.51 -103.91 -102.23
N ILE IA 160 15.79 -103.09 -103.00
CA ILE IA 160 14.32 -103.09 -102.99
C ILE IA 160 13.84 -103.03 -104.44
N GLY IA 161 12.53 -102.97 -104.62
CA GLY IA 161 11.98 -102.88 -105.96
C GLY IA 161 12.04 -104.21 -106.70
N ARG IA 162 11.71 -104.14 -107.98
CA ARG IA 162 11.72 -105.34 -108.81
C ARG IA 162 13.15 -105.78 -109.10
N GLY IA 163 13.39 -107.09 -109.03
CA GLY IA 163 14.70 -107.64 -109.28
C GLY IA 163 15.76 -107.23 -108.29
N ALA IA 164 15.38 -106.99 -107.02
CA ALA IA 164 16.32 -106.53 -106.02
C ALA IA 164 17.38 -107.58 -105.71
N LYS IA 165 17.01 -108.86 -105.79
CA LYS IA 165 17.99 -109.92 -105.61
C LYS IA 165 18.97 -109.97 -106.78
N SER IA 166 18.53 -109.52 -107.96
CA SER IA 166 19.44 -109.44 -109.10
C SER IA 166 20.34 -108.21 -108.99
N VAL IA 167 19.82 -107.13 -108.41
CA VAL IA 167 20.65 -105.98 -108.04
C VAL IA 167 21.73 -106.42 -107.07
N ARG IA 168 21.34 -107.23 -106.09
CA ARG IA 168 22.31 -107.84 -105.19
C ARG IA 168 23.24 -108.81 -105.91
N GLU IA 169 22.76 -109.40 -107.01
CA GLU IA 169 23.60 -110.33 -107.76
C GLU IA 169 24.67 -109.58 -108.56
N PHE IA 170 24.43 -108.30 -108.87
CA PHE IA 170 25.54 -107.50 -109.38
C PHE IA 170 26.34 -106.88 -108.24
N LEU IA 171 25.72 -106.72 -107.07
CA LEU IA 171 26.47 -106.34 -105.89
C LEU IA 171 27.49 -107.40 -105.50
N GLU IA 172 27.24 -108.67 -105.84
CA GLU IA 172 28.26 -109.73 -105.79
C GLU IA 172 29.54 -109.31 -106.52
N LYS IA 173 29.40 -108.73 -107.71
CA LYS IA 173 30.56 -108.20 -108.42
C LYS IA 173 30.95 -106.81 -107.94
N ASN IA 174 30.19 -106.20 -107.04
CA ASN IA 174 30.50 -104.83 -106.62
C ASN IA 174 31.30 -104.79 -105.31
N TYR IA 175 30.97 -105.67 -104.36
CA TYR IA 175 31.17 -105.59 -102.91
C TYR IA 175 32.50 -104.99 -102.44
N THR IA 176 33.61 -105.27 -103.12
CA THR IA 176 34.93 -104.97 -102.58
C THR IA 176 35.20 -103.47 -102.54
N ASP IA 177 36.14 -103.07 -101.68
CA ASP IA 177 36.34 -101.66 -101.37
C ASP IA 177 37.00 -100.89 -102.50
N GLU IA 178 37.53 -101.60 -103.51
CA GLU IA 178 37.96 -100.94 -104.74
C GLU IA 178 36.78 -100.30 -105.47
N ALA IA 179 35.61 -100.91 -105.38
CA ALA IA 179 34.38 -100.33 -105.88
C ALA IA 179 33.47 -100.02 -104.71
N ILE IA 180 33.56 -98.80 -104.17
CA ILE IA 180 34.24 -97.68 -104.81
C ILE IA 180 35.51 -97.26 -104.10
N GLU IA 181 36.56 -97.00 -104.90
CA GLU IA 181 37.74 -96.31 -104.39
C GLU IA 181 37.78 -94.88 -104.88
N THR IA 182 36.74 -94.44 -105.58
CA THR IA 182 36.63 -93.06 -106.03
C THR IA 182 35.17 -92.62 -106.01
N ASP IA 183 34.95 -91.33 -106.27
CA ASP IA 183 33.62 -90.77 -106.15
C ASP IA 183 32.88 -90.77 -107.47
N ASP IA 184 33.58 -90.45 -108.56
CA ASP IA 184 33.04 -90.71 -109.89
C ASP IA 184 32.89 -92.21 -110.15
N LEU IA 185 33.75 -93.02 -109.55
CA LEU IA 185 33.55 -94.47 -109.60
C LEU IA 185 32.37 -94.89 -108.73
N THR IA 186 32.00 -94.07 -107.74
CA THR IA 186 30.81 -94.38 -106.96
C THR IA 186 29.54 -94.02 -107.72
N ILE IA 187 29.53 -92.89 -108.41
CA ILE IA 187 28.32 -92.48 -109.13
C ILE IA 187 28.16 -93.32 -110.40
N LYS IA 188 29.24 -93.49 -111.16
CA LYS IA 188 29.24 -94.41 -112.28
C LYS IA 188 29.12 -95.86 -111.83
N LEU IA 189 29.43 -96.15 -110.58
CA LEU IA 189 29.13 -97.46 -110.00
C LEU IA 189 27.64 -97.65 -109.82
N VAL IA 190 26.94 -96.63 -109.32
CA VAL IA 190 25.49 -96.70 -109.17
C VAL IA 190 24.81 -96.84 -110.53
N ILE IA 191 25.21 -96.00 -111.50
CA ILE IA 191 24.59 -96.07 -112.82
C ILE IA 191 24.98 -97.34 -113.58
N LYS IA 192 26.19 -97.85 -113.35
CA LYS IA 192 26.60 -99.10 -113.97
C LYS IA 192 25.89 -100.30 -113.37
N ALA IA 193 25.59 -100.27 -112.08
CA ALA IA 193 24.74 -101.29 -111.47
C ALA IA 193 23.30 -101.15 -111.97
N LEU IA 194 22.89 -99.91 -112.26
CA LEU IA 194 21.58 -99.67 -112.84
C LEU IA 194 21.51 -100.18 -114.27
N LEU IA 195 22.64 -100.27 -114.97
CA LEU IA 195 22.65 -100.89 -116.29
C LEU IA 195 22.34 -102.38 -116.22
N GLU IA 196 22.91 -103.08 -115.24
CA GLU IA 196 22.54 -104.47 -114.99
C GLU IA 196 21.11 -104.59 -114.48
N VAL IA 197 20.60 -103.55 -113.84
CA VAL IA 197 19.19 -103.44 -113.47
C VAL IA 197 18.38 -103.13 -114.71
N VAL IA 198 17.06 -103.05 -114.53
CA VAL IA 198 16.04 -102.89 -115.59
C VAL IA 198 16.34 -101.72 -116.53
N GLN IA 199 15.76 -101.78 -117.74
CA GLN IA 199 16.47 -101.60 -119.02
C GLN IA 199 17.56 -100.54 -119.01
N SER IA 200 17.33 -99.39 -118.34
CA SER IA 200 18.29 -98.28 -118.20
C SER IA 200 18.73 -97.74 -119.55
N GLY IA 201 17.78 -97.18 -120.30
CA GLY IA 201 18.08 -96.70 -121.64
C GLY IA 201 18.79 -95.36 -121.67
N GLY IA 202 19.05 -94.78 -120.49
CA GLY IA 202 19.72 -93.50 -120.38
C GLY IA 202 18.82 -92.34 -120.05
N LYS IA 203 17.51 -92.55 -120.00
CA LYS IA 203 16.56 -91.48 -119.75
C LYS IA 203 15.84 -91.63 -118.42
N ASN IA 204 15.40 -92.84 -118.09
CA ASN IA 204 14.62 -93.05 -116.86
C ASN IA 204 15.46 -93.00 -115.60
N ILE IA 205 16.78 -93.04 -115.71
CA ILE IA 205 17.64 -93.14 -114.54
C ILE IA 205 17.77 -91.77 -113.88
N GLU IA 206 17.01 -91.56 -112.82
CA GLU IA 206 17.04 -90.31 -112.08
C GLU IA 206 17.97 -90.45 -110.89
N LEU IA 207 19.10 -89.76 -110.93
CA LEU IA 207 20.13 -89.92 -109.92
C LEU IA 207 20.39 -88.60 -109.23
N ALA IA 208 20.86 -88.68 -107.99
CA ALA IA 208 21.18 -87.51 -107.18
C ALA IA 208 22.19 -87.91 -106.11
N VAL IA 209 22.96 -86.94 -105.64
CA VAL IA 209 24.00 -87.18 -104.65
C VAL IA 209 23.76 -86.31 -103.44
N MET IA 210 24.66 -86.42 -102.47
CA MET IA 210 24.69 -85.55 -101.30
C MET IA 210 26.13 -85.43 -100.84
N ARG IA 211 26.69 -84.22 -100.96
CA ARG IA 211 28.04 -83.93 -100.52
C ARG IA 211 28.08 -83.88 -99.00
N ARG IA 212 29.28 -83.80 -98.44
CA ARG IA 212 29.53 -83.87 -96.99
C ARG IA 212 28.76 -82.84 -96.19
N ASP IA 213 28.88 -81.57 -96.56
CA ASP IA 213 28.19 -80.50 -95.85
C ASP IA 213 27.32 -79.67 -96.76
N GLN IA 214 27.14 -80.09 -98.01
CA GLN IA 214 26.35 -79.34 -98.96
C GLN IA 214 24.98 -79.98 -99.13
N SER IA 215 23.99 -79.15 -99.47
CA SER IA 215 22.68 -79.65 -99.87
C SER IA 215 22.79 -80.45 -101.17
N LEU IA 216 21.74 -81.24 -101.44
CA LEU IA 216 21.76 -82.17 -102.55
C LEU IA 216 21.68 -81.45 -103.89
N LYS IA 217 21.85 -82.22 -104.97
CA LYS IA 217 21.86 -81.67 -106.31
C LYS IA 217 21.27 -82.68 -107.28
N ILE IA 218 20.77 -82.18 -108.40
CA ILE IA 218 20.17 -83.00 -109.44
C ILE IA 218 20.86 -82.64 -110.75
N LEU IA 219 21.59 -83.59 -111.31
CA LEU IA 219 22.31 -83.31 -112.55
C LEU IA 219 21.35 -83.35 -113.73
N ASN IA 220 21.50 -82.40 -114.63
CA ASN IA 220 20.87 -82.53 -115.94
C ASN IA 220 21.58 -83.65 -116.68
N PRO IA 221 20.87 -84.49 -117.42
CA PRO IA 221 21.48 -85.74 -117.90
C PRO IA 221 22.44 -85.58 -119.08
N GLU IA 222 23.33 -84.59 -119.00
CA GLU IA 222 24.56 -84.59 -119.78
C GLU IA 222 25.64 -85.37 -119.05
N GLU IA 223 25.65 -85.29 -117.72
CA GLU IA 223 26.50 -86.12 -116.89
C GLU IA 223 26.02 -87.55 -116.82
N ILE IA 224 24.72 -87.80 -116.98
CA ILE IA 224 24.21 -89.16 -117.03
C ILE IA 224 24.61 -89.82 -118.33
N GLU IA 225 24.55 -89.08 -119.44
CA GLU IA 225 25.01 -89.60 -120.72
C GLU IA 225 26.52 -89.75 -120.74
N LYS IA 226 27.24 -88.87 -120.04
CA LYS IA 226 28.69 -89.01 -119.96
C LYS IA 226 29.10 -90.21 -119.12
N TYR IA 227 28.42 -90.41 -117.99
CA TYR IA 227 28.75 -91.53 -117.11
C TYR IA 227 28.33 -92.87 -117.71
N VAL IA 228 27.17 -92.92 -118.37
CA VAL IA 228 26.76 -94.13 -119.06
C VAL IA 228 27.66 -94.40 -120.25
N ALA IA 229 28.09 -93.35 -120.95
CA ALA IA 229 28.95 -93.50 -122.12
C ALA IA 229 30.32 -94.01 -121.72
N GLU IA 230 30.88 -93.51 -120.62
CA GLU IA 230 32.17 -94.01 -120.18
C GLU IA 230 32.03 -95.35 -119.45
N ILE IA 231 30.81 -95.68 -119.00
CA ILE IA 231 30.56 -97.05 -118.54
C ILE IA 231 30.61 -98.01 -119.72
N GLU IA 232 30.06 -97.61 -120.87
CA GLU IA 232 30.20 -98.40 -122.08
C GLU IA 232 31.65 -98.44 -122.55
N LYS IA 233 32.40 -97.37 -122.29
CA LYS IA 233 33.83 -97.38 -122.58
C LYS IA 233 34.57 -98.37 -121.69
N GLU IA 234 34.12 -98.51 -120.44
CA GLU IA 234 34.70 -99.55 -119.57
C GLU IA 234 34.31 -100.94 -120.05
N LYS IA 235 33.10 -101.07 -120.62
CA LYS IA 235 32.72 -102.33 -121.28
C LYS IA 235 33.60 -102.62 -122.49
N GLU IA 236 34.07 -101.58 -123.18
CA GLU IA 236 35.06 -101.79 -124.24
C GLU IA 236 36.42 -102.13 -123.64
N GLU IA 237 36.73 -101.58 -122.47
CA GLU IA 237 38.02 -101.84 -121.84
C GLU IA 237 38.07 -103.20 -121.15
N ASN IA 238 36.94 -103.90 -121.04
CA ASN IA 238 36.98 -105.27 -120.52
C ASN IA 238 37.59 -106.24 -121.52
N GLU IA 239 37.48 -105.98 -122.82
CA GLU IA 239 38.03 -106.86 -123.84
C GLU IA 239 39.53 -106.72 -123.95
N TYR JA 1 -13.51 -119.42 -92.49
CA TYR JA 1 -14.60 -118.88 -91.68
C TYR JA 1 -14.08 -117.80 -90.73
N ASP JA 2 -14.28 -116.53 -91.10
CA ASP JA 2 -13.84 -115.42 -90.28
C ASP JA 2 -14.75 -115.30 -89.06
N ARG JA 3 -14.15 -115.35 -87.88
CA ARG JA 3 -14.89 -115.31 -86.61
C ARG JA 3 -14.13 -114.45 -85.59
N GLY JA 4 -14.78 -113.39 -85.14
CA GLY JA 4 -14.76 -112.96 -83.74
C GLY JA 4 -13.52 -113.14 -82.89
N VAL JA 5 -12.41 -112.44 -83.19
CA VAL JA 5 -11.05 -112.83 -82.81
C VAL JA 5 -10.81 -113.04 -81.31
N ASN JA 6 -11.75 -112.62 -80.46
CA ASN JA 6 -11.66 -112.89 -79.03
C ASN JA 6 -12.59 -114.04 -78.62
N THR JA 7 -12.69 -115.09 -79.45
CA THR JA 7 -13.55 -116.22 -79.17
C THR JA 7 -12.74 -117.32 -78.48
N PHE JA 8 -13.38 -118.03 -77.57
CA PHE JA 8 -12.79 -119.22 -76.98
C PHE JA 8 -12.95 -120.42 -77.90
N SER JA 9 -11.92 -121.26 -77.93
CA SER JA 9 -11.97 -122.55 -78.59
C SER JA 9 -12.92 -123.48 -77.83
N PRO JA 10 -13.52 -124.46 -78.53
CA PRO JA 10 -14.38 -125.42 -77.81
C PRO JA 10 -13.65 -126.35 -76.86
N GLU JA 11 -12.33 -126.51 -76.99
CA GLU JA 11 -11.61 -127.40 -76.09
C GLU JA 11 -11.43 -126.85 -74.66
N GLY JA 12 -10.93 -125.61 -74.43
CA GLY JA 12 -10.41 -124.60 -75.34
C GLY JA 12 -9.68 -123.44 -74.73
N ARG JA 13 -9.19 -122.57 -75.59
CA ARG JA 13 -8.40 -121.42 -75.18
C ARG JA 13 -8.65 -120.31 -76.20
N LEU JA 14 -7.92 -119.21 -76.05
CA LEU JA 14 -7.94 -118.15 -77.03
C LEU JA 14 -7.29 -118.61 -78.32
N PHE JA 15 -7.91 -118.28 -79.46
CA PHE JA 15 -7.35 -118.60 -80.77
C PHE JA 15 -6.05 -117.84 -81.00
N GLN JA 16 -6.14 -116.52 -80.93
CA GLN JA 16 -5.09 -115.66 -81.46
C GLN JA 16 -3.85 -115.68 -80.58
N VAL JA 17 -4.03 -115.96 -79.29
CA VAL JA 17 -2.87 -116.19 -78.43
C VAL JA 17 -2.15 -117.47 -78.83
N GLU JA 18 -2.93 -118.52 -79.14
CA GLU JA 18 -2.34 -119.78 -79.59
C GLU JA 18 -1.67 -119.62 -80.95
N TYR JA 19 -2.14 -118.68 -81.76
CA TYR JA 19 -1.41 -118.37 -82.98
C TYR JA 19 -0.15 -117.56 -82.67
N ALA JA 20 -0.18 -116.78 -81.58
CA ALA JA 20 1.01 -115.98 -81.22
C ALA JA 20 2.13 -116.86 -80.70
N ILE JA 21 1.80 -117.98 -80.06
CA ILE JA 21 2.83 -118.92 -79.62
C ILE JA 21 3.49 -119.56 -80.83
N GLU JA 22 2.74 -119.71 -81.92
CA GLU JA 22 3.34 -120.07 -83.20
C GLU JA 22 4.09 -118.89 -83.82
N ALA JA 23 3.73 -117.66 -83.46
CA ALA JA 23 4.47 -116.51 -84.01
C ALA JA 23 5.81 -116.33 -83.30
N ILE JA 24 6.00 -116.95 -82.14
CA ILE JA 24 7.35 -117.06 -81.61
C ILE JA 24 8.18 -118.04 -82.43
N LYS JA 25 7.52 -119.10 -82.92
CA LYS JA 25 8.19 -120.34 -83.31
C LYS JA 25 9.10 -120.15 -84.52
N LEU JA 26 8.84 -119.12 -85.33
CA LEU JA 26 9.69 -118.89 -86.48
C LEU JA 26 10.89 -117.99 -86.13
N GLY JA 27 10.81 -117.31 -84.99
CA GLY JA 27 11.81 -116.32 -84.62
C GLY JA 27 13.18 -116.84 -84.27
N SER JA 28 14.13 -115.90 -84.11
CA SER JA 28 15.51 -116.27 -83.82
C SER JA 28 15.66 -116.70 -82.37
N THR JA 29 16.74 -117.43 -82.10
CA THR JA 29 16.95 -118.10 -80.82
C THR JA 29 17.83 -117.25 -79.91
N ALA JA 30 17.85 -117.60 -78.63
CA ALA JA 30 18.64 -116.91 -77.62
C ALA JA 30 18.78 -117.81 -76.39
N ILE JA 31 19.89 -117.60 -75.66
CA ILE JA 31 20.21 -118.38 -74.48
C ILE JA 31 20.64 -117.43 -73.38
N GLY JA 32 19.93 -117.47 -72.25
CA GLY JA 32 20.36 -116.79 -71.05
C GLY JA 32 20.31 -117.73 -69.87
N ILE JA 33 21.34 -117.66 -69.03
CA ILE JA 33 21.49 -118.57 -67.90
C ILE JA 33 21.71 -117.76 -66.63
N GLN JA 34 20.84 -117.96 -65.65
CA GLN JA 34 20.98 -117.34 -64.33
C GLN JA 34 22.16 -117.97 -63.62
N THR JA 35 22.96 -117.14 -62.97
CA THR JA 35 24.17 -117.59 -62.30
C THR JA 35 24.40 -116.71 -61.07
N SER JA 36 24.71 -117.37 -59.95
CA SER JA 36 24.90 -116.67 -58.68
C SER JA 36 26.07 -115.70 -58.73
N GLU JA 37 27.05 -115.97 -59.59
CA GLU JA 37 28.11 -115.00 -59.82
C GLU JA 37 27.61 -113.78 -60.59
N GLY JA 38 26.66 -113.99 -61.48
CA GLY JA 38 26.10 -112.91 -62.28
C GLY JA 38 25.47 -113.44 -63.55
N VAL JA 39 24.46 -112.73 -64.00
CA VAL JA 39 23.58 -113.22 -65.07
C VAL JA 39 24.31 -113.10 -66.41
N CYS JA 40 24.22 -114.15 -67.22
CA CYS JA 40 24.77 -114.15 -68.57
C CYS JA 40 23.65 -114.36 -69.58
N LEU JA 41 23.82 -113.81 -70.78
CA LEU JA 41 22.77 -113.82 -71.79
C LEU JA 41 23.37 -113.58 -73.16
N ALA JA 42 22.73 -114.13 -74.19
CA ALA JA 42 23.22 -114.03 -75.55
C ALA JA 42 22.06 -114.13 -76.54
N VAL JA 43 22.37 -113.93 -77.82
CA VAL JA 43 21.38 -114.07 -78.89
C VAL JA 43 22.12 -114.41 -80.18
N GLU JA 44 21.39 -114.79 -81.23
CA GLU JA 44 21.93 -114.89 -82.58
C GLU JA 44 21.28 -113.81 -83.44
N LYS JA 45 22.04 -113.26 -84.40
CA LYS JA 45 21.58 -112.16 -85.23
C LYS JA 45 20.94 -112.57 -86.55
N ARG JA 46 21.44 -113.63 -87.19
CA ARG JA 46 20.96 -114.13 -88.49
C ARG JA 46 21.09 -113.05 -89.57
N ILE JA 47 22.34 -112.77 -89.91
CA ILE JA 47 22.71 -111.78 -90.93
C ILE JA 47 22.72 -112.46 -92.30
N THR JA 48 22.25 -111.75 -93.33
CA THR JA 48 22.14 -112.31 -94.67
C THR JA 48 23.27 -111.87 -95.59
N SER JA 49 23.48 -110.57 -95.71
CA SER JA 49 24.35 -109.99 -96.71
C SER JA 49 25.58 -109.36 -96.06
N PRO JA 50 26.68 -109.23 -96.80
CA PRO JA 50 27.77 -108.37 -96.33
C PRO JA 50 27.41 -106.89 -96.29
N LEU JA 51 26.45 -106.44 -97.11
CA LEU JA 51 25.96 -105.07 -97.02
C LEU JA 51 25.23 -104.84 -95.71
N MET JA 52 24.47 -105.85 -95.29
CA MET JA 52 23.70 -105.87 -94.05
C MET JA 52 24.62 -105.64 -92.87
N GLU JA 53 24.47 -104.48 -92.22
CA GLU JA 53 25.44 -104.05 -91.24
C GLU JA 53 25.30 -104.87 -89.97
N PRO JA 54 26.39 -105.42 -89.44
CA PRO JA 54 26.25 -106.44 -88.37
C PRO JA 54 25.96 -105.88 -86.99
N SER JA 55 26.03 -104.57 -86.78
CA SER JA 55 25.76 -104.04 -85.44
C SER JA 55 24.40 -103.38 -85.32
N SER JA 56 23.81 -102.91 -86.42
CA SER JA 56 22.53 -102.20 -86.34
C SER JA 56 21.37 -103.12 -86.02
N ILE JA 57 21.52 -104.42 -86.20
CA ILE JA 57 20.63 -105.39 -85.59
C ILE JA 57 20.98 -105.43 -84.12
N GLU JA 58 20.03 -105.07 -83.26
CA GLU JA 58 20.18 -105.37 -81.85
C GLU JA 58 18.98 -106.22 -81.43
N LYS JA 59 19.28 -107.29 -80.71
CA LYS JA 59 18.26 -108.06 -80.05
C LYS JA 59 18.29 -107.85 -78.55
N ILE JA 60 19.45 -107.49 -78.01
CA ILE JA 60 19.56 -107.05 -76.63
C ILE JA 60 19.48 -105.53 -76.63
N VAL JA 61 18.49 -105.00 -75.93
CA VAL JA 61 18.48 -103.62 -75.52
C VAL JA 61 18.50 -103.58 -74.01
N GLU JA 62 19.34 -102.73 -73.46
CA GLU JA 62 19.52 -102.72 -72.01
C GLU JA 62 18.50 -101.75 -71.43
N ILE JA 63 17.59 -102.29 -70.62
CA ILE JA 63 16.41 -101.53 -70.18
C ILE JA 63 16.81 -100.39 -69.26
N ASP JA 64 17.49 -100.71 -68.19
CA ASP JA 64 17.98 -99.73 -67.24
C ASP JA 64 19.48 -99.98 -67.11
N ALA JA 65 20.09 -99.38 -66.09
CA ALA JA 65 21.50 -99.63 -65.82
C ALA JA 65 21.73 -101.08 -65.42
N HIS JA 66 20.76 -101.68 -64.73
CA HIS JA 66 20.93 -102.98 -64.10
C HIS JA 66 19.94 -104.03 -64.58
N ILE JA 67 19.35 -103.86 -65.76
CA ILE JA 67 18.39 -104.82 -66.30
C ILE JA 67 18.73 -105.09 -67.75
N GLY JA 68 19.10 -106.33 -68.05
CA GLY JA 68 19.30 -106.77 -69.41
C GLY JA 68 18.02 -107.34 -69.98
N CYS JA 69 18.02 -107.51 -71.29
CA CYS JA 69 16.82 -107.94 -72.01
C CYS JA 69 17.19 -108.62 -73.31
N ALA JA 70 16.28 -109.44 -73.79
CA ALA JA 70 16.36 -110.07 -75.10
C ALA JA 70 14.96 -110.17 -75.68
N MET JA 71 14.89 -110.39 -76.98
CA MET JA 71 13.60 -110.42 -77.67
C MET JA 71 13.58 -111.53 -78.71
N SER JA 72 12.45 -111.67 -79.39
CA SER JA 72 12.20 -112.83 -80.24
C SER JA 72 11.19 -112.46 -81.32
N GLY JA 73 11.25 -113.19 -82.43
CA GLY JA 73 10.16 -113.18 -83.41
C GLY JA 73 10.03 -111.86 -84.13
N LEU JA 74 8.86 -111.24 -83.99
CA LEU JA 74 8.65 -109.90 -84.51
C LEU JA 74 9.41 -108.90 -83.65
N ILE JA 75 10.26 -108.11 -84.30
CA ILE JA 75 11.22 -107.28 -83.58
C ILE JA 75 10.68 -105.89 -83.29
N ALA JA 76 9.92 -105.31 -84.22
CA ALA JA 76 9.45 -103.95 -84.04
C ALA JA 76 8.33 -103.80 -83.03
N ASP JA 77 7.60 -104.87 -82.72
CA ASP JA 77 6.62 -104.78 -81.64
C ASP JA 77 7.30 -104.70 -80.28
N ALA JA 78 8.53 -105.23 -80.18
CA ALA JA 78 9.20 -105.33 -78.90
C ALA JA 78 9.60 -103.97 -78.34
N LYS JA 79 10.03 -103.04 -79.21
CA LYS JA 79 10.64 -101.79 -78.75
C LYS JA 79 9.62 -100.88 -78.05
N THR JA 80 8.33 -101.07 -78.33
CA THR JA 80 7.29 -100.37 -77.59
C THR JA 80 7.25 -100.85 -76.14
N LEU JA 81 7.35 -102.17 -75.93
CA LEU JA 81 7.42 -102.72 -74.58
C LEU JA 81 8.73 -102.35 -73.92
N ILE JA 82 9.80 -102.25 -74.70
CA ILE JA 82 11.10 -101.86 -74.17
C ILE JA 82 11.05 -100.45 -73.61
N ASP JA 83 10.59 -99.50 -74.44
CA ASP JA 83 10.55 -98.11 -74.03
C ASP JA 83 9.55 -97.91 -72.90
N LYS JA 84 8.46 -98.70 -72.92
CA LYS JA 84 7.50 -98.66 -71.82
C LYS JA 84 8.12 -99.13 -70.51
N ALA JA 85 8.91 -100.20 -70.56
CA ALA JA 85 9.55 -100.70 -69.35
C ALA JA 85 10.60 -99.73 -68.84
N ARG JA 86 11.28 -99.02 -69.75
CA ARG JA 86 12.20 -97.97 -69.35
C ARG JA 86 11.47 -96.84 -68.63
N VAL JA 87 10.29 -96.48 -69.13
CA VAL JA 87 9.49 -95.44 -68.49
C VAL JA 87 8.99 -95.91 -67.13
N GLU JA 88 8.65 -97.20 -67.01
CA GLU JA 88 8.11 -97.72 -65.75
C GLU JA 88 9.17 -97.82 -64.67
N THR JA 89 10.39 -98.26 -65.04
CA THR JA 89 11.50 -98.21 -64.09
C THR JA 89 11.86 -96.77 -63.76
N GLN JA 90 11.61 -95.85 -64.70
CA GLN JA 90 11.93 -94.46 -64.43
C GLN JA 90 10.91 -93.84 -63.47
N ASN JA 91 9.63 -94.19 -63.60
CA ASN JA 91 8.62 -93.66 -62.68
C ASN JA 91 8.74 -94.31 -61.31
N HIS JA 92 9.17 -95.56 -61.26
CA HIS JA 92 9.50 -96.17 -59.97
C HIS JA 92 10.69 -95.47 -59.34
N TRP JA 93 11.64 -95.02 -60.17
CA TRP JA 93 12.75 -94.23 -59.65
C TRP JA 93 12.29 -92.89 -59.13
N PHE JA 94 11.31 -92.26 -59.79
CA PHE JA 94 10.63 -91.10 -59.23
C PHE JA 94 10.04 -91.30 -57.87
N THR JA 95 9.05 -92.18 -57.80
CA THR JA 95 8.18 -92.13 -56.64
C THR JA 95 8.68 -93.02 -55.51
N TYR JA 96 9.77 -93.79 -55.72
CA TYR JA 96 10.18 -94.66 -54.63
C TYR JA 96 11.66 -94.57 -54.31
N ASN JA 97 12.48 -94.06 -55.25
CA ASN JA 97 13.94 -93.91 -55.08
C ASN JA 97 14.66 -95.20 -54.72
N GLU JA 98 14.19 -96.32 -55.26
CA GLU JA 98 15.00 -97.52 -55.28
C GLU JA 98 14.86 -98.16 -56.64
N THR JA 99 15.76 -99.09 -56.94
CA THR JA 99 15.73 -99.78 -58.21
C THR JA 99 14.55 -100.74 -58.24
N MET JA 100 13.68 -100.60 -59.23
CA MET JA 100 12.58 -101.52 -59.41
C MET JA 100 13.11 -102.92 -59.73
N THR JA 101 12.64 -103.91 -58.98
CA THR JA 101 13.13 -105.27 -59.13
C THR JA 101 12.63 -105.87 -60.44
N VAL JA 102 13.29 -106.95 -60.87
CA VAL JA 102 13.17 -107.41 -62.25
C VAL JA 102 11.83 -108.07 -62.50
N GLU JA 103 11.27 -108.73 -61.49
CA GLU JA 103 9.93 -109.30 -61.62
C GLU JA 103 8.87 -108.23 -61.75
N SER JA 104 8.96 -107.19 -60.94
CA SER JA 104 8.01 -106.10 -60.91
C SER JA 104 7.93 -105.32 -62.21
N VAL JA 105 9.07 -105.18 -62.92
CA VAL JA 105 9.05 -104.67 -64.28
C VAL JA 105 8.21 -105.58 -65.16
N THR JA 106 8.40 -106.89 -65.01
CA THR JA 106 7.80 -107.86 -65.91
C THR JA 106 6.32 -108.00 -65.60
N GLN JA 107 5.96 -107.79 -64.33
CA GLN JA 107 4.55 -107.65 -63.98
C GLN JA 107 3.97 -106.42 -64.63
N ALA JA 108 4.69 -105.31 -64.61
CA ALA JA 108 4.19 -104.09 -65.22
C ALA JA 108 4.19 -104.13 -66.74
N VAL JA 109 4.80 -105.13 -67.36
CA VAL JA 109 4.70 -105.33 -68.81
C VAL JA 109 3.56 -106.30 -69.09
N SER JA 110 3.54 -107.40 -68.36
CA SER JA 110 2.54 -108.43 -68.61
C SER JA 110 1.16 -108.06 -68.10
N ASN JA 111 1.02 -106.92 -67.43
CA ASN JA 111 -0.33 -106.40 -67.19
C ASN JA 111 -1.00 -105.99 -68.49
N LEU JA 112 -0.29 -105.27 -69.36
CA LEU JA 112 -0.87 -104.86 -70.63
C LEU JA 112 -0.34 -105.68 -71.80
N ALA JA 113 0.27 -106.84 -71.54
CA ALA JA 113 0.52 -107.80 -72.61
C ALA JA 113 -0.79 -108.28 -73.25
N LEU JA 114 -1.87 -108.34 -72.47
CA LEU JA 114 -3.20 -108.64 -73.00
C LEU JA 114 -4.17 -107.51 -72.67
N GLN JA 115 -4.32 -106.58 -73.61
CA GLN JA 115 -5.38 -105.58 -73.56
C GLN JA 115 -6.01 -105.35 -74.93
N PHE JA 116 -5.84 -106.28 -75.86
CA PHE JA 116 -6.25 -106.04 -77.23
C PHE JA 116 -7.77 -106.18 -77.38
N GLY JA 117 -8.34 -105.36 -78.27
CA GLY JA 117 -9.76 -105.40 -78.56
C GLY JA 117 -10.08 -104.42 -79.65
N GLU JA 118 -11.18 -104.67 -80.35
CA GLU JA 118 -11.56 -103.81 -81.46
C GLU JA 118 -12.17 -102.51 -80.95
N GLU JA 119 -13.31 -102.62 -80.29
CA GLU JA 119 -14.00 -101.48 -79.73
C GLU JA 119 -13.48 -101.18 -78.33
N ASP JA 120 -14.03 -100.12 -77.75
CA ASP JA 120 -13.85 -99.75 -76.34
C ASP JA 120 -12.40 -99.49 -75.95
N SER JA 127 -5.02 -103.70 -80.71
CA SER JA 127 -6.00 -104.46 -81.48
C SER JA 127 -5.62 -105.94 -81.56
N ARG JA 128 -4.36 -106.19 -81.88
CA ARG JA 128 -3.92 -107.58 -81.91
C ARG JA 128 -2.94 -107.85 -80.78
N PRO JA 129 -2.84 -109.09 -80.28
CA PRO JA 129 -1.85 -109.39 -79.27
C PRO JA 129 -0.44 -109.42 -79.85
N PHE JA 130 0.54 -109.45 -78.95
CA PHE JA 130 1.94 -109.44 -79.34
C PHE JA 130 2.40 -110.87 -79.60
N GLY JA 131 3.47 -111.01 -80.36
CA GLY JA 131 4.01 -112.32 -80.63
C GLY JA 131 5.49 -112.38 -80.35
N VAL JA 132 5.95 -111.50 -79.48
CA VAL JA 132 7.36 -111.36 -79.14
C VAL JA 132 7.61 -111.99 -77.78
N ALA JA 133 8.60 -112.88 -77.71
CA ALA JA 133 8.99 -113.50 -76.46
C ALA JA 133 10.20 -112.78 -75.88
N LEU JA 134 10.22 -112.64 -74.57
CA LEU JA 134 11.21 -111.83 -73.90
C LEU JA 134 11.90 -112.61 -72.79
N LEU JA 135 13.18 -112.32 -72.60
CA LEU JA 135 13.93 -112.77 -71.44
C LEU JA 135 14.47 -111.53 -70.75
N PHE JA 136 14.27 -111.44 -69.44
CA PHE JA 136 14.77 -110.32 -68.66
C PHE JA 136 15.85 -110.81 -67.71
N GLY JA 137 16.93 -110.07 -67.60
CA GLY JA 137 17.95 -110.33 -66.61
C GLY JA 137 18.00 -109.18 -65.61
N GLY JA 138 18.88 -109.31 -64.62
CA GLY JA 138 19.07 -108.20 -63.71
C GLY JA 138 19.60 -108.66 -62.37
N VAL JA 139 20.03 -107.66 -61.59
CA VAL JA 139 20.57 -107.86 -60.26
C VAL JA 139 19.73 -107.03 -59.29
N ASP JA 140 19.09 -107.70 -58.35
CA ASP JA 140 18.26 -107.06 -57.34
C ASP JA 140 18.70 -107.54 -55.96
N GLU JA 141 17.85 -107.30 -54.97
CA GLU JA 141 18.05 -107.79 -53.60
C GLU JA 141 18.20 -109.30 -53.53
N LYS JA 142 17.53 -110.04 -54.41
CA LYS JA 142 17.64 -111.48 -54.43
C LYS JA 142 18.72 -111.99 -55.39
N GLY JA 143 19.75 -111.19 -55.61
CA GLY JA 143 20.88 -111.59 -56.42
C GLY JA 143 20.58 -111.63 -57.90
N PRO JA 144 20.92 -112.74 -58.55
CA PRO JA 144 20.62 -112.87 -59.98
C PRO JA 144 19.16 -113.17 -60.22
N GLN JA 145 18.59 -112.56 -61.26
CA GLN JA 145 17.23 -112.89 -61.67
C GLN JA 145 17.18 -113.09 -63.17
N LEU JA 146 16.45 -114.11 -63.59
CA LEU JA 146 16.16 -114.38 -64.99
C LEU JA 146 14.68 -114.70 -65.11
N PHE JA 147 13.97 -113.92 -65.92
CA PHE JA 147 12.53 -114.09 -66.04
C PHE JA 147 12.13 -114.21 -67.51
N HIS JA 148 11.35 -115.24 -67.80
CA HIS JA 148 10.76 -115.47 -69.12
C HIS JA 148 9.29 -115.12 -69.08
N MET JA 149 8.89 -114.21 -69.96
CA MET JA 149 7.48 -113.94 -70.16
C MET JA 149 7.08 -114.41 -71.54
N ASP JA 150 5.78 -114.46 -71.78
CA ASP JA 150 5.19 -114.96 -73.02
C ASP JA 150 4.24 -113.91 -73.56
N PRO JA 151 3.67 -114.13 -74.75
CA PRO JA 151 2.56 -113.24 -75.19
C PRO JA 151 1.35 -113.25 -74.28
N SER JA 152 0.99 -114.40 -73.71
CA SER JA 152 -0.23 -114.48 -72.93
C SER JA 152 -0.12 -113.82 -71.56
N GLY JA 153 1.08 -113.43 -71.13
CA GLY JA 153 1.26 -112.93 -69.80
C GLY JA 153 1.44 -114.01 -68.75
N THR JA 154 1.34 -115.29 -69.14
CA THR JA 154 1.59 -116.37 -68.19
C THR JA 154 3.07 -116.40 -67.89
N PHE JA 155 3.43 -115.73 -66.80
CA PHE JA 155 4.78 -115.28 -66.53
C PHE JA 155 5.44 -116.14 -65.45
N VAL JA 156 6.65 -116.60 -65.74
CA VAL JA 156 7.31 -117.61 -64.91
C VAL JA 156 8.77 -117.22 -64.75
N GLN JA 157 9.36 -117.59 -63.61
CA GLN JA 157 10.79 -117.46 -63.40
C GLN JA 157 11.50 -118.67 -64.00
N CYS JA 158 12.61 -118.42 -64.70
CA CYS JA 158 13.39 -119.50 -65.29
C CYS JA 158 14.82 -119.39 -64.82
N ASP JA 159 15.50 -120.53 -64.75
CA ASP JA 159 16.92 -120.52 -64.43
C ASP JA 159 17.76 -120.48 -65.69
N ALA JA 160 17.30 -121.14 -66.75
CA ALA JA 160 17.95 -121.09 -68.05
C ALA JA 160 16.90 -121.36 -69.13
N ARG JA 161 16.71 -120.38 -70.01
CA ARG JA 161 15.57 -120.49 -70.90
C ARG JA 161 16.03 -120.23 -72.33
N ALA JA 162 15.60 -121.10 -73.23
CA ALA JA 162 15.90 -120.98 -74.65
C ALA JA 162 14.60 -120.90 -75.43
N ILE JA 163 14.63 -120.15 -76.51
CA ILE JA 163 13.44 -119.79 -77.27
C ILE JA 163 13.73 -119.94 -78.76
N GLY JA 164 12.79 -119.48 -79.58
CA GLY JA 164 13.00 -119.43 -81.01
C GLY JA 164 12.72 -120.74 -81.72
N SER JA 165 13.25 -120.82 -82.95
CA SER JA 165 13.01 -122.00 -83.78
C SER JA 165 13.91 -123.16 -83.39
N ALA JA 166 14.83 -122.93 -82.46
CA ALA JA 166 15.76 -123.95 -82.02
C ALA JA 166 15.39 -124.54 -80.67
N SER JA 167 14.23 -124.17 -80.11
CA SER JA 167 14.02 -124.23 -78.66
C SER JA 167 13.87 -125.66 -78.15
N GLU JA 168 13.57 -126.61 -79.03
CA GLU JA 168 13.34 -127.98 -78.61
C GLU JA 168 14.66 -128.65 -78.18
N GLY JA 169 15.59 -128.78 -79.13
CA GLY JA 169 16.89 -129.33 -78.81
C GLY JA 169 17.72 -128.42 -77.92
N ALA JA 170 17.50 -127.11 -78.01
CA ALA JA 170 18.21 -126.18 -77.13
C ALA JA 170 17.74 -126.33 -75.69
N GLN JA 171 16.44 -126.59 -75.47
CA GLN JA 171 16.01 -126.86 -74.11
C GLN JA 171 16.45 -128.23 -73.63
N SER JA 172 16.54 -129.22 -74.53
CA SER JA 172 16.99 -130.55 -74.11
C SER JA 172 18.46 -130.53 -73.71
N SER JA 173 19.33 -130.14 -74.63
CA SER JA 173 20.75 -130.06 -74.36
C SER JA 173 21.08 -128.97 -73.34
N LEU JA 174 20.23 -127.95 -73.22
CA LEU JA 174 20.36 -126.99 -72.13
C LEU JA 174 20.07 -127.65 -70.80
N GLN JA 175 19.08 -128.55 -70.76
CA GLN JA 175 18.82 -129.32 -69.54
C GLN JA 175 19.90 -130.33 -69.23
N GLU JA 176 20.73 -130.68 -70.22
CA GLU JA 176 21.81 -131.63 -69.95
C GLU JA 176 22.93 -131.01 -69.13
N VAL JA 177 23.23 -129.73 -69.36
CA VAL JA 177 24.51 -129.14 -68.95
C VAL JA 177 24.45 -128.46 -67.59
N TYR JA 178 23.28 -128.29 -67.01
CA TYR JA 178 23.12 -127.37 -65.89
C TYR JA 178 23.14 -128.09 -64.55
N HIS JA 179 23.64 -127.40 -63.53
CA HIS JA 179 23.40 -127.74 -62.13
C HIS JA 179 23.36 -126.44 -61.35
N LYS JA 180 23.15 -126.56 -60.03
CA LYS JA 180 22.79 -125.42 -59.19
C LYS JA 180 23.93 -124.45 -58.93
N SER JA 181 25.17 -124.86 -59.12
CA SER JA 181 26.31 -124.00 -58.89
C SER JA 181 27.17 -123.79 -60.12
N MET JA 182 26.56 -123.66 -61.29
CA MET JA 182 27.30 -123.40 -62.51
C MET JA 182 27.97 -122.03 -62.47
N THR JA 183 29.18 -121.98 -63.00
CA THR JA 183 29.99 -120.77 -62.96
C THR JA 183 29.69 -119.90 -64.16
N LEU JA 184 30.44 -118.81 -64.29
CA LEU JA 184 30.13 -117.80 -65.29
C LEU JA 184 30.58 -118.23 -66.68
N LYS JA 185 31.89 -118.38 -66.86
CA LYS JA 185 32.44 -118.59 -68.19
C LYS JA 185 32.15 -120.00 -68.71
N GLU JA 186 31.95 -120.96 -67.80
CA GLU JA 186 31.52 -122.29 -68.20
C GLU JA 186 30.11 -122.25 -68.77
N ALA JA 187 29.23 -121.45 -68.15
CA ALA JA 187 27.90 -121.26 -68.71
C ALA JA 187 27.95 -120.49 -70.03
N ILE JA 188 28.94 -119.61 -70.18
CA ILE JA 188 29.08 -118.87 -71.43
C ILE JA 188 29.48 -119.81 -72.56
N LYS JA 189 30.56 -120.57 -72.38
CA LYS JA 189 31.03 -121.44 -73.45
C LYS JA 189 30.07 -122.60 -73.67
N SER JA 190 29.42 -123.07 -72.61
CA SER JA 190 28.43 -124.13 -72.75
C SER JA 190 27.17 -123.62 -73.43
N SER JA 191 26.89 -122.33 -73.31
CA SER JA 191 25.78 -121.73 -74.03
C SER JA 191 26.08 -121.64 -75.52
N LEU JA 192 27.26 -121.11 -75.87
CA LEU JA 192 27.57 -120.98 -77.29
C LEU JA 192 27.94 -122.29 -77.95
N ILE JA 193 28.17 -123.36 -77.18
CA ILE JA 193 28.13 -124.71 -77.74
C ILE JA 193 26.76 -124.97 -78.36
N ILE JA 194 25.70 -124.66 -77.61
CA ILE JA 194 24.35 -124.93 -78.08
C ILE JA 194 23.99 -124.00 -79.22
N LEU JA 195 24.47 -122.74 -79.15
CA LEU JA 195 24.29 -121.82 -80.25
C LEU JA 195 24.95 -122.30 -81.53
N LYS JA 196 26.20 -122.76 -81.45
CA LYS JA 196 26.83 -123.23 -82.67
C LYS JA 196 26.30 -124.58 -83.12
N GLN JA 197 25.63 -125.33 -82.25
CA GLN JA 197 24.90 -126.49 -82.73
C GLN JA 197 23.63 -126.10 -83.46
N VAL JA 198 22.99 -124.99 -83.09
CA VAL JA 198 21.68 -124.67 -83.68
C VAL JA 198 21.73 -123.59 -84.75
N MET JA 199 22.90 -123.05 -85.07
CA MET JA 199 23.00 -122.02 -86.10
C MET JA 199 23.45 -122.64 -87.42
N GLU JA 200 23.07 -122.00 -88.53
CA GLU JA 200 23.35 -122.58 -89.84
C GLU JA 200 24.60 -121.98 -90.46
N GLU JA 201 24.94 -120.74 -90.11
CA GLU JA 201 26.20 -120.13 -90.52
C GLU JA 201 27.25 -120.41 -89.46
N LYS JA 202 28.52 -120.38 -89.87
CA LYS JA 202 29.60 -120.73 -88.95
C LYS JA 202 29.77 -119.66 -87.89
N LEU JA 203 30.09 -120.10 -86.68
CA LEU JA 203 30.14 -119.21 -85.52
C LEU JA 203 31.31 -118.23 -85.62
N ASN JA 204 31.00 -116.94 -85.53
CA ASN JA 204 32.00 -115.90 -85.52
C ASN JA 204 31.49 -114.72 -84.70
N ALA JA 205 32.16 -113.58 -84.83
CA ALA JA 205 31.77 -112.41 -84.06
C ALA JA 205 30.50 -111.75 -84.59
N THR JA 206 30.17 -111.99 -85.86
CA THR JA 206 29.00 -111.35 -86.44
C THR JA 206 27.71 -112.06 -86.06
N ASN JA 207 27.76 -113.38 -85.86
CA ASN JA 207 26.54 -114.14 -85.62
C ASN JA 207 25.93 -113.82 -84.27
N ILE JA 208 26.71 -113.91 -83.20
CA ILE JA 208 26.20 -113.80 -81.85
C ILE JA 208 26.79 -112.56 -81.20
N GLU JA 209 26.10 -112.08 -80.17
CA GLU JA 209 26.71 -111.18 -79.22
C GLU JA 209 26.26 -111.60 -77.83
N LEU JA 210 27.16 -111.48 -76.88
CA LEU JA 210 26.85 -111.72 -75.48
C LEU JA 210 26.37 -110.42 -74.87
N ALA JA 211 25.64 -110.54 -73.77
CA ALA JA 211 25.23 -109.39 -72.97
C ALA JA 211 25.04 -109.90 -71.55
N THR JA 212 26.08 -109.76 -70.74
CA THR JA 212 26.07 -110.31 -69.40
C THR JA 212 25.98 -109.16 -68.42
N VAL JA 213 25.65 -109.48 -67.18
CA VAL JA 213 25.49 -108.49 -66.13
C VAL JA 213 25.85 -109.13 -64.79
N GLN JA 214 26.71 -108.45 -64.04
CA GLN JA 214 27.20 -108.92 -62.75
C GLN JA 214 26.94 -107.84 -61.72
N PRO JA 215 26.95 -108.19 -60.43
CA PRO JA 215 26.93 -107.14 -59.40
C PRO JA 215 28.17 -106.27 -59.40
N GLY JA 216 29.32 -106.83 -59.80
CA GLY JA 216 30.58 -106.13 -59.69
C GLY JA 216 31.29 -105.86 -61.00
N GLN JA 217 30.89 -106.53 -62.07
CA GLN JA 217 31.37 -106.23 -63.42
C GLN JA 217 30.26 -105.46 -64.11
N ASN JA 218 30.35 -104.13 -64.09
CA ASN JA 218 29.32 -103.31 -64.73
C ASN JA 218 29.52 -101.81 -64.48
N PHE JA 219 29.31 -101.01 -65.52
CA PHE JA 219 29.01 -101.53 -66.84
C PHE JA 219 30.09 -101.11 -67.84
N HIS JA 220 31.05 -101.99 -68.10
CA HIS JA 220 30.82 -103.30 -68.73
C HIS JA 220 29.67 -103.27 -69.73
N MET JA 221 29.98 -102.90 -70.97
CA MET JA 221 29.06 -103.11 -72.09
C MET JA 221 29.55 -104.26 -72.96
N PHE JA 222 28.78 -105.34 -72.98
CA PHE JA 222 29.13 -106.52 -73.76
C PHE JA 222 29.46 -106.21 -75.22
N THR JA 223 30.63 -105.63 -75.44
CA THR JA 223 31.07 -105.29 -76.79
C THR JA 223 31.89 -106.44 -77.33
N LYS JA 224 32.19 -106.42 -78.61
CA LYS JA 224 32.93 -107.52 -79.22
C LYS JA 224 34.42 -107.43 -78.92
N GLU JA 225 35.18 -108.31 -79.57
CA GLU JA 225 36.64 -108.41 -79.58
C GLU JA 225 37.25 -108.83 -78.24
N GLU JA 226 36.42 -108.97 -77.20
CA GLU JA 226 36.63 -109.98 -76.17
C GLU JA 226 35.91 -111.26 -76.55
N LEU JA 227 34.80 -111.08 -77.27
CA LEU JA 227 34.04 -112.19 -77.81
C LEU JA 227 34.88 -113.00 -78.80
N GLU JA 228 35.68 -112.32 -79.62
CA GLU JA 228 36.59 -113.02 -80.52
C GLU JA 228 37.70 -113.75 -79.76
N GLU JA 229 38.02 -113.32 -78.54
CA GLU JA 229 38.89 -114.14 -77.70
C GLU JA 229 38.15 -115.38 -77.21
N VAL JA 230 36.87 -115.25 -76.88
CA VAL JA 230 36.12 -116.40 -76.38
C VAL JA 230 35.83 -117.40 -77.50
N ILE JA 231 35.83 -116.95 -78.76
CA ILE JA 231 35.55 -117.81 -79.91
C ILE JA 231 36.61 -118.91 -80.04
N LYS JA 232 37.88 -118.54 -79.94
CA LYS JA 232 38.95 -119.53 -80.01
C LYS JA 232 39.11 -120.33 -78.72
N ASP JA 233 38.30 -120.05 -77.69
CA ASP JA 233 38.41 -120.75 -76.42
C ASP JA 233 37.47 -121.95 -76.32
N ILE JA 234 37.19 -122.63 -77.43
CA ILE JA 234 36.42 -123.87 -77.37
C ILE JA 234 37.35 -125.05 -77.69
N ASN KA 1 -22.85 -124.45 -87.82
CA ASN KA 1 -22.76 -124.16 -86.40
C ASN KA 1 -22.42 -122.71 -86.11
N GLN KA 2 -22.94 -121.81 -86.96
CA GLN KA 2 -22.62 -120.40 -86.81
C GLN KA 2 -23.39 -119.73 -85.67
N TYR KA 3 -24.29 -120.45 -85.02
CA TYR KA 3 -24.88 -119.97 -83.77
C TYR KA 3 -23.95 -120.19 -82.57
N ASP KA 4 -22.86 -120.93 -82.75
CA ASP KA 4 -21.84 -121.13 -81.72
C ASP KA 4 -20.74 -120.09 -81.80
N ASN KA 5 -20.98 -119.00 -82.51
CA ASN KA 5 -19.93 -118.04 -82.87
C ASN KA 5 -19.52 -117.18 -81.69
N ASP KA 6 -20.46 -116.41 -81.14
CA ASP KA 6 -20.13 -115.33 -80.23
C ASP KA 6 -20.98 -115.38 -78.96
N VAL KA 7 -20.79 -114.37 -78.13
CA VAL KA 7 -21.44 -114.32 -76.82
C VAL KA 7 -22.91 -113.96 -76.97
N THR KA 8 -23.23 -113.13 -77.96
CA THR KA 8 -24.58 -112.57 -78.06
C THR KA 8 -25.59 -113.62 -78.52
N VAL KA 9 -25.14 -114.62 -79.26
CA VAL KA 9 -26.05 -115.52 -79.95
C VAL KA 9 -26.57 -116.58 -78.98
N TRP KA 10 -27.89 -116.75 -78.95
CA TRP KA 10 -28.52 -117.83 -78.20
C TRP KA 10 -28.57 -119.10 -79.06
N SER KA 11 -28.52 -120.25 -78.40
CA SER KA 11 -28.68 -121.51 -79.07
C SER KA 11 -30.15 -121.74 -79.39
N PRO KA 12 -30.47 -122.69 -80.28
CA PRO KA 12 -31.87 -123.14 -80.37
C PRO KA 12 -32.35 -123.84 -79.12
N GLN KA 13 -31.44 -124.40 -78.33
CA GLN KA 13 -31.77 -124.97 -77.02
C GLN KA 13 -31.48 -124.02 -75.88
N GLY KA 14 -30.84 -122.88 -76.16
CA GLY KA 14 -30.70 -121.83 -75.17
C GLY KA 14 -29.47 -121.90 -74.32
N ARG KA 15 -28.54 -122.80 -74.61
CA ARG KA 15 -27.27 -122.88 -73.89
C ARG KA 15 -26.21 -122.17 -74.70
N ILE KA 16 -25.74 -121.03 -74.18
CA ILE KA 16 -24.73 -120.24 -74.87
C ILE KA 16 -23.41 -120.97 -74.77
N HIS KA 17 -22.90 -121.45 -75.90
CA HIS KA 17 -21.71 -122.29 -75.90
C HIS KA 17 -20.43 -121.57 -75.54
N GLN KA 18 -20.40 -120.24 -75.57
CA GLN KA 18 -19.16 -119.53 -75.21
C GLN KA 18 -18.91 -119.58 -73.72
N ILE KA 19 -19.99 -119.58 -72.92
CA ILE KA 19 -19.83 -119.76 -71.49
C ILE KA 19 -19.41 -121.19 -71.16
N GLU KA 20 -19.95 -122.17 -71.90
CA GLU KA 20 -19.53 -123.57 -71.72
C GLU KA 20 -18.06 -123.76 -72.08
N TYR KA 21 -17.62 -123.13 -73.16
CA TYR KA 21 -16.23 -123.24 -73.57
C TYR KA 21 -15.33 -122.48 -72.62
N ALA KA 22 -15.87 -121.46 -71.94
CA ALA KA 22 -15.12 -120.81 -70.88
C ALA KA 22 -15.00 -121.71 -69.64
N MET KA 23 -16.04 -122.52 -69.36
CA MET KA 23 -15.96 -123.51 -68.30
C MET KA 23 -14.89 -124.54 -68.62
N GLU KA 24 -14.81 -124.96 -69.88
CA GLU KA 24 -13.75 -125.87 -70.29
C GLU KA 24 -12.39 -125.18 -70.27
N ALA KA 25 -12.37 -123.85 -70.36
CA ALA KA 25 -11.12 -123.14 -70.15
C ALA KA 25 -10.78 -123.05 -68.67
N VAL KA 26 -11.77 -123.21 -67.79
CA VAL KA 26 -11.47 -123.29 -66.36
C VAL KA 26 -10.92 -124.67 -66.01
N LYS KA 27 -11.42 -125.72 -66.67
CA LYS KA 27 -11.03 -127.08 -66.31
C LYS KA 27 -9.62 -127.42 -66.78
N GLN KA 28 -8.96 -126.52 -67.53
CA GLN KA 28 -7.58 -126.77 -67.91
C GLN KA 28 -6.59 -126.20 -66.91
N GLY KA 29 -7.08 -125.53 -65.87
CA GLY KA 29 -6.21 -125.04 -64.82
C GLY KA 29 -5.77 -126.12 -63.86
N SER KA 30 -4.92 -125.76 -62.90
CA SER KA 30 -4.51 -126.71 -61.88
C SER KA 30 -5.64 -126.93 -60.90
N ALA KA 31 -5.65 -128.09 -60.25
CA ALA KA 31 -6.66 -128.38 -59.23
C ALA KA 31 -6.35 -127.60 -57.96
N THR KA 32 -7.39 -127.22 -57.23
CA THR KA 32 -7.23 -126.51 -55.98
C THR KA 32 -8.42 -126.76 -55.07
N VAL KA 33 -8.13 -127.00 -53.79
CA VAL KA 33 -9.14 -127.42 -52.82
C VAL KA 33 -9.12 -126.44 -51.66
N GLY KA 34 -10.27 -125.84 -51.38
CA GLY KA 34 -10.41 -124.93 -50.25
C GLY KA 34 -11.56 -125.33 -49.34
N LEU KA 35 -11.33 -125.24 -48.04
CA LEU KA 35 -12.31 -125.69 -47.06
C LEU KA 35 -12.08 -124.98 -45.73
N LYS KA 36 -13.16 -124.87 -44.96
CA LYS KA 36 -13.17 -124.07 -43.75
C LYS KA 36 -13.35 -124.95 -42.52
N SER KA 37 -13.00 -124.38 -41.37
CA SER KA 37 -13.34 -124.91 -40.06
C SER KA 37 -14.36 -123.97 -39.43
N LYS KA 38 -14.62 -124.14 -38.14
CA LYS KA 38 -15.40 -123.13 -37.44
C LYS KA 38 -14.63 -121.84 -37.21
N THR KA 39 -13.30 -121.85 -37.27
CA THR KA 39 -12.52 -120.65 -36.99
C THR KA 39 -11.46 -120.34 -38.04
N HIS KA 40 -11.03 -121.34 -38.80
CA HIS KA 40 -9.91 -121.15 -39.73
C HIS KA 40 -10.28 -121.55 -41.15
N ALA KA 41 -9.76 -120.79 -42.11
CA ALA KA 41 -10.04 -120.99 -43.52
C ALA KA 41 -8.77 -121.41 -44.25
N VAL KA 42 -8.85 -122.52 -44.98
CA VAL KA 42 -7.70 -123.15 -45.63
C VAL KA 42 -8.02 -123.36 -47.10
N LEU KA 43 -7.10 -122.94 -47.98
CA LEU KA 43 -7.19 -123.24 -49.39
C LEU KA 43 -5.84 -123.75 -49.88
N VAL KA 44 -5.86 -124.84 -50.64
CA VAL KA 44 -4.65 -125.54 -51.03
C VAL KA 44 -4.65 -125.70 -52.54
N ALA KA 45 -3.55 -125.28 -53.19
CA ALA KA 45 -3.42 -125.38 -54.63
C ALA KA 45 -2.08 -126.00 -54.99
N LEU KA 46 -2.09 -126.82 -56.03
CA LEU KA 46 -0.89 -127.48 -56.53
C LEU KA 46 -0.21 -126.58 -57.55
N LYS KA 47 1.05 -126.24 -57.30
CA LYS KA 47 1.80 -125.49 -58.30
C LYS KA 47 2.23 -126.39 -59.44
N ARG KA 48 2.15 -125.86 -60.65
CA ARG KA 48 2.62 -126.58 -61.82
C ARG KA 48 3.83 -125.85 -62.40
N ALA KA 49 4.56 -126.55 -63.27
CA ALA KA 49 5.73 -125.99 -63.92
C ALA KA 49 5.57 -126.01 -65.43
N GLN KA 50 6.57 -125.46 -66.11
CA GLN KA 50 6.66 -125.59 -67.56
C GLN KA 50 7.65 -126.68 -67.96
N SER KA 51 8.81 -126.71 -67.31
CA SER KA 51 9.81 -127.74 -67.54
C SER KA 51 10.54 -128.01 -66.23
N GLU KA 52 11.61 -128.79 -66.31
CA GLU KA 52 12.37 -129.24 -65.14
C GLU KA 52 13.01 -128.11 -64.36
N LEU KA 53 13.94 -127.40 -64.99
CA LEU KA 53 14.66 -126.34 -64.29
C LEU KA 53 13.90 -125.03 -64.29
N ALA KA 54 12.72 -124.99 -64.90
CA ALA KA 54 11.84 -123.85 -64.74
C ALA KA 54 11.24 -123.87 -63.34
N ALA KA 55 11.12 -122.70 -62.72
CA ALA KA 55 10.52 -122.63 -61.40
C ALA KA 55 9.02 -122.85 -61.50
N HIS KA 56 8.40 -123.23 -60.39
CA HIS KA 56 7.01 -123.63 -60.39
C HIS KA 56 6.10 -122.41 -60.40
N GLN KA 57 5.07 -122.46 -61.23
CA GLN KA 57 4.12 -121.36 -61.36
C GLN KA 57 3.21 -121.33 -60.14
N LYS KA 58 3.14 -120.18 -59.48
CA LYS KA 58 2.31 -120.08 -58.29
C LYS KA 58 0.87 -119.74 -58.65
N LYS KA 59 -0.05 -120.24 -57.84
CA LYS KA 59 -1.48 -119.99 -57.99
C LYS KA 59 -2.04 -119.11 -56.89
N ILE KA 60 -1.80 -119.47 -55.63
CA ILE KA 60 -2.35 -118.73 -54.51
C ILE KA 60 -1.65 -117.39 -54.36
N LEU KA 61 -2.44 -116.33 -54.31
CA LEU KA 61 -1.88 -114.99 -54.21
C LEU KA 61 -2.55 -114.25 -53.08
N HIS KA 62 -2.24 -112.96 -52.96
CA HIS KA 62 -2.58 -112.17 -51.79
C HIS KA 62 -3.39 -110.95 -52.17
N VAL KA 63 -4.42 -110.64 -51.37
CA VAL KA 63 -5.29 -109.51 -51.66
C VAL KA 63 -5.29 -108.51 -50.50
N ASP KA 64 -5.53 -108.99 -49.30
CA ASP KA 64 -5.58 -108.13 -48.13
C ASP KA 64 -5.18 -108.94 -46.91
N ASN KA 65 -5.23 -108.30 -45.73
CA ASN KA 65 -4.86 -108.97 -44.49
C ASN KA 65 -5.82 -110.10 -44.15
N HIS KA 66 -7.08 -109.97 -44.55
CA HIS KA 66 -8.09 -110.94 -44.16
C HIS KA 66 -8.77 -111.63 -45.33
N ILE KA 67 -8.47 -111.25 -46.57
CA ILE KA 67 -9.04 -111.92 -47.73
C ILE KA 67 -7.90 -112.28 -48.68
N GLY KA 68 -7.83 -113.55 -49.08
CA GLY KA 68 -6.98 -113.98 -50.16
C GLY KA 68 -7.74 -114.94 -51.07
N ILE KA 69 -7.25 -115.08 -52.29
CA ILE KA 69 -7.94 -115.87 -53.31
C ILE KA 69 -7.01 -116.92 -53.89
N SER KA 70 -7.61 -117.99 -54.40
CA SER KA 70 -6.94 -118.98 -55.24
C SER KA 70 -7.36 -118.76 -56.68
N ILE KA 71 -6.79 -119.54 -57.60
CA ILE KA 71 -6.95 -119.25 -59.02
C ILE KA 71 -6.76 -120.52 -59.84
N ALA KA 72 -7.32 -120.52 -61.06
CA ALA KA 72 -7.05 -121.51 -62.09
C ALA KA 72 -7.48 -120.93 -63.43
N GLY KA 73 -6.83 -121.39 -64.50
CA GLY KA 73 -7.15 -120.95 -65.84
C GLY KA 73 -6.06 -120.13 -66.49
N LEU KA 74 -6.40 -118.86 -66.73
CA LEU KA 74 -5.43 -117.90 -67.23
C LEU KA 74 -4.85 -117.11 -66.07
N THR KA 75 -3.79 -116.34 -66.35
CA THR KA 75 -3.20 -115.55 -65.27
C THR KA 75 -3.34 -114.06 -65.51
N ALA KA 76 -3.54 -113.64 -66.77
CA ALA KA 76 -3.66 -112.22 -67.07
C ALA KA 76 -4.96 -111.65 -66.55
N ASP KA 77 -6.08 -112.29 -66.91
CA ASP KA 77 -7.38 -111.87 -66.40
C ASP KA 77 -7.49 -112.13 -64.90
N ALA KA 78 -6.74 -113.12 -64.40
CA ALA KA 78 -6.59 -113.32 -62.96
C ALA KA 78 -5.98 -112.10 -62.30
N ARG KA 79 -4.94 -111.53 -62.92
CA ARG KA 79 -4.36 -110.31 -62.38
C ARG KA 79 -5.28 -109.11 -62.56
N LEU KA 80 -6.17 -109.17 -63.55
CA LEU KA 80 -7.11 -108.08 -63.75
C LEU KA 80 -8.15 -108.05 -62.64
N LEU KA 81 -8.80 -109.19 -62.39
CA LEU KA 81 -9.72 -109.30 -61.26
C LEU KA 81 -9.02 -109.16 -59.94
N CYS KA 82 -7.72 -109.47 -59.90
CA CYS KA 82 -6.94 -109.22 -58.71
C CYS KA 82 -6.77 -107.72 -58.47
N ASN KA 83 -6.55 -106.94 -59.53
CA ASN KA 83 -6.35 -105.50 -59.36
C ASN KA 83 -7.66 -104.80 -59.00
N PHE KA 84 -8.75 -105.22 -59.64
CA PHE KA 84 -10.05 -104.70 -59.23
C PHE KA 84 -10.43 -105.16 -57.83
N MET KA 85 -9.98 -106.36 -57.45
CA MET KA 85 -10.22 -106.90 -56.12
C MET KA 85 -9.54 -106.04 -55.05
N ARG KA 86 -8.24 -105.80 -55.21
CA ARG KA 86 -7.48 -104.96 -54.27
C ARG KA 86 -8.05 -103.56 -54.23
N GLN KA 87 -8.45 -103.04 -55.39
CA GLN KA 87 -8.93 -101.66 -55.47
C GLN KA 87 -10.25 -101.50 -54.75
N GLU KA 88 -11.15 -102.47 -54.91
CA GLU KA 88 -12.41 -102.42 -54.18
C GLU KA 88 -12.22 -102.65 -52.69
N CYS KA 89 -11.18 -103.41 -52.31
CA CYS KA 89 -10.88 -103.56 -50.89
C CYS KA 89 -10.44 -102.23 -50.29
N LEU KA 90 -9.41 -101.61 -50.87
CA LEU KA 90 -8.87 -100.41 -50.24
C LEU KA 90 -9.72 -99.17 -50.50
N ASP KA 91 -10.71 -99.24 -51.39
CA ASP KA 91 -11.68 -98.16 -51.51
C ASP KA 91 -12.52 -98.03 -50.24
N SER KA 92 -13.24 -99.09 -49.87
CA SER KA 92 -14.05 -99.03 -48.66
C SER KA 92 -13.18 -99.02 -47.42
N ARG KA 93 -12.02 -99.66 -47.48
CA ARG KA 93 -11.03 -99.59 -46.40
C ARG KA 93 -10.53 -98.17 -46.22
N PHE KA 94 -10.51 -97.37 -47.28
CA PHE KA 94 -10.18 -95.96 -47.21
C PHE KA 94 -11.35 -95.08 -46.76
N VAL KA 95 -12.53 -95.31 -47.31
CA VAL KA 95 -13.65 -94.40 -47.07
C VAL KA 95 -14.30 -94.70 -45.73
N PHE KA 96 -14.85 -95.91 -45.57
CA PHE KA 96 -15.65 -96.22 -44.40
C PHE KA 96 -14.83 -96.56 -43.18
N ASP KA 97 -13.51 -96.77 -43.35
CA ASP KA 97 -12.57 -97.14 -42.29
C ASP KA 97 -12.98 -98.47 -41.64
N ARG KA 98 -13.52 -99.37 -42.44
CA ARG KA 98 -13.85 -100.71 -42.03
C ARG KA 98 -13.24 -101.68 -43.02
N PRO KA 99 -12.98 -102.90 -42.61
CA PRO KA 99 -12.69 -103.94 -43.60
C PRO KA 99 -13.99 -104.41 -44.24
N LEU KA 100 -13.93 -104.89 -45.48
CA LEU KA 100 -15.13 -105.31 -46.16
C LEU KA 100 -15.53 -106.71 -45.74
N PRO KA 101 -16.80 -106.94 -45.47
CA PRO KA 101 -17.33 -108.31 -45.48
C PRO KA 101 -17.23 -108.89 -46.88
N VAL KA 102 -17.21 -110.21 -46.94
CA VAL KA 102 -16.80 -110.87 -48.17
C VAL KA 102 -17.94 -110.92 -49.18
N SER KA 103 -19.17 -111.01 -48.69
CA SER KA 103 -20.36 -111.27 -49.51
C SER KA 103 -20.63 -110.18 -50.53
N ARG KA 104 -20.70 -108.93 -50.07
CA ARG KA 104 -20.96 -107.83 -50.99
C ARG KA 104 -19.79 -107.58 -51.93
N LEU KA 105 -18.58 -107.91 -51.48
CA LEU KA 105 -17.40 -107.75 -52.33
C LEU KA 105 -17.40 -108.75 -53.48
N VAL KA 106 -17.76 -109.99 -53.18
CA VAL KA 106 -17.85 -111.00 -54.23
C VAL KA 106 -19.06 -110.74 -55.12
N SER KA 107 -20.11 -110.10 -54.59
CA SER KA 107 -21.19 -109.66 -55.46
C SER KA 107 -20.72 -108.57 -56.40
N LEU KA 108 -19.81 -107.69 -55.95
CA LEU KA 108 -19.21 -106.72 -56.84
C LEU KA 108 -18.31 -107.38 -57.87
N ILE KA 109 -17.68 -108.50 -57.52
CA ILE KA 109 -16.95 -109.29 -58.51
C ILE KA 109 -17.90 -109.83 -59.58
N GLY KA 110 -19.06 -110.32 -59.15
CA GLY KA 110 -20.04 -110.83 -60.11
C GLY KA 110 -20.59 -109.75 -61.02
N SER KA 111 -20.83 -108.55 -60.46
CA SER KA 111 -21.28 -107.44 -61.29
C SER KA 111 -20.18 -106.96 -62.21
N LYS KA 112 -18.92 -107.10 -61.81
CA LYS KA 112 -17.83 -106.73 -62.69
C LYS KA 112 -17.70 -107.71 -63.84
N THR KA 113 -17.89 -109.00 -63.57
CA THR KA 113 -17.83 -109.99 -64.64
C THR KA 113 -19.13 -110.13 -65.40
N GLN KA 114 -20.17 -109.37 -65.03
CA GLN KA 114 -21.43 -109.45 -65.76
C GLN KA 114 -21.34 -108.83 -67.15
N ILE KA 115 -20.81 -107.60 -67.22
CA ILE KA 115 -20.86 -106.83 -68.47
C ILE KA 115 -20.15 -107.49 -69.66
N PRO KA 116 -18.92 -108.03 -69.55
CA PRO KA 116 -18.35 -108.70 -70.73
C PRO KA 116 -19.02 -110.03 -71.10
N THR KA 117 -19.90 -110.56 -70.26
CA THR KA 117 -20.63 -111.77 -70.63
C THR KA 117 -21.89 -111.49 -71.42
N GLN KA 118 -22.14 -110.25 -71.83
CA GLN KA 118 -23.38 -109.94 -72.52
C GLN KA 118 -23.17 -109.12 -73.79
N ARG KA 119 -22.24 -108.18 -73.76
CA ARG KA 119 -22.15 -107.21 -74.84
C ARG KA 119 -21.42 -107.78 -76.05
N TYR KA 120 -21.27 -106.95 -77.07
CA TYR KA 120 -20.68 -107.40 -78.33
C TYR KA 120 -19.16 -107.32 -78.27
N GLY KA 121 -18.52 -108.31 -78.86
CA GLY KA 121 -17.09 -108.25 -79.11
C GLY KA 121 -16.22 -108.34 -77.89
N ARG KA 122 -16.72 -108.91 -76.80
CA ARG KA 122 -15.97 -109.07 -75.57
C ARG KA 122 -15.73 -110.55 -75.31
N ARG KA 123 -14.89 -110.85 -74.34
CA ARG KA 123 -14.71 -112.21 -73.88
C ARG KA 123 -15.12 -112.30 -72.42
N PRO KA 124 -15.52 -113.49 -71.96
CA PRO KA 124 -15.69 -113.67 -70.53
C PRO KA 124 -14.35 -113.79 -69.82
N TYR KA 125 -14.35 -113.92 -68.50
CA TYR KA 125 -13.13 -114.15 -67.75
C TYR KA 125 -13.01 -115.64 -67.47
N GLY KA 126 -12.05 -116.29 -68.11
CA GLY KA 126 -11.69 -117.64 -67.77
C GLY KA 126 -10.87 -117.59 -66.50
N VAL KA 127 -11.51 -117.97 -65.39
CA VAL KA 127 -10.97 -117.65 -64.07
C VAL KA 127 -11.43 -118.74 -63.09
N GLY KA 128 -10.58 -119.00 -62.10
CA GLY KA 128 -10.79 -120.07 -61.15
C GLY KA 128 -10.86 -119.65 -59.69
N LEU KA 129 -11.61 -118.60 -59.38
CA LEU KA 129 -11.56 -117.98 -58.06
C LEU KA 129 -12.06 -118.91 -56.96
N LEU KA 130 -11.25 -119.06 -55.92
CA LEU KA 130 -11.67 -119.60 -54.64
C LEU KA 130 -11.33 -118.57 -53.59
N ILE KA 131 -12.35 -117.93 -53.02
CA ILE KA 131 -12.18 -116.73 -52.24
C ILE KA 131 -12.43 -117.03 -50.77
N ALA KA 132 -11.40 -116.84 -49.95
CA ALA KA 132 -11.53 -117.01 -48.51
C ALA KA 132 -11.43 -115.66 -47.84
N GLY KA 133 -12.10 -115.50 -46.70
CA GLY KA 133 -12.16 -114.19 -46.07
C GLY KA 133 -12.81 -114.24 -44.70
N TYR KA 134 -12.82 -113.08 -44.04
CA TYR KA 134 -13.35 -112.94 -42.69
C TYR KA 134 -14.15 -111.67 -42.50
N ASP KA 135 -15.46 -111.83 -42.35
CA ASP KA 135 -16.36 -110.84 -41.80
C ASP KA 135 -16.70 -111.21 -40.36
N ASP KA 136 -17.73 -110.57 -39.83
CA ASP KA 136 -18.14 -110.84 -38.45
C ASP KA 136 -18.99 -112.09 -38.30
N MET KA 137 -19.01 -112.99 -39.28
CA MET KA 137 -19.62 -114.30 -39.09
C MET KA 137 -18.68 -115.46 -39.40
N GLY KA 138 -17.37 -115.22 -39.38
CA GLY KA 138 -16.41 -116.29 -39.44
C GLY KA 138 -15.86 -116.52 -40.83
N PRO KA 139 -15.48 -117.76 -41.13
CA PRO KA 139 -14.84 -118.05 -42.41
C PRO KA 139 -15.85 -118.15 -43.54
N HIS KA 140 -15.35 -118.04 -44.75
CA HIS KA 140 -16.15 -118.22 -45.95
C HIS KA 140 -15.28 -118.86 -47.01
N ILE KA 141 -15.86 -119.78 -47.78
CA ILE KA 141 -15.25 -120.26 -49.00
C ILE KA 141 -16.23 -120.00 -50.11
N PHE KA 142 -15.90 -119.10 -51.01
CA PHE KA 142 -16.71 -118.84 -52.18
C PHE KA 142 -16.01 -119.41 -53.40
N GLN KA 143 -16.77 -119.58 -54.47
CA GLN KA 143 -16.17 -119.80 -55.77
C GLN KA 143 -16.95 -118.99 -56.78
N THR KA 144 -16.35 -118.81 -57.95
CA THR KA 144 -17.01 -118.15 -59.05
C THR KA 144 -16.98 -119.07 -60.26
N CYS KA 145 -17.34 -118.50 -61.40
CA CYS KA 145 -17.38 -119.16 -62.68
C CYS KA 145 -17.39 -118.08 -63.74
N PRO KA 146 -17.18 -118.43 -65.01
CA PRO KA 146 -17.36 -117.39 -66.06
C PRO KA 146 -18.78 -116.91 -66.21
N SER KA 147 -19.77 -117.69 -65.77
CA SER KA 147 -21.15 -117.22 -65.78
C SER KA 147 -21.48 -116.45 -64.51
N ALA KA 148 -20.48 -116.27 -63.63
CA ALA KA 148 -20.55 -115.51 -62.39
C ALA KA 148 -21.62 -116.02 -61.44
N ASN KA 149 -21.94 -117.32 -61.52
CA ASN KA 149 -22.93 -117.93 -60.65
C ASN KA 149 -22.22 -118.33 -59.37
N TYR KA 150 -21.90 -117.34 -58.54
CA TYR KA 150 -21.04 -117.53 -57.39
C TYR KA 150 -21.78 -118.25 -56.28
N PHE KA 151 -21.09 -119.19 -55.65
CA PHE KA 151 -21.67 -120.07 -54.65
C PHE KA 151 -21.08 -119.75 -53.29
N ASP KA 152 -21.86 -120.00 -52.24
CA ASP KA 152 -21.33 -120.17 -50.90
C ASP KA 152 -21.24 -121.66 -50.65
N CYS KA 153 -20.09 -122.12 -50.19
CA CYS KA 153 -19.83 -123.54 -50.07
C CYS KA 153 -18.90 -123.79 -48.90
N ARG KA 154 -18.95 -125.00 -48.37
CA ARG KA 154 -18.05 -125.39 -47.29
C ARG KA 154 -16.77 -126.00 -47.81
N ALA KA 155 -16.82 -126.60 -49.00
CA ALA KA 155 -15.64 -127.04 -49.73
C ALA KA 155 -16.03 -127.28 -51.18
N MET KA 156 -15.32 -126.65 -52.10
CA MET KA 156 -15.41 -126.97 -53.52
C MET KA 156 -14.01 -127.05 -54.08
N SER KA 157 -13.92 -127.56 -55.30
CA SER KA 157 -12.64 -127.76 -55.95
C SER KA 157 -12.82 -127.66 -57.45
N ILE KA 158 -12.01 -126.83 -58.08
CA ILE KA 158 -12.07 -126.57 -59.50
C ILE KA 158 -10.70 -126.80 -60.12
N GLY KA 159 -10.70 -127.08 -61.42
CA GLY KA 159 -9.46 -127.42 -62.09
C GLY KA 159 -9.53 -128.77 -62.78
N ALA KA 160 -8.37 -129.45 -62.78
CA ALA KA 160 -8.29 -130.76 -63.40
C ALA KA 160 -8.75 -131.85 -62.44
N ARG KA 161 -9.65 -132.71 -62.92
CA ARG KA 161 -10.11 -133.98 -62.32
C ARG KA 161 -10.52 -133.86 -60.84
N SER KA 162 -11.12 -132.71 -60.50
CA SER KA 162 -11.32 -132.37 -59.09
C SER KA 162 -12.47 -133.14 -58.47
N GLN KA 163 -13.22 -133.89 -59.28
CA GLN KA 163 -14.40 -134.57 -58.75
C GLN KA 163 -14.02 -135.77 -57.90
N SER KA 164 -12.93 -136.45 -58.23
CA SER KA 164 -12.46 -137.55 -57.38
C SER KA 164 -11.99 -137.02 -56.03
N ALA KA 165 -11.44 -135.80 -56.01
CA ALA KA 165 -11.11 -135.15 -54.76
C ALA KA 165 -12.37 -134.85 -53.95
N ARG KA 166 -13.49 -134.55 -54.63
CA ARG KA 166 -14.75 -134.42 -53.93
C ARG KA 166 -15.21 -135.77 -53.37
N THR KA 167 -14.94 -136.86 -54.09
CA THR KA 167 -15.25 -138.18 -53.54
C THR KA 167 -14.39 -138.52 -52.34
N TYR KA 168 -13.22 -137.87 -52.20
CA TYR KA 168 -12.59 -137.88 -50.89
C TYR KA 168 -13.30 -136.94 -49.92
N LEU KA 169 -13.88 -135.85 -50.42
CA LEU KA 169 -14.39 -134.81 -49.52
C LEU KA 169 -15.65 -135.26 -48.79
N GLU KA 170 -16.58 -135.93 -49.49
CA GLU KA 170 -17.90 -136.19 -48.90
C GLU KA 170 -17.84 -137.17 -47.72
N ARG KA 171 -16.83 -138.02 -47.68
CA ARG KA 171 -16.74 -138.99 -46.59
C ARG KA 171 -16.03 -138.41 -45.38
N HIS KA 172 -15.72 -137.11 -45.40
CA HIS KA 172 -15.14 -136.44 -44.23
C HIS KA 172 -15.65 -135.02 -44.01
N MET KA 173 -16.49 -134.50 -44.89
CA MET KA 173 -16.76 -133.07 -44.83
C MET KA 173 -17.94 -132.72 -43.95
N SER KA 174 -18.47 -133.69 -43.20
CA SER KA 174 -19.17 -133.37 -41.97
C SER KA 174 -18.20 -133.39 -40.79
N GLU KA 175 -17.15 -134.19 -40.87
CA GLU KA 175 -16.11 -134.23 -39.86
C GLU KA 175 -15.17 -133.03 -39.92
N PHE KA 176 -15.23 -132.23 -40.99
CA PHE KA 176 -14.33 -131.09 -41.11
C PHE KA 176 -14.64 -129.96 -40.14
N MET KA 177 -15.88 -129.89 -39.66
CA MET KA 177 -16.29 -128.77 -38.82
C MET KA 177 -15.72 -128.82 -37.41
N GLU KA 178 -15.13 -129.94 -37.01
CA GLU KA 178 -14.72 -130.16 -35.63
C GLU KA 178 -13.32 -129.62 -35.34
N CYS KA 179 -12.38 -129.83 -36.26
CA CYS KA 179 -10.98 -129.85 -35.88
C CYS KA 179 -10.31 -128.50 -36.06
N ASN KA 180 -9.13 -128.37 -35.44
CA ASN KA 180 -8.28 -127.19 -35.56
C ASN KA 180 -7.40 -127.31 -36.80
N LEU KA 181 -6.34 -126.49 -36.83
CA LEU KA 181 -5.63 -126.14 -38.08
C LEU KA 181 -4.97 -127.35 -38.72
N ASN KA 182 -4.12 -128.04 -37.98
CA ASN KA 182 -3.13 -128.97 -38.52
C ASN KA 182 -3.75 -130.16 -39.23
N GLU KA 183 -4.64 -130.88 -38.55
CA GLU KA 183 -5.23 -132.04 -39.20
C GLU KA 183 -6.26 -131.64 -40.26
N LEU KA 184 -6.81 -130.42 -40.17
CA LEU KA 184 -7.62 -129.91 -41.27
C LEU KA 184 -6.78 -129.68 -42.52
N VAL KA 185 -5.58 -129.11 -42.35
CA VAL KA 185 -4.66 -128.89 -43.46
C VAL KA 185 -4.27 -130.23 -44.08
N LYS KA 186 -3.99 -131.23 -43.25
CA LYS KA 186 -3.66 -132.51 -43.87
C LYS KA 186 -4.89 -133.24 -44.39
N HIS KA 187 -6.11 -132.87 -43.97
CA HIS KA 187 -7.28 -133.27 -44.74
C HIS KA 187 -7.27 -132.63 -46.12
N GLY KA 188 -6.79 -131.39 -46.21
CA GLY KA 188 -6.75 -130.71 -47.50
C GLY KA 188 -5.75 -131.35 -48.46
N LEU KA 189 -4.54 -131.62 -47.98
CA LEU KA 189 -3.57 -132.22 -48.88
C LEU KA 189 -3.77 -133.72 -49.05
N ARG KA 190 -4.46 -134.40 -48.11
CA ARG KA 190 -5.00 -135.70 -48.46
C ARG KA 190 -6.08 -135.59 -49.54
N ALA KA 191 -6.80 -134.48 -49.59
CA ALA KA 191 -7.73 -134.29 -50.70
C ALA KA 191 -6.98 -133.96 -51.99
N LEU KA 192 -5.74 -133.49 -51.88
CA LEU KA 192 -4.94 -133.36 -53.09
C LEU KA 192 -4.21 -134.65 -53.47
N ARG KA 193 -4.13 -135.63 -52.57
CA ARG KA 193 -3.35 -136.79 -52.97
C ARG KA 193 -4.17 -137.82 -53.75
N GLU KA 194 -5.41 -137.51 -54.11
CA GLU KA 194 -6.09 -138.23 -55.18
C GLU KA 194 -6.14 -137.43 -56.48
N THR KA 195 -5.66 -136.20 -56.47
CA THR KA 195 -5.67 -135.40 -57.69
C THR KA 195 -4.56 -135.83 -58.64
N LEU KA 196 -3.56 -136.55 -58.14
CA LEU KA 196 -2.46 -136.99 -58.97
C LEU KA 196 -2.55 -138.49 -59.21
N PRO KA 197 -1.83 -139.00 -60.21
CA PRO KA 197 -1.54 -140.43 -60.25
C PRO KA 197 -0.77 -140.87 -59.02
N ALA KA 198 -0.95 -142.15 -58.68
CA ALA KA 198 -0.65 -142.61 -57.32
C ALA KA 198 0.85 -142.77 -57.08
N GLU KA 199 1.64 -142.84 -58.15
CA GLU KA 199 3.04 -143.23 -57.97
C GLU KA 199 3.91 -142.05 -57.53
N GLN KA 200 3.49 -140.81 -57.80
CA GLN KA 200 4.35 -139.66 -57.58
C GLN KA 200 3.78 -138.72 -56.52
N ASP KA 201 4.65 -137.93 -55.92
CA ASP KA 201 4.25 -136.98 -54.89
C ASP KA 201 4.76 -135.58 -55.21
N LEU KA 202 3.86 -134.60 -55.24
CA LEU KA 202 3.29 -133.98 -54.04
C LEU KA 202 4.32 -133.83 -52.92
N THR KA 203 5.40 -133.10 -53.21
CA THR KA 203 6.45 -132.86 -52.23
C THR KA 203 6.33 -131.43 -51.70
N THR KA 204 7.45 -130.83 -51.33
CA THR KA 204 7.40 -129.46 -50.83
C THR KA 204 7.14 -128.48 -51.95
N LYS KA 205 8.03 -128.43 -52.95
CA LYS KA 205 8.09 -127.32 -53.90
C LYS KA 205 6.95 -127.28 -54.90
N ASN KA 206 5.94 -128.15 -54.80
CA ASN KA 206 4.86 -128.13 -55.78
C ASN KA 206 3.52 -127.76 -55.15
N VAL KA 207 3.47 -127.65 -53.83
CA VAL KA 207 2.22 -127.35 -53.14
C VAL KA 207 2.44 -126.08 -52.32
N SER KA 208 1.33 -125.42 -51.96
CA SER KA 208 1.35 -124.26 -51.08
C SER KA 208 0.05 -124.16 -50.32
N ILE KA 209 0.18 -123.89 -49.02
CA ILE KA 209 -0.97 -123.79 -48.12
C ILE KA 209 -0.88 -122.47 -47.39
N GLY KA 210 -1.95 -121.69 -47.43
CA GLY KA 210 -2.05 -120.45 -46.71
C GLY KA 210 -3.36 -120.33 -45.97
N ILE KA 211 -3.30 -120.06 -44.68
CA ILE KA 211 -4.46 -120.16 -43.82
C ILE KA 211 -4.80 -118.78 -43.29
N VAL KA 212 -6.06 -118.36 -43.48
CA VAL KA 212 -6.58 -117.17 -42.83
C VAL KA 212 -7.57 -117.62 -41.77
N GLY KA 213 -7.55 -116.92 -40.62
CA GLY KA 213 -8.33 -117.32 -39.48
C GLY KA 213 -9.08 -116.14 -38.90
N LYS KA 214 -9.93 -116.45 -37.91
CA LYS KA 214 -10.76 -115.42 -37.28
C LYS KA 214 -9.94 -114.55 -36.33
N ASP KA 215 -8.73 -114.99 -36.01
CA ASP KA 215 -7.72 -114.15 -35.39
C ASP KA 215 -6.40 -114.22 -36.14
N LEU KA 216 -6.34 -114.96 -37.24
CA LEU KA 216 -5.11 -115.18 -37.98
C LEU KA 216 -5.14 -114.38 -39.28
N GLU KA 217 -4.06 -113.65 -39.53
CA GLU KA 217 -3.91 -112.89 -40.76
C GLU KA 217 -3.61 -113.83 -41.92
N PHE KA 218 -4.04 -113.44 -43.12
CA PHE KA 218 -3.84 -114.25 -44.31
C PHE KA 218 -2.35 -114.32 -44.68
N THR KA 219 -1.77 -115.50 -44.59
CA THR KA 219 -0.34 -115.66 -44.75
C THR KA 219 -0.02 -116.82 -45.68
N ILE KA 220 0.70 -116.51 -46.76
CA ILE KA 220 1.05 -117.52 -47.76
C ILE KA 220 2.36 -118.18 -47.36
N TYR KA 221 2.40 -119.51 -47.45
CA TYR KA 221 3.60 -120.27 -47.08
C TYR KA 221 4.12 -121.00 -48.31
N ASP KA 222 5.42 -121.30 -48.31
CA ASP KA 222 6.02 -121.98 -49.45
C ASP KA 222 7.15 -122.91 -49.00
N ASP KA 223 6.85 -124.21 -49.04
CA ASP KA 223 7.78 -125.35 -49.05
C ASP KA 223 8.43 -125.55 -47.68
N ASP KA 224 8.43 -124.55 -46.80
CA ASP KA 224 9.39 -124.57 -45.70
C ASP KA 224 8.69 -124.40 -44.37
N ASP KA 225 7.64 -123.58 -44.35
CA ASP KA 225 6.62 -123.75 -43.33
C ASP KA 225 5.59 -124.76 -43.81
N VAL KA 226 5.70 -125.20 -45.06
CA VAL KA 226 4.95 -126.34 -45.58
C VAL KA 226 5.64 -127.66 -45.28
N SER KA 227 6.97 -127.65 -45.16
CA SER KA 227 7.70 -128.82 -44.67
C SER KA 227 7.22 -129.40 -43.33
N PRO KA 228 6.77 -128.63 -42.32
CA PRO KA 228 6.08 -129.28 -41.20
C PRO KA 228 4.73 -129.87 -41.56
N PHE KA 229 3.98 -129.23 -42.46
CA PHE KA 229 2.64 -129.72 -42.79
C PHE KA 229 2.65 -131.03 -43.56
N LEU KA 230 3.76 -131.37 -44.21
CA LEU KA 230 3.78 -132.56 -45.03
C LEU KA 230 4.07 -133.84 -44.25
N GLU KA 231 4.33 -133.75 -42.95
CA GLU KA 231 4.49 -134.99 -42.22
C GLU KA 231 3.20 -135.40 -41.54
N GLY KA 232 3.11 -136.68 -41.20
CA GLY KA 232 1.88 -137.25 -40.67
C GLY KA 232 0.98 -137.81 -41.73
N LEU KA 233 1.54 -138.49 -42.73
CA LEU KA 233 0.77 -139.00 -43.86
C LEU KA 233 1.07 -140.48 -44.08
N GLU KA 234 0.03 -141.23 -44.42
CA GLU KA 234 0.17 -142.66 -44.70
C GLU KA 234 0.37 -142.88 -46.19
N GLU KA 235 0.81 -144.09 -46.54
CA GLU KA 235 1.02 -144.43 -47.94
C GLU KA 235 -0.28 -144.85 -48.60
N ARG KA 236 -0.40 -144.54 -49.89
CA ARG KA 236 -1.53 -145.01 -50.67
C ARG KA 236 -1.34 -146.49 -51.04
N PRO KA 237 -2.24 -147.37 -50.56
CA PRO KA 237 -2.06 -148.80 -50.83
C PRO KA 237 -2.37 -149.17 -52.27
N GLN KA 238 -1.90 -150.34 -52.70
CA GLN KA 238 -2.09 -150.80 -54.06
C GLN KA 238 -3.53 -151.26 -54.31
N THR LA 5 -31.81 -120.07 -92.65
CA THR LA 5 -30.46 -119.85 -92.14
C THR LA 5 -30.18 -118.36 -92.04
N GLY LA 6 -29.44 -117.96 -91.01
CA GLY LA 6 -29.10 -116.57 -90.81
C GLY LA 6 -30.14 -115.75 -90.08
N TYR LA 7 -31.41 -116.13 -90.13
CA TYR LA 7 -32.48 -115.40 -89.47
C TYR LA 7 -32.44 -115.57 -87.96
N ASP LA 8 -31.96 -116.71 -87.46
CA ASP LA 8 -31.93 -117.00 -86.04
C ASP LA 8 -30.69 -116.47 -85.34
N LEU LA 9 -29.73 -115.94 -86.08
CA LEU LA 9 -28.44 -115.59 -85.50
C LEU LA 9 -28.51 -114.30 -84.68
N SER LA 10 -28.81 -113.19 -85.34
CA SER LA 10 -28.74 -111.87 -84.71
C SER LA 10 -29.97 -111.62 -83.86
N ALA LA 11 -29.84 -110.72 -82.89
CA ALA LA 11 -30.91 -110.42 -81.97
C ALA LA 11 -31.96 -109.50 -82.57
N SER LA 12 -31.71 -108.93 -83.74
CA SER LA 12 -32.66 -107.97 -84.29
C SER LA 12 -33.00 -108.24 -85.74
N THR LA 13 -32.99 -109.49 -86.16
CA THR LA 13 -33.53 -109.88 -87.46
C THR LA 13 -34.90 -110.48 -87.27
N PHE LA 14 -35.79 -110.22 -88.21
CA PHE LA 14 -37.10 -110.86 -88.20
C PHE LA 14 -37.05 -112.14 -89.02
N SER LA 15 -38.22 -112.72 -89.25
CA SER LA 15 -38.37 -113.98 -89.92
C SER LA 15 -39.35 -113.79 -91.07
N PRO LA 16 -39.32 -114.66 -92.08
CA PRO LA 16 -40.24 -114.48 -93.21
C PRO LA 16 -41.69 -114.82 -92.92
N ASP LA 17 -42.06 -115.10 -91.66
CA ASP LA 17 -43.45 -115.13 -91.26
C ASP LA 17 -43.82 -114.03 -90.28
N GLY LA 18 -42.85 -113.39 -89.63
CA GLY LA 18 -43.11 -112.19 -88.87
C GLY LA 18 -42.77 -112.22 -87.40
N ARG LA 19 -41.98 -113.19 -86.93
CA ARG LA 19 -41.64 -113.24 -85.52
C ARG LA 19 -40.13 -113.26 -85.33
N VAL LA 20 -39.73 -113.31 -84.07
CA VAL LA 20 -38.32 -113.33 -83.65
C VAL LA 20 -38.01 -114.73 -83.15
N PHE LA 21 -36.91 -115.31 -83.64
CA PHE LA 21 -36.49 -116.62 -83.13
C PHE LA 21 -35.78 -116.48 -81.79
N GLN LA 22 -35.09 -115.36 -81.56
CA GLN LA 22 -34.24 -115.14 -80.41
C GLN LA 22 -34.96 -115.19 -79.07
N VAL LA 23 -36.12 -114.54 -79.00
CA VAL LA 23 -36.87 -114.45 -77.76
C VAL LA 23 -37.37 -115.83 -77.34
N GLU LA 24 -37.83 -116.63 -78.30
CA GLU LA 24 -38.25 -117.98 -78.00
C GLU LA 24 -37.08 -118.85 -77.58
N TYR LA 25 -35.91 -118.62 -78.20
CA TYR LA 25 -34.70 -119.36 -77.85
C TYR LA 25 -34.27 -119.08 -76.43
N ALA LA 26 -34.36 -117.81 -76.01
CA ALA LA 26 -34.00 -117.46 -74.65
C ALA LA 26 -35.03 -117.98 -73.67
N MET LA 27 -36.31 -117.97 -74.05
CA MET LA 27 -37.36 -118.41 -73.14
C MET LA 27 -37.28 -119.89 -72.85
N LYS LA 28 -37.06 -120.71 -73.88
CA LYS LA 28 -37.16 -122.14 -73.60
C LYS LA 28 -35.85 -122.75 -73.07
N ALA LA 29 -34.94 -121.92 -72.54
CA ALA LA 29 -33.93 -122.42 -71.61
C ALA LA 29 -34.25 -122.00 -70.19
N VAL LA 30 -34.95 -120.87 -70.05
CA VAL LA 30 -35.46 -120.42 -68.75
C VAL LA 30 -36.54 -121.38 -68.26
N GLU LA 31 -37.25 -122.01 -69.19
CA GLU LA 31 -38.21 -123.07 -68.89
C GLU LA 31 -37.57 -124.22 -68.10
N ASN LA 32 -36.28 -124.48 -68.32
CA ASN LA 32 -35.63 -125.61 -67.67
C ASN LA 32 -35.33 -125.36 -66.20
N SER LA 33 -34.98 -124.13 -65.81
CA SER LA 33 -34.68 -123.84 -64.42
C SER LA 33 -35.97 -123.81 -63.60
N SER LA 34 -36.16 -124.85 -62.79
CA SER LA 34 -37.50 -125.29 -62.44
C SER LA 34 -38.06 -124.57 -61.21
N THR LA 35 -39.39 -124.55 -61.14
CA THR LA 35 -40.19 -124.45 -59.92
C THR LA 35 -39.97 -123.17 -59.11
N ALA LA 36 -40.45 -122.05 -59.61
CA ALA LA 36 -40.48 -120.80 -58.86
C ALA LA 36 -41.87 -120.19 -58.98
N ILE LA 37 -42.68 -120.32 -57.93
CA ILE LA 37 -44.06 -119.84 -58.01
C ILE LA 37 -44.25 -118.60 -57.15
N GLY LA 38 -45.37 -117.90 -57.37
CA GLY LA 38 -45.75 -116.78 -56.54
C GLY LA 38 -47.26 -116.62 -56.55
N ILE LA 39 -47.81 -116.46 -55.35
CA ILE LA 39 -49.26 -116.40 -55.16
C ILE LA 39 -49.55 -115.16 -54.33
N ARG LA 40 -50.80 -114.72 -54.33
CA ARG LA 40 -51.20 -113.62 -53.48
C ARG LA 40 -52.60 -113.86 -52.92
N CYS LA 41 -52.90 -113.15 -51.84
CA CYS LA 41 -54.21 -113.19 -51.19
C CYS LA 41 -54.68 -111.76 -50.96
N LYS LA 42 -55.71 -111.63 -50.11
CA LYS LA 42 -56.34 -110.32 -49.90
C LYS LA 42 -55.43 -109.36 -49.16
N ASP LA 43 -54.51 -109.87 -48.32
CA ASP LA 43 -53.54 -109.00 -47.68
C ASP LA 43 -52.16 -109.62 -47.55
N GLY LA 44 -51.74 -110.45 -48.50
CA GLY LA 44 -50.40 -110.98 -48.44
C GLY LA 44 -50.01 -111.62 -49.76
N VAL LA 45 -48.71 -111.61 -50.02
CA VAL LA 45 -48.14 -112.19 -51.23
C VAL LA 45 -47.10 -113.22 -50.80
N VAL LA 46 -47.21 -114.44 -51.31
CA VAL LA 46 -46.34 -115.54 -50.91
C VAL LA 46 -45.54 -115.95 -52.13
N PHE LA 47 -44.25 -116.24 -51.92
CA PHE LA 47 -43.38 -116.74 -52.98
C PHE LA 47 -42.91 -118.14 -52.65
N GLY LA 48 -42.59 -118.90 -53.70
CA GLY LA 48 -42.08 -120.23 -53.50
C GLY LA 48 -40.97 -120.55 -54.49
N VAL LA 49 -39.90 -121.19 -54.01
CA VAL LA 49 -38.76 -121.58 -54.82
C VAL LA 49 -38.33 -122.97 -54.36
N GLU LA 50 -38.12 -123.88 -55.31
CA GLU LA 50 -37.52 -125.17 -55.01
C GLU LA 50 -36.08 -125.17 -55.49
N LYS LA 51 -35.15 -125.00 -54.55
CA LYS LA 51 -33.75 -125.18 -54.83
C LYS LA 51 -33.40 -126.66 -54.71
N LEU LA 52 -32.47 -127.13 -55.55
CA LEU LA 52 -32.31 -128.54 -55.85
C LEU LA 52 -31.01 -129.08 -55.25
N VAL LA 53 -31.11 -130.20 -54.55
CA VAL LA 53 -29.95 -130.92 -54.04
C VAL LA 53 -29.77 -132.20 -54.86
N LEU LA 54 -28.61 -132.35 -55.50
CA LEU LA 54 -28.31 -133.54 -56.29
C LEU LA 54 -27.56 -134.55 -55.42
N SER LA 55 -26.36 -134.17 -54.96
CA SER LA 55 -25.56 -135.04 -54.12
C SER LA 55 -25.44 -134.41 -52.75
N LYS LA 56 -24.87 -133.20 -52.63
CA LYS LA 56 -24.95 -132.50 -51.35
C LYS LA 56 -25.55 -131.08 -51.45
N LEU LA 57 -25.14 -130.18 -52.37
CA LEU LA 57 -23.93 -130.12 -53.19
C LEU LA 57 -22.93 -129.29 -52.40
N TYR LA 58 -23.45 -128.23 -51.78
CA TYR LA 58 -22.66 -127.23 -51.07
C TYR LA 58 -23.49 -126.65 -49.93
N GLU LA 59 -23.07 -125.49 -49.43
CA GLU LA 59 -23.69 -124.87 -48.26
C GLU LA 59 -25.12 -124.41 -48.51
N GLU LA 60 -25.89 -124.36 -47.42
CA GLU LA 60 -27.27 -123.93 -47.45
C GLU LA 60 -27.35 -122.41 -47.52
N GLY LA 61 -28.39 -121.92 -48.18
CA GLY LA 61 -28.64 -120.49 -48.22
C GLY LA 61 -27.79 -119.74 -49.23
N SER LA 62 -27.04 -120.45 -50.05
CA SER LA 62 -26.29 -119.85 -51.15
C SER LA 62 -27.28 -119.53 -52.25
N ASN LA 63 -26.96 -118.49 -53.03
CA ASN LA 63 -27.64 -117.98 -54.25
C ASN LA 63 -29.16 -118.14 -54.23
N LYS LA 64 -29.77 -117.72 -53.12
CA LYS LA 64 -31.20 -117.87 -52.94
C LYS LA 64 -31.96 -117.01 -53.93
N ARG LA 65 -32.82 -117.65 -54.72
CA ARG LA 65 -33.47 -116.97 -55.84
C ARG LA 65 -34.52 -115.95 -55.40
N LEU LA 66 -34.86 -115.90 -54.13
CA LEU LA 66 -35.71 -114.82 -53.62
C LEU LA 66 -34.83 -113.63 -53.24
N PHE LA 67 -35.14 -112.47 -53.79
CA PHE LA 67 -34.35 -111.27 -53.56
C PHE LA 67 -35.16 -110.26 -52.78
N ASN LA 68 -34.53 -109.12 -52.52
CA ASN LA 68 -35.11 -108.06 -51.70
C ASN LA 68 -34.78 -106.73 -52.36
N VAL LA 69 -35.67 -106.24 -53.24
CA VAL LA 69 -35.37 -105.06 -54.03
C VAL LA 69 -35.59 -103.79 -53.22
N ASP LA 70 -36.75 -103.63 -52.59
CA ASP LA 70 -37.03 -102.41 -51.89
C ASP LA 70 -37.38 -102.77 -50.44
N ARG LA 71 -37.79 -101.77 -49.67
CA ARG LA 71 -38.28 -102.00 -48.32
C ARG LA 71 -39.55 -102.86 -48.34
N HIS LA 72 -40.31 -102.80 -49.42
CA HIS LA 72 -41.58 -103.51 -49.51
C HIS LA 72 -41.74 -104.35 -50.77
N VAL LA 73 -40.72 -104.49 -51.59
CA VAL LA 73 -40.80 -105.18 -52.88
C VAL LA 73 -39.78 -106.31 -52.88
N GLY LA 74 -40.15 -107.47 -53.44
CA GLY LA 74 -39.23 -108.57 -53.59
C GLY LA 74 -39.34 -109.24 -54.96
N MET LA 75 -38.39 -110.13 -55.21
CA MET LA 75 -38.26 -110.87 -56.46
C MET LA 75 -38.59 -112.34 -56.24
N ALA LA 76 -38.64 -113.08 -57.35
CA ALA LA 76 -38.57 -114.54 -57.34
C ALA LA 76 -38.05 -114.97 -58.71
N VAL LA 77 -36.74 -115.18 -58.80
CA VAL LA 77 -36.11 -115.27 -60.11
C VAL LA 77 -35.94 -116.72 -60.50
N ALA LA 78 -35.60 -116.93 -61.77
CA ALA LA 78 -35.22 -118.24 -62.30
C ALA LA 78 -34.42 -118.01 -63.57
N GLY LA 79 -34.18 -119.09 -64.30
CA GLY LA 79 -33.44 -119.00 -65.54
C GLY LA 79 -31.96 -118.72 -65.35
N LEU LA 80 -31.42 -117.81 -66.16
CA LEU LA 80 -30.04 -117.40 -66.00
C LEU LA 80 -29.92 -116.49 -64.79
N LEU LA 81 -29.17 -116.94 -63.78
CA LEU LA 81 -29.24 -116.31 -62.47
C LEU LA 81 -28.45 -115.02 -62.42
N ALA LA 82 -27.43 -114.89 -63.29
CA ALA LA 82 -26.55 -113.73 -63.26
C ALA LA 82 -27.25 -112.45 -63.68
N ASP LA 83 -27.96 -112.50 -64.81
CA ASP LA 83 -28.75 -111.35 -65.25
C ASP LA 83 -29.91 -111.07 -64.31
N ALA LA 84 -30.38 -112.10 -63.59
CA ALA LA 84 -31.38 -111.86 -62.55
C ALA LA 84 -30.79 -111.04 -61.42
N ARG LA 85 -29.54 -111.31 -61.04
CA ARG LA 85 -28.88 -110.45 -60.07
C ARG LA 85 -28.64 -109.06 -60.64
N SER LA 86 -28.42 -108.98 -61.95
CA SER LA 86 -28.23 -107.70 -62.61
C SER LA 86 -29.49 -106.85 -62.53
N LEU LA 87 -30.64 -107.44 -62.82
CA LEU LA 87 -31.89 -106.69 -62.70
C LEU LA 87 -32.27 -106.46 -61.25
N ALA LA 88 -31.72 -107.25 -60.33
CA ALA LA 88 -31.90 -106.92 -58.91
C ALA LA 88 -31.16 -105.62 -58.57
N ASP LA 89 -29.93 -105.46 -59.07
CA ASP LA 89 -29.20 -104.22 -58.81
C ASP LA 89 -29.82 -103.04 -59.55
N ILE LA 90 -30.34 -103.29 -60.76
CA ILE LA 90 -30.97 -102.22 -61.54
C ILE LA 90 -32.25 -101.77 -60.87
N ALA LA 91 -33.08 -102.72 -60.43
CA ALA LA 91 -34.33 -102.37 -59.77
C ALA LA 91 -34.08 -101.69 -58.43
N ARG LA 92 -33.00 -102.08 -57.74
CA ARG LA 92 -32.58 -101.36 -56.54
C ARG LA 92 -32.24 -99.91 -56.86
N GLU LA 93 -31.45 -99.71 -57.92
CA GLU LA 93 -31.00 -98.36 -58.26
C GLU LA 93 -32.15 -97.47 -58.71
N GLU LA 94 -33.09 -98.03 -59.50
CA GLU LA 94 -34.26 -97.27 -59.93
C GLU LA 94 -35.16 -96.91 -58.75
N ALA LA 95 -35.33 -97.83 -57.80
CA ALA LA 95 -36.09 -97.52 -56.59
C ALA LA 95 -35.40 -96.46 -55.76
N SER LA 96 -34.06 -96.42 -55.79
CA SER LA 96 -33.34 -95.33 -55.14
C SER LA 96 -33.54 -94.02 -55.88
N ASN LA 97 -33.74 -94.06 -57.21
CA ASN LA 97 -33.94 -92.82 -57.95
C ASN LA 97 -35.31 -92.22 -57.66
N PHE LA 98 -36.35 -93.05 -57.68
CA PHE LA 98 -37.70 -92.56 -57.40
C PHE LA 98 -37.84 -92.14 -55.94
N ARG LA 99 -37.25 -92.94 -55.04
CA ARG LA 99 -37.18 -92.60 -53.62
C ARG LA 99 -36.43 -91.29 -53.40
N SER LA 100 -35.40 -91.04 -54.21
CA SER LA 100 -34.61 -89.82 -54.05
C SER LA 100 -35.35 -88.60 -54.56
N ASN LA 101 -35.88 -88.67 -55.79
CA ASN LA 101 -36.55 -87.53 -56.39
C ASN LA 101 -37.86 -87.16 -55.74
N PHE LA 102 -38.70 -88.12 -55.38
CA PHE LA 102 -40.05 -87.78 -54.98
C PHE LA 102 -40.29 -87.96 -53.49
N GLY LA 103 -39.56 -88.85 -52.84
CA GLY LA 103 -39.56 -88.92 -51.39
C GLY LA 103 -40.61 -89.81 -50.78
N TYR LA 104 -41.01 -90.89 -51.45
CA TYR LA 104 -41.92 -91.87 -50.90
C TYR LA 104 -41.65 -93.19 -51.61
N ASN LA 105 -42.50 -94.17 -51.35
CA ASN LA 105 -42.22 -95.52 -51.83
C ASN LA 105 -42.58 -95.67 -53.30
N ILE LA 106 -41.78 -96.44 -54.01
CA ILE LA 106 -42.10 -96.74 -55.40
C ILE LA 106 -43.25 -97.73 -55.46
N PRO LA 107 -44.30 -97.45 -56.23
CA PRO LA 107 -45.35 -98.45 -56.42
C PRO LA 107 -44.84 -99.58 -57.30
N LEU LA 108 -45.55 -100.71 -57.27
CA LEU LA 108 -45.13 -101.85 -58.06
C LEU LA 108 -45.32 -101.60 -59.55
N LYS LA 109 -46.26 -100.73 -59.92
CA LYS LA 109 -46.56 -100.49 -61.33
C LYS LA 109 -45.41 -99.80 -62.03
N HIS LA 110 -44.89 -98.70 -61.45
CA HIS LA 110 -43.82 -97.98 -62.11
C HIS LA 110 -42.51 -98.77 -62.08
N LEU LA 111 -42.27 -99.51 -61.01
CA LEU LA 111 -41.04 -100.30 -60.93
C LEU LA 111 -41.05 -101.41 -61.97
N ALA LA 112 -42.16 -102.13 -62.07
CA ALA LA 112 -42.28 -103.17 -63.09
C ALA LA 112 -42.29 -102.57 -64.49
N ASP LA 113 -42.77 -101.34 -64.65
CA ASP LA 113 -42.76 -100.74 -65.97
C ASP LA 113 -41.36 -100.31 -66.39
N ARG LA 114 -40.59 -99.70 -65.49
CA ARG LA 114 -39.24 -99.26 -65.85
C ARG LA 114 -38.33 -100.45 -66.10
N VAL LA 115 -38.43 -101.47 -65.25
CA VAL LA 115 -37.64 -102.68 -65.44
C VAL LA 115 -38.06 -103.38 -66.74
N ALA LA 116 -39.35 -103.36 -67.05
CA ALA LA 116 -39.82 -103.90 -68.31
C ALA LA 116 -39.31 -103.08 -69.50
N MET LA 117 -39.11 -101.77 -69.30
CA MET LA 117 -38.53 -100.96 -70.37
C MET LA 117 -37.07 -101.31 -70.59
N TYR LA 118 -36.34 -101.71 -69.53
CA TYR LA 118 -34.97 -102.15 -69.75
C TYR LA 118 -34.92 -103.52 -70.40
N VAL LA 119 -35.84 -104.41 -70.05
CA VAL LA 119 -35.90 -105.72 -70.68
C VAL LA 119 -36.27 -105.58 -72.15
N HIS LA 120 -37.10 -104.60 -72.48
CA HIS LA 120 -37.33 -104.28 -73.88
C HIS LA 120 -36.09 -103.66 -74.51
N ALA LA 121 -35.34 -102.89 -73.72
CA ALA LA 121 -34.18 -102.18 -74.25
C ALA LA 121 -33.04 -103.11 -74.59
N TYR LA 122 -32.93 -104.28 -73.96
CA TYR LA 122 -31.93 -105.24 -74.37
C TYR LA 122 -32.45 -106.23 -75.39
N THR LA 123 -33.50 -105.90 -76.13
CA THR LA 123 -34.02 -106.76 -77.18
C THR LA 123 -34.18 -106.05 -78.52
N LEU LA 124 -33.52 -104.90 -78.70
CA LEU LA 124 -33.74 -104.11 -79.90
C LEU LA 124 -32.49 -103.94 -80.73
N TYR LA 125 -31.33 -104.34 -80.21
CA TYR LA 125 -30.08 -104.12 -80.93
C TYR LA 125 -29.39 -105.44 -81.14
N SER LA 126 -28.43 -105.46 -82.04
CA SER LA 126 -27.57 -106.63 -82.18
C SER LA 126 -26.32 -106.53 -81.33
N ALA LA 127 -26.17 -105.44 -80.56
CA ALA LA 127 -25.01 -105.30 -79.69
C ALA LA 127 -25.14 -106.17 -78.45
N VAL LA 128 -26.35 -106.38 -77.97
CA VAL LA 128 -26.59 -107.07 -76.72
C VAL LA 128 -27.55 -108.23 -76.97
N ARG LA 129 -27.66 -109.13 -76.00
CA ARG LA 129 -28.57 -110.26 -76.10
C ARG LA 129 -29.71 -110.07 -75.11
N PRO LA 130 -30.86 -110.71 -75.36
CA PRO LA 130 -31.96 -110.63 -74.39
C PRO LA 130 -31.62 -111.34 -73.09
N PHE LA 131 -32.21 -110.84 -72.01
CA PHE LA 131 -32.05 -111.46 -70.71
C PHE LA 131 -32.72 -112.82 -70.67
N GLY LA 132 -32.02 -113.80 -70.10
CA GLY LA 132 -32.62 -115.07 -69.82
C GLY LA 132 -33.20 -115.08 -68.42
N CYS LA 133 -34.11 -114.14 -68.14
CA CYS LA 133 -34.67 -113.97 -66.81
C CYS LA 133 -36.16 -114.22 -66.85
N SER LA 134 -36.70 -114.71 -65.74
CA SER LA 134 -38.13 -114.73 -65.50
C SER LA 134 -38.35 -114.57 -64.02
N PHE LA 135 -38.70 -113.36 -63.61
CA PHE LA 135 -38.85 -113.08 -62.20
C PHE LA 135 -40.24 -112.55 -61.90
N MET LA 136 -40.60 -112.63 -60.62
CA MET LA 136 -41.86 -112.14 -60.10
C MET LA 136 -41.61 -110.82 -59.39
N LEU LA 137 -42.65 -110.00 -59.31
CA LEU LA 137 -42.61 -108.82 -58.47
C LEU LA 137 -43.87 -108.78 -57.63
N GLY LA 138 -43.69 -108.83 -56.32
CA GLY LA 138 -44.82 -108.77 -55.40
C GLY LA 138 -44.66 -107.62 -54.43
N SER LA 139 -45.75 -106.90 -54.21
CA SER LA 139 -45.72 -105.73 -53.35
C SER LA 139 -46.89 -105.81 -52.38
N TYR LA 140 -46.86 -104.92 -51.39
CA TYR LA 140 -47.98 -104.75 -50.49
C TYR LA 140 -47.94 -103.36 -49.88
N SER LA 141 -49.12 -102.74 -49.82
CA SER LA 141 -49.30 -101.49 -49.11
C SER LA 141 -50.73 -101.45 -48.60
N VAL LA 142 -50.99 -100.51 -47.70
CA VAL LA 142 -52.36 -100.29 -47.26
C VAL LA 142 -53.02 -99.23 -48.11
N ASN LA 143 -52.23 -98.45 -48.85
CA ASN LA 143 -52.77 -97.48 -49.78
C ASN LA 143 -53.11 -98.10 -51.14
N ASP LA 144 -52.51 -99.24 -51.48
CA ASP LA 144 -52.77 -99.87 -52.77
C ASP LA 144 -53.37 -101.27 -52.61
N GLY LA 145 -52.72 -102.16 -51.88
CA GLY LA 145 -53.20 -103.51 -51.75
C GLY LA 145 -52.15 -104.54 -52.11
N ALA LA 146 -52.65 -105.66 -52.63
CA ALA LA 146 -51.81 -106.83 -52.92
C ALA LA 146 -51.63 -106.95 -54.44
N GLN LA 147 -50.44 -106.63 -54.91
CA GLN LA 147 -50.13 -106.62 -56.33
C GLN LA 147 -49.00 -107.59 -56.61
N LEU LA 148 -49.16 -108.37 -57.67
CA LEU LA 148 -48.21 -109.43 -58.01
C LEU LA 148 -47.96 -109.41 -59.52
N TYR LA 149 -46.80 -108.87 -59.92
CA TYR LA 149 -46.52 -108.63 -61.31
C TYR LA 149 -45.49 -109.61 -61.84
N MET LA 150 -45.42 -109.72 -63.16
CA MET LA 150 -44.70 -110.76 -63.86
C MET LA 150 -43.88 -110.15 -64.99
N ILE LA 151 -42.63 -110.60 -65.14
CA ILE LA 151 -41.77 -110.15 -66.23
C ILE LA 151 -41.18 -111.36 -66.93
N ASP LA 152 -41.40 -111.44 -68.24
CA ASP LA 152 -40.91 -112.42 -69.19
C ASP LA 152 -39.62 -111.92 -69.83
N PRO LA 153 -38.88 -112.73 -70.62
CA PRO LA 153 -37.73 -112.17 -71.34
C PRO LA 153 -38.06 -111.15 -72.42
N SER LA 154 -39.31 -111.08 -72.86
CA SER LA 154 -39.68 -110.10 -73.88
C SER LA 154 -40.03 -108.75 -73.30
N GLY LA 155 -40.33 -108.68 -72.01
CA GLY LA 155 -40.63 -107.43 -71.35
C GLY LA 155 -42.10 -107.15 -71.12
N VAL LA 156 -42.99 -108.11 -71.37
CA VAL LA 156 -44.41 -107.91 -71.15
C VAL LA 156 -44.66 -107.93 -69.65
N SER LA 157 -45.17 -106.83 -69.10
CA SER LA 157 -45.44 -106.68 -67.68
C SER LA 157 -46.94 -106.63 -67.48
N TYR LA 158 -47.47 -107.53 -66.68
CA TYR LA 158 -48.87 -107.57 -66.34
C TYR LA 158 -49.02 -108.03 -64.90
N GLY LA 159 -50.25 -108.40 -64.54
CA GLY LA 159 -50.57 -108.81 -63.18
C GLY LA 159 -51.30 -110.14 -63.15
N TYR LA 160 -51.02 -110.91 -62.10
CA TYR LA 160 -51.61 -112.21 -61.87
C TYR LA 160 -52.18 -112.33 -60.46
N TRP LA 161 -53.08 -113.29 -60.27
CA TRP LA 161 -53.35 -113.79 -58.93
C TRP LA 161 -52.33 -114.84 -58.53
N GLY LA 162 -51.68 -115.46 -59.51
CA GLY LA 162 -50.69 -116.48 -59.21
C GLY LA 162 -50.00 -116.96 -60.47
N CYS LA 163 -48.69 -117.19 -60.34
CA CYS LA 163 -47.91 -117.62 -61.49
C CYS LA 163 -46.92 -118.70 -61.07
N ALA LA 164 -46.38 -119.37 -62.08
CA ALA LA 164 -45.39 -120.43 -61.90
C ALA LA 164 -44.28 -120.23 -62.92
N ILE LA 165 -43.04 -120.34 -62.46
CA ILE LA 165 -41.88 -120.20 -63.33
C ILE LA 165 -41.02 -121.45 -63.18
N GLY LA 166 -40.74 -122.09 -64.31
CA GLY LA 166 -39.93 -123.29 -64.33
C GLY LA 166 -40.52 -124.35 -65.24
N LYS LA 167 -39.98 -125.57 -65.08
CA LYS LA 167 -40.56 -126.71 -65.80
C LYS LA 167 -41.98 -126.97 -65.35
N ALA LA 168 -42.24 -126.84 -64.06
CA ALA LA 168 -43.59 -126.93 -63.53
C ALA LA 168 -44.33 -125.62 -63.83
N ARG LA 169 -44.96 -125.60 -64.99
CA ARG LA 169 -45.84 -124.50 -65.36
C ARG LA 169 -47.21 -124.99 -65.83
N GLN LA 170 -47.24 -126.08 -66.57
CA GLN LA 170 -48.52 -126.66 -66.97
C GLN LA 170 -49.22 -127.33 -65.80
N ALA LA 171 -48.59 -128.34 -65.22
CA ALA LA 171 -49.19 -129.11 -64.13
C ALA LA 171 -48.88 -128.54 -62.76
N ALA LA 172 -48.27 -127.37 -62.67
CA ALA LA 172 -48.13 -126.70 -61.39
C ALA LA 172 -49.37 -125.87 -61.05
N LYS LA 173 -49.82 -125.05 -61.98
CA LYS LA 173 -50.93 -124.14 -61.70
C LYS LA 173 -52.27 -124.84 -61.84
N THR LA 174 -52.26 -126.11 -62.25
CA THR LA 174 -53.50 -126.83 -62.50
C THR LA 174 -54.22 -127.13 -61.18
N GLU LA 175 -53.46 -127.30 -60.10
CA GLU LA 175 -54.09 -127.49 -58.80
C GLU LA 175 -54.04 -126.20 -57.98
N ILE LA 176 -53.37 -125.17 -58.50
CA ILE LA 176 -53.35 -123.88 -57.82
C ILE LA 176 -54.71 -123.20 -57.94
N GLU LA 177 -55.45 -123.49 -59.01
CA GLU LA 177 -56.78 -122.93 -59.21
C GLU LA 177 -57.79 -123.45 -58.20
N LYS LA 178 -57.46 -124.54 -57.48
CA LYS LA 178 -58.31 -125.03 -56.41
C LYS LA 178 -58.29 -124.09 -55.20
N LEU LA 179 -57.25 -123.27 -55.07
CA LEU LA 179 -57.17 -122.31 -53.97
C LEU LA 179 -58.15 -121.17 -54.20
N GLN LA 180 -58.66 -120.60 -53.11
CA GLN LA 180 -59.46 -119.40 -53.19
C GLN LA 180 -58.58 -118.19 -52.92
N MET LA 181 -58.82 -117.12 -53.68
CA MET LA 181 -57.91 -115.98 -53.67
C MET LA 181 -58.09 -115.11 -52.43
N LYS LA 182 -59.32 -114.72 -52.11
CA LYS LA 182 -59.54 -113.87 -50.94
C LYS LA 182 -59.97 -114.67 -49.74
N GLU LA 183 -60.77 -115.72 -49.97
CA GLU LA 183 -61.50 -116.37 -48.90
C GLU LA 183 -60.60 -117.24 -48.03
N MET LA 184 -59.45 -117.63 -48.55
CA MET LA 184 -58.50 -118.39 -47.73
C MET LA 184 -57.60 -117.45 -46.94
N THR LA 185 -57.37 -117.81 -45.68
CA THR LA 185 -56.48 -117.03 -44.83
C THR LA 185 -55.03 -117.25 -45.22
N CYS LA 186 -54.22 -116.19 -45.07
CA CYS LA 186 -52.98 -116.12 -45.81
C CYS LA 186 -51.85 -116.86 -45.10
N ARG LA 187 -51.93 -116.96 -43.78
CA ARG LA 187 -50.99 -117.81 -43.06
C ARG LA 187 -51.28 -119.28 -43.35
N ASP LA 188 -52.50 -119.60 -43.79
CA ASP LA 188 -52.77 -120.92 -44.32
C ASP LA 188 -52.29 -121.03 -45.77
N ILE LA 189 -52.29 -119.91 -46.50
CA ILE LA 189 -51.75 -119.87 -47.86
C ILE LA 189 -50.26 -120.17 -47.86
N VAL LA 190 -49.56 -119.91 -46.74
CA VAL LA 190 -48.16 -120.35 -46.59
C VAL LA 190 -48.04 -121.87 -46.78
N LYS LA 191 -48.82 -122.64 -46.02
CA LYS LA 191 -48.72 -124.08 -46.16
C LYS LA 191 -49.39 -124.59 -47.43
N GLU LA 192 -50.27 -123.80 -48.05
CA GLU LA 192 -50.80 -124.19 -49.35
C GLU LA 192 -49.71 -124.11 -50.42
N VAL LA 193 -48.92 -123.04 -50.39
CA VAL LA 193 -47.73 -122.93 -51.23
C VAL LA 193 -46.78 -124.08 -50.96
N ALA LA 194 -46.61 -124.45 -49.69
CA ALA LA 194 -45.77 -125.59 -49.35
C ALA LA 194 -46.26 -126.88 -49.98
N LYS LA 195 -47.58 -127.14 -49.94
CA LYS LA 195 -48.07 -128.41 -50.46
C LYS LA 195 -48.06 -128.42 -51.98
N ILE LA 196 -48.20 -127.26 -52.62
CA ILE LA 196 -47.97 -127.19 -54.07
C ILE LA 196 -46.52 -127.50 -54.40
N ILE LA 197 -45.58 -127.01 -53.59
CA ILE LA 197 -44.16 -127.26 -53.88
C ILE LA 197 -43.81 -128.73 -53.68
N TYR LA 198 -44.31 -129.37 -52.62
CA TYR LA 198 -43.92 -130.77 -52.41
C TYR LA 198 -44.66 -131.70 -53.37
N ILE LA 199 -45.94 -131.45 -53.66
CA ILE LA 199 -46.70 -132.38 -54.49
C ILE LA 199 -46.21 -132.32 -55.94
N VAL LA 200 -45.79 -131.14 -56.39
CA VAL LA 200 -45.19 -131.06 -57.71
C VAL LA 200 -43.75 -131.55 -57.59
N HIS LA 201 -43.11 -131.84 -58.74
CA HIS LA 201 -41.71 -132.25 -58.83
C HIS LA 201 -41.41 -133.53 -58.05
N ASP LA 202 -41.92 -134.64 -58.59
CA ASP LA 202 -41.61 -136.00 -58.14
C ASP LA 202 -40.11 -136.22 -58.03
N GLU LA 203 -39.70 -137.04 -57.07
CA GLU LA 203 -38.28 -137.13 -56.71
C GLU LA 203 -37.50 -138.03 -57.65
N VAL LA 204 -38.13 -138.55 -58.70
CA VAL LA 204 -37.42 -139.41 -59.65
C VAL LA 204 -36.41 -138.59 -60.45
N LYS LA 205 -36.74 -137.33 -60.70
CA LYS LA 205 -35.75 -136.43 -61.28
C LYS LA 205 -34.69 -136.05 -60.26
N ASP LA 206 -35.09 -135.40 -59.17
CA ASP LA 206 -34.17 -134.96 -58.13
C ASP LA 206 -34.70 -135.42 -56.78
N LYS LA 207 -33.93 -136.27 -56.11
CA LYS LA 207 -34.44 -136.93 -54.91
C LYS LA 207 -34.49 -135.98 -53.71
N ALA LA 208 -33.67 -134.94 -53.71
CA ALA LA 208 -33.60 -134.01 -52.59
C ALA LA 208 -33.74 -132.58 -53.09
N PHE LA 209 -34.29 -131.73 -52.23
CA PHE LA 209 -34.60 -130.33 -52.55
C PHE LA 209 -34.93 -129.58 -51.28
N GLU LA 210 -35.00 -128.26 -51.40
CA GLU LA 210 -35.30 -127.39 -50.27
C GLU LA 210 -36.23 -126.27 -50.74
N LEU LA 211 -37.09 -125.82 -49.84
CA LEU LA 211 -38.11 -124.82 -50.11
C LEU LA 211 -37.74 -123.49 -49.48
N GLU LA 212 -37.83 -122.42 -50.26
CA GLU LA 212 -37.62 -121.06 -49.76
C GLU LA 212 -38.94 -120.31 -49.82
N LEU LA 213 -39.40 -119.80 -48.67
CA LEU LA 213 -40.68 -119.13 -48.58
C LEU LA 213 -40.47 -117.66 -48.30
N SER LA 214 -40.84 -116.82 -49.25
CA SER LA 214 -40.88 -115.38 -49.04
C SER LA 214 -42.32 -114.95 -48.79
N TRP LA 215 -42.49 -113.99 -47.90
CA TRP LA 215 -43.82 -113.64 -47.44
C TRP LA 215 -43.82 -112.17 -47.04
N VAL LA 216 -44.79 -111.44 -47.58
CA VAL LA 216 -44.93 -110.01 -47.31
C VAL LA 216 -46.42 -109.71 -47.17
N GLY LA 217 -46.76 -108.83 -46.25
CA GLY LA 217 -48.16 -108.50 -46.05
C GLY LA 217 -48.36 -107.68 -44.80
N GLU LA 218 -49.63 -107.57 -44.41
CA GLU LA 218 -50.06 -106.74 -43.29
C GLU LA 218 -49.49 -107.21 -41.97
N LEU LA 219 -49.33 -108.53 -41.80
CA LEU LA 219 -48.74 -109.06 -40.58
C LEU LA 219 -47.25 -108.69 -40.51
N THR LA 220 -46.61 -108.51 -41.66
CA THR LA 220 -45.24 -108.05 -41.70
C THR LA 220 -45.13 -106.54 -41.66
N ASN LA 221 -46.27 -105.83 -41.67
CA ASN LA 221 -46.37 -104.38 -41.47
C ASN LA 221 -45.59 -103.59 -42.52
N GLY LA 222 -45.78 -103.94 -43.79
CA GLY LA 222 -45.10 -103.27 -44.87
C GLY LA 222 -43.71 -103.76 -45.17
N ARG LA 223 -43.07 -104.46 -44.24
CA ARG LA 223 -41.73 -104.95 -44.49
C ARG LA 223 -41.79 -106.23 -45.32
N HIS LA 224 -40.79 -106.42 -46.17
CA HIS LA 224 -40.58 -107.70 -46.84
C HIS LA 224 -39.40 -108.39 -46.20
N GLU LA 225 -39.59 -109.65 -45.82
CA GLU LA 225 -38.48 -110.51 -45.47
C GLU LA 225 -38.87 -111.94 -45.80
N ILE LA 226 -37.87 -112.76 -46.07
CA ILE LA 226 -38.06 -114.19 -46.13
C ILE LA 226 -38.40 -114.69 -44.74
N VAL LA 227 -39.59 -115.27 -44.60
CA VAL LA 227 -39.97 -115.88 -43.33
C VAL LA 227 -39.13 -117.14 -43.13
N PRO LA 228 -38.76 -117.46 -41.91
CA PRO LA 228 -37.87 -118.61 -41.70
C PRO LA 228 -38.60 -119.91 -41.96
N LYS LA 229 -37.88 -120.85 -42.58
CA LYS LA 229 -38.45 -122.14 -42.96
C LYS LA 229 -38.91 -122.91 -41.73
N ASP LA 230 -38.16 -122.80 -40.62
CA ASP LA 230 -38.51 -123.52 -39.41
C ASP LA 230 -39.68 -122.90 -38.66
N ILE LA 231 -40.09 -121.68 -39.02
CA ILE LA 231 -41.25 -121.07 -38.40
C ILE LA 231 -42.51 -121.82 -38.81
N ARG LA 232 -43.18 -122.39 -37.81
CA ARG LA 232 -44.44 -123.13 -37.79
C ARG LA 232 -44.34 -124.53 -38.39
N GLU LA 233 -43.25 -124.80 -39.15
CA GLU LA 233 -42.82 -126.13 -39.62
C GLU LA 233 -43.96 -126.89 -40.32
N GLU LA 234 -44.87 -126.16 -40.94
CA GLU LA 234 -46.13 -126.76 -41.37
C GLU LA 234 -46.01 -127.50 -42.69
N ALA LA 235 -44.90 -127.30 -43.40
CA ALA LA 235 -44.71 -127.86 -44.73
C ALA LA 235 -44.66 -129.39 -44.71
N GLU LA 236 -43.64 -129.94 -44.06
CA GLU LA 236 -43.30 -131.35 -44.25
C GLU LA 236 -44.30 -132.27 -43.55
N LYS LA 237 -44.88 -131.79 -42.46
CA LYS LA 237 -45.84 -132.57 -41.67
C LYS LA 237 -47.08 -132.91 -42.48
N TYR LA 238 -47.49 -132.00 -43.35
CA TYR LA 238 -48.59 -132.32 -44.25
C TYR LA 238 -48.06 -132.92 -45.55
N ALA LA 239 -46.79 -132.63 -45.88
CA ALA LA 239 -46.25 -133.03 -47.18
C ALA LA 239 -46.04 -134.53 -47.27
N LYS LA 240 -45.49 -135.14 -46.22
CA LYS LA 240 -45.36 -136.59 -46.22
C LYS LA 240 -46.71 -137.26 -45.98
N GLU LA 241 -47.70 -136.50 -45.55
CA GLU LA 241 -49.06 -137.00 -45.47
C GLU LA 241 -49.90 -136.64 -46.68
N SER LA 242 -49.40 -135.83 -47.61
CA SER LA 242 -50.17 -135.52 -48.81
C SER LA 242 -49.75 -136.37 -50.00
N LEU LA 243 -48.88 -137.36 -49.83
CA LEU LA 243 -48.53 -138.23 -50.94
C LEU LA 243 -49.67 -139.16 -51.30
N LYS LA 244 -50.45 -139.61 -50.33
CA LYS LA 244 -51.52 -140.57 -50.54
C LYS LA 244 -52.71 -139.97 -51.29
N THR MA 1 -45.92 -60.05 -53.41
CA THR MA 1 -44.92 -60.26 -52.38
C THR MA 1 -45.50 -60.92 -51.15
N THR MA 2 -46.43 -60.23 -50.48
CA THR MA 2 -46.98 -60.78 -49.25
C THR MA 2 -47.98 -61.89 -49.55
N ILE MA 3 -47.64 -63.10 -49.13
CA ILE MA 3 -48.44 -64.27 -49.43
C ILE MA 3 -48.82 -64.98 -48.14
N MET MA 4 -49.74 -65.94 -48.25
CA MET MA 4 -50.48 -66.43 -47.11
C MET MA 4 -51.06 -67.80 -47.43
N ALA MA 5 -51.07 -68.69 -46.44
CA ALA MA 5 -51.62 -70.03 -46.63
C ALA MA 5 -52.07 -70.58 -45.29
N VAL MA 6 -53.32 -71.04 -45.23
CA VAL MA 6 -53.92 -71.60 -44.02
C VAL MA 6 -54.74 -72.82 -44.42
N GLN MA 7 -54.54 -73.94 -43.73
CA GLN MA 7 -55.39 -75.11 -43.91
C GLN MA 7 -56.48 -75.09 -42.84
N PHE MA 8 -57.70 -75.40 -43.24
CA PHE MA 8 -58.75 -75.75 -42.32
C PHE MA 8 -58.88 -77.27 -42.27
N ASP MA 9 -59.98 -77.76 -41.73
CA ASP MA 9 -60.26 -79.20 -41.62
C ASP MA 9 -60.20 -79.89 -42.97
N GLY MA 10 -61.10 -79.52 -43.89
CA GLY MA 10 -61.23 -80.23 -45.14
C GLY MA 10 -60.36 -79.76 -46.29
N GLY MA 11 -59.69 -78.62 -46.15
CA GLY MA 11 -58.93 -78.10 -47.27
C GLY MA 11 -58.10 -76.89 -46.85
N VAL MA 12 -57.64 -76.15 -47.86
CA VAL MA 12 -56.73 -75.04 -47.65
C VAL MA 12 -57.31 -73.77 -48.24
N VAL MA 13 -56.81 -72.64 -47.75
CA VAL MA 13 -57.17 -71.32 -48.24
C VAL MA 13 -55.89 -70.53 -48.45
N LEU MA 14 -55.70 -70.01 -49.65
CA LEU MA 14 -54.49 -69.26 -49.97
C LEU MA 14 -54.83 -67.79 -50.17
N GLY MA 15 -53.82 -66.95 -50.02
CA GLY MA 15 -53.99 -65.53 -50.22
C GLY MA 15 -52.66 -64.90 -50.60
N ALA MA 16 -52.76 -63.82 -51.37
CA ALA MA 16 -51.58 -63.13 -51.84
C ALA MA 16 -51.97 -61.72 -52.23
N ASP MA 17 -50.97 -60.84 -52.33
CA ASP MA 17 -51.20 -59.54 -52.89
C ASP MA 17 -51.14 -59.60 -54.41
N SER MA 18 -50.99 -58.45 -55.03
CA SER MA 18 -50.95 -58.37 -56.48
C SER MA 18 -49.78 -57.60 -57.02
N ARG MA 19 -49.10 -56.82 -56.18
CA ARG MA 19 -48.20 -55.76 -56.62
C ARG MA 19 -46.80 -56.32 -56.78
N THR MA 20 -46.20 -56.08 -57.94
CA THR MA 20 -44.86 -56.56 -58.24
C THR MA 20 -43.98 -55.36 -58.55
N THR MA 21 -43.03 -55.09 -57.66
CA THR MA 21 -42.31 -53.82 -57.68
C THR MA 21 -40.87 -54.05 -58.09
N THR MA 22 -40.23 -52.98 -58.53
CA THR MA 22 -38.81 -52.96 -58.85
C THR MA 22 -38.24 -51.59 -58.51
N GLY MA 23 -37.45 -51.54 -57.45
CA GLY MA 23 -36.99 -50.25 -56.96
C GLY MA 23 -38.11 -49.49 -56.32
N SER MA 24 -38.40 -48.30 -56.85
CA SER MA 24 -39.50 -47.50 -56.35
C SER MA 24 -40.69 -47.50 -57.29
N TYR MA 25 -40.45 -47.63 -58.59
CA TYR MA 25 -41.54 -47.67 -59.55
C TYR MA 25 -42.14 -49.07 -59.66
N ILE MA 26 -43.46 -49.12 -59.68
CA ILE MA 26 -44.20 -50.38 -59.78
C ILE MA 26 -44.20 -50.82 -61.24
N ALA MA 27 -43.78 -52.06 -61.48
CA ALA MA 27 -43.88 -52.64 -62.82
C ALA MA 27 -45.32 -53.01 -63.13
N ASN MA 28 -45.97 -53.73 -62.23
CA ASN MA 28 -47.28 -54.32 -62.49
C ASN MA 28 -48.19 -54.09 -61.30
N ARG MA 29 -49.44 -53.72 -61.59
CA ARG MA 29 -50.48 -53.67 -60.57
C ARG MA 29 -50.82 -55.04 -60.03
N VAL MA 30 -51.15 -55.98 -60.91
CA VAL MA 30 -51.81 -57.22 -60.52
C VAL MA 30 -51.23 -58.38 -61.31
N THR MA 31 -50.81 -59.42 -60.58
CA THR MA 31 -50.30 -60.64 -61.20
C THR MA 31 -50.76 -61.81 -60.34
N ASP MA 32 -51.08 -62.92 -60.98
CA ASP MA 32 -51.47 -64.15 -60.29
C ASP MA 32 -50.25 -64.71 -59.57
N LYS MA 33 -50.10 -64.34 -58.31
CA LYS MA 33 -49.01 -64.91 -57.51
C LYS MA 33 -49.26 -66.39 -57.26
N LEU MA 34 -50.49 -66.75 -56.92
CA LEU MA 34 -50.83 -68.15 -56.84
C LEU MA 34 -50.97 -68.75 -58.24
N THR MA 35 -50.52 -69.98 -58.39
CA THR MA 35 -50.36 -70.56 -59.72
C THR MA 35 -50.95 -71.95 -59.82
N PRO MA 36 -51.81 -72.20 -60.80
CA PRO MA 36 -52.40 -73.53 -60.97
C PRO MA 36 -51.47 -74.56 -61.57
N ILE MA 37 -50.70 -75.27 -60.73
CA ILE MA 37 -49.88 -76.37 -61.26
C ILE MA 37 -50.77 -77.52 -61.69
N HIS MA 38 -51.58 -78.03 -60.76
CA HIS MA 38 -52.49 -79.14 -61.03
C HIS MA 38 -53.89 -78.69 -60.64
N ASP MA 39 -54.86 -79.60 -60.72
CA ASP MA 39 -56.23 -79.26 -60.40
C ASP MA 39 -56.43 -78.97 -58.92
N ARG MA 40 -55.66 -79.62 -58.07
CA ARG MA 40 -55.84 -79.52 -56.64
C ARG MA 40 -54.63 -78.92 -55.92
N ILE MA 41 -53.66 -78.39 -56.66
CA ILE MA 41 -52.41 -77.93 -56.07
C ILE MA 41 -52.12 -76.53 -56.59
N PHE MA 42 -51.98 -75.57 -55.69
CA PHE MA 42 -51.50 -74.24 -56.01
C PHE MA 42 -50.13 -74.02 -55.37
N CYS MA 43 -49.42 -73.03 -55.90
CA CYS MA 43 -48.24 -72.52 -55.23
C CYS MA 43 -48.23 -71.00 -55.37
N CYS MA 44 -47.93 -70.32 -54.28
CA CYS MA 44 -47.74 -68.88 -54.29
C CYS MA 44 -46.28 -68.60 -53.98
N ARG MA 45 -45.79 -67.47 -54.47
CA ARG MA 45 -44.35 -67.29 -54.60
C ARG MA 45 -43.95 -65.87 -54.17
N SER MA 46 -42.65 -65.72 -53.90
CA SER MA 46 -42.09 -64.43 -53.52
C SER MA 46 -40.63 -64.40 -53.91
N GLY MA 47 -40.03 -63.22 -53.80
CA GLY MA 47 -38.66 -63.04 -54.22
C GLY MA 47 -38.58 -62.52 -55.64
N SER MA 48 -37.62 -63.00 -56.42
CA SER MA 48 -37.51 -62.62 -57.82
C SER MA 48 -38.64 -63.25 -58.61
N ALA MA 49 -39.02 -62.61 -59.72
CA ALA MA 49 -40.23 -63.03 -60.42
C ALA MA 49 -39.92 -64.04 -61.51
N ALA MA 50 -38.88 -63.77 -62.32
CA ALA MA 50 -38.59 -64.61 -63.47
C ALA MA 50 -38.11 -65.99 -63.05
N ASP MA 51 -37.35 -66.04 -61.95
CA ASP MA 51 -36.86 -67.31 -61.41
C ASP MA 51 -38.01 -68.21 -60.98
N THR MA 52 -38.97 -67.66 -60.23
CA THR MA 52 -40.07 -68.46 -59.75
C THR MA 52 -41.08 -68.75 -60.86
N GLN MA 53 -41.10 -67.94 -61.92
CA GLN MA 53 -41.93 -68.30 -63.07
C GLN MA 53 -41.34 -69.48 -63.82
N ALA MA 54 -40.02 -69.49 -64.02
CA ALA MA 54 -39.39 -70.61 -64.72
C ALA MA 54 -39.44 -71.88 -63.87
N VAL MA 55 -39.29 -71.74 -62.56
CA VAL MA 55 -39.45 -72.87 -61.64
C VAL MA 55 -40.88 -73.38 -61.68
N ALA MA 56 -41.85 -72.47 -61.79
CA ALA MA 56 -43.26 -72.87 -61.85
C ALA MA 56 -43.56 -73.64 -63.13
N ASP MA 57 -42.96 -73.22 -64.25
CA ASP MA 57 -43.15 -73.99 -65.49
C ASP MA 57 -42.45 -75.34 -65.42
N ALA MA 58 -41.28 -75.41 -64.77
CA ALA MA 58 -40.53 -76.65 -64.73
C ALA MA 58 -41.22 -77.69 -63.85
N VAL MA 59 -41.69 -77.27 -62.66
CA VAL MA 59 -42.43 -78.18 -61.81
C VAL MA 59 -43.79 -78.52 -62.41
N THR MA 60 -44.38 -77.59 -63.17
CA THR MA 60 -45.61 -77.90 -63.89
C THR MA 60 -45.39 -78.99 -64.94
N TYR MA 61 -44.25 -78.94 -65.62
CA TYR MA 61 -43.84 -79.97 -66.56
C TYR MA 61 -43.63 -81.33 -65.91
N GLN MA 62 -42.79 -81.38 -64.87
CA GLN MA 62 -42.46 -82.66 -64.24
C GLN MA 62 -43.67 -83.28 -63.55
N LEU MA 63 -44.45 -82.46 -62.86
CA LEU MA 63 -45.66 -82.97 -62.21
C LEU MA 63 -46.71 -83.33 -63.24
N GLY MA 64 -46.68 -82.69 -64.40
CA GLY MA 64 -47.62 -83.03 -65.46
C GLY MA 64 -47.34 -84.40 -66.05
N PHE MA 65 -46.09 -84.63 -66.49
CA PHE MA 65 -45.74 -85.91 -67.09
C PHE MA 65 -45.79 -87.04 -66.07
N HIS MA 66 -45.30 -86.78 -64.86
CA HIS MA 66 -45.36 -87.78 -63.80
C HIS MA 66 -46.79 -88.07 -63.38
N SER MA 67 -47.64 -87.04 -63.39
CA SER MA 67 -49.02 -87.22 -62.97
C SER MA 67 -49.85 -87.94 -64.02
N ILE MA 68 -49.49 -87.79 -65.30
CA ILE MA 68 -50.17 -88.58 -66.33
C ILE MA 68 -49.68 -90.02 -66.28
N GLU MA 69 -48.38 -90.22 -66.01
CA GLU MA 69 -47.84 -91.57 -66.06
C GLU MA 69 -48.23 -92.37 -64.82
N LEU MA 70 -48.56 -91.68 -63.72
CA LEU MA 70 -49.08 -92.36 -62.54
C LEU MA 70 -50.46 -92.95 -62.77
N ASN MA 71 -51.21 -92.39 -63.73
CA ASN MA 71 -52.60 -92.73 -64.05
C ASN MA 71 -53.48 -92.52 -62.81
N GLU MA 72 -53.11 -91.54 -62.00
CA GLU MA 72 -53.63 -91.33 -60.65
C GLU MA 72 -53.48 -89.87 -60.29
N PRO MA 73 -54.22 -89.39 -59.27
CA PRO MA 73 -53.95 -88.06 -58.77
C PRO MA 73 -52.61 -87.99 -58.07
N PRO MA 74 -51.85 -86.92 -58.27
CA PRO MA 74 -50.57 -86.78 -57.57
C PRO MA 74 -50.74 -86.17 -56.20
N LEU MA 75 -49.76 -86.44 -55.34
CA LEU MA 75 -49.79 -85.96 -53.97
C LEU MA 75 -49.37 -84.50 -53.92
N VAL MA 76 -49.55 -83.89 -52.74
CA VAL MA 76 -49.03 -82.55 -52.54
C VAL MA 76 -47.55 -82.61 -52.25
N HIS MA 77 -47.14 -83.53 -51.37
CA HIS MA 77 -45.75 -83.67 -50.98
C HIS MA 77 -44.87 -84.10 -52.14
N THR MA 78 -45.44 -84.84 -53.09
CA THR MA 78 -44.79 -85.12 -54.35
C THR MA 78 -44.47 -83.82 -55.10
N ALA MA 79 -45.41 -82.88 -55.10
CA ALA MA 79 -45.17 -81.62 -55.80
C ALA MA 79 -44.21 -80.73 -55.03
N ALA MA 80 -44.14 -80.89 -53.71
CA ALA MA 80 -43.22 -80.06 -52.95
C ALA MA 80 -41.79 -80.59 -53.00
N SER MA 81 -41.64 -81.90 -53.24
CA SER MA 81 -40.29 -82.47 -53.33
C SER MA 81 -39.55 -81.94 -54.55
N LEU MA 82 -40.27 -81.67 -55.63
CA LEU MA 82 -39.63 -81.17 -56.83
C LEU MA 82 -39.17 -79.72 -56.65
N PHE MA 83 -39.95 -78.91 -55.95
CA PHE MA 83 -39.47 -77.59 -55.55
C PHE MA 83 -38.28 -77.69 -54.61
N LYS MA 84 -38.26 -78.71 -53.76
CA LYS MA 84 -37.10 -78.87 -52.87
C LYS MA 84 -35.85 -79.19 -53.65
N GLU MA 85 -35.96 -80.04 -54.67
CA GLU MA 85 -34.78 -80.45 -55.41
C GLU MA 85 -34.30 -79.37 -56.36
N MET MA 86 -35.23 -78.68 -57.02
CA MET MA 86 -34.79 -77.65 -57.96
C MET MA 86 -34.42 -76.35 -57.27
N CYS MA 87 -35.01 -76.07 -56.11
CA CYS MA 87 -34.65 -74.85 -55.40
C CYS MA 87 -33.42 -75.08 -54.54
N TYR MA 88 -33.15 -76.34 -54.18
CA TYR MA 88 -31.94 -76.63 -53.41
C TYR MA 88 -30.74 -76.86 -54.32
N ARG MA 89 -30.97 -77.37 -55.53
CA ARG MA 89 -29.86 -77.72 -56.42
C ARG MA 89 -29.14 -76.47 -56.92
N TYR MA 90 -29.88 -75.39 -57.15
CA TYR MA 90 -29.33 -74.17 -57.71
C TYR MA 90 -29.47 -72.98 -56.77
N ARG MA 91 -29.16 -73.15 -55.48
CA ARG MA 91 -29.44 -72.11 -54.50
C ARG MA 91 -28.44 -70.96 -54.55
N GLU MA 92 -27.44 -71.02 -55.41
CA GLU MA 92 -26.47 -69.94 -55.47
C GLU MA 92 -27.01 -68.77 -56.28
N ASP MA 93 -27.98 -69.01 -57.15
CA ASP MA 93 -28.53 -67.96 -58.00
C ASP MA 93 -30.05 -68.00 -58.10
N LEU MA 94 -30.75 -68.26 -57.00
CA LEU MA 94 -32.20 -68.19 -56.94
C LEU MA 94 -32.62 -67.49 -55.65
N MET MA 95 -33.86 -67.02 -55.63
CA MET MA 95 -34.50 -66.55 -54.40
C MET MA 95 -35.90 -67.12 -54.36
N ALA MA 96 -36.03 -68.30 -53.77
CA ALA MA 96 -37.27 -69.08 -53.82
C ALA MA 96 -38.10 -68.79 -52.58
N GLY MA 97 -39.30 -68.27 -52.81
CA GLY MA 97 -40.26 -68.11 -51.73
C GLY MA 97 -41.49 -68.95 -51.98
N ILE MA 98 -41.28 -70.16 -52.45
CA ILE MA 98 -42.40 -71.00 -52.88
C ILE MA 98 -43.13 -71.55 -51.66
N ILE MA 99 -44.44 -71.37 -51.62
CA ILE MA 99 -45.30 -72.00 -50.64
C ILE MA 99 -46.28 -72.90 -51.37
N ILE MA 100 -46.21 -74.20 -51.10
CA ILE MA 100 -47.06 -75.18 -51.75
C ILE MA 100 -48.21 -75.50 -50.81
N ALA MA 101 -49.43 -75.48 -51.34
CA ALA MA 101 -50.59 -75.89 -50.55
C ALA MA 101 -51.60 -76.50 -51.49
N GLY MA 102 -52.37 -77.45 -50.96
CA GLY MA 102 -53.37 -78.12 -51.77
C GLY MA 102 -53.97 -79.28 -51.01
N TRP MA 103 -55.09 -79.76 -51.54
CA TRP MA 103 -55.80 -80.88 -50.96
C TRP MA 103 -55.45 -82.16 -51.70
N ASP MA 104 -55.39 -83.26 -50.95
CA ASP MA 104 -55.12 -84.54 -51.55
C ASP MA 104 -56.22 -85.53 -51.18
N PRO MA 105 -56.57 -86.46 -52.08
CA PRO MA 105 -57.58 -87.47 -51.72
C PRO MA 105 -57.15 -88.43 -50.63
N GLN MA 106 -55.86 -88.59 -50.40
CA GLN MA 106 -55.43 -89.49 -49.33
C GLN MA 106 -55.26 -88.74 -48.01
N GLU MA 107 -54.58 -87.60 -48.03
CA GLU MA 107 -54.04 -87.03 -46.81
C GLU MA 107 -54.74 -85.77 -46.34
N GLY MA 108 -55.87 -85.40 -46.92
CA GLY MA 108 -56.53 -84.20 -46.45
C GLY MA 108 -55.80 -82.95 -46.90
N GLY MA 109 -56.14 -81.83 -46.29
CA GLY MA 109 -55.50 -80.57 -46.65
C GLY MA 109 -54.08 -80.52 -46.12
N GLN MA 110 -53.19 -79.87 -46.87
CA GLN MA 110 -51.79 -79.76 -46.53
C GLN MA 110 -51.23 -78.42 -46.99
N VAL MA 111 -50.31 -77.88 -46.20
CA VAL MA 111 -49.59 -76.66 -46.53
C VAL MA 111 -48.11 -76.87 -46.25
N TYR MA 112 -47.28 -76.72 -47.28
CA TYR MA 112 -45.84 -76.78 -47.11
C TYR MA 112 -45.25 -75.41 -47.37
N SER MA 113 -44.00 -75.22 -46.95
CA SER MA 113 -43.30 -73.96 -47.14
C SER MA 113 -41.86 -74.25 -47.56
N VAL MA 114 -41.42 -73.55 -48.61
CA VAL MA 114 -40.04 -73.67 -49.06
C VAL MA 114 -39.44 -72.26 -49.07
N PRO MA 115 -38.64 -71.90 -48.08
CA PRO MA 115 -37.95 -70.62 -48.10
C PRO MA 115 -36.69 -70.69 -48.95
N MET MA 116 -35.88 -69.63 -48.85
CA MET MA 116 -34.77 -69.41 -49.77
C MET MA 116 -33.70 -70.49 -49.72
N GLY MA 117 -33.59 -71.18 -48.59
CA GLY MA 117 -32.58 -72.22 -48.47
C GLY MA 117 -32.94 -73.52 -49.17
N GLY MA 118 -34.16 -73.63 -49.69
CA GLY MA 118 -34.59 -74.84 -50.33
C GLY MA 118 -35.07 -75.93 -49.40
N MET MA 119 -35.09 -75.68 -48.09
CA MET MA 119 -35.62 -76.64 -47.13
C MET MA 119 -37.13 -76.78 -47.28
N MET MA 120 -37.66 -77.83 -46.67
CA MET MA 120 -39.07 -78.17 -46.77
C MET MA 120 -39.55 -78.65 -45.43
N VAL MA 121 -40.71 -78.15 -45.00
CA VAL MA 121 -41.30 -78.56 -43.74
C VAL MA 121 -42.81 -78.40 -43.88
N ARG MA 122 -43.57 -79.17 -43.12
CA ARG MA 122 -45.02 -79.07 -43.15
C ARG MA 122 -45.47 -78.15 -42.03
N GLN MA 123 -46.35 -77.20 -42.38
CA GLN MA 123 -46.90 -76.27 -41.41
C GLN MA 123 -48.41 -76.23 -41.52
N SER MA 124 -49.05 -75.87 -40.40
CA SER MA 124 -50.49 -75.72 -40.37
C SER MA 124 -50.91 -74.39 -40.97
N PHE MA 125 -50.02 -73.40 -40.91
CA PHE MA 125 -50.26 -72.15 -41.61
C PHE MA 125 -48.92 -71.61 -42.08
N ALA MA 126 -48.96 -70.81 -43.14
CA ALA MA 126 -47.74 -70.36 -43.78
C ALA MA 126 -47.84 -68.88 -44.13
N ILE MA 127 -46.67 -68.24 -44.11
CA ILE MA 127 -46.52 -66.80 -44.21
C ILE MA 127 -45.17 -66.52 -44.85
N GLY MA 128 -45.20 -65.79 -45.97
CA GLY MA 128 -44.02 -65.68 -46.79
C GLY MA 128 -43.88 -64.29 -47.34
N GLY MA 129 -42.75 -64.05 -47.99
CA GLY MA 129 -42.45 -62.76 -48.56
C GLY MA 129 -41.97 -61.77 -47.52
N SER MA 130 -41.64 -60.57 -48.00
CA SER MA 130 -41.06 -59.56 -47.12
C SER MA 130 -42.09 -58.94 -46.20
N GLY MA 131 -43.36 -58.94 -46.59
CA GLY MA 131 -44.36 -58.26 -45.79
C GLY MA 131 -44.81 -59.05 -44.58
N SER MA 132 -44.55 -60.36 -44.57
CA SER MA 132 -45.11 -61.23 -43.54
C SER MA 132 -44.48 -61.01 -42.16
N SER MA 133 -43.29 -60.40 -42.12
CA SER MA 133 -42.66 -60.06 -40.84
C SER MA 133 -43.49 -59.05 -40.07
N TYR MA 134 -44.28 -58.26 -40.77
CA TYR MA 134 -45.17 -57.31 -40.12
C TYR MA 134 -46.42 -57.96 -39.55
N ILE MA 135 -46.68 -59.23 -39.87
CA ILE MA 135 -47.87 -59.90 -39.36
C ILE MA 135 -47.60 -61.24 -38.73
N TYR MA 136 -46.35 -61.56 -38.36
CA TYR MA 136 -46.11 -62.72 -37.50
C TYR MA 136 -46.85 -62.58 -36.18
N GLY MA 137 -46.81 -61.38 -35.60
CA GLY MA 137 -47.47 -61.17 -34.31
C GLY MA 137 -48.98 -61.28 -34.40
N TYR MA 138 -49.57 -60.73 -35.46
CA TYR MA 138 -51.01 -60.83 -35.63
C TYR MA 138 -51.42 -62.26 -35.98
N VAL MA 139 -50.58 -62.96 -36.73
CA VAL MA 139 -50.96 -64.30 -37.16
C VAL MA 139 -50.75 -65.30 -36.04
N ASP MA 140 -49.98 -64.94 -35.01
CA ASP MA 140 -49.92 -65.82 -33.84
C ASP MA 140 -51.11 -65.63 -32.94
N ALA MA 141 -51.36 -64.39 -32.51
CA ALA MA 141 -52.40 -64.14 -31.52
C ALA MA 141 -53.79 -64.29 -32.11
N THR MA 142 -53.95 -64.08 -33.41
CA THR MA 142 -55.28 -64.12 -33.99
C THR MA 142 -55.64 -65.55 -34.39
N TYR MA 143 -54.66 -66.44 -34.43
CA TYR MA 143 -54.88 -67.80 -34.92
C TYR MA 143 -55.75 -68.60 -33.96
N ARG MA 144 -56.62 -69.42 -34.55
CA ARG MA 144 -57.54 -70.25 -33.79
C ARG MA 144 -57.60 -71.60 -34.47
N GLU MA 145 -57.25 -72.64 -33.72
CA GLU MA 145 -57.23 -73.98 -34.31
C GLU MA 145 -58.65 -74.51 -34.50
N GLY MA 146 -58.93 -74.94 -35.73
CA GLY MA 146 -60.25 -75.43 -36.07
C GLY MA 146 -61.16 -74.36 -36.65
N MET MA 147 -60.69 -73.67 -37.67
CA MET MA 147 -61.47 -72.63 -38.33
C MET MA 147 -62.47 -73.26 -39.28
N THR MA 148 -63.56 -72.54 -39.55
CA THR MA 148 -64.37 -72.82 -40.72
C THR MA 148 -63.81 -72.08 -41.92
N LYS MA 149 -64.42 -72.30 -43.07
CA LYS MA 149 -63.88 -71.72 -44.31
C LYS MA 149 -64.08 -70.22 -44.36
N GLU MA 150 -65.25 -69.75 -43.91
CA GLU MA 150 -65.54 -68.32 -43.92
C GLU MA 150 -64.64 -67.56 -42.95
N GLU MA 151 -64.27 -68.21 -41.85
CA GLU MA 151 -63.36 -67.57 -40.92
C GLU MA 151 -61.92 -67.67 -41.39
N CYS MA 152 -61.62 -68.62 -42.28
CA CYS MA 152 -60.32 -68.63 -42.93
C CYS MA 152 -60.19 -67.44 -43.88
N LEU MA 153 -61.22 -67.22 -44.71
CA LEU MA 153 -61.19 -66.10 -45.65
C LEU MA 153 -61.23 -64.77 -44.91
N GLN MA 154 -61.95 -64.72 -43.78
CA GLN MA 154 -61.93 -63.54 -42.93
C GLN MA 154 -60.54 -63.33 -42.34
N PHE MA 155 -59.89 -64.41 -41.94
CA PHE MA 155 -58.59 -64.33 -41.28
C PHE MA 155 -57.50 -63.85 -42.23
N THR MA 156 -57.42 -64.46 -43.41
CA THR MA 156 -56.41 -64.04 -44.38
C THR MA 156 -56.77 -62.68 -44.99
N ALA MA 157 -58.05 -62.34 -44.99
CA ALA MA 157 -58.46 -61.01 -45.42
C ALA MA 157 -57.94 -59.94 -44.49
N ASN MA 158 -58.09 -60.14 -43.18
CA ASN MA 158 -57.54 -59.18 -42.24
C ASN MA 158 -56.02 -59.19 -42.25
N ALA MA 159 -55.42 -60.37 -42.47
CA ALA MA 159 -53.96 -60.47 -42.46
C ALA MA 159 -53.33 -59.73 -43.63
N LEU MA 160 -53.90 -59.90 -44.82
CA LEU MA 160 -53.38 -59.16 -45.97
C LEU MA 160 -53.82 -57.71 -45.92
N ALA MA 161 -54.87 -57.39 -45.15
CA ALA MA 161 -55.22 -55.99 -44.95
C ALA MA 161 -54.16 -55.27 -44.12
N LEU MA 162 -53.70 -55.90 -43.04
CA LEU MA 162 -52.71 -55.26 -42.19
C LEU MA 162 -51.34 -55.25 -42.85
N ALA MA 163 -50.96 -56.38 -43.43
CA ALA MA 163 -49.66 -56.52 -44.10
C ALA MA 163 -49.55 -55.61 -45.31
N MET MA 164 -50.59 -55.60 -46.15
CA MET MA 164 -50.57 -54.72 -47.31
C MET MA 164 -50.78 -53.27 -46.92
N GLU MA 165 -51.34 -53.03 -45.74
CA GLU MA 165 -51.53 -51.65 -45.30
C GLU MA 165 -50.22 -51.03 -44.84
N ARG MA 166 -49.51 -51.69 -43.91
CA ARG MA 166 -48.39 -51.03 -43.26
C ARG MA 166 -47.13 -51.08 -44.12
N ASP MA 167 -46.94 -52.17 -44.86
CA ASP MA 167 -45.78 -52.29 -45.74
C ASP MA 167 -45.96 -51.44 -46.98
N GLY MA 168 -44.83 -51.07 -47.59
CA GLY MA 168 -44.82 -50.25 -48.78
C GLY MA 168 -44.79 -51.01 -50.09
N SER MA 169 -44.02 -52.11 -50.14
CA SER MA 169 -43.88 -52.87 -51.38
C SER MA 169 -45.16 -53.61 -51.72
N SER MA 170 -45.77 -54.25 -50.72
CA SER MA 170 -47.02 -54.96 -50.94
C SER MA 170 -48.16 -53.98 -51.08
N GLY MA 171 -49.02 -54.20 -52.07
CA GLY MA 171 -50.20 -53.38 -52.22
C GLY MA 171 -51.09 -53.94 -53.31
N GLY MA 172 -51.99 -53.09 -53.80
CA GLY MA 172 -52.91 -53.53 -54.82
C GLY MA 172 -54.14 -54.20 -54.23
N VAL MA 173 -54.59 -55.25 -54.91
CA VAL MA 173 -55.80 -55.93 -54.49
C VAL MA 173 -55.44 -57.26 -53.86
N ILE MA 174 -56.36 -57.82 -53.08
CA ILE MA 174 -56.17 -59.10 -52.42
C ILE MA 174 -56.74 -60.20 -53.29
N ARG MA 175 -55.92 -61.19 -53.60
CA ARG MA 175 -56.38 -62.38 -54.29
C ARG MA 175 -56.51 -63.54 -53.30
N LEU MA 176 -57.64 -64.21 -53.35
CA LEU MA 176 -57.92 -65.34 -52.46
C LEU MA 176 -58.32 -66.55 -53.27
N ALA MA 177 -58.19 -67.72 -52.66
CA ALA MA 177 -58.51 -68.99 -53.30
C ALA MA 177 -58.74 -70.02 -52.22
N ALA MA 178 -59.75 -70.87 -52.41
CA ALA MA 178 -60.09 -71.92 -51.46
C ALA MA 178 -60.12 -73.23 -52.22
N ILE MA 179 -59.56 -74.27 -51.62
CA ILE MA 179 -59.40 -75.57 -52.26
C ILE MA 179 -59.97 -76.64 -51.35
N ALA MA 180 -60.87 -77.45 -51.90
CA ALA MA 180 -61.39 -78.63 -51.22
C ALA MA 180 -61.56 -79.72 -52.27
N GLU MA 181 -62.29 -80.79 -51.91
CA GLU MA 181 -62.63 -81.79 -52.91
C GLU MA 181 -63.63 -81.24 -53.92
N SER MA 182 -64.47 -80.29 -53.50
CA SER MA 182 -65.53 -79.74 -54.34
C SER MA 182 -65.03 -78.84 -55.46
N GLY MA 183 -63.73 -78.60 -55.57
CA GLY MA 183 -63.18 -77.74 -56.59
C GLY MA 183 -62.43 -76.57 -55.99
N VAL MA 184 -61.99 -75.69 -56.88
CA VAL MA 184 -61.30 -74.48 -56.48
C VAL MA 184 -62.20 -73.29 -56.73
N GLU MA 185 -62.35 -72.43 -55.72
CA GLU MA 185 -63.29 -71.33 -55.75
C GLU MA 185 -62.53 -70.02 -55.64
N ARG MA 186 -62.02 -69.52 -56.76
CA ARG MA 186 -61.18 -68.34 -56.76
C ARG MA 186 -62.03 -67.09 -56.84
N GLN MA 187 -61.57 -66.05 -56.17
CA GLN MA 187 -62.26 -64.76 -56.16
C GLN MA 187 -61.22 -63.69 -55.83
N VAL MA 188 -61.58 -62.43 -56.07
CA VAL MA 188 -60.73 -61.29 -55.79
C VAL MA 188 -61.57 -60.24 -55.10
N LEU MA 189 -61.23 -59.91 -53.86
CA LEU MA 189 -62.00 -58.93 -53.10
C LEU MA 189 -61.11 -57.78 -52.66
N LEU MA 190 -61.75 -56.68 -52.30
CA LEU MA 190 -61.07 -55.49 -51.83
C LEU MA 190 -61.90 -54.80 -50.76
N GLY MA 191 -61.33 -54.70 -49.57
CA GLY MA 191 -62.03 -54.17 -48.41
C GLY MA 191 -61.27 -54.38 -47.13
N THR NA 1 -36.16 -43.43 -76.43
CA THR NA 1 -36.96 -44.60 -76.81
C THR NA 1 -38.10 -44.82 -75.83
N THR NA 2 -39.32 -44.79 -76.34
CA THR NA 2 -40.52 -45.00 -75.54
C THR NA 2 -41.50 -45.82 -76.34
N ILE NA 3 -41.83 -47.00 -75.85
CA ILE NA 3 -42.78 -47.87 -76.54
C ILE NA 3 -43.98 -48.07 -75.64
N ALA NA 4 -45.11 -48.44 -76.25
CA ALA NA 4 -46.34 -48.62 -75.52
C ALA NA 4 -47.28 -49.52 -76.32
N GLY NA 5 -48.25 -50.08 -75.62
CA GLY NA 5 -49.26 -50.91 -76.24
C GLY NA 5 -50.54 -50.84 -75.46
N VAL NA 6 -51.62 -51.24 -76.13
CA VAL NA 6 -52.95 -51.18 -75.53
C VAL NA 6 -53.82 -52.23 -76.22
N VAL NA 7 -54.87 -52.65 -75.53
CA VAL NA 7 -55.83 -53.62 -76.07
C VAL NA 7 -57.18 -52.94 -76.11
N TYR NA 8 -57.70 -52.69 -77.30
CA TYR NA 8 -59.07 -52.19 -77.40
C TYR NA 8 -60.00 -53.39 -77.48
N LYS NA 9 -61.26 -53.14 -77.85
CA LYS NA 9 -62.31 -54.15 -77.72
C LYS NA 9 -62.11 -55.31 -78.69
N ASP NA 10 -61.37 -55.09 -79.77
CA ASP NA 10 -61.17 -56.13 -80.77
C ASP NA 10 -59.71 -56.46 -81.04
N GLY NA 11 -58.82 -55.48 -80.96
CA GLY NA 11 -57.44 -55.72 -81.34
C GLY NA 11 -56.41 -55.00 -80.49
N ILE NA 12 -55.19 -54.91 -81.01
CA ILE NA 12 -54.05 -54.42 -80.25
C ILE NA 12 -53.40 -53.28 -81.03
N VAL NA 13 -53.09 -52.20 -80.33
CA VAL NA 13 -52.42 -51.04 -80.92
C VAL NA 13 -51.08 -50.85 -80.21
N LEU NA 14 -49.99 -50.98 -80.96
CA LEU NA 14 -48.65 -50.76 -80.47
C LEU NA 14 -48.14 -49.43 -81.01
N GLY NA 15 -47.14 -48.88 -80.32
CA GLY NA 15 -46.58 -47.61 -80.72
C GLY NA 15 -45.18 -47.42 -80.19
N ALA NA 16 -44.44 -46.51 -80.81
CA ALA NA 16 -43.05 -46.25 -80.45
C ALA NA 16 -42.63 -44.92 -81.06
N ASP NA 17 -41.54 -44.39 -80.54
CA ASP NA 17 -40.85 -43.32 -81.25
C ASP NA 17 -39.84 -43.92 -82.22
N THR NA 18 -38.97 -43.06 -82.77
CA THR NA 18 -37.89 -43.52 -83.63
C THR NA 18 -36.54 -42.92 -83.30
N ARG NA 19 -36.38 -42.23 -82.17
CA ARG NA 19 -35.07 -41.74 -81.79
C ARG NA 19 -34.25 -42.84 -81.13
N ALA NA 20 -33.04 -43.07 -81.64
CA ALA NA 20 -32.12 -44.04 -81.07
C ALA NA 20 -30.80 -43.35 -80.78
N THR NA 21 -30.51 -43.14 -79.50
CA THR NA 21 -29.35 -42.39 -79.07
C THR NA 21 -28.21 -43.33 -78.73
N GLU NA 22 -26.99 -42.82 -78.85
CA GLU NA 22 -25.80 -43.52 -78.39
C GLU NA 22 -24.95 -42.53 -77.61
N GLY NA 23 -24.70 -42.84 -76.34
CA GLY NA 23 -24.11 -41.84 -75.46
C GLY NA 23 -25.13 -40.76 -75.19
N MET NA 24 -24.70 -39.51 -75.36
CA MET NA 24 -25.61 -38.38 -75.25
C MET NA 24 -25.77 -37.64 -76.56
N VAL NA 25 -25.41 -38.25 -77.67
CA VAL NA 25 -25.61 -37.67 -78.99
C VAL NA 25 -26.58 -38.55 -79.75
N VAL NA 26 -27.59 -37.92 -80.36
CA VAL NA 26 -28.60 -38.65 -81.10
C VAL NA 26 -27.98 -39.24 -82.37
N ALA NA 27 -28.03 -40.56 -82.49
CA ALA NA 27 -27.40 -41.25 -83.62
C ALA NA 27 -28.32 -41.23 -84.83
N ASP NA 28 -29.61 -41.45 -84.62
CA ASP NA 28 -30.56 -41.61 -85.72
C ASP NA 28 -31.81 -40.80 -85.43
N LYS NA 29 -32.38 -40.20 -86.47
CA LYS NA 29 -33.69 -39.58 -86.35
C LYS NA 29 -34.81 -40.57 -86.64
N ASN NA 30 -34.74 -41.27 -87.77
CA ASN NA 30 -35.77 -42.20 -88.19
C ASN NA 30 -35.22 -43.60 -88.08
N CYS NA 31 -35.56 -44.28 -86.99
CA CYS NA 31 -35.21 -45.68 -86.81
C CYS NA 31 -36.47 -46.51 -87.03
N SER NA 32 -36.39 -47.80 -86.70
CA SER NA 32 -37.53 -48.68 -86.74
C SER NA 32 -37.40 -49.73 -85.66
N LYS NA 33 -38.41 -49.83 -84.81
CA LYS NA 33 -38.36 -50.75 -83.68
C LYS NA 33 -39.45 -51.82 -83.73
N ILE NA 34 -40.57 -51.55 -84.39
CA ILE NA 34 -41.63 -52.54 -84.49
C ILE NA 34 -41.23 -53.57 -85.53
N HIS NA 35 -41.04 -54.81 -85.11
CA HIS NA 35 -40.52 -55.86 -85.97
C HIS NA 35 -41.63 -56.75 -86.48
N PHE NA 36 -41.23 -57.74 -87.26
CA PHE NA 36 -42.12 -58.78 -87.77
C PHE NA 36 -41.85 -60.08 -87.03
N ILE NA 37 -42.91 -60.78 -86.67
CA ILE NA 37 -42.78 -62.14 -86.12
C ILE NA 37 -43.57 -63.08 -87.00
N SER NA 38 -44.87 -62.83 -87.10
CA SER NA 38 -45.81 -63.61 -87.87
C SER NA 38 -46.73 -62.59 -88.52
N PRO NA 39 -47.60 -63.02 -89.46
CA PRO NA 39 -48.62 -62.07 -89.96
C PRO NA 39 -49.62 -61.56 -88.92
N ASN NA 40 -49.69 -62.14 -87.72
CA ASN NA 40 -50.59 -61.62 -86.70
C ASN NA 40 -49.89 -61.10 -85.46
N ILE NA 41 -48.59 -61.33 -85.30
CA ILE NA 41 -47.87 -60.96 -84.08
C ILE NA 41 -46.75 -60.01 -84.43
N TYR NA 42 -46.73 -58.84 -83.81
CA TYR NA 42 -45.64 -57.90 -83.89
C TYR NA 42 -45.07 -57.64 -82.51
N CYS NA 43 -43.82 -57.17 -82.48
CA CYS NA 43 -43.11 -56.97 -81.24
C CYS NA 43 -42.37 -55.65 -81.27
N CYS NA 44 -42.26 -55.01 -80.11
CA CYS NA 44 -41.54 -53.76 -79.96
C CYS NA 44 -40.33 -54.00 -79.07
N GLY NA 45 -39.21 -53.37 -79.40
CA GLY NA 45 -37.99 -53.50 -78.64
C GLY NA 45 -37.63 -52.23 -77.91
N ALA NA 46 -36.77 -52.40 -76.90
CA ALA NA 46 -36.28 -51.27 -76.11
C ALA NA 46 -34.95 -51.67 -75.49
N GLY NA 47 -34.30 -50.71 -74.86
CA GLY NA 47 -33.00 -50.98 -74.26
C GLY NA 47 -31.93 -51.08 -75.31
N THR NA 48 -31.08 -52.08 -75.19
CA THR NA 48 -30.04 -52.33 -76.18
C THR NA 48 -30.68 -52.87 -77.46
N ALA NA 49 -30.42 -52.21 -78.58
CA ALA NA 49 -31.20 -52.48 -79.79
C ALA NA 49 -30.74 -53.77 -80.47
N ALA NA 50 -29.45 -54.07 -80.43
CA ALA NA 50 -28.94 -55.24 -81.15
C ALA NA 50 -29.41 -56.54 -80.52
N ASP NA 51 -29.53 -56.56 -79.19
CA ASP NA 51 -30.02 -57.72 -78.48
C ASP NA 51 -31.47 -58.02 -78.84
N THR NA 52 -32.29 -56.97 -78.89
CA THR NA 52 -33.69 -57.14 -79.26
C THR NA 52 -33.81 -57.53 -80.73
N ASP NA 53 -32.92 -57.03 -81.58
CA ASP NA 53 -32.98 -57.36 -83.01
C ASP NA 53 -32.67 -58.82 -83.25
N MET NA 54 -31.55 -59.30 -82.72
CA MET NA 54 -31.16 -60.69 -82.98
C MET NA 54 -32.07 -61.66 -82.23
N THR NA 55 -32.57 -61.23 -81.07
CA THR NA 55 -33.54 -62.04 -80.33
C THR NA 55 -34.84 -62.19 -81.11
N THR NA 56 -35.35 -61.07 -81.63
CA THR NA 56 -36.65 -61.12 -82.29
C THR NA 56 -36.54 -61.76 -83.67
N GLN NA 57 -35.34 -61.77 -84.27
CA GLN NA 57 -35.19 -62.51 -85.52
C GLN NA 57 -35.06 -64.00 -85.26
N LEU NA 58 -34.44 -64.38 -84.13
CA LEU NA 58 -34.35 -65.79 -83.79
C LEU NA 58 -35.72 -66.37 -83.46
N ILE NA 59 -36.52 -65.64 -82.68
CA ILE NA 59 -37.85 -66.13 -82.33
C ILE NA 59 -38.77 -66.08 -83.54
N SER NA 60 -38.64 -65.05 -84.38
CA SER NA 60 -39.44 -64.96 -85.60
C SER NA 60 -39.15 -66.10 -86.56
N SER NA 61 -37.88 -66.45 -86.72
CA SER NA 61 -37.52 -67.56 -87.59
C SER NA 61 -38.00 -68.89 -87.02
N ASN NA 62 -37.88 -69.06 -85.70
CA ASN NA 62 -38.27 -70.33 -85.09
C ASN NA 62 -39.78 -70.52 -85.12
N LEU NA 63 -40.54 -69.43 -84.99
CA LEU NA 63 -41.99 -69.57 -85.08
C LEU NA 63 -42.48 -69.72 -86.51
N GLU NA 64 -41.75 -69.15 -87.49
CA GLU NA 64 -42.11 -69.44 -88.87
C GLU NA 64 -41.87 -70.91 -89.18
N LEU NA 65 -40.78 -71.47 -88.63
CA LEU NA 65 -40.54 -72.90 -88.72
C LEU NA 65 -41.65 -73.72 -88.05
N HIS NA 66 -42.10 -73.26 -86.88
CA HIS NA 66 -43.14 -73.96 -86.14
C HIS NA 66 -44.47 -73.94 -86.88
N SER NA 67 -44.94 -72.74 -87.23
CA SER NA 67 -46.25 -72.59 -87.84
C SER NA 67 -46.29 -73.21 -89.22
N LEU NA 68 -45.20 -73.11 -89.97
CA LEU NA 68 -45.17 -73.80 -91.24
C LEU NA 68 -45.02 -75.30 -91.07
N SER NA 69 -44.50 -75.74 -89.92
CA SER NA 69 -44.45 -77.17 -89.65
C SER NA 69 -45.82 -77.73 -89.33
N THR NA 70 -46.64 -76.99 -88.59
CA THR NA 70 -47.98 -77.46 -88.30
C THR NA 70 -48.93 -77.23 -89.45
N GLY NA 71 -48.89 -76.06 -90.07
CA GLY NA 71 -49.87 -75.69 -91.05
C GLY NA 71 -51.01 -74.86 -90.51
N ARG NA 72 -50.83 -74.21 -89.37
CA ARG NA 72 -51.88 -73.41 -88.76
C ARG NA 72 -51.37 -72.03 -88.38
N LEU NA 73 -52.26 -71.27 -87.78
CA LEU NA 73 -51.93 -69.92 -87.34
C LEU NA 73 -51.11 -70.00 -86.05
N PRO NA 74 -50.11 -69.13 -85.86
CA PRO NA 74 -49.32 -69.17 -84.62
C PRO NA 74 -50.10 -68.66 -83.42
N ARG NA 75 -49.63 -68.94 -82.22
CA ARG NA 75 -50.22 -68.40 -81.01
C ARG NA 75 -49.22 -67.53 -80.28
N VAL NA 76 -49.72 -66.60 -79.47
CA VAL NA 76 -48.84 -65.64 -78.82
C VAL NA 76 -48.07 -66.29 -77.68
N VAL NA 77 -48.71 -67.22 -76.95
CA VAL NA 77 -48.11 -67.79 -75.76
C VAL NA 77 -46.92 -68.68 -76.08
N THR NA 78 -46.83 -69.19 -77.32
CA THR NA 78 -45.65 -69.93 -77.73
C THR NA 78 -44.46 -68.98 -77.91
N ALA NA 79 -44.71 -67.82 -78.51
CA ALA NA 79 -43.68 -66.78 -78.61
C ALA NA 79 -43.24 -66.31 -77.23
N ASN NA 80 -44.20 -66.18 -76.32
CA ASN NA 80 -43.89 -65.73 -74.96
C ASN NA 80 -43.08 -66.79 -74.23
N ARG NA 81 -43.35 -68.06 -74.50
CA ARG NA 81 -42.63 -69.11 -73.78
C ARG NA 81 -41.21 -69.24 -74.30
N MET NA 82 -41.02 -69.11 -75.61
CA MET NA 82 -39.67 -69.11 -76.17
C MET NA 82 -38.86 -67.92 -75.68
N LEU NA 83 -39.48 -66.74 -75.63
CA LEU NA 83 -38.79 -65.53 -75.20
C LEU NA 83 -38.42 -65.60 -73.73
N LYS NA 84 -39.32 -66.08 -72.87
CA LYS NA 84 -38.98 -66.14 -71.45
C LYS NA 84 -37.98 -67.24 -71.17
N GLN NA 85 -37.97 -68.29 -72.01
CA GLN NA 85 -37.02 -69.36 -71.79
C GLN NA 85 -35.61 -68.96 -72.20
N MET NA 86 -35.49 -68.26 -73.35
CA MET NA 86 -34.20 -67.78 -73.78
C MET NA 86 -33.66 -66.69 -72.86
N LEU NA 87 -34.50 -65.69 -72.56
CA LEU NA 87 -34.06 -64.58 -71.73
C LEU NA 87 -33.87 -65.00 -70.28
N PHE NA 88 -34.44 -66.12 -69.86
CA PHE NA 88 -34.01 -66.68 -68.59
C PHE NA 88 -32.70 -67.43 -68.72
N ARG NA 89 -32.47 -68.09 -69.85
CA ARG NA 89 -31.28 -68.93 -69.97
C ARG NA 89 -30.01 -68.09 -70.06
N TYR NA 90 -30.11 -66.89 -70.64
CA TYR NA 90 -28.93 -66.03 -70.69
C TYR NA 90 -28.71 -65.24 -69.41
N GLN NA 91 -29.49 -65.52 -68.36
CA GLN NA 91 -29.28 -65.00 -67.00
C GLN NA 91 -29.41 -63.48 -66.90
N GLY NA 92 -30.03 -62.86 -67.91
CA GLY NA 92 -30.19 -61.42 -67.90
C GLY NA 92 -28.98 -60.65 -68.39
N TYR NA 93 -28.01 -61.33 -69.02
CA TYR NA 93 -26.93 -60.59 -69.66
C TYR NA 93 -27.41 -59.91 -70.94
N ILE NA 94 -28.28 -60.58 -71.69
CA ILE NA 94 -28.96 -59.95 -72.80
C ILE NA 94 -30.01 -59.01 -72.23
N GLY NA 95 -29.75 -57.71 -72.33
CA GLY NA 95 -30.67 -56.72 -71.81
C GLY NA 95 -31.68 -56.36 -72.87
N ALA NA 96 -32.85 -56.98 -72.83
CA ALA NA 96 -33.86 -56.76 -73.85
C ALA NA 96 -35.19 -56.47 -73.18
N ALA NA 97 -35.76 -55.33 -73.52
CA ALA NA 97 -37.07 -54.94 -73.00
C ALA NA 97 -38.05 -55.03 -74.17
N LEU NA 98 -38.97 -55.99 -74.10
CA LEU NA 98 -39.86 -56.27 -75.21
C LEU NA 98 -41.30 -56.00 -74.82
N VAL NA 99 -42.12 -55.72 -75.83
CA VAL NA 99 -43.57 -55.75 -75.71
C VAL NA 99 -44.05 -56.65 -76.84
N LEU NA 100 -44.75 -57.71 -76.49
CA LEU NA 100 -45.17 -58.72 -77.44
C LEU NA 100 -46.70 -58.76 -77.48
N GLY NA 101 -47.26 -58.79 -78.68
CA GLY NA 101 -48.70 -58.76 -78.82
C GLY NA 101 -49.15 -59.37 -80.12
N GLY NA 102 -50.36 -59.90 -80.14
CA GLY NA 102 -50.92 -60.49 -81.35
C GLY NA 102 -52.31 -61.04 -81.09
N VAL NA 103 -52.96 -61.41 -82.19
CA VAL NA 103 -54.32 -61.93 -82.16
C VAL NA 103 -54.27 -63.44 -82.27
N ASP NA 104 -54.80 -64.13 -81.26
CA ASP NA 104 -54.82 -65.59 -81.24
C ASP NA 104 -56.12 -66.18 -81.75
N VAL NA 105 -56.27 -67.49 -81.55
CA VAL NA 105 -57.57 -68.13 -81.70
C VAL NA 105 -58.53 -67.60 -80.65
N THR NA 106 -58.05 -67.43 -79.43
CA THR NA 106 -58.90 -66.91 -78.36
C THR NA 106 -59.21 -65.43 -78.57
N GLY NA 107 -58.20 -64.60 -78.72
CA GLY NA 107 -58.40 -63.19 -78.89
C GLY NA 107 -57.10 -62.42 -78.75
N PRO NA 108 -57.20 -61.12 -78.45
CA PRO NA 108 -55.99 -60.32 -78.32
C PRO NA 108 -55.27 -60.59 -77.02
N HIS NA 109 -53.95 -60.50 -77.06
CA HIS NA 109 -53.12 -60.69 -75.88
C HIS NA 109 -51.92 -59.77 -75.96
N LEU NA 110 -51.67 -59.06 -74.87
CA LEU NA 110 -50.55 -58.14 -74.81
C LEU NA 110 -49.62 -58.55 -73.68
N TYR NA 111 -48.36 -58.77 -74.01
CA TYR NA 111 -47.38 -59.23 -73.03
C TYR NA 111 -46.20 -58.28 -73.02
N SER NA 112 -45.79 -57.88 -71.82
CA SER NA 112 -44.51 -57.23 -71.65
C SER NA 112 -43.50 -58.22 -71.09
N ILE NA 113 -42.26 -58.08 -71.51
CA ILE NA 113 -41.20 -59.00 -71.13
C ILE NA 113 -40.01 -58.20 -70.62
N TYR NA 114 -39.63 -58.42 -69.38
CA TYR NA 114 -38.46 -57.82 -68.79
C TYR NA 114 -37.24 -58.67 -69.11
N PRO NA 115 -36.02 -58.11 -69.06
CA PRO NA 115 -34.85 -58.89 -69.52
C PRO NA 115 -34.43 -60.03 -68.61
N HIS NA 116 -35.09 -60.23 -67.46
CA HIS NA 116 -34.83 -61.45 -66.71
C HIS NA 116 -35.75 -62.57 -67.15
N GLY NA 117 -37.01 -62.26 -67.46
CA GLY NA 117 -37.92 -63.26 -67.99
C GLY NA 117 -39.33 -63.15 -67.43
N SER NA 118 -39.55 -62.19 -66.55
CA SER NA 118 -40.84 -62.04 -65.91
C SER NA 118 -41.83 -61.41 -66.86
N THR NA 119 -42.90 -62.14 -67.19
CA THR NA 119 -43.88 -61.69 -68.17
C THR NA 119 -45.23 -61.48 -67.51
N ASP NA 120 -46.01 -60.57 -68.08
CA ASP NA 120 -47.32 -60.20 -67.56
C ASP NA 120 -48.32 -60.13 -68.69
N LYS NA 121 -49.56 -60.52 -68.41
CA LYS NA 121 -50.63 -60.49 -69.40
C LYS NA 121 -51.47 -59.24 -69.15
N LEU NA 122 -50.86 -58.08 -69.34
CA LEU NA 122 -51.53 -56.82 -69.03
C LEU NA 122 -52.25 -56.25 -70.23
N PRO NA 123 -53.32 -55.48 -70.02
CA PRO NA 123 -54.00 -54.85 -71.15
C PRO NA 123 -53.30 -53.62 -71.70
N TYR NA 124 -52.37 -53.03 -70.96
CA TYR NA 124 -51.60 -51.91 -71.48
C TYR NA 124 -50.27 -51.84 -70.74
N VAL NA 125 -49.18 -51.68 -71.48
CA VAL NA 125 -47.84 -51.66 -70.90
C VAL NA 125 -47.03 -50.55 -71.55
N THR NA 126 -46.04 -50.05 -70.82
CA THR NA 126 -45.09 -49.06 -71.31
C THR NA 126 -43.70 -49.52 -70.93
N MET NA 127 -42.81 -49.60 -71.91
CA MET NA 127 -41.41 -49.94 -71.68
C MET NA 127 -40.53 -48.87 -72.28
N GLY NA 128 -39.28 -48.83 -71.83
CA GLY NA 128 -38.32 -47.89 -72.37
C GLY NA 128 -37.89 -46.84 -71.37
N SER NA 129 -37.15 -45.85 -71.88
CA SER NA 129 -36.60 -44.82 -71.00
C SER NA 129 -37.68 -43.83 -70.58
N GLY NA 130 -38.57 -43.47 -71.49
CA GLY NA 130 -39.62 -42.54 -71.15
C GLY NA 130 -40.94 -43.23 -70.90
N SER NA 131 -40.91 -44.44 -70.34
CA SER NA 131 -42.11 -45.23 -70.16
C SER NA 131 -42.99 -44.67 -69.04
N LEU NA 132 -42.42 -43.85 -68.18
CA LEU NA 132 -43.15 -43.36 -67.02
C LEU NA 132 -44.22 -42.35 -67.42
N ALA NA 133 -43.89 -41.46 -68.35
CA ALA NA 133 -44.84 -40.47 -68.83
C ALA NA 133 -46.00 -41.12 -69.57
N ALA NA 134 -45.70 -42.11 -70.41
CA ALA NA 134 -46.75 -42.82 -71.13
C ALA NA 134 -47.59 -43.66 -70.18
N MET NA 135 -46.99 -44.16 -69.10
CA MET NA 135 -47.77 -44.81 -68.05
C MET NA 135 -48.69 -43.82 -67.37
N ALA NA 136 -48.28 -42.56 -67.26
CA ALA NA 136 -49.16 -41.56 -66.67
C ALA NA 136 -50.33 -41.23 -67.58
N VAL NA 137 -50.07 -41.03 -68.86
CA VAL NA 137 -51.14 -40.62 -69.79
C VAL NA 137 -52.11 -41.76 -70.03
N PHE NA 138 -51.57 -42.98 -70.19
CA PHE NA 138 -52.39 -44.19 -70.16
C PHE NA 138 -53.16 -44.29 -68.86
N GLU NA 139 -52.56 -43.87 -67.75
CA GLU NA 139 -53.22 -44.09 -66.48
C GLU NA 139 -54.39 -43.15 -66.27
N ASP NA 140 -54.30 -41.91 -66.73
CA ASP NA 140 -55.45 -41.03 -66.61
C ASP NA 140 -56.51 -41.33 -67.65
N LYS NA 141 -56.11 -41.58 -68.89
CA LYS NA 141 -57.09 -41.57 -69.97
C LYS NA 141 -57.45 -42.94 -70.53
N PHE NA 142 -57.20 -44.03 -69.80
CA PHE NA 142 -57.70 -45.32 -70.24
C PHE NA 142 -59.13 -45.52 -69.79
N ARG NA 143 -59.87 -46.30 -70.57
CA ARG NA 143 -61.06 -46.98 -70.12
C ARG NA 143 -61.11 -48.31 -70.86
N PRO NA 144 -61.67 -49.35 -70.25
CA PRO NA 144 -61.73 -50.64 -70.94
C PRO NA 144 -62.70 -50.61 -72.10
N ASP NA 145 -62.36 -51.37 -73.15
CA ASP NA 145 -63.15 -51.54 -74.37
C ASP NA 145 -63.40 -50.21 -75.08
N MET NA 146 -62.33 -49.55 -75.51
CA MET NA 146 -62.48 -48.35 -76.31
C MET NA 146 -62.76 -48.71 -77.76
N GLU NA 147 -63.02 -47.69 -78.56
CA GLU NA 147 -63.03 -47.87 -80.00
C GLU NA 147 -61.63 -47.62 -80.55
N GLU NA 148 -61.49 -47.75 -81.87
CA GLU NA 148 -60.17 -47.78 -82.48
C GLU NA 148 -59.57 -46.38 -82.57
N GLU NA 149 -60.39 -45.38 -82.91
CA GLU NA 149 -59.89 -44.02 -83.05
C GLU NA 149 -59.48 -43.43 -81.70
N GLU NA 150 -60.19 -43.80 -80.63
CA GLU NA 150 -59.79 -43.38 -79.29
C GLU NA 150 -58.49 -44.05 -78.90
N ALA NA 151 -58.25 -45.25 -79.42
CA ALA NA 151 -57.02 -45.97 -79.11
C ALA NA 151 -55.82 -45.35 -79.83
N LYS NA 152 -55.98 -45.06 -81.11
CA LYS NA 152 -54.91 -44.44 -81.88
C LYS NA 152 -54.59 -43.04 -81.36
N ASN NA 153 -55.64 -42.26 -81.06
CA ASN NA 153 -55.46 -40.93 -80.49
C ASN NA 153 -54.82 -41.02 -79.10
N LEU NA 154 -55.17 -42.06 -78.34
CA LEU NA 154 -54.62 -42.22 -77.01
C LEU NA 154 -53.14 -42.56 -77.05
N VAL NA 155 -52.76 -43.51 -77.90
CA VAL NA 155 -51.36 -43.95 -77.93
C VAL NA 155 -50.47 -42.88 -78.54
N SER NA 156 -50.98 -42.18 -79.56
CA SER NA 156 -50.25 -41.03 -80.09
C SER NA 156 -50.12 -39.93 -79.04
N GLU NA 157 -51.12 -39.79 -78.17
CA GLU NA 157 -51.04 -38.80 -77.10
C GLU NA 157 -50.00 -39.19 -76.05
N ALA NA 158 -49.95 -40.47 -75.68
CA ALA NA 158 -49.04 -40.91 -74.62
C ALA NA 158 -47.60 -40.88 -75.08
N ILE NA 159 -47.33 -41.45 -76.26
CA ILE NA 159 -45.98 -41.38 -76.84
C ILE NA 159 -45.59 -39.94 -77.13
N ALA NA 160 -46.57 -39.10 -77.47
CA ALA NA 160 -46.31 -37.68 -77.66
C ALA NA 160 -45.86 -37.03 -76.35
N ALA NA 161 -46.48 -37.43 -75.24
CA ALA NA 161 -46.11 -36.85 -73.95
C ALA NA 161 -44.72 -37.31 -73.52
N GLY NA 162 -44.41 -38.57 -73.76
CA GLY NA 162 -43.06 -39.06 -73.47
C GLY NA 162 -42.02 -38.43 -74.37
N ILE NA 163 -42.43 -37.99 -75.57
CA ILE NA 163 -41.51 -37.30 -76.46
C ILE NA 163 -41.25 -35.88 -75.99
N PHE NA 164 -42.30 -35.16 -75.55
CA PHE NA 164 -42.06 -33.81 -75.09
C PHE NA 164 -41.37 -33.79 -73.73
N ASN NA 165 -41.44 -34.88 -72.97
CA ASN NA 165 -40.83 -34.83 -71.64
C ASN NA 165 -39.40 -35.37 -71.65
N ASP NA 166 -39.20 -36.62 -72.04
CA ASP NA 166 -37.91 -37.26 -71.81
C ASP NA 166 -36.94 -36.99 -72.97
N LEU NA 167 -35.66 -36.79 -72.62
CA LEU NA 167 -34.66 -36.47 -73.63
C LEU NA 167 -34.22 -37.70 -74.40
N GLY NA 168 -34.51 -38.90 -73.87
CA GLY NA 168 -34.13 -40.11 -74.58
C GLY NA 168 -34.98 -40.38 -75.80
N SER NA 169 -36.08 -39.64 -75.95
CA SER NA 169 -36.95 -39.81 -77.10
C SER NA 169 -37.06 -38.51 -77.89
N GLY NA 170 -37.95 -38.51 -78.86
CA GLY NA 170 -38.31 -37.31 -79.61
C GLY NA 170 -37.91 -37.43 -81.07
N SER NA 171 -38.89 -37.86 -81.86
CA SER NA 171 -38.77 -38.09 -83.30
C SER NA 171 -40.15 -38.37 -83.87
N ASN NA 172 -40.20 -38.92 -85.07
CA ASN NA 172 -41.42 -39.44 -85.68
C ASN NA 172 -42.06 -40.50 -84.79
N ILE NA 173 -43.38 -40.62 -84.84
CA ILE NA 173 -44.12 -41.58 -84.04
C ILE NA 173 -44.66 -42.66 -84.96
N ASP NA 174 -44.35 -43.91 -84.64
CA ASP NA 174 -44.89 -45.03 -85.40
C ASP NA 174 -45.97 -45.72 -84.59
N LEU NA 175 -46.97 -46.24 -85.30
CA LEU NA 175 -48.04 -46.99 -84.67
C LEU NA 175 -48.23 -48.30 -85.41
N CYS NA 176 -48.75 -49.29 -84.71
CA CYS NA 176 -49.16 -50.55 -85.30
C CYS NA 176 -50.62 -50.79 -84.96
N VAL NA 177 -51.36 -51.37 -85.91
CA VAL NA 177 -52.76 -51.74 -85.71
C VAL NA 177 -52.89 -53.21 -86.10
N ILE NA 178 -53.32 -54.03 -85.15
CA ILE NA 178 -53.57 -55.44 -85.40
C ILE NA 178 -55.02 -55.74 -85.06
N SER NA 179 -55.73 -56.35 -85.99
CA SER NA 179 -57.11 -56.79 -85.80
C SER NA 179 -57.18 -58.27 -86.14
N LYS NA 180 -58.41 -58.75 -86.30
CA LYS NA 180 -58.64 -60.13 -86.71
C LYS NA 180 -58.05 -60.41 -88.09
N ASN NA 181 -58.23 -59.48 -89.02
CA ASN NA 181 -57.65 -59.63 -90.35
C ASN NA 181 -56.90 -58.39 -90.82
N LYS NA 182 -57.43 -57.21 -90.53
CA LYS NA 182 -56.90 -55.98 -91.10
C LYS NA 182 -55.61 -55.56 -90.41
N LEU NA 183 -54.51 -55.77 -91.11
CA LEU NA 183 -53.17 -55.46 -90.62
C LEU NA 183 -52.76 -54.10 -91.17
N ASP NA 184 -52.43 -53.17 -90.28
CA ASP NA 184 -52.02 -51.83 -90.66
C ASP NA 184 -50.73 -51.49 -89.94
N PHE NA 185 -49.65 -51.32 -90.70
CA PHE NA 185 -48.38 -50.84 -90.18
C PHE NA 185 -48.18 -49.42 -90.69
N LEU NA 186 -48.56 -48.44 -89.87
CA LEU NA 186 -48.52 -47.03 -90.26
C LEU NA 186 -47.17 -46.46 -89.85
N ARG NA 187 -46.41 -45.97 -90.84
CA ARG NA 187 -45.10 -45.41 -90.55
C ARG NA 187 -44.73 -44.38 -91.60
N PRO NA 188 -44.55 -43.11 -91.22
CA PRO NA 188 -44.78 -42.56 -89.89
C PRO NA 188 -46.24 -42.20 -89.68
N TYR NA 189 -46.69 -42.22 -88.43
CA TYR NA 189 -48.08 -41.85 -88.15
C TYR NA 189 -48.21 -40.34 -88.00
N THR NA 190 -47.23 -39.70 -87.38
CA THR NA 190 -47.26 -38.28 -87.12
C THR NA 190 -45.83 -37.75 -87.07
N VAL NA 191 -45.57 -36.68 -87.81
CA VAL NA 191 -44.29 -35.98 -87.72
C VAL NA 191 -44.51 -34.77 -86.83
N PRO NA 192 -44.14 -34.84 -85.55
CA PRO NA 192 -44.57 -33.78 -84.62
C PRO NA 192 -43.74 -32.52 -84.72
N ASN NA 193 -42.48 -32.62 -85.15
CA ASN NA 193 -41.61 -31.46 -85.16
C ASN NA 193 -41.12 -31.18 -86.57
N LYS NA 194 -40.80 -29.91 -86.82
CA LYS NA 194 -40.45 -29.45 -88.15
C LYS NA 194 -39.12 -28.72 -88.10
N LYS NA 195 -38.56 -28.47 -89.29
CA LYS NA 195 -37.37 -27.66 -89.47
C LYS NA 195 -37.67 -26.64 -90.57
N GLY NA 196 -37.27 -25.39 -90.34
CA GLY NA 196 -37.49 -24.35 -91.33
C GLY NA 196 -36.50 -24.36 -92.48
N THR NA 197 -36.13 -23.18 -92.95
CA THR NA 197 -35.17 -23.09 -94.04
C THR NA 197 -33.75 -23.04 -93.50
N ARG NA 198 -32.79 -23.20 -94.40
CA ARG NA 198 -31.39 -22.95 -94.06
C ARG NA 198 -31.09 -21.49 -94.31
N LEU NA 199 -30.77 -20.76 -93.23
CA LEU NA 199 -30.78 -19.30 -93.29
C LEU NA 199 -29.54 -18.75 -93.97
N GLY NA 200 -28.54 -19.58 -94.21
CA GLY NA 200 -27.39 -19.13 -94.94
C GLY NA 200 -26.91 -20.18 -95.90
N ARG NA 201 -26.85 -19.79 -97.18
CA ARG NA 201 -26.37 -20.68 -98.24
C ARG NA 201 -24.87 -20.84 -98.05
N TYR NA 202 -24.47 -21.98 -97.51
CA TYR NA 202 -23.10 -22.26 -97.14
C TYR NA 202 -22.39 -23.11 -98.19
N ARG NA 203 -22.77 -22.97 -99.46
CA ARG NA 203 -22.35 -23.92 -100.48
C ARG NA 203 -20.88 -23.77 -100.82
N CYS NA 204 -20.16 -24.89 -100.80
CA CYS NA 204 -18.77 -24.91 -101.19
C CYS NA 204 -18.66 -24.75 -102.70
N GLU NA 205 -17.45 -24.43 -103.15
CA GLU NA 205 -17.21 -24.15 -104.56
C GLU NA 205 -16.31 -25.22 -105.17
N LYS NA 206 -16.44 -25.39 -106.48
CA LYS NA 206 -15.66 -26.41 -107.18
C LYS NA 206 -14.20 -25.99 -107.26
N GLY NA 207 -13.37 -26.69 -106.49
CA GLY NA 207 -11.95 -26.42 -106.48
C GLY NA 207 -11.45 -25.57 -105.33
N THR NA 208 -12.20 -25.47 -104.23
CA THR NA 208 -11.74 -24.69 -103.09
C THR NA 208 -10.91 -25.49 -102.11
N THR NA 209 -10.52 -26.72 -102.46
CA THR NA 209 -9.70 -27.56 -101.59
C THR NA 209 -8.68 -28.32 -102.42
N ALA NA 210 -7.40 -28.14 -102.09
CA ALA NA 210 -6.30 -28.67 -102.90
C ALA NA 210 -6.24 -30.18 -102.80
N VAL NA 211 -5.90 -30.83 -103.91
CA VAL NA 211 -5.89 -32.29 -104.03
C VAL NA 211 -4.47 -32.71 -104.39
N LEU NA 212 -3.97 -33.76 -103.73
CA LEU NA 212 -2.62 -34.23 -104.03
C LEU NA 212 -2.62 -35.22 -105.20
N THR NA 213 -3.47 -36.24 -105.14
CA THR NA 213 -3.40 -37.33 -106.11
C THR NA 213 -4.80 -37.80 -106.49
N GLU NA 214 -5.12 -37.74 -107.77
CA GLU NA 214 -6.37 -38.25 -108.30
C GLU NA 214 -6.14 -39.65 -108.86
N LYS NA 215 -7.23 -40.40 -109.04
CA LYS NA 215 -7.17 -41.76 -109.54
C LYS NA 215 -8.49 -42.14 -110.18
N ILE NA 216 -8.48 -42.33 -111.49
CA ILE NA 216 -9.68 -42.62 -112.26
C ILE NA 216 -9.68 -44.09 -112.64
N THR NA 217 -10.71 -44.82 -112.22
CA THR NA 217 -10.84 -46.24 -112.52
C THR NA 217 -12.14 -46.48 -113.27
N PRO NA 218 -12.08 -46.81 -114.55
CA PRO NA 218 -13.31 -47.02 -115.32
C PRO NA 218 -13.95 -48.34 -114.97
N LEU NA 219 -15.26 -48.43 -115.22
CA LEU NA 219 -16.03 -49.65 -114.99
C LEU NA 219 -16.97 -49.89 -116.16
N GLU NA 220 -17.87 -50.85 -116.00
CA GLU NA 220 -18.86 -51.15 -117.01
C GLU NA 220 -20.27 -51.18 -116.42
N SER OA 1 -9.91 -44.62 -72.82
CA SER OA 1 -10.83 -45.48 -73.55
C SER OA 1 -10.09 -46.34 -74.57
N ILE OA 2 -10.52 -47.60 -74.70
CA ILE OA 2 -9.89 -48.51 -75.65
C ILE OA 2 -10.29 -48.16 -77.07
N MET OA 3 -11.46 -47.54 -77.22
CA MET OA 3 -11.84 -46.98 -78.51
C MET OA 3 -11.00 -45.77 -78.88
N SER OA 4 -10.40 -45.11 -77.89
CA SER OA 4 -9.51 -43.99 -78.13
C SER OA 4 -8.05 -44.40 -78.16
N TYR OA 5 -7.75 -45.65 -78.48
CA TYR OA 5 -6.38 -46.12 -78.45
C TYR OA 5 -5.62 -45.62 -79.66
N ASN OA 6 -6.06 -46.03 -80.85
CA ASN OA 6 -5.42 -45.58 -82.07
C ASN OA 6 -6.14 -44.40 -82.70
N GLY OA 7 -7.41 -44.20 -82.37
CA GLY OA 7 -8.15 -43.12 -82.98
C GLY OA 7 -8.53 -43.43 -84.42
N GLY OA 8 -9.10 -42.43 -85.08
CA GLY OA 8 -9.50 -42.57 -86.45
C GLY OA 8 -10.95 -42.16 -86.67
N ALA OA 9 -11.31 -42.03 -87.94
CA ALA OA 9 -12.64 -41.57 -88.31
C ALA OA 9 -12.96 -42.05 -89.72
N VAL OA 10 -14.21 -42.42 -89.93
CA VAL OA 10 -14.71 -42.75 -91.26
C VAL OA 10 -15.99 -41.99 -91.49
N MET OA 11 -16.01 -41.14 -92.51
CA MET OA 11 -17.20 -40.40 -92.88
C MET OA 11 -17.70 -40.92 -94.21
N ALA OA 12 -19.01 -41.09 -94.33
CA ALA OA 12 -19.66 -41.33 -95.61
C ALA OA 12 -20.76 -40.31 -95.80
N MET OA 13 -21.20 -40.14 -97.04
CA MET OA 13 -22.25 -39.18 -97.34
C MET OA 13 -22.94 -39.55 -98.63
N LYS OA 14 -24.27 -39.56 -98.61
CA LYS OA 14 -25.05 -39.94 -99.78
C LYS OA 14 -25.34 -38.69 -100.61
N GLY OA 15 -25.22 -38.83 -101.93
CA GLY OA 15 -25.51 -37.72 -102.81
C GLY OA 15 -26.72 -37.97 -103.70
N LYS OA 16 -26.65 -37.53 -104.96
CA LYS OA 16 -27.75 -37.75 -105.89
C LYS OA 16 -27.69 -39.17 -106.45
N ASN OA 17 -26.63 -39.46 -107.21
CA ASN OA 17 -26.41 -40.78 -107.76
C ASN OA 17 -25.04 -41.31 -107.42
N CYS OA 18 -24.35 -40.70 -106.47
CA CYS OA 18 -23.01 -41.08 -106.06
C CYS OA 18 -22.91 -41.00 -104.55
N VAL OA 19 -21.95 -41.74 -104.01
CA VAL OA 19 -21.72 -41.79 -102.57
C VAL OA 19 -20.24 -41.60 -102.29
N ALA OA 20 -19.92 -40.64 -101.44
CA ALA OA 20 -18.55 -40.37 -101.07
C ALA OA 20 -18.24 -40.98 -99.72
N ILE OA 21 -17.01 -41.42 -99.55
CA ILE OA 21 -16.58 -42.05 -98.30
C ILE OA 21 -15.14 -41.64 -98.04
N ALA OA 22 -14.84 -41.31 -96.78
CA ALA OA 22 -13.56 -40.71 -96.46
C ALA OA 22 -13.07 -41.19 -95.11
N ALA OA 23 -11.76 -41.18 -94.95
CA ALA OA 23 -11.12 -41.58 -93.71
C ALA OA 23 -9.78 -40.86 -93.64
N ASP OA 24 -9.12 -40.98 -92.50
CA ASP OA 24 -7.80 -40.38 -92.37
C ASP OA 24 -6.72 -41.45 -92.30
N ARG OA 25 -5.48 -41.02 -92.53
CA ARG OA 25 -4.38 -41.94 -92.77
C ARG OA 25 -3.56 -42.22 -91.52
N ARG OA 26 -3.89 -41.62 -90.38
CA ARG OA 26 -3.02 -41.69 -89.22
C ARG OA 26 -3.13 -43.03 -88.52
N PHE OA 27 -1.97 -43.64 -88.30
CA PHE OA 27 -1.82 -44.76 -87.38
C PHE OA 27 -0.99 -44.29 -86.20
N GLY OA 28 -1.35 -44.72 -85.01
CA GLY OA 28 -0.64 -44.24 -83.84
C GLY OA 28 -1.08 -44.93 -82.57
N ILE OA 29 -0.29 -44.70 -81.52
CA ILE OA 29 -0.50 -45.29 -80.21
C ILE OA 29 -0.60 -44.16 -79.20
N GLN OA 30 -1.81 -43.63 -79.04
CA GLN OA 30 -2.31 -42.75 -77.94
C GLN OA 30 -1.68 -41.36 -77.98
N ALA OA 31 -0.49 -41.17 -78.54
CA ALA OA 31 0.12 -39.86 -78.66
C ALA OA 31 1.02 -39.74 -79.87
N GLN OA 32 1.37 -40.88 -80.45
CA GLN OA 32 2.61 -41.02 -81.20
C GLN OA 32 2.32 -41.64 -82.56
N MET OA 33 2.43 -40.84 -83.61
CA MET OA 33 2.23 -41.37 -84.95
C MET OA 33 3.38 -42.31 -85.29
N VAL OA 34 3.05 -43.35 -86.05
CA VAL OA 34 4.06 -44.32 -86.45
C VAL OA 34 4.25 -44.15 -87.95
N THR OA 35 3.15 -43.89 -88.64
CA THR OA 35 3.17 -43.77 -90.09
C THR OA 35 1.94 -43.00 -90.53
N THR OA 36 1.92 -42.64 -91.82
CA THR OA 36 0.78 -41.97 -92.42
C THR OA 36 0.18 -42.75 -93.59
N ASP OA 37 0.26 -44.07 -93.56
CA ASP OA 37 -0.32 -44.87 -94.63
C ASP OA 37 -1.05 -46.11 -94.13
N PHE OA 38 -1.87 -45.98 -93.09
CA PHE OA 38 -2.66 -47.11 -92.63
C PHE OA 38 -3.99 -47.16 -93.37
N GLN OA 39 -4.20 -48.24 -94.11
CA GLN OA 39 -5.36 -48.39 -94.97
C GLN OA 39 -6.58 -48.74 -94.11
N LYS OA 40 -7.66 -47.99 -94.30
CA LYS OA 40 -8.90 -48.28 -93.58
C LYS OA 40 -10.06 -48.57 -94.52
N ILE OA 41 -10.24 -47.73 -95.54
CA ILE OA 41 -11.30 -47.96 -96.51
C ILE OA 41 -10.91 -49.14 -97.39
N PHE OA 42 -11.76 -50.16 -97.43
CA PHE OA 42 -11.41 -51.43 -98.01
C PHE OA 42 -12.34 -51.78 -99.15
N PRO OA 43 -11.83 -52.32 -100.25
CA PRO OA 43 -12.70 -52.71 -101.36
C PRO OA 43 -13.30 -54.09 -101.15
N MET OA 44 -14.62 -54.15 -101.17
CA MET OA 44 -15.34 -55.41 -101.12
C MET OA 44 -16.15 -55.50 -102.39
N GLY OA 45 -15.51 -55.94 -103.47
CA GLY OA 45 -16.17 -55.89 -104.75
C GLY OA 45 -16.11 -54.49 -105.35
N ASP OA 46 -16.78 -54.32 -106.49
CA ASP OA 46 -16.74 -53.08 -107.23
C ASP OA 46 -17.98 -52.25 -106.91
N ARG OA 47 -17.77 -50.92 -106.88
CA ARG OA 47 -18.77 -49.91 -106.52
C ARG OA 47 -19.38 -50.16 -105.15
N LEU OA 48 -18.60 -50.75 -104.24
CA LEU OA 48 -19.08 -51.10 -102.92
C LEU OA 48 -17.88 -51.27 -102.00
N TYR OA 49 -17.70 -50.33 -101.08
CA TYR OA 49 -16.56 -50.34 -100.18
C TYR OA 49 -17.05 -50.55 -98.75
N ILE OA 50 -16.11 -50.51 -97.82
CA ILE OA 50 -16.43 -50.51 -96.39
C ILE OA 50 -15.37 -49.68 -95.68
N GLY OA 51 -15.81 -48.93 -94.66
CA GLY OA 51 -14.90 -48.19 -93.82
C GLY OA 51 -14.90 -48.75 -92.41
N LEU OA 52 -13.71 -48.81 -91.83
CA LEU OA 52 -13.54 -49.37 -90.51
C LEU OA 52 -12.79 -48.36 -89.65
N ALA OA 53 -13.17 -48.28 -88.38
CA ALA OA 53 -12.58 -47.29 -87.50
C ALA OA 53 -12.62 -47.79 -86.07
N GLY OA 54 -11.52 -47.62 -85.36
CA GLY OA 54 -11.39 -48.10 -84.00
C GLY OA 54 -10.01 -48.69 -83.73
N LEU OA 55 -9.95 -49.69 -82.87
CA LEU OA 55 -8.71 -50.41 -82.63
C LEU OA 55 -8.32 -51.19 -83.87
N ALA OA 56 -7.04 -51.15 -84.23
CA ALA OA 56 -6.61 -51.61 -85.54
C ALA OA 56 -6.63 -53.13 -85.67
N THR OA 57 -6.52 -53.84 -84.55
CA THR OA 57 -6.56 -55.30 -84.56
C THR OA 57 -7.88 -55.82 -85.09
N ASP OA 58 -8.98 -55.29 -84.55
CA ASP OA 58 -10.29 -55.71 -85.02
C ASP OA 58 -10.60 -55.10 -86.38
N VAL OA 59 -9.90 -54.04 -86.77
CA VAL OA 59 -10.06 -53.50 -88.12
C VAL OA 59 -9.56 -54.51 -89.14
N GLN OA 60 -8.30 -54.94 -89.00
CA GLN OA 60 -7.76 -55.86 -89.99
C GLN OA 60 -8.36 -57.26 -89.84
N THR OA 61 -8.76 -57.62 -88.62
CA THR OA 61 -9.34 -58.95 -88.40
C THR OA 61 -10.75 -59.04 -88.98
N VAL OA 62 -11.60 -58.05 -88.69
CA VAL OA 62 -12.94 -57.99 -89.26
C VAL OA 62 -12.88 -57.85 -90.78
N ALA OA 63 -11.88 -57.11 -91.28
CA ALA OA 63 -11.71 -56.97 -92.72
C ALA OA 63 -11.37 -58.29 -93.38
N GLN OA 64 -10.45 -59.05 -92.79
CA GLN OA 64 -10.00 -60.26 -93.47
C GLN OA 64 -10.99 -61.41 -93.29
N ARG OA 65 -11.64 -61.51 -92.12
CA ARG OA 65 -12.72 -62.47 -91.96
C ARG OA 65 -13.90 -62.15 -92.87
N LEU OA 66 -14.15 -60.86 -93.07
CA LEU OA 66 -15.23 -60.44 -93.96
C LEU OA 66 -14.90 -60.77 -95.41
N LYS OA 67 -13.62 -60.65 -95.78
CA LYS OA 67 -13.23 -61.03 -97.13
C LYS OA 67 -13.26 -62.55 -97.30
N PHE OA 68 -13.01 -63.29 -96.22
CA PHE OA 68 -13.14 -64.75 -96.22
C PHE OA 68 -14.56 -65.18 -96.52
N ARG OA 69 -15.52 -64.69 -95.73
CA ARG OA 69 -16.91 -65.06 -95.95
C ARG OA 69 -17.45 -64.46 -97.24
N LEU OA 70 -16.89 -63.33 -97.66
CA LEU OA 70 -17.35 -62.69 -98.89
C LEU OA 70 -16.95 -63.51 -100.11
N ASN OA 71 -15.71 -64.00 -100.13
CA ASN OA 71 -15.29 -64.82 -101.26
C ASN OA 71 -15.94 -66.19 -101.24
N LEU OA 72 -16.26 -66.71 -100.05
CA LEU OA 72 -17.03 -67.96 -100.01
C LEU OA 72 -18.42 -67.76 -100.57
N TYR OA 73 -19.03 -66.61 -100.28
CA TYR OA 73 -20.38 -66.35 -100.76
C TYR OA 73 -20.39 -66.10 -102.26
N GLU OA 74 -19.48 -65.26 -102.75
CA GLU OA 74 -19.44 -64.98 -104.18
C GLU OA 74 -18.77 -66.09 -104.99
N LEU OA 75 -18.27 -67.14 -104.35
CA LEU OA 75 -17.82 -68.28 -105.12
C LEU OA 75 -18.78 -69.46 -104.99
N LYS OA 76 -19.71 -69.40 -104.04
CA LYS OA 76 -20.77 -70.40 -104.07
C LYS OA 76 -21.99 -69.91 -104.83
N GLU OA 77 -22.01 -68.64 -105.24
CA GLU OA 77 -23.05 -68.13 -106.14
C GLU OA 77 -22.36 -67.45 -107.30
N GLY OA 78 -23.04 -67.41 -108.45
CA GLY OA 78 -22.51 -66.66 -109.58
C GLY OA 78 -22.58 -65.17 -109.38
N ARG OA 79 -23.61 -64.69 -108.70
CA ARG OA 79 -23.81 -63.26 -108.53
C ARG OA 79 -22.81 -62.67 -107.54
N GLN OA 80 -22.75 -61.34 -107.51
CA GLN OA 80 -22.07 -60.65 -106.43
C GLN OA 80 -23.06 -60.31 -105.33
N ILE OA 81 -22.64 -59.42 -104.44
CA ILE OA 81 -23.42 -59.18 -103.23
C ILE OA 81 -24.05 -57.79 -103.27
N LYS OA 82 -25.28 -57.69 -102.73
CA LYS OA 82 -26.10 -56.53 -102.43
C LYS OA 82 -25.66 -55.91 -101.10
N PRO OA 83 -25.86 -54.61 -100.91
CA PRO OA 83 -25.39 -53.98 -99.66
C PRO OA 83 -26.17 -54.39 -98.42
N TYR OA 84 -27.45 -54.75 -98.56
CA TYR OA 84 -28.19 -55.26 -97.40
C TYR OA 84 -27.64 -56.59 -96.93
N THR OA 85 -27.22 -57.43 -97.88
CA THR OA 85 -26.68 -58.73 -97.53
C THR OA 85 -25.33 -58.58 -96.83
N LEU OA 86 -24.52 -57.63 -97.28
CA LEU OA 86 -23.26 -57.35 -96.59
C LEU OA 86 -23.50 -56.77 -95.22
N MET OA 87 -24.53 -55.94 -95.08
CA MET OA 87 -24.88 -55.36 -93.79
C MET OA 87 -25.30 -56.44 -92.79
N SER OA 88 -26.11 -57.40 -93.25
CA SER OA 88 -26.49 -58.50 -92.38
C SER OA 88 -25.32 -59.43 -92.08
N MET OA 89 -24.38 -59.55 -93.01
CA MET OA 89 -23.23 -60.41 -92.79
C MET OA 89 -22.30 -59.83 -91.73
N VAL OA 90 -22.01 -58.53 -91.83
CA VAL OA 90 -21.19 -57.86 -90.84
C VAL OA 90 -21.88 -57.84 -89.49
N ALA OA 91 -23.20 -57.64 -89.50
CA ALA OA 91 -23.97 -57.63 -88.24
C ALA OA 91 -23.93 -58.99 -87.57
N ASN OA 92 -24.01 -60.06 -88.36
CA ASN OA 92 -23.99 -61.40 -87.78
C ASN OA 92 -22.60 -61.74 -87.28
N LEU OA 93 -21.55 -61.34 -88.00
CA LEU OA 93 -20.20 -61.66 -87.55
C LEU OA 93 -19.83 -60.90 -86.30
N LEU OA 94 -20.25 -59.63 -86.20
CA LEU OA 94 -20.01 -58.88 -84.97
C LEU OA 94 -20.86 -59.39 -83.82
N TYR OA 95 -22.04 -59.94 -84.12
CA TYR OA 95 -22.83 -60.50 -83.04
C TYR OA 95 -22.38 -61.92 -82.67
N GLU OA 96 -21.50 -62.54 -83.47
CA GLU OA 96 -20.94 -63.83 -83.09
C GLU OA 96 -20.08 -63.75 -81.83
N LYS OA 97 -19.40 -62.63 -81.62
CA LYS OA 97 -18.67 -62.39 -80.39
C LYS OA 97 -19.43 -61.33 -79.63
N ARG OA 98 -20.44 -61.75 -78.88
CA ARG OA 98 -21.22 -60.83 -78.06
C ARG OA 98 -20.46 -60.52 -76.77
N PHE OA 99 -19.80 -61.53 -76.21
CA PHE OA 99 -19.17 -61.40 -74.91
C PHE OA 99 -17.65 -61.26 -75.01
N GLY OA 100 -17.09 -61.49 -76.19
CA GLY OA 100 -15.68 -61.29 -76.44
C GLY OA 100 -15.43 -60.24 -77.50
N PRO OA 101 -16.11 -59.08 -77.39
CA PRO OA 101 -16.53 -58.34 -78.57
C PRO OA 101 -15.39 -57.69 -79.33
N TYR OA 102 -15.53 -57.65 -80.65
CA TYR OA 102 -14.62 -56.91 -81.49
C TYR OA 102 -14.81 -55.42 -81.25
N TYR OA 103 -13.74 -54.65 -81.44
CA TYR OA 103 -13.78 -53.21 -81.21
C TYR OA 103 -13.66 -52.49 -82.53
N THR OA 104 -14.79 -52.36 -83.24
CA THR OA 104 -14.81 -51.67 -84.52
C THR OA 104 -16.24 -51.24 -84.80
N GLU OA 105 -16.36 -50.14 -85.53
CA GLU OA 105 -17.67 -49.59 -85.90
C GLU OA 105 -17.66 -49.40 -87.41
N PRO OA 106 -18.09 -50.43 -88.14
CA PRO OA 106 -18.01 -50.38 -89.61
C PRO OA 106 -18.98 -49.37 -90.21
N VAL OA 107 -18.56 -48.75 -91.31
CA VAL OA 107 -19.38 -47.84 -92.09
C VAL OA 107 -19.36 -48.35 -93.53
N ILE OA 108 -20.48 -48.88 -93.99
CA ILE OA 108 -20.56 -49.50 -95.30
C ILE OA 108 -21.14 -48.47 -96.26
N ALA OA 109 -20.53 -48.32 -97.43
CA ALA OA 109 -21.05 -47.47 -98.49
C ALA OA 109 -20.94 -48.24 -99.79
N GLY OA 110 -21.92 -48.08 -100.67
CA GLY OA 110 -21.88 -48.74 -101.94
C GLY OA 110 -23.16 -48.54 -102.70
N LEU OA 111 -23.10 -48.85 -103.99
CA LEU OA 111 -24.27 -48.73 -104.83
C LEU OA 111 -24.98 -50.07 -104.95
N ASP OA 112 -26.14 -50.04 -105.58
CA ASP OA 112 -26.80 -51.29 -105.96
C ASP OA 112 -25.96 -51.96 -107.03
N PRO OA 113 -25.73 -53.28 -106.95
CA PRO OA 113 -25.17 -53.95 -108.13
C PRO OA 113 -26.16 -54.08 -109.27
N LYS OA 114 -27.45 -54.17 -108.98
CA LYS OA 114 -28.43 -54.25 -110.05
C LYS OA 114 -28.70 -52.87 -110.65
N THR OA 115 -29.29 -51.98 -109.86
CA THR OA 115 -29.64 -50.64 -110.30
C THR OA 115 -28.53 -49.67 -109.90
N PHE OA 116 -28.81 -48.37 -109.92
CA PHE OA 116 -27.86 -47.36 -109.47
C PHE OA 116 -28.21 -46.78 -108.11
N LYS OA 117 -28.98 -47.49 -107.30
CA LYS OA 117 -29.45 -46.94 -106.04
C LYS OA 117 -28.32 -46.86 -105.02
N PRO OA 118 -28.07 -45.70 -104.42
CA PRO OA 118 -27.03 -45.60 -103.40
C PRO OA 118 -27.46 -46.23 -102.09
N PHE OA 119 -26.47 -46.47 -101.23
CA PHE OA 119 -26.75 -47.03 -99.92
C PHE OA 119 -25.61 -46.71 -98.98
N ILE OA 120 -25.96 -46.37 -97.75
CA ILE OA 120 -25.01 -46.23 -96.66
C ILE OA 120 -25.61 -46.87 -95.42
N CYS OA 121 -24.74 -47.33 -94.52
CA CYS OA 121 -25.15 -47.79 -93.20
C CYS OA 121 -23.93 -47.84 -92.30
N SER OA 122 -24.17 -47.69 -91.01
CA SER OA 122 -23.15 -47.88 -90.01
C SER OA 122 -23.67 -48.87 -88.98
N LEU OA 123 -22.76 -49.42 -88.20
CA LEU OA 123 -23.11 -50.45 -87.24
C LEU OA 123 -22.55 -50.07 -85.87
N ASP OA 124 -22.63 -51.02 -84.95
CA ASP OA 124 -22.04 -50.86 -83.63
C ASP OA 124 -21.03 -51.96 -83.38
N LEU OA 125 -20.40 -51.91 -82.20
CA LEU OA 125 -19.41 -52.91 -81.86
C LEU OA 125 -20.07 -54.23 -81.48
N ILE OA 126 -21.37 -54.21 -81.19
CA ILE OA 126 -22.10 -55.44 -80.91
C ILE OA 126 -22.96 -55.87 -82.09
N GLY OA 127 -23.23 -55.00 -83.04
CA GLY OA 127 -23.89 -55.38 -84.28
C GLY OA 127 -25.29 -54.84 -84.53
N CYS OA 128 -25.60 -53.63 -84.07
CA CYS OA 128 -26.88 -53.02 -84.39
C CYS OA 128 -26.72 -52.22 -85.68
N PRO OA 129 -27.42 -52.56 -86.75
CA PRO OA 129 -27.32 -51.77 -87.98
C PRO OA 129 -28.07 -50.46 -87.83
N MET OA 130 -27.70 -49.51 -88.68
CA MET OA 130 -28.37 -48.22 -88.72
C MET OA 130 -28.26 -47.67 -90.13
N VAL OA 131 -29.40 -47.52 -90.80
CA VAL OA 131 -29.43 -46.94 -92.13
C VAL OA 131 -29.88 -45.49 -92.00
N THR OA 132 -29.36 -44.64 -92.88
CA THR OA 132 -29.83 -43.26 -93.00
C THR OA 132 -29.99 -42.94 -94.47
N ASP OA 133 -30.27 -41.67 -94.74
CA ASP OA 133 -30.36 -41.19 -96.11
C ASP OA 133 -29.33 -40.12 -96.41
N ASP OA 134 -28.59 -39.66 -95.42
CA ASP OA 134 -27.63 -38.57 -95.61
C ASP OA 134 -26.20 -38.97 -95.30
N PHE OA 135 -25.92 -39.44 -94.08
CA PHE OA 135 -24.54 -39.68 -93.68
C PHE OA 135 -24.52 -40.62 -92.50
N VAL OA 136 -23.40 -41.31 -92.34
CA VAL OA 136 -23.10 -42.15 -91.18
C VAL OA 136 -21.63 -41.99 -90.84
N VAL OA 137 -21.32 -41.78 -89.57
CA VAL OA 137 -19.96 -41.55 -89.11
C VAL OA 137 -19.60 -42.58 -88.05
N SER OA 138 -18.30 -42.75 -87.84
CA SER OA 138 -17.78 -43.63 -86.78
C SER OA 138 -16.37 -43.22 -86.46
N GLY OA 139 -16.02 -43.24 -85.19
CA GLY OA 139 -14.68 -42.92 -84.77
C GLY OA 139 -14.71 -42.16 -83.45
N THR OA 140 -13.52 -41.74 -83.04
CA THR OA 140 -13.39 -41.00 -81.79
C THR OA 140 -13.99 -39.60 -81.93
N CYS OA 141 -13.73 -38.96 -83.05
CA CYS OA 141 -14.23 -37.62 -83.32
C CYS OA 141 -15.56 -37.68 -84.04
N ALA OA 142 -16.57 -38.22 -83.37
CA ALA OA 142 -17.89 -38.39 -83.96
C ALA OA 142 -18.63 -37.07 -83.99
N GLU OA 143 -18.63 -36.35 -82.86
CA GLU OA 143 -19.50 -35.19 -82.66
C GLU OA 143 -19.18 -34.05 -83.60
N GLN OA 144 -17.89 -33.90 -83.95
CA GLN OA 144 -17.47 -32.93 -84.95
C GLN OA 144 -18.12 -33.23 -86.29
N MET OA 145 -18.11 -34.50 -86.68
CA MET OA 145 -18.61 -34.86 -87.99
C MET OA 145 -20.13 -34.84 -88.02
N TYR OA 146 -20.77 -35.02 -86.87
CA TYR OA 146 -22.22 -34.76 -86.79
C TYR OA 146 -22.50 -33.29 -87.01
N GLY OA 147 -21.67 -32.42 -86.42
CA GLY OA 147 -21.81 -30.99 -86.63
C GLY OA 147 -21.63 -30.57 -88.07
N MET OA 148 -20.63 -31.13 -88.74
CA MET OA 148 -20.38 -30.75 -90.13
C MET OA 148 -21.42 -31.31 -91.06
N CYS OA 149 -21.75 -32.60 -90.94
CA CYS OA 149 -22.66 -33.21 -91.88
C CYS OA 149 -24.08 -32.74 -91.66
N GLU OA 150 -24.42 -32.33 -90.43
CA GLU OA 150 -25.69 -31.65 -90.24
C GLU OA 150 -25.59 -30.16 -90.52
N SER OA 151 -24.38 -29.68 -90.83
CA SER OA 151 -24.21 -28.26 -91.06
C SER OA 151 -23.94 -27.89 -92.50
N LEU OA 152 -23.72 -28.86 -93.39
CA LEU OA 152 -23.34 -28.55 -94.76
C LEU OA 152 -24.19 -29.26 -95.79
N TRP OA 153 -24.91 -30.32 -95.42
CA TRP OA 153 -25.50 -31.22 -96.39
C TRP OA 153 -26.72 -30.61 -97.07
N GLU OA 154 -26.86 -30.91 -98.35
CA GLU OA 154 -27.98 -30.56 -99.18
C GLU OA 154 -28.55 -31.85 -99.78
N PRO OA 155 -29.85 -31.88 -100.12
CA PRO OA 155 -30.46 -33.17 -100.53
C PRO OA 155 -29.93 -33.77 -101.83
N ASN OA 156 -29.97 -33.03 -102.94
CA ASN OA 156 -29.60 -33.58 -104.24
C ASN OA 156 -28.33 -32.87 -104.72
N MET OA 157 -27.23 -33.60 -104.76
CA MET OA 157 -25.92 -32.99 -104.99
C MET OA 157 -25.17 -33.74 -106.08
N ASP OA 158 -24.59 -32.96 -107.00
CA ASP OA 158 -23.65 -33.47 -107.99
C ASP OA 158 -22.36 -33.96 -107.29
N PRO OA 159 -21.55 -34.78 -107.97
CA PRO OA 159 -20.32 -35.28 -107.33
C PRO OA 159 -19.30 -34.21 -106.94
N ASP OA 160 -19.31 -33.05 -107.61
CA ASP OA 160 -18.35 -32.00 -107.31
C ASP OA 160 -18.62 -31.40 -105.93
N HIS OA 161 -19.86 -30.94 -105.71
CA HIS OA 161 -20.19 -30.34 -104.43
C HIS OA 161 -20.27 -31.39 -103.32
N LEU OA 162 -20.47 -32.65 -103.70
CA LEU OA 162 -20.37 -33.72 -102.72
C LEU OA 162 -18.93 -33.89 -102.25
N PHE OA 163 -17.99 -33.86 -103.20
CA PHE OA 163 -16.58 -34.00 -102.85
C PHE OA 163 -16.10 -32.81 -102.04
N GLU OA 164 -16.55 -31.61 -102.37
CA GLU OA 164 -16.12 -30.45 -101.59
C GLU OA 164 -16.81 -30.39 -100.25
N THR OA 165 -18.04 -30.91 -100.17
CA THR OA 165 -18.75 -30.97 -98.90
C THR OA 165 -18.07 -31.92 -97.93
N ILE OA 166 -17.78 -33.13 -98.39
CA ILE OA 166 -17.07 -34.10 -97.55
C ILE OA 166 -15.64 -33.66 -97.31
N SER OA 167 -15.09 -32.84 -98.21
CA SER OA 167 -13.74 -32.34 -98.03
C SER OA 167 -13.67 -31.32 -96.90
N GLN OA 168 -14.56 -30.33 -96.91
CA GLN OA 168 -14.54 -29.32 -95.85
C GLN OA 168 -15.00 -29.91 -94.53
N ALA OA 169 -15.92 -30.88 -94.58
CA ALA OA 169 -16.37 -31.56 -93.37
C ALA OA 169 -15.24 -32.37 -92.75
N MET OA 170 -14.46 -33.07 -93.57
CA MET OA 170 -13.35 -33.85 -93.02
C MET OA 170 -12.20 -32.99 -92.55
N LEU OA 171 -11.86 -31.93 -93.29
CA LEU OA 171 -10.72 -31.11 -92.87
C LEU OA 171 -11.04 -30.32 -91.61
N ASN OA 172 -12.20 -29.67 -91.59
CA ASN OA 172 -12.56 -28.89 -90.42
C ASN OA 172 -12.91 -29.77 -89.23
N ALA OA 173 -13.59 -30.89 -89.45
CA ALA OA 173 -13.96 -31.77 -88.35
C ALA OA 173 -12.75 -32.49 -87.77
N VAL OA 174 -11.83 -32.94 -88.63
CA VAL OA 174 -10.66 -33.66 -88.15
C VAL OA 174 -9.66 -32.72 -87.51
N ASP OA 175 -9.50 -31.50 -88.05
CA ASP OA 175 -8.50 -30.57 -87.52
C ASP OA 175 -8.84 -30.01 -86.16
N ARG OA 176 -10.04 -30.28 -85.63
CA ARG OA 176 -10.33 -29.96 -84.24
C ARG OA 176 -9.99 -31.13 -83.32
N ASP OA 177 -9.98 -32.35 -83.82
CA ASP OA 177 -9.58 -33.51 -83.04
C ASP OA 177 -8.07 -33.50 -82.88
N ALA OA 178 -7.58 -34.15 -81.84
CA ALA OA 178 -6.13 -34.29 -81.66
C ALA OA 178 -5.61 -35.61 -82.19
N VAL OA 179 -6.15 -36.73 -81.72
CA VAL OA 179 -5.54 -38.03 -81.98
C VAL OA 179 -5.79 -38.53 -83.40
N SER OA 180 -6.64 -37.86 -84.16
CA SER OA 180 -6.91 -38.22 -85.54
C SER OA 180 -6.44 -37.09 -86.46
N GLY OA 181 -5.95 -37.45 -87.63
CA GLY OA 181 -5.41 -36.44 -88.53
C GLY OA 181 -4.55 -37.06 -89.60
N MET OA 182 -3.51 -36.30 -89.99
CA MET OA 182 -2.42 -36.76 -90.85
C MET OA 182 -2.93 -37.18 -92.23
N GLY OA 183 -3.53 -36.24 -92.94
CA GLY OA 183 -3.91 -36.57 -94.30
C GLY OA 183 -5.24 -37.28 -94.38
N VAL OA 184 -6.01 -36.94 -95.40
CA VAL OA 184 -7.34 -37.49 -95.61
C VAL OA 184 -7.40 -38.08 -97.01
N ILE OA 185 -7.88 -39.32 -97.12
CA ILE OA 185 -8.18 -39.94 -98.40
C ILE OA 185 -9.69 -39.95 -98.58
N VAL OA 186 -10.14 -39.62 -99.79
CA VAL OA 186 -11.56 -39.52 -100.09
C VAL OA 186 -11.87 -40.35 -101.32
N HIS OA 187 -12.70 -41.37 -101.15
CA HIS OA 187 -13.22 -42.16 -102.26
C HIS OA 187 -14.61 -41.65 -102.59
N ILE OA 188 -14.84 -41.39 -103.88
CA ILE OA 188 -16.13 -41.00 -104.39
C ILE OA 188 -16.44 -41.88 -105.59
N ILE OA 189 -17.62 -42.47 -105.60
CA ILE OA 189 -17.98 -43.46 -106.60
C ILE OA 189 -19.31 -43.13 -107.26
N GLU OA 190 -19.26 -42.90 -108.57
CA GLU OA 190 -20.46 -42.74 -109.37
C GLU OA 190 -20.79 -44.09 -109.98
N LYS OA 191 -21.79 -44.10 -110.87
CA LYS OA 191 -22.19 -45.35 -111.49
C LYS OA 191 -21.13 -45.84 -112.47
N ASP OA 192 -20.40 -44.92 -113.10
CA ASP OA 192 -19.57 -45.31 -114.23
C ASP OA 192 -18.11 -45.48 -113.85
N LYS OA 193 -17.58 -44.58 -113.02
CA LYS OA 193 -16.16 -44.67 -112.71
C LYS OA 193 -15.95 -44.40 -111.22
N ILE OA 194 -14.79 -44.83 -110.74
CA ILE OA 194 -14.40 -44.70 -109.35
C ILE OA 194 -13.29 -43.68 -109.25
N THR OA 195 -13.53 -42.63 -108.46
CA THR OA 195 -12.56 -41.57 -108.28
C THR OA 195 -11.99 -41.66 -106.88
N THR OA 196 -10.67 -41.53 -106.76
CA THR OA 196 -9.99 -41.52 -105.48
C THR OA 196 -9.10 -40.29 -105.40
N ARG OA 197 -9.40 -39.41 -104.45
CA ARG OA 197 -8.59 -38.23 -104.23
C ARG OA 197 -8.13 -38.20 -102.79
N THR OA 198 -6.89 -37.75 -102.59
CA THR OA 198 -6.32 -37.61 -101.25
C THR OA 198 -6.07 -36.14 -101.00
N LEU OA 199 -6.77 -35.57 -100.02
CA LEU OA 199 -6.65 -34.16 -99.72
C LEU OA 199 -5.30 -33.86 -99.08
N LYS OA 200 -4.98 -32.57 -99.02
CA LYS OA 200 -3.79 -32.11 -98.32
C LYS OA 200 -4.22 -31.33 -97.09
N ALA OA 201 -4.00 -31.91 -95.92
CA ALA OA 201 -4.49 -31.36 -94.66
C ALA OA 201 -3.36 -30.75 -93.87
N ARG OA 202 -3.69 -30.24 -92.69
CA ARG OA 202 -2.66 -29.92 -91.71
C ARG OA 202 -2.02 -31.20 -91.20
N MET OA 203 -0.73 -31.36 -91.49
CA MET OA 203 0.00 -32.57 -91.10
C MET OA 203 0.59 -32.46 -89.70
N ASP OA 204 0.05 -31.59 -88.86
CA ASP OA 204 0.52 -31.37 -87.51
C ASP OA 204 0.00 -32.43 -86.53
N MET PA 1 11.61 -51.28 -73.28
CA MET PA 1 12.76 -50.96 -72.45
C MET PA 1 13.98 -50.68 -73.30
N GLU PA 2 14.44 -51.69 -74.04
CA GLU PA 2 15.52 -51.52 -75.01
C GLU PA 2 14.93 -51.60 -76.41
N TYR PA 3 15.57 -50.92 -77.36
CA TYR PA 3 14.98 -50.88 -78.68
C TYR PA 3 16.00 -51.04 -79.79
N LEU PA 4 15.59 -51.88 -80.74
CA LEU PA 4 16.35 -52.31 -81.92
C LEU PA 4 15.83 -51.51 -83.12
N ILE PA 5 16.61 -50.52 -83.56
CA ILE PA 5 16.18 -49.55 -84.57
C ILE PA 5 16.20 -50.19 -85.96
N GLY PA 6 15.38 -49.65 -86.86
CA GLY PA 6 14.99 -50.32 -88.09
C GLY PA 6 15.06 -49.60 -89.43
N ILE PA 7 16.14 -48.89 -89.75
CA ILE PA 7 16.18 -48.02 -90.92
C ILE PA 7 16.02 -48.78 -92.24
N GLN PA 8 15.01 -48.39 -93.02
CA GLN PA 8 14.75 -48.91 -94.35
C GLN PA 8 15.43 -48.05 -95.40
N GLY PA 9 16.03 -48.69 -96.39
CA GLY PA 9 16.69 -47.99 -97.46
C GLY PA 9 16.06 -48.20 -98.82
N PRO PA 10 16.73 -47.75 -99.87
CA PRO PA 10 16.19 -47.94 -101.23
C PRO PA 10 16.27 -49.38 -101.70
N ASP PA 11 17.40 -50.04 -101.44
CA ASP PA 11 17.60 -51.42 -101.81
C ASP PA 11 18.31 -52.23 -100.74
N TYR PA 12 18.45 -51.70 -99.54
CA TYR PA 12 18.96 -52.42 -98.39
C TYR PA 12 18.01 -52.20 -97.23
N VAL PA 13 18.10 -53.05 -96.22
CA VAL PA 13 17.35 -52.90 -94.98
C VAL PA 13 18.32 -52.94 -93.83
N LEU PA 14 18.41 -51.85 -93.07
CA LEU PA 14 19.34 -51.72 -91.97
C LEU PA 14 18.60 -51.89 -90.65
N VAL PA 15 18.86 -52.97 -89.95
CA VAL PA 15 18.37 -53.14 -88.59
C VAL PA 15 19.56 -53.13 -87.66
N ALA PA 16 19.36 -52.58 -86.47
CA ALA PA 16 20.34 -52.66 -85.40
C ALA PA 16 19.63 -53.26 -84.21
N SER PA 17 20.36 -53.34 -83.10
CA SER PA 17 19.81 -53.94 -81.89
C SER PA 17 20.67 -53.51 -80.72
N ASP PA 18 20.30 -53.96 -79.54
CA ASP PA 18 21.27 -53.95 -78.46
C ASP PA 18 21.83 -55.35 -78.28
N ARG PA 19 22.63 -55.52 -77.24
CA ARG PA 19 23.09 -56.83 -76.83
C ARG PA 19 22.80 -57.10 -75.36
N VAL PA 20 22.05 -56.21 -74.70
CA VAL PA 20 21.82 -56.25 -73.27
C VAL PA 20 20.68 -57.21 -72.92
N ALA PA 21 20.94 -58.11 -71.98
CA ALA PA 21 19.94 -59.05 -71.48
C ALA PA 21 19.37 -58.64 -70.13
N ALA PA 22 18.97 -57.37 -70.00
CA ALA PA 22 18.76 -56.69 -68.72
C ALA PA 22 17.81 -57.44 -67.78
N SER PA 23 18.01 -57.20 -66.48
CA SER PA 23 17.37 -57.91 -65.39
C SER PA 23 16.78 -56.89 -64.42
N ASN PA 24 16.55 -57.36 -63.19
CA ASN PA 24 16.02 -56.61 -62.03
C ASN PA 24 16.72 -55.26 -61.90
N ILE PA 25 18.01 -55.20 -61.55
CA ILE PA 25 18.78 -53.97 -61.65
C ILE PA 25 20.11 -54.30 -62.31
N VAL PA 26 20.42 -55.59 -62.40
CA VAL PA 26 21.72 -55.99 -62.92
C VAL PA 26 21.64 -56.27 -64.41
N GLN PA 27 22.81 -56.30 -65.03
CA GLN PA 27 22.94 -56.56 -66.46
C GLN PA 27 23.59 -57.93 -66.62
N MET PA 28 22.78 -58.96 -66.83
CA MET PA 28 23.23 -60.34 -66.75
C MET PA 28 24.15 -60.73 -67.89
N LYS PA 29 23.65 -60.70 -69.12
CA LYS PA 29 24.45 -61.05 -70.28
C LYS PA 29 24.62 -59.80 -71.13
N ASP PA 30 25.86 -59.32 -71.24
CA ASP PA 30 26.13 -58.12 -72.01
C ASP PA 30 26.06 -58.34 -73.52
N ASP PA 31 26.07 -59.59 -73.98
CA ASP PA 31 26.08 -59.89 -75.40
C ASP PA 31 25.00 -60.89 -75.82
N HIS PA 32 23.75 -60.67 -75.42
CA HIS PA 32 22.65 -61.51 -75.88
C HIS PA 32 22.17 -61.05 -77.25
N ASP PA 33 22.03 -62.00 -78.16
CA ASP PA 33 21.70 -61.69 -79.56
C ASP PA 33 20.20 -61.90 -79.79
N LYS PA 34 19.49 -60.81 -80.06
CA LYS PA 34 18.05 -60.84 -80.30
C LYS PA 34 17.67 -61.47 -81.63
N MET PA 35 18.60 -61.51 -82.57
CA MET PA 35 18.29 -61.67 -83.99
C MET PA 35 17.97 -63.12 -84.33
N PHE PA 36 16.91 -63.31 -85.10
CA PHE PA 36 16.40 -64.65 -85.43
C PHE PA 36 16.51 -64.84 -86.94
N LYS PA 37 17.55 -65.54 -87.36
CA LYS PA 37 17.74 -65.84 -88.78
C LYS PA 37 16.71 -66.86 -89.22
N MET PA 38 15.85 -66.47 -90.16
CA MET PA 38 14.71 -67.29 -90.56
C MET PA 38 14.90 -67.85 -91.96
N SER PA 39 15.09 -66.99 -92.95
CA SER PA 39 15.35 -67.37 -94.32
C SER PA 39 16.71 -66.84 -94.73
N GLU PA 40 17.00 -66.87 -96.01
CA GLU PA 40 18.20 -66.21 -96.49
C GLU PA 40 17.98 -64.73 -96.71
N LYS PA 41 16.76 -64.25 -96.53
CA LYS PA 41 16.45 -62.86 -96.77
C LYS PA 41 15.50 -62.26 -95.74
N ILE PA 42 15.26 -62.93 -94.61
CA ILE PA 42 14.30 -62.47 -93.61
C ILE PA 42 14.92 -62.52 -92.23
N LEU PA 43 14.95 -61.40 -91.54
CA LEU PA 43 15.32 -61.33 -90.14
C LEU PA 43 14.10 -61.05 -89.28
N LEU PA 44 14.21 -61.39 -88.00
CA LEU PA 44 13.15 -61.14 -87.03
C LEU PA 44 13.78 -60.69 -85.73
N LEU PA 45 13.17 -59.67 -85.13
CA LEU PA 45 13.58 -59.14 -83.85
C LEU PA 45 12.41 -59.31 -82.89
N CYS PA 46 12.69 -59.40 -81.59
CA CYS PA 46 11.60 -59.62 -80.64
C CYS PA 46 12.00 -59.18 -79.26
N VAL PA 47 11.36 -58.12 -78.76
CA VAL PA 47 11.56 -57.62 -77.40
C VAL PA 47 10.19 -57.29 -76.81
N GLY PA 48 9.89 -57.89 -75.67
CA GLY PA 48 8.63 -57.72 -75.00
C GLY PA 48 8.69 -58.38 -73.63
N GLU PA 49 7.65 -59.11 -73.30
CA GLU PA 49 7.70 -59.97 -72.12
C GLU PA 49 8.71 -61.09 -72.37
N ALA PA 50 9.48 -61.41 -71.34
CA ALA PA 50 10.68 -62.24 -71.43
C ALA PA 50 10.45 -63.64 -71.99
N GLY PA 51 9.50 -64.38 -71.40
CA GLY PA 51 9.38 -65.80 -71.73
C GLY PA 51 8.72 -66.09 -73.06
N ASP PA 52 8.29 -65.07 -73.80
CA ASP PA 52 7.48 -65.32 -74.98
C ASP PA 52 8.30 -65.22 -76.26
N THR PA 53 9.34 -64.38 -76.23
CA THR PA 53 10.19 -64.07 -77.38
C THR PA 53 10.84 -65.31 -77.98
N VAL PA 54 11.38 -66.14 -77.09
CA VAL PA 54 12.01 -67.39 -77.47
C VAL PA 54 11.00 -68.31 -78.16
N GLN PA 55 9.73 -68.21 -77.76
CA GLN PA 55 8.72 -69.08 -78.33
C GLN PA 55 8.12 -68.52 -79.62
N PHE PA 56 8.28 -67.23 -79.88
CA PHE PA 56 8.01 -66.77 -81.24
C PHE PA 56 9.14 -67.12 -82.18
N ALA PA 57 10.37 -67.18 -81.66
CA ALA PA 57 11.45 -67.78 -82.43
C ALA PA 57 11.13 -69.23 -82.76
N GLU PA 58 10.60 -69.98 -81.78
CA GLU PA 58 10.17 -71.35 -82.01
C GLU PA 58 9.10 -71.44 -83.08
N TYR PA 59 7.95 -70.78 -82.83
CA TYR PA 59 6.77 -70.85 -83.69
C TYR PA 59 7.05 -70.37 -85.10
N ILE PA 60 7.54 -69.15 -85.23
CA ILE PA 60 7.66 -68.55 -86.56
C ILE PA 60 8.86 -69.14 -87.29
N GLN PA 61 9.92 -69.46 -86.54
CA GLN PA 61 11.12 -70.05 -87.15
C GLN PA 61 10.81 -71.42 -87.73
N LYS PA 62 10.11 -72.25 -86.96
CA LYS PA 62 9.91 -73.60 -87.45
C LYS PA 62 8.69 -73.71 -88.35
N ASN PA 63 7.78 -72.74 -88.32
CA ASN PA 63 6.73 -72.72 -89.31
C ASN PA 63 7.25 -72.25 -90.67
N VAL PA 64 8.16 -71.28 -90.67
CA VAL PA 64 8.67 -70.79 -91.95
C VAL PA 64 9.67 -71.77 -92.54
N GLN PA 65 10.52 -72.38 -91.69
CA GLN PA 65 11.37 -73.46 -92.18
C GLN PA 65 10.54 -74.67 -92.61
N LEU PA 66 9.39 -74.89 -91.96
CA LEU PA 66 8.47 -75.93 -92.40
C LEU PA 66 7.94 -75.65 -93.80
N TYR PA 67 7.55 -74.40 -94.06
CA TYR PA 67 6.98 -74.07 -95.37
C TYR PA 67 8.03 -74.16 -96.46
N LYS PA 68 9.24 -73.67 -96.17
CA LYS PA 68 10.38 -73.79 -97.06
C LYS PA 68 10.68 -75.24 -97.41
N MET PA 69 10.59 -76.15 -96.43
CA MET PA 69 10.87 -77.55 -96.74
C MET PA 69 9.69 -78.21 -97.43
N ARG PA 70 8.48 -77.69 -97.22
CA ARG PA 70 7.32 -78.30 -97.86
C ARG PA 70 7.26 -77.97 -99.35
N ASN PA 71 7.21 -76.69 -99.69
CA ASN PA 71 7.00 -76.36 -101.10
C ASN PA 71 8.29 -76.10 -101.86
N GLY PA 72 9.44 -76.11 -101.20
CA GLY PA 72 10.70 -76.02 -101.88
C GLY PA 72 11.13 -74.64 -102.31
N TYR PA 73 10.41 -73.59 -101.93
CA TYR PA 73 10.82 -72.22 -102.23
C TYR PA 73 10.50 -71.33 -101.04
N GLU PA 74 10.84 -70.06 -101.18
CA GLU PA 74 10.95 -69.17 -100.05
C GLU PA 74 9.69 -68.32 -99.92
N LEU PA 75 9.43 -67.84 -98.71
CA LEU PA 75 8.31 -66.94 -98.50
C LEU PA 75 8.69 -65.49 -98.81
N SER PA 76 7.69 -64.69 -99.08
CA SER PA 76 7.83 -63.26 -99.19
C SER PA 76 7.87 -62.65 -97.80
N PRO PA 77 8.38 -61.43 -97.64
CA PRO PA 77 8.26 -60.76 -96.33
C PRO PA 77 6.84 -60.47 -95.93
N THR PA 78 5.96 -60.20 -96.90
CA THR PA 78 4.59 -59.84 -96.59
C THR PA 78 3.82 -61.02 -96.02
N ALA PA 79 4.05 -62.22 -96.56
CA ALA PA 79 3.41 -63.41 -96.04
C ALA PA 79 3.88 -63.75 -94.64
N ALA PA 80 5.17 -63.53 -94.35
CA ALA PA 80 5.68 -63.78 -93.00
C ALA PA 80 5.10 -62.76 -92.02
N ALA PA 81 4.98 -61.51 -92.46
CA ALA PA 81 4.42 -60.48 -91.59
C ALA PA 81 2.97 -60.75 -91.26
N ASN PA 82 2.18 -61.08 -92.26
CA ASN PA 82 0.76 -61.28 -92.03
C ASN PA 82 0.52 -62.61 -91.30
N PHE PA 83 1.45 -63.55 -91.46
CA PHE PA 83 1.42 -64.80 -90.70
C PHE PA 83 1.65 -64.57 -89.22
N THR PA 84 2.64 -63.74 -88.88
CA THR PA 84 2.86 -63.38 -87.48
C THR PA 84 1.69 -62.60 -86.92
N ARG PA 85 1.06 -61.78 -87.77
CA ARG PA 85 -0.17 -61.10 -87.34
C ARG PA 85 -1.29 -62.09 -87.07
N ARG PA 86 -1.27 -63.23 -87.77
CA ARG PA 86 -2.25 -64.27 -87.45
C ARG PA 86 -1.98 -64.93 -86.11
N ASN PA 87 -0.71 -65.15 -85.79
CA ASN PA 87 -0.45 -65.86 -84.54
C ASN PA 87 -0.65 -64.97 -83.32
N LEU PA 88 -0.34 -63.67 -83.43
CA LEU PA 88 -0.73 -62.76 -82.36
C LEU PA 88 -2.25 -62.54 -82.36
N ALA PA 89 -2.87 -62.64 -83.55
CA ALA PA 89 -4.29 -62.39 -83.66
C ALA PA 89 -5.13 -63.48 -82.99
N ASP PA 90 -4.78 -64.75 -83.21
CA ASP PA 90 -5.43 -65.83 -82.49
C ASP PA 90 -4.92 -65.90 -81.05
N CYS PA 91 -3.74 -65.35 -80.81
CA CYS PA 91 -3.21 -65.29 -79.45
C CYS PA 91 -4.03 -64.39 -78.54
N LEU PA 92 -4.39 -63.19 -79.01
CA LEU PA 92 -4.81 -62.11 -78.13
C LEU PA 92 -6.15 -62.36 -77.43
N ARG PA 93 -7.10 -62.98 -78.12
CA ARG PA 93 -8.38 -63.32 -77.51
C ARG PA 93 -8.35 -64.78 -77.09
N SER PA 94 -7.43 -65.13 -76.20
CA SER PA 94 -7.30 -66.53 -75.80
C SER PA 94 -6.72 -66.60 -74.40
N ARG PA 95 -6.44 -67.84 -73.97
CA ARG PA 95 -6.04 -68.07 -72.59
C ARG PA 95 -4.62 -67.60 -72.34
N THR PA 96 -3.79 -67.58 -73.38
CA THR PA 96 -2.38 -67.20 -73.26
C THR PA 96 -2.11 -66.00 -74.16
N PRO PA 97 -2.28 -64.79 -73.64
CA PRO PA 97 -1.93 -63.61 -74.43
C PRO PA 97 -0.42 -63.38 -74.44
N TYR PA 98 0.18 -63.52 -75.61
CA TYR PA 98 1.60 -63.20 -75.71
C TYR PA 98 1.80 -61.69 -75.71
N HIS PA 99 2.90 -61.26 -75.12
CA HIS PA 99 3.22 -59.84 -75.02
C HIS PA 99 4.60 -59.62 -75.65
N VAL PA 100 4.62 -59.51 -76.97
CA VAL PA 100 5.82 -59.22 -77.75
C VAL PA 100 5.54 -58.00 -78.60
N ASN PA 101 6.59 -57.39 -79.15
CA ASN PA 101 6.42 -56.11 -79.82
C ASN PA 101 7.05 -56.04 -81.21
N LEU PA 102 8.21 -56.66 -81.42
CA LEU PA 102 9.07 -56.17 -82.48
C LEU PA 102 8.73 -56.79 -83.84
N LEU PA 103 9.67 -56.61 -84.77
CA LEU PA 103 9.43 -56.39 -86.18
C LEU PA 103 10.11 -57.43 -87.05
N LEU PA 104 9.54 -57.63 -88.23
CA LEU PA 104 10.13 -58.40 -89.31
C LEU PA 104 10.75 -57.47 -90.35
N ALA PA 105 11.93 -57.85 -90.84
CA ALA PA 105 12.62 -57.12 -91.88
C ALA PA 105 13.02 -58.13 -92.95
N GLY PA 106 12.69 -57.82 -94.20
CA GLY PA 106 12.90 -58.79 -95.26
C GLY PA 106 13.24 -58.14 -96.58
N TYR PA 107 13.71 -58.96 -97.51
CA TYR PA 107 14.05 -58.55 -98.86
C TYR PA 107 13.48 -59.56 -99.85
N ASP PA 108 12.36 -59.22 -100.47
CA ASP PA 108 11.90 -60.03 -101.58
C ASP PA 108 12.78 -59.79 -102.80
N GLU PA 109 12.99 -60.85 -103.58
CA GLU PA 109 13.82 -60.74 -104.78
C GLU PA 109 13.13 -59.97 -105.90
N HIS PA 110 11.81 -59.81 -105.84
CA HIS PA 110 11.07 -59.07 -106.86
C HIS PA 110 10.46 -57.80 -106.29
N GLU PA 111 10.00 -57.81 -105.04
CA GLU PA 111 9.41 -56.63 -104.45
C GLU PA 111 10.44 -55.72 -103.80
N GLY PA 112 11.72 -56.05 -103.93
CA GLY PA 112 12.77 -55.24 -103.37
C GLY PA 112 12.86 -55.38 -101.86
N PRO PA 113 13.21 -54.31 -101.17
CA PRO PA 113 13.31 -54.36 -99.71
C PRO PA 113 11.92 -54.25 -99.09
N ALA PA 114 11.84 -54.58 -97.80
CA ALA PA 114 10.57 -54.58 -97.10
C ALA PA 114 10.83 -54.41 -95.62
N LEU PA 115 9.88 -53.80 -94.92
CA LEU PA 115 9.94 -53.64 -93.48
C LEU PA 115 8.54 -53.63 -92.91
N TYR PA 116 8.31 -54.39 -91.84
CA TYR PA 116 7.02 -54.41 -91.19
C TYR PA 116 7.18 -54.14 -89.71
N TYR PA 117 6.04 -54.02 -89.03
CA TYR PA 117 5.98 -53.41 -87.71
C TYR PA 117 4.84 -54.02 -86.91
N MET PA 118 5.17 -54.74 -85.86
CA MET PA 118 4.16 -55.33 -85.00
C MET PA 118 3.90 -54.42 -83.81
N ASP PA 119 3.04 -54.93 -82.91
CA ASP PA 119 2.80 -54.42 -81.58
C ASP PA 119 2.06 -55.53 -80.86
N TYR PA 120 1.97 -55.43 -79.53
CA TYR PA 120 1.28 -56.50 -78.79
C TYR PA 120 -0.22 -56.50 -79.03
N LEU PA 121 -0.76 -55.45 -79.62
CA LEU PA 121 -2.12 -55.47 -80.14
C LEU PA 121 -2.15 -55.71 -81.64
N ALA PA 122 -1.20 -56.47 -82.18
CA ALA PA 122 -1.22 -57.14 -83.48
C ALA PA 122 -1.49 -56.24 -84.69
N ALA PA 123 -1.14 -54.96 -84.66
CA ALA PA 123 -1.37 -54.12 -85.81
C ALA PA 123 -0.18 -54.15 -86.75
N LEU PA 124 -0.46 -54.06 -88.05
CA LEU PA 124 0.56 -54.03 -89.08
C LEU PA 124 0.92 -52.60 -89.45
N ALA PA 125 2.05 -52.47 -90.13
CA ALA PA 125 2.48 -51.20 -90.72
C ALA PA 125 3.54 -51.50 -91.76
N LYS PA 126 3.50 -50.73 -92.84
CA LYS PA 126 4.55 -50.73 -93.85
C LYS PA 126 5.36 -49.46 -93.62
N ALA PA 127 6.28 -49.51 -92.67
CA ALA PA 127 6.93 -48.31 -92.18
C ALA PA 127 8.31 -48.22 -92.81
N PRO PA 128 8.77 -47.00 -93.15
CA PRO PA 128 10.16 -46.85 -93.60
C PRO PA 128 11.15 -46.70 -92.47
N PHE PA 129 10.68 -46.64 -91.22
CA PHE PA 129 11.46 -46.83 -90.01
C PHE PA 129 10.50 -47.02 -88.84
N ALA PA 130 10.99 -47.61 -87.77
CA ALA PA 130 10.10 -48.21 -86.80
C ALA PA 130 10.42 -47.68 -85.40
N ALA PA 131 9.67 -48.20 -84.42
CA ALA PA 131 9.66 -47.62 -83.08
C ALA PA 131 9.08 -48.57 -82.04
N HIS PA 132 9.90 -48.91 -81.05
CA HIS PA 132 9.46 -49.52 -79.81
C HIS PA 132 10.42 -49.10 -78.72
N GLY PA 133 10.35 -49.80 -77.59
CA GLY PA 133 11.26 -49.53 -76.48
C GLY PA 133 11.00 -48.17 -75.87
N TYR PA 134 11.93 -47.71 -75.04
CA TYR PA 134 11.91 -46.30 -74.67
C TYR PA 134 12.92 -45.52 -75.50
N GLY PA 135 13.62 -46.20 -76.39
CA GLY PA 135 14.58 -45.55 -77.25
C GLY PA 135 13.94 -44.64 -78.27
N ALA PA 136 12.76 -45.03 -78.75
CA ALA PA 136 12.12 -44.45 -79.93
C ALA PA 136 11.90 -42.96 -79.78
N PHE PA 137 11.49 -42.56 -78.58
CA PHE PA 137 11.30 -41.18 -78.15
C PHE PA 137 12.51 -40.30 -78.43
N LEU PA 138 13.71 -40.81 -78.27
CA LEU PA 138 14.90 -40.04 -78.55
C LEU PA 138 15.66 -40.53 -79.77
N THR PA 139 15.08 -41.44 -80.56
CA THR PA 139 15.70 -41.78 -81.83
C THR PA 139 15.02 -41.09 -83.00
N LEU PA 140 13.70 -41.26 -83.13
CA LEU PA 140 13.12 -40.97 -84.44
C LEU PA 140 12.88 -39.49 -84.71
N SER PA 141 13.27 -38.58 -83.82
CA SER PA 141 13.34 -37.19 -84.23
C SER PA 141 14.60 -36.95 -85.05
N ILE PA 142 15.71 -37.54 -84.63
CA ILE PA 142 16.91 -37.54 -85.47
C ILE PA 142 16.65 -38.32 -86.73
N LEU PA 143 16.05 -39.50 -86.60
CA LEU PA 143 15.86 -40.37 -87.73
C LEU PA 143 14.85 -39.79 -88.72
N ASP PA 144 13.91 -38.99 -88.25
CA ASP PA 144 13.03 -38.28 -89.16
C ASP PA 144 13.73 -37.03 -89.70
N ARG PA 145 14.67 -36.50 -88.92
CA ARG PA 145 15.33 -35.24 -89.27
C ARG PA 145 16.30 -35.41 -90.41
N TYR PA 146 17.14 -36.44 -90.37
CA TYR PA 146 18.15 -36.68 -91.40
C TYR PA 146 17.72 -37.92 -92.16
N TYR PA 147 16.83 -37.77 -93.13
CA TYR PA 147 16.40 -38.94 -93.88
C TYR PA 147 15.88 -38.52 -95.25
N THR PA 148 16.15 -39.36 -96.24
CA THR PA 148 15.75 -39.16 -97.61
C THR PA 148 15.48 -40.53 -98.22
N PRO PA 149 14.42 -40.69 -99.03
CA PRO PA 149 14.17 -42.00 -99.65
C PRO PA 149 15.19 -42.46 -100.69
N THR PA 150 16.26 -41.69 -100.92
CA THR PA 150 17.40 -42.16 -101.70
C THR PA 150 18.68 -42.18 -100.89
N ILE PA 151 18.64 -42.69 -99.66
CA ILE PA 151 19.81 -42.59 -98.80
C ILE PA 151 20.80 -43.72 -99.09
N SER PA 152 22.07 -43.37 -99.14
CA SER PA 152 23.11 -44.35 -99.38
C SER PA 152 23.44 -45.09 -98.09
N ARG PA 153 24.07 -46.26 -98.21
CA ARG PA 153 24.29 -47.09 -97.03
C ARG PA 153 25.41 -46.55 -96.15
N GLU PA 154 26.32 -45.75 -96.71
CA GLU PA 154 27.35 -45.13 -95.89
C GLU PA 154 26.76 -44.07 -94.97
N ARG PA 155 25.84 -43.25 -95.51
CA ARG PA 155 25.17 -42.28 -94.66
C ARG PA 155 24.10 -42.93 -93.81
N ALA PA 156 23.70 -44.16 -94.14
CA ALA PA 156 22.87 -44.93 -93.23
C ALA PA 156 23.67 -45.37 -92.01
N VAL PA 157 24.91 -45.80 -92.24
CA VAL PA 157 25.79 -46.17 -91.13
C VAL PA 157 26.13 -44.96 -90.28
N GLU PA 158 26.47 -43.83 -90.91
CA GLU PA 158 26.82 -42.64 -90.13
C GLU PA 158 25.59 -42.04 -89.45
N LEU PA 159 24.42 -42.17 -90.07
CA LEU PA 159 23.17 -41.78 -89.43
C LEU PA 159 22.90 -42.63 -88.20
N LEU PA 160 23.20 -43.92 -88.31
CA LEU PA 160 23.10 -44.81 -87.15
C LEU PA 160 24.10 -44.42 -86.07
N ARG PA 161 25.28 -43.93 -86.47
CA ARG PA 161 26.26 -43.43 -85.50
C ARG PA 161 25.74 -42.21 -84.77
N LYS PA 162 25.09 -41.29 -85.49
CA LYS PA 162 24.57 -40.07 -84.86
C LYS PA 162 23.45 -40.39 -83.87
N CYS PA 163 22.50 -41.21 -84.32
CA CYS PA 163 21.38 -41.61 -83.48
C CYS PA 163 21.84 -42.39 -82.25
N LEU PA 164 22.87 -43.20 -82.41
CA LEU PA 164 23.34 -44.04 -81.32
C LEU PA 164 24.27 -43.27 -80.40
N GLU PA 165 24.84 -42.16 -80.87
CA GLU PA 165 25.39 -41.15 -79.97
C GLU PA 165 24.30 -40.52 -79.14
N GLU PA 166 23.17 -40.19 -79.77
CA GLU PA 166 22.06 -39.59 -79.05
C GLU PA 166 21.42 -40.53 -78.04
N LEU PA 167 21.55 -41.85 -78.21
CA LEU PA 167 21.11 -42.77 -77.16
C LEU PA 167 21.94 -42.65 -75.89
N GLN PA 168 23.26 -42.72 -75.97
CA GLN PA 168 24.10 -42.72 -74.76
C GLN PA 168 24.54 -41.30 -74.44
N LYS PA 169 23.60 -40.36 -74.50
CA LYS PA 169 23.89 -39.02 -74.02
C LYS PA 169 22.93 -38.65 -72.91
N ARG PA 170 21.63 -38.88 -73.13
CA ARG PA 170 20.61 -38.44 -72.20
C ARG PA 170 19.71 -39.55 -71.68
N PHE PA 171 19.97 -40.82 -71.99
CA PHE PA 171 19.15 -41.86 -71.38
C PHE PA 171 19.60 -42.16 -69.96
N ILE PA 172 18.66 -42.70 -69.18
CA ILE PA 172 18.97 -43.34 -67.92
C ILE PA 172 19.26 -44.82 -68.09
N LEU PA 173 19.41 -45.27 -69.33
CA LEU PA 173 19.81 -46.64 -69.62
C LEU PA 173 21.30 -46.65 -69.94
N ASN PA 174 21.86 -47.84 -70.13
CA ASN PA 174 23.30 -47.97 -70.31
C ASN PA 174 23.62 -48.35 -71.76
N LEU PA 175 23.16 -49.51 -72.23
CA LEU PA 175 23.22 -50.01 -73.60
C LEU PA 175 24.60 -49.90 -74.27
N PRO PA 176 25.60 -50.66 -73.84
CA PRO PA 176 26.97 -50.43 -74.35
C PRO PA 176 27.23 -50.89 -75.78
N THR PA 177 26.82 -52.09 -76.15
CA THR PA 177 27.20 -52.68 -77.44
C THR PA 177 25.96 -52.93 -78.27
N PHE PA 178 26.05 -52.62 -79.56
CA PHE PA 178 24.91 -52.65 -80.48
C PHE PA 178 25.27 -53.53 -81.67
N SER PA 179 24.56 -54.65 -81.84
CA SER PA 179 24.78 -55.48 -83.01
C SER PA 179 23.95 -54.98 -84.19
N VAL PA 180 24.53 -55.09 -85.39
CA VAL PA 180 23.97 -54.49 -86.60
C VAL PA 180 24.05 -55.50 -87.74
N ARG PA 181 22.93 -55.72 -88.42
CA ARG PA 181 22.93 -56.48 -89.66
C ARG PA 181 22.61 -55.57 -90.83
N ILE PA 182 22.64 -56.16 -92.02
CA ILE PA 182 22.24 -55.49 -93.26
C ILE PA 182 21.74 -56.57 -94.21
N ILE PA 183 20.75 -56.22 -95.03
CA ILE PA 183 20.07 -57.19 -95.89
C ILE PA 183 20.08 -56.64 -97.31
N ASP PA 184 20.55 -57.43 -98.27
CA ASP PA 184 20.61 -56.98 -99.66
C ASP PA 184 20.19 -58.13 -100.56
N LYS PA 185 20.50 -57.98 -101.86
CA LYS PA 185 20.18 -59.01 -102.85
C LYS PA 185 20.93 -60.31 -102.57
N ASN PA 186 22.15 -60.24 -102.07
CA ASN PA 186 22.90 -61.42 -101.70
C ASN PA 186 22.62 -61.87 -100.27
N GLY PA 187 21.52 -61.42 -99.67
CA GLY PA 187 21.09 -61.98 -98.40
C GLY PA 187 21.39 -61.11 -97.20
N ILE PA 188 21.50 -61.74 -96.03
CA ILE PA 188 21.90 -61.03 -94.83
C ILE PA 188 23.42 -61.01 -94.76
N HIS PA 189 24.00 -59.82 -94.68
CA HIS PA 189 25.40 -59.68 -94.36
C HIS PA 189 25.51 -59.19 -92.93
N ASP PA 190 26.48 -59.70 -92.20
CA ASP PA 190 26.76 -59.18 -90.87
C ASP PA 190 27.77 -58.05 -90.97
N LEU PA 191 27.37 -56.88 -90.50
CA LEU PA 191 28.28 -55.76 -90.37
C LEU PA 191 29.01 -55.87 -89.04
N ASP PA 192 29.98 -54.99 -88.85
CA ASP PA 192 30.79 -54.98 -87.64
C ASP PA 192 29.95 -54.61 -86.43
N ASN PA 193 30.42 -55.05 -85.26
CA ASN PA 193 29.75 -54.72 -84.01
C ASN PA 193 29.98 -53.24 -83.72
N ILE PA 194 28.93 -52.56 -83.27
CA ILE PA 194 29.01 -51.16 -82.91
C ILE PA 194 29.07 -51.07 -81.39
N SER PA 195 30.08 -50.40 -80.87
CA SER PA 195 30.30 -50.32 -79.45
C SER PA 195 30.82 -48.94 -79.09
N PHE PA 196 30.75 -48.64 -77.81
CA PHE PA 196 31.28 -47.41 -77.26
C PHE PA 196 32.31 -47.73 -76.20
N PRO PA 197 33.54 -47.21 -76.33
CA PRO PA 197 34.59 -47.53 -75.36
C PRO PA 197 34.27 -47.03 -73.96
N LYS PA 198 34.81 -47.71 -72.96
CA LYS PA 198 34.44 -47.48 -71.57
C LYS PA 198 35.22 -46.34 -70.95
N GLN PA 199 36.55 -46.40 -71.02
CA GLN PA 199 37.41 -45.38 -70.43
C GLN PA 199 38.28 -44.71 -71.49
N THR QA 1 20.29 -66.92 -49.34
CA THR QA 1 20.32 -67.70 -50.55
C THR QA 1 21.23 -67.06 -51.57
N THR QA 2 22.36 -67.70 -51.87
CA THR QA 2 23.26 -67.20 -52.89
C THR QA 2 23.97 -68.38 -53.54
N THR QA 3 23.80 -68.51 -54.86
CA THR QA 3 24.58 -69.43 -55.67
C THR QA 3 25.31 -68.62 -56.72
N LEU QA 4 26.35 -69.20 -57.29
CA LEU QA 4 27.00 -68.57 -58.44
C LEU QA 4 27.58 -69.65 -59.33
N ALA QA 5 27.90 -69.25 -60.56
CA ALA QA 5 28.48 -70.17 -61.53
C ALA QA 5 29.27 -69.36 -62.54
N PHE QA 6 30.57 -69.59 -62.58
CA PHE QA 6 31.40 -68.98 -63.60
C PHE QA 6 32.30 -70.05 -64.18
N LYS QA 7 32.52 -69.99 -65.48
CA LYS QA 7 33.32 -70.99 -66.16
C LYS QA 7 34.65 -70.40 -66.59
N PHE QA 8 35.63 -71.27 -66.77
CA PHE QA 8 36.95 -70.87 -67.22
C PHE QA 8 37.53 -72.03 -68.02
N ARG QA 9 38.85 -72.01 -68.23
CA ARG QA 9 39.49 -72.93 -69.16
C ARG QA 9 39.43 -74.37 -68.66
N HIS QA 10 39.45 -74.58 -67.35
CA HIS QA 10 39.47 -75.92 -66.80
C HIS QA 10 38.14 -76.32 -66.17
N GLY QA 11 37.05 -75.68 -66.56
CA GLY QA 11 35.75 -76.13 -66.09
C GLY QA 11 34.83 -75.05 -65.55
N VAL QA 12 33.76 -75.48 -64.88
CA VAL QA 12 32.73 -74.59 -64.39
C VAL QA 12 32.63 -74.76 -62.87
N ILE QA 13 32.87 -73.70 -62.13
CA ILE QA 13 32.73 -73.72 -60.68
C ILE QA 13 31.27 -73.45 -60.34
N VAL QA 14 30.73 -74.22 -59.40
CA VAL QA 14 29.41 -73.97 -58.83
C VAL QA 14 29.58 -73.88 -57.32
N ALA QA 15 29.16 -72.76 -56.73
CA ALA QA 15 29.24 -72.60 -55.30
C ALA QA 15 27.88 -72.17 -54.78
N ALA QA 16 27.61 -72.53 -53.53
CA ALA QA 16 26.33 -72.24 -52.92
C ALA QA 16 26.46 -72.36 -51.41
N ASP QA 17 25.64 -71.60 -50.70
CA ASP QA 17 25.45 -71.87 -49.28
C ASP QA 17 24.13 -72.61 -49.06
N SER QA 18 23.80 -72.86 -47.80
CA SER QA 18 22.76 -73.81 -47.48
C SER QA 18 21.69 -73.30 -46.52
N ARG QA 19 21.58 -71.99 -46.30
CA ARG QA 19 20.58 -71.48 -45.38
C ARG QA 19 19.31 -71.13 -46.14
N ALA QA 20 18.25 -71.90 -45.92
CA ALA QA 20 16.96 -71.67 -46.56
C ALA QA 20 15.94 -71.28 -45.51
N THR QA 21 15.51 -70.02 -45.55
CA THR QA 21 14.71 -69.43 -44.48
C THR QA 21 13.27 -69.34 -44.93
N ALA QA 22 12.39 -69.10 -43.96
CA ALA QA 22 10.96 -68.93 -44.21
C ALA QA 22 10.50 -67.69 -43.45
N GLY QA 23 10.60 -66.53 -44.10
CA GLY QA 23 10.25 -65.31 -43.41
C GLY QA 23 11.36 -64.87 -42.47
N ALA QA 24 10.97 -64.54 -41.24
CA ALA QA 24 11.94 -64.18 -40.21
C ALA QA 24 12.61 -65.39 -39.58
N TYR QA 25 12.07 -66.58 -39.76
CA TYR QA 25 12.56 -67.75 -39.04
C TYR QA 25 13.38 -68.67 -39.95
N ILE QA 26 14.55 -69.07 -39.47
CA ILE QA 26 15.40 -69.98 -40.24
C ILE QA 26 14.97 -71.41 -39.96
N ALA QA 27 14.83 -72.21 -41.02
CA ALA QA 27 14.48 -73.62 -40.89
C ALA QA 27 15.72 -74.45 -40.57
N SER QA 28 16.73 -74.43 -41.43
CA SER QA 28 17.86 -75.34 -41.28
C SER QA 28 19.14 -74.69 -41.77
N GLN QA 29 20.24 -75.42 -41.62
CA GLN QA 29 21.53 -75.01 -42.15
C GLN QA 29 22.12 -76.05 -43.10
N THR QA 30 21.31 -76.99 -43.57
CA THR QA 30 21.80 -78.16 -44.30
C THR QA 30 21.17 -78.31 -45.67
N VAL QA 31 20.54 -77.27 -46.21
CA VAL QA 31 19.81 -77.43 -47.47
C VAL QA 31 20.80 -77.42 -48.62
N LYS QA 32 21.10 -78.61 -49.15
CA LYS QA 32 22.07 -78.77 -50.22
C LYS QA 32 21.42 -78.27 -51.51
N LYS QA 33 21.74 -77.05 -51.90
CA LYS QA 33 20.98 -76.39 -52.95
C LYS QA 33 21.45 -76.81 -54.33
N VAL QA 34 22.71 -77.23 -54.45
CA VAL QA 34 23.18 -77.74 -55.73
C VAL QA 34 22.64 -79.15 -55.92
N ILE QA 35 21.57 -79.27 -56.70
CA ILE QA 35 20.88 -80.53 -56.89
C ILE QA 35 21.60 -81.32 -57.97
N GLU QA 36 22.08 -82.50 -57.61
CA GLU QA 36 22.84 -83.35 -58.50
C GLU QA 36 21.85 -84.12 -59.38
N ILE QA 37 21.91 -83.88 -60.68
CA ILE QA 37 21.00 -84.56 -61.60
C ILE QA 37 21.60 -85.87 -62.09
N ASN QA 38 22.77 -85.78 -62.68
CA ASN QA 38 23.39 -86.92 -63.33
C ASN QA 38 24.81 -87.07 -62.83
N PRO QA 39 25.55 -88.11 -63.24
CA PRO QA 39 27.01 -88.06 -63.09
C PRO QA 39 27.71 -87.08 -64.02
N TYR QA 40 26.99 -86.26 -64.79
CA TYR QA 40 27.61 -85.32 -65.71
C TYR QA 40 26.91 -83.97 -65.76
N LEU QA 41 25.89 -83.73 -64.94
CA LEU QA 41 25.24 -82.43 -64.87
C LEU QA 41 25.13 -81.97 -63.42
N LEU QA 42 24.78 -80.70 -63.25
CA LEU QA 42 24.44 -80.15 -61.96
C LEU QA 42 23.29 -79.17 -62.13
N GLY QA 43 22.38 -79.14 -61.15
CA GLY QA 43 21.34 -78.14 -61.09
C GLY QA 43 21.38 -77.45 -59.74
N THR QA 44 20.80 -76.25 -59.71
CA THR QA 44 20.80 -75.46 -58.48
C THR QA 44 19.40 -75.26 -57.94
N MET QA 45 19.27 -74.43 -56.92
CA MET QA 45 17.98 -74.19 -56.28
C MET QA 45 17.84 -72.71 -56.01
N ALA QA 46 16.65 -72.17 -56.28
CA ALA QA 46 16.39 -70.76 -56.07
C ALA QA 46 14.91 -70.54 -55.85
N GLY QA 47 14.58 -69.94 -54.71
CA GLY QA 47 13.18 -69.67 -54.42
C GLY QA 47 12.52 -70.85 -53.75
N GLY QA 48 11.47 -71.36 -54.40
CA GLY QA 48 10.75 -72.51 -53.85
C GLY QA 48 11.57 -73.78 -53.97
N ALA QA 49 11.76 -74.44 -52.83
CA ALA QA 49 12.67 -75.58 -52.78
C ALA QA 49 12.06 -76.80 -53.45
N ALA QA 50 10.77 -77.03 -53.23
CA ALA QA 50 10.12 -78.19 -53.84
C ALA QA 50 9.87 -77.95 -55.32
N ASP QA 51 9.84 -76.68 -55.74
CA ASP QA 51 9.76 -76.37 -57.16
C ASP QA 51 11.03 -76.78 -57.88
N CYS QA 52 12.18 -76.35 -57.35
CA CYS QA 52 13.46 -76.69 -57.97
C CYS QA 52 13.73 -78.19 -57.90
N SER QA 53 13.41 -78.80 -56.76
CA SER QA 53 13.60 -80.23 -56.59
C SER QA 53 12.71 -81.02 -57.54
N PHE QA 54 11.45 -80.58 -57.67
CA PHE QA 54 10.51 -81.36 -58.45
C PHE QA 54 10.78 -81.21 -59.94
N TRP QA 55 10.99 -79.98 -60.42
CA TRP QA 55 11.15 -79.81 -61.85
C TRP QA 55 12.52 -80.26 -62.32
N GLU QA 56 13.55 -80.11 -61.49
CA GLU QA 56 14.83 -80.69 -61.88
C GLU QA 56 14.83 -82.20 -61.76
N ARG QA 57 13.99 -82.74 -60.88
CA ARG QA 57 13.85 -84.18 -60.80
C ARG QA 57 13.13 -84.71 -62.04
N LEU QA 58 12.17 -83.95 -62.55
CA LEU QA 58 11.51 -84.30 -63.81
C LEU QA 58 12.46 -84.14 -64.99
N LEU QA 59 13.37 -83.18 -64.91
CA LEU QA 59 14.43 -83.06 -65.89
C LEU QA 59 15.35 -84.27 -65.85
N ALA QA 60 15.59 -84.82 -64.66
CA ALA QA 60 16.39 -86.03 -64.55
C ALA QA 60 15.66 -87.22 -65.17
N ARG QA 61 14.34 -87.26 -65.02
CA ARG QA 61 13.54 -88.27 -65.69
C ARG QA 61 13.70 -88.21 -67.20
N GLN QA 62 13.53 -87.00 -67.77
CA GLN QA 62 13.55 -86.86 -69.22
C GLN QA 62 14.96 -87.08 -69.79
N CYS QA 63 15.99 -86.61 -69.06
CA CYS QA 63 17.37 -86.82 -69.50
C CYS QA 63 17.76 -88.29 -69.47
N ARG QA 64 17.33 -89.01 -68.42
CA ARG QA 64 17.68 -90.43 -68.35
C ARG QA 64 16.97 -91.22 -69.44
N ILE QA 65 15.70 -90.89 -69.72
CA ILE QA 65 14.98 -91.59 -70.79
C ILE QA 65 15.60 -91.28 -72.15
N TYR QA 66 16.09 -90.05 -72.32
CA TYR QA 66 16.80 -89.68 -73.56
C TYR QA 66 18.07 -90.48 -73.73
N GLU QA 67 18.82 -90.68 -72.64
CA GLU QA 67 20.06 -91.44 -72.71
C GLU QA 67 19.77 -92.92 -72.98
N LEU QA 68 18.66 -93.43 -72.45
CA LEU QA 68 18.32 -94.82 -72.71
C LEU QA 68 17.76 -95.02 -74.11
N ARG QA 69 17.27 -93.94 -74.74
CA ARG QA 69 16.83 -94.05 -76.13
C ARG QA 69 17.99 -93.96 -77.09
N ASN QA 70 18.72 -92.85 -77.08
CA ASN QA 70 19.71 -92.59 -78.10
C ASN QA 70 21.08 -93.19 -77.83
N LYS QA 71 21.24 -93.90 -76.69
CA LYS QA 71 22.49 -94.55 -76.28
C LYS QA 71 23.66 -93.57 -76.21
N GLU QA 72 23.36 -92.33 -75.83
CA GLU QA 72 24.37 -91.28 -75.78
C GLU QA 72 23.83 -90.19 -74.87
N ARG QA 73 24.73 -89.54 -74.14
CA ARG QA 73 24.32 -88.59 -73.12
C ARG QA 73 23.81 -87.30 -73.75
N ILE QA 74 22.90 -86.63 -73.06
CA ILE QA 74 22.32 -85.42 -73.61
C ILE QA 74 23.27 -84.25 -73.38
N SER QA 75 23.13 -83.21 -74.19
CA SER QA 75 23.95 -82.02 -74.01
C SER QA 75 23.40 -81.13 -72.91
N VAL QA 76 23.92 -79.92 -72.82
CA VAL QA 76 23.48 -79.00 -71.78
C VAL QA 76 22.32 -78.15 -72.27
N ALA QA 77 22.41 -77.68 -73.52
CA ALA QA 77 21.43 -76.74 -74.07
C ALA QA 77 20.08 -77.42 -74.28
N ALA QA 78 20.09 -78.69 -74.66
CA ALA QA 78 18.85 -79.42 -74.85
C ALA QA 78 18.14 -79.65 -73.51
N ALA QA 79 18.91 -79.89 -72.45
CA ALA QA 79 18.32 -80.05 -71.13
C ALA QA 79 17.72 -78.74 -70.64
N SER QA 80 18.42 -77.63 -70.90
CA SER QA 80 17.91 -76.34 -70.46
C SER QA 80 16.65 -75.94 -71.23
N LYS QA 81 16.58 -76.30 -72.51
CA LYS QA 81 15.36 -76.03 -73.27
C LYS QA 81 14.21 -76.91 -72.79
N LEU QA 82 14.51 -78.18 -72.43
CA LEU QA 82 13.50 -79.05 -71.83
C LEU QA 82 12.95 -78.46 -70.54
N LEU QA 83 13.84 -77.89 -69.73
CA LEU QA 83 13.39 -77.31 -68.47
C LEU QA 83 12.57 -76.05 -68.71
N ALA QA 84 12.95 -75.26 -69.72
CA ALA QA 84 12.19 -74.05 -70.01
C ALA QA 84 10.79 -74.36 -70.52
N ASN QA 85 10.67 -75.40 -71.34
CA ASN QA 85 9.34 -75.77 -71.82
C ASN QA 85 8.52 -76.48 -70.75
N MET QA 86 9.19 -77.12 -69.78
CA MET QA 86 8.42 -77.72 -68.69
C MET QA 86 8.12 -76.72 -67.59
N VAL QA 87 8.69 -75.51 -67.66
CA VAL QA 87 8.31 -74.48 -66.70
C VAL QA 87 7.27 -73.54 -67.30
N TYR QA 88 7.31 -73.31 -68.62
CA TYR QA 88 6.49 -72.28 -69.24
C TYR QA 88 5.00 -72.58 -69.15
N GLN QA 89 4.61 -73.85 -69.11
CA GLN QA 89 3.19 -74.22 -69.16
C GLN QA 89 2.42 -73.81 -67.92
N TYR QA 90 3.09 -73.36 -66.86
CA TYR QA 90 2.44 -72.85 -65.68
C TYR QA 90 2.76 -71.38 -65.42
N LYS QA 91 3.14 -70.64 -66.46
CA LYS QA 91 3.48 -69.24 -66.29
C LYS QA 91 2.23 -68.42 -66.02
N GLY QA 92 2.31 -67.55 -65.02
CA GLY QA 92 1.16 -66.82 -64.54
C GLY QA 92 0.55 -67.41 -63.28
N MET QA 93 0.82 -68.68 -62.99
CA MET QA 93 0.28 -69.34 -61.82
C MET QA 93 1.19 -69.24 -60.61
N GLY QA 94 2.22 -68.42 -60.69
CA GLY QA 94 2.99 -68.08 -59.50
C GLY QA 94 4.02 -69.10 -59.07
N LEU QA 95 5.00 -69.38 -59.92
CA LEU QA 95 6.13 -70.21 -59.52
C LEU QA 95 7.34 -69.32 -59.29
N SER QA 96 8.19 -69.73 -58.35
CA SER QA 96 9.41 -68.99 -58.02
C SER QA 96 10.59 -69.92 -58.23
N MET QA 97 11.14 -69.90 -59.44
CA MET QA 97 12.19 -70.84 -59.83
C MET QA 97 13.27 -70.08 -60.59
N GLY QA 98 14.50 -70.14 -60.10
CA GLY QA 98 15.60 -69.45 -60.73
C GLY QA 98 16.84 -70.30 -60.88
N THR QA 99 16.68 -71.56 -61.27
CA THR QA 99 17.78 -72.51 -61.25
C THR QA 99 18.81 -72.23 -62.35
N MET QA 100 19.90 -72.98 -62.30
CA MET QA 100 20.95 -72.96 -63.31
C MET QA 100 21.29 -74.38 -63.71
N ILE QA 101 21.88 -74.53 -64.89
CA ILE QA 101 22.25 -75.82 -65.44
C ILE QA 101 23.72 -75.79 -65.80
N CYS QA 102 24.50 -76.68 -65.20
CA CYS QA 102 25.92 -76.75 -65.42
C CYS QA 102 26.31 -78.17 -65.79
N GLY QA 103 27.30 -78.30 -66.64
CA GLY QA 103 27.74 -79.59 -67.09
C GLY QA 103 28.61 -79.44 -68.33
N TRP QA 104 29.13 -80.56 -68.79
CA TRP QA 104 30.07 -80.57 -69.89
C TRP QA 104 29.36 -80.87 -71.19
N ASP QA 105 29.80 -80.20 -72.25
CA ASP QA 105 29.20 -80.29 -73.58
C ASP QA 105 30.26 -80.79 -74.55
N LYS QA 106 29.82 -81.26 -75.70
CA LYS QA 106 30.75 -81.51 -76.80
C LYS QA 106 31.40 -80.22 -77.31
N ARG QA 107 30.77 -79.07 -77.11
CA ARG QA 107 31.38 -77.80 -77.48
C ARG QA 107 32.24 -77.23 -76.37
N GLY QA 108 32.33 -77.92 -75.23
CA GLY QA 108 33.15 -77.47 -74.13
C GLY QA 108 32.40 -77.45 -72.82
N PRO QA 109 32.57 -76.37 -72.06
CA PRO QA 109 31.72 -76.18 -70.88
C PRO QA 109 30.30 -75.81 -71.28
N GLY QA 110 29.40 -75.93 -70.32
CA GLY QA 110 28.00 -75.61 -70.58
C GLY QA 110 27.39 -74.91 -69.39
N LEU QA 111 26.67 -73.83 -69.68
CA LEU QA 111 26.08 -73.01 -68.63
C LEU QA 111 24.86 -72.29 -69.17
N TYR QA 112 23.74 -72.46 -68.50
CA TYR QA 112 22.51 -71.78 -68.86
C TYR QA 112 21.73 -71.44 -67.60
N TYR QA 113 20.97 -70.36 -67.66
CA TYR QA 113 20.24 -69.84 -66.52
C TYR QA 113 18.76 -69.85 -66.81
N VAL QA 114 18.00 -70.60 -66.02
CA VAL QA 114 16.58 -70.84 -66.26
C VAL QA 114 15.78 -70.11 -65.19
N ASP QA 115 14.75 -69.39 -65.61
CA ASP QA 115 13.84 -68.71 -64.70
C ASP QA 115 12.45 -69.33 -64.77
N SER QA 116 11.62 -68.97 -63.79
CA SER QA 116 10.19 -69.21 -63.92
C SER QA 116 9.55 -68.21 -64.87
N GLU QA 117 10.26 -67.13 -65.20
CA GLU QA 117 9.79 -66.16 -66.17
C GLU QA 117 10.15 -66.53 -67.61
N GLY QA 118 10.64 -67.75 -67.83
CA GLY QA 118 10.92 -68.22 -69.17
C GLY QA 118 12.23 -67.73 -69.74
N ASN QA 119 13.11 -67.20 -68.90
CA ASN QA 119 14.43 -66.75 -69.35
C ASN QA 119 15.33 -67.97 -69.47
N ARG QA 120 15.97 -68.10 -70.62
CA ARG QA 120 16.99 -69.12 -70.84
C ARG QA 120 18.10 -68.49 -71.66
N ILE QA 121 19.19 -68.13 -71.00
CA ILE QA 121 20.31 -67.45 -71.64
C ILE QA 121 21.59 -68.20 -71.34
N SER QA 122 22.56 -68.09 -72.23
CA SER QA 122 23.90 -68.56 -71.92
C SER QA 122 24.68 -67.46 -71.21
N GLY QA 123 25.99 -67.67 -71.09
CA GLY QA 123 26.82 -66.68 -70.46
C GLY QA 123 28.03 -67.32 -69.84
N ALA QA 124 28.90 -66.47 -69.30
CA ALA QA 124 30.08 -66.96 -68.62
C ALA QA 124 29.90 -66.92 -67.11
N THR QA 125 29.47 -65.78 -66.58
CA THR QA 125 29.34 -65.57 -65.15
C THR QA 125 27.87 -65.38 -64.79
N PHE QA 126 27.46 -65.95 -63.66
CA PHE QA 126 26.11 -65.78 -63.15
C PHE QA 126 26.12 -65.85 -61.63
N SER QA 127 25.05 -65.33 -61.04
CA SER QA 127 24.87 -65.39 -59.61
C SER QA 127 23.39 -65.22 -59.31
N VAL QA 128 22.85 -66.12 -58.49
CA VAL QA 128 21.40 -66.24 -58.32
C VAL QA 128 21.09 -66.17 -56.82
N GLY QA 129 20.18 -65.30 -56.44
CA GLY QA 129 19.68 -65.29 -55.08
C GLY QA 129 19.31 -63.89 -54.67
N SER QA 130 18.92 -63.76 -53.40
CA SER QA 130 18.62 -62.45 -52.86
C SER QA 130 19.89 -61.71 -52.52
N GLY QA 131 20.99 -62.43 -52.38
CA GLY QA 131 22.28 -61.81 -52.19
C GLY QA 131 23.17 -62.05 -53.39
N SER QA 132 22.56 -62.07 -54.58
CA SER QA 132 23.32 -62.39 -55.78
C SER QA 132 24.23 -61.23 -56.19
N VAL QA 133 23.78 -60.01 -55.95
CA VAL QA 133 24.47 -58.82 -56.45
C VAL QA 133 25.82 -58.64 -55.76
N TYR QA 134 25.92 -59.07 -54.50
CA TYR QA 134 27.18 -59.04 -53.77
C TYR QA 134 28.18 -59.99 -54.41
N ALA QA 135 27.72 -61.14 -54.89
CA ALA QA 135 28.60 -62.03 -55.61
C ALA QA 135 28.94 -61.48 -57.00
N TYR QA 136 28.03 -60.72 -57.61
CA TYR QA 136 28.36 -60.08 -58.90
C TYR QA 136 29.49 -59.08 -58.75
N GLY QA 137 29.53 -58.37 -57.63
CA GLY QA 137 30.59 -57.40 -57.43
C GLY QA 137 31.99 -57.99 -57.36
N VAL QA 138 32.28 -58.74 -56.30
CA VAL QA 138 33.63 -59.24 -56.08
C VAL QA 138 33.93 -60.37 -57.06
N MET QA 139 32.90 -61.01 -57.59
CA MET QA 139 33.12 -62.00 -58.64
C MET QA 139 33.59 -61.32 -59.92
N ASP QA 140 32.98 -60.19 -60.27
CA ASP QA 140 33.43 -59.48 -61.47
C ASP QA 140 34.79 -58.82 -61.25
N ARG QA 141 35.15 -58.54 -59.99
CA ARG QA 141 36.50 -58.04 -59.77
C ARG QA 141 37.54 -59.16 -59.89
N GLY QA 142 37.24 -60.34 -59.37
CA GLY QA 142 38.25 -61.38 -59.39
C GLY QA 142 38.41 -62.14 -60.69
N TYR QA 143 37.33 -62.27 -61.46
CA TYR QA 143 37.28 -63.24 -62.55
C TYR QA 143 38.10 -62.80 -63.76
N SER QA 144 38.76 -63.78 -64.38
CA SER QA 144 39.19 -63.71 -65.76
C SER QA 144 39.21 -65.14 -66.28
N TYR QA 145 39.60 -65.33 -67.53
CA TYR QA 145 39.50 -66.64 -68.15
C TYR QA 145 40.70 -67.52 -67.87
N ASP QA 146 41.87 -66.96 -67.60
CA ASP QA 146 43.09 -67.74 -67.44
C ASP QA 146 43.38 -68.08 -65.99
N LEU QA 147 42.35 -68.31 -65.18
CA LEU QA 147 42.57 -68.63 -63.78
C LEU QA 147 42.97 -70.09 -63.64
N GLU QA 148 43.63 -70.41 -62.53
CA GLU QA 148 43.98 -71.78 -62.22
C GLU QA 148 42.90 -72.41 -61.36
N VAL QA 149 43.24 -73.54 -60.75
CA VAL QA 149 42.30 -74.24 -59.89
C VAL QA 149 42.25 -73.57 -58.52
N GLU QA 150 43.40 -73.40 -57.89
CA GLU QA 150 43.47 -72.90 -56.52
C GLU QA 150 43.11 -71.42 -56.44
N GLN QA 151 43.24 -70.68 -57.53
CA GLN QA 151 42.77 -69.30 -57.55
C GLN QA 151 41.24 -69.25 -57.65
N ALA QA 152 40.66 -70.15 -58.44
CA ALA QA 152 39.22 -70.10 -58.67
C ALA QA 152 38.45 -70.57 -57.45
N TYR QA 153 38.97 -71.58 -56.73
CA TYR QA 153 38.33 -72.04 -55.50
C TYR QA 153 38.27 -70.93 -54.47
N ASP QA 154 39.36 -70.18 -54.34
CA ASP QA 154 39.38 -69.07 -53.39
C ASP QA 154 38.51 -67.92 -53.85
N LEU QA 155 38.39 -67.74 -55.17
CA LEU QA 155 37.51 -66.71 -55.72
C LEU QA 155 36.06 -66.98 -55.37
N ALA QA 156 35.58 -68.18 -55.71
CA ALA QA 156 34.17 -68.49 -55.46
C ALA QA 156 33.87 -68.59 -53.98
N ARG QA 157 34.79 -69.18 -53.21
CA ARG QA 157 34.57 -69.35 -51.78
C ARG QA 157 34.55 -68.01 -51.07
N ARG QA 158 35.46 -67.11 -51.45
CA ARG QA 158 35.46 -65.79 -50.83
C ARG QA 158 34.26 -64.97 -51.28
N ALA QA 159 33.79 -65.18 -52.52
CA ALA QA 159 32.63 -64.45 -53.02
C ALA QA 159 31.37 -64.83 -52.25
N ILE QA 160 31.20 -66.13 -51.98
CA ILE QA 160 30.10 -66.57 -51.14
C ILE QA 160 30.30 -66.08 -49.70
N TYR QA 161 31.55 -65.91 -49.26
CA TYR QA 161 31.78 -65.37 -47.93
C TYR QA 161 31.30 -63.92 -47.83
N GLN QA 162 31.53 -63.13 -48.87
CA GLN QA 162 31.06 -61.74 -48.86
C GLN QA 162 29.54 -61.70 -48.93
N ALA QA 163 28.96 -62.58 -49.76
CA ALA QA 163 27.51 -62.59 -49.95
C ALA QA 163 26.78 -63.02 -48.68
N THR QA 164 27.33 -63.99 -47.96
CA THR QA 164 26.72 -64.36 -46.69
C THR QA 164 27.08 -63.36 -45.60
N TYR QA 165 28.12 -62.57 -45.81
CA TYR QA 165 28.49 -61.59 -44.80
C TYR QA 165 27.52 -60.42 -44.78
N ARG QA 166 27.31 -59.78 -45.94
CA ARG QA 166 26.53 -58.55 -45.91
C ARG QA 166 25.05 -58.82 -45.77
N ASP QA 167 24.59 -59.97 -46.26
CA ASP QA 167 23.17 -60.31 -46.28
C ASP QA 167 22.77 -60.95 -44.96
N ALA QA 168 21.49 -60.80 -44.61
CA ALA QA 168 20.95 -61.49 -43.45
C ALA QA 168 20.45 -62.88 -43.83
N TYR QA 169 19.94 -63.03 -45.05
CA TYR QA 169 19.33 -64.31 -45.44
C TYR QA 169 20.38 -65.38 -45.69
N SER QA 170 21.43 -65.05 -46.42
CA SER QA 170 22.40 -66.06 -46.82
C SER QA 170 23.32 -66.43 -45.66
N GLY QA 171 23.66 -67.71 -45.59
CA GLY QA 171 24.55 -68.19 -44.53
C GLY QA 171 24.63 -69.70 -44.56
N GLY QA 172 25.11 -70.25 -43.45
CA GLY QA 172 25.25 -71.70 -43.37
C GLY QA 172 26.67 -72.13 -43.61
N ALA QA 173 26.88 -72.89 -44.68
CA ALA QA 173 28.20 -73.39 -45.02
C ALA QA 173 28.36 -73.43 -46.53
N VAL QA 174 29.58 -73.13 -46.98
CA VAL QA 174 29.86 -72.95 -48.40
C VAL QA 174 30.11 -74.31 -49.02
N ASN QA 175 29.18 -74.76 -49.84
CA ASN QA 175 29.37 -75.98 -50.63
C ASN QA 175 30.00 -75.60 -51.96
N LEU QA 176 30.89 -76.45 -52.47
CA LEU QA 176 31.66 -76.12 -53.64
C LEU QA 176 31.71 -77.30 -54.59
N TYR QA 177 31.29 -77.06 -55.84
CA TYR QA 177 31.22 -78.10 -56.86
C TYR QA 177 31.99 -77.66 -58.08
N HIS QA 178 32.96 -78.48 -58.48
CA HIS QA 178 33.75 -78.23 -59.68
C HIS QA 178 33.29 -79.18 -60.76
N VAL QA 179 32.97 -78.65 -61.91
CA VAL QA 179 32.69 -79.47 -63.08
C VAL QA 179 33.95 -79.58 -63.90
N ARG QA 180 34.36 -80.81 -64.21
CA ARG QA 180 35.52 -81.04 -65.05
C ARG QA 180 35.07 -81.46 -66.43
N GLU QA 181 36.04 -81.79 -67.28
CA GLU QA 181 35.74 -82.20 -68.65
C GLU QA 181 35.06 -83.56 -68.68
N ASP QA 182 35.63 -84.54 -67.99
CA ASP QA 182 35.04 -85.88 -67.97
C ASP QA 182 33.78 -85.94 -67.15
N GLY QA 183 33.72 -85.16 -66.07
CA GLY QA 183 32.59 -85.21 -65.16
C GLY QA 183 32.80 -84.33 -63.95
N TRP QA 184 31.71 -83.94 -63.30
CA TRP QA 184 31.80 -83.03 -62.16
C TRP QA 184 32.34 -83.76 -60.93
N ILE QA 185 32.77 -82.99 -59.95
CA ILE QA 185 33.39 -83.52 -58.74
C ILE QA 185 33.08 -82.58 -57.58
N ARG QA 186 32.82 -83.14 -56.41
CA ARG QA 186 32.65 -82.33 -55.21
C ARG QA 186 34.01 -81.91 -54.68
N VAL QA 187 34.09 -80.68 -54.16
CA VAL QA 187 35.38 -80.14 -53.77
C VAL QA 187 35.58 -80.22 -52.26
N SER QA 188 34.79 -79.45 -51.52
CA SER QA 188 35.01 -79.23 -50.09
C SER QA 188 33.82 -78.49 -49.53
N SER QA 189 33.55 -78.72 -48.25
CA SER QA 189 32.47 -78.07 -47.52
C SER QA 189 33.10 -77.32 -46.35
N ASP QA 190 33.09 -75.98 -46.44
CA ASP QA 190 33.67 -75.13 -45.41
C ASP QA 190 32.57 -74.34 -44.72
N ASN QA 191 32.61 -74.33 -43.40
CA ASN QA 191 31.68 -73.52 -42.63
C ASN QA 191 32.10 -72.05 -42.72
N VAL QA 192 31.14 -71.16 -42.46
CA VAL QA 192 31.37 -69.73 -42.63
C VAL QA 192 32.29 -69.19 -41.54
N ALA QA 193 32.14 -69.70 -40.31
CA ALA QA 193 32.96 -69.24 -39.20
C ALA QA 193 34.43 -69.60 -39.39
N ASP QA 194 34.70 -70.75 -40.00
CA ASP QA 194 36.07 -71.14 -40.33
C ASP QA 194 36.63 -70.21 -41.41
N LEU QA 195 35.77 -69.74 -42.31
CA LEU QA 195 36.20 -68.74 -43.27
C LEU QA 195 36.34 -67.37 -42.64
N HIS QA 196 35.73 -67.15 -41.47
CA HIS QA 196 35.95 -65.89 -40.78
C HIS QA 196 37.29 -65.92 -40.06
N GLU QA 197 37.65 -67.08 -39.50
CA GLU QA 197 38.99 -67.24 -38.94
C GLU QA 197 40.06 -67.20 -40.03
N LYS QA 198 39.74 -67.70 -41.21
CA LYS QA 198 40.69 -67.73 -42.31
C LYS QA 198 40.84 -66.38 -42.98
N TYR QA 199 39.73 -65.78 -43.39
CA TYR QA 199 39.82 -64.54 -44.16
C TYR QA 199 39.74 -63.31 -43.27
N SER QA 200 39.67 -63.48 -41.96
CA SER QA 200 39.70 -62.31 -41.07
C SER QA 200 41.09 -61.73 -40.91
N GLY QA 201 42.13 -62.42 -41.37
CA GLY QA 201 43.48 -61.93 -41.24
C GLY QA 201 44.01 -62.08 -39.83
N ARG RA 1 -15.23 -64.17 -45.88
CA ARG RA 1 -15.99 -65.23 -46.53
C ARG RA 1 -15.69 -66.59 -45.94
N PHE RA 2 -16.10 -67.64 -46.65
CA PHE RA 2 -15.68 -68.99 -46.31
C PHE RA 2 -14.17 -69.13 -46.41
N SER RA 3 -13.52 -69.31 -45.27
CA SER RA 3 -12.08 -69.49 -45.21
C SER RA 3 -11.79 -70.97 -45.10
N PRO RA 4 -11.02 -71.56 -46.02
CA PRO RA 4 -10.88 -73.02 -46.05
C PRO RA 4 -9.89 -73.58 -45.05
N TYR RA 5 -9.11 -72.75 -44.37
CA TYR RA 5 -8.02 -73.23 -43.53
C TYR RA 5 -8.25 -72.76 -42.09
N VAL RA 6 -7.88 -73.61 -41.14
CA VAL RA 6 -7.87 -73.25 -39.72
C VAL RA 6 -6.59 -73.81 -39.13
N PHE RA 7 -6.13 -73.19 -38.04
CA PHE RA 7 -4.84 -73.54 -37.46
C PHE RA 7 -5.05 -74.22 -36.11
N ASN RA 8 -4.81 -75.53 -36.07
CA ASN RA 8 -5.00 -76.30 -34.86
C ASN RA 8 -3.79 -76.26 -33.93
N GLY RA 9 -2.59 -76.23 -34.48
CA GLY RA 9 -1.41 -76.28 -33.65
C GLY RA 9 -1.06 -77.69 -33.23
N GLY RA 10 0.02 -77.78 -32.45
CA GLY RA 10 0.63 -79.04 -32.12
C GLY RA 10 2.13 -79.00 -32.35
N THR RA 11 2.81 -79.99 -31.78
CA THR RA 11 4.27 -80.00 -31.80
C THR RA 11 4.77 -81.42 -32.00
N ILE RA 12 5.52 -81.62 -33.07
CA ILE RA 12 6.14 -82.90 -33.34
C ILE RA 12 7.64 -82.71 -33.21
N LEU RA 13 8.32 -83.74 -32.74
CA LEU RA 13 9.75 -83.64 -32.49
C LEU RA 13 10.39 -84.99 -32.70
N ALA RA 14 11.47 -85.03 -33.47
CA ALA RA 14 12.12 -86.29 -33.79
C ALA RA 14 13.62 -86.17 -33.61
N ILE RA 15 14.22 -87.20 -33.01
CA ILE RA 15 15.64 -87.25 -32.76
C ILE RA 15 16.17 -88.58 -33.31
N ALA RA 16 17.14 -88.50 -34.21
CA ALA RA 16 17.76 -89.69 -34.77
C ALA RA 16 19.01 -90.01 -33.96
N GLY RA 17 19.04 -91.20 -33.37
CA GLY RA 17 20.20 -91.63 -32.62
C GLY RA 17 21.15 -92.43 -33.48
N GLU RA 18 22.05 -93.14 -32.80
CA GLU RA 18 22.98 -94.02 -33.50
C GLU RA 18 22.28 -95.26 -34.01
N ASP RA 19 21.42 -95.86 -33.19
CA ASP RA 19 20.62 -97.00 -33.62
C ASP RA 19 19.18 -96.95 -33.14
N PHE RA 20 18.57 -95.77 -33.06
CA PHE RA 20 17.16 -95.66 -32.73
C PHE RA 20 16.59 -94.42 -33.38
N ALA RA 21 15.31 -94.18 -33.14
CA ALA RA 21 14.65 -92.97 -33.58
C ALA RA 21 13.45 -92.69 -32.69
N ILE RA 22 13.34 -91.45 -32.24
CA ILE RA 22 12.26 -91.00 -31.40
C ILE RA 22 11.32 -90.16 -32.25
N VAL RA 23 10.01 -90.33 -32.08
CA VAL RA 23 9.02 -89.41 -32.61
C VAL RA 23 8.10 -89.02 -31.47
N ALA RA 24 8.11 -87.74 -31.11
CA ALA RA 24 7.35 -87.29 -29.96
C ALA RA 24 6.26 -86.34 -30.43
N SER RA 25 5.15 -86.32 -29.68
CA SER RA 25 4.00 -85.49 -30.03
C SER RA 25 3.07 -85.37 -28.83
N ASP RA 26 2.55 -84.17 -28.64
CA ASP RA 26 1.48 -83.98 -27.67
C ASP RA 26 0.13 -84.29 -28.30
N THR RA 27 -0.93 -84.09 -27.52
CA THR RA 27 -2.27 -84.48 -27.94
C THR RA 27 -3.32 -83.40 -27.78
N ARG RA 28 -2.94 -82.13 -27.62
CA ARG RA 28 -3.95 -81.08 -27.58
C ARG RA 28 -4.37 -80.69 -28.99
N LEU RA 29 -5.68 -80.72 -29.24
CA LEU RA 29 -6.26 -80.31 -30.51
C LEU RA 29 -7.21 -79.16 -30.24
N SER RA 30 -6.78 -77.94 -30.55
CA SER RA 30 -7.51 -76.75 -30.16
C SER RA 30 -7.84 -75.92 -31.39
N GLU RA 31 -8.84 -75.05 -31.25
CA GLU RA 31 -9.20 -74.16 -32.34
C GLU RA 31 -9.55 -72.78 -31.77
N GLY RA 32 -8.87 -71.76 -32.27
CA GLY RA 32 -9.12 -70.41 -31.79
C GLY RA 32 -8.62 -70.24 -30.38
N PHE RA 33 -9.55 -69.95 -29.48
CA PHE RA 33 -9.27 -69.90 -28.05
C PHE RA 33 -10.00 -70.97 -27.26
N SER RA 34 -10.37 -72.09 -27.88
CA SER RA 34 -11.04 -73.12 -27.12
C SER RA 34 -10.50 -74.50 -27.46
N ILE RA 35 -10.85 -75.46 -26.61
CA ILE RA 35 -10.32 -76.81 -26.68
C ILE RA 35 -11.38 -77.71 -27.27
N HIS RA 36 -11.01 -78.48 -28.30
CA HIS RA 36 -11.87 -79.55 -28.75
C HIS RA 36 -11.68 -80.81 -27.92
N THR RA 37 -10.44 -81.22 -27.73
CA THR RA 37 -10.17 -82.45 -27.00
C THR RA 37 -8.77 -82.37 -26.40
N ARG RA 38 -8.46 -83.35 -25.58
CA ARG RA 38 -7.13 -83.46 -24.97
C ARG RA 38 -6.46 -84.78 -25.33
N ASP RA 39 -7.22 -85.74 -25.85
CA ASP RA 39 -6.66 -87.04 -26.19
C ASP RA 39 -6.79 -87.27 -27.69
N SER RA 40 -5.73 -86.93 -28.42
CA SER RA 40 -5.68 -87.15 -29.87
C SER RA 40 -4.23 -87.25 -30.31
N PRO RA 41 -3.75 -88.47 -30.53
CA PRO RA 41 -2.34 -88.65 -30.88
C PRO RA 41 -2.07 -88.18 -32.31
N LYS RA 42 -0.91 -87.55 -32.49
CA LYS RA 42 -0.42 -87.16 -33.79
C LYS RA 42 0.45 -88.22 -34.44
N CYS RA 43 0.89 -89.22 -33.68
CA CYS RA 43 1.79 -90.24 -34.17
C CYS RA 43 0.99 -91.41 -34.76
N TYR RA 44 1.49 -91.99 -35.84
CA TYR RA 44 0.82 -93.06 -36.53
C TYR RA 44 1.81 -94.18 -36.83
N LYS RA 45 1.35 -95.41 -36.67
CA LYS RA 45 2.19 -96.57 -36.91
C LYS RA 45 1.99 -97.05 -38.33
N LEU RA 46 2.93 -96.71 -39.22
CA LEU RA 46 2.82 -97.14 -40.61
C LEU RA 46 3.34 -98.56 -40.78
N THR RA 47 4.61 -98.77 -40.52
CA THR RA 47 5.29 -100.05 -40.70
C THR RA 47 5.87 -100.49 -39.37
N ASP RA 48 6.69 -101.53 -39.43
CA ASP RA 48 7.38 -102.00 -38.23
C ASP RA 48 8.45 -101.02 -37.77
N LYS RA 49 8.97 -100.20 -38.68
CA LYS RA 49 10.14 -99.38 -38.37
C LYS RA 49 9.96 -97.90 -38.69
N THR RA 50 8.76 -97.44 -39.01
CA THR RA 50 8.56 -96.05 -39.40
C THR RA 50 7.31 -95.49 -38.76
N VAL RA 51 7.44 -94.31 -38.15
CA VAL RA 51 6.33 -93.60 -37.53
C VAL RA 51 6.33 -92.17 -38.03
N ILE RA 52 5.19 -91.75 -38.60
CA ILE RA 52 5.05 -90.43 -39.18
C ILE RA 52 4.22 -89.56 -38.24
N GLY RA 53 4.54 -88.27 -38.18
CA GLY RA 53 3.74 -87.31 -37.46
C GLY RA 53 3.13 -86.30 -38.41
N CYS RA 54 1.99 -85.75 -38.02
CA CYS RA 54 1.27 -84.79 -38.85
C CYS RA 54 0.62 -83.74 -37.96
N SER RA 55 0.95 -82.48 -38.20
CA SER RA 55 0.39 -81.39 -37.42
C SER RA 55 -0.12 -80.31 -38.35
N GLY RA 56 -0.51 -79.18 -37.77
CA GLY RA 56 -1.12 -78.10 -38.52
C GLY RA 56 -2.62 -78.28 -38.65
N PHE RA 57 -3.13 -78.20 -39.86
CA PHE RA 57 -4.56 -78.41 -40.08
C PHE RA 57 -4.90 -79.89 -39.98
N HIS RA 58 -5.86 -80.22 -39.11
CA HIS RA 58 -6.12 -81.59 -38.71
C HIS RA 58 -6.80 -82.43 -39.78
N GLY RA 59 -7.65 -81.81 -40.61
CA GLY RA 59 -8.35 -82.58 -41.64
C GLY RA 59 -7.42 -83.11 -42.70
N ASP RA 60 -6.45 -82.28 -43.11
CA ASP RA 60 -5.43 -82.76 -44.03
C ASP RA 60 -4.47 -83.72 -43.35
N CYS RA 61 -4.36 -83.68 -42.02
CA CYS RA 61 -3.59 -84.70 -41.32
C CYS RA 61 -4.28 -86.05 -41.43
N LEU RA 62 -5.60 -86.07 -41.26
CA LEU RA 62 -6.36 -87.31 -41.37
C LEU RA 62 -6.30 -87.85 -42.79
N THR RA 63 -6.62 -87.00 -43.77
CA THR RA 63 -6.68 -87.43 -45.16
C THR RA 63 -5.30 -87.84 -45.66
N LEU RA 64 -4.28 -87.06 -45.28
CA LEU RA 64 -2.89 -87.37 -45.62
C LEU RA 64 -2.47 -88.72 -45.07
N THR RA 65 -2.78 -88.98 -43.79
CA THR RA 65 -2.38 -90.22 -43.15
C THR RA 65 -3.05 -91.42 -43.82
N LYS RA 66 -4.34 -91.29 -44.13
CA LYS RA 66 -5.05 -92.42 -44.72
C LYS RA 66 -4.62 -92.68 -46.16
N ILE RA 67 -4.25 -91.62 -46.89
CA ILE RA 67 -3.72 -91.81 -48.25
C ILE RA 67 -2.36 -92.48 -48.20
N ILE RA 68 -1.51 -92.09 -47.23
CA ILE RA 68 -0.18 -92.71 -47.08
C ILE RA 68 -0.31 -94.19 -46.76
N GLU RA 69 -1.24 -94.55 -45.86
CA GLU RA 69 -1.46 -95.97 -45.55
C GLU RA 69 -2.01 -96.71 -46.76
N ALA RA 70 -2.80 -96.03 -47.59
CA ALA RA 70 -3.32 -96.65 -48.80
C ALA RA 70 -2.21 -96.99 -49.78
N ARG RA 71 -1.32 -96.04 -50.05
CA ARG RA 71 -0.27 -96.33 -51.03
C ARG RA 71 0.82 -97.24 -50.47
N LEU RA 72 0.98 -97.27 -49.13
CA LEU RA 72 1.79 -98.31 -48.51
C LEU RA 72 1.22 -99.69 -48.80
N LYS RA 73 -0.10 -99.83 -48.72
CA LYS RA 73 -0.72 -101.12 -49.07
C LYS RA 73 -0.58 -101.41 -50.55
N MET RA 74 -0.56 -100.36 -51.38
CA MET RA 74 -0.43 -100.58 -52.82
C MET RA 74 0.97 -101.05 -53.17
N TYR RA 75 1.99 -100.51 -52.52
CA TYR RA 75 3.36 -100.97 -52.78
C TYR RA 75 3.57 -102.36 -52.21
N LYS RA 76 2.99 -102.64 -51.04
CA LYS RA 76 3.13 -103.96 -50.44
C LYS RA 76 2.46 -105.02 -51.30
N HIS RA 77 1.31 -104.68 -51.89
CA HIS RA 77 0.65 -105.61 -52.80
C HIS RA 77 1.33 -105.63 -54.16
N SER RA 78 2.17 -104.63 -54.44
CA SER RA 78 2.94 -104.65 -55.67
C SER RA 78 4.14 -105.58 -55.56
N ASN RA 79 5.03 -105.32 -54.60
CA ASN RA 79 6.38 -105.87 -54.67
C ASN RA 79 6.83 -106.67 -53.46
N ASN RA 80 5.89 -107.23 -52.69
CA ASN RA 80 6.12 -108.31 -51.70
C ASN RA 80 7.03 -107.88 -50.54
N LYS RA 81 7.16 -106.58 -50.30
CA LYS RA 81 7.97 -106.11 -49.20
C LYS RA 81 7.44 -104.76 -48.73
N ALA RA 82 7.96 -104.31 -47.60
CA ALA RA 82 7.61 -103.00 -47.09
C ALA RA 82 8.47 -101.93 -47.74
N MET RA 83 8.02 -100.68 -47.62
CA MET RA 83 8.82 -99.55 -48.07
C MET RA 83 9.91 -99.25 -47.06
N THR RA 84 10.92 -98.52 -47.52
CA THR RA 84 11.93 -98.00 -46.62
C THR RA 84 11.48 -96.65 -46.05
N THR RA 85 12.43 -95.93 -45.47
CA THR RA 85 12.10 -94.62 -44.93
C THR RA 85 12.12 -93.56 -46.03
N GLY RA 86 13.22 -93.51 -46.79
CA GLY RA 86 13.36 -92.49 -47.81
C GLY RA 86 12.42 -92.70 -48.98
N ALA RA 87 11.93 -93.94 -49.16
CA ALA RA 87 10.89 -94.18 -50.14
C ALA RA 87 9.60 -93.48 -49.75
N ILE RA 88 9.23 -93.57 -48.47
CA ILE RA 88 8.04 -92.88 -47.97
C ILE RA 88 8.25 -91.37 -48.00
N ALA RA 89 9.49 -90.94 -47.78
CA ALA RA 89 9.81 -89.51 -47.90
C ALA RA 89 9.63 -89.02 -49.33
N ALA RA 90 10.03 -89.84 -50.31
CA ALA RA 90 9.90 -89.45 -51.71
C ALA RA 90 8.44 -89.43 -52.14
N MET RA 91 7.69 -90.48 -51.80
CA MET RA 91 6.30 -90.57 -52.21
C MET RA 91 5.46 -89.49 -51.52
N LEU RA 92 5.78 -89.19 -50.27
CA LEU RA 92 5.12 -88.10 -49.58
C LEU RA 92 5.49 -86.76 -50.20
N SER RA 93 6.70 -86.64 -50.75
CA SER RA 93 7.06 -85.41 -51.43
C SER RA 93 6.28 -85.23 -52.72
N THR RA 94 6.06 -86.32 -53.45
CA THR RA 94 5.28 -86.23 -54.68
C THR RA 94 3.82 -85.95 -54.38
N ILE RA 95 3.30 -86.49 -53.27
CA ILE RA 95 1.92 -86.23 -52.90
C ILE RA 95 1.74 -84.79 -52.44
N LEU RA 96 2.68 -84.29 -51.63
CA LEU RA 96 2.60 -82.90 -51.17
C LEU RA 96 2.77 -81.92 -52.32
N TYR RA 97 3.51 -82.29 -53.37
CA TYR RA 97 3.55 -81.39 -54.50
C TYR RA 97 2.35 -81.59 -55.43
N SER RA 98 1.67 -82.73 -55.35
CA SER RA 98 0.58 -83.03 -56.28
C SER RA 98 -0.61 -82.10 -56.10
N ARG RA 99 -0.70 -81.42 -54.96
CA ARG RA 99 -1.72 -80.40 -54.72
C ARG RA 99 -1.08 -79.04 -54.52
N ARG RA 100 -0.14 -78.68 -55.40
CA ARG RA 100 0.60 -77.43 -55.29
C ARG RA 100 -0.30 -76.21 -55.40
N PHE RA 101 -1.28 -76.26 -56.29
CA PHE RA 101 -2.05 -75.07 -56.59
C PHE RA 101 -3.27 -74.93 -55.69
N PHE RA 102 -3.40 -75.83 -54.71
CA PHE RA 102 -4.37 -75.71 -53.62
C PHE RA 102 -3.78 -76.49 -52.45
N PRO RA 103 -2.94 -75.84 -51.65
CA PRO RA 103 -1.93 -76.58 -50.88
C PRO RA 103 -2.47 -77.16 -49.59
N TYR RA 104 -1.87 -78.28 -49.19
CA TYR RA 104 -1.98 -78.74 -47.82
C TYR RA 104 -1.32 -77.75 -46.88
N TYR RA 105 -1.86 -77.64 -45.67
CA TYR RA 105 -1.20 -76.90 -44.60
C TYR RA 105 -0.88 -77.92 -43.52
N VAL RA 106 0.24 -78.63 -43.71
CA VAL RA 106 0.65 -79.71 -42.84
C VAL RA 106 2.17 -79.67 -42.72
N TYR RA 107 2.67 -79.72 -41.48
CA TYR RA 107 4.10 -79.87 -41.22
C TYR RA 107 4.36 -81.33 -40.90
N ASN RA 108 5.14 -82.00 -41.73
CA ASN RA 108 5.35 -83.44 -41.64
C ASN RA 108 6.75 -83.76 -41.19
N ILE RA 109 6.85 -84.78 -40.33
CA ILE RA 109 8.14 -85.30 -39.88
C ILE RA 109 8.06 -86.81 -39.89
N ILE RA 110 8.97 -87.45 -40.62
CA ILE RA 110 9.08 -88.91 -40.65
C ILE RA 110 10.32 -89.31 -39.86
N GLY RA 111 10.13 -90.22 -38.91
CA GLY RA 111 11.26 -90.82 -38.22
C GLY RA 111 11.25 -92.32 -38.41
N GLY RA 112 12.43 -92.90 -38.40
CA GLY RA 112 12.55 -94.34 -38.57
C GLY RA 112 13.96 -94.73 -38.93
N LEU RA 113 14.11 -96.01 -39.24
CA LEU RA 113 15.43 -96.57 -39.49
C LEU RA 113 15.76 -96.62 -40.97
N ASP RA 114 17.05 -96.63 -41.27
CA ASP RA 114 17.55 -96.85 -42.61
C ASP RA 114 17.90 -98.34 -42.78
N GLU RA 115 18.63 -98.68 -43.84
CA GLU RA 115 19.04 -100.07 -44.02
C GLU RA 115 20.17 -100.45 -43.07
N GLU RA 116 20.95 -99.48 -42.61
CA GLU RA 116 21.99 -99.73 -41.62
C GLU RA 116 21.48 -99.69 -40.19
N GLY RA 117 20.18 -99.53 -39.99
CA GLY RA 117 19.63 -99.46 -38.66
C GLY RA 117 19.94 -98.19 -37.90
N LYS RA 118 20.45 -97.16 -38.56
CA LYS RA 118 20.68 -95.89 -37.90
C LYS RA 118 19.43 -95.04 -37.98
N GLY RA 119 19.44 -93.94 -37.23
CA GLY RA 119 18.30 -93.05 -37.21
C GLY RA 119 18.17 -92.28 -38.50
N ALA RA 120 16.95 -91.81 -38.78
CA ALA RA 120 16.67 -91.00 -39.97
C ALA RA 120 15.48 -90.11 -39.66
N VAL RA 121 15.69 -88.81 -39.72
CA VAL RA 121 14.62 -87.84 -39.50
C VAL RA 121 14.49 -86.99 -40.76
N TYR RA 122 13.35 -87.09 -41.41
CA TYR RA 122 13.05 -86.35 -42.63
C TYR RA 122 11.96 -85.33 -42.32
N SER RA 123 12.32 -84.05 -42.37
CA SER RA 123 11.33 -83.01 -42.20
C SER RA 123 10.69 -82.67 -43.54
N PHE RA 124 9.73 -81.76 -43.51
CA PHE RA 124 8.99 -81.41 -44.71
C PHE RA 124 8.54 -79.95 -44.64
N ASP RA 125 7.75 -79.57 -45.63
CA ASP RA 125 7.15 -78.25 -45.75
C ASP RA 125 5.83 -78.45 -46.50
N PRO RA 126 4.94 -77.45 -46.48
CA PRO RA 126 3.66 -77.63 -47.18
C PRO RA 126 3.73 -77.64 -48.71
N VAL RA 127 4.90 -77.68 -49.33
CA VAL RA 127 4.98 -77.85 -50.78
C VAL RA 127 5.77 -79.08 -51.20
N GLY RA 128 6.65 -79.60 -50.34
CA GLY RA 128 7.22 -80.92 -50.54
C GLY RA 128 8.72 -81.07 -50.46
N SER RA 129 9.45 -80.06 -49.99
CA SER RA 129 10.89 -80.21 -49.83
C SER RA 129 11.22 -81.12 -48.67
N TYR RA 130 12.22 -81.96 -48.85
CA TYR RA 130 12.60 -82.88 -47.80
C TYR RA 130 14.11 -82.94 -47.70
N GLN RA 131 14.58 -83.34 -46.53
CA GLN RA 131 16.00 -83.31 -46.21
C GLN RA 131 16.23 -84.28 -45.07
N ARG RA 132 17.48 -84.70 -44.90
CA ARG RA 132 17.81 -85.66 -43.86
C ARG RA 132 18.58 -84.96 -42.75
N ASP RA 133 17.90 -84.64 -41.67
CA ASP RA 133 18.53 -83.99 -40.53
C ASP RA 133 18.58 -84.96 -39.36
N SER RA 134 19.34 -84.61 -38.33
CA SER RA 134 19.38 -85.45 -37.14
C SER RA 134 18.22 -85.15 -36.22
N PHE RA 135 17.71 -83.91 -36.25
CA PHE RA 135 16.68 -83.48 -35.33
C PHE RA 135 15.95 -82.27 -35.91
N LYS RA 136 14.63 -82.39 -36.00
CA LYS RA 136 13.77 -81.31 -36.48
C LYS RA 136 12.52 -81.26 -35.63
N ALA RA 137 12.02 -80.04 -35.43
CA ALA RA 137 10.77 -79.80 -34.72
C ALA RA 137 9.78 -79.20 -35.70
N GLY RA 138 8.54 -79.64 -35.63
CA GLY RA 138 7.51 -79.16 -36.53
C GLY RA 138 6.25 -78.76 -35.80
N GLY RA 139 5.78 -77.56 -36.09
CA GLY RA 139 4.55 -77.07 -35.54
C GLY RA 139 4.66 -75.67 -34.98
N SER RA 140 3.76 -75.37 -34.04
CA SER RA 140 3.68 -74.03 -33.46
C SER RA 140 4.81 -73.78 -32.47
N ALA RA 141 5.21 -74.79 -31.72
CA ALA RA 141 6.32 -74.61 -30.80
C ALA RA 141 7.65 -75.03 -31.38
N SER RA 142 7.74 -75.22 -32.69
CA SER RA 142 9.01 -75.57 -33.33
C SER RA 142 10.05 -74.47 -33.16
N ALA RA 143 9.61 -73.21 -33.24
CA ALA RA 143 10.53 -72.09 -33.16
C ALA RA 143 10.97 -71.83 -31.72
N MET RA 144 10.43 -72.57 -30.77
CA MET RA 144 10.90 -72.52 -29.40
C MET RA 144 11.83 -73.68 -29.07
N LEU RA 145 11.82 -74.74 -29.88
CA LEU RA 145 12.50 -75.97 -29.53
C LEU RA 145 13.75 -76.21 -30.38
N GLN RA 146 13.78 -75.68 -31.59
CA GLN RA 146 15.01 -75.74 -32.38
C GLN RA 146 16.26 -75.10 -31.75
N PRO RA 147 16.23 -73.94 -31.08
CA PRO RA 147 17.49 -73.43 -30.50
C PRO RA 147 18.03 -74.30 -29.38
N LEU RA 148 17.15 -74.85 -28.57
CA LEU RA 148 17.58 -75.62 -27.42
C LEU RA 148 18.16 -76.96 -27.85
N LEU RA 149 17.64 -77.53 -28.94
CA LEU RA 149 18.23 -78.76 -29.45
C LEU RA 149 19.44 -78.46 -30.31
N ASP RA 150 19.61 -77.23 -30.79
CA ASP RA 150 20.93 -76.83 -31.25
C ASP RA 150 21.91 -76.73 -30.10
N ASN RA 151 21.43 -76.42 -28.90
CA ASN RA 151 22.33 -76.30 -27.76
C ASN RA 151 22.73 -77.67 -27.23
N GLN RA 152 21.79 -78.59 -27.11
CA GLN RA 152 22.03 -79.85 -26.41
C GLN RA 152 22.62 -80.93 -27.31
N VAL RA 153 21.91 -81.30 -28.37
CA VAL RA 153 22.32 -82.44 -29.19
C VAL RA 153 23.48 -82.07 -30.12
N GLY RA 154 23.39 -80.92 -30.78
CA GLY RA 154 24.40 -80.57 -31.76
C GLY RA 154 25.68 -80.03 -31.12
N PHE RA 155 25.58 -79.63 -29.84
CA PHE RA 155 26.66 -78.98 -29.08
C PHE RA 155 27.18 -77.72 -29.78
N LYS RA 156 26.28 -76.98 -30.43
CA LYS RA 156 26.69 -75.76 -31.11
C LYS RA 156 26.90 -74.63 -30.11
N ASN RA 157 27.72 -73.66 -30.52
CA ASN RA 157 28.04 -72.44 -29.75
C ASN RA 157 28.65 -72.75 -28.40
N MET RA 158 29.36 -73.86 -28.30
CA MET RA 158 29.97 -74.28 -27.04
C MET RA 158 31.45 -74.51 -27.25
N GLN RA 159 32.21 -74.33 -26.19
CA GLN RA 159 33.66 -74.38 -26.24
C GLN RA 159 34.13 -75.65 -25.54
N ASN RA 160 34.81 -76.52 -26.30
CA ASN RA 160 35.56 -77.68 -25.79
C ASN RA 160 34.64 -78.70 -25.13
N VAL RA 161 33.48 -78.92 -25.75
CA VAL RA 161 32.56 -79.98 -25.34
C VAL RA 161 32.56 -81.02 -26.44
N GLU RA 162 33.11 -82.20 -26.15
CA GLU RA 162 33.25 -83.25 -27.13
C GLU RA 162 31.89 -83.90 -27.42
N HIS RA 163 31.79 -84.48 -28.60
CA HIS RA 163 30.54 -85.07 -29.08
C HIS RA 163 30.47 -86.53 -28.67
N VAL RA 164 29.85 -86.78 -27.53
CA VAL RA 164 29.41 -88.12 -27.13
C VAL RA 164 28.17 -88.44 -27.96
N PRO RA 165 28.02 -89.66 -28.49
CA PRO RA 165 26.80 -89.99 -29.21
C PRO RA 165 25.59 -90.02 -28.28
N LEU RA 166 24.42 -89.73 -28.85
CA LEU RA 166 23.21 -89.62 -28.06
C LEU RA 166 22.77 -90.98 -27.54
N SER RA 167 22.52 -91.02 -26.23
CA SER RA 167 22.08 -92.22 -25.54
C SER RA 167 20.59 -92.09 -25.24
N LEU RA 168 19.90 -93.23 -25.27
CA LEU RA 168 18.44 -93.37 -25.26
C LEU RA 168 17.72 -92.60 -24.15
N ASP RA 169 18.03 -92.93 -22.89
CA ASP RA 169 17.29 -92.35 -21.78
C ASP RA 169 17.63 -90.88 -21.60
N ARG RA 170 18.84 -90.48 -22.01
CA ARG RA 170 19.20 -89.06 -22.01
C ARG RA 170 18.33 -88.28 -22.98
N ALA RA 171 18.10 -88.83 -24.17
CA ALA RA 171 17.21 -88.18 -25.13
C ALA RA 171 15.77 -88.19 -24.63
N MET RA 172 15.40 -89.22 -23.86
CA MET RA 172 14.06 -89.27 -23.27
C MET RA 172 13.84 -88.13 -22.28
N ARG RA 173 14.80 -87.93 -21.36
CA ARG RA 173 14.63 -86.85 -20.41
C ARG RA 173 14.81 -85.48 -21.08
N LEU RA 174 15.52 -85.44 -22.21
CA LEU RA 174 15.53 -84.24 -23.03
C LEU RA 174 14.13 -83.91 -23.53
N VAL RA 175 13.44 -84.90 -24.10
CA VAL RA 175 12.11 -84.68 -24.67
C VAL RA 175 11.12 -84.27 -23.60
N LYS RA 176 11.21 -84.90 -22.42
CA LYS RA 176 10.30 -84.57 -21.33
C LYS RA 176 10.55 -83.16 -20.80
N ASP RA 177 11.82 -82.79 -20.63
CA ASP RA 177 12.14 -81.46 -20.11
C ASP RA 177 11.77 -80.36 -21.10
N VAL RA 178 12.02 -80.58 -22.39
CA VAL RA 178 11.72 -79.54 -23.36
C VAL RA 178 10.23 -79.41 -23.60
N PHE RA 179 9.45 -80.50 -23.46
CA PHE RA 179 8.02 -80.31 -23.64
C PHE RA 179 7.34 -79.74 -22.41
N ILE RA 180 7.89 -79.97 -21.22
CA ILE RA 180 7.34 -79.27 -20.06
C ILE RA 180 7.68 -77.78 -20.13
N SER RA 181 8.94 -77.46 -20.48
CA SER RA 181 9.37 -76.08 -20.49
C SER RA 181 8.74 -75.28 -21.62
N ALA RA 182 8.57 -75.91 -22.79
CA ALA RA 182 7.84 -75.23 -23.85
C ALA RA 182 6.34 -75.26 -23.60
N ALA RA 183 5.89 -76.21 -22.79
CA ALA RA 183 4.46 -76.26 -22.45
C ALA RA 183 4.09 -75.18 -21.46
N GLU RA 184 5.08 -74.61 -20.76
CA GLU RA 184 4.81 -73.49 -19.88
C GLU RA 184 4.46 -72.22 -20.64
N ARG RA 185 4.97 -72.05 -21.85
CA ARG RA 185 4.86 -70.77 -22.56
C ARG RA 185 3.86 -70.84 -23.71
N ASP RA 186 4.02 -71.79 -24.61
CA ASP RA 186 3.18 -71.84 -25.79
C ASP RA 186 1.84 -72.49 -25.43
N VAL RA 187 0.75 -71.87 -25.87
CA VAL RA 187 -0.57 -72.30 -25.42
C VAL RA 187 -1.05 -73.55 -26.13
N TYR RA 188 -0.51 -73.85 -27.31
CA TYR RA 188 -0.98 -75.01 -28.06
C TYR RA 188 -0.35 -76.29 -27.55
N THR RA 189 0.92 -76.22 -27.16
CA THR RA 189 1.60 -77.35 -26.55
C THR RA 189 1.04 -77.55 -25.15
N GLY RA 190 0.73 -78.79 -24.79
CA GLY RA 190 -0.05 -79.00 -23.58
C GLY RA 190 -0.39 -80.45 -23.29
N ASP RA 191 -1.68 -80.67 -23.09
CA ASP RA 191 -2.33 -81.58 -22.12
C ASP RA 191 -1.61 -82.92 -21.92
N ALA RA 192 -1.43 -83.74 -22.96
CA ALA RA 192 -0.89 -85.08 -22.74
C ALA RA 192 0.08 -85.47 -23.85
N LEU RA 193 1.15 -86.16 -23.46
CA LEU RA 193 2.27 -86.48 -24.35
C LEU RA 193 2.20 -87.92 -24.84
N ARG RA 194 2.51 -88.12 -26.12
CA ARG RA 194 2.54 -89.43 -26.75
C ARG RA 194 3.86 -89.60 -27.49
N ILE RA 195 4.70 -90.50 -27.01
CA ILE RA 195 6.03 -90.73 -27.58
C ILE RA 195 6.07 -92.10 -28.22
N CYS RA 196 6.67 -92.19 -29.40
CA CYS RA 196 6.94 -93.46 -30.05
C CYS RA 196 8.46 -93.64 -30.20
N ILE RA 197 8.93 -94.85 -29.93
CA ILE RA 197 10.35 -95.18 -30.00
C ILE RA 197 10.51 -96.38 -30.91
N VAL RA 198 11.35 -96.23 -31.93
CA VAL RA 198 11.53 -97.25 -32.95
C VAL RA 198 12.94 -97.81 -32.80
N THR RA 199 13.03 -99.10 -32.54
CA THR RA 199 14.29 -99.82 -32.51
C THR RA 199 14.27 -100.89 -33.59
N LYS RA 200 15.31 -101.72 -33.59
CA LYS RA 200 15.36 -102.84 -34.53
C LYS RA 200 14.39 -103.94 -34.14
N GLU RA 201 13.92 -103.96 -32.90
CA GLU RA 201 13.08 -105.03 -32.40
C GLU RA 201 11.60 -104.70 -32.44
N GLY RA 202 11.25 -103.49 -32.84
CA GLY RA 202 9.85 -103.11 -32.95
C GLY RA 202 9.67 -101.68 -32.48
N ILE RA 203 8.40 -101.25 -32.52
CA ILE RA 203 8.02 -99.92 -32.06
C ILE RA 203 7.65 -100.00 -30.59
N ARG RA 204 8.36 -99.24 -29.77
CA ARG RA 204 7.96 -99.04 -28.39
C ARG RA 204 7.13 -97.77 -28.29
N GLU RA 205 6.10 -97.84 -27.45
CA GLU RA 205 5.15 -96.75 -27.33
C GLU RA 205 5.02 -96.38 -25.86
N GLU RA 206 4.95 -95.07 -25.61
CA GLU RA 206 5.01 -94.59 -24.23
C GLU RA 206 4.18 -93.32 -24.12
N THR RA 207 3.42 -93.23 -23.03
CA THR RA 207 2.61 -92.06 -22.72
C THR RA 207 3.08 -91.50 -21.39
N VAL RA 208 3.34 -90.19 -21.37
CA VAL RA 208 3.81 -89.50 -20.18
C VAL RA 208 2.78 -88.46 -19.81
N SER RA 209 2.38 -88.45 -18.53
CA SER RA 209 1.44 -87.45 -18.04
C SER RA 209 2.11 -86.08 -18.01
N LEU RA 210 1.32 -85.06 -18.30
CA LEU RA 210 1.75 -83.68 -18.21
C LEU RA 210 0.74 -82.90 -17.40
N ARG RA 211 1.03 -81.61 -17.22
CA ARG RA 211 0.02 -80.72 -16.67
C ARG RA 211 -1.08 -80.49 -17.69
N LYS RA 212 -2.30 -80.31 -17.19
CA LYS RA 212 -3.48 -80.24 -18.05
C LYS RA 212 -3.77 -78.83 -18.54
N ASP RA 213 -2.75 -77.97 -18.61
CA ASP RA 213 -2.89 -76.60 -19.10
C ASP RA 213 -1.59 -76.05 -19.65
N THR SA 1 -22.57 -74.42 -49.80
CA THR SA 1 -23.38 -73.24 -49.52
C THR SA 1 -22.51 -72.07 -49.12
N GLN SA 2 -22.61 -70.97 -49.87
CA GLN SA 2 -21.81 -69.80 -49.55
C GLN SA 2 -22.38 -69.03 -48.37
N ASN SA 3 -23.69 -68.92 -48.29
CA ASN SA 3 -24.35 -68.17 -47.22
C ASN SA 3 -25.50 -68.96 -46.63
N PRO SA 4 -25.43 -69.33 -45.35
CA PRO SA 4 -26.48 -70.14 -44.75
C PRO SA 4 -27.72 -69.31 -44.45
N MET SA 5 -28.87 -69.80 -44.92
CA MET SA 5 -30.13 -69.12 -44.68
C MET SA 5 -30.70 -69.48 -43.33
N VAL SA 6 -31.10 -70.75 -43.14
CA VAL SA 6 -31.83 -71.11 -41.94
C VAL SA 6 -30.90 -71.82 -40.96
N THR SA 7 -30.57 -71.15 -39.87
CA THR SA 7 -29.47 -71.54 -39.01
C THR SA 7 -29.98 -72.26 -37.76
N GLY SA 8 -29.44 -73.45 -37.50
CA GLY SA 8 -29.77 -74.22 -36.32
C GLY SA 8 -28.65 -74.15 -35.30
N THR SA 9 -29.04 -73.93 -34.04
CA THR SA 9 -28.11 -73.67 -32.95
C THR SA 9 -27.72 -74.97 -32.24
N SER SA 10 -27.18 -74.82 -31.02
CA SER SA 10 -26.28 -75.77 -30.38
C SER SA 10 -26.89 -77.16 -30.15
N VAL SA 11 -26.00 -78.16 -30.05
CA VAL SA 11 -26.33 -79.57 -29.86
C VAL SA 11 -25.48 -80.09 -28.72
N LEU SA 12 -26.11 -80.78 -27.77
CA LEU SA 12 -25.40 -81.31 -26.61
C LEU SA 12 -25.52 -82.83 -26.56
N GLY SA 13 -24.40 -83.52 -26.75
CA GLY SA 13 -24.37 -84.96 -26.61
C GLY SA 13 -23.28 -85.33 -25.64
N VAL SA 14 -23.55 -86.34 -24.83
CA VAL SA 14 -22.61 -86.74 -23.78
C VAL SA 14 -22.77 -88.24 -23.54
N LYS SA 15 -21.64 -88.90 -23.30
CA LYS SA 15 -21.63 -90.34 -23.06
C LYS SA 15 -22.20 -90.67 -21.69
N PHE SA 16 -22.69 -91.90 -21.55
CA PHE SA 16 -22.89 -92.52 -20.25
C PHE SA 16 -22.69 -94.03 -20.40
N GLU SA 17 -23.00 -94.77 -19.34
CA GLU SA 17 -22.74 -96.20 -19.33
C GLU SA 17 -23.78 -96.94 -20.16
N GLY SA 18 -23.34 -97.57 -21.25
CA GLY SA 18 -24.24 -98.34 -22.08
C GLY SA 18 -25.17 -97.51 -22.93
N GLY SA 19 -24.73 -96.35 -23.39
CA GLY SA 19 -25.56 -95.53 -24.23
C GLY SA 19 -25.05 -94.10 -24.27
N VAL SA 20 -25.62 -93.33 -25.19
CA VAL SA 20 -25.27 -91.94 -25.39
C VAL SA 20 -26.58 -91.14 -25.41
N VAL SA 21 -26.60 -90.01 -24.72
CA VAL SA 21 -27.76 -89.12 -24.71
C VAL SA 21 -27.42 -87.83 -25.47
N ILE SA 22 -28.31 -87.44 -26.39
CA ILE SA 22 -28.11 -86.30 -27.27
C ILE SA 22 -29.37 -85.45 -27.23
N ALA SA 23 -29.19 -84.13 -27.09
CA ALA SA 23 -30.31 -83.20 -27.06
C ALA SA 23 -30.01 -81.95 -27.84
N ALA SA 24 -31.05 -81.36 -28.44
CA ALA SA 24 -30.94 -80.10 -29.16
C ALA SA 24 -32.30 -79.43 -29.16
N ASP SA 25 -32.31 -78.12 -29.34
CA ASP SA 25 -33.57 -77.40 -29.38
C ASP SA 25 -34.13 -77.37 -30.80
N MET SA 26 -35.46 -77.26 -30.88
CA MET SA 26 -36.20 -77.52 -32.10
C MET SA 26 -36.49 -76.26 -32.89
N LEU SA 27 -35.65 -75.24 -32.76
CA LEU SA 27 -35.90 -73.97 -33.43
C LEU SA 27 -35.10 -73.85 -34.72
N GLY SA 28 -35.74 -73.36 -35.77
CA GLY SA 28 -35.04 -72.99 -36.98
C GLY SA 28 -35.13 -71.49 -37.20
N SER SA 29 -34.03 -70.79 -37.03
CA SER SA 29 -34.01 -69.34 -37.09
C SER SA 29 -33.51 -68.89 -38.46
N TYR SA 30 -33.70 -67.60 -38.75
CA TYR SA 30 -33.28 -66.98 -40.00
C TYR SA 30 -32.84 -65.57 -39.69
N GLY SA 31 -31.53 -65.35 -39.60
CA GLY SA 31 -31.06 -64.04 -39.17
C GLY SA 31 -31.37 -63.80 -37.71
N SER SA 32 -31.90 -62.62 -37.42
CA SER SA 32 -32.33 -62.34 -36.06
C SER SA 32 -33.73 -62.87 -35.78
N LEU SA 33 -34.36 -63.48 -36.76
CA LEU SA 33 -35.75 -63.93 -36.68
C LEU SA 33 -35.80 -65.42 -36.35
N ALA SA 34 -36.70 -65.79 -35.45
CA ALA SA 34 -36.97 -67.19 -35.16
C ALA SA 34 -38.20 -67.60 -35.95
N ARG SA 35 -37.98 -68.10 -37.17
CA ARG SA 35 -39.10 -68.29 -38.08
C ARG SA 35 -39.77 -69.64 -37.88
N PHE SA 36 -39.04 -70.73 -38.09
CA PHE SA 36 -39.57 -72.08 -37.95
C PHE SA 36 -39.38 -72.51 -36.50
N ARG SA 37 -40.46 -72.59 -35.74
CA ARG SA 37 -40.35 -72.89 -34.32
C ARG SA 37 -40.71 -74.32 -33.96
N ASN SA 38 -40.89 -75.21 -34.93
CA ASN SA 38 -41.01 -76.63 -34.65
C ASN SA 38 -40.46 -77.40 -35.84
N ILE SA 39 -39.19 -77.77 -35.76
CA ILE SA 39 -38.58 -78.68 -36.73
C ILE SA 39 -37.82 -79.74 -35.96
N SER SA 40 -37.55 -80.87 -36.60
CA SER SA 40 -36.85 -81.98 -35.96
C SER SA 40 -35.39 -81.89 -36.36
N ARG SA 41 -34.50 -81.75 -35.37
CA ARG SA 41 -33.09 -81.61 -35.64
C ARG SA 41 -32.28 -82.80 -35.15
N ILE SA 42 -32.92 -83.93 -34.90
CA ILE SA 42 -32.26 -85.19 -34.57
C ILE SA 42 -32.90 -86.29 -35.40
N MET SA 43 -32.07 -87.03 -36.13
CA MET SA 43 -32.53 -88.10 -37.00
C MET SA 43 -32.20 -89.44 -36.38
N ARG SA 44 -33.18 -90.34 -36.37
CA ARG SA 44 -32.98 -91.68 -35.85
C ARG SA 44 -32.59 -92.61 -36.98
N VAL SA 45 -31.29 -92.89 -37.08
CA VAL SA 45 -30.75 -93.94 -37.94
C VAL SA 45 -31.20 -95.24 -37.29
N ASN SA 46 -31.26 -96.32 -38.07
CA ASN SA 46 -32.04 -97.53 -37.84
C ASN SA 46 -32.10 -98.12 -36.43
N ASN SA 47 -30.99 -98.63 -35.90
CA ASN SA 47 -30.93 -99.15 -34.55
C ASN SA 47 -29.69 -98.69 -33.79
N SER SA 48 -28.58 -98.49 -34.48
CA SER SA 48 -27.30 -98.46 -33.79
C SER SA 48 -26.88 -97.04 -33.47
N THR SA 49 -27.06 -96.12 -34.40
CA THR SA 49 -26.53 -94.78 -34.23
C THR SA 49 -27.66 -93.77 -34.37
N MET SA 50 -27.30 -92.50 -34.28
CA MET SA 50 -28.23 -91.41 -34.07
C MET SA 50 -27.52 -90.10 -34.34
N LEU SA 51 -28.14 -89.25 -35.13
CA LEU SA 51 -27.46 -88.10 -35.71
C LEU SA 51 -28.12 -86.80 -35.26
N GLY SA 52 -27.29 -85.84 -34.85
CA GLY SA 52 -27.72 -84.48 -34.62
C GLY SA 52 -26.95 -83.54 -35.55
N ALA SA 53 -27.44 -82.31 -35.64
CA ALA SA 53 -26.81 -81.36 -36.54
C ALA SA 53 -27.07 -79.93 -36.09
N SER SA 54 -26.28 -79.01 -36.65
CA SER SA 54 -26.40 -77.60 -36.38
C SER SA 54 -26.32 -76.85 -37.70
N GLY SA 55 -26.35 -75.51 -37.61
CA GLY SA 55 -26.16 -74.67 -38.78
C GLY SA 55 -27.30 -74.71 -39.77
N ASP SA 56 -26.96 -74.82 -41.06
CA ASP SA 56 -27.95 -74.82 -42.12
C ASP SA 56 -28.82 -76.07 -42.08
N TYR SA 57 -30.13 -75.88 -42.12
CA TYR SA 57 -31.05 -77.00 -41.97
C TYR SA 57 -31.29 -77.74 -43.28
N ALA SA 58 -31.19 -77.04 -44.41
CA ALA SA 58 -31.48 -77.68 -45.69
C ALA SA 58 -30.43 -78.72 -46.04
N ASP SA 59 -29.17 -78.45 -45.72
CA ASP SA 59 -28.13 -79.43 -45.93
C ASP SA 59 -28.27 -80.60 -44.97
N PHE SA 60 -28.87 -80.35 -43.80
CA PHE SA 60 -29.27 -81.47 -42.94
C PHE SA 60 -30.35 -82.31 -43.58
N GLN SA 61 -31.25 -81.70 -44.35
CA GLN SA 61 -32.20 -82.55 -45.10
C GLN SA 61 -31.50 -83.29 -46.23
N TYR SA 62 -30.41 -82.73 -46.75
CA TYR SA 62 -29.65 -83.43 -47.77
C TYR SA 62 -28.97 -84.67 -47.21
N LEU SA 63 -28.26 -84.52 -46.10
CA LEU SA 63 -27.58 -85.66 -45.47
C LEU SA 63 -28.58 -86.64 -44.89
N LYS SA 64 -29.73 -86.13 -44.43
CA LYS SA 64 -30.85 -86.97 -44.04
C LYS SA 64 -31.30 -87.85 -45.20
N GLN SA 65 -31.39 -87.27 -46.40
CA GLN SA 65 -31.80 -88.04 -47.57
C GLN SA 65 -30.76 -89.09 -47.94
N VAL SA 66 -29.49 -88.69 -47.98
CA VAL SA 66 -28.47 -89.59 -48.50
C VAL SA 66 -28.18 -90.71 -47.52
N LEU SA 67 -28.12 -90.39 -46.22
CA LEU SA 67 -27.93 -91.44 -45.22
C LEU SA 67 -29.15 -92.34 -45.12
N GLY SA 68 -30.34 -91.76 -45.22
CA GLY SA 68 -31.56 -92.55 -45.29
C GLY SA 68 -31.59 -93.49 -46.49
N GLN SA 69 -30.89 -93.14 -47.57
CA GLN SA 69 -30.71 -94.07 -48.67
C GLN SA 69 -29.69 -95.14 -48.34
N MET SA 70 -28.55 -94.75 -47.74
CA MET SA 70 -27.44 -95.68 -47.56
C MET SA 70 -27.77 -96.78 -46.56
N VAL SA 71 -28.53 -96.45 -45.52
CA VAL SA 71 -28.82 -97.43 -44.47
C VAL SA 71 -29.75 -98.51 -45.00
N ILE SA 72 -30.75 -98.11 -45.80
CA ILE SA 72 -31.58 -99.06 -46.52
C ILE SA 72 -30.74 -99.86 -47.51
N ASP SA 73 -29.76 -99.22 -48.16
CA ASP SA 73 -28.87 -99.90 -49.10
C ASP SA 73 -28.07 -101.01 -48.41
N GLU SA 74 -27.78 -100.84 -47.12
CA GLU SA 74 -27.14 -101.95 -46.43
C GLU SA 74 -28.14 -102.98 -45.95
N GLU SA 75 -29.31 -102.54 -45.46
CA GLU SA 75 -30.26 -103.46 -44.85
C GLU SA 75 -30.89 -104.41 -45.86
N LEU SA 76 -30.93 -104.03 -47.13
CA LEU SA 76 -31.57 -104.90 -48.10
C LEU SA 76 -30.72 -106.11 -48.48
N LEU SA 77 -29.43 -106.12 -48.15
CA LEU SA 77 -28.62 -107.30 -48.41
C LEU SA 77 -28.92 -108.44 -47.46
N GLY SA 78 -29.12 -108.15 -46.18
CA GLY SA 78 -29.38 -109.19 -45.20
C GLY SA 78 -28.18 -110.04 -44.86
N ASP SA 79 -26.98 -109.45 -44.85
CA ASP SA 79 -25.77 -110.23 -44.65
C ASP SA 79 -25.48 -110.48 -43.18
N GLY SA 80 -26.29 -109.91 -42.28
CA GLY SA 80 -25.97 -109.94 -40.87
C GLY SA 80 -25.04 -108.83 -40.43
N HIS SA 81 -24.88 -107.79 -41.24
CA HIS SA 81 -23.95 -106.72 -40.94
C HIS SA 81 -24.70 -105.40 -40.90
N SER SA 82 -24.16 -104.46 -40.13
CA SER SA 82 -24.70 -103.13 -40.01
C SER SA 82 -23.55 -102.15 -39.98
N TYR SA 83 -23.86 -100.90 -40.31
CA TYR SA 83 -22.87 -99.84 -40.24
C TYR SA 83 -22.64 -99.49 -38.78
N SER SA 84 -21.45 -99.83 -38.28
CA SER SA 84 -21.02 -99.35 -36.98
C SER SA 84 -20.89 -97.83 -37.02
N PRO SA 85 -21.08 -97.14 -35.90
CA PRO SA 85 -21.10 -95.67 -35.94
C PRO SA 85 -19.78 -95.02 -36.33
N ARG SA 86 -18.65 -95.73 -36.18
CA ARG SA 86 -17.40 -95.19 -36.68
C ARG SA 86 -17.35 -95.21 -38.20
N ALA SA 87 -18.11 -96.12 -38.82
CA ALA SA 87 -18.16 -96.14 -40.29
C ALA SA 87 -18.98 -94.98 -40.82
N ILE SA 88 -20.10 -94.66 -40.16
CA ILE SA 88 -20.90 -93.51 -40.54
C ILE SA 88 -20.12 -92.22 -40.29
N HIS SA 89 -19.38 -92.18 -39.18
CA HIS SA 89 -18.53 -91.04 -38.86
C HIS SA 89 -17.44 -90.85 -39.91
N SER SA 90 -16.87 -91.96 -40.38
CA SER SA 90 -15.83 -91.92 -41.39
C SER SA 90 -16.37 -91.46 -42.73
N TRP SA 91 -17.53 -91.99 -43.14
CA TRP SA 91 -18.11 -91.61 -44.43
C TRP SA 91 -18.55 -90.16 -44.41
N LEU SA 92 -19.11 -89.72 -43.29
CA LEU SA 92 -19.63 -88.36 -43.21
C LEU SA 92 -18.49 -87.35 -43.22
N THR SA 93 -17.42 -87.63 -42.47
CA THR SA 93 -16.23 -86.78 -42.50
C THR SA 93 -15.61 -86.74 -43.89
N ARG SA 94 -15.61 -87.89 -44.56
CA ARG SA 94 -15.05 -87.94 -45.91
C ARG SA 94 -15.88 -87.15 -46.89
N ALA SA 95 -17.21 -87.15 -46.73
CA ALA SA 95 -18.05 -86.33 -47.60
C ALA SA 95 -17.88 -84.85 -47.30
N MET SA 96 -17.59 -84.50 -46.05
CA MET SA 96 -17.36 -83.10 -45.73
C MET SA 96 -16.05 -82.58 -46.32
N TYR SA 97 -14.96 -83.34 -46.15
CA TYR SA 97 -13.69 -82.91 -46.69
C TYR SA 97 -13.70 -82.91 -48.21
N SER SA 98 -14.28 -83.95 -48.81
CA SER SA 98 -14.37 -83.98 -50.27
C SER SA 98 -15.38 -82.97 -50.79
N ARG SA 99 -16.23 -82.43 -49.92
CA ARG SA 99 -17.05 -81.31 -50.34
C ARG SA 99 -16.29 -79.99 -50.27
N ARG SA 100 -15.49 -79.74 -49.23
CA ARG SA 100 -14.74 -78.48 -49.19
C ARG SA 100 -13.49 -78.52 -50.07
N SER SA 101 -13.20 -79.66 -50.70
CA SER SA 101 -12.16 -79.66 -51.73
C SER SA 101 -12.57 -78.84 -52.94
N LYS SA 102 -13.86 -78.72 -53.21
CA LYS SA 102 -14.34 -78.00 -54.37
C LYS SA 102 -14.92 -76.64 -54.02
N MET SA 103 -14.62 -76.12 -52.82
CA MET SA 103 -14.96 -74.76 -52.38
C MET SA 103 -16.46 -74.50 -52.34
N ASN SA 104 -17.27 -75.54 -52.21
CA ASN SA 104 -18.73 -75.39 -52.13
C ASN SA 104 -19.24 -76.18 -50.93
N PRO SA 105 -18.90 -75.74 -49.71
CA PRO SA 105 -18.99 -76.64 -48.56
C PRO SA 105 -20.41 -76.80 -48.05
N LEU SA 106 -20.58 -77.71 -47.10
CA LEU SA 106 -21.82 -77.85 -46.38
C LEU SA 106 -21.74 -77.15 -45.03
N TRP SA 107 -22.50 -76.08 -44.88
CA TRP SA 107 -22.47 -75.27 -43.68
C TRP SA 107 -23.18 -76.00 -42.55
N ASN SA 108 -22.47 -76.94 -41.91
CA ASN SA 108 -23.05 -77.64 -40.77
C ASN SA 108 -21.97 -77.93 -39.74
N THR SA 109 -22.43 -78.39 -38.58
CA THR SA 109 -21.59 -78.95 -37.54
C THR SA 109 -22.43 -80.03 -36.88
N MET SA 110 -21.99 -81.27 -36.96
CA MET SA 110 -22.83 -82.41 -36.64
C MET SA 110 -22.28 -83.21 -35.48
N VAL SA 111 -23.12 -84.06 -34.90
CA VAL SA 111 -22.79 -84.92 -33.77
C VAL SA 111 -23.38 -86.29 -34.04
N ILE SA 112 -22.54 -87.32 -34.06
CA ILE SA 112 -22.98 -88.70 -34.24
C ILE SA 112 -22.87 -89.42 -32.91
N GLY SA 113 -23.97 -90.03 -32.47
CA GLY SA 113 -23.95 -90.85 -31.28
C GLY SA 113 -24.48 -92.23 -31.57
N GLY SA 114 -23.77 -93.24 -31.08
CA GLY SA 114 -24.15 -94.61 -31.37
C GLY SA 114 -23.52 -95.56 -30.36
N TYR SA 115 -23.98 -96.81 -30.42
CA TYR SA 115 -23.61 -97.82 -29.43
C TYR SA 115 -23.67 -99.20 -30.05
N ALA SA 116 -22.53 -99.88 -30.07
CA ALA SA 116 -22.45 -101.24 -30.59
C ALA SA 116 -21.24 -101.93 -29.97
N ASP SA 117 -21.35 -103.26 -29.84
CA ASP SA 117 -20.37 -104.12 -29.17
C ASP SA 117 -20.06 -103.67 -27.75
N GLY SA 118 -21.08 -103.20 -27.04
CA GLY SA 118 -20.92 -102.76 -25.67
C GLY SA 118 -20.08 -101.52 -25.48
N GLU SA 119 -19.93 -100.69 -26.52
CA GLU SA 119 -19.09 -99.51 -26.45
C GLU SA 119 -19.84 -98.29 -26.97
N SER SA 120 -19.82 -97.22 -26.19
CA SER SA 120 -20.49 -95.99 -26.55
C SER SA 120 -19.61 -95.15 -27.46
N PHE SA 121 -20.21 -94.56 -28.48
CA PHE SA 121 -19.51 -93.73 -29.43
C PHE SA 121 -20.16 -92.36 -29.50
N LEU SA 122 -19.33 -91.32 -29.59
CA LEU SA 122 -19.80 -89.95 -29.70
C LEU SA 122 -18.81 -89.20 -30.57
N GLY SA 123 -19.13 -89.07 -31.86
CA GLY SA 123 -18.21 -88.51 -32.83
C GLY SA 123 -18.64 -87.14 -33.32
N TYR SA 124 -17.64 -86.38 -33.77
CA TYR SA 124 -17.79 -84.99 -34.14
C TYR SA 124 -17.39 -84.78 -35.57
N VAL SA 125 -18.20 -84.04 -36.33
CA VAL SA 125 -17.93 -83.75 -37.72
C VAL SA 125 -18.14 -82.27 -37.96
N ASP SA 126 -17.09 -81.59 -38.39
CA ASP SA 126 -17.11 -80.14 -38.57
C ASP SA 126 -17.35 -79.83 -40.04
N MET SA 127 -17.42 -78.53 -40.35
CA MET SA 127 -17.59 -78.10 -41.73
C MET SA 127 -16.35 -78.36 -42.56
N LEU SA 128 -15.19 -78.36 -41.91
CA LEU SA 128 -13.92 -78.51 -42.61
C LEU SA 128 -13.30 -79.88 -42.44
N GLY SA 129 -14.06 -80.88 -42.01
CA GLY SA 129 -13.53 -82.22 -41.85
C GLY SA 129 -12.69 -82.43 -40.61
N VAL SA 130 -13.02 -81.78 -39.49
CA VAL SA 130 -12.29 -81.97 -38.25
C VAL SA 130 -13.02 -83.00 -37.41
N ALA SA 131 -12.41 -84.18 -37.27
CA ALA SA 131 -13.10 -85.34 -36.73
C ALA SA 131 -12.33 -85.91 -35.55
N TYR SA 132 -13.03 -86.14 -34.44
CA TYR SA 132 -12.44 -86.80 -33.29
C TYR SA 132 -13.54 -87.44 -32.46
N GLU SA 133 -13.12 -88.04 -31.35
CA GLU SA 133 -13.99 -88.71 -30.40
C GLU SA 133 -13.77 -88.08 -29.03
N ALA SA 134 -14.86 -87.80 -28.32
CA ALA SA 134 -14.79 -87.09 -27.06
C ALA SA 134 -15.82 -87.67 -26.11
N PRO SA 135 -15.59 -87.57 -24.80
CA PRO SA 135 -16.65 -87.96 -23.86
C PRO SA 135 -17.79 -86.95 -23.81
N SER SA 136 -17.55 -85.72 -24.27
CA SER SA 136 -18.56 -84.69 -24.25
C SER SA 136 -18.39 -83.77 -25.45
N LEU SA 137 -19.41 -83.70 -26.28
CA LEU SA 137 -19.40 -82.83 -27.44
C LEU SA 137 -20.39 -81.69 -27.25
N ALA SA 138 -20.09 -80.57 -27.90
CA ALA SA 138 -20.93 -79.39 -27.85
C ALA SA 138 -20.57 -78.53 -29.05
N THR SA 139 -21.58 -78.12 -29.82
CA THR SA 139 -21.33 -77.41 -31.06
C THR SA 139 -21.78 -75.96 -30.95
N GLY SA 140 -20.99 -75.08 -31.57
CA GLY SA 140 -21.31 -73.67 -31.58
C GLY SA 140 -21.10 -73.06 -30.21
N TYR SA 141 -22.09 -72.27 -29.77
CA TYR SA 141 -22.01 -71.62 -28.47
C TYR SA 141 -22.16 -72.60 -27.32
N GLY SA 142 -22.61 -73.82 -27.60
CA GLY SA 142 -22.57 -74.86 -26.60
C GLY SA 142 -21.15 -75.21 -26.19
N ALA SA 143 -20.20 -75.09 -27.13
CA ALA SA 143 -18.80 -75.33 -26.79
C ALA SA 143 -18.24 -74.22 -25.92
N TYR SA 144 -18.92 -73.08 -25.86
CA TYR SA 144 -18.50 -71.98 -25.00
C TYR SA 144 -19.32 -71.87 -23.73
N LEU SA 145 -20.50 -72.50 -23.66
CA LEU SA 145 -21.36 -72.37 -22.48
C LEU SA 145 -21.62 -73.71 -21.81
N ALA SA 146 -22.12 -74.71 -22.53
CA ALA SA 146 -22.47 -75.93 -21.83
C ALA SA 146 -21.27 -76.84 -21.64
N GLN SA 147 -20.24 -76.62 -22.45
CA GLN SA 147 -19.02 -77.41 -22.37
C GLN SA 147 -18.25 -77.30 -21.05
N PRO SA 148 -18.16 -76.14 -20.36
CA PRO SA 148 -17.52 -76.16 -19.02
C PRO SA 148 -18.27 -76.96 -17.97
N LEU SA 149 -19.58 -77.16 -18.09
CA LEU SA 149 -20.27 -78.03 -17.15
C LEU SA 149 -19.94 -79.48 -17.41
N LEU SA 150 -19.87 -79.86 -18.69
CA LEU SA 150 -19.53 -81.21 -19.09
C LEU SA 150 -18.11 -81.56 -18.67
N ARG SA 151 -17.16 -80.69 -19.02
CA ARG SA 151 -15.77 -80.89 -18.63
C ARG SA 151 -15.57 -80.66 -17.14
N GLU SA 152 -16.51 -79.98 -16.49
CA GLU SA 152 -16.45 -79.76 -15.06
C GLU SA 152 -16.80 -81.04 -14.30
N VAL SA 153 -17.91 -81.67 -14.65
CA VAL SA 153 -18.36 -82.84 -13.92
C VAL SA 153 -17.58 -84.09 -14.35
N LEU SA 154 -17.24 -84.19 -15.63
CA LEU SA 154 -16.65 -85.42 -16.14
C LEU SA 154 -15.20 -85.62 -15.72
N GLU SA 155 -14.61 -84.64 -15.04
CA GLU SA 155 -13.27 -84.87 -14.48
C GLU SA 155 -13.34 -85.47 -13.09
N LYS SA 156 -14.32 -85.04 -12.28
CA LYS SA 156 -14.47 -85.63 -10.96
C LYS SA 156 -15.09 -87.02 -11.05
N GLN SA 157 -16.22 -87.14 -11.73
CA GLN SA 157 -16.95 -88.39 -11.89
C GLN SA 157 -16.87 -88.80 -13.35
N PRO SA 158 -15.94 -89.68 -13.72
CA PRO SA 158 -15.73 -89.98 -15.15
C PRO SA 158 -16.89 -90.74 -15.80
N VAL SA 159 -17.34 -91.84 -15.21
CA VAL SA 159 -18.51 -92.53 -15.73
C VAL SA 159 -19.76 -91.82 -15.21
N LEU SA 160 -20.91 -92.15 -15.80
CA LEU SA 160 -22.17 -91.57 -15.37
C LEU SA 160 -23.26 -92.61 -15.42
N SER SA 161 -24.38 -92.31 -14.75
CA SER SA 161 -25.59 -93.08 -14.96
C SER SA 161 -26.50 -92.35 -15.93
N GLN SA 162 -27.68 -92.91 -16.13
CA GLN SA 162 -28.62 -92.32 -17.09
C GLN SA 162 -29.26 -91.06 -16.52
N THR SA 163 -29.64 -91.10 -15.24
CA THR SA 163 -30.30 -89.95 -14.63
C THR SA 163 -29.31 -88.80 -14.42
N GLU SA 164 -28.06 -89.14 -14.11
CA GLU SA 164 -27.00 -88.14 -14.00
C GLU SA 164 -26.79 -87.40 -15.32
N ALA SA 165 -26.73 -88.18 -16.40
CA ALA SA 165 -26.49 -87.61 -17.72
C ALA SA 165 -27.65 -86.76 -18.19
N ARG SA 166 -28.87 -87.30 -18.10
CA ARG SA 166 -30.06 -86.58 -18.55
C ARG SA 166 -30.30 -85.35 -17.70
N ASP SA 167 -30.00 -85.44 -16.41
CA ASP SA 167 -30.12 -84.30 -15.51
C ASP SA 167 -29.14 -83.19 -15.87
N LEU SA 168 -27.90 -83.57 -16.19
CA LEU SA 168 -26.89 -82.58 -16.55
C LEU SA 168 -27.22 -81.94 -17.89
N VAL SA 169 -27.84 -82.72 -18.78
CA VAL SA 169 -28.36 -82.18 -20.04
C VAL SA 169 -29.45 -81.14 -19.78
N GLU SA 170 -30.33 -81.42 -18.80
CA GLU SA 170 -31.38 -80.46 -18.46
C GLU SA 170 -30.81 -79.16 -17.91
N ARG SA 171 -29.77 -79.25 -17.09
CA ARG SA 171 -29.15 -78.04 -16.55
C ARG SA 171 -28.43 -77.24 -17.63
N CYS SA 172 -27.75 -77.94 -18.56
CA CYS SA 172 -27.07 -77.24 -19.64
C CYS SA 172 -28.04 -76.56 -20.58
N MET SA 173 -29.18 -77.21 -20.87
CA MET SA 173 -30.17 -76.57 -21.72
C MET SA 173 -30.85 -75.41 -21.01
N ARG SA 174 -30.89 -75.45 -19.68
CA ARG SA 174 -31.31 -74.27 -18.92
C ARG SA 174 -30.36 -73.10 -19.14
N VAL SA 175 -29.05 -73.35 -19.05
CA VAL SA 175 -28.07 -72.28 -19.20
C VAL SA 175 -28.08 -71.73 -20.62
N LEU SA 176 -28.19 -72.61 -21.61
CA LEU SA 176 -28.27 -72.15 -22.99
C LEU SA 176 -29.60 -71.46 -23.29
N TYR SA 177 -30.63 -71.71 -22.48
CA TYR SA 177 -31.82 -70.88 -22.64
C TYR SA 177 -31.59 -69.50 -22.04
N TYR SA 178 -30.80 -69.41 -20.96
CA TYR SA 178 -30.53 -68.11 -20.38
C TYR SA 178 -29.65 -67.25 -21.27
N ARG SA 179 -28.41 -67.69 -21.50
CA ARG SA 179 -27.39 -66.76 -21.99
C ARG SA 179 -27.24 -66.72 -23.50
N ASP SA 180 -27.63 -67.78 -24.20
CA ASP SA 180 -27.52 -67.77 -25.65
C ASP SA 180 -28.63 -66.92 -26.24
N ALA SA 181 -28.35 -66.29 -27.37
CA ALA SA 181 -29.33 -65.39 -27.97
C ALA SA 181 -30.44 -66.16 -28.65
N ARG SA 182 -30.08 -67.12 -29.50
CA ARG SA 182 -31.02 -67.61 -30.49
C ARG SA 182 -31.62 -68.96 -30.10
N SER SA 183 -31.60 -69.29 -28.80
CA SER SA 183 -32.19 -70.53 -28.34
C SER SA 183 -33.69 -70.38 -28.11
N TYR SA 184 -34.32 -71.43 -27.59
CA TYR SA 184 -35.76 -71.46 -27.40
C TYR SA 184 -36.09 -72.51 -26.36
N ASN SA 185 -37.04 -72.20 -25.48
CA ASN SA 185 -37.35 -73.04 -24.31
C ASN SA 185 -38.23 -74.21 -24.74
N ARG SA 186 -37.68 -75.06 -25.59
CA ARG SA 186 -38.33 -76.27 -26.09
C ARG SA 186 -37.28 -77.11 -26.78
N PHE SA 187 -37.16 -78.37 -26.40
CA PHE SA 187 -36.07 -79.17 -26.91
C PHE SA 187 -36.44 -80.63 -26.78
N GLN SA 188 -35.77 -81.46 -27.57
CA GLN SA 188 -36.03 -82.89 -27.56
C GLN SA 188 -34.75 -83.64 -27.24
N ILE SA 189 -34.89 -84.66 -26.42
CA ILE SA 189 -33.78 -85.50 -25.99
C ILE SA 189 -33.94 -86.85 -26.67
N ALA SA 190 -32.85 -87.37 -27.21
CA ALA SA 190 -32.89 -88.67 -27.83
C ALA SA 190 -31.69 -89.48 -27.33
N THR SA 191 -31.90 -90.77 -27.15
CA THR SA 191 -30.93 -91.62 -26.47
C THR SA 191 -30.86 -92.96 -27.17
N VAL SA 192 -29.64 -93.45 -27.40
CA VAL SA 192 -29.43 -94.81 -27.89
C VAL SA 192 -29.30 -95.72 -26.69
N THR SA 193 -29.88 -96.91 -26.81
CA THR SA 193 -29.73 -97.97 -25.81
C THR SA 193 -29.33 -99.23 -26.58
N GLU SA 194 -29.27 -100.36 -25.88
CA GLU SA 194 -29.26 -101.61 -26.62
C GLU SA 194 -30.68 -102.00 -27.04
N LYS SA 195 -31.68 -101.32 -26.47
CA LYS SA 195 -33.07 -101.57 -26.84
C LYS SA 195 -33.47 -100.74 -28.06
N GLY SA 196 -32.52 -100.04 -28.66
CA GLY SA 196 -32.77 -99.29 -29.86
C GLY SA 196 -32.70 -97.80 -29.60
N VAL SA 197 -32.81 -97.05 -30.68
CA VAL SA 197 -32.80 -95.59 -30.58
C VAL SA 197 -34.15 -95.12 -30.09
N GLU SA 198 -34.14 -94.33 -29.02
CA GLU SA 198 -35.40 -93.82 -28.48
C GLU SA 198 -35.33 -92.30 -28.39
N ILE SA 199 -36.35 -91.64 -28.94
CA ILE SA 199 -36.45 -90.19 -28.98
C ILE SA 199 -37.55 -89.76 -28.02
N GLU SA 200 -37.25 -88.81 -27.14
CA GLU SA 200 -38.26 -88.31 -26.21
C GLU SA 200 -39.01 -87.16 -26.86
N GLY SA 201 -39.93 -86.57 -26.11
CA GLY SA 201 -40.82 -85.58 -26.66
C GLY SA 201 -40.31 -84.17 -26.47
N PRO SA 202 -41.10 -83.21 -26.98
CA PRO SA 202 -40.73 -81.78 -26.87
C PRO SA 202 -40.88 -81.21 -25.47
N LEU SA 203 -39.81 -81.35 -24.69
CA LEU SA 203 -39.80 -80.92 -23.31
C LEU SA 203 -39.66 -79.40 -23.21
N SER SA 204 -39.48 -78.92 -21.98
CA SER SA 204 -39.29 -77.50 -21.70
C SER SA 204 -38.61 -77.32 -20.35
N THR SA 205 -37.70 -76.35 -20.27
CA THR SA 205 -37.02 -76.05 -19.02
C THR SA 205 -37.82 -75.07 -18.18
N GLU SA 206 -37.24 -74.71 -17.03
CA GLU SA 206 -37.82 -73.78 -16.09
C GLU SA 206 -36.77 -72.76 -15.69
N THR SA 207 -37.20 -71.51 -15.54
CA THR SA 207 -36.29 -70.41 -15.31
C THR SA 207 -36.43 -69.89 -13.89
N ASN SA 208 -35.47 -69.07 -13.48
CA ASN SA 208 -35.38 -68.56 -12.12
C ASN SA 208 -35.05 -67.08 -12.21
N TRP SA 209 -36.08 -66.23 -12.23
CA TRP SA 209 -35.90 -64.81 -12.46
C TRP SA 209 -35.78 -64.01 -11.17
N ASP SA 210 -35.16 -64.57 -10.14
CA ASP SA 210 -35.10 -63.86 -8.86
C ASP SA 210 -34.17 -62.66 -8.91
N ILE SA 211 -33.22 -62.64 -9.84
CA ILE SA 211 -32.31 -61.50 -9.93
C ILE SA 211 -32.94 -60.31 -10.65
N ALA SA 212 -34.15 -60.48 -11.20
CA ALA SA 212 -34.78 -59.39 -11.92
C ALA SA 212 -35.25 -58.28 -10.98
N HIS SA 213 -35.66 -58.64 -9.77
CA HIS SA 213 -36.10 -57.63 -8.82
C HIS SA 213 -34.94 -56.83 -8.24
N MET SA 214 -33.71 -57.34 -8.34
CA MET SA 214 -32.57 -56.60 -7.84
C MET SA 214 -32.24 -55.45 -8.77
N ILE SA 215 -32.51 -54.24 -8.29
CA ILE SA 215 -32.18 -53.01 -9.01
C ILE SA 215 -30.67 -52.89 -9.11
N ARG TA 6 65.74 11.54 17.51
CA ARG TA 6 65.83 10.74 18.72
C ARG TA 6 65.68 11.60 19.96
N ASP TA 7 65.84 10.98 21.13
CA ASP TA 7 65.80 11.72 22.39
C ASP TA 7 67.09 12.52 22.53
N LYS TA 8 67.03 13.56 23.35
CA LYS TA 8 68.21 14.38 23.62
C LYS TA 8 69.05 13.82 24.75
N ALA TA 9 68.73 12.65 25.27
CA ALA TA 9 69.56 12.03 26.30
C ALA TA 9 70.98 11.67 25.85
N PRO TA 10 71.24 11.07 24.64
CA PRO TA 10 72.65 10.82 24.30
C PRO TA 10 73.41 12.07 23.85
N VAL TA 11 72.71 12.99 23.19
CA VAL TA 11 73.41 14.08 22.50
C VAL TA 11 73.43 15.35 23.34
N GLN TA 12 72.63 15.42 24.39
CA GLN TA 12 72.50 16.66 25.15
C GLN TA 12 73.63 16.94 26.14
N PRO TA 13 74.16 15.99 26.92
CA PRO TA 13 75.30 16.34 27.78
C PRO TA 13 76.64 16.49 27.07
N GLN TA 14 76.67 16.52 25.73
CA GLN TA 14 77.94 16.73 25.03
C GLN TA 14 78.44 18.16 25.15
N GLN TA 15 77.54 19.10 25.46
CA GLN TA 15 77.95 20.48 25.69
C GLN TA 15 78.61 20.67 27.05
N SER TA 16 78.44 19.70 27.95
CA SER TA 16 79.03 19.82 29.29
C SER TA 16 80.56 19.72 29.32
N PRO TA 17 81.26 18.76 28.61
CA PRO TA 17 82.72 18.79 28.66
C PRO TA 17 83.33 19.98 27.91
N ALA TA 18 84.53 20.36 28.30
CA ALA TA 18 85.30 21.38 27.60
C ALA TA 18 86.48 20.84 26.82
N ALA TA 19 86.61 19.52 26.69
CA ALA TA 19 87.67 18.92 25.89
C ALA TA 19 87.49 19.25 24.42
N ALA TA 20 88.60 19.60 23.78
CA ALA TA 20 88.61 19.93 22.34
C ALA TA 20 88.09 18.83 21.40
N PRO TA 21 88.44 17.53 21.55
CA PRO TA 21 87.94 16.56 20.54
C PRO TA 21 86.43 16.36 20.56
N GLY TA 22 85.79 16.46 21.73
CA GLY TA 22 84.33 16.35 21.79
C GLY TA 22 83.64 17.50 21.08
N GLY TA 23 84.24 18.69 21.12
CA GLY TA 23 83.73 19.79 20.32
C GLY TA 23 84.00 19.61 18.84
N THR TA 24 85.21 19.15 18.50
CA THR TA 24 85.60 19.12 17.08
C THR TA 24 85.02 17.90 16.36
N ASP TA 25 84.36 16.98 17.09
CA ASP TA 25 83.55 16.01 16.37
C ASP TA 25 82.06 16.23 16.60
N GLU TA 26 81.70 16.86 17.73
CA GLU TA 26 80.29 17.15 18.00
C GLU TA 26 79.76 18.20 17.06
N LYS TA 27 80.58 19.20 16.72
CA LYS TA 27 80.12 20.25 15.80
C LYS TA 27 79.97 19.77 14.36
N PRO TA 28 80.81 18.86 13.81
CA PRO TA 28 80.38 18.19 12.56
C PRO TA 28 79.21 17.26 12.74
N SER TA 29 79.03 16.67 13.93
CA SER TA 29 77.83 15.89 14.18
C SER TA 29 76.60 16.79 14.27
N GLY TA 30 76.76 17.99 14.84
CA GLY TA 30 75.68 18.94 14.84
C GLY TA 30 75.47 19.59 13.48
N LYS TA 31 76.47 19.53 12.60
CA LYS TA 31 76.31 20.04 11.25
C LYS TA 31 75.39 19.16 10.42
N GLU TA 32 75.45 17.84 10.66
CA GLU TA 32 74.56 16.92 9.95
C GLU TA 32 73.12 17.09 10.41
N ARG TA 33 72.91 17.34 11.70
CA ARG TA 33 71.57 17.63 12.20
C ARG TA 33 71.21 19.10 12.05
N ARG TA 34 72.10 19.91 11.47
CA ARG TA 34 71.82 21.33 11.28
C ARG TA 34 70.98 21.56 10.03
N ASP TA 35 70.68 20.50 9.27
CA ASP TA 35 69.71 20.58 8.18
C ASP TA 35 68.31 20.92 8.68
N ALA TA 36 67.98 20.54 9.91
CA ALA TA 36 66.76 20.99 10.57
C ALA TA 36 67.11 21.74 11.83
N GLY TA 37 68.37 22.16 11.95
CA GLY TA 37 68.86 22.85 13.13
C GLY TA 37 69.11 21.87 14.26
N ASP TA 38 68.03 21.37 14.84
CA ASP TA 38 68.08 20.26 15.78
C ASP TA 38 66.75 19.54 15.64
N LYS TA 39 66.41 18.72 16.62
CA LYS TA 39 65.08 18.15 16.74
C LYS TA 39 63.98 19.20 16.82
N ASP TA 40 64.28 20.40 17.32
CA ASP TA 40 63.28 21.35 17.81
C ASP TA 40 63.87 22.75 17.80
N LYS TA 41 63.26 23.63 18.60
CA LYS TA 41 63.51 25.07 18.62
C LYS TA 41 64.76 25.45 19.41
N GLU TA 42 65.72 24.53 19.59
CA GLU TA 42 67.04 24.78 20.17
C GLU TA 42 66.95 25.25 21.62
N GLN TA 43 66.51 24.34 22.49
CA GLN TA 43 66.54 24.60 23.93
C GLN TA 43 67.85 24.10 24.55
N GLU TA 44 68.92 24.07 23.76
CA GLU TA 44 70.25 23.96 24.33
C GLU TA 44 70.79 25.30 24.79
N LEU TA 45 70.10 26.40 24.42
CA LEU TA 45 70.59 27.77 24.54
C LEU TA 45 70.98 28.15 25.95
N SER TA 46 70.10 27.87 26.92
CA SER TA 46 70.33 28.31 28.29
C SER TA 46 71.48 27.57 28.95
N GLU TA 47 71.88 26.43 28.38
CA GLU TA 47 73.01 25.68 28.93
C GLU TA 47 74.29 25.97 28.16
N GLU TA 48 74.19 26.30 26.88
CA GLU TA 48 75.38 26.49 26.06
C GLU TA 48 75.76 27.96 25.90
N ASP TA 49 74.98 28.89 26.43
CA ASP TA 49 75.40 30.28 26.46
C ASP TA 49 76.51 30.52 27.46
N LYS TA 50 76.68 29.60 28.42
CA LYS TA 50 77.81 29.64 29.33
C LYS TA 50 79.12 29.37 28.61
N GLN TA 51 79.07 28.64 27.49
CA GLN TA 51 80.25 28.28 26.69
C GLN TA 51 80.81 29.45 25.88
N LEU TA 52 80.34 30.67 26.12
CA LEU TA 52 80.80 31.85 25.37
C LEU TA 52 82.27 32.16 25.63
N GLN TA 53 82.71 32.03 26.88
CA GLN TA 53 84.05 32.50 27.24
C GLN TA 53 85.13 31.53 26.80
N ASP TA 54 84.76 30.30 26.42
CA ASP TA 54 85.71 29.33 25.94
C ASP TA 54 86.24 29.71 24.56
N GLU TA 55 87.53 29.44 24.35
CA GLU TA 55 88.21 29.82 23.12
C GLU TA 55 88.61 28.59 22.31
N LEU TA 70 91.29 25.57 18.63
CA LEU TA 70 91.63 25.09 17.29
C LEU TA 70 90.49 25.32 16.33
N TYR TA 71 89.45 24.49 16.41
CA TYR TA 71 88.25 24.68 15.61
C TYR TA 71 87.22 25.52 16.38
N ARG TA 72 87.72 26.61 16.94
CA ARG TA 72 86.87 27.66 17.46
C ARG TA 72 86.10 28.49 16.42
N PRO TA 73 86.50 28.62 15.13
CA PRO TA 73 85.52 29.16 14.17
C PRO TA 73 84.35 28.25 13.90
N ALA TA 74 84.52 26.93 14.08
CA ALA TA 74 83.38 26.04 14.07
C ALA TA 74 82.50 26.27 15.29
N LEU TA 75 83.11 26.66 16.41
CA LEU TA 75 82.35 27.09 17.58
C LEU TA 75 81.65 28.41 17.31
N GLU TA 76 82.25 29.24 16.44
CA GLU TA 76 81.55 30.44 15.99
C GLU TA 76 80.38 30.08 15.10
N GLU TA 77 80.49 28.99 14.34
CA GLU TA 77 79.36 28.53 13.50
C GLU TA 77 78.23 28.01 14.36
N LEU TA 78 78.56 27.27 15.41
CA LEU TA 78 77.54 26.84 16.37
C LEU TA 78 76.94 28.04 17.08
N ARG TA 79 77.75 29.04 17.40
CA ARG TA 79 77.28 30.16 18.22
C ARG TA 79 76.38 31.09 17.40
N ARG TA 80 76.79 31.41 16.17
CA ARG TA 80 75.91 32.15 15.27
C ARG TA 80 74.72 31.31 14.85
N GLN TA 81 74.85 29.99 14.91
CA GLN TA 81 73.74 29.13 14.54
C GLN TA 81 72.65 29.18 15.60
N ILE TA 82 73.04 29.18 16.88
CA ILE TA 82 72.02 29.13 17.92
C ILE TA 82 71.53 30.53 18.27
N ARG TA 83 72.43 31.53 18.27
CA ARG TA 83 71.98 32.90 18.50
C ARG TA 83 71.16 33.41 17.32
N SER TA 84 71.57 33.04 16.10
CA SER TA 84 70.75 33.31 14.93
C SER TA 84 69.47 32.47 14.96
N SER TA 85 69.52 31.32 15.64
CA SER TA 85 68.34 30.47 15.73
C SER TA 85 67.27 31.06 16.63
N THR TA 86 67.63 31.69 17.76
CA THR TA 86 66.57 32.27 18.59
C THR TA 86 66.32 33.75 18.30
N THR TA 87 67.20 34.64 18.73
CA THR TA 87 67.01 36.08 18.47
C THR TA 87 68.08 37.03 19.03
N SER TA 88 68.55 37.92 18.16
CA SER TA 88 69.58 38.94 18.47
C SER TA 88 69.67 39.92 17.29
N MET TA 89 70.12 41.16 17.51
CA MET TA 89 70.20 42.08 16.38
C MET TA 89 71.61 42.45 16.00
N THR TA 90 72.56 42.38 16.92
CA THR TA 90 73.94 42.77 16.66
C THR TA 90 74.94 41.68 17.00
N SER TA 91 74.68 40.90 18.05
CA SER TA 91 75.62 39.84 18.44
C SER TA 91 75.48 38.63 17.54
N VAL TA 92 74.43 38.57 16.73
CA VAL TA 92 74.25 37.42 15.84
C VAL TA 92 75.25 37.40 14.67
N PRO TA 93 75.45 38.48 13.88
CA PRO TA 93 76.42 38.34 12.79
C PRO TA 93 77.86 38.53 13.24
N LYS TA 94 78.10 38.73 14.53
CA LYS TA 94 79.47 38.85 15.03
C LYS TA 94 80.28 37.55 14.91
N PRO TA 95 79.73 36.35 15.17
CA PRO TA 95 80.51 35.15 14.81
C PRO TA 95 80.67 34.92 13.32
N LEU TA 96 79.88 35.55 12.46
CA LEU TA 96 80.08 35.37 11.02
C LEU TA 96 81.13 36.34 10.50
N LYS TA 97 81.15 37.57 11.03
CA LYS TA 97 82.22 38.49 10.67
C LYS TA 97 83.53 38.11 11.35
N PHE TA 98 83.44 37.35 12.45
CA PHE TA 98 84.64 36.75 13.02
C PHE TA 98 84.97 35.43 12.34
N LEU TA 99 84.00 34.85 11.63
CA LEU TA 99 84.15 33.47 11.17
C LEU TA 99 84.87 33.39 9.83
N ARG TA 100 84.60 34.36 8.93
CA ARG TA 100 85.04 34.38 7.52
C ARG TA 100 84.59 33.09 6.84
N PRO TA 101 83.31 33.03 6.41
CA PRO TA 101 82.62 31.75 6.16
C PRO TA 101 83.34 30.78 5.23
N HIS TA 102 83.53 29.58 5.72
CA HIS TA 102 84.56 28.66 5.26
C HIS TA 102 83.96 27.25 5.36
N TYR TA 103 84.82 26.23 5.21
CA TYR TA 103 84.49 24.81 5.38
C TYR TA 103 83.41 24.33 4.43
N ASN TA 118 72.99 24.48 -4.29
CA ASN TA 118 71.56 24.33 -4.05
C ASN TA 118 71.30 23.17 -3.10
N LYS TA 119 71.17 23.48 -1.82
CA LYS TA 119 70.91 22.47 -0.80
C LYS TA 119 69.87 23.00 0.18
N ARG TA 120 69.24 22.09 0.92
CA ARG TA 120 68.33 22.48 1.99
C ARG TA 120 69.08 23.15 3.13
N PHE TA 121 70.22 22.58 3.55
CA PHE TA 121 71.08 23.20 4.54
C PHE TA 121 71.64 24.53 4.04
N ALA TA 122 71.97 24.60 2.75
CA ALA TA 122 72.46 25.86 2.18
C ALA TA 122 71.36 26.89 2.09
N ALA TA 123 70.11 26.45 1.86
CA ALA TA 123 68.99 27.37 1.91
C ALA TA 123 68.75 27.86 3.34
N ASP TA 124 69.08 27.00 4.32
CA ASP TA 124 68.89 27.40 5.72
C ASP TA 124 69.95 28.40 6.15
N ILE TA 125 71.22 27.99 6.20
CA ILE TA 125 72.24 28.87 6.75
C ILE TA 125 72.60 29.97 5.77
N ILE TA 126 72.35 29.77 4.48
CA ILE TA 126 72.58 30.83 3.52
C ILE TA 126 71.34 31.70 3.34
N SER TA 127 70.22 31.10 2.92
CA SER TA 127 69.05 31.88 2.50
C SER TA 127 68.40 32.66 3.64
N VAL TA 128 67.80 31.99 4.61
CA VAL TA 128 67.07 32.71 5.64
C VAL TA 128 68.03 33.28 6.69
N LEU TA 129 69.07 32.53 7.02
CA LEU TA 129 69.97 32.97 8.09
C LEU TA 129 70.95 34.01 7.58
N ALA TA 130 71.48 33.83 6.37
CA ALA TA 130 72.39 34.84 5.85
C ALA TA 130 71.63 36.03 5.29
N MET TA 131 70.40 35.81 4.82
CA MET TA 131 69.60 36.93 4.31
C MET TA 131 69.15 37.82 5.45
N THR TA 132 68.56 37.24 6.50
CA THR TA 132 68.06 38.05 7.60
C THR TA 132 69.21 38.53 8.48
N MET TA 133 70.18 37.66 8.74
CA MET TA 133 71.32 37.99 9.59
C MET TA 133 72.25 38.99 8.91
N SER TA 134 72.56 38.77 7.64
CA SER TA 134 73.34 39.75 6.89
C SER TA 134 72.53 41.00 6.63
N GLY TA 135 71.20 40.87 6.58
CA GLY TA 135 70.36 42.05 6.42
C GLY TA 135 70.38 42.96 7.63
N GLU TA 136 70.32 42.37 8.83
CA GLU TA 136 70.40 43.19 10.03
C GLU TA 136 71.83 43.67 10.27
N ARG TA 137 72.83 42.96 9.75
CA ARG TA 137 74.19 43.49 9.84
C ARG TA 137 74.38 44.68 8.90
N GLU TA 138 73.81 44.60 7.69
CA GLU TA 138 73.90 45.72 6.76
C GLU TA 138 73.08 46.91 7.23
N CYS TA 139 71.96 46.66 7.89
CA CYS TA 139 71.16 47.76 8.42
C CYS TA 139 71.83 48.39 9.63
N LEU TA 140 72.35 47.55 10.53
CA LEU TA 140 72.91 48.05 11.78
C LEU TA 140 74.24 48.74 11.56
N LYS TA 141 75.06 48.24 10.64
CA LYS TA 141 76.30 48.94 10.33
C LYS TA 141 76.09 50.03 9.30
N TYR TA 142 75.02 49.94 8.51
CA TYR TA 142 74.72 51.02 7.58
C TYR TA 142 74.20 52.25 8.33
N ARG TA 143 73.50 52.04 9.43
CA ARG TA 143 73.07 53.16 10.24
C ARG TA 143 74.09 53.49 11.33
N LEU TA 144 74.95 52.53 11.67
CA LEU TA 144 75.86 52.72 12.80
C LEU TA 144 77.13 53.45 12.40
N VAL TA 145 77.94 52.83 11.54
CA VAL TA 145 79.27 53.34 11.23
C VAL TA 145 79.22 54.06 9.88
N GLY TA 146 80.04 55.08 9.74
CA GLY TA 146 80.11 55.86 8.52
C GLY TA 146 80.76 57.22 8.71
N ALA TA 163 82.48 48.76 7.31
CA ALA TA 163 83.85 48.39 6.98
C ALA TA 163 83.91 47.66 5.64
N GLY TA 164 85.07 47.10 5.32
CA GLY TA 164 85.18 46.27 4.13
C GLY TA 164 84.65 44.87 4.34
N GLU TA 165 84.52 44.47 5.61
CA GLU TA 165 84.02 43.13 5.95
C GLU TA 165 82.58 42.97 5.49
N VAL TA 166 81.74 43.97 5.73
CA VAL TA 166 80.35 43.91 5.29
C VAL TA 166 80.26 44.05 3.78
N ALA TA 167 81.27 44.63 3.14
CA ALA TA 167 81.29 44.66 1.68
C ALA TA 167 81.59 43.28 1.13
N LYS TA 168 82.52 42.55 1.75
CA LYS TA 168 82.84 41.20 1.30
C LYS TA 168 81.70 40.25 1.56
N GLU TA 169 81.08 40.34 2.74
CA GLU TA 169 79.88 39.55 3.06
C GLU TA 169 78.73 39.92 2.14
N TRP TA 170 78.64 41.19 1.76
CA TRP TA 170 77.55 41.65 0.93
C TRP TA 170 77.70 41.14 -0.50
N GLN TA 171 78.93 41.13 -1.01
CA GLN TA 171 79.18 40.54 -2.33
C GLN TA 171 79.04 39.03 -2.30
N GLU TA 172 79.37 38.40 -1.17
CA GLU TA 172 79.19 36.96 -1.05
C GLU TA 172 77.73 36.57 -1.02
N LEU TA 173 76.91 37.33 -0.29
CA LEU TA 173 75.48 37.08 -0.28
C LEU TA 173 74.85 37.43 -1.62
N ASP TA 174 75.41 38.44 -2.30
CA ASP TA 174 74.98 38.76 -3.65
C ASP TA 174 75.24 37.60 -4.60
N ASP TA 175 76.41 36.97 -4.47
CA ASP TA 175 76.73 35.82 -5.30
C ASP TA 175 75.84 34.64 -4.95
N ALA TA 176 75.56 34.44 -3.67
CA ALA TA 176 74.74 33.32 -3.23
C ALA TA 176 73.29 33.49 -3.66
N GLU TA 177 72.82 34.73 -3.77
CA GLU TA 177 71.47 34.93 -4.26
C GLU TA 177 71.43 35.01 -5.78
N LYS TA 178 72.60 35.19 -6.41
CA LYS TA 178 72.70 34.88 -7.83
C LYS TA 178 72.66 33.38 -8.07
N VAL TA 179 73.07 32.60 -7.07
CA VAL TA 179 72.88 31.15 -7.16
C VAL TA 179 71.42 30.79 -6.93
N GLN TA 180 70.78 31.43 -5.95
CA GLN TA 180 69.38 31.12 -5.62
C GLN TA 180 68.43 31.57 -6.74
N ARG TA 181 68.76 32.67 -7.42
CA ARG TA 181 68.11 33.17 -8.63
C ARG TA 181 66.68 33.69 -8.43
N GLU TA 182 66.18 33.76 -7.20
CA GLU TA 182 64.95 34.50 -7.00
C GLU TA 182 65.32 35.92 -6.59
N PRO TA 183 65.23 36.87 -7.50
CA PRO TA 183 65.57 38.26 -7.16
C PRO TA 183 64.46 38.88 -6.29
N LEU TA 184 63.97 40.04 -6.70
CA LEU TA 184 62.90 40.76 -6.02
C LEU TA 184 63.09 41.10 -4.54
N LEU TA 185 63.37 40.11 -3.68
CA LEU TA 185 63.50 40.41 -2.25
C LEU TA 185 64.95 40.62 -1.88
N THR TA 186 65.84 39.84 -2.49
CA THR TA 186 67.28 40.04 -2.28
C THR TA 186 67.71 41.39 -2.82
N LEU TA 187 67.13 41.80 -3.96
CA LEU TA 187 67.40 43.10 -4.56
C LEU TA 187 66.99 44.24 -3.64
N VAL TA 188 65.73 44.23 -3.20
CA VAL TA 188 65.21 45.33 -2.38
C VAL TA 188 65.87 45.33 -1.00
N LYS TA 189 66.39 44.17 -0.57
CA LYS TA 189 67.22 44.17 0.63
C LYS TA 189 68.58 44.79 0.35
N GLU TA 190 69.16 44.51 -0.82
CA GLU TA 190 70.51 44.98 -1.09
C GLU TA 190 70.52 46.37 -1.72
N ILE TA 191 69.36 47.03 -1.80
CA ILE TA 191 69.36 48.45 -2.17
C ILE TA 191 69.99 49.28 -1.07
N VAL TA 192 69.51 49.13 0.16
CA VAL TA 192 69.85 49.99 1.30
C VAL TA 192 71.34 49.90 1.66
N PRO TA 193 72.11 48.85 1.28
CA PRO TA 193 73.51 49.25 1.23
C PRO TA 193 73.82 50.07 -0.03
N LEU TA 207 79.16 52.83 -6.49
CA LEU TA 207 78.10 52.54 -5.52
C LEU TA 207 77.91 51.03 -5.36
N LEU TA 208 77.47 50.62 -4.17
CA LEU TA 208 77.23 49.21 -3.89
C LEU TA 208 76.25 48.60 -4.87
N MET TA 209 75.12 49.27 -5.06
CA MET TA 209 74.09 48.80 -5.98
C MET TA 209 74.58 48.81 -7.43
N GLU TA 210 75.55 49.68 -7.74
CA GLU TA 210 76.16 49.72 -9.07
C GLU TA 210 76.90 48.44 -9.40
N ILE TA 211 77.89 48.07 -8.57
CA ILE TA 211 78.64 46.85 -8.78
C ILE TA 211 77.77 45.63 -8.51
N GLU TA 212 76.68 45.82 -7.77
CA GLU TA 212 75.66 44.78 -7.65
C GLU TA 212 74.98 44.51 -8.98
N GLN TA 213 74.65 45.57 -9.73
CA GLN TA 213 73.95 45.37 -10.99
C GLN TA 213 74.89 44.83 -12.07
N VAL TA 214 76.06 45.45 -12.22
CA VAL TA 214 76.97 44.99 -13.28
C VAL TA 214 77.61 43.67 -12.87
N ASP TA 215 77.62 43.36 -11.58
CA ASP TA 215 78.02 42.03 -11.14
C ASP TA 215 76.91 41.02 -11.41
N MET TA 216 75.65 41.44 -11.30
CA MET TA 216 74.56 40.48 -11.43
C MET TA 216 74.14 40.29 -12.87
N LEU TA 217 74.17 41.36 -13.68
CA LEU TA 217 73.58 41.30 -15.01
C LEU TA 217 74.48 40.60 -16.02
N GLU TA 218 74.27 39.29 -16.20
CA GLU TA 218 74.86 38.57 -17.33
C GLU TA 218 73.79 38.02 -18.26
N LYS TA 219 72.84 37.23 -17.74
CA LYS TA 219 71.92 36.47 -18.57
C LYS TA 219 70.49 36.97 -18.48
N ASP TA 220 69.92 37.04 -17.28
CA ASP TA 220 68.53 37.41 -17.14
C ASP TA 220 68.33 38.91 -17.33
N ILE TA 221 67.45 39.25 -18.26
CA ILE TA 221 67.33 40.62 -18.74
C ILE TA 221 66.03 41.24 -18.25
N ASP TA 222 64.92 40.50 -18.39
CA ASP TA 222 63.61 41.10 -18.20
C ASP TA 222 63.14 40.96 -16.76
N GLU TA 223 63.75 40.04 -16.00
CA GLU TA 223 63.44 39.97 -14.58
C GLU TA 223 64.09 41.11 -13.82
N ASN TA 224 65.37 41.35 -14.08
CA ASN TA 224 66.06 42.47 -13.46
C ASN TA 224 65.55 43.80 -14.02
N ALA TA 225 65.44 43.86 -15.35
CA ALA TA 225 64.97 45.08 -16.02
C ALA TA 225 63.53 45.38 -15.68
N TYR TA 226 62.62 44.48 -16.06
CA TYR TA 226 61.20 44.70 -15.84
C TYR TA 226 60.85 44.64 -14.36
N ALA TA 227 61.23 43.55 -13.68
CA ALA TA 227 60.87 43.39 -12.28
C ALA TA 227 61.61 44.40 -11.41
N LYS TA 228 62.95 44.37 -11.46
CA LYS TA 228 63.76 45.21 -10.58
C LYS TA 228 63.59 46.70 -10.91
N VAL TA 229 63.64 47.03 -12.20
CA VAL TA 229 63.58 48.44 -12.57
C VAL TA 229 62.15 48.94 -12.48
N CYS TA 230 61.16 48.06 -12.60
CA CYS TA 230 59.78 48.48 -12.37
C CYS TA 230 59.52 48.76 -10.89
N LEU TA 231 59.79 47.76 -10.03
CA LEU TA 231 59.45 47.92 -8.61
C LEU TA 231 60.36 48.93 -7.93
N TYR TA 232 61.61 49.01 -8.39
CA TYR TA 232 62.56 49.91 -7.74
C TYR TA 232 62.56 51.28 -8.39
N LEU TA 233 62.12 51.39 -9.64
CA LEU TA 233 61.85 52.71 -10.18
C LEU TA 233 60.62 53.32 -9.53
N THR TA 234 59.54 52.53 -9.45
CA THR TA 234 58.28 53.01 -8.88
C THR TA 234 58.41 53.26 -7.38
N SER TA 235 59.03 52.32 -6.67
CA SER TA 235 59.24 52.51 -5.25
C SER TA 235 60.37 53.49 -4.97
N CYS TA 236 61.22 53.76 -5.97
CA CYS TA 236 62.30 54.71 -5.74
C CYS TA 236 61.80 56.14 -5.90
N VAL TA 237 60.89 56.37 -6.84
CA VAL TA 237 60.27 57.69 -6.89
C VAL TA 237 59.18 57.78 -5.82
N ASN TA 238 58.65 56.65 -5.37
CA ASN TA 238 57.54 56.60 -4.43
C ASN TA 238 58.00 56.83 -3.01
N TYR TA 239 58.82 55.92 -2.48
CA TYR TA 239 59.27 55.95 -1.10
C TYR TA 239 60.68 56.49 -0.91
N VAL TA 240 61.62 56.12 -1.78
CA VAL TA 240 63.05 56.40 -1.60
C VAL TA 240 63.31 57.87 -1.91
N PRO TA 241 64.21 58.54 -1.19
CA PRO TA 241 64.64 59.88 -1.59
C PRO TA 241 65.46 59.84 -2.88
N GLU TA 242 65.63 61.02 -3.44
CA GLU TA 242 66.25 61.27 -4.73
C GLU TA 242 67.69 60.79 -4.99
N PRO TA 243 68.68 60.90 -4.08
CA PRO TA 243 70.08 60.72 -4.54
C PRO TA 243 70.46 59.30 -4.94
N GLU TA 244 69.71 58.29 -4.49
CA GLU TA 244 70.03 56.94 -4.96
C GLU TA 244 69.36 56.65 -6.31
N ASN TA 245 68.37 57.45 -6.67
CA ASN TA 245 67.71 57.29 -7.97
C ASN TA 245 68.68 57.64 -9.10
N SER TA 246 69.65 58.51 -8.82
CA SER TA 246 70.69 58.76 -9.80
C SER TA 246 71.55 57.53 -10.03
N ALA TA 247 71.77 56.73 -8.98
CA ALA TA 247 72.52 55.49 -9.14
C ALA TA 247 71.70 54.45 -9.89
N LEU TA 248 70.37 54.43 -9.65
CA LEU TA 248 69.45 53.66 -10.47
C LEU TA 248 69.59 54.04 -11.94
N LEU TA 249 69.62 55.33 -12.22
CA LEU TA 249 69.58 55.82 -13.59
C LEU TA 249 70.91 55.63 -14.30
N ARG TA 250 72.02 55.72 -13.58
CA ARG TA 250 73.31 55.60 -14.22
C ARG TA 250 73.71 54.14 -14.39
N CYS TA 251 73.45 53.30 -13.39
CA CYS TA 251 73.82 51.91 -13.58
C CYS TA 251 72.78 51.19 -14.43
N ALA TA 252 71.54 51.67 -14.38
CA ALA TA 252 70.54 51.25 -15.36
C ALA TA 252 70.88 51.75 -16.75
N LEU TA 253 71.57 52.90 -16.85
CA LEU TA 253 72.14 53.29 -18.13
C LEU TA 253 73.25 52.34 -18.56
N GLY TA 254 73.96 51.76 -17.60
CA GLY TA 254 74.98 50.78 -17.94
C GLY TA 254 74.40 49.49 -18.47
N VAL TA 255 73.49 48.87 -17.69
CA VAL TA 255 72.98 47.56 -18.08
C VAL TA 255 71.98 47.69 -19.22
N PHE TA 256 71.29 48.84 -19.31
CA PHE TA 256 70.40 49.06 -20.44
C PHE TA 256 71.17 49.55 -21.65
N ARG TA 257 72.37 50.10 -21.41
CA ARG TA 257 73.30 50.35 -22.51
C ARG TA 257 73.81 49.04 -23.07
N LYS TA 258 73.92 48.00 -22.23
CA LYS TA 258 74.20 46.67 -22.75
C LYS TA 258 73.01 46.11 -23.51
N PHE TA 259 71.79 46.51 -23.16
CA PHE TA 259 70.61 45.79 -23.60
C PHE TA 259 69.89 46.53 -24.73
N SER TA 260 68.98 45.80 -25.38
CA SER TA 260 68.14 46.34 -26.43
C SER TA 260 66.84 46.85 -25.83
N ARG TA 261 65.86 47.14 -26.70
CA ARG TA 261 64.57 47.77 -26.39
C ARG TA 261 64.81 49.10 -25.65
N PHE TA 262 65.35 50.02 -26.42
CA PHE TA 262 65.81 51.35 -26.02
C PHE TA 262 64.85 52.33 -25.31
N PRO TA 263 63.50 52.23 -25.41
CA PRO TA 263 62.67 53.10 -24.55
C PRO TA 263 62.83 52.92 -23.04
N GLU TA 264 63.46 51.84 -22.58
CA GLU TA 264 63.89 51.82 -21.18
C GLU TA 264 64.96 52.87 -20.94
N ALA TA 265 65.89 53.04 -21.89
CA ALA TA 265 66.90 54.07 -21.77
C ALA TA 265 66.31 55.44 -22.09
N LEU TA 266 65.20 55.47 -22.83
CA LEU TA 266 64.56 56.75 -23.12
C LEU TA 266 63.75 57.23 -21.92
N ARG TA 267 63.25 56.31 -21.11
CA ARG TA 267 62.66 56.72 -19.83
C ARG TA 267 63.76 57.03 -18.83
N LEU TA 268 64.94 56.42 -19.00
CA LEU TA 268 66.11 56.92 -18.30
C LEU TA 268 66.48 58.32 -18.76
N ALA TA 269 66.18 58.67 -20.02
CA ALA TA 269 66.36 60.04 -20.45
C ALA TA 269 65.26 60.93 -19.93
N LEU TA 270 64.11 60.34 -19.61
CA LEU TA 270 63.03 61.09 -18.99
C LEU TA 270 63.38 61.50 -17.58
N MET TA 271 63.99 60.59 -16.80
CA MET TA 271 64.28 60.96 -15.41
C MET TA 271 65.66 61.61 -15.30
N LEU TA 272 66.61 61.21 -16.14
CA LEU TA 272 67.94 61.84 -16.16
C LEU TA 272 67.96 63.22 -16.78
N ASN TA 273 67.36 63.38 -17.96
CA ASN TA 273 67.54 64.53 -18.86
C ASN TA 273 69.04 64.73 -19.17
N ASP TA 274 69.60 63.73 -19.85
CA ASP TA 274 71.01 63.74 -20.22
C ASP TA 274 71.16 63.88 -21.74
N MET TA 275 72.25 64.53 -22.16
CA MET TA 275 72.49 64.86 -23.55
C MET TA 275 73.39 63.83 -24.25
N GLU TA 276 74.19 63.10 -23.48
CA GLU TA 276 75.04 62.05 -24.03
C GLU TA 276 74.16 60.86 -24.41
N LEU TA 277 73.06 60.72 -23.66
CA LEU TA 277 72.17 59.58 -23.83
C LEU TA 277 71.49 59.61 -25.20
N VAL TA 278 71.13 60.81 -25.67
CA VAL TA 278 70.40 60.86 -26.94
C VAL TA 278 71.34 60.65 -28.11
N GLU TA 279 72.62 61.01 -27.93
CA GLU TA 279 73.62 60.69 -28.95
C GLU TA 279 73.90 59.20 -29.00
N ASP TA 280 73.99 58.57 -27.82
CA ASP TA 280 74.22 57.13 -27.76
C ASP TA 280 73.01 56.36 -28.28
N ILE TA 281 71.81 56.87 -28.02
CA ILE TA 281 70.60 56.16 -28.43
C ILE TA 281 70.22 56.54 -29.85
N PHE TA 282 70.95 57.48 -30.45
CA PHE TA 282 70.73 57.76 -31.86
C PHE TA 282 71.79 57.11 -32.75
N THR TA 283 72.99 56.90 -32.22
CA THR TA 283 73.89 56.01 -32.94
C THR TA 283 73.46 54.55 -32.75
N SER TA 284 72.80 54.26 -31.62
CA SER TA 284 72.34 52.90 -31.36
C SER TA 284 70.95 52.68 -31.93
N CYS TA 285 70.12 53.72 -31.99
CA CYS TA 285 68.79 53.57 -32.56
C CYS TA 285 68.78 53.95 -34.04
N LYS TA 286 69.90 54.47 -34.54
CA LYS TA 286 70.15 54.39 -35.97
C LYS TA 286 70.81 53.06 -36.32
N ASP TA 287 71.58 52.50 -35.38
CA ASP TA 287 72.11 51.14 -35.55
C ASP TA 287 70.98 50.12 -35.62
N VAL TA 288 69.85 50.39 -34.97
CA VAL TA 288 68.66 49.57 -35.10
C VAL TA 288 67.65 50.37 -35.93
N VAL TA 289 67.64 50.13 -37.24
CA VAL TA 289 66.75 50.83 -38.14
C VAL TA 289 65.32 50.34 -37.97
N MET TA 297 58.09 52.10 -34.67
CA MET TA 297 59.02 52.12 -35.80
C MET TA 297 60.07 53.22 -35.62
N LEU TA 298 60.57 53.74 -36.74
CA LEU TA 298 61.65 54.71 -36.72
C LEU TA 298 61.13 56.13 -36.54
N GLY TA 299 60.22 56.56 -37.41
CA GLY TA 299 59.55 57.83 -37.23
C GLY TA 299 58.65 57.82 -35.99
N ARG TA 300 58.21 56.64 -35.56
CA ARG TA 300 57.41 56.54 -34.35
C ARG TA 300 58.25 56.82 -33.11
N HIS TA 301 59.50 56.33 -33.07
CA HIS TA 301 60.35 56.75 -31.94
C HIS TA 301 60.83 58.17 -32.12
N GLY TA 302 60.74 58.70 -33.35
CA GLY TA 302 60.79 60.14 -33.49
C GLY TA 302 59.61 60.83 -32.81
N VAL TA 303 58.44 60.20 -32.86
CA VAL TA 303 57.22 60.81 -32.31
C VAL TA 303 57.28 60.81 -30.78
N PHE TA 304 57.43 59.64 -30.15
CA PHE TA 304 57.51 59.69 -28.69
C PHE TA 304 58.89 60.12 -28.20
N LEU TA 305 59.87 60.23 -29.10
CA LEU TA 305 61.07 60.99 -28.78
C LEU TA 305 60.74 62.45 -28.57
N GLU TA 306 60.01 63.06 -29.52
CA GLU TA 306 59.73 64.48 -29.40
C GLU TA 306 58.71 64.75 -28.30
N LEU TA 307 57.76 63.83 -28.10
CA LEU TA 307 56.84 63.92 -26.98
C LEU TA 307 57.58 63.77 -25.65
N SER TA 308 58.53 62.84 -25.60
CA SER TA 308 59.22 62.54 -24.35
C SER TA 308 60.20 63.63 -23.96
N GLU TA 309 60.83 64.25 -24.95
CA GLU TA 309 61.92 65.19 -24.67
C GLU TA 309 61.39 66.52 -24.14
N ASP TA 310 62.23 67.19 -23.35
CA ASP TA 310 61.92 68.53 -22.89
C ASP TA 310 62.46 69.59 -23.85
N VAL TA 311 62.50 70.84 -23.38
CA VAL TA 311 62.84 71.99 -24.20
C VAL TA 311 64.33 72.05 -24.55
N GLU TA 312 65.19 71.54 -23.68
CA GLU TA 312 66.63 71.68 -23.84
C GLU TA 312 67.22 70.73 -24.88
N GLU TA 313 66.89 69.45 -24.80
CA GLU TA 313 67.69 68.45 -25.48
C GLU TA 313 67.33 68.28 -26.96
N TYR TA 314 66.27 68.93 -27.45
CA TYR TA 314 66.08 68.91 -28.89
C TYR TA 314 66.84 70.05 -29.56
N GLU TA 315 67.19 71.07 -28.79
CA GLU TA 315 68.02 72.14 -29.33
C GLU TA 315 69.50 71.80 -29.19
N ASP TA 316 69.88 71.20 -28.06
CA ASP TA 316 71.22 70.62 -27.98
C ASP TA 316 71.36 69.45 -28.94
N LEU TA 317 70.27 68.68 -29.11
CA LEU TA 317 70.26 67.59 -30.07
C LEU TA 317 70.34 68.11 -31.51
N THR TA 318 69.67 69.23 -31.80
CA THR TA 318 69.73 69.72 -33.17
C THR TA 318 71.00 70.52 -33.42
N GLU TA 319 71.75 70.86 -32.36
CA GLU TA 319 73.03 71.52 -32.64
C GLU TA 319 74.17 70.51 -32.78
N ILE TA 320 74.24 69.48 -31.92
CA ILE TA 320 75.30 68.50 -32.11
C ILE TA 320 74.96 67.58 -33.28
N MET TA 321 73.66 67.35 -33.51
CA MET TA 321 73.27 66.66 -34.73
C MET TA 321 73.21 67.62 -35.90
N SER TA 322 73.22 68.94 -35.65
CA SER TA 322 73.47 69.85 -36.76
C SER TA 322 74.91 69.74 -37.21
N ASN TA 323 75.80 69.36 -36.29
CA ASN TA 323 77.18 69.08 -36.67
C ASN TA 323 77.29 67.74 -37.41
N VAL TA 324 76.79 66.65 -36.83
CA VAL TA 324 77.13 65.30 -37.29
C VAL TA 324 76.05 64.72 -38.21
N GLN TA 325 74.86 64.47 -37.67
CA GLN TA 325 73.57 64.04 -38.23
C GLN TA 325 73.55 62.66 -38.89
N LEU TA 326 74.69 62.19 -39.40
CA LEU TA 326 74.98 60.84 -39.87
C LEU TA 326 74.07 60.29 -41.00
N ASN TA 327 72.87 60.85 -41.19
CA ASN TA 327 72.04 60.58 -42.36
C ASN TA 327 71.16 61.78 -42.69
N SER TA 328 71.18 62.79 -41.80
CA SER TA 328 70.32 63.99 -41.75
C SER TA 328 68.85 63.71 -41.45
N ASN TA 329 68.48 62.43 -41.33
CA ASN TA 329 67.09 62.10 -41.05
C ASN TA 329 66.76 62.27 -39.57
N PHE TA 330 67.77 62.34 -38.72
CA PHE TA 330 67.53 62.72 -37.32
C PHE TA 330 67.43 64.22 -37.16
N LEU TA 331 68.01 64.98 -38.09
CA LEU TA 331 67.67 66.40 -38.16
C LEU TA 331 66.29 66.60 -38.76
N ALA TA 332 65.86 65.67 -39.61
CA ALA TA 332 64.49 65.68 -40.08
C ALA TA 332 63.52 65.38 -38.94
N LEU TA 333 63.68 64.23 -38.29
CA LEU TA 333 62.75 63.78 -37.25
C LEU TA 333 62.89 64.60 -35.98
N ALA TA 334 64.07 64.55 -35.37
CA ALA TA 334 64.23 64.98 -33.98
C ALA TA 334 64.58 66.45 -33.86
N ARG TA 335 63.83 67.30 -34.56
CA ARG TA 335 63.62 68.65 -34.06
C ARG TA 335 62.15 69.04 -34.03
N GLU TA 336 61.36 68.70 -35.06
CA GLU TA 336 60.03 69.22 -35.34
C GLU TA 336 59.59 68.55 -36.64
N LEU TA 337 58.44 68.97 -37.14
CA LEU TA 337 57.84 68.58 -38.43
C LEU TA 337 57.72 67.11 -38.86
N ASP TA 338 58.17 66.16 -38.06
CA ASP TA 338 58.06 64.76 -38.47
C ASP TA 338 57.46 63.92 -37.37
N ILE TA 339 57.28 64.52 -36.19
CA ILE TA 339 56.24 64.06 -35.28
C ILE TA 339 54.86 64.39 -35.87
N MET TA 340 54.80 65.43 -36.68
CA MET TA 340 53.54 66.02 -37.12
C MET TA 340 53.18 65.75 -38.57
N GLU TA 341 54.13 65.38 -39.42
CA GLU TA 341 53.75 65.03 -40.79
C GLU TA 341 52.95 63.73 -40.96
N PRO TA 342 53.16 62.63 -40.19
CA PRO TA 342 52.29 61.47 -40.45
C PRO TA 342 50.91 61.62 -39.86
N LYS TA 343 50.76 62.37 -38.77
CA LYS TA 343 49.55 62.33 -37.96
C LYS TA 343 48.35 62.93 -38.67
N VAL TA 344 48.46 64.20 -39.10
CA VAL TA 344 47.28 64.97 -39.53
C VAL TA 344 46.60 64.40 -40.77
N PRO TA 345 47.32 63.95 -41.83
CA PRO TA 345 46.62 63.16 -42.85
C PRO TA 345 46.02 61.87 -42.33
N ASP TA 346 46.76 61.12 -41.50
CA ASP TA 346 46.20 59.89 -40.92
C ASP TA 346 45.11 60.20 -39.91
N ASP TA 347 45.15 61.40 -39.31
CA ASP TA 347 44.02 61.86 -38.51
C ASP TA 347 42.78 62.03 -39.37
N ILE TA 348 42.96 62.56 -40.59
CA ILE TA 348 41.81 62.69 -41.49
C ILE TA 348 41.35 61.32 -41.99
N TYR TA 349 42.29 60.37 -42.10
CA TYR TA 349 42.00 59.14 -42.83
C TYR TA 349 41.23 58.14 -41.98
N LYS TA 350 41.82 57.70 -40.86
CA LYS TA 350 41.20 56.65 -40.08
C LYS TA 350 40.03 57.14 -39.23
N THR TA 351 39.90 58.45 -39.03
CA THR TA 351 38.79 59.01 -38.28
C THR TA 351 37.85 59.71 -39.24
N HIS TA 352 36.56 59.70 -38.89
CA HIS TA 352 35.54 60.32 -39.74
C HIS TA 352 34.55 61.02 -38.82
N LEU TA 353 34.77 62.31 -38.58
CA LEU TA 353 33.96 63.06 -37.62
C LEU TA 353 32.90 63.86 -38.36
N GLU TA 354 31.67 63.81 -37.85
CA GLU TA 354 30.49 64.25 -38.56
C GLU TA 354 30.33 65.77 -38.35
N ASN TA 355 29.18 66.32 -38.74
CA ASN TA 355 28.95 67.76 -38.83
C ASN TA 355 27.93 68.28 -37.83
N ASN TA 356 27.22 67.41 -37.12
CA ASN TA 356 26.09 67.85 -36.29
C ASN TA 356 26.55 68.32 -34.91
N ARG TA 357 27.86 68.36 -34.66
CA ARG TA 357 28.36 69.01 -33.47
C ARG TA 357 28.94 70.39 -33.80
N PHE TA 358 29.46 70.53 -35.02
CA PHE TA 358 29.62 71.87 -35.62
C PHE TA 358 28.29 72.60 -35.63
N GLY TA 359 27.25 71.93 -36.12
CA GLY TA 359 25.96 72.59 -36.26
C GLY TA 359 25.14 72.57 -34.99
N GLY TA 360 25.17 71.45 -34.27
CA GLY TA 360 24.42 71.37 -33.02
C GLY TA 360 25.17 71.96 -31.85
N SER TA 361 26.36 71.41 -31.58
CA SER TA 361 27.24 72.01 -30.58
C SER TA 361 27.72 73.37 -31.04
N GLY TA 362 27.76 73.59 -32.36
CA GLY TA 362 27.91 74.94 -32.88
C GLY TA 362 26.59 75.66 -33.06
N SER TA 363 25.49 75.11 -32.50
CA SER TA 363 24.22 75.82 -32.56
C SER TA 363 23.82 76.36 -31.19
N GLN TA 364 24.34 75.77 -30.12
CA GLN TA 364 24.10 76.27 -28.77
C GLN TA 364 23.91 77.79 -28.63
N VAL TA 365 22.93 78.36 -29.34
CA VAL TA 365 22.54 79.78 -29.32
C VAL TA 365 23.55 80.92 -29.65
N ASP TA 366 23.40 82.08 -29.01
CA ASP TA 366 24.27 83.25 -29.25
C ASP TA 366 24.31 84.26 -28.09
N SER TA 367 25.26 85.19 -28.13
CA SER TA 367 25.42 86.21 -27.08
C SER TA 367 26.82 86.81 -27.01
N ALA TA 368 27.59 86.62 -28.09
CA ALA TA 368 28.95 87.13 -28.29
C ALA TA 368 29.98 86.62 -27.28
N ARG TA 369 29.58 85.72 -26.39
CA ARG TA 369 30.42 85.11 -25.38
C ARG TA 369 30.46 83.61 -25.54
N MET TA 370 29.24 83.09 -25.39
CA MET TA 370 28.91 81.69 -25.56
C MET TA 370 29.11 81.43 -27.03
N ASN TA 371 28.69 82.38 -27.86
CA ASN TA 371 28.89 82.31 -29.30
C ASN TA 371 30.38 82.45 -29.59
N LEU TA 372 31.02 83.36 -28.87
CA LEU TA 372 32.46 83.61 -29.01
C LEU TA 372 33.22 82.37 -28.59
N ALA TA 373 32.76 81.76 -27.49
CA ALA TA 373 33.35 80.53 -26.97
C ALA TA 373 33.13 79.40 -27.98
N SER TA 374 31.94 79.39 -28.56
CA SER TA 374 31.56 78.41 -29.55
C SER TA 374 32.51 78.59 -30.70
N SER TA 375 32.83 79.82 -31.08
CA SER TA 375 33.81 79.84 -32.16
C SER TA 375 35.04 79.08 -31.72
N PHE TA 376 35.47 79.27 -30.48
CA PHE TA 376 36.65 78.58 -29.99
C PHE TA 376 36.41 77.07 -30.00
N VAL TA 377 35.21 76.65 -29.57
CA VAL TA 377 34.88 75.24 -29.54
C VAL TA 377 34.87 74.65 -30.94
N ASN TA 378 34.32 75.38 -31.90
CA ASN TA 378 34.29 74.93 -33.29
C ASN TA 378 35.70 74.85 -33.84
N GLY TA 379 36.48 75.86 -33.49
CA GLY TA 379 37.85 76.01 -33.87
C GLY TA 379 38.68 74.90 -33.32
N PHE TA 380 38.45 74.48 -32.08
CA PHE TA 380 39.30 73.38 -31.66
C PHE TA 380 38.71 72.04 -32.09
N VAL TA 381 37.99 72.04 -33.20
CA VAL TA 381 37.37 70.82 -33.70
C VAL TA 381 38.41 69.77 -34.08
N ASN TA 382 39.50 70.22 -34.69
CA ASN TA 382 40.57 69.32 -35.11
C ASN TA 382 41.72 69.33 -34.10
N GLN TA 387 35.62 66.37 -42.54
CA GLN TA 387 36.72 66.55 -41.60
C GLN TA 387 37.89 67.27 -42.25
N ASP TA 388 37.82 68.60 -42.24
CA ASP TA 388 38.84 69.44 -42.86
C ASP TA 388 38.89 70.76 -42.10
N LYS TA 389 39.81 71.63 -42.48
CA LYS TA 389 39.89 72.90 -41.80
C LYS TA 389 38.76 73.73 -42.38
N LEU TA 390 37.56 73.23 -42.11
CA LEU TA 390 36.30 73.85 -42.55
C LEU TA 390 35.90 75.02 -41.67
N LEU TA 391 35.96 74.85 -40.34
CA LEU TA 391 35.55 75.91 -39.42
C LEU TA 391 36.53 77.08 -39.49
N THR TA 392 37.75 76.82 -39.96
CA THR TA 392 38.67 77.88 -40.33
C THR TA 392 38.10 78.74 -41.45
N ASP TA 393 37.69 78.11 -42.54
CA ASP TA 393 37.32 78.86 -43.73
C ASP TA 393 35.82 79.07 -43.84
N ASP TA 394 35.08 78.92 -42.73
CA ASP TA 394 33.66 79.22 -42.76
C ASP TA 394 33.41 80.72 -42.83
N GLY TA 395 33.43 81.25 -44.06
CA GLY TA 395 33.02 82.60 -44.42
C GLY TA 395 33.54 83.76 -43.60
N ASN TA 396 32.66 84.73 -43.43
CA ASN TA 396 32.89 85.99 -42.73
C ASN TA 396 31.62 86.35 -41.95
N LYS TA 397 31.75 87.42 -41.14
CA LYS TA 397 30.72 88.04 -40.27
C LYS TA 397 30.57 87.37 -38.90
N TRP TA 398 31.39 86.36 -38.65
CA TRP TA 398 31.42 85.71 -37.35
C TRP TA 398 32.48 86.33 -36.47
N LEU TA 399 33.61 86.69 -37.06
CA LEU TA 399 34.65 87.41 -36.35
C LEU TA 399 34.37 88.91 -36.33
N TYR TA 400 33.48 89.39 -37.20
CA TYR TA 400 33.10 90.80 -37.15
C TYR TA 400 32.09 91.06 -36.03
N LYS TA 401 31.30 90.04 -35.67
CA LYS TA 401 30.50 90.13 -34.46
C LYS TA 401 31.37 90.15 -33.21
N ASN TA 402 32.58 89.60 -33.31
CA ASN TA 402 33.47 89.39 -32.19
C ASN TA 402 34.11 90.71 -31.74
N LYS TA 403 34.58 90.72 -30.49
CA LYS TA 403 35.14 91.88 -29.83
C LYS TA 403 36.56 91.55 -29.38
N ASP TA 404 37.24 92.55 -28.80
CA ASP TA 404 38.70 92.69 -28.74
C ASP TA 404 39.51 91.46 -28.32
N HIS TA 405 39.31 90.99 -27.10
CA HIS TA 405 40.11 89.87 -26.63
C HIS TA 405 39.56 88.54 -27.14
N GLY TA 406 38.26 88.52 -27.43
CA GLY TA 406 37.74 87.41 -28.21
C GLY TA 406 38.17 87.47 -29.65
N MET TA 407 38.49 88.66 -30.15
CA MET TA 407 39.09 88.76 -31.49
C MET TA 407 40.52 88.27 -31.47
N LEU TA 408 41.21 88.40 -30.33
CA LEU TA 408 42.45 87.68 -30.12
C LEU TA 408 42.22 86.18 -30.14
N SER TA 409 41.14 85.73 -29.48
CA SER TA 409 40.86 84.30 -29.39
C SER TA 409 40.49 83.70 -30.74
N ALA TA 410 39.79 84.48 -31.58
CA ALA TA 410 39.36 83.98 -32.88
C ALA TA 410 40.46 84.13 -33.93
N ALA TA 411 41.29 85.17 -33.78
CA ALA TA 411 42.44 85.29 -34.67
C ALA TA 411 43.47 84.21 -34.37
N ALA TA 412 43.55 83.78 -33.11
CA ALA TA 412 44.37 82.64 -32.76
C ALA TA 412 43.67 81.31 -33.03
N SER TA 413 42.34 81.33 -33.21
CA SER TA 413 41.60 80.09 -33.38
C SER TA 413 41.92 79.41 -34.70
N LEU TA 414 42.24 80.19 -35.74
CA LEU TA 414 42.75 79.60 -36.97
C LEU TA 414 44.14 79.00 -36.74
N GLY TA 415 44.86 79.47 -35.73
CA GLY TA 415 46.00 78.73 -35.24
C GLY TA 415 45.60 77.42 -34.60
N MET TA 416 44.47 77.42 -33.90
CA MET TA 416 44.12 76.25 -33.10
C MET TA 416 43.55 75.12 -33.95
N ILE TA 417 42.95 75.45 -35.11
CA ILE TA 417 42.39 74.41 -35.97
C ILE TA 417 43.49 73.64 -36.67
N LEU TA 418 44.67 74.24 -36.79
CA LEU TA 418 45.70 73.79 -37.72
C LEU TA 418 47.09 73.80 -37.13
N LEU TA 419 47.37 73.05 -36.05
CA LEU TA 419 48.75 72.99 -35.57
C LEU TA 419 49.63 72.07 -36.41
N TRP TA 420 49.61 72.30 -37.73
CA TRP TA 420 50.38 71.69 -38.80
C TRP TA 420 50.08 72.57 -40.01
N ASP TA 421 50.43 72.13 -41.23
CA ASP TA 421 50.27 72.86 -42.50
C ASP TA 421 51.07 74.14 -42.44
N VAL TA 422 52.40 73.98 -42.39
CA VAL TA 422 53.36 75.08 -42.32
C VAL TA 422 53.19 76.05 -43.48
N ASP TA 423 53.12 75.51 -44.70
CA ASP TA 423 52.93 76.36 -45.86
C ASP TA 423 51.52 76.92 -45.90
N GLY TA 424 50.54 76.14 -45.44
CA GLY TA 424 49.18 76.63 -45.37
C GLY TA 424 48.93 77.60 -44.25
N GLY TA 425 49.79 77.59 -43.22
CA GLY TA 425 49.62 78.52 -42.11
C GLY TA 425 49.83 79.95 -42.53
N LEU TA 426 50.88 80.19 -43.33
CA LEU TA 426 51.15 81.54 -43.83
C LEU TA 426 50.06 82.01 -44.78
N THR TA 427 49.57 81.11 -45.63
CA THR TA 427 48.61 81.53 -46.65
C THR TA 427 47.18 81.53 -46.12
N GLN TA 428 46.95 81.05 -44.90
CA GLN TA 428 45.65 81.25 -44.28
C GLN TA 428 45.67 82.44 -43.33
N ILE TA 429 46.74 82.59 -42.56
CA ILE TA 429 46.81 83.71 -41.61
C ILE TA 429 47.14 85.02 -42.33
N ASP TA 430 47.66 84.95 -43.56
CA ASP TA 430 48.16 86.13 -44.27
C ASP TA 430 47.07 87.16 -44.58
N LYS TA 431 45.84 86.70 -44.76
CA LYS TA 431 44.71 87.62 -44.87
C LYS TA 431 44.49 88.36 -43.56
N TYR TA 432 44.62 87.64 -42.45
CA TYR TA 432 44.43 88.28 -41.15
C TYR TA 432 45.73 88.89 -40.63
N LEU TA 433 46.85 88.67 -41.32
CA LEU TA 433 48.05 89.42 -41.00
C LEU TA 433 47.91 90.86 -41.45
N TYR TA 434 48.50 91.77 -40.67
CA TYR TA 434 48.62 93.22 -40.92
C TYR TA 434 47.29 93.88 -41.32
N SER TA 435 46.21 93.39 -40.70
CA SER TA 435 44.88 93.80 -41.09
C SER TA 435 44.53 95.16 -40.51
N SER TA 436 43.26 95.55 -40.59
CA SER TA 436 42.84 96.84 -40.07
C SER TA 436 42.80 96.82 -38.55
N GLU TA 437 42.65 95.64 -37.96
CA GLU TA 437 42.48 95.53 -36.51
C GLU TA 437 43.77 95.07 -35.84
N ASP TA 438 44.07 95.74 -34.73
CA ASP TA 438 45.14 95.37 -33.83
C ASP TA 438 44.99 93.95 -33.30
N TYR TA 439 43.78 93.55 -32.94
CA TYR TA 439 43.59 92.23 -32.36
C TYR TA 439 43.64 91.14 -33.41
N ILE TA 440 43.27 91.47 -34.65
CA ILE TA 440 43.37 90.51 -35.75
C ILE TA 440 44.83 90.25 -36.10
N LYS TA 441 45.65 91.30 -36.14
CA LYS TA 441 47.05 91.11 -36.48
C LYS TA 441 47.83 90.49 -35.32
N SER TA 442 47.52 90.89 -34.08
CA SER TA 442 48.27 90.39 -32.94
C SER TA 442 47.88 88.96 -32.59
N GLY TA 443 46.58 88.66 -32.63
CA GLY TA 443 46.14 87.28 -32.55
C GLY TA 443 46.50 86.46 -33.76
N ALA TA 444 46.78 87.11 -34.89
CA ALA TA 444 47.23 86.40 -36.09
C ALA TA 444 48.67 85.93 -35.94
N LEU TA 445 49.56 86.81 -35.46
CA LEU TA 445 50.91 86.36 -35.14
C LEU TA 445 50.91 85.39 -33.97
N LEU TA 446 49.95 85.52 -33.05
CA LEU TA 446 49.72 84.51 -32.03
C LEU TA 446 49.39 83.16 -32.65
N ALA TA 447 48.54 83.15 -33.68
CA ALA TA 447 48.22 81.92 -34.39
C ALA TA 447 49.44 81.35 -35.10
N CYS TA 448 50.30 82.22 -35.64
CA CYS TA 448 51.57 81.78 -36.23
C CYS TA 448 52.47 81.13 -35.20
N GLY TA 449 52.44 81.64 -33.95
CA GLY TA 449 53.15 80.96 -32.89
C GLY TA 449 52.49 79.66 -32.45
N ILE TA 450 51.19 79.54 -32.67
CA ILE TA 450 50.47 78.32 -32.28
C ILE TA 450 50.80 77.17 -33.22
N VAL TA 451 50.77 77.42 -34.53
CA VAL TA 451 50.66 76.35 -35.52
C VAL TA 451 51.90 75.45 -35.54
N ASN TA 452 53.06 75.98 -35.16
CA ASN TA 452 54.30 75.25 -35.34
C ASN TA 452 55.28 75.59 -34.22
N SER TA 453 56.44 74.94 -34.25
CA SER TA 453 57.53 75.26 -33.35
C SER TA 453 58.90 75.17 -34.02
N GLY TA 454 58.96 74.98 -35.34
CA GLY TA 454 60.23 74.85 -36.03
C GLY TA 454 60.41 75.81 -37.20
N VAL TA 455 59.42 76.67 -37.43
CA VAL TA 455 59.45 77.57 -38.59
C VAL TA 455 60.49 78.67 -38.37
N ARG TA 456 60.33 79.43 -37.30
CA ARG TA 456 61.12 80.58 -36.81
C ARG TA 456 61.27 81.71 -37.84
N ASN TA 457 60.51 81.68 -38.93
CA ASN TA 457 60.53 82.78 -39.88
C ASN TA 457 59.32 83.68 -39.70
N GLU TA 458 58.44 83.32 -38.76
CA GLU TA 458 57.36 84.22 -38.38
C GLU TA 458 57.79 85.19 -37.30
N CYS TA 459 59.01 85.04 -36.78
CA CYS TA 459 59.50 85.90 -35.71
C CYS TA 459 59.59 87.35 -36.15
N ASP TA 460 60.50 87.62 -37.09
CA ASP TA 460 60.85 88.91 -37.68
C ASP TA 460 59.70 89.85 -38.09
N PRO TA 461 58.57 89.42 -38.69
CA PRO TA 461 57.48 90.40 -38.89
C PRO TA 461 56.83 90.84 -37.59
N ALA TA 462 56.81 89.96 -36.59
CA ALA TA 462 56.38 90.35 -35.26
C ALA TA 462 57.52 90.92 -34.44
N LEU TA 463 58.65 90.21 -34.45
CA LEU TA 463 59.83 90.60 -33.69
C LEU TA 463 60.27 92.03 -33.97
N ALA TA 464 60.22 92.42 -35.24
CA ALA TA 464 60.64 93.76 -35.61
C ALA TA 464 59.72 94.82 -35.01
N LEU TA 465 58.43 94.53 -34.91
CA LEU TA 465 57.46 95.56 -34.53
C LEU TA 465 57.43 95.83 -33.03
N LEU TA 466 57.80 94.83 -32.21
CA LEU TA 466 57.43 94.67 -30.79
C LEU TA 466 57.48 95.94 -29.94
N SER TA 467 58.50 96.76 -30.15
CA SER TA 467 58.76 97.92 -29.29
C SER TA 467 57.70 98.99 -29.48
N ASP TA 468 57.14 99.42 -28.35
CA ASP TA 468 56.12 100.47 -28.32
C ASP TA 468 56.44 101.52 -27.27
N TYR TA 469 57.21 101.16 -26.25
CA TYR TA 469 57.77 101.94 -25.15
C TYR TA 469 56.74 102.35 -24.10
N VAL TA 470 55.44 102.31 -24.39
CA VAL TA 470 54.47 102.20 -23.30
C VAL TA 470 53.28 101.27 -23.60
N LEU TA 471 52.38 101.65 -24.49
CA LEU TA 471 51.22 100.79 -24.68
C LEU TA 471 50.55 100.87 -26.04
N HIS TA 472 51.38 100.76 -27.07
CA HIS TA 472 50.86 100.77 -28.44
C HIS TA 472 50.56 99.33 -28.88
N ASN TA 473 50.12 99.15 -30.14
CA ASN TA 473 49.68 97.94 -30.82
C ASN TA 473 50.64 96.76 -30.63
N SER TA 474 51.92 96.94 -30.96
CA SER TA 474 52.87 95.85 -31.06
C SER TA 474 53.20 95.21 -29.71
N ASN TA 475 52.73 95.80 -28.61
CA ASN TA 475 52.80 95.11 -27.33
C ASN TA 475 51.76 94.01 -27.23
N THR TA 476 50.65 94.12 -27.96
CA THR TA 476 49.70 93.01 -28.02
C THR TA 476 50.19 91.92 -28.97
N MET TA 477 50.90 92.33 -30.03
CA MET TA 477 51.68 91.39 -30.83
C MET TA 477 52.86 90.84 -30.04
N ARG TA 478 53.24 91.55 -28.97
CA ARG TA 478 54.29 91.10 -28.08
C ARG TA 478 53.71 89.97 -27.22
N LEU TA 479 52.43 90.11 -26.85
CA LEU TA 479 51.72 89.13 -26.05
C LEU TA 479 51.52 87.86 -26.87
N GLY TA 480 51.03 88.00 -28.11
CA GLY TA 480 50.82 86.81 -28.93
C GLY TA 480 52.10 86.26 -29.52
N SER TA 481 53.13 87.10 -29.63
CA SER TA 481 54.32 86.70 -30.37
C SER TA 481 55.47 86.36 -29.43
N ILE TA 482 55.54 87.03 -28.28
CA ILE TA 482 56.41 86.53 -27.23
C ILE TA 482 55.86 85.22 -26.69
N PHE TA 483 54.53 85.11 -26.56
CA PHE TA 483 53.96 83.85 -26.11
C PHE TA 483 54.08 82.79 -27.19
N GLY TA 484 53.76 83.13 -28.44
CA GLY TA 484 53.81 82.14 -29.51
C GLY TA 484 55.22 81.76 -29.90
N LEU TA 485 56.18 82.65 -29.64
CA LEU TA 485 57.58 82.27 -29.83
C LEU TA 485 58.08 81.46 -28.64
N GLY TA 486 57.48 81.66 -27.46
CA GLY TA 486 57.65 80.70 -26.38
C GLY TA 486 57.11 79.34 -26.74
N LEU TA 487 56.02 79.31 -27.52
CA LEU TA 487 55.53 78.06 -28.08
C LEU TA 487 56.52 77.50 -29.10
N ALA TA 488 57.13 78.40 -29.87
CA ALA TA 488 58.09 78.04 -30.93
C ALA TA 488 59.47 77.39 -30.64
N TYR TA 489 60.21 77.87 -29.64
CA TYR TA 489 61.57 77.32 -29.40
C TYR TA 489 62.03 77.17 -27.95
N ALA TA 490 62.82 76.10 -27.75
CA ALA TA 490 63.41 75.73 -26.47
C ALA TA 490 64.89 75.37 -26.66
N GLY TA 491 65.74 76.37 -26.72
CA GLY TA 491 67.17 76.18 -26.91
C GLY TA 491 67.94 75.84 -25.65
N SER TA 492 69.27 75.76 -25.75
CA SER TA 492 70.11 75.44 -24.59
C SER TA 492 69.83 76.57 -23.61
N ASN TA 493 69.72 77.78 -24.15
CA ASN TA 493 69.32 78.90 -23.38
C ASN TA 493 69.09 79.84 -24.57
N ARG TA 494 67.90 79.92 -25.25
CA ARG TA 494 67.96 81.03 -26.29
C ARG TA 494 68.26 82.43 -25.60
N GLU TA 495 69.28 83.22 -26.03
CA GLU TA 495 69.50 84.49 -25.33
C GLU TA 495 69.04 85.68 -26.14
N ASP TA 496 68.92 85.54 -27.47
CA ASP TA 496 68.57 86.69 -28.31
C ASP TA 496 67.14 87.14 -28.07
N VAL TA 497 66.22 86.18 -27.92
CA VAL TA 497 64.83 86.50 -27.65
C VAL TA 497 64.69 87.06 -26.24
N LEU TA 498 65.62 86.75 -25.33
CA LEU TA 498 65.52 87.30 -24.00
C LEU TA 498 66.15 88.69 -23.95
N THR TA 499 67.15 88.96 -24.79
CA THR TA 499 67.59 90.33 -24.98
C THR TA 499 66.50 91.16 -25.63
N LEU TA 500 65.62 90.53 -26.42
CA LEU TA 500 64.37 91.18 -26.77
C LEU TA 500 63.45 91.31 -25.57
N LEU TA 501 63.51 90.38 -24.61
CA LEU TA 501 62.63 90.42 -23.44
C LEU TA 501 63.06 91.46 -22.41
N LEU TA 502 64.27 92.01 -22.52
CA LEU TA 502 64.66 93.05 -21.58
C LEU TA 502 63.93 94.38 -21.80
N PRO TA 503 63.67 94.86 -23.04
CA PRO TA 503 62.73 95.99 -23.17
C PRO TA 503 61.27 95.61 -23.04
N VAL TA 504 60.96 94.33 -22.85
CA VAL TA 504 59.58 93.93 -22.59
C VAL TA 504 59.24 94.15 -21.13
N MET TA 505 60.04 93.58 -20.24
CA MET TA 505 59.84 93.85 -18.81
C MET TA 505 60.27 95.26 -18.46
N GLY TA 506 61.27 95.79 -19.16
CA GLY TA 506 61.57 97.20 -19.05
C GLY TA 506 60.51 98.09 -19.65
N ASP TA 507 59.73 97.54 -20.58
CA ASP TA 507 58.59 98.28 -21.11
C ASP TA 507 57.47 98.36 -20.08
N SER TA 508 57.01 97.19 -19.59
CA SER TA 508 56.05 97.06 -18.49
C SER TA 508 54.74 97.78 -18.77
N LYS TA 509 54.00 97.29 -19.77
CA LYS TA 509 52.69 97.84 -20.08
C LYS TA 509 51.71 97.52 -18.96
N SER TA 510 50.69 98.38 -18.81
CA SER TA 510 49.64 98.15 -17.81
C SER TA 510 48.80 96.93 -18.15
N SER TA 511 48.78 96.54 -19.43
CA SER TA 511 48.28 95.23 -19.83
C SER TA 511 49.05 94.14 -19.10
N MET TA 512 48.30 93.29 -18.38
CA MET TA 512 48.91 92.25 -17.56
C MET TA 512 49.74 91.28 -18.38
N GLU TA 513 49.19 90.81 -19.50
CA GLU TA 513 49.78 89.68 -20.19
C GLU TA 513 51.06 90.03 -20.95
N VAL TA 514 51.53 91.28 -20.91
CA VAL TA 514 52.87 91.60 -21.36
C VAL TA 514 53.89 90.92 -20.46
N ALA TA 515 53.91 91.27 -19.17
CA ALA TA 515 54.76 90.59 -18.21
C ALA TA 515 54.29 89.16 -17.97
N GLY TA 516 52.99 88.90 -18.21
CA GLY TA 516 52.48 87.53 -18.13
C GLY TA 516 53.17 86.60 -19.12
N VAL TA 517 53.09 86.91 -20.41
CA VAL TA 517 53.75 86.05 -21.39
C VAL TA 517 55.25 86.27 -21.41
N THR TA 518 55.74 87.33 -20.75
CA THR TA 518 57.16 87.45 -20.54
C THR TA 518 57.66 86.35 -19.61
N ALA TA 519 57.07 86.28 -18.41
CA ALA TA 519 57.44 85.27 -17.43
C ALA TA 519 57.13 83.86 -17.94
N LEU TA 520 55.93 83.67 -18.49
CA LEU TA 520 55.53 82.35 -18.96
C LEU TA 520 56.32 81.92 -20.18
N ALA TA 521 56.61 82.86 -21.09
CA ALA TA 521 57.34 82.50 -22.31
C ALA TA 521 58.81 82.23 -22.03
N CYS TA 522 59.45 83.08 -21.22
CA CYS TA 522 60.84 82.82 -20.85
C CYS TA 522 60.95 81.61 -19.93
N GLY TA 523 59.86 81.28 -19.25
CA GLY TA 523 59.81 80.04 -18.50
C GLY TA 523 59.72 78.82 -19.41
N MET TA 524 58.91 78.91 -20.48
CA MET TA 524 58.86 77.84 -21.47
C MET TA 524 60.20 77.68 -22.18
N ILE TA 525 60.93 78.77 -22.34
CA ILE TA 525 62.32 78.69 -22.75
C ILE TA 525 63.17 78.06 -21.64
N ALA TA 526 62.78 78.28 -20.38
CA ALA TA 526 63.64 78.01 -19.24
C ALA TA 526 63.22 76.80 -18.41
N VAL TA 527 62.09 76.15 -18.73
CA VAL TA 527 61.77 74.89 -18.07
C VAL TA 527 62.75 73.83 -18.53
N GLY TA 528 63.26 73.05 -17.59
CA GLY TA 528 64.31 72.10 -17.87
C GLY TA 528 65.69 72.68 -17.83
N SER TA 529 65.88 73.82 -17.17
CA SER TA 529 67.21 74.39 -17.00
C SER TA 529 68.05 73.51 -16.09
N CYS TA 530 69.37 73.63 -16.21
CA CYS TA 530 70.29 72.74 -15.51
C CYS TA 530 70.28 73.02 -14.01
N ASN TA 531 69.43 72.28 -13.28
CA ASN TA 531 69.06 72.56 -11.88
C ASN TA 531 68.58 74.00 -11.70
N GLY TA 532 67.85 74.52 -12.67
CA GLY TA 532 67.44 75.90 -12.75
C GLY TA 532 68.64 76.83 -12.87
N ASP TA 533 68.37 78.11 -12.64
CA ASP TA 533 69.37 79.16 -12.55
C ASP TA 533 68.73 80.35 -11.88
N VAL TA 534 69.57 81.19 -11.27
CA VAL TA 534 69.10 82.35 -10.53
C VAL TA 534 69.65 83.53 -11.32
N THR TA 535 69.75 83.36 -12.63
CA THR TA 535 70.42 84.28 -13.52
C THR TA 535 69.69 85.63 -13.60
N SER TA 536 70.34 86.58 -14.27
CA SER TA 536 69.90 87.99 -14.24
C SER TA 536 68.61 88.20 -15.01
N THR TA 537 68.16 87.20 -15.77
CA THR TA 537 66.86 87.25 -16.43
C THR TA 537 65.75 87.29 -15.39
N ILE TA 538 65.63 86.20 -14.63
CA ILE TA 538 64.55 86.14 -13.65
C ILE TA 538 64.92 86.89 -12.39
N LEU TA 539 66.21 87.09 -12.14
CA LEU TA 539 66.64 88.01 -11.09
C LEU TA 539 66.20 89.42 -11.41
N GLN TA 540 66.34 89.79 -12.69
CA GLN TA 540 65.86 91.08 -13.17
C GLN TA 540 64.35 91.19 -13.05
N THR TA 541 63.61 90.11 -13.31
CA THR TA 541 62.17 90.25 -13.14
C THR TA 541 61.74 90.13 -11.68
N ILE TA 542 62.63 89.65 -10.80
CA ILE TA 542 62.37 89.76 -9.37
C ILE TA 542 62.51 91.21 -8.93
N MET TA 543 63.61 91.85 -9.32
CA MET TA 543 63.87 93.21 -8.88
C MET TA 543 62.91 94.20 -9.52
N GLU TA 544 62.62 94.00 -10.82
CA GLU TA 544 61.64 94.84 -11.49
C GLU TA 544 60.22 94.43 -11.14
N LYS TA 545 60.04 93.22 -10.60
CA LYS TA 545 58.76 92.84 -10.00
C LYS TA 545 58.51 93.62 -8.72
N SER TA 546 59.46 93.58 -7.79
CA SER TA 546 59.35 94.30 -6.52
C SER TA 546 59.52 95.80 -6.70
N GLU TA 547 59.90 96.24 -7.90
CA GLU TA 547 59.83 97.65 -8.25
C GLU TA 547 58.41 98.20 -8.13
N THR TA 548 57.47 97.57 -8.83
CA THR TA 548 56.09 98.07 -8.87
C THR TA 548 55.10 97.09 -8.23
N GLU TA 549 54.57 97.53 -7.08
CA GLU TA 549 53.51 96.78 -6.41
C GLU TA 549 52.13 97.24 -6.88
N LEU TA 550 51.72 96.82 -8.07
CA LEU TA 550 50.45 97.21 -8.64
C LEU TA 550 49.91 96.06 -9.46
N LYS TA 551 48.58 95.86 -9.41
CA LYS TA 551 47.84 94.88 -10.21
C LYS TA 551 48.37 93.46 -9.95
N ASP TA 552 48.00 92.95 -8.77
CA ASP TA 552 48.49 91.71 -8.15
C ASP TA 552 48.51 90.47 -9.03
N THR TA 553 47.78 90.49 -10.15
CA THR TA 553 47.96 89.50 -11.21
C THR TA 553 49.40 89.46 -11.72
N TYR TA 554 50.08 90.62 -11.73
CA TYR TA 554 51.53 90.64 -11.93
C TYR TA 554 52.25 89.87 -10.84
N ALA TA 555 51.85 90.08 -9.58
CA ALA TA 555 52.47 89.37 -8.46
C ALA TA 555 52.08 87.91 -8.40
N ARG TA 556 51.19 87.46 -9.28
CA ARG TA 556 50.86 86.05 -9.38
C ARG TA 556 51.53 85.40 -10.59
N TRP TA 557 51.52 86.07 -11.74
CA TRP TA 557 51.99 85.44 -12.97
C TRP TA 557 53.47 85.67 -13.23
N LEU TA 558 54.09 86.62 -12.53
CA LEU TA 558 55.55 86.63 -12.54
C LEU TA 558 56.16 85.48 -11.72
N PRO TA 559 55.67 85.12 -10.51
CA PRO TA 559 56.19 83.88 -9.89
C PRO TA 559 55.84 82.60 -10.62
N LEU TA 560 54.86 82.64 -11.53
CA LEU TA 560 54.69 81.58 -12.52
C LEU TA 560 55.98 81.32 -13.27
N GLY TA 561 56.46 82.32 -14.02
CA GLY TA 561 57.65 82.12 -14.83
C GLY TA 561 58.91 82.01 -14.01
N LEU TA 562 58.92 82.61 -12.81
CA LEU TA 562 59.98 82.32 -11.85
C LEU TA 562 60.06 80.84 -11.53
N GLY TA 563 58.94 80.25 -11.10
CA GLY TA 563 58.93 78.83 -10.80
C GLY TA 563 59.12 77.94 -12.02
N LEU TA 564 58.81 78.47 -13.20
CA LEU TA 564 59.12 77.75 -14.43
C LEU TA 564 60.62 77.70 -14.68
N ASN TA 565 61.33 78.80 -14.39
CA ASN TA 565 62.78 78.74 -14.46
C ASN TA 565 63.35 77.90 -13.34
N HIS TA 566 62.63 77.79 -12.21
CA HIS TA 566 63.06 76.86 -11.18
C HIS TA 566 62.83 75.41 -11.58
N LEU TA 567 61.96 75.15 -12.55
CA LEU TA 567 61.78 73.79 -13.05
C LEU TA 567 63.01 73.39 -13.86
N GLY TA 568 63.32 72.10 -13.82
CA GLY TA 568 64.61 71.59 -14.22
C GLY TA 568 65.51 71.29 -13.05
N LYS TA 569 65.06 71.60 -11.83
CA LYS TA 569 65.79 71.34 -10.61
C LYS TA 569 65.95 69.84 -10.35
N GLY TA 570 67.03 69.49 -9.67
CA GLY TA 570 67.09 68.24 -8.95
C GLY TA 570 67.35 68.50 -7.48
N GLU TA 571 68.14 69.54 -7.20
CA GLU TA 571 68.59 69.79 -5.83
C GLU TA 571 68.62 71.28 -5.48
N ALA TA 572 67.85 72.11 -6.19
CA ALA TA 572 68.08 73.56 -6.21
C ALA TA 572 67.83 74.20 -4.85
N ILE TA 573 68.75 75.06 -4.46
CA ILE TA 573 68.64 75.87 -3.25
C ILE TA 573 68.03 77.24 -3.59
N GLU TA 574 67.39 77.32 -4.77
CA GLU TA 574 66.87 78.58 -5.27
C GLU TA 574 65.65 79.03 -4.48
N ALA TA 575 64.99 78.10 -3.78
CA ALA TA 575 63.94 78.49 -2.84
C ALA TA 575 64.53 79.24 -1.65
N ILE TA 576 65.75 78.89 -1.27
CA ILE TA 576 66.43 79.60 -0.19
C ILE TA 576 66.99 80.92 -0.72
N LEU TA 577 67.43 80.93 -1.97
CA LEU TA 577 67.98 82.14 -2.56
C LEU TA 577 66.90 83.20 -2.79
N ALA TA 578 65.81 82.80 -3.42
CA ALA TA 578 64.65 83.69 -3.56
C ALA TA 578 63.96 83.89 -2.21
N ALA TA 579 64.18 82.99 -1.26
CA ALA TA 579 63.70 83.23 0.09
C ALA TA 579 64.46 84.38 0.74
N LEU TA 580 65.75 84.49 0.48
CA LEU TA 580 66.51 85.61 1.03
C LEU TA 580 66.21 86.90 0.28
N GLU TA 581 66.09 86.82 -1.05
CA GLU TA 581 65.91 88.03 -1.84
C GLU TA 581 64.50 88.59 -1.74
N VAL TA 582 63.51 87.71 -1.70
CA VAL TA 582 62.16 88.02 -2.18
C VAL TA 582 61.20 88.35 -1.03
N VAL TA 583 61.25 87.57 0.06
CA VAL TA 583 60.08 87.42 0.94
C VAL TA 583 59.78 88.70 1.70
N SER TA 584 58.48 88.96 1.87
CA SER TA 584 57.93 90.20 2.40
C SER TA 584 56.48 89.95 2.74
N GLU TA 585 55.70 91.03 2.79
CA GLU TA 585 54.23 91.06 2.72
C GLU TA 585 53.71 90.07 1.68
N PRO TA 586 52.53 89.41 1.93
CA PRO TA 586 52.25 88.10 1.28
C PRO TA 586 52.10 88.06 -0.24
N PHE TA 587 52.33 89.18 -0.93
CA PHE TA 587 52.54 89.12 -2.37
C PHE TA 587 53.81 88.34 -2.68
N ARG TA 588 54.91 88.71 -2.03
CA ARG TA 588 56.19 88.05 -2.29
C ARG TA 588 56.40 86.84 -1.38
N SER TA 589 55.59 86.70 -0.33
CA SER TA 589 55.50 85.41 0.34
C SER TA 589 54.65 84.45 -0.46
N PHE TA 590 53.75 84.98 -1.28
CA PHE TA 590 53.06 84.17 -2.27
C PHE TA 590 53.99 83.81 -3.42
N ALA TA 591 54.95 84.70 -3.72
CA ALA TA 591 56.05 84.30 -4.59
C ALA TA 591 56.89 83.20 -3.95
N ASN TA 592 57.08 83.28 -2.63
CA ASN TA 592 57.81 82.25 -1.89
C ASN TA 592 57.08 80.91 -1.96
N THR TA 593 55.75 80.95 -1.87
CA THR TA 593 55.03 79.68 -1.95
C THR TA 593 54.95 79.19 -3.40
N LEU TA 594 55.12 80.09 -4.38
CA LEU TA 594 55.18 79.63 -5.77
C LEU TA 594 56.48 78.93 -6.07
N VAL TA 595 57.60 79.48 -5.59
CA VAL TA 595 58.87 78.79 -5.74
C VAL TA 595 58.89 77.52 -4.90
N ASP TA 596 58.20 77.55 -3.75
CA ASP TA 596 58.06 76.36 -2.90
C ASP TA 596 57.26 75.28 -3.61
N VAL TA 597 56.28 75.67 -4.44
CA VAL TA 597 55.54 74.71 -5.25
C VAL TA 597 56.43 74.15 -6.35
N CYS TA 598 57.04 75.03 -7.12
CA CYS TA 598 57.64 74.59 -8.38
C CYS TA 598 58.99 73.94 -8.18
N ALA TA 599 59.63 74.16 -7.03
CA ALA TA 599 60.96 73.59 -6.81
C ALA TA 599 60.89 72.16 -6.30
N TYR TA 600 59.67 71.66 -6.05
CA TYR TA 600 59.47 70.42 -5.31
C TYR TA 600 58.56 69.45 -6.06
N ALA TA 601 58.94 69.09 -7.29
CA ALA TA 601 58.15 68.27 -8.22
C ALA TA 601 57.55 67.00 -7.63
N GLY TA 602 58.29 66.30 -6.79
CA GLY TA 602 57.73 65.14 -6.12
C GLY TA 602 58.62 63.92 -6.00
N SER TA 603 58.76 63.40 -4.78
CA SER TA 603 59.56 62.22 -4.48
C SER TA 603 59.02 61.62 -3.19
N GLY TA 604 59.79 60.73 -2.56
CA GLY TA 604 59.43 60.36 -1.21
C GLY TA 604 60.07 61.36 -0.27
N ASN TA 605 59.31 62.42 0.01
CA ASN TA 605 59.82 63.57 0.73
C ASN TA 605 58.73 64.19 1.61
N VAL TA 606 58.08 63.35 2.41
CA VAL TA 606 56.83 63.61 3.13
C VAL TA 606 56.94 64.77 4.14
N LEU TA 607 58.17 65.20 4.43
CA LEU TA 607 58.40 66.32 5.34
C LEU TA 607 57.78 67.61 4.81
N LYS TA 608 57.80 67.81 3.50
CA LYS TA 608 57.08 68.96 2.95
C LYS TA 608 55.58 68.67 2.82
N VAL TA 609 55.17 67.43 3.05
CA VAL TA 609 53.75 67.12 3.03
C VAL TA 609 53.15 67.37 4.43
N GLN TA 610 53.96 67.22 5.48
CA GLN TA 610 53.49 67.68 6.78
C GLN TA 610 53.72 69.18 6.95
N GLN TA 611 54.72 69.73 6.26
CA GLN TA 611 54.77 71.17 6.06
C GLN TA 611 53.52 71.65 5.33
N LEU TA 612 53.08 70.91 4.32
CA LEU TA 612 51.80 71.14 3.66
C LEU TA 612 50.65 71.07 4.64
N LEU TA 613 50.72 70.14 5.62
CA LEU TA 613 49.67 70.04 6.62
C LEU TA 613 49.60 71.26 7.51
N HIS TA 614 50.75 71.79 7.95
CA HIS TA 614 50.71 72.91 8.88
C HIS TA 614 50.46 74.22 8.15
N ILE TA 615 51.24 74.52 7.12
CA ILE TA 615 51.09 75.80 6.44
C ILE TA 615 49.90 75.79 5.50
N CYS TA 616 49.26 74.63 5.32
CA CYS TA 616 47.92 74.58 4.74
C CYS TA 616 46.91 75.36 5.57
N SER TA 617 47.13 75.45 6.89
CA SER TA 617 46.23 76.19 7.76
C SER TA 617 46.58 77.67 7.88
N GLU TA 618 47.30 78.24 6.91
CA GLU TA 618 47.68 79.64 6.97
C GLU TA 618 46.49 80.55 6.65
N HIS TA 619 46.40 81.66 7.38
CA HIS TA 619 45.27 82.57 7.27
C HIS TA 619 45.21 83.30 5.93
N PHE TA 620 46.33 83.50 5.25
CA PHE TA 620 46.31 84.01 3.89
C PHE TA 620 45.90 82.89 2.95
N ASP TA 621 44.80 83.08 2.23
CA ASP TA 621 44.09 81.98 1.59
C ASP TA 621 44.34 81.90 0.09
N SER TA 622 45.49 82.39 -0.38
CA SER TA 622 45.94 82.14 -1.75
C SER TA 622 47.25 81.37 -1.82
N LYS TA 623 48.15 81.56 -0.85
CA LYS TA 623 49.22 80.60 -0.66
C LYS TA 623 48.66 79.24 -0.24
N GLU TA 624 47.50 79.22 0.41
CA GLU TA 624 46.71 77.98 0.49
C GLU TA 624 46.38 77.45 -0.90
N LYS TA 625 46.00 78.34 -1.83
CA LYS TA 625 45.51 77.88 -3.14
C LYS TA 625 46.62 77.22 -3.94
N GLU TA 626 47.76 77.88 -4.07
CA GLU TA 626 48.80 77.24 -4.87
C GLU TA 626 49.57 76.20 -4.09
N GLU TA 627 49.79 76.44 -2.79
CA GLU TA 627 50.57 75.54 -1.95
C GLU TA 627 49.85 74.20 -1.77
N ASP TA 628 48.53 74.25 -1.59
CA ASP TA 628 47.80 72.99 -1.60
C ASP TA 628 47.60 72.49 -3.04
N LYS TA 629 47.72 73.39 -4.02
CA LYS TA 629 47.54 72.98 -5.42
C LYS TA 629 48.74 72.20 -5.94
N ASP TA 630 49.85 72.18 -5.21
CA ASP TA 630 51.05 71.44 -5.62
C ASP TA 630 50.85 69.92 -5.63
N LYS TA 631 49.76 69.43 -5.01
CA LYS TA 631 49.59 68.01 -4.74
C LYS TA 631 49.55 67.15 -6.00
N LYS TA 632 48.89 67.64 -7.05
CA LYS TA 632 48.79 66.85 -8.28
C LYS TA 632 50.11 66.82 -9.03
N GLU TA 633 51.01 67.76 -8.75
CA GLU TA 633 52.38 67.62 -9.21
C GLU TA 633 53.12 66.58 -8.38
N LYS TA 634 52.91 66.59 -7.06
CA LYS TA 634 53.79 65.81 -6.19
C LYS TA 634 53.48 64.32 -6.25
N LYS TA 635 52.27 63.92 -5.88
CA LYS TA 635 51.91 62.53 -5.70
C LYS TA 635 51.17 61.96 -6.92
N ASP TA 636 51.57 62.41 -8.10
CA ASP TA 636 50.86 62.05 -9.34
C ASP TA 636 50.98 60.57 -9.68
N LYS TA 637 52.00 59.88 -9.16
CA LYS TA 637 52.17 58.47 -9.48
C LYS TA 637 51.47 57.57 -8.47
N ASP TA 638 51.70 57.81 -7.18
CA ASP TA 638 50.95 57.12 -6.12
C ASP TA 638 49.63 57.87 -5.91
N LYS TA 639 48.73 57.68 -6.86
CA LYS TA 639 47.51 58.47 -6.93
C LYS TA 639 46.38 57.90 -6.08
N LYS TA 640 46.63 56.82 -5.33
CA LYS TA 640 45.56 56.28 -4.48
C LYS TA 640 45.42 57.10 -3.21
N GLU TA 641 46.49 57.80 -2.84
CA GLU TA 641 46.49 58.66 -1.68
C GLU TA 641 45.96 60.04 -2.09
N ALA TA 642 46.02 60.31 -3.40
CA ALA TA 642 45.54 61.58 -3.93
C ALA TA 642 44.07 61.92 -3.61
N PRO TA 643 43.14 60.96 -3.46
CA PRO TA 643 41.88 61.32 -2.78
C PRO TA 643 42.14 61.77 -1.36
N ALA TA 644 41.72 63.00 -1.08
CA ALA TA 644 41.88 63.58 0.24
C ALA TA 644 40.56 64.22 0.63
N ASP TA 645 40.53 64.80 1.81
CA ASP TA 645 39.30 65.37 2.34
C ASP TA 645 39.19 66.86 2.08
N MET TA 646 39.69 67.31 0.93
CA MET TA 646 39.63 68.73 0.58
C MET TA 646 38.20 69.17 0.36
N GLY TA 647 37.35 68.29 -0.14
CA GLY TA 647 35.93 68.57 -0.19
C GLY TA 647 35.29 68.61 1.18
N ALA TA 648 35.85 67.84 2.13
CA ALA TA 648 35.36 67.89 3.50
C ALA TA 648 35.82 69.14 4.24
N HIS TA 649 36.72 69.93 3.65
CA HIS TA 649 37.07 71.23 4.19
C HIS TA 649 36.09 72.28 3.71
N GLN TA 650 36.27 73.54 4.12
CA GLN TA 650 35.29 74.58 3.87
C GLN TA 650 35.85 75.82 3.19
N GLY TA 651 37.16 75.93 3.01
CA GLY TA 651 37.74 77.09 2.37
C GLY TA 651 37.66 77.00 0.87
N VAL TA 652 36.47 77.32 0.30
CA VAL TA 652 35.92 76.89 -0.98
C VAL TA 652 36.91 76.80 -2.15
N ALA TA 653 37.93 77.66 -2.13
CA ALA TA 653 39.06 77.53 -3.05
C ALA TA 653 39.80 76.20 -2.87
N VAL TA 654 39.73 75.60 -1.67
CA VAL TA 654 40.31 74.27 -1.45
C VAL TA 654 39.55 73.20 -2.23
N LEU TA 655 38.21 73.32 -2.25
CA LEU TA 655 37.41 72.45 -3.12
C LEU TA 655 37.75 72.72 -4.58
N GLY TA 656 38.08 73.97 -4.90
CA GLY TA 656 38.70 74.26 -6.19
C GLY TA 656 40.02 73.54 -6.40
N ILE TA 657 40.82 73.37 -5.35
CA ILE TA 657 42.15 72.78 -5.48
C ILE TA 657 42.06 71.30 -5.80
N ALA TA 658 41.21 70.57 -5.06
CA ALA TA 658 40.97 69.17 -5.40
C ALA TA 658 40.33 69.04 -6.77
N LEU TA 659 39.45 70.00 -7.10
CA LEU TA 659 38.81 70.07 -8.40
C LEU TA 659 39.83 70.22 -9.54
N ILE TA 660 40.93 70.93 -9.28
CA ILE TA 660 42.08 70.90 -10.17
C ILE TA 660 42.74 69.54 -10.12
N ALA TA 661 42.86 68.97 -8.91
CA ALA TA 661 43.80 67.89 -8.66
C ALA TA 661 43.36 66.58 -9.29
N MET TA 662 42.08 66.45 -9.64
CA MET TA 662 41.68 65.34 -10.48
C MET TA 662 42.27 65.48 -11.88
N GLY TA 663 41.95 66.59 -12.53
CA GLY TA 663 42.52 66.91 -13.83
C GLY TA 663 42.04 66.26 -15.09
N GLU TA 664 42.97 65.69 -15.84
CA GLU TA 664 42.62 65.10 -17.13
C GLU TA 664 42.93 63.63 -17.40
N GLU TA 665 43.80 62.96 -16.65
CA GLU TA 665 43.99 61.57 -17.10
C GLU TA 665 42.68 60.81 -17.22
N ILE TA 666 42.77 59.47 -17.23
CA ILE TA 666 41.67 58.63 -17.74
C ILE TA 666 40.46 58.67 -16.81
N GLY TA 667 40.66 59.05 -15.54
CA GLY TA 667 39.54 59.44 -14.70
C GLY TA 667 38.56 58.38 -14.24
N ALA TA 668 38.96 57.55 -13.27
CA ALA TA 668 38.14 56.44 -12.80
C ALA TA 668 36.84 56.86 -12.11
N GLU TA 669 36.04 55.88 -11.70
CA GLU TA 669 34.70 56.09 -11.15
C GLU TA 669 34.72 56.86 -9.84
N MET TA 670 35.84 56.79 -9.11
CA MET TA 670 35.97 57.56 -7.89
C MET TA 670 36.12 59.04 -8.20
N ALA TA 671 36.82 59.36 -9.29
CA ALA TA 671 36.98 60.76 -9.69
C ALA TA 671 35.65 61.37 -10.11
N LEU TA 672 34.90 60.68 -10.97
CA LEU TA 672 33.57 61.14 -11.37
C LEU TA 672 32.61 61.13 -10.18
N ARG TA 673 32.86 60.24 -9.21
CA ARG TA 673 32.09 60.26 -7.97
C ARG TA 673 32.37 61.51 -7.16
N THR TA 674 33.61 62.01 -7.20
CA THR TA 674 33.89 63.31 -6.61
C THR TA 674 33.27 64.42 -7.43
N PHE TA 675 33.10 64.21 -8.74
CA PHE TA 675 32.36 65.17 -9.54
C PHE TA 675 30.86 65.08 -9.31
N GLY TA 676 30.41 64.06 -8.57
CA GLY TA 676 29.04 64.06 -8.11
C GLY TA 676 28.73 65.23 -7.20
N HIS TA 677 29.61 65.48 -6.22
CA HIS TA 677 29.41 66.63 -5.34
C HIS TA 677 29.97 67.90 -5.96
N LEU TA 678 31.14 67.81 -6.61
CA LEU TA 678 31.76 68.99 -7.18
C LEU TA 678 30.99 69.53 -8.37
N LEU TA 679 30.23 68.66 -9.04
CA LEU TA 679 29.29 69.09 -10.06
C LEU TA 679 28.23 70.00 -9.47
N ARG TA 680 27.78 69.75 -8.25
CA ARG TA 680 26.73 70.53 -7.63
C ARG TA 680 27.34 71.51 -6.63
N TYR TA 681 27.59 72.72 -7.11
CA TYR TA 681 27.92 73.84 -6.23
C TYR TA 681 27.39 75.13 -6.86
N GLY TA 682 27.27 76.18 -6.05
CA GLY TA 682 26.51 77.35 -6.46
C GLY TA 682 27.31 78.59 -6.84
N GLU TA 683 28.56 78.69 -6.39
CA GLU TA 683 29.35 79.85 -6.74
C GLU TA 683 29.82 79.75 -8.18
N PRO TA 684 29.69 80.83 -8.97
CA PRO TA 684 29.88 80.70 -10.42
C PRO TA 684 31.32 80.50 -10.84
N THR TA 685 32.28 80.80 -9.97
CA THR TA 685 33.67 80.50 -10.27
C THR TA 685 34.00 79.03 -9.96
N LEU TA 686 33.25 78.42 -9.04
CA LEU TA 686 33.50 77.03 -8.72
C LEU TA 686 32.63 76.10 -9.55
N ARG TA 687 31.36 76.48 -9.73
CA ARG TA 687 30.52 75.86 -10.75
C ARG TA 687 31.09 76.09 -12.14
N ARG TA 688 31.78 77.22 -12.34
CA ARG TA 688 32.60 77.39 -13.53
C ARG TA 688 33.82 76.50 -13.48
N ALA TA 689 34.34 76.21 -12.29
CA ALA TA 689 35.62 75.52 -12.22
C ALA TA 689 35.47 74.01 -12.43
N VAL TA 690 34.26 73.48 -12.25
CA VAL TA 690 34.08 72.03 -12.34
C VAL TA 690 34.07 71.45 -13.77
N PRO TA 691 33.43 72.07 -14.80
CA PRO TA 691 33.38 71.36 -16.09
C PRO TA 691 34.71 71.34 -16.83
N LEU TA 692 35.65 72.21 -16.44
CA LEU TA 692 36.92 72.32 -17.15
C LEU TA 692 37.76 71.07 -16.92
N ALA TA 693 38.10 70.80 -15.66
CA ALA TA 693 38.82 69.57 -15.35
C ALA TA 693 37.91 68.36 -15.48
N LEU TA 694 36.60 68.56 -15.33
CA LEU TA 694 35.63 67.47 -15.51
C LEU TA 694 35.66 66.92 -16.93
N ALA TA 695 35.79 67.78 -17.93
CA ALA TA 695 35.82 67.26 -19.29
C ALA TA 695 37.25 67.18 -19.83
N LEU TA 696 38.22 67.72 -19.08
CA LEU TA 696 39.62 67.33 -19.31
C LEU TA 696 39.86 65.89 -18.89
N ILE TA 697 39.16 65.43 -17.85
CA ILE TA 697 39.43 64.09 -17.34
C ILE TA 697 38.70 63.04 -18.18
N SER TA 698 37.87 63.48 -19.12
CA SER TA 698 37.25 62.62 -20.13
C SER TA 698 37.39 63.29 -21.50
N VAL TA 699 38.45 62.95 -22.21
CA VAL TA 699 38.70 63.53 -23.53
C VAL TA 699 38.41 62.50 -24.62
N SER TA 714 23.57 59.18 -21.12
CA SER TA 714 24.82 58.82 -21.78
C SER TA 714 25.98 58.84 -20.78
N HIS TA 715 27.20 58.69 -21.30
CA HIS TA 715 28.38 58.69 -20.47
C HIS TA 715 29.04 60.06 -20.45
N ASP TA 716 29.93 60.30 -21.41
CA ASP TA 716 30.64 61.58 -21.51
C ASP TA 716 29.70 62.78 -21.45
N ALA TA 717 28.63 62.77 -22.24
CA ALA TA 717 27.77 63.95 -22.34
C ALA TA 717 26.70 63.95 -21.26
N ASP TA 718 26.66 62.88 -20.45
CA ASP TA 718 25.70 62.81 -19.34
C ASP TA 718 25.94 63.91 -18.28
N PRO TA 719 27.16 64.16 -17.78
CA PRO TA 719 27.31 65.31 -16.87
C PRO TA 719 27.11 66.65 -17.56
N GLU TA 720 27.29 66.71 -18.88
CA GLU TA 720 27.07 67.94 -19.62
C GLU TA 720 25.60 68.36 -19.61
N VAL TA 721 24.72 67.43 -19.98
CA VAL TA 721 23.29 67.69 -19.91
C VAL TA 721 22.85 67.83 -18.47
N SER TA 722 23.60 67.20 -17.54
CA SER TA 722 23.39 67.49 -16.13
C SER TA 722 23.73 68.94 -15.78
N TYR TA 723 24.71 69.54 -16.47
CA TYR TA 723 24.99 70.97 -16.24
C TYR TA 723 23.90 71.84 -16.84
N ASN TA 724 23.31 71.38 -17.96
CA ASN TA 724 22.12 72.04 -18.48
C ASN TA 724 20.98 71.97 -17.47
N SER TA 725 20.93 70.88 -16.70
CA SER TA 725 19.97 70.80 -15.60
C SER TA 725 20.40 71.68 -14.42
N ILE TA 726 21.70 71.98 -14.31
CA ILE TA 726 22.15 72.85 -13.22
C ILE TA 726 21.73 74.29 -13.47
N PHE TA 727 22.16 74.87 -14.60
CA PHE TA 727 21.77 76.25 -14.85
C PHE TA 727 20.34 76.32 -15.38
N ALA TA 728 20.08 75.68 -16.51
CA ALA TA 728 18.74 75.67 -17.07
C ALA TA 728 18.01 74.40 -16.66
N ALA TA 739 24.81 81.15 -14.48
CA ALA TA 739 24.73 82.46 -15.12
C ALA TA 739 25.36 82.43 -16.49
N ARG TA 740 25.77 83.62 -16.97
CA ARG TA 740 26.52 83.70 -18.21
C ARG TA 740 27.89 83.05 -18.08
N LEU TA 741 28.48 83.16 -16.88
CA LEU TA 741 29.72 82.48 -16.57
C LEU TA 741 29.57 80.97 -16.67
N ALA TA 742 28.46 80.51 -16.10
CA ALA TA 742 28.09 79.10 -16.07
C ALA TA 742 27.89 78.61 -17.50
N ALA TA 743 27.28 79.43 -18.34
CA ALA TA 743 27.10 79.07 -19.74
C ALA TA 743 28.46 78.93 -20.40
N MET TA 744 29.35 79.87 -20.10
CA MET TA 744 30.72 79.86 -20.62
C MET TA 744 31.46 78.63 -20.13
N LEU TA 745 31.24 78.30 -18.85
CA LEU TA 745 31.86 77.13 -18.23
C LEU TA 745 31.37 75.86 -18.93
N ARG TA 746 30.09 75.82 -19.25
CA ARG TA 746 29.48 74.70 -19.94
C ARG TA 746 30.09 74.56 -21.33
N GLN TA 747 30.32 75.69 -22.00
CA GLN TA 747 30.95 75.69 -23.31
C GLN TA 747 32.36 75.14 -23.21
N LEU TA 748 33.08 75.53 -22.15
CA LEU TA 748 34.43 75.05 -21.91
C LEU TA 748 34.42 73.54 -21.68
N ALA TA 749 33.41 73.07 -20.94
CA ALA TA 749 33.25 71.65 -20.67
C ALA TA 749 33.01 70.89 -21.97
N GLN TA 750 32.20 71.48 -22.85
CA GLN TA 750 31.91 70.89 -24.16
C GLN TA 750 33.19 70.81 -24.98
N TYR TA 751 34.01 71.85 -24.90
CA TYR TA 751 35.29 71.89 -25.60
C TYR TA 751 36.19 70.77 -25.09
N HIS TA 752 36.18 70.57 -23.76
CA HIS TA 752 36.97 69.51 -23.12
C HIS TA 752 36.48 68.14 -23.58
N ALA TA 753 35.16 68.01 -23.72
CA ALA TA 753 34.55 66.77 -24.16
C ALA TA 753 35.05 66.45 -25.56
N LYS TA 754 35.16 67.46 -26.40
CA LYS TA 754 35.68 67.21 -27.74
C LYS TA 754 36.41 68.44 -28.26
N LYS TA 773 56.03 63.15 -16.37
CA LYS TA 773 55.96 64.59 -16.13
C LYS TA 773 56.48 65.41 -17.31
N GLY TA 774 55.73 65.42 -18.41
CA GLY TA 774 56.03 66.32 -19.50
C GLY TA 774 55.61 67.73 -19.15
N THR TA 775 56.55 68.67 -19.18
CA THR TA 775 56.31 70.02 -18.64
C THR TA 775 55.31 70.78 -19.50
N LEU TA 776 55.23 70.43 -20.79
CA LEU TA 776 54.37 71.12 -21.74
C LEU TA 776 52.90 70.97 -21.38
N THR TA 777 52.53 69.88 -20.71
CA THR TA 777 51.18 69.80 -20.17
C THR TA 777 51.11 70.24 -18.71
N LEU TA 778 52.25 70.64 -18.13
CA LEU TA 778 52.24 71.05 -16.73
C LEU TA 778 52.08 72.55 -16.58
N CYS TA 779 52.57 73.31 -17.55
CA CYS TA 779 52.52 74.78 -17.44
C CYS TA 779 51.11 75.38 -17.61
N PRO TA 780 50.36 75.14 -18.70
CA PRO TA 780 49.29 76.11 -19.05
C PRO TA 780 48.06 76.09 -18.14
N TYR TA 781 47.87 75.04 -17.35
CA TYR TA 781 46.72 75.07 -16.46
C TYR TA 781 47.06 75.77 -15.15
N HIS TA 782 48.32 75.72 -14.73
CA HIS TA 782 48.73 76.62 -13.66
C HIS TA 782 48.78 78.06 -14.18
N SER TA 783 48.94 78.23 -15.49
CA SER TA 783 48.65 79.53 -16.07
C SER TA 783 47.15 79.84 -16.02
N ASP TA 784 46.31 78.81 -16.03
CA ASP TA 784 44.85 79.02 -15.99
C ASP TA 784 44.36 79.32 -14.57
N ARG TA 785 45.20 79.13 -13.54
CA ARG TA 785 44.68 79.14 -12.17
C ARG TA 785 44.25 80.49 -11.63
N GLN TA 786 44.24 81.56 -12.42
CA GLN TA 786 43.68 82.83 -11.97
C GLN TA 786 42.43 83.24 -12.74
N LEU TA 787 41.52 82.29 -12.98
CA LEU TA 787 40.46 82.44 -13.96
C LEU TA 787 39.37 83.42 -13.54
N MET TA 788 39.25 83.75 -12.25
CA MET TA 788 38.11 84.52 -11.75
C MET TA 788 38.19 86.01 -12.11
N SER TA 789 38.24 86.29 -13.40
CA SER TA 789 38.66 87.59 -13.87
C SER TA 789 38.06 87.96 -15.22
N GLN TA 790 38.68 88.93 -15.88
CA GLN TA 790 38.16 89.53 -17.11
C GLN TA 790 38.33 88.54 -18.27
N VAL TA 791 37.61 88.78 -19.35
CA VAL TA 791 37.80 88.05 -20.61
C VAL TA 791 39.09 88.46 -21.31
N ALA TA 792 39.68 89.57 -20.87
CA ALA TA 792 41.03 89.93 -21.31
C ALA TA 792 42.04 88.89 -20.83
N VAL TA 793 41.84 88.40 -19.61
CA VAL TA 793 42.59 87.24 -19.14
C VAL TA 793 42.21 86.01 -19.96
N ALA TA 794 40.94 85.91 -20.33
CA ALA TA 794 40.49 84.77 -21.12
C ALA TA 794 40.89 84.88 -22.58
N GLY TA 795 41.43 86.04 -22.99
CA GLY TA 795 42.08 86.13 -24.29
C GLY TA 795 43.35 85.31 -24.36
N LEU TA 796 43.95 85.02 -23.20
CA LEU TA 796 45.10 84.12 -23.13
C LEU TA 796 44.69 82.72 -22.67
N LEU TA 797 43.42 82.56 -22.33
CA LEU TA 797 42.92 81.26 -21.88
C LEU TA 797 43.13 80.18 -22.93
N THR TA 798 43.28 80.59 -24.18
CA THR TA 798 43.50 79.66 -25.29
C THR TA 798 44.98 79.54 -25.64
N VAL TA 799 45.81 79.39 -24.60
CA VAL TA 799 47.24 79.26 -24.79
C VAL TA 799 47.82 78.13 -23.93
N LEU TA 800 46.89 77.31 -23.43
CA LEU TA 800 47.20 76.13 -22.65
C LEU TA 800 47.24 75.02 -23.68
N VAL TA 801 48.22 75.10 -24.56
CA VAL TA 801 48.36 74.14 -25.66
C VAL TA 801 49.06 72.86 -25.19
N SER TA 802 48.29 71.95 -24.58
CA SER TA 802 48.86 70.70 -24.08
C SER TA 802 48.40 69.41 -24.77
N PHE TA 803 47.77 69.52 -25.95
CA PHE TA 803 47.28 68.31 -26.60
C PHE TA 803 47.70 68.27 -28.07
N LEU TA 804 48.02 67.06 -28.55
CA LEU TA 804 48.44 66.88 -29.93
C LEU TA 804 47.42 67.47 -30.90
ZN ZN UA . -6.11 75.88 36.89
#